data_8AOX
#
_entry.id   8AOX
#
_cell.length_a   1.00
_cell.length_b   1.00
_cell.length_c   1.00
_cell.angle_alpha   90.00
_cell.angle_beta   90.00
_cell.angle_gamma   90.00
#
_symmetry.space_group_name_H-M   'P 1'
#
loop_
_entity.id
_entity.type
_entity.pdbx_description
1 polymer 'mRNA-capping enzyme nsP1'
2 non-polymer 'ZINC ION'
3 non-polymer S-ADENOSYLMETHIONINE
4 water water
#
_entity_poly.entity_id   1
_entity_poly.type   'polypeptide(L)'
_entity_poly.pdbx_seq_one_letter_code
;MDPVYVDIDADSAFLKALQRAYPMFEVEPRQVTPNDHANARAFSHLAIKLIEQEIDPDSTILDIGSAPARRMMSDRKYHC
VCPMRSAEDPERLANYARKLASAAGKVLDRNISGKIGDLQAVMAVPDTETPTFCLHTDVSCRQRADVAIYQDVYAVHAPT
SLYHQAIKGVRLAYWVGFDTTPFMYNAMAGAYPSYSTNWADEQVLKAKNIGLCSTDLTEGRRGKLSIMRGKKLEPCDRVL
FSVGSTLYPESRKLLKSWHLPSVFHLKGKLSFTCRCDTVVSCEGYVVKRITMSPGLYGKTTGYAVTHHADGFLMCKTTDT
VDGERVSFSVCTYVPATICDQMTGILATEVTPEDAQKLLVGLNQRIVVNGRTQRNTNTMKNYMIPVVAQAFSKWAKECRK
DMEDEKLLGVRERTLTCCCLWAFKKQKTHTVYKRPDTQSIQKVQAEFDSFVVPSLWSSGLSIPLRTRIKWLLSKVPKTDL
TPYSGDAQEARDAEKEAEEEREAELTLEALPPLQAAQEDVQVEIDVEQLEDRAGA
;
_entity_poly.pdbx_strand_id   JA,A,C,E,G,I,K,M,O,Q,S,V,X,Z,BA,DA,FA,HA,LA,NA,PA,RA,TA,VA
#
# COMPACT_ATOMS: atom_id res chain seq x y z
N PRO A 3 -45.16 -53.69 -45.30
CA PRO A 3 -44.20 -52.65 -45.71
C PRO A 3 -44.90 -51.41 -46.26
N VAL A 4 -45.28 -50.51 -45.35
CA VAL A 4 -45.98 -49.28 -45.73
C VAL A 4 -44.96 -48.24 -46.17
N TYR A 5 -45.25 -47.58 -47.29
CA TYR A 5 -44.41 -46.52 -47.83
C TYR A 5 -45.06 -45.17 -47.59
N VAL A 6 -44.25 -44.20 -47.18
CA VAL A 6 -44.74 -42.87 -46.84
C VAL A 6 -44.08 -41.85 -47.77
N ASP A 7 -44.88 -40.93 -48.30
CA ASP A 7 -44.39 -39.89 -49.20
C ASP A 7 -43.76 -38.75 -48.39
N ILE A 8 -42.70 -39.09 -47.66
CA ILE A 8 -41.94 -38.14 -46.86
C ILE A 8 -40.47 -38.29 -47.20
N ASP A 9 -39.66 -37.38 -46.66
CA ASP A 9 -38.23 -37.40 -46.93
C ASP A 9 -37.58 -38.63 -46.32
N ALA A 10 -36.48 -39.07 -46.94
CA ALA A 10 -35.76 -40.23 -46.46
C ALA A 10 -34.97 -39.94 -45.19
N ASP A 11 -34.76 -38.67 -44.85
CA ASP A 11 -33.99 -38.29 -43.66
C ASP A 11 -34.77 -37.31 -42.80
N SER A 12 -36.10 -37.40 -42.81
CA SER A 12 -36.93 -36.50 -42.02
C SER A 12 -36.96 -36.93 -40.56
N ALA A 13 -36.95 -35.94 -39.66
CA ALA A 13 -36.99 -36.23 -38.23
C ALA A 13 -38.32 -36.82 -37.80
N PHE A 14 -39.42 -36.48 -38.48
CA PHE A 14 -40.72 -37.04 -38.16
C PHE A 14 -40.79 -38.54 -38.34
N LEU A 15 -39.99 -39.10 -39.26
CA LEU A 15 -40.01 -40.52 -39.57
C LEU A 15 -40.05 -41.38 -38.31
N LYS A 16 -39.07 -41.19 -37.42
CA LYS A 16 -39.00 -41.99 -36.20
C LYS A 16 -40.31 -41.91 -35.41
N ALA A 17 -40.82 -40.69 -35.20
CA ALA A 17 -42.08 -40.53 -34.49
C ALA A 17 -43.18 -41.35 -35.15
N LEU A 18 -43.25 -41.28 -36.48
CA LEU A 18 -44.22 -42.06 -37.21
C LEU A 18 -44.04 -43.55 -36.95
N GLN A 19 -42.79 -44.02 -36.96
N GLN A 19 -42.80 -44.03 -36.95
CA GLN A 19 -42.54 -45.44 -36.67
CA GLN A 19 -42.55 -45.44 -36.67
C GLN A 19 -42.94 -45.78 -35.24
C GLN A 19 -42.93 -45.78 -35.24
N ARG A 20 -42.83 -44.82 -34.32
CA ARG A 20 -43.30 -45.06 -32.96
C ARG A 20 -44.81 -45.04 -32.88
N ALA A 21 -45.47 -44.35 -33.82
CA ALA A 21 -46.93 -44.29 -33.82
C ALA A 21 -47.56 -45.56 -34.37
N TYR A 22 -46.88 -46.28 -35.26
CA TYR A 22 -47.41 -47.48 -35.90
C TYR A 22 -46.39 -48.60 -35.77
N PRO A 23 -46.34 -49.28 -34.62
CA PRO A 23 -45.36 -50.36 -34.44
C PRO A 23 -45.67 -51.62 -35.22
N MET A 24 -46.91 -51.81 -35.68
CA MET A 24 -47.27 -53.00 -36.44
C MET A 24 -46.78 -52.97 -37.87
N PHE A 25 -46.34 -51.81 -38.36
CA PHE A 25 -45.98 -51.63 -39.76
C PHE A 25 -44.51 -51.27 -39.87
N GLU A 26 -43.93 -51.61 -41.02
CA GLU A 26 -42.56 -51.21 -41.36
C GLU A 26 -42.67 -49.98 -42.25
N VAL A 27 -42.44 -48.80 -41.67
CA VAL A 27 -42.61 -47.53 -42.36
C VAL A 27 -41.32 -47.22 -43.11
N GLU A 28 -41.43 -47.03 -44.42
CA GLU A 28 -40.28 -46.73 -45.27
C GLU A 28 -40.56 -45.47 -46.07
N PRO A 29 -39.65 -44.51 -46.10
CA PRO A 29 -39.88 -43.27 -46.84
C PRO A 29 -39.68 -43.43 -48.34
N ARG A 30 -40.55 -42.78 -49.11
CA ARG A 30 -40.41 -42.74 -50.57
C ARG A 30 -40.99 -41.41 -51.03
N GLN A 31 -40.12 -40.41 -51.19
CA GLN A 31 -40.55 -39.07 -51.52
C GLN A 31 -40.69 -38.92 -53.03
N VAL A 32 -41.88 -38.52 -53.49
CA VAL A 32 -42.13 -38.32 -54.91
C VAL A 32 -42.80 -36.96 -55.11
N THR A 33 -42.94 -36.20 -54.04
CA THR A 33 -43.62 -34.91 -54.09
C THR A 33 -43.10 -33.99 -52.99
N PRO A 34 -42.81 -32.73 -53.29
CA PRO A 34 -42.40 -31.78 -52.24
C PRO A 34 -43.59 -31.18 -51.50
N ASN A 35 -44.41 -32.06 -50.91
CA ASN A 35 -45.65 -31.64 -50.29
C ASN A 35 -45.35 -30.82 -49.03
N ASP A 36 -46.06 -29.69 -48.88
CA ASP A 36 -45.90 -28.83 -47.71
C ASP A 36 -46.48 -29.44 -46.45
N HIS A 37 -47.30 -30.47 -46.55
CA HIS A 37 -47.91 -31.13 -45.40
C HIS A 37 -47.82 -32.64 -45.55
N ALA A 38 -46.62 -33.13 -45.89
CA ALA A 38 -46.45 -34.55 -46.17
C ALA A 38 -46.66 -35.40 -44.92
N ASN A 39 -46.34 -34.86 -43.74
CA ASN A 39 -46.54 -35.61 -42.51
C ASN A 39 -48.01 -35.94 -42.29
N ALA A 40 -48.90 -34.99 -42.59
CA ALA A 40 -50.33 -35.24 -42.44
C ALA A 40 -50.78 -36.39 -43.33
N ARG A 41 -50.35 -36.38 -44.60
CA ARG A 41 -50.77 -37.43 -45.51
C ARG A 41 -50.17 -38.78 -45.13
N ALA A 42 -48.93 -38.79 -44.65
CA ALA A 42 -48.32 -40.03 -44.18
C ALA A 42 -49.09 -40.60 -43.00
N PHE A 43 -49.43 -39.75 -42.04
CA PHE A 43 -50.19 -40.22 -40.88
C PHE A 43 -51.56 -40.73 -41.30
N SER A 44 -52.23 -40.02 -42.22
CA SER A 44 -53.54 -40.47 -42.69
C SER A 44 -53.43 -41.81 -43.41
N HIS A 45 -52.39 -41.99 -44.22
CA HIS A 45 -52.19 -43.25 -44.93
C HIS A 45 -52.02 -44.40 -43.96
N LEU A 46 -51.11 -44.24 -42.98
CA LEU A 46 -50.91 -45.32 -42.01
C LEU A 46 -52.13 -45.53 -41.14
N ALA A 47 -52.90 -44.47 -40.87
CA ALA A 47 -54.14 -44.64 -40.11
C ALA A 47 -55.13 -45.49 -40.88
N ILE A 48 -55.25 -45.25 -42.19
CA ILE A 48 -56.15 -46.06 -43.01
C ILE A 48 -55.68 -47.51 -43.05
N LYS A 49 -54.36 -47.72 -43.20
CA LYS A 49 -53.84 -49.09 -43.21
C LYS A 49 -54.08 -49.79 -41.88
N LEU A 50 -53.88 -49.08 -40.76
CA LEU A 50 -54.16 -49.65 -39.44
C LEU A 50 -55.63 -50.00 -39.30
N ILE A 51 -56.51 -49.12 -39.77
CA ILE A 51 -57.94 -49.40 -39.70
C ILE A 51 -58.27 -50.65 -40.50
N GLU A 52 -57.73 -50.75 -41.72
CA GLU A 52 -58.01 -51.90 -42.56
C GLU A 52 -57.50 -53.20 -41.94
N GLN A 53 -56.30 -53.14 -41.33
CA GLN A 53 -55.77 -54.33 -40.68
C GLN A 53 -56.61 -54.75 -39.47
N GLU A 54 -57.06 -53.77 -38.68
CA GLU A 54 -57.67 -54.08 -37.39
C GLU A 54 -59.12 -54.55 -37.47
N ILE A 55 -59.74 -54.50 -38.65
CA ILE A 55 -61.17 -54.81 -38.73
C ILE A 55 -61.44 -56.01 -39.63
N ASP A 56 -62.70 -56.37 -39.77
CA ASP A 56 -63.11 -57.56 -40.52
C ASP A 56 -62.84 -57.37 -42.00
N PRO A 57 -62.09 -58.25 -42.65
CA PRO A 57 -61.89 -58.12 -44.12
C PRO A 57 -63.18 -58.20 -44.92
N ASP A 58 -64.17 -58.97 -44.48
CA ASP A 58 -65.43 -59.10 -45.20
C ASP A 58 -66.47 -58.19 -44.55
N SER A 59 -66.42 -56.91 -44.90
CA SER A 59 -67.35 -55.92 -44.38
C SER A 59 -67.35 -54.71 -45.30
N THR A 60 -68.54 -54.21 -45.63
CA THR A 60 -68.64 -52.98 -46.39
C THR A 60 -68.18 -51.81 -45.52
N ILE A 61 -67.33 -50.96 -46.07
CA ILE A 61 -66.65 -49.90 -45.32
C ILE A 61 -67.08 -48.57 -45.91
N LEU A 62 -68.03 -47.90 -45.27
CA LEU A 62 -68.43 -46.56 -45.70
C LEU A 62 -67.52 -45.52 -45.04
N ASP A 63 -66.97 -44.63 -45.86
CA ASP A 63 -66.12 -43.54 -45.37
C ASP A 63 -66.82 -42.22 -45.64
N ILE A 64 -67.01 -41.44 -44.59
CA ILE A 64 -67.82 -40.23 -44.65
C ILE A 64 -66.98 -39.09 -45.23
N GLY A 65 -67.53 -38.39 -46.21
CA GLY A 65 -66.86 -37.24 -46.80
C GLY A 65 -65.48 -37.54 -47.34
N SER A 66 -65.33 -38.69 -47.99
CA SER A 66 -64.03 -39.17 -48.41
C SER A 66 -63.74 -38.81 -49.86
N ALA A 67 -62.45 -38.76 -50.20
CA ALA A 67 -62.03 -38.62 -51.58
C ALA A 67 -61.93 -39.99 -52.22
N PRO A 68 -62.72 -40.30 -53.25
CA PRO A 68 -62.70 -41.66 -53.81
C PRO A 68 -61.38 -42.05 -54.46
N ALA A 69 -60.53 -41.08 -54.82
CA ALA A 69 -59.27 -41.42 -55.47
C ALA A 69 -58.31 -42.13 -54.52
N ARG A 70 -58.36 -41.83 -53.22
CA ARG A 70 -57.45 -42.44 -52.28
C ARG A 70 -57.81 -43.89 -51.97
N ARG A 71 -59.08 -44.26 -52.12
CA ARG A 71 -59.51 -45.62 -51.82
C ARG A 71 -59.18 -46.61 -52.94
N MET A 72 -58.36 -46.21 -53.91
CA MET A 72 -57.96 -47.12 -54.96
C MET A 72 -56.99 -48.18 -54.42
N MET A 73 -56.88 -49.28 -55.17
CA MET A 73 -55.96 -50.37 -54.84
C MET A 73 -56.26 -50.96 -53.47
N SER A 74 -57.53 -50.93 -53.06
CA SER A 74 -57.97 -51.50 -51.79
C SER A 74 -59.05 -52.53 -52.10
N ASP A 75 -58.74 -53.80 -51.90
CA ASP A 75 -59.69 -54.87 -52.20
C ASP A 75 -60.94 -54.81 -51.34
N ARG A 76 -60.88 -54.11 -50.21
CA ARG A 76 -62.05 -54.00 -49.34
C ARG A 76 -63.12 -53.15 -50.00
N LYS A 77 -64.38 -53.56 -49.84
CA LYS A 77 -65.50 -52.78 -50.34
C LYS A 77 -65.57 -51.44 -49.63
N TYR A 78 -65.74 -50.37 -50.41
CA TYR A 78 -65.79 -49.01 -49.87
C TYR A 78 -67.02 -48.29 -50.38
N HIS A 79 -67.78 -47.70 -49.46
CA HIS A 79 -68.88 -46.79 -49.80
C HIS A 79 -68.35 -45.37 -49.69
N CYS A 80 -67.75 -44.89 -50.77
CA CYS A 80 -67.17 -43.55 -50.81
C CYS A 80 -68.31 -42.54 -50.86
N VAL A 81 -68.67 -42.00 -49.70
CA VAL A 81 -69.76 -41.04 -49.62
C VAL A 81 -69.25 -39.66 -50.04
N CYS A 82 -69.87 -39.08 -51.06
N CYS A 82 -69.87 -39.08 -51.06
CA CYS A 82 -69.48 -37.78 -51.59
CA CYS A 82 -69.48 -37.78 -51.59
C CYS A 82 -70.71 -36.88 -51.66
C CYS A 82 -70.71 -36.88 -51.66
N PRO A 83 -71.02 -36.18 -50.57
CA PRO A 83 -72.21 -35.31 -50.57
C PRO A 83 -72.16 -34.17 -51.58
N MET A 84 -70.98 -33.86 -52.13
CA MET A 84 -70.81 -32.78 -53.11
C MET A 84 -71.04 -31.41 -52.49
N ARG A 85 -70.81 -31.28 -51.19
CA ARG A 85 -71.06 -30.04 -50.47
C ARG A 85 -69.91 -29.04 -50.60
N SER A 86 -68.68 -29.50 -50.41
CA SER A 86 -67.53 -28.62 -50.52
C SER A 86 -67.21 -28.35 -51.99
N ALA A 87 -66.41 -27.31 -52.21
CA ALA A 87 -66.03 -26.90 -53.55
C ALA A 87 -64.90 -27.74 -54.15
N GLU A 88 -64.17 -28.48 -53.33
CA GLU A 88 -63.11 -29.34 -53.85
C GLU A 88 -63.65 -30.64 -54.43
N ASP A 89 -64.87 -31.02 -54.07
CA ASP A 89 -65.40 -32.32 -54.47
C ASP A 89 -65.51 -32.52 -55.99
N PRO A 90 -65.96 -31.54 -56.79
CA PRO A 90 -66.00 -31.79 -58.25
C PRO A 90 -64.66 -32.19 -58.84
N GLU A 91 -63.58 -31.57 -58.37
CA GLU A 91 -62.25 -31.89 -58.89
C GLU A 91 -61.80 -33.27 -58.41
N ARG A 92 -62.14 -33.63 -57.18
CA ARG A 92 -61.84 -34.97 -56.69
C ARG A 92 -62.57 -36.03 -57.51
N LEU A 93 -63.85 -35.77 -57.83
CA LEU A 93 -64.59 -36.71 -58.66
C LEU A 93 -64.04 -36.77 -60.07
N ALA A 94 -63.60 -35.63 -60.61
CA ALA A 94 -62.99 -35.63 -61.94
C ALA A 94 -61.72 -36.49 -61.96
N ASN A 95 -60.87 -36.33 -60.94
CA ASN A 95 -59.66 -37.14 -60.86
C ASN A 95 -60.00 -38.62 -60.67
N TYR A 96 -61.01 -38.91 -59.84
CA TYR A 96 -61.43 -40.29 -59.63
C TYR A 96 -61.93 -40.93 -60.92
N ALA A 97 -62.71 -40.17 -61.70
CA ALA A 97 -63.20 -40.69 -62.99
C ALA A 97 -62.05 -40.87 -63.97
N ARG A 98 -61.07 -39.97 -63.96
CA ARG A 98 -59.89 -40.13 -64.80
C ARG A 98 -59.16 -41.42 -64.46
N LYS A 99 -58.96 -41.69 -63.17
CA LYS A 99 -58.26 -42.90 -62.77
C LYS A 99 -59.08 -44.15 -63.10
N LEU A 100 -60.40 -44.10 -62.89
CA LEU A 100 -61.23 -45.25 -63.21
C LEU A 100 -61.28 -45.52 -64.71
N ALA A 101 -61.15 -44.46 -65.53
CA ALA A 101 -61.11 -44.62 -66.97
C ALA A 101 -59.72 -44.94 -67.51
N SER A 102 -58.68 -44.82 -66.69
CA SER A 102 -57.32 -45.05 -67.11
C SER A 102 -56.84 -46.48 -66.84
N ALA A 103 -57.67 -47.31 -66.21
CA ALA A 103 -57.27 -48.68 -65.88
C ALA A 103 -58.38 -49.66 -66.18
N ALA A 104 -59.06 -49.48 -67.32
CA ALA A 104 -60.14 -50.40 -67.69
C ALA A 104 -59.58 -51.79 -67.99
N GLY A 105 -58.55 -51.87 -68.82
CA GLY A 105 -57.94 -53.14 -69.14
C GLY A 105 -56.63 -53.38 -68.41
N LYS A 106 -56.39 -52.61 -67.35
CA LYS A 106 -55.12 -52.67 -66.62
C LYS A 106 -55.23 -53.47 -65.32
N VAL A 107 -56.20 -53.14 -64.46
CA VAL A 107 -56.39 -53.82 -63.19
C VAL A 107 -57.80 -54.40 -63.15
N LEU A 108 -57.92 -55.60 -62.58
CA LEU A 108 -59.20 -56.28 -62.50
C LEU A 108 -59.59 -56.74 -61.10
N ASP A 109 -58.65 -56.84 -60.16
CA ASP A 109 -58.95 -57.33 -58.82
C ASP A 109 -59.55 -56.27 -57.92
N ARG A 110 -59.59 -55.01 -58.34
CA ARG A 110 -60.07 -53.91 -57.51
C ARG A 110 -61.50 -53.50 -57.83
N ASN A 111 -62.27 -54.38 -58.46
CA ASN A 111 -63.68 -54.18 -58.78
C ASN A 111 -63.93 -52.86 -59.54
N ILE A 112 -62.91 -52.38 -60.24
CA ILE A 112 -63.04 -51.14 -61.01
C ILE A 112 -64.06 -51.30 -62.12
N SER A 113 -64.18 -52.50 -62.69
CA SER A 113 -65.18 -52.74 -63.73
C SER A 113 -66.59 -52.47 -63.21
N GLY A 114 -66.85 -52.83 -61.95
CA GLY A 114 -68.12 -52.46 -61.33
C GLY A 114 -68.19 -51.04 -60.84
N LYS A 115 -67.06 -50.44 -60.49
CA LYS A 115 -67.05 -49.04 -60.08
C LYS A 115 -67.41 -48.12 -61.23
N ILE A 116 -67.03 -48.50 -62.46
CA ILE A 116 -67.44 -47.73 -63.63
C ILE A 116 -68.96 -47.74 -63.76
N GLY A 117 -69.58 -48.90 -63.58
CA GLY A 117 -71.03 -48.97 -63.62
C GLY A 117 -71.68 -48.18 -62.49
N ASP A 118 -71.06 -48.22 -61.31
CA ASP A 118 -71.58 -47.45 -60.19
C ASP A 118 -71.55 -45.95 -60.48
N LEU A 119 -70.44 -45.48 -61.05
CA LEU A 119 -70.34 -44.07 -61.45
C LEU A 119 -71.40 -43.73 -62.50
N GLN A 120 -71.52 -44.56 -63.53
CA GLN A 120 -72.53 -44.31 -64.55
C GLN A 120 -73.93 -44.31 -63.96
N ALA A 121 -74.15 -45.07 -62.88
CA ALA A 121 -75.44 -45.08 -62.21
C ALA A 121 -75.69 -43.78 -61.45
N VAL A 122 -74.68 -43.29 -60.72
CA VAL A 122 -74.92 -42.14 -59.85
C VAL A 122 -75.16 -40.87 -60.65
N MET A 123 -74.54 -40.72 -61.82
CA MET A 123 -74.79 -39.57 -62.69
C MET A 123 -76.01 -39.77 -63.58
N ALA A 124 -76.90 -40.69 -63.24
CA ALA A 124 -78.17 -40.88 -63.94
C ALA A 124 -79.36 -40.40 -63.13
N VAL A 125 -79.49 -40.88 -61.90
CA VAL A 125 -80.50 -40.41 -60.96
C VAL A 125 -79.77 -39.89 -59.73
N PRO A 126 -80.05 -38.67 -59.26
CA PRO A 126 -79.28 -38.11 -58.13
C PRO A 126 -79.42 -38.92 -56.84
N ASP A 127 -80.46 -39.74 -56.70
CA ASP A 127 -80.66 -40.55 -55.51
C ASP A 127 -80.27 -42.01 -55.74
N THR A 128 -79.34 -42.27 -56.64
CA THR A 128 -78.91 -43.64 -56.95
C THR A 128 -77.97 -44.11 -55.86
N GLU A 129 -78.46 -44.94 -54.95
CA GLU A 129 -77.65 -45.52 -53.89
C GLU A 129 -77.04 -46.82 -54.39
N THR A 130 -75.91 -46.71 -55.08
CA THR A 130 -75.18 -47.86 -55.54
C THR A 130 -74.45 -48.52 -54.36
N PRO A 131 -74.08 -49.79 -54.49
CA PRO A 131 -73.38 -50.45 -53.37
C PRO A 131 -72.08 -49.77 -52.96
N THR A 132 -71.35 -49.18 -53.92
CA THR A 132 -70.01 -48.67 -53.65
C THR A 132 -69.89 -47.16 -53.71
N PHE A 133 -70.89 -46.44 -54.22
CA PHE A 133 -70.77 -45.00 -54.40
C PHE A 133 -72.14 -44.35 -54.34
N CYS A 134 -72.20 -43.18 -53.71
CA CYS A 134 -73.45 -42.44 -53.60
C CYS A 134 -73.14 -40.97 -53.35
N LEU A 135 -74.13 -40.12 -53.62
CA LEU A 135 -74.03 -38.68 -53.42
C LEU A 135 -75.12 -38.25 -52.44
N HIS A 136 -74.82 -38.36 -51.15
CA HIS A 136 -75.73 -37.92 -50.10
C HIS A 136 -74.90 -37.51 -48.89
N THR A 137 -75.52 -36.75 -47.99
CA THR A 137 -74.89 -36.45 -46.73
C THR A 137 -74.95 -37.68 -45.81
N ASP A 138 -74.13 -37.65 -44.76
CA ASP A 138 -74.06 -38.78 -43.85
C ASP A 138 -75.37 -39.01 -43.09
N VAL A 139 -76.24 -38.00 -43.03
CA VAL A 139 -77.50 -38.10 -42.31
C VAL A 139 -78.67 -38.41 -43.24
N SER A 140 -78.40 -38.72 -44.52
CA SER A 140 -79.45 -39.05 -45.47
C SER A 140 -79.17 -40.29 -46.31
N CYS A 141 -77.93 -40.79 -46.33
CA CYS A 141 -77.63 -42.00 -47.08
C CYS A 141 -78.35 -43.20 -46.46
N ARG A 142 -78.82 -44.10 -47.31
CA ARG A 142 -79.62 -45.23 -46.88
C ARG A 142 -78.86 -46.56 -46.90
N GLN A 143 -77.56 -46.54 -47.19
CA GLN A 143 -76.79 -47.77 -47.18
C GLN A 143 -76.67 -48.32 -45.77
N ARG A 144 -76.68 -49.64 -45.65
CA ARG A 144 -76.62 -50.34 -44.37
C ARG A 144 -75.32 -51.15 -44.32
N ALA A 145 -74.25 -50.51 -43.87
CA ALA A 145 -72.95 -51.15 -43.74
C ALA A 145 -72.58 -51.30 -42.26
N ASP A 146 -71.36 -51.77 -42.02
CA ASP A 146 -70.91 -52.10 -40.66
C ASP A 146 -69.87 -51.15 -40.10
N VAL A 147 -69.05 -50.53 -40.94
CA VAL A 147 -67.93 -49.72 -40.48
C VAL A 147 -68.02 -48.33 -41.10
N ALA A 148 -67.80 -47.30 -40.28
CA ALA A 148 -67.76 -45.92 -40.73
C ALA A 148 -66.36 -45.36 -40.55
N ILE A 149 -65.93 -44.50 -41.48
CA ILE A 149 -64.62 -43.88 -41.43
C ILE A 149 -64.80 -42.37 -41.65
N TYR A 150 -64.22 -41.57 -40.78
CA TYR A 150 -64.22 -40.11 -40.90
C TYR A 150 -62.76 -39.67 -40.96
N GLN A 151 -62.20 -39.65 -42.16
CA GLN A 151 -60.81 -39.24 -42.37
C GLN A 151 -60.78 -37.75 -42.66
N ASP A 152 -60.19 -36.98 -41.76
CA ASP A 152 -60.07 -35.53 -41.88
C ASP A 152 -61.43 -34.88 -42.09
N VAL A 153 -62.41 -35.33 -41.31
CA VAL A 153 -63.77 -34.80 -41.37
C VAL A 153 -64.03 -34.10 -40.06
N TYR A 154 -63.93 -32.76 -40.07
CA TYR A 154 -64.13 -31.95 -38.88
C TYR A 154 -65.38 -31.10 -38.94
N ALA A 155 -66.02 -30.98 -40.11
CA ALA A 155 -67.11 -30.03 -40.31
C ALA A 155 -68.48 -30.68 -40.22
N VAL A 156 -68.63 -31.69 -39.36
CA VAL A 156 -69.92 -32.33 -39.13
C VAL A 156 -70.09 -32.54 -37.62
N HIS A 157 -71.34 -32.65 -37.19
CA HIS A 157 -71.66 -32.87 -35.80
C HIS A 157 -71.45 -34.35 -35.47
N ALA A 158 -70.54 -34.61 -34.52
CA ALA A 158 -70.21 -36.01 -34.21
C ALA A 158 -71.39 -36.81 -33.68
N PRO A 159 -72.14 -36.36 -32.66
CA PRO A 159 -73.24 -37.22 -32.17
C PRO A 159 -74.29 -37.51 -33.22
N THR A 160 -74.67 -36.52 -34.03
CA THR A 160 -75.71 -36.72 -35.03
C THR A 160 -75.27 -37.74 -36.08
N SER A 161 -74.06 -37.57 -36.62
CA SER A 161 -73.57 -38.50 -37.62
C SER A 161 -73.38 -39.90 -37.04
N LEU A 162 -72.84 -39.98 -35.83
CA LEU A 162 -72.64 -41.29 -35.20
C LEU A 162 -73.97 -42.00 -35.00
N TYR A 163 -75.00 -41.28 -34.56
CA TYR A 163 -76.33 -41.87 -34.42
C TYR A 163 -76.89 -42.29 -35.77
N HIS A 164 -76.70 -41.46 -36.80
CA HIS A 164 -77.26 -41.78 -38.11
C HIS A 164 -76.61 -43.02 -38.72
N GLN A 165 -75.32 -43.23 -38.46
CA GLN A 165 -74.70 -44.48 -38.90
C GLN A 165 -74.99 -45.65 -37.96
N ALA A 166 -75.20 -45.40 -36.67
CA ALA A 166 -75.55 -46.46 -35.75
C ALA A 166 -76.91 -47.06 -36.09
N ILE A 167 -77.88 -46.22 -36.44
CA ILE A 167 -79.18 -46.71 -36.90
C ILE A 167 -79.10 -47.34 -38.28
N LYS A 168 -77.94 -47.29 -38.93
CA LYS A 168 -77.71 -47.93 -40.22
C LYS A 168 -76.93 -49.23 -40.09
N GLY A 169 -76.75 -49.74 -38.88
CA GLY A 169 -76.02 -50.97 -38.66
C GLY A 169 -74.53 -50.83 -38.48
N VAL A 170 -73.99 -49.62 -38.58
CA VAL A 170 -72.55 -49.41 -38.44
C VAL A 170 -72.17 -49.61 -36.98
N ARG A 171 -71.34 -50.61 -36.70
CA ARG A 171 -70.91 -50.90 -35.33
C ARG A 171 -69.57 -50.26 -34.99
N LEU A 172 -68.73 -49.97 -35.98
CA LEU A 172 -67.40 -49.43 -35.77
C LEU A 172 -67.24 -48.14 -36.56
N ALA A 173 -66.72 -47.10 -35.91
CA ALA A 173 -66.42 -45.84 -36.56
C ALA A 173 -65.00 -45.44 -36.23
N TYR A 174 -64.32 -44.84 -37.20
CA TYR A 174 -62.96 -44.37 -37.04
C TYR A 174 -62.88 -42.89 -37.40
N TRP A 175 -62.28 -42.08 -36.54
CA TRP A 175 -62.09 -40.67 -36.80
C TRP A 175 -60.60 -40.35 -36.77
N VAL A 176 -60.04 -40.05 -37.94
CA VAL A 176 -58.65 -39.67 -38.07
C VAL A 176 -58.60 -38.17 -38.31
N GLY A 177 -57.97 -37.43 -37.40
CA GLY A 177 -57.96 -35.99 -37.54
C GLY A 177 -57.09 -35.34 -36.49
N PHE A 178 -57.08 -34.01 -36.54
CA PHE A 178 -56.30 -33.24 -35.58
C PHE A 178 -56.89 -33.39 -34.18
N ASP A 179 -56.01 -33.32 -33.18
CA ASP A 179 -56.43 -33.41 -31.81
C ASP A 179 -57.38 -32.27 -31.47
N THR A 180 -58.50 -32.59 -30.81
CA THR A 180 -59.52 -31.62 -30.45
C THR A 180 -59.34 -31.07 -29.04
N THR A 181 -58.31 -31.52 -28.32
CA THR A 181 -58.04 -30.98 -27.00
C THR A 181 -57.81 -29.47 -26.99
N PRO A 182 -57.06 -28.87 -27.93
CA PRO A 182 -56.90 -27.41 -27.90
C PRO A 182 -58.21 -26.64 -27.98
N PHE A 183 -59.23 -27.18 -28.63
CA PHE A 183 -60.49 -26.47 -28.78
C PHE A 183 -61.42 -26.64 -27.58
N MET A 184 -61.19 -27.63 -26.73
CA MET A 184 -61.89 -27.66 -25.46
C MET A 184 -61.27 -26.76 -24.42
N TYR A 185 -60.05 -26.29 -24.66
CA TYR A 185 -59.41 -25.28 -23.83
C TYR A 185 -59.76 -23.86 -24.28
N ASN A 186 -60.48 -23.72 -25.40
CA ASN A 186 -60.92 -22.42 -25.91
C ASN A 186 -59.72 -21.49 -26.20
N ALA A 187 -58.86 -21.95 -27.09
CA ALA A 187 -57.69 -21.18 -27.50
C ALA A 187 -58.01 -20.32 -28.70
N MET A 188 -57.50 -19.08 -28.70
CA MET A 188 -57.74 -18.18 -29.82
C MET A 188 -56.94 -18.58 -31.05
N ALA A 189 -55.74 -19.12 -30.86
CA ALA A 189 -54.91 -19.58 -31.95
C ALA A 189 -54.06 -20.75 -31.46
N GLY A 190 -53.53 -21.51 -32.40
CA GLY A 190 -52.73 -22.66 -32.03
C GLY A 190 -51.94 -23.21 -33.20
N ALA A 191 -51.09 -24.17 -32.89
CA ALA A 191 -50.20 -24.74 -33.89
C ALA A 191 -49.92 -26.21 -33.59
N TYR A 192 -49.88 -27.01 -34.65
CA TYR A 192 -49.31 -28.36 -34.64
C TYR A 192 -48.00 -28.26 -35.39
N PRO A 193 -46.89 -27.94 -34.71
CA PRO A 193 -45.63 -27.70 -35.42
C PRO A 193 -45.09 -28.91 -36.17
N SER A 194 -45.31 -30.13 -35.65
CA SER A 194 -44.77 -31.32 -36.28
C SER A 194 -45.44 -31.63 -37.61
N TYR A 195 -46.57 -30.99 -37.91
CA TYR A 195 -47.25 -31.18 -39.19
C TYR A 195 -47.28 -29.89 -40.00
N SER A 196 -46.49 -28.89 -39.60
CA SER A 196 -46.48 -27.58 -40.24
C SER A 196 -47.86 -26.95 -40.27
N THR A 197 -48.66 -27.23 -39.24
CA THR A 197 -50.06 -26.82 -39.23
C THR A 197 -50.24 -25.66 -38.26
N ASN A 198 -51.01 -24.66 -38.69
CA ASN A 198 -51.38 -23.55 -37.83
C ASN A 198 -52.89 -23.36 -37.92
N TRP A 199 -53.46 -22.71 -36.91
CA TRP A 199 -54.88 -22.39 -36.95
C TRP A 199 -55.12 -21.16 -36.10
N ALA A 200 -56.11 -20.37 -36.51
CA ALA A 200 -56.38 -19.13 -35.80
C ALA A 200 -57.85 -18.76 -35.93
N ASP A 201 -58.38 -18.13 -34.88
CA ASP A 201 -59.70 -17.55 -34.95
C ASP A 201 -59.72 -16.39 -35.92
N GLU A 202 -60.85 -16.20 -36.60
CA GLU A 202 -60.97 -15.16 -37.61
C GLU A 202 -60.73 -13.76 -37.03
N GLN A 203 -60.90 -13.59 -35.72
CA GLN A 203 -60.67 -12.29 -35.09
C GLN A 203 -59.19 -11.92 -35.03
N VAL A 204 -58.29 -12.90 -35.16
CA VAL A 204 -56.87 -12.63 -34.98
C VAL A 204 -56.08 -13.07 -36.21
N LEU A 205 -56.73 -13.07 -37.37
CA LEU A 205 -56.02 -13.37 -38.61
C LEU A 205 -55.10 -12.24 -39.05
N LYS A 206 -55.34 -11.02 -38.57
CA LYS A 206 -54.48 -9.88 -38.86
C LYS A 206 -53.46 -9.64 -37.77
N ALA A 207 -53.10 -10.67 -37.01
CA ALA A 207 -52.09 -10.56 -35.98
C ALA A 207 -50.70 -10.44 -36.61
N LYS A 208 -49.69 -10.38 -35.75
CA LYS A 208 -48.32 -10.12 -36.19
C LYS A 208 -47.39 -11.30 -35.99
N ASN A 209 -47.44 -11.96 -34.84
CA ASN A 209 -46.41 -12.93 -34.47
C ASN A 209 -47.01 -14.25 -34.04
N ILE A 210 -48.00 -14.74 -34.79
CA ILE A 210 -48.52 -16.09 -34.60
C ILE A 210 -48.31 -16.87 -35.90
N GLY A 211 -48.60 -18.16 -35.84
CA GLY A 211 -48.32 -19.02 -36.98
C GLY A 211 -49.11 -18.65 -38.22
N LEU A 212 -50.40 -18.37 -38.06
CA LEU A 212 -51.29 -18.04 -39.17
C LEU A 212 -51.77 -16.60 -38.98
N CYS A 213 -51.09 -15.66 -39.64
CA CYS A 213 -51.45 -14.25 -39.57
C CYS A 213 -50.72 -13.51 -40.68
N SER A 214 -51.19 -12.30 -40.95
CA SER A 214 -50.52 -11.41 -41.88
C SER A 214 -50.97 -9.99 -41.60
N THR A 215 -50.02 -9.09 -41.36
CA THR A 215 -50.35 -7.70 -41.07
C THR A 215 -49.57 -6.78 -41.99
N ASP A 216 -49.69 -5.46 -41.77
CA ASP A 216 -49.06 -4.48 -42.64
C ASP A 216 -48.20 -3.53 -41.81
N LEU A 217 -47.22 -2.93 -42.47
CA LEU A 217 -46.37 -1.93 -41.82
C LEU A 217 -47.16 -0.66 -41.59
N THR A 218 -47.10 -0.14 -40.37
CA THR A 218 -47.78 1.09 -40.02
C THR A 218 -46.89 1.93 -39.12
N GLU A 219 -47.14 3.23 -39.12
CA GLU A 219 -46.36 4.18 -38.33
C GLU A 219 -46.92 4.39 -36.93
N GLY A 220 -48.07 3.82 -36.61
CA GLY A 220 -48.70 4.05 -35.32
C GLY A 220 -49.68 5.20 -35.37
N ARG A 221 -50.57 5.17 -36.36
CA ARG A 221 -51.51 6.25 -36.58
C ARG A 221 -52.77 6.04 -35.74
N ARG A 222 -53.80 6.82 -36.00
CA ARG A 222 -55.08 6.65 -35.32
C ARG A 222 -55.74 5.35 -35.76
N GLY A 223 -56.34 4.66 -34.80
CA GLY A 223 -57.00 3.40 -35.11
C GLY A 223 -58.31 3.60 -35.82
N LYS A 224 -58.88 2.48 -36.28
CA LYS A 224 -60.15 2.51 -36.98
C LYS A 224 -61.26 3.03 -36.07
N LEU A 225 -62.10 3.90 -36.62
CA LEU A 225 -63.29 4.37 -35.90
C LEU A 225 -64.32 3.24 -35.95
N SER A 226 -64.11 2.24 -35.10
CA SER A 226 -64.89 1.02 -35.16
C SER A 226 -66.34 1.27 -34.78
N ILE A 227 -67.25 0.64 -35.53
CA ILE A 227 -68.67 0.71 -35.20
C ILE A 227 -68.95 -0.05 -33.92
N MET A 228 -68.29 -1.18 -33.73
CA MET A 228 -68.43 -1.98 -32.52
C MET A 228 -67.41 -1.56 -31.48
N ARG A 229 -67.85 -1.42 -30.24
CA ARG A 229 -66.94 -1.04 -29.16
C ARG A 229 -65.88 -2.10 -28.91
N GLY A 230 -66.25 -3.37 -29.00
CA GLY A 230 -65.33 -4.44 -28.67
C GLY A 230 -65.38 -4.76 -27.20
N LYS A 231 -64.41 -4.25 -26.43
CA LYS A 231 -64.35 -4.36 -24.98
C LYS A 231 -64.14 -5.80 -24.54
N LYS A 232 -64.08 -6.73 -25.49
CA LYS A 232 -63.85 -8.13 -25.17
C LYS A 232 -63.34 -8.83 -26.43
N LEU A 233 -62.29 -9.63 -26.28
CA LEU A 233 -61.76 -10.45 -27.36
C LEU A 233 -61.90 -11.91 -26.92
N GLU A 234 -62.90 -12.59 -27.45
N GLU A 234 -62.89 -12.60 -27.48
CA GLU A 234 -63.16 -13.97 -27.10
CA GLU A 234 -63.22 -13.95 -27.10
C GLU A 234 -63.26 -14.81 -28.36
C GLU A 234 -63.29 -14.82 -28.35
N PRO A 235 -62.84 -16.08 -28.29
CA PRO A 235 -62.87 -16.94 -29.48
C PRO A 235 -64.25 -17.07 -30.08
N CYS A 236 -64.32 -17.02 -31.40
CA CYS A 236 -65.56 -17.16 -32.14
C CYS A 236 -65.61 -18.54 -32.79
N ASP A 237 -66.79 -18.89 -33.29
CA ASP A 237 -67.01 -20.22 -33.83
C ASP A 237 -66.14 -20.49 -35.05
N ARG A 238 -65.98 -19.49 -35.91
CA ARG A 238 -65.25 -19.69 -37.16
C ARG A 238 -63.75 -19.58 -36.92
N VAL A 239 -63.01 -20.61 -37.32
CA VAL A 239 -61.55 -20.61 -37.28
C VAL A 239 -61.03 -21.06 -38.63
N LEU A 240 -59.77 -20.73 -38.89
CA LEU A 240 -59.09 -21.10 -40.12
C LEU A 240 -57.93 -22.03 -39.80
N PHE A 241 -57.86 -23.14 -40.54
CA PHE A 241 -56.76 -24.09 -40.47
C PHE A 241 -55.89 -23.95 -41.71
N SER A 242 -54.58 -23.94 -41.50
CA SER A 242 -53.59 -23.98 -42.57
C SER A 242 -52.71 -25.20 -42.34
N VAL A 243 -52.92 -26.25 -43.13
CA VAL A 243 -52.12 -27.45 -43.06
C VAL A 243 -51.15 -27.43 -44.22
N GLY A 244 -49.96 -26.89 -43.99
CA GLY A 244 -49.05 -26.61 -45.08
C GLY A 244 -49.44 -25.34 -45.78
N SER A 245 -50.00 -25.46 -46.99
CA SER A 245 -50.50 -24.33 -47.75
C SER A 245 -51.93 -24.59 -48.22
N THR A 246 -52.72 -25.24 -47.37
CA THR A 246 -54.11 -25.56 -47.68
C THR A 246 -55.02 -25.00 -46.60
N LEU A 247 -56.08 -24.31 -47.01
CA LEU A 247 -57.00 -23.66 -46.08
C LEU A 247 -58.21 -24.54 -45.78
N TYR A 248 -58.66 -24.50 -44.53
CA TYR A 248 -59.88 -25.15 -44.10
C TYR A 248 -60.66 -24.26 -43.14
N PRO A 249 -61.84 -23.76 -43.53
CA PRO A 249 -62.69 -23.02 -42.59
C PRO A 249 -63.48 -23.99 -41.70
N GLU A 250 -63.12 -24.01 -40.42
N GLU A 250 -63.12 -24.02 -40.43
CA GLU A 250 -63.72 -24.92 -39.46
CA GLU A 250 -63.74 -24.93 -39.47
C GLU A 250 -64.54 -24.15 -38.44
C GLU A 250 -64.54 -24.15 -38.44
N SER A 251 -65.39 -24.88 -37.72
CA SER A 251 -66.23 -24.31 -36.67
C SER A 251 -65.87 -24.94 -35.33
N ARG A 252 -65.82 -24.11 -34.30
CA ARG A 252 -65.44 -24.59 -32.97
C ARG A 252 -66.45 -25.59 -32.43
N LYS A 253 -67.75 -25.36 -32.67
CA LYS A 253 -68.78 -26.25 -32.15
C LYS A 253 -68.62 -27.65 -32.72
N LEU A 254 -68.43 -27.76 -34.03
CA LEU A 254 -68.31 -29.07 -34.65
C LEU A 254 -66.98 -29.74 -34.28
N LEU A 255 -65.93 -28.94 -34.08
CA LEU A 255 -64.66 -29.49 -33.63
C LEU A 255 -64.78 -30.07 -32.22
N LYS A 256 -65.45 -29.34 -31.32
CA LYS A 256 -65.65 -29.83 -29.96
C LYS A 256 -66.61 -31.00 -29.93
N SER A 257 -67.51 -31.10 -30.90
CA SER A 257 -68.43 -32.24 -30.93
C SER A 257 -67.68 -33.55 -31.06
N TRP A 258 -66.53 -33.56 -31.72
CA TRP A 258 -65.75 -34.77 -31.91
C TRP A 258 -64.85 -35.09 -30.72
N HIS A 259 -64.81 -34.24 -29.71
CA HIS A 259 -64.09 -34.54 -28.48
C HIS A 259 -65.00 -35.35 -27.56
N LEU A 260 -65.32 -36.54 -28.03
CA LEU A 260 -66.28 -37.38 -27.34
C LEU A 260 -65.70 -37.91 -26.03
N PRO A 261 -66.54 -38.14 -25.02
CA PRO A 261 -66.07 -38.74 -23.78
C PRO A 261 -65.82 -40.24 -23.97
N SER A 262 -65.23 -40.84 -22.95
CA SER A 262 -64.98 -42.28 -22.99
C SER A 262 -66.28 -43.06 -23.07
N VAL A 263 -67.30 -42.63 -22.33
CA VAL A 263 -68.60 -43.28 -22.31
C VAL A 263 -69.67 -42.21 -22.53
N PHE A 264 -70.56 -42.46 -23.49
CA PHE A 264 -71.68 -41.56 -23.75
C PHE A 264 -72.84 -42.35 -24.33
N HIS A 265 -74.03 -41.78 -24.25
CA HIS A 265 -75.27 -42.43 -24.66
C HIS A 265 -75.84 -41.74 -25.89
N LEU A 266 -76.41 -42.53 -26.79
CA LEU A 266 -77.13 -42.04 -27.96
C LEU A 266 -78.61 -42.35 -27.77
N LYS A 267 -79.40 -41.31 -27.54
CA LYS A 267 -80.82 -41.46 -27.20
C LYS A 267 -81.66 -40.82 -28.30
N GLY A 268 -82.24 -41.66 -29.15
CA GLY A 268 -83.14 -41.19 -30.19
C GLY A 268 -84.27 -42.18 -30.44
N LYS A 269 -84.53 -42.51 -31.70
CA LYS A 269 -85.49 -43.56 -32.02
C LYS A 269 -85.01 -44.89 -31.48
N LEU A 270 -83.75 -45.23 -31.75
CA LEU A 270 -83.10 -46.40 -31.18
C LEU A 270 -82.06 -45.95 -30.16
N SER A 271 -81.81 -46.81 -29.17
CA SER A 271 -80.83 -46.51 -28.14
C SER A 271 -79.64 -47.46 -28.21
N THR A 273 -75.51 -47.58 -25.80
CA THR A 273 -74.32 -46.92 -25.29
C THR A 273 -73.17 -47.01 -26.29
N CYS A 274 -72.25 -46.05 -26.23
CA CYS A 274 -71.13 -45.97 -27.14
C CYS A 274 -69.86 -45.63 -26.37
N ARG A 275 -68.72 -45.96 -26.98
CA ARG A 275 -67.41 -45.67 -26.42
C ARG A 275 -66.57 -44.90 -27.43
N CYS A 276 -65.67 -44.07 -26.92
CA CYS A 276 -64.71 -43.35 -27.74
C CYS A 276 -63.33 -43.48 -27.09
N ASP A 277 -62.41 -44.12 -27.81
CA ASP A 277 -61.05 -44.31 -27.33
C ASP A 277 -60.06 -43.80 -28.36
N THR A 278 -58.97 -43.21 -27.88
CA THR A 278 -57.91 -42.72 -28.74
C THR A 278 -56.91 -43.84 -28.94
N VAL A 279 -57.00 -44.52 -30.09
CA VAL A 279 -56.12 -45.66 -30.34
C VAL A 279 -54.79 -45.25 -30.96
N VAL A 280 -54.72 -44.10 -31.64
CA VAL A 280 -53.46 -43.59 -32.16
C VAL A 280 -53.34 -42.12 -31.77
N SER A 281 -52.16 -41.74 -31.28
CA SER A 281 -51.89 -40.35 -30.91
C SER A 281 -50.43 -40.05 -31.23
N CYS A 282 -50.19 -39.10 -32.13
CA CYS A 282 -48.83 -38.76 -32.54
C CYS A 282 -48.76 -37.25 -32.77
N GLU A 283 -48.21 -36.54 -31.78
CA GLU A 283 -47.72 -35.16 -31.95
C GLU A 283 -48.77 -34.24 -32.54
N GLY A 284 -50.02 -34.45 -32.14
CA GLY A 284 -51.13 -33.60 -32.55
C GLY A 284 -52.11 -34.24 -33.50
N TYR A 285 -51.80 -35.39 -34.08
CA TYR A 285 -52.72 -36.09 -34.97
C TYR A 285 -53.19 -37.37 -34.30
N VAL A 286 -54.50 -37.59 -34.26
CA VAL A 286 -55.07 -38.69 -33.50
C VAL A 286 -55.99 -39.52 -34.40
N VAL A 287 -56.10 -40.79 -34.04
CA VAL A 287 -57.07 -41.72 -34.61
C VAL A 287 -57.87 -42.26 -33.44
N LYS A 288 -59.17 -41.95 -33.42
CA LYS A 288 -60.08 -42.35 -32.37
C LYS A 288 -60.98 -43.45 -32.89
N ARG A 289 -61.08 -44.54 -32.12
CA ARG A 289 -61.92 -45.68 -32.46
C ARG A 289 -63.20 -45.62 -31.63
N ILE A 290 -64.29 -45.26 -32.27
CA ILE A 290 -65.61 -45.26 -31.65
C ILE A 290 -66.28 -46.59 -31.95
N THR A 291 -66.84 -47.21 -30.93
CA THR A 291 -67.55 -48.48 -31.09
C THR A 291 -68.98 -48.32 -30.60
N MET A 292 -69.92 -48.85 -31.38
CA MET A 292 -71.33 -48.69 -31.13
C MET A 292 -71.94 -49.98 -30.61
N SER A 293 -73.02 -49.85 -29.85
CA SER A 293 -73.73 -50.98 -29.29
C SER A 293 -75.19 -50.61 -29.03
N PRO A 294 -76.13 -51.36 -29.58
CA PRO A 294 -77.55 -51.02 -29.36
C PRO A 294 -77.96 -51.22 -27.92
N GLY A 295 -78.91 -50.40 -27.48
CA GLY A 295 -79.39 -50.44 -26.12
C GLY A 295 -78.59 -49.53 -25.19
N LEU A 296 -79.23 -49.17 -24.08
CA LEU A 296 -78.63 -48.33 -23.06
C LEU A 296 -78.07 -49.20 -21.94
N TYR A 297 -76.77 -49.12 -21.71
CA TYR A 297 -76.11 -49.92 -20.69
C TYR A 297 -75.15 -49.05 -19.90
N GLY A 298 -75.10 -49.27 -18.59
CA GLY A 298 -74.22 -48.49 -17.74
C GLY A 298 -74.70 -47.06 -17.56
N LYS A 299 -73.77 -46.18 -17.24
CA LYS A 299 -74.08 -44.77 -17.04
C LYS A 299 -72.86 -43.95 -17.41
N THR A 300 -73.09 -42.68 -17.71
CA THR A 300 -72.06 -41.80 -18.26
C THR A 300 -71.67 -40.73 -17.24
N THR A 301 -70.36 -40.52 -17.12
CA THR A 301 -69.83 -39.45 -16.28
C THR A 301 -69.75 -38.11 -17.01
N GLY A 302 -69.77 -38.11 -18.33
CA GLY A 302 -69.60 -36.88 -19.09
C GLY A 302 -68.20 -36.33 -19.11
N TYR A 303 -67.20 -37.17 -18.89
CA TYR A 303 -65.81 -36.74 -18.79
C TYR A 303 -64.99 -37.28 -19.96
N ALA A 304 -64.13 -36.43 -20.51
CA ALA A 304 -63.23 -36.80 -21.60
C ALA A 304 -61.79 -36.62 -21.15
N VAL A 305 -60.95 -37.57 -21.53
CA VAL A 305 -59.56 -37.64 -21.08
C VAL A 305 -58.65 -37.58 -22.30
N THR A 306 -57.65 -36.70 -22.25
CA THR A 306 -56.58 -36.65 -23.23
C THR A 306 -55.25 -36.93 -22.54
N HIS A 307 -54.52 -37.92 -23.03
CA HIS A 307 -53.21 -38.27 -22.47
C HIS A 307 -52.12 -37.58 -23.28
N HIS A 308 -51.20 -36.90 -22.58
CA HIS A 308 -50.18 -36.10 -23.23
C HIS A 308 -48.85 -36.86 -23.21
N ALA A 309 -48.52 -37.49 -24.34
CA ALA A 309 -47.18 -38.05 -24.50
C ALA A 309 -46.13 -36.94 -24.54
N ASP A 310 -46.44 -35.86 -25.26
N ASP A 310 -46.44 -35.85 -25.25
CA ASP A 310 -45.61 -34.67 -25.32
CA ASP A 310 -45.58 -34.68 -25.28
C ASP A 310 -46.28 -33.54 -24.56
C ASP A 310 -46.28 -33.51 -24.62
N GLY A 311 -45.48 -32.53 -24.20
CA GLY A 311 -46.04 -31.40 -23.48
C GLY A 311 -47.03 -30.62 -24.30
N PHE A 312 -48.07 -30.14 -23.62
CA PHE A 312 -49.10 -29.31 -24.25
C PHE A 312 -49.16 -27.99 -23.50
N LEU A 313 -49.21 -26.88 -24.23
CA LEU A 313 -49.20 -25.57 -23.60
C LEU A 313 -50.31 -24.70 -24.17
N MET A 314 -50.99 -23.97 -23.29
CA MET A 314 -51.93 -22.93 -23.69
C MET A 314 -51.66 -21.72 -22.80
N CYS A 315 -51.15 -20.64 -23.39
CA CYS A 315 -50.64 -19.53 -22.60
C CYS A 315 -51.15 -18.21 -23.14
N LYS A 316 -51.21 -17.22 -22.25
CA LYS A 316 -51.54 -15.86 -22.63
C LYS A 316 -50.35 -15.20 -23.30
N THR A 317 -50.60 -14.52 -24.41
CA THR A 317 -49.55 -13.81 -25.13
C THR A 317 -50.11 -12.52 -25.72
N THR A 318 -49.27 -11.50 -25.77
CA THR A 318 -49.65 -10.18 -26.23
C THR A 318 -49.12 -9.96 -27.64
N ASP A 319 -50.02 -9.70 -28.58
CA ASP A 319 -49.67 -9.41 -29.95
C ASP A 319 -50.40 -8.13 -30.39
N THR A 320 -50.29 -7.82 -31.68
CA THR A 320 -51.01 -6.70 -32.27
C THR A 320 -51.89 -7.21 -33.40
N VAL A 321 -53.20 -7.05 -33.23
CA VAL A 321 -54.16 -7.37 -34.28
C VAL A 321 -54.53 -6.08 -34.98
N ASP A 322 -54.22 -6.00 -36.27
CA ASP A 322 -54.41 -4.78 -37.07
C ASP A 322 -53.74 -3.59 -36.40
N GLY A 323 -52.61 -3.81 -35.75
CA GLY A 323 -51.88 -2.76 -35.08
C GLY A 323 -52.34 -2.45 -33.68
N GLU A 324 -53.40 -3.09 -33.19
CA GLU A 324 -53.92 -2.83 -31.85
C GLU A 324 -53.38 -3.90 -30.91
N ARG A 325 -52.70 -3.46 -29.85
CA ARG A 325 -52.08 -4.40 -28.91
C ARG A 325 -53.14 -5.03 -28.03
N VAL A 326 -53.27 -6.36 -28.12
CA VAL A 326 -54.22 -7.13 -27.33
C VAL A 326 -53.51 -8.38 -26.82
N SER A 327 -54.17 -9.08 -25.90
CA SER A 327 -53.64 -10.30 -25.32
C SER A 327 -54.66 -11.42 -25.50
N PHE A 328 -54.20 -12.57 -25.98
CA PHE A 328 -55.09 -13.71 -26.16
C PHE A 328 -54.31 -15.00 -25.96
N SER A 329 -55.04 -16.11 -25.96
CA SER A 329 -54.46 -17.42 -25.66
C SER A 329 -53.96 -18.10 -26.93
N VAL A 330 -52.79 -18.71 -26.82
CA VAL A 330 -52.19 -19.47 -27.91
C VAL A 330 -51.76 -20.82 -27.36
N CYS A 331 -52.08 -21.89 -28.09
CA CYS A 331 -51.76 -23.25 -27.69
C CYS A 331 -50.78 -23.88 -28.68
N THR A 332 -50.06 -24.89 -28.21
CA THR A 332 -49.06 -25.58 -29.02
C THR A 332 -48.62 -26.84 -28.29
N TYR A 333 -47.79 -27.62 -28.98
CA TYR A 333 -47.19 -28.84 -28.44
C TYR A 333 -45.67 -28.69 -28.40
N VAL A 334 -45.07 -29.24 -27.36
CA VAL A 334 -43.63 -29.19 -27.16
C VAL A 334 -43.13 -30.63 -26.98
N PRO A 335 -42.02 -31.02 -27.61
CA PRO A 335 -41.55 -32.40 -27.49
C PRO A 335 -41.24 -32.78 -26.05
N ALA A 336 -41.42 -34.07 -25.74
CA ALA A 336 -41.24 -34.56 -24.38
C ALA A 336 -39.81 -34.38 -23.90
N THR A 337 -38.83 -34.56 -24.79
CA THR A 337 -37.43 -34.38 -24.41
C THR A 337 -37.17 -32.95 -23.95
N ILE A 338 -37.73 -31.97 -24.67
CA ILE A 338 -37.58 -30.57 -24.27
C ILE A 338 -38.19 -30.34 -22.91
N CYS A 339 -39.41 -30.85 -22.69
CA CYS A 339 -40.08 -30.65 -21.41
C CYS A 339 -39.30 -31.27 -20.26
N ASP A 340 -38.75 -32.46 -20.48
CA ASP A 340 -37.94 -33.10 -19.45
C ASP A 340 -36.65 -32.34 -19.18
N GLN A 341 -36.05 -31.76 -20.22
CA GLN A 341 -34.83 -30.97 -20.02
C GLN A 341 -35.12 -29.63 -19.35
N MET A 342 -36.35 -29.15 -19.45
CA MET A 342 -36.73 -27.88 -18.82
C MET A 342 -37.14 -28.03 -17.36
N THR A 343 -37.31 -29.26 -16.88
CA THR A 343 -37.84 -29.47 -15.53
C THR A 343 -36.93 -28.88 -14.46
N GLY A 344 -35.62 -29.08 -14.61
CA GLY A 344 -34.70 -28.63 -13.58
C GLY A 344 -34.66 -27.13 -13.41
N ILE A 345 -34.66 -26.40 -14.52
CA ILE A 345 -34.51 -24.94 -14.44
C ILE A 345 -35.82 -24.23 -14.18
N LEU A 346 -36.95 -24.91 -14.31
CA LEU A 346 -38.25 -24.28 -14.05
C LEU A 346 -38.61 -24.26 -12.58
N ALA A 347 -37.76 -24.79 -11.70
CA ALA A 347 -38.00 -24.71 -10.27
C ALA A 347 -37.96 -23.29 -9.75
N THR A 348 -37.30 -22.39 -10.47
CA THR A 348 -37.14 -21.00 -10.05
C THR A 348 -37.92 -20.08 -10.98
N GLU A 349 -37.81 -18.79 -10.72
CA GLU A 349 -38.41 -17.77 -11.57
C GLU A 349 -37.40 -17.38 -12.65
N VAL A 350 -37.71 -17.69 -13.90
CA VAL A 350 -36.81 -17.48 -15.02
C VAL A 350 -37.45 -16.50 -15.99
N THR A 351 -36.68 -15.49 -16.39
CA THR A 351 -37.18 -14.49 -17.32
C THR A 351 -37.42 -15.11 -18.70
N PRO A 352 -38.37 -14.57 -19.46
CA PRO A 352 -38.63 -15.13 -20.79
C PRO A 352 -37.42 -15.11 -21.72
N GLU A 353 -36.55 -14.12 -21.59
CA GLU A 353 -35.35 -14.05 -22.43
C GLU A 353 -34.40 -15.22 -22.12
N ASP A 354 -34.13 -15.44 -20.83
CA ASP A 354 -33.26 -16.55 -20.45
C ASP A 354 -33.89 -17.89 -20.81
N ALA A 355 -35.20 -18.01 -20.61
CA ALA A 355 -35.90 -19.24 -20.97
C ALA A 355 -35.80 -19.50 -22.46
N GLN A 356 -35.95 -18.46 -23.28
CA GLN A 356 -35.85 -18.62 -24.73
C GLN A 356 -34.44 -19.01 -25.14
N LYS A 357 -33.43 -18.39 -24.53
CA LYS A 357 -32.05 -18.76 -24.86
C LYS A 357 -31.76 -20.21 -24.49
N LEU A 358 -32.23 -20.64 -23.33
CA LEU A 358 -32.01 -22.03 -22.92
C LEU A 358 -32.78 -23.00 -23.81
N LEU A 359 -33.99 -22.64 -24.21
CA LEU A 359 -34.75 -23.46 -25.14
C LEU A 359 -34.04 -23.59 -26.47
N VAL A 360 -33.46 -22.48 -26.96
CA VAL A 360 -32.72 -22.52 -28.22
C VAL A 360 -31.48 -23.40 -28.08
N GLY A 361 -30.78 -23.28 -26.95
CA GLY A 361 -29.64 -24.15 -26.70
C GLY A 361 -30.02 -25.62 -26.68
N LEU A 362 -31.17 -25.94 -26.09
CA LEU A 362 -31.64 -27.32 -26.11
C LEU A 362 -32.10 -27.74 -27.51
N ASN A 363 -32.53 -26.80 -28.34
CA ASN A 363 -33.03 -27.13 -29.66
C ASN A 363 -31.89 -27.33 -30.66
N GLN A 364 -31.00 -26.34 -30.76
N GLN A 364 -31.00 -26.35 -30.74
CA GLN A 364 -29.88 -26.42 -31.70
CA GLN A 364 -29.84 -26.43 -31.64
C GLN A 364 -28.83 -27.40 -31.20
C GLN A 364 -28.90 -27.56 -31.22
N ASN A 377 -33.17 -29.66 -35.48
CA ASN A 377 -34.15 -28.95 -34.65
C ASN A 377 -35.23 -29.89 -34.13
N THR A 378 -35.25 -30.10 -32.82
CA THR A 378 -36.27 -30.94 -32.22
C THR A 378 -37.65 -30.32 -32.34
N MET A 379 -37.75 -29.01 -32.11
CA MET A 379 -39.01 -28.28 -32.23
C MET A 379 -38.82 -27.10 -33.16
N LYS A 380 -39.91 -26.68 -33.80
CA LYS A 380 -39.87 -25.55 -34.71
C LYS A 380 -39.57 -24.27 -33.95
N ASN A 381 -38.68 -23.45 -34.51
CA ASN A 381 -38.20 -22.27 -33.79
C ASN A 381 -39.27 -21.19 -33.69
N TYR A 382 -40.22 -21.15 -34.63
CA TYR A 382 -41.23 -20.10 -34.63
C TYR A 382 -42.19 -20.20 -33.45
N MET A 383 -42.29 -21.37 -32.81
CA MET A 383 -43.05 -21.52 -31.59
C MET A 383 -42.21 -21.29 -30.34
N ILE A 384 -40.90 -21.15 -30.50
CA ILE A 384 -40.00 -21.13 -29.33
C ILE A 384 -40.26 -19.95 -28.41
N PRO A 385 -40.33 -18.69 -28.89
CA PRO A 385 -40.45 -17.57 -27.93
C PRO A 385 -41.69 -17.64 -27.05
N VAL A 386 -42.87 -17.80 -27.63
CA VAL A 386 -44.10 -17.81 -26.86
C VAL A 386 -44.07 -18.94 -25.84
N VAL A 387 -43.60 -20.12 -26.25
CA VAL A 387 -43.45 -21.24 -25.31
C VAL A 387 -42.57 -20.82 -24.14
N ALA A 388 -41.44 -20.17 -24.44
CA ALA A 388 -40.60 -19.64 -23.38
C ALA A 388 -41.40 -18.76 -22.44
N GLN A 389 -42.16 -17.82 -23.01
CA GLN A 389 -43.06 -17.00 -22.21
C GLN A 389 -43.95 -17.87 -21.33
N ALA A 390 -44.59 -18.88 -21.92
CA ALA A 390 -45.41 -19.79 -21.16
C ALA A 390 -44.64 -20.35 -19.98
N PHE A 391 -43.46 -20.90 -20.25
CA PHE A 391 -42.65 -21.46 -19.17
C PHE A 391 -42.32 -20.40 -18.15
N SER A 392 -41.93 -19.20 -18.61
CA SER A 392 -41.61 -18.12 -17.70
C SER A 392 -42.82 -17.79 -16.83
N LYS A 393 -44.02 -17.82 -17.41
CA LYS A 393 -45.21 -17.61 -16.59
C LYS A 393 -45.43 -18.79 -15.66
N TRP A 394 -45.33 -20.02 -16.20
CA TRP A 394 -45.69 -21.19 -15.41
C TRP A 394 -44.79 -21.32 -14.18
N ALA A 395 -43.47 -21.31 -14.41
CA ALA A 395 -42.53 -21.35 -13.30
C ALA A 395 -42.77 -20.22 -12.33
N LYS A 396 -43.24 -19.07 -12.81
CA LYS A 396 -43.59 -17.98 -11.91
C LYS A 396 -44.81 -18.35 -11.06
N GLU A 397 -45.88 -18.81 -11.72
CA GLU A 397 -47.13 -19.04 -10.99
C GLU A 397 -46.96 -20.13 -9.94
N CYS A 398 -46.27 -21.22 -10.30
CA CYS A 398 -45.97 -22.26 -9.32
C CYS A 398 -45.27 -21.68 -8.11
N ARG A 399 -44.30 -20.79 -8.34
CA ARG A 399 -43.59 -20.17 -7.22
CA ARG A 399 -43.59 -20.17 -7.22
C ARG A 399 -44.55 -19.42 -6.32
N LYS A 400 -45.54 -18.73 -6.90
N LYS A 400 -45.54 -18.72 -6.90
CA LYS A 400 -46.52 -18.04 -6.08
CA LYS A 400 -46.53 -18.03 -6.09
C LYS A 400 -47.31 -19.01 -5.23
C LYS A 400 -47.31 -19.01 -5.23
N ASP A 401 -47.67 -20.18 -5.81
CA ASP A 401 -48.35 -21.20 -5.02
C ASP A 401 -47.46 -21.68 -3.88
N MET A 402 -46.14 -21.60 -4.04
CA MET A 402 -45.22 -21.92 -2.95
C MET A 402 -45.29 -20.85 -1.85
N GLU A 403 -45.42 -19.58 -2.23
CA GLU A 403 -45.38 -18.51 -1.25
C GLU A 403 -46.68 -18.44 -0.44
N ASP A 404 -47.82 -18.54 -1.11
CA ASP A 404 -49.12 -18.46 -0.47
C ASP A 404 -49.60 -19.86 -0.08
N GLU A 405 -48.88 -20.47 0.84
CA GLU A 405 -49.22 -21.80 1.30
C GLU A 405 -50.45 -21.75 2.20
N LYS A 406 -51.53 -22.40 1.75
CA LYS A 406 -52.78 -22.41 2.50
C LYS A 406 -52.75 -23.52 3.56
N LEU A 407 -53.82 -23.61 4.33
CA LEU A 407 -53.98 -24.71 5.27
C LEU A 407 -54.57 -25.92 4.58
N LEU A 408 -54.35 -27.09 5.18
CA LEU A 408 -54.81 -28.33 4.58
C LEU A 408 -56.32 -28.44 4.68
N GLY A 409 -56.98 -28.48 3.53
CA GLY A 409 -58.43 -28.64 3.50
C GLY A 409 -59.23 -27.53 4.14
N VAL A 410 -58.87 -26.27 3.86
CA VAL A 410 -59.60 -25.12 4.36
C VAL A 410 -59.78 -24.14 3.21
N ARG A 411 -61.02 -23.70 2.99
CA ARG A 411 -61.33 -22.68 2.00
C ARG A 411 -61.77 -21.41 2.73
N GLU A 412 -61.09 -20.31 2.46
CA GLU A 412 -61.37 -19.02 3.10
C GLU A 412 -62.24 -18.20 2.15
N ARG A 413 -63.54 -18.22 2.39
CA ARG A 413 -64.50 -17.49 1.59
C ARG A 413 -65.26 -16.50 2.46
N THR A 414 -65.48 -15.30 1.93
CA THR A 414 -66.12 -14.23 2.68
C THR A 414 -67.60 -14.18 2.38
N LEU A 415 -68.41 -14.06 3.43
CA LEU A 415 -69.86 -13.91 3.27
C LEU A 415 -70.15 -12.50 2.75
N THR A 416 -70.67 -12.42 1.53
CA THR A 416 -70.86 -11.12 0.88
C THR A 416 -72.15 -10.43 1.32
N CYS A 417 -72.37 -10.35 2.64
CA CYS A 417 -73.53 -9.65 3.22
C CYS A 417 -74.85 -10.22 2.70
N CYS A 418 -74.83 -11.48 2.27
N CYS A 418 -74.84 -11.48 2.28
CA CYS A 418 -75.99 -12.14 1.68
CA CYS A 418 -76.00 -12.15 1.72
C CYS A 418 -75.86 -13.64 1.95
C CYS A 418 -75.84 -13.65 1.93
N CYS A 419 -76.66 -14.45 1.25
CA CYS A 419 -76.59 -15.89 1.34
C CYS A 419 -75.63 -16.51 0.34
N LEU A 420 -74.64 -15.74 -0.10
CA LEU A 420 -73.66 -16.18 -1.09
C LEU A 420 -72.25 -16.11 -0.51
N TRP A 421 -71.36 -16.91 -1.08
CA TRP A 421 -69.97 -16.97 -0.66
C TRP A 421 -69.06 -16.73 -1.86
N ALA A 422 -67.99 -15.95 -1.64
CA ALA A 422 -67.09 -15.56 -2.71
C ALA A 422 -65.65 -15.81 -2.30
N PHE A 423 -64.81 -16.08 -3.29
CA PHE A 423 -63.39 -16.32 -3.09
C PHE A 423 -62.59 -15.54 -4.13
N LYS A 424 -61.30 -15.37 -3.86
CA LYS A 424 -60.40 -14.69 -4.78
C LYS A 424 -59.79 -15.70 -5.75
N LYS A 425 -59.80 -15.34 -7.03
CA LYS A 425 -59.19 -16.16 -8.07
C LYS A 425 -57.79 -15.66 -8.37
N GLN A 426 -56.85 -16.59 -8.47
CA GLN A 426 -55.46 -16.25 -8.75
C GLN A 426 -55.26 -16.02 -10.25
N LYS A 427 -54.13 -15.39 -10.58
CA LYS A 427 -53.80 -15.11 -11.96
C LYS A 427 -53.20 -16.36 -12.60
N THR A 428 -53.91 -16.94 -13.55
CA THR A 428 -53.47 -18.14 -14.27
C THR A 428 -53.26 -17.75 -15.73
N HIS A 429 -52.01 -17.55 -16.12
CA HIS A 429 -51.68 -17.16 -17.49
C HIS A 429 -51.24 -18.31 -18.36
N THR A 430 -50.89 -19.46 -17.79
CA THR A 430 -50.38 -20.58 -18.57
C THR A 430 -50.96 -21.88 -18.04
N VAL A 431 -51.40 -22.74 -18.96
CA VAL A 431 -51.77 -24.12 -18.67
C VAL A 431 -50.74 -25.01 -19.33
N TYR A 432 -50.00 -25.77 -18.54
CA TYR A 432 -48.87 -26.56 -19.00
C TYR A 432 -49.10 -28.02 -18.60
N LYS A 433 -49.57 -28.82 -19.54
CA LYS A 433 -49.75 -30.25 -19.34
C LYS A 433 -48.44 -30.94 -19.69
N ARG A 434 -47.70 -31.38 -18.68
CA ARG A 434 -46.42 -32.03 -18.89
C ARG A 434 -46.62 -33.41 -19.49
N PRO A 435 -45.56 -34.00 -20.06
CA PRO A 435 -45.67 -35.38 -20.56
C PRO A 435 -46.04 -36.34 -19.43
N ASP A 436 -46.79 -37.38 -19.80
CA ASP A 436 -47.33 -38.37 -18.87
C ASP A 436 -48.37 -37.78 -17.93
N THR A 437 -49.06 -36.73 -18.37
CA THR A 437 -50.20 -36.17 -17.66
C THR A 437 -51.45 -36.32 -18.52
N GLN A 438 -52.58 -35.91 -17.96
CA GLN A 438 -53.87 -36.07 -18.61
C GLN A 438 -54.73 -34.84 -18.38
N SER A 439 -55.36 -34.37 -19.45
CA SER A 439 -56.36 -33.33 -19.36
C SER A 439 -57.74 -33.96 -19.26
N ILE A 440 -58.49 -33.60 -18.22
CA ILE A 440 -59.82 -34.13 -17.96
C ILE A 440 -60.81 -32.98 -18.09
N GLN A 441 -61.78 -33.13 -19.01
CA GLN A 441 -62.73 -32.06 -19.30
C GLN A 441 -64.15 -32.59 -19.26
N LYS A 442 -65.04 -31.86 -18.63
CA LYS A 442 -66.44 -32.26 -18.53
C LYS A 442 -67.17 -31.88 -19.81
N VAL A 443 -67.64 -32.89 -20.55
CA VAL A 443 -68.31 -32.68 -21.82
C VAL A 443 -69.74 -33.20 -21.70
N GLN A 444 -70.57 -32.82 -22.67
CA GLN A 444 -71.94 -33.28 -22.70
C GLN A 444 -72.01 -34.74 -23.11
N ALA A 445 -72.80 -35.53 -22.39
CA ALA A 445 -73.11 -36.90 -22.74
C ALA A 445 -74.61 -37.03 -22.96
N GLU A 446 -75.04 -38.25 -23.31
CA GLU A 446 -76.45 -38.59 -23.50
C GLU A 446 -77.11 -37.66 -24.52
N PHE A 447 -76.61 -37.75 -25.75
CA PHE A 447 -77.19 -37.00 -26.85
C PHE A 447 -78.50 -37.64 -27.33
N PRO B 3 -34.05 -38.35 -65.88
CA PRO B 3 -32.79 -37.61 -65.78
C PRO B 3 -32.88 -36.22 -66.40
N VAL B 4 -33.25 -35.24 -65.59
CA VAL B 4 -33.39 -33.86 -66.07
C VAL B 4 -32.05 -33.15 -65.94
N TYR B 5 -31.69 -32.41 -66.99
CA TYR B 5 -30.45 -31.64 -67.03
C TYR B 5 -30.75 -30.16 -66.91
N VAL B 6 -29.98 -29.47 -66.08
CA VAL B 6 -30.20 -28.05 -65.80
C VAL B 6 -28.98 -27.27 -66.26
N ASP B 7 -29.21 -26.15 -66.94
CA ASP B 7 -28.14 -25.29 -67.43
C ASP B 7 -27.63 -24.38 -66.29
N ILE B 8 -27.12 -25.02 -65.25
CA ILE B 8 -26.54 -24.32 -64.10
C ILE B 8 -25.16 -24.88 -63.85
N ASP B 9 -24.44 -24.22 -62.94
CA ASP B 9 -23.09 -24.65 -62.60
C ASP B 9 -23.11 -26.02 -61.93
N ALA B 10 -22.01 -26.75 -62.08
CA ALA B 10 -21.90 -28.08 -61.48
C ALA B 10 -21.70 -28.02 -59.98
N ASP B 11 -21.34 -26.86 -59.42
CA ASP B 11 -21.10 -26.72 -57.99
C ASP B 11 -21.87 -25.55 -57.40
N SER B 12 -23.05 -25.25 -57.97
CA SER B 12 -23.86 -24.14 -57.48
C SER B 12 -24.62 -24.54 -56.23
N ALA B 13 -24.70 -23.61 -55.27
CA ALA B 13 -25.42 -23.88 -54.02
C ALA B 13 -26.91 -24.06 -54.24
N PHE B 14 -27.48 -23.44 -55.27
CA PHE B 14 -28.90 -23.60 -55.59
C PHE B 14 -29.26 -25.03 -55.94
N LEU B 15 -28.30 -25.82 -56.43
CA LEU B 15 -28.60 -27.14 -56.96
C LEU B 15 -29.37 -27.99 -55.95
N LYS B 16 -28.86 -28.09 -54.72
CA LYS B 16 -29.55 -28.87 -53.69
C LYS B 16 -30.99 -28.40 -53.54
N ALA B 17 -31.21 -27.09 -53.43
CA ALA B 17 -32.57 -26.58 -53.30
C ALA B 17 -33.43 -27.07 -54.45
N LEU B 18 -32.91 -27.01 -55.67
CA LEU B 18 -33.66 -27.49 -56.82
C LEU B 18 -34.01 -28.97 -56.66
N GLN B 19 -33.04 -29.78 -56.22
N GLN B 19 -33.04 -29.78 -56.22
CA GLN B 19 -33.31 -31.19 -56.01
CA GLN B 19 -33.31 -31.19 -56.01
C GLN B 19 -34.33 -31.40 -54.89
C GLN B 19 -34.32 -31.40 -54.89
N ARG B 20 -34.37 -30.48 -53.92
CA ARG B 20 -35.37 -30.58 -52.88
C ARG B 20 -36.75 -30.17 -53.38
N ALA B 21 -36.81 -29.42 -54.48
CA ALA B 21 -38.09 -28.97 -55.01
C ALA B 21 -38.70 -29.92 -56.02
N TYR B 22 -37.90 -30.85 -56.55
CA TYR B 22 -38.37 -31.83 -57.55
C TYR B 22 -37.84 -33.20 -57.16
N PRO B 23 -38.43 -33.82 -56.13
CA PRO B 23 -37.94 -35.14 -55.70
C PRO B 23 -38.13 -36.25 -56.72
N MET B 24 -39.07 -36.10 -57.65
CA MET B 24 -39.35 -37.16 -58.61
C MET B 24 -38.38 -37.17 -59.79
N PHE B 25 -37.50 -36.18 -59.89
CA PHE B 25 -36.56 -36.08 -60.99
C PHE B 25 -35.13 -36.17 -60.47
N GLU B 26 -34.24 -36.67 -61.31
CA GLU B 26 -32.81 -36.71 -61.03
C GLU B 26 -32.18 -35.51 -61.72
N VAL B 27 -31.90 -34.46 -60.94
CA VAL B 27 -31.42 -33.20 -61.48
C VAL B 27 -29.91 -33.25 -61.59
N GLU B 28 -29.39 -33.03 -62.80
CA GLU B 28 -27.96 -33.06 -63.05
C GLU B 28 -27.56 -31.76 -63.73
N PRO B 29 -26.50 -31.09 -63.27
CA PRO B 29 -26.10 -29.83 -63.89
C PRO B 29 -25.34 -30.05 -65.19
N ARG B 30 -25.61 -29.18 -66.16
CA ARG B 30 -24.87 -29.16 -67.42
C ARG B 30 -24.85 -27.71 -67.91
N GLN B 31 -23.77 -27.00 -67.56
CA GLN B 31 -23.66 -25.59 -67.88
C GLN B 31 -23.13 -25.41 -69.29
N VAL B 32 -23.89 -24.71 -70.13
CA VAL B 32 -23.47 -24.46 -71.51
C VAL B 32 -23.58 -22.98 -71.81
N THR B 33 -23.98 -22.18 -70.80
CA THR B 33 -24.13 -20.74 -70.94
C THR B 33 -23.83 -20.04 -69.62
N PRO B 34 -23.19 -18.87 -69.65
CA PRO B 34 -23.00 -18.08 -68.43
C PRO B 34 -24.19 -17.17 -68.14
N ASN B 35 -25.37 -17.78 -68.05
CA ASN B 35 -26.61 -17.02 -67.91
C ASN B 35 -26.66 -16.32 -66.56
N ASP B 36 -27.07 -15.05 -66.59
CA ASP B 36 -27.21 -14.27 -65.37
C ASP B 36 -28.39 -14.68 -64.51
N HIS B 37 -29.35 -15.42 -65.08
CA HIS B 37 -30.54 -15.87 -64.35
C HIS B 37 -30.79 -17.35 -64.65
N ALA B 38 -29.74 -18.16 -64.56
CA ALA B 38 -29.84 -19.57 -64.91
C ALA B 38 -30.76 -20.33 -63.96
N ASN B 39 -30.85 -19.89 -62.71
CA ASN B 39 -31.72 -20.57 -61.74
C ASN B 39 -33.18 -20.47 -62.18
N ALA B 40 -33.58 -19.31 -62.70
CA ALA B 40 -34.96 -19.14 -63.17
C ALA B 40 -35.28 -20.10 -64.31
N ARG B 41 -34.37 -20.22 -65.27
CA ARG B 41 -34.61 -21.10 -66.40
C ARG B 41 -34.60 -22.56 -65.98
N ALA B 42 -33.72 -22.93 -65.04
CA ALA B 42 -33.71 -24.29 -64.54
C ALA B 42 -35.02 -24.63 -63.84
N PHE B 43 -35.51 -23.71 -63.00
CA PHE B 43 -36.79 -23.94 -62.33
C PHE B 43 -37.93 -24.04 -63.32
N SER B 44 -37.92 -23.18 -64.34
CA SER B 44 -38.96 -23.24 -65.37
C SER B 44 -38.93 -24.56 -66.12
N HIS B 45 -37.73 -25.03 -66.46
CA HIS B 45 -37.59 -26.30 -67.16
C HIS B 45 -38.14 -27.45 -66.33
N LEU B 46 -37.75 -27.52 -65.06
CA LEU B 46 -38.25 -28.59 -64.21
C LEU B 46 -39.75 -28.46 -63.95
N ALA B 47 -40.26 -27.23 -63.88
CA ALA B 47 -41.70 -27.04 -63.73
C ALA B 47 -42.45 -27.57 -64.94
N ILE B 48 -41.94 -27.29 -66.14
CA ILE B 48 -42.58 -27.81 -67.35
C ILE B 48 -42.52 -29.33 -67.38
N LYS B 49 -41.38 -29.90 -67.00
CA LYS B 49 -41.27 -31.36 -66.97
C LYS B 49 -42.23 -31.97 -65.96
N LEU B 50 -42.36 -31.36 -64.78
CA LEU B 50 -43.33 -31.81 -63.79
C LEU B 50 -44.75 -31.74 -64.33
N ILE B 51 -45.08 -30.66 -65.03
CA ILE B 51 -46.41 -30.51 -65.60
C ILE B 51 -46.68 -31.63 -66.61
N GLU B 52 -45.70 -31.88 -67.50
CA GLU B 52 -45.89 -32.93 -68.49
C GLU B 52 -46.02 -34.31 -67.85
N GLN B 53 -45.28 -34.55 -66.77
CA GLN B 53 -45.38 -35.84 -66.10
C GLN B 53 -46.72 -36.02 -65.40
N GLU B 54 -47.23 -34.95 -64.77
CA GLU B 54 -48.38 -35.08 -63.89
C GLU B 54 -49.72 -35.07 -64.62
N ILE B 55 -49.73 -34.85 -65.93
CA ILE B 55 -51.00 -34.70 -66.64
C ILE B 55 -51.15 -35.75 -67.73
N ASP B 56 -52.33 -35.81 -68.33
CA ASP B 56 -52.67 -36.83 -69.33
C ASP B 56 -51.77 -36.71 -70.55
N PRO B 57 -51.07 -37.78 -70.95
CA PRO B 57 -50.24 -37.70 -72.16
C PRO B 57 -51.04 -37.42 -73.43
N ASP B 58 -52.28 -37.86 -73.52
CA ASP B 58 -53.11 -37.63 -74.70
C ASP B 58 -54.06 -36.46 -74.42
N SER B 59 -53.52 -35.24 -74.58
CA SER B 59 -54.28 -34.03 -74.35
C SER B 59 -53.58 -32.86 -75.01
N THR B 60 -54.33 -32.04 -75.74
CA THR B 60 -53.76 -30.83 -76.32
C THR B 60 -53.44 -29.84 -75.21
N ILE B 61 -52.25 -29.26 -75.26
CA ILE B 61 -51.73 -28.42 -74.18
C ILE B 61 -51.52 -27.02 -74.76
N LEU B 62 -52.41 -26.09 -74.42
CA LEU B 62 -52.21 -24.70 -74.82
C LEU B 62 -51.42 -23.97 -73.75
N ASP B 63 -50.36 -23.30 -74.16
CA ASP B 63 -49.54 -22.49 -73.27
C ASP B 63 -49.69 -21.03 -73.64
N ILE B 64 -50.08 -20.22 -72.66
CA ILE B 64 -50.48 -18.83 -72.89
C ILE B 64 -49.23 -17.95 -72.89
N GLY B 65 -49.11 -17.11 -73.91
CA GLY B 65 -47.98 -16.19 -73.99
C GLY B 65 -46.64 -16.88 -73.95
N SER B 66 -46.49 -17.97 -74.69
CA SER B 66 -45.32 -18.82 -74.59
C SER B 66 -44.38 -18.61 -75.77
N ALA B 67 -43.11 -18.90 -75.53
CA ALA B 67 -42.11 -18.92 -76.60
C ALA B 67 -42.17 -20.27 -77.30
N PRO B 68 -42.48 -20.33 -78.59
CA PRO B 68 -42.60 -21.64 -79.25
C PRO B 68 -41.29 -22.40 -79.37
N ALA B 69 -40.14 -21.73 -79.22
CA ALA B 69 -38.86 -22.41 -79.39
C ALA B 69 -38.57 -23.36 -78.23
N ARG B 70 -39.08 -23.07 -77.04
CA ARG B 70 -38.80 -23.92 -75.89
C ARG B 70 -39.57 -25.24 -75.94
N ARG B 71 -40.69 -25.27 -76.66
CA ARG B 71 -41.51 -26.47 -76.72
C ARG B 71 -40.98 -27.51 -77.71
N MET B 72 -39.74 -27.37 -78.17
CA MET B 72 -39.14 -28.37 -79.03
C MET B 72 -38.88 -29.65 -78.25
N MET B 73 -38.71 -30.75 -78.99
CA MET B 73 -38.50 -32.08 -78.41
C MET B 73 -39.56 -32.40 -77.35
N SER B 74 -40.82 -32.15 -77.68
CA SER B 74 -41.95 -32.44 -76.79
C SER B 74 -43.02 -33.14 -77.62
N ASP B 75 -43.12 -34.47 -77.45
CA ASP B 75 -44.07 -35.24 -78.24
C ASP B 75 -45.52 -34.86 -77.94
N ARG B 76 -45.77 -34.20 -76.81
CA ARG B 76 -47.12 -33.75 -76.49
C ARG B 76 -47.53 -32.61 -77.41
N LYS B 77 -48.80 -32.62 -77.82
CA LYS B 77 -49.33 -31.54 -78.64
C LYS B 77 -49.33 -30.24 -77.85
N TYR B 78 -48.87 -29.17 -78.50
CA TYR B 78 -48.79 -27.86 -77.87
C TYR B 78 -49.48 -26.82 -78.74
N HIS B 79 -50.33 -26.01 -78.13
CA HIS B 79 -50.92 -24.84 -78.77
C HIS B 79 -50.16 -23.61 -78.27
N CYS B 80 -49.04 -23.33 -78.94
CA CYS B 80 -48.18 -22.21 -78.55
C CYS B 80 -48.88 -20.92 -78.95
N VAL B 81 -49.55 -20.29 -77.99
CA VAL B 81 -50.28 -19.06 -78.23
C VAL B 81 -49.30 -17.90 -78.21
N CYS B 82 -49.23 -17.15 -79.31
N CYS B 82 -49.23 -17.15 -79.31
CA CYS B 82 -48.34 -16.00 -79.45
CA CYS B 82 -48.34 -16.01 -79.46
C CYS B 82 -49.16 -14.81 -79.92
C CYS B 82 -49.16 -14.81 -79.92
N PRO B 83 -49.72 -14.04 -78.99
CA PRO B 83 -50.54 -12.88 -79.39
C PRO B 83 -49.77 -11.78 -80.10
N MET B 84 -48.44 -11.85 -80.14
CA MET B 84 -47.61 -10.86 -80.82
C MET B 84 -47.71 -9.48 -80.17
N ARG B 85 -47.99 -9.45 -78.87
CA ARG B 85 -48.19 -8.19 -78.15
C ARG B 85 -46.88 -7.55 -77.72
N SER B 86 -46.00 -8.32 -77.09
CA SER B 86 -44.74 -7.76 -76.60
C SER B 86 -43.76 -7.56 -77.75
N ALA B 87 -42.69 -6.83 -77.46
CA ALA B 87 -41.67 -6.53 -78.45
C ALA B 87 -40.65 -7.65 -78.63
N GLU B 88 -40.67 -8.65 -77.75
CA GLU B 88 -39.75 -9.78 -77.90
C GLU B 88 -40.32 -10.87 -78.80
N ASP B 89 -41.63 -10.86 -79.04
CA ASP B 89 -42.25 -11.94 -79.80
C ASP B 89 -41.74 -12.10 -81.23
N PRO B 90 -41.55 -11.05 -82.04
CA PRO B 90 -41.06 -11.28 -83.41
C PRO B 90 -39.73 -12.00 -83.46
N GLU B 91 -38.82 -11.68 -82.55
CA GLU B 91 -37.52 -12.36 -82.51
C GLU B 91 -37.67 -13.81 -82.07
N ARG B 92 -38.58 -14.08 -81.12
CA ARG B 92 -38.85 -15.45 -80.72
C ARG B 92 -39.41 -16.26 -81.88
N LEU B 93 -40.32 -15.65 -82.66
CA LEU B 93 -40.87 -16.34 -83.83
C LEU B 93 -39.80 -16.56 -84.89
N ALA B 94 -38.90 -15.60 -85.05
CA ALA B 94 -37.80 -15.78 -86.01
C ALA B 94 -36.92 -16.96 -85.61
N ASN B 95 -36.57 -17.05 -84.32
CA ASN B 95 -35.78 -18.18 -83.85
C ASN B 95 -36.54 -19.49 -84.01
N TYR B 96 -37.84 -19.48 -83.73
CA TYR B 96 -38.67 -20.67 -83.88
C TYR B 96 -38.71 -21.13 -85.33
N ALA B 97 -38.86 -20.19 -86.26
CA ALA B 97 -38.85 -20.53 -87.69
C ALA B 97 -37.49 -21.06 -88.11
N ARG B 98 -36.41 -20.47 -87.59
CA ARG B 98 -35.06 -20.96 -87.89
C ARG B 98 -34.91 -22.41 -87.45
N LYS B 99 -35.35 -22.73 -86.24
CA LYS B 99 -35.25 -24.10 -85.75
C LYS B 99 -36.16 -25.05 -86.52
N LEU B 100 -37.36 -24.59 -86.88
CA LEU B 100 -38.27 -25.45 -87.65
C LEU B 100 -37.73 -25.73 -89.04
N ALA B 101 -37.01 -24.78 -89.63
CA ALA B 101 -36.41 -24.98 -90.94
C ALA B 101 -35.04 -25.65 -90.90
N SER B 102 -34.46 -25.82 -89.71
CA SER B 102 -33.16 -26.44 -89.56
C SER B 102 -33.24 -27.93 -89.25
N ALA B 103 -34.44 -28.50 -89.11
CA ALA B 103 -34.60 -29.91 -88.79
C ALA B 103 -35.70 -30.54 -89.64
N ALA B 104 -35.74 -30.17 -90.92
CA ALA B 104 -36.74 -30.75 -91.82
C ALA B 104 -36.47 -32.23 -92.05
N GLY B 105 -35.23 -32.58 -92.37
CA GLY B 105 -34.85 -33.96 -92.59
C GLY B 105 -34.09 -34.57 -91.44
N LYS B 106 -34.14 -33.93 -90.27
CA LYS B 106 -33.40 -34.37 -89.09
C LYS B 106 -34.26 -35.13 -88.10
N VAL B 107 -35.39 -34.56 -87.67
CA VAL B 107 -36.27 -35.18 -86.71
C VAL B 107 -37.65 -35.33 -87.34
N LEU B 108 -38.31 -36.45 -87.04
CA LEU B 108 -39.63 -36.75 -87.58
C LEU B 108 -40.70 -37.00 -86.52
N ASP B 109 -40.33 -37.49 -85.33
CA ASP B 109 -41.31 -37.83 -84.31
C ASP B 109 -41.95 -36.62 -83.65
N ARG B 110 -41.37 -35.43 -83.81
CA ARG B 110 -41.83 -34.23 -83.10
C ARG B 110 -42.84 -33.43 -83.91
N ASN B 111 -43.51 -34.05 -84.88
CA ASN B 111 -44.55 -33.42 -85.71
C ASN B 111 -44.08 -32.11 -86.35
N ILE B 112 -42.77 -31.98 -86.55
CA ILE B 112 -42.21 -30.77 -87.17
C ILE B 112 -42.74 -30.58 -88.58
N SER B 113 -43.01 -31.68 -89.29
CA SER B 113 -43.54 -31.58 -90.64
C SER B 113 -44.89 -30.87 -90.65
N GLY B 114 -45.74 -31.18 -89.67
CA GLY B 114 -46.99 -30.46 -89.53
C GLY B 114 -46.85 -29.07 -88.95
N LYS B 115 -45.82 -28.85 -88.12
CA LYS B 115 -45.59 -27.51 -87.58
C LYS B 115 -45.17 -26.54 -88.68
N ILE B 116 -44.43 -27.02 -89.68
CA ILE B 116 -44.10 -26.16 -90.82
C ILE B 116 -45.36 -25.71 -91.53
N GLY B 117 -46.29 -26.65 -91.76
CA GLY B 117 -47.55 -26.27 -92.38
C GLY B 117 -48.37 -25.34 -91.52
N ASP B 118 -48.33 -25.54 -90.20
CA ASP B 118 -49.04 -24.64 -89.29
C ASP B 118 -48.50 -23.22 -89.38
N LEU B 119 -47.17 -23.09 -89.39
CA LEU B 119 -46.57 -21.76 -89.56
C LEU B 119 -46.95 -21.15 -90.91
N GLN B 120 -46.85 -21.93 -91.99
CA GLN B 120 -47.21 -21.39 -93.29
C GLN B 120 -48.69 -21.01 -93.35
N ALA B 121 -49.51 -21.63 -92.51
CA ALA B 121 -50.92 -21.27 -92.45
C ALA B 121 -51.14 -19.98 -91.67
N VAL B 122 -50.41 -19.79 -90.57
CA VAL B 122 -50.70 -18.63 -89.72
C VAL B 122 -50.25 -17.33 -90.37
N MET B 123 -49.21 -17.37 -91.21
CA MET B 123 -48.80 -16.18 -91.95
C MET B 123 -49.55 -16.01 -93.27
N ALA B 124 -50.71 -16.64 -93.41
CA ALA B 124 -51.57 -16.46 -94.57
C ALA B 124 -52.82 -15.66 -94.25
N VAL B 125 -53.57 -16.07 -93.24
CA VAL B 125 -54.71 -15.31 -92.74
C VAL B 125 -54.46 -15.02 -91.27
N PRO B 126 -54.56 -13.77 -90.82
CA PRO B 126 -54.22 -13.46 -89.42
C PRO B 126 -55.18 -14.07 -88.40
N ASP B 127 -56.20 -14.81 -88.83
CA ASP B 127 -57.11 -15.50 -87.93
C ASP B 127 -57.08 -17.01 -88.14
N THR B 128 -55.98 -17.54 -88.68
CA THR B 128 -55.86 -18.96 -88.95
C THR B 128 -55.60 -19.68 -87.63
N GLU B 129 -56.64 -20.32 -87.09
CA GLU B 129 -56.52 -21.10 -85.85
C GLU B 129 -56.10 -22.52 -86.22
N THR B 130 -54.80 -22.72 -86.40
CA THR B 130 -54.27 -24.05 -86.66
C THR B 130 -54.31 -24.88 -85.38
N PRO B 131 -54.27 -26.21 -85.50
CA PRO B 131 -54.31 -27.05 -84.29
C PRO B 131 -53.17 -26.77 -83.30
N THR B 132 -51.98 -26.41 -83.80
CA THR B 132 -50.81 -26.28 -82.95
C THR B 132 -50.29 -24.86 -82.82
N PHE B 133 -50.80 -23.91 -83.59
CA PHE B 133 -50.27 -22.55 -83.55
C PHE B 133 -51.36 -21.55 -83.89
N CYS B 134 -51.31 -20.38 -83.25
CA CYS B 134 -52.24 -19.30 -83.52
C CYS B 134 -51.67 -18.01 -82.97
N LEU B 135 -52.16 -16.89 -83.51
CA LEU B 135 -51.74 -15.56 -83.08
C LEU B 135 -52.98 -14.80 -82.60
N HIS B 136 -53.32 -15.02 -81.33
CA HIS B 136 -54.44 -14.33 -80.70
C HIS B 136 -54.15 -14.21 -79.21
N THR B 137 -54.84 -13.28 -78.56
CA THR B 137 -54.76 -13.20 -77.11
C THR B 137 -55.53 -14.35 -76.47
N ASP B 138 -55.27 -14.56 -75.18
CA ASP B 138 -55.92 -15.66 -74.47
C ASP B 138 -57.42 -15.46 -74.31
N VAL B 139 -57.92 -14.24 -74.52
CA VAL B 139 -59.33 -13.96 -74.40
C VAL B 139 -60.03 -13.91 -75.76
N SER B 140 -59.33 -14.28 -76.83
CA SER B 140 -59.93 -14.32 -78.16
C SER B 140 -59.64 -15.60 -78.93
N CYS B 141 -58.74 -16.46 -78.44
CA CYS B 141 -58.47 -17.73 -79.10
C CYS B 141 -59.70 -18.63 -79.05
N ARG B 142 -59.94 -19.36 -80.12
CA ARG B 142 -61.10 -20.22 -80.25
C ARG B 142 -60.78 -21.70 -80.12
N GLN B 143 -59.53 -22.06 -79.83
CA GLN B 143 -59.18 -23.46 -79.69
C GLN B 143 -59.79 -24.05 -78.43
N ARG B 144 -60.24 -25.30 -78.53
CA ARG B 144 -60.89 -26.02 -77.42
C ARG B 144 -59.97 -27.15 -77.00
N ALA B 145 -59.06 -26.87 -76.07
CA ALA B 145 -58.11 -27.83 -75.54
C ALA B 145 -58.44 -28.13 -74.07
N ASP B 146 -57.57 -28.93 -73.44
CA ASP B 146 -57.82 -29.43 -72.10
C ASP B 146 -56.95 -28.81 -71.02
N VAL B 147 -55.70 -28.47 -71.32
CA VAL B 147 -54.76 -27.98 -70.32
C VAL B 147 -54.23 -26.61 -70.74
N ALA B 148 -54.12 -25.72 -69.76
CA ALA B 148 -53.57 -24.38 -69.97
C ALA B 148 -52.28 -24.24 -69.18
N ILE B 149 -51.31 -23.51 -69.74
CA ILE B 149 -50.02 -23.28 -69.10
C ILE B 149 -49.71 -21.80 -69.19
N TYR B 150 -49.33 -21.21 -68.05
CA TYR B 150 -48.91 -19.81 -67.98
C TYR B 150 -47.50 -19.80 -67.39
N GLN B 151 -46.50 -19.93 -68.25
CA GLN B 151 -45.10 -19.93 -67.82
C GLN B 151 -44.58 -18.51 -67.91
N ASP B 152 -44.22 -17.93 -66.77
CA ASP B 152 -43.70 -16.56 -66.68
C ASP B 152 -44.65 -15.57 -67.34
N VAL B 153 -45.93 -15.70 -67.02
CA VAL B 153 -46.96 -14.83 -67.55
C VAL B 153 -47.57 -14.07 -66.37
N TYR B 154 -47.12 -12.83 -66.17
CA TYR B 154 -47.62 -12.00 -65.09
C TYR B 154 -48.42 -10.79 -65.56
N ALA B 155 -48.44 -10.52 -66.87
CA ALA B 155 -49.04 -9.30 -67.41
C ALA B 155 -50.45 -9.56 -67.96
N VAL B 156 -51.21 -10.45 -67.34
CA VAL B 156 -52.59 -10.70 -67.71
C VAL B 156 -53.42 -10.84 -66.45
N HIS B 157 -54.73 -10.59 -66.59
CA HIS B 157 -55.65 -10.71 -65.47
C HIS B 157 -56.01 -12.18 -65.27
N ALA B 158 -55.68 -12.72 -64.09
CA ALA B 158 -55.88 -14.14 -63.85
C ALA B 158 -57.33 -14.59 -63.95
N PRO B 159 -58.30 -13.95 -63.28
CA PRO B 159 -59.68 -14.46 -63.37
C PRO B 159 -60.24 -14.43 -64.78
N THR B 160 -59.98 -13.37 -65.54
CA THR B 160 -60.52 -13.26 -66.89
C THR B 160 -59.95 -14.35 -67.79
N SER B 161 -58.64 -14.54 -67.76
CA SER B 161 -58.02 -15.57 -68.58
C SER B 161 -58.47 -16.97 -68.16
N LEU B 162 -58.55 -17.21 -66.85
CA LEU B 162 -59.00 -18.52 -66.38
C LEU B 162 -60.43 -18.80 -66.82
N TYR B 163 -61.30 -17.80 -66.76
CA TYR B 163 -62.67 -17.98 -67.25
C TYR B 163 -62.70 -18.23 -68.75
N HIS B 164 -61.88 -17.49 -69.51
CA HIS B 164 -61.90 -17.64 -70.96
C HIS B 164 -61.37 -18.99 -71.40
N GLN B 165 -60.44 -19.58 -70.65
CA GLN B 165 -60.02 -20.95 -70.96
C GLN B 165 -60.95 -22.00 -70.37
N ALA B 166 -61.62 -21.70 -69.26
CA ALA B 166 -62.60 -22.64 -68.71
C ALA B 166 -63.78 -22.81 -69.65
N ILE B 167 -64.25 -21.72 -70.26
CA ILE B 167 -65.31 -21.81 -71.27
C ILE B 167 -64.82 -22.44 -72.55
N LYS B 168 -63.52 -22.72 -72.66
CA LYS B 168 -62.95 -23.39 -73.82
C LYS B 168 -62.65 -24.86 -73.56
N GLY B 169 -63.12 -25.41 -72.44
CA GLY B 169 -62.92 -26.80 -72.12
C GLY B 169 -61.68 -27.10 -71.31
N VAL B 170 -60.83 -26.11 -71.05
CA VAL B 170 -59.59 -26.34 -70.30
C VAL B 170 -59.96 -26.63 -68.85
N ARG B 171 -59.62 -27.83 -68.37
CA ARG B 171 -59.88 -28.21 -67.00
C ARG B 171 -58.67 -28.02 -66.09
N LEU B 172 -57.48 -27.86 -66.65
CA LEU B 172 -56.23 -27.78 -65.88
C LEU B 172 -55.44 -26.57 -66.33
N ALA B 173 -54.97 -25.78 -65.38
CA ALA B 173 -54.11 -24.63 -65.65
C ALA B 173 -52.91 -24.68 -64.73
N TYR B 174 -51.74 -24.32 -65.25
CA TYR B 174 -50.52 -24.27 -64.46
C TYR B 174 -49.92 -22.88 -64.60
N TRP B 175 -49.56 -22.27 -63.47
CA TRP B 175 -48.93 -20.95 -63.47
C TRP B 175 -47.57 -21.08 -62.79
N VAL B 176 -46.51 -20.93 -63.57
CA VAL B 176 -45.14 -20.97 -63.07
C VAL B 176 -44.61 -19.55 -63.08
N GLY B 177 -44.24 -19.04 -61.91
CA GLY B 177 -43.79 -17.67 -61.86
C GLY B 177 -43.33 -17.29 -60.46
N PHE B 178 -42.94 -16.03 -60.34
CA PHE B 178 -42.50 -15.52 -59.05
C PHE B 178 -43.65 -15.50 -58.06
N ASP B 179 -43.31 -15.67 -56.79
CA ASP B 179 -44.31 -15.63 -55.73
C ASP B 179 -44.98 -14.27 -55.68
N THR B 180 -46.31 -14.27 -55.60
CA THR B 180 -47.10 -13.05 -55.55
C THR B 180 -47.36 -12.56 -54.15
N THR B 181 -46.89 -13.29 -53.13
CA THR B 181 -47.06 -12.85 -51.75
C THR B 181 -46.45 -11.48 -51.47
N PRO B 182 -45.26 -11.12 -51.98
CA PRO B 182 -44.76 -9.76 -51.72
C PRO B 182 -45.67 -8.65 -52.21
N PHE B 183 -46.43 -8.89 -53.27
CA PHE B 183 -47.29 -7.84 -53.82
C PHE B 183 -48.65 -7.77 -53.12
N MET B 184 -49.03 -8.79 -52.36
CA MET B 184 -50.18 -8.66 -51.47
C MET B 184 -49.83 -7.92 -50.19
N TYR B 185 -48.54 -7.78 -49.89
CA TYR B 185 -48.08 -6.98 -48.76
C TYR B 185 -47.81 -5.52 -49.14
N ASN B 186 -47.92 -5.18 -50.43
CA ASN B 186 -47.77 -3.81 -50.91
C ASN B 186 -46.39 -3.25 -50.57
N ALA B 187 -45.36 -3.92 -51.07
CA ALA B 187 -43.98 -3.50 -50.85
C ALA B 187 -43.52 -2.57 -51.97
N MET B 188 -42.77 -1.54 -51.59
CA MET B 188 -42.23 -0.61 -52.59
C MET B 188 -41.17 -1.28 -53.46
N ALA B 189 -40.34 -2.14 -52.87
CA ALA B 189 -39.30 -2.84 -53.61
C ALA B 189 -39.06 -4.19 -52.93
N GLY B 190 -38.41 -5.08 -53.66
CA GLY B 190 -38.14 -6.40 -53.11
C GLY B 190 -37.12 -7.14 -53.92
N ALA B 191 -36.78 -8.34 -53.45
CA ALA B 191 -35.73 -9.12 -54.06
C ALA B 191 -36.01 -10.61 -53.87
N TYR B 192 -35.69 -11.39 -54.90
CA TYR B 192 -35.58 -12.85 -54.83
C TYR B 192 -34.09 -13.16 -54.95
N PRO B 193 -33.34 -13.16 -53.83
CA PRO B 193 -31.88 -13.33 -53.92
C PRO B 193 -31.45 -14.65 -54.53
N SER B 194 -32.19 -15.73 -54.30
CA SER B 194 -31.80 -17.04 -54.80
C SER B 194 -31.87 -17.15 -56.31
N TYR B 195 -32.52 -16.19 -56.98
CA TYR B 195 -32.60 -16.17 -58.43
C TYR B 195 -31.94 -14.92 -59.02
N SER B 196 -31.17 -14.20 -58.20
CA SER B 196 -30.52 -12.95 -58.60
C SER B 196 -31.55 -11.96 -59.13
N THR B 197 -32.74 -11.95 -58.55
CA THR B 197 -33.86 -11.16 -59.06
C THR B 197 -34.12 -9.99 -58.13
N ASN B 198 -34.37 -8.83 -58.70
CA ASN B 198 -34.78 -7.65 -57.94
C ASN B 198 -35.99 -7.03 -58.60
N TRP B 199 -36.73 -6.23 -57.85
CA TRP B 199 -37.87 -5.53 -58.42
C TRP B 199 -38.13 -4.28 -57.61
N ALA B 200 -38.63 -3.25 -58.27
CA ALA B 200 -38.84 -1.97 -57.61
C ALA B 200 -39.95 -1.19 -58.29
N ASP B 201 -40.71 -0.45 -57.48
CA ASP B 201 -41.66 0.52 -58.01
C ASP B 201 -40.91 1.64 -58.71
N GLU B 202 -41.55 2.19 -59.75
CA GLU B 202 -40.90 3.25 -60.54
C GLU B 202 -40.62 4.50 -59.71
N GLN B 203 -41.29 4.67 -58.58
CA GLN B 203 -41.04 5.83 -57.74
C GLN B 203 -39.69 5.78 -57.04
N VAL B 204 -39.10 4.59 -56.92
CA VAL B 204 -37.84 4.44 -56.19
C VAL B 204 -36.76 3.83 -57.07
N LEU B 205 -36.87 4.04 -58.38
CA LEU B 205 -35.83 3.55 -59.28
C LEU B 205 -34.53 4.32 -59.15
N LYS B 206 -34.58 5.57 -58.69
CA LYS B 206 -33.39 6.38 -58.44
C LYS B 206 -32.93 6.31 -56.99
N ALA B 207 -33.24 5.21 -56.31
CA ALA B 207 -32.77 5.00 -54.95
C ALA B 207 -31.27 4.71 -54.95
N LYS B 208 -30.72 4.48 -53.77
CA LYS B 208 -29.28 4.33 -53.60
C LYS B 208 -28.86 2.92 -53.20
N ASN B 209 -29.52 2.31 -52.21
CA ASN B 209 -29.05 1.06 -51.63
C ASN B 209 -30.13 0.00 -51.62
N ILE B 210 -30.80 -0.20 -52.76
CA ILE B 210 -31.69 -1.33 -52.95
C ILE B 210 -31.17 -2.15 -54.13
N GLY B 211 -31.82 -3.28 -54.38
CA GLY B 211 -31.33 -4.20 -55.40
C GLY B 211 -31.37 -3.61 -56.79
N LEU B 212 -32.45 -2.94 -57.14
CA LEU B 212 -32.65 -2.36 -58.46
C LEU B 212 -32.76 -0.84 -58.32
N CYS B 213 -31.66 -0.14 -58.53
CA CYS B 213 -31.61 1.31 -58.43
C CYS B 213 -30.30 1.80 -59.04
N SER B 214 -30.25 3.10 -59.31
CA SER B 214 -29.03 3.75 -59.77
C SER B 214 -29.15 5.24 -59.53
N THR B 215 -28.24 5.79 -58.73
CA THR B 215 -28.26 7.21 -58.43
C THR B 215 -26.94 7.87 -58.82
N ASP B 216 -26.82 9.18 -58.62
CA ASP B 216 -25.64 9.92 -58.99
C ASP B 216 -25.04 10.58 -57.76
N LEU B 217 -23.74 10.88 -57.83
CA LEU B 217 -23.10 11.65 -56.78
C LEU B 217 -23.61 13.08 -56.78
N THR B 218 -23.92 13.59 -55.59
CA THR B 218 -24.34 14.98 -55.43
C THR B 218 -23.72 15.52 -54.16
N GLU B 219 -23.59 16.84 -54.11
CA GLU B 219 -22.96 17.52 -52.98
C GLU B 219 -23.94 17.87 -51.87
N GLY B 220 -25.23 17.65 -52.08
CA GLY B 220 -26.23 18.05 -51.11
C GLY B 220 -26.81 19.40 -51.45
N ARG B 221 -27.15 19.59 -52.72
CA ARG B 221 -27.59 20.88 -53.24
C ARG B 221 -29.09 21.06 -53.01
N ARG B 222 -29.64 22.14 -53.56
CA ARG B 222 -31.07 22.36 -53.48
C ARG B 222 -31.81 21.29 -54.28
N GLY B 223 -32.93 20.84 -53.75
CA GLY B 223 -33.72 19.83 -54.43
C GLY B 223 -34.52 20.37 -55.58
N LYS B 224 -35.06 19.45 -56.38
CA LYS B 224 -35.88 19.83 -57.52
C LYS B 224 -37.09 20.64 -57.07
N LEU B 225 -37.38 21.72 -57.79
CA LEU B 225 -38.59 22.50 -57.56
C LEU B 225 -39.76 21.72 -58.17
N SER B 226 -40.20 20.70 -57.45
CA SER B 226 -41.17 19.76 -57.98
C SER B 226 -42.53 20.42 -58.19
N ILE B 227 -43.17 20.08 -59.30
CA ILE B 227 -44.52 20.57 -59.56
C ILE B 227 -45.52 19.91 -58.61
N MET B 228 -45.28 18.65 -58.26
CA MET B 228 -46.14 17.93 -57.34
C MET B 228 -45.61 18.04 -55.92
N ARG B 229 -46.52 18.25 -54.98
CA ARG B 229 -46.12 18.36 -53.58
C ARG B 229 -45.55 17.06 -53.05
N GLY B 230 -46.14 15.94 -53.45
CA GLY B 230 -45.75 14.65 -52.89
C GLY B 230 -46.50 14.35 -51.62
N LYS B 231 -45.84 14.56 -50.48
CA LYS B 231 -46.44 14.42 -49.15
C LYS B 231 -46.80 12.97 -48.85
N LYS B 232 -46.58 12.08 -49.79
CA LYS B 232 -46.86 10.66 -49.58
C LYS B 232 -46.07 9.85 -50.61
N LEU B 233 -45.47 8.76 -50.16
CA LEU B 233 -44.77 7.81 -51.03
C LEU B 233 -45.47 6.47 -50.86
N GLU B 234 -46.31 6.12 -51.82
N GLU B 234 -46.28 6.10 -51.84
CA GLU B 234 -47.06 4.87 -51.77
CA GLU B 234 -47.11 4.91 -51.80
C GLU B 234 -46.85 4.10 -53.06
C GLU B 234 -46.89 4.10 -53.07
N PRO B 235 -46.88 2.77 -53.00
CA PRO B 235 -46.62 1.96 -54.20
C PRO B 235 -47.59 2.26 -55.33
N CYS B 236 -47.06 2.34 -56.54
CA CYS B 236 -47.84 2.56 -57.74
C CYS B 236 -48.00 1.25 -58.51
N ASP B 237 -48.89 1.28 -59.50
CA ASP B 237 -49.20 0.05 -60.24
C ASP B 237 -47.99 -0.46 -61.01
N ARG B 238 -47.22 0.43 -61.62
CA ARG B 238 -46.13 0.02 -62.48
C ARG B 238 -44.88 -0.29 -61.64
N VAL B 239 -44.33 -1.49 -61.83
CA VAL B 239 -43.08 -1.90 -61.20
C VAL B 239 -42.19 -2.49 -62.28
N LEU B 240 -40.89 -2.54 -61.97
CA LEU B 240 -39.90 -3.11 -62.87
C LEU B 240 -39.22 -4.29 -62.21
N PHE B 241 -39.12 -5.39 -62.97
CA PHE B 241 -38.44 -6.60 -62.56
C PHE B 241 -37.12 -6.72 -63.31
N SER B 242 -36.06 -7.06 -62.59
CA SER B 242 -34.77 -7.40 -63.16
C SER B 242 -34.44 -8.83 -62.76
N VAL B 243 -34.58 -9.74 -63.71
CA VAL B 243 -34.24 -11.15 -63.50
C VAL B 243 -32.89 -11.40 -64.14
N GLY B 244 -31.83 -11.27 -63.37
CA GLY B 244 -30.49 -11.25 -63.93
C GLY B 244 -30.19 -9.90 -64.54
N SER B 245 -30.17 -9.81 -65.87
CA SER B 245 -29.96 -8.58 -66.59
C SER B 245 -31.06 -8.36 -67.62
N THR B 246 -32.28 -8.79 -67.30
CA THR B 246 -33.42 -8.70 -68.21
C THR B 246 -34.55 -7.94 -67.54
N LEU B 247 -35.14 -7.00 -68.27
CA LEU B 247 -36.18 -6.12 -67.74
C LEU B 247 -37.58 -6.65 -68.05
N TYR B 248 -38.48 -6.52 -67.07
CA TYR B 248 -39.90 -6.78 -67.25
C TYR B 248 -40.75 -5.70 -66.59
N PRO B 249 -41.47 -4.89 -67.35
CA PRO B 249 -42.41 -3.94 -66.76
C PRO B 249 -43.73 -4.62 -66.39
N GLU B 250 -43.98 -4.76 -65.10
N GLU B 250 -43.98 -4.76 -65.10
CA GLU B 250 -45.16 -5.43 -64.59
CA GLU B 250 -45.18 -5.43 -64.60
C GLU B 250 -46.10 -4.43 -63.93
C GLU B 250 -46.10 -4.43 -63.93
N SER B 251 -47.33 -4.88 -63.69
CA SER B 251 -48.36 -4.08 -63.03
C SER B 251 -48.80 -4.77 -61.75
N ARG B 252 -49.00 -3.98 -60.70
CA ARG B 252 -49.34 -4.55 -59.39
C ARG B 252 -50.70 -5.23 -59.42
N LYS B 253 -51.67 -4.66 -60.12
CA LYS B 253 -53.01 -5.25 -60.17
C LYS B 253 -52.98 -6.63 -60.80
N LEU B 254 -52.29 -6.77 -61.93
CA LEU B 254 -52.24 -8.06 -62.61
C LEU B 254 -51.44 -9.07 -61.83
N LEU B 255 -50.37 -8.63 -61.14
CA LEU B 255 -49.62 -9.53 -60.28
C LEU B 255 -50.49 -10.03 -59.13
N LYS B 256 -51.22 -9.12 -58.48
CA LYS B 256 -52.09 -9.50 -57.37
C LYS B 256 -53.24 -10.39 -57.83
N SER B 257 -53.67 -10.24 -59.09
CA SER B 257 -54.76 -11.07 -59.59
C SER B 257 -54.39 -12.54 -59.60
N TRP B 258 -53.10 -12.85 -59.71
CA TRP B 258 -52.65 -14.24 -59.72
C TRP B 258 -52.46 -14.81 -58.32
N HIS B 259 -52.64 -14.01 -57.28
CA HIS B 259 -52.63 -14.50 -55.90
C HIS B 259 -54.02 -15.03 -55.56
N LEU B 260 -54.40 -16.07 -56.29
CA LEU B 260 -55.74 -16.62 -56.17
C LEU B 260 -55.91 -17.31 -54.81
N PRO B 261 -57.12 -17.26 -54.24
CA PRO B 261 -57.38 -17.99 -52.99
C PRO B 261 -57.49 -19.49 -53.26
N SER B 262 -57.56 -20.25 -52.17
CA SER B 262 -57.69 -21.69 -52.28
C SER B 262 -58.98 -22.08 -52.98
N VAL B 263 -60.08 -21.39 -52.66
CA VAL B 263 -61.38 -21.62 -53.27
C VAL B 263 -61.92 -20.30 -53.77
N PHE B 264 -62.36 -20.27 -55.03
CA PHE B 264 -62.99 -19.08 -55.60
C PHE B 264 -63.95 -19.51 -56.70
N HIS B 265 -64.85 -18.60 -57.05
CA HIS B 265 -65.92 -18.86 -58.01
C HIS B 265 -65.71 -18.03 -59.27
N LEU B 266 -66.05 -18.61 -60.41
CA LEU B 266 -66.06 -17.92 -61.69
C LEU B 266 -67.51 -17.78 -62.14
N LYS B 267 -68.03 -16.55 -62.13
CA LYS B 267 -69.43 -16.27 -62.41
C LYS B 267 -69.50 -15.47 -63.70
N GLY B 268 -70.21 -16.02 -64.70
CA GLY B 268 -70.36 -15.39 -65.98
C GLY B 268 -71.43 -16.07 -66.82
N LYS B 269 -71.17 -16.23 -68.12
CA LYS B 269 -72.08 -17.00 -68.96
C LYS B 269 -72.19 -18.44 -68.47
N LEU B 270 -71.05 -19.07 -68.21
CA LEU B 270 -71.00 -20.39 -67.60
C LEU B 270 -70.42 -20.29 -66.19
N SER B 271 -70.93 -21.12 -65.30
CA SER B 271 -70.45 -21.14 -63.92
C SER B 271 -69.65 -22.39 -63.63
N THR B 273 -67.11 -23.85 -59.75
CA THR B 273 -66.13 -23.53 -58.71
C THR B 273 -64.72 -23.89 -59.17
N CYS B 274 -63.72 -23.29 -58.53
CA CYS B 274 -62.33 -23.46 -58.92
C CYS B 274 -61.45 -23.56 -57.67
N ARG B 275 -60.28 -24.16 -57.85
CA ARG B 275 -59.28 -24.25 -56.79
C ARG B 275 -57.94 -23.73 -57.29
N CYS B 276 -57.14 -23.24 -56.35
CA CYS B 276 -55.77 -22.81 -56.63
C CYS B 276 -54.88 -23.32 -55.51
N ASP B 277 -53.94 -24.20 -55.85
CA ASP B 277 -53.01 -24.76 -54.89
C ASP B 277 -51.58 -24.54 -55.37
N THR B 278 -50.68 -24.31 -54.42
CA THR B 278 -49.26 -24.14 -54.72
C THR B 278 -48.61 -25.51 -54.63
N VAL B 279 -48.36 -26.12 -55.79
CA VAL B 279 -47.78 -27.46 -55.81
C VAL B 279 -46.26 -27.45 -55.80
N VAL B 280 -45.62 -26.37 -56.24
CA VAL B 280 -44.17 -26.24 -56.14
C VAL B 280 -43.85 -24.88 -55.55
N SER B 281 -42.90 -24.85 -54.61
CA SER B 281 -42.48 -23.60 -53.98
C SER B 281 -41.01 -23.73 -53.61
N CYS B 282 -40.17 -22.89 -54.21
CA CYS B 282 -38.72 -22.93 -53.95
C CYS B 282 -38.19 -21.50 -53.96
N GLU B 283 -37.95 -20.97 -52.77
CA GLU B 283 -37.13 -19.77 -52.57
C GLU B 283 -37.59 -18.60 -53.44
N GLY B 284 -38.90 -18.42 -53.53
CA GLY B 284 -39.49 -17.30 -54.25
C GLY B 284 -40.09 -17.65 -55.60
N TYR B 285 -39.84 -18.83 -56.13
CA TYR B 285 -40.43 -19.25 -57.40
C TYR B 285 -41.44 -20.35 -57.15
N VAL B 286 -42.65 -20.20 -57.67
CA VAL B 286 -43.75 -21.10 -57.36
C VAL B 286 -44.36 -21.63 -58.65
N VAL B 287 -44.96 -22.81 -58.54
CA VAL B 287 -45.80 -23.41 -59.56
C VAL B 287 -47.14 -23.69 -58.89
N LYS B 288 -48.18 -23.01 -59.37
CA LYS B 288 -49.53 -23.13 -58.84
C LYS B 288 -50.39 -23.93 -59.81
N ARG B 289 -51.13 -24.90 -59.28
CA ARG B 289 -51.99 -25.77 -60.08
C ARG B 289 -53.44 -25.35 -59.86
N ILE B 290 -54.02 -24.70 -60.85
CA ILE B 290 -55.42 -24.30 -60.83
C ILE B 290 -56.23 -25.35 -61.58
N THR B 291 -57.37 -25.72 -61.05
CA THR B 291 -58.26 -26.68 -61.70
C THR B 291 -59.67 -26.14 -61.72
N MET B 292 -60.31 -26.22 -62.89
CA MET B 292 -61.64 -25.68 -63.10
C MET B 292 -62.66 -26.81 -63.08
N SER B 293 -63.90 -26.45 -62.78
CA SER B 293 -65.00 -27.41 -62.75
C SER B 293 -66.32 -26.70 -63.02
N PRO B 294 -67.10 -27.15 -63.99
CA PRO B 294 -68.34 -26.46 -64.32
C PRO B 294 -69.35 -26.53 -63.18
N GLY B 295 -70.13 -25.46 -63.04
CA GLY B 295 -71.10 -25.36 -61.97
C GLY B 295 -70.55 -24.73 -60.72
N LEU B 296 -71.45 -24.18 -59.91
CA LEU B 296 -71.10 -23.54 -58.64
C LEU B 296 -71.34 -24.54 -57.52
N TYR B 297 -70.28 -24.85 -56.77
CA TYR B 297 -70.36 -25.81 -55.68
C TYR B 297 -69.63 -25.25 -54.46
N GLY B 298 -70.20 -25.48 -53.28
CA GLY B 298 -69.60 -25.00 -52.06
C GLY B 298 -69.73 -23.50 -51.91
N LYS B 299 -68.82 -22.93 -51.11
CA LYS B 299 -68.80 -21.49 -50.89
C LYS B 299 -67.36 -21.07 -50.61
N THR B 300 -67.10 -19.78 -50.81
CA THR B 300 -65.75 -19.25 -50.78
C THR B 300 -65.56 -18.34 -49.57
N THR B 301 -64.39 -18.45 -48.94
CA THR B 301 -64.02 -17.57 -47.84
C THR B 301 -63.27 -16.33 -48.30
N GLY B 302 -62.72 -16.34 -49.51
CA GLY B 302 -61.93 -15.21 -49.98
C GLY B 302 -60.56 -15.09 -49.36
N TYR B 303 -60.01 -16.20 -48.85
CA TYR B 303 -58.75 -16.19 -48.14
C TYR B 303 -57.69 -16.94 -48.95
N ALA B 304 -56.50 -16.34 -49.02
CA ALA B 304 -55.35 -16.93 -49.70
C ALA B 304 -54.25 -17.19 -48.68
N VAL B 305 -53.59 -18.34 -48.82
CA VAL B 305 -52.61 -18.83 -47.86
C VAL B 305 -51.28 -19.02 -48.58
N THR B 306 -50.21 -18.48 -47.99
CA THR B 306 -48.85 -18.74 -48.43
C THR B 306 -48.08 -19.40 -47.30
N HIS B 307 -47.47 -20.55 -47.58
CA HIS B 307 -46.66 -21.27 -46.61
C HIS B 307 -45.20 -20.89 -46.79
N HIS B 308 -44.53 -20.53 -45.70
CA HIS B 308 -43.16 -20.04 -45.75
C HIS B 308 -42.21 -21.15 -45.31
N ALA B 309 -41.63 -21.86 -46.28
CA ALA B 309 -40.54 -22.78 -45.96
C ALA B 309 -39.31 -22.02 -45.46
N ASP B 310 -39.02 -20.88 -46.06
N ASP B 310 -39.02 -20.87 -46.06
CA ASP B 310 -37.96 -19.98 -45.64
CA ASP B 310 -37.95 -20.00 -45.60
C ASP B 310 -38.57 -18.71 -45.06
C ASP B 310 -38.54 -18.69 -45.12
N GLY B 311 -37.75 -17.96 -44.34
CA GLY B 311 -38.23 -16.72 -43.76
C GLY B 311 -38.57 -15.68 -44.81
N PHE B 312 -39.59 -14.88 -44.53
CA PHE B 312 -40.01 -13.80 -45.41
C PHE B 312 -40.05 -12.52 -44.59
N LEU B 313 -39.51 -11.43 -45.13
CA LEU B 313 -39.47 -10.17 -44.40
C LEU B 313 -39.96 -9.04 -45.28
N MET B 314 -40.76 -8.15 -44.69
CA MET B 314 -41.13 -6.88 -45.29
C MET B 314 -40.92 -5.81 -44.22
N CYS B 315 -39.95 -4.93 -44.43
CA CYS B 315 -39.52 -4.04 -43.37
C CYS B 315 -39.39 -2.62 -43.89
N LYS B 316 -39.54 -1.67 -42.97
CA LYS B 316 -39.32 -0.27 -43.28
C LYS B 316 -37.82 0.03 -43.31
N THR B 317 -37.39 0.74 -44.35
CA THR B 317 -35.98 1.10 -44.49
C THR B 317 -35.89 2.49 -45.10
N THR B 318 -34.86 3.23 -44.69
CA THR B 318 -34.64 4.61 -45.10
C THR B 318 -33.55 4.65 -46.15
N ASP B 319 -33.86 5.23 -47.30
CA ASP B 319 -32.92 5.40 -48.39
C ASP B 319 -33.04 6.82 -48.94
N THR B 320 -32.33 7.09 -50.03
CA THR B 320 -32.39 8.38 -50.70
C THR B 320 -32.82 8.17 -52.14
N VAL B 321 -34.01 8.63 -52.47
CA VAL B 321 -34.53 8.62 -53.84
C VAL B 321 -34.16 9.95 -54.48
N ASP B 322 -33.31 9.91 -55.49
CA ASP B 322 -32.80 11.11 -56.16
C ASP B 322 -32.21 12.09 -55.15
N GLY B 323 -31.56 11.57 -54.12
CA GLY B 323 -30.94 12.39 -53.11
C GLY B 323 -31.86 12.82 -51.97
N GLU B 324 -33.14 12.52 -52.06
CA GLU B 324 -34.10 12.89 -51.01
C GLU B 324 -34.30 11.73 -50.07
N ARG B 325 -34.07 11.95 -48.79
CA ARG B 325 -34.15 10.88 -47.79
C ARG B 325 -35.61 10.57 -47.48
N VAL B 326 -36.03 9.35 -47.82
CA VAL B 326 -37.38 8.87 -47.55
C VAL B 326 -37.28 7.47 -46.96
N SER B 327 -38.42 6.95 -46.52
CA SER B 327 -38.50 5.62 -45.94
C SER B 327 -39.62 4.85 -46.60
N PHE B 328 -39.33 3.63 -47.06
CA PHE B 328 -40.34 2.79 -47.67
C PHE B 328 -40.09 1.33 -47.31
N SER B 329 -41.01 0.47 -47.75
CA SER B 329 -40.99 -0.93 -47.39
C SER B 329 -40.22 -1.75 -48.42
N VAL B 330 -39.43 -2.70 -47.93
CA VAL B 330 -38.64 -3.59 -48.77
C VAL B 330 -38.87 -5.01 -48.29
N CYS B 331 -39.12 -5.92 -49.23
CA CYS B 331 -39.38 -7.32 -48.93
C CYS B 331 -38.25 -8.20 -49.46
N THR B 332 -38.12 -9.38 -48.87
CA THR B 332 -37.05 -10.31 -49.23
C THR B 332 -37.32 -11.66 -48.59
N TYR B 333 -36.56 -12.66 -49.04
CA TYR B 333 -36.56 -14.00 -48.47
C TYR B 333 -35.21 -14.28 -47.81
N VAL B 334 -35.25 -15.02 -46.71
CA VAL B 334 -34.06 -15.36 -45.94
C VAL B 334 -34.05 -16.87 -45.70
N PRO B 335 -32.90 -17.54 -45.87
CA PRO B 335 -32.87 -18.99 -45.71
C PRO B 335 -33.31 -19.43 -44.32
N ALA B 336 -33.95 -20.60 -44.27
CA ALA B 336 -34.50 -21.11 -43.01
C ALA B 336 -33.41 -21.38 -41.99
N THR B 337 -32.23 -21.83 -42.44
CA THR B 337 -31.13 -22.04 -41.52
C THR B 337 -30.74 -20.76 -40.82
N ILE B 338 -30.67 -19.66 -41.56
CA ILE B 338 -30.35 -18.36 -40.98
C ILE B 338 -31.40 -17.97 -39.96
N CYS B 339 -32.68 -18.14 -40.30
CA CYS B 339 -33.76 -17.76 -39.41
C CYS B 339 -33.73 -18.57 -38.11
N ASP B 340 -33.47 -19.87 -38.22
CA ASP B 340 -33.38 -20.70 -37.02
C ASP B 340 -32.14 -20.38 -36.20
N GLN B 341 -31.06 -19.95 -36.86
CA GLN B 341 -29.87 -19.54 -36.11
C GLN B 341 -30.06 -18.17 -35.46
N MET B 342 -31.02 -17.39 -35.95
CA MET B 342 -31.29 -16.07 -35.39
C MET B 342 -32.25 -16.09 -34.21
N THR B 343 -32.91 -17.22 -33.95
CA THR B 343 -33.98 -17.26 -32.97
C THR B 343 -33.48 -16.94 -31.56
N GLY B 344 -32.33 -17.50 -31.18
CA GLY B 344 -31.86 -17.33 -29.82
C GLY B 344 -31.51 -15.89 -29.48
N ILE B 345 -30.80 -15.21 -30.38
CA ILE B 345 -30.34 -13.86 -30.08
C ILE B 345 -31.41 -12.80 -30.31
N LEU B 346 -32.49 -13.14 -31.02
CA LEU B 346 -33.58 -12.19 -31.23
C LEU B 346 -34.50 -12.07 -30.03
N ALA B 347 -34.25 -12.83 -28.96
CA ALA B 347 -35.07 -12.71 -27.76
C ALA B 347 -34.88 -11.37 -27.07
N THR B 348 -33.78 -10.67 -27.35
CA THR B 348 -33.45 -9.40 -26.72
C THR B 348 -33.51 -8.29 -27.76
N GLU B 349 -33.17 -7.08 -27.31
CA GLU B 349 -33.06 -5.94 -28.20
C GLU B 349 -31.63 -5.85 -28.71
N VAL B 350 -31.45 -6.04 -30.01
CA VAL B 350 -30.12 -6.11 -30.63
C VAL B 350 -30.00 -4.96 -31.61
N THR B 351 -28.89 -4.23 -31.53
CA THR B 351 -28.66 -3.11 -32.43
C THR B 351 -28.45 -3.62 -33.86
N PRO B 352 -28.83 -2.82 -34.86
CA PRO B 352 -28.65 -3.26 -36.26
C PRO B 352 -27.22 -3.60 -36.61
N GLU B 353 -26.24 -2.89 -36.05
CA GLU B 353 -24.84 -3.19 -36.32
C GLU B 353 -24.46 -4.58 -35.82
N ASP B 354 -24.81 -4.88 -34.57
CA ASP B 354 -24.52 -6.19 -34.00
C ASP B 354 -25.27 -7.29 -34.75
N ALA B 355 -26.52 -7.02 -35.10
CA ALA B 355 -27.30 -7.99 -35.87
C ALA B 355 -26.66 -8.27 -37.21
N GLN B 356 -26.16 -7.23 -37.90
CA GLN B 356 -25.53 -7.43 -39.19
C GLN B 356 -24.23 -8.21 -39.05
N LYS B 357 -23.44 -7.90 -38.01
CA LYS B 357 -22.20 -8.65 -37.80
C LYS B 357 -22.47 -10.12 -37.53
N LEU B 358 -23.49 -10.41 -36.72
CA LEU B 358 -23.83 -11.81 -36.45
C LEU B 358 -24.40 -12.50 -37.67
N LEU B 359 -25.18 -11.78 -38.48
CA LEU B 359 -25.67 -12.33 -39.74
C LEU B 359 -24.53 -12.67 -40.67
N VAL B 360 -23.53 -11.80 -40.74
CA VAL B 360 -22.37 -12.07 -41.59
C VAL B 360 -21.59 -13.27 -41.06
N GLY B 361 -21.42 -13.36 -39.74
CA GLY B 361 -20.76 -14.51 -39.16
C GLY B 361 -21.48 -15.82 -39.47
N LEU B 362 -22.81 -15.79 -39.45
CA LEU B 362 -23.57 -16.97 -39.84
C LEU B 362 -23.49 -17.23 -41.34
N ASN B 363 -23.29 -16.19 -42.14
CA ASN B 363 -23.26 -16.36 -43.59
C ASN B 363 -21.90 -16.85 -44.07
N GLN B 364 -20.82 -16.18 -43.66
N GLN B 364 -20.82 -16.19 -43.64
CA GLN B 364 -19.48 -16.58 -44.06
CA GLN B 364 -19.47 -16.59 -44.01
C GLN B 364 -19.04 -17.83 -43.31
C GLN B 364 -19.12 -17.97 -43.47
N ASN B 377 -21.55 -18.79 -49.22
CA ASN B 377 -22.53 -17.81 -48.77
C ASN B 377 -23.95 -18.39 -48.83
N THR B 378 -24.55 -18.57 -47.66
CA THR B 378 -25.91 -19.09 -47.61
C THR B 378 -26.91 -18.12 -48.21
N MET B 379 -26.76 -16.83 -47.89
CA MET B 379 -27.63 -15.78 -48.42
C MET B 379 -26.77 -14.71 -49.08
N LYS B 380 -27.34 -14.03 -50.06
CA LYS B 380 -26.62 -12.96 -50.74
C LYS B 380 -26.35 -11.81 -49.78
N ASN B 381 -25.10 -11.31 -49.81
CA ASN B 381 -24.69 -10.31 -48.83
C ASN B 381 -25.32 -8.95 -49.11
N TYR B 382 -25.70 -8.69 -50.36
CA TYR B 382 -26.19 -7.36 -50.72
C TYR B 382 -27.47 -6.98 -50.00
N MET B 383 -28.23 -7.96 -49.50
CA MET B 383 -29.41 -7.66 -48.71
C MET B 383 -29.24 -8.02 -47.24
N ILE B 384 -28.02 -8.35 -46.80
CA ILE B 384 -27.78 -8.63 -45.39
C ILE B 384 -28.10 -7.43 -44.49
N PRO B 385 -27.65 -6.20 -44.79
CA PRO B 385 -27.86 -5.11 -43.81
C PRO B 385 -29.33 -4.81 -43.55
N VAL B 386 -30.14 -4.66 -44.60
CA VAL B 386 -31.54 -4.32 -44.42
C VAL B 386 -32.24 -5.37 -43.57
N VAL B 387 -32.00 -6.65 -43.87
CA VAL B 387 -32.57 -7.73 -43.08
C VAL B 387 -32.16 -7.57 -41.62
N ALA B 388 -30.90 -7.24 -41.38
CA ALA B 388 -30.44 -6.95 -40.03
C ALA B 388 -31.32 -5.90 -39.38
N GLN B 389 -31.49 -4.77 -40.06
CA GLN B 389 -32.41 -3.73 -39.57
C GLN B 389 -33.78 -4.32 -39.27
N ALA B 390 -34.32 -5.10 -40.22
CA ALA B 390 -35.61 -5.75 -39.99
C ALA B 390 -35.58 -6.53 -38.69
N PHE B 391 -34.57 -7.39 -38.53
CA PHE B 391 -34.49 -8.19 -37.31
C PHE B 391 -34.37 -7.28 -36.10
N SER B 392 -33.53 -6.24 -36.21
CA SER B 392 -33.36 -5.32 -35.09
C SER B 392 -34.68 -4.65 -34.74
N LYS B 393 -35.48 -4.33 -35.76
CA LYS B 393 -36.80 -3.78 -35.46
C LYS B 393 -37.70 -4.86 -34.87
N TRP B 394 -37.69 -6.06 -35.46
CA TRP B 394 -38.63 -7.08 -35.05
C TRP B 394 -38.42 -7.46 -33.59
N ALA B 395 -37.18 -7.82 -33.24
CA ALA B 395 -36.86 -8.14 -31.86
C ALA B 395 -37.20 -6.99 -30.93
N LYS B 396 -37.10 -5.75 -31.42
CA LYS B 396 -37.51 -4.62 -30.61
C LYS B 396 -39.02 -4.63 -30.38
N GLU B 397 -39.79 -4.75 -31.46
CA GLU B 397 -41.25 -4.63 -31.34
C GLU B 397 -41.81 -5.72 -30.45
N CYS B 398 -41.35 -6.96 -30.63
CA CYS B 398 -41.78 -8.05 -29.75
C CYS B 398 -41.53 -7.69 -28.30
N ARG B 399 -40.36 -7.12 -28.00
CA ARG B 399 -40.06 -6.72 -26.63
CA ARG B 399 -40.06 -6.73 -26.63
C ARG B 399 -41.06 -5.71 -26.12
N LYS B 400 -41.49 -4.78 -26.98
N LYS B 400 -41.49 -4.78 -26.98
CA LYS B 400 -42.53 -3.83 -26.57
CA LYS B 400 -42.52 -3.83 -26.57
C LYS B 400 -43.82 -4.55 -26.21
C LYS B 400 -43.81 -4.54 -26.22
N ASP B 401 -44.19 -5.55 -27.00
CA ASP B 401 -45.36 -6.36 -26.66
C ASP B 401 -45.15 -7.08 -25.33
N MET B 402 -43.89 -7.37 -24.98
CA MET B 402 -43.58 -7.88 -23.66
C MET B 402 -43.89 -6.84 -22.58
N GLU B 403 -43.52 -5.58 -22.82
CA GLU B 403 -43.64 -4.56 -21.77
C GLU B 403 -45.08 -4.14 -21.57
N ASP B 404 -45.83 -3.94 -22.65
CA ASP B 404 -47.20 -3.49 -22.57
C ASP B 404 -48.16 -4.68 -22.60
N GLU B 405 -48.08 -5.47 -21.54
CA GLU B 405 -48.94 -6.65 -21.42
C GLU B 405 -50.37 -6.23 -21.10
N LYS B 406 -51.31 -6.62 -21.95
CA LYS B 406 -52.70 -6.25 -21.78
C LYS B 406 -53.44 -7.32 -20.97
N LEU B 407 -54.73 -7.07 -20.74
CA LEU B 407 -55.58 -8.06 -20.09
C LEU B 407 -56.09 -9.07 -21.11
N LEU B 408 -56.46 -10.24 -20.61
CA LEU B 408 -56.91 -11.32 -21.49
C LEU B 408 -58.31 -11.00 -22.00
N GLY B 409 -58.42 -10.84 -23.31
CA GLY B 409 -59.71 -10.60 -23.94
C GLY B 409 -60.38 -9.30 -23.54
N VAL B 410 -59.63 -8.20 -23.50
CA VAL B 410 -60.17 -6.89 -23.19
C VAL B 410 -59.59 -5.89 -24.19
N ARG B 411 -60.46 -5.12 -24.84
CA ARG B 411 -60.05 -4.05 -25.74
C ARG B 411 -60.40 -2.72 -25.10
N GLU B 412 -59.41 -1.86 -24.92
CA GLU B 412 -59.59 -0.55 -24.31
C GLU B 412 -59.71 0.49 -25.43
N ARG B 413 -60.94 0.85 -25.76
CA ARG B 413 -61.22 1.84 -26.79
C ARG B 413 -61.99 3.00 -26.19
N THR B 414 -61.60 4.22 -26.58
CA THR B 414 -62.20 5.43 -26.03
C THR B 414 -63.36 5.88 -26.90
N LEU B 415 -64.47 6.23 -26.25
CA LEU B 415 -65.62 6.78 -26.95
C LEU B 415 -65.31 8.21 -27.37
N THR B 416 -65.29 8.45 -28.68
CA THR B 416 -64.82 9.74 -29.19
C THR B 416 -65.95 10.78 -29.23
N CYS B 417 -66.67 10.91 -28.11
CA CYS B 417 -67.75 11.91 -27.96
C CYS B 417 -68.81 11.76 -29.06
N CYS B 418 -68.96 10.54 -29.57
N CYS B 418 -68.97 10.54 -29.56
CA CYS B 418 -69.86 10.25 -30.67
CA CYS B 418 -69.90 10.26 -30.64
C CYS B 418 -70.26 8.78 -30.57
C CYS B 418 -70.27 8.77 -30.56
N CYS B 419 -70.87 8.25 -31.63
CA CYS B 419 -71.24 6.84 -31.71
C CYS B 419 -70.13 5.98 -32.29
N LEU B 420 -68.88 6.43 -32.19
CA LEU B 420 -67.73 5.73 -32.73
C LEU B 420 -66.73 5.42 -31.63
N TRP B 421 -65.92 4.39 -31.86
CA TRP B 421 -64.90 3.94 -30.92
C TRP B 421 -63.54 3.91 -31.61
N ALA B 422 -62.51 4.35 -30.89
CA ALA B 422 -61.17 4.47 -31.46
C ALA B 422 -60.16 3.82 -30.54
N PHE B 423 -59.07 3.32 -31.12
CA PHE B 423 -57.99 2.69 -30.41
C PHE B 423 -56.66 3.20 -30.92
N LYS B 424 -55.60 2.92 -30.16
CA LYS B 424 -54.26 3.33 -30.54
C LYS B 424 -53.56 2.21 -31.29
N LYS B 425 -52.96 2.56 -32.43
CA LYS B 425 -52.20 1.61 -33.23
C LYS B 425 -50.73 1.69 -32.87
N GLN B 426 -50.11 0.53 -32.71
CA GLN B 426 -48.70 0.46 -32.35
C GLN B 426 -47.83 0.62 -33.60
N LYS B 427 -46.55 0.89 -33.37
CA LYS B 427 -45.60 1.07 -34.46
C LYS B 427 -45.13 -0.30 -34.94
N THR B 428 -45.49 -0.64 -36.17
CA THR B 428 -45.11 -1.91 -36.80
C THR B 428 -44.21 -1.60 -37.99
N HIS B 429 -42.91 -1.78 -37.80
CA HIS B 429 -41.93 -1.49 -38.84
C HIS B 429 -41.48 -2.74 -39.60
N THR B 430 -41.70 -3.93 -39.06
CA THR B 430 -41.25 -5.16 -39.70
C THR B 430 -42.33 -6.22 -39.63
N VAL B 431 -42.58 -6.88 -40.75
CA VAL B 431 -43.41 -8.09 -40.83
C VAL B 431 -42.46 -9.23 -41.14
N TYR B 432 -42.35 -10.18 -40.21
CA TYR B 432 -41.37 -11.25 -40.28
C TYR B 432 -42.10 -12.58 -40.17
N LYS B 433 -42.32 -13.22 -41.32
CA LYS B 433 -42.91 -14.55 -41.37
C LYS B 433 -41.79 -15.58 -41.24
N ARG B 434 -41.70 -16.21 -40.07
CA ARG B 434 -40.68 -17.19 -39.81
C ARG B 434 -40.94 -18.46 -40.62
N PRO B 435 -39.94 -19.32 -40.79
CA PRO B 435 -40.19 -20.59 -41.49
C PRO B 435 -41.20 -21.44 -40.74
N ASP B 436 -41.95 -22.24 -41.50
CA ASP B 436 -43.07 -23.04 -41.01
C ASP B 436 -44.20 -22.17 -40.48
N THR B 437 -44.36 -20.97 -41.03
CA THR B 437 -45.50 -20.11 -40.75
C THR B 437 -46.29 -19.90 -42.04
N GLN B 438 -47.38 -19.15 -41.91
CA GLN B 438 -48.31 -18.97 -43.02
C GLN B 438 -48.82 -17.54 -43.04
N SER B 439 -48.82 -16.93 -44.22
CA SER B 439 -49.44 -15.64 -44.44
C SER B 439 -50.85 -15.85 -44.97
N ILE B 440 -51.83 -15.27 -44.30
CA ILE B 440 -53.23 -15.40 -44.67
C ILE B 440 -53.75 -14.02 -45.04
N GLN B 441 -54.23 -13.88 -46.27
CA GLN B 441 -54.65 -12.58 -46.79
C GLN B 441 -56.04 -12.67 -47.39
N LYS B 442 -56.90 -11.70 -47.08
CA LYS B 442 -58.25 -11.68 -47.61
C LYS B 442 -58.25 -11.08 -49.01
N VAL B 443 -58.66 -11.87 -50.00
CA VAL B 443 -58.66 -11.46 -51.39
C VAL B 443 -60.08 -11.62 -51.95
N GLN B 444 -60.29 -11.05 -53.14
CA GLN B 444 -61.59 -11.11 -53.77
C GLN B 444 -61.85 -12.49 -54.35
N ALA B 445 -63.05 -13.00 -54.14
CA ALA B 445 -63.53 -14.23 -54.74
C ALA B 445 -64.76 -13.93 -55.59
N GLU B 446 -65.30 -14.97 -56.20
CA GLU B 446 -66.52 -14.91 -57.01
C GLU B 446 -66.42 -13.82 -58.08
N PHE B 447 -65.42 -13.96 -58.94
CA PHE B 447 -65.27 -13.04 -60.07
C PHE B 447 -66.36 -13.27 -61.09
N PRO C 3 -11.68 -26.71 -78.27
CA PRO C 3 -10.46 -26.38 -77.54
C PRO C 3 -9.89 -25.02 -77.94
N VAL C 4 -10.35 -23.96 -77.27
CA VAL C 4 -9.90 -22.61 -77.56
C VAL C 4 -8.58 -22.34 -76.85
N TYR C 5 -7.65 -21.72 -77.56
CA TYR C 5 -6.35 -21.35 -77.01
C TYR C 5 -6.28 -19.84 -76.84
N VAL C 6 -5.76 -19.41 -75.69
CA VAL C 6 -5.69 -17.99 -75.34
C VAL C 6 -4.23 -17.60 -75.15
N ASP C 7 -3.85 -16.46 -75.74
CA ASP C 7 -2.49 -15.95 -75.64
C ASP C 7 -2.30 -15.22 -74.30
N ILE C 8 -2.44 -16.00 -73.22
CA ILE C 8 -2.26 -15.50 -71.87
C ILE C 8 -1.34 -16.46 -71.12
N ASP C 9 -0.90 -16.02 -69.94
CA ASP C 9 0.00 -16.83 -69.13
C ASP C 9 -0.66 -18.13 -68.69
N ALA C 10 0.17 -19.16 -68.50
CA ALA C 10 -0.35 -20.45 -68.08
C ALA C 10 -0.76 -20.47 -66.61
N ASP C 11 -0.40 -19.45 -65.84
CA ASP C 11 -0.74 -19.38 -64.42
C ASP C 11 -1.36 -18.03 -64.06
N SER C 12 -2.08 -17.42 -64.99
CA SER C 12 -2.70 -16.13 -64.75
C SER C 12 -3.99 -16.30 -63.96
N ALA C 13 -4.25 -15.37 -63.05
CA ALA C 13 -5.47 -15.42 -62.24
C ALA C 13 -6.72 -15.15 -63.06
N PHE C 14 -6.61 -14.42 -64.17
CA PHE C 14 -7.74 -14.17 -65.05
C PHE C 14 -8.29 -15.44 -65.69
N LEU C 15 -7.44 -16.44 -65.90
CA LEU C 15 -7.83 -17.67 -66.58
C LEU C 15 -9.17 -18.20 -66.07
N LYS C 16 -9.28 -18.44 -64.76
CA LYS C 16 -10.51 -18.98 -64.20
C LYS C 16 -11.71 -18.14 -64.58
N ALA C 17 -11.61 -16.81 -64.42
CA ALA C 17 -12.71 -15.94 -64.79
C ALA C 17 -13.11 -16.14 -66.24
N LEU C 18 -12.12 -16.22 -67.12
CA LEU C 18 -12.39 -16.49 -68.53
C LEU C 18 -13.14 -17.81 -68.68
N GLN C 19 -12.69 -18.86 -67.99
N GLN C 19 -12.69 -18.86 -67.98
CA GLN C 19 -13.38 -20.15 -68.06
CA GLN C 19 -13.39 -20.14 -68.08
C GLN C 19 -14.79 -20.03 -67.50
C GLN C 19 -14.79 -20.06 -67.48
N ARG C 20 -15.00 -19.15 -66.52
CA ARG C 20 -16.34 -18.97 -66.00
C ARG C 20 -17.20 -18.15 -66.96
N ALA C 21 -16.58 -17.41 -67.88
CA ALA C 21 -17.34 -16.59 -68.81
C ALA C 21 -17.67 -17.32 -70.10
N TYR C 22 -17.06 -18.48 -70.34
CA TYR C 22 -17.28 -19.27 -71.55
C TYR C 22 -17.34 -20.74 -71.16
N PRO C 23 -18.43 -21.18 -70.53
CA PRO C 23 -18.52 -22.59 -70.10
C PRO C 23 -18.59 -23.58 -71.25
N MET C 24 -18.97 -23.14 -72.46
CA MET C 24 -19.11 -24.04 -73.59
C MET C 24 -17.78 -24.36 -74.27
N PHE C 25 -16.71 -23.66 -73.90
CA PHE C 25 -15.40 -23.84 -74.52
C PHE C 25 -14.39 -24.34 -73.49
N GLU C 26 -13.38 -25.04 -73.98
CA GLU C 26 -12.26 -25.47 -73.16
C GLU C 26 -11.12 -24.48 -73.39
N VAL C 27 -10.92 -23.58 -72.42
CA VAL C 27 -9.95 -22.51 -72.56
C VAL C 27 -8.61 -22.99 -72.05
N GLU C 28 -7.60 -22.97 -72.91
CA GLU C 28 -6.26 -23.41 -72.55
C GLU C 28 -5.27 -22.30 -72.85
N PRO C 29 -4.37 -21.98 -71.93
CA PRO C 29 -3.42 -20.88 -72.16
C PRO C 29 -2.28 -21.30 -73.04
N ARG C 30 -1.86 -20.39 -73.92
CA ARG C 30 -0.68 -20.60 -74.76
C ARG C 30 -0.06 -19.21 -75.01
N GLN C 31 0.91 -18.85 -74.17
CA GLN C 31 1.50 -17.53 -74.24
C GLN C 31 2.61 -17.50 -75.28
N VAL C 32 2.48 -16.60 -76.25
CA VAL C 32 3.48 -16.47 -77.31
C VAL C 32 3.86 -15.00 -77.46
N THR C 33 3.32 -14.15 -76.59
CA THR C 33 3.58 -12.71 -76.64
C THR C 33 3.44 -12.10 -75.25
N PRO C 34 4.37 -11.24 -74.83
CA PRO C 34 4.21 -10.54 -73.55
C PRO C 34 3.31 -9.32 -73.66
N ASN C 35 2.08 -9.56 -74.11
CA ASN C 35 1.15 -8.47 -74.40
C ASN C 35 0.70 -7.78 -73.11
N ASP C 36 0.71 -6.45 -73.12
CA ASP C 36 0.28 -5.68 -71.97
C ASP C 36 -1.23 -5.70 -71.77
N HIS C 37 -2.00 -6.13 -72.75
CA HIS C 37 -3.46 -6.23 -72.65
C HIS C 37 -3.93 -7.57 -73.21
N ALA C 38 -3.26 -8.65 -72.79
CA ALA C 38 -3.57 -9.97 -73.32
C ALA C 38 -4.97 -10.44 -72.91
N ASN C 39 -5.46 -10.00 -71.75
CA ASN C 39 -6.79 -10.38 -71.32
C ASN C 39 -7.85 -9.89 -72.29
N ALA C 40 -7.70 -8.65 -72.77
CA ALA C 40 -8.66 -8.10 -73.71
C ALA C 40 -8.69 -8.91 -75.01
N ARG C 41 -7.52 -9.29 -75.52
CA ARG C 41 -7.47 -10.04 -76.76
C ARG C 41 -8.02 -11.45 -76.57
N ALA C 42 -7.76 -12.07 -75.42
CA ALA C 42 -8.33 -13.38 -75.14
C ALA C 42 -9.85 -13.33 -75.08
N PHE C 43 -10.38 -12.31 -74.40
CA PHE C 43 -11.82 -12.16 -74.34
C PHE C 43 -12.41 -11.91 -75.72
N SER C 44 -11.75 -11.09 -76.54
CA SER C 44 -12.24 -10.84 -77.89
C SER C 44 -12.23 -12.11 -78.72
N HIS C 45 -11.17 -12.92 -78.60
CA HIS C 45 -11.07 -14.17 -79.34
C HIS C 45 -12.20 -15.11 -78.97
N LEU C 46 -12.41 -15.32 -77.67
CA LEU C 46 -13.50 -16.21 -77.25
C LEU C 46 -14.86 -15.65 -77.60
N ALA C 47 -15.02 -14.32 -77.56
CA ALA C 47 -16.29 -13.73 -77.96
C ALA C 47 -16.58 -13.98 -79.44
N ILE C 48 -15.57 -13.80 -80.29
CA ILE C 48 -15.76 -14.06 -81.71
C ILE C 48 -16.07 -15.52 -81.94
N LYS C 49 -15.38 -16.43 -81.26
CA LYS C 49 -15.63 -17.85 -81.45
C LYS C 49 -17.02 -18.24 -80.95
N LEU C 50 -17.47 -17.65 -79.84
CA LEU C 50 -18.82 -17.87 -79.35
C LEU C 50 -19.86 -17.37 -80.34
N ILE C 51 -19.61 -16.19 -80.93
CA ILE C 51 -20.52 -15.67 -81.94
C ILE C 51 -20.59 -16.63 -83.12
N GLU C 52 -19.44 -17.12 -83.57
CA GLU C 52 -19.40 -18.03 -84.71
C GLU C 52 -20.15 -19.33 -84.41
N GLN C 53 -20.01 -19.84 -83.18
CA GLN C 53 -20.70 -21.07 -82.82
C GLN C 53 -22.22 -20.85 -82.72
N GLU C 54 -22.63 -19.69 -82.19
CA GLU C 54 -24.02 -19.49 -81.83
C GLU C 54 -24.92 -19.10 -83.00
N ILE C 55 -24.37 -18.88 -84.20
CA ILE C 55 -25.18 -18.38 -85.30
C ILE C 55 -25.14 -19.36 -86.47
N ASP C 56 -25.84 -19.01 -87.54
CA ASP C 56 -26.01 -19.90 -88.69
C ASP C 56 -24.68 -20.07 -89.43
N PRO C 57 -24.20 -21.30 -89.63
CA PRO C 57 -22.97 -21.49 -90.41
C PRO C 57 -23.04 -20.94 -91.82
N ASP C 58 -24.19 -21.01 -92.49
CA ASP C 58 -24.33 -20.54 -93.87
C ASP C 58 -24.96 -19.15 -93.85
N SER C 59 -24.13 -18.14 -93.61
CA SER C 59 -24.58 -16.76 -93.59
C SER C 59 -23.37 -15.85 -93.77
N THR C 60 -23.53 -14.82 -94.59
CA THR C 60 -22.48 -13.83 -94.76
C THR C 60 -22.41 -12.96 -93.50
N ILE C 61 -21.20 -12.80 -92.97
CA ILE C 61 -21.00 -12.12 -91.69
C ILE C 61 -20.19 -10.86 -91.95
N LEU C 62 -20.84 -9.71 -91.87
CA LEU C 62 -20.15 -8.43 -91.99
C LEU C 62 -19.74 -7.96 -90.60
N ASP C 63 -18.46 -7.62 -90.46
CA ASP C 63 -17.92 -7.10 -89.20
C ASP C 63 -17.51 -5.65 -89.41
N ILE C 64 -18.09 -4.76 -88.60
CA ILE C 64 -17.94 -3.32 -88.80
C ILE C 64 -16.63 -2.85 -88.18
N GLY C 65 -15.87 -2.07 -88.94
CA GLY C 65 -14.62 -1.51 -88.43
C GLY C 65 -13.64 -2.56 -87.95
N SER C 66 -13.53 -3.67 -88.66
CA SER C 66 -12.75 -4.81 -88.23
C SER C 66 -11.38 -4.84 -88.90
N ALA C 67 -10.45 -5.54 -88.27
CA ALA C 67 -9.15 -5.81 -88.88
C ALA C 67 -9.23 -7.11 -89.68
N PRO C 68 -8.93 -7.10 -90.97
CA PRO C 68 -9.11 -8.32 -91.78
C PRO C 68 -8.12 -9.42 -91.44
N ALA C 69 -7.03 -9.12 -90.74
CA ALA C 69 -6.07 -10.16 -90.39
C ALA C 69 -6.64 -11.12 -89.33
N ARG C 70 -7.48 -10.62 -88.43
CA ARG C 70 -8.06 -11.45 -87.38
C ARG C 70 -8.96 -12.54 -87.94
N ARG C 71 -9.76 -12.22 -88.97
CA ARG C 71 -10.76 -13.14 -89.49
C ARG C 71 -10.16 -14.27 -90.31
N MET C 72 -8.84 -14.42 -90.32
CA MET C 72 -8.22 -15.52 -91.06
C MET C 72 -8.51 -16.85 -90.37
N MET C 73 -8.33 -17.93 -91.13
CA MET C 73 -8.57 -19.30 -90.68
C MET C 73 -10.00 -19.47 -90.15
N SER C 74 -10.96 -18.87 -90.85
CA SER C 74 -12.38 -18.97 -90.50
C SER C 74 -13.15 -19.27 -91.78
N ASP C 75 -13.74 -20.47 -91.85
CA ASP C 75 -14.42 -20.90 -93.06
C ASP C 75 -15.70 -20.10 -93.31
N ARG C 76 -16.17 -19.32 -92.34
CA ARG C 76 -17.37 -18.53 -92.52
C ARG C 76 -17.07 -17.31 -93.39
N LYS C 77 -17.97 -17.04 -94.34
CA LYS C 77 -17.84 -15.85 -95.18
C LYS C 77 -17.85 -14.60 -94.31
N TYR C 78 -16.93 -13.69 -94.59
CA TYR C 78 -16.75 -12.49 -93.80
C TYR C 78 -16.68 -11.26 -94.70
N HIS C 79 -17.46 -10.24 -94.36
CA HIS C 79 -17.40 -8.93 -95.02
C HIS C 79 -16.63 -7.98 -94.11
N CYS C 80 -15.31 -8.00 -94.23
CA CYS C 80 -14.44 -7.17 -93.40
C CYS C 80 -14.55 -5.73 -93.89
N VAL C 81 -15.38 -4.94 -93.22
CA VAL C 81 -15.59 -3.54 -93.60
C VAL C 81 -14.46 -2.70 -93.03
N CYS C 82 -13.72 -2.02 -93.90
N CYS C 82 -13.73 -2.02 -93.91
CA CYS C 82 -12.60 -1.18 -93.52
CA CYS C 82 -12.60 -1.18 -93.52
C CYS C 82 -12.78 0.20 -94.11
C CYS C 82 -12.78 0.20 -94.11
N PRO C 83 -13.41 1.12 -93.38
CA PRO C 83 -13.67 2.47 -93.93
C PRO C 83 -12.41 3.29 -94.20
N MET C 84 -11.24 2.87 -93.70
CA MET C 84 -9.99 3.61 -93.87
C MET C 84 -10.00 4.95 -93.12
N ARG C 85 -10.79 5.03 -92.05
CA ARG C 85 -10.94 6.28 -91.31
C ARG C 85 -9.83 6.48 -90.28
N SER C 86 -9.51 5.45 -89.51
CA SER C 86 -8.49 5.58 -88.47
C SER C 86 -7.09 5.48 -89.09
N ALA C 87 -6.10 5.87 -88.29
CA ALA C 87 -4.71 5.84 -88.71
C ALA C 87 -4.09 4.45 -88.71
N GLU C 88 -4.72 3.49 -88.03
CA GLU C 88 -4.19 2.14 -87.97
C GLU C 88 -4.61 1.28 -89.16
N ASP C 89 -5.42 1.83 -90.08
CA ASP C 89 -5.96 1.00 -91.15
C ASP C 89 -4.97 0.71 -92.28
N PRO C 90 -4.17 1.65 -92.77
CA PRO C 90 -3.16 1.26 -93.77
C PRO C 90 -2.24 0.16 -93.29
N GLU C 91 -1.87 0.19 -92.01
CA GLU C 91 -0.96 -0.81 -91.46
C GLU C 91 -1.62 -2.17 -91.35
N ARG C 92 -2.88 -2.22 -90.87
CA ARG C 92 -3.56 -3.51 -90.77
C ARG C 92 -3.80 -4.09 -92.15
N LEU C 93 -4.13 -3.25 -93.13
CA LEU C 93 -4.33 -3.76 -94.49
C LEU C 93 -3.02 -4.21 -95.10
N ALA C 94 -1.90 -3.54 -94.78
CA ALA C 94 -0.60 -4.01 -95.24
C ALA C 94 -0.29 -5.38 -94.68
N ASN C 95 -0.54 -5.57 -93.37
CA ASN C 95 -0.31 -6.89 -92.76
C ASN C 95 -1.24 -7.94 -93.36
N TYR C 96 -2.50 -7.57 -93.63
CA TYR C 96 -3.44 -8.49 -94.22
C TYR C 96 -3.01 -8.92 -95.61
N ALA C 97 -2.51 -7.97 -96.41
CA ALA C 97 -2.01 -8.31 -97.74
C ALA C 97 -0.75 -9.17 -97.65
N ARG C 98 0.10 -8.91 -96.66
CA ARG C 98 1.26 -9.77 -96.42
C ARG C 98 0.81 -11.21 -96.16
N LYS C 99 -0.16 -11.39 -95.27
CA LYS C 99 -0.61 -12.72 -94.92
C LYS C 99 -1.32 -13.40 -96.11
N LEU C 100 -2.14 -12.65 -96.84
CA LEU C 100 -2.82 -13.23 -98.00
C LEU C 100 -1.84 -13.61 -99.10
N ALA C 101 -0.73 -12.87 -99.24
CA ALA C 101 0.29 -13.20 -100.21
C ALA C 101 1.28 -14.26 -99.71
N SER C 102 1.23 -14.61 -98.43
CA SER C 102 2.13 -15.59 -97.85
C SER C 102 1.56 -16.99 -97.83
N ALA C 103 0.32 -17.18 -98.28
CA ALA C 103 -0.31 -18.50 -98.30
C ALA C 103 -1.04 -18.73 -99.61
N ALA C 104 -0.43 -18.32 -100.72
CA ALA C 104 -1.06 -18.51 -102.02
C ALA C 104 -1.03 -19.98 -102.44
N GLY C 105 -0.11 -20.76 -101.87
CA GLY C 105 -0.03 -22.17 -102.15
C GLY C 105 0.07 -23.00 -100.90
N LYS C 106 -0.37 -22.44 -99.77
CA LYS C 106 -0.29 -23.11 -98.48
C LYS C 106 -1.64 -23.60 -97.99
N VAL C 107 -2.66 -22.73 -98.00
CA VAL C 107 -4.00 -23.08 -97.55
C VAL C 107 -4.98 -22.77 -98.67
N LEU C 108 -6.01 -23.61 -98.81
CA LEU C 108 -7.01 -23.45 -99.86
C LEU C 108 -8.44 -23.60 -99.39
N ASP C 109 -8.69 -23.87 -98.10
CA ASP C 109 -10.04 -24.01 -97.59
C ASP C 109 -10.60 -22.72 -97.01
N ARG C 110 -9.82 -21.63 -97.01
CA ARG C 110 -10.22 -20.38 -96.42
C ARG C 110 -10.58 -19.32 -97.45
N ASN C 111 -10.89 -19.74 -98.68
CA ASN C 111 -11.28 -18.84 -99.78
C ASN C 111 -10.26 -17.72 -100.01
N ILE C 112 -9.01 -17.96 -99.62
CA ILE C 112 -7.95 -16.96 -99.79
C ILE C 112 -7.71 -16.68 -101.26
N SER C 113 -7.82 -17.70 -102.11
CA SER C 113 -7.64 -17.51 -103.54
C SER C 113 -8.61 -16.46 -104.09
N GLY C 114 -9.84 -16.46 -103.57
CA GLY C 114 -10.79 -15.40 -103.92
C GLY C 114 -10.58 -14.11 -103.16
N LYS C 115 -9.99 -14.18 -101.98
CA LYS C 115 -9.70 -12.96 -101.23
C LYS C 115 -8.61 -12.13 -101.92
N ILE C 116 -7.67 -12.78 -102.60
CA ILE C 116 -6.68 -12.05 -103.39
C ILE C 116 -7.38 -11.27 -104.50
N GLY C 117 -8.33 -11.90 -105.18
CA GLY C 117 -9.09 -11.21 -106.20
C GLY C 117 -9.91 -10.07 -105.64
N ASP C 118 -10.50 -10.28 -104.46
CA ASP C 118 -11.28 -9.23 -103.82
C ASP C 118 -10.39 -8.03 -103.50
N LEU C 119 -9.20 -8.27 -102.96
CA LEU C 119 -8.26 -7.18 -102.70
C LEU C 119 -7.88 -6.47 -103.98
N GLN C 120 -7.51 -7.23 -105.02
CA GLN C 120 -7.16 -6.59 -106.28
C GLN C 120 -8.32 -5.78 -106.85
N ALA C 121 -9.56 -6.19 -106.54
CA ALA C 121 -10.72 -5.42 -107.00
C ALA C 121 -10.87 -4.13 -106.21
N VAL C 122 -10.69 -4.17 -104.88
CA VAL C 122 -10.98 -2.98 -104.09
C VAL C 122 -9.95 -1.88 -104.32
N MET C 123 -8.72 -2.23 -104.69
CA MET C 123 -7.72 -1.24 -105.05
C MET C 123 -7.75 -0.87 -106.54
N ALA C 124 -8.88 -1.08 -107.21
CA ALA C 124 -9.06 -0.65 -108.59
C ALA C 124 -10.09 0.47 -108.71
N VAL C 125 -11.27 0.27 -108.14
CA VAL C 125 -12.29 1.31 -108.05
C VAL C 125 -12.63 1.49 -106.57
N PRO C 126 -12.59 2.71 -106.03
CA PRO C 126 -12.82 2.88 -104.58
C PRO C 126 -14.19 2.44 -104.11
N ASP C 127 -15.17 2.32 -105.01
CA ASP C 127 -16.52 1.89 -104.67
C ASP C 127 -16.77 0.43 -105.04
N THR C 128 -15.73 -0.39 -105.08
CA THR C 128 -15.86 -1.80 -105.45
C THR C 128 -16.38 -2.57 -104.26
N GLU C 129 -17.67 -2.91 -104.29
CA GLU C 129 -18.30 -3.70 -103.23
C GLU C 129 -18.15 -5.18 -103.57
N THR C 130 -17.02 -5.75 -103.19
CA THR C 130 -16.80 -7.17 -103.38
C THR C 130 -17.57 -7.96 -102.33
N PRO C 131 -17.86 -9.24 -102.58
CA PRO C 131 -18.62 -10.03 -101.59
C PRO C 131 -17.95 -10.10 -100.23
N THR C 132 -16.61 -10.12 -100.17
CA THR C 132 -15.91 -10.37 -98.93
C THR C 132 -15.15 -9.17 -98.37
N PHE C 133 -14.99 -8.09 -99.15
CA PHE C 133 -14.18 -6.97 -98.69
C PHE C 133 -14.64 -5.69 -99.37
N CYS C 134 -14.63 -4.60 -98.63
CA CYS C 134 -15.03 -3.30 -99.16
C CYS C 134 -14.43 -2.19 -98.30
N LEU C 135 -14.42 -0.99 -98.86
CA LEU C 135 -13.89 0.20 -98.18
C LEU C 135 -14.98 1.26 -98.14
N HIS C 136 -15.84 1.17 -97.13
CA HIS C 136 -16.90 2.14 -96.91
C HIS C 136 -17.21 2.20 -95.42
N THR C 137 -17.89 3.26 -95.01
CA THR C 137 -18.39 3.31 -93.65
C THR C 137 -19.64 2.42 -93.51
N ASP C 138 -20.01 2.14 -92.26
CA ASP C 138 -21.14 1.26 -92.00
C ASP C 138 -22.47 1.86 -92.47
N VAL C 139 -22.52 3.17 -92.69
CA VAL C 139 -23.75 3.83 -93.12
C VAL C 139 -23.75 4.10 -94.63
N SER C 140 -22.77 3.55 -95.37
CA SER C 140 -22.73 3.72 -96.82
C SER C 140 -22.49 2.43 -97.58
N CYS C 141 -22.03 1.36 -96.93
CA CYS C 141 -21.83 0.10 -97.62
C CYS C 141 -23.16 -0.46 -98.09
N ARG C 142 -23.15 -1.07 -99.27
CA ARG C 142 -24.37 -1.56 -99.92
C ARG C 142 -24.54 -3.07 -99.85
N GLN C 143 -23.66 -3.78 -99.14
CA GLN C 143 -23.79 -5.22 -99.03
C GLN C 143 -25.02 -5.58 -98.20
N ARG C 144 -25.68 -6.68 -98.58
CA ARG C 144 -26.90 -7.14 -97.94
C ARG C 144 -26.63 -8.51 -97.32
N ALA C 145 -26.17 -8.52 -96.07
CA ALA C 145 -25.89 -9.74 -95.34
C ALA C 145 -26.86 -9.89 -94.17
N ASP C 146 -26.62 -10.92 -93.35
CA ASP C 146 -27.54 -11.29 -92.28
C ASP C 146 -27.05 -10.98 -90.87
N VAL C 147 -25.73 -10.96 -90.65
CA VAL C 147 -25.18 -10.80 -89.31
C VAL C 147 -24.19 -9.65 -89.32
N ALA C 148 -24.24 -8.81 -88.28
CA ALA C 148 -23.31 -7.71 -88.08
C ALA C 148 -22.49 -7.96 -86.82
N ILE C 149 -21.22 -7.58 -86.86
CA ILE C 149 -20.32 -7.75 -85.73
C ILE C 149 -19.60 -6.43 -85.48
N TYR C 150 -19.64 -5.96 -84.23
CA TYR C 150 -18.93 -4.76 -83.82
C TYR C 150 -17.98 -5.16 -82.70
N GLN C 151 -16.76 -5.57 -83.08
CA GLN C 151 -15.73 -5.93 -82.11
C GLN C 151 -14.91 -4.69 -81.79
N ASP C 152 -14.96 -4.27 -80.52
CA ASP C 152 -14.20 -3.12 -80.04
C ASP C 152 -14.47 -1.87 -80.88
N VAL C 153 -15.74 -1.66 -81.21
CA VAL C 153 -16.17 -0.53 -82.02
C VAL C 153 -16.98 0.39 -81.13
N TYR C 154 -16.35 1.43 -80.61
CA TYR C 154 -17.01 2.39 -79.74
C TYR C 154 -17.23 3.75 -80.40
N ALA C 155 -16.45 4.10 -81.42
CA ALA C 155 -16.51 5.42 -82.05
C ALA C 155 -17.53 5.48 -83.18
N VAL C 156 -18.79 5.10 -82.89
CA VAL C 156 -19.87 5.19 -83.86
C VAL C 156 -21.19 5.25 -83.10
N HIS C 157 -22.18 5.87 -83.72
CA HIS C 157 -23.51 5.98 -83.12
C HIS C 157 -24.24 4.65 -83.26
N ALA C 158 -24.60 4.05 -82.13
CA ALA C 158 -25.25 2.75 -82.17
C ALA C 158 -26.56 2.75 -82.92
N PRO C 159 -27.53 3.64 -82.63
CA PRO C 159 -28.81 3.56 -83.35
C PRO C 159 -28.68 3.75 -84.85
N THR C 160 -27.81 4.67 -85.29
CA THR C 160 -27.68 4.94 -86.72
C THR C 160 -27.11 3.74 -87.46
N SER C 161 -26.00 3.19 -86.96
CA SER C 161 -25.41 2.01 -87.59
C SER C 161 -26.34 0.82 -87.53
N LEU C 162 -27.01 0.62 -86.39
CA LEU C 162 -27.93 -0.51 -86.26
C LEU C 162 -29.07 -0.41 -87.26
N TYR C 163 -29.63 0.80 -87.44
CA TYR C 163 -30.67 0.99 -88.44
C TYR C 163 -30.13 0.78 -89.85
N HIS C 164 -28.90 1.24 -90.10
CA HIS C 164 -28.35 1.11 -91.46
C HIS C 164 -28.10 -0.35 -91.82
N GLN C 165 -27.72 -1.19 -90.86
CA GLN C 165 -27.63 -2.61 -91.14
C GLN C 165 -28.96 -3.33 -91.04
N ALA C 166 -29.94 -2.75 -90.35
CA ALA C 166 -31.28 -3.33 -90.33
C ALA C 166 -31.96 -3.18 -91.68
N ILE C 167 -31.78 -2.02 -92.33
CA ILE C 167 -32.30 -1.83 -93.69
C ILE C 167 -31.46 -2.59 -94.72
N LYS C 168 -30.38 -3.24 -94.31
CA LYS C 168 -29.56 -4.06 -95.18
C LYS C 168 -29.80 -5.54 -95.00
N GLY C 169 -30.83 -5.92 -94.25
CA GLY C 169 -31.17 -7.32 -94.05
C GLY C 169 -30.50 -7.99 -92.88
N VAL C 170 -29.60 -7.31 -92.17
CA VAL C 170 -28.91 -7.91 -91.03
C VAL C 170 -29.91 -8.06 -89.90
N ARG C 171 -30.14 -9.30 -89.45
CA ARG C 171 -31.06 -9.57 -88.37
C ARG C 171 -30.37 -9.73 -87.02
N LEU C 172 -29.08 -10.05 -87.00
CA LEU C 172 -28.34 -10.27 -85.77
C LEU C 172 -27.12 -9.36 -85.75
N ALA C 173 -26.87 -8.72 -84.61
CA ALA C 173 -25.70 -7.89 -84.40
C ALA C 173 -25.06 -8.27 -83.07
N TYR C 174 -23.74 -8.22 -83.02
CA TYR C 174 -22.99 -8.50 -81.80
C TYR C 174 -22.03 -7.36 -81.54
N TRP C 175 -22.02 -6.86 -80.30
CA TRP C 175 -21.10 -5.80 -79.90
C TRP C 175 -20.25 -6.32 -78.76
N VAL C 176 -18.97 -6.53 -79.04
CA VAL C 176 -17.99 -6.95 -78.04
C VAL C 176 -17.14 -5.75 -77.68
N GLY C 177 -17.20 -5.32 -76.42
CA GLY C 177 -16.46 -4.13 -76.05
C GLY C 177 -16.44 -3.95 -74.55
N PHE C 178 -16.16 -2.72 -74.15
CA PHE C 178 -16.11 -2.39 -72.74
C PHE C 178 -17.50 -2.04 -72.22
N ASP C 179 -17.75 -2.39 -70.97
CA ASP C 179 -19.01 -2.07 -70.33
C ASP C 179 -19.24 -0.56 -70.36
N THR C 180 -20.43 -0.16 -70.82
CA THR C 180 -20.79 1.25 -70.93
C THR C 180 -21.51 1.78 -69.71
N THR C 181 -21.73 0.93 -68.70
CA THR C 181 -22.36 1.38 -67.47
C THR C 181 -21.59 2.52 -66.78
N PRO C 182 -20.26 2.51 -66.71
CA PRO C 182 -19.57 3.66 -66.10
C PRO C 182 -19.87 4.99 -66.76
N PHE C 183 -20.12 5.00 -68.07
CA PHE C 183 -20.35 6.25 -68.78
C PHE C 183 -21.79 6.72 -68.71
N MET C 184 -22.74 5.84 -68.37
CA MET C 184 -24.08 6.30 -68.03
C MET C 184 -24.14 6.88 -66.62
N TYR C 185 -23.13 6.63 -65.79
CA TYR C 185 -23.00 7.25 -64.49
C TYR C 185 -22.23 8.56 -64.54
N ASN C 186 -21.67 8.92 -65.70
CA ASN C 186 -20.96 10.18 -65.90
C ASN C 186 -19.76 10.32 -64.95
N ALA C 187 -18.87 9.34 -65.04
CA ALA C 187 -17.64 9.36 -64.25
C ALA C 187 -16.55 10.13 -64.98
N MET C 188 -15.75 10.88 -64.22
CA MET C 188 -14.65 11.62 -64.82
C MET C 188 -13.48 10.72 -65.20
N ALA C 189 -13.25 9.67 -64.42
CA ALA C 189 -12.19 8.71 -64.71
C ALA C 189 -12.64 7.34 -64.24
N GLY C 190 -11.99 6.30 -64.75
CA GLY C 190 -12.37 4.96 -64.37
C GLY C 190 -11.32 3.95 -64.77
N ALA C 191 -11.52 2.73 -64.30
CA ALA C 191 -10.55 1.66 -64.52
C ALA C 191 -11.25 0.33 -64.64
N TYR C 192 -10.79 -0.49 -65.58
CA TYR C 192 -11.07 -1.92 -65.64
C TYR C 192 -9.79 -2.63 -65.20
N PRO C 193 -9.60 -2.86 -63.89
CA PRO C 193 -8.33 -3.40 -63.42
C PRO C 193 -8.01 -4.78 -63.95
N SER C 194 -9.01 -5.63 -64.15
CA SER C 194 -8.77 -6.99 -64.61
C SER C 194 -8.23 -7.06 -66.03
N TYR C 195 -8.32 -5.97 -66.78
CA TYR C 195 -7.79 -5.90 -68.14
C TYR C 195 -6.65 -4.90 -68.24
N SER C 196 -6.12 -4.45 -67.11
CA SER C 196 -5.06 -3.43 -67.07
C SER C 196 -5.48 -2.17 -67.82
N THR C 197 -6.77 -1.85 -67.78
CA THR C 197 -7.33 -0.77 -68.58
C THR C 197 -7.66 0.42 -67.70
N ASN C 198 -7.32 1.61 -68.16
CA ASN C 198 -7.71 2.85 -67.51
C ASN C 198 -8.32 3.77 -68.53
N TRP C 199 -9.10 4.74 -68.06
CA TRP C 199 -9.64 5.76 -68.95
C TRP C 199 -9.88 7.02 -68.15
N ALA C 200 -9.63 8.16 -68.80
CA ALA C 200 -9.77 9.44 -68.12
C ALA C 200 -10.28 10.50 -69.08
N ASP C 201 -11.07 11.42 -68.55
CA ASP C 201 -11.46 12.61 -69.29
C ASP C 201 -10.24 13.49 -69.54
N GLU C 202 -10.25 14.21 -70.67
CA GLU C 202 -9.11 15.04 -71.03
C GLU C 202 -8.86 16.16 -70.02
N GLN C 203 -9.84 16.49 -69.18
CA GLN C 203 -9.65 17.52 -68.19
C GLN C 203 -8.85 17.04 -66.99
N VAL C 204 -8.64 15.73 -66.84
CA VAL C 204 -7.95 15.19 -65.69
C VAL C 204 -6.80 14.28 -66.13
N LEU C 205 -6.26 14.51 -67.32
CA LEU C 205 -5.10 13.74 -67.75
C LEU C 205 -3.82 14.18 -67.06
N LYS C 206 -3.80 15.37 -66.48
CA LYS C 206 -2.66 15.85 -65.70
C LYS C 206 -2.87 15.65 -64.20
N ALA C 207 -3.71 14.68 -63.83
CA ALA C 207 -3.93 14.36 -62.44
C ALA C 207 -2.70 13.66 -61.85
N LYS C 208 -2.80 13.28 -60.58
CA LYS C 208 -1.67 12.74 -59.84
C LYS C 208 -1.82 11.27 -59.49
N ASN C 209 -2.98 10.86 -58.96
CA ASN C 209 -3.13 9.55 -58.36
C ASN C 209 -4.32 8.80 -58.94
N ILE C 210 -4.49 8.85 -60.26
CA ILE C 210 -5.47 8.01 -60.94
C ILE C 210 -4.72 7.10 -61.91
N GLY C 211 -5.46 6.18 -62.51
CA GLY C 211 -4.83 5.17 -63.35
C GLY C 211 -4.16 5.74 -64.57
N LEU C 212 -4.80 6.69 -65.23
CA LEU C 212 -4.27 7.31 -66.46
C LEU C 212 -4.06 8.79 -66.19
N CYS C 213 -2.84 9.15 -65.83
CA CYS C 213 -2.47 10.54 -65.57
C CYS C 213 -0.95 10.63 -65.52
N SER C 214 -0.46 11.86 -65.57
CA SER C 214 0.97 12.14 -65.42
C SER C 214 1.14 13.61 -65.08
N THR C 215 1.75 13.88 -63.93
CA THR C 215 1.99 15.26 -63.51
C THR C 215 3.47 15.50 -63.27
N ASP C 216 3.83 16.68 -62.79
CA ASP C 216 5.21 17.05 -62.56
C ASP C 216 5.40 17.51 -61.13
N LEU C 217 6.64 17.42 -60.64
CA LEU C 217 6.97 17.94 -59.33
C LEU C 217 6.96 19.47 -59.33
N THR C 218 6.25 20.05 -58.37
CA THR C 218 6.20 21.49 -58.22
C THR C 218 6.32 21.83 -56.74
N GLU C 219 6.75 23.06 -56.47
CA GLU C 219 6.96 23.52 -55.11
C GLU C 219 5.71 24.14 -54.49
N GLY C 220 4.63 24.31 -55.24
CA GLY C 220 3.45 24.97 -54.74
C GLY C 220 3.45 26.44 -55.09
N ARG C 221 3.79 26.75 -56.33
CA ARG C 221 3.94 28.13 -56.79
C ARG C 221 2.58 28.71 -57.16
N ARG C 222 2.58 29.89 -57.76
CA ARG C 222 1.35 30.50 -58.26
C ARG C 222 0.80 29.71 -59.43
N GLY C 223 -0.51 29.54 -59.45
CA GLY C 223 -1.14 28.80 -60.52
C GLY C 223 -1.20 29.57 -61.82
N LYS C 224 -1.63 28.87 -62.87
CA LYS C 224 -1.74 29.47 -64.19
C LYS C 224 -2.77 30.60 -64.17
N LEU C 225 -2.42 31.71 -64.82
CA LEU C 225 -3.36 32.81 -65.02
C LEU C 225 -4.32 32.40 -66.13
N SER C 226 -5.25 31.54 -65.77
CA SER C 226 -6.14 30.92 -66.76
C SER C 226 -7.04 31.95 -67.41
N ILE C 227 -7.20 31.84 -68.73
CA ILE C 227 -8.14 32.69 -69.45
C ILE C 227 -9.57 32.35 -69.06
N MET C 228 -9.85 31.06 -68.86
CA MET C 228 -11.18 30.61 -68.46
C MET C 228 -11.26 30.54 -66.95
N ARG C 229 -12.39 31.00 -66.40
CA ARG C 229 -12.57 31.00 -64.95
C ARG C 229 -12.68 29.58 -64.40
N GLY C 230 -13.31 28.68 -65.14
CA GLY C 230 -13.57 27.35 -64.64
C GLY C 230 -14.86 27.30 -63.84
N LYS C 231 -14.73 27.32 -62.52
CA LYS C 231 -15.86 27.36 -61.59
C LYS C 231 -16.72 26.10 -61.70
N LYS C 232 -16.30 25.15 -62.53
CA LYS C 232 -17.02 23.88 -62.65
C LYS C 232 -16.09 22.88 -63.34
N LEU C 233 -16.00 21.68 -62.77
CA LEU C 233 -15.25 20.58 -63.35
C LEU C 233 -16.25 19.46 -63.65
N GLU C 234 -16.64 19.35 -64.92
N GLU C 234 -16.61 19.33 -64.93
CA GLU C 234 -17.62 18.36 -65.33
CA GLU C 234 -17.63 18.40 -65.36
C GLU C 234 -17.06 17.54 -66.49
C GLU C 234 -17.08 17.55 -66.51
N PRO C 235 -17.45 16.27 -66.58
CA PRO C 235 -16.94 15.42 -67.67
C PRO C 235 -17.26 15.99 -69.04
N CYS C 236 -16.28 15.92 -69.93
CA CYS C 236 -16.42 16.36 -71.31
C CYS C 236 -16.55 15.17 -72.24
N ASP C 237 -16.92 15.44 -73.49
CA ASP C 237 -17.20 14.38 -74.44
C ASP C 237 -15.97 13.53 -74.72
N ARG C 238 -14.80 14.17 -74.85
CA ARG C 238 -13.59 13.45 -75.24
C ARG C 238 -12.96 12.79 -74.02
N VAL C 239 -12.71 11.48 -74.12
CA VAL C 239 -12.01 10.73 -73.09
C VAL C 239 -10.91 9.92 -73.77
N LEU C 240 -9.95 9.47 -72.97
CA LEU C 240 -8.83 8.67 -73.44
C LEU C 240 -8.87 7.32 -72.75
N PHE C 241 -8.76 6.26 -73.56
CA PHE C 241 -8.68 4.88 -73.09
C PHE C 241 -7.26 4.37 -73.27
N SER C 242 -6.71 3.77 -72.21
CA SER C 242 -5.44 3.07 -72.24
C SER C 242 -5.69 1.62 -71.88
N VAL C 243 -5.61 0.75 -72.89
CA VAL C 243 -5.76 -0.69 -72.67
C VAL C 243 -4.38 -1.31 -72.76
N GLY C 244 -3.72 -1.45 -71.62
CA GLY C 244 -2.31 -1.82 -71.63
C GLY C 244 -1.45 -0.62 -71.93
N SER C 245 -0.89 -0.58 -73.14
CA SER C 245 -0.11 0.56 -73.62
C SER C 245 -0.60 1.02 -74.98
N THR C 246 -1.92 1.01 -75.18
CA THR C 246 -2.54 1.41 -76.43
C THR C 246 -3.57 2.49 -76.16
N LEU C 247 -3.52 3.56 -76.95
CA LEU C 247 -4.40 4.71 -76.75
C LEU C 247 -5.57 4.70 -77.73
N TYR C 248 -6.76 5.01 -77.21
CA TYR C 248 -7.95 5.25 -78.02
C TYR C 248 -8.66 6.52 -77.57
N PRO C 249 -8.79 7.52 -78.44
CA PRO C 249 -9.63 8.68 -78.11
C PRO C 249 -11.10 8.38 -78.41
N GLU C 250 -11.91 8.35 -77.36
N GLU C 250 -11.91 8.35 -77.36
CA GLU C 250 -13.32 8.00 -77.45
CA GLU C 250 -13.32 8.01 -77.48
C GLU C 250 -14.18 9.20 -77.08
C GLU C 250 -14.18 9.20 -77.08
N SER C 251 -15.46 9.11 -77.42
CA SER C 251 -16.44 10.14 -77.11
C SER C 251 -17.52 9.58 -76.20
N ARG C 252 -17.94 10.38 -75.22
CA ARG C 252 -18.95 9.92 -74.28
C ARG C 252 -20.30 9.69 -74.97
N LYS C 253 -20.64 10.55 -75.95
CA LYS C 253 -21.92 10.40 -76.62
C LYS C 253 -22.01 9.08 -77.37
N LEU C 254 -20.99 8.76 -78.17
CA LEU C 254 -21.02 7.53 -78.94
C LEU C 254 -20.90 6.30 -78.05
N LEU C 255 -20.22 6.44 -76.90
CA LEU C 255 -20.11 5.34 -75.96
C LEU C 255 -21.45 5.06 -75.29
N LYS C 256 -22.12 6.12 -74.83
CA LYS C 256 -23.45 5.96 -74.24
C LYS C 256 -24.47 5.51 -75.27
N SER C 257 -24.22 5.76 -76.55
CA SER C 257 -25.14 5.30 -77.57
C SER C 257 -25.29 3.78 -77.56
N TRP C 258 -24.24 3.06 -77.20
CA TRP C 258 -24.28 1.61 -77.17
C TRP C 258 -24.82 1.03 -75.87
N HIS C 259 -25.16 1.87 -74.90
CA HIS C 259 -25.84 1.42 -73.69
C HIS C 259 -27.34 1.30 -73.99
N LEU C 260 -27.65 0.41 -74.93
CA LEU C 260 -29.00 0.27 -75.43
C LEU C 260 -29.91 -0.34 -74.36
N PRO C 261 -31.19 0.04 -74.34
CA PRO C 261 -32.13 -0.59 -73.42
C PRO C 261 -32.51 -1.98 -73.91
N SER C 262 -33.24 -2.70 -73.05
CA SER C 262 -33.68 -4.04 -73.41
C SER C 262 -34.62 -4.01 -74.62
N VAL C 263 -35.49 -3.02 -74.68
CA VAL C 263 -36.44 -2.85 -75.78
C VAL C 263 -36.34 -1.42 -76.29
N PHE C 264 -36.16 -1.26 -77.60
CA PHE C 264 -36.15 0.05 -78.23
C PHE C 264 -36.64 -0.09 -79.66
N HIS C 265 -37.05 1.04 -80.24
CA HIS C 265 -37.65 1.09 -81.55
C HIS C 265 -36.75 1.83 -82.53
N LEU C 266 -36.71 1.36 -83.77
CA LEU C 266 -35.99 2.01 -84.86
C LEU C 266 -37.02 2.54 -85.84
N LYS C 267 -37.19 3.87 -85.87
CA LYS C 267 -38.22 4.53 -86.66
C LYS C 267 -37.55 5.37 -87.74
N GLY C 268 -37.57 4.87 -88.97
CA GLY C 268 -37.04 5.60 -90.10
C GLY C 268 -37.85 5.34 -91.36
N LYS C 269 -37.17 5.07 -92.47
CA LYS C 269 -37.86 4.65 -93.68
C LYS C 269 -38.57 3.31 -93.46
N LEU C 270 -37.86 2.34 -92.92
CA LEU C 270 -38.43 1.09 -92.48
C LEU C 270 -38.47 1.04 -90.96
N SER C 271 -39.47 0.36 -90.43
CA SER C 271 -39.63 0.23 -88.98
C SER C 271 -39.33 -1.19 -88.51
N THR C 273 -39.24 -3.35 -84.17
CA THR C 273 -38.72 -3.32 -82.80
C THR C 273 -37.41 -4.10 -82.69
N CYS C 274 -36.60 -3.75 -81.70
CA CYS C 274 -35.29 -4.37 -81.51
C CYS C 274 -35.09 -4.70 -80.03
N ARG C 275 -34.17 -5.63 -79.78
CA ARG C 275 -33.79 -6.01 -78.42
C ARG C 275 -32.28 -5.91 -78.27
N CYS C 276 -31.85 -5.64 -77.04
CA CYS C 276 -30.43 -5.61 -76.69
C CYS C 276 -30.25 -6.35 -75.38
N ASP C 277 -29.54 -7.48 -75.43
CA ASP C 277 -29.28 -8.30 -74.25
C ASP C 277 -27.78 -8.51 -74.08
N THR C 278 -27.34 -8.51 -72.83
CA THR C 278 -25.94 -8.77 -72.50
C THR C 278 -25.78 -10.26 -72.34
N VAL C 279 -25.19 -10.91 -73.34
CA VAL C 279 -25.05 -12.36 -73.32
C VAL C 279 -23.74 -12.81 -72.67
N VAL C 280 -22.71 -11.97 -72.68
CA VAL C 280 -21.46 -12.27 -71.98
C VAL C 280 -21.06 -11.05 -71.16
N SER C 281 -20.68 -11.29 -69.90
CA SER C 281 -20.23 -10.21 -69.03
C SER C 281 -19.11 -10.77 -68.15
N CYS C 282 -17.94 -10.15 -68.19
CA CYS C 282 -16.80 -10.61 -67.39
C CYS C 282 -15.94 -9.40 -67.03
N GLU C 283 -16.09 -8.94 -65.78
CA GLU C 283 -15.12 -8.06 -65.12
C GLU C 283 -14.83 -6.82 -65.95
N GLY C 284 -15.86 -6.29 -66.61
CA GLY C 284 -15.76 -5.07 -67.37
C GLY C 284 -15.82 -5.23 -68.87
N TYR C 285 -15.74 -6.44 -69.39
CA TYR C 285 -15.85 -6.70 -70.83
C TYR C 285 -17.17 -7.39 -71.12
N VAL C 286 -17.93 -6.84 -72.06
CA VAL C 286 -19.28 -7.31 -72.33
C VAL C 286 -19.45 -7.62 -73.81
N VAL C 287 -20.15 -8.72 -74.07
CA VAL C 287 -20.64 -9.06 -75.40
C VAL C 287 -22.16 -8.94 -75.34
N LYS C 288 -22.70 -7.99 -76.10
CA LYS C 288 -24.13 -7.73 -76.16
C LYS C 288 -24.68 -8.24 -77.49
N ARG C 289 -25.77 -9.00 -77.42
CA ARG C 289 -26.43 -9.57 -78.59
C ARG C 289 -27.66 -8.74 -78.90
N ILE C 290 -27.62 -7.98 -80.01
CA ILE C 290 -28.76 -7.23 -80.49
C ILE C 290 -29.43 -8.05 -81.58
N THR C 291 -30.75 -8.15 -81.53
CA THR C 291 -31.52 -8.88 -82.50
C THR C 291 -32.58 -7.96 -83.11
N MET C 292 -32.79 -8.09 -84.42
CA MET C 292 -33.59 -7.17 -85.18
C MET C 292 -34.86 -7.84 -85.70
N SER C 293 -35.92 -7.06 -85.80
CA SER C 293 -37.18 -7.53 -86.36
C SER C 293 -37.86 -6.39 -87.09
N PRO C 294 -38.23 -6.57 -88.36
CA PRO C 294 -38.92 -5.50 -89.09
C PRO C 294 -40.31 -5.26 -88.53
N GLY C 295 -40.70 -3.99 -88.51
CA GLY C 295 -41.99 -3.59 -87.99
C GLY C 295 -41.93 -3.17 -86.53
N LEU C 296 -42.93 -2.39 -86.13
CA LEU C 296 -43.05 -1.90 -84.77
C LEU C 296 -43.99 -2.81 -83.99
N TYR C 297 -43.50 -3.36 -82.89
CA TYR C 297 -44.28 -4.27 -82.06
C TYR C 297 -44.05 -3.95 -80.60
N GLY C 298 -45.12 -3.97 -79.81
CA GLY C 298 -45.02 -3.68 -78.39
C GLY C 298 -44.78 -2.21 -78.14
N LYS C 299 -44.13 -1.93 -77.00
CA LYS C 299 -43.83 -0.56 -76.61
C LYS C 299 -42.58 -0.58 -75.73
N THR C 300 -41.94 0.57 -75.62
CA THR C 300 -40.64 0.70 -74.97
C THR C 300 -40.76 1.50 -73.69
N THR C 301 -40.03 1.08 -72.66
CA THR C 301 -39.92 1.81 -71.42
C THR C 301 -38.73 2.74 -71.37
N GLY C 302 -37.77 2.58 -72.29
CA GLY C 302 -36.55 3.36 -72.26
C GLY C 302 -35.65 3.11 -71.07
N TYR C 303 -35.62 1.87 -70.59
CA TYR C 303 -34.85 1.51 -69.39
C TYR C 303 -33.78 0.49 -69.75
N ALA C 304 -32.56 0.73 -69.29
CA ALA C 304 -31.43 -0.15 -69.49
C ALA C 304 -30.98 -0.72 -68.16
N VAL C 305 -30.66 -2.01 -68.15
CA VAL C 305 -30.33 -2.75 -66.94
C VAL C 305 -28.92 -3.32 -67.07
N THR C 306 -28.10 -3.09 -66.05
CA THR C 306 -26.78 -3.72 -65.94
C THR C 306 -26.74 -4.56 -64.68
N HIS C 307 -26.46 -5.85 -64.84
CA HIS C 307 -26.35 -6.78 -63.73
C HIS C 307 -24.90 -6.85 -63.27
N HIS C 308 -24.67 -6.72 -61.98
CA HIS C 308 -23.32 -6.67 -61.41
C HIS C 308 -23.00 -8.01 -60.76
N ALA C 309 -22.25 -8.86 -61.48
CA ALA C 309 -21.69 -10.05 -60.86
C ALA C 309 -20.64 -9.68 -59.82
N ASP C 310 -19.85 -8.66 -60.10
N ASP C 310 -19.85 -8.66 -60.08
CA ASP C 310 -18.87 -8.11 -59.17
CA ASP C 310 -18.88 -8.12 -59.13
C ASP C 310 -19.30 -6.71 -58.75
C ASP C 310 -19.24 -6.69 -58.79
N GLY C 311 -18.75 -6.24 -57.64
CA GLY C 311 -19.11 -4.92 -57.16
C GLY C 311 -18.65 -3.83 -58.10
N PHE C 312 -19.46 -2.77 -58.18
CA PHE C 312 -19.15 -1.60 -58.99
C PHE C 312 -19.21 -0.36 -58.12
N LEU C 313 -18.20 0.50 -58.24
CA LEU C 313 -18.14 1.70 -57.43
C LEU C 313 -17.93 2.91 -58.31
N MET C 314 -18.65 3.99 -58.01
CA MET C 314 -18.34 5.32 -58.54
C MET C 314 -18.39 6.29 -57.36
N CYS C 315 -17.26 6.91 -57.05
CA CYS C 315 -17.13 7.66 -55.82
C CYS C 315 -16.39 8.97 -56.06
N LYS C 316 -16.68 9.94 -55.20
CA LYS C 316 -15.96 11.21 -55.20
C LYS C 316 -14.58 11.02 -54.58
N THR C 317 -13.57 11.57 -55.25
CA THR C 317 -12.21 11.54 -54.74
C THR C 317 -11.51 12.85 -55.07
N THR C 318 -10.58 13.23 -54.20
CA THR C 318 -9.88 14.51 -54.30
C THR C 318 -8.46 14.25 -54.81
N ASP C 319 -8.13 14.84 -55.95
CA ASP C 319 -6.79 14.75 -56.50
C ASP C 319 -6.27 16.14 -56.86
N THR C 320 -5.12 16.21 -57.51
CA THR C 320 -4.56 17.46 -57.99
C THR C 320 -4.38 17.37 -59.50
N VAL C 321 -5.09 18.21 -60.23
CA VAL C 321 -4.94 18.34 -61.68
C VAL C 321 -4.02 19.53 -61.94
N ASP C 322 -2.86 19.26 -62.54
CA ASP C 322 -1.83 20.27 -62.77
C ASP C 322 -1.48 21.00 -61.47
N GLY C 323 -1.52 20.28 -60.36
CA GLY C 323 -1.20 20.85 -59.06
C GLY C 323 -2.35 21.53 -58.35
N GLU C 324 -3.53 21.61 -58.96
CA GLU C 324 -4.68 22.27 -58.36
C GLU C 324 -5.58 21.20 -57.74
N ARG C 325 -5.88 21.35 -56.46
CA ARG C 325 -6.66 20.34 -55.74
C ARG C 325 -8.13 20.47 -56.10
N VAL C 326 -8.68 19.43 -56.73
CA VAL C 326 -10.08 19.37 -57.11
C VAL C 326 -10.63 18.01 -56.71
N SER C 327 -11.95 17.86 -56.83
CA SER C 327 -12.64 16.62 -56.49
C SER C 327 -13.50 16.20 -57.67
N PHE C 328 -13.42 14.93 -58.05
CA PHE C 328 -14.20 14.41 -59.16
C PHE C 328 -14.49 12.93 -58.95
N SER C 329 -15.33 12.39 -59.83
CA SER C 329 -15.82 11.02 -59.70
C SER C 329 -14.88 10.04 -60.37
N VAL C 330 -14.65 8.91 -59.72
CA VAL C 330 -13.84 7.82 -60.24
C VAL C 330 -14.62 6.52 -60.07
N CYS C 331 -14.67 5.71 -61.12
CA CYS C 331 -15.39 4.45 -61.11
C CYS C 331 -14.43 3.28 -61.28
N THR C 332 -14.87 2.11 -60.84
CA THR C 332 -14.08 0.89 -60.92
C THR C 332 -14.93 -0.31 -60.57
N TYR C 333 -14.33 -1.50 -60.74
CA TYR C 333 -14.94 -2.76 -60.38
C TYR C 333 -14.11 -3.42 -59.28
N VAL C 334 -14.80 -4.12 -58.38
CA VAL C 334 -14.17 -4.80 -57.25
C VAL C 334 -14.66 -6.25 -57.25
N PRO C 335 -13.78 -7.23 -57.05
CA PRO C 335 -14.20 -8.63 -57.11
C PRO C 335 -15.27 -8.94 -56.07
N ALA C 336 -16.14 -9.90 -56.42
CA ALA C 336 -17.28 -10.23 -55.56
C ALA C 336 -16.83 -10.77 -54.21
N THR C 337 -15.75 -11.54 -54.18
CA THR C 337 -15.26 -12.07 -52.91
C THR C 337 -14.85 -10.95 -51.97
N ILE C 338 -14.18 -9.92 -52.51
CA ILE C 338 -13.80 -8.77 -51.69
C ILE C 338 -15.03 -8.06 -51.15
N CYS C 339 -16.04 -7.88 -52.00
CA CYS C 339 -17.26 -7.20 -51.56
C CYS C 339 -17.97 -7.99 -50.47
N ASP C 340 -18.06 -9.32 -50.62
CA ASP C 340 -18.69 -10.15 -49.61
C ASP C 340 -17.90 -10.15 -48.30
N GLN C 341 -16.57 -10.14 -48.37
CA GLN C 341 -15.76 -10.02 -47.16
C GLN C 341 -15.88 -8.63 -46.55
N MET C 342 -16.28 -7.64 -47.33
CA MET C 342 -16.41 -6.27 -46.85
C MET C 342 -17.70 -6.02 -46.09
N THR C 343 -18.69 -6.91 -46.23
CA THR C 343 -20.03 -6.64 -45.72
C THR C 343 -20.05 -6.53 -44.20
N GLY C 344 -19.31 -7.40 -43.52
CA GLY C 344 -19.40 -7.45 -42.07
C GLY C 344 -18.96 -6.16 -41.39
N ILE C 345 -17.86 -5.57 -41.86
CA ILE C 345 -17.31 -4.39 -41.18
C ILE C 345 -17.91 -3.09 -41.71
N LEU C 346 -18.60 -3.12 -42.83
CA LEU C 346 -19.21 -1.89 -43.34
C LEU C 346 -20.52 -1.55 -42.64
N ALA C 347 -20.95 -2.35 -41.67
CA ALA C 347 -22.12 -2.01 -40.89
C ALA C 347 -21.90 -0.76 -40.04
N THR C 348 -20.66 -0.42 -39.75
CA THR C 348 -20.29 0.72 -38.92
C THR C 348 -19.54 1.74 -39.76
N GLU C 349 -19.20 2.87 -39.13
CA GLU C 349 -18.36 3.88 -39.75
C GLU C 349 -16.90 3.47 -39.59
N VAL C 350 -16.17 3.42 -40.70
CA VAL C 350 -14.78 2.98 -40.71
C VAL C 350 -13.95 4.01 -41.46
N THR C 351 -12.87 4.45 -40.82
CA THR C 351 -11.98 5.42 -41.43
C THR C 351 -11.35 4.85 -42.70
N PRO C 352 -11.04 5.70 -43.68
CA PRO C 352 -10.43 5.18 -44.92
C PRO C 352 -9.12 4.46 -44.69
N GLU C 353 -8.34 4.85 -43.69
CA GLU C 353 -7.07 4.19 -43.40
C GLU C 353 -7.30 2.75 -42.93
N ASP C 354 -8.21 2.56 -41.98
CA ASP C 354 -8.53 1.22 -41.51
C ASP C 354 -9.16 0.38 -42.61
N ALA C 355 -10.04 0.98 -43.40
CA ALA C 355 -10.66 0.26 -44.51
C ALA C 355 -9.60 -0.19 -45.52
N GLN C 356 -8.65 0.68 -45.83
CA GLN C 356 -7.59 0.32 -46.77
C GLN C 356 -6.71 -0.79 -46.20
N LYS C 357 -6.39 -0.72 -44.91
CA LYS C 357 -5.57 -1.78 -44.30
C LYS C 357 -6.28 -3.12 -44.33
N LEU C 358 -7.57 -3.14 -44.01
CA LEU C 358 -8.31 -4.41 -44.04
C LEU C 358 -8.50 -4.90 -45.48
N LEU C 359 -8.67 -3.98 -46.43
CA LEU C 359 -8.76 -4.36 -47.83
C LEU C 359 -7.46 -5.01 -48.30
N VAL C 360 -6.32 -4.44 -47.89
CA VAL C 360 -5.04 -5.02 -48.26
C VAL C 360 -4.86 -6.38 -47.61
N GLY C 361 -5.26 -6.51 -46.34
CA GLY C 361 -5.21 -7.80 -45.68
C GLY C 361 -6.05 -8.85 -46.39
N LEU C 362 -7.22 -8.46 -46.89
CA LEU C 362 -8.03 -9.38 -47.68
C LEU C 362 -7.41 -9.65 -49.04
N ASN C 363 -6.63 -8.72 -49.57
CA ASN C 363 -6.03 -8.90 -50.89
C ASN C 363 -4.78 -9.77 -50.83
N GLN C 364 -3.83 -9.42 -49.97
N GLN C 364 -3.85 -9.43 -49.94
CA GLN C 364 -2.60 -10.20 -49.83
CA GLN C 364 -2.62 -10.20 -49.78
C GLN C 364 -2.87 -11.51 -49.09
C GLN C 364 -2.92 -11.61 -49.27
N ASN C 377 -2.75 -11.60 -55.66
CA ASN C 377 -3.62 -10.43 -55.49
C ASN C 377 -4.96 -10.63 -56.19
N THR C 378 -6.04 -10.59 -55.42
CA THR C 378 -7.37 -10.73 -56.01
C THR C 378 -7.75 -9.48 -56.82
N MET C 379 -7.42 -8.30 -56.30
CA MET C 379 -7.68 -7.04 -56.98
C MET C 379 -6.37 -6.27 -57.11
N LYS C 380 -6.31 -5.40 -58.12
CA LYS C 380 -5.11 -4.61 -58.35
C LYS C 380 -4.92 -3.59 -57.22
N ASN C 381 -3.69 -3.51 -56.72
CA ASN C 381 -3.43 -2.68 -55.54
C ASN C 381 -3.55 -1.19 -55.86
N TYR C 382 -3.29 -0.80 -57.10
CA TYR C 382 -3.23 0.62 -57.44
C TYR C 382 -4.56 1.32 -57.26
N MET C 383 -5.66 0.59 -57.23
CA MET C 383 -6.97 1.19 -56.99
C MET C 383 -7.53 0.85 -55.61
N ILE C 384 -6.74 0.19 -54.76
CA ILE C 384 -7.21 -0.14 -53.40
C ILE C 384 -7.53 1.10 -52.58
N PRO C 385 -6.69 2.14 -52.53
CA PRO C 385 -7.01 3.28 -51.65
C PRO C 385 -8.34 3.95 -51.94
N VAL C 386 -8.57 4.33 -53.20
CA VAL C 386 -9.80 5.05 -53.55
C VAL C 386 -11.02 4.22 -53.19
N VAL C 387 -10.99 2.92 -53.53
CA VAL C 387 -12.09 2.03 -53.17
C VAL C 387 -12.33 2.07 -51.66
N ALA C 388 -11.24 2.00 -50.89
CA ALA C 388 -11.37 2.14 -49.44
C ALA C 388 -12.11 3.42 -49.09
N GLN C 389 -11.67 4.55 -49.65
CA GLN C 389 -12.38 5.81 -49.46
C GLN C 389 -13.85 5.66 -49.82
N ALA C 390 -14.13 5.08 -50.98
CA ALA C 390 -15.52 4.85 -51.38
C ALA C 390 -16.26 4.10 -50.28
N PHE C 391 -15.69 2.98 -49.83
CA PHE C 391 -16.35 2.21 -48.79
C PHE C 391 -16.50 3.05 -47.53
N SER C 392 -15.45 3.79 -47.16
CA SER C 392 -15.52 4.62 -45.97
C SER C 392 -16.64 5.63 -46.10
N LYS C 393 -16.86 6.16 -47.31
CA LYS C 393 -17.99 7.05 -47.50
C LYS C 393 -19.31 6.29 -47.45
N TRP C 394 -19.37 5.15 -48.14
CA TRP C 394 -20.64 4.44 -48.28
C TRP C 394 -21.16 4.01 -46.91
N ALA C 395 -20.34 3.28 -46.15
CA ALA C 395 -20.73 2.86 -44.82
C ALA C 395 -21.07 4.06 -43.95
N LYS C 396 -20.45 5.21 -44.20
CA LYS C 396 -20.82 6.42 -43.47
C LYS C 396 -22.20 6.89 -43.88
N GLU C 397 -22.45 7.02 -45.18
CA GLU C 397 -23.73 7.55 -45.64
C GLU C 397 -24.88 6.67 -45.22
N CYS C 398 -24.72 5.35 -45.36
CA CYS C 398 -25.74 4.42 -44.88
C CYS C 398 -26.07 4.68 -43.42
N ARG C 399 -25.04 4.89 -42.60
CA ARG C 399 -25.28 5.15 -41.18
CA ARG C 399 -25.28 5.15 -41.18
C ARG C 399 -26.14 6.40 -41.00
N LYS C 400 -25.91 7.44 -41.80
N LYS C 400 -25.90 7.43 -41.80
CA LYS C 400 -26.73 8.63 -41.70
CA LYS C 400 -26.72 8.64 -41.72
C LYS C 400 -28.19 8.32 -42.02
C LYS C 400 -28.17 8.32 -42.02
N ASP C 401 -28.42 7.48 -43.04
CA ASP C 401 -29.79 7.05 -43.33
C ASP C 401 -30.40 6.33 -42.15
N MET C 402 -29.58 5.65 -41.34
CA MET C 402 -30.09 5.02 -40.13
C MET C 402 -30.44 6.05 -39.08
N GLU C 403 -29.67 7.14 -38.99
CA GLU C 403 -29.92 8.15 -37.96
C GLU C 403 -31.14 8.99 -38.30
N ASP C 404 -31.25 9.44 -39.55
CA ASP C 404 -32.34 10.30 -39.99
C ASP C 404 -33.49 9.44 -40.55
N GLU C 405 -34.10 8.68 -39.66
CA GLU C 405 -35.19 7.79 -40.05
C GLU C 405 -36.45 8.60 -40.27
N LYS C 406 -36.98 8.57 -41.49
CA LYS C 406 -38.18 9.31 -41.84
C LYS C 406 -39.41 8.49 -41.49
N LEU C 407 -40.58 9.02 -41.80
CA LEU C 407 -41.82 8.29 -41.64
C LEU C 407 -42.12 7.47 -42.90
N LEU C 408 -42.97 6.47 -42.75
CA LEU C 408 -43.29 5.59 -43.86
C LEU C 408 -44.21 6.31 -44.83
N GLY C 409 -43.73 6.52 -46.05
CA GLY C 409 -44.54 7.13 -47.09
C GLY C 409 -44.94 8.57 -46.81
N VAL C 410 -44.01 9.40 -46.35
CA VAL C 410 -44.25 10.81 -46.11
C VAL C 410 -43.10 11.60 -46.71
N ARG C 411 -43.44 12.61 -47.52
CA ARG C 411 -42.45 13.47 -48.15
C ARG C 411 -42.61 14.88 -47.60
N GLU C 412 -41.60 15.35 -46.87
CA GLU C 412 -41.60 16.68 -46.27
C GLU C 412 -41.00 17.64 -47.29
N ARG C 413 -41.82 18.58 -47.77
CA ARG C 413 -41.41 19.56 -48.77
C ARG C 413 -42.01 20.91 -48.44
N THR C 414 -41.16 21.93 -48.42
CA THR C 414 -41.57 23.28 -48.05
C THR C 414 -42.12 24.03 -49.25
N LEU C 415 -43.25 24.71 -49.06
CA LEU C 415 -43.80 25.57 -50.10
C LEU C 415 -42.98 26.85 -50.18
N THR C 416 -42.31 27.07 -51.30
CA THR C 416 -41.37 28.18 -51.43
C THR C 416 -42.07 29.48 -51.79
N CYS C 417 -43.14 29.83 -51.06
CA CYS C 417 -43.86 31.09 -51.23
C CYS C 417 -44.40 31.24 -52.65
N CYS C 418 -44.63 30.11 -53.32
N CYS C 418 -44.65 30.12 -53.32
CA CYS C 418 -45.04 30.08 -54.72
CA CYS C 418 -45.08 30.11 -54.71
C CYS C 418 -45.80 28.78 -54.96
C CYS C 418 -45.81 28.78 -54.96
N CYS C 419 -45.99 28.42 -56.23
CA CYS C 419 -46.64 27.18 -56.60
C CYS C 419 -45.65 26.05 -56.84
N LEU C 420 -44.50 26.08 -56.16
CA LEU C 420 -43.46 25.07 -56.29
C LEU C 420 -43.14 24.48 -54.93
N TRP C 421 -42.60 23.26 -54.93
CA TRP C 421 -42.21 22.56 -53.72
C TRP C 421 -40.74 22.17 -53.81
N ALA C 422 -40.05 22.22 -52.67
CA ALA C 422 -38.62 21.97 -52.62
C ALA C 422 -38.28 21.05 -51.46
N PHE C 423 -37.26 20.24 -51.65
CA PHE C 423 -36.78 19.31 -50.64
C PHE C 423 -35.27 19.45 -50.49
N LYS C 424 -34.74 18.90 -49.40
CA LYS C 424 -33.31 18.90 -49.17
C LYS C 424 -32.68 17.64 -49.73
N LYS C 425 -31.58 17.81 -50.46
CA LYS C 425 -30.83 16.69 -51.02
C LYS C 425 -29.68 16.32 -50.10
N GLN C 426 -29.54 15.04 -49.83
CA GLN C 426 -28.48 14.56 -48.95
C GLN C 426 -27.17 14.44 -49.70
N LYS C 427 -26.08 14.35 -48.92
CA LYS C 427 -24.74 14.22 -49.50
C LYS C 427 -24.52 12.77 -49.93
N THR C 428 -24.37 12.56 -51.23
CA THR C 428 -24.13 11.24 -51.81
C THR C 428 -22.77 11.28 -52.49
N HIS C 429 -21.76 10.72 -51.84
CA HIS C 429 -20.40 10.72 -52.36
C HIS C 429 -20.01 9.40 -53.02
N THR C 430 -20.78 8.34 -52.82
CA THR C 430 -20.44 7.04 -53.38
C THR C 430 -21.70 6.31 -53.84
N VAL C 431 -21.63 5.74 -55.04
CA VAL C 431 -22.60 4.78 -55.52
C VAL C 431 -21.91 3.42 -55.56
N TYR C 432 -22.40 2.49 -54.76
CA TYR C 432 -21.80 1.17 -54.57
C TYR C 432 -22.84 0.12 -54.94
N LYS C 433 -22.76 -0.38 -56.17
CA LYS C 433 -23.61 -1.48 -56.63
C LYS C 433 -22.95 -2.78 -56.20
N ARG C 434 -23.50 -3.40 -55.15
CA ARG C 434 -22.98 -4.64 -54.64
C ARG C 434 -23.22 -5.77 -55.64
N PRO C 435 -22.47 -6.86 -55.55
CA PRO C 435 -22.74 -8.00 -56.43
C PRO C 435 -24.15 -8.54 -56.23
N ASP C 436 -24.72 -9.08 -57.33
CA ASP C 436 -26.10 -9.53 -57.39
C ASP C 436 -27.10 -8.38 -57.30
N THR C 437 -26.70 -7.20 -57.75
CA THR C 437 -27.59 -6.05 -57.89
C THR C 437 -27.65 -5.62 -59.35
N GLN C 438 -28.50 -4.64 -59.62
CA GLN C 438 -28.69 -4.15 -60.97
C GLN C 438 -28.77 -2.62 -60.96
N SER C 439 -28.09 -2.01 -61.92
CA SER C 439 -28.23 -0.59 -62.18
C SER C 439 -29.26 -0.38 -63.28
N ILE C 440 -30.26 0.46 -63.00
CA ILE C 440 -31.35 0.73 -63.92
C ILE C 440 -31.29 2.21 -64.31
N GLN C 441 -31.12 2.47 -65.60
CA GLN C 441 -30.93 3.83 -66.09
C GLN C 441 -31.93 4.14 -67.20
N LYS C 442 -32.57 5.30 -67.12
CA LYS C 442 -33.54 5.70 -68.12
C LYS C 442 -32.83 6.30 -69.33
N VAL C 443 -32.86 5.59 -70.45
CA VAL C 443 -32.19 6.00 -71.67
C VAL C 443 -33.23 6.28 -72.75
N GLN C 444 -32.79 6.96 -73.80
CA GLN C 444 -33.68 7.31 -74.89
C GLN C 444 -34.00 6.08 -75.73
N ALA C 445 -35.26 5.94 -76.11
CA ALA C 445 -35.71 4.89 -77.01
C ALA C 445 -36.42 5.51 -78.21
N GLU C 446 -36.83 4.64 -79.14
CA GLU C 446 -37.55 5.03 -80.35
C GLU C 446 -36.76 6.06 -81.15
N PHE C 447 -35.58 5.64 -81.57
CA PHE C 447 -34.71 6.48 -82.39
C PHE C 447 -35.29 6.64 -83.80
N PRO D 3 15.97 -22.01 -78.98
CA PRO D 3 16.80 -22.05 -77.77
C PRO D 3 17.83 -20.92 -77.74
N VAL D 4 17.43 -19.76 -77.24
CA VAL D 4 18.31 -18.61 -77.17
C VAL D 4 19.18 -18.70 -75.93
N TYR D 5 20.47 -18.41 -76.09
CA TYR D 5 21.44 -18.42 -75.00
C TYR D 5 21.82 -16.99 -74.64
N VAL D 6 21.91 -16.72 -73.35
CA VAL D 6 22.18 -15.38 -72.84
C VAL D 6 23.49 -15.42 -72.05
N ASP D 7 24.36 -14.44 -72.29
CA ASP D 7 25.63 -14.32 -71.59
C ASP D 7 25.42 -13.70 -70.20
N ILE D 8 24.64 -14.41 -69.39
CA ILE D 8 24.34 -13.99 -68.02
C ILE D 8 24.59 -15.18 -67.10
N ASP D 9 24.52 -14.89 -65.79
CA ASP D 9 24.79 -15.93 -64.79
C ASP D 9 23.71 -17.00 -64.84
N ALA D 10 24.11 -18.23 -64.46
CA ALA D 10 23.17 -19.35 -64.44
C ALA D 10 22.17 -19.25 -63.30
N ASP D 11 22.43 -18.42 -62.29
CA ASP D 11 21.55 -18.31 -61.13
C ASP D 11 21.26 -16.85 -60.81
N SER D 12 21.06 -16.02 -61.84
CA SER D 12 20.78 -14.61 -61.63
C SER D 12 19.28 -14.37 -61.54
N ALA D 13 18.90 -13.39 -60.70
CA ALA D 13 17.49 -13.09 -60.51
C ALA D 13 16.83 -12.49 -61.74
N PHE D 14 17.59 -11.77 -62.57
CA PHE D 14 17.05 -11.19 -63.79
C PHE D 14 16.55 -12.23 -64.77
N LEU D 15 17.14 -13.44 -64.76
CA LEU D 15 16.79 -14.50 -65.70
C LEU D 15 15.28 -14.64 -65.83
N LYS D 16 14.58 -14.86 -64.72
CA LYS D 16 13.12 -15.04 -64.76
C LYS D 16 12.44 -13.89 -65.47
N ALA D 17 12.79 -12.64 -65.09
CA ALA D 17 12.20 -11.48 -65.75
C ALA D 17 12.42 -11.53 -67.24
N LEU D 18 13.63 -11.91 -67.65
CA LEU D 18 13.91 -12.04 -69.07
C LEU D 18 13.02 -13.09 -69.72
N GLN D 19 12.83 -14.23 -69.04
N GLN D 19 12.82 -14.23 -69.04
CA GLN D 19 11.94 -15.26 -69.57
CA GLN D 19 11.94 -15.26 -69.59
C GLN D 19 10.50 -14.76 -69.61
C GLN D 19 10.49 -14.78 -69.60
N ARG D 20 10.14 -13.82 -68.74
CA ARG D 20 8.80 -13.26 -68.78
C ARG D 20 8.68 -12.21 -69.88
N ALA D 21 9.80 -11.74 -70.42
CA ALA D 21 9.76 -10.73 -71.46
C ALA D 21 9.75 -11.33 -72.86
N TYR D 22 10.23 -12.56 -73.02
CA TYR D 22 10.25 -13.24 -74.31
C TYR D 22 9.68 -14.64 -74.16
N PRO D 23 8.35 -14.75 -74.09
CA PRO D 23 7.75 -16.09 -73.94
C PRO D 23 7.89 -16.97 -75.17
N MET D 24 8.21 -16.40 -76.33
CA MET D 24 8.39 -17.19 -77.55
C MET D 24 9.65 -18.04 -77.53
N PHE D 25 10.61 -17.70 -76.69
CA PHE D 25 11.94 -18.30 -76.73
C PHE D 25 12.23 -19.07 -75.46
N GLU D 26 13.16 -20.01 -75.55
CA GLU D 26 13.65 -20.75 -74.40
C GLU D 26 14.98 -20.14 -74.00
N VAL D 27 14.94 -19.22 -73.04
CA VAL D 27 16.12 -18.48 -72.62
C VAL D 27 16.93 -19.35 -71.68
N GLU D 28 18.20 -19.58 -72.03
CA GLU D 28 19.09 -20.41 -71.23
C GLU D 28 20.38 -19.64 -70.95
N PRO D 29 20.84 -19.60 -69.71
CA PRO D 29 22.04 -18.83 -69.39
C PRO D 29 23.32 -19.56 -69.79
N ARG D 30 24.30 -18.78 -70.26
CA ARG D 30 25.63 -19.31 -70.58
C ARG D 30 26.63 -18.17 -70.38
N GLN D 31 27.24 -18.14 -69.21
CA GLN D 31 28.15 -17.06 -68.84
C GLN D 31 29.56 -17.36 -69.33
N VAL D 32 30.11 -16.47 -70.14
CA VAL D 32 31.47 -16.64 -70.66
C VAL D 32 32.24 -15.34 -70.46
N THR D 33 31.61 -14.37 -69.80
CA THR D 33 32.21 -13.05 -69.58
C THR D 33 31.64 -12.41 -68.32
N PRO D 34 32.48 -11.84 -67.46
CA PRO D 34 31.97 -11.12 -66.28
C PRO D 34 31.56 -9.69 -66.61
N ASN D 35 30.64 -9.55 -67.56
CA ASN D 35 30.24 -8.26 -68.05
C ASN D 35 29.48 -7.49 -66.99
N ASP D 36 29.83 -6.21 -66.81
CA ASP D 36 29.17 -5.35 -65.84
C ASP D 36 27.76 -4.97 -66.23
N HIS D 37 27.38 -5.17 -67.49
CA HIS D 37 26.05 -4.84 -67.99
C HIS D 37 25.51 -5.98 -68.84
N ALA D 38 25.63 -7.21 -68.33
CA ALA D 38 25.24 -8.39 -69.10
C ALA D 38 23.74 -8.42 -69.38
N ASN D 39 22.94 -7.87 -68.48
CA ASN D 39 21.49 -7.85 -68.69
C ASN D 39 21.12 -7.04 -69.92
N ALA D 40 21.81 -5.92 -70.14
CA ALA D 40 21.54 -5.10 -71.31
C ALA D 40 21.81 -5.87 -72.60
N ARG D 41 22.95 -6.56 -72.64
CA ARG D 41 23.30 -7.31 -73.85
C ARG D 41 22.36 -8.49 -74.06
N ALA D 42 21.95 -9.15 -72.98
CA ALA D 42 20.99 -10.24 -73.10
C ALA D 42 19.66 -9.74 -73.66
N PHE D 43 19.17 -8.62 -73.14
CA PHE D 43 17.92 -8.06 -73.63
C PHE D 43 18.04 -7.66 -75.09
N SER D 44 19.16 -7.03 -75.46
CA SER D 44 19.37 -6.64 -76.86
C SER D 44 19.41 -7.87 -77.78
N HIS D 45 20.08 -8.94 -77.32
CA HIS D 45 20.17 -10.15 -78.12
C HIS D 45 18.79 -10.75 -78.36
N LEU D 46 18.00 -10.90 -77.29
CA LEU D 46 16.66 -11.46 -77.47
C LEU D 46 15.75 -10.51 -78.26
N ALA D 47 15.97 -9.20 -78.15
CA ALA D 47 15.21 -8.26 -78.95
C ALA D 47 15.50 -8.44 -80.44
N ILE D 48 16.77 -8.61 -80.79
CA ILE D 48 17.14 -8.85 -82.18
C ILE D 48 16.55 -10.16 -82.67
N LYS D 49 16.60 -11.21 -81.83
CA LYS D 49 16.03 -12.48 -82.23
C LYS D 49 14.52 -12.39 -82.42
N LEU D 50 13.82 -11.67 -81.53
CA LEU D 50 12.39 -11.47 -81.68
C LEU D 50 12.07 -10.71 -82.96
N ILE D 51 12.87 -9.67 -83.25
CA ILE D 51 12.66 -8.91 -84.48
C ILE D 51 12.83 -9.81 -85.69
N GLU D 52 13.89 -10.62 -85.70
CA GLU D 52 14.15 -11.51 -86.83
C GLU D 52 13.03 -12.53 -87.00
N GLN D 53 12.51 -13.06 -85.89
CA GLN D 53 11.42 -14.03 -85.98
C GLN D 53 10.14 -13.38 -86.49
N GLU D 54 9.86 -12.15 -86.06
CA GLU D 54 8.55 -11.56 -86.30
C GLU D 54 8.42 -10.88 -87.66
N ILE D 55 9.46 -10.86 -88.49
CA ILE D 55 9.39 -10.16 -89.77
C ILE D 55 9.65 -11.10 -90.93
N ASP D 56 9.54 -10.57 -92.15
CA ASP D 56 9.68 -11.37 -93.36
C ASP D 56 11.10 -11.88 -93.50
N PRO D 57 11.31 -13.21 -93.63
CA PRO D 57 12.68 -13.71 -93.83
C PRO D 57 13.35 -13.21 -95.10
N ASP D 58 12.58 -12.92 -96.15
CA ASP D 58 13.14 -12.41 -97.41
C ASP D 58 12.96 -10.91 -97.45
N SER D 59 13.86 -10.20 -96.78
CA SER D 59 13.84 -8.74 -96.75
C SER D 59 15.19 -8.23 -96.30
N THR D 60 15.74 -7.25 -97.03
CA THR D 60 16.98 -6.62 -96.63
C THR D 60 16.73 -5.82 -95.36
N ILE D 61 17.58 -6.01 -94.36
CA ILE D 61 17.35 -5.47 -93.01
C ILE D 61 18.46 -4.46 -92.75
N LEU D 62 18.15 -3.17 -92.90
CA LEU D 62 19.11 -2.13 -92.57
C LEU D 62 18.99 -1.79 -91.09
N ASP D 63 20.13 -1.75 -90.41
CA ASP D 63 20.20 -1.40 -88.99
C ASP D 63 21.01 -0.13 -88.83
N ILE D 64 20.42 0.87 -88.21
CA ILE D 64 21.03 2.21 -88.13
C ILE D 64 22.04 2.23 -87.00
N GLY D 65 23.24 2.75 -87.30
CA GLY D 65 24.28 2.89 -86.29
C GLY D 65 24.65 1.59 -85.62
N SER D 66 24.74 0.51 -86.38
CA SER D 66 24.93 -0.82 -85.82
C SER D 66 26.39 -1.23 -85.82
N ALA D 67 26.74 -2.09 -84.88
CA ALA D 67 28.05 -2.73 -84.89
C ALA D 67 28.00 -3.94 -85.81
N PRO D 68 28.80 -3.98 -86.88
CA PRO D 68 28.69 -5.10 -87.83
C PRO D 68 29.10 -6.45 -87.25
N ALA D 69 29.86 -6.47 -86.15
CA ALA D 69 30.30 -7.74 -85.59
C ALA D 69 29.15 -8.55 -85.01
N ARG D 70 28.12 -7.88 -84.48
CA ARG D 70 27.01 -8.59 -83.85
C ARG D 70 26.09 -9.24 -84.88
N ARG D 71 26.05 -8.72 -86.10
CA ARG D 71 25.16 -9.25 -87.13
C ARG D 71 25.69 -10.51 -87.79
N MET D 72 26.82 -11.04 -87.33
CA MET D 72 27.35 -12.28 -87.88
C MET D 72 26.46 -13.46 -87.51
N MET D 73 26.62 -14.55 -88.27
CA MET D 73 25.86 -15.78 -88.09
C MET D 73 24.35 -15.54 -88.23
N SER D 74 23.98 -14.57 -89.05
CA SER D 74 22.58 -14.26 -89.34
C SER D 74 22.37 -14.35 -90.84
N ASP D 75 21.62 -15.37 -91.28
CA ASP D 75 21.41 -15.58 -92.71
C ASP D 75 20.63 -14.44 -93.35
N ARG D 76 19.92 -13.64 -92.57
CA ARG D 76 19.18 -12.51 -93.12
C ARG D 76 20.13 -11.45 -93.65
N LYS D 77 19.76 -10.84 -94.77
CA LYS D 77 20.55 -9.75 -95.33
C LYS D 77 20.52 -8.55 -94.41
N TYR D 78 21.69 -8.00 -94.12
CA TYR D 78 21.84 -6.86 -93.22
C TYR D 78 22.59 -5.74 -93.92
N HIS D 79 22.00 -4.54 -93.89
CA HIS D 79 22.68 -3.31 -94.31
C HIS D 79 23.21 -2.63 -93.06
N CYS D 80 24.40 -3.04 -92.64
CA CYS D 80 25.03 -2.50 -91.44
C CYS D 80 25.49 -1.09 -91.75
N VAL D 81 24.69 -0.10 -91.36
CA VAL D 81 25.02 1.30 -91.61
C VAL D 81 25.97 1.77 -90.52
N CYS D 82 27.17 2.20 -90.92
N CYS D 82 27.17 2.20 -90.92
CA CYS D 82 28.21 2.63 -90.00
CA CYS D 82 28.21 2.63 -89.98
C CYS D 82 28.70 4.01 -90.44
C CYS D 82 28.71 4.01 -90.41
N PRO D 83 28.05 5.09 -89.96
CA PRO D 83 28.43 6.44 -90.41
C PRO D 83 29.81 6.89 -89.97
N MET D 84 30.53 6.12 -89.14
CA MET D 84 31.87 6.47 -88.68
C MET D 84 31.88 7.80 -87.93
N ARG D 85 30.87 8.06 -87.11
CA ARG D 85 30.77 9.32 -86.40
C ARG D 85 31.33 9.23 -84.98
N SER D 86 30.92 8.21 -84.23
CA SER D 86 31.43 8.04 -82.87
C SER D 86 32.87 7.54 -82.91
N ALA D 87 33.55 7.69 -81.77
CA ALA D 87 34.94 7.30 -81.65
C ALA D 87 35.15 5.80 -81.44
N GLU D 88 34.09 5.05 -81.12
CA GLU D 88 34.23 3.61 -80.93
C GLU D 88 34.13 2.84 -82.24
N ASP D 89 33.64 3.48 -83.31
CA ASP D 89 33.38 2.77 -84.55
C ASP D 89 34.61 2.19 -85.24
N PRO D 90 35.75 2.89 -85.34
CA PRO D 90 36.90 2.26 -86.02
C PRO D 90 37.34 0.96 -85.38
N GLU D 91 37.24 0.86 -84.06
CA GLU D 91 37.57 -0.40 -83.38
C GLU D 91 36.55 -1.48 -83.70
N ARG D 92 35.27 -1.11 -83.80
CA ARG D 92 34.25 -2.08 -84.20
C ARG D 92 34.51 -2.59 -85.61
N LEU D 93 34.89 -1.69 -86.53
CA LEU D 93 35.22 -2.13 -87.88
C LEU D 93 36.47 -3.01 -87.88
N ALA D 94 37.45 -2.69 -87.04
CA ALA D 94 38.65 -3.52 -86.96
C ALA D 94 38.29 -4.94 -86.51
N ASN D 95 37.47 -5.05 -85.47
CA ASN D 95 37.05 -6.37 -85.00
C ASN D 95 36.21 -7.10 -86.06
N TYR D 96 35.34 -6.37 -86.75
CA TYR D 96 34.51 -6.97 -87.79
C TYR D 96 35.36 -7.49 -88.94
N ALA D 97 36.39 -6.72 -89.34
CA ALA D 97 37.28 -7.17 -90.39
C ALA D 97 38.11 -8.36 -89.94
N ARG D 98 38.52 -8.38 -88.67
CA ARG D 98 39.22 -9.55 -88.13
C ARG D 98 38.36 -10.79 -88.22
N LYS D 99 37.08 -10.68 -87.84
CA LYS D 99 36.18 -11.82 -87.91
C LYS D 99 35.93 -12.24 -89.36
N LEU D 100 35.76 -11.27 -90.26
CA LEU D 100 35.51 -11.61 -91.66
C LEU D 100 36.74 -12.25 -92.31
N ALA D 101 37.94 -11.91 -91.83
CA ALA D 101 39.15 -12.52 -92.34
C ALA D 101 39.54 -13.80 -91.61
N SER D 102 38.85 -14.13 -90.52
CA SER D 102 39.16 -15.33 -89.75
C SER D 102 38.28 -16.52 -90.13
N ALA D 103 37.32 -16.35 -91.03
CA ALA D 103 36.42 -17.43 -91.42
C ALA D 103 36.25 -17.47 -92.93
N ALA D 104 37.34 -17.28 -93.67
CA ALA D 104 37.26 -17.33 -95.13
C ALA D 104 36.92 -18.73 -95.61
N GLY D 105 37.63 -19.74 -95.13
CA GLY D 105 37.36 -21.11 -95.49
C GLY D 105 36.63 -21.89 -94.42
N LYS D 106 36.03 -21.17 -93.47
CA LYS D 106 35.37 -21.80 -92.32
C LYS D 106 33.86 -21.87 -92.48
N VAL D 107 33.21 -20.74 -92.77
CA VAL D 107 31.77 -20.67 -92.92
C VAL D 107 31.46 -20.12 -94.31
N LEU D 108 30.40 -20.66 -94.93
CA LEU D 108 30.01 -20.24 -96.27
C LEU D 108 28.52 -19.94 -96.42
N ASP D 109 27.70 -20.15 -95.38
CA ASP D 109 26.27 -19.91 -95.48
C ASP D 109 25.87 -18.51 -95.01
N ARG D 110 26.83 -17.69 -94.59
CA ARG D 110 26.54 -16.36 -94.05
C ARG D 110 26.98 -15.25 -95.00
N ASN D 111 27.14 -15.56 -96.29
CA ASN D 111 27.53 -14.59 -97.33
C ASN D 111 28.78 -13.80 -96.96
N ILE D 112 29.64 -14.39 -96.12
CA ILE D 112 30.89 -13.72 -95.73
C ILE D 112 31.80 -13.53 -96.93
N SER D 113 31.78 -14.47 -97.89
CA SER D 113 32.58 -14.32 -99.10
C SER D 113 32.21 -13.03 -99.84
N GLY D 114 30.92 -12.71 -99.91
CA GLY D 114 30.50 -11.45 -100.48
C GLY D 114 30.70 -10.26 -99.57
N LYS D 115 30.65 -10.47 -98.26
CA LYS D 115 30.91 -9.38 -97.32
C LYS D 115 32.35 -8.91 -97.40
N ILE D 116 33.28 -9.81 -97.72
CA ILE D 116 34.67 -9.41 -97.92
C ILE D 116 34.78 -8.45 -99.10
N GLY D 117 34.10 -8.78 -100.20
CA GLY D 117 34.08 -7.88 -101.34
C GLY D 117 33.40 -6.56 -101.04
N ASP D 118 32.33 -6.61 -100.25
CA ASP D 118 31.65 -5.37 -99.84
C ASP D 118 32.59 -4.48 -99.03
N LEU D 119 33.33 -5.08 -98.09
CA LEU D 119 34.30 -4.31 -97.32
C LEU D 119 35.39 -3.72 -98.20
N GLN D 120 35.95 -4.54 -99.11
CA GLN D 120 36.99 -4.02 -100.00
C GLN D 120 36.42 -2.94 -100.93
N ALA D 121 35.11 -2.95 -101.14
CA ALA D 121 34.50 -1.90 -101.95
C ALA D 121 34.34 -0.60 -101.16
N VAL D 122 33.94 -0.69 -99.89
CA VAL D 122 33.65 0.53 -99.14
C VAL D 122 34.92 1.31 -98.83
N MET D 123 36.06 0.63 -98.68
CA MET D 123 37.33 1.32 -98.46
C MET D 123 38.04 1.64 -99.78
N ALA D 124 37.30 1.76 -100.88
CA ALA D 124 37.84 2.20 -102.15
C ALA D 124 37.30 3.56 -102.56
N VAL D 125 35.99 3.74 -102.54
CA VAL D 125 35.33 5.03 -102.75
C VAL D 125 34.47 5.29 -101.53
N PRO D 126 34.59 6.46 -100.88
CA PRO D 126 33.84 6.69 -99.64
C PRO D 126 32.32 6.69 -99.83
N ASP D 127 31.82 6.85 -101.05
CA ASP D 127 30.39 6.82 -101.32
C ASP D 127 29.95 5.50 -101.94
N THR D 128 30.65 4.41 -101.65
CA THR D 128 30.32 3.11 -102.21
C THR D 128 29.15 2.52 -101.44
N GLU D 129 27.97 2.53 -102.07
CA GLU D 129 26.76 1.97 -101.46
C GLU D 129 26.66 0.51 -101.88
N THR D 130 27.36 -0.36 -101.17
CA THR D 130 27.26 -1.79 -101.39
C THR D 130 25.93 -2.31 -100.84
N PRO D 131 25.45 -3.46 -101.33
CA PRO D 131 24.16 -3.97 -100.84
C PRO D 131 24.15 -4.27 -99.34
N THR D 132 25.28 -4.66 -98.76
CA THR D 132 25.32 -5.12 -97.38
C THR D 132 26.08 -4.20 -96.43
N PHE D 133 26.78 -3.18 -96.93
CA PHE D 133 27.58 -2.34 -96.06
C PHE D 133 27.79 -0.98 -96.71
N CYS D 134 27.77 0.07 -95.89
CA CYS D 134 27.98 1.43 -96.38
C CYS D 134 28.40 2.31 -95.22
N LEU D 135 28.97 3.46 -95.56
CA LEU D 135 29.44 4.44 -94.57
C LEU D 135 28.73 5.77 -94.86
N HIS D 136 27.53 5.91 -94.32
CA HIS D 136 26.77 7.15 -94.44
C HIS D 136 25.87 7.27 -93.22
N THR D 137 25.44 8.49 -92.93
CA THR D 137 24.44 8.69 -91.89
C THR D 137 23.07 8.23 -92.38
N ASP D 138 22.15 8.04 -91.44
CA ASP D 138 20.82 7.54 -91.78
C ASP D 138 20.04 8.51 -92.65
N VAL D 139 20.45 9.77 -92.73
CA VAL D 139 19.76 10.77 -93.52
C VAL D 139 20.44 11.01 -94.87
N SER D 140 21.45 10.20 -95.22
CA SER D 140 22.13 10.34 -96.49
C SER D 140 22.31 9.03 -97.25
N CYS D 141 22.09 7.88 -96.63
CA CYS D 141 22.22 6.62 -97.34
C CYS D 141 21.13 6.49 -98.39
N ARG D 142 21.47 5.85 -99.51
CA ARG D 142 20.56 5.76 -100.65
C ARG D 142 19.99 4.35 -100.86
N GLN D 143 20.32 3.39 -99.99
CA GLN D 143 19.78 2.06 -100.14
C GLN D 143 18.28 2.05 -99.86
N ARG D 144 17.55 1.23 -100.60
CA ARG D 144 16.10 1.15 -100.53
C ARG D 144 15.70 -0.23 -100.02
N ALA D 145 15.59 -0.36 -98.70
CA ALA D 145 15.19 -1.60 -98.06
C ALA D 145 13.81 -1.43 -97.41
N ASP D 146 13.38 -2.47 -96.71
CA ASP D 146 12.03 -2.54 -96.16
C ASP D 146 11.94 -2.37 -94.65
N VAL D 147 12.97 -2.75 -93.90
CA VAL D 147 12.91 -2.73 -92.44
C VAL D 147 14.13 -1.97 -91.91
N ALA D 148 13.90 -1.15 -90.89
CA ALA D 148 14.96 -0.41 -90.21
C ALA D 148 15.06 -0.88 -88.77
N ILE D 149 16.28 -0.91 -88.25
CA ILE D 149 16.54 -1.31 -86.86
C ILE D 149 17.41 -0.25 -86.20
N TYR D 150 16.99 0.20 -85.01
CA TYR D 150 17.75 1.15 -84.21
C TYR D 150 18.03 0.47 -82.87
N GLN D 151 19.13 -0.26 -82.79
CA GLN D 151 19.53 -0.95 -81.57
C GLN D 151 20.45 -0.05 -80.77
N ASP D 152 19.98 0.38 -79.59
CA ASP D 152 20.74 1.24 -78.69
C ASP D 152 21.19 2.52 -79.40
N VAL D 153 20.29 3.08 -80.20
CA VAL D 153 20.55 4.31 -80.95
C VAL D 153 19.67 5.39 -80.33
N TYR D 154 20.28 6.24 -79.50
CA TYR D 154 19.56 7.32 -78.84
C TYR D 154 19.96 8.70 -79.34
N ALA D 155 21.14 8.86 -79.91
CA ALA D 155 21.66 10.16 -80.35
C ALA D 155 21.26 10.50 -81.78
N VAL D 156 19.96 10.46 -82.09
CA VAL D 156 19.45 10.83 -83.39
C VAL D 156 17.99 11.26 -83.24
N HIS D 157 17.55 12.12 -84.14
CA HIS D 157 16.19 12.63 -84.12
C HIS D 157 15.26 11.59 -84.72
N ALA D 158 14.33 11.09 -83.91
CA ALA D 158 13.44 10.03 -84.36
C ALA D 158 12.59 10.42 -85.56
N PRO D 159 11.87 11.55 -85.57
CA PRO D 159 11.05 11.87 -86.75
C PRO D 159 11.85 12.01 -88.03
N THR D 160 13.02 12.66 -87.96
CA THR D 160 13.83 12.87 -89.16
C THR D 160 14.32 11.55 -89.72
N SER D 161 14.88 10.69 -88.86
CA SER D 161 15.38 9.40 -89.33
C SER D 161 14.25 8.52 -89.84
N LEU D 162 13.12 8.51 -89.14
CA LEU D 162 11.98 7.70 -89.58
C LEU D 162 11.47 8.17 -90.94
N TYR D 163 11.41 9.49 -91.15
CA TYR D 163 11.00 9.99 -92.46
C TYR D 163 12.02 9.63 -93.53
N HIS D 164 13.32 9.72 -93.21
CA HIS D 164 14.35 9.44 -94.19
C HIS D 164 14.37 7.97 -94.60
N GLN D 165 14.00 7.07 -93.69
CA GLN D 165 13.86 5.67 -94.08
C GLN D 165 12.50 5.36 -94.69
N ALA D 166 11.46 6.11 -94.33
CA ALA D 166 10.16 5.92 -94.96
C ALA D 166 10.19 6.29 -96.43
N ILE D 167 10.88 7.38 -96.78
CA ILE D 167 11.06 7.75 -98.18
C ILE D 167 11.97 6.78 -98.92
N LYS D 168 12.68 5.91 -98.19
CA LYS D 168 13.52 4.88 -98.78
C LYS D 168 12.80 3.54 -98.89
N GLY D 169 11.50 3.49 -98.61
CA GLY D 169 10.73 2.28 -98.72
C GLY D 169 10.65 1.44 -97.46
N VAL D 170 11.35 1.82 -96.39
CA VAL D 170 11.32 1.07 -95.15
C VAL D 170 9.92 1.15 -94.56
N ARG D 171 9.28 0.00 -94.36
CA ARG D 171 7.93 -0.05 -93.81
C ARG D 171 7.89 -0.40 -92.33
N LEU D 172 8.92 -1.07 -91.81
CA LEU D 172 8.98 -1.49 -90.42
C LEU D 172 10.25 -0.92 -89.80
N ALA D 173 10.12 -0.36 -88.59
CA ALA D 173 11.25 0.13 -87.83
C ALA D 173 11.18 -0.44 -86.42
N TYR D 174 12.33 -0.80 -85.87
CA TYR D 174 12.43 -1.33 -84.51
C TYR D 174 13.41 -0.49 -83.73
N TRP D 175 13.01 -0.06 -82.54
CA TRP D 175 13.89 0.72 -81.66
C TRP D 175 14.03 -0.03 -80.34
N VAL D 176 15.21 -0.57 -80.09
CA VAL D 176 15.52 -1.26 -78.85
C VAL D 176 16.41 -0.35 -78.01
N GLY D 177 15.93 0.05 -76.85
CA GLY D 177 16.71 0.98 -76.04
C GLY D 177 16.07 1.20 -74.69
N PHE D 178 16.69 2.08 -73.92
CA PHE D 178 16.18 2.42 -72.60
C PHE D 178 14.85 3.15 -72.71
N ASP D 179 14.00 2.93 -71.72
CA ASP D 179 12.71 3.60 -71.67
C ASP D 179 12.90 5.11 -71.61
N THR D 180 12.15 5.83 -72.44
CA THR D 180 12.25 7.28 -72.55
C THR D 180 11.25 8.01 -71.68
N THR D 181 10.42 7.28 -70.94
CA THR D 181 9.49 7.93 -70.01
C THR D 181 10.17 8.80 -68.96
N PRO D 182 11.31 8.42 -68.36
CA PRO D 182 11.94 9.31 -67.38
C PRO D 182 12.30 10.69 -67.92
N PHE D 183 12.64 10.79 -69.20
CA PHE D 183 13.01 12.08 -69.78
C PHE D 183 11.81 12.91 -70.21
N MET D 184 10.65 12.30 -70.43
CA MET D 184 9.43 13.07 -70.58
C MET D 184 8.97 13.69 -69.26
N TYR D 185 9.44 13.16 -68.14
CA TYR D 185 9.19 13.72 -66.83
C TYR D 185 10.23 14.76 -66.43
N ASN D 186 11.29 14.93 -67.22
CA ASN D 186 12.32 15.94 -66.99
C ASN D 186 13.01 15.74 -65.65
N ALA D 187 13.47 14.51 -65.42
CA ALA D 187 14.21 14.16 -64.22
C ALA D 187 15.66 14.61 -64.34
N MET D 188 16.22 15.10 -63.24
CA MET D 188 17.62 15.51 -63.23
C MET D 188 18.57 14.32 -63.26
N ALA D 189 18.19 13.22 -62.60
CA ALA D 189 18.99 12.01 -62.58
C ALA D 189 18.06 10.82 -62.46
N GLY D 190 18.57 9.64 -62.79
CA GLY D 190 17.74 8.45 -62.74
C GLY D 190 18.57 7.19 -62.80
N ALA D 191 17.88 6.07 -62.62
CA ALA D 191 18.54 4.78 -62.55
C ALA D 191 17.63 3.69 -63.09
N TYR D 192 18.22 2.81 -63.90
CA TYR D 192 17.63 1.51 -64.24
C TYR D 192 18.38 0.48 -63.41
N PRO D 193 17.94 0.18 -62.19
CA PRO D 193 18.73 -0.70 -61.31
C PRO D 193 18.84 -2.12 -61.79
N SER D 194 17.83 -2.64 -62.50
CA SER D 194 17.86 -4.01 -62.99
C SER D 194 18.92 -4.21 -64.07
N TYR D 195 19.44 -3.13 -64.64
CA TYR D 195 20.49 -3.22 -65.64
C TYR D 195 21.77 -2.55 -65.17
N SER D 196 21.86 -2.22 -63.88
CA SER D 196 23.02 -1.55 -63.31
C SER D 196 23.32 -0.23 -64.03
N THR D 197 22.28 0.46 -64.49
CA THR D 197 22.43 1.65 -65.29
C THR D 197 22.09 2.88 -64.46
N ASN D 198 22.95 3.89 -64.54
CA ASN D 198 22.71 5.16 -63.85
C ASN D 198 22.97 6.31 -64.81
N TRP D 199 22.04 7.25 -64.88
CA TRP D 199 22.21 8.40 -65.75
C TRP D 199 21.99 9.66 -64.94
N ALA D 200 22.71 10.72 -65.32
CA ALA D 200 22.66 11.95 -64.57
C ALA D 200 22.93 13.14 -65.49
N ASP D 201 22.25 14.25 -65.21
CA ASP D 201 22.54 15.50 -65.89
C ASP D 201 23.94 15.98 -65.53
N GLU D 202 24.59 16.65 -66.49
CA GLU D 202 25.95 17.12 -66.28
C GLU D 202 26.05 18.12 -65.13
N GLN D 203 24.94 18.75 -64.75
CA GLN D 203 24.97 19.71 -63.65
C GLN D 203 25.11 19.02 -62.29
N VAL D 204 24.79 17.72 -62.20
CA VAL D 204 24.78 17.04 -60.91
C VAL D 204 25.71 15.83 -60.94
N LEU D 205 26.73 15.87 -61.79
CA LEU D 205 27.72 14.80 -61.79
C LEU D 205 28.64 14.84 -60.58
N LYS D 206 28.74 15.99 -59.91
CA LYS D 206 29.53 16.12 -58.70
C LYS D 206 28.68 15.97 -57.44
N ALA D 207 27.56 15.26 -57.55
CA ALA D 207 26.69 15.01 -56.41
C ALA D 207 27.35 13.99 -55.47
N LYS D 208 26.63 13.65 -54.40
CA LYS D 208 27.16 12.80 -53.35
C LYS D 208 26.49 11.44 -53.27
N ASN D 209 25.16 11.38 -53.31
CA ASN D 209 24.43 10.16 -52.99
C ASN D 209 23.44 9.80 -54.09
N ILE D 210 23.86 9.88 -55.35
CA ILE D 210 23.07 9.38 -56.46
C ILE D 210 23.88 8.28 -57.16
N GLY D 211 23.25 7.62 -58.12
CA GLY D 211 23.87 6.47 -58.75
C GLY D 211 25.14 6.82 -59.51
N LEU D 212 25.12 7.92 -60.26
CA LEU D 212 26.26 8.35 -61.07
C LEU D 212 26.73 9.71 -60.56
N CYS D 213 27.74 9.70 -59.70
CA CYS D 213 28.31 10.92 -59.14
C CYS D 213 29.63 10.58 -58.49
N SER D 214 30.43 11.62 -58.22
CA SER D 214 31.67 11.48 -57.48
C SER D 214 32.05 12.84 -56.91
N THR D 215 32.16 12.92 -55.59
CA THR D 215 32.51 14.17 -54.94
C THR D 215 33.78 14.00 -54.11
N ASP D 216 34.16 15.04 -53.38
CA ASP D 216 35.39 15.03 -52.61
C ASP D 216 35.09 15.38 -51.15
N LEU D 217 35.98 14.94 -50.26
CA LEU D 217 35.86 15.27 -48.85
C LEU D 217 36.21 16.74 -48.62
N THR D 218 35.31 17.46 -47.96
CA THR D 218 35.53 18.86 -47.66
C THR D 218 35.12 19.13 -46.22
N GLU D 219 35.69 20.19 -45.65
CA GLU D 219 35.43 20.56 -44.26
C GLU D 219 34.27 21.53 -44.11
N GLY D 220 33.71 22.02 -45.22
CA GLY D 220 32.66 23.02 -45.13
C GLY D 220 33.20 24.42 -45.25
N ARG D 221 34.07 24.65 -46.23
CA ARG D 221 34.73 25.93 -46.42
C ARG D 221 33.84 26.86 -47.23
N ARG D 222 34.40 28.00 -47.64
CA ARG D 222 33.67 28.92 -48.50
C ARG D 222 33.46 28.30 -49.88
N GLY D 223 32.29 28.54 -50.45
CA GLY D 223 31.99 28.02 -51.76
C GLY D 223 32.70 28.79 -52.87
N LYS D 224 32.61 28.25 -54.07
CA LYS D 224 33.25 28.88 -55.22
C LYS D 224 32.65 30.26 -55.48
N LEU D 225 33.52 31.21 -55.78
CA LEU D 225 33.08 32.54 -56.21
C LEU D 225 32.62 32.44 -57.65
N SER D 226 31.42 31.88 -57.81
CA SER D 226 30.92 31.54 -59.14
C SER D 226 30.67 32.78 -59.98
N ILE D 227 31.04 32.70 -61.26
CA ILE D 227 30.76 33.78 -62.19
C ILE D 227 29.26 33.86 -62.46
N MET D 228 28.59 32.72 -62.55
CA MET D 228 27.16 32.67 -62.75
C MET D 228 26.44 32.65 -61.40
N ARG D 229 25.30 33.35 -61.34
CA ARG D 229 24.56 33.43 -60.08
C ARG D 229 23.86 32.12 -59.76
N GLY D 230 23.51 31.34 -60.78
CA GLY D 230 22.71 30.16 -60.55
C GLY D 230 21.26 30.52 -60.35
N LYS D 231 20.80 30.41 -59.10
CA LYS D 231 19.45 30.78 -58.69
C LYS D 231 18.39 29.87 -59.30
N LYS D 232 18.83 28.89 -60.09
CA LYS D 232 17.92 27.91 -60.65
C LYS D 232 18.73 26.68 -61.04
N LEU D 233 18.25 25.50 -60.64
CA LEU D 233 18.84 24.23 -61.02
C LEU D 233 17.81 23.48 -61.85
N GLU D 234 17.98 23.50 -63.16
N GLU D 234 18.01 23.46 -63.16
CA GLU D 234 17.06 22.83 -64.07
CA GLU D 234 17.07 22.88 -64.11
C GLU D 234 17.82 21.92 -65.00
C GLU D 234 17.82 21.94 -65.04
N PRO D 235 17.24 20.80 -65.39
CA PRO D 235 17.95 19.84 -66.25
C PRO D 235 18.34 20.44 -67.59
N CYS D 236 19.53 20.09 -68.04
CA CYS D 236 20.07 20.56 -69.31
C CYS D 236 20.03 19.44 -70.35
N ASP D 237 20.35 19.81 -71.59
CA ASP D 237 20.25 18.85 -72.68
C ASP D 237 21.24 17.70 -72.52
N ARG D 238 22.45 18.00 -72.08
CA ARG D 238 23.50 16.98 -72.01
C ARG D 238 23.36 16.16 -70.74
N VAL D 239 23.26 14.84 -70.89
CA VAL D 239 23.24 13.90 -69.78
C VAL D 239 24.27 12.82 -70.05
N LEU D 240 24.66 12.12 -68.99
CA LEU D 240 25.60 11.01 -69.07
C LEU D 240 24.92 9.74 -68.64
N PHE D 241 25.06 8.69 -69.46
CA PHE D 241 24.58 7.35 -69.15
C PHE D 241 25.76 6.46 -68.78
N SER D 242 25.56 5.63 -67.76
CA SER D 242 26.54 4.63 -67.35
C SER D 242 25.82 3.29 -67.31
N VAL D 243 26.05 2.47 -68.33
CA VAL D 243 25.47 1.14 -68.40
C VAL D 243 26.55 0.16 -67.96
N GLY D 244 26.58 -0.14 -66.67
CA GLY D 244 27.69 -0.88 -66.11
C GLY D 244 28.88 0.02 -65.90
N SER D 245 29.90 -0.11 -66.74
CA SER D 245 31.08 0.73 -66.69
C SER D 245 31.38 1.33 -68.05
N THR D 246 30.33 1.70 -68.79
CA THR D 246 30.47 2.28 -70.11
C THR D 246 29.73 3.61 -70.17
N LEU D 247 30.39 4.65 -70.67
CA LEU D 247 29.82 5.98 -70.71
C LEU D 247 29.17 6.27 -72.05
N TYR D 248 28.04 6.98 -72.00
CA TYR D 248 27.36 7.47 -73.20
C TYR D 248 26.89 8.92 -72.98
N PRO D 249 27.45 9.88 -73.70
CA PRO D 249 26.93 11.25 -73.64
C PRO D 249 25.69 11.40 -74.53
N GLU D 250 24.53 11.57 -73.89
N GLU D 250 24.53 11.57 -73.89
CA GLU D 250 23.26 11.66 -74.59
CA GLU D 250 23.27 11.67 -74.60
C GLU D 250 22.68 13.06 -74.46
C GLU D 250 22.68 13.06 -74.46
N SER D 251 21.71 13.36 -75.32
CA SER D 251 21.01 14.63 -75.32
C SER D 251 19.54 14.40 -74.99
N ARG D 252 18.98 15.31 -74.18
CA ARG D 252 17.59 15.16 -73.75
C ARG D 252 16.64 15.31 -74.92
N LYS D 253 16.92 16.23 -75.84
CA LYS D 253 16.03 16.46 -76.97
C LYS D 253 15.92 15.22 -77.85
N LEU D 254 17.05 14.60 -78.17
CA LEU D 254 17.01 13.42 -79.02
C LEU D 254 16.42 12.22 -78.30
N LEU D 255 16.60 12.14 -76.97
CA LEU D 255 15.97 11.08 -76.20
C LEU D 255 14.47 11.23 -76.20
N LYS D 256 13.98 12.45 -75.99
CA LYS D 256 12.54 12.70 -76.00
C LYS D 256 11.95 12.55 -77.39
N SER D 257 12.76 12.76 -78.44
CA SER D 257 12.26 12.58 -79.80
C SER D 257 11.81 11.15 -80.04
N TRP D 258 12.42 10.18 -79.37
CA TRP D 258 12.07 8.78 -79.57
C TRP D 258 10.86 8.35 -78.74
N HIS D 259 10.36 9.21 -77.86
CA HIS D 259 9.13 8.94 -77.13
C HIS D 259 7.93 9.29 -78.02
N LEU D 260 7.81 8.52 -79.10
CA LEU D 260 6.81 8.80 -80.11
C LEU D 260 5.41 8.49 -79.58
N PRO D 261 4.40 9.23 -80.03
CA PRO D 261 3.02 8.91 -79.65
C PRO D 261 2.53 7.67 -80.40
N SER D 262 1.36 7.19 -79.97
CA SER D 262 0.77 6.02 -80.61
C SER D 262 0.45 6.28 -82.07
N VAL D 263 -0.01 7.48 -82.39
CA VAL D 263 -0.35 7.88 -83.76
C VAL D 263 0.27 9.24 -84.02
N PHE D 264 1.03 9.35 -85.12
CA PHE D 264 1.62 10.62 -85.52
C PHE D 264 1.77 10.64 -87.03
N HIS D 265 1.93 11.84 -87.57
CA HIS D 265 1.99 12.06 -89.01
C HIS D 265 3.38 12.52 -89.41
N LEU D 266 3.86 12.01 -90.54
CA LEU D 266 5.10 12.46 -91.16
C LEU D 266 4.73 13.26 -92.40
N LYS D 267 5.01 14.56 -92.38
CA LYS D 267 4.57 15.48 -93.42
C LYS D 267 5.79 16.17 -94.01
N GLY D 268 6.22 15.71 -95.18
CA GLY D 268 7.33 16.31 -95.91
C GLY D 268 7.09 16.28 -97.40
N LYS D 269 8.10 15.83 -98.17
CA LYS D 269 7.90 15.64 -99.60
C LYS D 269 6.84 14.57 -99.85
N LEU D 270 7.01 13.41 -99.24
CA LEU D 270 5.99 12.36 -99.24
C LEU D 270 5.31 12.34 -97.88
N SER D 271 4.07 11.86 -97.87
CA SER D 271 3.28 11.80 -96.64
C SER D 271 2.94 10.36 -96.28
N THR D 273 0.59 8.35 -92.54
CA THR D 273 0.42 8.18 -91.11
C THR D 273 1.38 7.13 -90.56
N CYS D 274 1.66 7.20 -89.26
CA CYS D 274 2.61 6.31 -88.61
C CYS D 274 2.08 5.88 -87.25
N ARG D 275 2.59 4.76 -86.77
CA ARG D 275 2.24 4.24 -85.46
C ARG D 275 3.50 3.85 -84.70
N CYS D 276 3.43 3.97 -83.37
CA CYS D 276 4.51 3.57 -82.47
C CYS D 276 3.90 2.82 -81.30
N ASP D 277 4.27 1.55 -81.16
CA ASP D 277 3.79 0.70 -80.08
C ASP D 277 4.97 0.06 -79.37
N THR D 278 4.81 -0.14 -78.06
CA THR D 278 5.83 -0.79 -77.25
C THR D 278 5.52 -2.28 -77.22
N VAL D 279 6.27 -3.06 -78.00
CA VAL D 279 6.01 -4.49 -78.09
C VAL D 279 6.77 -5.28 -77.03
N VAL D 280 7.87 -4.76 -76.51
CA VAL D 280 8.59 -5.40 -75.41
C VAL D 280 8.89 -4.36 -74.35
N SER D 281 8.66 -4.71 -73.09
CA SER D 281 8.94 -3.81 -71.97
C SER D 281 9.37 -4.66 -70.79
N CYS D 282 10.60 -4.46 -70.31
CA CYS D 282 11.14 -5.23 -69.20
C CYS D 282 12.02 -4.32 -68.35
N GLU D 283 11.47 -3.87 -67.22
CA GLU D 283 12.24 -3.28 -66.12
C GLU D 283 13.15 -2.15 -66.60
N GLY D 284 12.63 -1.33 -67.51
CA GLY D 284 13.35 -0.16 -68.00
C GLY D 284 13.91 -0.28 -69.40
N TYR D 285 13.96 -1.47 -69.98
CA TYR D 285 14.43 -1.66 -71.35
C TYR D 285 13.24 -2.01 -72.23
N VAL D 286 13.10 -1.29 -73.35
CA VAL D 286 11.93 -1.43 -74.20
C VAL D 286 12.35 -1.71 -75.63
N VAL D 287 11.46 -2.38 -76.36
CA VAL D 287 11.55 -2.56 -77.79
C VAL D 287 10.25 -2.02 -78.36
N LYS D 288 10.35 -0.95 -79.16
CA LYS D 288 9.21 -0.28 -79.76
C LYS D 288 9.15 -0.63 -81.24
N ARG D 289 7.97 -1.05 -81.68
CA ARG D 289 7.73 -1.41 -83.08
C ARG D 289 7.02 -0.23 -83.76
N ILE D 290 7.77 0.52 -84.56
CA ILE D 290 7.20 1.57 -85.40
C ILE D 290 6.84 0.94 -86.74
N THR D 291 5.64 1.22 -87.21
CA THR D 291 5.18 0.73 -88.50
C THR D 291 4.84 1.90 -89.40
N MET D 292 5.26 1.81 -90.66
CA MET D 292 5.29 2.94 -91.56
C MET D 292 4.29 2.72 -92.69
N SER D 293 3.63 3.81 -93.09
CA SER D 293 2.61 3.74 -94.13
C SER D 293 2.55 5.05 -94.92
N PRO D 294 2.54 4.98 -96.24
CA PRO D 294 2.45 6.21 -97.04
C PRO D 294 1.05 6.80 -96.99
N GLY D 295 0.98 8.12 -97.15
CA GLY D 295 -0.27 8.83 -97.14
C GLY D 295 -0.70 9.26 -95.75
N LEU D 296 -1.52 10.31 -95.72
CA LEU D 296 -2.06 10.85 -94.47
C LEU D 296 -3.43 10.25 -94.23
N TYR D 297 -3.58 9.48 -93.15
CA TYR D 297 -4.82 8.83 -92.81
C TYR D 297 -5.15 9.04 -91.35
N GLY D 298 -6.42 9.33 -91.06
CA GLY D 298 -6.84 9.55 -89.69
C GLY D 298 -6.38 10.89 -89.15
N LYS D 299 -6.24 10.96 -87.83
CA LYS D 299 -5.81 12.18 -87.16
C LYS D 299 -5.09 11.79 -85.88
N THR D 300 -4.29 12.72 -85.37
CA THR D 300 -3.41 12.47 -84.25
C THR D 300 -3.85 13.30 -83.04
N THR D 301 -3.80 12.68 -81.86
CA THR D 301 -4.07 13.37 -80.61
C THR D 301 -2.83 14.01 -80.00
N GLY D 302 -1.64 13.55 -80.37
CA GLY D 302 -0.41 14.06 -79.78
C GLY D 302 -0.10 13.47 -78.42
N TYR D 303 -0.72 12.36 -78.05
CA TYR D 303 -0.57 11.76 -76.75
C TYR D 303 0.25 10.47 -76.84
N ALA D 304 1.14 10.29 -75.87
CA ALA D 304 1.97 9.10 -75.74
C ALA D 304 1.67 8.42 -74.42
N VAL D 305 1.59 7.09 -74.45
CA VAL D 305 1.18 6.27 -73.32
C VAL D 305 2.32 5.35 -72.94
N THR D 306 2.65 5.31 -71.66
CA THR D 306 3.60 4.35 -71.11
C THR D 306 2.90 3.51 -70.04
N HIS D 307 2.91 2.19 -70.22
CA HIS D 307 2.31 1.27 -69.26
C HIS D 307 3.38 0.82 -68.27
N HIS D 308 3.03 0.85 -66.97
CA HIS D 308 3.98 0.51 -65.92
C HIS D 308 3.64 -0.86 -65.35
N ALA D 309 4.35 -1.89 -65.82
CA ALA D 309 4.26 -3.20 -65.18
C ALA D 309 4.81 -3.15 -63.76
N ASP D 310 5.93 -2.47 -63.57
N ASP D 310 5.92 -2.45 -63.56
CA ASP D 310 6.52 -2.22 -62.26
CA ASP D 310 6.48 -2.23 -62.25
C ASP D 310 6.32 -0.76 -61.89
C ASP D 310 6.39 -0.75 -61.90
N GLY D 311 6.48 -0.47 -60.59
CA GLY D 311 6.31 0.90 -60.14
C GLY D 311 7.39 1.82 -60.69
N PHE D 312 6.99 3.06 -60.97
CA PHE D 312 7.90 4.09 -61.44
C PHE D 312 7.81 5.27 -60.49
N LEU D 313 8.95 5.86 -60.15
CA LEU D 313 8.98 6.96 -59.20
C LEU D 313 9.87 8.07 -59.73
N MET D 314 9.40 9.30 -59.58
CA MET D 314 10.22 10.49 -59.82
C MET D 314 9.94 11.47 -58.68
N CYS D 315 10.93 11.67 -57.82
CA CYS D 315 10.70 12.36 -56.56
C CYS D 315 11.78 13.39 -56.31
N LYS D 316 11.44 14.37 -55.49
CA LYS D 316 12.39 15.39 -55.05
C LYS D 316 13.30 14.84 -53.95
N THR D 317 14.58 15.12 -54.08
CA THR D 317 15.57 14.69 -53.09
C THR D 317 16.65 15.74 -52.96
N THR D 318 17.17 15.88 -51.75
CA THR D 318 18.16 16.88 -51.41
C THR D 318 19.54 16.22 -51.31
N ASP D 319 20.47 16.69 -52.12
CA ASP D 319 21.85 16.21 -52.09
C ASP D 319 22.79 17.41 -52.04
N THR D 320 24.08 17.14 -52.18
CA THR D 320 25.10 18.18 -52.24
C THR D 320 25.88 18.03 -53.54
N VAL D 321 25.81 19.05 -54.38
CA VAL D 321 26.60 19.12 -55.61
C VAL D 321 27.80 20.00 -55.33
N ASP D 322 29.00 19.41 -55.42
CA ASP D 322 30.25 20.09 -55.09
C ASP D 322 30.17 20.72 -53.70
N GLY D 323 29.52 20.03 -52.78
CA GLY D 323 29.39 20.48 -51.41
C GLY D 323 28.26 21.47 -51.16
N GLU D 324 27.55 21.90 -52.20
CA GLU D 324 26.45 22.85 -52.05
C GLU D 324 25.14 22.09 -52.00
N ARG D 325 24.38 22.28 -50.92
CA ARG D 325 23.14 21.55 -50.72
C ARG D 325 22.05 22.10 -51.62
N VAL D 326 21.53 21.25 -52.52
CA VAL D 326 20.45 21.60 -53.42
C VAL D 326 19.46 20.45 -53.44
N SER D 327 18.31 20.70 -54.08
CA SER D 327 17.25 19.70 -54.21
C SER D 327 16.90 19.55 -55.68
N PHE D 328 16.81 18.31 -56.15
CA PHE D 328 16.45 18.05 -57.54
C PHE D 328 15.71 16.73 -57.63
N SER D 329 15.22 16.44 -58.83
CA SER D 329 14.37 15.27 -59.06
C SER D 329 15.20 14.07 -59.48
N VAL D 330 14.88 12.91 -58.89
CA VAL D 330 15.53 11.65 -59.20
C VAL D 330 14.44 10.62 -59.52
N CYS D 331 14.63 9.86 -60.59
CA CYS D 331 13.66 8.86 -61.01
C CYS D 331 14.28 7.46 -60.92
N THR D 332 13.42 6.46 -60.83
CA THR D 332 13.84 5.08 -60.72
C THR D 332 12.62 4.17 -60.90
N TYR D 333 12.90 2.86 -60.96
CA TYR D 333 11.87 1.84 -61.01
C TYR D 333 11.94 0.97 -59.77
N VAL D 334 10.78 0.47 -59.35
CA VAL D 334 10.65 -0.37 -58.16
C VAL D 334 9.85 -1.61 -58.55
N PRO D 335 10.26 -2.80 -58.12
CA PRO D 335 9.54 -4.02 -58.52
C PRO D 335 8.10 -4.01 -58.06
N ALA D 336 7.25 -4.68 -58.85
CA ALA D 336 5.81 -4.66 -58.58
C ALA D 336 5.48 -5.33 -57.25
N THR D 337 6.23 -6.38 -56.88
CA THR D 337 6.00 -7.03 -55.60
C THR D 337 6.22 -6.07 -54.45
N ILE D 338 7.28 -5.27 -54.52
CA ILE D 338 7.56 -4.28 -53.48
C ILE D 338 6.42 -3.28 -53.41
N CYS D 339 5.97 -2.77 -54.56
CA CYS D 339 4.91 -1.78 -54.58
C CYS D 339 3.61 -2.33 -53.99
N ASP D 340 3.28 -3.58 -54.33
CA ASP D 340 2.07 -4.20 -53.78
C ASP D 340 2.21 -4.46 -52.29
N GLN D 341 3.43 -4.75 -51.81
CA GLN D 341 3.61 -4.97 -50.37
C GLN D 341 3.61 -3.66 -49.59
N MET D 342 3.92 -2.55 -50.25
CA MET D 342 3.92 -1.25 -49.58
C MET D 342 2.55 -0.59 -49.54
N THR D 343 1.57 -1.13 -50.27
CA THR D 343 0.27 -0.47 -50.39
C THR D 343 -0.44 -0.35 -49.05
N GLY D 344 -0.40 -1.41 -48.25
CA GLY D 344 -1.18 -1.43 -47.02
C GLY D 344 -0.76 -0.37 -46.03
N ILE D 345 0.54 -0.17 -45.86
CA ILE D 345 1.03 0.79 -44.88
C ILE D 345 0.97 2.23 -45.38
N LEU D 346 0.99 2.46 -46.69
CA LEU D 346 1.03 3.81 -47.22
C LEU D 346 -0.28 4.56 -47.09
N ALA D 347 -1.30 3.95 -46.49
CA ALA D 347 -2.53 4.66 -46.19
C ALA D 347 -2.32 5.75 -45.15
N THR D 348 -1.26 5.67 -44.38
CA THR D 348 -0.97 6.61 -43.29
C THR D 348 0.27 7.43 -43.65
N GLU D 349 0.64 8.32 -42.74
CA GLU D 349 1.86 9.10 -42.86
C GLU D 349 2.98 8.34 -42.17
N VAL D 350 4.00 7.96 -42.94
CA VAL D 350 5.11 7.16 -42.45
C VAL D 350 6.41 7.92 -42.67
N THR D 351 7.24 7.99 -41.63
CA THR D 351 8.50 8.70 -41.72
C THR D 351 9.45 7.99 -42.68
N PRO D 352 10.36 8.75 -43.32
CA PRO D 352 11.30 8.11 -44.26
C PRO D 352 12.16 7.04 -43.62
N GLU D 353 12.53 7.19 -42.35
CA GLU D 353 13.32 6.17 -41.68
C GLU D 353 12.54 4.86 -41.55
N ASP D 354 11.28 4.95 -41.10
CA ASP D 354 10.45 3.76 -41.03
C ASP D 354 10.20 3.17 -42.40
N ALA D 355 10.03 4.03 -43.41
CA ALA D 355 9.85 3.55 -44.77
C ALA D 355 11.06 2.78 -45.26
N GLN D 356 12.27 3.30 -44.98
CA GLN D 356 13.48 2.60 -45.38
C GLN D 356 13.60 1.26 -44.65
N LYS D 357 13.28 1.24 -43.35
CA LYS D 357 13.36 -0.02 -42.62
C LYS D 357 12.38 -1.05 -43.16
N LEU D 358 11.16 -0.63 -43.47
CA LEU D 358 10.18 -1.55 -44.04
C LEU D 358 10.60 -2.03 -45.42
N LEU D 359 11.16 -1.13 -46.23
CA LEU D 359 11.66 -1.53 -47.55
C LEU D 359 12.78 -2.55 -47.43
N VAL D 360 13.69 -2.34 -46.47
CA VAL D 360 14.79 -3.29 -46.27
C VAL D 360 14.26 -4.63 -45.81
N GLY D 361 13.29 -4.62 -44.89
CA GLY D 361 12.68 -5.86 -44.46
C GLY D 361 11.99 -6.61 -45.59
N LEU D 362 11.35 -5.88 -46.50
CA LEU D 362 10.73 -6.53 -47.65
C LEU D 362 11.76 -6.95 -48.68
N ASN D 363 12.95 -6.35 -48.66
CA ASN D 363 13.98 -6.70 -49.63
C ASN D 363 14.80 -7.90 -49.19
N GLN D 364 15.37 -7.82 -47.98
N GLN D 364 15.35 -7.83 -47.97
CA GLN D 364 16.18 -8.92 -47.46
CA GLN D 364 16.12 -8.95 -47.41
C GLN D 364 15.32 -10.12 -47.09
C GLN D 364 15.23 -10.18 -47.22
N ASN D 377 18.07 -10.21 -53.00
CA ASN D 377 17.63 -8.83 -53.07
C ASN D 377 16.72 -8.60 -54.28
N THR D 378 15.46 -8.28 -54.02
CA THR D 378 14.53 -8.00 -55.11
C THR D 378 14.89 -6.70 -55.83
N MET D 379 15.24 -5.66 -55.07
CA MET D 379 15.66 -4.39 -55.64
C MET D 379 17.03 -4.02 -55.10
N LYS D 380 17.76 -3.22 -55.87
CA LYS D 380 19.09 -2.79 -55.46
C LYS D 380 18.99 -1.86 -54.26
N ASN D 381 19.85 -2.08 -53.26
CA ASN D 381 19.75 -1.34 -52.01
C ASN D 381 20.15 0.13 -52.17
N TYR D 382 20.98 0.45 -53.17
CA TYR D 382 21.44 1.82 -53.31
C TYR D 382 20.33 2.78 -53.73
N MET D 383 19.22 2.27 -54.26
CA MET D 383 18.05 3.09 -54.54
C MET D 383 17.05 3.07 -53.40
N ILE D 384 17.28 2.26 -52.37
CA ILE D 384 16.28 2.07 -51.32
C ILE D 384 15.97 3.36 -50.56
N PRO D 385 16.95 4.14 -50.09
CA PRO D 385 16.60 5.31 -49.27
C PRO D 385 15.72 6.31 -49.98
N VAL D 386 16.10 6.74 -51.19
CA VAL D 386 15.37 7.79 -51.88
C VAL D 386 13.93 7.35 -52.14
N VAL D 387 13.74 6.10 -52.58
CA VAL D 387 12.39 5.56 -52.77
C VAL D 387 11.60 5.67 -51.48
N ALA D 388 12.23 5.34 -50.35
CA ALA D 388 11.60 5.53 -49.06
C ALA D 388 11.09 6.95 -48.93
N GLN D 389 11.99 7.92 -49.16
CA GLN D 389 11.59 9.32 -49.18
C GLN D 389 10.39 9.54 -50.09
N ALA D 390 10.48 9.05 -51.32
CA ALA D 390 9.37 9.19 -52.25
C ALA D 390 8.08 8.67 -51.63
N PHE D 391 8.12 7.44 -51.11
CA PHE D 391 6.92 6.88 -50.51
C PHE D 391 6.48 7.74 -49.33
N SER D 392 7.43 8.14 -48.49
CA SER D 392 7.11 8.99 -47.35
C SER D 392 6.49 10.29 -47.81
N LYS D 393 6.96 10.84 -48.93
CA LYS D 393 6.31 12.02 -49.47
C LYS D 393 4.95 11.67 -50.04
N TRP D 394 4.86 10.59 -50.83
CA TRP D 394 3.62 10.29 -51.54
C TRP D 394 2.50 10.02 -50.55
N ALA D 395 2.72 9.11 -49.61
CA ALA D 395 1.72 8.82 -48.58
C ALA D 395 1.35 10.09 -47.82
N LYS D 396 2.29 11.02 -47.66
CA LYS D 396 1.96 12.29 -47.03
C LYS D 396 1.01 13.10 -47.91
N GLU D 397 1.37 13.29 -49.18
CA GLU D 397 0.60 14.16 -50.04
C GLU D 397 -0.83 13.64 -50.23
N CYS D 398 -0.96 12.34 -50.46
CA CYS D 398 -2.29 11.74 -50.54
C CYS D 398 -3.10 12.06 -49.29
N ARG D 399 -2.48 11.94 -48.12
CA ARG D 399 -3.18 12.27 -46.88
CA ARG D 399 -3.19 12.27 -46.88
C ARG D 399 -3.67 13.71 -46.90
N LYS D 400 -2.87 14.63 -47.42
N LYS D 400 -2.87 14.63 -47.42
CA LYS D 400 -3.31 16.02 -47.52
CA LYS D 400 -3.30 16.02 -47.53
C LYS D 400 -4.52 16.14 -48.42
C LYS D 400 -4.53 16.14 -48.41
N ASP D 401 -4.55 15.41 -49.54
CA ASP D 401 -5.73 15.41 -50.40
C ASP D 401 -6.94 14.83 -49.67
N MET D 402 -6.72 14.00 -48.65
CA MET D 402 -7.82 13.54 -47.82
C MET D 402 -8.34 14.67 -46.93
N GLU D 403 -7.45 15.51 -46.42
CA GLU D 403 -7.88 16.55 -45.47
C GLU D 403 -8.59 17.69 -46.18
N ASP D 404 -8.05 18.13 -47.32
CA ASP D 404 -8.62 19.26 -48.06
C ASP D 404 -9.59 18.75 -49.13
N GLU D 405 -10.68 18.17 -48.66
CA GLU D 405 -11.71 17.65 -49.56
C GLU D 405 -12.47 18.81 -50.18
N LYS D 406 -12.36 18.95 -51.50
CA LYS D 406 -13.05 20.00 -52.22
C LYS D 406 -14.48 19.59 -52.52
N LEU D 407 -15.23 20.48 -53.15
CA LEU D 407 -16.57 20.15 -53.62
C LEU D 407 -16.49 19.47 -54.97
N LEU D 408 -17.55 18.72 -55.30
CA LEU D 408 -17.58 17.97 -56.54
C LEU D 408 -17.74 18.91 -57.72
N GLY D 409 -16.73 18.95 -58.59
CA GLY D 409 -16.80 19.76 -59.79
C GLY D 409 -16.88 21.25 -59.56
N VAL D 410 -16.08 21.77 -58.62
CA VAL D 410 -16.01 23.21 -58.36
C VAL D 410 -14.55 23.61 -58.29
N ARG D 411 -14.18 24.64 -59.03
CA ARG D 411 -12.85 25.22 -58.97
C ARG D 411 -12.95 26.60 -58.34
N GLU D 412 -12.22 26.81 -57.25
CA GLU D 412 -12.24 28.09 -56.53
C GLU D 412 -11.05 28.91 -56.99
N ARG D 413 -11.28 29.81 -57.94
CA ARG D 413 -10.25 30.67 -58.49
C ARG D 413 -10.61 32.13 -58.24
N THR D 414 -9.62 32.91 -57.81
CA THR D 414 -9.82 34.30 -57.47
C THR D 414 -9.56 35.19 -58.69
N LEU D 415 -10.39 36.22 -58.86
CA LEU D 415 -10.20 37.19 -59.93
C LEU D 415 -9.13 38.18 -59.52
N THR D 416 -8.01 38.18 -60.23
CA THR D 416 -6.86 38.99 -59.83
C THR D 416 -6.96 40.43 -60.28
N CYS D 417 -8.11 41.07 -59.99
CA CYS D 417 -8.35 42.47 -60.30
C CYS D 417 -8.15 42.78 -61.79
N CYS D 418 -8.29 41.76 -62.62
N CYS D 418 -8.29 41.77 -62.63
CA CYS D 418 -8.08 41.89 -64.07
CA CYS D 418 -8.09 41.89 -64.07
C CYS D 418 -9.01 40.89 -64.76
C CYS D 418 -9.01 40.88 -64.75
N CYS D 419 -8.75 40.63 -66.03
CA CYS D 419 -9.51 39.64 -66.80
C CYS D 419 -8.90 38.25 -66.73
N LEU D 420 -8.10 37.99 -65.70
CA LEU D 420 -7.42 36.72 -65.52
C LEU D 420 -7.91 36.04 -64.25
N TRP D 421 -7.65 34.73 -64.14
CA TRP D 421 -8.04 33.93 -63.00
C TRP D 421 -6.86 33.12 -62.51
N ALA D 422 -6.69 33.05 -61.19
CA ALA D 422 -5.55 32.41 -60.56
C ALA D 422 -6.01 31.39 -59.53
N PHE D 423 -5.14 30.43 -59.25
CA PHE D 423 -5.41 29.36 -58.30
C PHE D 423 -4.12 28.97 -57.59
N LYS D 424 -4.28 28.32 -56.45
CA LYS D 424 -3.15 27.88 -55.64
C LYS D 424 -2.72 26.48 -56.06
N LYS D 425 -1.42 26.31 -56.30
CA LYS D 425 -0.84 25.02 -56.62
C LYS D 425 -0.37 24.34 -55.35
N GLN D 426 -0.66 23.05 -55.23
CA GLN D 426 -0.25 22.29 -54.07
C GLN D 426 1.19 21.82 -54.22
N LYS D 427 1.76 21.33 -53.11
CA LYS D 427 3.14 20.86 -53.09
C LYS D 427 3.17 19.39 -53.52
N THR D 428 3.71 19.14 -54.70
CA THR D 428 3.82 17.79 -55.26
C THR D 428 5.30 17.45 -55.36
N HIS D 429 5.80 16.68 -54.39
CA HIS D 429 7.21 16.32 -54.35
C HIS D 429 7.49 14.95 -54.96
N THR D 430 6.48 14.13 -55.18
CA THR D 430 6.69 12.77 -55.68
C THR D 430 5.63 12.42 -56.71
N VAL D 431 6.07 11.85 -57.83
CA VAL D 431 5.19 11.23 -58.81
C VAL D 431 5.41 9.73 -58.74
N TYR D 432 4.37 9.00 -58.38
CA TYR D 432 4.45 7.56 -58.13
C TYR D 432 3.43 6.87 -59.03
N LYS D 433 3.91 6.29 -60.13
CA LYS D 433 3.08 5.50 -61.03
C LYS D 433 3.12 4.06 -60.54
N ARG D 434 2.03 3.62 -59.93
CA ARG D 434 1.94 2.27 -59.39
C ARG D 434 1.87 1.25 -60.52
N PRO D 435 2.14 -0.02 -60.23
CA PRO D 435 1.98 -1.06 -61.26
C PRO D 435 0.55 -1.11 -61.77
N ASP D 436 0.42 -1.45 -63.07
CA ASP D 436 -0.85 -1.47 -63.79
C ASP D 436 -1.45 -0.08 -63.92
N THR D 437 -0.62 0.95 -63.95
CA THR D 437 -1.02 2.31 -64.28
C THR D 437 -0.34 2.74 -65.57
N GLN D 438 -0.68 3.95 -66.02
CA GLN D 438 -0.20 4.45 -67.29
C GLN D 438 0.09 5.94 -67.18
N SER D 439 1.23 6.33 -67.73
CA SER D 439 1.60 7.73 -67.86
C SER D 439 1.20 8.23 -69.25
N ILE D 440 0.44 9.32 -69.28
CA ILE D 440 -0.05 9.90 -70.52
C ILE D 440 0.55 11.29 -70.67
N GLN D 441 1.33 11.49 -71.72
CA GLN D 441 2.08 12.73 -71.91
C GLN D 441 1.78 13.31 -73.28
N LYS D 442 1.46 14.60 -73.33
CA LYS D 442 1.19 15.29 -74.59
C LYS D 442 2.50 15.62 -75.29
N VAL D 443 2.73 15.03 -76.45
CA VAL D 443 3.96 15.22 -77.21
C VAL D 443 3.60 15.80 -78.57
N GLN D 444 4.63 16.27 -79.28
CA GLN D 444 4.43 16.85 -80.61
C GLN D 444 4.11 15.76 -81.61
N ALA D 445 3.15 16.03 -82.48
CA ALA D 445 2.80 15.18 -83.60
C ALA D 445 2.89 15.97 -84.90
N GLU D 446 2.70 15.26 -86.01
CA GLU D 446 2.68 15.87 -87.35
C GLU D 446 3.97 16.64 -87.63
N PHE D 447 5.07 15.90 -87.60
CA PHE D 447 6.36 16.48 -87.97
C PHE D 447 6.44 16.66 -89.48
N PRO E 3 41.35 -25.49 -67.79
CA PRO E 3 41.62 -25.81 -66.38
C PRO E 3 42.80 -25.02 -65.83
N VAL E 4 42.54 -23.80 -65.39
CA VAL E 4 43.59 -22.93 -64.83
C VAL E 4 43.82 -23.27 -63.37
N TYR E 5 45.08 -23.38 -62.99
CA TYR E 5 45.48 -23.67 -61.62
C TYR E 5 46.03 -22.41 -60.97
N VAL E 6 45.61 -22.16 -59.73
CA VAL E 6 45.99 -20.96 -58.99
C VAL E 6 46.74 -21.38 -57.73
N ASP E 7 47.86 -20.71 -57.46
CA ASP E 7 48.68 -20.99 -56.28
C ASP E 7 48.08 -20.32 -55.06
N ILE E 8 46.89 -20.77 -54.69
CA ILE E 8 46.18 -20.28 -53.51
C ILE E 8 45.72 -21.48 -52.70
N ASP E 9 45.19 -21.20 -51.51
CA ASP E 9 44.72 -22.26 -50.63
C ASP E 9 43.51 -22.96 -51.24
N ALA E 10 43.36 -24.24 -50.89
CA ALA E 10 42.23 -25.02 -51.39
C ALA E 10 40.92 -24.63 -50.76
N ASP E 11 40.94 -23.89 -49.64
CA ASP E 11 39.72 -23.50 -48.94
C ASP E 11 39.70 -22.00 -48.68
N SER E 12 40.32 -21.21 -49.56
CA SER E 12 40.36 -19.77 -49.39
C SER E 12 39.06 -19.13 -49.83
N ALA E 13 38.66 -18.07 -49.13
CA ALA E 13 37.42 -17.37 -49.47
C ALA E 13 37.51 -16.61 -50.79
N PHE E 14 38.71 -16.14 -51.15
CA PHE E 14 38.91 -15.46 -52.43
C PHE E 14 38.58 -16.35 -53.62
N LEU E 15 38.77 -17.67 -53.50
CA LEU E 15 38.58 -18.59 -54.60
C LEU E 15 37.28 -18.33 -55.34
N LYS E 16 36.16 -18.35 -54.62
CA LYS E 16 34.85 -18.11 -55.24
C LYS E 16 34.85 -16.80 -56.02
N ALA E 17 35.30 -15.71 -55.40
CA ALA E 17 35.33 -14.43 -56.10
C ALA E 17 36.13 -14.54 -57.39
N LEU E 18 37.27 -15.23 -57.33
CA LEU E 18 38.08 -15.41 -58.52
C LEU E 18 37.30 -16.14 -59.61
N GLN E 19 36.55 -17.18 -59.23
N GLN E 19 36.55 -17.18 -59.23
CA GLN E 19 35.74 -17.91 -60.21
CA GLN E 19 35.74 -17.90 -60.22
C GLN E 19 34.66 -17.00 -60.78
C GLN E 19 34.65 -17.00 -60.78
N ARG E 20 34.17 -16.04 -59.99
CA ARG E 20 33.22 -15.07 -60.53
C ARG E 20 33.90 -14.11 -61.49
N ALA E 21 35.17 -13.79 -61.24
CA ALA E 21 35.90 -12.86 -62.10
C ALA E 21 36.26 -13.47 -63.45
N TYR E 22 36.40 -14.79 -63.53
CA TYR E 22 36.81 -15.49 -64.75
C TYR E 22 35.85 -16.65 -64.99
N PRO E 23 34.67 -16.38 -65.56
CA PRO E 23 33.70 -17.46 -65.77
C PRO E 23 34.06 -18.42 -66.90
N MET E 24 34.96 -18.03 -67.80
CA MET E 24 35.34 -18.90 -68.91
C MET E 24 36.42 -19.91 -68.54
N PHE E 25 36.96 -19.84 -67.33
CA PHE E 25 38.02 -20.73 -66.89
C PHE E 25 37.54 -21.56 -65.71
N GLU E 26 38.06 -22.78 -65.62
CA GLU E 26 37.84 -23.65 -64.47
C GLU E 26 38.99 -23.44 -63.50
N VAL E 27 38.78 -22.59 -62.50
CA VAL E 27 39.82 -22.21 -61.56
C VAL E 27 39.92 -23.26 -60.48
N GLU E 28 41.10 -23.86 -60.33
CA GLU E 28 41.33 -24.89 -59.34
C GLU E 28 42.54 -24.51 -58.49
N PRO E 29 42.43 -24.59 -57.17
CA PRO E 29 43.55 -24.21 -56.31
C PRO E 29 44.61 -25.29 -56.22
N ARG E 30 45.87 -24.85 -56.21
CA ARG E 30 47.01 -25.76 -56.02
C ARG E 30 48.11 -24.96 -55.31
N GLN E 31 48.13 -25.05 -53.98
CA GLN E 31 49.04 -24.26 -53.18
C GLN E 31 50.40 -24.97 -53.08
N VAL E 32 51.45 -24.27 -53.49
CA VAL E 32 52.80 -24.83 -53.43
C VAL E 32 53.72 -23.81 -52.76
N THR E 33 53.17 -22.71 -52.27
CA THR E 33 53.94 -21.65 -51.66
C THR E 33 53.08 -20.85 -50.68
N PRO E 34 53.58 -20.56 -49.48
CA PRO E 34 52.81 -19.71 -48.54
C PRO E 34 52.99 -18.23 -48.84
N ASN E 35 52.60 -17.83 -50.04
CA ASN E 35 52.81 -16.47 -50.49
C ASN E 35 51.92 -15.49 -49.72
N ASP E 36 52.52 -14.38 -49.29
CA ASP E 36 51.78 -13.36 -48.56
C ASP E 36 50.79 -12.60 -49.44
N HIS E 37 50.95 -12.65 -50.76
CA HIS E 37 50.08 -11.95 -51.70
C HIS E 37 49.69 -12.89 -52.84
N ALA E 38 49.27 -14.11 -52.48
CA ALA E 38 48.96 -15.12 -53.49
C ALA E 38 47.75 -14.74 -54.33
N ASN E 39 46.82 -13.97 -53.77
CA ASN E 39 45.65 -13.55 -54.52
C ASN E 39 46.04 -12.68 -55.71
N ALA E 40 47.00 -11.78 -55.51
CA ALA E 40 47.46 -10.93 -56.60
C ALA E 40 48.06 -11.75 -57.72
N ARG E 41 48.88 -12.74 -57.39
CA ARG E 41 49.52 -13.56 -58.42
C ARG E 41 48.49 -14.43 -59.14
N ALA E 42 47.50 -14.95 -58.41
CA ALA E 42 46.45 -15.73 -59.05
C ALA E 42 45.66 -14.87 -60.02
N PHE E 43 45.31 -13.65 -59.61
CA PHE E 43 44.57 -12.75 -60.49
C PHE E 43 45.41 -12.40 -61.72
N SER E 44 46.70 -12.15 -61.54
CA SER E 44 47.56 -11.85 -62.67
C SER E 44 47.65 -13.04 -63.63
N HIS E 45 47.75 -14.26 -63.09
CA HIS E 45 47.82 -15.45 -63.93
C HIS E 45 46.56 -15.61 -64.76
N LEU E 46 45.39 -15.49 -64.11
CA LEU E 46 44.16 -15.62 -64.88
C LEU E 46 43.96 -14.46 -65.85
N ALA E 47 44.43 -13.26 -65.51
CA ALA E 47 44.36 -12.15 -66.44
C ALA E 47 45.20 -12.41 -67.68
N ILE E 48 46.40 -12.94 -67.50
CA ILE E 48 47.24 -13.29 -68.64
C ILE E 48 46.58 -14.38 -69.48
N LYS E 49 46.01 -15.39 -68.82
CA LYS E 49 45.33 -16.45 -69.57
C LYS E 49 44.15 -15.90 -70.35
N LEU E 50 43.37 -14.99 -69.75
CA LEU E 50 42.27 -14.34 -70.45
C LEU E 50 42.77 -13.55 -71.65
N ILE E 51 43.88 -12.84 -71.48
CA ILE E 51 44.45 -12.06 -72.59
C ILE E 51 44.84 -12.98 -73.73
N GLU E 52 45.52 -14.09 -73.41
CA GLU E 52 45.91 -15.05 -74.44
C GLU E 52 44.69 -15.63 -75.15
N GLN E 53 43.64 -15.96 -74.40
CA GLN E 53 42.45 -16.52 -75.03
C GLN E 53 41.76 -15.51 -75.94
N GLU E 54 41.71 -14.24 -75.51
CA GLU E 54 40.87 -13.26 -76.18
C GLU E 54 41.49 -12.66 -77.44
N ILE E 55 42.78 -12.87 -77.69
CA ILE E 55 43.44 -12.18 -78.81
C ILE E 55 43.89 -13.17 -79.87
N ASP E 56 44.46 -12.65 -80.95
CA ASP E 56 44.87 -13.46 -82.10
C ASP E 56 46.02 -14.37 -81.73
N PRO E 57 45.90 -15.70 -81.94
CA PRO E 57 47.03 -16.60 -81.63
C PRO E 57 48.28 -16.30 -82.44
N ASP E 58 48.14 -15.79 -83.68
CA ASP E 58 49.30 -15.48 -84.52
C ASP E 58 49.55 -13.98 -84.48
N SER E 59 50.25 -13.55 -83.44
CA SER E 59 50.58 -12.14 -83.26
C SER E 59 51.71 -12.02 -82.25
N THR E 60 52.72 -11.23 -82.57
CA THR E 60 53.79 -10.96 -81.62
C THR E 60 53.25 -10.15 -80.46
N ILE E 61 53.57 -10.56 -79.23
CA ILE E 61 53.01 -9.95 -78.03
C ILE E 61 54.15 -9.29 -77.30
N LEU E 62 54.12 -7.96 -77.19
CA LEU E 62 55.11 -7.25 -76.39
C LEU E 62 54.52 -6.90 -75.04
N ASP E 63 55.21 -7.29 -73.98
CA ASP E 63 54.80 -7.01 -72.62
C ASP E 63 55.77 -6.01 -72.00
N ILE E 64 55.25 -4.87 -71.58
CA ILE E 64 56.08 -3.76 -71.12
C ILE E 64 56.49 -3.99 -69.67
N GLY E 65 57.78 -3.83 -69.38
CA GLY E 65 58.28 -3.95 -68.03
C GLY E 65 57.97 -5.28 -67.38
N SER E 66 58.11 -6.37 -68.14
CA SER E 66 57.68 -7.68 -67.69
C SER E 66 58.87 -8.51 -67.21
N ALA E 67 58.56 -9.50 -66.37
CA ALA E 67 59.56 -10.48 -65.96
C ALA E 67 59.58 -11.62 -66.96
N PRO E 68 60.71 -11.87 -67.64
CA PRO E 68 60.73 -12.91 -68.67
C PRO E 68 60.51 -14.33 -68.15
N ALA E 69 60.70 -14.56 -66.84
CA ALA E 69 60.52 -15.91 -66.31
C ALA E 69 59.05 -16.34 -66.34
N ARG E 70 58.12 -15.40 -66.19
CA ARG E 70 56.70 -15.76 -66.15
C ARG E 70 56.15 -16.14 -67.51
N ARG E 71 56.78 -15.69 -68.58
CA ARG E 71 56.30 -15.97 -69.94
C ARG E 71 56.73 -17.33 -70.46
N MET E 72 57.24 -18.21 -69.60
CA MET E 72 57.60 -19.55 -70.02
C MET E 72 56.36 -20.41 -70.25
N MET E 73 56.54 -21.49 -71.00
CA MET E 73 55.48 -22.45 -71.31
C MET E 73 54.33 -21.78 -72.04
N SER E 74 54.63 -20.79 -72.86
CA SER E 74 53.64 -20.05 -73.64
C SER E 74 54.08 -20.06 -75.10
N ASP E 75 53.35 -20.81 -75.93
CA ASP E 75 53.72 -20.93 -77.34
C ASP E 75 53.61 -19.61 -78.08
N ARG E 76 52.87 -18.64 -77.56
CA ARG E 76 52.74 -17.34 -78.21
C ARG E 76 54.05 -16.57 -78.14
N LYS E 77 54.38 -15.90 -79.25
CA LYS E 77 55.59 -15.09 -79.27
C LYS E 77 55.48 -13.93 -78.30
N TYR E 78 56.54 -13.71 -77.52
CA TYR E 78 56.58 -12.65 -76.52
C TYR E 78 57.80 -11.77 -76.74
N HIS E 79 57.59 -10.46 -76.70
CA HIS E 79 58.67 -9.47 -76.67
C HIS E 79 58.81 -8.98 -75.24
N CYS E 80 59.56 -9.73 -74.44
CA CYS E 80 59.74 -9.41 -73.03
C CYS E 80 60.65 -8.19 -72.92
N VAL E 81 60.04 -7.02 -72.75
CA VAL E 81 60.78 -5.77 -72.68
C VAL E 81 61.29 -5.59 -71.25
N CYS E 82 62.62 -5.55 -71.09
N CYS E 82 62.61 -5.54 -71.10
CA CYS E 82 63.25 -5.37 -69.79
CA CYS E 82 63.26 -5.38 -69.80
C CYS E 82 64.19 -4.18 -69.87
C CYS E 82 64.20 -4.18 -69.88
N PRO E 83 63.71 -2.97 -69.56
CA PRO E 83 64.58 -1.79 -69.65
C PRO E 83 65.72 -1.76 -68.65
N MET E 84 65.79 -2.72 -67.73
CA MET E 84 66.86 -2.80 -66.74
C MET E 84 66.91 -1.58 -65.84
N ARG E 85 65.75 -0.96 -65.58
CA ARG E 85 65.71 0.28 -64.82
C ARG E 85 65.58 0.02 -63.33
N SER E 86 64.70 -0.89 -62.93
CA SER E 86 64.51 -1.17 -61.51
C SER E 86 65.59 -2.09 -60.99
N ALA E 87 65.70 -2.14 -59.66
CA ALA E 87 66.71 -2.95 -58.99
C ALA E 87 66.41 -4.44 -59.02
N GLU E 88 65.14 -4.83 -59.15
CA GLU E 88 64.79 -6.25 -59.19
C GLU E 88 65.14 -6.90 -60.51
N ASP E 89 65.29 -6.12 -61.58
CA ASP E 89 65.46 -6.70 -62.91
C ASP E 89 66.69 -7.60 -63.07
N PRO E 90 67.88 -7.26 -62.55
CA PRO E 90 69.02 -8.19 -62.73
C PRO E 90 68.75 -9.59 -62.21
N GLU E 91 68.06 -9.70 -61.08
CA GLU E 91 67.77 -11.01 -60.51
C GLU E 91 66.69 -11.74 -61.31
N ARG E 92 65.71 -11.00 -61.85
CA ARG E 92 64.75 -11.62 -62.76
C ARG E 92 65.45 -12.17 -63.99
N LEU E 93 66.39 -11.42 -64.56
CA LEU E 93 67.13 -11.91 -65.71
C LEU E 93 68.00 -13.11 -65.33
N ALA E 94 68.58 -13.10 -64.14
CA ALA E 94 69.38 -14.25 -63.69
C ALA E 94 68.52 -15.50 -63.60
N ASN E 95 67.33 -15.38 -63.00
CA ASN E 95 66.43 -16.52 -62.91
C ASN E 95 65.95 -16.98 -64.29
N TYR E 96 65.67 -16.02 -65.17
CA TYR E 96 65.24 -16.36 -66.53
C TYR E 96 66.34 -17.11 -67.28
N ALA E 97 67.59 -16.68 -67.13
CA ALA E 97 68.70 -17.37 -67.77
C ALA E 97 68.91 -18.76 -67.16
N ARG E 98 68.71 -18.88 -65.85
CA ARG E 98 68.81 -20.19 -65.20
C ARG E 98 67.77 -21.15 -65.76
N LYS E 99 66.53 -20.69 -65.91
CA LYS E 99 65.48 -21.54 -66.47
C LYS E 99 65.76 -21.86 -67.93
N LEU E 100 66.23 -20.88 -68.70
CA LEU E 100 66.53 -21.11 -70.11
C LEU E 100 67.66 -22.11 -70.28
N ALA E 101 68.64 -22.10 -69.38
CA ALA E 101 69.74 -23.05 -69.46
C ALA E 101 69.43 -24.39 -68.80
N SER E 102 68.30 -24.50 -68.09
CA SER E 102 67.91 -25.73 -67.42
C SER E 102 67.00 -26.61 -68.27
N ALA E 103 66.60 -26.16 -69.45
CA ALA E 103 65.70 -26.92 -70.31
C ALA E 103 66.17 -26.88 -71.76
N ALA E 104 67.49 -27.02 -71.97
CA ALA E 104 68.02 -27.04 -73.32
C ALA E 104 67.59 -28.28 -74.07
N GLY E 105 67.66 -29.44 -73.42
CA GLY E 105 67.24 -30.68 -74.04
C GLY E 105 66.02 -31.29 -73.37
N LYS E 106 65.17 -30.44 -72.79
CA LYS E 106 63.99 -30.88 -72.07
C LYS E 106 62.69 -30.47 -72.76
N VAL E 107 62.63 -29.24 -73.28
CA VAL E 107 61.46 -28.74 -73.99
C VAL E 107 61.93 -28.15 -75.32
N LEU E 108 61.10 -28.30 -76.35
CA LEU E 108 61.44 -27.81 -77.69
C LEU E 108 60.34 -27.01 -78.36
N ASP E 109 59.09 -27.11 -77.91
CA ASP E 109 57.98 -26.42 -78.56
C ASP E 109 57.86 -24.96 -78.14
N ARG E 110 58.63 -24.51 -77.15
CA ARG E 110 58.50 -23.16 -76.61
C ARG E 110 59.58 -22.23 -77.14
N ASN E 111 60.17 -22.54 -78.29
CA ASN E 111 61.19 -21.70 -78.96
C ASN E 111 62.35 -21.35 -78.03
N ILE E 112 62.60 -22.18 -77.02
CA ILE E 112 63.70 -21.93 -76.09
C ILE E 112 65.05 -21.97 -76.81
N SER E 113 65.17 -22.79 -77.85
CA SER E 113 66.43 -22.89 -78.58
C SER E 113 66.79 -21.55 -79.22
N GLY E 114 65.79 -20.81 -79.72
CA GLY E 114 66.03 -19.47 -80.21
C GLY E 114 66.06 -18.41 -79.14
N LYS E 115 65.44 -18.68 -77.98
CA LYS E 115 65.52 -17.73 -76.88
C LYS E 115 66.93 -17.68 -76.29
N ILE E 116 67.64 -18.81 -76.30
CA ILE E 116 69.03 -18.81 -75.88
C ILE E 116 69.85 -17.90 -76.80
N GLY E 117 69.62 -18.01 -78.11
CA GLY E 117 70.32 -17.13 -79.04
C GLY E 117 69.95 -15.68 -78.87
N ASP E 118 68.67 -15.41 -78.58
CA ASP E 118 68.24 -14.04 -78.33
C ASP E 118 68.95 -13.46 -77.12
N LEU E 119 69.04 -14.23 -76.03
CA LEU E 119 69.77 -13.77 -74.86
C LEU E 119 71.24 -13.53 -75.18
N GLN E 120 71.89 -14.49 -75.85
CA GLN E 120 73.29 -14.29 -76.21
C GLN E 120 73.48 -13.07 -77.09
N ALA E 121 72.45 -12.72 -77.88
CA ALA E 121 72.54 -11.52 -78.71
C ALA E 121 72.42 -10.25 -77.88
N VAL E 122 71.54 -10.25 -76.89
CA VAL E 122 71.29 -9.00 -76.17
C VAL E 122 72.43 -8.65 -75.23
N MET E 123 73.25 -9.63 -74.84
CA MET E 123 74.45 -9.35 -74.06
C MET E 123 75.70 -9.18 -74.92
N ALA E 124 75.53 -8.84 -76.19
CA ALA E 124 76.65 -8.53 -77.08
C ALA E 124 76.69 -7.06 -77.46
N VAL E 125 75.58 -6.54 -77.99
CA VAL E 125 75.41 -5.13 -78.26
C VAL E 125 74.22 -4.65 -77.44
N PRO E 126 74.35 -3.59 -76.63
CA PRO E 126 73.23 -3.18 -75.78
C PRO E 126 71.99 -2.76 -76.57
N ASP E 127 72.15 -2.25 -77.79
CA ASP E 127 71.03 -1.95 -78.67
C ASP E 127 70.72 -3.09 -79.62
N THR E 128 70.51 -4.30 -79.08
CA THR E 128 70.19 -5.47 -79.89
C THR E 128 68.70 -5.73 -79.79
N GLU E 129 67.97 -5.41 -80.85
CA GLU E 129 66.52 -5.62 -80.88
C GLU E 129 66.25 -6.99 -81.50
N THR E 130 66.37 -8.03 -80.70
CA THR E 130 66.00 -9.37 -81.13
C THR E 130 64.48 -9.47 -81.22
N PRO E 131 63.97 -10.41 -82.03
CA PRO E 131 62.50 -10.50 -82.17
C PRO E 131 61.78 -10.79 -80.86
N THR E 132 62.41 -11.50 -79.93
CA THR E 132 61.73 -11.96 -78.72
C THR E 132 62.20 -11.31 -77.43
N PHE E 133 63.28 -10.52 -77.47
CA PHE E 133 63.81 -9.95 -76.24
C PHE E 133 64.66 -8.73 -76.57
N CYS E 134 64.56 -7.70 -75.73
CA CYS E 134 65.34 -6.49 -75.91
C CYS E 134 65.46 -5.77 -74.57
N LEU E 135 66.45 -4.88 -74.49
CA LEU E 135 66.71 -4.08 -73.29
C LEU E 135 66.57 -2.60 -73.65
N HIS E 136 65.34 -2.10 -73.61
CA HIS E 136 65.05 -0.70 -73.86
C HIS E 136 63.79 -0.32 -73.10
N THR E 137 63.60 0.98 -72.91
CA THR E 137 62.35 1.46 -72.36
C THR E 137 61.24 1.39 -73.41
N ASP E 138 60.00 1.48 -72.94
CA ASP E 138 58.86 1.38 -73.85
C ASP E 138 58.79 2.54 -74.84
N VAL E 139 59.48 3.65 -74.55
CA VAL E 139 59.47 4.81 -75.42
C VAL E 139 60.70 4.85 -76.33
N SER E 140 61.50 3.78 -76.36
CA SER E 140 62.66 3.73 -77.23
C SER E 140 62.81 2.42 -77.99
N CYS E 141 62.04 1.38 -77.65
CA CYS E 141 62.12 0.13 -78.38
C CYS E 141 61.61 0.30 -79.81
N ARG E 142 62.28 -0.37 -80.75
CA ARG E 142 61.99 -0.22 -82.17
C ARG E 142 61.19 -1.39 -82.75
N GLN E 143 60.78 -2.35 -81.93
CA GLN E 143 60.00 -3.48 -82.44
C GLN E 143 58.63 -3.01 -82.90
N ARG E 144 58.09 -3.70 -83.91
CA ARG E 144 56.80 -3.37 -84.50
C ARG E 144 55.89 -4.59 -84.35
N ALA E 145 55.20 -4.68 -83.21
CA ALA E 145 54.26 -5.75 -82.94
C ALA E 145 52.84 -5.21 -82.91
N ASP E 146 51.89 -6.07 -82.52
CA ASP E 146 50.47 -5.76 -82.60
C ASP E 146 49.78 -5.56 -81.27
N VAL E 147 50.25 -6.22 -80.19
CA VAL E 147 49.57 -6.16 -78.90
C VAL E 147 50.59 -5.78 -77.83
N ALA E 148 50.17 -4.90 -76.92
CA ALA E 148 50.97 -4.48 -75.78
C ALA E 148 50.35 -5.00 -74.49
N ILE E 149 51.19 -5.33 -73.52
CA ILE E 149 50.74 -5.82 -72.22
C ILE E 149 51.50 -5.07 -71.13
N TYR E 150 50.77 -4.51 -70.17
CA TYR E 150 51.34 -3.86 -68.99
C TYR E 150 50.82 -4.59 -67.77
N GLN E 151 51.55 -5.63 -67.34
CA GLN E 151 51.19 -6.40 -66.17
C GLN E 151 51.90 -5.81 -64.95
N ASP E 152 51.12 -5.29 -64.00
CA ASP E 152 51.65 -4.69 -62.78
C ASP E 152 52.66 -3.58 -63.09
N VAL E 153 52.33 -2.77 -64.09
CA VAL E 153 53.17 -1.66 -64.51
C VAL E 153 52.42 -0.39 -64.15
N TYR E 154 52.84 0.27 -63.08
CA TYR E 154 52.24 1.52 -62.64
C TYR E 154 53.17 2.72 -62.77
N ALA E 155 54.48 2.50 -62.81
CA ALA E 155 55.46 3.59 -62.86
C ALA E 155 55.79 4.01 -64.28
N VAL E 156 54.79 4.46 -65.04
CA VAL E 156 54.99 4.98 -66.38
C VAL E 156 53.78 5.81 -66.76
N HIS E 157 54.01 6.81 -67.62
CA HIS E 157 52.94 7.67 -68.09
C HIS E 157 52.11 6.93 -69.13
N ALA E 158 50.84 6.72 -68.84
CA ALA E 158 49.99 5.94 -69.74
C ALA E 158 49.86 6.56 -71.13
N PRO E 159 49.52 7.84 -71.29
CA PRO E 159 49.37 8.35 -72.67
C PRO E 159 50.64 8.27 -73.49
N THR E 160 51.79 8.56 -72.90
CA THR E 160 53.05 8.53 -73.64
C THR E 160 53.36 7.12 -74.13
N SER E 161 53.27 6.14 -73.23
CA SER E 161 53.55 4.76 -73.62
C SER E 161 52.53 4.26 -74.63
N LEU E 162 51.25 4.57 -74.43
CA LEU E 162 50.23 4.14 -75.38
C LEU E 162 50.48 4.72 -76.77
N TYR E 163 50.85 6.01 -76.84
CA TYR E 163 51.20 6.60 -78.12
C TYR E 163 52.43 5.95 -78.73
N HIS E 164 53.43 5.63 -77.91
CA HIS E 164 54.66 5.08 -78.45
C HIS E 164 54.47 3.67 -79.00
N GLN E 165 53.57 2.88 -78.41
CA GLN E 165 53.22 1.60 -79.02
C GLN E 165 52.21 1.74 -80.16
N ALA E 166 51.36 2.77 -80.12
CA ALA E 166 50.42 2.99 -81.22
C ALA E 166 51.15 3.33 -82.50
N ILE E 167 52.17 4.19 -82.42
CA ILE E 167 53.03 4.46 -83.58
C ILE E 167 53.93 3.29 -83.91
N LYS E 168 53.92 2.24 -83.10
CA LYS E 168 54.72 1.04 -83.33
C LYS E 168 53.89 -0.11 -83.87
N GLY E 169 52.64 0.16 -84.29
CA GLY E 169 51.78 -0.86 -84.84
C GLY E 169 50.91 -1.60 -83.84
N VAL E 170 51.09 -1.36 -82.55
CA VAL E 170 50.32 -2.06 -81.52
C VAL E 170 48.88 -1.54 -81.57
N ARG E 171 47.94 -2.44 -81.83
CA ARG E 171 46.52 -2.09 -81.87
C ARG E 171 45.79 -2.39 -80.58
N LEU E 172 46.28 -3.35 -79.78
CA LEU E 172 45.64 -3.76 -78.54
C LEU E 172 46.63 -3.62 -77.39
N ALA E 173 46.16 -3.11 -76.27
CA ALA E 173 46.95 -3.01 -75.06
C ALA E 173 46.12 -3.50 -73.88
N TYR E 174 46.77 -4.17 -72.94
CA TYR E 174 46.12 -4.68 -71.74
C TYR E 174 46.88 -4.17 -70.53
N TRP E 175 46.16 -3.58 -69.59
CA TRP E 175 46.75 -3.11 -68.34
C TRP E 175 46.12 -3.87 -67.18
N VAL E 176 46.91 -4.74 -66.56
CA VAL E 176 46.46 -5.52 -65.42
C VAL E 176 47.11 -4.94 -64.18
N GLY E 177 46.30 -4.39 -63.28
CA GLY E 177 46.88 -3.75 -62.11
C GLY E 177 45.82 -3.34 -61.12
N PHE E 178 46.27 -2.65 -60.09
CA PHE E 178 45.38 -2.18 -59.04
C PHE E 178 44.46 -1.09 -59.58
N ASP E 179 43.24 -1.06 -59.05
CA ASP E 179 42.27 -0.04 -59.43
C ASP E 179 42.81 1.34 -59.10
N THR E 180 42.71 2.25 -60.06
CA THR E 180 43.22 3.61 -59.92
C THR E 180 42.16 4.58 -59.44
N THR E 181 40.94 4.12 -59.19
CA THR E 181 39.89 4.99 -58.66
C THR E 181 40.26 5.64 -57.32
N PRO E 182 40.88 4.95 -56.36
CA PRO E 182 41.24 5.64 -55.11
C PRO E 182 42.16 6.83 -55.31
N PHE E 183 43.03 6.80 -56.32
CA PHE E 183 43.96 7.89 -56.54
C PHE E 183 43.35 9.07 -57.30
N MET E 184 42.21 8.87 -57.95
CA MET E 184 41.47 10.00 -58.49
C MET E 184 40.64 10.68 -57.42
N TYR E 185 40.47 10.06 -56.25
CA TYR E 185 39.81 10.65 -55.12
C TYR E 185 40.78 11.36 -54.17
N ASN E 186 42.09 11.27 -54.45
CA ASN E 186 43.12 11.96 -53.68
C ASN E 186 43.09 11.54 -52.21
N ALA E 187 43.28 10.25 -51.97
CA ALA E 187 43.30 9.70 -50.63
C ALA E 187 44.73 9.65 -50.10
N MET E 188 44.89 9.98 -48.81
CA MET E 188 46.21 9.93 -48.19
C MET E 188 46.70 8.49 -48.04
N ALA E 189 45.80 7.56 -47.73
CA ALA E 189 46.15 6.16 -47.57
C ALA E 189 44.95 5.31 -47.95
N GLY E 190 45.21 4.03 -48.19
CA GLY E 190 44.13 3.15 -48.60
C GLY E 190 44.54 1.70 -48.49
N ALA E 191 43.57 0.82 -48.73
CA ALA E 191 43.77 -0.60 -48.60
C ALA E 191 42.95 -1.36 -49.61
N TYR E 192 43.54 -2.42 -50.16
CA TYR E 192 42.83 -3.47 -50.89
C TYR E 192 42.83 -4.69 -49.98
N PRO E 193 41.85 -4.83 -49.10
CA PRO E 193 41.88 -5.93 -48.11
C PRO E 193 41.84 -7.31 -48.74
N SER E 194 41.15 -7.48 -49.87
CA SER E 194 41.01 -8.79 -50.48
C SER E 194 42.32 -9.32 -51.04
N TYR E 195 43.33 -8.47 -51.17
CA TYR E 195 44.65 -8.89 -51.65
C TYR E 195 45.73 -8.64 -50.60
N SER E 196 45.33 -8.38 -49.35
CA SER E 196 46.26 -8.08 -48.26
C SER E 196 47.17 -6.91 -48.62
N THR E 197 46.63 -5.94 -49.36
CA THR E 197 47.43 -4.84 -49.89
C THR E 197 47.10 -3.56 -49.14
N ASN E 198 48.13 -2.79 -48.82
CA ASN E 198 47.96 -1.47 -48.22
C ASN E 198 48.82 -0.47 -48.98
N TRP E 199 48.47 0.80 -48.88
CA TRP E 199 49.29 1.83 -49.48
C TRP E 199 49.11 3.13 -48.71
N ALA E 200 50.14 3.95 -48.70
CA ALA E 200 50.12 5.16 -47.91
C ALA E 200 51.08 6.19 -48.48
N ASP E 201 50.68 7.46 -48.40
CA ASP E 201 51.56 8.57 -48.72
C ASP E 201 52.71 8.63 -47.72
N GLU E 202 53.87 9.14 -48.18
CA GLU E 202 55.04 9.21 -47.31
C GLU E 202 54.83 10.11 -46.11
N GLN E 203 53.82 10.98 -46.14
CA GLN E 203 53.58 11.87 -45.02
C GLN E 203 52.91 11.16 -43.84
N VAL E 204 52.39 9.96 -44.05
CA VAL E 204 51.69 9.24 -43.00
C VAL E 204 52.23 7.83 -42.84
N LEU E 205 53.48 7.60 -43.28
CA LEU E 205 54.09 6.29 -43.05
C LEU E 205 54.44 6.07 -41.59
N LYS E 206 54.48 7.12 -40.78
CA LYS E 206 54.69 7.01 -39.35
C LYS E 206 53.39 7.12 -38.57
N ALA E 207 52.27 6.75 -39.19
CA ALA E 207 50.97 6.79 -38.52
C ALA E 207 50.88 5.63 -37.51
N LYS E 208 49.69 5.49 -36.92
CA LYS E 208 49.47 4.54 -35.84
C LYS E 208 48.50 3.44 -36.19
N ASN E 209 47.34 3.77 -36.77
CA ASN E 209 46.24 2.82 -36.91
C ASN E 209 45.75 2.76 -38.35
N ILE E 210 46.67 2.71 -39.31
CA ILE E 210 46.32 2.47 -40.71
C ILE E 210 47.03 1.20 -41.15
N GLY E 211 46.71 0.75 -42.36
CA GLY E 211 47.23 -0.52 -42.82
C GLY E 211 48.74 -0.55 -42.96
N LEU E 212 49.32 0.49 -43.52
CA LEU E 212 50.76 0.58 -43.74
C LEU E 212 51.30 1.75 -42.92
N CYS E 213 51.81 1.45 -41.73
CA CYS E 213 52.38 2.45 -40.85
C CYS E 213 53.16 1.74 -39.76
N SER E 214 54.01 2.50 -39.07
CA SER E 214 54.72 2.00 -37.90
C SER E 214 55.17 3.20 -37.08
N THR E 215 54.83 3.19 -35.78
CA THR E 215 55.20 4.29 -34.91
C THR E 215 55.87 3.76 -33.65
N ASP E 216 56.17 4.64 -32.70
CA ASP E 216 56.89 4.26 -31.49
C ASP E 216 56.10 4.68 -30.26
N LEU E 217 56.38 4.00 -29.15
CA LEU E 217 55.76 4.35 -27.88
C LEU E 217 56.34 5.66 -27.35
N THR E 218 55.47 6.59 -27.00
CA THR E 218 55.89 7.88 -26.48
C THR E 218 54.99 8.28 -25.32
N GLU E 219 55.51 9.15 -24.47
CA GLU E 219 54.80 9.60 -23.28
C GLU E 219 53.99 10.87 -23.51
N GLY E 220 54.06 11.45 -24.70
CA GLY E 220 53.38 12.72 -24.94
C GLY E 220 54.30 13.88 -24.62
N ARG E 221 55.52 13.85 -25.15
CA ARG E 221 56.53 14.84 -24.86
C ARG E 221 56.37 16.04 -25.79
N ARG E 222 57.36 16.93 -25.78
CA ARG E 222 57.36 18.07 -26.69
C ARG E 222 57.59 17.59 -28.12
N GLY E 223 56.86 18.17 -29.05
CA GLY E 223 56.98 17.79 -30.44
C GLY E 223 58.25 18.30 -31.08
N LYS E 224 58.52 17.80 -32.28
CA LYS E 224 59.72 18.20 -33.01
C LYS E 224 59.67 19.69 -33.34
N LEU E 225 60.80 20.36 -33.14
CA LEU E 225 60.95 21.76 -33.55
C LEU E 225 61.12 21.78 -35.06
N SER E 226 60.00 21.63 -35.76
CA SER E 226 60.02 21.45 -37.20
C SER E 226 60.50 22.71 -37.92
N ILE E 227 61.35 22.53 -38.92
CA ILE E 227 61.77 23.65 -39.76
C ILE E 227 60.62 24.16 -40.59
N MET E 228 59.74 23.26 -41.04
CA MET E 228 58.58 23.62 -41.84
C MET E 228 57.36 23.76 -40.96
N ARG E 229 56.60 24.83 -41.16
CA ARG E 229 55.40 25.06 -40.37
C ARG E 229 54.36 23.97 -40.60
N GLY E 230 54.20 23.53 -41.83
CA GLY E 230 53.15 22.58 -42.16
C GLY E 230 51.85 23.30 -42.49
N LYS E 231 50.95 23.37 -41.52
CA LYS E 231 49.69 24.09 -41.63
C LYS E 231 48.76 23.44 -42.64
N LYS E 232 49.21 22.37 -43.28
CA LYS E 232 48.39 21.65 -44.24
C LYS E 232 48.97 20.25 -44.43
N LEU E 233 48.10 19.25 -44.48
CA LEU E 233 48.48 17.87 -44.75
C LEU E 233 47.72 17.43 -46.00
N GLU E 234 48.39 17.49 -47.14
N GLU E 234 48.39 17.47 -47.14
CA GLU E 234 47.77 17.13 -48.41
CA GLU E 234 47.81 17.17 -48.44
C GLU E 234 48.58 16.01 -49.06
C GLU E 234 48.59 16.03 -49.08
N PRO E 235 47.94 15.14 -49.82
CA PRO E 235 48.65 14.03 -50.44
C PRO E 235 49.77 14.49 -51.36
N CYS E 236 50.90 13.79 -51.30
CA CYS E 236 52.05 14.07 -52.13
C CYS E 236 52.17 13.02 -53.22
N ASP E 237 53.05 13.29 -54.20
CA ASP E 237 53.17 12.42 -55.35
C ASP E 237 53.64 11.03 -54.96
N ARG E 238 54.60 10.93 -54.04
CA ARG E 238 55.21 9.66 -53.71
C ARG E 238 54.37 8.91 -52.70
N VAL E 239 54.01 7.66 -53.02
CA VAL E 239 53.29 6.77 -52.12
C VAL E 239 54.01 5.44 -52.10
N LEU E 240 53.72 4.65 -51.06
CA LEU E 240 54.31 3.33 -50.89
C LEU E 240 53.19 2.29 -50.91
N PHE E 241 53.41 1.23 -51.69
CA PHE E 241 52.51 0.09 -51.78
C PHE E 241 53.15 -1.11 -51.10
N SER E 242 52.39 -1.77 -50.23
CA SER E 242 52.77 -3.05 -49.63
C SER E 242 51.76 -4.08 -50.10
N VAL E 243 52.17 -4.91 -51.05
CA VAL E 243 51.36 -6.02 -51.54
C VAL E 243 51.85 -7.28 -50.85
N GLY E 244 51.24 -7.61 -49.72
CA GLY E 244 51.78 -8.67 -48.88
C GLY E 244 52.94 -8.16 -48.06
N SER E 245 54.15 -8.56 -48.42
CA SER E 245 55.37 -8.09 -47.76
C SER E 245 56.34 -7.53 -48.78
N THR E 246 55.82 -7.05 -49.92
CA THR E 246 56.64 -6.52 -51.00
C THR E 246 56.37 -5.02 -51.15
N LEU E 247 57.43 -4.24 -51.32
CA LEU E 247 57.34 -2.79 -51.37
C LEU E 247 57.49 -2.28 -52.80
N TYR E 248 56.59 -1.37 -53.18
CA TYR E 248 56.70 -0.63 -54.43
C TYR E 248 56.54 0.86 -54.19
N PRO E 249 57.54 1.68 -54.54
CA PRO E 249 57.34 3.14 -54.51
C PRO E 249 56.69 3.62 -55.79
N GLU E 250 55.51 4.22 -55.66
N GLU E 250 55.51 4.22 -55.66
CA GLU E 250 54.71 4.66 -56.78
CA GLU E 250 54.74 4.67 -56.81
C GLU E 250 54.51 6.18 -56.72
C GLU E 250 54.51 6.18 -56.72
N SER E 251 54.08 6.74 -57.85
CA SER E 251 53.80 8.17 -57.96
C SER E 251 52.34 8.38 -58.31
N ARG E 252 51.72 9.37 -57.67
CA ARG E 252 50.30 9.62 -57.88
C ARG E 252 50.01 10.06 -59.32
N LYS E 253 50.89 10.87 -59.89
CA LYS E 253 50.67 11.32 -61.27
C LYS E 253 50.65 10.16 -62.23
N LEU E 254 51.61 9.23 -62.10
CA LEU E 254 51.68 8.11 -63.00
C LEU E 254 50.52 7.13 -62.78
N LEU E 255 50.07 6.98 -61.53
CA LEU E 255 48.92 6.15 -61.25
C LEU E 255 47.65 6.74 -61.88
N LYS E 256 47.47 8.05 -61.73
CA LYS E 256 46.30 8.72 -62.29
C LYS E 256 46.35 8.74 -63.81
N SER E 257 47.55 8.70 -64.39
CA SER E 257 47.65 8.66 -65.85
C SER E 257 46.96 7.42 -66.43
N TRP E 258 46.96 6.32 -65.69
CA TRP E 258 46.35 5.09 -66.15
C TRP E 258 44.84 5.05 -65.93
N HIS E 259 44.28 6.04 -65.24
CA HIS E 259 42.82 6.15 -65.09
C HIS E 259 42.26 6.83 -66.34
N LEU E 260 42.38 6.12 -67.45
CA LEU E 260 42.00 6.67 -68.75
C LEU E 260 40.49 6.76 -68.87
N PRO E 261 39.99 7.77 -69.58
CA PRO E 261 38.55 7.85 -69.84
C PRO E 261 38.13 6.81 -70.87
N SER E 262 36.81 6.68 -71.04
CA SER E 262 36.28 5.74 -72.02
C SER E 262 36.71 6.11 -73.43
N VAL E 263 36.72 7.41 -73.75
CA VAL E 263 37.13 7.90 -75.06
C VAL E 263 38.16 9.00 -74.86
N PHE E 264 39.29 8.89 -75.54
CA PHE E 264 40.32 9.92 -75.50
C PHE E 264 41.10 9.90 -76.81
N HIS E 265 41.80 11.00 -77.08
CA HIS E 265 42.51 11.20 -78.33
C HIS E 265 44.01 11.23 -78.09
N LEU E 266 44.77 10.68 -79.04
CA LEU E 266 46.22 10.73 -79.04
C LEU E 266 46.65 11.63 -80.19
N LYS E 267 47.19 12.80 -79.87
CA LYS E 267 47.52 13.82 -80.85
C LYS E 267 49.04 14.05 -80.84
N GLY E 268 49.74 13.35 -81.72
CA GLY E 268 51.17 13.56 -81.88
C GLY E 268 51.56 13.65 -83.33
N LYS E 269 52.61 12.94 -83.73
CA LYS E 269 52.97 12.87 -85.14
C LYS E 269 51.87 12.17 -85.94
N LEU E 270 51.43 11.01 -85.47
CA LEU E 270 50.27 10.33 -86.02
C LEU E 270 49.09 10.47 -85.07
N SER E 271 47.89 10.51 -85.63
CA SER E 271 46.67 10.63 -84.85
C SER E 271 45.89 9.33 -84.84
N THR E 273 41.91 7.99 -82.53
CA THR E 273 41.12 7.89 -81.33
C THR E 273 41.38 6.57 -80.62
N CYS E 274 41.12 6.54 -79.31
CA CYS E 274 41.39 5.37 -78.48
C CYS E 274 40.25 5.14 -77.51
N ARG E 275 40.12 3.90 -77.04
CA ARG E 275 39.14 3.53 -76.04
C ARG E 275 39.83 2.83 -74.88
N CYS E 276 39.23 2.97 -73.69
CA CYS E 276 39.68 2.29 -72.49
C CYS E 276 38.46 1.72 -71.77
N ASP E 277 38.39 0.40 -71.67
CA ASP E 277 37.29 -0.28 -71.01
C ASP E 277 37.84 -1.22 -69.94
N THR E 278 37.11 -1.34 -68.84
CA THR E 278 37.46 -2.24 -67.76
C THR E 278 36.80 -3.57 -68.04
N VAL E 279 37.57 -4.53 -68.57
CA VAL E 279 37.01 -5.83 -68.92
C VAL E 279 37.04 -6.81 -67.75
N VAL E 280 37.92 -6.62 -66.77
CA VAL E 280 37.92 -7.43 -65.56
C VAL E 280 38.00 -6.51 -64.36
N SER E 281 37.20 -6.81 -63.34
CA SER E 281 37.20 -6.00 -62.11
C SER E 281 36.81 -6.91 -60.96
N CYS E 282 37.75 -7.22 -60.08
CA CYS E 282 37.50 -8.09 -58.93
C CYS E 282 38.14 -7.48 -57.69
N GLU E 283 37.30 -6.91 -56.82
CA GLU E 283 37.66 -6.62 -55.44
C GLU E 283 38.94 -5.80 -55.32
N GLY E 284 39.14 -4.89 -56.27
CA GLY E 284 40.27 -3.98 -56.24
C GLY E 284 41.30 -4.20 -57.32
N TYR E 285 41.31 -5.35 -57.98
CA TYR E 285 42.24 -5.62 -59.08
C TYR E 285 41.49 -5.59 -60.40
N VAL E 286 42.00 -4.83 -61.36
CA VAL E 286 41.31 -4.62 -62.61
C VAL E 286 42.21 -4.98 -63.78
N VAL E 287 41.57 -5.33 -64.89
CA VAL E 287 42.20 -5.55 -66.17
C VAL E 287 41.47 -4.67 -67.16
N LYS E 288 42.18 -3.67 -67.70
CA LYS E 288 41.64 -2.70 -68.64
C LYS E 288 42.11 -3.04 -70.05
N ARG E 289 41.18 -3.08 -70.99
CA ARG E 289 41.46 -3.37 -72.39
C ARG E 289 41.45 -2.06 -73.17
N ILE E 290 42.62 -1.54 -73.50
CA ILE E 290 42.77 -0.35 -74.31
C ILE E 290 42.93 -0.79 -75.76
N THR E 291 42.25 -0.13 -76.66
CA THR E 291 42.36 -0.42 -78.09
C THR E 291 42.64 0.85 -78.85
N MET E 292 43.54 0.75 -79.82
CA MET E 292 44.04 1.91 -80.57
C MET E 292 43.56 1.85 -82.01
N SER E 293 43.38 3.02 -82.60
CA SER E 293 42.94 3.14 -83.98
C SER E 293 43.49 4.41 -84.60
N PRO E 294 44.17 4.33 -85.73
CA PRO E 294 44.74 5.54 -86.34
C PRO E 294 43.66 6.47 -86.86
N GLY E 295 43.95 7.77 -86.79
CA GLY E 295 43.02 8.78 -87.22
C GLY E 295 42.09 9.24 -86.10
N LEU E 296 41.87 10.54 -86.05
CA LEU E 296 40.99 11.17 -85.07
C LEU E 296 39.55 11.03 -85.54
N TYR E 297 38.71 10.42 -84.71
CA TYR E 297 37.31 10.24 -85.05
C TYR E 297 36.45 10.51 -83.83
N GLY E 298 35.31 11.17 -84.04
CA GLY E 298 34.43 11.48 -82.94
C GLY E 298 34.96 12.61 -82.08
N LYS E 299 34.48 12.64 -80.84
CA LYS E 299 34.90 13.68 -79.89
C LYS E 299 34.86 13.09 -78.49
N THR E 300 35.62 13.69 -77.58
CA THR E 300 35.84 13.16 -76.26
C THR E 300 35.15 14.04 -75.21
N THR E 301 34.61 13.40 -74.17
CA THR E 301 34.02 14.11 -73.06
C THR E 301 34.99 14.34 -71.92
N GLY E 302 36.09 13.59 -71.87
CA GLY E 302 37.02 13.68 -70.76
C GLY E 302 36.53 13.08 -69.47
N TYR E 303 35.62 12.11 -69.53
CA TYR E 303 35.00 11.53 -68.36
C TYR E 303 35.38 10.07 -68.22
N ALA E 304 35.78 9.67 -67.01
CA ALA E 304 36.13 8.30 -66.68
C ALA E 304 35.10 7.74 -65.70
N VAL E 305 34.72 6.49 -65.91
CA VAL E 305 33.66 5.83 -65.15
C VAL E 305 34.23 4.60 -64.46
N THR E 306 33.95 4.47 -63.17
CA THR E 306 34.25 3.25 -62.42
C THR E 306 32.95 2.68 -61.87
N HIS E 307 32.69 1.41 -62.16
CA HIS E 307 31.51 0.71 -61.69
C HIS E 307 31.86 -0.08 -60.43
N HIS E 308 31.06 0.09 -59.38
CA HIS E 308 31.37 -0.49 -58.08
C HIS E 308 30.49 -1.72 -57.86
N ALA E 309 31.05 -2.90 -58.12
CA ALA E 309 30.38 -4.14 -57.72
C ALA E 309 30.27 -4.24 -56.21
N ASP E 310 31.34 -3.87 -55.51
N ASP E 310 31.33 -3.86 -55.50
CA ASP E 310 31.37 -3.80 -54.05
CA ASP E 310 31.33 -3.81 -54.05
C ASP E 310 31.42 -2.35 -53.61
C ASP E 310 31.48 -2.37 -53.59
N GLY E 311 31.09 -2.12 -52.35
CA GLY E 311 31.12 -0.76 -51.83
C GLY E 311 32.52 -0.19 -51.78
N PHE E 312 32.61 1.11 -52.03
CA PHE E 312 33.88 1.83 -51.97
C PHE E 312 33.72 3.01 -51.02
N LEU E 313 34.70 3.22 -50.14
CA LEU E 313 34.62 4.28 -49.16
C LEU E 313 35.90 5.10 -49.15
N MET E 314 35.75 6.41 -49.03
CA MET E 314 36.86 7.32 -48.76
C MET E 314 36.38 8.28 -47.67
N CYS E 315 36.97 8.19 -46.49
CA CYS E 315 36.42 8.88 -45.33
C CYS E 315 37.51 9.58 -44.54
N LYS E 316 37.09 10.60 -43.81
CA LYS E 316 37.97 11.29 -42.88
C LYS E 316 38.19 10.46 -41.63
N THR E 317 39.44 10.36 -41.20
CA THR E 317 39.79 9.64 -40.00
C THR E 317 40.95 10.34 -39.30
N THR E 318 40.90 10.32 -37.97
CA THR E 318 41.88 11.00 -37.13
C THR E 318 42.87 9.97 -36.58
N ASP E 319 44.14 10.15 -36.90
CA ASP E 319 45.20 9.31 -36.38
C ASP E 319 46.31 10.20 -35.80
N THR E 320 47.42 9.58 -35.45
CA THR E 320 48.60 10.30 -34.99
C THR E 320 49.78 9.93 -35.87
N VAL E 321 50.35 10.94 -36.53
CA VAL E 321 51.57 10.77 -37.31
C VAL E 321 52.73 11.27 -36.47
N ASP E 322 53.66 10.38 -36.15
CA ASP E 322 54.78 10.67 -35.26
C ASP E 322 54.30 11.25 -33.93
N GLY E 323 53.14 10.81 -33.47
CA GLY E 323 52.58 11.27 -32.22
C GLY E 323 51.75 12.53 -32.32
N GLU E 324 51.68 13.16 -33.49
CA GLU E 324 50.91 14.38 -33.67
C GLU E 324 49.54 14.02 -34.25
N ARG E 325 48.48 14.43 -33.55
CA ARG E 325 47.13 14.07 -33.96
C ARG E 325 46.69 14.91 -35.15
N VAL E 326 46.39 14.25 -36.26
CA VAL E 326 45.92 14.88 -37.48
C VAL E 326 44.77 14.06 -38.03
N SER E 327 44.10 14.62 -39.05
CA SER E 327 42.97 13.97 -39.71
C SER E 327 43.23 13.95 -41.20
N PHE E 328 43.09 12.78 -41.82
CA PHE E 328 43.28 12.65 -43.26
C PHE E 328 42.31 11.60 -43.80
N SER E 329 42.31 11.47 -45.13
CA SER E 329 41.37 10.61 -45.82
C SER E 329 41.94 9.21 -46.03
N VAL E 330 41.10 8.20 -45.82
CA VAL E 330 41.47 6.80 -46.01
C VAL E 330 40.39 6.14 -46.85
N CYS E 331 40.82 5.39 -47.87
CA CYS E 331 39.92 4.70 -48.78
C CYS E 331 40.04 3.19 -48.61
N THR E 332 38.99 2.49 -49.02
CA THR E 332 38.93 1.03 -48.90
C THR E 332 37.74 0.51 -49.67
N TYR E 333 37.68 -0.83 -49.78
CA TYR E 333 36.56 -1.54 -50.39
C TYR E 333 35.88 -2.39 -49.32
N VAL E 334 34.56 -2.52 -49.43
CA VAL E 334 33.74 -3.28 -48.50
C VAL E 334 32.87 -4.24 -49.31
N PRO E 335 32.75 -5.50 -48.91
CA PRO E 335 31.97 -6.46 -49.71
C PRO E 335 30.51 -6.03 -49.86
N ALA E 336 29.93 -6.42 -51.00
CA ALA E 336 28.57 -6.00 -51.33
C ALA E 336 27.55 -6.53 -50.33
N THR E 337 27.76 -7.75 -49.82
CA THR E 337 26.84 -8.30 -48.84
C THR E 337 26.80 -7.44 -47.58
N ILE E 338 27.97 -6.98 -47.13
CA ILE E 338 28.02 -6.12 -45.94
C ILE E 338 27.28 -4.82 -46.19
N CYS E 339 27.50 -4.21 -47.35
CA CYS E 339 26.83 -2.96 -47.68
C CYS E 339 25.33 -3.13 -47.74
N ASP E 340 24.86 -4.23 -48.34
CA ASP E 340 23.43 -4.49 -48.40
C ASP E 340 22.84 -4.76 -47.02
N GLN E 341 23.59 -5.42 -46.14
CA GLN E 341 23.10 -5.68 -44.79
C GLN E 341 23.11 -4.42 -43.94
N MET E 342 23.94 -3.44 -44.29
CA MET E 342 24.01 -2.19 -43.54
C MET E 342 22.99 -1.15 -43.98
N THR E 343 22.24 -1.42 -45.05
CA THR E 343 21.33 -0.41 -45.60
C THR E 343 20.23 -0.05 -44.61
N GLY E 344 19.64 -1.04 -43.95
CA GLY E 344 18.54 -0.77 -43.04
C GLY E 344 18.95 0.05 -41.84
N ILE E 345 20.08 -0.29 -41.23
CA ILE E 345 20.55 0.43 -40.04
C ILE E 345 20.99 1.85 -40.39
N LEU E 346 21.59 2.05 -41.56
CA LEU E 346 22.13 3.35 -41.95
C LEU E 346 21.06 4.38 -42.24
N ALA E 347 19.78 4.06 -42.05
CA ALA E 347 18.72 5.02 -42.26
C ALA E 347 18.66 6.06 -41.15
N THR E 348 19.25 5.78 -40.00
CA THR E 348 19.24 6.67 -38.85
C THR E 348 20.66 7.12 -38.54
N GLU E 349 20.79 7.93 -37.50
CA GLU E 349 22.10 8.34 -37.00
C GLU E 349 22.61 7.27 -36.05
N VAL E 350 23.71 6.62 -36.43
CA VAL E 350 24.28 5.52 -35.66
C VAL E 350 25.67 5.93 -35.18
N THR E 351 25.96 5.65 -33.92
CA THR E 351 27.26 5.98 -33.37
C THR E 351 28.32 5.03 -33.94
N PRO E 352 29.57 5.47 -34.00
CA PRO E 352 30.63 4.59 -34.53
C PRO E 352 30.76 3.27 -33.78
N GLU E 353 30.52 3.27 -32.48
CA GLU E 353 30.66 2.05 -31.69
C GLU E 353 29.57 1.04 -32.04
N ASP E 354 28.32 1.49 -32.09
CA ASP E 354 27.23 0.60 -32.47
C ASP E 354 27.39 0.11 -33.89
N ALA E 355 27.83 0.99 -34.80
CA ALA E 355 28.06 0.58 -36.18
C ALA E 355 29.17 -0.47 -36.26
N GLN E 356 30.24 -0.29 -35.49
CA GLN E 356 31.33 -1.26 -35.46
C GLN E 356 30.85 -2.60 -34.91
N LYS E 357 30.04 -2.58 -33.86
CA LYS E 357 29.53 -3.82 -33.29
C LYS E 357 28.63 -4.54 -34.29
N LEU E 358 27.76 -3.81 -34.98
CA LEU E 358 26.91 -4.43 -36.00
C LEU E 358 27.75 -4.99 -37.15
N LEU E 359 28.78 -4.25 -37.56
CA LEU E 359 29.65 -4.73 -38.63
C LEU E 359 30.38 -6.00 -38.22
N VAL E 360 30.84 -6.07 -36.98
CA VAL E 360 31.51 -7.26 -36.48
C VAL E 360 30.54 -8.43 -36.42
N GLY E 361 29.30 -8.17 -35.97
CA GLY E 361 28.29 -9.21 -35.96
C GLY E 361 27.99 -9.76 -37.35
N LEU E 362 27.94 -8.87 -38.35
CA LEU E 362 27.76 -9.32 -39.72
C LEU E 362 29.00 -10.04 -40.24
N ASN E 363 30.19 -9.70 -39.72
CA ASN E 363 31.41 -10.33 -40.21
C ASN E 363 31.60 -11.71 -39.60
N GLN E 364 31.58 -11.81 -38.28
N GLN E 364 31.56 -11.81 -38.28
CA GLN E 364 31.78 -13.09 -37.59
CA GLN E 364 31.68 -13.11 -37.60
C GLN E 364 30.56 -13.99 -37.77
C GLN E 364 30.47 -14.00 -37.91
N ASN E 377 35.42 -14.86 -41.98
CA ASN E 377 35.40 -13.41 -42.06
C ASN E 377 35.16 -12.93 -43.49
N THR E 378 34.05 -12.23 -43.69
CA THR E 378 33.75 -11.69 -45.02
C THR E 378 34.70 -10.57 -45.39
N MET E 379 34.98 -9.67 -44.45
CA MET E 379 35.91 -8.57 -44.65
C MET E 379 36.97 -8.61 -43.57
N LYS E 380 38.16 -8.09 -43.90
CA LYS E 380 39.26 -8.07 -42.95
C LYS E 380 38.91 -7.16 -41.77
N ASN E 381 39.19 -7.66 -40.56
CA ASN E 381 38.78 -6.94 -39.36
C ASN E 381 39.60 -5.68 -39.15
N TYR E 382 40.83 -5.63 -39.65
CA TYR E 382 41.73 -4.52 -39.36
C TYR E 382 41.21 -3.20 -39.90
N MET E 383 40.34 -3.22 -40.90
CA MET E 383 39.74 -1.98 -41.39
C MET E 383 38.27 -1.85 -41.02
N ILE E 384 37.75 -2.73 -40.16
CA ILE E 384 36.36 -2.60 -39.70
C ILE E 384 36.11 -1.29 -38.96
N PRO E 385 36.97 -0.85 -38.01
CA PRO E 385 36.64 0.39 -37.27
C PRO E 385 36.43 1.60 -38.16
N VAL E 386 37.43 1.92 -39.00
CA VAL E 386 37.35 3.12 -39.83
C VAL E 386 36.09 3.10 -40.69
N VAL E 387 35.82 1.97 -41.33
CA VAL E 387 34.62 1.84 -42.16
C VAL E 387 33.39 2.16 -41.32
N ALA E 388 33.33 1.60 -40.11
CA ALA E 388 32.23 1.91 -39.21
C ALA E 388 32.08 3.41 -39.04
N GLN E 389 33.19 4.09 -38.70
CA GLN E 389 33.14 5.54 -38.56
C GLN E 389 32.65 6.17 -39.85
N ALA E 390 33.17 5.71 -40.99
CA ALA E 390 32.71 6.21 -42.28
C ALA E 390 31.19 6.10 -42.36
N PHE E 391 30.65 4.91 -42.07
CA PHE E 391 29.22 4.74 -42.13
C PHE E 391 28.53 5.68 -41.15
N SER E 392 29.09 5.81 -39.94
CA SER E 392 28.50 6.71 -38.96
C SER E 392 28.47 8.14 -39.47
N LYS E 393 29.51 8.54 -40.20
CA LYS E 393 29.48 9.86 -40.81
C LYS E 393 28.44 9.90 -41.93
N TRP E 394 28.44 8.90 -42.81
CA TRP E 394 27.56 8.93 -43.97
C TRP E 394 26.10 9.01 -43.54
N ALA E 395 25.66 8.06 -42.70
CA ALA E 395 24.31 8.09 -42.20
C ALA E 395 24.00 9.41 -41.50
N LYS E 396 24.99 10.03 -40.88
CA LYS E 396 24.78 11.34 -40.28
C LYS E 396 24.54 12.39 -41.37
N GLU E 397 25.44 12.46 -42.35
CA GLU E 397 25.35 13.52 -43.35
C GLU E 397 24.06 13.43 -44.15
N CYS E 398 23.70 12.22 -44.57
CA CYS E 398 22.41 12.03 -45.24
C CYS E 398 21.27 12.58 -44.40
N ARG E 399 21.30 12.30 -43.10
CA ARG E 399 20.25 12.81 -42.22
CA ARG E 399 20.26 12.82 -42.21
C ARG E 399 20.22 14.33 -42.25
N LYS E 400 21.38 14.99 -42.29
N LYS E 400 21.38 14.98 -42.29
CA LYS E 400 21.40 16.44 -42.40
CA LYS E 400 21.41 16.44 -42.41
C LYS E 400 20.76 16.90 -43.70
C LYS E 400 20.76 16.90 -43.70
N ASP E 401 21.02 16.18 -44.80
CA ASP E 401 20.34 16.50 -46.05
C ASP E 401 18.83 16.34 -45.93
N MET E 402 18.38 15.45 -45.04
CA MET E 402 16.96 15.36 -44.74
C MET E 402 16.45 16.63 -44.05
N GLU E 403 17.23 17.17 -43.10
CA GLU E 403 16.73 18.28 -42.30
C GLU E 403 16.72 19.59 -43.09
N ASP E 404 17.79 19.85 -43.85
CA ASP E 404 17.90 21.08 -44.62
C ASP E 404 17.38 20.87 -46.05
N GLU E 405 16.07 20.66 -46.15
CA GLU E 405 15.44 20.44 -47.43
C GLU E 405 15.33 21.76 -48.18
N LYS E 406 15.96 21.82 -49.36
CA LYS E 406 15.95 23.03 -50.17
C LYS E 406 14.76 23.01 -51.14
N LEU E 407 14.49 24.15 -51.76
CA LEU E 407 13.46 24.22 -52.78
C LEU E 407 13.94 23.55 -54.06
N LEU E 408 12.98 23.07 -54.84
CA LEU E 408 13.30 22.36 -56.07
C LEU E 408 13.89 23.32 -57.09
N GLY E 409 15.13 23.08 -57.48
CA GLY E 409 15.78 23.87 -58.51
C GLY E 409 15.99 25.32 -58.17
N VAL E 410 16.44 25.61 -56.95
CA VAL E 410 16.75 26.97 -56.52
C VAL E 410 18.08 26.94 -55.79
N ARG E 411 19.01 27.79 -56.22
CA ARG E 411 20.30 27.97 -55.55
C ARG E 411 20.29 29.32 -54.86
N GLU E 412 20.59 29.33 -53.57
CA GLU E 412 20.59 30.56 -52.77
C GLU E 412 22.03 31.01 -52.58
N ARG E 413 22.48 31.90 -53.45
CA ARG E 413 23.84 32.45 -53.40
C ARG E 413 23.77 33.94 -53.11
N THR E 414 24.71 34.41 -52.29
CA THR E 414 24.72 35.80 -51.86
C THR E 414 25.71 36.61 -52.71
N LEU E 415 25.26 37.79 -53.15
CA LEU E 415 26.13 38.69 -53.89
C LEU E 415 27.14 39.31 -52.92
N THR E 416 28.42 39.01 -53.13
CA THR E 416 29.45 39.43 -52.18
C THR E 416 29.91 40.86 -52.46
N CYS E 417 28.96 41.79 -52.58
CA CYS E 417 29.24 43.22 -52.79
C CYS E 417 30.11 43.46 -54.02
N CYS E 418 30.07 42.54 -54.97
N CYS E 418 30.05 42.55 -54.97
CA CYS E 418 30.89 42.62 -56.17
CA CYS E 418 30.87 42.61 -56.17
C CYS E 418 30.14 41.91 -57.30
C CYS E 418 30.15 41.85 -57.28
N CYS E 419 30.84 41.57 -58.38
CA CYS E 419 30.27 40.83 -59.49
C CYS E 419 30.43 39.32 -59.33
N LEU E 420 30.60 38.85 -58.10
CA LEU E 420 30.78 37.44 -57.81
C LEU E 420 29.67 36.93 -56.92
N TRP E 421 29.47 35.61 -56.96
CA TRP E 421 28.44 34.94 -56.16
C TRP E 421 29.07 33.80 -55.37
N ALA E 422 28.68 33.69 -54.09
CA ALA E 422 29.24 32.69 -53.20
C ALA E 422 28.13 31.90 -52.54
N PHE E 423 28.44 30.66 -52.18
CA PHE E 423 27.51 29.77 -51.50
C PHE E 423 28.21 29.08 -50.35
N LYS E 424 27.42 28.40 -49.52
CA LYS E 424 27.95 27.68 -48.37
C LYS E 424 28.15 26.20 -48.72
N LYS E 425 29.33 25.69 -48.40
CA LYS E 425 29.66 24.29 -48.62
C LYS E 425 29.40 23.50 -47.35
N GLN E 426 28.70 22.38 -47.51
CA GLN E 426 28.37 21.52 -46.38
C GLN E 426 29.57 20.65 -46.00
N LYS E 427 29.48 20.05 -44.81
CA LYS E 427 30.55 19.20 -44.31
C LYS E 427 30.40 17.80 -44.91
N THR E 428 31.32 17.43 -45.78
CA THR E 428 31.34 16.10 -46.41
C THR E 428 32.55 15.35 -45.88
N HIS E 429 32.30 14.44 -44.94
CA HIS E 429 33.36 13.66 -44.32
C HIS E 429 33.55 12.29 -44.92
N THR E 430 32.55 11.76 -45.61
CA THR E 430 32.61 10.41 -46.16
C THR E 430 32.06 10.40 -47.58
N VAL E 431 32.76 9.74 -48.48
CA VAL E 431 32.28 9.45 -49.82
C VAL E 431 32.05 7.94 -49.88
N TYR E 432 30.80 7.55 -50.07
CA TYR E 432 30.37 6.15 -50.00
C TYR E 432 29.70 5.78 -51.31
N LYS E 433 30.42 5.05 -52.15
CA LYS E 433 29.87 4.53 -53.41
C LYS E 433 29.32 3.13 -53.12
N ARG E 434 28.00 3.02 -53.08
CA ARG E 434 27.35 1.75 -52.79
C ARG E 434 27.50 0.79 -53.98
N PRO E 435 27.29 -0.50 -53.75
CA PRO E 435 27.29 -1.44 -54.87
C PRO E 435 26.25 -1.06 -55.91
N ASP E 436 26.58 -1.36 -57.18
CA ASP E 436 25.76 -1.00 -58.34
C ASP E 436 25.67 0.50 -58.54
N THR E 437 26.68 1.24 -58.12
CA THR E 437 26.82 2.66 -58.40
C THR E 437 28.06 2.89 -59.26
N GLN E 438 28.27 4.14 -59.65
CA GLN E 438 29.36 4.50 -60.53
C GLN E 438 29.97 5.82 -60.10
N SER E 439 31.30 5.85 -60.06
CA SER E 439 32.04 7.08 -59.86
C SER E 439 32.40 7.68 -61.22
N ILE E 440 32.05 8.94 -61.42
CA ILE E 440 32.32 9.64 -62.67
C ILE E 440 33.27 10.79 -62.37
N GLN E 441 34.43 10.79 -63.03
CA GLN E 441 35.47 11.78 -62.76
C GLN E 441 35.94 12.42 -64.05
N LYS E 442 36.06 13.74 -64.05
CA LYS E 442 36.52 14.47 -65.22
C LYS E 442 38.04 14.36 -65.32
N VAL E 443 38.54 13.84 -66.43
CA VAL E 443 39.96 13.61 -66.64
C VAL E 443 40.38 14.27 -67.96
N GLN E 444 41.69 14.48 -68.08
CA GLN E 444 42.23 15.08 -69.30
C GLN E 444 42.14 14.10 -70.46
N ALA E 445 41.71 14.59 -71.61
CA ALA E 445 41.73 13.85 -72.86
C ALA E 445 42.60 14.60 -73.86
N GLU E 446 42.69 14.03 -75.07
CA GLU E 446 43.40 14.65 -76.19
C GLU E 446 44.85 14.95 -75.81
N PHE E 447 45.57 13.90 -75.45
CA PHE E 447 46.99 14.03 -75.13
C PHE E 447 47.80 14.24 -76.40
N PRO F 3 58.06 -36.24 -47.88
CA PRO F 3 57.60 -36.63 -46.55
C PRO F 3 58.56 -36.20 -45.45
N VAL F 4 58.40 -34.96 -44.98
CA VAL F 4 59.26 -34.41 -43.95
C VAL F 4 58.75 -34.81 -42.58
N TYR F 5 59.65 -35.28 -41.72
CA TYR F 5 59.32 -35.67 -40.36
C TYR F 5 59.86 -34.63 -39.39
N VAL F 6 59.04 -34.28 -38.40
CA VAL F 6 59.37 -33.25 -37.42
C VAL F 6 59.40 -33.87 -36.04
N ASP F 7 60.45 -33.54 -35.27
CA ASP F 7 60.60 -34.04 -33.91
C ASP F 7 59.74 -33.23 -32.94
N ILE F 8 58.43 -33.31 -33.16
CA ILE F 8 57.43 -32.65 -32.32
C ILE F 8 56.36 -33.66 -31.94
N ASP F 9 55.48 -33.24 -31.03
CA ASP F 9 54.42 -34.12 -30.57
C ASP F 9 53.45 -34.44 -31.69
N ALA F 10 52.83 -35.62 -31.61
CA ALA F 10 51.86 -36.03 -32.61
C ALA F 10 50.55 -35.26 -32.52
N ASP F 11 50.28 -34.62 -31.38
CA ASP F 11 49.04 -33.87 -31.19
C ASP F 11 49.31 -32.43 -30.78
N SER F 12 50.41 -31.86 -31.25
CA SER F 12 50.77 -30.49 -30.92
C SER F 12 49.97 -29.51 -31.76
N ALA F 13 49.53 -28.42 -31.13
CA ALA F 13 48.76 -27.41 -31.84
C ALA F 13 49.59 -26.64 -32.85
N PHE F 14 50.91 -26.57 -32.66
CA PHE F 14 51.79 -25.91 -33.61
C PHE F 14 51.86 -26.64 -34.95
N LEU F 15 51.63 -27.95 -34.94
CA LEU F 15 51.72 -28.76 -36.17
C LEU F 15 51.00 -28.10 -37.34
N LYS F 16 49.71 -27.78 -37.15
CA LYS F 16 48.94 -27.17 -38.23
C LYS F 16 49.62 -25.91 -38.76
N ALA F 17 50.08 -25.03 -37.87
CA ALA F 17 50.76 -23.82 -38.31
C ALA F 17 51.94 -24.17 -39.20
N LEU F 18 52.73 -25.16 -38.78
CA LEU F 18 53.85 -25.62 -39.59
C LEU F 18 53.37 -26.09 -40.96
N GLN F 19 52.28 -26.85 -41.00
N GLN F 19 52.27 -26.85 -41.00
CA GLN F 19 51.74 -27.30 -42.28
CA GLN F 19 51.76 -27.30 -42.29
C GLN F 19 51.29 -26.13 -43.13
C GLN F 19 51.26 -26.14 -43.14
N ARG F 20 50.80 -25.06 -42.50
CA ARG F 20 50.43 -23.87 -43.28
C ARG F 20 51.64 -23.09 -43.71
N ALA F 21 52.79 -23.29 -43.05
CA ALA F 21 54.00 -22.56 -43.42
C ALA F 21 54.78 -23.25 -44.53
N TYR F 22 54.54 -24.54 -44.76
CA TYR F 22 55.25 -25.31 -45.78
C TYR F 22 54.24 -26.16 -46.54
N PRO F 23 53.50 -25.54 -47.49
CA PRO F 23 52.48 -26.31 -48.22
C PRO F 23 53.04 -27.26 -49.26
N MET F 24 54.30 -27.12 -49.66
CA MET F 24 54.89 -28.04 -50.63
C MET F 24 55.34 -29.35 -49.99
N PHE F 25 55.33 -29.44 -48.67
CA PHE F 25 55.85 -30.61 -47.96
C PHE F 25 54.72 -31.30 -47.21
N GLU F 26 54.92 -32.57 -46.90
CA GLU F 26 54.02 -33.34 -46.05
C GLU F 26 54.68 -33.47 -44.69
N VAL F 27 54.21 -32.68 -43.73
CA VAL F 27 54.81 -32.61 -42.40
C VAL F 27 54.15 -33.66 -41.52
N GLU F 28 54.95 -34.59 -41.01
CA GLU F 28 54.45 -35.66 -40.16
C GLU F 28 55.23 -35.64 -38.85
N PRO F 29 54.56 -35.72 -37.71
CA PRO F 29 55.27 -35.65 -36.42
C PRO F 29 55.92 -36.99 -36.07
N ARG F 30 57.12 -36.90 -35.49
CA ARG F 30 57.82 -38.07 -34.96
C ARG F 30 58.64 -37.62 -33.77
N GLN F 31 58.05 -37.74 -32.57
CA GLN F 31 58.70 -37.25 -31.36
C GLN F 31 59.66 -38.30 -30.83
N VAL F 32 60.93 -37.93 -30.71
CA VAL F 32 61.95 -38.84 -30.20
C VAL F 32 62.75 -38.14 -29.12
N THR F 33 62.35 -36.91 -28.77
CA THR F 33 63.04 -36.12 -27.76
C THR F 33 62.07 -35.15 -27.10
N PRO F 34 62.10 -35.02 -25.77
CA PRO F 34 61.25 -34.02 -25.09
C PRO F 34 61.89 -32.64 -25.10
N ASN F 35 62.16 -32.14 -26.30
CA ASN F 35 62.87 -30.88 -26.47
C ASN F 35 62.01 -29.70 -26.01
N ASP F 36 62.60 -28.82 -25.23
CA ASP F 36 61.91 -27.62 -24.75
C ASP F 36 61.67 -26.60 -25.84
N HIS F 37 62.35 -26.71 -26.98
CA HIS F 37 62.21 -25.78 -28.10
C HIS F 37 62.10 -26.56 -29.41
N ALA F 38 61.24 -27.59 -29.41
CA ALA F 38 61.14 -28.47 -30.57
C ALA F 38 60.57 -27.75 -31.79
N ASN F 39 59.71 -26.75 -31.58
CA ASN F 39 59.14 -26.01 -32.70
C ASN F 39 60.22 -25.30 -33.49
N ALA F 40 61.20 -24.71 -32.80
CA ALA F 40 62.29 -24.03 -33.49
C ALA F 40 63.06 -24.98 -34.37
N ARG F 41 63.41 -26.16 -33.85
CA ARG F 41 64.17 -27.12 -34.63
C ARG F 41 63.35 -27.65 -35.80
N ALA F 42 62.06 -27.88 -35.60
CA ALA F 42 61.21 -28.35 -36.69
C ALA F 42 61.14 -27.32 -37.80
N PHE F 43 60.95 -26.04 -37.44
CA PHE F 43 60.89 -24.99 -38.45
C PHE F 43 62.22 -24.85 -39.17
N SER F 44 63.33 -24.95 -38.44
CA SER F 44 64.65 -24.89 -39.07
C SER F 44 64.85 -26.05 -40.04
N HIS F 45 64.43 -27.25 -39.65
CA HIS F 45 64.54 -28.42 -40.52
C HIS F 45 63.77 -28.20 -41.82
N LEU F 46 62.51 -27.78 -41.71
CA LEU F 46 61.73 -27.55 -42.92
C LEU F 46 62.26 -26.37 -43.72
N ALA F 47 62.86 -25.38 -43.06
CA ALA F 47 63.46 -24.26 -43.78
C ALA F 47 64.64 -24.72 -44.63
N ILE F 48 65.51 -25.55 -44.05
CA ILE F 48 66.65 -26.08 -44.79
C ILE F 48 66.17 -26.97 -45.93
N LYS F 49 65.12 -27.77 -45.68
CA LYS F 49 64.60 -28.64 -46.73
C LYS F 49 64.00 -27.82 -47.87
N LEU F 50 63.26 -26.75 -47.53
CA LEU F 50 62.73 -25.85 -48.54
C LEU F 50 63.85 -25.19 -49.34
N ILE F 51 64.91 -24.77 -48.66
CA ILE F 51 66.05 -24.15 -49.34
C ILE F 51 66.67 -25.14 -50.32
N GLU F 52 66.87 -26.39 -49.88
CA GLU F 52 67.46 -27.40 -50.74
C GLU F 52 66.57 -27.70 -51.94
N GLN F 53 65.25 -27.71 -51.74
CA GLN F 53 64.34 -27.93 -52.85
C GLN F 53 64.37 -26.78 -53.85
N GLU F 54 64.43 -25.55 -53.36
CA GLU F 54 64.19 -24.38 -54.20
C GLU F 54 65.41 -23.93 -55.02
N ILE F 55 66.59 -24.52 -54.79
CA ILE F 55 67.79 -24.04 -55.44
C ILE F 55 68.41 -25.11 -56.33
N ASP F 56 69.52 -24.76 -56.98
CA ASP F 56 70.17 -25.64 -57.95
C ASP F 56 70.78 -26.85 -57.25
N PRO F 57 70.43 -28.08 -57.64
CA PRO F 57 71.06 -29.26 -57.02
C PRO F 57 72.57 -29.32 -57.21
N ASP F 58 73.09 -28.84 -58.35
CA ASP F 58 74.53 -28.88 -58.61
C ASP F 58 75.13 -27.52 -58.27
N SER F 59 75.33 -27.29 -56.97
CA SER F 59 75.90 -26.04 -56.50
C SER F 59 76.48 -26.26 -55.11
N THR F 60 77.71 -25.78 -54.90
CA THR F 60 78.30 -25.83 -53.57
C THR F 60 77.58 -24.86 -52.65
N ILE F 61 77.21 -25.34 -51.46
CA ILE F 61 76.35 -24.59 -50.55
C ILE F 61 77.16 -24.33 -49.28
N LEU F 62 77.57 -23.08 -49.08
CA LEU F 62 78.26 -22.70 -47.86
C LEU F 62 77.24 -22.18 -46.85
N ASP F 63 77.29 -22.73 -45.64
CA ASP F 63 76.43 -22.30 -44.54
C ASP F 63 77.26 -21.65 -43.47
N ILE F 64 76.95 -20.39 -43.16
CA ILE F 64 77.76 -19.58 -42.26
C ILE F 64 77.44 -19.96 -40.82
N GLY F 65 78.48 -20.17 -40.02
CA GLY F 65 78.31 -20.46 -38.61
C GLY F 65 77.44 -21.67 -38.34
N SER F 66 77.62 -22.73 -39.11
CA SER F 66 76.71 -23.88 -39.08
C SER F 66 77.29 -25.00 -38.22
N ALA F 67 76.38 -25.85 -37.73
CA ALA F 67 76.79 -27.08 -37.06
C ALA F 67 76.92 -28.19 -38.10
N PRO F 68 78.11 -28.75 -38.28
CA PRO F 68 78.29 -29.75 -39.35
C PRO F 68 77.52 -31.03 -39.14
N ALA F 69 77.09 -31.33 -37.90
CA ALA F 69 76.37 -32.57 -37.66
C ALA F 69 75.00 -32.58 -38.33
N ARG F 70 74.36 -31.42 -38.46
CA ARG F 70 73.03 -31.35 -39.05
C ARG F 70 73.04 -31.53 -40.56
N ARG F 71 74.16 -31.21 -41.22
CA ARG F 71 74.25 -31.29 -42.66
C ARG F 71 74.51 -32.70 -43.16
N MET F 72 74.53 -33.70 -42.29
CA MET F 72 74.72 -35.07 -42.72
C MET F 72 73.48 -35.58 -43.46
N MET F 73 73.69 -36.65 -44.23
CA MET F 73 72.63 -37.28 -45.02
C MET F 73 72.02 -36.32 -46.03
N SER F 74 72.84 -35.40 -46.54
CA SER F 74 72.43 -34.46 -47.58
C SER F 74 73.42 -34.58 -48.72
N ASP F 75 72.94 -35.07 -49.88
CA ASP F 75 73.82 -35.29 -51.01
C ASP F 75 74.38 -34.01 -51.58
N ARG F 76 73.82 -32.86 -51.23
CA ARG F 76 74.33 -31.59 -51.72
C ARG F 76 75.66 -31.25 -51.06
N LYS F 77 76.58 -30.70 -51.86
CA LYS F 77 77.85 -30.25 -51.31
C LYS F 77 77.63 -29.12 -50.32
N TYR F 78 78.27 -29.23 -49.16
CA TYR F 78 78.13 -28.24 -48.09
C TYR F 78 79.50 -27.77 -47.62
N HIS F 79 79.69 -26.45 -47.61
CA HIS F 79 80.86 -25.83 -46.99
C HIS F 79 80.47 -25.41 -45.58
N CYS F 80 80.59 -26.34 -44.65
CA CYS F 80 80.23 -26.09 -43.26
C CYS F 80 81.29 -25.19 -42.64
N VAL F 81 81.01 -23.90 -42.59
CA VAL F 81 81.95 -22.93 -42.05
C VAL F 81 81.85 -22.92 -40.53
N CYS F 82 82.96 -23.22 -39.86
N CYS F 82 82.96 -23.21 -39.85
CA CYS F 82 83.01 -23.27 -38.40
CA CYS F 82 83.01 -23.27 -38.40
C CYS F 82 84.17 -22.40 -37.93
C CYS F 82 84.17 -22.41 -37.92
N PRO F 83 83.92 -21.11 -37.68
CA PRO F 83 85.02 -20.23 -37.24
C PRO F 83 85.54 -20.53 -35.84
N MET F 84 84.92 -21.45 -35.11
CA MET F 84 85.37 -21.85 -33.77
C MET F 84 85.33 -20.68 -32.78
N ARG F 85 84.42 -19.73 -33.00
CA ARG F 85 84.36 -18.53 -32.18
C ARG F 85 83.55 -18.75 -30.90
N SER F 86 82.37 -19.35 -31.02
CA SER F 86 81.53 -19.59 -29.85
C SER F 86 82.08 -20.74 -29.03
N ALA F 87 81.57 -20.86 -27.80
CA ALA F 87 82.00 -21.91 -26.89
C ALA F 87 81.27 -23.23 -27.09
N GLU F 88 80.24 -23.26 -27.93
CA GLU F 88 79.54 -24.51 -28.22
C GLU F 88 80.16 -25.26 -29.38
N ASP F 89 80.95 -24.59 -30.22
CA ASP F 89 81.53 -25.22 -31.40
C ASP F 89 82.40 -26.43 -31.10
N PRO F 90 83.26 -26.45 -30.07
CA PRO F 90 84.06 -27.67 -29.82
C PRO F 90 83.22 -28.93 -29.65
N GLU F 91 82.10 -28.83 -28.94
CA GLU F 91 81.24 -30.00 -28.78
C GLU F 91 80.59 -30.39 -30.10
N ARG F 92 80.21 -29.40 -30.91
CA ARG F 92 79.65 -29.69 -32.23
C ARG F 92 80.65 -30.42 -33.11
N LEU F 93 81.90 -29.98 -33.09
CA LEU F 93 82.93 -30.66 -33.89
C LEU F 93 83.22 -32.05 -33.35
N ALA F 94 83.22 -32.21 -32.03
CA ALA F 94 83.43 -33.53 -31.45
C ALA F 94 82.33 -34.49 -31.88
N ASN F 95 81.07 -34.04 -31.83
CA ASN F 95 79.95 -34.89 -32.25
C ASN F 95 80.01 -35.17 -33.75
N TYR F 96 80.41 -34.16 -34.55
CA TYR F 96 80.51 -34.36 -35.98
C TYR F 96 81.57 -35.39 -36.33
N ALA F 97 82.73 -35.31 -35.67
CA ALA F 97 83.77 -36.31 -35.90
C ALA F 97 83.34 -37.69 -35.40
N ARG F 98 82.60 -37.73 -34.29
CA ARG F 98 82.06 -39.00 -33.79
C ARG F 98 81.16 -39.65 -34.82
N LYS F 99 80.24 -38.86 -35.40
CA LYS F 99 79.32 -39.39 -36.40
C LYS F 99 80.06 -39.80 -37.68
N LEU F 100 81.02 -38.98 -38.12
CA LEU F 100 81.76 -39.32 -39.34
C LEU F 100 82.59 -40.58 -39.16
N ALA F 101 83.15 -40.79 -37.97
CA ALA F 101 83.90 -42.00 -37.69
C ALA F 101 83.00 -43.20 -37.37
N SER F 102 81.71 -42.99 -37.19
CA SER F 102 80.78 -44.07 -36.86
C SER F 102 80.09 -44.65 -38.09
N ALA F 103 80.37 -44.14 -39.29
CA ALA F 103 79.72 -44.61 -40.51
C ALA F 103 80.74 -44.77 -41.62
N ALA F 104 81.94 -45.24 -41.29
CA ALA F 104 82.98 -45.43 -42.31
C ALA F 104 82.59 -46.49 -43.33
N GLY F 105 82.12 -47.65 -42.84
CA GLY F 105 81.68 -48.70 -43.72
C GLY F 105 80.18 -48.83 -43.80
N LYS F 106 79.46 -47.83 -43.29
CA LYS F 106 78.00 -47.85 -43.23
C LYS F 106 77.35 -47.16 -44.43
N VAL F 107 77.69 -45.91 -44.67
CA VAL F 107 77.11 -45.13 -45.78
C VAL F 107 78.24 -44.64 -46.67
N LEU F 108 77.94 -44.49 -47.96
CA LEU F 108 78.93 -44.06 -48.94
C LEU F 108 78.42 -43.00 -49.91
N ASP F 109 77.12 -42.73 -49.97
CA ASP F 109 76.59 -41.76 -50.93
C ASP F 109 76.69 -40.32 -50.45
N ARG F 110 77.01 -40.09 -49.18
CA ARG F 110 77.08 -38.75 -48.63
C ARG F 110 78.51 -38.22 -48.54
N ASN F 111 79.39 -38.65 -49.45
CA ASN F 111 80.78 -38.20 -49.53
C ASN F 111 81.48 -38.19 -48.17
N ILE F 112 81.09 -39.10 -47.28
CA ILE F 112 81.70 -39.17 -45.95
C ILE F 112 83.16 -39.59 -46.05
N SER F 113 83.50 -40.46 -47.01
CA SER F 113 84.88 -40.92 -47.15
C SER F 113 85.82 -39.75 -47.42
N GLY F 114 85.40 -38.80 -48.27
CA GLY F 114 86.16 -37.58 -48.45
C GLY F 114 86.03 -36.58 -47.33
N LYS F 115 84.93 -36.64 -46.57
CA LYS F 115 84.76 -35.74 -45.44
C LYS F 115 85.73 -36.08 -44.32
N ILE F 116 86.06 -37.36 -44.14
CA ILE F 116 87.11 -37.74 -43.19
C ILE F 116 88.43 -37.12 -43.60
N GLY F 117 88.76 -37.16 -44.89
CA GLY F 117 89.98 -36.53 -45.35
C GLY F 117 89.97 -35.02 -45.17
N ASP F 118 88.81 -34.40 -45.40
CA ASP F 118 88.69 -32.95 -45.18
C ASP F 118 88.93 -32.61 -43.72
N LEU F 119 88.35 -33.38 -42.80
CA LEU F 119 88.59 -33.16 -41.37
C LEU F 119 90.07 -33.34 -41.05
N GLN F 120 90.68 -34.42 -41.53
CA GLN F 120 92.11 -34.61 -41.28
C GLN F 120 92.93 -33.46 -41.85
N ALA F 121 92.45 -32.84 -42.93
CA ALA F 121 93.15 -31.71 -43.51
C ALA F 121 93.05 -30.46 -42.62
N VAL F 122 91.85 -30.18 -42.11
CA VAL F 122 91.67 -28.93 -41.37
C VAL F 122 92.44 -28.94 -40.05
N MET F 123 92.60 -30.10 -39.43
CA MET F 123 93.39 -30.20 -38.20
C MET F 123 94.87 -30.42 -38.46
N ALA F 124 95.35 -30.06 -39.66
CA ALA F 124 96.77 -30.10 -39.98
C ALA F 124 97.36 -28.71 -40.12
N VAL F 125 96.77 -27.88 -40.98
CA VAL F 125 97.14 -26.47 -41.12
C VAL F 125 95.89 -25.65 -40.81
N PRO F 126 95.96 -24.65 -39.92
CA PRO F 126 94.73 -23.92 -39.55
C PRO F 126 94.11 -23.16 -40.70
N ASP F 127 94.85 -22.89 -41.77
CA ASP F 127 94.31 -22.20 -42.94
C ASP F 127 94.02 -23.15 -44.10
N THR F 128 93.70 -24.41 -43.80
CA THR F 128 93.40 -25.40 -44.83
C THR F 128 91.98 -25.16 -45.33
N GLU F 129 91.87 -24.59 -46.53
CA GLU F 129 90.56 -24.37 -47.14
C GLU F 129 90.21 -25.59 -47.99
N THR F 130 89.66 -26.61 -47.33
CA THR F 130 89.17 -27.78 -48.03
C THR F 130 87.88 -27.45 -48.75
N PRO F 131 87.50 -28.24 -49.76
CA PRO F 131 86.25 -27.95 -50.48
C PRO F 131 85.01 -27.95 -49.60
N THR F 132 84.98 -28.81 -48.57
CA THR F 132 83.76 -29.01 -47.80
C THR F 132 83.84 -28.54 -46.35
N PHE F 133 84.99 -28.05 -45.89
CA PHE F 133 85.12 -27.69 -44.49
C PHE F 133 86.32 -26.78 -44.29
N CYS F 134 86.13 -25.72 -43.51
CA CYS F 134 87.20 -24.78 -43.20
C CYS F 134 86.87 -24.07 -41.90
N LEU F 135 87.92 -23.71 -41.17
CA LEU F 135 87.81 -22.97 -39.90
C LEU F 135 88.21 -21.51 -40.15
N HIS F 136 87.28 -20.73 -40.69
CA HIS F 136 87.47 -19.30 -40.87
C HIS F 136 86.15 -18.60 -40.57
N THR F 137 86.23 -17.29 -40.35
CA THR F 137 85.03 -16.49 -40.27
C THR F 137 84.51 -16.20 -41.67
N ASP F 138 83.26 -15.73 -41.74
CA ASP F 138 82.63 -15.46 -43.03
C ASP F 138 83.32 -14.34 -43.79
N VAL F 139 84.09 -13.49 -43.11
CA VAL F 139 84.77 -12.38 -43.75
C VAL F 139 86.23 -12.69 -44.05
N SER F 140 86.66 -13.94 -43.84
CA SER F 140 88.03 -14.35 -44.15
C SER F 140 88.13 -15.67 -44.90
N CYS F 141 87.02 -16.32 -45.23
CA CYS F 141 87.07 -17.56 -45.99
C CYS F 141 87.26 -17.25 -47.47
N ARG F 142 88.09 -18.07 -48.13
CA ARG F 142 88.44 -17.86 -49.53
C ARG F 142 87.70 -18.79 -50.49
N GLN F 143 86.77 -19.61 -49.99
CA GLN F 143 86.01 -20.48 -50.88
C GLN F 143 85.07 -19.66 -51.76
N ARG F 144 84.93 -20.10 -53.01
CA ARG F 144 84.12 -19.40 -54.00
C ARG F 144 82.95 -20.31 -54.40
N ALA F 145 81.85 -20.22 -53.66
CA ALA F 145 80.65 -20.99 -53.92
C ALA F 145 79.53 -20.07 -54.42
N ASP F 146 78.34 -20.64 -54.57
CA ASP F 146 77.21 -19.93 -55.16
C ASP F 146 76.09 -19.59 -54.18
N VAL F 147 75.92 -20.37 -53.11
CA VAL F 147 74.79 -20.19 -52.20
C VAL F 147 75.33 -20.05 -50.77
N ALA F 148 74.84 -19.04 -50.05
CA ALA F 148 75.14 -18.84 -48.65
C ALA F 148 73.92 -19.18 -47.81
N ILE F 149 74.15 -19.71 -46.62
CA ILE F 149 73.08 -20.07 -45.69
C ILE F 149 73.44 -19.55 -44.31
N TYR F 150 72.49 -18.84 -43.69
CA TYR F 150 72.64 -18.33 -42.33
C TYR F 150 71.49 -18.88 -41.49
N GLN F 151 71.68 -20.08 -40.94
CA GLN F 151 70.68 -20.70 -40.09
C GLN F 151 70.96 -20.32 -38.64
N ASP F 152 70.02 -19.57 -38.04
CA ASP F 152 70.11 -19.14 -36.64
C ASP F 152 71.42 -18.40 -36.39
N VAL F 153 71.78 -17.52 -37.33
CA VAL F 153 72.99 -16.72 -37.25
C VAL F 153 72.55 -15.28 -37.04
N TYR F 154 72.56 -14.82 -35.79
CA TYR F 154 72.14 -13.48 -35.44
C TYR F 154 73.30 -12.58 -35.01
N ALA F 155 74.47 -13.14 -34.72
CA ALA F 155 75.57 -12.40 -34.10
C ALA F 155 76.62 -11.95 -35.13
N VAL F 156 76.20 -11.62 -36.35
CA VAL F 156 77.09 -11.10 -37.37
C VAL F 156 76.41 -9.92 -38.05
N HIS F 157 77.24 -9.05 -38.64
CA HIS F 157 76.74 -7.88 -39.35
C HIS F 157 76.27 -8.29 -40.72
N ALA F 158 74.97 -8.12 -40.99
CA ALA F 158 74.39 -8.61 -42.25
C ALA F 158 75.03 -8.00 -43.49
N PRO F 159 75.16 -6.68 -43.63
CA PRO F 159 75.69 -6.14 -44.89
C PRO F 159 77.14 -6.53 -45.14
N THR F 160 77.97 -6.56 -44.10
CA THR F 160 79.37 -6.93 -44.26
C THR F 160 79.50 -8.37 -44.75
N SER F 161 78.78 -9.30 -44.10
CA SER F 161 78.84 -10.70 -44.50
C SER F 161 78.26 -10.89 -45.90
N LEU F 162 77.15 -10.22 -46.20
CA LEU F 162 76.57 -10.34 -47.53
C LEU F 162 77.51 -9.85 -48.61
N TYR F 163 78.20 -8.73 -48.35
CA TYR F 163 79.19 -8.25 -49.31
C TYR F 163 80.37 -9.23 -49.44
N HIS F 164 80.82 -9.78 -48.31
CA HIS F 164 81.97 -10.68 -48.36
C HIS F 164 81.65 -11.98 -49.10
N GLN F 165 80.41 -12.44 -49.05
CA GLN F 165 80.02 -13.57 -49.88
C GLN F 165 79.65 -13.19 -51.30
N ALA F 166 79.19 -11.96 -51.52
CA ALA F 166 78.90 -11.49 -52.88
C ALA F 166 80.19 -11.38 -53.68
N ILE F 167 81.26 -10.90 -53.07
CA ILE F 167 82.57 -10.87 -53.74
C ILE F 167 83.17 -12.27 -53.85
N LYS F 168 82.51 -13.29 -53.32
CA LYS F 168 82.95 -14.67 -53.40
C LYS F 168 82.13 -15.49 -54.39
N GLY F 169 81.29 -14.84 -55.20
CA GLY F 169 80.49 -15.53 -56.18
C GLY F 169 79.14 -16.01 -55.70
N VAL F 170 78.83 -15.84 -54.42
CA VAL F 170 77.55 -16.31 -53.87
C VAL F 170 76.45 -15.40 -54.40
N ARG F 171 75.51 -15.96 -55.15
CA ARG F 171 74.40 -15.21 -55.69
C ARG F 171 73.13 -15.31 -54.85
N LEU F 172 73.00 -16.37 -54.04
CA LEU F 172 71.81 -16.60 -53.23
C LEU F 172 72.22 -16.79 -51.78
N ALA F 173 71.48 -16.16 -50.87
CA ALA F 173 71.68 -16.32 -49.44
C ALA F 173 70.34 -16.53 -48.77
N TYR F 174 70.32 -17.34 -47.72
CA TYR F 174 69.10 -17.61 -46.96
C TYR F 174 69.39 -17.35 -45.49
N TRP F 175 68.51 -16.58 -44.83
CA TRP F 175 68.63 -16.30 -43.41
C TRP F 175 67.39 -16.86 -42.71
N VAL F 176 67.58 -17.91 -41.92
CA VAL F 176 66.51 -18.52 -41.15
C VAL F 176 66.73 -18.13 -39.69
N GLY F 177 65.78 -17.39 -39.12
CA GLY F 177 65.97 -16.94 -37.76
C GLY F 177 64.73 -16.25 -37.24
N PHE F 178 64.84 -15.75 -36.01
CA PHE F 178 63.74 -15.04 -35.39
C PHE F 178 63.46 -13.73 -36.11
N ASP F 179 62.19 -13.35 -36.13
CA ASP F 179 61.80 -12.09 -36.74
C ASP F 179 62.49 -10.92 -36.06
N THR F 180 63.05 -10.03 -36.87
CA THR F 180 63.78 -8.86 -36.37
C THR F 180 62.91 -7.62 -36.26
N THR F 181 61.64 -7.71 -36.62
CA THR F 181 60.73 -6.58 -36.45
C THR F 181 60.64 -6.07 -35.01
N PRO F 182 60.58 -6.91 -33.98
CA PRO F 182 60.52 -6.37 -32.61
C PRO F 182 61.71 -5.49 -32.25
N PHE F 183 62.89 -5.74 -32.82
CA PHE F 183 64.06 -4.95 -32.49
C PHE F 183 64.15 -3.65 -33.27
N MET F 184 63.48 -3.55 -34.42
CA MET F 184 63.33 -2.27 -35.07
C MET F 184 62.36 -1.36 -34.35
N TYR F 185 61.49 -1.93 -33.51
CA TYR F 185 60.61 -1.17 -32.65
C TYR F 185 61.26 -0.79 -31.33
N ASN F 186 62.47 -1.29 -31.05
CA ASN F 186 63.24 -0.96 -29.85
C ASN F 186 62.47 -1.34 -28.57
N ALA F 187 62.12 -2.62 -28.49
CA ALA F 187 61.43 -3.16 -27.33
C ALA F 187 62.45 -3.59 -26.27
N MET F 188 62.12 -3.34 -25.01
CA MET F 188 63.01 -3.72 -23.92
C MET F 188 62.96 -5.22 -23.65
N ALA F 189 61.79 -5.84 -23.83
CA ALA F 189 61.64 -7.27 -23.66
C ALA F 189 60.59 -7.77 -24.65
N GLY F 190 60.61 -9.07 -24.92
CA GLY F 190 59.66 -9.62 -25.87
C GLY F 190 59.59 -11.12 -25.78
N ALA F 191 58.64 -11.68 -26.51
CA ALA F 191 58.38 -13.11 -26.46
C ALA F 191 57.89 -13.61 -27.81
N TYR F 192 58.37 -14.79 -28.20
CA TYR F 192 57.79 -15.60 -29.27
C TYR F 192 57.09 -16.76 -28.58
N PRO F 193 55.82 -16.60 -28.20
CA PRO F 193 55.14 -17.65 -27.41
C PRO F 193 55.01 -18.98 -28.13
N SER F 194 54.83 -18.97 -29.45
CA SER F 194 54.62 -20.20 -30.19
C SER F 194 55.87 -21.06 -30.24
N TYR F 195 57.04 -20.52 -29.91
CA TYR F 195 58.28 -21.27 -29.87
C TYR F 195 58.84 -21.36 -28.46
N SER F 196 58.03 -21.03 -27.44
CA SER F 196 58.45 -21.02 -26.05
C SER F 196 59.68 -20.13 -25.85
N THR F 197 59.76 -19.05 -26.61
CA THR F 197 60.95 -18.21 -26.65
C THR F 197 60.68 -16.90 -25.93
N ASN F 198 61.64 -16.46 -25.11
CA ASN F 198 61.59 -15.16 -24.49
C ASN F 198 62.92 -14.45 -24.71
N TRP F 199 62.91 -13.13 -24.60
CA TRP F 199 64.14 -12.37 -24.73
C TRP F 199 63.99 -11.06 -23.96
N ALA F 200 65.10 -10.60 -23.40
CA ALA F 200 65.04 -9.41 -22.56
C ALA F 200 66.38 -8.68 -22.56
N ASP F 201 66.32 -7.37 -22.41
CA ASP F 201 67.51 -6.57 -22.21
C ASP F 201 68.13 -6.90 -20.85
N GLU F 202 69.46 -6.79 -20.77
CA GLU F 202 70.15 -7.06 -19.51
C GLU F 202 69.72 -6.12 -18.40
N GLN F 203 69.18 -4.95 -18.74
CA GLN F 203 68.72 -4.01 -17.73
C GLN F 203 67.46 -4.49 -17.02
N VAL F 204 66.75 -5.47 -17.58
CA VAL F 204 65.47 -5.91 -17.01
C VAL F 204 65.46 -7.41 -16.80
N LEU F 205 66.63 -8.03 -16.68
CA LEU F 205 66.69 -9.45 -16.37
C LEU F 205 66.27 -9.75 -14.94
N LYS F 206 66.34 -8.76 -14.04
CA LYS F 206 65.89 -8.92 -12.66
C LYS F 206 64.46 -8.45 -12.48
N ALA F 207 63.66 -8.47 -13.54
CA ALA F 207 62.26 -8.09 -13.47
C ALA F 207 61.46 -9.19 -12.76
N LYS F 208 60.14 -9.00 -12.72
CA LYS F 208 59.26 -9.87 -11.94
C LYS F 208 58.25 -10.60 -12.80
N ASN F 209 57.61 -9.94 -13.76
CA ASN F 209 56.45 -10.51 -14.45
C ASN F 209 56.62 -10.46 -15.96
N ILE F 210 57.83 -10.71 -16.45
CA ILE F 210 58.07 -10.87 -17.88
C ILE F 210 58.53 -12.31 -18.11
N GLY F 211 58.62 -12.67 -19.40
CA GLY F 211 58.91 -14.06 -19.73
C GLY F 211 60.27 -14.51 -19.26
N LEU F 212 61.29 -13.69 -19.46
CA LEU F 212 62.67 -14.02 -19.08
C LEU F 212 63.10 -13.05 -17.98
N CYS F 213 62.96 -13.49 -16.74
CA CYS F 213 63.37 -12.69 -15.59
C CYS F 213 63.39 -13.60 -14.36
N SER F 214 64.04 -13.11 -13.30
CA SER F 214 64.04 -13.79 -12.01
C SER F 214 64.36 -12.76 -10.95
N THR F 215 63.55 -12.72 -9.90
CA THR F 215 63.79 -11.77 -8.81
C THR F 215 63.70 -12.46 -7.46
N ASP F 216 63.81 -11.70 -6.38
CA ASP F 216 63.81 -12.25 -5.03
C ASP F 216 62.71 -11.60 -4.20
N LEU F 217 62.29 -12.31 -3.16
CA LEU F 217 61.32 -11.75 -2.23
C LEU F 217 61.97 -10.68 -1.37
N THR F 218 61.31 -9.53 -1.26
CA THR F 218 61.80 -8.45 -0.43
C THR F 218 60.63 -7.83 0.31
N GLU F 219 60.93 -7.18 1.44
CA GLU F 219 59.91 -6.56 2.27
C GLU F 219 59.62 -5.12 1.88
N GLY F 220 60.37 -4.56 0.93
CA GLY F 220 60.19 -3.17 0.57
C GLY F 220 61.14 -2.26 1.35
N ARG F 221 62.41 -2.65 1.37
CA ARG F 221 63.41 -1.94 2.16
C ARG F 221 63.98 -0.78 1.35
N ARG F 222 65.06 -0.17 1.86
CA ARG F 222 65.75 0.87 1.12
C ARG F 222 66.42 0.30 -0.11
N GLY F 223 66.35 1.04 -1.21
CA GLY F 223 66.97 0.60 -2.44
C GLY F 223 68.47 0.74 -2.42
N LYS F 224 69.10 0.16 -3.45
CA LYS F 224 70.56 0.23 -3.56
C LYS F 224 71.02 1.67 -3.68
N LEU F 225 72.08 2.01 -2.96
CA LEU F 225 72.72 3.31 -3.07
C LEU F 225 73.53 3.31 -4.36
N SER F 226 72.83 3.48 -5.48
CA SER F 226 73.42 3.31 -6.79
C SER F 226 74.46 4.39 -7.07
N ILE F 227 75.56 3.97 -7.70
CA ILE F 227 76.59 4.93 -8.12
C ILE F 227 76.08 5.79 -9.26
N MET F 228 75.31 5.20 -10.17
CA MET F 228 74.74 5.92 -11.31
C MET F 228 73.33 6.36 -10.98
N ARG F 229 73.01 7.60 -11.35
CA ARG F 229 71.67 8.13 -11.10
C ARG F 229 70.62 7.37 -11.89
N GLY F 230 70.90 7.05 -13.15
CA GLY F 230 69.91 6.44 -14.01
C GLY F 230 69.08 7.49 -14.71
N LYS F 231 67.89 7.76 -14.17
CA LYS F 231 66.98 8.80 -14.66
C LYS F 231 66.43 8.46 -16.04
N LYS F 232 66.87 7.33 -16.60
CA LYS F 232 66.38 6.89 -17.89
C LYS F 232 66.59 5.39 -17.99
N LEU F 233 65.55 4.67 -18.43
CA LEU F 233 65.62 3.24 -18.70
C LEU F 233 65.40 3.06 -20.20
N GLU F 234 66.48 2.80 -20.92
N GLU F 234 66.48 2.76 -20.92
CA GLU F 234 66.41 2.65 -22.36
CA GLU F 234 66.45 2.67 -22.37
C GLU F 234 67.09 1.35 -22.77
C GLU F 234 67.12 1.37 -22.79
N PRO F 235 66.61 0.71 -23.83
CA PRO F 235 67.19 -0.57 -24.26
C PRO F 235 68.67 -0.45 -24.59
N CYS F 236 69.44 -1.42 -24.14
CA CYS F 236 70.88 -1.48 -24.39
C CYS F 236 71.17 -2.52 -25.47
N ASP F 237 72.41 -2.48 -25.98
CA ASP F 237 72.76 -3.34 -27.11
C ASP F 237 72.68 -4.82 -26.74
N ARG F 238 73.12 -5.18 -25.54
CA ARG F 238 73.17 -6.58 -25.15
C ARG F 238 71.79 -7.05 -24.69
N VAL F 239 71.29 -8.13 -25.30
CA VAL F 239 70.05 -8.77 -24.91
C VAL F 239 70.31 -10.25 -24.75
N LEU F 240 69.42 -10.92 -24.03
CA LEU F 240 69.49 -12.36 -23.79
C LEU F 240 68.27 -13.03 -24.38
N PHE F 241 68.51 -14.11 -25.13
CA PHE F 241 67.48 -14.94 -25.72
C PHE F 241 67.44 -16.28 -24.99
N SER F 242 66.23 -16.72 -24.64
CA SER F 242 65.99 -18.04 -24.09
C SER F 242 65.01 -18.74 -25.03
N VAL F 243 65.51 -19.72 -25.77
CA VAL F 243 64.69 -20.53 -26.65
C VAL F 243 64.49 -21.89 -25.98
N GLY F 244 63.41 -22.02 -25.23
CA GLY F 244 63.26 -23.17 -24.37
C GLY F 244 64.10 -23.00 -23.12
N SER F 245 65.20 -23.76 -23.02
CA SER F 245 66.13 -23.67 -21.90
C SER F 245 67.55 -23.50 -22.41
N THR F 246 67.74 -22.66 -23.42
CA THR F 246 69.05 -22.43 -24.01
C THR F 246 69.28 -20.93 -24.16
N LEU F 247 70.45 -20.46 -23.71
CA LEU F 247 70.75 -19.03 -23.69
C LEU F 247 71.59 -18.61 -24.89
N TYR F 248 71.24 -17.46 -25.47
CA TYR F 248 72.07 -16.78 -26.46
C TYR F 248 72.23 -15.31 -26.12
N PRO F 249 73.45 -14.82 -25.93
CA PRO F 249 73.67 -13.37 -25.81
C PRO F 249 73.79 -12.73 -27.18
N GLU F 250 72.86 -11.82 -27.48
N GLU F 250 72.86 -11.82 -27.48
CA GLU F 250 72.78 -11.16 -28.77
CA GLU F 250 72.80 -11.17 -28.78
C GLU F 250 72.95 -9.66 -28.62
C GLU F 250 72.95 -9.66 -28.62
N SER F 251 73.20 -8.99 -29.74
CA SER F 251 73.35 -7.55 -29.78
C SER F 251 72.27 -6.93 -30.65
N ARG F 252 71.73 -5.80 -30.20
CA ARG F 252 70.65 -5.14 -30.94
C ARG F 252 71.12 -4.67 -32.30
N LYS F 253 72.34 -4.15 -32.38
CA LYS F 253 72.85 -3.64 -33.65
C LYS F 253 72.94 -4.74 -34.70
N LEU F 254 73.50 -5.89 -34.32
CA LEU F 254 73.64 -6.99 -35.27
C LEU F 254 72.29 -7.61 -35.61
N LEU F 255 71.33 -7.54 -34.69
CA LEU F 255 69.99 -8.03 -34.98
C LEU F 255 69.29 -7.12 -35.98
N LYS F 256 69.38 -5.81 -35.77
CA LYS F 256 68.76 -4.86 -36.69
C LYS F 256 69.45 -4.84 -38.03
N SER F 257 70.73 -5.23 -38.08
CA SER F 257 71.43 -5.30 -39.36
C SER F 257 70.75 -6.29 -40.31
N TRP F 258 70.15 -7.35 -39.77
CA TRP F 258 69.50 -8.36 -40.59
C TRP F 258 68.08 -7.98 -40.99
N HIS F 259 67.56 -6.87 -40.50
CA HIS F 259 66.25 -6.36 -40.94
C HIS F 259 66.46 -5.55 -42.22
N LEU F 260 66.88 -6.26 -43.26
CA LEU F 260 67.26 -5.61 -44.51
C LEU F 260 66.01 -5.08 -45.22
N PRO F 261 66.15 -3.98 -45.95
CA PRO F 261 65.02 -3.48 -46.75
C PRO F 261 64.81 -4.34 -47.99
N SER F 262 63.72 -4.05 -48.70
CA SER F 262 63.43 -4.78 -49.92
C SER F 262 64.50 -4.56 -50.98
N VAL F 263 65.00 -3.33 -51.08
CA VAL F 263 66.04 -2.97 -52.03
C VAL F 263 67.14 -2.22 -51.31
N PHE F 264 68.38 -2.68 -51.46
CA PHE F 264 69.53 -1.99 -50.88
C PHE F 264 70.73 -2.20 -51.80
N HIS F 265 71.76 -1.38 -51.59
CA HIS F 265 72.95 -1.37 -52.43
C HIS F 265 74.17 -1.77 -51.61
N LEU F 266 75.08 -2.51 -52.23
CA LEU F 266 76.35 -2.90 -51.63
C LEU F 266 77.47 -2.17 -52.38
N LYS F 267 78.03 -1.15 -51.74
CA LYS F 267 79.02 -0.27 -52.37
C LYS F 267 80.38 -0.53 -51.70
N GLY F 268 81.25 -1.24 -52.41
CA GLY F 268 82.59 -1.50 -51.95
C GLY F 268 83.58 -1.57 -53.09
N LYS F 269 84.48 -2.57 -53.07
CA LYS F 269 85.36 -2.79 -54.21
C LYS F 269 84.56 -3.17 -55.44
N LEU F 270 83.64 -4.13 -55.31
CA LEU F 270 82.68 -4.46 -56.33
C LEU F 270 81.30 -3.96 -55.94
N SER F 271 80.50 -3.59 -56.93
CA SER F 271 79.15 -3.09 -56.69
C SER F 271 78.11 -4.10 -57.15
N THR F 273 73.26 -4.21 -56.96
CA THR F 273 72.03 -4.08 -56.20
C THR F 273 71.62 -5.43 -55.61
N CYS F 274 70.87 -5.40 -54.52
CA CYS F 274 70.45 -6.60 -53.81
C CYS F 274 69.01 -6.48 -53.38
N ARG F 275 68.37 -7.63 -53.17
CA ARG F 275 67.01 -7.69 -52.63
C ARG F 275 66.97 -8.57 -51.40
N CYS F 276 66.04 -8.27 -50.50
CA CYS F 276 65.74 -9.10 -49.34
C CYS F 276 64.24 -9.30 -49.26
N ASP F 277 63.80 -10.54 -49.40
CA ASP F 277 62.39 -10.88 -49.36
C ASP F 277 62.15 -11.94 -48.29
N THR F 278 61.00 -11.85 -47.62
CA THR F 278 60.60 -12.82 -46.60
C THR F 278 59.79 -13.90 -47.28
N VAL F 279 60.44 -15.04 -47.56
CA VAL F 279 59.76 -16.12 -48.26
C VAL F 279 59.02 -17.06 -47.32
N VAL F 280 59.40 -17.12 -46.04
CA VAL F 280 58.65 -17.90 -45.06
C VAL F 280 58.48 -17.05 -43.81
N SER F 281 57.29 -17.10 -43.23
CA SER F 281 56.99 -16.35 -42.02
C SER F 281 55.95 -17.13 -41.23
N CYS F 282 56.32 -17.63 -40.05
CA CYS F 282 55.42 -18.43 -39.23
C CYS F 282 55.60 -18.03 -37.77
N GLU F 283 54.66 -17.23 -37.26
CA GLU F 283 54.45 -17.02 -35.84
C GLU F 283 55.72 -16.59 -35.12
N GLY F 284 56.51 -15.74 -35.78
CA GLY F 284 57.72 -15.19 -35.19
C GLY F 284 59.01 -15.72 -35.74
N TYR F 285 58.98 -16.80 -36.54
CA TYR F 285 60.19 -17.34 -37.15
C TYR F 285 60.12 -17.14 -38.65
N VAL F 286 61.17 -16.58 -39.23
CA VAL F 286 61.15 -16.19 -40.63
C VAL F 286 62.32 -16.81 -41.37
N VAL F 287 62.12 -17.01 -42.67
CA VAL F 287 63.15 -17.39 -43.61
C VAL F 287 63.15 -16.31 -44.68
N LYS F 288 64.24 -15.57 -44.77
CA LYS F 288 64.41 -14.47 -45.71
C LYS F 288 65.36 -14.90 -46.83
N ARG F 289 64.93 -14.70 -48.07
CA ARG F 289 65.71 -15.04 -49.24
C ARG F 289 66.35 -13.77 -49.79
N ILE F 290 67.65 -13.62 -49.56
CA ILE F 290 68.42 -12.53 -50.14
C ILE F 290 69.03 -13.02 -51.43
N THR F 291 68.91 -12.22 -52.48
CA THR F 291 69.47 -12.56 -53.78
C THR F 291 70.37 -11.42 -54.25
N MET F 292 71.52 -11.78 -54.81
CA MET F 292 72.58 -10.84 -55.11
C MET F 292 72.75 -10.68 -56.62
N SER F 293 73.21 -9.51 -57.03
CA SER F 293 73.46 -9.22 -58.43
C SER F 293 74.57 -8.16 -58.55
N PRO F 294 75.59 -8.41 -59.35
CA PRO F 294 76.69 -7.45 -59.46
C PRO F 294 76.28 -6.22 -60.24
N GLY F 295 76.83 -5.08 -59.84
CA GLY F 295 76.51 -3.80 -60.45
C GLY F 295 75.39 -3.08 -59.73
N LEU F 296 75.41 -1.75 -59.87
CA LEU F 296 74.41 -0.88 -59.27
C LEU F 296 73.27 -0.66 -60.24
N TYR F 297 72.07 -1.07 -59.86
CA TYR F 297 70.90 -0.95 -60.72
C TYR F 297 69.72 -0.43 -59.91
N GLY F 298 69.00 0.53 -60.47
CA GLY F 298 67.86 1.11 -59.77
C GLY F 298 68.30 2.02 -58.64
N LYS F 299 67.33 2.34 -57.78
CA LYS F 299 67.59 3.20 -56.62
C LYS F 299 66.81 2.65 -55.43
N THR F 300 67.26 3.03 -54.24
CA THR F 300 66.75 2.48 -53.00
C THR F 300 65.97 3.52 -52.22
N THR F 301 64.89 3.08 -51.57
CA THR F 301 64.11 3.94 -50.69
C THR F 301 64.49 3.79 -49.23
N GLY F 302 65.28 2.77 -48.88
CA GLY F 302 65.62 2.51 -47.50
C GLY F 302 64.46 2.15 -46.62
N TYR F 303 63.47 1.43 -47.15
CA TYR F 303 62.27 1.06 -46.41
C TYR F 303 62.18 -0.45 -46.29
N ALA F 304 61.89 -0.93 -45.07
CA ALA F 304 61.70 -2.34 -44.80
C ALA F 304 60.26 -2.58 -44.38
N VAL F 305 59.68 -3.67 -44.88
CA VAL F 305 58.27 -3.99 -44.69
C VAL F 305 58.17 -5.36 -44.00
N THR F 306 57.36 -5.41 -42.94
CA THR F 306 56.99 -6.66 -42.30
C THR F 306 55.50 -6.84 -42.39
N HIS F 307 55.06 -7.97 -42.95
CA HIS F 307 53.64 -8.28 -43.08
C HIS F 307 53.20 -9.13 -41.91
N HIS F 308 52.12 -8.73 -41.25
CA HIS F 308 51.67 -9.39 -40.03
C HIS F 308 50.49 -10.30 -40.36
N ALA F 309 50.76 -11.60 -40.52
CA ALA F 309 49.69 -12.57 -40.60
C ALA F 309 48.93 -12.66 -39.28
N ASP F 310 49.65 -12.58 -38.17
N ASP F 310 49.65 -12.58 -38.16
CA ASP F 310 49.09 -12.55 -36.83
CA ASP F 310 49.04 -12.55 -36.84
C ASP F 310 49.33 -11.18 -36.21
C ASP F 310 49.37 -11.22 -36.17
N GLY F 311 48.55 -10.86 -35.18
CA GLY F 311 48.71 -9.58 -34.53
C GLY F 311 50.05 -9.44 -33.83
N PHE F 312 50.57 -8.22 -33.85
CA PHE F 312 51.83 -7.90 -33.19
C PHE F 312 51.60 -6.73 -32.25
N LEU F 313 52.12 -6.82 -31.03
CA LEU F 313 51.93 -5.78 -30.04
C LEU F 313 53.25 -5.36 -29.43
N MET F 314 53.41 -4.07 -29.22
CA MET F 314 54.48 -3.51 -28.40
C MET F 314 53.88 -2.45 -27.50
N CYS F 315 53.87 -2.70 -26.19
CA CYS F 315 53.08 -1.89 -25.28
C CYS F 315 53.89 -1.52 -24.04
N LYS F 316 53.51 -0.40 -23.45
CA LYS F 316 54.06 0.00 -22.17
C LYS F 316 53.50 -0.87 -21.05
N THR F 317 54.38 -1.33 -20.16
CA THR F 317 53.97 -2.12 -19.01
C THR F 317 54.87 -1.78 -17.83
N THR F 318 54.26 -1.80 -16.64
CA THR F 318 54.93 -1.43 -15.40
C THR F 318 55.27 -2.69 -14.63
N ASP F 319 56.56 -2.89 -14.37
CA ASP F 319 57.05 -4.02 -13.60
C ASP F 319 57.98 -3.51 -12.50
N THR F 320 58.63 -4.43 -11.82
CA THR F 320 59.62 -4.11 -10.80
C THR F 320 60.94 -4.78 -11.16
N VAL F 321 61.96 -3.97 -11.42
CA VAL F 321 63.30 -4.46 -11.65
C VAL F 321 64.09 -4.32 -10.36
N ASP F 322 64.52 -5.45 -9.80
CA ASP F 322 65.19 -5.49 -8.50
C ASP F 322 64.36 -4.78 -7.42
N GLY F 323 63.04 -4.90 -7.52
CA GLY F 323 62.14 -4.27 -6.57
C GLY F 323 61.80 -2.83 -6.85
N GLU F 324 62.38 -2.22 -7.88
CA GLU F 324 62.10 -0.83 -8.22
C GLU F 324 61.05 -0.79 -9.33
N ARG F 325 59.94 -0.09 -9.07
CA ARG F 325 58.86 -0.03 -10.03
C ARG F 325 59.23 0.91 -11.17
N VAL F 326 59.29 0.35 -12.38
CA VAL F 326 59.59 1.10 -13.60
C VAL F 326 58.61 0.66 -14.68
N SER F 327 58.62 1.39 -15.79
CA SER F 327 57.76 1.11 -16.93
C SER F 327 58.61 1.01 -18.19
N PHE F 328 58.40 -0.05 -18.96
CA PHE F 328 59.15 -0.24 -20.20
C PHE F 328 58.28 -0.98 -21.21
N SER F 329 58.81 -1.10 -22.43
CA SER F 329 58.06 -1.66 -23.54
C SER F 329 58.27 -3.16 -23.64
N VAL F 330 57.18 -3.88 -23.90
CA VAL F 330 57.20 -5.32 -24.07
C VAL F 330 56.44 -5.65 -25.35
N CYS F 331 57.02 -6.51 -26.18
CA CYS F 331 56.44 -6.89 -27.46
C CYS F 331 56.13 -8.38 -27.49
N THR F 332 55.17 -8.74 -28.33
CA THR F 332 54.76 -10.14 -28.47
C THR F 332 53.87 -10.29 -29.71
N TYR F 333 53.51 -11.54 -29.99
CA TYR F 333 52.62 -11.91 -31.08
C TYR F 333 51.35 -12.52 -30.51
N VAL F 334 50.23 -12.28 -31.17
CA VAL F 334 48.92 -12.76 -30.76
C VAL F 334 48.26 -13.41 -31.98
N PRO F 335 47.66 -14.60 -31.83
CA PRO F 335 47.10 -15.28 -33.01
C PRO F 335 45.97 -14.48 -33.65
N ALA F 336 45.82 -14.67 -34.97
CA ALA F 336 44.88 -13.85 -35.73
C ALA F 336 43.44 -14.09 -35.31
N THR F 337 43.11 -15.32 -34.90
CA THR F 337 41.76 -15.60 -34.43
C THR F 337 41.44 -14.77 -33.19
N ILE F 338 42.38 -14.67 -32.26
CA ILE F 338 42.17 -13.87 -31.05
C ILE F 338 41.98 -12.41 -31.42
N CYS F 339 42.80 -11.89 -32.34
CA CYS F 339 42.67 -10.49 -32.75
C CYS F 339 41.32 -10.24 -33.42
N ASP F 340 40.87 -11.15 -34.27
CA ASP F 340 39.59 -10.98 -34.95
C ASP F 340 38.42 -11.08 -33.97
N GLN F 341 38.51 -11.95 -32.97
CA GLN F 341 37.49 -11.99 -31.93
C GLN F 341 37.55 -10.78 -31.03
N MET F 342 38.70 -10.11 -30.97
CA MET F 342 38.88 -8.93 -30.14
C MET F 342 38.34 -7.66 -30.77
N THR F 343 38.09 -7.66 -32.08
CA THR F 343 37.75 -6.44 -32.79
C THR F 343 36.43 -5.85 -32.31
N GLY F 344 35.43 -6.70 -32.06
CA GLY F 344 34.10 -6.20 -31.77
C GLY F 344 34.01 -5.38 -30.49
N ILE F 345 34.65 -5.86 -29.42
CA ILE F 345 34.52 -5.18 -28.14
C ILE F 345 35.61 -4.15 -27.90
N LEU F 346 36.64 -4.09 -28.75
CA LEU F 346 37.62 -3.01 -28.65
C LEU F 346 37.14 -1.71 -29.27
N ALA F 347 35.85 -1.58 -29.57
CA ALA F 347 35.32 -0.33 -30.10
C ALA F 347 35.08 0.69 -29.01
N THR F 348 35.07 0.27 -27.75
CA THR F 348 34.80 1.11 -26.61
C THR F 348 35.98 1.08 -25.65
N GLU F 349 35.81 1.73 -24.50
CA GLU F 349 36.82 1.74 -23.44
C GLU F 349 36.62 0.50 -22.58
N VAL F 350 37.62 -0.37 -22.55
CA VAL F 350 37.56 -1.61 -21.79
C VAL F 350 38.69 -1.63 -20.78
N THR F 351 38.36 -1.99 -19.54
CA THR F 351 39.37 -2.07 -18.50
C THR F 351 40.27 -3.29 -18.73
N PRO F 352 41.51 -3.24 -18.25
CA PRO F 352 42.39 -4.41 -18.41
C PRO F 352 41.86 -5.67 -17.75
N GLU F 353 41.11 -5.55 -16.66
CA GLU F 353 40.55 -6.71 -15.99
C GLU F 353 39.51 -7.40 -16.87
N ASP F 354 38.56 -6.62 -17.39
CA ASP F 354 37.55 -7.19 -18.29
C ASP F 354 38.18 -7.70 -19.57
N ALA F 355 39.16 -6.98 -20.10
CA ALA F 355 39.85 -7.43 -21.30
C ALA F 355 40.56 -8.76 -21.06
N GLN F 356 41.19 -8.91 -19.90
CA GLN F 356 41.88 -10.16 -19.59
C GLN F 356 40.90 -11.30 -19.41
N LYS F 357 39.75 -11.04 -18.78
CA LYS F 357 38.75 -12.08 -18.63
C LYS F 357 38.19 -12.52 -19.98
N LEU F 358 37.92 -11.56 -20.87
CA LEU F 358 37.44 -11.92 -22.20
C LEU F 358 38.51 -12.66 -23.00
N LEU F 359 39.77 -12.25 -22.85
CA LEU F 359 40.87 -12.95 -23.52
C LEU F 359 40.96 -14.39 -23.05
N VAL F 360 40.84 -14.62 -21.74
CA VAL F 360 40.89 -15.96 -21.21
C VAL F 360 39.71 -16.78 -21.70
N GLY F 361 38.52 -16.17 -21.72
CA GLY F 361 37.36 -16.87 -22.25
C GLY F 361 37.52 -17.27 -23.70
N LEU F 362 38.15 -16.42 -24.51
CA LEU F 362 38.42 -16.79 -25.89
C LEU F 362 39.56 -17.80 -26.00
N ASN F 363 40.42 -17.87 -24.99
CA ASN F 363 41.53 -18.82 -25.04
C ASN F 363 41.09 -20.21 -24.59
N GLN F 364 40.49 -20.32 -23.41
N GLN F 364 40.48 -20.31 -23.42
CA GLN F 364 40.04 -21.61 -22.90
CA GLN F 364 39.98 -21.59 -22.90
C GLN F 364 38.80 -22.08 -23.64
C GLN F 364 38.88 -22.14 -23.79
N ASN F 377 44.58 -24.32 -25.60
CA ASN F 377 45.01 -22.94 -25.49
C ASN F 377 45.56 -22.42 -26.82
N THR F 378 44.85 -21.46 -27.41
CA THR F 378 45.31 -20.87 -28.67
C THR F 378 46.57 -20.05 -28.46
N MET F 379 46.64 -19.30 -27.36
CA MET F 379 47.81 -18.51 -27.03
C MET F 379 48.26 -18.85 -25.61
N LYS F 380 49.56 -18.70 -25.37
CA LYS F 380 50.10 -18.97 -24.04
C LYS F 380 49.53 -18.01 -23.02
N ASN F 381 49.15 -18.55 -21.85
CA ASN F 381 48.46 -17.74 -20.85
C ASN F 381 49.40 -16.75 -20.17
N TYR F 382 50.70 -17.06 -20.13
CA TYR F 382 51.63 -16.23 -19.36
C TYR F 382 51.75 -14.83 -19.92
N MET F 383 51.45 -14.62 -21.21
CA MET F 383 51.47 -13.29 -21.79
C MET F 383 50.07 -12.73 -21.98
N ILE F 384 49.03 -13.43 -21.52
CA ILE F 384 47.66 -12.91 -21.66
C ILE F 384 47.45 -11.59 -20.94
N PRO F 385 47.89 -11.40 -19.68
CA PRO F 385 47.57 -10.14 -18.99
C PRO F 385 48.11 -8.91 -19.70
N VAL F 386 49.41 -8.87 -19.99
CA VAL F 386 50.02 -7.68 -20.60
C VAL F 386 49.31 -7.33 -21.90
N VAL F 387 49.09 -8.34 -22.76
CA VAL F 387 48.37 -8.11 -24.01
C VAL F 387 47.02 -7.48 -23.73
N ALA F 388 46.29 -8.04 -22.76
CA ALA F 388 45.02 -7.44 -22.35
C ALA F 388 45.21 -5.97 -22.00
N GLN F 389 46.19 -5.69 -21.15
CA GLN F 389 46.49 -4.30 -20.79
C GLN F 389 46.79 -3.50 -22.05
N ALA F 390 47.62 -4.06 -22.93
CA ALA F 390 47.90 -3.41 -24.20
C ALA F 390 46.61 -3.06 -24.91
N PHE F 391 45.71 -4.04 -25.04
CA PHE F 391 44.45 -3.78 -25.73
C PHE F 391 43.67 -2.70 -25.00
N SER F 392 43.66 -2.74 -23.67
CA SER F 392 42.95 -1.71 -22.90
C SER F 392 43.51 -0.34 -23.22
N LYS F 393 44.82 -0.23 -23.42
CA LYS F 393 45.39 1.03 -23.83
C LYS F 393 45.00 1.38 -25.26
N TRP F 394 45.11 0.40 -26.17
CA TRP F 394 44.88 0.69 -27.58
C TRP F 394 43.45 1.18 -27.82
N ALA F 395 42.47 0.40 -27.35
CA ALA F 395 41.08 0.81 -27.46
C ALA F 395 40.86 2.16 -26.79
N LYS F 396 41.61 2.47 -25.74
CA LYS F 396 41.52 3.79 -25.14
C LYS F 396 42.05 4.86 -26.08
N GLU F 397 43.26 4.66 -26.61
CA GLU F 397 43.89 5.71 -27.40
C GLU F 397 43.08 6.01 -28.66
N CYS F 398 42.63 4.96 -29.35
CA CYS F 398 41.74 5.16 -30.50
C CYS F 398 40.54 6.02 -30.12
N ARG F 399 39.94 5.73 -28.97
CA ARG F 399 38.80 6.52 -28.52
CA ARG F 399 38.80 6.52 -28.50
C ARG F 399 39.17 7.99 -28.39
N LYS F 400 40.37 8.28 -27.88
N LYS F 400 40.37 8.29 -27.88
CA LYS F 400 40.79 9.67 -27.79
CA LYS F 400 40.81 9.68 -27.79
C LYS F 400 40.91 10.31 -29.17
C LYS F 400 40.91 10.32 -29.16
N ASP F 401 41.42 9.57 -30.15
CA ASP F 401 41.46 10.07 -31.51
C ASP F 401 40.06 10.35 -32.03
N MET F 402 39.06 9.62 -31.53
CA MET F 402 37.68 9.92 -31.88
C MET F 402 37.23 11.25 -31.26
N GLU F 403 37.63 11.51 -30.02
CA GLU F 403 37.16 12.71 -29.33
C GLU F 403 37.81 13.96 -29.88
N ASP F 404 39.13 13.93 -30.07
CA ASP F 404 39.89 15.07 -30.56
C ASP F 404 39.97 15.04 -32.09
N GLU F 405 38.80 15.18 -32.71
CA GLU F 405 38.72 15.17 -34.17
C GLU F 405 39.30 16.47 -34.72
N LYS F 406 40.29 16.34 -35.60
CA LYS F 406 40.96 17.49 -36.18
C LYS F 406 40.34 17.83 -37.54
N LEU F 407 40.73 18.97 -38.09
CA LEU F 407 40.31 19.35 -39.42
C LEU F 407 41.10 18.59 -40.48
N LEU F 408 40.51 18.45 -41.66
CA LEU F 408 41.14 17.70 -42.73
C LEU F 408 42.34 18.47 -43.26
N GLY F 409 43.52 17.86 -43.22
CA GLY F 409 44.70 18.47 -43.77
C GLY F 409 45.09 19.79 -43.15
N VAL F 410 45.13 19.87 -41.82
CA VAL F 410 45.52 21.07 -41.11
C VAL F 410 46.36 20.67 -39.90
N ARG F 411 47.53 21.29 -39.76
CA ARG F 411 48.39 21.09 -38.60
C ARG F 411 48.44 22.38 -37.80
N GLU F 412 48.07 22.32 -36.53
CA GLU F 412 48.08 23.47 -35.64
C GLU F 412 49.39 23.47 -34.86
N ARG F 413 50.35 24.24 -35.33
CA ARG F 413 51.66 24.33 -34.72
C ARG F 413 51.94 25.77 -34.31
N THR F 414 52.47 25.95 -33.10
CA THR F 414 52.69 27.27 -32.53
C THR F 414 54.11 27.75 -32.83
N LEU F 415 54.23 29.00 -33.26
CA LEU F 415 55.54 29.60 -33.47
C LEU F 415 56.17 29.91 -32.13
N THR F 416 57.30 29.27 -31.83
CA THR F 416 57.92 29.39 -30.51
C THR F 416 58.81 30.63 -30.42
N CYS F 417 58.27 31.79 -30.82
CA CYS F 417 58.98 33.07 -30.72
C CYS F 417 60.32 33.06 -31.46
N CYS F 418 60.43 32.17 -32.45
N CYS F 418 60.43 32.18 -32.46
CA CYS F 418 61.67 31.98 -33.19
CA CYS F 418 61.67 32.01 -33.21
C CYS F 418 61.30 31.53 -34.61
C CYS F 418 61.29 31.48 -34.59
N CYS F 419 62.29 31.02 -35.34
CA CYS F 419 62.07 30.47 -36.68
C CYS F 419 61.73 28.98 -36.65
N LEU F 420 61.22 28.49 -35.53
CA LEU F 420 60.90 27.08 -35.35
C LEU F 420 59.41 26.92 -35.05
N TRP F 421 58.90 25.73 -35.32
CA TRP F 421 57.50 25.38 -35.10
C TRP F 421 57.41 24.14 -34.25
N ALA F 422 56.45 24.13 -33.31
CA ALA F 422 56.30 23.04 -32.36
C ALA F 422 54.85 22.58 -32.31
N PHE F 423 54.68 21.28 -32.06
CA PHE F 423 53.37 20.67 -31.93
C PHE F 423 53.33 19.84 -30.66
N LYS F 424 52.11 19.43 -30.27
CA LYS F 424 51.92 18.59 -29.10
C LYS F 424 51.87 17.12 -29.51
N LYS F 425 52.61 16.29 -28.82
CA LYS F 425 52.64 14.86 -29.05
C LYS F 425 51.65 14.17 -28.12
N GLN F 426 50.89 13.23 -28.67
CA GLN F 426 49.89 12.51 -27.89
C GLN F 426 50.54 11.34 -27.15
N LYS F 427 49.80 10.78 -26.20
CA LYS F 427 50.29 9.68 -25.39
C LYS F 427 50.02 8.37 -26.13
N THR F 428 51.08 7.75 -26.65
CA THR F 428 51.00 6.48 -27.36
C THR F 428 51.65 5.41 -26.49
N HIS F 429 50.82 4.57 -25.87
CA HIS F 429 51.31 3.51 -25.00
C HIS F 429 51.32 2.14 -25.65
N THR F 430 50.62 1.97 -26.78
CA THR F 430 50.54 0.67 -27.43
C THR F 430 50.65 0.83 -28.94
N VAL F 431 51.47 0.00 -29.55
CA VAL F 431 51.54 -0.16 -30.99
C VAL F 431 50.98 -1.53 -31.31
N TYR F 432 49.85 -1.56 -32.02
CA TYR F 432 49.10 -2.79 -32.27
C TYR F 432 48.95 -2.95 -33.78
N LYS F 433 49.79 -3.78 -34.37
CA LYS F 433 49.70 -4.13 -35.79
C LYS F 433 48.73 -5.31 -35.92
N ARG F 434 47.53 -5.04 -36.41
CA ARG F 434 46.53 -6.07 -36.56
C ARG F 434 46.90 -7.02 -37.69
N PRO F 435 46.31 -8.21 -37.73
CA PRO F 435 46.57 -9.12 -38.84
C PRO F 435 46.19 -8.50 -40.17
N ASP F 436 46.96 -8.86 -41.20
CA ASP F 436 46.84 -8.31 -42.56
C ASP F 436 47.20 -6.84 -42.61
N THR F 437 48.07 -6.39 -41.72
CA THR F 437 48.68 -5.07 -41.76
C THR F 437 50.18 -5.21 -42.03
N GLN F 438 50.84 -4.07 -42.16
CA GLN F 438 52.27 -4.05 -42.46
C GLN F 438 52.96 -2.96 -41.65
N SER F 439 54.09 -3.32 -41.06
CA SER F 439 54.98 -2.36 -40.43
C SER F 439 56.02 -1.89 -41.44
N ILE F 440 56.12 -0.58 -41.63
CA ILE F 440 57.04 0.02 -42.58
C ILE F 440 58.03 0.88 -41.79
N GLN F 441 59.32 0.57 -41.92
CA GLN F 441 60.35 1.22 -41.12
C GLN F 441 61.48 1.69 -42.02
N LYS F 442 61.93 2.93 -41.81
CA LYS F 442 63.01 3.50 -42.61
C LYS F 442 64.35 3.01 -42.06
N VAL F 443 65.08 2.25 -42.87
CA VAL F 443 66.36 1.68 -42.47
C VAL F 443 67.44 2.16 -43.45
N GLN F 444 68.68 1.97 -43.05
CA GLN F 444 69.81 2.40 -43.86
C GLN F 444 69.98 1.49 -45.07
N ALA F 445 70.24 2.09 -46.22
CA ALA F 445 70.58 1.37 -47.44
C ALA F 445 71.92 1.86 -47.96
N GLU F 446 72.33 1.31 -49.10
CA GLU F 446 73.58 1.67 -49.78
C GLU F 446 74.77 1.56 -48.83
N PHE F 447 74.98 0.34 -48.33
CA PHE F 447 76.07 0.07 -47.41
C PHE F 447 77.41 0.11 -48.14
N PRO G 3 61.17 -51.29 -24.46
CA PRO G 3 60.08 -51.49 -23.50
C PRO G 3 60.56 -51.40 -22.05
N VAL G 4 60.65 -50.18 -21.53
CA VAL G 4 61.11 -49.95 -20.17
C VAL G 4 59.97 -50.19 -19.20
N TYR G 5 60.27 -50.87 -18.10
CA TYR G 5 59.31 -51.15 -17.04
C TYR G 5 59.63 -50.30 -15.82
N VAL G 6 58.59 -49.75 -15.20
CA VAL G 6 58.72 -48.85 -14.06
C VAL G 6 58.02 -49.48 -12.86
N ASP G 7 58.67 -49.44 -11.71
CA ASP G 7 58.12 -50.00 -10.47
C ASP G 7 57.13 -49.00 -9.83
N ILE G 8 56.12 -48.63 -10.62
CA ILE G 8 55.08 -47.71 -10.18
C ILE G 8 53.73 -48.37 -10.41
N ASP G 9 52.69 -47.73 -9.88
CA ASP G 9 51.33 -48.26 -9.98
C ASP G 9 50.86 -48.29 -11.43
N ALA G 10 49.98 -49.23 -11.73
CA ALA G 10 49.45 -49.37 -13.08
C ALA G 10 48.43 -48.29 -13.43
N ASP G 11 47.92 -47.56 -12.43
CA ASP G 11 46.91 -46.53 -12.65
C ASP G 11 47.30 -45.22 -11.97
N SER G 12 48.60 -44.93 -11.88
CA SER G 12 49.06 -43.71 -11.26
C SER G 12 49.01 -42.54 -12.24
N ALA G 13 48.76 -41.34 -11.71
CA ALA G 13 48.66 -40.16 -12.57
C ALA G 13 50.02 -39.69 -13.07
N PHE G 14 51.09 -40.01 -12.36
CA PHE G 14 52.43 -39.66 -12.80
C PHE G 14 52.84 -40.37 -14.09
N LEU G 15 52.29 -41.57 -14.34
CA LEU G 15 52.66 -42.38 -15.49
C LEU G 15 52.70 -41.54 -16.76
N LYS G 16 51.58 -40.88 -17.08
CA LYS G 16 51.51 -40.07 -18.30
C LYS G 16 52.65 -39.06 -18.36
N ALA G 17 52.87 -38.31 -17.27
CA ALA G 17 53.96 -37.34 -17.25
C ALA G 17 55.28 -38.02 -17.57
N LEU G 18 55.51 -39.19 -16.98
CA LEU G 18 56.73 -39.94 -17.26
C LEU G 18 56.83 -40.27 -18.75
N GLN G 19 55.72 -40.72 -19.35
N GLN G 19 55.72 -40.72 -19.35
CA GLN G 19 55.74 -41.01 -20.77
CA GLN G 19 55.75 -41.01 -20.78
C GLN G 19 55.99 -39.75 -21.59
C GLN G 19 55.98 -39.75 -21.60
N ARG G 20 55.56 -38.59 -21.09
CA ARG G 20 55.85 -37.35 -21.79
C ARG G 20 57.30 -36.95 -21.60
N ALA G 21 57.95 -37.40 -20.53
CA ALA G 21 59.34 -37.07 -20.27
C ALA G 21 60.31 -37.92 -21.08
N TYR G 22 59.90 -39.12 -21.48
CA TYR G 22 60.75 -40.05 -22.22
C TYR G 22 59.98 -40.57 -23.42
N PRO G 23 59.94 -39.79 -24.52
CA PRO G 23 59.17 -40.23 -25.70
C PRO G 23 59.86 -41.32 -26.50
N MET G 24 61.16 -41.54 -26.32
CA MET G 24 61.87 -42.58 -27.05
C MET G 24 61.56 -43.98 -26.55
N PHE G 25 60.99 -44.11 -25.35
CA PHE G 25 60.82 -45.39 -24.69
C PHE G 25 59.34 -45.73 -24.57
N GLU G 26 59.05 -47.01 -24.34
CA GLU G 26 57.71 -47.48 -24.07
C GLU G 26 57.62 -47.79 -22.58
N VAL G 27 57.12 -46.83 -21.81
CA VAL G 27 57.07 -46.94 -20.35
C VAL G 27 55.84 -47.76 -19.96
N GLU G 28 56.08 -48.87 -19.26
CA GLU G 28 55.00 -49.73 -18.82
C GLU G 28 55.12 -49.96 -17.32
N PRO G 29 54.03 -49.82 -16.57
CA PRO G 29 54.12 -49.98 -15.11
C PRO G 29 54.16 -51.45 -14.70
N ARG G 30 54.98 -51.74 -13.69
CA ARG G 30 55.03 -53.07 -13.09
C ARG G 30 55.38 -52.89 -11.62
N GLN G 31 54.35 -52.81 -10.78
CA GLN G 31 54.54 -52.54 -9.36
C GLN G 31 54.85 -53.83 -8.62
N VAL G 32 55.97 -53.86 -7.92
CA VAL G 32 56.35 -55.03 -7.13
C VAL G 32 56.70 -54.59 -5.71
N THR G 33 56.70 -53.28 -5.47
CA THR G 33 57.00 -52.73 -4.15
C THR G 33 56.08 -51.55 -3.83
N PRO G 34 55.66 -51.39 -2.58
CA PRO G 34 54.90 -50.20 -2.18
C PRO G 34 55.82 -49.04 -1.79
N ASN G 35 56.70 -48.66 -2.71
CA ASN G 35 57.72 -47.67 -2.42
C ASN G 35 57.09 -46.30 -2.22
N ASP G 36 57.52 -45.60 -1.16
CA ASP G 36 57.02 -44.27 -0.85
C ASP G 36 57.54 -43.21 -1.82
N HIS G 37 58.58 -43.51 -2.59
CA HIS G 37 59.16 -42.57 -3.55
C HIS G 37 59.40 -43.28 -4.88
N ALA G 38 58.41 -44.02 -5.35
CA ALA G 38 58.57 -44.83 -6.56
C ALA G 38 58.77 -43.98 -7.80
N ASN G 39 58.19 -42.78 -7.84
CA ASN G 39 58.36 -41.89 -8.99
C ASN G 39 59.83 -41.52 -9.16
N ALA G 40 60.53 -41.26 -8.06
CA ALA G 40 61.95 -40.92 -8.13
C ALA G 40 62.75 -42.04 -8.76
N ARG G 41 62.51 -43.28 -8.32
CA ARG G 41 63.26 -44.41 -8.87
C ARG G 41 62.89 -44.66 -10.33
N ALA G 42 61.62 -44.48 -10.69
CA ALA G 42 61.23 -44.63 -12.08
C ALA G 42 61.95 -43.61 -12.97
N PHE G 43 61.97 -42.35 -12.53
CA PHE G 43 62.65 -41.32 -13.31
C PHE G 43 64.15 -41.60 -13.40
N SER G 44 64.76 -42.05 -12.31
CA SER G 44 66.18 -42.38 -12.34
C SER G 44 66.45 -43.53 -13.30
N HIS G 45 65.59 -44.56 -13.28
CA HIS G 45 65.76 -45.70 -14.17
C HIS G 45 65.69 -45.27 -15.63
N LEU G 46 64.65 -44.51 -15.99
CA LEU G 46 64.55 -44.07 -17.38
C LEU G 46 65.66 -43.09 -17.74
N ALA G 47 66.16 -42.31 -16.78
CA ALA G 47 67.28 -41.43 -17.05
C ALA G 47 68.53 -42.24 -17.40
N ILE G 48 68.78 -43.32 -16.64
CA ILE G 48 69.93 -44.18 -16.93
C ILE G 48 69.76 -44.84 -18.29
N LYS G 49 68.54 -45.29 -18.60
CA LYS G 49 68.31 -45.93 -19.91
C LYS G 49 68.52 -44.93 -21.04
N LEU G 50 68.02 -43.71 -20.89
CA LEU G 50 68.23 -42.67 -21.90
C LEU G 50 69.71 -42.36 -22.06
N ILE G 51 70.45 -42.30 -20.95
CA ILE G 51 71.88 -42.03 -21.00
C ILE G 51 72.58 -43.14 -21.78
N GLU G 52 72.26 -44.38 -21.47
CA GLU G 52 72.88 -45.52 -22.15
C GLU G 52 72.56 -45.51 -23.64
N GLN G 53 71.31 -45.20 -24.00
CA GLN G 53 70.94 -45.14 -25.41
C GLN G 53 71.68 -44.03 -26.15
N GLU G 54 71.82 -42.86 -25.51
CA GLU G 54 72.28 -41.66 -26.21
C GLU G 54 73.79 -41.61 -26.39
N ILE G 55 74.55 -42.54 -25.82
CA ILE G 55 76.01 -42.42 -25.86
C ILE G 55 76.63 -43.64 -26.54
N ASP G 56 77.96 -43.65 -26.62
CA ASP G 56 78.69 -44.69 -27.33
C ASP G 56 78.64 -46.01 -26.58
N PRO G 57 78.14 -47.09 -27.19
CA PRO G 57 78.17 -48.40 -26.51
C PRO G 57 79.56 -48.88 -26.15
N ASP G 58 80.58 -48.55 -26.95
CA ASP G 58 81.95 -48.99 -26.68
C ASP G 58 82.68 -47.88 -25.94
N SER G 59 82.33 -47.71 -24.66
CA SER G 59 82.96 -46.70 -23.83
C SER G 59 82.83 -47.11 -22.37
N THR G 60 83.92 -46.92 -21.61
CA THR G 60 83.86 -47.17 -20.18
C THR G 60 83.09 -46.04 -19.49
N ILE G 61 82.11 -46.41 -18.68
CA ILE G 61 81.15 -45.46 -18.12
C ILE G 61 81.37 -45.43 -16.61
N LEU G 62 82.10 -44.42 -16.12
CA LEU G 62 82.27 -44.24 -14.70
C LEU G 62 81.09 -43.45 -14.14
N ASP G 63 80.53 -43.94 -13.04
CA ASP G 63 79.41 -43.26 -12.37
C ASP G 63 79.85 -42.89 -10.96
N ILE G 64 79.70 -41.62 -10.62
CA ILE G 64 80.24 -41.08 -9.38
C ILE G 64 79.26 -41.35 -8.24
N GLY G 65 79.77 -41.90 -7.14
CA GLY G 65 78.95 -42.15 -5.97
C GLY G 65 77.76 -43.04 -6.25
N SER G 66 77.94 -44.07 -7.07
CA SER G 66 76.84 -44.91 -7.51
C SER G 66 76.69 -46.14 -6.63
N ALA G 67 75.49 -46.70 -6.63
CA ALA G 67 75.25 -47.98 -5.99
C ALA G 67 75.52 -49.09 -6.99
N PRO G 68 76.47 -50.00 -6.72
CA PRO G 68 76.82 -51.01 -7.71
C PRO G 68 75.71 -52.02 -7.99
N ALA G 69 74.71 -52.12 -7.12
CA ALA G 69 73.64 -53.09 -7.34
C ALA G 69 72.74 -52.69 -8.49
N ARG G 70 72.57 -51.38 -8.74
CA ARG G 70 71.69 -50.93 -9.82
C ARG G 70 72.32 -51.11 -11.20
N ARG G 71 73.65 -51.12 -11.28
CA ARG G 71 74.33 -51.26 -12.56
C ARG G 71 74.39 -52.70 -13.05
N MET G 72 73.69 -53.62 -12.40
CA MET G 72 73.65 -54.99 -12.86
C MET G 72 72.79 -55.12 -14.13
N MET G 73 72.98 -56.23 -14.83
CA MET G 73 72.25 -56.54 -16.06
C MET G 73 72.46 -55.46 -17.12
N SER G 74 73.62 -54.80 -17.08
CA SER G 74 74.00 -53.78 -18.06
C SER G 74 75.29 -54.23 -18.72
N ASP G 75 75.23 -54.53 -20.02
CA ASP G 75 76.40 -55.01 -20.74
C ASP G 75 77.46 -53.95 -20.89
N ARG G 76 77.15 -52.69 -20.59
CA ARG G 76 78.13 -51.61 -20.72
C ARG G 76 79.10 -51.65 -19.55
N LYS G 77 80.37 -51.35 -19.85
CA LYS G 77 81.37 -51.28 -18.80
C LYS G 77 81.07 -50.13 -17.85
N TYR G 78 81.11 -50.42 -16.55
CA TYR G 78 80.82 -49.42 -15.52
C TYR G 78 81.95 -49.37 -14.51
N HIS G 79 82.42 -48.16 -14.24
CA HIS G 79 83.35 -47.89 -13.13
C HIS G 79 82.52 -47.41 -11.95
N CYS G 80 82.00 -48.35 -11.18
CA CYS G 80 81.15 -48.03 -10.04
C CYS G 80 82.02 -47.47 -8.93
N VAL G 81 82.10 -46.15 -8.84
CA VAL G 81 82.94 -45.49 -7.86
C VAL G 81 82.21 -45.47 -6.52
N CYS G 82 82.83 -46.07 -5.50
N CYS G 82 82.83 -46.06 -5.49
CA CYS G 82 82.25 -46.15 -4.16
CA CYS G 82 82.25 -46.15 -4.16
C CYS G 82 83.28 -45.64 -3.16
C CYS G 82 83.27 -45.64 -3.15
N PRO G 83 83.28 -44.34 -2.89
CA PRO G 83 84.28 -43.78 -1.95
C PRO G 83 84.13 -44.27 -0.52
N MET G 84 83.03 -44.94 -0.17
CA MET G 84 82.80 -45.47 1.18
C MET G 84 82.63 -44.35 2.20
N ARG G 85 82.14 -43.19 1.76
CA ARG G 85 82.04 -42.02 2.62
C ARG G 85 80.74 -42.01 3.43
N SER G 86 79.61 -42.27 2.78
CA SER G 86 78.34 -42.26 3.48
C SER G 86 78.18 -43.54 4.29
N ALA G 87 77.19 -43.53 5.19
CA ALA G 87 76.90 -44.66 6.05
C ALA G 87 76.08 -45.74 5.37
N GLU G 88 75.50 -45.46 4.21
CA GLU G 88 74.73 -46.45 3.48
C GLU G 88 75.61 -47.33 2.59
N ASP G 89 76.88 -46.99 2.44
CA ASP G 89 77.74 -47.70 1.50
C ASP G 89 78.10 -49.12 1.94
N PRO G 90 78.44 -49.41 3.20
CA PRO G 90 78.71 -50.80 3.56
C PRO G 90 77.55 -51.73 3.25
N GLU G 91 76.32 -51.27 3.47
CA GLU G 91 75.15 -52.09 3.20
C GLU G 91 74.93 -52.28 1.71
N ARG G 92 75.16 -51.24 0.92
CA ARG G 92 75.05 -51.39 -0.54
C ARG G 92 76.10 -52.36 -1.06
N LEU G 93 77.31 -52.32 -0.48
CA LEU G 93 78.35 -53.26 -0.91
C LEU G 93 78.01 -54.68 -0.50
N ALA G 94 77.42 -54.84 0.69
CA ALA G 94 76.97 -56.17 1.11
C ALA G 94 75.93 -56.73 0.15
N ASN G 95 74.95 -55.91 -0.23
CA ASN G 95 73.93 -56.34 -1.17
C ASN G 95 74.54 -56.65 -2.54
N TYR G 96 75.47 -55.81 -2.99
CA TYR G 96 76.11 -56.04 -4.29
C TYR G 96 76.91 -57.34 -4.28
N ALA G 97 77.62 -57.62 -3.19
CA ALA G 97 78.36 -58.87 -3.08
C ALA G 97 77.43 -60.07 -3.02
N ARG G 98 76.28 -59.92 -2.35
CA ARG G 98 75.28 -60.98 -2.35
C ARG G 98 74.80 -61.28 -3.76
N LYS G 99 74.50 -60.23 -4.53
CA LYS G 99 74.02 -60.43 -5.89
C LYS G 99 75.11 -61.03 -6.78
N LEU G 100 76.35 -60.56 -6.65
CA LEU G 100 77.43 -61.11 -7.46
C LEU G 100 77.75 -62.55 -7.09
N ALA G 101 77.51 -62.94 -5.83
CA ALA G 101 77.73 -64.31 -5.40
C ALA G 101 76.53 -65.21 -5.65
N SER G 102 75.39 -64.64 -6.05
CA SER G 102 74.18 -65.41 -6.29
C SER G 102 73.99 -65.79 -7.75
N ALA G 103 74.87 -65.35 -8.65
CA ALA G 103 74.75 -65.65 -10.07
C ALA G 103 76.10 -66.06 -10.66
N ALA G 104 76.85 -66.88 -9.91
CA ALA G 104 78.14 -67.34 -10.41
C ALA G 104 77.97 -68.23 -11.64
N GLY G 105 76.99 -69.13 -11.60
CA GLY G 105 76.73 -70.01 -12.73
C GLY G 105 75.40 -69.74 -13.39
N LYS G 106 74.84 -68.55 -13.15
CA LYS G 106 73.53 -68.18 -13.67
C LYS G 106 73.61 -67.30 -14.90
N VAL G 107 74.38 -66.21 -14.85
CA VAL G 107 74.53 -65.29 -15.95
C VAL G 107 76.01 -65.16 -16.28
N LEU G 108 76.32 -65.04 -17.57
CA LEU G 108 77.70 -64.94 -18.04
C LEU G 108 77.95 -63.82 -19.02
N ASP G 109 76.92 -63.10 -19.48
CA ASP G 109 77.12 -62.02 -20.44
C ASP G 109 77.30 -60.66 -19.78
N ARG G 110 77.26 -60.59 -18.45
CA ARG G 110 77.35 -59.34 -17.72
C ARG G 110 78.70 -59.16 -17.04
N ASN G 111 79.71 -59.91 -17.46
CA ASN G 111 81.09 -59.82 -16.96
C ASN G 111 81.15 -59.97 -15.43
N ILE G 112 80.16 -60.63 -14.85
CA ILE G 112 80.13 -60.87 -13.41
C ILE G 112 81.31 -61.73 -12.97
N SER G 113 81.73 -62.67 -13.82
CA SER G 113 82.88 -63.51 -13.49
C SER G 113 84.13 -62.66 -13.27
N GLY G 114 84.30 -61.60 -14.05
CA GLY G 114 85.38 -60.66 -13.81
C GLY G 114 85.12 -59.67 -12.70
N LYS G 115 83.84 -59.36 -12.44
CA LYS G 115 83.52 -58.46 -11.35
C LYS G 115 83.82 -59.09 -9.99
N ILE G 116 83.69 -60.42 -9.89
CA ILE G 116 84.07 -61.11 -8.67
C ILE G 116 85.56 -60.92 -8.40
N GLY G 117 86.39 -61.09 -9.43
CA GLY G 117 87.81 -60.85 -9.27
C GLY G 117 88.12 -59.40 -8.96
N ASP G 118 87.38 -58.48 -9.57
CA ASP G 118 87.56 -57.06 -9.27
C ASP G 118 87.29 -56.77 -7.80
N LEU G 119 86.19 -57.31 -7.27
CA LEU G 119 85.88 -57.12 -5.85
C LEU G 119 86.96 -57.75 -4.98
N GLN G 120 87.37 -58.99 -5.30
CA GLN G 120 88.42 -59.62 -4.51
C GLN G 120 89.72 -58.83 -4.57
N ALA G 121 89.93 -58.07 -5.65
CA ALA G 121 91.09 -57.20 -5.73
C ALA G 121 90.95 -55.97 -4.85
N VAL G 122 89.76 -55.35 -4.83
CA VAL G 122 89.62 -54.09 -4.10
C VAL G 122 89.69 -54.31 -2.59
N MET G 123 89.25 -55.47 -2.10
CA MET G 123 89.36 -55.78 -0.67
C MET G 123 90.70 -56.43 -0.32
N ALA G 124 91.73 -56.22 -1.14
CA ALA G 124 93.08 -56.68 -0.84
C ALA G 124 94.02 -55.51 -0.57
N VAL G 125 94.06 -54.53 -1.46
CA VAL G 125 94.81 -53.30 -1.27
C VAL G 125 93.82 -52.14 -1.39
N PRO G 126 93.78 -51.22 -0.43
CA PRO G 126 92.76 -50.16 -0.49
C PRO G 126 92.87 -49.25 -1.70
N ASP G 127 94.04 -49.20 -2.37
CA ASP G 127 94.23 -48.37 -3.55
C ASP G 127 94.19 -49.19 -4.84
N THR G 128 93.46 -50.31 -4.84
CA THR G 128 93.38 -51.18 -6.01
C THR G 128 92.39 -50.56 -7.00
N GLU G 129 92.93 -49.95 -8.06
CA GLU G 129 92.10 -49.36 -9.10
C GLU G 129 91.86 -50.41 -10.17
N THR G 130 90.84 -51.24 -9.96
CA THR G 130 90.45 -52.23 -10.94
C THR G 130 89.72 -51.57 -12.09
N PRO G 131 89.65 -52.22 -13.26
CA PRO G 131 88.93 -51.62 -14.39
C PRO G 131 87.48 -51.25 -14.08
N THR G 132 86.78 -52.07 -13.29
CA THR G 132 85.35 -51.90 -13.12
C THR G 132 84.92 -51.42 -11.74
N PHE G 133 85.81 -51.42 -10.75
CA PHE G 133 85.42 -51.08 -9.39
C PHE G 133 86.61 -50.50 -8.64
N CYS G 134 86.35 -49.49 -7.82
CA CYS G 134 87.39 -48.85 -7.02
C CYS G 134 86.75 -48.12 -5.85
N LEU G 135 87.56 -47.85 -4.83
CA LEU G 135 87.12 -47.14 -3.62
C LEU G 135 87.95 -45.88 -3.47
N HIS G 136 87.51 -44.80 -4.13
CA HIS G 136 88.16 -43.50 -4.02
C HIS G 136 87.11 -42.43 -4.26
N THR G 137 87.40 -41.22 -3.77
CA THR G 137 86.57 -40.08 -4.09
C THR G 137 86.77 -39.69 -5.56
N ASP G 138 85.83 -38.89 -6.07
CA ASP G 138 85.88 -38.50 -7.48
C ASP G 138 87.06 -37.61 -7.79
N VAL G 139 87.70 -37.02 -6.78
CA VAL G 139 88.84 -36.14 -6.98
C VAL G 139 90.16 -36.86 -6.74
N SER G 140 90.15 -38.18 -6.55
CA SER G 140 91.36 -38.95 -6.33
C SER G 140 91.45 -40.22 -7.15
N CYS G 141 90.36 -40.68 -7.77
CA CYS G 141 90.42 -41.86 -8.61
C CYS G 141 91.27 -41.58 -9.84
N ARG G 142 92.03 -42.60 -10.27
CA ARG G 142 92.98 -42.44 -11.37
C ARG G 142 92.55 -43.15 -12.65
N GLN G 143 91.32 -43.66 -12.72
CA GLN G 143 90.84 -44.27 -13.95
C GLN G 143 90.69 -43.23 -15.04
N ARG G 144 90.89 -43.65 -16.29
CA ARG G 144 90.81 -42.76 -17.45
C ARG G 144 89.71 -43.29 -18.36
N ALA G 145 88.48 -42.85 -18.12
CA ALA G 145 87.33 -43.23 -18.93
C ALA G 145 86.78 -42.00 -19.64
N ASP G 146 85.68 -42.21 -20.39
CA ASP G 146 85.15 -41.18 -21.26
C ASP G 146 83.84 -40.56 -20.80
N VAL G 147 83.05 -41.26 -19.98
CA VAL G 147 81.71 -40.81 -19.60
C VAL G 147 81.59 -40.83 -18.09
N ALA G 148 81.08 -39.73 -17.52
CA ALA G 148 80.80 -39.63 -16.09
C ALA G 148 79.29 -39.54 -15.87
N ILE G 149 78.82 -40.14 -14.77
CA ILE G 149 77.42 -40.11 -14.40
C ILE G 149 77.32 -39.74 -12.93
N TYR G 150 76.51 -38.73 -12.63
CA TYR G 150 76.23 -38.31 -11.26
C TYR G 150 74.71 -38.45 -11.06
N GLN G 151 74.28 -39.64 -10.66
CA GLN G 151 72.87 -39.90 -10.41
C GLN G 151 72.60 -39.76 -8.92
N ASP G 152 71.72 -38.83 -8.55
CA ASP G 152 71.37 -38.55 -7.16
C ASP G 152 72.61 -38.21 -6.34
N VAL G 153 73.49 -37.41 -6.95
CA VAL G 153 74.72 -36.97 -6.30
C VAL G 153 74.64 -35.46 -6.15
N TYR G 154 74.26 -35.01 -4.95
CA TYR G 154 74.14 -33.59 -4.66
C TYR G 154 75.18 -33.06 -3.68
N ALA G 155 75.92 -33.94 -3.01
CA ALA G 155 76.81 -33.55 -1.93
C ALA G 155 78.26 -33.43 -2.37
N VAL G 156 78.51 -32.99 -3.61
CA VAL G 156 79.85 -32.74 -4.10
C VAL G 156 79.85 -31.42 -4.85
N HIS G 157 81.03 -30.82 -4.95
CA HIS G 157 81.19 -29.56 -5.66
C HIS G 157 81.25 -29.84 -7.16
N ALA G 158 80.30 -29.28 -7.91
CA ALA G 158 80.22 -29.57 -9.33
C ALA G 158 81.46 -29.15 -10.10
N PRO G 159 81.95 -27.91 -10.02
CA PRO G 159 83.12 -27.55 -10.83
C PRO G 159 84.35 -28.38 -10.52
N THR G 160 84.61 -28.68 -9.24
CA THR G 160 85.81 -29.44 -8.88
C THR G 160 85.77 -30.85 -9.45
N SER G 161 84.65 -31.55 -9.26
CA SER G 161 84.53 -32.91 -9.78
C SER G 161 84.52 -32.92 -11.30
N LEU G 162 83.84 -31.95 -11.93
CA LEU G 162 83.82 -31.89 -13.38
C LEU G 162 85.22 -31.67 -13.94
N TYR G 163 86.01 -30.80 -13.31
CA TYR G 163 87.39 -30.62 -13.74
C TYR G 163 88.21 -31.88 -13.51
N HIS G 164 88.01 -32.55 -12.38
CA HIS G 164 88.80 -33.74 -12.08
C HIS G 164 88.51 -34.87 -13.06
N GLN G 165 87.28 -34.96 -13.58
CA GLN G 165 87.01 -35.92 -14.63
C GLN G 165 87.37 -35.41 -16.02
N ALA G 166 87.37 -34.10 -16.23
CA ALA G 166 87.79 -33.55 -17.52
C ALA G 166 89.29 -33.76 -17.74
N ILE G 167 90.07 -33.72 -16.65
CA ILE G 167 91.49 -34.07 -16.74
C ILE G 167 91.70 -35.57 -16.70
N LYS G 168 90.64 -36.37 -16.75
CA LYS G 168 90.71 -37.82 -16.73
C LYS G 168 90.19 -38.44 -18.02
N GLY G 169 89.99 -37.65 -19.07
CA GLY G 169 89.50 -38.14 -20.34
C GLY G 169 88.00 -38.13 -20.50
N VAL G 170 87.25 -37.81 -19.44
CA VAL G 170 85.79 -37.83 -19.50
C VAL G 170 85.32 -36.65 -20.34
N ARG G 171 84.68 -36.93 -21.48
CA ARG G 171 84.14 -35.89 -22.34
C ARG G 171 82.66 -35.63 -22.10
N LEU G 172 81.92 -36.59 -21.56
CA LEU G 172 80.49 -36.46 -21.34
C LEU G 172 80.18 -36.76 -19.87
N ALA G 173 79.38 -35.90 -19.26
CA ALA G 173 78.93 -36.08 -17.89
C ALA G 173 77.42 -35.94 -17.85
N TYR G 174 76.77 -36.73 -17.00
CA TYR G 174 75.33 -36.69 -16.83
C TYR G 174 75.01 -36.50 -15.34
N TRP G 175 74.14 -35.55 -15.05
CA TRP G 175 73.69 -35.31 -13.67
C TRP G 175 72.18 -35.48 -13.62
N VAL G 176 71.74 -36.55 -12.95
CA VAL G 176 70.32 -36.81 -12.74
C VAL G 176 70.00 -36.49 -11.28
N GLY G 177 69.11 -35.52 -11.06
CA GLY G 177 68.82 -35.13 -9.70
C GLY G 177 67.70 -34.13 -9.64
N PHE G 178 67.41 -33.68 -8.43
CA PHE G 178 66.37 -32.69 -8.23
C PHE G 178 66.76 -31.36 -8.84
N ASP G 179 65.75 -30.61 -9.29
CA ASP G 179 65.98 -29.30 -9.86
C ASP G 179 66.63 -28.38 -8.82
N THR G 180 67.67 -27.67 -9.23
CA THR G 180 68.41 -26.78 -8.34
C THR G 180 67.93 -25.34 -8.43
N THR G 181 66.94 -25.05 -9.26
CA THR G 181 66.39 -23.70 -9.32
C THR G 181 65.84 -23.20 -7.99
N PRO G 182 65.13 -24.00 -7.19
CA PRO G 182 64.66 -23.48 -5.89
C PRO G 182 65.78 -23.00 -4.98
N PHE G 183 66.96 -23.59 -5.06
CA PHE G 183 68.06 -23.19 -4.18
C PHE G 183 68.82 -21.97 -4.66
N MET G 184 68.73 -21.64 -5.95
CA MET G 184 69.23 -20.34 -6.40
C MET G 184 68.28 -19.21 -6.08
N TYR G 185 67.05 -19.53 -5.70
CA TYR G 185 66.10 -18.55 -5.23
C TYR G 185 66.18 -18.33 -3.73
N ASN G 186 67.00 -19.12 -3.03
CA ASN G 186 67.21 -19.01 -1.59
C ASN G 186 65.90 -19.15 -0.82
N ALA G 187 65.30 -20.33 -0.94
CA ALA G 187 64.07 -20.66 -0.24
C ALA G 187 64.38 -21.39 1.06
N MET G 188 63.64 -21.05 2.12
CA MET G 188 63.84 -21.71 3.40
C MET G 188 63.30 -23.13 3.39
N ALA G 189 62.23 -23.39 2.65
CA ALA G 189 61.65 -24.72 2.54
C ALA G 189 61.03 -24.87 1.16
N GLY G 190 60.79 -26.12 0.78
CA GLY G 190 60.24 -26.37 -0.54
C GLY G 190 59.73 -27.79 -0.67
N ALA G 191 59.05 -28.03 -1.79
CA ALA G 191 58.43 -29.32 -2.03
C ALA G 191 58.44 -29.65 -3.52
N TYR G 192 58.72 -30.92 -3.83
CA TYR G 192 58.45 -31.52 -5.12
C TYR G 192 57.26 -32.44 -4.92
N PRO G 193 56.04 -31.93 -5.04
CA PRO G 193 54.86 -32.75 -4.72
C PRO G 193 54.70 -33.99 -5.59
N SER G 194 55.08 -33.90 -6.87
CA SER G 194 54.90 -35.02 -7.78
C SER G 194 55.78 -36.22 -7.41
N TYR G 195 56.82 -36.01 -6.62
CA TYR G 195 57.71 -37.08 -6.19
C TYR G 195 57.57 -37.34 -4.69
N SER G 196 56.53 -36.80 -4.06
CA SER G 196 56.32 -36.91 -2.62
C SER G 196 57.53 -36.41 -1.84
N THR G 197 58.24 -35.43 -2.39
CA THR G 197 59.49 -34.97 -1.82
C THR G 197 59.29 -33.65 -1.11
N ASN G 198 59.87 -33.51 0.07
CA ASN G 198 59.88 -32.25 0.79
C ASN G 198 61.30 -31.94 1.21
N TRP G 199 61.58 -30.67 1.49
CA TRP G 199 62.89 -30.29 1.98
C TRP G 199 62.75 -29.01 2.79
N ALA G 200 63.61 -28.88 3.81
CA ALA G 200 63.52 -27.72 4.68
C ALA G 200 64.88 -27.40 5.26
N ASP G 201 65.11 -26.11 5.48
CA ASP G 201 66.28 -25.67 6.23
C ASP G 201 66.19 -26.14 7.68
N GLU G 202 67.35 -26.44 8.27
CA GLU G 202 67.37 -26.95 9.64
C GLU G 202 66.79 -25.96 10.64
N GLN G 203 66.73 -24.67 10.30
CA GLN G 203 66.15 -23.69 11.19
C GLN G 203 64.64 -23.80 11.30
N VAL G 204 63.98 -24.45 10.35
CA VAL G 204 62.52 -24.49 10.32
C VAL G 204 62.02 -25.93 10.31
N LEU G 205 62.81 -26.86 10.86
CA LEU G 205 62.35 -28.23 10.98
C LEU G 205 61.30 -28.41 12.06
N LYS G 206 61.20 -27.48 13.01
CA LYS G 206 60.18 -27.51 14.04
C LYS G 206 58.98 -26.64 13.67
N ALA G 207 58.75 -26.43 12.38
CA ALA G 207 57.60 -25.66 11.92
C ALA G 207 56.32 -26.47 12.10
N LYS G 208 55.20 -25.89 11.68
CA LYS G 208 53.89 -26.47 11.91
C LYS G 208 53.20 -26.93 10.64
N ASN G 209 53.19 -26.11 9.58
CA ASN G 209 52.35 -26.36 8.42
C ASN G 209 53.15 -26.32 7.13
N ILE G 210 54.33 -26.94 7.13
CA ILE G 210 55.10 -27.15 5.91
C ILE G 210 55.24 -28.66 5.69
N GLY G 211 55.78 -29.02 4.53
CA GLY G 211 55.85 -30.43 4.16
C GLY G 211 56.71 -31.25 5.09
N LEU G 212 57.87 -30.73 5.47
CA LEU G 212 58.82 -31.44 6.32
C LEU G 212 58.98 -30.66 7.62
N CYS G 213 58.21 -31.04 8.64
CA CYS G 213 58.26 -30.39 9.94
C CYS G 213 57.54 -31.28 10.95
N SER G 214 57.77 -30.98 12.22
CA SER G 214 57.07 -31.66 13.31
C SER G 214 57.17 -30.79 14.55
N THR G 215 56.03 -30.42 15.12
CA THR G 215 56.01 -29.59 16.31
C THR G 215 55.19 -30.25 17.41
N ASP G 216 55.03 -29.56 18.54
CA ASP G 216 54.32 -30.12 19.69
C ASP G 216 53.19 -29.18 20.10
N LEU G 217 52.19 -29.76 20.75
CA LEU G 217 51.08 -28.98 21.29
C LEU G 217 51.55 -28.14 22.47
N THR G 218 51.22 -26.85 22.44
CA THR G 218 51.57 -25.94 23.51
C THR G 218 50.41 -25.00 23.78
N GLU G 219 50.38 -24.46 25.00
CA GLU G 219 49.31 -23.58 25.43
C GLU G 219 49.60 -22.10 25.15
N GLY G 220 50.79 -21.77 24.67
CA GLY G 220 51.15 -20.38 24.46
C GLY G 220 51.90 -19.82 25.65
N ARG G 221 52.90 -20.57 26.12
CA ARG G 221 53.63 -20.23 27.33
C ARG G 221 54.75 -19.24 27.01
N ARG G 222 55.63 -19.00 27.98
CA ARG G 222 56.80 -18.16 27.74
C ARG G 222 57.77 -18.84 26.79
N GLY G 223 58.36 -18.05 25.90
CA GLY G 223 59.31 -18.59 24.96
C GLY G 223 60.64 -18.94 25.59
N LYS G 224 61.46 -19.64 24.81
CA LYS G 224 62.78 -20.04 25.28
C LYS G 224 63.64 -18.82 25.57
N LEU G 225 64.37 -18.86 26.69
CA LEU G 225 65.34 -17.82 27.02
C LEU G 225 66.57 -18.04 26.15
N SER G 226 66.44 -17.65 24.89
CA SER G 226 67.45 -17.97 23.90
C SER G 226 68.76 -17.24 24.19
N ILE G 227 69.87 -17.97 24.06
CA ILE G 227 71.18 -17.35 24.20
C ILE G 227 71.46 -16.40 23.04
N MET G 228 71.01 -16.77 21.84
CA MET G 228 71.19 -15.95 20.66
C MET G 228 69.96 -15.10 20.43
N ARG G 229 70.18 -13.81 20.13
CA ARG G 229 69.06 -12.91 19.88
C ARG G 229 68.26 -13.32 18.64
N GLY G 230 68.94 -13.72 17.58
CA GLY G 230 68.27 -14.00 16.33
C GLY G 230 68.13 -12.76 15.49
N LYS G 231 66.95 -12.13 15.55
CA LYS G 231 66.66 -10.87 14.87
C LYS G 231 66.69 -11.01 13.35
N LYS G 232 66.97 -12.22 12.86
CA LYS G 232 66.97 -12.48 11.43
C LYS G 232 66.87 -13.98 11.21
N LEU G 233 65.95 -14.38 10.33
CA LEU G 233 65.78 -15.77 9.93
C LEU G 233 66.17 -15.87 8.46
N GLU G 234 67.35 -16.40 8.20
N GLU G 234 67.35 -16.42 8.19
CA GLU G 234 67.85 -16.52 6.84
CA GLU G 234 67.90 -16.51 6.85
C GLU G 234 68.27 -17.96 6.58
C GLU G 234 68.30 -17.94 6.57
N PRO G 235 68.11 -18.43 5.35
CA PRO G 235 68.46 -19.82 5.03
C PRO G 235 69.91 -20.14 5.34
N CYS G 236 70.12 -21.29 5.96
CA CYS G 236 71.46 -21.78 6.29
C CYS G 236 71.89 -22.84 5.29
N ASP G 237 73.18 -23.16 5.33
CA ASP G 237 73.73 -24.09 4.34
C ASP G 237 73.13 -25.48 4.47
N ARG G 238 72.90 -25.93 5.70
CA ARG G 238 72.43 -27.30 5.92
C ARG G 238 70.91 -27.37 5.73
N VAL G 239 70.47 -28.27 4.85
CA VAL G 239 69.05 -28.53 4.63
C VAL G 239 68.82 -30.03 4.71
N LEU G 240 67.56 -30.40 4.92
CA LEU G 240 67.16 -31.80 5.00
C LEU G 240 66.18 -32.10 3.87
N PHE G 241 66.42 -33.19 3.15
CA PHE G 241 65.55 -33.71 2.11
C PHE G 241 64.85 -34.96 2.61
N SER G 242 63.55 -35.05 2.32
CA SER G 242 62.76 -36.24 2.57
C SER G 242 62.12 -36.65 1.26
N VAL G 243 62.69 -37.68 0.63
CA VAL G 243 62.15 -38.24 -0.61
C VAL G 243 61.35 -39.48 -0.25
N GLY G 244 60.05 -39.29 0.01
CA GLY G 244 59.26 -40.35 0.58
C GLY G 244 59.49 -40.45 2.07
N SER G 245 60.22 -41.47 2.50
CA SER G 245 60.56 -41.67 3.91
C SER G 245 62.06 -41.88 4.06
N THR G 246 62.85 -41.20 3.25
CA THR G 246 64.31 -41.33 3.28
C THR G 246 64.92 -39.95 3.48
N LEU G 247 65.83 -39.85 4.46
CA LEU G 247 66.45 -38.56 4.80
C LEU G 247 67.76 -38.37 4.05
N TYR G 248 68.02 -37.13 3.64
CA TYR G 248 69.28 -36.74 3.01
C TYR G 248 69.72 -35.38 3.54
N PRO G 249 70.82 -35.31 4.29
CA PRO G 249 71.36 -34.01 4.71
C PRO G 249 72.21 -33.40 3.61
N GLU G 250 71.70 -32.32 3.02
N GLU G 250 71.70 -32.32 3.02
CA GLU G 250 72.35 -31.65 1.91
CA GLU G 250 72.37 -31.66 1.90
C GLU G 250 72.85 -30.27 2.31
C GLU G 250 72.85 -30.27 2.31
N SER G 251 73.71 -29.70 1.48
CA SER G 251 74.27 -28.37 1.70
C SER G 251 73.87 -27.46 0.54
N ARG G 252 73.47 -26.23 0.87
CA ARG G 252 73.03 -25.30 -0.16
C ARG G 252 74.15 -24.94 -1.13
N LYS G 253 75.38 -24.84 -0.62
CA LYS G 253 76.51 -24.48 -1.48
C LYS G 253 76.73 -25.54 -2.56
N LEU G 254 76.76 -26.81 -2.17
CA LEU G 254 77.00 -27.87 -3.14
C LEU G 254 75.79 -28.07 -4.06
N LEU G 255 74.59 -27.74 -3.58
CA LEU G 255 73.42 -27.80 -4.44
C LEU G 255 73.47 -26.71 -5.51
N LYS G 256 73.80 -25.49 -5.11
CA LYS G 256 73.92 -24.39 -6.06
C LYS G 256 75.10 -24.59 -7.00
N SER G 257 76.12 -25.34 -6.57
CA SER G 257 77.25 -25.61 -7.44
C SER G 257 76.82 -26.35 -8.70
N TRP G 258 75.79 -27.18 -8.61
CA TRP G 258 75.32 -27.95 -9.76
C TRP G 258 74.35 -27.18 -10.64
N HIS G 259 73.98 -25.96 -10.27
CA HIS G 259 73.18 -25.10 -11.13
C HIS G 259 74.09 -24.37 -12.10
N LEU G 260 74.71 -25.15 -12.97
CA LEU G 260 75.72 -24.64 -13.87
C LEU G 260 75.09 -23.76 -14.94
N PRO G 261 75.83 -22.76 -15.43
CA PRO G 261 75.33 -21.97 -16.56
C PRO G 261 75.45 -22.75 -17.87
N SER G 262 74.80 -22.23 -18.90
CA SER G 262 74.86 -22.86 -20.21
C SER G 262 76.30 -22.92 -20.72
N VAL G 263 77.08 -21.87 -20.48
CA VAL G 263 78.48 -21.81 -20.87
C VAL G 263 79.31 -21.39 -19.67
N PHE G 264 80.38 -22.13 -19.40
CA PHE G 264 81.30 -21.80 -18.32
C PHE G 264 82.68 -22.35 -18.67
N HIS G 265 83.69 -21.84 -17.97
CA HIS G 265 85.08 -22.14 -18.25
C HIS G 265 85.69 -22.90 -17.06
N LEU G 266 86.63 -23.79 -17.36
CA LEU G 266 87.36 -24.56 -16.35
C LEU G 266 88.84 -24.16 -16.44
N LYS G 267 89.31 -23.41 -15.45
CA LYS G 267 90.67 -22.86 -15.45
C LYS G 267 91.47 -23.55 -14.37
N GLY G 268 92.31 -24.50 -14.77
CA GLY G 268 93.22 -25.16 -13.86
C GLY G 268 94.55 -25.48 -14.51
N LYS G 269 95.05 -26.69 -14.30
CA LYS G 269 96.25 -27.12 -15.00
C LYS G 269 95.99 -27.26 -16.50
N LEU G 270 94.88 -27.89 -16.85
CA LEU G 270 94.41 -27.95 -18.22
C LEU G 270 93.16 -27.08 -18.36
N SER G 271 92.97 -26.54 -19.56
CA SER G 271 91.81 -25.69 -19.83
C SER G 271 90.87 -26.34 -20.83
N THR G 273 86.62 -25.08 -22.44
CA THR G 273 85.26 -24.63 -22.21
C THR G 273 84.31 -25.80 -22.04
N CYS G 274 83.22 -25.59 -21.31
CA CYS G 274 82.24 -26.62 -21.01
C CYS G 274 80.84 -26.07 -21.22
N ARG G 275 79.89 -26.99 -21.42
CA ARG G 275 78.49 -26.63 -21.61
C ARG G 275 77.63 -27.41 -20.62
N CYS G 276 76.50 -26.81 -20.24
CA CYS G 276 75.52 -27.46 -19.38
C CYS G 276 74.13 -27.23 -19.95
N ASP G 277 73.48 -28.31 -20.38
CA ASP G 277 72.14 -28.24 -20.94
C ASP G 277 71.23 -29.19 -20.18
N THR G 278 69.98 -28.77 -19.99
CA THR G 278 68.97 -29.60 -19.34
C THR G 278 68.26 -30.40 -20.42
N VAL G 279 68.62 -31.68 -20.54
CA VAL G 279 68.05 -32.51 -21.60
C VAL G 279 66.78 -33.22 -21.16
N VAL G 280 66.56 -33.40 -19.86
CA VAL G 280 65.30 -33.96 -19.36
C VAL G 280 64.82 -33.09 -18.21
N SER G 281 63.54 -32.74 -18.23
CA SER G 281 62.94 -31.95 -17.14
C SER G 281 61.51 -32.44 -16.95
N CYS G 282 61.21 -32.98 -15.77
CA CYS G 282 59.88 -33.52 -15.49
C CYS G 282 59.52 -33.22 -14.04
N GLU G 283 58.70 -32.19 -13.85
CA GLU G 283 57.93 -31.99 -12.62
C GLU G 283 58.83 -31.92 -11.38
N GLY G 284 60.05 -31.41 -11.57
CA GLY G 284 60.98 -31.23 -10.48
C GLY G 284 62.23 -32.09 -10.55
N TYR G 285 62.25 -33.11 -11.40
CA TYR G 285 63.42 -33.97 -11.56
C TYR G 285 64.05 -33.71 -12.92
N VAL G 286 65.35 -33.48 -12.94
CA VAL G 286 66.03 -33.08 -14.16
C VAL G 286 67.21 -34.00 -14.44
N VAL G 287 67.54 -34.11 -15.72
CA VAL G 287 68.76 -34.77 -16.20
C VAL G 287 69.48 -33.73 -17.05
N LYS G 288 70.66 -33.32 -16.59
CA LYS G 288 71.48 -32.33 -17.26
C LYS G 288 72.67 -33.02 -17.92
N ARG G 289 72.89 -32.69 -19.20
CA ARG G 289 73.97 -33.25 -19.99
C ARG G 289 75.08 -32.20 -20.09
N ILE G 290 76.19 -32.44 -19.40
CA ILE G 290 77.37 -31.59 -19.46
C ILE G 290 78.33 -32.19 -20.47
N THR G 291 78.83 -31.37 -21.39
CA THR G 291 79.80 -31.81 -22.38
C THR G 291 81.09 -31.03 -22.18
N MET G 292 82.21 -31.74 -22.24
CA MET G 292 83.52 -31.17 -21.96
C MET G 292 84.32 -31.05 -23.25
N SER G 293 85.20 -30.05 -23.28
CA SER G 293 86.07 -29.86 -24.42
C SER G 293 87.36 -29.18 -23.98
N PRO G 294 88.52 -29.76 -24.28
CA PRO G 294 89.78 -29.14 -23.86
C PRO G 294 90.02 -27.83 -24.59
N GLY G 295 90.68 -26.91 -23.89
CA GLY G 295 90.98 -25.61 -24.43
C GLY G 295 89.91 -24.57 -24.09
N LEU G 296 90.34 -23.32 -24.04
CA LEU G 296 89.47 -22.19 -23.75
C LEU G 296 88.94 -21.62 -25.07
N TYR G 297 87.63 -21.67 -25.25
CA TYR G 297 87.01 -21.22 -26.49
C TYR G 297 85.79 -20.38 -26.17
N GLY G 298 85.65 -19.25 -26.86
CA GLY G 298 84.49 -18.40 -26.70
C GLY G 298 84.59 -17.51 -25.47
N LYS G 299 83.43 -17.20 -24.90
CA LYS G 299 83.36 -16.37 -23.70
C LYS G 299 82.08 -16.70 -22.96
N THR G 300 82.07 -16.41 -21.67
CA THR G 300 80.99 -16.80 -20.78
C THR G 300 80.26 -15.57 -20.24
N THR G 301 78.94 -15.63 -20.27
CA THR G 301 78.11 -14.59 -19.67
C THR G 301 77.80 -14.85 -18.20
N GLY G 302 78.07 -16.05 -17.70
CA GLY G 302 77.74 -16.40 -16.34
C GLY G 302 76.26 -16.42 -16.02
N TYR G 303 75.43 -16.85 -16.95
CA TYR G 303 73.98 -16.86 -16.79
C TYR G 303 73.45 -18.27 -16.89
N ALA G 304 72.53 -18.62 -16.00
CA ALA G 304 71.87 -19.92 -15.97
C ALA G 304 70.38 -19.74 -16.22
N VAL G 305 69.84 -20.61 -17.06
CA VAL G 305 68.45 -20.53 -17.52
C VAL G 305 67.72 -21.78 -17.10
N THR G 306 66.54 -21.60 -16.49
CA THR G 306 65.63 -22.69 -16.19
C THR G 306 64.30 -22.44 -16.90
N HIS G 307 63.85 -23.41 -17.70
CA HIS G 307 62.59 -23.32 -18.42
C HIS G 307 61.51 -24.01 -17.61
N HIS G 308 60.39 -23.31 -17.41
CA HIS G 308 59.31 -23.81 -16.56
C HIS G 308 58.18 -24.35 -17.44
N ALA G 309 58.15 -25.67 -17.61
CA ALA G 309 56.98 -26.29 -18.24
C ALA G 309 55.75 -26.16 -17.36
N ASP G 310 55.93 -26.34 -16.04
N ASP G 310 55.92 -26.31 -16.04
CA ASP G 310 54.88 -26.12 -15.06
CA ASP G 310 54.85 -26.10 -15.08
C ASP G 310 55.20 -24.88 -14.23
C ASP G 310 55.21 -24.92 -14.18
N GLY G 311 54.17 -24.34 -13.58
CA GLY G 311 54.38 -23.15 -12.77
C GLY G 311 55.29 -23.40 -11.59
N PHE G 312 56.10 -22.40 -11.27
CA PHE G 312 57.00 -22.45 -10.11
C PHE G 312 56.66 -21.29 -9.20
N LEU G 313 56.52 -21.56 -7.91
CA LEU G 313 56.09 -20.53 -6.97
C LEU G 313 57.03 -20.50 -5.78
N MET G 314 57.56 -19.32 -5.47
CA MET G 314 58.39 -19.10 -4.29
C MET G 314 57.82 -17.90 -3.55
N CYS G 315 57.18 -18.14 -2.41
CA CYS G 315 56.33 -17.12 -1.80
C CYS G 315 56.58 -17.02 -0.31
N LYS G 316 56.23 -15.87 0.24
CA LYS G 316 56.32 -15.64 1.68
C LYS G 316 55.10 -16.22 2.39
N THR G 317 55.37 -16.92 3.50
CA THR G 317 54.30 -17.51 4.29
C THR G 317 54.68 -17.45 5.76
N THR G 318 53.66 -17.32 6.61
CA THR G 318 53.83 -17.17 8.05
C THR G 318 53.47 -18.48 8.73
N ASP G 319 54.43 -19.05 9.45
CA ASP G 319 54.21 -20.27 10.22
C ASP G 319 54.70 -20.04 11.65
N THR G 320 54.70 -21.12 12.44
CA THR G 320 55.24 -21.10 13.79
C THR G 320 56.35 -22.12 13.89
N VAL G 321 57.56 -21.65 14.15
CA VAL G 321 58.72 -22.51 14.40
C VAL G 321 58.90 -22.60 15.91
N ASP G 322 58.75 -23.82 16.44
CA ASP G 322 58.78 -24.06 17.88
C ASP G 322 57.81 -23.14 18.62
N GLY G 323 56.65 -22.91 18.02
CA GLY G 323 55.64 -22.06 18.62
C GLY G 323 55.85 -20.57 18.43
N GLU G 324 56.90 -20.16 17.75
CA GLU G 324 57.19 -18.74 17.52
C GLU G 324 56.76 -18.37 16.11
N ARG G 325 55.89 -17.38 15.99
CA ARG G 325 55.35 -17.00 14.69
C ARG G 325 56.40 -16.20 13.92
N VAL G 326 56.81 -16.75 12.77
CA VAL G 326 57.78 -16.11 11.89
C VAL G 326 57.27 -16.25 10.45
N SER G 327 57.93 -15.53 9.54
CA SER G 327 57.59 -15.55 8.13
C SER G 327 58.83 -15.91 7.33
N PHE G 328 58.69 -16.87 6.41
CA PHE G 328 59.81 -17.26 5.57
C PHE G 328 59.28 -17.73 4.21
N SER G 329 60.22 -18.03 3.31
CA SER G 329 59.90 -18.33 1.93
C SER G 329 59.76 -19.84 1.72
N VAL G 330 58.75 -20.22 0.96
CA VAL G 330 58.47 -21.61 0.62
C VAL G 330 58.29 -21.70 -0.90
N CYS G 331 58.93 -22.68 -1.52
CA CYS G 331 58.85 -22.88 -2.96
C CYS G 331 58.16 -24.21 -3.25
N THR G 332 57.59 -24.30 -4.45
CA THR G 332 56.84 -25.48 -4.88
C THR G 332 56.57 -25.36 -6.38
N TYR G 333 56.04 -26.45 -6.94
CA TYR G 333 55.63 -26.52 -8.33
C TYR G 333 54.12 -26.73 -8.41
N VAL G 334 53.51 -26.13 -9.42
CA VAL G 334 52.08 -26.21 -9.66
C VAL G 334 51.87 -26.67 -11.10
N PRO G 335 50.98 -27.63 -11.37
CA PRO G 335 50.81 -28.13 -12.74
C PRO G 335 50.35 -27.04 -13.69
N ALA G 336 50.77 -27.18 -14.95
CA ALA G 336 50.49 -26.15 -15.95
C ALA G 336 48.99 -25.97 -16.18
N THR G 337 48.22 -27.06 -16.10
CA THR G 337 46.78 -26.95 -16.26
C THR G 337 46.18 -26.04 -15.19
N ILE G 338 46.60 -26.21 -13.95
CA ILE G 338 46.11 -25.36 -12.86
C ILE G 338 46.49 -23.91 -13.12
N CYS G 339 47.74 -23.66 -13.51
CA CYS G 339 48.19 -22.29 -13.76
C CYS G 339 47.39 -21.64 -14.88
N ASP G 340 47.12 -22.38 -15.95
CA ASP G 340 46.34 -21.83 -17.05
C ASP G 340 44.88 -21.62 -16.65
N GLN G 341 44.36 -22.45 -15.75
CA GLN G 341 42.98 -22.25 -15.29
C GLN G 341 42.88 -21.10 -14.30
N MET G 342 43.99 -20.71 -13.68
CA MET G 342 44.00 -19.61 -12.73
C MET G 342 44.22 -18.24 -13.39
N THR G 343 44.57 -18.22 -14.68
CA THR G 343 44.93 -16.96 -15.32
C THR G 343 43.77 -15.98 -15.34
N GLY G 344 42.56 -16.46 -15.64
CA GLY G 344 41.43 -15.56 -15.78
C GLY G 344 41.06 -14.87 -14.48
N ILE G 345 41.11 -15.59 -13.36
CA ILE G 345 40.65 -15.02 -12.10
C ILE G 345 41.73 -14.26 -11.36
N LEU G 346 42.99 -14.39 -11.77
CA LEU G 346 44.07 -13.65 -11.12
C LEU G 346 44.22 -12.23 -11.65
N ALA G 347 43.39 -11.82 -12.60
CA ALA G 347 43.39 -10.44 -13.05
C ALA G 347 42.93 -9.47 -11.98
N THR G 348 42.25 -9.96 -10.96
CA THR G 348 41.68 -9.14 -9.89
C THR G 348 42.41 -9.40 -8.59
N GLU G 349 41.97 -8.72 -7.53
CA GLU G 349 42.46 -8.96 -6.18
C GLU G 349 41.57 -10.01 -5.53
N VAL G 350 42.11 -11.20 -5.31
CA VAL G 350 41.36 -12.34 -4.81
C VAL G 350 41.90 -12.71 -3.44
N THR G 351 41.00 -12.87 -2.47
CA THR G 351 41.39 -13.24 -1.13
C THR G 351 41.93 -14.67 -1.11
N PRO G 352 42.82 -14.99 -0.17
CA PRO G 352 43.39 -16.35 -0.12
C PRO G 352 42.35 -17.43 0.06
N GLU G 353 41.26 -17.16 0.78
CA GLU G 353 40.23 -18.18 0.99
C GLU G 353 39.51 -18.50 -0.31
N ASP G 354 39.09 -17.47 -1.04
CA ASP G 354 38.43 -17.70 -2.33
C ASP G 354 39.38 -18.38 -3.32
N ALA G 355 40.65 -17.96 -3.31
CA ALA G 355 41.63 -18.58 -4.19
C ALA G 355 41.80 -20.05 -3.86
N GLN G 356 41.86 -20.38 -2.56
CA GLN G 356 42.00 -21.78 -2.16
C GLN G 356 40.78 -22.59 -2.53
N LYS G 357 39.58 -22.03 -2.37
CA LYS G 357 38.37 -22.74 -2.74
C LYS G 357 38.33 -23.01 -4.24
N LEU G 358 38.71 -22.02 -5.05
CA LEU G 358 38.72 -22.23 -6.49
C LEU G 358 39.81 -23.21 -6.91
N LEU G 359 40.95 -23.18 -6.23
CA LEU G 359 42.01 -24.16 -6.49
C LEU G 359 41.54 -25.56 -6.17
N VAL G 360 40.81 -25.73 -5.07
CA VAL G 360 40.29 -27.04 -4.71
C VAL G 360 39.24 -27.50 -5.72
N GLY G 361 38.38 -26.58 -6.15
CA GLY G 361 37.42 -26.91 -7.18
C GLY G 361 38.07 -27.36 -8.48
N LEU G 362 39.18 -26.71 -8.84
CA LEU G 362 39.93 -27.13 -10.02
C LEU G 362 40.64 -28.47 -9.78
N ASN G 363 41.05 -28.75 -8.55
CA ASN G 363 41.76 -29.98 -8.26
C ASN G 363 40.82 -31.17 -8.20
N GLN G 364 39.78 -31.09 -7.38
N GLN G 364 39.76 -31.07 -7.40
CA GLN G 364 38.83 -32.19 -7.24
CA GLN G 364 38.77 -32.14 -7.30
C GLN G 364 37.96 -32.32 -8.48
C GLN G 364 38.03 -32.34 -8.62
N ASN G 377 43.21 -36.11 -8.22
CA ASN G 377 43.89 -34.91 -7.76
C ASN G 377 45.07 -34.56 -8.67
N THR G 378 44.94 -33.45 -9.40
CA THR G 378 46.02 -33.01 -10.26
C THR G 378 47.25 -32.58 -9.45
N MET G 379 47.03 -31.89 -8.35
CA MET G 379 48.10 -31.44 -7.47
C MET G 379 47.82 -31.90 -6.05
N LYS G 380 48.89 -32.09 -5.27
CA LYS G 380 48.73 -32.51 -3.89
C LYS G 380 48.08 -31.40 -3.06
N ASN G 381 47.13 -31.80 -2.21
CA ASN G 381 46.32 -30.82 -1.48
C ASN G 381 47.11 -30.12 -0.39
N TYR G 382 48.16 -30.76 0.15
CA TYR G 382 48.90 -30.17 1.25
C TYR G 382 49.69 -28.94 0.82
N MET G 383 49.93 -28.76 -0.47
CA MET G 383 50.53 -27.54 -1.00
C MET G 383 49.50 -26.51 -1.41
N ILE G 384 48.21 -26.87 -1.40
CA ILE G 384 47.19 -25.99 -1.97
C ILE G 384 47.05 -24.67 -1.23
N PRO G 385 46.94 -24.63 0.11
CA PRO G 385 46.68 -23.33 0.75
C PRO G 385 47.76 -22.29 0.52
N VAL G 386 49.02 -22.63 0.79
CA VAL G 386 50.10 -21.66 0.63
C VAL G 386 50.16 -21.15 -0.80
N VAL G 387 50.04 -22.06 -1.77
CA VAL G 387 49.99 -21.65 -3.18
C VAL G 387 48.89 -20.63 -3.39
N ALA G 388 47.71 -20.90 -2.84
CA ALA G 388 46.62 -19.93 -2.90
C ALA G 388 47.07 -18.58 -2.37
N GLN G 389 47.67 -18.58 -1.18
CA GLN G 389 48.24 -17.35 -0.64
C GLN G 389 49.18 -16.70 -1.64
N ALA G 390 50.09 -17.49 -2.21
CA ALA G 390 51.00 -16.97 -3.22
C ALA G 390 50.21 -16.28 -4.32
N PHE G 391 49.22 -16.96 -4.88
CA PHE G 391 48.41 -16.37 -5.93
C PHE G 391 47.74 -15.10 -5.41
N SER G 392 47.17 -15.17 -4.21
CA SER G 392 46.51 -14.00 -3.63
C SER G 392 47.48 -12.84 -3.52
N LYS G 393 48.74 -13.13 -3.17
CA LYS G 393 49.73 -12.06 -3.15
C LYS G 393 50.07 -11.61 -4.56
N TRP G 394 50.29 -12.56 -5.47
CA TRP G 394 50.75 -12.22 -6.81
C TRP G 394 49.72 -11.34 -7.52
N ALA G 395 48.47 -11.81 -7.58
CA ALA G 395 47.41 -11.02 -8.17
C ALA G 395 47.28 -9.66 -7.50
N LYS G 396 47.58 -9.59 -6.20
CA LYS G 396 47.60 -8.31 -5.52
C LYS G 396 48.72 -7.43 -6.06
N GLU G 397 49.94 -7.95 -6.09
CA GLU G 397 51.09 -7.14 -6.43
C GLU G 397 50.99 -6.60 -7.86
N CYS G 398 50.61 -7.46 -8.80
CA CYS G 398 50.41 -7.03 -10.18
C CYS G 398 49.44 -5.85 -10.24
N ARG G 399 48.36 -5.92 -9.45
CA ARG G 399 47.39 -4.83 -9.44
CA ARG G 399 47.39 -4.83 -9.44
C ARG G 399 48.06 -3.54 -9.00
N LYS G 400 48.94 -3.60 -7.99
N LYS G 400 48.94 -3.60 -7.99
CA LYS G 400 49.66 -2.41 -7.57
CA LYS G 400 49.67 -2.42 -7.56
C LYS G 400 50.51 -1.87 -8.70
C LYS G 400 50.51 -1.87 -8.70
N ASP G 401 51.16 -2.75 -9.47
CA ASP G 401 51.93 -2.30 -10.62
C ASP G 401 51.03 -1.61 -11.64
N MET G 402 49.77 -2.01 -11.72
CA MET G 402 48.82 -1.29 -12.57
C MET G 402 48.48 0.07 -11.97
N GLU G 403 48.37 0.16 -10.65
CA GLU G 403 47.95 1.42 -10.03
C GLU G 403 49.07 2.46 -10.09
N ASP G 404 50.29 2.06 -9.77
CA ASP G 404 51.44 2.98 -9.76
C ASP G 404 52.16 2.93 -11.11
N GLU G 405 51.44 3.34 -12.14
CA GLU G 405 51.99 3.36 -13.49
C GLU G 405 53.04 4.47 -13.59
N LYS G 406 54.26 4.10 -13.94
CA LYS G 406 55.36 5.05 -14.04
C LYS G 406 55.46 5.59 -15.46
N LEU G 407 56.41 6.49 -15.68
CA LEU G 407 56.69 7.01 -17.00
C LEU G 407 57.60 6.03 -17.75
N LEU G 408 57.54 6.11 -19.08
CA LEU G 408 58.32 5.20 -19.91
C LEU G 408 59.79 5.56 -19.86
N GLY G 409 60.61 4.65 -19.34
CA GLY G 409 62.04 4.86 -19.29
C GLY G 409 62.48 6.03 -18.42
N VAL G 410 61.92 6.16 -17.22
CA VAL G 410 62.32 7.18 -16.27
C VAL G 410 62.46 6.54 -14.90
N ARG G 411 63.59 6.77 -14.24
CA ARG G 411 63.83 6.31 -12.87
C ARG G 411 63.88 7.53 -11.96
N GLU G 412 63.01 7.55 -10.96
CA GLU G 412 62.93 8.65 -10.00
C GLU G 412 63.73 8.26 -8.76
N ARG G 413 64.96 8.75 -8.67
CA ARG G 413 65.84 8.48 -7.56
C ARG G 413 66.25 9.79 -6.91
N THR G 414 66.28 9.80 -5.57
CA THR G 414 66.59 10.99 -4.81
C THR G 414 68.07 11.04 -4.47
N LEU G 415 68.67 12.22 -4.62
CA LEU G 415 70.06 12.42 -4.23
C LEU G 415 70.14 12.53 -2.72
N THR G 416 70.82 11.58 -2.08
CA THR G 416 70.82 11.51 -0.62
C THR G 416 71.88 12.41 -0.01
N CYS G 417 71.90 13.68 -0.42
CA CYS G 417 72.81 14.71 0.14
C CYS G 417 74.27 14.32 -0.02
N CYS G 418 74.56 13.40 -0.93
N CYS G 418 74.55 13.41 -0.94
CA CYS G 418 75.91 12.92 -1.17
CA CYS G 418 75.91 12.94 -1.18
C CYS G 418 76.02 12.56 -2.66
C CYS G 418 76.02 12.57 -2.67
N CYS G 419 77.07 11.84 -3.02
CA CYS G 419 77.28 11.39 -4.39
C CYS G 419 76.61 10.06 -4.68
N LEU G 420 75.57 9.71 -3.91
CA LEU G 420 74.86 8.45 -4.06
C LEU G 420 73.41 8.71 -4.42
N TRP G 421 72.78 7.72 -5.04
CA TRP G 421 71.39 7.78 -5.45
C TRP G 421 70.62 6.61 -4.87
N ALA G 422 69.41 6.86 -4.39
CA ALA G 422 68.60 5.85 -3.73
C ALA G 422 67.19 5.85 -4.30
N PHE G 423 66.57 4.67 -4.31
CA PHE G 423 65.21 4.49 -4.78
C PHE G 423 64.42 3.69 -3.76
N LYS G 424 63.11 3.63 -3.95
CA LYS G 424 62.24 2.86 -3.08
C LYS G 424 61.96 1.50 -3.68
N LYS G 425 62.10 0.47 -2.85
CA LYS G 425 61.83 -0.90 -3.24
C LYS G 425 60.40 -1.28 -2.86
N GLN G 426 59.71 -1.94 -3.78
CA GLN G 426 58.34 -2.35 -3.54
C GLN G 426 58.31 -3.65 -2.75
N LYS G 427 57.11 -4.02 -2.28
CA LYS G 427 56.94 -5.24 -1.51
C LYS G 427 56.68 -6.41 -2.44
N THR G 428 57.68 -7.26 -2.62
CA THR G 428 57.59 -8.45 -3.46
C THR G 428 57.47 -9.66 -2.54
N HIS G 429 56.25 -10.17 -2.40
CA HIS G 429 55.97 -11.29 -1.52
C HIS G 429 55.93 -12.63 -2.23
N THR G 430 55.76 -12.65 -3.55
CA THR G 430 55.66 -13.88 -4.30
C THR G 430 56.43 -13.76 -5.61
N VAL G 431 57.14 -14.83 -5.98
CA VAL G 431 57.75 -14.99 -7.29
C VAL G 431 57.01 -16.13 -7.98
N TYR G 432 56.34 -15.82 -9.08
CA TYR G 432 55.47 -16.76 -9.78
C TYR G 432 55.97 -16.87 -11.23
N LYS G 433 56.70 -17.94 -11.51
CA LYS G 433 57.15 -18.24 -12.87
C LYS G 433 56.09 -19.10 -13.53
N ARG G 434 55.32 -18.48 -14.43
CA ARG G 434 54.24 -19.18 -15.12
C ARG G 434 54.80 -20.18 -16.12
N PRO G 435 53.98 -21.14 -16.55
CA PRO G 435 54.44 -22.06 -17.60
C PRO G 435 54.85 -21.33 -18.86
N ASP G 436 55.83 -21.88 -19.56
CA ASP G 436 56.44 -21.30 -20.76
C ASP G 436 57.18 -20.01 -20.46
N THR G 437 57.68 -19.87 -19.23
CA THR G 437 58.58 -18.79 -18.85
C THR G 437 59.94 -19.37 -18.47
N GLN G 438 60.87 -18.47 -18.17
CA GLN G 438 62.24 -18.86 -17.87
C GLN G 438 62.78 -18.01 -16.73
N SER G 439 63.45 -18.68 -15.79
CA SER G 439 64.19 -18.01 -14.73
C SER G 439 65.65 -17.86 -15.16
N ILE G 440 66.16 -16.65 -15.11
CA ILE G 440 67.52 -16.33 -15.51
C ILE G 440 68.27 -15.82 -14.28
N GLN G 441 69.36 -16.50 -13.92
CA GLN G 441 70.11 -16.17 -12.72
C GLN G 441 71.59 -16.00 -13.05
N LYS G 442 72.21 -14.98 -12.47
CA LYS G 442 73.63 -14.73 -12.70
C LYS G 442 74.46 -15.59 -11.76
N VAL G 443 75.14 -16.59 -12.31
CA VAL G 443 75.95 -17.52 -11.53
C VAL G 443 77.42 -17.28 -11.85
N GLN G 444 78.28 -17.87 -11.03
CA GLN G 444 79.72 -17.76 -11.25
C GLN G 444 80.15 -18.67 -12.38
N ALA G 445 81.01 -18.14 -13.25
CA ALA G 445 81.64 -18.92 -14.31
C ALA G 445 83.16 -18.87 -14.13
N GLU G 446 83.86 -19.50 -15.07
CA GLU G 446 85.32 -19.50 -15.12
C GLU G 446 85.93 -19.96 -13.79
N PHE G 447 85.57 -21.18 -13.41
CA PHE G 447 86.14 -21.78 -12.21
C PHE G 447 87.59 -22.20 -12.45
N PRO H 3 50.04 -66.63 -3.87
CA PRO H 3 48.63 -66.56 -3.42
C PRO H 3 48.50 -66.60 -1.91
N VAL H 4 48.64 -65.45 -1.27
CA VAL H 4 48.55 -65.35 0.18
C VAL H 4 47.08 -65.25 0.59
N TYR H 5 46.71 -66.01 1.61
CA TYR H 5 45.35 -66.02 2.15
C TYR H 5 45.33 -65.29 3.49
N VAL H 6 44.31 -64.46 3.69
CA VAL H 6 44.18 -63.64 4.88
C VAL H 6 42.91 -64.02 5.60
N ASP H 7 43.00 -64.19 6.92
CA ASP H 7 41.85 -64.54 7.75
C ASP H 7 41.01 -63.29 8.06
N ILE H 8 40.49 -62.69 6.99
CA ILE H 8 39.63 -61.51 7.08
C ILE H 8 38.37 -61.79 6.28
N ASP H 9 37.42 -60.86 6.39
CA ASP H 9 36.16 -60.99 5.68
C ASP H 9 36.37 -60.89 4.17
N ALA H 10 35.48 -61.54 3.42
CA ALA H 10 35.57 -61.52 1.96
C ALA H 10 35.12 -60.18 1.38
N ASP H 11 34.51 -59.32 2.18
CA ASP H 11 34.02 -58.03 1.71
C ASP H 11 34.43 -56.89 2.64
N SER H 12 35.58 -57.02 3.29
CA SER H 12 36.06 -56.00 4.22
C SER H 12 36.72 -54.85 3.47
N ALA H 13 36.57 -53.64 4.00
CA ALA H 13 37.16 -52.46 3.36
C ALA H 13 38.67 -52.44 3.49
N PHE H 14 39.23 -53.06 4.53
CA PHE H 14 40.68 -53.13 4.70
C PHE H 14 41.35 -53.90 3.57
N LEU H 15 40.66 -54.87 2.98
CA LEU H 15 41.24 -55.74 1.95
C LEU H 15 42.05 -54.94 0.94
N LYS H 16 41.39 -54.00 0.25
CA LYS H 16 42.07 -53.21 -0.78
C LYS H 16 43.34 -52.56 -0.23
N ALA H 17 43.23 -51.91 0.93
CA ALA H 17 44.41 -51.29 1.53
C ALA H 17 45.52 -52.30 1.72
N LEU H 18 45.17 -53.48 2.23
CA LEU H 18 46.16 -54.54 2.38
C LEU H 18 46.76 -54.91 1.04
N GLN H 19 45.93 -55.04 0.00
N GLN H 19 45.93 -55.04 0.00
CA GLN H 19 46.45 -55.32 -1.33
CA GLN H 19 46.44 -55.33 -1.33
C GLN H 19 47.34 -54.19 -1.82
C GLN H 19 47.33 -54.20 -1.84
N ARG H 20 47.04 -52.96 -1.44
CA ARG H 20 47.91 -51.85 -1.79
C ARG H 20 49.22 -51.89 -1.03
N ALA H 21 49.22 -52.49 0.17
CA ALA H 21 50.43 -52.56 0.97
C ALA H 21 51.39 -53.64 0.51
N TYR H 22 50.90 -54.69 -0.15
CA TYR H 22 51.72 -55.80 -0.62
C TYR H 22 51.42 -56.05 -2.09
N PRO H 23 52.04 -55.29 -3.00
CA PRO H 23 51.75 -55.46 -4.42
C PRO H 23 52.34 -56.72 -5.04
N MET H 24 53.33 -57.34 -4.39
CA MET H 24 53.93 -58.55 -4.96
C MET H 24 53.15 -59.81 -4.66
N PHE H 25 52.12 -59.74 -3.82
CA PHE H 25 51.34 -60.90 -3.42
C PHE H 25 49.91 -60.75 -3.90
N GLU H 26 49.26 -61.88 -4.12
CA GLU H 26 47.83 -61.93 -4.45
C GLU H 26 47.09 -62.24 -3.16
N VAL H 27 46.51 -61.20 -2.56
CA VAL H 27 45.86 -61.31 -1.26
C VAL H 27 44.42 -61.76 -1.47
N GLU H 28 44.05 -62.89 -0.89
CA GLU H 28 42.71 -63.44 -1.03
C GLU H 28 42.13 -63.70 0.35
N PRO H 29 40.91 -63.26 0.62
CA PRO H 29 40.33 -63.43 1.95
C PRO H 29 39.81 -64.85 2.17
N ARG H 30 40.01 -65.35 3.39
CA ARG H 30 39.47 -66.66 3.79
C ARG H 30 39.20 -66.58 5.29
N GLN H 31 37.97 -66.25 5.65
CA GLN H 31 37.60 -66.05 7.05
C GLN H 31 37.24 -67.38 7.68
N VAL H 32 37.91 -67.71 8.79
CA VAL H 32 37.65 -68.95 9.51
C VAL H 32 37.50 -68.65 10.99
N THR H 33 37.60 -67.37 11.36
CA THR H 33 37.53 -66.94 12.75
C THR H 33 36.97 -65.53 12.84
N PRO H 34 36.04 -65.26 13.76
CA PRO H 34 35.56 -63.88 13.95
C PRO H 34 36.48 -63.07 14.85
N ASN H 35 37.74 -62.93 14.43
CA ASN H 35 38.74 -62.27 15.24
C ASN H 35 38.46 -60.78 15.34
N ASP H 36 38.59 -60.25 16.56
CA ASP H 36 38.37 -58.82 16.80
C ASP H 36 39.49 -57.95 16.26
N HIS H 37 40.65 -58.54 15.94
CA HIS H 37 41.79 -57.80 15.41
C HIS H 37 42.38 -58.55 14.22
N ALA H 38 41.51 -58.98 13.29
CA ALA H 38 41.94 -59.79 12.17
C ALA H 38 42.87 -59.03 11.23
N ASN H 39 42.69 -57.71 11.12
CA ASN H 39 43.56 -56.92 10.25
C ASN H 39 45.00 -56.97 10.72
N ALA H 40 45.23 -56.92 12.03
CA ALA H 40 46.58 -57.00 12.56
C ALA H 40 47.24 -58.32 12.19
N ARG H 41 46.53 -59.42 12.35
CA ARG H 41 47.10 -60.73 12.05
C ARG H 41 47.34 -60.89 10.56
N ALA H 42 46.43 -60.37 9.73
CA ALA H 42 46.64 -60.43 8.28
C ALA H 42 47.87 -59.64 7.87
N PHE H 43 48.03 -58.45 8.42
CA PHE H 43 49.21 -57.65 8.11
C PHE H 43 50.48 -58.34 8.59
N SER H 44 50.45 -58.95 9.77
CA SER H 44 51.62 -59.67 10.25
C SER H 44 51.96 -60.86 9.36
N HIS H 45 50.94 -61.58 8.90
CA HIS H 45 51.15 -62.71 8.01
C HIS H 45 51.81 -62.27 6.70
N LEU H 46 51.26 -61.23 6.07
CA LEU H 46 51.87 -60.76 4.82
C LEU H 46 53.25 -60.15 5.08
N ALA H 47 53.48 -59.55 6.25
CA ALA H 47 54.79 -59.03 6.57
C ALA H 47 55.82 -60.15 6.67
N ILE H 48 55.46 -61.24 7.33
CA ILE H 48 56.37 -62.38 7.43
C ILE H 48 56.62 -62.98 6.05
N LYS H 49 55.57 -63.08 5.23
CA LYS H 49 55.74 -63.59 3.87
C LYS H 49 56.68 -62.71 3.05
N LEU H 50 56.50 -61.39 3.14
CA LEU H 50 57.37 -60.46 2.44
C LEU H 50 58.81 -60.60 2.92
N ILE H 51 58.99 -60.72 4.24
CA ILE H 51 60.34 -60.86 4.79
C ILE H 51 61.00 -62.12 4.25
N GLU H 52 60.28 -63.25 4.29
CA GLU H 52 60.89 -64.51 3.87
C GLU H 52 61.08 -64.57 2.36
N GLN H 53 60.32 -63.75 1.61
CA GLN H 53 60.55 -63.66 0.18
C GLN H 53 61.78 -62.81 -0.14
N GLU H 54 61.99 -61.73 0.61
CA GLU H 54 63.01 -60.75 0.25
C GLU H 54 64.41 -61.10 0.75
N ILE H 55 64.56 -62.20 1.49
CA ILE H 55 65.86 -62.51 2.09
C ILE H 55 66.40 -63.83 1.54
N ASP H 56 67.61 -64.19 1.97
CA ASP H 56 68.30 -65.38 1.48
C ASP H 56 67.58 -66.63 1.95
N PRO H 57 67.16 -67.52 1.04
CA PRO H 57 66.47 -68.75 1.50
C PRO H 57 67.37 -69.70 2.28
N ASP H 58 68.69 -69.62 2.13
CA ASP H 58 69.61 -70.44 2.90
C ASP H 58 70.23 -69.57 3.99
N SER H 59 69.49 -69.41 5.09
CA SER H 59 69.95 -68.59 6.21
C SER H 59 69.10 -68.91 7.42
N THR H 60 69.73 -69.08 8.58
CA THR H 60 69.00 -69.27 9.82
C THR H 60 68.33 -67.96 10.21
N ILE H 61 67.04 -68.03 10.55
CA ILE H 61 66.23 -66.85 10.80
C ILE H 61 65.79 -66.90 12.26
N LEU H 62 66.49 -66.18 13.13
CA LEU H 62 66.07 -66.07 14.52
C LEU H 62 65.01 -64.99 14.64
N ASP H 63 63.90 -65.32 15.31
CA ASP H 63 62.83 -64.37 15.57
C ASP H 63 62.71 -64.14 17.06
N ILE H 64 62.84 -62.88 17.46
CA ILE H 64 62.94 -62.51 18.87
C ILE H 64 61.55 -62.46 19.48
N GLY H 65 61.37 -63.11 20.63
CA GLY H 65 60.11 -63.07 21.35
C GLY H 65 58.93 -63.54 20.52
N SER H 66 59.11 -64.62 19.76
CA SER H 66 58.10 -65.07 18.82
C SER H 66 57.32 -66.26 19.38
N ALA H 67 56.13 -66.47 18.80
CA ALA H 67 55.35 -67.65 19.10
C ALA H 67 55.75 -68.78 18.15
N PRO H 68 56.27 -69.89 18.65
CA PRO H 68 56.75 -70.95 17.73
C PRO H 68 55.65 -71.61 16.92
N ALA H 69 54.39 -71.47 17.33
CA ALA H 69 53.29 -72.11 16.59
C ALA H 69 53.09 -71.45 15.23
N ARG H 70 53.34 -70.15 15.11
CA ARG H 70 53.11 -69.46 13.84
C ARG H 70 54.16 -69.81 12.79
N ARG H 71 55.33 -70.27 13.21
CA ARG H 71 56.40 -70.59 12.28
C ARG H 71 56.26 -71.98 11.68
N MET H 72 55.09 -72.61 11.80
CA MET H 72 54.83 -73.88 11.15
C MET H 72 54.75 -73.69 9.63
N MET H 73 54.90 -74.81 8.92
CA MET H 73 54.72 -74.85 7.47
C MET H 73 55.67 -73.90 6.76
N SER H 74 56.85 -73.69 7.33
CA SER H 74 57.88 -72.83 6.75
C SER H 74 59.17 -73.63 6.65
N ASP H 75 59.60 -73.89 5.41
CA ASP H 75 60.80 -74.69 5.20
C ASP H 75 62.06 -73.95 5.62
N ARG H 76 61.96 -72.66 5.93
CA ARG H 76 63.12 -71.90 6.34
C ARG H 76 63.46 -72.19 7.81
N LYS H 77 64.76 -72.32 8.09
CA LYS H 77 65.21 -72.53 9.46
C LYS H 77 64.83 -71.33 10.33
N TYR H 78 64.27 -71.63 11.50
CA TYR H 78 63.83 -70.59 12.43
C TYR H 78 64.39 -70.87 13.82
N HIS H 79 64.98 -69.85 14.43
CA HIS H 79 65.38 -69.89 15.84
C HIS H 79 64.31 -69.14 16.64
N CYS H 80 63.27 -69.88 17.03
CA CYS H 80 62.15 -69.29 17.75
C CYS H 80 62.59 -69.03 19.19
N VAL H 81 63.17 -67.86 19.42
CA VAL H 81 63.59 -67.46 20.76
C VAL H 81 62.36 -67.23 21.62
N CYS H 82 62.33 -67.85 22.79
N CYS H 82 62.33 -67.83 22.79
CA CYS H 82 61.20 -67.74 23.72
CA CYS H 82 61.20 -67.72 23.72
C CYS H 82 61.75 -67.65 25.15
C CYS H 82 61.75 -67.64 25.14
N PRO H 83 61.91 -66.43 25.67
CA PRO H 83 62.55 -66.28 27.01
C PRO H 83 61.69 -66.73 28.17
N MET H 84 60.43 -67.12 27.96
CA MET H 84 59.52 -67.47 29.05
C MET H 84 59.32 -66.30 30.01
N ARG H 85 59.26 -65.07 29.50
CA ARG H 85 59.15 -63.93 30.40
C ARG H 85 57.71 -63.46 30.57
N SER H 86 56.95 -63.39 29.48
CA SER H 86 55.55 -63.00 29.58
C SER H 86 54.71 -64.19 30.04
N ALA H 87 53.51 -63.88 30.51
CA ALA H 87 52.59 -64.90 31.02
C ALA H 87 51.91 -65.71 29.94
N GLU H 88 51.86 -65.21 28.70
CA GLU H 88 51.24 -65.95 27.61
C GLU H 88 52.15 -67.05 27.08
N ASP H 89 53.45 -66.98 27.34
CA ASP H 89 54.40 -67.90 26.72
C ASP H 89 54.18 -69.37 27.05
N PRO H 90 53.93 -69.78 28.30
CA PRO H 90 53.73 -71.22 28.56
C PRO H 90 52.59 -71.82 27.75
N GLU H 91 51.52 -71.06 27.55
CA GLU H 91 50.39 -71.54 26.74
C GLU H 91 50.78 -71.65 25.27
N ARG H 92 51.59 -70.70 24.78
CA ARG H 92 52.08 -70.80 23.41
C ARG H 92 52.94 -72.03 23.23
N LEU H 93 53.80 -72.33 24.20
CA LEU H 93 54.61 -73.55 24.13
C LEU H 93 53.73 -74.79 24.21
N ALA H 94 52.67 -74.75 25.02
CA ALA H 94 51.76 -75.90 25.09
C ALA H 94 51.11 -76.16 23.73
N ASN H 95 50.63 -75.09 23.08
CA ASN H 95 50.03 -75.26 21.75
C ASN H 95 51.07 -75.72 20.73
N TYR H 96 52.29 -75.19 20.81
CA TYR H 96 53.35 -75.59 19.89
C TYR H 96 53.70 -77.05 20.06
N ALA H 97 53.76 -77.53 21.31
CA ALA H 97 54.04 -78.95 21.56
C ALA H 97 52.89 -79.83 21.08
N ARG H 98 51.64 -79.36 21.26
CA ARG H 98 50.50 -80.09 20.74
C ARG H 98 50.60 -80.24 19.22
N LYS H 99 50.94 -79.15 18.53
CA LYS H 99 51.06 -79.20 17.08
C LYS H 99 52.22 -80.09 16.64
N LEU H 100 53.35 -80.02 17.36
CA LEU H 100 54.49 -80.87 17.03
C LEU H 100 54.16 -82.34 17.22
N ALA H 101 53.41 -82.67 18.27
CA ALA H 101 53.04 -84.06 18.54
C ALA H 101 51.87 -84.56 17.69
N SER H 102 51.16 -83.65 17.01
CA SER H 102 50.00 -84.03 16.20
C SER H 102 50.34 -84.29 14.74
N ALA H 103 51.60 -84.08 14.32
CA ALA H 103 51.99 -84.27 12.93
C ALA H 103 53.32 -85.00 12.85
N ALA H 104 53.50 -86.02 13.70
CA ALA H 104 54.73 -86.80 13.66
C ALA H 104 54.84 -87.62 12.38
N GLY H 105 53.77 -88.34 12.03
CA GLY H 105 53.75 -89.12 10.82
C GLY H 105 52.93 -88.49 9.70
N LYS H 106 52.63 -87.20 9.84
CA LYS H 106 51.78 -86.50 8.89
C LYS H 106 52.56 -85.60 7.94
N VAL H 107 53.62 -84.95 8.43
CA VAL H 107 54.47 -84.08 7.61
C VAL H 107 55.92 -84.41 7.91
N LEU H 108 56.78 -84.27 6.89
CA LEU H 108 58.19 -84.57 7.03
C LEU H 108 59.11 -83.53 6.42
N ASP H 109 58.61 -82.61 5.60
CA ASP H 109 59.45 -81.62 4.94
C ASP H 109 59.74 -80.41 5.82
N ARG H 110 59.05 -80.26 6.95
CA ARG H 110 59.19 -79.09 7.81
C ARG H 110 60.09 -79.33 9.00
N ASN H 111 60.99 -80.32 8.91
CA ASN H 111 61.98 -80.64 9.95
C ASN H 111 61.32 -80.86 11.32
N ILE H 112 60.06 -81.27 11.33
CA ILE H 112 59.33 -81.51 12.58
C ILE H 112 59.99 -82.62 13.39
N SER H 113 60.57 -83.62 12.70
CA SER H 113 61.22 -84.72 13.41
C SER H 113 62.40 -84.22 14.23
N GLY H 114 63.13 -83.24 13.72
CA GLY H 114 64.18 -82.60 14.51
C GLY H 114 63.67 -81.59 15.52
N LYS H 115 62.52 -80.97 15.25
CA LYS H 115 61.95 -80.04 16.22
C LYS H 115 61.46 -80.76 17.48
N ILE H 116 61.00 -82.00 17.33
CA ILE H 116 60.65 -82.80 18.50
C ILE H 116 61.87 -82.99 19.38
N GLY H 117 62.99 -83.38 18.78
CA GLY H 117 64.22 -83.54 19.54
C GLY H 117 64.70 -82.22 20.13
N ASP H 118 64.48 -81.12 19.42
CA ASP H 118 64.87 -79.81 19.94
C ASP H 118 64.07 -79.46 21.19
N LEU H 119 62.75 -79.68 21.16
CA LEU H 119 61.93 -79.43 22.34
C LEU H 119 62.34 -80.35 23.49
N GLN H 120 62.60 -81.62 23.19
CA GLN H 120 63.05 -82.53 24.24
C GLN H 120 64.39 -82.10 24.83
N ALA H 121 65.26 -81.52 24.00
CA ALA H 121 66.56 -81.08 24.49
C ALA H 121 66.45 -79.84 25.37
N VAL H 122 65.65 -78.86 24.94
CA VAL H 122 65.56 -77.62 25.72
C VAL H 122 64.91 -77.88 27.07
N MET H 123 64.04 -78.90 27.16
CA MET H 123 63.39 -79.25 28.40
C MET H 123 64.23 -80.20 29.27
N ALA H 124 65.52 -80.31 28.99
CA ALA H 124 66.45 -81.10 29.79
C ALA H 124 67.42 -80.23 30.57
N VAL H 125 68.11 -79.32 29.88
CA VAL H 125 68.99 -78.34 30.52
C VAL H 125 68.46 -76.96 30.15
N PRO H 126 68.25 -76.06 31.11
CA PRO H 126 67.66 -74.75 30.78
C PRO H 126 68.51 -73.91 29.85
N ASP H 127 69.80 -74.21 29.71
CA ASP H 127 70.69 -73.47 28.81
C ASP H 127 70.99 -74.25 27.54
N THR H 128 70.08 -75.12 27.11
CA THR H 128 70.27 -75.92 25.90
C THR H 128 70.01 -75.05 24.68
N GLU H 129 71.08 -74.61 24.03
CA GLU H 129 70.95 -73.81 22.81
C GLU H 129 70.92 -74.75 21.61
N THR H 130 69.74 -75.27 21.31
CA THR H 130 69.54 -76.10 20.13
C THR H 130 69.58 -75.21 18.88
N PRO H 131 69.85 -75.81 17.71
CA PRO H 131 69.91 -74.99 16.49
C PRO H 131 68.62 -74.25 16.18
N THR H 132 67.47 -74.82 16.51
CA THR H 132 66.19 -74.26 16.11
C THR H 132 65.35 -73.68 17.24
N PHE H 133 65.73 -73.91 18.50
CA PHE H 133 64.89 -73.46 19.60
C PHE H 133 65.73 -73.29 20.85
N CYS H 134 65.42 -72.25 21.63
CA CYS H 134 66.14 -71.97 22.87
C CYS H 134 65.26 -71.14 23.78
N LEU H 135 65.61 -71.11 25.05
CA LEU H 135 64.89 -70.37 26.08
C LEU H 135 65.85 -69.37 26.73
N HIS H 136 65.99 -68.20 26.10
CA HIS H 136 66.83 -67.13 26.62
C HIS H 136 66.29 -65.81 26.12
N THR H 137 66.74 -64.73 26.76
CA THR H 137 66.44 -63.40 26.27
C THR H 137 67.36 -63.06 25.09
N ASP H 138 66.97 -62.04 24.33
CA ASP H 138 67.72 -61.67 23.14
C ASP H 138 69.13 -61.17 23.46
N VAL H 139 69.37 -60.71 24.68
CA VAL H 139 70.68 -60.22 25.07
C VAL H 139 71.51 -61.28 25.76
N SER H 140 71.06 -62.54 25.74
CA SER H 140 71.81 -63.64 26.33
C SER H 140 71.91 -64.88 25.45
N CYS H 141 71.12 -64.97 24.39
CA CYS H 141 71.21 -66.12 23.50
C CYS H 141 72.55 -66.14 22.77
N ARG H 142 73.11 -67.33 22.59
CA ARG H 142 74.44 -67.50 22.01
C ARG H 142 74.40 -67.98 20.56
N GLN H 143 73.22 -68.16 19.97
CA GLN H 143 73.15 -68.61 18.59
C GLN H 143 73.64 -67.52 17.64
N ARG H 144 74.40 -67.95 16.63
CA ARG H 144 75.03 -67.05 15.65
C ARG H 144 74.35 -67.26 14.30
N ALA H 145 73.28 -66.51 14.06
CA ALA H 145 72.54 -66.56 12.80
C ALA H 145 72.72 -65.26 12.03
N ASP H 146 71.98 -65.13 10.93
CA ASP H 146 72.15 -64.02 10.00
C ASP H 146 71.00 -63.02 10.00
N VAL H 147 69.77 -63.45 10.28
CA VAL H 147 68.59 -62.60 10.15
C VAL H 147 67.85 -62.59 11.48
N ALA H 148 67.42 -61.40 11.91
CA ALA H 148 66.63 -61.22 13.11
C ALA H 148 65.24 -60.70 12.75
N ILE H 149 64.23 -61.17 13.47
CA ILE H 149 62.85 -60.76 13.25
C ILE H 149 62.24 -60.38 14.60
N TYR H 150 61.61 -59.21 14.65
CA TYR H 150 60.89 -58.74 15.83
C TYR H 150 59.45 -58.51 15.42
N GLN H 151 58.63 -59.55 15.49
CA GLN H 151 57.22 -59.48 15.13
C GLN H 151 56.42 -59.13 16.37
N ASP H 152 55.79 -57.96 16.37
CA ASP H 152 54.99 -57.47 17.50
C ASP H 152 55.78 -57.49 18.80
N VAL H 153 57.02 -57.03 18.72
CA VAL H 153 57.92 -56.97 19.87
C VAL H 153 58.18 -55.50 20.16
N TYR H 154 57.49 -54.95 21.15
CA TYR H 154 57.64 -53.57 21.54
C TYR H 154 58.31 -53.38 22.90
N ALA H 155 58.25 -54.39 23.77
CA ALA H 155 58.76 -54.28 25.13
C ALA H 155 60.23 -54.68 25.23
N VAL H 156 61.09 -54.06 24.42
CA VAL H 156 62.53 -54.30 24.47
C VAL H 156 63.23 -53.08 23.90
N HIS H 157 64.45 -52.84 24.39
CA HIS H 157 65.23 -51.68 23.96
C HIS H 157 65.82 -51.98 22.59
N ALA H 158 65.45 -51.17 21.60
CA ALA H 158 65.91 -51.41 20.24
C ALA H 158 67.43 -51.35 20.12
N PRO H 159 68.13 -50.31 20.59
CA PRO H 159 69.59 -50.29 20.39
C PRO H 159 70.31 -51.46 21.05
N THR H 160 69.93 -51.81 22.28
CA THR H 160 70.61 -52.89 22.99
C THR H 160 70.42 -54.23 22.28
N SER H 161 69.17 -54.56 21.92
CA SER H 161 68.90 -55.82 21.24
C SER H 161 69.54 -55.86 19.87
N LEU H 162 69.47 -54.75 19.13
CA LEU H 162 70.09 -54.71 17.81
C LEU H 162 71.60 -54.89 17.91
N TYR H 163 72.24 -54.28 18.91
CA TYR H 163 73.67 -54.48 19.10
C TYR H 163 73.98 -55.93 19.48
N HIS H 164 73.17 -56.53 20.36
CA HIS H 164 73.44 -57.89 20.78
C HIS H 164 73.25 -58.88 19.64
N GLN H 165 72.38 -58.59 18.69
CA GLN H 165 72.27 -59.42 17.50
C GLN H 165 73.32 -59.10 16.45
N ALA H 166 73.76 -57.84 16.37
CA ALA H 166 74.82 -57.47 15.42
C ALA H 166 76.13 -58.14 15.79
N ILE H 167 76.46 -58.16 17.09
CA ILE H 167 77.65 -58.89 17.55
C ILE H 167 77.48 -60.39 17.44
N LYS H 168 76.30 -60.87 17.03
CA LYS H 168 76.03 -62.28 16.88
C LYS H 168 76.02 -62.72 15.42
N GLY H 169 76.45 -61.86 14.51
CA GLY H 169 76.47 -62.17 13.09
C GLY H 169 75.22 -61.80 12.33
N VAL H 170 74.17 -61.34 13.00
CA VAL H 170 72.93 -60.99 12.33
C VAL H 170 73.15 -59.71 11.53
N ARG H 171 72.99 -59.79 10.21
CA ARG H 171 73.14 -58.64 9.34
C ARG H 171 71.81 -57.98 8.98
N LEU H 172 70.68 -58.68 9.18
CA LEU H 172 69.37 -58.19 8.78
C LEU H 172 68.41 -58.32 9.95
N ALA H 173 67.66 -57.26 10.23
CA ALA H 173 66.64 -57.26 11.25
C ALA H 173 65.35 -56.69 10.67
N TYR H 174 64.23 -57.27 11.06
CA TYR H 174 62.91 -56.82 10.62
C TYR H 174 62.06 -56.55 11.85
N TRP H 175 61.42 -55.39 11.90
CA TRP H 175 60.52 -55.03 13.00
C TRP H 175 59.14 -54.76 12.42
N VAL H 176 58.19 -55.64 12.72
CA VAL H 176 56.81 -55.50 12.29
C VAL H 176 55.98 -55.12 13.50
N GLY H 177 55.37 -53.93 13.46
CA GLY H 177 54.63 -53.48 14.62
C GLY H 177 53.92 -52.17 14.36
N PHE H 178 53.27 -51.67 15.40
CA PHE H 178 52.56 -50.41 15.29
C PHE H 178 53.52 -49.26 15.05
N ASP H 179 53.04 -48.25 14.32
CA ASP H 179 53.85 -47.07 14.06
C ASP H 179 54.19 -46.37 15.37
N THR H 180 55.46 -46.02 15.53
CA THR H 180 55.95 -45.38 16.74
C THR H 180 55.94 -43.86 16.65
N THR H 181 55.52 -43.29 15.53
CA THR H 181 55.42 -41.85 15.41
C THR H 181 54.50 -41.21 16.45
N PRO H 182 53.34 -41.77 16.80
CA PRO H 182 52.52 -41.14 17.85
C PRO H 182 53.24 -40.99 19.19
N PHE H 183 54.13 -41.91 19.54
CA PHE H 183 54.81 -41.84 20.81
C PHE H 183 56.00 -40.88 20.81
N MET H 184 56.48 -40.47 19.65
CA MET H 184 57.46 -39.39 19.60
C MET H 184 56.80 -38.02 19.66
N TYR H 185 55.49 -37.95 19.49
CA TYR H 185 54.73 -36.74 19.71
C TYR H 185 54.23 -36.62 21.14
N ASN H 186 54.45 -37.64 21.96
CA ASN H 186 54.09 -37.62 23.39
C ASN H 186 52.59 -37.39 23.58
N ALA H 187 51.80 -38.31 23.04
CA ALA H 187 50.35 -38.24 23.15
C ALA H 187 49.87 -39.02 24.35
N MET H 188 48.88 -38.47 25.05
CA MET H 188 48.31 -39.18 26.20
C MET H 188 47.54 -40.42 25.79
N ALA H 189 46.82 -40.36 24.67
CA ALA H 189 46.05 -41.48 24.17
C ALA H 189 46.04 -41.42 22.65
N GLY H 190 45.69 -42.55 22.04
CA GLY H 190 45.66 -42.59 20.59
C GLY H 190 44.92 -43.81 20.08
N ALA H 191 44.74 -43.85 18.77
CA ALA H 191 43.95 -44.89 18.13
C ALA H 191 44.52 -45.23 16.77
N TYR H 192 44.53 -46.52 16.44
CA TYR H 192 44.71 -47.03 15.09
C TYR H 192 43.36 -47.56 14.66
N PRO H 193 42.49 -46.71 14.10
CA PRO H 193 41.12 -47.15 13.77
C PRO H 193 41.06 -48.28 12.75
N SER H 194 41.99 -48.31 11.80
CA SER H 194 41.96 -49.33 10.76
C SER H 194 42.25 -50.72 11.30
N TYR H 195 42.76 -50.84 12.52
CA TYR H 195 43.03 -52.13 13.13
C TYR H 195 42.23 -52.30 14.42
N SER H 196 41.23 -51.45 14.65
CA SER H 196 40.41 -51.47 15.87
C SER H 196 41.28 -51.40 17.12
N THR H 197 42.36 -50.62 17.06
CA THR H 197 43.33 -50.55 18.14
C THR H 197 43.19 -49.24 18.88
N ASN H 198 43.19 -49.30 20.20
CA ASN H 198 43.14 -48.11 21.03
C ASN H 198 44.16 -48.23 22.15
N TRP H 199 44.94 -47.17 22.36
CA TRP H 199 45.95 -47.18 23.41
C TRP H 199 45.80 -45.92 24.24
N ALA H 200 46.12 -46.03 25.53
CA ALA H 200 45.97 -44.89 26.42
C ALA H 200 46.97 -44.98 27.57
N ASP H 201 47.41 -43.82 28.03
CA ASP H 201 48.22 -43.75 29.24
C ASP H 201 47.39 -44.16 30.45
N GLU H 202 48.06 -44.74 31.44
CA GLU H 202 47.35 -45.21 32.63
C GLU H 202 46.71 -44.08 33.42
N GLN H 203 47.11 -42.83 33.18
CA GLN H 203 46.51 -41.71 33.88
C GLN H 203 45.13 -41.36 33.35
N VAL H 204 44.75 -41.87 32.17
CA VAL H 204 43.48 -41.52 31.56
C VAL H 204 42.70 -42.78 31.21
N LEU H 205 43.00 -43.90 31.86
CA LEU H 205 42.23 -45.12 31.65
C LEU H 205 40.80 -44.98 32.18
N LYS H 206 40.56 -44.06 33.11
CA LYS H 206 39.22 -43.80 33.63
C LYS H 206 38.55 -42.62 32.94
N ALA H 207 38.93 -42.33 31.70
CA ALA H 207 38.33 -41.25 30.94
C ALA H 207 36.92 -41.66 30.48
N LYS H 208 36.30 -40.79 29.70
CA LYS H 208 34.91 -40.96 29.30
C LYS H 208 34.74 -41.17 27.80
N ASN H 209 35.43 -40.40 26.96
CA ASN H 209 35.12 -40.33 25.54
C ASN H 209 36.35 -40.55 24.68
N ILE H 210 37.20 -41.49 25.06
CA ILE H 210 38.32 -41.91 24.23
C ILE H 210 38.16 -43.38 23.90
N GLY H 211 39.02 -43.88 23.03
CA GLY H 211 38.87 -45.23 22.53
C GLY H 211 38.98 -46.29 23.62
N LEU H 212 39.96 -46.14 24.51
CA LEU H 212 40.22 -47.10 25.58
C LEU H 212 40.02 -46.39 26.91
N CYS H 213 38.82 -46.51 27.47
CA CYS H 213 38.49 -45.92 28.76
C CYS H 213 37.20 -46.54 29.27
N SER H 214 36.95 -46.37 30.56
CA SER H 214 35.70 -46.77 31.17
C SER H 214 35.51 -45.97 32.44
N THR H 215 34.34 -45.34 32.58
CA THR H 215 34.05 -44.54 33.76
C THR H 215 32.70 -44.94 34.35
N ASP H 216 32.25 -44.22 35.37
CA ASP H 216 31.01 -44.54 36.06
C ASP H 216 30.09 -43.34 36.08
N LEU H 217 28.79 -43.61 36.21
CA LEU H 217 27.81 -42.55 36.32
C LEU H 217 27.92 -41.87 37.69
N THR H 218 27.99 -40.54 37.68
CA THR H 218 28.09 -39.77 38.91
C THR H 218 27.19 -38.55 38.81
N GLU H 219 26.81 -38.04 39.97
CA GLU H 219 25.94 -36.87 40.05
C GLU H 219 26.69 -35.55 40.10
N GLY H 220 28.02 -35.59 40.15
CA GLY H 220 28.79 -34.37 40.29
C GLY H 220 29.07 -34.06 41.75
N ARG H 221 29.49 -35.08 42.49
CA ARG H 221 29.71 -34.95 43.92
C ARG H 221 31.10 -34.37 44.19
N ARG H 222 31.53 -34.37 45.44
CA ARG H 222 32.86 -33.90 45.78
C ARG H 222 33.91 -34.87 45.28
N GLY H 223 34.99 -34.34 44.72
CA GLY H 223 36.05 -35.16 44.20
C GLY H 223 36.88 -35.81 45.28
N LYS H 224 37.75 -36.72 44.86
CA LYS H 224 38.61 -37.44 45.79
C LYS H 224 39.54 -36.47 46.51
N LEU H 225 39.70 -36.67 47.82
CA LEU H 225 40.67 -35.91 48.61
C LEU H 225 42.05 -36.49 48.32
N SER H 226 42.57 -36.14 47.15
CA SER H 226 43.81 -36.75 46.66
C SER H 226 44.99 -36.35 47.52
N ILE H 227 45.86 -37.34 47.79
CA ILE H 227 47.10 -37.05 48.51
C ILE H 227 48.03 -36.20 47.66
N MET H 228 48.17 -36.55 46.38
CA MET H 228 48.99 -35.80 45.45
C MET H 228 48.22 -34.60 44.91
N ARG H 229 48.88 -33.45 44.86
CA ARG H 229 48.24 -32.26 44.31
C ARG H 229 47.91 -32.42 42.84
N GLY H 230 48.80 -33.05 42.06
CA GLY H 230 48.63 -33.11 40.63
C GLY H 230 49.21 -31.89 39.96
N LYS H 231 48.34 -30.94 39.61
CA LYS H 231 48.73 -29.66 39.02
C LYS H 231 49.35 -29.82 37.64
N LYS H 232 49.47 -31.07 37.18
CA LYS H 232 50.02 -31.34 35.85
C LYS H 232 49.56 -32.72 35.43
N LEU H 233 49.13 -32.83 34.17
CA LEU H 233 48.78 -34.10 33.56
C LEU H 233 49.70 -34.30 32.37
N GLU H 234 50.72 -35.12 32.55
N GLU H 234 50.71 -35.15 32.54
CA GLU H 234 51.70 -35.38 31.50
CA GLU H 234 51.74 -35.38 31.55
C GLU H 234 51.84 -36.87 31.29
C GLU H 234 51.88 -36.87 31.30
N PRO H 235 52.13 -37.29 30.06
CA PRO H 235 52.21 -38.74 29.77
C PRO H 235 53.26 -39.45 30.63
N CYS H 236 52.89 -40.62 31.11
CA CYS H 236 53.77 -41.47 31.89
C CYS H 236 54.29 -42.61 31.04
N ASP H 237 55.29 -43.31 31.58
CA ASP H 237 55.95 -44.37 30.80
C ASP H 237 54.99 -45.51 30.47
N ARG H 238 54.14 -45.89 31.43
CA ARG H 238 53.29 -47.05 31.24
C ARG H 238 52.04 -46.67 30.46
N VAL H 239 51.77 -47.41 29.38
CA VAL H 239 50.56 -47.25 28.58
C VAL H 239 49.96 -48.62 28.36
N LEU H 240 48.67 -48.62 28.00
CA LEU H 240 47.94 -49.85 27.73
C LEU H 240 47.47 -49.84 26.28
N PHE H 241 47.73 -50.94 25.58
CA PHE H 241 47.28 -51.16 24.21
C PHE H 241 46.13 -52.15 24.21
N SER H 242 45.14 -51.90 23.35
CA SER H 242 44.03 -52.80 23.13
C SER H 242 43.91 -53.02 21.62
N VAL H 243 44.38 -54.18 21.17
CA VAL H 243 44.28 -54.57 19.76
C VAL H 243 43.10 -55.51 19.63
N GLY H 244 41.92 -54.95 19.35
CA GLY H 244 40.71 -55.73 19.43
C GLY H 244 40.24 -55.88 20.86
N SER H 245 40.43 -57.07 21.43
CA SER H 245 40.09 -57.33 22.83
C SER H 245 41.27 -57.97 23.54
N THR H 246 42.49 -57.54 23.22
CA THR H 246 43.70 -58.08 23.81
C THR H 246 44.51 -56.94 24.42
N LEU H 247 44.91 -57.12 25.69
CA LEU H 247 45.65 -56.09 26.41
C LEU H 247 47.16 -56.28 26.25
N TYR H 248 47.86 -55.17 26.11
CA TYR H 248 49.33 -55.14 26.08
C TYR H 248 49.86 -53.98 26.91
N PRO H 249 50.49 -54.25 28.06
CA PRO H 249 51.13 -53.17 28.83
C PRO H 249 52.49 -52.83 28.22
N GLU H 250 52.61 -51.61 27.69
N GLU H 250 52.61 -51.62 27.69
CA GLU H 250 53.81 -51.15 27.02
CA GLU H 250 53.82 -51.17 27.03
C GLU H 250 54.41 -49.97 27.77
C GLU H 250 54.41 -49.97 27.77
N SER H 251 55.65 -49.65 27.43
CA SER H 251 56.37 -48.52 28.00
C SER H 251 56.75 -47.53 26.91
N ARG H 252 56.62 -46.25 27.22
CA ARG H 252 56.92 -45.22 26.23
C ARG H 252 58.39 -45.22 25.84
N LYS H 253 59.28 -45.45 26.82
CA LYS H 253 60.71 -45.44 26.52
C LYS H 253 61.07 -46.53 25.52
N LEU H 254 60.57 -47.75 25.73
CA LEU H 254 60.92 -48.85 24.84
C LEU H 254 60.24 -48.68 23.48
N LEU H 255 59.05 -48.08 23.46
CA LEU H 255 58.38 -47.80 22.18
C LEU H 255 59.17 -46.78 21.37
N LYS H 256 59.62 -45.71 22.03
CA LYS H 256 60.40 -44.68 21.35
C LYS H 256 61.77 -45.20 20.94
N SER H 257 62.29 -46.21 21.65
CA SER H 257 63.58 -46.79 21.28
C SER H 257 63.54 -47.36 19.86
N TRP H 258 62.38 -47.87 19.44
CA TRP H 258 62.25 -48.46 18.12
C TRP H 258 61.99 -47.44 17.02
N HIS H 259 61.84 -46.16 17.38
CA HIS H 259 61.72 -45.09 16.38
C HIS H 259 63.12 -44.67 15.94
N LEU H 260 63.82 -45.62 15.33
CA LEU H 260 65.20 -45.42 14.96
C LEU H 260 65.33 -44.40 13.84
N PRO H 261 66.42 -43.64 13.80
CA PRO H 261 66.64 -42.72 12.69
C PRO H 261 67.08 -43.48 11.44
N SER H 262 67.17 -42.75 10.33
CA SER H 262 67.62 -43.35 9.09
C SER H 262 69.05 -43.86 9.19
N VAL H 263 69.91 -43.09 9.86
CA VAL H 263 71.31 -43.45 10.07
C VAL H 263 71.63 -43.31 11.55
N PHE H 264 72.23 -44.35 12.14
CA PHE H 264 72.66 -44.31 13.52
C PHE H 264 73.86 -45.23 13.70
N HIS H 265 74.57 -45.05 14.81
CA HIS H 265 75.80 -45.76 15.09
C HIS H 265 75.64 -46.65 16.31
N LEU H 266 76.24 -47.84 16.25
CA LEU H 266 76.28 -48.77 17.37
C LEU H 266 77.71 -48.84 17.88
N LYS H 267 77.96 -48.24 19.04
CA LYS H 267 79.30 -48.10 19.60
C LYS H 267 79.38 -48.91 20.90
N GLY H 268 80.01 -50.08 20.83
CA GLY H 268 80.22 -50.90 22.00
C GLY H 268 81.55 -51.62 21.93
N LYS H 269 81.55 -52.93 22.22
CA LYS H 269 82.76 -53.72 22.04
C LYS H 269 83.16 -53.78 20.57
N LEU H 270 82.17 -53.93 19.69
CA LEU H 270 82.38 -53.86 18.26
C LEU H 270 81.55 -52.73 17.67
N SER H 271 82.08 -52.11 16.62
CA SER H 271 81.37 -51.00 15.97
C SER H 271 80.81 -51.43 14.62
N THR H 273 78.15 -48.96 11.46
CA THR H 273 76.99 -48.12 11.18
C THR H 273 75.78 -48.97 10.81
N CYS H 274 74.58 -48.43 11.04
CA CYS H 274 73.34 -49.14 10.78
C CYS H 274 72.33 -48.20 10.14
N ARG H 275 71.36 -48.79 9.44
CA ARG H 275 70.25 -48.06 8.85
C ARG H 275 68.92 -48.61 9.32
N CYS H 276 67.90 -47.74 9.26
CA CYS H 276 66.53 -48.12 9.55
C CYS H 276 65.62 -47.47 8.52
N ASP H 277 64.97 -48.29 7.72
CA ASP H 277 64.06 -47.82 6.68
C ASP H 277 62.69 -48.47 6.86
N THR H 278 61.65 -47.69 6.58
CA THR H 278 60.27 -48.19 6.65
C THR H 278 59.92 -48.75 5.28
N VAL H 279 59.96 -50.07 5.15
CA VAL H 279 59.70 -50.71 3.87
C VAL H 279 58.22 -51.03 3.65
N VAL H 280 57.43 -51.15 4.72
CA VAL H 280 56.00 -51.32 4.59
C VAL H 280 55.32 -50.37 5.56
N SER H 281 54.30 -49.66 5.06
CA SER H 281 53.54 -48.73 5.90
C SER H 281 52.09 -48.79 5.46
N CYS H 282 51.18 -49.17 6.35
CA CYS H 282 49.76 -49.29 6.02
C CYS H 282 48.95 -48.88 7.23
N GLU H 283 48.43 -47.65 7.20
CA GLU H 283 47.34 -47.20 8.07
C GLU H 283 47.64 -47.45 9.54
N GLY H 284 48.90 -47.27 9.93
CA GLY H 284 49.31 -47.40 11.32
C GLY H 284 50.18 -48.59 11.62
N TYR H 285 50.30 -49.55 10.71
CA TYR H 285 51.16 -50.72 10.92
C TYR H 285 52.34 -50.66 9.97
N VAL H 286 53.54 -50.81 10.51
CA VAL H 286 54.76 -50.61 9.75
C VAL H 286 55.69 -51.81 9.89
N VAL H 287 56.33 -52.15 8.79
CA VAL H 287 57.44 -53.09 8.75
C VAL H 287 58.68 -52.29 8.43
N LYS H 288 59.60 -52.23 9.38
CA LYS H 288 60.87 -51.52 9.24
C LYS H 288 61.99 -52.52 9.00
N ARG H 289 62.82 -52.24 8.01
CA ARG H 289 63.95 -53.10 7.65
C ARG H 289 65.23 -52.44 8.14
N ILE H 290 65.81 -52.98 9.21
CA ILE H 290 67.08 -52.54 9.73
C ILE H 290 68.17 -53.40 9.10
N THR H 291 69.18 -52.76 8.54
CA THR H 291 70.30 -53.45 7.93
C THR H 291 71.57 -53.14 8.73
N MET H 292 72.47 -54.12 8.79
CA MET H 292 73.59 -54.07 9.72
C MET H 292 74.91 -54.12 8.96
N SER H 293 75.90 -53.45 9.50
CA SER H 293 77.23 -53.41 8.91
C SER H 293 78.28 -53.14 9.98
N PRO H 294 79.32 -53.98 10.08
CA PRO H 294 80.38 -53.72 11.07
C PRO H 294 81.21 -52.51 10.67
N GLY H 295 81.76 -51.86 11.69
CA GLY H 295 82.57 -50.68 11.49
C GLY H 295 81.75 -49.40 11.47
N LEU H 296 82.45 -48.29 11.74
CA LEU H 296 81.84 -46.97 11.76
C LEU H 296 82.13 -46.27 10.44
N TYR H 297 81.07 -45.92 9.72
CA TYR H 297 81.20 -45.26 8.42
C TYR H 297 80.23 -44.09 8.36
N GLY H 298 80.67 -42.98 7.76
CA GLY H 298 79.84 -41.82 7.64
C GLY H 298 79.61 -41.13 8.97
N LYS H 299 78.50 -40.40 9.05
CA LYS H 299 78.14 -39.69 10.27
C LYS H 299 76.62 -39.57 10.33
N THR H 300 76.12 -39.35 11.53
CA THR H 300 74.69 -39.40 11.81
C THR H 300 74.16 -38.00 12.12
N THR H 301 72.95 -37.72 11.65
CA THR H 301 72.26 -36.47 11.95
C THR H 301 71.35 -36.59 13.17
N GLY H 302 70.98 -37.80 13.57
CA GLY H 302 70.05 -37.97 14.67
C GLY H 302 68.61 -37.65 14.33
N TYR H 303 68.24 -37.73 13.06
CA TYR H 303 66.91 -37.35 12.60
C TYR H 303 66.16 -38.57 12.10
N ALA H 304 64.89 -38.67 12.49
CA ALA H 304 64.00 -39.74 12.07
C ALA H 304 62.85 -39.14 11.27
N VAL H 305 62.48 -39.83 10.19
CA VAL H 305 61.49 -39.33 9.23
C VAL H 305 60.35 -40.32 9.16
N THR H 306 59.12 -39.82 9.26
CA THR H 306 57.91 -40.59 9.02
C THR H 306 57.14 -39.98 7.87
N HIS H 307 56.83 -40.79 6.86
CA HIS H 307 56.08 -40.34 5.69
C HIS H 307 54.61 -40.68 5.89
N HIS H 308 53.73 -39.69 5.70
CA HIS H 308 52.31 -39.84 5.98
C HIS H 308 51.57 -40.05 4.66
N ALA H 309 51.26 -41.31 4.34
CA ALA H 309 50.36 -41.58 3.22
C ALA H 309 48.95 -41.10 3.52
N ASP H 310 48.50 -41.29 4.76
N ASP H 310 48.49 -41.27 4.76
CA ASP H 310 47.21 -40.79 5.25
CA ASP H 310 47.21 -40.76 5.20
C ASP H 310 47.46 -39.66 6.24
C ASP H 310 47.43 -39.73 6.30
N GLY H 311 46.39 -38.93 6.55
CA GLY H 311 46.51 -37.85 7.51
C GLY H 311 46.77 -38.35 8.91
N PHE H 312 47.56 -37.60 9.66
CA PHE H 312 47.87 -37.89 11.06
C PHE H 312 47.55 -36.67 11.89
N LEU H 313 46.90 -36.88 13.03
CA LEU H 313 46.52 -35.76 13.89
C LEU H 313 46.86 -36.06 15.34
N MET H 314 47.41 -35.05 16.02
CA MET H 314 47.56 -35.06 17.47
C MET H 314 47.00 -33.74 17.98
N CYS H 315 45.90 -33.80 18.72
CA CYS H 315 45.15 -32.59 19.04
C CYS H 315 44.76 -32.56 20.50
N LYS H 316 44.55 -31.36 21.00
CA LYS H 316 44.08 -31.16 22.37
C LYS H 316 42.58 -31.40 22.44
N THR H 317 42.16 -32.17 23.44
CA THR H 317 40.76 -32.45 23.66
C THR H 317 40.47 -32.50 25.15
N THR H 318 39.26 -32.09 25.52
CA THR H 318 38.83 -31.99 26.90
C THR H 318 37.89 -33.15 27.21
N ASP H 319 38.25 -33.94 28.22
CA ASP H 319 37.43 -35.05 28.68
C ASP H 319 37.34 -35.00 30.20
N THR H 320 36.76 -36.05 30.78
CA THR H 320 36.66 -36.20 32.23
C THR H 320 37.34 -37.49 32.64
N VAL H 321 38.36 -37.38 33.47
CA VAL H 321 39.03 -38.53 34.08
C VAL H 321 38.51 -38.67 35.50
N ASP H 322 37.86 -39.80 35.79
CA ASP H 322 37.22 -40.03 37.08
C ASP H 322 36.24 -38.91 37.42
N GLY H 323 35.64 -38.31 36.40
CA GLY H 323 34.69 -37.23 36.59
C GLY H 323 35.29 -35.84 36.66
N GLU H 324 36.62 -35.72 36.69
CA GLU H 324 37.28 -34.42 36.76
C GLU H 324 37.63 -33.98 35.34
N ARG H 325 37.21 -32.77 34.98
CA ARG H 325 37.40 -32.28 33.62
C ARG H 325 38.83 -31.81 33.42
N VAL H 326 39.54 -32.44 32.49
CA VAL H 326 40.91 -32.10 32.14
C VAL H 326 41.03 -32.09 30.62
N SER H 327 42.18 -31.61 30.15
CA SER H 327 42.47 -31.54 28.72
C SER H 327 43.80 -32.23 28.46
N PHE H 328 43.84 -33.05 27.42
CA PHE H 328 45.05 -33.76 27.06
C PHE H 328 45.05 -34.06 25.56
N SER H 329 46.19 -34.57 25.08
CA SER H 329 46.40 -34.78 23.66
C SER H 329 45.96 -36.17 23.24
N VAL H 330 45.36 -36.26 22.06
CA VAL H 330 44.90 -37.50 21.48
C VAL H 330 45.34 -37.54 20.02
N CYS H 331 45.89 -38.67 19.60
CA CYS H 331 46.40 -38.84 18.24
C CYS H 331 45.60 -39.91 17.50
N THR H 332 45.61 -39.82 16.18
CA THR H 332 44.89 -40.75 15.33
C THR H 332 45.30 -40.57 13.88
N TYR H 333 44.80 -41.46 13.03
CA TYR H 333 44.99 -41.42 11.59
C TYR H 333 43.65 -41.22 10.90
N VAL H 334 43.67 -40.49 9.79
CA VAL H 334 42.48 -40.19 8.99
C VAL H 334 42.76 -40.55 7.54
N PRO H 335 41.81 -41.20 6.85
CA PRO H 335 42.06 -41.58 5.45
C PRO H 335 42.43 -40.39 4.59
N ALA H 336 43.31 -40.65 3.61
CA ALA H 336 43.80 -39.59 2.74
C ALA H 336 42.68 -38.96 1.92
N THR H 337 41.71 -39.77 1.50
CA THR H 337 40.57 -39.22 0.76
C THR H 337 39.79 -38.23 1.60
N ILE H 338 39.61 -38.54 2.88
CA ILE H 338 38.91 -37.63 3.78
C ILE H 338 39.68 -36.32 3.91
N CYS H 339 40.99 -36.41 4.11
CA CYS H 339 41.81 -35.21 4.25
C CYS H 339 41.78 -34.36 2.99
N ASP H 340 41.85 -35.00 1.82
CA ASP H 340 41.76 -34.27 0.56
C ASP H 340 40.41 -33.61 0.38
N GLN H 341 39.32 -34.27 0.80
CA GLN H 341 38.01 -33.65 0.73
C GLN H 341 37.84 -32.54 1.75
N MET H 342 38.65 -32.55 2.81
CA MET H 342 38.56 -31.52 3.85
C MET H 342 39.29 -30.24 3.48
N THR H 343 40.13 -30.27 2.45
CA THR H 343 41.01 -29.14 2.15
C THR H 343 40.23 -27.88 1.80
N GLY H 344 39.19 -28.02 0.97
CA GLY H 344 38.52 -26.84 0.45
C GLY H 344 37.76 -26.05 1.51
N ILE H 345 37.31 -26.73 2.56
CA ILE H 345 36.49 -26.05 3.56
C ILE H 345 37.31 -25.63 4.79
N LEU H 346 38.54 -26.14 4.93
CA LEU H 346 39.39 -25.72 6.05
C LEU H 346 40.08 -24.39 5.79
N ALA H 347 39.83 -23.76 4.64
CA ALA H 347 40.42 -22.46 4.36
C ALA H 347 39.90 -21.37 5.29
N THR H 348 38.73 -21.57 5.88
CA THR H 348 38.12 -20.60 6.77
C THR H 348 38.00 -21.20 8.17
N GLU H 349 37.37 -20.44 9.07
CA GLU H 349 37.15 -20.88 10.44
C GLU H 349 35.82 -21.62 10.50
N VAL H 350 35.87 -22.90 10.82
CA VAL H 350 34.71 -23.77 10.84
C VAL H 350 34.50 -24.29 12.26
N THR H 351 33.28 -24.17 12.76
CA THR H 351 32.96 -24.65 14.09
C THR H 351 33.07 -26.17 14.15
N PRO H 352 33.37 -26.73 15.32
CA PRO H 352 33.48 -28.20 15.42
C PRO H 352 32.20 -28.93 15.06
N GLU H 353 31.04 -28.33 15.31
CA GLU H 353 29.78 -28.97 14.96
C GLU H 353 29.61 -29.07 13.43
N ASP H 354 29.88 -27.97 12.72
CA ASP H 354 29.79 -28.00 11.27
C ASP H 354 30.83 -28.93 10.67
N ALA H 355 32.05 -28.91 11.23
CA ALA H 355 33.08 -29.81 10.76
C ALA H 355 32.69 -31.27 10.97
N GLN H 356 32.08 -31.57 12.12
CA GLN H 356 31.62 -32.94 12.37
C GLN H 356 30.53 -33.34 11.39
N LYS H 357 29.57 -32.46 11.12
CA LYS H 357 28.51 -32.79 10.17
C LYS H 357 29.07 -33.04 8.78
N LEU H 358 30.01 -32.20 8.34
CA LEU H 358 30.58 -32.39 7.01
C LEU H 358 31.45 -33.64 6.95
N LEU H 359 32.16 -33.96 8.04
CA LEU H 359 32.94 -35.18 8.10
C LEU H 359 32.03 -36.41 8.02
N VAL H 360 30.89 -36.36 8.71
CA VAL H 360 29.94 -37.47 8.65
C VAL H 360 29.35 -37.60 7.25
N GLY H 361 29.04 -36.47 6.62
CA GLY H 361 28.56 -36.51 5.25
C GLY H 361 29.57 -37.11 4.29
N LEU H 362 30.86 -36.81 4.50
CA LEU H 362 31.90 -37.44 3.70
C LEU H 362 32.05 -38.92 4.04
N ASN H 363 31.78 -39.31 5.28
CA ASN H 363 31.95 -40.70 5.68
C ASN H 363 30.79 -41.57 5.20
N GLN H 364 29.56 -41.19 5.53
N GLN H 364 29.56 -41.17 5.52
CA GLN H 364 28.39 -41.96 5.13
CA GLN H 364 28.37 -41.91 5.08
C GLN H 364 28.11 -41.79 3.63
C GLN H 364 28.25 -41.90 3.56
N ASN H 377 31.56 -46.96 5.40
CA ASN H 377 32.26 -46.07 6.32
C ASN H 377 33.76 -46.05 6.02
N THR H 378 34.24 -44.91 5.51
CA THR H 378 35.66 -44.78 5.21
C THR H 378 36.49 -44.77 6.48
N MET H 379 36.04 -44.06 7.50
CA MET H 379 36.73 -43.99 8.78
C MET H 379 35.75 -44.36 9.90
N LYS H 380 36.30 -44.87 11.01
CA LYS H 380 35.48 -45.26 12.13
C LYS H 380 34.80 -44.03 12.74
N ASN H 381 33.51 -44.15 13.02
CA ASN H 381 32.73 -43.00 13.49
C ASN H 381 33.12 -42.60 14.91
N TYR H 382 33.61 -43.54 15.71
CA TYR H 382 33.88 -43.26 17.12
C TYR H 382 34.96 -42.20 17.29
N MET H 383 35.83 -42.02 16.30
CA MET H 383 36.85 -40.99 16.38
C MET H 383 36.53 -39.76 15.53
N ILE H 384 35.34 -39.74 14.89
CA ILE H 384 34.97 -38.59 14.06
C ILE H 384 34.90 -37.29 14.85
N PRO H 385 34.28 -37.23 16.04
CA PRO H 385 34.15 -35.91 16.71
C PRO H 385 35.47 -35.22 16.98
N VAL H 386 36.42 -35.92 17.61
CA VAL H 386 37.66 -35.28 18.02
C VAL H 386 38.41 -34.71 16.81
N VAL H 387 38.51 -35.50 15.74
CA VAL H 387 39.13 -35.01 14.51
C VAL H 387 38.43 -33.75 14.04
N ALA H 388 37.10 -33.77 14.05
CA ALA H 388 36.34 -32.56 13.76
C ALA H 388 36.87 -31.38 14.58
N GLN H 389 36.88 -31.55 15.90
CA GLN H 389 37.43 -30.52 16.77
C GLN H 389 38.85 -30.18 16.38
N ALA H 390 39.67 -31.21 16.14
CA ALA H 390 41.04 -30.99 15.69
C ALA H 390 41.05 -30.09 14.46
N PHE H 391 40.26 -30.44 13.45
CA PHE H 391 40.24 -29.63 12.24
C PHE H 391 39.78 -28.22 12.56
N SER H 392 38.76 -28.10 13.41
CA SER H 392 38.28 -26.78 13.80
C SER H 392 39.38 -25.95 14.43
N LYS H 393 40.24 -26.58 15.23
CA LYS H 393 41.37 -25.85 15.77
C LYS H 393 42.38 -25.53 14.67
N TRP H 394 42.72 -26.52 13.83
CA TRP H 394 43.77 -26.32 12.85
C TRP H 394 43.42 -25.20 11.89
N ALA H 395 42.24 -25.29 11.27
CA ALA H 395 41.78 -24.24 10.38
C ALA H 395 41.75 -22.89 11.09
N LYS H 396 41.47 -22.89 12.40
CA LYS H 396 41.51 -21.66 13.15
C LYS H 396 42.94 -21.14 13.27
N GLU H 397 43.86 -22.00 13.70
CA GLU H 397 45.23 -21.53 13.97
C GLU H 397 45.89 -21.03 12.70
N CYS H 398 45.72 -21.75 11.58
CA CYS H 398 46.22 -21.26 10.31
C CYS H 398 45.71 -19.86 10.01
N ARG H 399 44.41 -19.63 10.26
CA ARG H 399 43.85 -18.31 10.03
CA ARG H 399 43.85 -18.31 10.03
C ARG H 399 44.56 -17.26 10.87
N LYS H 400 44.90 -17.60 12.12
N LYS H 400 44.90 -17.60 12.12
CA LYS H 400 45.63 -16.67 12.96
CA LYS H 400 45.63 -16.67 12.96
C LYS H 400 46.99 -16.34 12.36
C LYS H 400 46.98 -16.34 12.36
N ASP H 401 47.67 -17.35 11.81
CA ASP H 401 48.93 -17.10 11.12
C ASP H 401 48.74 -16.16 9.93
N MET H 402 47.55 -16.20 9.33
CA MET H 402 47.23 -15.25 8.26
C MET H 402 47.13 -13.83 8.81
N GLU H 403 46.54 -13.67 10.00
CA GLU H 403 46.27 -12.33 10.52
C GLU H 403 47.56 -11.67 11.02
N ASP H 404 48.37 -12.43 11.76
CA ASP H 404 49.61 -11.90 12.33
C ASP H 404 50.78 -12.16 11.38
N GLU H 405 50.73 -11.50 10.23
CA GLU H 405 51.77 -11.65 9.22
C GLU H 405 53.03 -10.91 9.66
N LYS H 406 54.12 -11.66 9.85
CA LYS H 406 55.37 -11.08 10.29
C LYS H 406 56.17 -10.58 9.09
N LEU H 407 57.34 -10.01 9.37
CA LEU H 407 58.26 -9.60 8.31
C LEU H 407 59.13 -10.78 7.89
N LEU H 408 59.65 -10.70 6.67
CA LEU H 408 60.46 -11.78 6.13
C LEU H 408 61.81 -11.84 6.83
N GLY H 409 62.07 -12.95 7.51
CA GLY H 409 63.34 -13.15 8.17
C GLY H 409 63.65 -12.17 9.28
N VAL H 410 62.69 -11.91 10.16
CA VAL H 410 62.90 -11.05 11.32
C VAL H 410 62.27 -11.71 12.53
N ARG H 411 63.04 -11.84 13.61
CA ARG H 411 62.54 -12.33 14.89
C ARG H 411 62.50 -11.17 15.87
N GLU H 412 61.32 -10.92 16.44
CA GLU H 412 61.12 -9.84 17.41
C GLU H 412 61.19 -10.43 18.81
N ARG H 413 62.37 -10.35 19.41
CA ARG H 413 62.59 -10.86 20.77
C ARG H 413 63.02 -9.72 21.67
N THR H 414 62.47 -9.71 22.88
CA THR H 414 62.72 -8.64 23.84
C THR H 414 63.86 -9.02 24.77
N LEU H 415 64.77 -8.08 25.01
CA LEU H 415 65.86 -8.30 25.96
C LEU H 415 65.30 -8.22 27.37
N THR H 416 65.36 -9.31 28.10
CA THR H 416 64.74 -9.38 29.42
C THR H 416 65.62 -8.80 30.51
N CYS H 417 66.15 -7.59 30.28
CA CYS H 417 66.97 -6.86 31.25
C CYS H 417 68.18 -7.67 31.70
N CYS H 418 68.61 -8.61 30.85
N CYS H 418 68.61 -8.61 30.85
CA CYS H 418 69.72 -9.50 31.16
CA CYS H 418 69.74 -9.48 31.16
C CYS H 418 70.41 -9.86 29.85
C CYS H 418 70.42 -9.86 29.85
N CYS H 419 71.25 -10.90 29.88
CA CYS H 419 71.93 -11.40 28.69
C CYS H 419 71.12 -12.47 27.97
N LEU H 420 69.80 -12.47 28.14
CA LEU H 420 68.92 -13.47 27.55
C LEU H 420 67.87 -12.80 26.68
N TRP H 421 67.35 -13.57 25.73
CA TRP H 421 66.32 -13.10 24.81
C TRP H 421 65.11 -14.03 24.87
N ALA H 422 63.92 -13.44 24.84
CA ALA H 422 62.69 -14.19 24.98
C ALA H 422 61.69 -13.77 23.90
N PHE H 423 60.93 -14.75 23.42
CA PHE H 423 59.88 -14.53 22.43
C PHE H 423 58.55 -14.99 23.00
N LYS H 424 57.49 -14.78 22.23
CA LYS H 424 56.16 -15.21 22.63
C LYS H 424 55.77 -16.47 21.86
N LYS H 425 55.24 -17.45 22.57
CA LYS H 425 54.79 -18.70 21.99
C LYS H 425 53.30 -18.63 21.67
N GLN H 426 52.96 -19.03 20.46
CA GLN H 426 51.57 -19.03 20.03
C GLN H 426 50.86 -20.28 20.54
N LYS H 427 49.53 -20.23 20.52
CA LYS H 427 48.71 -21.35 20.98
C LYS H 427 48.61 -22.39 19.87
N THR H 428 49.22 -23.55 20.09
CA THR H 428 49.20 -24.66 19.13
C THR H 428 48.41 -25.80 19.76
N HIS H 429 47.17 -25.99 19.31
CA HIS H 429 46.29 -27.02 19.85
C HIS H 429 46.23 -28.26 18.99
N THR H 430 46.62 -28.18 17.72
CA THR H 430 46.54 -29.31 16.81
C THR H 430 47.79 -29.42 15.96
N VAL H 431 48.33 -30.63 15.85
CA VAL H 431 49.38 -30.95 14.89
C VAL H 431 48.74 -31.86 13.85
N TYR H 432 48.68 -31.37 12.61
CA TYR H 432 47.96 -32.03 11.52
C TYR H 432 48.95 -32.26 10.38
N LYS H 433 49.44 -33.49 10.27
CA LYS H 433 50.31 -33.90 9.18
C LYS H 433 49.41 -34.40 8.05
N ARG H 434 49.28 -33.58 7.00
CA ARG H 434 48.45 -33.93 5.86
C ARG H 434 49.11 -35.07 5.07
N PRO H 435 48.34 -35.76 4.23
CA PRO H 435 48.93 -36.80 3.38
C PRO H 435 50.00 -36.20 2.45
N ASP H 436 51.00 -37.02 2.14
CA ASP H 436 52.17 -36.62 1.36
C ASP H 436 53.04 -35.60 2.09
N THR H 437 53.01 -35.63 3.42
CA THR H 437 53.91 -34.85 4.25
C THR H 437 54.80 -35.78 5.05
N GLN H 438 55.70 -35.19 5.83
CA GLN H 438 56.67 -35.94 6.59
C GLN H 438 56.88 -35.30 7.96
N SER H 439 56.91 -36.13 8.98
CA SER H 439 57.27 -35.72 10.33
C SER H 439 58.76 -35.99 10.54
N ILE H 440 59.48 -34.96 10.96
CA ILE H 440 60.92 -35.05 11.19
C ILE H 440 61.18 -34.79 12.67
N GLN H 441 61.79 -35.77 13.35
CA GLN H 441 61.99 -35.68 14.79
C GLN H 441 63.45 -35.97 15.12
N LYS H 442 64.05 -35.13 15.97
CA LYS H 442 65.42 -35.33 16.39
C LYS H 442 65.47 -36.41 17.46
N VAL H 443 66.22 -37.48 17.19
CA VAL H 443 66.32 -38.63 18.09
C VAL H 443 67.79 -38.88 18.40
N GLN H 444 68.03 -39.61 19.49
CA GLN H 444 69.38 -39.96 19.88
C GLN H 444 69.99 -40.92 18.88
N ALA H 445 71.23 -40.67 18.49
CA ALA H 445 72.02 -41.58 17.69
C ALA H 445 73.27 -41.98 18.47
N GLU H 446 74.08 -42.84 17.86
CA GLU H 446 75.37 -43.27 18.41
C GLU H 446 75.20 -43.90 19.79
N PHE H 447 74.46 -45.01 19.81
CA PHE H 447 74.28 -45.78 21.03
C PHE H 447 75.52 -46.61 21.34
N PRO I 3 27.74 -78.29 8.48
CA PRO I 3 26.36 -77.80 8.33
C PRO I 3 25.59 -77.82 9.64
N VAL I 4 25.65 -76.72 10.38
CA VAL I 4 24.98 -76.61 11.67
C VAL I 4 23.56 -76.10 11.46
N TYR I 5 22.61 -76.73 12.13
CA TYR I 5 21.20 -76.34 12.07
C TYR I 5 20.81 -75.65 13.37
N VAL I 6 20.06 -74.56 13.24
CA VAL I 6 19.66 -73.73 14.38
C VAL I 6 18.15 -73.72 14.47
N ASP I 7 17.63 -73.91 15.68
CA ASP I 7 16.19 -73.90 15.94
C ASP I 7 15.68 -72.47 16.03
N ILE I 8 15.83 -71.74 14.92
CA ILE I 8 15.37 -70.37 14.80
C ILE I 8 14.57 -70.24 13.51
N ASP I 9 13.88 -69.10 13.38
CA ASP I 9 13.05 -68.86 12.20
C ASP I 9 13.92 -68.79 10.95
N ALA I 10 13.31 -69.16 9.81
CA ALA I 10 14.02 -69.15 8.54
C ALA I 10 14.23 -67.73 8.01
N ASP I 11 13.52 -66.74 8.55
CA ASP I 11 13.65 -65.36 8.09
C ASP I 11 13.95 -64.42 9.27
N SER I 12 14.61 -64.93 10.31
CA SER I 12 14.92 -64.12 11.47
C SER I 12 16.10 -63.20 11.17
N ALA I 13 16.03 -61.97 11.72
CA ALA I 13 17.11 -61.01 11.52
C ALA I 13 18.39 -61.41 12.25
N PHE I 14 18.28 -62.11 13.38
CA PHE I 14 19.45 -62.57 14.11
C PHE I 14 20.32 -63.53 13.30
N LEU I 15 19.72 -64.27 12.36
CA LEU I 15 20.45 -65.25 11.56
C LEU I 15 21.77 -64.70 11.05
N LYS I 16 21.72 -63.57 10.34
CA LYS I 16 22.94 -62.97 9.80
C LYS I 16 24.00 -62.79 10.87
N ALA I 17 23.62 -62.18 12.00
CA ALA I 17 24.58 -61.98 13.08
C ALA I 17 25.21 -63.29 13.50
N LEU I 18 24.39 -64.32 13.64
CA LEU I 18 24.90 -65.64 13.98
C LEU I 18 25.92 -66.12 12.95
N GLN I 19 25.61 -65.93 11.66
N GLN I 19 25.62 -65.93 11.66
CA GLN I 19 26.56 -66.33 10.62
CA GLN I 19 26.57 -66.34 10.62
C GLN I 19 27.84 -65.51 10.70
C GLN I 19 27.84 -65.51 10.68
N ARG I 20 27.74 -64.25 11.13
CA ARG I 20 28.96 -63.47 11.33
C ARG I 20 29.69 -63.90 12.59
N ALA I 21 28.99 -64.48 13.56
CA ALA I 21 29.62 -64.94 14.79
C ALA I 21 30.40 -66.23 14.59
N TYR I 22 30.00 -67.07 13.64
CA TYR I 22 30.63 -68.37 13.40
C TYR I 22 30.92 -68.51 11.91
N PRO I 23 32.01 -67.90 11.43
CA PRO I 23 32.33 -67.99 10.00
C PRO I 23 32.80 -69.36 9.55
N MET I 24 33.19 -70.24 10.47
CA MET I 24 33.65 -71.57 10.08
C MET I 24 32.53 -72.57 9.91
N PHE I 25 31.28 -72.18 10.16
CA PHE I 25 30.15 -73.07 10.11
C PHE I 25 29.10 -72.55 9.14
N GLU I 26 28.40 -73.47 8.49
CA GLU I 26 27.25 -73.14 7.64
C GLU I 26 26.01 -73.21 8.52
N VAL I 27 25.47 -72.05 8.87
CA VAL I 27 24.33 -71.95 9.78
C VAL I 27 23.05 -71.95 8.96
N GLU I 28 22.20 -72.95 9.18
CA GLU I 28 20.94 -73.08 8.45
C GLU I 28 19.79 -73.14 9.44
N PRO I 29 18.77 -72.31 9.28
CA PRO I 29 17.64 -72.32 10.22
C PRO I 29 16.76 -73.56 10.03
N ARG I 30 16.31 -74.11 11.15
CA ARG I 30 15.32 -75.19 11.15
C ARG I 30 14.47 -75.04 12.40
N GLN I 31 13.34 -74.36 12.26
CA GLN I 31 12.49 -74.04 13.40
C GLN I 31 11.53 -75.20 13.67
N VAL I 32 11.58 -75.74 14.88
CA VAL I 32 10.71 -76.84 15.26
C VAL I 32 10.07 -76.53 16.61
N THR I 33 10.31 -75.32 17.12
CA THR I 33 9.77 -74.90 18.42
C THR I 33 9.60 -73.40 18.46
N PRO I 34 8.46 -72.89 18.95
CA PRO I 34 8.30 -71.44 19.11
C PRO I 34 8.94 -70.92 20.39
N ASN I 35 10.25 -71.15 20.52
CA ASN I 35 10.95 -70.83 21.74
C ASN I 35 11.08 -69.32 21.92
N ASP I 36 10.78 -68.84 23.13
CA ASP I 36 10.86 -67.42 23.44
C ASP I 36 12.29 -66.91 23.51
N HIS I 37 13.28 -67.81 23.61
CA HIS I 37 14.69 -67.43 23.68
C HIS I 37 15.51 -68.31 22.75
N ALA I 38 15.05 -68.46 21.51
CA ALA I 38 15.69 -69.36 20.57
C ALA I 38 17.09 -68.89 20.19
N ASN I 39 17.33 -67.58 20.18
CA ASN I 39 18.66 -67.06 19.86
C ASN I 39 19.70 -67.55 20.86
N ALA I 40 19.34 -67.58 22.15
CA ALA I 40 20.25 -68.05 23.17
C ALA I 40 20.64 -69.50 22.93
N ARG I 41 19.65 -70.35 22.64
CA ARG I 41 19.93 -71.77 22.42
C ARG I 41 20.75 -71.98 21.16
N ALA I 42 20.47 -71.21 20.10
CA ALA I 42 21.25 -71.33 18.87
C ALA I 42 22.70 -70.93 19.10
N PHE I 43 22.92 -69.83 19.82
CA PHE I 43 24.28 -69.40 20.11
C PHE I 43 25.01 -70.42 20.97
N SER I 44 24.32 -70.99 21.97
CA SER I 44 24.94 -72.00 22.80
C SER I 44 25.29 -73.24 21.99
N HIS I 45 24.42 -73.64 21.08
CA HIS I 45 24.67 -74.81 20.24
C HIS I 45 25.89 -74.60 19.37
N LEU I 46 25.96 -73.46 18.69
CA LEU I 46 27.13 -73.21 17.85
C LEU I 46 28.39 -73.00 18.68
N ALA I 47 28.26 -72.48 19.90
CA ALA I 47 29.42 -72.37 20.79
C ALA I 47 29.95 -73.74 21.15
N ILE I 48 29.07 -74.69 21.46
CA ILE I 48 29.50 -76.04 21.78
C ILE I 48 30.15 -76.69 20.57
N LYS I 49 29.57 -76.49 19.38
CA LYS I 49 30.15 -77.05 18.17
C LYS I 49 31.54 -76.46 17.90
N LEU I 50 31.68 -75.15 18.08
CA LEU I 50 32.98 -74.50 17.91
C LEU I 50 34.01 -75.04 18.90
N ILE I 51 33.58 -75.22 20.15
CA ILE I 51 34.48 -75.76 21.18
C ILE I 51 34.93 -77.16 20.78
N GLU I 52 33.99 -77.99 20.34
CA GLU I 52 34.32 -79.37 19.97
C GLU I 52 35.27 -79.40 18.77
N GLN I 53 35.06 -78.52 17.80
CA GLN I 53 35.95 -78.46 16.64
C GLN I 53 37.35 -77.99 17.05
N GLU I 54 37.44 -76.99 17.93
CA GLU I 54 38.71 -76.33 18.20
C GLU I 54 39.65 -77.15 19.07
N ILE I 55 39.16 -78.18 19.75
CA ILE I 55 39.99 -78.87 20.74
C ILE I 55 40.30 -80.30 20.30
N ASP I 56 41.13 -80.97 21.09
CA ASP I 56 41.61 -82.31 20.76
C ASP I 56 40.46 -83.31 20.75
N PRO I 57 40.24 -84.05 19.65
CA PRO I 57 39.17 -85.06 19.66
C PRO I 57 39.37 -86.16 20.69
N ASP I 58 40.61 -86.53 21.00
CA ASP I 58 40.87 -87.59 21.99
C ASP I 58 41.19 -86.95 23.34
N SER I 59 40.13 -86.49 24.01
CA SER I 59 40.28 -85.85 25.31
C SER I 59 38.96 -85.93 26.06
N THR I 60 39.03 -86.30 27.33
CA THR I 60 37.84 -86.28 28.18
C THR I 60 37.39 -84.84 28.39
N ILE I 61 36.08 -84.61 28.30
CA ILE I 61 35.52 -83.26 28.34
C ILE I 61 34.53 -83.22 29.50
N LEU I 62 34.89 -82.52 30.57
CA LEU I 62 33.97 -82.31 31.68
C LEU I 62 33.30 -80.96 31.52
N ASP I 63 31.97 -80.95 31.57
CA ASP I 63 31.19 -79.73 31.49
C ASP I 63 30.52 -79.48 32.83
N ILE I 64 30.82 -78.32 33.42
CA ILE I 64 30.38 -78.00 34.77
C ILE I 64 28.92 -77.57 34.75
N GLY I 65 28.13 -78.12 35.66
CA GLY I 65 26.73 -77.73 35.78
C GLY I 65 25.93 -77.90 34.51
N SER I 66 26.17 -78.99 33.79
CA SER I 66 25.62 -79.16 32.46
C SER I 66 24.38 -80.05 32.49
N ALA I 67 23.54 -79.88 31.47
CA ALA I 67 22.41 -80.77 31.25
C ALA I 67 22.88 -81.96 30.42
N PRO I 68 22.73 -83.19 30.90
CA PRO I 68 23.28 -84.33 30.15
C PRO I 68 22.48 -84.71 28.92
N ALA I 69 21.26 -84.22 28.77
CA ALA I 69 20.47 -84.55 27.59
C ALA I 69 21.01 -83.85 26.34
N ARG I 70 21.63 -82.68 26.49
CA ARG I 70 22.13 -81.95 25.33
C ARG I 70 23.45 -82.49 24.82
N ARG I 71 24.14 -83.31 25.61
CA ARG I 71 25.42 -83.87 25.20
C ARG I 71 25.29 -85.15 24.40
N MET I 72 24.06 -85.60 24.12
CA MET I 72 23.86 -86.78 23.29
C MET I 72 24.28 -86.52 21.85
N MET I 73 24.48 -87.60 21.11
CA MET I 73 24.90 -87.56 19.72
C MET I 73 26.24 -86.84 19.56
N SER I 74 27.10 -86.96 20.56
CA SER I 74 28.45 -86.39 20.55
C SER I 74 29.43 -87.52 20.86
N ASP I 75 30.23 -87.91 19.86
CA ASP I 75 31.15 -89.02 20.03
C ASP I 75 32.24 -88.73 21.05
N ARG I 76 32.49 -87.47 21.36
CA ARG I 76 33.51 -87.12 22.35
C ARG I 76 33.07 -87.57 23.74
N LYS I 77 34.03 -88.08 24.51
CA LYS I 77 33.76 -88.43 25.89
C LYS I 77 33.38 -87.19 26.68
N TYR I 78 32.33 -87.30 27.48
CA TYR I 78 31.80 -86.17 28.24
C TYR I 78 31.61 -86.56 29.70
N HIS I 79 32.07 -85.70 30.59
CA HIS I 79 31.84 -85.84 32.04
C HIS I 79 30.79 -84.82 32.44
N CYS I 80 29.53 -85.20 32.32
CA CYS I 80 28.41 -84.32 32.65
C CYS I 80 28.29 -84.23 34.16
N VAL I 81 28.85 -83.17 34.72
CA VAL I 81 28.80 -82.95 36.16
C VAL I 81 27.43 -82.39 36.53
N CYS I 82 26.72 -83.09 37.41
N CYS I 82 26.72 -83.09 37.41
CA CYS I 82 25.38 -82.70 37.85
CA CYS I 82 25.38 -82.71 37.85
C CYS I 82 25.35 -82.66 39.37
C CYS I 82 25.35 -82.66 39.37
N PRO I 83 25.68 -81.52 39.97
CA PRO I 83 25.71 -81.44 41.44
C PRO I 83 24.35 -81.62 42.11
N MET I 84 23.25 -81.61 41.36
CA MET I 84 21.90 -81.77 41.90
C MET I 84 21.53 -80.63 42.85
N ARG I 85 22.08 -79.44 42.60
CA ARG I 85 21.88 -78.31 43.50
C ARG I 85 20.63 -77.51 43.15
N SER I 86 20.43 -77.19 41.87
CA SER I 86 19.28 -76.40 41.46
C SER I 86 18.03 -77.27 41.42
N ALA I 87 16.88 -76.61 41.29
CA ALA I 87 15.58 -77.28 41.26
C ALA I 87 15.24 -77.87 39.89
N GLU I 88 16.00 -77.52 38.85
CA GLU I 88 15.74 -78.05 37.51
C GLU I 88 16.51 -79.33 37.23
N ASP I 89 17.30 -79.81 38.21
CA ASP I 89 18.15 -80.97 37.95
C ASP I 89 17.41 -82.31 37.98
N PRO I 90 16.48 -82.57 38.91
CA PRO I 90 15.75 -83.85 38.83
C PRO I 90 15.04 -84.04 37.50
N GLU I 91 14.48 -82.98 36.93
CA GLU I 91 13.75 -83.10 35.68
C GLU I 91 14.68 -83.32 34.50
N ARG I 92 15.84 -82.65 34.47
CA ARG I 92 16.78 -82.89 33.39
C ARG I 92 17.34 -84.29 33.47
N LEU I 93 17.58 -84.81 34.70
CA LEU I 93 18.03 -86.19 34.84
C LEU I 93 16.94 -87.17 34.40
N ALA I 94 15.68 -86.86 34.71
CA ALA I 94 14.59 -87.71 34.25
C ALA I 94 14.53 -87.77 32.74
N ASN I 95 14.66 -86.61 32.09
CA ASN I 95 14.66 -86.57 30.62
C ASN I 95 15.87 -87.31 30.04
N TYR I 96 17.04 -87.15 30.67
CA TYR I 96 18.24 -87.85 30.21
C TYR I 96 18.07 -89.36 30.33
N ALA I 97 17.48 -89.82 31.44
CA ALA I 97 17.23 -91.25 31.61
C ALA I 97 16.20 -91.74 30.59
N ARG I 98 15.20 -90.92 30.28
CA ARG I 98 14.23 -91.30 29.27
C ARG I 98 14.89 -91.49 27.91
N LYS I 99 15.79 -90.56 27.54
CA LYS I 99 16.49 -90.71 26.26
C LYS I 99 17.44 -91.90 26.27
N LEU I 100 18.15 -92.12 27.38
CA LEU I 100 19.08 -93.24 27.43
C LEU I 100 18.35 -94.57 27.44
N ALA I 101 17.10 -94.59 27.89
CA ALA I 101 16.28 -95.80 27.85
C ALA I 101 15.48 -95.94 26.57
N SER I 102 15.43 -94.91 25.74
CA SER I 102 14.68 -94.94 24.49
C SER I 102 15.53 -95.30 23.29
N ALA I 103 16.84 -95.48 23.46
CA ALA I 103 17.73 -95.78 22.35
C ALA I 103 18.71 -96.89 22.72
N ALA I 104 18.21 -97.91 23.42
CA ALA I 104 19.06 -99.04 23.78
C ALA I 104 19.49 -99.83 22.56
N GLY I 105 18.54 -100.18 21.70
CA GLY I 105 18.84 -100.92 20.49
C GLY I 105 18.75 -100.07 19.23
N LYS I 106 18.90 -98.76 19.38
CA LYS I 106 18.75 -97.83 18.28
C LYS I 106 20.08 -97.21 17.82
N VAL I 107 20.87 -96.70 18.76
CA VAL I 107 22.16 -96.10 18.47
C VAL I 107 23.23 -96.79 19.32
N LEU I 108 24.36 -97.12 18.69
CA LEU I 108 25.45 -97.80 19.38
C LEU I 108 26.78 -97.05 19.36
N ASP I 109 26.96 -96.07 18.47
CA ASP I 109 28.23 -95.37 18.36
C ASP I 109 28.42 -94.29 19.42
N ARG I 110 27.38 -93.94 20.17
CA ARG I 110 27.43 -92.86 21.13
C ARG I 110 27.67 -93.34 22.55
N ASN I 111 28.18 -94.57 22.72
CA ASN I 111 28.54 -95.16 24.02
C ASN I 111 27.38 -95.12 25.02
N ILE I 112 26.15 -95.02 24.52
CA ILE I 112 24.98 -95.00 25.39
C ILE I 112 24.87 -96.28 26.19
N SER I 113 25.33 -97.40 25.63
CA SER I 113 25.32 -98.66 26.36
C SER I 113 26.16 -98.56 27.64
N GLY I 114 27.29 -97.85 27.58
CA GLY I 114 28.05 -97.57 28.78
C GLY I 114 27.46 -96.49 29.65
N LYS I 115 26.76 -95.52 29.05
CA LYS I 115 26.10 -94.49 29.84
C LYS I 115 24.99 -95.08 30.71
N ILE I 116 24.33 -96.12 30.24
CA ILE I 116 23.32 -96.80 31.06
C ILE I 116 23.95 -97.39 32.31
N GLY I 117 25.10 -98.05 32.15
CA GLY I 117 25.81 -98.59 33.30
C GLY I 117 26.32 -97.50 34.22
N ASP I 118 26.78 -96.38 33.65
CA ASP I 118 27.23 -95.26 34.47
C ASP I 118 26.09 -94.69 35.30
N LEU I 119 24.92 -94.54 34.69
CA LEU I 119 23.75 -94.07 35.43
C LEU I 119 23.37 -95.05 36.54
N GLN I 120 23.32 -96.36 36.21
CA GLN I 120 23.00 -97.34 37.23
C GLN I 120 24.03 -97.33 38.36
N ALA I 121 25.28 -96.95 38.05
CA ALA I 121 26.30 -96.86 39.08
C ALA I 121 26.09 -95.64 39.97
N VAL I 122 25.75 -94.49 39.39
CA VAL I 122 25.69 -93.26 40.18
C VAL I 122 24.52 -93.29 41.15
N MET I 123 23.41 -93.96 40.80
CA MET I 123 22.28 -94.09 41.70
C MET I 123 22.43 -95.29 42.65
N ALA I 124 23.64 -95.79 42.85
CA ALA I 124 23.93 -96.85 43.81
C ALA I 124 24.70 -96.32 45.01
N VAL I 125 25.82 -95.66 44.78
CA VAL I 125 26.58 -94.97 45.82
C VAL I 125 26.64 -93.51 45.45
N PRO I 126 26.30 -92.58 46.35
CA PRO I 126 26.28 -91.16 45.97
C PRO I 126 27.64 -90.61 45.57
N ASP I 127 28.73 -91.27 45.96
CA ASP I 127 30.08 -90.83 45.60
C ASP I 127 30.67 -91.66 44.46
N THR I 128 29.83 -92.18 43.58
CA THR I 128 30.29 -93.00 42.46
C THR I 128 30.80 -92.08 41.36
N GLU I 129 32.12 -91.97 41.25
CA GLU I 129 32.75 -91.17 40.20
C GLU I 129 32.96 -92.05 38.98
N THR I 130 31.93 -92.14 38.14
CA THR I 130 32.04 -92.88 36.90
C THR I 130 32.82 -92.06 35.87
N PRO I 131 33.38 -92.71 34.85
CA PRO I 131 34.15 -91.95 33.85
C PRO I 131 33.35 -90.86 33.15
N THR I 132 32.05 -91.06 32.94
CA THR I 132 31.26 -90.15 32.13
C THR I 132 30.17 -89.39 32.89
N PHE I 133 29.94 -89.72 34.16
CA PHE I 133 28.85 -89.08 34.89
C PHE I 133 29.14 -89.12 36.38
N CYS I 134 28.78 -88.04 37.07
CA CYS I 134 28.97 -87.98 38.52
C CYS I 134 28.03 -86.93 39.10
N LEU I 135 27.83 -87.01 40.41
CA LEU I 135 26.98 -86.09 41.15
C LEU I 135 27.82 -85.44 42.24
N HIS I 136 28.52 -84.36 41.88
CA HIS I 136 29.33 -83.59 42.81
C HIS I 136 29.40 -82.17 42.31
N THR I 137 29.86 -81.27 43.17
CA THR I 137 30.13 -79.91 42.74
C THR I 137 31.49 -79.84 42.06
N ASP I 138 31.75 -78.72 41.39
CA ASP I 138 33.00 -78.57 40.65
C ASP I 138 34.21 -78.46 41.57
N VAL I 139 33.99 -78.26 42.87
CA VAL I 139 35.08 -78.16 43.83
C VAL I 139 35.21 -79.43 44.67
N SER I 140 34.51 -80.51 44.32
CA SER I 140 34.63 -81.76 45.02
C SER I 140 34.74 -82.98 44.11
N CYS I 141 34.48 -82.83 42.80
CA CYS I 141 34.62 -83.96 41.89
C CYS I 141 36.09 -84.37 41.78
N ARG I 142 36.31 -85.69 41.73
CA ARG I 142 37.66 -86.25 41.73
C ARG I 142 38.17 -86.65 40.35
N GLN I 143 37.37 -86.44 39.30
CA GLN I 143 37.81 -86.82 37.96
C GLN I 143 38.98 -85.95 37.52
N ARG I 144 39.84 -86.53 36.68
CA ARG I 144 41.05 -85.86 36.19
C ARG I 144 41.01 -85.86 34.67
N ALA I 145 40.42 -84.82 34.10
CA ALA I 145 40.30 -84.65 32.65
C ALA I 145 41.10 -83.44 32.19
N ASP I 146 40.99 -83.14 30.89
CA ASP I 146 41.82 -82.11 30.27
C ASP I 146 41.08 -80.82 29.94
N VAL I 147 39.77 -80.87 29.68
CA VAL I 147 39.02 -79.71 29.20
C VAL I 147 37.81 -79.51 30.11
N ALA I 148 37.57 -78.26 30.50
CA ALA I 148 36.40 -77.87 31.27
C ALA I 148 35.49 -77.01 30.41
N ILE I 149 34.18 -77.14 30.61
CA ILE I 149 33.18 -76.37 29.88
C ILE I 149 32.18 -75.80 30.88
N TYR I 150 31.92 -74.50 30.78
CA TYR I 150 30.93 -73.82 31.61
C TYR I 150 29.92 -73.18 30.66
N GLN I 151 28.89 -73.95 30.30
CA GLN I 151 27.83 -73.45 29.43
C GLN I 151 26.72 -72.87 30.30
N ASP I 152 26.51 -71.55 30.19
CA ASP I 152 25.48 -70.84 30.93
C ASP I 152 25.60 -71.09 32.43
N VAL I 153 26.84 -71.05 32.93
CA VAL I 153 27.13 -71.26 34.34
C VAL I 153 27.59 -69.92 34.91
N TYR I 154 26.65 -69.21 35.53
CA TYR I 154 26.93 -67.90 36.10
C TYR I 154 26.99 -67.88 37.62
N ALA I 155 26.49 -68.93 38.28
CA ALA I 155 26.30 -68.93 39.73
C ALA I 155 27.42 -69.66 40.47
N VAL I 156 28.65 -69.58 39.96
CA VAL I 156 29.81 -70.16 40.63
C VAL I 156 30.95 -69.16 40.58
N HIS I 157 31.88 -69.31 41.52
CA HIS I 157 33.04 -68.43 41.59
C HIS I 157 34.08 -68.87 40.57
N ALA I 158 34.36 -67.99 39.61
CA ALA I 158 35.30 -68.33 38.54
C ALA I 158 36.69 -68.71 39.05
N PRO I 159 37.34 -67.93 39.92
CA PRO I 159 38.70 -68.32 40.32
C PRO I 159 38.76 -69.64 41.06
N THR I 160 37.84 -69.88 42.00
CA THR I 160 37.86 -71.12 42.76
C THR I 160 37.63 -72.32 41.86
N SER I 161 36.64 -72.23 40.97
CA SER I 161 36.35 -73.35 40.07
C SER I 161 37.50 -73.59 39.11
N LEU I 162 38.06 -72.52 38.53
CA LEU I 162 39.18 -72.68 37.61
C LEU I 162 40.38 -73.30 38.31
N TYR I 163 40.66 -72.89 39.55
CA TYR I 163 41.75 -73.50 40.30
C TYR I 163 41.49 -74.97 40.59
N HIS I 164 40.24 -75.30 40.95
CA HIS I 164 39.91 -76.69 41.27
C HIS I 164 40.03 -77.59 40.04
N GLN I 165 39.65 -77.09 38.87
CA GLN I 165 39.88 -77.87 37.65
C GLN I 165 41.34 -77.86 37.20
N ALA I 166 42.08 -76.79 37.50
CA ALA I 166 43.49 -76.75 37.15
C ALA I 166 44.28 -77.78 37.95
N ILE I 167 43.99 -77.93 39.24
CA ILE I 167 44.63 -78.97 40.04
C ILE I 167 44.12 -80.35 39.68
N LYS I 168 43.14 -80.45 38.80
CA LYS I 168 42.63 -81.72 38.30
C LYS I 168 43.14 -82.04 36.90
N GLY I 169 44.11 -81.29 36.39
CA GLY I 169 44.69 -81.54 35.09
C GLY I 169 44.01 -80.85 33.92
N VAL I 170 42.91 -80.15 34.15
CA VAL I 170 42.20 -79.46 33.07
C VAL I 170 43.08 -78.30 32.59
N ARG I 171 43.40 -78.30 31.29
CA ARG I 171 44.24 -77.26 30.72
C ARG I 171 43.44 -76.21 29.97
N LEU I 172 42.27 -76.55 29.46
CA LEU I 172 41.43 -75.63 28.70
C LEU I 172 40.06 -75.54 29.35
N ALA I 173 39.52 -74.33 29.43
CA ALA I 173 38.17 -74.09 29.93
C ALA I 173 37.45 -73.15 28.98
N TYR I 174 36.17 -73.37 28.80
CA TYR I 174 35.33 -72.52 27.96
C TYR I 174 34.13 -72.05 28.76
N TRP I 175 33.86 -70.74 28.73
CA TRP I 175 32.71 -70.17 29.41
C TRP I 175 31.82 -69.50 28.37
N VAL I 176 30.65 -70.08 28.14
CA VAL I 176 29.66 -69.54 27.22
C VAL I 176 28.54 -68.93 28.04
N GLY I 177 28.35 -67.62 27.92
CA GLY I 177 27.34 -66.98 28.74
C GLY I 177 27.17 -65.52 28.35
N PHE I 178 26.28 -64.86 29.08
CA PHE I 178 26.02 -63.45 28.85
C PHE I 178 27.26 -62.63 29.18
N ASP I 179 27.44 -61.55 28.44
CA ASP I 179 28.57 -60.64 28.68
C ASP I 179 28.47 -60.07 30.10
N THR I 180 29.60 -60.09 30.80
CA THR I 180 29.67 -59.62 32.18
C THR I 180 30.11 -58.16 32.28
N THR I 181 30.37 -57.50 31.15
CA THR I 181 30.71 -56.08 31.19
C THR I 181 29.63 -55.22 31.82
N PRO I 182 28.32 -55.43 31.59
CA PRO I 182 27.32 -54.60 32.27
C PRO I 182 27.39 -54.68 33.78
N PHE I 183 27.85 -55.79 34.34
CA PHE I 183 27.89 -55.93 35.79
C PHE I 183 29.16 -55.36 36.43
N MET I 184 30.17 -55.02 35.64
CA MET I 184 31.29 -54.27 36.18
C MET I 184 31.06 -52.77 36.12
N TYR I 185 30.08 -52.31 35.35
CA TYR I 185 29.63 -50.94 35.39
C TYR I 185 28.62 -50.70 36.51
N ASN I 186 28.19 -51.75 37.19
CA ASN I 186 27.27 -51.67 38.33
C ASN I 186 25.95 -51.02 37.92
N ALA I 187 25.31 -51.64 36.94
CA ALA I 187 24.01 -51.21 36.46
C ALA I 187 22.90 -51.82 37.30
N MET I 188 21.86 -51.02 37.57
CA MET I 188 20.74 -51.52 38.35
C MET I 188 19.83 -52.44 37.52
N ALA I 189 19.73 -52.18 36.22
CA ALA I 189 18.95 -53.01 35.32
C ALA I 189 19.60 -52.97 33.94
N GLY I 190 19.26 -53.94 33.11
CA GLY I 190 19.85 -53.99 31.79
C GLY I 190 19.10 -54.95 30.89
N ALA I 191 19.50 -54.94 29.62
CA ALA I 191 18.81 -55.73 28.61
C ALA I 191 19.79 -56.17 27.53
N TYR I 192 19.64 -57.42 27.10
CA TYR I 192 20.19 -57.93 25.84
C TYR I 192 19.03 -58.06 24.88
N PRO I 193 18.71 -57.01 24.11
CA PRO I 193 17.53 -57.05 23.25
C PRO I 193 17.59 -58.11 22.17
N SER I 194 18.77 -58.40 21.63
CA SER I 194 18.89 -59.37 20.55
C SER I 194 18.60 -60.79 21.00
N TYR I 195 18.54 -61.04 22.31
CA TYR I 195 18.21 -62.34 22.85
C TYR I 195 16.93 -62.29 23.67
N SER I 196 16.17 -61.20 23.57
CA SER I 196 14.94 -61.00 24.33
C SER I 196 15.18 -61.15 25.83
N THR I 197 16.35 -60.73 26.30
CA THR I 197 16.75 -60.95 27.68
C THR I 197 16.70 -59.64 28.45
N ASN I 198 16.11 -59.68 29.64
CA ASN I 198 16.06 -58.52 30.52
C ASN I 198 16.44 -58.94 31.93
N TRP I 199 17.33 -58.17 32.55
CA TRP I 199 17.75 -58.47 33.91
C TRP I 199 17.57 -57.22 34.76
N ALA I 200 17.27 -57.43 36.04
CA ALA I 200 17.02 -56.31 36.93
C ALA I 200 17.36 -56.69 38.36
N ASP I 201 17.86 -55.71 39.11
CA ASP I 201 18.06 -55.89 40.54
C ASP I 201 16.73 -56.03 41.27
N GLU I 202 16.73 -56.81 42.35
CA GLU I 202 15.50 -57.04 43.10
C GLU I 202 14.90 -55.76 43.66
N GLN I 203 15.71 -54.71 43.83
CA GLN I 203 15.20 -53.45 44.33
C GLN I 203 14.32 -52.72 43.31
N VAL I 204 14.41 -53.08 42.03
CA VAL I 204 13.68 -52.38 40.99
C VAL I 204 12.83 -53.35 40.18
N LEU I 205 12.46 -54.48 40.76
CA LEU I 205 11.56 -55.39 40.08
C LEU I 205 10.13 -54.89 40.05
N LYS I 206 9.80 -53.88 40.86
CA LYS I 206 8.48 -53.27 40.88
C LYS I 206 8.45 -51.96 40.10
N ALA I 207 9.39 -51.76 39.18
CA ALA I 207 9.45 -50.55 38.38
C ALA I 207 8.32 -50.55 37.35
N LYS I 208 8.32 -49.52 36.51
CA LYS I 208 7.24 -49.29 35.56
C LYS I 208 7.66 -49.47 34.11
N ASN I 209 8.77 -48.88 33.69
CA ASN I 209 9.12 -48.80 32.27
C ASN I 209 10.52 -49.35 32.02
N ILE I 210 10.82 -50.52 32.54
CA ILE I 210 12.04 -51.23 32.20
C ILE I 210 11.64 -52.62 31.68
N GLY I 211 12.64 -53.34 31.16
CA GLY I 211 12.35 -54.60 30.50
C GLY I 211 11.75 -55.63 31.44
N LEU I 212 12.30 -55.77 32.64
CA LEU I 212 11.85 -56.75 33.62
C LEU I 212 11.28 -56.01 34.83
N CYS I 213 9.98 -55.80 34.84
CA CYS I 213 9.30 -55.13 35.95
C CYS I 213 7.82 -55.37 35.81
N SER I 214 7.09 -55.11 36.91
CA SER I 214 5.64 -55.16 36.89
C SER I 214 5.12 -54.33 38.06
N THR I 215 4.23 -53.40 37.78
CA THR I 215 3.67 -52.55 38.83
C THR I 215 2.15 -52.51 38.73
N ASP I 216 1.51 -51.69 39.56
CA ASP I 216 0.06 -51.63 39.63
C ASP I 216 -0.40 -50.19 39.44
N LEU I 217 -1.64 -50.04 38.98
CA LEU I 217 -2.25 -48.72 38.86
C LEU I 217 -2.56 -48.17 40.24
N THR I 218 -2.14 -46.93 40.48
CA THR I 218 -2.41 -46.24 41.74
C THR I 218 -2.82 -44.81 41.45
N GLU I 219 -3.52 -44.22 42.40
CA GLU I 219 -4.01 -42.85 42.25
C GLU I 219 -3.03 -41.80 42.75
N GLY I 220 -1.91 -42.20 43.34
CA GLY I 220 -0.98 -41.26 43.91
C GLY I 220 -1.25 -41.02 45.38
N ARG I 221 -1.42 -42.10 46.13
CA ARG I 221 -1.76 -42.03 47.54
C ARG I 221 -0.50 -41.87 48.39
N ARG I 222 -0.64 -41.99 49.70
CA ARG I 222 0.52 -41.98 50.58
C ARG I 222 1.34 -43.25 50.38
N GLY I 223 2.66 -43.09 50.42
CA GLY I 223 3.53 -44.24 50.30
C GLY I 223 3.57 -45.07 51.57
N LYS I 224 4.15 -46.26 51.44
CA LYS I 224 4.28 -47.15 52.58
C LYS I 224 5.10 -46.49 53.68
N LEU I 225 4.67 -46.66 54.92
CA LEU I 225 5.43 -46.20 56.08
C LEU I 225 6.59 -47.17 56.27
N SER I 226 7.63 -46.98 55.48
CA SER I 226 8.74 -47.92 55.43
C SER I 226 9.50 -47.95 56.75
N ILE I 227 9.85 -49.16 57.18
CA ILE I 227 10.68 -49.32 58.37
C ILE I 227 12.09 -48.80 58.12
N MET I 228 12.60 -49.01 56.91
CA MET I 228 13.92 -48.53 56.53
C MET I 228 13.80 -47.16 55.89
N ARG I 229 14.72 -46.26 56.25
CA ARG I 229 14.73 -44.93 55.67
C ARG I 229 15.01 -44.97 54.17
N GLY I 230 15.91 -45.84 53.74
CA GLY I 230 16.34 -45.83 52.36
C GLY I 230 17.49 -44.86 52.17
N LYS I 231 17.19 -43.67 51.66
CA LYS I 231 18.14 -42.57 51.52
C LYS I 231 19.22 -42.91 50.50
N LYS I 232 19.17 -44.11 49.93
CA LYS I 232 20.12 -44.52 48.91
C LYS I 232 19.52 -45.70 48.15
N LEU I 233 19.66 -45.69 46.83
CA LEU I 233 19.24 -46.78 45.96
C LEU I 233 20.47 -47.26 45.21
N GLU I 234 21.06 -48.34 45.68
N GLU I 234 21.04 -48.36 45.66
CA GLU I 234 22.28 -48.87 45.08
CA GLU I 234 22.29 -48.89 45.13
C GLU I 234 22.08 -50.35 44.74
C GLU I 234 22.11 -50.36 44.76
N PRO I 235 22.71 -50.82 43.67
CA PRO I 235 22.54 -52.22 43.27
C PRO I 235 22.93 -53.21 44.36
N CYS I 236 22.11 -54.23 44.53
CA CYS I 236 22.35 -55.29 45.49
C CYS I 236 22.86 -56.54 44.77
N ASP I 237 23.33 -57.49 45.57
CA ASP I 237 23.97 -58.68 44.99
C ASP I 237 22.99 -59.51 44.18
N ARG I 238 21.76 -59.63 44.63
CA ARG I 238 20.78 -60.49 43.98
C ARG I 238 20.13 -59.77 42.81
N VAL I 239 20.18 -60.38 41.63
CA VAL I 239 19.51 -59.88 40.43
C VAL I 239 18.72 -61.03 39.83
N LEU I 240 17.74 -60.66 38.99
CA LEU I 240 16.91 -61.63 38.29
C LEU I 240 17.12 -61.47 36.79
N PHE I 241 17.37 -62.58 36.12
CA PHE I 241 17.49 -62.65 34.67
C PHE I 241 16.21 -63.25 34.09
N SER I 242 15.80 -62.73 32.94
CA SER I 242 14.68 -63.28 32.17
C SER I 242 15.16 -63.45 30.74
N VAL I 243 15.46 -64.69 30.36
CA VAL I 243 15.86 -65.02 29.00
C VAL I 243 14.64 -65.58 28.29
N GLY I 244 13.87 -64.71 27.66
CA GLY I 244 12.57 -65.11 27.15
C GLY I 244 11.55 -65.14 28.27
N SER I 245 11.15 -66.34 28.68
CA SER I 245 10.22 -66.52 29.78
C SER I 245 10.79 -67.49 30.82
N THR I 246 12.09 -67.38 31.09
CA THR I 246 12.76 -68.25 32.04
C THR I 246 13.50 -67.39 33.06
N LEU I 247 13.22 -67.64 34.34
CA LEU I 247 13.81 -66.86 35.43
C LEU I 247 15.15 -67.45 35.86
N TYR I 248 16.07 -66.57 36.24
CA TYR I 248 17.39 -66.98 36.72
C TYR I 248 17.84 -66.06 37.86
N PRO I 249 17.83 -66.53 39.11
CA PRO I 249 18.36 -65.72 40.22
C PRO I 249 19.89 -65.79 40.25
N GLU I 250 20.52 -64.66 39.97
N GLU I 250 20.53 -64.66 39.97
CA GLU I 250 21.97 -64.57 39.90
CA GLU I 250 21.97 -64.57 39.90
C GLU I 250 22.50 -63.62 40.96
C GLU I 250 22.51 -63.62 40.95
N SER I 251 23.79 -63.74 41.24
CA SER I 251 24.49 -62.88 42.19
C SER I 251 25.50 -62.01 41.46
N ARG I 252 25.58 -60.74 41.86
CA ARG I 252 26.51 -59.82 41.21
C ARG I 252 27.95 -60.24 41.44
N LYS I 253 28.28 -60.73 42.63
CA LYS I 253 29.65 -61.13 42.92
C LYS I 253 30.10 -62.27 42.03
N LEU I 254 29.27 -63.30 41.88
CA LEU I 254 29.66 -64.43 41.05
C LEU I 254 29.67 -64.08 39.58
N LEU I 255 28.79 -63.18 39.14
CA LEU I 255 28.83 -62.71 37.77
C LEU I 255 30.12 -61.93 37.49
N LYS I 256 30.50 -61.06 38.42
CA LYS I 256 31.72 -60.28 38.26
C LYS I 256 32.96 -61.14 38.33
N SER I 257 32.90 -62.26 39.07
CA SER I 257 34.03 -63.16 39.15
C SER I 257 34.42 -63.71 37.79
N TRP I 258 33.46 -63.84 36.88
CA TRP I 258 33.73 -64.37 35.55
C TRP I 258 34.23 -63.32 34.58
N HIS I 259 34.31 -62.05 35.00
CA HIS I 259 34.91 -61.01 34.17
C HIS I 259 36.42 -61.00 34.39
N LEU I 260 37.02 -62.12 34.01
CA LEU I 260 38.44 -62.34 34.27
C LEU I 260 39.30 -61.41 33.42
N PRO I 261 40.47 -61.00 33.93
CA PRO I 261 41.38 -60.19 33.13
C PRO I 261 42.08 -61.04 32.08
N SER I 262 42.81 -60.36 31.20
CA SER I 262 43.59 -61.07 30.18
C SER I 262 44.65 -61.95 30.81
N VAL I 263 45.31 -61.47 31.85
CA VAL I 263 46.35 -62.22 32.57
C VAL I 263 46.04 -62.17 34.05
N PHE I 264 46.03 -63.34 34.69
CA PHE I 264 45.83 -63.43 36.13
C PHE I 264 46.54 -64.67 36.65
N HIS I 265 46.79 -64.69 37.95
CA HIS I 265 47.54 -65.75 38.61
C HIS I 265 46.64 -66.54 39.54
N LEU I 266 46.86 -67.85 39.59
CA LEU I 266 46.17 -68.74 40.52
C LEU I 266 47.20 -69.23 41.54
N LYS I 267 47.09 -68.74 42.77
CA LYS I 267 48.08 -69.00 43.81
C LYS I 267 47.41 -69.81 44.92
N GLY I 268 47.69 -71.11 44.95
CA GLY I 268 47.19 -71.98 46.00
C GLY I 268 48.20 -73.05 46.35
N LYS I 269 47.75 -74.30 46.45
CA LYS I 269 48.67 -75.42 46.65
C LYS I 269 49.59 -75.55 45.45
N LEU I 270 49.02 -75.57 44.25
CA LEU I 270 49.78 -75.54 43.01
C LEU I 270 49.60 -74.20 42.31
N SER I 271 50.71 -73.64 41.85
CA SER I 271 50.69 -72.34 41.18
C SER I 271 50.62 -72.51 39.67
N THR I 273 50.40 -69.40 35.83
CA THR I 273 49.72 -68.24 35.25
C THR I 273 48.55 -68.69 34.37
N CYS I 274 47.61 -67.78 34.13
CA CYS I 274 46.40 -68.09 33.37
C CYS I 274 46.08 -66.96 32.41
N ARG I 275 45.33 -67.29 31.37
CA ARG I 275 44.84 -66.30 30.41
C ARG I 275 43.34 -66.45 30.23
N CYS I 276 42.68 -65.34 29.92
CA CYS I 276 41.26 -65.31 29.59
C CYS I 276 41.06 -64.42 28.38
N ASP I 277 40.59 -65.01 27.28
CA ASP I 277 40.35 -64.28 26.06
C ASP I 277 38.91 -64.51 25.59
N THR I 278 38.33 -63.49 24.97
CA THR I 278 36.98 -63.57 24.42
C THR I 278 37.10 -64.01 22.97
N VAL I 279 36.85 -65.29 22.71
CA VAL I 279 37.00 -65.81 21.36
C VAL I 279 35.73 -65.67 20.53
N VAL I 280 34.56 -65.55 21.17
CA VAL I 280 33.31 -65.28 20.45
C VAL I 280 32.57 -64.17 21.17
N SER I 281 32.07 -63.20 20.40
CA SER I 281 31.28 -62.10 20.96
C SER I 281 30.20 -61.76 19.95
N CYS I 282 28.94 -61.85 20.37
CA CYS I 282 27.81 -61.58 19.47
C CYS I 282 26.68 -60.96 20.28
N GLU I 283 26.57 -59.64 20.20
CA GLU I 283 25.36 -58.90 20.57
C GLU I 283 24.91 -59.20 21.99
N GLY I 284 25.88 -59.45 22.88
CA GLY I 284 25.60 -59.68 24.28
C GLY I 284 25.94 -61.07 24.77
N TYR I 285 26.13 -62.05 23.88
CA TYR I 285 26.51 -63.40 24.27
C TYR I 285 27.96 -63.65 23.89
N VAL I 286 28.74 -64.14 24.84
CA VAL I 286 30.17 -64.31 24.64
C VAL I 286 30.58 -65.73 24.95
N VAL I 287 31.64 -66.16 24.29
CA VAL I 287 32.34 -67.41 24.57
C VAL I 287 33.78 -67.01 24.88
N LYS I 288 34.20 -67.24 26.12
CA LYS I 288 35.54 -66.91 26.59
C LYS I 288 36.35 -68.18 26.72
N ARG I 289 37.55 -68.18 26.15
CA ARG I 289 38.46 -69.32 26.20
C ARG I 289 39.54 -69.04 27.23
N ILE I 290 39.42 -69.69 28.39
CA ILE I 290 40.43 -69.63 29.43
C ILE I 290 41.41 -70.76 29.22
N THR I 291 42.70 -70.47 29.27
CA THR I 291 43.74 -71.47 29.12
C THR I 291 44.63 -71.46 30.36
N MET I 292 45.01 -72.64 30.81
CA MET I 292 45.66 -72.82 32.10
C MET I 292 47.07 -73.35 31.91
N SER I 293 47.97 -72.94 32.79
CA SER I 293 49.36 -73.35 32.71
C SER I 293 49.98 -73.39 34.10
N PRO I 294 50.57 -74.52 34.51
CA PRO I 294 51.15 -74.61 35.86
C PRO I 294 52.36 -73.70 36.00
N GLY I 295 52.54 -73.20 37.22
CA GLY I 295 53.65 -72.31 37.53
C GLY I 295 53.30 -70.86 37.31
N LEU I 296 54.01 -69.99 38.04
CA LEU I 296 53.84 -68.54 37.95
C LEU I 296 54.83 -68.00 36.93
N TYR I 297 54.30 -67.39 35.86
CA TYR I 297 55.13 -66.80 34.82
C TYR I 297 54.60 -65.42 34.49
N GLY I 298 55.53 -64.48 34.27
CA GLY I 298 55.14 -63.12 33.95
C GLY I 298 54.59 -62.39 35.17
N LYS I 299 53.79 -61.36 34.89
CA LYS I 299 53.16 -60.56 35.94
C LYS I 299 51.83 -60.03 35.42
N THR I 300 50.96 -59.67 36.35
CA THR I 300 49.58 -59.31 36.04
C THR I 300 49.36 -57.82 36.27
N THR I 301 48.60 -57.21 35.36
CA THR I 301 48.20 -55.81 35.50
C THR I 301 46.87 -55.65 36.22
N GLY I 302 46.05 -56.70 36.27
CA GLY I 302 44.74 -56.60 36.87
C GLY I 302 43.71 -55.87 36.03
N TYR I 303 43.92 -55.78 34.73
CA TYR I 303 43.05 -55.05 33.83
C TYR I 303 42.29 -56.01 32.92
N ALA I 304 41.01 -55.72 32.70
CA ALA I 304 40.15 -56.50 31.82
C ALA I 304 39.62 -55.60 30.72
N VAL I 305 39.63 -56.11 29.49
CA VAL I 305 39.25 -55.37 28.29
C VAL I 305 38.03 -56.03 27.66
N THR I 306 37.02 -55.22 27.35
CA THR I 306 35.88 -55.65 26.57
C THR I 306 35.80 -54.82 25.29
N HIS I 307 35.79 -55.49 24.15
CA HIS I 307 35.75 -54.80 22.85
C HIS I 307 34.31 -54.72 22.38
N HIS I 308 33.88 -53.52 21.98
CA HIS I 308 32.49 -53.27 21.61
C HIS I 308 32.37 -53.23 20.09
N ALA I 309 31.92 -54.33 19.50
CA ALA I 309 31.54 -54.31 18.09
C ALA I 309 30.31 -53.44 17.87
N ASP I 310 29.33 -53.54 18.77
N ASP I 310 29.34 -53.52 18.77
CA ASP I 310 28.15 -52.70 18.78
CA ASP I 310 28.16 -52.68 18.75
C ASP I 310 28.22 -51.72 19.94
C ASP I 310 28.14 -51.77 19.97
N GLY I 311 27.43 -50.65 19.84
CA GLY I 311 27.43 -49.67 20.91
C GLY I 311 26.90 -50.22 22.21
N PHE I 312 27.48 -49.75 23.31
CA PHE I 312 27.05 -50.12 24.66
C PHE I 312 26.71 -48.85 25.41
N LEU I 313 25.61 -48.87 26.15
CA LEU I 313 25.18 -47.71 26.91
C LEU I 313 24.84 -48.11 28.34
N MET I 314 25.22 -47.26 29.28
CA MET I 314 24.73 -47.32 30.65
C MET I 314 24.39 -45.91 31.08
N CYS I 315 23.12 -45.64 31.31
CA CYS I 315 22.65 -44.27 31.48
C CYS I 315 21.72 -44.15 32.67
N LYS I 316 21.68 -42.94 33.22
CA LYS I 316 20.73 -42.62 34.27
C LYS I 316 19.34 -42.42 33.69
N THR I 317 18.34 -43.04 34.32
CA THR I 317 16.97 -42.90 33.90
C THR I 317 16.06 -42.87 35.12
N THR I 318 14.98 -42.11 35.01
CA THR I 318 14.04 -41.89 36.10
C THR I 318 12.79 -42.74 35.89
N ASP I 319 12.51 -43.62 36.82
CA ASP I 319 11.30 -44.43 36.77
C ASP I 319 10.57 -44.36 38.09
N THR I 320 9.52 -45.16 38.26
CA THR I 320 8.78 -45.26 39.52
C THR I 320 8.85 -46.70 40.00
N VAL I 321 9.45 -46.90 41.17
CA VAL I 321 9.48 -48.18 41.83
C VAL I 321 8.38 -48.20 42.89
N ASP I 322 7.39 -49.06 42.71
CA ASP I 322 6.22 -49.12 43.59
C ASP I 322 5.55 -47.76 43.71
N GLY I 323 5.59 -46.98 42.64
CA GLY I 323 4.98 -45.66 42.63
C GLY I 323 5.87 -44.53 43.11
N GLU I 324 7.07 -44.83 43.59
CA GLU I 324 7.99 -43.82 44.10
C GLU I 324 8.98 -43.46 42.99
N ARG I 325 9.03 -42.19 42.63
CA ARG I 325 9.91 -41.75 41.55
C ARG I 325 11.36 -41.74 42.02
N VAL I 326 12.19 -42.55 41.37
CA VAL I 326 13.61 -42.65 41.66
C VAL I 326 14.38 -42.65 40.35
N SER I 327 15.69 -42.53 40.44
CA SER I 327 16.58 -42.52 39.28
C SER I 327 17.66 -43.57 39.48
N PHE I 328 17.88 -44.40 38.47
CA PHE I 328 18.91 -45.42 38.55
C PHE I 328 19.47 -45.70 37.16
N SER I 329 20.54 -46.49 37.13
CA SER I 329 21.28 -46.76 35.90
C SER I 329 20.70 -47.97 35.16
N VAL I 330 20.56 -47.84 33.86
CA VAL I 330 20.09 -48.90 32.98
C VAL I 330 21.08 -49.04 31.84
N CYS I 331 21.46 -50.27 31.52
CA CYS I 331 22.43 -50.56 30.47
C CYS I 331 21.78 -51.38 29.36
N THR I 332 22.39 -51.32 28.17
CA THR I 332 21.89 -52.03 27.00
C THR I 332 22.91 -51.96 25.88
N TYR I 333 22.61 -52.66 24.79
CA TYR I 333 23.41 -52.65 23.57
C TYR I 333 22.59 -52.07 22.43
N VAL I 334 23.27 -51.40 21.50
CA VAL I 334 22.64 -50.74 20.36
C VAL I 334 23.42 -51.16 19.10
N PRO I 335 22.74 -51.51 18.02
CA PRO I 335 23.45 -51.97 16.82
C PRO I 335 24.42 -50.92 16.29
N ALA I 336 25.52 -51.41 15.71
CA ALA I 336 26.57 -50.52 15.21
C ALA I 336 26.06 -49.59 14.13
N THR I 337 25.19 -50.08 13.25
CA THR I 337 24.64 -49.23 12.20
C THR I 337 23.87 -48.05 12.78
N ILE I 338 23.09 -48.31 13.84
CA ILE I 338 22.35 -47.23 14.50
C ILE I 338 23.31 -46.20 15.08
N CYS I 339 24.35 -46.67 15.76
CA CYS I 339 25.32 -45.75 16.36
C CYS I 339 26.03 -44.92 15.30
N ASP I 340 26.42 -45.55 14.19
CA ASP I 340 27.06 -44.82 13.10
C ASP I 340 26.13 -43.79 12.48
N GLN I 341 24.83 -44.12 12.34
CA GLN I 341 23.87 -43.15 11.82
C GLN I 341 23.59 -42.05 12.84
N MET I 342 23.86 -42.30 14.12
CA MET I 342 23.63 -41.31 15.16
C MET I 342 24.77 -40.31 15.30
N THR I 343 25.92 -40.58 14.69
CA THR I 343 27.12 -39.77 14.93
C THR I 343 26.93 -38.33 14.48
N GLY I 344 26.33 -38.13 13.30
CA GLY I 344 26.25 -36.79 12.74
C GLY I 344 25.40 -35.85 13.57
N ILE I 345 24.24 -36.33 14.04
CA ILE I 345 23.33 -35.44 14.74
C ILE I 345 23.66 -35.30 16.22
N LEU I 346 24.52 -36.15 16.77
CA LEU I 346 24.90 -36.03 18.18
C LEU I 346 25.98 -34.98 18.41
N ALA I 347 26.41 -34.28 17.36
CA ALA I 347 27.39 -33.22 17.53
C ALA I 347 26.81 -32.02 18.27
N THR I 348 25.49 -31.90 18.34
CA THR I 348 24.81 -30.77 18.94
C THR I 348 24.00 -31.23 20.15
N GLU I 349 23.28 -30.28 20.74
CA GLU I 349 22.35 -30.55 21.82
C GLU I 349 21.02 -30.99 21.20
N VAL I 350 20.60 -32.22 21.50
CA VAL I 350 19.38 -32.79 20.95
C VAL I 350 18.48 -33.19 22.09
N THR I 351 17.21 -32.79 22.01
CA THR I 351 16.24 -33.15 23.03
C THR I 351 15.93 -34.64 22.95
N PRO I 352 15.55 -35.27 24.06
CA PRO I 352 15.21 -36.70 24.02
C PRO I 352 14.07 -37.02 23.08
N GLU I 353 13.11 -36.12 22.92
CA GLU I 353 11.99 -36.37 22.02
C GLU I 353 12.45 -36.42 20.56
N ASP I 354 13.24 -35.43 20.15
CA ASP I 354 13.75 -35.42 18.78
C ASP I 354 14.68 -36.60 18.54
N ALA I 355 15.53 -36.92 19.52
CA ALA I 355 16.41 -38.06 19.38
C ALA I 355 15.62 -39.35 19.24
N GLN I 356 14.55 -39.50 20.02
CA GLN I 356 13.72 -40.70 19.91
C GLN I 356 13.04 -40.79 18.56
N LYS I 357 12.52 -39.66 18.06
CA LYS I 357 11.87 -39.68 16.75
C LYS I 357 12.86 -40.04 15.65
N LEU I 358 14.08 -39.50 15.71
CA LEU I 358 15.08 -39.83 14.69
C LEU I 358 15.54 -41.28 14.83
N LEU I 359 15.63 -41.79 16.06
CA LEU I 359 15.98 -43.19 16.26
C LEU I 359 14.91 -44.11 15.67
N VAL I 360 13.64 -43.78 15.88
CA VAL I 360 12.56 -44.57 15.31
C VAL I 360 12.58 -44.49 13.80
N GLY I 361 12.86 -43.32 13.25
CA GLY I 361 13.00 -43.19 11.81
C GLY I 361 14.11 -44.05 11.25
N LEU I 362 15.23 -44.12 11.96
CA LEU I 362 16.33 -44.99 11.54
C LEU I 362 16.01 -46.46 11.79
N ASN I 363 15.05 -46.75 12.66
CA ASN I 363 14.71 -48.13 12.97
C ASN I 363 13.68 -48.68 11.98
N GLN I 364 12.57 -47.99 11.80
N GLN I 364 12.58 -47.97 11.78
CA GLN I 364 11.52 -48.42 10.89
CA GLN I 364 11.56 -48.37 10.82
C GLN I 364 11.95 -48.26 9.44
C GLN I 364 12.09 -48.31 9.39
N ASN I 377 12.73 -54.16 11.88
CA ASN I 377 13.31 -53.45 13.01
C ASN I 377 14.74 -53.90 13.27
N THR I 378 15.66 -52.93 13.33
CA THR I 378 17.06 -53.26 13.61
C THR I 378 17.29 -53.44 15.10
N MET I 379 16.65 -52.60 15.92
CA MET I 379 16.73 -52.72 17.37
C MET I 379 15.32 -52.78 17.94
N LYS I 380 15.19 -53.45 19.09
CA LYS I 380 13.89 -53.58 19.73
C LYS I 380 13.39 -52.22 20.18
N ASN I 381 12.12 -51.94 19.90
CA ASN I 381 11.57 -50.60 20.16
C ASN I 381 11.41 -50.33 21.64
N TYR I 382 11.25 -51.37 22.45
CA TYR I 382 10.94 -51.16 23.86
C TYR I 382 12.07 -50.46 24.61
N MET I 383 13.29 -50.50 24.10
CA MET I 383 14.39 -49.79 24.72
C MET I 383 14.82 -48.57 23.92
N ILE I 384 14.07 -48.20 22.87
CA ILE I 384 14.40 -47.00 22.09
C ILE I 384 14.33 -45.73 22.93
N PRO I 385 13.29 -45.48 23.74
CA PRO I 385 13.24 -44.20 24.45
C PRO I 385 14.44 -43.93 25.35
N VAL I 386 14.75 -44.86 26.25
CA VAL I 386 15.83 -44.64 27.21
C VAL I 386 17.13 -44.36 26.48
N VAL I 387 17.44 -45.15 25.45
CA VAL I 387 18.65 -44.94 24.66
C VAL I 387 18.66 -43.52 24.11
N ALA I 388 17.53 -43.09 23.55
CA ALA I 388 17.40 -41.71 23.09
C ALA I 388 17.76 -40.74 24.20
N GLN I 389 17.14 -40.91 25.38
CA GLN I 389 17.46 -40.08 26.52
C GLN I 389 18.95 -40.15 26.82
N ALA I 390 19.50 -41.37 26.82
CA ALA I 390 20.94 -41.53 27.00
C ALA I 390 21.71 -40.67 26.01
N PHE I 391 21.37 -40.80 24.72
CA PHE I 391 22.06 -40.02 23.71
C PHE I 391 21.89 -38.53 23.98
N SER I 392 20.66 -38.13 24.36
CA SER I 392 20.41 -36.73 24.66
C SER I 392 21.34 -36.24 25.77
N LYS I 393 21.59 -37.08 26.77
CA LYS I 393 22.53 -36.70 27.81
C LYS I 393 23.95 -36.69 27.27
N TRP I 394 24.33 -37.72 26.50
CA TRP I 394 25.71 -37.85 26.07
C TRP I 394 26.12 -36.66 25.21
N ALA I 395 25.35 -36.40 24.14
CA ALA I 395 25.62 -35.23 23.31
C ALA I 395 25.62 -33.95 24.13
N LYS I 396 24.80 -33.91 25.19
CA LYS I 396 24.83 -32.77 26.09
C LYS I 396 26.16 -32.67 26.81
N GLU I 397 26.59 -33.76 27.45
CA GLU I 397 27.79 -33.71 28.28
C GLU I 397 29.01 -33.39 27.44
N CYS I 398 29.14 -34.03 26.28
CA CYS I 398 30.23 -33.71 25.36
C CYS I 398 30.28 -32.22 25.08
N ARG I 399 29.12 -31.61 24.81
CA ARG I 399 29.10 -30.19 24.53
CA ARG I 399 29.10 -30.19 24.53
C ARG I 399 29.65 -29.39 25.70
N LYS I 400 29.33 -29.81 26.93
N LYS I 400 29.33 -29.80 26.93
CA LYS I 400 29.87 -29.11 28.10
CA LYS I 400 29.87 -29.13 28.10
C LYS I 400 31.39 -29.21 28.13
C LYS I 400 31.39 -29.21 28.12
N ASP I 401 31.94 -30.38 27.78
CA ASP I 401 33.38 -30.52 27.70
C ASP I 401 33.97 -29.59 26.64
N MET I 402 33.18 -29.27 25.61
CA MET I 402 33.62 -28.28 24.64
C MET I 402 33.62 -26.88 25.26
N GLU I 403 32.62 -26.57 26.09
CA GLU I 403 32.53 -25.22 26.64
C GLU I 403 33.59 -24.98 27.71
N ASP I 404 33.76 -25.94 28.62
CA ASP I 404 34.71 -25.81 29.72
C ASP I 404 36.08 -26.37 29.31
N GLU I 405 36.70 -25.71 28.35
CA GLU I 405 38.00 -26.14 27.86
C GLU I 405 39.08 -25.82 28.88
N LYS I 406 39.77 -26.84 29.35
CA LYS I 406 40.82 -26.67 30.35
C LYS I 406 42.17 -26.47 29.66
N LEU I 407 43.17 -26.10 30.44
CA LEU I 407 44.53 -25.99 29.93
C LEU I 407 45.14 -27.38 29.72
N LEU I 408 46.12 -27.44 28.84
CA LEU I 408 46.76 -28.71 28.52
C LEU I 408 47.61 -29.18 29.68
N GLY I 409 47.24 -30.30 30.27
CA GLY I 409 48.01 -30.88 31.36
C GLY I 409 48.10 -30.03 32.61
N VAL I 410 46.97 -29.47 33.06
CA VAL I 410 46.91 -28.70 34.29
C VAL I 410 45.69 -29.15 35.07
N ARG I 411 45.89 -29.54 36.32
CA ARG I 411 44.81 -29.92 37.22
C ARG I 411 44.66 -28.82 38.27
N GLU I 412 43.47 -28.21 38.32
CA GLU I 412 43.17 -27.13 39.25
C GLU I 412 42.48 -27.73 40.48
N ARG I 413 43.25 -27.96 41.53
CA ARG I 413 42.73 -28.51 42.77
C ARG I 413 43.01 -27.54 43.91
N THR I 414 42.03 -27.39 44.80
CA THR I 414 42.12 -26.44 45.90
C THR I 414 42.61 -27.14 47.16
N LEU I 415 43.54 -26.50 47.85
CA LEU I 415 44.04 -27.01 49.12
C LEU I 415 42.98 -26.77 50.20
N THR I 416 42.44 -27.84 50.75
CA THR I 416 41.33 -27.73 51.69
C THR I 416 41.80 -27.42 53.11
N CYS I 417 42.67 -26.41 53.25
CA CYS I 417 43.18 -25.96 54.56
C CYS I 417 43.81 -27.10 55.35
N CYS I 418 44.35 -28.09 54.63
N CYS I 418 44.36 -28.08 54.63
CA CYS I 418 44.93 -29.29 55.23
CA CYS I 418 44.93 -29.27 55.23
C CYS I 418 46.00 -29.82 54.28
C CYS I 418 45.93 -29.85 54.24
N CYS I 419 46.39 -31.08 54.48
CA CYS I 419 47.33 -31.76 53.60
C CYS I 419 46.64 -32.57 52.51
N LEU I 420 45.42 -32.17 52.13
CA LEU I 420 44.63 -32.87 51.13
C LEU I 420 44.26 -31.92 50.00
N TRP I 421 44.02 -32.49 48.82
CA TRP I 421 43.63 -31.74 47.64
C TRP I 421 42.31 -32.29 47.10
N ALA I 422 41.42 -31.37 46.69
CA ALA I 422 40.09 -31.74 46.22
C ALA I 422 39.80 -31.06 44.89
N PHE I 423 38.99 -31.73 44.08
CA PHE I 423 38.59 -31.23 42.78
C PHE I 423 37.08 -31.36 42.64
N LYS I 424 36.54 -30.73 41.61
CA LYS I 424 35.11 -30.78 41.32
C LYS I 424 34.83 -31.86 40.28
N LYS I 425 33.84 -32.70 40.57
CA LYS I 425 33.43 -33.76 39.66
C LYS I 425 32.28 -33.27 38.79
N GLN I 426 32.36 -33.57 37.50
CA GLN I 426 31.34 -33.16 36.55
C GLN I 426 30.19 -34.15 36.54
N LYS I 427 29.02 -33.67 36.12
CA LYS I 427 27.82 -34.49 36.05
C LYS I 427 27.94 -35.46 34.88
N THR I 428 28.03 -36.75 35.17
CA THR I 428 28.12 -37.80 34.16
C THR I 428 26.90 -38.69 34.29
N HIS I 429 25.98 -38.59 33.33
CA HIS I 429 24.74 -39.35 33.35
C HIS I 429 24.71 -40.50 32.35
N THR I 430 25.63 -40.53 31.39
CA THR I 430 25.65 -41.58 30.39
C THR I 430 27.08 -42.02 30.11
N VAL I 431 27.28 -43.34 30.07
CA VAL I 431 28.50 -43.95 29.59
C VAL I 431 28.18 -44.62 28.27
N TYR I 432 28.79 -44.14 27.20
CA TYR I 432 28.48 -44.56 25.84
C TYR I 432 29.76 -45.08 25.20
N LYS I 433 29.89 -46.40 25.16
CA LYS I 433 31.01 -47.06 24.49
C LYS I 433 30.60 -47.26 23.03
N ARG I 434 31.13 -46.42 22.15
CA ARG I 434 30.80 -46.47 20.74
C ARG I 434 31.38 -47.74 20.11
N PRO I 435 30.86 -48.15 18.96
CA PRO I 435 31.44 -49.30 18.26
C PRO I 435 32.91 -49.07 17.93
N ASP I 436 33.69 -50.15 17.98
CA ASP I 436 35.13 -50.14 17.80
C ASP I 436 35.85 -49.40 18.94
N THR I 437 35.28 -49.44 20.13
CA THR I 437 35.94 -48.95 21.34
C THR I 437 36.14 -50.12 22.30
N GLN I 438 36.76 -49.81 23.44
CA GLN I 438 37.06 -50.82 24.43
C GLN I 438 36.83 -50.28 25.83
N SER I 439 36.15 -51.06 26.65
CA SER I 439 36.01 -50.77 28.08
C SER I 439 37.14 -51.45 28.83
N ILE I 440 37.88 -50.67 29.61
CA ILE I 440 39.01 -51.17 30.37
C ILE I 440 38.71 -50.98 31.85
N GLN I 441 38.70 -52.08 32.60
CA GLN I 441 38.29 -52.05 34.00
C GLN I 441 39.33 -52.77 34.86
N LYS I 442 39.71 -52.14 35.97
CA LYS I 442 40.70 -52.72 36.87
C LYS I 442 40.03 -53.78 37.74
N VAL I 443 40.49 -55.02 37.64
CA VAL I 443 39.92 -56.14 38.37
C VAL I 443 41.00 -56.73 39.27
N GLN I 444 40.56 -57.58 40.19
CA GLN I 444 41.50 -58.26 41.07
C GLN I 444 42.15 -59.44 40.36
N ALA I 445 43.46 -59.54 40.46
CA ALA I 445 44.20 -60.68 39.95
C ALA I 445 44.90 -61.39 41.11
N GLU I 446 45.66 -62.43 40.77
CA GLU I 446 46.45 -63.21 41.72
C GLU I 446 45.56 -63.75 42.85
N PHE I 447 44.59 -64.55 42.44
CA PHE I 447 43.69 -65.18 43.40
C PHE I 447 44.42 -66.27 44.20
N PRO J 3 0.04 -82.98 9.23
CA PRO J 3 -0.93 -82.10 8.58
C PRO J 3 -2.16 -81.86 9.45
N VAL J 4 -2.06 -80.93 10.37
CA VAL J 4 -3.16 -80.62 11.28
C VAL J 4 -4.16 -79.71 10.59
N TYR J 5 -5.44 -80.01 10.72
CA TYR J 5 -6.52 -79.23 10.16
C TYR J 5 -7.24 -78.46 11.26
N VAL J 6 -7.58 -77.21 10.97
CA VAL J 6 -8.19 -76.31 11.95
C VAL J 6 -9.55 -75.86 11.41
N ASP J 7 -10.56 -75.90 12.27
CA ASP J 7 -11.92 -75.47 11.90
C ASP J 7 -12.03 -73.95 11.95
N ILE J 8 -11.24 -73.31 11.09
CA ILE J 8 -11.24 -71.86 10.95
C ILE J 8 -11.39 -71.52 9.48
N ASP J 9 -11.55 -70.22 9.20
CA ASP J 9 -11.71 -69.76 7.83
C ASP J 9 -10.43 -69.97 7.03
N ALA J 10 -10.58 -70.08 5.72
CA ALA J 10 -9.44 -70.29 4.85
C ALA J 10 -8.67 -69.01 4.57
N ASP J 11 -9.18 -67.86 5.01
CA ASP J 11 -8.53 -66.57 4.78
C ASP J 11 -8.50 -65.72 6.04
N SER J 12 -8.62 -66.37 7.21
CA SER J 12 -8.61 -65.66 8.48
C SER J 12 -7.21 -65.13 8.79
N ALA J 13 -7.16 -63.94 9.38
CA ALA J 13 -5.88 -63.33 9.74
C ALA J 13 -5.19 -64.07 10.87
N PHE J 14 -5.94 -64.74 11.75
CA PHE J 14 -5.36 -65.52 12.83
C PHE J 14 -4.51 -66.68 12.33
N LEU J 15 -4.82 -67.22 11.15
CA LEU J 15 -4.12 -68.38 10.62
C LEU J 15 -2.61 -68.25 10.76
N LYS J 16 -2.04 -67.17 10.20
CA LYS J 16 -0.59 -66.98 10.27
C LYS J 16 -0.08 -67.06 11.71
N ALA J 17 -0.72 -66.33 12.63
CA ALA J 17 -0.30 -66.38 14.02
C ALA J 17 -0.30 -67.81 14.53
N LEU J 18 -1.36 -68.56 14.21
CA LEU J 18 -1.43 -69.96 14.61
C LEU J 18 -0.25 -70.74 14.04
N GLN J 19 0.08 -70.52 12.77
N GLN J 19 0.09 -70.52 12.76
CA GLN J 19 1.22 -71.21 12.16
CA GLN J 19 1.22 -71.22 12.18
C GLN J 19 2.52 -70.80 12.84
C GLN J 19 2.54 -70.79 12.83
N ARG J 20 2.59 -69.56 13.36
CA ARG J 20 3.78 -69.16 14.10
C ARG J 20 3.81 -69.78 15.49
N ALA J 21 2.64 -70.14 16.03
CA ALA J 21 2.57 -70.76 17.34
C ALA J 21 2.99 -72.23 17.33
N TYR J 22 2.80 -72.92 16.21
CA TYR J 22 3.11 -74.34 16.09
C TYR J 22 3.95 -74.56 14.83
N PRO J 23 5.26 -74.29 14.90
CA PRO J 23 6.11 -74.48 13.71
C PRO J 23 6.33 -75.93 13.32
N MET J 24 6.13 -76.88 14.24
CA MET J 24 6.34 -78.29 13.92
C MET J 24 5.19 -78.88 13.11
N PHE J 25 4.09 -78.17 12.95
CA PHE J 25 2.89 -78.68 12.32
C PHE J 25 2.55 -77.86 11.08
N GLU J 26 1.96 -78.53 10.09
CA GLU J 26 1.43 -77.87 8.90
C GLU J 26 -0.04 -77.60 9.13
N VAL J 27 -0.37 -76.35 9.45
CA VAL J 27 -1.73 -75.97 9.82
C VAL J 27 -2.50 -75.62 8.55
N GLU J 28 -3.61 -76.31 8.31
CA GLU J 28 -4.43 -76.09 7.13
C GLU J 28 -5.87 -75.86 7.57
N PRO J 29 -6.54 -74.84 7.04
CA PRO J 29 -7.90 -74.55 7.48
C PRO J 29 -8.95 -75.43 6.81
N ARG J 30 -9.93 -75.86 7.60
CA ARG J 30 -11.11 -76.56 7.08
C ARG J 30 -12.32 -76.08 7.89
N GLN J 31 -13.00 -75.07 7.36
CA GLN J 31 -14.18 -74.52 8.02
C GLN J 31 -15.39 -75.40 7.74
N VAL J 32 -15.99 -75.92 8.81
CA VAL J 32 -17.19 -76.75 8.68
C VAL J 32 -18.24 -76.25 9.66
N THR J 33 -17.95 -75.15 10.35
CA THR J 33 -18.85 -74.60 11.36
C THR J 33 -18.59 -73.10 11.52
N PRO J 34 -19.64 -72.28 11.57
CA PRO J 34 -19.45 -70.84 11.83
C PRO J 34 -19.30 -70.53 13.32
N ASN J 35 -18.32 -71.17 13.94
CA ASN J 35 -18.14 -71.06 15.38
C ASN J 35 -17.71 -69.64 15.76
N ASP J 36 -18.34 -69.09 16.80
CA ASP J 36 -18.02 -67.75 17.28
C ASP J 36 -16.67 -67.68 17.99
N HIS J 37 -16.09 -68.81 18.37
CA HIS J 37 -14.80 -68.86 19.05
C HIS J 37 -13.93 -69.95 18.43
N ALA J 38 -13.86 -69.95 17.09
CA ALA J 38 -13.13 -71.01 16.39
C ALA J 38 -11.64 -70.96 16.65
N ASN J 39 -11.09 -69.77 16.91
CA ASN J 39 -9.67 -69.65 17.19
C ASN J 39 -9.30 -70.40 18.46
N ALA J 40 -10.15 -70.32 19.49
CA ALA J 40 -9.89 -71.04 20.74
C ALA J 40 -9.85 -72.54 20.50
N ARG J 41 -10.81 -73.06 19.73
CA ARG J 41 -10.86 -74.49 19.47
C ARG J 41 -9.67 -74.93 18.64
N ALA J 42 -9.26 -74.13 17.66
CA ALA J 42 -8.10 -74.46 16.85
C ALA J 42 -6.84 -74.50 17.70
N PHE J 43 -6.66 -73.51 18.57
CA PHE J 43 -5.49 -73.49 19.44
C PHE J 43 -5.50 -74.68 20.39
N SER J 44 -6.66 -75.03 20.95
CA SER J 44 -6.73 -76.18 21.83
C SER J 44 -6.40 -77.47 21.09
N HIS J 45 -6.89 -77.60 19.85
CA HIS J 45 -6.61 -78.78 19.04
C HIS J 45 -5.11 -78.93 18.80
N LEU J 46 -4.47 -77.85 18.34
CA LEU J 46 -3.04 -77.93 18.10
C LEU J 46 -2.24 -78.11 19.39
N ALA J 47 -2.73 -77.57 20.51
CA ALA J 47 -2.07 -77.81 21.78
C ALA J 47 -2.11 -79.28 22.16
N ILE J 48 -3.26 -79.92 21.96
CA ILE J 48 -3.38 -81.35 22.24
C ILE J 48 -2.45 -82.15 21.33
N LYS J 49 -2.39 -81.78 20.04
CA LYS J 49 -1.50 -82.49 19.12
C LYS J 49 -0.04 -82.31 19.51
N LEU J 50 0.34 -81.09 19.91
CA LEU J 50 1.71 -80.85 20.38
C LEU J 50 2.01 -81.67 21.62
N ILE J 51 1.07 -81.75 22.55
CA ILE J 51 1.26 -82.55 23.76
C ILE J 51 1.47 -84.00 23.39
N GLU J 52 0.62 -84.52 22.50
CA GLU J 52 0.72 -85.93 22.11
C GLU J 52 2.04 -86.22 21.42
N GLN J 53 2.50 -85.32 20.56
CA GLN J 53 3.77 -85.52 19.87
C GLN J 53 4.95 -85.46 20.84
N GLU J 54 4.90 -84.56 21.81
CA GLU J 54 6.07 -84.25 22.62
C GLU J 54 6.29 -85.25 23.76
N ILE J 55 5.39 -86.21 23.97
CA ILE J 55 5.51 -87.09 25.14
C ILE J 55 5.60 -88.55 24.72
N ASP J 56 5.69 -89.43 25.70
CA ASP J 56 5.90 -90.86 25.46
C ASP J 56 4.64 -91.48 24.84
N PRO J 57 4.74 -92.13 23.68
CA PRO J 57 3.56 -92.80 23.11
C PRO J 57 2.97 -93.88 24.00
N ASP J 58 3.80 -94.59 24.77
CA ASP J 58 3.31 -95.67 25.64
C ASP J 58 3.20 -95.13 27.06
N SER J 59 2.09 -94.44 27.33
CA SER J 59 1.84 -93.88 28.65
C SER J 59 0.35 -93.57 28.78
N THR J 60 -0.24 -93.95 29.91
CA THR J 60 -1.61 -93.58 30.18
C THR J 60 -1.71 -92.07 30.40
N ILE J 61 -2.67 -91.44 29.76
CA ILE J 61 -2.77 -89.98 29.71
C ILE J 61 -4.09 -89.58 30.32
N LEU J 62 -4.08 -89.23 31.61
CA LEU J 62 -5.28 -88.72 32.27
C LEU J 62 -5.42 -87.23 31.96
N ASP J 63 -6.63 -86.82 31.57
CA ASP J 63 -6.94 -85.43 31.31
C ASP J 63 -8.03 -84.98 32.28
N ILE J 64 -7.75 -83.92 33.03
CA ILE J 64 -8.62 -83.48 34.12
C ILE J 64 -9.75 -82.64 33.55
N GLY J 65 -10.98 -82.96 33.97
CA GLY J 65 -12.14 -82.19 33.55
C GLY J 65 -12.31 -82.12 32.04
N SER J 66 -12.10 -83.24 31.36
CA SER J 66 -12.07 -83.26 29.91
C SER J 66 -13.38 -83.77 29.33
N ALA J 67 -13.73 -83.27 28.14
CA ALA J 67 -14.84 -83.80 27.38
C ALA J 67 -14.39 -85.08 26.69
N PRO J 68 -15.01 -86.23 26.95
CA PRO J 68 -14.53 -87.48 26.36
C PRO J 68 -14.74 -87.58 24.86
N ALA J 69 -15.58 -86.74 24.26
CA ALA J 69 -15.84 -86.84 22.84
C ALA J 69 -14.67 -86.32 22.00
N ARG J 70 -13.81 -85.49 22.58
CA ARG J 70 -12.70 -84.92 21.83
C ARG J 70 -11.48 -85.84 21.78
N ARG J 71 -11.35 -86.75 22.73
CA ARG J 71 -10.21 -87.66 22.79
C ARG J 71 -10.35 -88.84 21.84
N MET J 72 -11.40 -88.87 21.03
CA MET J 72 -11.59 -89.95 20.08
C MET J 72 -10.57 -89.87 18.95
N MET J 73 -10.46 -90.96 18.20
CA MET J 73 -9.52 -91.07 17.08
C MET J 73 -8.09 -90.81 17.52
N SER J 74 -7.74 -91.27 18.72
CA SER J 74 -6.41 -91.09 19.30
C SER J 74 -5.99 -92.41 19.93
N ASP J 75 -5.01 -93.08 19.32
CA ASP J 75 -4.56 -94.38 19.81
C ASP J 75 -4.02 -94.32 21.23
N ARG J 76 -3.57 -93.15 21.69
CA ARG J 76 -3.06 -93.02 23.04
C ARG J 76 -4.15 -93.31 24.06
N LYS J 77 -3.77 -94.06 25.11
CA LYS J 77 -4.71 -94.32 26.20
C LYS J 77 -5.03 -93.02 26.92
N TYR J 78 -6.32 -92.83 27.22
CA TYR J 78 -6.80 -91.62 27.87
C TYR J 78 -7.67 -91.97 29.06
N HIS J 79 -7.38 -91.36 30.21
CA HIS J 79 -8.25 -91.41 31.38
C HIS J 79 -9.08 -90.14 31.42
N CYS J 80 -10.20 -90.17 30.72
CA CYS J 80 -11.08 -89.01 30.63
C CYS J 80 -11.83 -88.86 31.96
N VAL J 81 -11.28 -88.04 32.84
CA VAL J 81 -11.88 -87.82 34.16
C VAL J 81 -13.07 -86.87 34.01
N CYS J 82 -14.25 -87.34 34.40
N CYS J 82 -14.24 -87.33 34.41
CA CYS J 82 -15.48 -86.55 34.32
CA CYS J 82 -15.48 -86.55 34.32
C CYS J 82 -16.15 -86.55 35.68
C CYS J 82 -16.16 -86.55 35.68
N PRO J 83 -15.86 -85.57 36.53
CA PRO J 83 -16.44 -85.56 37.88
C PRO J 83 -17.92 -85.24 37.93
N MET J 84 -18.57 -84.97 36.79
CA MET J 84 -20.00 -84.71 36.73
C MET J 84 -20.41 -83.49 37.54
N ARG J 85 -19.49 -82.54 37.71
CA ARG J 85 -19.74 -81.38 38.55
C ARG J 85 -20.46 -80.26 37.82
N SER J 86 -20.02 -79.94 36.59
CA SER J 86 -20.66 -78.88 35.83
C SER J 86 -21.94 -79.39 35.19
N ALA J 87 -22.74 -78.45 34.70
CA ALA J 87 -24.02 -78.76 34.08
C ALA J 87 -23.90 -79.21 32.63
N GLU J 88 -22.75 -78.98 31.99
CA GLU J 88 -22.54 -79.45 30.62
C GLU J 88 -22.15 -80.92 30.56
N ASP J 89 -21.79 -81.51 31.70
CA ASP J 89 -21.30 -82.89 31.68
C ASP J 89 -22.33 -83.92 31.25
N PRO J 90 -23.60 -83.89 31.72
CA PRO J 90 -24.55 -84.90 31.21
C PRO J 90 -24.70 -84.89 29.71
N GLU J 91 -24.69 -83.71 29.09
CA GLU J 91 -24.83 -83.63 27.64
C GLU J 91 -23.56 -84.09 26.93
N ARG J 92 -22.38 -83.79 27.49
CA ARG J 92 -21.16 -84.28 26.89
C ARG J 92 -21.09 -85.81 26.96
N LEU J 93 -21.57 -86.39 28.06
CA LEU J 93 -21.59 -87.84 28.16
C LEU J 93 -22.62 -88.45 27.23
N ALA J 94 -23.76 -87.77 27.04
CA ALA J 94 -24.74 -88.24 26.06
C ALA J 94 -24.15 -88.27 24.67
N ASN J 95 -23.46 -87.20 24.26
CA ASN J 95 -22.83 -87.16 22.95
C ASN J 95 -21.73 -88.21 22.83
N TYR J 96 -20.94 -88.39 23.89
CA TYR J 96 -19.88 -89.39 23.88
C TYR J 96 -20.45 -90.80 23.73
N ALA J 97 -21.56 -91.09 24.42
CA ALA J 97 -22.19 -92.40 24.29
C ALA J 97 -22.79 -92.59 22.92
N ARG J 98 -23.35 -91.53 22.33
CA ARG J 98 -23.86 -91.61 20.96
C ARG J 98 -22.73 -91.96 19.99
N LYS J 99 -21.59 -91.28 20.13
CA LYS J 99 -20.46 -91.55 19.24
C LYS J 99 -19.90 -92.95 19.46
N LEU J 100 -19.80 -93.39 20.71
CA LEU J 100 -19.29 -94.74 20.98
C LEU J 100 -20.24 -95.80 20.47
N ALA J 101 -21.55 -95.53 20.47
CA ALA J 101 -22.53 -96.47 19.94
C ALA J 101 -22.71 -96.38 18.43
N SER J 102 -22.16 -95.35 17.80
CA SER J 102 -22.31 -95.16 16.36
C SER J 102 -21.18 -95.76 15.55
N ALA J 103 -20.16 -96.33 16.19
CA ALA J 103 -19.02 -96.89 15.48
C ALA J 103 -18.61 -98.23 16.08
N ALA J 104 -19.60 -99.06 16.43
CA ALA J 104 -19.31 -100.37 16.99
C ALA J 104 -18.61 -101.27 15.97
N GLY J 105 -19.16 -101.33 14.75
CA GLY J 105 -18.56 -102.11 13.70
C GLY J 105 -17.90 -101.27 12.63
N LYS J 106 -17.54 -100.04 12.98
CA LYS J 106 -16.96 -99.09 12.03
C LYS J 106 -15.46 -98.88 12.24
N VAL J 107 -15.04 -98.70 13.49
CA VAL J 107 -13.63 -98.51 13.83
C VAL J 107 -13.25 -99.50 14.92
N LEU J 108 -12.02 -100.01 14.84
CA LEU J 108 -11.52 -100.99 15.80
C LEU J 108 -10.15 -100.67 16.37
N ASP J 109 -9.39 -99.75 15.77
CA ASP J 109 -8.05 -99.43 16.25
C ASP J 109 -8.05 -98.46 17.42
N ARG J 110 -9.20 -97.88 17.76
CA ARG J 110 -9.28 -96.86 18.80
C ARG J 110 -9.81 -97.41 20.13
N ASN J 111 -9.73 -98.74 20.32
CA ASN J 111 -10.12 -99.40 21.56
C ASN J 111 -11.56 -99.08 22.00
N ILE J 112 -12.39 -98.66 21.03
CA ILE J 112 -13.78 -98.32 21.33
C ILE J 112 -14.54 -99.51 21.86
N SER J 113 -14.19 -100.72 21.39
CA SER J 113 -14.84 -101.93 21.91
C SER J 113 -14.64 -102.06 23.41
N GLY J 114 -13.46 -101.69 23.92
CA GLY J 114 -13.25 -101.66 25.35
C GLY J 114 -13.81 -100.43 26.04
N LYS J 115 -13.92 -99.31 25.33
CA LYS J 115 -14.52 -98.12 25.90
C LYS J 115 -16.01 -98.32 26.16
N ILE J 116 -16.68 -99.12 25.32
CA ILE J 116 -18.08 -99.44 25.59
C ILE J 116 -18.20 -100.19 26.91
N GLY J 117 -17.32 -101.17 27.14
CA GLY J 117 -17.33 -101.88 28.41
C GLY J 117 -16.99 -100.97 29.58
N ASP J 118 -16.07 -100.04 29.37
CA ASP J 118 -15.72 -99.09 30.43
C ASP J 118 -16.93 -98.23 30.80
N LEU J 119 -17.66 -97.75 29.80
CA LEU J 119 -18.87 -96.98 30.07
C LEU J 119 -19.90 -97.83 30.81
N GLN J 120 -20.16 -99.05 30.31
CA GLN J 120 -21.11 -99.92 31.00
C GLN J 120 -20.68 -100.19 32.43
N ALA J 121 -19.38 -100.20 32.70
CA ALA J 121 -18.89 -100.38 34.06
C ALA J 121 -19.16 -99.15 34.92
N VAL J 122 -18.90 -97.96 34.39
CA VAL J 122 -18.98 -96.77 35.24
C VAL J 122 -20.41 -96.42 35.61
N MET J 123 -21.40 -96.87 34.81
CA MET J 123 -22.80 -96.68 35.17
C MET J 123 -23.38 -97.87 35.92
N ALA J 124 -22.53 -98.72 36.50
CA ALA J 124 -22.97 -99.82 37.35
C ALA J 124 -22.65 -99.58 38.81
N VAL J 125 -21.47 -99.06 39.11
CA VAL J 125 -21.09 -98.66 40.46
C VAL J 125 -20.47 -97.27 40.37
N PRO J 126 -20.90 -96.31 41.19
CA PRO J 126 -20.36 -94.94 41.06
C PRO J 126 -18.86 -94.83 41.28
N ASP J 127 -18.25 -95.80 41.95
CA ASP J 127 -16.82 -95.76 42.23
C ASP J 127 -16.02 -96.71 41.34
N THR J 128 -16.54 -97.02 40.14
CA THR J 128 -15.87 -97.92 39.21
C THR J 128 -14.72 -97.18 38.55
N GLU J 129 -13.49 -97.47 38.99
CA GLU J 129 -12.30 -96.87 38.40
C GLU J 129 -11.82 -97.78 37.28
N THR J 130 -12.40 -97.60 36.09
CA THR J 130 -11.96 -98.34 34.91
C THR J 130 -10.64 -97.78 34.41
N PRO J 131 -9.89 -98.54 33.62
CA PRO J 131 -8.61 -98.02 33.11
C PRO J 131 -8.74 -96.75 32.30
N THR J 132 -9.83 -96.58 31.55
CA THR J 132 -9.94 -95.47 30.61
C THR J 132 -10.99 -94.42 30.99
N PHE J 133 -11.87 -94.70 31.95
CA PHE J 133 -12.94 -93.77 32.26
C PHE J 133 -13.34 -93.90 33.72
N CYS J 134 -13.63 -92.76 34.35
CA CYS J 134 -14.04 -92.73 35.74
C CYS J 134 -14.81 -91.45 36.02
N LEU J 135 -15.57 -91.46 37.10
CA LEU J 135 -16.37 -90.31 37.53
C LEU J 135 -15.93 -89.93 38.94
N HIS J 136 -14.88 -89.13 39.03
CA HIS J 136 -14.38 -88.62 40.30
C HIS J 136 -13.72 -87.27 40.06
N THR J 137 -13.56 -86.51 41.13
CA THR J 137 -12.78 -85.29 41.04
C THR J 137 -11.29 -85.63 40.98
N ASP J 138 -10.49 -84.63 40.58
CA ASP J 138 -9.06 -84.85 40.43
C ASP J 138 -8.35 -85.12 41.75
N VAL J 139 -8.99 -84.78 42.88
CA VAL J 139 -8.41 -84.99 44.19
C VAL J 139 -8.90 -86.29 44.84
N SER J 140 -9.69 -87.09 44.13
CA SER J 140 -10.20 -88.34 44.66
C SER J 140 -10.01 -89.54 43.74
N CYS J 141 -9.64 -89.34 42.48
CA CYS J 141 -9.42 -90.46 41.59
C CYS J 141 -8.21 -91.26 42.03
N ARG J 142 -8.29 -92.59 41.90
CA ARG J 142 -7.25 -93.50 42.37
C ARG J 142 -6.38 -94.06 41.24
N GLN J 143 -6.61 -93.65 39.99
CA GLN J 143 -5.78 -94.14 38.90
C GLN J 143 -4.36 -93.61 39.04
N ARG J 144 -3.40 -94.43 38.61
CA ARG J 144 -1.97 -94.10 38.70
C ARG J 144 -1.39 -94.06 37.29
N ALA J 145 -1.52 -92.91 36.64
CA ALA J 145 -0.97 -92.67 35.32
C ALA J 145 0.32 -91.87 35.41
N ASP J 146 0.83 -91.44 34.26
CA ASP J 146 2.10 -90.71 34.19
C ASP J 146 1.96 -89.27 33.73
N VAL J 147 0.93 -88.94 32.94
CA VAL J 147 0.79 -87.61 32.36
C VAL J 147 -0.59 -87.06 32.69
N ALA J 148 -0.64 -85.80 33.10
CA ALA J 148 -1.88 -85.09 33.37
C ALA J 148 -2.08 -84.00 32.33
N ILE J 149 -3.35 -83.75 31.97
CA ILE J 149 -3.71 -82.71 31.02
C ILE J 149 -4.87 -81.90 31.61
N TYR J 150 -4.73 -80.57 31.60
CA TYR J 150 -5.77 -79.66 32.05
C TYR J 150 -6.10 -78.74 30.88
N GLN J 151 -7.01 -79.18 30.02
CA GLN J 151 -7.44 -78.40 28.85
C GLN J 151 -8.63 -77.54 29.26
N ASP J 152 -8.42 -76.22 29.28
CA ASP J 152 -9.47 -75.25 29.63
C ASP J 152 -10.05 -75.55 31.00
N VAL J 153 -9.17 -75.84 31.96
CA VAL J 153 -9.56 -76.14 33.33
C VAL J 153 -9.03 -75.01 34.21
N TYR J 154 -9.88 -74.02 34.48
CA TYR J 154 -9.51 -72.88 35.31
C TYR J 154 -10.13 -72.90 36.69
N ALA J 155 -11.16 -73.73 36.91
CA ALA J 155 -11.95 -73.71 38.13
C ALA J 155 -11.45 -74.69 39.18
N VAL J 156 -10.16 -75.02 39.18
CA VAL J 156 -9.57 -75.89 40.18
C VAL J 156 -8.30 -75.25 40.71
N HIS J 157 -7.92 -75.65 41.92
CA HIS J 157 -6.72 -75.12 42.56
C HIS J 157 -5.50 -75.83 42.00
N ALA J 158 -4.60 -75.07 41.38
CA ALA J 158 -3.43 -75.67 40.73
C ALA J 158 -2.53 -76.42 41.70
N PRO J 159 -2.10 -75.85 42.84
CA PRO J 159 -1.21 -76.63 43.72
C PRO J 159 -1.84 -77.90 44.24
N THR J 160 -3.11 -77.87 44.64
CA THR J 160 -3.75 -79.05 45.20
C THR J 160 -3.86 -80.15 44.16
N SER J 161 -4.34 -79.81 42.95
CA SER J 161 -4.47 -80.81 41.89
C SER J 161 -3.12 -81.35 41.46
N LEU J 162 -2.12 -80.47 41.33
CA LEU J 162 -0.80 -80.93 40.93
C LEU J 162 -0.21 -81.87 41.97
N TYR J 163 -0.39 -81.57 43.26
CA TYR J 163 0.07 -82.48 44.30
C TYR J 163 -0.69 -83.81 44.26
N HIS J 164 -2.00 -83.75 44.04
CA HIS J 164 -2.80 -84.98 44.04
C HIS J 164 -2.45 -85.88 42.87
N GLN J 165 -2.05 -85.31 41.74
CA GLN J 165 -1.56 -86.16 40.65
C GLN J 165 -0.09 -86.51 40.79
N ALA J 166 0.71 -85.70 41.47
CA ALA J 166 2.10 -86.04 41.73
C ALA J 166 2.21 -87.26 42.63
N ILE J 167 1.36 -87.32 43.67
CA ILE J 167 1.30 -88.50 44.52
C ILE J 167 0.67 -89.69 43.81
N LYS J 168 0.17 -89.51 42.58
CA LYS J 168 -0.39 -90.57 41.78
C LYS J 168 0.57 -91.06 40.70
N GLY J 169 1.83 -90.64 40.74
CA GLY J 169 2.81 -91.05 39.76
C GLY J 169 2.87 -90.20 38.51
N VAL J 170 2.01 -89.19 38.38
CA VAL J 170 2.01 -88.33 37.20
C VAL J 170 3.24 -87.44 37.25
N ARG J 171 4.12 -87.58 36.25
CA ARG J 171 5.35 -86.80 36.20
C ARG J 171 5.23 -85.56 35.31
N LEU J 172 4.31 -85.56 34.35
CA LEU J 172 4.15 -84.45 33.42
C LEU J 172 2.71 -83.95 33.47
N ALA J 173 2.53 -82.64 33.48
CA ALA J 173 1.24 -82.01 33.44
C ALA J 173 1.23 -80.91 32.39
N TYR J 174 0.11 -80.78 31.68
CA TYR J 174 -0.05 -79.76 30.66
C TYR J 174 -1.30 -78.95 30.98
N TRP J 175 -1.17 -77.62 30.94
CA TRP J 175 -2.30 -76.72 31.17
C TRP J 175 -2.46 -75.83 29.95
N VAL J 176 -3.54 -76.03 29.21
CA VAL J 176 -3.86 -75.21 28.05
C VAL J 176 -5.03 -74.31 28.44
N GLY J 177 -4.81 -73.00 28.38
CA GLY J 177 -5.86 -72.10 28.80
C GLY J 177 -5.48 -70.66 28.56
N PHE J 178 -6.37 -69.76 28.98
CA PHE J 178 -6.12 -68.34 28.83
C PHE J 178 -4.98 -67.89 29.73
N ASP J 179 -4.26 -66.88 29.26
CA ASP J 179 -3.15 -66.34 30.04
C ASP J 179 -3.66 -65.80 31.37
N THR J 180 -2.98 -66.14 32.45
CA THR J 180 -3.34 -65.73 33.79
C THR J 180 -2.63 -64.47 34.24
N THR J 181 -1.78 -63.89 33.40
CA THR J 181 -1.12 -62.64 33.75
C THR J 181 -2.08 -61.50 34.04
N PRO J 182 -3.16 -61.28 33.28
CA PRO J 182 -4.04 -60.16 33.62
C PRO J 182 -4.72 -60.27 34.98
N PHE J 183 -4.85 -61.48 35.52
CA PHE J 183 -5.54 -61.66 36.79
C PHE J 183 -4.64 -61.46 38.00
N MET J 184 -3.33 -61.45 37.82
CA MET J 184 -2.45 -61.04 38.92
C MET J 184 -2.11 -59.56 38.85
N TYR J 185 -2.49 -58.88 37.78
CA TYR J 185 -2.51 -57.42 37.74
C TYR J 185 -3.77 -56.85 38.36
N ASN J 186 -4.72 -57.71 38.73
CA ASN J 186 -5.97 -57.32 39.39
C ASN J 186 -6.77 -56.35 38.52
N ALA J 187 -7.13 -56.82 37.32
CA ALA J 187 -7.92 -56.05 36.39
C ALA J 187 -9.40 -56.32 36.61
N MET J 188 -10.21 -55.25 36.54
CA MET J 188 -11.65 -55.41 36.73
C MET J 188 -12.32 -56.02 35.51
N ALA J 189 -11.81 -55.72 34.31
CA ALA J 189 -12.32 -56.30 33.08
C ALA J 189 -11.16 -56.44 32.11
N GLY J 190 -11.35 -57.30 31.12
CA GLY J 190 -10.29 -57.53 30.16
C GLY J 190 -10.81 -58.19 28.90
N ALA J 191 -9.91 -58.31 27.92
CA ALA J 191 -10.30 -58.85 26.62
C ALA J 191 -9.11 -59.55 25.99
N TYR J 192 -9.37 -60.71 25.39
CA TYR J 192 -8.48 -61.38 24.45
C TYR J 192 -9.09 -61.17 23.06
N PRO J 193 -8.76 -60.06 22.39
CA PRO J 193 -9.43 -59.75 21.12
C PRO J 193 -9.20 -60.76 20.02
N SER J 194 -8.03 -61.38 19.97
CA SER J 194 -7.71 -62.33 18.90
C SER J 194 -8.53 -63.60 18.98
N TYR J 195 -9.19 -63.85 20.11
CA TYR J 195 -10.05 -65.01 20.27
C TYR J 195 -11.50 -64.62 20.48
N SER J 196 -11.83 -63.35 20.22
CA SER J 196 -13.18 -62.83 20.43
C SER J 196 -13.64 -63.03 21.87
N THR J 197 -12.70 -63.00 22.80
CA THR J 197 -12.98 -63.32 24.20
C THR J 197 -13.00 -62.05 25.02
N ASN J 198 -13.99 -61.94 25.90
CA ASN J 198 -14.05 -60.84 26.86
C ASN J 198 -14.27 -61.45 28.25
N TRP J 199 -13.94 -60.68 29.28
CA TRP J 199 -14.24 -61.12 30.63
C TRP J 199 -14.42 -59.90 31.51
N ALA J 200 -15.27 -60.04 32.52
CA ALA J 200 -15.56 -58.91 33.40
C ALA J 200 -15.79 -59.40 34.82
N ASP J 201 -15.67 -58.48 35.76
CA ASP J 201 -16.08 -58.74 37.13
C ASP J 201 -17.57 -58.48 37.27
N GLU J 202 -18.22 -59.25 38.15
CA GLU J 202 -19.66 -59.14 38.32
C GLU J 202 -20.09 -57.75 38.77
N GLN J 203 -19.18 -56.96 39.36
CA GLN J 203 -19.52 -55.61 39.78
C GLN J 203 -19.67 -54.66 38.60
N VAL J 204 -19.07 -54.97 37.45
CA VAL J 204 -19.08 -54.08 36.29
C VAL J 204 -19.75 -54.75 35.12
N LEU J 205 -20.64 -55.70 35.39
CA LEU J 205 -21.41 -56.34 34.32
C LEU J 205 -22.39 -55.39 33.66
N LYS J 206 -22.91 -54.40 34.39
CA LYS J 206 -23.85 -53.43 33.88
C LYS J 206 -23.16 -52.17 33.36
N ALA J 207 -21.90 -52.29 32.92
CA ALA J 207 -21.18 -51.18 32.35
C ALA J 207 -21.72 -50.86 30.95
N LYS J 208 -21.08 -49.89 30.30
CA LYS J 208 -21.57 -49.36 29.04
C LYS J 208 -20.64 -49.64 27.87
N ASN J 209 -19.33 -49.42 28.03
CA ASN J 209 -18.40 -49.43 26.91
C ASN J 209 -17.23 -50.36 27.15
N ILE J 210 -17.50 -51.57 27.65
CA ILE J 210 -16.47 -52.60 27.75
C ILE J 210 -16.94 -53.80 26.93
N GLY J 211 -16.06 -54.78 26.78
CA GLY J 211 -16.35 -55.90 25.91
C GLY J 211 -17.54 -56.72 26.35
N LEU J 212 -17.62 -57.01 27.65
CA LEU J 212 -18.70 -57.83 28.22
C LEU J 212 -19.51 -56.95 29.17
N CYS J 213 -20.59 -56.38 28.67
CA CYS J 213 -21.47 -55.54 29.47
C CYS J 213 -22.78 -55.34 28.71
N SER J 214 -23.80 -54.92 29.45
CA SER J 214 -25.08 -54.55 28.86
C SER J 214 -25.81 -53.63 29.82
N THR J 215 -26.15 -52.44 29.34
CA THR J 215 -26.86 -51.48 30.17
C THR J 215 -28.14 -51.02 29.50
N ASP J 216 -28.84 -50.06 30.10
CA ASP J 216 -30.13 -49.60 29.60
C ASP J 216 -30.09 -48.10 29.39
N LEU J 217 -31.01 -47.62 28.54
CA LEU J 217 -31.15 -46.19 28.30
C LEU J 217 -31.82 -45.53 29.50
N THR J 218 -31.22 -44.44 29.97
CA THR J 218 -31.77 -43.71 31.10
C THR J 218 -31.60 -42.21 30.84
N GLU J 219 -32.44 -41.42 31.52
CA GLU J 219 -32.43 -39.98 31.37
C GLU J 219 -31.52 -39.26 32.36
N GLY J 220 -30.92 -39.99 33.29
CA GLY J 220 -30.11 -39.35 34.31
C GLY J 220 -30.91 -39.06 35.56
N ARG J 221 -31.66 -40.06 36.02
CA ARG J 221 -32.56 -39.91 37.15
C ARG J 221 -31.81 -40.11 38.46
N ARG J 222 -32.54 -40.19 39.57
CA ARG J 222 -31.93 -40.48 40.86
C ARG J 222 -31.40 -41.90 40.88
N GLY J 223 -30.25 -42.09 41.50
CA GLY J 223 -29.67 -43.41 41.62
C GLY J 223 -30.39 -44.26 42.64
N LYS J 224 -30.03 -45.55 42.65
CA LYS J 224 -30.63 -46.48 43.60
C LYS J 224 -30.29 -46.08 45.04
N LEU J 225 -31.28 -46.17 45.92
CA LEU J 225 -31.05 -45.98 47.35
C LEU J 225 -30.37 -47.23 47.88
N SER J 226 -29.06 -47.30 47.63
CA SER J 226 -28.32 -48.53 47.89
C SER J 226 -28.24 -48.83 49.38
N ILE J 227 -28.42 -50.12 49.72
CA ILE J 227 -28.25 -50.55 51.10
C ILE J 227 -26.79 -50.49 51.50
N MET J 228 -25.89 -50.62 50.53
CA MET J 228 -24.45 -50.56 50.77
C MET J 228 -23.90 -49.23 50.29
N ARG J 229 -23.08 -48.60 51.14
CA ARG J 229 -22.47 -47.33 50.78
C ARG J 229 -21.56 -47.47 49.56
N GLY J 230 -20.80 -48.56 49.49
CA GLY J 230 -19.83 -48.71 48.43
C GLY J 230 -18.50 -48.11 48.81
N LYS J 231 -18.25 -46.89 48.32
CA LYS J 231 -17.06 -46.10 48.67
C LYS J 231 -15.78 -46.75 48.14
N LYS J 232 -15.91 -47.90 47.49
CA LYS J 232 -14.77 -48.59 46.92
C LYS J 232 -15.27 -49.54 45.84
N LEU J 233 -14.57 -49.57 44.71
CA LEU J 233 -14.83 -50.51 43.63
C LEU J 233 -13.56 -51.30 43.40
N GLU J 234 -13.53 -52.53 43.89
N GLU J 234 -13.55 -52.55 43.86
CA GLU J 234 -12.36 -53.38 43.78
CA GLU J 234 -12.37 -53.40 43.83
C GLU J 234 -12.76 -54.72 43.20
C GLU J 234 -12.75 -54.75 43.24
N PRO J 235 -11.87 -55.37 42.45
CA PRO J 235 -12.18 -56.66 41.84
C PRO J 235 -12.62 -57.69 42.88
N CYS J 236 -13.74 -58.36 42.59
CA CYS J 236 -14.24 -59.45 43.42
C CYS J 236 -13.81 -60.78 42.82
N ASP J 237 -14.00 -61.84 43.61
CA ASP J 237 -13.52 -63.16 43.21
C ASP J 237 -14.25 -63.67 41.97
N ARG J 238 -15.55 -63.44 41.89
CA ARG J 238 -16.35 -63.98 40.79
C ARG J 238 -16.20 -63.10 39.56
N VAL J 239 -15.80 -63.72 38.44
CA VAL J 239 -15.75 -63.07 37.14
C VAL J 239 -16.48 -63.95 36.14
N LEU J 240 -16.86 -63.34 35.01
CA LEU J 240 -17.51 -64.05 33.92
C LEU J 240 -16.68 -63.92 32.66
N PHE J 241 -16.44 -65.06 32.01
CA PHE J 241 -15.77 -65.15 30.72
C PHE J 241 -16.81 -65.35 29.63
N SER J 242 -16.64 -64.65 28.51
CA SER J 242 -17.41 -64.86 27.30
C SER J 242 -16.43 -65.16 26.17
N VAL J 243 -16.33 -66.43 25.81
CA VAL J 243 -15.48 -66.88 24.71
C VAL J 243 -16.37 -67.09 23.51
N GLY J 244 -16.54 -66.05 22.70
CA GLY J 244 -17.54 -66.08 21.66
C GLY J 244 -18.92 -65.81 22.22
N SER J 245 -19.74 -66.84 22.32
CA SER J 245 -21.09 -66.72 22.89
C SER J 245 -21.29 -67.76 23.98
N THR J 246 -20.21 -68.16 24.64
CA THR J 246 -20.26 -69.16 25.70
C THR J 246 -19.83 -68.53 27.02
N LEU J 247 -20.61 -68.77 28.07
CA LEU J 247 -20.36 -68.18 29.38
C LEU J 247 -19.56 -69.13 30.27
N TYR J 248 -18.67 -68.56 31.08
CA TYR J 248 -17.89 -69.32 32.05
C TYR J 248 -17.77 -68.53 33.36
N PRO J 249 -18.42 -68.96 34.44
CA PRO J 249 -18.21 -68.32 35.75
C PRO J 249 -16.94 -68.82 36.40
N GLU J 250 -15.95 -67.93 36.50
N GLU J 250 -15.95 -67.93 36.50
CA GLU J 250 -14.65 -68.26 37.04
CA GLU J 250 -14.64 -68.27 37.04
C GLU J 250 -14.39 -67.48 38.33
C GLU J 250 -14.38 -67.49 38.32
N SER J 251 -13.38 -67.91 39.06
CA SER J 251 -12.96 -67.27 40.30
C SER J 251 -11.55 -66.73 40.15
N ARG J 252 -11.30 -65.55 40.72
CA ARG J 252 -9.98 -64.95 40.65
C ARG J 252 -8.94 -65.79 41.36
N LYS J 253 -9.29 -66.37 42.51
CA LYS J 253 -8.32 -67.14 43.29
C LYS J 253 -7.84 -68.36 42.52
N LEU J 254 -8.76 -69.11 41.93
CA LEU J 254 -8.37 -70.32 41.19
C LEU J 254 -7.64 -69.97 39.90
N LEU J 255 -7.98 -68.85 39.28
CA LEU J 255 -7.25 -68.40 38.10
C LEU J 255 -5.82 -68.03 38.46
N LYS J 256 -5.64 -67.29 39.56
CA LYS J 256 -4.30 -66.91 39.99
C LYS J 256 -3.50 -68.11 40.48
N SER J 257 -4.19 -69.15 40.95
CA SER J 257 -3.47 -70.35 41.40
C SER J 257 -2.69 -70.99 40.27
N TRP J 258 -3.15 -70.86 39.04
CA TRP J 258 -2.48 -71.46 37.89
C TRP J 258 -1.35 -70.59 37.33
N HIS J 259 -1.14 -69.40 37.89
CA HIS J 259 0.00 -68.56 37.51
C HIS J 259 1.21 -68.99 38.34
N LEU J 260 1.63 -70.24 38.10
CA LEU J 260 2.68 -70.84 38.90
C LEU J 260 4.03 -70.19 38.60
N PRO J 261 4.92 -70.14 39.59
CA PRO J 261 6.28 -69.65 39.33
C PRO J 261 7.08 -70.67 38.54
N SER J 262 8.26 -70.24 38.08
CA SER J 262 9.12 -71.12 37.32
C SER J 262 9.66 -72.27 38.17
N VAL J 263 9.71 -72.06 39.49
CA VAL J 263 10.18 -73.06 40.44
C VAL J 263 9.36 -72.93 41.71
N PHE J 264 8.82 -74.06 42.18
CA PHE J 264 8.04 -74.08 43.41
C PHE J 264 8.12 -75.47 44.03
N HIS J 265 7.76 -75.54 45.31
CA HIS J 265 7.85 -76.77 46.08
C HIS J 265 6.45 -77.24 46.46
N LEU J 266 6.24 -78.55 46.44
CA LEU J 266 5.02 -79.18 46.90
C LEU J 266 5.35 -79.96 48.17
N LYS J 267 4.87 -79.46 49.32
CA LYS J 267 5.21 -80.01 50.63
C LYS J 267 3.95 -80.59 51.25
N GLY J 268 3.84 -81.91 51.25
CA GLY J 268 2.74 -82.60 51.89
C GLY J 268 3.18 -83.91 52.49
N LYS J 269 2.42 -84.98 52.23
CA LYS J 269 2.85 -86.31 52.65
C LYS J 269 4.14 -86.71 51.94
N LEU J 270 4.18 -86.54 50.62
CA LEU J 270 5.39 -86.70 49.84
C LEU J 270 5.89 -85.34 49.36
N SER J 271 7.19 -85.25 49.15
CA SER J 271 7.79 -84.00 48.69
C SER J 271 8.38 -84.15 47.29
N THR J 273 10.35 -81.03 44.24
CA THR J 273 10.36 -79.75 43.54
C THR J 273 9.68 -79.87 42.18
N CYS J 274 9.12 -78.76 41.71
CA CYS J 274 8.40 -78.73 40.45
C CYS J 274 8.76 -77.49 39.66
N ARG J 275 8.54 -77.55 38.35
CA ARG J 275 8.78 -76.43 37.45
C ARG J 275 7.51 -76.13 36.66
N CYS J 276 7.37 -74.87 36.25
CA CYS J 276 6.29 -74.44 35.39
C CYS J 276 6.85 -73.53 34.31
N ASP J 277 6.79 -73.99 33.07
CA ASP J 277 7.29 -73.23 31.92
C ASP J 277 6.18 -73.05 30.90
N THR J 278 6.19 -71.88 30.26
CA THR J 278 5.22 -71.56 29.21
C THR J 278 5.82 -72.01 27.88
N VAL J 279 5.39 -73.18 27.40
CA VAL J 279 5.95 -73.71 26.16
C VAL J 279 5.23 -73.21 24.92
N VAL J 280 3.97 -72.77 25.04
CA VAL J 280 3.26 -72.17 23.92
C VAL J 280 2.59 -70.89 24.41
N SER J 281 2.72 -69.82 23.61
CA SER J 281 2.09 -68.54 23.94
C SER J 281 1.69 -67.87 22.64
N CYS J 282 0.39 -67.63 22.46
CA CYS J 282 -0.11 -67.02 21.22
C CYS J 282 -1.27 -66.09 21.57
N GLU J 283 -0.98 -64.79 21.61
CA GLU J 283 -1.99 -63.73 21.57
C GLU J 283 -3.07 -63.92 22.64
N GLY J 284 -2.68 -64.44 23.80
CA GLY J 284 -3.57 -64.63 24.91
C GLY J 284 -3.76 -66.06 25.35
N TYR J 285 -3.63 -67.04 24.46
CA TYR J 285 -3.80 -68.44 24.81
C TYR J 285 -2.44 -69.07 25.04
N VAL J 286 -2.28 -69.79 26.15
CA VAL J 286 -0.99 -70.34 26.53
C VAL J 286 -1.14 -71.83 26.81
N VAL J 287 -0.03 -72.54 26.62
CA VAL J 287 0.14 -73.92 27.02
C VAL J 287 1.36 -73.96 27.93
N LYS J 288 1.14 -74.30 29.19
CA LYS J 288 2.20 -74.39 30.19
C LYS J 288 2.52 -75.86 30.46
N ARG J 289 3.80 -76.18 30.47
CA ARG J 289 4.28 -77.53 30.72
C ARG J 289 4.87 -77.60 32.13
N ILE J 290 4.15 -78.24 33.03
CA ILE J 290 4.60 -78.44 34.41
C ILE J 290 5.26 -79.81 34.48
N THR J 291 6.47 -79.86 35.01
CA THR J 291 7.18 -81.11 35.20
C THR J 291 7.33 -81.38 36.70
N MET J 292 7.09 -82.62 37.09
CA MET J 292 7.07 -83.02 38.49
C MET J 292 8.26 -83.91 38.80
N SER J 293 8.70 -83.85 40.05
CA SER J 293 9.85 -84.62 40.50
C SER J 293 9.78 -84.85 42.00
N PRO J 294 9.89 -86.09 42.46
CA PRO J 294 9.83 -86.36 43.91
C PRO J 294 11.05 -85.81 44.63
N GLY J 295 10.85 -85.42 45.88
CA GLY J 295 11.90 -84.87 46.70
C GLY J 295 12.03 -83.37 46.57
N LEU J 296 12.60 -82.76 47.60
CA LEU J 296 12.83 -81.31 47.64
C LEU J 296 14.26 -81.04 47.19
N TYR J 297 14.39 -80.27 46.10
CA TYR J 297 15.70 -79.94 45.56
C TYR J 297 15.74 -78.46 45.19
N GLY J 298 16.88 -77.83 45.47
CA GLY J 298 17.02 -76.41 45.18
C GLY J 298 16.24 -75.54 46.15
N LYS J 299 15.94 -74.33 45.72
CA LYS J 299 15.17 -73.39 46.53
C LYS J 299 14.40 -72.47 45.60
N THR J 300 13.30 -71.93 46.12
CA THR J 300 12.34 -71.18 45.34
C THR J 300 12.46 -69.69 45.64
N THR J 301 12.35 -68.87 44.58
CA THR J 301 12.32 -67.43 44.73
C THR J 301 10.90 -66.86 44.83
N GLY J 302 9.89 -67.67 44.52
CA GLY J 302 8.52 -67.18 44.53
C GLY J 302 8.20 -66.18 43.45
N TYR J 303 8.89 -66.22 42.32
CA TYR J 303 8.72 -65.25 41.25
C TYR J 303 8.18 -65.94 40.00
N ALA J 304 7.24 -65.29 39.32
CA ALA J 304 6.66 -65.76 38.08
C ALA J 304 6.92 -64.74 36.99
N VAL J 305 7.26 -65.25 35.80
CA VAL J 305 7.68 -64.42 34.68
C VAL J 305 6.74 -64.67 33.50
N THR J 306 6.25 -63.59 32.91
CA THR J 306 5.47 -63.65 31.68
C THR J 306 6.18 -62.83 30.60
N HIS J 307 6.51 -63.48 29.49
CA HIS J 307 7.16 -62.82 28.36
C HIS J 307 6.11 -62.34 27.38
N HIS J 308 6.18 -61.07 27.00
CA HIS J 308 5.18 -60.46 26.13
C HIS J 308 5.72 -60.38 24.71
N ALA J 309 5.27 -61.29 23.85
CA ALA J 309 5.56 -61.16 22.42
C ALA J 309 4.80 -59.98 21.82
N ASP J 310 3.55 -59.79 22.22
N ASP J 310 3.56 -59.78 22.24
CA ASP J 310 2.73 -58.65 21.85
CA ASP J 310 2.77 -58.64 21.83
C ASP J 310 2.56 -57.73 23.05
C ASP J 310 2.49 -57.75 23.04
N GLY J 311 2.19 -56.48 22.77
CA GLY J 311 2.00 -55.53 23.85
C GLY J 311 0.83 -55.90 24.74
N PHE J 312 0.99 -55.61 26.03
CA PHE J 312 -0.04 -55.85 27.03
C PHE J 312 -0.31 -54.55 27.76
N LEU J 313 -1.58 -54.23 27.97
CA LEU J 313 -1.93 -52.98 28.63
C LEU J 313 -2.98 -53.23 29.70
N MET J 314 -2.81 -52.55 30.84
CA MET J 314 -3.83 -52.49 31.88
C MET J 314 -3.94 -51.03 32.30
N CYS J 315 -5.08 -50.41 32.01
CA CYS J 315 -5.20 -48.96 32.13
C CYS J 315 -6.47 -48.60 32.88
N LYS J 316 -6.42 -47.46 33.55
CA LYS J 316 -7.59 -46.88 34.19
C LYS J 316 -8.49 -46.26 33.12
N THR J 317 -9.78 -46.57 33.20
CA THR J 317 -10.76 -46.01 32.28
C THR J 317 -12.06 -45.75 33.02
N THR J 318 -12.78 -44.73 32.57
CA THR J 318 -14.00 -44.26 33.21
C THR J 318 -15.21 -44.70 32.38
N ASP J 319 -16.10 -45.44 33.01
CA ASP J 319 -17.35 -45.86 32.38
C ASP J 319 -18.52 -45.57 33.31
N THR J 320 -19.69 -46.06 32.95
CA THR J 320 -20.89 -45.94 33.78
C THR J 320 -21.44 -47.34 34.05
N VAL J 321 -21.42 -47.74 35.31
CA VAL J 321 -22.01 -49.00 35.75
C VAL J 321 -23.39 -48.70 36.30
N ASP J 322 -24.42 -49.24 35.64
CA ASP J 322 -25.82 -48.95 35.97
C ASP J 322 -26.08 -47.45 35.99
N GLY J 323 -25.40 -46.72 35.11
CA GLY J 323 -25.56 -45.28 35.03
C GLY J 323 -24.69 -44.48 35.97
N GLU J 324 -23.98 -45.12 36.88
CA GLU J 324 -23.11 -44.44 37.83
C GLU J 324 -21.70 -44.36 37.25
N ARG J 325 -21.19 -43.15 37.12
CA ARG J 325 -19.88 -42.95 36.51
C ARG J 325 -18.78 -43.31 37.50
N VAL J 326 -18.00 -44.33 37.16
CA VAL J 326 -16.90 -44.81 37.98
C VAL J 326 -15.70 -45.05 37.09
N SER J 327 -14.55 -45.30 37.73
CA SER J 327 -13.30 -45.57 37.03
C SER J 327 -12.73 -46.88 37.53
N PHE J 328 -12.32 -47.74 36.60
CA PHE J 328 -11.73 -49.02 36.97
C PHE J 328 -10.73 -49.44 35.90
N SER J 329 -10.01 -50.52 36.18
CA SER J 329 -8.92 -50.98 35.32
C SER J 329 -9.42 -51.97 34.29
N VAL J 330 -8.96 -51.80 33.05
CA VAL J 330 -9.27 -52.68 31.94
C VAL J 330 -7.97 -53.10 31.29
N CYS J 331 -7.82 -54.40 31.02
CA CYS J 331 -6.62 -54.93 30.41
C CYS J 331 -6.94 -55.49 29.03
N THR J 332 -5.91 -55.58 28.19
CA THR J 332 -6.06 -56.07 26.82
C THR J 332 -4.68 -56.30 26.22
N TYR J 333 -4.67 -56.88 25.02
CA TYR J 333 -3.46 -57.13 24.24
C TYR J 333 -3.51 -56.32 22.96
N VAL J 334 -2.34 -55.89 22.50
CA VAL J 334 -2.18 -55.11 21.28
C VAL J 334 -1.10 -55.78 20.43
N PRO J 335 -1.31 -55.93 19.12
CA PRO J 335 -0.30 -56.59 18.29
C PRO J 335 1.04 -55.85 18.32
N ALA J 336 2.11 -56.62 18.15
CA ALA J 336 3.45 -56.07 18.27
C ALA J 336 3.74 -55.03 17.18
N THR J 337 3.18 -55.22 15.98
CA THR J 337 3.38 -54.25 14.92
C THR J 337 2.79 -52.90 15.29
N ILE J 338 1.59 -52.90 15.90
CA ILE J 338 0.98 -51.66 16.33
C ILE J 338 1.84 -50.96 17.37
N CYS J 339 2.31 -51.72 18.36
CA CYS J 339 3.14 -51.14 19.41
C CYS J 339 4.43 -50.57 18.85
N ASP J 340 5.05 -51.27 17.90
CA ASP J 340 6.27 -50.78 17.27
C ASP J 340 6.00 -49.50 16.48
N GLN J 341 4.85 -49.43 15.81
CA GLN J 341 4.53 -48.22 15.05
C GLN J 341 4.16 -47.06 15.96
N MET J 342 3.72 -47.35 17.19
CA MET J 342 3.37 -46.30 18.14
C MET J 342 4.57 -45.71 18.86
N THR J 343 5.73 -46.37 18.79
CA THR J 343 6.89 -45.94 19.58
C THR J 343 7.32 -44.52 19.24
N GLY J 344 7.35 -44.19 17.95
CA GLY J 344 7.87 -42.89 17.54
C GLY J 344 7.03 -41.74 18.03
N ILE J 345 5.71 -41.91 18.07
CA ILE J 345 4.83 -40.79 18.42
C ILE J 345 4.52 -40.73 19.91
N LEU J 346 4.85 -41.77 20.67
CA LEU J 346 4.60 -41.76 22.11
C LEU J 346 5.71 -41.05 22.88
N ALA J 347 6.74 -40.55 22.20
CA ALA J 347 7.77 -39.77 22.87
C ALA J 347 7.23 -38.47 23.45
N THR J 348 6.12 -37.97 22.92
CA THR J 348 5.53 -36.70 23.33
C THR J 348 4.22 -36.96 24.05
N GLU J 349 3.58 -35.87 24.47
CA GLU J 349 2.25 -35.93 25.07
C GLU J 349 1.21 -35.84 23.96
N VAL J 350 0.43 -36.90 23.79
CA VAL J 350 -0.53 -37.02 22.71
C VAL J 350 -1.92 -37.18 23.30
N THR J 351 -2.87 -36.38 22.81
CA THR J 351 -4.24 -36.45 23.31
C THR J 351 -4.87 -37.77 22.90
N PRO J 352 -5.82 -38.28 23.70
CA PRO J 352 -6.47 -39.55 23.34
C PRO J 352 -7.16 -39.53 21.99
N GLU J 353 -7.69 -38.39 21.57
CA GLU J 353 -8.35 -38.29 20.28
C GLU J 353 -7.34 -38.49 19.15
N ASP J 354 -6.21 -37.78 19.22
CA ASP J 354 -5.19 -37.95 18.19
C ASP J 354 -4.61 -39.35 18.22
N ALA J 355 -4.40 -39.90 19.42
CA ALA J 355 -3.89 -41.26 19.53
C ALA J 355 -4.86 -42.26 18.91
N GLN J 356 -6.15 -42.08 19.14
CA GLN J 356 -7.15 -42.97 18.54
C GLN J 356 -7.16 -42.86 17.02
N LYS J 357 -7.09 -41.63 16.51
CA LYS J 357 -7.08 -41.47 15.06
C LYS J 357 -5.84 -42.11 14.44
N LEU J 358 -4.69 -41.95 15.07
CA LEU J 358 -3.47 -42.56 14.54
C LEU J 358 -3.51 -44.08 14.65
N LEU J 359 -4.07 -44.60 15.74
CA LEU J 359 -4.25 -46.04 15.87
C LEU J 359 -5.15 -46.59 14.79
N VAL J 360 -6.25 -45.88 14.50
CA VAL J 360 -7.15 -46.32 13.44
C VAL J 360 -6.47 -46.26 12.08
N GLY J 361 -5.66 -45.22 11.85
CA GLY J 361 -4.89 -45.15 10.62
C GLY J 361 -3.93 -46.31 10.46
N LEU J 362 -3.28 -46.71 11.56
CA LEU J 362 -2.42 -47.88 11.50
C LEU J 362 -3.21 -49.18 11.36
N ASN J 363 -4.46 -49.20 11.82
CA ASN J 363 -5.27 -50.41 11.76
C ASN J 363 -5.87 -50.60 10.38
N GLN J 364 -6.58 -49.60 9.88
N GLN J 364 -6.56 -49.60 9.87
CA GLN J 364 -7.21 -49.70 8.56
CA GLN J 364 -7.16 -49.65 8.54
C GLN J 364 -6.17 -49.60 7.45
C GLN J 364 -6.09 -49.76 7.45
N ASN J 377 -8.03 -55.49 9.25
CA ASN J 377 -7.87 -55.00 10.61
C ASN J 377 -6.86 -55.85 11.40
N THR J 378 -5.78 -55.22 11.84
CA THR J 378 -4.79 -55.93 12.64
C THR J 378 -5.30 -56.19 14.05
N MET J 379 -5.99 -55.20 14.63
CA MET J 379 -6.57 -55.34 15.96
C MET J 379 -8.06 -55.00 15.89
N LYS J 380 -8.82 -55.57 16.81
CA LYS J 380 -10.26 -55.30 16.86
C LYS J 380 -10.51 -53.86 17.26
N ASN J 381 -11.46 -53.22 16.57
CA ASN J 381 -11.68 -51.79 16.73
C ASN J 381 -12.33 -51.46 18.07
N TYR J 382 -13.10 -52.39 18.64
CA TYR J 382 -13.78 -52.12 19.91
C TYR J 382 -12.81 -51.93 21.06
N MET J 383 -11.60 -52.49 20.96
CA MET J 383 -10.55 -52.27 21.94
C MET J 383 -9.78 -50.99 21.70
N ILE J 384 -9.95 -50.38 20.53
CA ILE J 384 -9.06 -49.29 20.12
C ILE J 384 -9.16 -48.06 21.03
N PRO J 385 -10.35 -47.54 21.35
CA PRO J 385 -10.37 -46.25 22.09
C PRO J 385 -9.64 -46.29 23.43
N VAL J 386 -10.00 -47.23 24.30
CA VAL J 386 -9.38 -47.30 25.62
C VAL J 386 -7.87 -47.46 25.50
N VAL J 387 -7.43 -48.29 24.56
CA VAL J 387 -5.99 -48.47 24.32
C VAL J 387 -5.34 -47.12 24.04
N ALA J 388 -5.96 -46.32 23.17
CA ALA J 388 -5.46 -44.97 22.93
C ALA J 388 -5.33 -44.20 24.23
N GLN J 389 -6.37 -44.24 25.05
CA GLN J 389 -6.30 -43.65 26.39
C GLN J 389 -5.06 -44.12 27.13
N ALA J 390 -4.87 -45.44 27.17
CA ALA J 390 -3.70 -45.99 27.84
C ALA J 390 -2.43 -45.35 27.29
N PHE J 391 -2.28 -45.36 25.97
CA PHE J 391 -1.10 -44.75 25.38
C PHE J 391 -1.03 -43.27 25.74
N SER J 392 -2.17 -42.58 25.63
CA SER J 392 -2.18 -41.17 25.99
C SER J 392 -1.78 -40.97 27.44
N LYS J 393 -2.21 -41.87 28.32
CA LYS J 393 -1.75 -41.79 29.70
C LYS J 393 -0.27 -42.15 29.80
N TRP J 394 0.13 -43.25 29.14
CA TRP J 394 1.50 -43.74 29.30
C TRP J 394 2.49 -42.70 28.82
N ALA J 395 2.32 -42.24 27.58
CA ALA J 395 3.19 -41.20 27.04
C ALA J 395 3.19 -39.97 27.93
N LYS J 396 2.08 -39.69 28.60
CA LYS J 396 2.06 -38.57 29.53
C LYS J 396 2.92 -38.87 30.75
N GLU J 397 2.72 -40.03 31.38
CA GLU J 397 3.40 -40.32 32.64
C GLU J 397 4.91 -40.37 32.44
N CYS J 398 5.37 -41.03 31.38
CA CYS J 398 6.79 -41.06 31.08
C CYS J 398 7.35 -39.66 31.00
N ARG J 399 6.61 -38.74 30.36
CA ARG J 399 7.07 -37.37 30.26
CA ARG J 399 7.09 -37.37 30.26
C ARG J 399 7.29 -36.77 31.65
N LYS J 400 6.36 -37.01 32.57
N LYS J 400 6.35 -37.03 32.57
CA LYS J 400 6.53 -36.51 33.93
CA LYS J 400 6.51 -36.53 33.93
C LYS J 400 7.78 -37.07 34.57
C LYS J 400 7.78 -37.08 34.57
N ASP J 401 8.09 -38.36 34.32
CA ASP J 401 9.32 -38.93 34.83
C ASP J 401 10.54 -38.21 34.28
N MET J 402 10.44 -37.68 33.05
CA MET J 402 11.52 -36.87 32.52
C MET J 402 11.55 -35.49 33.17
N GLU J 403 10.39 -34.95 33.52
CA GLU J 403 10.35 -33.62 34.12
C GLU J 403 10.88 -33.64 35.54
N ASP J 404 10.45 -34.63 36.33
CA ASP J 404 10.88 -34.74 37.73
C ASP J 404 12.08 -35.68 37.85
N GLU J 405 13.20 -35.21 37.32
CA GLU J 405 14.42 -36.00 37.33
C GLU J 405 15.04 -36.00 38.72
N LYS J 406 15.12 -37.17 39.33
CA LYS J 406 15.69 -37.31 40.67
C LYS J 406 17.21 -37.44 40.58
N LEU J 407 17.85 -37.58 41.74
CA LEU J 407 19.27 -37.84 41.79
C LEU J 407 19.53 -39.34 41.73
N LEU J 408 20.75 -39.70 41.35
CA LEU J 408 21.10 -41.10 41.18
C LEU J 408 21.23 -41.77 42.55
N GLY J 409 20.38 -42.77 42.80
CA GLY J 409 20.46 -43.53 44.03
C GLY J 409 20.19 -42.74 45.29
N VAL J 410 19.16 -41.89 45.28
CA VAL J 410 18.76 -41.13 46.46
C VAL J 410 17.25 -41.21 46.60
N ARG J 411 16.78 -41.56 47.79
CA ARG J 411 15.36 -41.59 48.10
C ARG J 411 15.07 -40.49 49.12
N GLU J 412 14.15 -39.59 48.79
CA GLU J 412 13.79 -38.48 49.65
C GLU J 412 12.54 -38.86 50.43
N ARG J 413 12.72 -39.32 51.66
CA ARG J 413 11.63 -39.73 52.52
C ARG J 413 11.63 -38.88 53.78
N THR J 414 10.44 -38.47 54.21
CA THR J 414 10.29 -37.58 55.35
C THR J 414 10.01 -38.39 56.61
N LEU J 415 10.69 -38.03 57.70
CA LEU J 415 10.45 -38.66 59.00
C LEU J 415 9.14 -38.13 59.56
N THR J 416 8.14 -39.00 59.70
CA THR J 416 6.80 -38.57 60.07
C THR J 416 6.66 -38.41 61.58
N CYS J 417 7.59 -37.70 62.21
CA CYS J 417 7.57 -37.42 63.64
C CYS J 417 7.47 -38.70 64.47
N CYS J 418 8.07 -39.77 63.95
N CYS J 418 8.06 -39.77 63.95
CA CYS J 418 8.02 -41.08 64.60
CA CYS J 418 8.02 -41.09 64.59
C CYS J 418 9.18 -41.91 64.04
C CYS J 418 9.17 -41.91 64.03
N CYS J 419 9.16 -43.21 64.30
CA CYS J 419 10.18 -44.13 63.80
C CYS J 419 9.83 -44.70 62.43
N LEU J 420 9.01 -44.00 61.66
CA LEU J 420 8.57 -44.44 60.34
C LEU J 420 8.98 -43.43 59.28
N TRP J 421 9.11 -43.92 58.05
CA TRP J 421 9.49 -43.10 56.91
C TRP J 421 8.44 -43.23 55.80
N ALA J 422 8.07 -42.11 55.20
CA ALA J 422 7.02 -42.07 54.19
C ALA J 422 7.52 -41.33 52.95
N PHE J 423 6.96 -41.72 51.80
CA PHE J 423 7.29 -41.11 50.53
C PHE J 423 6.01 -40.81 49.76
N LYS J 424 6.15 -40.07 48.67
CA LYS J 424 5.02 -39.71 47.84
C LYS J 424 4.94 -40.66 46.64
N LYS J 425 3.74 -41.21 46.43
CA LYS J 425 3.48 -42.09 45.30
C LYS J 425 2.95 -41.27 44.12
N GLN J 426 3.49 -41.55 42.93
CA GLN J 426 3.08 -40.84 41.74
C GLN J 426 1.82 -41.47 41.16
N LYS J 427 1.18 -40.72 40.26
CA LYS J 427 -0.05 -41.17 39.62
C LYS J 427 0.29 -42.13 38.48
N THR J 428 0.03 -43.42 38.68
CA THR J 428 0.26 -44.44 37.67
C THR J 428 -1.10 -44.91 37.18
N HIS J 429 -1.48 -44.48 35.97
CA HIS J 429 -2.78 -44.80 35.40
C HIS J 429 -2.73 -45.92 34.38
N THR J 430 -1.56 -46.21 33.82
CA THR J 430 -1.44 -47.23 32.79
C THR J 430 -0.20 -48.07 33.03
N VAL J 431 -0.34 -49.39 32.90
CA VAL J 431 0.78 -50.32 32.85
C VAL J 431 0.86 -50.85 31.43
N TYR J 432 2.00 -50.61 30.77
CA TYR J 432 2.17 -50.90 29.36
C TYR J 432 3.42 -51.77 29.22
N LYS J 433 3.23 -53.07 29.08
CA LYS J 433 4.32 -54.00 28.82
C LYS J 433 4.51 -54.09 27.31
N ARG J 434 5.59 -53.48 26.82
CA ARG J 434 5.86 -53.47 25.39
C ARG J 434 6.32 -54.86 24.93
N PRO J 435 6.28 -55.13 23.62
CA PRO J 435 6.82 -56.40 23.12
C PRO J 435 8.29 -56.57 23.48
N ASP J 436 8.69 -57.82 23.69
CA ASP J 436 10.03 -58.19 24.14
C ASP J 436 10.33 -57.69 25.55
N THR J 437 9.30 -57.55 26.37
CA THR J 437 9.45 -57.26 27.79
C THR J 437 8.88 -58.42 28.60
N GLN J 438 9.01 -58.31 29.92
CA GLN J 438 8.60 -59.37 30.82
C GLN J 438 7.96 -58.77 32.07
N SER J 439 6.84 -59.36 32.47
CA SER J 439 6.20 -59.04 33.74
C SER J 439 6.68 -60.03 34.79
N ILE J 440 7.21 -59.50 35.89
CA ILE J 440 7.74 -60.32 36.98
C ILE J 440 6.87 -60.05 38.21
N GLN J 441 6.26 -61.10 38.74
CA GLN J 441 5.33 -60.95 39.86
C GLN J 441 5.69 -61.94 40.97
N LYS J 442 5.68 -61.46 42.21
CA LYS J 442 6.03 -62.30 43.36
C LYS J 442 4.83 -63.15 43.74
N VAL J 443 4.95 -64.47 43.57
CA VAL J 443 3.88 -65.40 43.88
C VAL J 443 4.27 -66.18 45.13
N GLN J 444 3.29 -66.90 45.68
CA GLN J 444 3.56 -67.78 46.80
C GLN J 444 4.04 -69.12 46.29
N ALA J 445 5.19 -69.57 46.79
CA ALA J 445 5.70 -70.91 46.52
C ALA J 445 5.54 -71.77 47.76
N GLU J 446 6.04 -73.00 47.67
CA GLU J 446 6.12 -73.93 48.79
C GLU J 446 4.73 -74.20 49.39
N PHE J 447 3.85 -74.74 48.56
CA PHE J 447 2.56 -75.20 49.05
C PHE J 447 2.70 -76.53 49.76
N PRO K 3 -25.35 -79.46 -1.90
CA PRO K 3 -25.75 -78.33 -2.74
C PRO K 3 -27.15 -77.82 -2.38
N VAL K 4 -27.20 -76.79 -1.54
CA VAL K 4 -28.47 -76.24 -1.09
C VAL K 4 -28.84 -75.05 -1.97
N TYR K 5 -30.08 -75.05 -2.47
CA TYR K 5 -30.58 -73.99 -3.32
C TYR K 5 -31.46 -73.04 -2.51
N VAL K 6 -31.26 -71.74 -2.72
CA VAL K 6 -31.96 -70.71 -1.97
C VAL K 6 -32.81 -69.90 -2.94
N ASP K 7 -34.07 -69.65 -2.55
CA ASP K 7 -34.99 -68.86 -3.37
C ASP K 7 -34.71 -67.37 -3.19
N ILE K 8 -33.51 -66.96 -3.59
CA ILE K 8 -33.08 -65.57 -3.53
C ILE K 8 -32.50 -65.19 -4.89
N ASP K 9 -32.20 -63.90 -5.04
CA ASP K 9 -31.65 -63.41 -6.29
C ASP K 9 -30.26 -63.98 -6.53
N ALA K 10 -29.91 -64.12 -7.82
CA ALA K 10 -28.60 -64.63 -8.18
C ALA K 10 -27.50 -63.59 -7.96
N ASP K 11 -27.85 -62.34 -7.70
CA ASP K 11 -26.88 -61.27 -7.48
C ASP K 11 -27.23 -60.43 -6.26
N SER K 12 -27.57 -61.09 -5.16
CA SER K 12 -27.97 -60.38 -3.96
C SER K 12 -26.82 -60.30 -2.96
N ALA K 13 -26.75 -59.18 -2.24
CA ALA K 13 -25.68 -58.98 -1.26
C ALA K 13 -25.78 -59.94 -0.09
N PHE K 14 -26.99 -60.33 0.31
CA PHE K 14 -27.17 -61.27 1.40
C PHE K 14 -26.52 -62.63 1.13
N LEU K 15 -26.43 -63.03 -0.14
CA LEU K 15 -25.88 -64.33 -0.51
C LEU K 15 -24.60 -64.64 0.24
N LYS K 16 -23.60 -63.77 0.10
CA LYS K 16 -22.32 -63.99 0.77
C LYS K 16 -22.49 -64.22 2.26
N ALA K 17 -23.26 -63.35 2.91
CA ALA K 17 -23.49 -63.52 4.35
C ALA K 17 -24.05 -64.89 4.65
N LEU K 18 -25.01 -65.35 3.84
CA LEU K 18 -25.57 -66.68 4.03
C LEU K 18 -24.50 -67.75 3.89
N GLN K 19 -23.62 -67.61 2.89
N GLN K 19 -23.61 -67.61 2.90
CA GLN K 19 -22.54 -68.57 2.73
CA GLN K 19 -22.54 -68.58 2.73
C GLN K 19 -21.59 -68.53 3.92
C GLN K 19 -21.56 -68.53 3.90
N ARG K 20 -21.46 -67.37 4.57
CA ARG K 20 -20.64 -67.31 5.77
C ARG K 20 -21.34 -67.92 6.97
N ALA K 21 -22.68 -67.99 6.93
CA ALA K 21 -23.43 -68.56 8.04
C ALA K 21 -23.51 -70.08 7.98
N TYR K 22 -23.36 -70.67 6.80
CA TYR K 22 -23.44 -72.11 6.61
C TYR K 22 -22.24 -72.56 5.79
N PRO K 23 -21.06 -72.69 6.42
CA PRO K 23 -19.86 -73.09 5.67
C PRO K 23 -19.85 -74.54 5.24
N MET K 24 -20.71 -75.39 5.79
CA MET K 24 -20.74 -76.79 5.40
C MET K 24 -21.57 -77.06 4.16
N PHE K 25 -22.19 -76.03 3.59
CA PHE K 25 -23.09 -76.19 2.46
C PHE K 25 -22.67 -75.28 1.31
N GLU K 26 -22.94 -75.73 0.09
CA GLU K 26 -22.84 -74.90 -1.09
C GLU K 26 -24.20 -74.23 -1.28
N VAL K 27 -24.22 -72.91 -1.23
CA VAL K 27 -25.47 -72.15 -1.28
C VAL K 27 -25.59 -71.51 -2.65
N GLU K 28 -26.46 -72.07 -3.49
CA GLU K 28 -26.64 -71.59 -4.85
C GLU K 28 -27.99 -70.91 -4.98
N PRO K 29 -28.05 -69.70 -5.53
CA PRO K 29 -29.33 -69.02 -5.66
C PRO K 29 -30.16 -69.57 -6.81
N ARG K 30 -31.48 -69.65 -6.58
CA ARG K 30 -32.43 -70.05 -7.62
C ARG K 30 -33.75 -69.33 -7.32
N GLN K 31 -33.93 -68.18 -7.95
CA GLN K 31 -35.09 -67.34 -7.69
C GLN K 31 -36.27 -67.80 -8.54
N VAL K 32 -37.39 -68.12 -7.89
CA VAL K 32 -38.58 -68.56 -8.59
C VAL K 32 -39.78 -67.79 -8.07
N THR K 33 -39.54 -66.84 -7.16
CA THR K 33 -40.61 -66.06 -6.54
C THR K 33 -40.07 -64.70 -6.12
N PRO K 34 -40.78 -63.61 -6.40
CA PRO K 34 -40.36 -62.29 -5.90
C PRO K 34 -40.79 -62.06 -4.45
N ASN K 35 -40.30 -62.91 -3.55
CA ASN K 35 -40.72 -62.87 -2.17
C ASN K 35 -40.17 -61.63 -1.47
N ASP K 36 -41.04 -60.96 -0.71
CA ASP K 36 -40.65 -59.75 0.02
C ASP K 36 -39.76 -60.05 1.22
N HIS K 37 -39.67 -61.30 1.64
CA HIS K 37 -38.84 -61.70 2.78
C HIS K 37 -38.10 -62.98 2.44
N ALA K 38 -37.51 -63.03 1.25
CA ALA K 38 -36.87 -64.26 0.78
C ALA K 38 -35.65 -64.62 1.63
N ASN K 39 -34.99 -63.64 2.23
CA ASN K 39 -33.84 -63.92 3.07
C ASN K 39 -34.25 -64.77 4.27
N ALA K 40 -35.39 -64.45 4.88
CA ALA K 40 -35.87 -65.23 6.03
C ALA K 40 -36.11 -66.68 5.64
N ARG K 41 -36.76 -66.90 4.50
CA ARG K 41 -37.07 -68.26 4.07
C ARG K 41 -35.80 -69.02 3.72
N ALA K 42 -34.84 -68.36 3.09
CA ALA K 42 -33.57 -69.00 2.76
C ALA K 42 -32.83 -69.41 4.03
N PHE K 43 -32.79 -68.51 5.02
CA PHE K 43 -32.13 -68.84 6.29
C PHE K 43 -32.83 -69.99 6.98
N SER K 44 -34.16 -69.99 6.98
CA SER K 44 -34.90 -71.08 7.59
C SER K 44 -34.63 -72.41 6.89
N HIS K 45 -34.55 -72.39 5.56
CA HIS K 45 -34.28 -73.59 4.79
C HIS K 45 -32.90 -74.15 5.14
N LEU K 46 -31.88 -73.29 5.14
CA LEU K 46 -30.55 -73.77 5.50
C LEU K 46 -30.48 -74.20 6.96
N ALA K 47 -31.24 -73.55 7.84
CA ALA K 47 -31.26 -73.96 9.23
C ALA K 47 -31.83 -75.37 9.38
N ILE K 48 -32.93 -75.65 8.67
CA ILE K 48 -33.51 -76.98 8.71
C ILE K 48 -32.54 -78.00 8.12
N LYS K 49 -31.86 -77.65 7.03
CA LYS K 49 -30.89 -78.57 6.43
C LYS K 49 -29.75 -78.86 7.39
N LEU K 50 -29.24 -77.82 8.07
CA LEU K 50 -28.19 -78.02 9.05
C LEU K 50 -28.67 -78.89 10.21
N ILE K 51 -29.92 -78.69 10.65
CA ILE K 51 -30.47 -79.50 11.72
C ILE K 51 -30.52 -80.97 11.31
N GLU K 52 -30.99 -81.23 10.08
CA GLU K 52 -31.05 -82.60 9.59
C GLU K 52 -29.66 -83.21 9.49
N GLN K 53 -28.68 -82.43 9.02
CA GLN K 53 -27.32 -82.95 8.91
C GLN K 53 -26.73 -83.27 10.27
N GLU K 54 -26.99 -82.43 11.28
CA GLU K 54 -26.28 -82.51 12.54
C GLU K 54 -26.87 -83.51 13.52
N ILE K 55 -28.02 -84.12 13.24
CA ILE K 55 -28.66 -85.00 14.22
C ILE K 55 -28.73 -86.44 13.65
N ASP K 56 -29.13 -87.46 14.38
CA ASP K 56 -29.19 -88.86 13.90
C ASP K 56 -29.99 -89.16 12.60
N PRO K 57 -29.61 -89.91 11.55
CA PRO K 57 -30.74 -90.26 10.64
C PRO K 57 -31.88 -90.88 11.18
N ASP K 58 -31.73 -91.60 12.23
CA ASP K 58 -32.83 -92.52 12.72
C ASP K 58 -33.40 -92.03 14.06
N SER K 59 -34.35 -91.10 13.97
CA SER K 59 -34.98 -90.49 15.14
C SER K 59 -36.22 -89.75 14.68
N THR K 60 -37.35 -89.99 15.35
CA THR K 60 -38.56 -89.25 15.05
C THR K 60 -38.35 -87.77 15.39
N ILE K 61 -38.73 -86.89 14.47
CA ILE K 61 -38.48 -85.46 14.59
C ILE K 61 -39.83 -84.78 14.75
N LEU K 62 -40.09 -84.20 15.91
CA LEU K 62 -41.30 -83.42 16.11
C LEU K 62 -40.98 -81.94 16.00
N ASP K 63 -41.73 -81.24 15.15
CA ASP K 63 -41.56 -79.81 14.92
C ASP K 63 -42.80 -79.09 15.43
N ILE K 64 -42.61 -78.26 16.45
CA ILE K 64 -43.71 -77.58 17.13
C ILE K 64 -44.22 -76.46 16.24
N GLY K 65 -45.55 -76.38 16.11
CA GLY K 65 -46.17 -75.28 15.39
C GLY K 65 -45.68 -75.13 13.97
N SER K 66 -45.52 -76.24 13.25
CA SER K 66 -44.90 -76.22 11.94
C SER K 66 -45.94 -76.33 10.82
N ALA K 67 -45.54 -75.89 9.64
CA ALA K 67 -46.35 -76.08 8.44
C ALA K 67 -46.00 -77.42 7.80
N PRO K 68 -46.94 -78.35 7.69
CA PRO K 68 -46.59 -79.68 7.15
C PRO K 68 -46.18 -79.68 5.70
N ALA K 69 -46.49 -78.62 4.94
CA ALA K 69 -46.13 -78.58 3.53
C ALA K 69 -44.62 -78.47 3.33
N ARG K 70 -43.91 -77.80 4.25
CA ARG K 70 -42.48 -77.60 4.07
C ARG K 70 -41.67 -78.85 4.35
N ARG K 71 -42.23 -79.80 5.10
CA ARG K 71 -41.51 -81.01 5.46
C ARG K 71 -41.54 -82.09 4.38
N MET K 72 -42.02 -81.76 3.18
CA MET K 72 -42.00 -82.71 2.08
C MET K 72 -40.58 -82.95 1.59
N MET K 73 -40.41 -84.09 0.90
CA MET K 73 -39.13 -84.49 0.32
C MET K 73 -38.05 -84.65 1.38
N SER K 74 -38.46 -84.97 2.60
CA SER K 74 -37.56 -85.21 3.72
C SER K 74 -37.78 -86.65 4.18
N ASP K 75 -36.78 -87.50 3.94
CA ASP K 75 -36.92 -88.91 4.29
C ASP K 75 -37.00 -89.12 5.80
N ARG K 76 -36.55 -88.15 6.60
CA ARG K 76 -36.64 -88.28 8.05
C ARG K 76 -38.08 -88.22 8.51
N LYS K 77 -38.40 -89.04 9.51
CA LYS K 77 -39.73 -89.03 10.08
C LYS K 77 -40.01 -87.70 10.77
N TYR K 78 -41.20 -87.14 10.52
CA TYR K 78 -41.59 -85.85 11.05
C TYR K 78 -42.93 -85.95 11.76
N HIS K 79 -42.99 -85.46 12.99
CA HIS K 79 -44.24 -85.28 13.72
C HIS K 79 -44.64 -83.81 13.57
N CYS K 80 -45.32 -83.51 12.48
CA CYS K 80 -45.73 -82.15 12.17
C CYS K 80 -46.88 -81.78 13.11
N VAL K 81 -46.55 -81.10 14.20
CA VAL K 81 -47.54 -80.71 15.19
C VAL K 81 -48.28 -79.46 14.68
N CYS K 82 -49.59 -79.58 14.51
N CYS K 82 -49.59 -79.58 14.52
CA CYS K 82 -50.43 -78.48 14.04
CA CYS K 82 -50.44 -78.50 14.04
C CYS K 82 -51.58 -78.30 15.02
C CYS K 82 -51.59 -78.30 15.01
N PRO K 83 -51.39 -77.51 16.08
CA PRO K 83 -52.45 -77.34 17.08
C PRO K 83 -53.72 -76.70 16.55
N MET K 84 -53.68 -76.04 15.39
CA MET K 84 -54.84 -75.42 14.77
C MET K 84 -55.29 -74.17 15.52
N ARG K 85 -54.35 -73.48 16.17
CA ARG K 85 -54.67 -72.28 16.93
C ARG K 85 -54.68 -71.02 16.09
N SER K 86 -53.67 -70.83 15.24
CA SER K 86 -53.60 -69.64 14.41
C SER K 86 -54.57 -69.76 13.24
N ALA K 87 -54.89 -68.62 12.65
CA ALA K 87 -55.81 -68.56 11.53
C ALA K 87 -55.19 -69.01 10.21
N GLU K 88 -53.87 -69.06 10.12
CA GLU K 88 -53.22 -69.51 8.89
C GLU K 88 -53.13 -71.03 8.81
N ASP K 89 -53.37 -71.73 9.92
CA ASP K 89 -53.24 -73.18 9.92
C ASP K 89 -54.21 -73.90 8.98
N PRO K 90 -55.50 -73.54 8.89
CA PRO K 90 -56.37 -74.25 7.94
C PRO K 90 -55.86 -74.20 6.51
N GLU K 91 -55.27 -73.07 6.09
CA GLU K 91 -54.75 -72.96 4.74
C GLU K 91 -53.48 -73.76 4.56
N ARG K 92 -52.63 -73.83 5.59
CA ARG K 92 -51.47 -74.70 5.54
C ARG K 92 -51.90 -76.16 5.40
N LEU K 93 -52.94 -76.58 6.15
CA LEU K 93 -53.42 -77.94 6.04
C LEU K 93 -54.05 -78.20 4.68
N ALA K 94 -54.75 -77.20 4.13
CA ALA K 94 -55.33 -77.36 2.79
C ALA K 94 -54.24 -77.56 1.74
N ASN K 95 -53.18 -76.75 1.80
CA ASN K 95 -52.06 -76.92 0.87
C ASN K 95 -51.37 -78.26 1.08
N TYR K 96 -51.22 -78.68 2.34
CA TYR K 96 -50.59 -79.96 2.62
C TYR K 96 -51.41 -81.12 2.06
N ALA K 97 -52.73 -81.05 2.20
CA ALA K 97 -53.59 -82.09 1.64
C ALA K 97 -53.54 -82.09 0.12
N ARG K 98 -53.49 -80.90 -0.49
CA ARG K 98 -53.37 -80.82 -1.94
C ARG K 98 -52.08 -81.47 -2.42
N LYS K 99 -50.97 -81.19 -1.74
CA LYS K 99 -49.70 -81.78 -2.13
C LYS K 99 -49.69 -83.29 -1.89
N LEU K 100 -50.25 -83.73 -0.77
CA LEU K 100 -50.29 -85.16 -0.48
C LEU K 100 -51.17 -85.93 -1.47
N ALA K 101 -52.24 -85.30 -1.94
CA ALA K 101 -53.11 -85.95 -2.92
C ALA K 101 -52.62 -85.81 -4.35
N SER K 102 -51.61 -84.97 -4.60
CA SER K 102 -51.10 -84.74 -5.94
C SER K 102 -49.92 -85.63 -6.30
N ALA K 103 -49.42 -86.44 -5.36
CA ALA K 103 -48.26 -87.28 -5.62
C ALA K 103 -48.50 -88.69 -5.07
N ALA K 104 -49.71 -89.20 -5.24
CA ALA K 104 -50.02 -90.56 -4.78
C ALA K 104 -49.22 -91.59 -5.56
N GLY K 105 -49.23 -91.48 -6.88
CA GLY K 105 -48.48 -92.41 -7.73
C GLY K 105 -47.26 -91.79 -8.35
N LYS K 106 -46.72 -90.74 -7.70
CA LYS K 106 -45.58 -90.00 -8.23
C LYS K 106 -44.32 -90.18 -7.39
N VAL K 107 -44.46 -90.26 -6.07
CA VAL K 107 -43.33 -90.47 -5.16
C VAL K 107 -43.71 -91.57 -4.18
N LEU K 108 -42.72 -92.36 -3.77
CA LEU K 108 -42.94 -93.47 -2.85
C LEU K 108 -41.95 -93.55 -1.70
N ASP K 109 -40.79 -92.89 -1.79
CA ASP K 109 -39.78 -93.00 -0.76
C ASP K 109 -40.00 -92.04 0.41
N ARG K 110 -40.97 -91.13 0.31
CA ARG K 110 -41.21 -90.13 1.34
C ARG K 110 -42.37 -90.48 2.26
N ASN K 111 -42.72 -91.77 2.33
CA ASN K 111 -43.80 -92.28 3.19
C ASN K 111 -45.12 -91.53 2.99
N ILE K 112 -45.31 -90.97 1.80
CA ILE K 112 -46.54 -90.24 1.49
C ILE K 112 -47.76 -91.14 1.59
N SER K 113 -47.62 -92.42 1.21
CA SER K 113 -48.74 -93.34 1.33
C SER K 113 -49.18 -93.49 2.78
N GLY K 114 -48.22 -93.59 3.71
CA GLY K 114 -48.55 -93.56 5.12
C GLY K 114 -49.08 -92.23 5.61
N LYS K 115 -48.59 -91.12 5.05
CA LYS K 115 -49.08 -89.81 5.45
C LYS K 115 -50.54 -89.61 5.06
N ILE K 116 -50.96 -90.20 3.94
CA ILE K 116 -52.37 -90.14 3.56
C ILE K 116 -53.24 -90.81 4.63
N GLY K 117 -52.82 -92.00 5.09
CA GLY K 117 -53.56 -92.66 6.14
C GLY K 117 -53.53 -91.89 7.44
N ASP K 118 -52.40 -91.25 7.74
CA ASP K 118 -52.29 -90.43 8.94
C ASP K 118 -53.29 -89.27 8.89
N LEU K 119 -53.37 -88.59 7.76
CA LEU K 119 -54.33 -87.50 7.61
C LEU K 119 -55.76 -88.02 7.72
N GLN K 120 -56.07 -89.13 7.04
CA GLN K 120 -57.41 -89.69 7.15
C GLN K 120 -57.74 -90.11 8.58
N ALA K 121 -56.71 -90.45 9.36
CA ALA K 121 -56.93 -90.78 10.77
C ALA K 121 -57.22 -89.54 11.60
N VAL K 122 -56.47 -88.46 11.38
CA VAL K 122 -56.60 -87.30 12.27
C VAL K 122 -57.94 -86.61 12.10
N MET K 123 -58.53 -86.65 10.90
CA MET K 123 -59.85 -86.08 10.67
C MET K 123 -60.97 -87.07 10.98
N ALA K 124 -60.71 -88.09 11.78
CA ALA K 124 -61.73 -89.02 12.24
C ALA K 124 -62.01 -88.88 13.73
N VAL K 125 -60.96 -88.78 14.55
CA VAL K 125 -61.06 -88.50 15.97
C VAL K 125 -60.12 -87.35 16.27
N PRO K 126 -60.58 -86.28 16.94
CA PRO K 126 -59.69 -85.12 17.15
C PRO K 126 -58.49 -85.42 18.02
N ASP K 127 -58.50 -86.51 18.79
CA ASP K 127 -57.37 -86.89 19.64
C ASP K 127 -56.54 -88.02 19.03
N THR K 128 -56.60 -88.18 17.71
CA THR K 128 -55.85 -89.22 17.01
C THR K 128 -54.39 -88.83 17.00
N GLU K 129 -53.58 -89.51 17.82
CA GLU K 129 -52.14 -89.26 17.86
C GLU K 129 -51.46 -90.25 16.91
N THR K 130 -51.44 -89.91 15.63
CA THR K 130 -50.76 -90.71 14.63
C THR K 130 -49.24 -90.55 14.79
N PRO K 131 -48.46 -91.52 14.29
CA PRO K 131 -47.00 -91.39 14.44
C PRO K 131 -46.41 -90.14 13.80
N THR K 132 -47.00 -89.66 12.70
CA THR K 132 -46.41 -88.57 11.94
C THR K 132 -47.20 -87.28 11.93
N PHE K 133 -48.38 -87.24 12.57
CA PHE K 133 -49.21 -86.05 12.50
C PHE K 133 -50.23 -86.06 13.63
N CYS K 134 -50.45 -84.90 14.23
CA CYS K 134 -51.41 -84.78 15.33
C CYS K 134 -51.81 -83.32 15.48
N LEU K 135 -53.05 -83.11 15.90
CA LEU K 135 -53.61 -81.78 16.14
C LEU K 135 -53.71 -81.57 17.66
N HIS K 136 -52.61 -81.13 18.26
CA HIS K 136 -52.58 -80.80 19.68
C HIS K 136 -51.52 -79.73 19.89
N THR K 137 -51.64 -79.05 21.04
CA THR K 137 -50.60 -78.11 21.42
C THR K 137 -49.38 -78.86 21.95
N ASP K 138 -48.27 -78.12 22.07
CA ASP K 138 -47.02 -78.74 22.52
C ASP K 138 -47.09 -79.21 23.97
N VAL K 139 -48.06 -78.72 24.74
CA VAL K 139 -48.20 -79.09 26.14
C VAL K 139 -49.28 -80.13 26.35
N SER K 140 -49.81 -80.72 25.26
CA SER K 140 -50.82 -81.77 25.37
C SER K 140 -50.55 -82.98 24.47
N CYS K 141 -49.64 -82.88 23.51
CA CYS K 141 -49.33 -84.01 22.65
C CYS K 141 -48.65 -85.11 23.46
N ARG K 142 -49.02 -86.35 23.17
CA ARG K 142 -48.52 -87.50 23.91
C ARG K 142 -47.46 -88.30 23.16
N GLN K 143 -47.03 -87.84 21.98
CA GLN K 143 -46.00 -88.56 21.24
C GLN K 143 -44.65 -88.44 21.96
N ARG K 144 -43.91 -89.55 21.97
CA ARG K 144 -42.63 -89.65 22.67
C ARG K 144 -41.52 -89.78 21.63
N ALA K 145 -40.98 -88.65 21.20
CA ALA K 145 -39.87 -88.61 20.24
C ALA K 145 -38.62 -88.06 20.92
N ASP K 146 -37.58 -87.87 20.12
CA ASP K 146 -36.25 -87.54 20.64
C ASP K 146 -35.82 -86.11 20.37
N VAL K 147 -36.27 -85.48 19.28
CA VAL K 147 -35.81 -84.15 18.89
C VAL K 147 -37.01 -83.25 18.67
N ALA K 148 -36.92 -82.01 19.15
CA ALA K 148 -37.94 -81.00 18.97
C ALA K 148 -37.41 -79.88 18.09
N ILE K 149 -38.28 -79.28 17.28
CA ILE K 149 -37.91 -78.18 16.40
C ILE K 149 -38.94 -77.07 16.56
N TYR K 150 -38.47 -75.85 16.76
CA TYR K 150 -39.31 -74.66 16.85
C TYR K 150 -38.86 -73.69 15.76
N GLN K 151 -39.41 -73.85 14.57
CA GLN K 151 -39.09 -72.98 13.44
C GLN K 151 -40.10 -71.84 13.40
N ASP K 152 -39.61 -70.62 13.63
CA ASP K 152 -40.44 -69.42 13.66
C ASP K 152 -41.60 -69.56 14.64
N VAL K 153 -41.28 -70.07 15.83
CA VAL K 153 -42.26 -70.27 16.90
C VAL K 153 -41.87 -69.32 18.02
N TYR K 154 -42.48 -68.13 18.04
CA TYR K 154 -42.23 -67.14 19.07
C TYR K 154 -43.36 -67.02 20.08
N ALA K 155 -44.59 -67.38 19.71
CA ALA K 155 -45.75 -67.21 20.57
C ALA K 155 -45.99 -68.40 21.50
N VAL K 156 -44.98 -68.76 22.30
CA VAL K 156 -45.10 -69.83 23.27
C VAL K 156 -44.03 -69.63 24.35
N HIS K 157 -44.34 -70.09 25.56
CA HIS K 157 -43.41 -69.99 26.67
C HIS K 157 -42.32 -71.04 26.52
N ALA K 158 -41.08 -70.60 26.39
CA ALA K 158 -39.97 -71.53 26.17
C ALA K 158 -39.80 -72.53 27.30
N PRO K 159 -39.73 -72.14 28.59
CA PRO K 159 -39.51 -73.16 29.63
C PRO K 159 -40.61 -74.19 29.70
N THR K 160 -41.87 -73.78 29.54
CA THR K 160 -42.97 -74.74 29.63
C THR K 160 -42.91 -75.76 28.50
N SER K 161 -42.74 -75.30 27.26
CA SER K 161 -42.66 -76.21 26.14
C SER K 161 -41.44 -77.11 26.23
N LEU K 162 -40.30 -76.54 26.62
CA LEU K 162 -39.09 -77.35 26.76
C LEU K 162 -39.27 -78.43 27.82
N TYR K 163 -39.89 -78.10 28.94
CA TYR K 163 -40.17 -79.10 29.97
C TYR K 163 -41.13 -80.16 29.46
N HIS K 164 -42.17 -79.76 28.72
CA HIS K 164 -43.16 -80.72 28.24
C HIS K 164 -42.57 -81.69 27.22
N GLN K 165 -41.66 -81.23 26.37
CA GLN K 165 -40.95 -82.16 25.50
C GLN K 165 -39.85 -82.94 26.22
N ALA K 166 -39.23 -82.36 27.25
CA ALA K 166 -38.21 -83.08 28.00
C ALA K 166 -38.80 -84.27 28.73
N ILE K 167 -39.98 -84.09 29.35
CA ILE K 167 -40.68 -85.21 29.97
C ILE K 167 -41.25 -86.17 28.93
N LYS K 168 -41.12 -85.85 27.65
CA LYS K 168 -41.59 -86.70 26.56
C LYS K 168 -40.46 -87.45 25.88
N GLY K 169 -39.25 -87.41 26.44
CA GLY K 169 -38.11 -88.08 25.86
C GLY K 169 -37.29 -87.26 24.88
N VAL K 170 -37.72 -86.05 24.56
CA VAL K 170 -36.99 -85.21 23.60
C VAL K 170 -35.69 -84.74 24.26
N ARG K 171 -34.56 -85.12 23.67
CA ARG K 171 -33.26 -84.73 24.20
C ARG K 171 -32.67 -83.50 23.51
N LEU K 172 -33.07 -83.23 22.26
CA LEU K 172 -32.53 -82.12 21.49
C LEU K 172 -33.68 -81.24 21.03
N ALA K 173 -33.50 -79.92 21.11
CA ALA K 173 -34.46 -78.95 20.62
C ALA K 173 -33.72 -77.89 19.83
N TYR K 174 -34.33 -77.45 18.73
CA TYR K 174 -33.76 -76.42 17.89
C TYR K 174 -34.77 -75.27 17.78
N TRP K 175 -34.30 -74.04 17.98
CA TRP K 175 -35.14 -72.85 17.84
C TRP K 175 -34.53 -71.97 16.77
N VAL K 176 -35.20 -71.86 15.64
CA VAL K 176 -34.80 -71.00 14.53
C VAL K 176 -35.71 -69.79 14.54
N GLY K 177 -35.14 -68.61 14.73
CA GLY K 177 -35.99 -67.43 14.80
C GLY K 177 -35.17 -66.17 14.93
N PHE K 178 -35.90 -65.06 15.04
CA PHE K 178 -35.26 -63.76 15.19
C PHE K 178 -34.53 -63.67 16.53
N ASP K 179 -33.45 -62.89 16.53
CA ASP K 179 -32.70 -62.67 17.75
C ASP K 179 -33.58 -62.00 18.80
N THR K 180 -33.52 -62.52 20.02
CA THR K 180 -34.31 -62.02 21.14
C THR K 180 -33.55 -60.99 21.98
N THR K 181 -32.30 -60.69 21.60
CA THR K 181 -31.54 -59.67 22.32
C THR K 181 -32.22 -58.30 22.32
N PRO K 182 -32.81 -57.81 21.23
CA PRO K 182 -33.49 -56.50 21.30
C PRO K 182 -34.60 -56.44 22.33
N PHE K 183 -35.26 -57.55 22.61
CA PHE K 183 -36.37 -57.53 23.56
C PHE K 183 -35.93 -57.66 25.01
N MET K 184 -34.70 -58.12 25.27
CA MET K 184 -34.16 -58.04 26.61
C MET K 184 -33.63 -56.65 26.93
N TYR K 185 -33.46 -55.80 25.91
CA TYR K 185 -33.10 -54.40 26.09
C TYR K 185 -34.33 -53.50 26.22
N ASN K 186 -35.53 -54.06 26.05
CA ASN K 186 -36.79 -53.32 26.23
C ASN K 186 -36.87 -52.13 25.28
N ALA K 187 -36.90 -52.43 23.98
CA ALA K 187 -36.97 -51.40 22.95
C ALA K 187 -38.39 -51.22 22.47
N MET K 188 -38.79 -49.96 22.27
CA MET K 188 -40.12 -49.67 21.75
C MET K 188 -40.31 -50.19 20.33
N ALA K 189 -39.29 -50.05 19.49
CA ALA K 189 -39.36 -50.50 18.11
C ALA K 189 -37.97 -50.95 17.68
N GLY K 190 -37.91 -51.69 16.58
CA GLY K 190 -36.63 -52.17 16.09
C GLY K 190 -36.75 -52.68 14.68
N ALA K 191 -35.59 -53.05 14.11
CA ALA K 191 -35.53 -53.47 12.73
C ALA K 191 -34.42 -54.49 12.55
N TYR K 192 -34.68 -55.48 11.69
CA TYR K 192 -33.67 -56.37 11.13
C TYR K 192 -33.53 -56.00 9.66
N PRO K 193 -32.66 -55.04 9.33
CA PRO K 193 -32.57 -54.56 7.95
C PRO K 193 -32.20 -55.62 6.94
N SER K 194 -31.33 -56.56 7.32
CA SER K 194 -30.87 -57.57 6.37
C SER K 194 -31.94 -58.55 5.96
N TYR K 195 -33.07 -58.56 6.66
CA TYR K 195 -34.20 -59.42 6.32
C TYR K 195 -35.43 -58.61 5.97
N SER K 196 -35.26 -57.30 5.75
CA SER K 196 -36.37 -56.39 5.45
C SER K 196 -37.45 -56.46 6.53
N THR K 197 -37.04 -56.65 7.77
CA THR K 197 -37.96 -56.88 8.87
C THR K 197 -38.02 -55.66 9.77
N ASN K 198 -39.22 -55.29 10.18
CA ASN K 198 -39.43 -54.24 11.17
C ASN K 198 -40.35 -54.76 12.25
N TRP K 199 -40.32 -54.10 13.41
CA TRP K 199 -41.25 -54.46 14.47
C TRP K 199 -41.44 -53.26 15.36
N ALA K 200 -42.66 -53.12 15.91
CA ALA K 200 -42.97 -51.97 16.74
C ALA K 200 -44.00 -52.35 17.80
N ASP K 201 -43.88 -51.70 18.95
CA ASP K 201 -44.91 -51.80 19.98
C ASP K 201 -46.20 -51.16 19.47
N GLU K 202 -47.33 -51.70 19.93
CA GLU K 202 -48.63 -51.19 19.49
C GLU K 202 -48.83 -49.72 19.85
N GLN K 203 -48.09 -49.20 20.83
CA GLN K 203 -48.22 -47.80 21.21
C GLN K 203 -47.63 -46.86 20.18
N VAL K 204 -46.78 -47.35 19.28
CA VAL K 204 -46.08 -46.48 18.34
C VAL K 204 -46.29 -46.94 16.90
N LEU K 205 -47.41 -47.61 16.63
CA LEU K 205 -47.73 -47.98 15.27
C LEU K 205 -48.24 -46.80 14.45
N LYS K 206 -48.53 -45.68 15.10
CA LYS K 206 -48.92 -44.45 14.43
C LYS K 206 -47.79 -43.43 14.40
N ALA K 207 -46.55 -43.89 14.54
CA ALA K 207 -45.38 -43.03 14.46
C ALA K 207 -45.18 -42.56 13.02
N LYS K 208 -44.11 -41.80 12.81
CA LYS K 208 -43.87 -41.15 11.52
C LYS K 208 -42.65 -41.69 10.79
N ASN K 209 -41.54 -41.92 11.48
CA ASN K 209 -40.26 -42.12 10.82
C ASN K 209 -39.57 -43.39 11.29
N ILE K 210 -40.33 -44.35 11.80
CA ILE K 210 -39.78 -45.65 12.15
C ILE K 210 -40.16 -46.65 11.05
N GLY K 211 -39.54 -47.82 11.10
CA GLY K 211 -39.69 -48.77 10.02
C GLY K 211 -41.12 -49.25 9.83
N LEU K 212 -41.81 -49.53 10.93
CA LEU K 212 -43.19 -50.01 10.90
C LEU K 212 -44.09 -48.97 11.56
N CYS K 213 -44.69 -48.11 10.73
CA CYS K 213 -45.60 -47.07 11.22
C CYS K 213 -46.34 -46.50 10.03
N SER K 214 -47.43 -45.81 10.31
CA SER K 214 -48.18 -45.07 9.30
C SER K 214 -48.96 -43.96 9.99
N THR K 215 -48.82 -42.74 9.48
CA THR K 215 -49.49 -41.60 10.08
C THR K 215 -50.17 -40.77 9.00
N ASP K 216 -50.88 -39.71 9.40
CA ASP K 216 -51.65 -38.89 8.48
C ASP K 216 -51.13 -37.45 8.50
N LEU K 217 -51.41 -36.73 7.42
CA LEU K 217 -51.05 -35.33 7.34
C LEU K 217 -51.96 -34.50 8.23
N THR K 218 -51.34 -33.65 9.06
CA THR K 218 -52.10 -32.78 9.95
C THR K 218 -51.46 -31.40 9.96
N GLU K 219 -52.28 -30.41 10.33
CA GLU K 219 -51.84 -29.02 10.34
C GLU K 219 -51.28 -28.59 11.70
N GLY K 220 -51.32 -29.46 12.71
CA GLY K 220 -50.87 -29.07 14.03
C GLY K 220 -52.03 -28.54 14.86
N ARG K 221 -53.13 -29.28 14.87
CA ARG K 221 -54.35 -28.86 15.53
C ARG K 221 -54.31 -29.25 17.01
N ARG K 222 -55.45 -29.10 17.69
CA ARG K 222 -55.56 -29.53 19.07
C ARG K 222 -55.49 -31.05 19.16
N GLY K 223 -54.76 -31.55 20.14
CA GLY K 223 -54.61 -32.97 20.30
C GLY K 223 -55.85 -33.64 20.83
N LYS K 224 -55.84 -34.98 20.79
CA LYS K 224 -56.96 -35.76 21.29
C LYS K 224 -57.20 -35.48 22.77
N LEU K 225 -58.46 -35.26 23.14
CA LEU K 225 -58.84 -35.13 24.54
C LEU K 225 -58.83 -36.52 25.15
N SER K 226 -57.63 -36.97 25.52
CA SER K 226 -57.44 -38.35 25.93
C SER K 226 -58.08 -38.62 27.28
N ILE K 227 -58.72 -39.79 27.40
CA ILE K 227 -59.26 -40.22 28.67
C ILE K 227 -58.13 -40.55 29.65
N MET K 228 -57.03 -41.11 29.13
CA MET K 228 -55.88 -41.46 29.94
C MET K 228 -54.79 -40.41 29.83
N ARG K 229 -54.30 -39.95 30.99
CA ARG K 229 -53.20 -39.00 31.00
C ARG K 229 -51.95 -39.58 30.37
N GLY K 230 -51.63 -40.82 30.69
CA GLY K 230 -50.41 -41.46 30.22
C GLY K 230 -49.21 -41.07 31.04
N LYS K 231 -48.67 -39.87 30.79
CA LYS K 231 -47.54 -39.33 31.53
C LYS K 231 -46.31 -40.23 31.44
N LYS K 232 -46.37 -41.24 30.56
CA LYS K 232 -45.30 -42.22 30.46
C LYS K 232 -45.52 -43.04 29.19
N LEU K 233 -44.44 -43.28 28.46
CA LEU K 233 -44.45 -44.13 27.27
C LEU K 233 -43.44 -45.25 27.51
N GLU K 234 -43.95 -46.43 27.84
N GLU K 234 -43.95 -46.45 27.80
CA GLU K 234 -43.09 -47.58 28.10
CA GLU K 234 -43.14 -47.60 28.14
C GLU K 234 -43.57 -48.77 27.29
C GLU K 234 -43.60 -48.79 27.31
N PRO K 235 -42.67 -49.67 26.90
CA PRO K 235 -43.06 -50.80 26.06
C PRO K 235 -44.13 -51.67 26.69
N CYS K 236 -45.08 -52.10 25.86
CA CYS K 236 -46.15 -52.98 26.28
C CYS K 236 -45.90 -54.39 25.74
N ASP K 237 -46.69 -55.34 26.24
CA ASP K 237 -46.45 -56.75 25.90
C ASP K 237 -46.67 -57.01 24.42
N ARG K 238 -47.69 -56.40 23.82
CA ARG K 238 -48.05 -56.70 22.44
C ARG K 238 -47.19 -55.88 21.48
N VAL K 239 -46.52 -56.57 20.56
CA VAL K 239 -45.75 -55.94 19.49
C VAL K 239 -46.19 -56.55 18.17
N LEU K 240 -45.91 -55.82 17.09
CA LEU K 240 -46.21 -56.28 15.75
C LEU K 240 -44.92 -56.44 14.96
N PHE K 241 -44.78 -57.57 14.29
CA PHE K 241 -43.67 -57.87 13.41
C PHE K 241 -44.14 -57.81 11.96
N SER K 242 -43.36 -57.13 11.12
CA SER K 242 -43.54 -57.12 9.68
C SER K 242 -42.30 -57.71 9.04
N VAL K 243 -42.41 -58.94 8.57
CA VAL K 243 -41.32 -59.62 7.87
C VAL K 243 -41.63 -59.56 6.38
N GLY K 244 -41.12 -58.54 5.71
CA GLY K 244 -41.55 -58.28 4.36
C GLY K 244 -42.90 -57.62 4.34
N SER K 245 -43.93 -58.36 3.94
CA SER K 245 -45.31 -57.87 3.95
C SER K 245 -46.21 -58.84 4.70
N THR K 246 -45.70 -59.44 5.77
CA THR K 246 -46.44 -60.41 6.57
C THR K 246 -46.47 -59.95 8.02
N LEU K 247 -47.65 -59.98 8.63
CA LEU K 247 -47.82 -59.50 10.00
C LEU K 247 -47.81 -60.65 11.00
N TYR K 248 -47.14 -60.43 12.13
CA TYR K 248 -47.15 -61.35 13.25
C TYR K 248 -47.36 -60.61 14.56
N PRO K 249 -48.48 -60.83 15.26
CA PRO K 249 -48.66 -60.26 16.60
C PRO K 249 -47.93 -61.10 17.65
N GLU K 250 -46.88 -60.54 18.22
N GLU K 250 -46.88 -60.54 18.22
CA GLU K 250 -46.04 -61.22 19.19
CA GLU K 250 -46.06 -61.24 19.20
C GLU K 250 -46.18 -60.57 20.56
C GLU K 250 -46.18 -60.57 20.56
N SER K 251 -45.71 -61.28 21.58
CA SER K 251 -45.74 -60.79 22.96
C SER K 251 -44.32 -60.73 23.51
N ARG K 252 -44.04 -59.66 24.24
CA ARG K 252 -42.69 -59.46 24.78
C ARG K 252 -42.31 -60.55 25.76
N LYS K 253 -43.26 -60.97 26.60
CA LYS K 253 -42.97 -62.01 27.59
C LYS K 253 -42.55 -63.30 26.92
N LEU K 254 -43.30 -63.74 25.91
CA LEU K 254 -42.99 -64.99 25.25
C LEU K 254 -41.72 -64.87 24.41
N LEU K 255 -41.40 -63.66 23.94
CA LEU K 255 -40.15 -63.45 23.21
C LEU K 255 -38.95 -63.54 24.14
N LYS K 256 -39.05 -62.91 25.31
CA LYS K 256 -37.96 -62.97 26.29
C LYS K 256 -37.84 -64.35 26.91
N SER K 257 -38.92 -65.13 26.90
CA SER K 257 -38.84 -66.50 27.41
C SER K 257 -37.84 -67.33 26.62
N TRP K 258 -37.70 -67.06 25.33
CA TRP K 258 -36.78 -67.81 24.49
C TRP K 258 -35.35 -67.30 24.56
N HIS K 259 -35.09 -66.22 25.30
CA HIS K 259 -33.74 -65.74 25.52
C HIS K 259 -33.12 -66.50 26.70
N LEU K 260 -32.99 -67.81 26.49
CA LEU K 260 -32.55 -68.70 27.55
C LEU K 260 -31.08 -68.45 27.89
N PRO K 261 -30.70 -68.65 29.15
CA PRO K 261 -29.28 -68.54 29.51
C PRO K 261 -28.51 -69.76 29.03
N SER K 262 -27.18 -69.68 29.17
CA SER K 262 -26.33 -70.80 28.77
C SER K 262 -26.61 -72.04 29.61
N VAL K 263 -26.86 -71.86 30.91
CA VAL K 263 -27.18 -72.95 31.82
C VAL K 263 -28.43 -72.58 32.59
N PHE K 264 -29.41 -73.48 32.61
CA PHE K 264 -30.62 -73.28 33.40
C PHE K 264 -31.19 -74.63 33.81
N HIS K 265 -32.05 -74.61 34.81
CA HIS K 265 -32.61 -75.82 35.40
C HIS K 265 -34.11 -75.89 35.11
N LEU K 266 -34.60 -77.10 34.85
CA LEU K 266 -36.02 -77.37 34.69
C LEU K 266 -36.47 -78.17 35.91
N LYS K 267 -37.30 -77.56 36.75
CA LYS K 267 -37.72 -78.16 38.02
C LYS K 267 -39.23 -78.41 37.95
N GLY K 268 -39.62 -79.66 38.19
CA GLY K 268 -41.02 -80.05 38.15
C GLY K 268 -41.22 -81.47 38.60
N LYS K 269 -42.05 -82.23 37.89
CA LYS K 269 -42.21 -83.65 38.18
C LYS K 269 -40.90 -84.39 37.99
N LEU K 270 -40.25 -84.19 36.85
CA LEU K 270 -38.94 -84.73 36.57
C LEU K 270 -37.92 -83.60 36.42
N SER K 271 -36.82 -83.72 37.14
CA SER K 271 -35.77 -82.70 37.10
C SER K 271 -34.85 -82.93 35.90
N THR K 273 -30.77 -80.69 34.30
CA THR K 273 -30.17 -79.44 33.83
C THR K 273 -30.26 -79.34 32.31
N CYS K 274 -30.21 -78.11 31.80
CA CYS K 274 -30.36 -77.85 30.38
C CYS K 274 -29.36 -76.79 29.94
N ARG K 275 -29.06 -76.80 28.64
CA ARG K 275 -28.17 -75.81 28.04
C ARG K 275 -28.87 -75.13 26.87
N CYS K 276 -28.36 -73.95 26.50
CA CYS K 276 -28.84 -73.21 25.36
C CYS K 276 -27.67 -72.49 24.73
N ASP K 277 -27.29 -72.90 23.52
CA ASP K 277 -26.18 -72.31 22.80
C ASP K 277 -26.65 -71.81 21.44
N THR K 278 -26.14 -70.65 21.03
CA THR K 278 -26.45 -70.07 19.73
C THR K 278 -25.48 -70.68 18.72
N VAL K 279 -25.95 -71.66 17.96
CA VAL K 279 -25.08 -72.35 17.01
C VAL K 279 -25.06 -71.68 15.64
N VAL K 280 -26.07 -70.89 15.31
CA VAL K 280 -26.04 -70.10 14.07
C VAL K 280 -26.48 -68.68 14.39
N SER K 281 -25.79 -67.70 13.82
CA SER K 281 -26.13 -66.30 14.03
C SER K 281 -25.75 -65.53 12.76
N CYS K 282 -26.74 -64.90 12.14
CA CYS K 282 -26.52 -64.16 10.90
C CYS K 282 -27.46 -62.95 10.87
N GLU K 283 -26.91 -61.78 11.16
CA GLU K 283 -27.55 -60.49 10.89
C GLU K 283 -28.95 -60.39 11.49
N GLY K 284 -29.11 -60.94 12.69
CA GLY K 284 -30.36 -60.86 13.42
C GLY K 284 -31.17 -62.13 13.43
N TYR K 285 -30.83 -63.13 12.62
CA TYR K 285 -31.52 -64.41 12.63
C TYR K 285 -30.62 -65.45 13.26
N VAL K 286 -31.14 -66.19 14.23
CA VAL K 286 -30.34 -67.12 15.01
C VAL K 286 -30.97 -68.49 15.00
N VAL K 287 -30.12 -69.49 15.20
CA VAL K 287 -30.51 -70.87 15.42
C VAL K 287 -29.85 -71.28 16.73
N LYS K 288 -30.68 -71.58 17.73
CA LYS K 288 -30.23 -71.95 19.06
C LYS K 288 -30.45 -73.43 19.28
N ARG K 289 -29.45 -74.12 19.83
CA ARG K 289 -29.50 -75.55 20.05
C ARG K 289 -29.63 -75.81 21.54
N ILE K 290 -30.85 -76.07 21.99
CA ILE K 290 -31.12 -76.44 23.38
C ILE K 290 -30.98 -77.96 23.49
N THR K 291 -30.39 -78.41 24.59
CA THR K 291 -30.25 -79.84 24.85
C THR K 291 -30.64 -80.13 26.29
N MET K 292 -31.46 -81.15 26.46
CA MET K 292 -32.01 -81.52 27.76
C MET K 292 -31.26 -82.73 28.32
N SER K 293 -31.25 -82.83 29.64
CA SER K 293 -30.61 -83.94 30.33
C SER K 293 -31.31 -84.20 31.66
N PRO K 294 -31.80 -85.42 31.89
CA PRO K 294 -32.53 -85.69 33.14
C PRO K 294 -31.64 -85.54 34.36
N GLY K 295 -32.24 -85.06 35.44
CA GLY K 295 -31.54 -84.83 36.67
C GLY K 295 -30.99 -83.41 36.78
N LEU K 296 -30.70 -83.00 38.02
CA LEU K 296 -30.16 -81.68 38.31
C LEU K 296 -28.66 -81.80 38.52
N TYR K 297 -27.88 -81.12 37.68
CA TYR K 297 -26.44 -81.19 37.75
C TYR K 297 -25.87 -79.78 37.65
N GLY K 298 -24.82 -79.53 38.44
CA GLY K 298 -24.19 -78.21 38.43
C GLY K 298 -25.06 -77.16 39.08
N LYS K 299 -24.80 -75.91 38.71
CA LYS K 299 -25.57 -74.78 39.23
C LYS K 299 -25.62 -73.70 38.16
N THR K 300 -26.62 -72.83 38.29
CA THR K 300 -26.93 -71.83 37.27
C THR K 300 -26.57 -70.44 37.77
N THR K 301 -26.03 -69.63 36.86
CA THR K 301 -25.76 -68.23 37.15
C THR K 301 -26.91 -67.30 36.75
N GLY K 302 -27.81 -67.77 35.89
CA GLY K 302 -28.89 -66.93 35.42
C GLY K 302 -28.49 -65.87 34.42
N TYR K 303 -27.40 -66.09 33.70
CA TYR K 303 -26.84 -65.10 32.78
C TYR K 303 -26.92 -65.59 31.35
N ALA K 304 -27.38 -64.72 30.46
CA ALA K 304 -27.47 -65.00 29.03
C ALA K 304 -26.50 -64.09 28.28
N VAL K 305 -25.84 -64.66 27.28
CA VAL K 305 -24.78 -63.99 26.52
C VAL K 305 -25.17 -63.94 25.06
N THR K 306 -25.06 -62.76 24.47
CA THR K 306 -25.22 -62.58 23.03
C THR K 306 -23.92 -62.02 22.46
N HIS K 307 -23.39 -62.69 21.43
CA HIS K 307 -22.16 -62.26 20.78
C HIS K 307 -22.50 -61.49 19.52
N HIS K 308 -21.94 -60.28 19.38
CA HIS K 308 -22.28 -59.39 18.28
C HIS K 308 -21.18 -59.47 17.22
N ALA K 309 -21.42 -60.27 16.17
CA ALA K 309 -20.54 -60.22 15.00
C ALA K 309 -20.62 -58.87 14.32
N ASP K 310 -21.83 -58.33 14.19
N ASP K 310 -21.82 -58.33 14.20
CA ASP K 310 -22.07 -57.00 13.66
CA ASP K 310 -22.03 -56.98 13.66
C ASP K 310 -22.50 -56.08 14.80
C ASP K 310 -22.56 -56.07 14.76
N GLY K 311 -22.40 -54.77 14.54
CA GLY K 311 -22.79 -53.81 15.56
C GLY K 311 -24.27 -53.85 15.86
N PHE K 312 -24.60 -53.61 17.12
CA PHE K 312 -25.99 -53.54 17.58
C PHE K 312 -26.19 -52.21 18.30
N LEU K 313 -27.32 -51.57 18.05
CA LEU K 313 -27.60 -50.28 18.65
C LEU K 313 -29.01 -50.24 19.22
N MET K 314 -29.15 -49.60 20.38
CA MET K 314 -30.46 -49.25 20.93
C MET K 314 -30.34 -47.81 21.43
N CYS K 315 -31.05 -46.90 20.77
CA CYS K 315 -30.83 -45.48 21.01
C CYS K 315 -32.15 -44.75 21.18
N LYS K 316 -32.10 -43.63 21.90
CA LYS K 316 -33.26 -42.77 22.06
C LYS K 316 -33.44 -41.91 20.82
N THR K 317 -34.68 -41.82 20.35
CA THR K 317 -35.01 -41.03 19.17
C THR K 317 -36.37 -40.40 19.36
N THR K 318 -36.52 -39.20 18.80
CA THR K 318 -37.72 -38.39 18.94
C THR K 318 -38.54 -38.49 17.66
N ASP K 319 -39.78 -38.95 17.79
CA ASP K 319 -40.70 -39.05 16.67
C ASP K 319 -42.05 -38.45 17.07
N THR K 320 -43.04 -38.60 16.19
CA THR K 320 -44.40 -38.13 16.45
C THR K 320 -45.36 -39.30 16.30
N VAL K 321 -46.02 -39.66 17.39
CA VAL K 321 -47.08 -40.67 17.37
C VAL K 321 -48.41 -39.96 17.37
N ASP K 322 -49.19 -40.17 16.31
CA ASP K 322 -50.46 -39.46 16.10
C ASP K 322 -50.27 -37.95 16.19
N GLY K 323 -49.12 -37.46 15.75
CA GLY K 323 -48.81 -36.05 15.77
C GLY K 323 -48.26 -35.53 17.08
N GLU K 324 -48.20 -36.36 18.12
CA GLU K 324 -47.67 -35.96 19.41
C GLU K 324 -46.19 -36.32 19.46
N ARG K 325 -45.34 -35.33 19.72
CA ARG K 325 -43.91 -35.54 19.67
C ARG K 325 -43.41 -36.13 20.99
N VAL K 326 -42.89 -37.36 20.92
CA VAL K 326 -42.36 -38.07 22.08
C VAL K 326 -41.01 -38.66 21.70
N SER K 327 -40.35 -39.24 22.69
CA SER K 327 -39.06 -39.88 22.50
C SER K 327 -39.10 -41.29 23.04
N PHE K 328 -38.61 -42.25 22.25
CA PHE K 328 -38.58 -43.63 22.67
C PHE K 328 -37.36 -44.33 22.07
N SER K 329 -37.14 -45.57 22.49
CA SER K 329 -35.95 -46.31 22.11
C SER K 329 -36.18 -47.13 20.85
N VAL K 330 -35.18 -47.17 19.99
CA VAL K 330 -35.21 -47.92 18.75
C VAL K 330 -33.90 -48.70 18.61
N CYS K 331 -34.00 -49.98 18.28
CA CYS K 331 -32.84 -50.84 18.15
C CYS K 331 -32.69 -51.28 16.70
N THR K 332 -31.46 -51.69 16.35
CA THR K 332 -31.13 -52.10 14.99
C THR K 332 -29.75 -52.73 14.97
N TYR K 333 -29.40 -53.29 13.81
CA TYR K 333 -28.09 -53.86 13.55
C TYR K 333 -27.39 -53.06 12.45
N VAL K 334 -26.08 -52.97 12.55
CA VAL K 334 -25.25 -52.23 11.60
C VAL K 334 -24.10 -53.13 11.18
N PRO K 335 -23.76 -53.21 9.89
CA PRO K 335 -22.70 -54.12 9.46
C PRO K 335 -21.36 -53.80 10.10
N ALA K 336 -20.57 -54.86 10.31
CA ALA K 336 -19.29 -54.70 11.00
C ALA K 336 -18.34 -53.79 10.25
N THR K 337 -18.36 -53.84 8.91
CA THR K 337 -17.50 -52.96 8.13
C THR K 337 -17.83 -51.50 8.40
N ILE K 338 -19.12 -51.17 8.48
CA ILE K 338 -19.53 -49.80 8.78
C ILE K 338 -19.03 -49.38 10.14
N CYS K 339 -19.19 -50.25 11.15
CA CYS K 339 -18.76 -49.93 12.51
C CYS K 339 -17.25 -49.72 12.57
N ASP K 340 -16.49 -50.59 11.90
CA ASP K 340 -15.03 -50.43 11.88
C ASP K 340 -14.62 -49.15 11.18
N GLN K 341 -15.31 -48.78 10.09
CA GLN K 341 -15.01 -47.51 9.44
C GLN K 341 -15.43 -46.33 10.30
N MET K 342 -16.36 -46.54 11.23
CA MET K 342 -16.84 -45.47 12.10
C MET K 342 -15.93 -45.20 13.28
N THR K 343 -15.01 -46.12 13.60
CA THR K 343 -14.26 -46.03 14.85
C THR K 343 -13.39 -44.79 14.90
N GLY K 344 -12.71 -44.47 13.80
CA GLY K 344 -11.74 -43.39 13.83
C GLY K 344 -12.36 -42.03 14.10
N ILE K 345 -13.48 -41.73 13.46
CA ILE K 345 -14.09 -40.42 13.60
C ILE K 345 -14.97 -40.30 14.84
N LEU K 346 -15.35 -41.41 15.45
CA LEU K 346 -16.17 -41.36 16.66
C LEU K 346 -15.36 -41.00 17.90
N ALA K 347 -14.05 -40.77 17.75
CA ALA K 347 -13.25 -40.33 18.89
C ALA K 347 -13.62 -38.94 19.37
N THR K 348 -14.27 -38.15 18.52
CA THR K 348 -14.63 -36.77 18.82
C THR K 348 -16.14 -36.64 18.90
N GLU K 349 -16.60 -35.42 19.13
CA GLU K 349 -18.03 -35.11 19.15
C GLU K 349 -18.44 -34.71 17.74
N VAL K 350 -19.31 -35.50 17.12
CA VAL K 350 -19.73 -35.30 15.73
C VAL K 350 -21.23 -35.08 15.71
N THR K 351 -21.66 -34.04 15.01
CA THR K 351 -23.07 -33.74 14.90
C THR K 351 -23.79 -34.83 14.10
N PRO K 352 -25.08 -35.07 14.37
CA PRO K 352 -25.80 -36.11 13.62
C PRO K 352 -25.86 -35.86 12.12
N GLU K 353 -25.81 -34.60 11.70
CA GLU K 353 -25.79 -34.28 10.28
C GLU K 353 -24.51 -34.78 9.62
N ASP K 354 -23.36 -34.45 10.23
CA ASP K 354 -22.08 -34.92 9.71
C ASP K 354 -21.98 -36.43 9.80
N ALA K 355 -22.48 -37.01 10.89
CA ALA K 355 -22.47 -38.46 11.04
C ALA K 355 -23.29 -39.13 9.94
N GLN K 356 -24.47 -38.57 9.63
CA GLN K 356 -25.29 -39.13 8.57
C GLN K 356 -24.62 -39.01 7.22
N LYS K 357 -24.01 -37.86 6.93
CA LYS K 357 -23.32 -37.70 5.67
C LYS K 357 -22.18 -38.70 5.53
N LEU K 358 -21.41 -38.89 6.59
CA LEU K 358 -20.28 -39.81 6.51
C LEU K 358 -20.74 -41.26 6.43
N LEU K 359 -21.84 -41.60 7.13
CA LEU K 359 -22.41 -42.93 6.98
C LEU K 359 -22.89 -43.18 5.56
N VAL K 360 -23.49 -42.15 4.94
CA VAL K 360 -23.95 -42.29 3.57
C VAL K 360 -22.76 -42.45 2.62
N GLY K 361 -21.69 -41.69 2.87
CA GLY K 361 -20.48 -41.85 2.07
C GLY K 361 -19.89 -43.24 2.19
N LEU K 362 -19.92 -43.80 3.40
CA LEU K 362 -19.46 -45.19 3.58
C LEU K 362 -20.42 -46.19 2.94
N ASN K 363 -21.70 -45.85 2.85
CA ASN K 363 -22.68 -46.78 2.30
C ASN K 363 -22.65 -46.79 0.78
N GLN K 364 -22.80 -45.63 0.16
N GLN K 364 -22.78 -45.62 0.16
CA GLN K 364 -22.81 -45.53 -1.30
CA GLN K 364 -22.75 -45.50 -1.29
C GLN K 364 -21.40 -45.72 -1.86
C GLN K 364 -21.39 -45.90 -1.85
N ASN K 377 -25.27 -50.94 -1.72
CA ASN K 377 -25.64 -50.47 -0.39
C ASN K 377 -25.33 -51.53 0.66
N THR K 378 -24.39 -51.22 1.54
CA THR K 378 -24.03 -52.16 2.61
C THR K 378 -25.14 -52.28 3.65
N MET K 379 -25.73 -51.15 4.03
CA MET K 379 -26.83 -51.14 4.98
C MET K 379 -28.01 -50.38 4.37
N LYS K 380 -29.21 -50.73 4.81
CA LYS K 380 -30.41 -50.07 4.32
C LYS K 380 -30.42 -48.60 4.73
N ASN K 381 -30.72 -47.73 3.77
CA ASN K 381 -30.65 -46.29 4.02
C ASN K 381 -31.75 -45.82 4.95
N TYR K 382 -32.87 -46.53 5.01
CA TYR K 382 -34.02 -46.07 5.78
C TYR K 382 -33.74 -45.98 7.27
N MET K 383 -32.73 -46.69 7.76
CA MET K 383 -32.33 -46.58 9.16
C MET K 383 -31.00 -45.86 9.34
N ILE K 384 -30.44 -45.28 8.27
CA ILE K 384 -29.19 -44.53 8.40
C ILE K 384 -29.31 -43.33 9.33
N PRO K 385 -30.35 -42.47 9.22
CA PRO K 385 -30.37 -41.27 10.09
C PRO K 385 -30.33 -41.59 11.57
N VAL K 386 -31.23 -42.45 12.05
CA VAL K 386 -31.30 -42.74 13.47
C VAL K 386 -29.96 -43.26 13.98
N VAL K 387 -29.35 -44.19 13.24
CA VAL K 387 -28.04 -44.71 13.61
C VAL K 387 -27.05 -43.57 13.76
N ALA K 388 -27.06 -42.64 12.80
CA ALA K 388 -26.22 -41.46 12.90
C ALA K 388 -26.45 -40.75 14.23
N GLN K 389 -27.72 -40.46 14.54
CA GLN K 389 -28.05 -39.87 15.84
C GLN K 389 -27.46 -40.70 16.96
N ALA K 390 -27.67 -42.02 16.92
CA ALA K 390 -27.10 -42.90 17.93
C ALA K 390 -25.61 -42.66 18.07
N PHE K 391 -24.90 -42.71 16.93
CA PHE K 391 -23.46 -42.51 16.98
C PHE K 391 -23.13 -41.13 17.53
N SER K 392 -23.88 -40.12 17.09
CA SER K 392 -23.65 -38.76 17.58
C SER K 392 -23.83 -38.70 19.09
N LYS K 393 -24.80 -39.44 19.61
CA LYS K 393 -24.94 -39.51 21.06
C LYS K 393 -23.80 -40.31 21.68
N TRP K 394 -23.47 -41.46 21.10
CA TRP K 394 -22.48 -42.35 21.72
C TRP K 394 -21.14 -41.64 21.82
N ALA K 395 -20.63 -41.13 20.70
CA ALA K 395 -19.38 -40.39 20.72
C ALA K 395 -19.44 -39.23 21.69
N LYS K 396 -20.62 -38.62 21.86
CA LYS K 396 -20.76 -37.56 22.83
C LYS K 396 -20.61 -38.11 24.26
N GLU K 397 -21.36 -39.19 24.57
CA GLU K 397 -21.38 -39.69 25.94
C GLU K 397 -20.00 -40.14 26.38
N CYS K 398 -19.30 -40.88 25.51
CA CYS K 398 -17.93 -41.29 25.81
C CYS K 398 -17.07 -40.09 26.15
N ARG K 399 -17.21 -39.01 25.37
CA ARG K 399 -16.42 -37.80 25.65
CA ARG K 399 -16.41 -37.81 25.65
C ARG K 399 -16.71 -37.27 27.04
N LYS K 400 -17.97 -37.33 27.48
N LYS K 400 -17.98 -37.33 27.47
CA LYS K 400 -18.29 -36.90 28.83
CA LYS K 400 -18.31 -36.91 28.83
C LYS K 400 -17.60 -37.78 29.86
C LYS K 400 -17.61 -37.77 29.85
N ASP K 401 -17.57 -39.09 29.62
CA ASP K 401 -16.81 -39.97 30.50
C ASP K 401 -15.33 -39.62 30.47
N MET K 402 -14.86 -39.02 29.39
CA MET K 402 -13.50 -38.51 29.33
C MET K 402 -13.31 -37.33 30.28
N GLU K 403 -14.30 -36.44 30.37
CA GLU K 403 -14.13 -35.21 31.13
C GLU K 403 -14.28 -35.46 32.63
N ASP K 404 -15.32 -36.18 33.03
CA ASP K 404 -15.57 -36.47 34.44
C ASP K 404 -14.83 -37.74 34.86
N GLU K 405 -13.50 -37.64 34.84
CA GLU K 405 -12.66 -38.76 35.23
C GLU K 405 -12.68 -38.93 36.74
N LYS K 406 -13.15 -40.08 37.21
CA LYS K 406 -13.26 -40.36 38.63
C LYS K 406 -11.94 -40.90 39.18
N LEU K 407 -11.94 -41.22 40.47
CA LEU K 407 -10.79 -41.88 41.07
C LEU K 407 -10.92 -43.39 40.91
N LEU K 408 -9.78 -44.07 41.00
CA LEU K 408 -9.76 -45.51 40.79
C LEU K 408 -10.40 -46.22 41.98
N GLY K 409 -11.51 -46.90 41.74
CA GLY K 409 -12.17 -47.68 42.77
C GLY K 409 -12.73 -46.86 43.91
N VAL K 410 -13.39 -45.74 43.62
CA VAL K 410 -14.03 -44.91 44.63
C VAL K 410 -15.42 -44.55 44.14
N ARG K 411 -16.43 -44.80 44.97
CA ARG K 411 -17.81 -44.40 44.68
C ARG K 411 -18.18 -43.28 45.64
N GLU K 412 -18.62 -42.16 45.09
CA GLU K 412 -18.99 -40.98 45.87
C GLU K 412 -20.51 -40.95 45.99
N ARG K 413 -21.03 -41.49 47.10
CA ARG K 413 -22.45 -41.51 47.37
C ARG K 413 -22.74 -40.70 48.62
N THR K 414 -23.83 -39.93 48.58
CA THR K 414 -24.20 -39.05 49.68
C THR K 414 -25.19 -39.75 50.60
N LEU K 415 -24.96 -39.63 51.90
CA LEU K 415 -25.89 -40.17 52.89
C LEU K 415 -27.13 -39.30 52.94
N THR K 416 -28.28 -39.87 52.57
CA THR K 416 -29.50 -39.08 52.45
C THR K 416 -30.20 -38.91 53.80
N CYS K 417 -29.45 -38.49 54.81
CA CYS K 417 -30.00 -38.22 56.15
C CYS K 417 -30.73 -39.42 56.73
N CYS K 418 -30.37 -40.62 56.28
N CYS K 418 -30.35 -40.61 56.29
CA CYS K 418 -31.02 -41.86 56.69
CA CYS K 418 -31.00 -41.85 56.70
C CYS K 418 -29.99 -42.97 56.64
C CYS K 418 -29.98 -42.98 56.56
N CYS K 419 -30.46 -44.22 56.65
CA CYS K 419 -29.60 -45.39 56.50
C CYS K 419 -29.43 -45.83 55.06
N LEU K 420 -29.61 -44.91 54.12
CA LEU K 420 -29.54 -45.19 52.69
C LEU K 420 -28.49 -44.30 52.03
N TRP K 421 -28.02 -44.74 50.87
CA TRP K 421 -27.03 -44.02 50.08
C TRP K 421 -27.52 -43.88 48.65
N ALA K 422 -27.27 -42.71 48.05
CA ALA K 422 -27.75 -42.40 46.72
C ALA K 422 -26.62 -41.81 45.88
N PHE K 423 -26.60 -42.18 44.60
CA PHE K 423 -25.62 -41.66 43.65
C PHE K 423 -26.36 -40.95 42.52
N LYS K 424 -25.59 -40.31 41.65
CA LYS K 424 -26.13 -39.63 40.49
C LYS K 424 -25.96 -40.49 39.25
N LYS K 425 -27.05 -40.66 38.50
CA LYS K 425 -27.03 -41.42 37.26
C LYS K 425 -26.78 -40.48 36.09
N GLN K 426 -25.94 -40.92 35.17
CA GLN K 426 -25.60 -40.12 34.00
C GLN K 426 -26.62 -40.33 32.89
N LYS K 427 -26.58 -39.45 31.89
CA LYS K 427 -27.50 -39.52 30.77
C LYS K 427 -26.98 -40.53 29.75
N THR K 428 -27.66 -41.65 29.62
CA THR K 428 -27.31 -42.70 28.67
C THR K 428 -28.41 -42.78 27.62
N HIS K 429 -28.14 -42.22 26.44
CA HIS K 429 -29.11 -42.22 25.36
C HIS K 429 -28.86 -43.29 24.32
N THR K 430 -27.67 -43.89 24.28
CA THR K 430 -27.34 -44.89 23.28
C THR K 430 -26.61 -46.06 23.93
N VAL K 431 -27.03 -47.27 23.58
CA VAL K 431 -26.31 -48.49 23.91
C VAL K 431 -25.79 -49.06 22.60
N TYR K 432 -24.47 -49.09 22.47
CA TYR K 432 -23.80 -49.45 21.23
C TYR K 432 -22.88 -50.64 21.50
N LYS K 433 -23.33 -51.82 21.10
CA LYS K 433 -22.52 -53.03 21.19
C LYS K 433 -21.73 -53.17 19.90
N ARG K 434 -20.44 -52.84 19.96
CA ARG K 434 -19.59 -52.89 18.78
C ARG K 434 -19.35 -54.34 18.37
N PRO K 435 -18.90 -54.57 17.13
CA PRO K 435 -18.57 -55.93 16.72
C PRO K 435 -17.48 -56.53 17.61
N ASP K 436 -17.56 -57.85 17.81
CA ASP K 436 -16.67 -58.60 18.70
C ASP K 436 -16.89 -58.25 20.17
N THR K 437 -18.10 -57.82 20.52
CA THR K 437 -18.49 -57.59 21.91
C THR K 437 -19.60 -58.57 22.29
N GLN K 438 -19.99 -58.51 23.56
CA GLN K 438 -20.98 -59.42 24.09
C GLN K 438 -21.92 -58.66 25.03
N SER K 439 -23.22 -58.90 24.85
CA SER K 439 -24.23 -58.42 25.78
C SER K 439 -24.52 -59.50 26.81
N ILE K 440 -24.39 -59.14 28.09
CA ILE K 440 -24.60 -60.06 29.19
C ILE K 440 -25.81 -59.58 29.98
N GLN K 441 -26.84 -60.41 30.08
CA GLN K 441 -28.10 -60.02 30.71
C GLN K 441 -28.51 -61.07 31.73
N LYS K 442 -28.88 -60.60 32.94
CA LYS K 442 -29.32 -61.50 33.99
C LYS K 442 -30.77 -61.90 33.75
N VAL K 443 -31.00 -63.20 33.58
CA VAL K 443 -32.32 -63.73 33.29
C VAL K 443 -32.68 -64.78 34.34
N GLN K 444 -33.96 -65.16 34.35
CA GLN K 444 -34.43 -66.14 35.31
C GLN K 444 -33.98 -67.55 34.92
N ALA K 445 -33.49 -68.30 35.89
CA ALA K 445 -33.19 -69.71 35.73
C ALA K 445 -34.05 -70.52 36.68
N GLU K 446 -33.85 -71.84 36.66
CA GLU K 446 -34.52 -72.78 37.57
C GLU K 446 -36.04 -72.63 37.48
N PHE K 447 -36.56 -72.84 36.27
CA PHE K 447 -38.00 -72.81 36.07
C PHE K 447 -38.65 -74.07 36.66
N PRO L 3 -41.97 -68.81 -21.86
CA PRO L 3 -41.63 -67.62 -22.66
C PRO L 3 -42.82 -66.69 -22.84
N VAL L 4 -42.99 -65.75 -21.93
CA VAL L 4 -44.10 -64.81 -21.98
C VAL L 4 -43.71 -63.60 -22.83
N TYR L 5 -44.63 -63.18 -23.68
CA TYR L 5 -44.44 -62.00 -24.53
C TYR L 5 -45.30 -60.85 -24.02
N VAL L 6 -44.72 -59.66 -24.00
CA VAL L 6 -45.39 -58.47 -23.48
C VAL L 6 -45.49 -57.43 -24.58
N ASP L 7 -46.67 -56.82 -24.71
CA ASP L 7 -46.92 -55.79 -25.72
C ASP L 7 -46.36 -54.44 -25.25
N ILE L 8 -45.05 -54.40 -25.06
CA ILE L 8 -44.34 -53.20 -24.64
C ILE L 8 -43.15 -53.00 -25.59
N ASP L 9 -42.52 -51.84 -25.46
CA ASP L 9 -41.39 -51.51 -26.30
C ASP L 9 -40.21 -52.44 -26.02
N ALA L 10 -39.43 -52.71 -27.07
CA ALA L 10 -38.26 -53.57 -26.94
C ALA L 10 -37.19 -52.97 -26.05
N ASP L 11 -37.16 -51.64 -25.89
CA ASP L 11 -36.13 -50.97 -25.10
C ASP L 11 -36.74 -50.12 -23.99
N SER L 12 -37.92 -50.49 -23.52
CA SER L 12 -38.58 -49.74 -22.45
C SER L 12 -37.87 -49.96 -21.13
N ALA L 13 -37.84 -48.92 -20.29
CA ALA L 13 -37.18 -49.02 -19.00
C ALA L 13 -37.98 -49.83 -17.99
N PHE L 14 -39.29 -49.95 -18.19
CA PHE L 14 -40.13 -50.78 -17.32
C PHE L 14 -39.81 -52.26 -17.44
N LEU L 15 -39.32 -52.70 -18.60
CA LEU L 15 -39.04 -54.11 -18.87
C LEU L 15 -38.34 -54.77 -17.69
N LYS L 16 -37.18 -54.23 -17.29
CA LYS L 16 -36.41 -54.84 -16.22
C LYS L 16 -37.24 -55.02 -14.96
N ALA L 17 -37.98 -53.97 -14.56
CA ALA L 17 -38.82 -54.08 -13.37
C ALA L 17 -39.81 -55.23 -13.52
N LEU L 18 -40.42 -55.35 -14.70
CA LEU L 18 -41.30 -56.47 -14.98
C LEU L 18 -40.58 -57.79 -14.79
N GLN L 19 -39.36 -57.91 -15.30
N GLN L 19 -39.35 -57.90 -15.29
CA GLN L 19 -38.60 -59.13 -15.14
CA GLN L 19 -38.60 -59.15 -15.14
C GLN L 19 -38.28 -59.39 -13.68
C GLN L 19 -38.25 -59.40 -13.68
N ARG L 20 -38.09 -58.33 -12.88
CA ARG L 20 -37.88 -58.53 -11.46
C ARG L 20 -39.18 -58.86 -10.73
N ALA L 21 -40.33 -58.56 -11.34
CA ALA L 21 -41.60 -58.86 -10.72
C ALA L 21 -42.04 -60.30 -10.97
N TYR L 22 -41.57 -60.93 -12.05
CA TYR L 22 -41.96 -62.29 -12.42
C TYR L 22 -40.71 -63.09 -12.73
N PRO L 23 -39.99 -63.56 -11.70
CA PRO L 23 -38.75 -64.31 -11.94
C PRO L 23 -38.98 -65.70 -12.52
N MET L 24 -40.18 -66.26 -12.41
CA MET L 24 -40.45 -67.59 -12.95
C MET L 24 -40.62 -67.61 -14.46
N PHE L 25 -40.82 -66.44 -15.08
CA PHE L 25 -41.10 -66.36 -16.50
C PHE L 25 -39.97 -65.65 -17.22
N GLU L 26 -39.85 -65.92 -18.52
CA GLU L 26 -38.91 -65.21 -19.38
C GLU L 26 -39.71 -64.16 -20.15
N VAL L 27 -39.61 -62.91 -19.71
CA VAL L 27 -40.39 -61.82 -20.27
C VAL L 27 -39.65 -61.27 -21.49
N GLU L 28 -40.32 -61.28 -22.64
CA GLU L 28 -39.73 -60.79 -23.87
C GLU L 28 -40.67 -59.77 -24.50
N PRO L 29 -40.17 -58.62 -24.94
CA PRO L 29 -41.04 -57.59 -25.50
C PRO L 29 -41.44 -57.90 -26.93
N ARG L 30 -42.68 -57.56 -27.27
CA ARG L 30 -43.17 -57.67 -28.65
C ARG L 30 -44.25 -56.60 -28.83
N GLN L 31 -43.85 -55.45 -29.37
CA GLN L 31 -44.75 -54.32 -29.50
C GLN L 31 -45.54 -54.44 -30.80
N VAL L 32 -46.87 -54.44 -30.69
CA VAL L 32 -47.73 -54.52 -31.86
C VAL L 32 -48.80 -53.44 -31.76
N THR L 33 -48.72 -52.61 -30.71
CA THR L 33 -49.68 -51.54 -30.47
C THR L 33 -49.04 -50.39 -29.73
N PRO L 34 -49.28 -49.14 -30.13
CA PRO L 34 -48.74 -47.98 -29.38
C PRO L 34 -49.65 -47.62 -28.20
N ASN L 35 -49.85 -48.58 -27.30
CA ASN L 35 -50.79 -48.41 -26.21
C ASN L 35 -50.26 -47.39 -25.21
N ASP L 36 -51.14 -46.47 -24.80
CA ASP L 36 -50.78 -45.45 -23.82
C ASP L 36 -50.60 -46.02 -22.41
N HIS L 37 -51.07 -47.24 -22.16
CA HIS L 37 -50.94 -47.88 -20.85
C HIS L 37 -50.49 -49.33 -21.03
N ALA L 38 -49.44 -49.53 -21.83
CA ALA L 38 -48.99 -50.87 -22.15
C ALA L 38 -48.43 -51.60 -20.92
N ASN L 39 -47.85 -50.86 -19.98
CA ASN L 39 -47.31 -51.47 -18.79
C ASN L 39 -48.40 -52.15 -17.97
N ALA L 40 -49.57 -51.52 -17.87
CA ALA L 40 -50.68 -52.10 -17.13
C ALA L 40 -51.10 -53.43 -17.75
N ARG L 41 -51.22 -53.47 -19.08
CA ARG L 41 -51.66 -54.69 -19.74
C ARG L 41 -50.60 -55.79 -19.64
N ALA L 42 -49.32 -55.41 -19.73
CA ALA L 42 -48.26 -56.39 -19.58
C ALA L 42 -48.28 -57.00 -18.17
N PHE L 43 -48.42 -56.15 -17.15
CA PHE L 43 -48.49 -56.66 -15.79
C PHE L 43 -49.71 -57.55 -15.59
N SER L 44 -50.85 -57.16 -16.14
CA SER L 44 -52.05 -57.99 -16.03
C SER L 44 -51.86 -59.34 -16.71
N HIS L 45 -51.23 -59.34 -17.89
CA HIS L 45 -50.97 -60.59 -18.60
C HIS L 45 -50.09 -61.52 -17.78
N LEU L 46 -48.97 -61.00 -17.28
CA LEU L 46 -48.09 -61.86 -16.48
C LEU L 46 -48.74 -62.27 -15.16
N ALA L 47 -49.60 -61.42 -14.60
CA ALA L 47 -50.33 -61.81 -13.40
C ALA L 47 -51.27 -62.98 -13.68
N ILE L 48 -51.97 -62.94 -14.81
CA ILE L 48 -52.84 -64.05 -15.18
C ILE L 48 -52.03 -65.31 -15.41
N LYS L 49 -50.88 -65.18 -16.09
CA LYS L 49 -50.02 -66.35 -16.32
C LYS L 49 -49.50 -66.93 -15.01
N LEU L 50 -49.08 -66.07 -14.08
CA LEU L 50 -48.63 -66.54 -12.77
C LEU L 50 -49.75 -67.25 -12.03
N ILE L 51 -50.97 -66.69 -12.08
CA ILE L 51 -52.10 -67.32 -11.42
C ILE L 51 -52.36 -68.70 -12.01
N GLU L 52 -52.35 -68.79 -13.34
CA GLU L 52 -52.62 -70.06 -14.01
C GLU L 52 -51.56 -71.09 -13.67
N GLN L 53 -50.29 -70.68 -13.62
CA GLN L 53 -49.22 -71.61 -13.28
C GLN L 53 -49.31 -72.08 -11.84
N GLU L 54 -49.66 -71.16 -10.92
CA GLU L 54 -49.55 -71.45 -9.50
C GLU L 54 -50.69 -72.27 -8.93
N ILE L 55 -51.73 -72.56 -9.71
CA ILE L 55 -52.91 -73.22 -9.17
C ILE L 55 -53.17 -74.56 -9.86
N ASP L 56 -54.24 -75.23 -9.46
CA ASP L 56 -54.57 -76.57 -9.95
C ASP L 56 -55.00 -76.51 -11.41
N PRO L 57 -54.35 -77.23 -12.32
CA PRO L 57 -54.81 -77.24 -13.72
C PRO L 57 -56.23 -77.76 -13.90
N ASP L 58 -56.69 -78.69 -13.08
CA ASP L 58 -58.03 -79.25 -13.19
C ASP L 58 -58.94 -78.56 -12.17
N SER L 59 -59.42 -77.37 -12.54
CA SER L 59 -60.30 -76.61 -11.67
C SER L 59 -61.02 -75.56 -12.50
N THR L 60 -62.34 -75.45 -12.32
CA THR L 60 -63.09 -74.39 -12.98
C THR L 60 -62.69 -73.04 -12.36
N ILE L 61 -62.40 -72.08 -13.22
CA ILE L 61 -61.81 -70.81 -12.79
C ILE L 61 -62.80 -69.71 -13.16
N LEU L 62 -63.55 -69.22 -12.18
CA LEU L 62 -64.45 -68.09 -12.40
C LEU L 62 -63.69 -66.79 -12.20
N ASP L 63 -63.80 -65.89 -13.17
CA ASP L 63 -63.19 -64.57 -13.08
C ASP L 63 -64.28 -63.51 -13.04
N ILE L 64 -64.24 -62.66 -12.02
CA ILE L 64 -65.32 -61.71 -11.75
C ILE L 64 -65.13 -60.47 -12.61
N GLY L 65 -66.20 -60.05 -13.29
CA GLY L 65 -66.16 -58.85 -14.10
C GLY L 65 -65.10 -58.88 -15.18
N SER L 66 -64.91 -60.03 -15.81
CA SER L 66 -63.82 -60.22 -16.74
C SER L 66 -64.26 -59.98 -18.18
N ALA L 67 -63.30 -59.63 -19.03
CA ALA L 67 -63.54 -59.54 -20.46
C ALA L 67 -63.32 -60.91 -21.08
N PRO L 68 -64.34 -61.52 -21.69
CA PRO L 68 -64.18 -62.90 -22.20
C PRO L 68 -63.18 -63.02 -23.34
N ALA L 69 -62.83 -61.92 -24.01
CA ALA L 69 -61.92 -62.03 -25.15
C ALA L 69 -60.48 -62.30 -24.71
N ARG L 70 -60.13 -61.97 -23.46
CA ARG L 70 -58.77 -62.18 -22.99
C ARG L 70 -58.52 -63.60 -22.52
N ARG L 71 -59.58 -64.31 -22.13
CA ARG L 71 -59.43 -65.68 -21.66
C ARG L 71 -59.30 -66.69 -22.79
N MET L 72 -59.25 -66.24 -24.03
CA MET L 72 -59.05 -67.14 -25.16
C MET L 72 -57.64 -67.74 -25.13
N MET L 73 -57.51 -68.87 -25.84
CA MET L 73 -56.24 -69.59 -25.95
C MET L 73 -55.75 -70.10 -24.60
N SER L 74 -56.65 -70.15 -23.61
CA SER L 74 -56.36 -70.70 -22.29
C SER L 74 -57.12 -72.01 -22.16
N ASP L 75 -56.38 -73.12 -22.07
CA ASP L 75 -57.01 -74.43 -21.99
C ASP L 75 -57.77 -74.65 -20.70
N ARG L 76 -57.51 -73.83 -19.68
CA ARG L 76 -58.22 -73.97 -18.41
C ARG L 76 -59.67 -73.51 -18.56
N LYS L 77 -60.57 -74.22 -17.88
CA LYS L 77 -61.97 -73.82 -17.87
C LYS L 77 -62.13 -72.47 -17.20
N TYR L 78 -62.91 -71.58 -17.82
CA TYR L 78 -63.12 -70.24 -17.30
C TYR L 78 -64.61 -69.93 -17.25
N HIS L 79 -65.07 -69.43 -16.10
CA HIS L 79 -66.42 -68.89 -15.95
C HIS L 79 -66.33 -67.39 -16.07
N CYS L 80 -66.38 -66.90 -17.31
CA CYS L 80 -66.28 -65.46 -17.58
C CYS L 80 -67.59 -64.80 -17.15
N VAL L 81 -67.59 -64.23 -15.94
CA VAL L 81 -68.79 -63.59 -15.40
C VAL L 81 -68.89 -62.20 -15.98
N CYS L 82 -69.98 -61.92 -16.68
N CYS L 82 -69.99 -61.91 -16.67
CA CYS L 82 -70.23 -60.63 -17.32
CA CYS L 82 -70.23 -60.63 -17.32
C CYS L 82 -71.60 -60.13 -16.87
C CYS L 82 -71.60 -60.11 -16.88
N PRO L 83 -71.65 -59.36 -15.78
CA PRO L 83 -72.95 -58.88 -15.28
C PRO L 83 -73.65 -57.86 -16.18
N MET L 84 -73.00 -57.41 -17.26
CA MET L 84 -73.59 -56.45 -18.19
C MET L 84 -73.90 -55.12 -17.51
N ARG L 85 -73.13 -54.75 -16.50
CA ARG L 85 -73.40 -53.54 -15.72
C ARG L 85 -72.76 -52.31 -16.34
N SER L 86 -71.46 -52.36 -16.61
CA SER L 86 -70.77 -51.21 -17.19
C SER L 86 -71.15 -51.05 -18.65
N ALA L 87 -70.81 -49.88 -19.20
CA ALA L 87 -71.12 -49.55 -20.58
C ALA L 87 -70.15 -50.15 -21.59
N GLU L 88 -69.02 -50.71 -21.12
CA GLU L 88 -68.07 -51.35 -22.02
C GLU L 88 -68.38 -52.81 -22.26
N ASP L 89 -69.46 -53.33 -21.67
CA ASP L 89 -69.73 -54.76 -21.77
C ASP L 89 -70.37 -55.19 -23.09
N PRO L 90 -71.34 -54.46 -23.67
CA PRO L 90 -71.83 -54.88 -24.99
C PRO L 90 -70.74 -54.96 -26.04
N GLU L 91 -69.78 -54.03 -25.99
CA GLU L 91 -68.72 -54.01 -27.00
C GLU L 91 -67.74 -55.16 -26.81
N ARG L 92 -67.36 -55.46 -25.57
CA ARG L 92 -66.48 -56.59 -25.33
C ARG L 92 -67.17 -57.89 -25.70
N LEU L 93 -68.48 -58.00 -25.43
CA LEU L 93 -69.21 -59.19 -25.84
C LEU L 93 -69.29 -59.31 -27.35
N ALA L 94 -69.46 -58.18 -28.05
CA ALA L 94 -69.46 -58.20 -29.51
C ALA L 94 -68.12 -58.69 -30.04
N ASN L 95 -67.02 -58.18 -29.48
CA ASN L 95 -65.69 -58.63 -29.91
C ASN L 95 -65.48 -60.10 -29.59
N TYR L 96 -65.93 -60.56 -28.43
CA TYR L 96 -65.80 -61.96 -28.05
C TYR L 96 -66.58 -62.86 -28.99
N ALA L 97 -67.79 -62.43 -29.38
CA ALA L 97 -68.58 -63.22 -30.33
C ALA L 97 -67.94 -63.22 -31.71
N ARG L 98 -67.33 -62.10 -32.10
CA ARG L 98 -66.58 -62.07 -33.36
C ARG L 98 -65.43 -63.07 -33.34
N LYS L 99 -64.68 -63.10 -32.24
CA LYS L 99 -63.58 -64.05 -32.13
C LYS L 99 -64.09 -65.49 -32.12
N LEU L 100 -65.16 -65.77 -31.38
CA LEU L 100 -65.69 -67.13 -31.32
C LEU L 100 -66.25 -67.57 -32.66
N ALA L 101 -66.75 -66.63 -33.47
CA ALA L 101 -67.27 -66.96 -34.79
C ALA L 101 -66.20 -66.94 -35.88
N SER L 102 -64.99 -66.49 -35.56
CA SER L 102 -63.91 -66.42 -36.54
C SER L 102 -62.93 -67.58 -36.43
N ALA L 103 -63.17 -68.53 -35.53
CA ALA L 103 -62.26 -69.65 -35.32
C ALA L 103 -63.03 -70.95 -35.14
N ALA L 104 -64.19 -71.05 -35.80
CA ALA L 104 -65.00 -72.26 -35.69
C ALA L 104 -64.27 -73.47 -36.25
N GLY L 105 -63.72 -73.35 -37.46
CA GLY L 105 -62.98 -74.43 -38.07
C GLY L 105 -61.49 -74.25 -38.01
N LYS L 106 -61.02 -73.36 -37.13
CA LYS L 106 -59.60 -73.03 -37.04
C LYS L 106 -58.91 -73.64 -35.82
N VAL L 107 -59.51 -73.53 -34.64
CA VAL L 107 -58.96 -74.09 -33.42
C VAL L 107 -60.01 -74.98 -32.77
N LEU L 108 -59.55 -76.05 -32.12
CA LEU L 108 -60.44 -77.02 -31.51
C LEU L 108 -60.07 -77.40 -30.07
N ASP L 109 -58.83 -77.15 -29.64
CA ASP L 109 -58.40 -77.53 -28.30
C ASP L 109 -58.83 -76.55 -27.22
N ARG L 110 -59.43 -75.42 -27.61
CA ARG L 110 -59.80 -74.38 -26.65
C ARG L 110 -61.28 -74.40 -26.32
N ASN L 111 -61.98 -75.50 -26.61
CA ASN L 111 -63.39 -75.71 -26.28
C ASN L 111 -64.30 -74.61 -26.86
N ILE L 112 -63.82 -73.94 -27.92
CA ILE L 112 -64.61 -72.90 -28.58
C ILE L 112 -65.91 -73.47 -29.13
N SER L 113 -65.91 -74.73 -29.56
CA SER L 113 -67.13 -75.34 -30.06
C SER L 113 -68.22 -75.37 -29.01
N GLY L 114 -67.85 -75.68 -27.75
CA GLY L 114 -68.80 -75.55 -26.66
C GLY L 114 -69.08 -74.13 -26.22
N LYS L 115 -68.11 -73.24 -26.39
CA LYS L 115 -68.33 -71.83 -26.05
C LYS L 115 -69.37 -71.18 -26.95
N ILE L 116 -69.44 -71.61 -28.22
CA ILE L 116 -70.48 -71.12 -29.11
C ILE L 116 -71.86 -71.50 -28.57
N GLY L 117 -72.01 -72.76 -28.16
CA GLY L 117 -73.27 -73.19 -27.56
C GLY L 117 -73.58 -72.46 -26.27
N ASP L 118 -72.54 -72.18 -25.47
CA ASP L 118 -72.73 -71.43 -24.24
C ASP L 118 -73.25 -70.02 -24.53
N LEU L 119 -72.66 -69.34 -25.52
CA LEU L 119 -73.12 -68.01 -25.88
C LEU L 119 -74.55 -68.06 -26.42
N GLN L 120 -74.87 -69.07 -27.22
CA GLN L 120 -76.24 -69.20 -27.71
C GLN L 120 -77.21 -69.46 -26.56
N ALA L 121 -76.80 -70.22 -25.55
CA ALA L 121 -77.66 -70.51 -24.41
C ALA L 121 -77.90 -69.26 -23.57
N VAL L 122 -76.84 -68.47 -23.31
CA VAL L 122 -77.01 -67.31 -22.45
C VAL L 122 -77.82 -66.23 -23.16
N MET L 123 -77.94 -66.29 -24.47
CA MET L 123 -78.75 -65.37 -25.24
C MET L 123 -80.16 -65.90 -25.51
N ALA L 124 -80.60 -66.89 -24.74
CA ALA L 124 -81.95 -67.41 -24.82
C ALA L 124 -82.77 -67.11 -23.57
N VAL L 125 -82.25 -67.46 -22.39
CA VAL L 125 -82.85 -67.13 -21.12
C VAL L 125 -81.86 -66.28 -20.34
N PRO L 126 -82.26 -65.16 -19.76
CA PRO L 126 -81.28 -64.30 -19.07
C PRO L 126 -80.73 -64.90 -17.79
N ASP L 127 -81.23 -66.05 -17.36
CA ASP L 127 -80.74 -66.74 -16.18
C ASP L 127 -80.07 -68.07 -16.53
N THR L 128 -79.55 -68.19 -17.75
CA THR L 128 -78.91 -69.43 -18.20
C THR L 128 -77.51 -69.49 -17.61
N GLU L 129 -77.34 -70.32 -16.57
CA GLU L 129 -76.02 -70.51 -15.95
C GLU L 129 -75.33 -71.66 -16.66
N THR L 130 -74.66 -71.34 -17.76
CA THR L 130 -73.86 -72.32 -18.47
C THR L 130 -72.56 -72.58 -17.70
N PRO L 131 -71.91 -73.73 -17.95
CA PRO L 131 -70.66 -74.02 -17.23
C PRO L 131 -69.58 -72.97 -17.43
N THR L 132 -69.49 -72.36 -18.61
CA THR L 132 -68.38 -71.48 -18.94
C THR L 132 -68.76 -70.00 -19.06
N PHE L 133 -70.04 -69.66 -19.07
CA PHE L 133 -70.44 -68.28 -19.29
C PHE L 133 -71.79 -68.02 -18.66
N CYS L 134 -71.95 -66.83 -18.08
CA CYS L 134 -73.20 -66.43 -17.46
C CYS L 134 -73.26 -64.92 -17.38
N LEU L 135 -74.49 -64.41 -17.20
CA LEU L 135 -74.74 -62.97 -17.08
C LEU L 135 -75.39 -62.71 -15.73
N HIS L 136 -74.57 -62.56 -14.69
CA HIS L 136 -75.04 -62.25 -13.35
C HIS L 136 -73.94 -61.49 -12.62
N THR L 137 -74.32 -60.83 -11.53
CA THR L 137 -73.33 -60.23 -10.67
C THR L 137 -72.66 -61.29 -9.81
N ASP L 138 -71.59 -60.89 -9.13
CA ASP L 138 -70.83 -61.84 -8.32
C ASP L 138 -71.58 -62.25 -7.07
N VAL L 139 -72.68 -61.58 -6.74
CA VAL L 139 -73.47 -61.91 -5.56
C VAL L 139 -74.79 -62.58 -5.93
N SER L 140 -74.97 -62.95 -7.20
CA SER L 140 -76.17 -63.66 -7.63
C SER L 140 -75.90 -64.86 -8.51
N CYS L 141 -74.69 -65.03 -9.04
CA CYS L 141 -74.37 -66.21 -9.83
C CYS L 141 -74.42 -67.45 -8.95
N ARG L 142 -74.87 -68.56 -9.53
CA ARG L 142 -75.06 -69.80 -8.80
C ARG L 142 -74.04 -70.88 -9.13
N GLN L 143 -73.00 -70.55 -9.91
CA GLN L 143 -71.98 -71.53 -10.23
C GLN L 143 -71.12 -71.84 -9.02
N ARG L 144 -70.74 -73.12 -8.88
CA ARG L 144 -69.95 -73.61 -7.75
C ARG L 144 -68.59 -74.05 -8.28
N ALA L 145 -67.64 -73.12 -8.29
CA ALA L 145 -66.28 -73.39 -8.75
C ALA L 145 -65.30 -73.26 -7.58
N ASP L 146 -64.00 -73.37 -7.89
CA ASP L 146 -62.96 -73.43 -6.87
C ASP L 146 -62.11 -72.17 -6.78
N VAL L 147 -61.91 -71.44 -7.87
CA VAL L 147 -60.99 -70.32 -7.91
C VAL L 147 -61.72 -69.09 -8.43
N ALA L 148 -61.50 -67.95 -7.78
CA ALA L 148 -62.03 -66.66 -8.21
C ALA L 148 -60.89 -65.76 -8.63
N ILE L 149 -61.14 -64.93 -9.64
CA ILE L 149 -60.15 -63.98 -10.14
C ILE L 149 -60.82 -62.62 -10.28
N TYR L 150 -60.21 -61.59 -9.71
CA TYR L 150 -60.65 -60.21 -9.83
C TYR L 150 -59.52 -59.42 -10.49
N GLN L 151 -59.50 -59.41 -11.82
CA GLN L 151 -58.49 -58.69 -12.57
C GLN L 151 -59.02 -57.28 -12.85
N ASP L 152 -58.35 -56.27 -12.27
CA ASP L 152 -58.74 -54.87 -12.45
C ASP L 152 -60.20 -54.65 -12.08
N VAL L 153 -60.61 -55.21 -10.95
CA VAL L 153 -61.97 -55.09 -10.44
C VAL L 153 -61.90 -54.29 -9.14
N TYR L 154 -62.18 -52.99 -9.23
CA TYR L 154 -62.12 -52.11 -8.08
C TYR L 154 -63.48 -51.63 -7.59
N ALA L 155 -64.54 -51.82 -8.39
CA ALA L 155 -65.84 -51.23 -8.13
C ALA L 155 -66.81 -52.20 -7.46
N VAL L 156 -66.30 -53.10 -6.61
CA VAL L 156 -67.14 -54.02 -5.86
C VAL L 156 -66.63 -54.07 -4.42
N HIS L 157 -67.53 -54.46 -3.51
CA HIS L 157 -67.18 -54.59 -2.11
C HIS L 157 -66.44 -55.91 -1.89
N ALA L 158 -65.19 -55.82 -1.44
CA ALA L 158 -64.38 -57.02 -1.29
C ALA L 158 -64.95 -58.04 -0.31
N PRO L 159 -65.34 -57.68 0.92
CA PRO L 159 -65.83 -58.71 1.83
C PRO L 159 -67.09 -59.40 1.35
N THR L 160 -68.04 -58.66 0.79
CA THR L 160 -69.29 -59.25 0.33
C THR L 160 -69.03 -60.24 -0.81
N SER L 161 -68.23 -59.83 -1.80
CA SER L 161 -67.93 -60.72 -2.92
C SER L 161 -67.14 -61.93 -2.46
N LEU L 162 -66.17 -61.73 -1.57
CA LEU L 162 -65.38 -62.85 -1.08
C LEU L 162 -66.25 -63.86 -0.33
N TYR L 163 -67.18 -63.37 0.49
CA TYR L 163 -68.11 -64.27 1.17
C TYR L 163 -69.03 -64.98 0.18
N HIS L 164 -69.51 -64.26 -0.84
CA HIS L 164 -70.43 -64.87 -1.79
C HIS L 164 -69.75 -65.96 -2.62
N GLN L 165 -68.47 -65.79 -2.95
CA GLN L 165 -67.75 -66.88 -3.60
C GLN L 165 -67.29 -67.95 -2.62
N ALA L 166 -67.07 -67.61 -1.36
CA ALA L 166 -66.73 -68.62 -0.36
C ALA L 166 -67.88 -69.59 -0.15
N ILE L 167 -69.12 -69.08 -0.11
CA ILE L 167 -70.28 -69.96 0.00
C ILE L 167 -70.56 -70.70 -1.30
N LYS L 168 -69.80 -70.43 -2.35
CA LYS L 168 -69.89 -71.16 -3.61
C LYS L 168 -68.75 -72.16 -3.79
N GLY L 169 -67.98 -72.43 -2.74
CA GLY L 169 -66.90 -73.39 -2.81
C GLY L 169 -65.57 -72.84 -3.29
N VAL L 170 -65.49 -71.55 -3.61
CA VAL L 170 -64.23 -70.97 -4.08
C VAL L 170 -63.27 -70.89 -2.90
N ARG L 171 -62.11 -71.55 -3.02
CA ARG L 171 -61.12 -71.55 -1.96
C ARG L 171 -59.97 -70.59 -2.22
N LEU L 172 -59.71 -70.23 -3.48
CA LEU L 172 -58.62 -69.34 -3.85
C LEU L 172 -59.19 -68.18 -4.63
N ALA L 173 -58.74 -66.96 -4.32
CA ALA L 173 -59.11 -65.76 -5.04
C ALA L 173 -57.85 -64.94 -5.32
N TYR L 174 -57.82 -64.29 -6.47
CA TYR L 174 -56.71 -63.43 -6.84
C TYR L 174 -57.25 -62.06 -7.24
N TRP L 175 -56.66 -61.01 -6.68
CA TRP L 175 -57.02 -59.63 -7.02
C TRP L 175 -55.81 -58.95 -7.63
N VAL L 176 -55.88 -58.66 -8.92
CA VAL L 176 -54.84 -57.96 -9.64
C VAL L 176 -55.33 -56.53 -9.89
N GLY L 177 -54.60 -55.56 -9.37
CA GLY L 177 -55.07 -54.19 -9.52
C GLY L 177 -54.10 -53.20 -8.90
N PHE L 178 -54.48 -51.95 -8.93
CA PHE L 178 -53.66 -50.89 -8.38
C PHE L 178 -53.56 -51.01 -6.86
N ASP L 179 -52.41 -50.63 -6.33
CA ASP L 179 -52.20 -50.66 -4.89
C ASP L 179 -53.22 -49.75 -4.19
N THR L 180 -53.84 -50.27 -3.15
CA THR L 180 -54.86 -49.54 -2.40
C THR L 180 -54.30 -48.81 -1.19
N THR L 181 -52.99 -48.90 -0.95
CA THR L 181 -52.36 -48.15 0.13
C THR L 181 -52.58 -46.64 0.03
N PRO L 182 -52.49 -46.00 -1.14
CA PRO L 182 -52.76 -44.56 -1.19
C PRO L 182 -54.14 -44.17 -0.69
N PHE L 183 -55.15 -45.02 -0.86
CA PHE L 183 -56.50 -44.67 -0.45
C PHE L 183 -56.75 -44.92 1.03
N MET L 184 -55.94 -45.74 1.69
CA MET L 184 -56.01 -45.83 3.13
C MET L 184 -55.32 -44.65 3.81
N TYR L 185 -54.53 -43.88 3.06
CA TYR L 185 -53.94 -42.64 3.53
C TYR L 185 -54.82 -41.43 3.27
N ASN L 186 -55.93 -41.61 2.56
CA ASN L 186 -56.90 -40.54 2.27
C ASN L 186 -56.24 -39.39 1.52
N ALA L 187 -55.69 -39.72 0.36
CA ALA L 187 -55.07 -38.73 -0.52
C ALA L 187 -56.11 -38.15 -1.47
N MET L 188 -56.01 -36.84 -1.71
CA MET L 188 -56.94 -36.18 -2.61
C MET L 188 -56.61 -36.47 -4.07
N ALA L 189 -55.33 -36.63 -4.39
CA ALA L 189 -54.91 -36.96 -5.73
C ALA L 189 -53.65 -37.82 -5.63
N GLY L 190 -53.36 -38.55 -6.71
CA GLY L 190 -52.21 -39.42 -6.68
C GLY L 190 -51.83 -39.88 -8.07
N ALA L 191 -50.67 -40.53 -8.15
CA ALA L 191 -50.13 -40.95 -9.43
C ALA L 191 -49.38 -42.27 -9.28
N TYR L 192 -49.50 -43.10 -10.32
CA TYR L 192 -48.62 -44.25 -10.53
C TYR L 192 -47.78 -43.92 -11.76
N PRO L 193 -46.63 -43.27 -11.58
CA PRO L 193 -45.85 -42.81 -12.74
C PRO L 193 -45.40 -43.92 -13.66
N SER L 194 -45.04 -45.09 -13.11
CA SER L 194 -44.52 -46.17 -13.93
C SER L 194 -45.57 -46.77 -14.85
N TYR L 195 -46.84 -46.48 -14.63
CA TYR L 195 -47.92 -46.97 -15.48
C TYR L 195 -48.65 -45.82 -16.18
N SER L 196 -48.07 -44.61 -16.13
CA SER L 196 -48.68 -43.42 -16.72
C SER L 196 -50.09 -43.19 -16.17
N THR L 197 -50.29 -43.49 -14.89
CA THR L 197 -51.62 -43.46 -14.29
C THR L 197 -51.73 -42.27 -13.36
N ASN L 198 -52.86 -41.56 -13.43
CA ASN L 198 -53.14 -40.45 -12.54
C ASN L 198 -54.58 -40.52 -12.07
N TRP L 199 -54.79 -40.40 -10.76
CA TRP L 199 -56.13 -40.43 -10.22
C TRP L 199 -56.34 -39.18 -9.38
N ALA L 200 -57.58 -38.69 -9.36
CA ALA L 200 -57.87 -37.47 -8.63
C ALA L 200 -59.31 -37.47 -8.14
N ASP L 201 -59.53 -36.84 -6.99
CA ASP L 201 -60.88 -36.61 -6.50
C ASP L 201 -61.62 -35.64 -7.41
N GLU L 202 -62.94 -35.80 -7.50
CA GLU L 202 -63.74 -34.92 -8.35
C GLU L 202 -63.68 -33.47 -7.89
N GLN L 203 -63.33 -33.23 -6.63
CA GLN L 203 -63.23 -31.87 -6.14
C GLN L 203 -62.01 -31.13 -6.69
N VAL L 204 -61.03 -31.86 -7.22
CA VAL L 204 -59.79 -31.25 -7.68
C VAL L 204 -59.50 -31.62 -9.13
N LEU L 205 -60.54 -31.91 -9.90
CA LEU L 205 -60.35 -32.17 -11.32
C LEU L 205 -60.10 -30.90 -12.12
N LYS L 206 -60.41 -29.74 -11.56
CA LYS L 206 -60.13 -28.46 -12.19
C LYS L 206 -58.87 -27.81 -11.64
N ALA L 207 -57.95 -28.62 -11.11
CA ALA L 207 -56.69 -28.11 -10.60
C ALA L 207 -55.78 -27.71 -11.75
N LYS L 208 -54.56 -27.30 -11.41
CA LYS L 208 -53.62 -26.75 -12.38
C LYS L 208 -52.40 -27.61 -12.60
N ASN L 209 -51.74 -28.07 -11.54
CA ASN L 209 -50.44 -28.71 -11.65
C ASN L 209 -50.43 -30.08 -10.98
N ILE L 210 -51.43 -30.90 -11.27
CA ILE L 210 -51.43 -32.30 -10.86
C ILE L 210 -51.57 -33.16 -12.11
N GLY L 211 -51.41 -34.47 -11.93
CA GLY L 211 -51.38 -35.36 -13.07
C GLY L 211 -52.67 -35.37 -13.87
N LEU L 212 -53.82 -35.41 -13.18
CA LEU L 212 -55.13 -35.47 -13.81
C LEU L 212 -55.90 -34.21 -13.44
N CYS L 213 -55.85 -33.21 -14.30
CA CYS L 213 -56.55 -31.95 -14.09
C CYS L 213 -56.57 -31.18 -15.40
N SER L 214 -57.45 -30.18 -15.47
CA SER L 214 -57.49 -29.27 -16.60
C SER L 214 -58.19 -27.99 -16.15
N THR L 215 -57.51 -26.86 -16.32
CA THR L 215 -58.08 -25.57 -15.92
C THR L 215 -58.05 -24.61 -17.10
N ASP L 216 -58.45 -23.36 -16.86
CA ASP L 216 -58.53 -22.36 -17.91
C ASP L 216 -57.73 -21.12 -17.51
N LEU L 217 -57.27 -20.40 -18.53
CA LEU L 217 -56.57 -19.14 -18.31
C LEU L 217 -57.53 -18.09 -17.77
N THR L 218 -57.12 -17.41 -16.69
CA THR L 218 -57.94 -16.38 -16.08
C THR L 218 -57.05 -15.23 -15.64
N GLU L 219 -57.65 -14.07 -15.47
CA GLU L 219 -56.93 -12.86 -15.09
C GLU L 219 -56.87 -12.64 -13.59
N GLY L 220 -57.68 -13.34 -12.80
CA GLY L 220 -57.74 -13.10 -11.37
C GLY L 220 -58.98 -12.35 -10.99
N ARG L 221 -60.10 -12.66 -11.66
CA ARG L 221 -61.34 -11.94 -11.49
C ARG L 221 -62.04 -12.39 -10.20
N ARG L 222 -63.21 -11.82 -9.94
CA ARG L 222 -64.03 -12.25 -8.81
C ARG L 222 -64.40 -13.72 -8.95
N GLY L 223 -64.32 -14.45 -7.85
CA GLY L 223 -64.65 -15.85 -7.87
C GLY L 223 -66.14 -16.11 -7.93
N LYS L 224 -66.49 -17.39 -8.10
CA LYS L 224 -67.89 -17.78 -8.19
C LYS L 224 -68.62 -17.48 -6.88
N LEU L 225 -69.82 -16.91 -7.01
CA LEU L 225 -70.68 -16.70 -5.85
C LEU L 225 -71.30 -18.04 -5.48
N SER L 226 -70.50 -18.85 -4.79
CA SER L 226 -70.88 -20.23 -4.51
C SER L 226 -72.06 -20.29 -3.56
N ILE L 227 -72.88 -21.34 -3.71
CA ILE L 227 -73.99 -21.55 -2.80
C ILE L 227 -73.51 -22.22 -1.52
N MET L 228 -72.61 -23.19 -1.64
CA MET L 228 -71.99 -23.83 -0.50
C MET L 228 -70.81 -23.02 -0.01
N ARG L 229 -70.70 -22.85 1.31
CA ARG L 229 -69.61 -22.08 1.87
C ARG L 229 -68.27 -22.77 1.66
N GLY L 230 -68.25 -24.10 1.73
CA GLY L 230 -67.00 -24.83 1.67
C GLY L 230 -66.37 -24.96 3.04
N LYS L 231 -65.37 -24.13 3.31
CA LYS L 231 -64.71 -24.05 4.61
C LYS L 231 -63.93 -25.33 4.92
N LYS L 232 -63.98 -26.30 4.01
CA LYS L 232 -63.25 -27.55 4.18
C LYS L 232 -63.11 -28.22 2.82
N LEU L 233 -61.91 -28.69 2.52
CA LEU L 233 -61.63 -29.45 1.30
C LEU L 233 -61.17 -30.83 1.74
N GLU L 234 -62.07 -31.79 1.69
N GLU L 234 -62.07 -31.80 1.67
CA GLU L 234 -61.76 -33.15 2.12
CA GLU L 234 -61.81 -33.16 2.14
C GLU L 234 -62.11 -34.13 1.01
C GLU L 234 -62.14 -34.15 1.03
N PRO L 235 -61.36 -35.22 0.89
CA PRO L 235 -61.62 -36.18 -0.18
C PRO L 235 -63.02 -36.77 -0.12
N CYS L 236 -63.65 -36.85 -1.28
CA CYS L 236 -64.98 -37.43 -1.41
C CYS L 236 -64.88 -38.86 -1.92
N ASP L 237 -66.02 -39.55 -1.94
CA ASP L 237 -66.02 -40.96 -2.30
C ASP L 237 -65.67 -41.17 -3.77
N ARG L 238 -66.12 -40.27 -4.63
CA ARG L 238 -65.94 -40.46 -6.07
C ARG L 238 -64.59 -39.92 -6.51
N VAL L 239 -63.79 -40.79 -7.14
CA VAL L 239 -62.51 -40.41 -7.73
C VAL L 239 -62.51 -40.86 -9.18
N LEU L 240 -61.62 -40.26 -9.96
CA LEU L 240 -61.44 -40.61 -11.36
C LEU L 240 -60.02 -41.13 -11.57
N PHE L 241 -59.93 -42.28 -12.24
CA PHE L 241 -58.66 -42.87 -12.63
C PHE L 241 -58.44 -42.67 -14.12
N SER L 242 -57.22 -42.29 -14.49
CA SER L 242 -56.79 -42.22 -15.88
C SER L 242 -55.58 -43.13 -16.02
N VAL L 243 -55.75 -44.22 -16.77
CA VAL L 243 -54.69 -45.18 -17.02
C VAL L 243 -54.31 -45.07 -18.48
N GLY L 244 -53.28 -44.26 -18.77
CA GLY L 244 -53.05 -43.86 -20.14
C GLY L 244 -54.06 -42.82 -20.57
N SER L 245 -54.99 -43.21 -21.44
CA SER L 245 -56.07 -42.34 -21.89
C SER L 245 -57.41 -43.02 -21.71
N THR L 246 -57.58 -43.75 -20.60
CA THR L 246 -58.81 -44.47 -20.30
C THR L 246 -59.33 -44.05 -18.93
N LEU L 247 -60.62 -43.74 -18.86
CA LEU L 247 -61.23 -43.24 -17.63
C LEU L 247 -61.91 -44.36 -16.85
N TYR L 248 -61.83 -44.27 -15.53
CA TYR L 248 -62.54 -45.16 -14.62
C TYR L 248 -63.09 -44.39 -13.41
N PRO L 249 -64.40 -44.26 -13.27
CA PRO L 249 -64.98 -43.67 -12.06
C PRO L 249 -65.02 -44.69 -10.92
N GLU L 250 -64.22 -44.45 -9.89
N GLU L 250 -64.21 -44.46 -9.90
CA GLU L 250 -64.09 -45.37 -8.78
CA GLU L 250 -64.10 -45.38 -8.77
C GLU L 250 -64.60 -44.71 -7.50
C GLU L 250 -64.60 -44.71 -7.50
N SER L 251 -64.85 -45.55 -6.49
CA SER L 251 -65.33 -45.11 -5.19
C SER L 251 -64.29 -45.42 -4.12
N ARG L 252 -64.09 -44.48 -3.20
CA ARG L 252 -63.12 -44.67 -2.13
C ARG L 252 -63.49 -45.85 -1.24
N LYS L 253 -64.78 -46.01 -0.95
CA LYS L 253 -65.22 -47.07 -0.05
C LYS L 253 -64.87 -48.44 -0.61
N LEU L 254 -65.25 -48.70 -1.87
CA LEU L 254 -64.98 -49.99 -2.48
C LEU L 254 -63.49 -50.21 -2.71
N LEU L 255 -62.73 -49.12 -2.94
CA LEU L 255 -61.29 -49.25 -3.08
C LEU L 255 -60.65 -49.66 -1.77
N LYS L 256 -61.03 -49.00 -0.66
CA LYS L 256 -60.49 -49.35 0.65
C LYS L 256 -60.98 -50.72 1.10
N SER L 257 -62.12 -51.17 0.59
CA SER L 257 -62.61 -52.50 0.97
C SER L 257 -61.64 -53.60 0.52
N TRP L 258 -60.89 -53.37 -0.54
CA TRP L 258 -59.95 -54.36 -1.05
C TRP L 258 -58.60 -54.31 -0.34
N HIS L 259 -58.39 -53.35 0.56
CA HIS L 259 -57.17 -53.30 1.37
C HIS L 259 -57.36 -54.20 2.59
N LEU L 260 -57.53 -55.49 2.31
CA LEU L 260 -57.83 -56.46 3.35
C LEU L 260 -56.62 -56.67 4.26
N PRO L 261 -56.85 -56.97 5.53
CA PRO L 261 -55.73 -57.27 6.44
C PRO L 261 -55.18 -58.67 6.16
N SER L 262 -54.07 -58.97 6.86
CA SER L 262 -53.47 -60.29 6.73
C SER L 262 -54.42 -61.39 7.19
N VAL L 263 -55.13 -61.15 8.29
CA VAL L 263 -56.09 -62.10 8.84
C VAL L 263 -57.40 -61.36 9.07
N PHE L 264 -58.49 -61.94 8.56
CA PHE L 264 -59.83 -61.39 8.79
C PHE L 264 -60.84 -62.52 8.75
N HIS L 265 -62.01 -62.26 9.34
CA HIS L 265 -63.04 -63.27 9.50
C HIS L 265 -64.25 -62.92 8.65
N LEU L 266 -64.89 -63.95 8.10
CA LEU L 266 -66.14 -63.82 7.34
C LEU L 266 -67.25 -64.49 8.15
N LYS L 267 -68.16 -63.68 8.68
CA LYS L 267 -69.20 -64.15 9.59
C LYS L 267 -70.56 -63.90 8.96
N GLY L 268 -71.14 -64.95 8.38
CA GLY L 268 -72.47 -64.87 7.82
C GLY L 268 -73.27 -66.13 8.09
N LYS L 269 -73.90 -66.68 7.06
CA LYS L 269 -74.55 -67.99 7.20
C LYS L 269 -73.53 -69.07 7.47
N LEU L 270 -72.45 -69.09 6.69
CA LEU L 270 -71.31 -69.97 6.91
C LEU L 270 -70.13 -69.13 7.39
N SER L 271 -69.33 -69.71 8.27
CA SER L 271 -68.15 -69.04 8.79
C SER L 271 -66.87 -69.64 8.21
N THR L 273 -62.14 -68.53 8.73
CA THR L 273 -61.14 -67.48 8.71
C THR L 273 -60.56 -67.32 7.30
N CYS L 274 -59.95 -66.17 7.03
CA CYS L 274 -59.42 -65.85 5.71
C CYS L 274 -58.06 -65.18 5.84
N ARG L 275 -57.27 -65.29 4.77
CA ARG L 275 -55.98 -64.62 4.68
C ARG L 275 -55.91 -63.80 3.41
N CYS L 276 -55.17 -62.70 3.47
CA CYS L 276 -54.89 -61.86 2.30
C CYS L 276 -53.42 -61.50 2.31
N ASP L 277 -52.70 -61.94 1.28
CA ASP L 277 -51.28 -61.69 1.13
C ASP L 277 -50.98 -61.08 -0.22
N THR L 278 -49.99 -60.20 -0.27
CA THR L 278 -49.55 -59.57 -1.50
C THR L 278 -48.44 -60.42 -2.09
N VAL L 279 -48.79 -61.22 -3.10
CA VAL L 279 -47.80 -62.11 -3.70
C VAL L 279 -47.01 -61.46 -4.83
N VAL L 280 -47.56 -60.42 -5.46
CA VAL L 280 -46.81 -59.65 -6.46
C VAL L 280 -46.97 -58.17 -6.16
N SER L 281 -45.87 -57.44 -6.21
CA SER L 281 -45.89 -55.99 -6.00
C SER L 281 -44.85 -55.37 -6.90
N CYS L 282 -45.28 -54.46 -7.79
CA CYS L 282 -44.36 -53.83 -8.74
C CYS L 282 -44.84 -52.41 -9.00
N GLU L 283 -44.19 -51.45 -8.34
CA GLU L 283 -44.24 -50.04 -8.73
C GLU L 283 -45.67 -49.52 -8.82
N GLY L 284 -46.53 -49.98 -7.93
CA GLY L 284 -47.91 -49.53 -7.85
C GLY L 284 -48.94 -50.53 -8.27
N TYR L 285 -48.56 -51.62 -8.94
CA TYR L 285 -49.50 -52.67 -9.34
C TYR L 285 -49.25 -53.90 -8.50
N VAL L 286 -50.32 -54.45 -7.92
CA VAL L 286 -50.21 -55.54 -6.97
C VAL L 286 -51.12 -56.68 -7.37
N VAL L 287 -50.67 -57.89 -7.08
CA VAL L 287 -51.47 -59.11 -7.17
C VAL L 287 -51.53 -59.67 -5.77
N LYS L 288 -52.74 -59.68 -5.19
CA LYS L 288 -53.00 -60.18 -3.85
C LYS L 288 -53.67 -61.53 -3.93
N ARG L 289 -53.14 -62.49 -3.18
CA ARG L 289 -53.67 -63.86 -3.15
C ARG L 289 -54.46 -64.03 -1.85
N ILE L 290 -55.79 -64.10 -1.99
CA ILE L 290 -56.68 -64.38 -0.85
C ILE L 290 -56.97 -65.86 -0.85
N THR L 291 -56.85 -66.49 0.31
CA THR L 291 -57.15 -67.90 0.47
C THR L 291 -58.25 -68.07 1.50
N MET L 292 -59.22 -68.92 1.19
CA MET L 292 -60.44 -69.04 1.97
C MET L 292 -60.49 -70.39 2.68
N SER L 293 -61.04 -70.37 3.89
CA SER L 293 -61.13 -71.58 4.69
C SER L 293 -62.39 -71.56 5.54
N PRO L 294 -63.23 -72.59 5.47
CA PRO L 294 -64.47 -72.60 6.25
C PRO L 294 -64.19 -72.81 7.73
N GLY L 295 -65.01 -72.19 8.56
CA GLY L 295 -64.86 -72.27 9.99
C GLY L 295 -63.97 -71.17 10.55
N LEU L 296 -64.40 -70.64 11.70
CA LEU L 296 -63.68 -69.57 12.38
C LEU L 296 -62.50 -70.17 13.13
N TYR L 297 -61.30 -69.68 12.83
CA TYR L 297 -60.08 -70.17 13.48
C TYR L 297 -59.18 -68.99 13.79
N GLY L 298 -58.53 -69.04 14.96
CA GLY L 298 -57.65 -67.96 15.36
C GLY L 298 -58.41 -66.70 15.73
N LYS L 299 -57.71 -65.57 15.69
CA LYS L 299 -58.31 -64.29 16.01
C LYS L 299 -57.65 -63.22 15.15
N THR L 300 -58.33 -62.09 15.00
CA THR L 300 -57.94 -61.06 14.06
C THR L 300 -57.44 -59.82 14.81
N THR L 301 -56.37 -59.22 14.28
CA THR L 301 -55.85 -57.96 14.81
C THR L 301 -56.44 -56.74 14.11
N GLY L 302 -56.96 -56.90 12.89
CA GLY L 302 -57.46 -55.77 12.14
C GLY L 302 -56.40 -54.90 11.54
N TYR L 303 -55.19 -55.42 11.34
CA TYR L 303 -54.06 -54.64 10.86
C TYR L 303 -53.67 -55.09 9.45
N ALA L 304 -53.47 -54.12 8.56
CA ALA L 304 -53.03 -54.36 7.20
C ALA L 304 -51.64 -53.77 7.01
N VAL L 305 -50.80 -54.50 6.30
CA VAL L 305 -49.39 -54.17 6.12
C VAL L 305 -49.10 -54.01 4.63
N THR L 306 -48.46 -52.90 4.27
CA THR L 306 -47.94 -52.69 2.92
C THR L 306 -46.43 -52.53 2.99
N HIS L 307 -45.71 -53.36 2.24
CA HIS L 307 -44.26 -53.30 2.20
C HIS L 307 -43.82 -52.45 1.01
N HIS L 308 -42.94 -51.48 1.27
CA HIS L 308 -42.53 -50.52 0.25
C HIS L 308 -41.15 -50.91 -0.28
N ALA L 309 -41.12 -51.59 -1.42
CA ALA L 309 -39.86 -51.81 -2.12
C ALA L 309 -39.30 -50.48 -2.64
N ASP L 310 -40.16 -49.61 -3.12
N ASP L 310 -40.16 -49.61 -3.13
CA ASP L 310 -39.82 -48.28 -3.58
CA ASP L 310 -39.76 -48.28 -3.54
C ASP L 310 -40.41 -47.26 -2.61
C ASP L 310 -40.44 -47.24 -2.66
N GLY L 311 -39.86 -46.04 -2.64
CA GLY L 311 -40.36 -45.01 -1.74
C GLY L 311 -41.78 -44.60 -2.07
N PHE L 312 -42.51 -44.22 -1.04
CA PHE L 312 -43.90 -43.78 -1.18
C PHE L 312 -44.06 -42.46 -0.44
N LEU L 313 -44.75 -41.51 -1.06
CA LEU L 313 -44.92 -40.19 -0.47
C LEU L 313 -46.38 -39.77 -0.53
N MET L 314 -46.85 -39.14 0.54
CA MET L 314 -48.11 -38.42 0.57
C MET L 314 -47.86 -37.09 1.25
N CYS L 315 -47.96 -36.00 0.49
CA CYS L 315 -47.51 -34.70 0.99
C CYS L 315 -48.54 -33.63 0.69
N LYS L 316 -48.51 -32.58 1.51
CA LYS L 316 -49.36 -31.42 1.30
C LYS L 316 -48.76 -30.53 0.21
N THR L 317 -49.60 -30.12 -0.72
CA THR L 317 -49.18 -29.24 -1.81
C THR L 317 -50.29 -28.24 -2.11
N THR L 318 -49.88 -27.05 -2.55
CA THR L 318 -50.78 -25.94 -2.80
C THR L 318 -51.00 -25.78 -4.31
N ASP L 319 -52.26 -25.88 -4.73
CA ASP L 319 -52.60 -25.68 -6.14
C ASP L 319 -53.87 -24.86 -6.26
N THR L 320 -54.16 -24.38 -7.46
CA THR L 320 -55.36 -23.60 -7.71
C THR L 320 -56.41 -24.51 -8.36
N VAL L 321 -57.53 -24.70 -7.65
CA VAL L 321 -58.68 -25.41 -8.19
C VAL L 321 -59.67 -24.35 -8.68
N ASP L 322 -59.93 -24.35 -9.99
CA ASP L 322 -60.77 -23.33 -10.63
C ASP L 322 -60.28 -21.92 -10.28
N GLY L 323 -58.96 -21.76 -10.17
CA GLY L 323 -58.37 -20.48 -9.85
C GLY L 323 -58.29 -20.15 -8.38
N GLU L 324 -58.83 -20.99 -7.50
CA GLU L 324 -58.81 -20.74 -6.06
C GLU L 324 -57.65 -21.51 -5.43
N ARG L 325 -56.77 -20.79 -4.77
CA ARG L 325 -55.59 -21.40 -4.17
C ARG L 325 -55.96 -22.16 -2.91
N VAL L 326 -55.78 -23.47 -2.92
CA VAL L 326 -56.05 -24.33 -1.78
C VAL L 326 -54.87 -25.29 -1.63
N SER L 327 -54.88 -26.03 -0.52
CA SER L 327 -53.83 -27.00 -0.23
C SER L 327 -54.47 -28.35 0.05
N PHE L 328 -53.93 -29.40 -0.59
CA PHE L 328 -54.45 -30.74 -0.39
C PHE L 328 -53.31 -31.75 -0.55
N SER L 329 -53.61 -33.01 -0.24
CA SER L 329 -52.62 -34.06 -0.21
C SER L 329 -52.50 -34.75 -1.56
N VAL L 330 -51.26 -35.02 -1.96
CA VAL L 330 -50.95 -35.72 -3.20
C VAL L 330 -49.97 -36.84 -2.88
N CYS L 331 -50.23 -38.02 -3.42
CA CYS L 331 -49.42 -39.20 -3.15
C CYS L 331 -48.78 -39.71 -4.44
N THR L 332 -47.66 -40.40 -4.31
CA THR L 332 -46.95 -40.95 -5.45
C THR L 332 -45.91 -41.95 -4.98
N TYR L 333 -45.28 -42.61 -5.95
CA TYR L 333 -44.20 -43.56 -5.73
C TYR L 333 -42.92 -43.01 -6.35
N VAL L 334 -41.79 -43.26 -5.68
CA VAL L 334 -40.48 -42.78 -6.12
C VAL L 334 -39.53 -43.98 -6.16
N PRO L 335 -38.70 -44.11 -7.19
CA PRO L 335 -37.81 -45.27 -7.28
C PRO L 335 -36.85 -45.36 -6.09
N ALA L 336 -36.49 -46.60 -5.74
CA ALA L 336 -35.65 -46.82 -4.57
C ALA L 336 -34.26 -46.24 -4.75
N THR L 337 -33.73 -46.27 -5.98
CA THR L 337 -32.42 -45.66 -6.24
C THR L 337 -32.45 -44.17 -5.93
N ILE L 338 -33.51 -43.48 -6.34
CA ILE L 338 -33.63 -42.05 -6.07
C ILE L 338 -33.69 -41.80 -4.57
N CYS L 339 -34.49 -42.59 -3.85
CA CYS L 339 -34.61 -42.41 -2.41
C CYS L 339 -33.27 -42.66 -1.72
N ASP L 340 -32.54 -43.69 -2.14
CA ASP L 340 -31.23 -43.97 -1.55
C ASP L 340 -30.24 -42.85 -1.84
N GLN L 341 -30.27 -42.28 -3.05
CA GLN L 341 -29.39 -41.17 -3.36
C GLN L 341 -29.82 -39.90 -2.62
N MET L 342 -31.07 -39.82 -2.19
CA MET L 342 -31.56 -38.65 -1.48
C MET L 342 -31.24 -38.67 0.01
N THR L 343 -30.80 -39.82 0.55
CA THR L 343 -30.64 -39.98 1.99
C THR L 343 -29.58 -39.03 2.54
N GLY L 344 -28.45 -38.90 1.84
CA GLY L 344 -27.35 -38.13 2.38
C GLY L 344 -27.67 -36.65 2.53
N ILE L 345 -28.36 -36.07 1.55
CA ILE L 345 -28.60 -34.64 1.57
C ILE L 345 -29.88 -34.27 2.31
N LEU L 346 -30.72 -35.23 2.68
CA LEU L 346 -31.92 -34.94 3.44
C LEU L 346 -31.66 -34.83 4.93
N ALA L 347 -30.42 -34.99 5.37
CA ALA L 347 -30.08 -34.82 6.78
C ALA L 347 -30.20 -33.36 7.22
N THR L 348 -30.23 -32.43 6.29
CA THR L 348 -30.24 -31.00 6.59
C THR L 348 -31.55 -30.38 6.13
N GLU L 349 -31.65 -29.06 6.31
CA GLU L 349 -32.76 -28.28 5.77
C GLU L 349 -32.43 -27.90 4.34
N VAL L 350 -33.23 -28.39 3.39
CA VAL L 350 -33.01 -28.17 1.97
C VAL L 350 -34.23 -27.49 1.38
N THR L 351 -34.01 -26.41 0.64
CA THR L 351 -35.11 -25.70 0.02
C THR L 351 -35.70 -26.55 -1.12
N PRO L 352 -36.98 -26.37 -1.42
CA PRO L 352 -37.59 -27.14 -2.52
C PRO L 352 -36.91 -26.93 -3.86
N GLU L 353 -36.37 -25.73 -4.12
CA GLU L 353 -35.70 -25.47 -5.39
C GLU L 353 -34.42 -26.27 -5.50
N ASP L 354 -33.59 -26.25 -4.46
CA ASP L 354 -32.35 -27.02 -4.48
C ASP L 354 -32.64 -28.51 -4.53
N ALA L 355 -33.64 -28.96 -3.78
CA ALA L 355 -34.02 -30.38 -3.82
C ALA L 355 -34.49 -30.77 -5.21
N GLN L 356 -35.26 -29.92 -5.88
CA GLN L 356 -35.72 -30.22 -7.22
C GLN L 356 -34.56 -30.30 -8.20
N LYS L 357 -33.61 -29.37 -8.09
CA LYS L 357 -32.46 -29.40 -8.98
C LYS L 357 -31.63 -30.66 -8.77
N LEU L 358 -31.43 -31.05 -7.51
CA LEU L 358 -30.65 -32.25 -7.24
C LEU L 358 -31.40 -33.51 -7.69
N LEU L 359 -32.71 -33.53 -7.53
CA LEU L 359 -33.52 -34.65 -8.03
C LEU L 359 -33.42 -34.75 -9.54
N VAL L 360 -33.46 -33.61 -10.24
CA VAL L 360 -33.33 -33.62 -11.69
C VAL L 360 -31.94 -34.11 -12.10
N GLY L 361 -30.91 -33.66 -11.38
CA GLY L 361 -29.56 -34.14 -11.66
C GLY L 361 -29.44 -35.65 -11.47
N LEU L 362 -30.09 -36.19 -10.44
CA LEU L 362 -30.10 -37.64 -10.26
C LEU L 362 -30.94 -38.34 -11.32
N ASN L 363 -31.94 -37.65 -11.88
CA ASN L 363 -32.81 -38.28 -12.87
C ASN L 363 -32.17 -38.27 -14.25
N GLN L 364 -31.72 -37.12 -14.72
N GLN L 364 -31.71 -37.11 -14.70
CA GLN L 364 -31.09 -37.00 -16.03
CA GLN L 364 -31.05 -36.99 -16.01
C GLN L 364 -29.69 -37.62 -16.01
C GLN L 364 -29.74 -37.77 -16.04
N ASN L 377 -34.69 -41.40 -18.16
CA ASN L 377 -35.27 -40.89 -16.93
C ASN L 377 -35.71 -42.03 -16.00
N THR L 378 -35.14 -42.05 -14.80
CA THR L 378 -35.53 -43.06 -13.82
C THR L 378 -36.96 -42.84 -13.35
N MET L 379 -37.34 -41.59 -13.11
CA MET L 379 -38.68 -41.24 -12.70
C MET L 379 -39.25 -40.19 -13.66
N LYS L 380 -40.57 -40.14 -13.74
CA LYS L 380 -41.22 -39.17 -14.61
C LYS L 380 -41.04 -37.76 -14.05
N ASN L 381 -40.65 -36.83 -14.94
CA ASN L 381 -40.31 -35.48 -14.48
C ASN L 381 -41.54 -34.71 -14.03
N TYR L 382 -42.72 -35.07 -14.53
CA TYR L 382 -43.92 -34.30 -14.24
C TYR L 382 -44.28 -34.30 -12.76
N MET L 383 -43.82 -35.29 -12.00
CA MET L 383 -44.05 -35.31 -10.57
C MET L 383 -42.80 -34.99 -9.77
N ILE L 384 -41.70 -34.62 -10.43
CA ILE L 384 -40.47 -34.28 -9.70
C ILE L 384 -40.66 -33.09 -8.76
N PRO L 385 -41.31 -31.99 -9.15
CA PRO L 385 -41.40 -30.85 -8.22
C PRO L 385 -42.06 -31.19 -6.89
N VAL L 386 -43.25 -31.76 -6.90
CA VAL L 386 -43.99 -32.00 -5.67
C VAL L 386 -43.17 -32.89 -4.74
N VAL L 387 -42.59 -33.97 -5.27
CA VAL L 387 -41.73 -34.85 -4.48
C VAL L 387 -40.63 -34.03 -3.82
N ALA L 388 -39.99 -33.15 -4.59
CA ALA L 388 -38.97 -32.28 -4.03
C ALA L 388 -39.51 -31.54 -2.82
N GLN L 389 -40.66 -30.88 -2.98
CA GLN L 389 -41.28 -30.19 -1.86
C GLN L 389 -41.52 -31.16 -0.71
N ALA L 390 -42.07 -32.33 -1.01
CA ALA L 390 -42.26 -33.35 0.02
C ALA L 390 -40.96 -33.58 0.77
N PHE L 391 -39.88 -33.82 0.02
CA PHE L 391 -38.59 -34.06 0.67
C PHE L 391 -38.19 -32.83 1.46
N SER L 392 -38.35 -31.65 0.87
CA SER L 392 -38.00 -30.42 1.58
C SER L 392 -38.80 -30.28 2.86
N LYS L 393 -40.06 -30.73 2.85
CA LYS L 393 -40.83 -30.71 4.08
C LYS L 393 -40.34 -31.80 5.03
N TRP L 394 -40.12 -33.01 4.51
CA TRP L 394 -39.74 -34.12 5.38
C TRP L 394 -38.44 -33.84 6.09
N ALA L 395 -37.40 -33.49 5.33
CA ALA L 395 -36.12 -33.12 5.92
C ALA L 395 -36.29 -31.97 6.92
N LYS L 396 -37.24 -31.07 6.67
CA LYS L 396 -37.53 -30.04 7.65
C LYS L 396 -38.10 -30.63 8.93
N GLU L 397 -39.15 -31.44 8.80
CA GLU L 397 -39.86 -31.90 9.98
C GLU L 397 -38.96 -32.76 10.86
N CYS L 398 -38.20 -33.67 10.25
CA CYS L 398 -37.24 -34.48 11.01
C CYS L 398 -36.30 -33.58 11.82
N ARG L 399 -35.80 -32.51 11.19
CA ARG L 399 -34.91 -31.61 11.91
CA ARG L 399 -34.92 -31.61 11.91
C ARG L 399 -35.60 -31.02 13.13
N LYS L 400 -36.90 -30.70 13.03
N LYS L 400 -36.90 -30.70 13.03
CA LYS L 400 -37.63 -30.19 14.18
CA LYS L 400 -37.63 -30.19 14.18
C LYS L 400 -37.67 -31.22 15.30
C LYS L 400 -37.67 -31.22 15.30
N ASP L 401 -37.86 -32.49 14.95
CA ASP L 401 -37.82 -33.54 15.97
C ASP L 401 -36.44 -33.62 16.61
N MET L 402 -35.39 -33.23 15.88
CA MET L 402 -34.06 -33.12 16.48
C MET L 402 -34.01 -32.00 17.49
N GLU L 403 -34.65 -30.86 17.19
CA GLU L 403 -34.55 -29.70 18.07
C GLU L 403 -35.38 -29.88 19.34
N ASP L 404 -36.60 -30.38 19.19
CA ASP L 404 -37.51 -30.57 20.32
C ASP L 404 -37.38 -31.98 20.88
N GLU L 405 -36.19 -32.27 21.40
CA GLU L 405 -35.93 -33.58 21.97
C GLU L 405 -36.64 -33.71 23.32
N LYS L 406 -37.57 -34.66 23.39
CA LYS L 406 -38.35 -34.88 24.61
C LYS L 406 -37.58 -35.78 25.57
N LEU L 407 -38.20 -36.06 26.71
CA LEU L 407 -37.64 -37.02 27.65
C LEU L 407 -38.06 -38.44 27.26
N LEU L 408 -37.28 -39.41 27.74
CA LEU L 408 -37.52 -40.79 27.38
C LEU L 408 -38.78 -41.30 28.07
N GLY L 409 -39.80 -41.60 27.28
CA GLY L 409 -41.03 -42.15 27.82
C GLY L 409 -41.79 -41.24 28.76
N VAL L 410 -41.95 -39.97 28.40
CA VAL L 410 -42.72 -39.02 29.18
C VAL L 410 -43.64 -38.25 28.25
N ARG L 411 -44.93 -38.27 28.53
CA ARG L 411 -45.92 -37.50 27.79
C ARG L 411 -46.36 -36.32 28.64
N GLU L 412 -46.24 -35.12 28.10
CA GLU L 412 -46.59 -33.89 28.81
C GLU L 412 -47.95 -33.42 28.33
N ARG L 413 -48.99 -33.82 29.07
CA ARG L 413 -50.36 -33.45 28.75
C ARG L 413 -50.93 -32.58 29.86
N THR L 414 -51.66 -31.53 29.47
CA THR L 414 -52.20 -30.57 30.41
C THR L 414 -53.64 -30.93 30.76
N LEU L 415 -53.96 -30.85 32.05
CA LEU L 415 -55.32 -31.10 32.51
C LEU L 415 -56.19 -29.90 32.16
N THR L 416 -57.18 -30.11 31.29
CA THR L 416 -57.98 -29.00 30.79
C THR L 416 -59.12 -28.62 31.74
N CYS L 417 -58.79 -28.45 33.02
CA CYS L 417 -59.75 -28.03 34.05
C CYS L 417 -60.94 -28.99 34.13
N CYS L 418 -60.72 -30.24 33.74
N CYS L 418 -60.72 -30.24 33.75
CA CYS L 418 -61.76 -31.25 33.69
CA CYS L 418 -61.77 -31.26 33.73
C CYS L 418 -61.10 -32.61 33.88
C CYS L 418 -61.10 -32.62 33.84
N CYS L 419 -61.85 -33.69 33.59
CA CYS L 419 -61.33 -35.04 33.64
C CYS L 419 -60.71 -35.48 32.31
N LEU L 420 -60.31 -34.52 31.47
CA LEU L 420 -59.76 -34.79 30.15
C LEU L 420 -58.33 -34.26 30.08
N TRP L 421 -57.54 -34.90 29.21
CA TRP L 421 -56.14 -34.55 29.00
C TRP L 421 -55.91 -34.21 27.54
N ALA L 422 -55.10 -33.18 27.29
CA ALA L 422 -54.86 -32.68 25.95
C ALA L 422 -53.37 -32.51 25.71
N PHE L 423 -52.97 -32.66 24.45
CA PHE L 423 -51.58 -32.49 24.04
C PHE L 423 -51.54 -31.64 22.78
N LYS L 424 -50.34 -31.22 22.41
CA LYS L 424 -50.13 -30.43 21.19
C LYS L 424 -49.70 -31.32 20.05
N LYS L 425 -50.36 -31.17 18.91
CA LYS L 425 -50.02 -31.90 17.70
C LYS L 425 -49.05 -31.08 16.86
N GLN L 426 -48.04 -31.75 16.32
CA GLN L 426 -47.03 -31.08 15.51
C GLN L 426 -47.50 -30.97 14.07
N LYS L 427 -46.76 -30.18 13.29
CA LYS L 427 -47.07 -29.98 11.87
C LYS L 427 -46.49 -31.13 11.06
N THR L 428 -47.36 -31.97 10.52
CA THR L 428 -46.96 -33.11 9.69
C THR L 428 -47.49 -32.86 8.28
N HIS L 429 -46.61 -32.39 7.40
CA HIS L 429 -46.97 -32.09 6.03
C HIS L 429 -46.59 -33.18 5.03
N THR L 430 -45.73 -34.11 5.42
CA THR L 430 -45.28 -35.15 4.52
C THR L 430 -45.21 -36.49 5.25
N VAL L 431 -45.74 -37.52 4.61
CA VAL L 431 -45.57 -38.90 5.04
C VAL L 431 -44.70 -39.58 3.99
N TYR L 432 -43.51 -40.01 4.40
CA TYR L 432 -42.48 -40.53 3.51
C TYR L 432 -42.10 -41.93 3.99
N LYS L 433 -42.65 -42.94 3.32
CA LYS L 433 -42.28 -44.33 3.59
C LYS L 433 -41.10 -44.69 2.71
N ARG L 434 -39.92 -44.78 3.31
CA ARG L 434 -38.71 -45.09 2.58
C ARG L 434 -38.72 -46.54 2.11
N PRO L 435 -37.89 -46.88 1.13
CA PRO L 435 -37.78 -48.28 0.72
C PRO L 435 -37.37 -49.18 1.88
N ASP L 436 -37.87 -50.42 1.85
CA ASP L 436 -37.68 -51.40 2.91
C ASP L 436 -38.34 -50.99 4.22
N THR L 437 -39.43 -50.23 4.13
CA THR L 437 -40.27 -49.92 5.27
C THR L 437 -41.67 -50.50 5.04
N GLN L 438 -42.54 -50.31 6.02
CA GLN L 438 -43.88 -50.88 5.97
C GLN L 438 -44.88 -49.89 6.54
N SER L 439 -46.00 -49.74 5.84
CA SER L 439 -47.14 -48.99 6.34
C SER L 439 -48.10 -49.94 7.02
N ILE L 440 -48.47 -49.63 8.25
CA ILE L 440 -49.37 -50.46 9.06
C ILE L 440 -50.62 -49.64 9.35
N GLN L 441 -51.77 -50.15 8.93
CA GLN L 441 -53.03 -49.42 9.05
C GLN L 441 -54.09 -50.30 9.72
N LYS L 442 -54.79 -49.74 10.69
CA LYS L 442 -55.84 -50.48 11.39
C LYS L 442 -57.11 -50.46 10.56
N VAL L 443 -57.52 -51.63 10.06
CA VAL L 443 -58.69 -51.76 9.22
C VAL L 443 -59.72 -52.67 9.92
N GLN L 444 -60.93 -52.66 9.39
CA GLN L 444 -62.00 -53.46 9.96
C GLN L 444 -61.83 -54.93 9.60
N ALA L 445 -62.02 -55.80 10.57
CA ALA L 445 -62.03 -57.24 10.37
C ALA L 445 -63.39 -57.80 10.81
N GLU L 446 -63.53 -59.12 10.66
CA GLU L 446 -64.74 -59.85 11.08
C GLU L 446 -66.00 -59.25 10.45
N PHE L 447 -66.02 -59.27 9.12
CA PHE L 447 -67.18 -58.79 8.38
C PHE L 447 -68.34 -59.76 8.52
N PRO M 3 -36.16 75.20 -5.45
CA PRO M 3 -36.46 73.92 -4.81
C PRO M 3 -37.66 73.23 -5.44
N VAL M 4 -37.40 72.23 -6.29
CA VAL M 4 -38.47 71.51 -6.98
C VAL M 4 -38.83 70.27 -6.17
N TYR M 5 -40.13 70.02 -6.01
CA TYR M 5 -40.64 68.86 -5.31
C TYR M 5 -41.16 67.84 -6.32
N VAL M 6 -40.88 66.57 -6.04
CA VAL M 6 -41.23 65.47 -6.93
C VAL M 6 -42.12 64.50 -6.17
N ASP M 7 -43.22 64.09 -6.80
CA ASP M 7 -44.18 63.16 -6.20
C ASP M 7 -43.66 61.72 -6.30
N ILE M 8 -42.53 61.49 -5.65
CA ILE M 8 -41.93 60.17 -5.58
C ILE M 8 -41.63 59.85 -4.12
N ASP M 9 -41.19 58.61 -3.89
CA ASP M 9 -40.89 58.17 -2.53
C ASP M 9 -39.69 58.91 -1.98
N ALA M 10 -39.66 59.05 -0.65
CA ALA M 10 -38.56 59.74 0.01
C ALA M 10 -37.28 58.92 0.03
N ASP M 11 -37.36 57.61 -0.25
CA ASP M 11 -36.19 56.74 -0.23
C ASP M 11 -36.08 55.92 -1.50
N SER M 12 -36.57 56.45 -2.62
CA SER M 12 -36.51 55.75 -3.90
C SER M 12 -35.12 55.83 -4.50
N ALA M 13 -34.69 54.74 -5.15
CA ALA M 13 -33.38 54.71 -5.77
C ALA M 13 -33.28 55.63 -6.98
N PHE M 14 -34.40 55.88 -7.67
CA PHE M 14 -34.41 56.78 -8.82
C PHE M 14 -34.04 58.21 -8.44
N LEU M 15 -34.32 58.63 -7.20
CA LEU M 15 -34.08 60.00 -6.75
C LEU M 15 -32.71 60.49 -7.18
N LYS M 16 -31.65 59.77 -6.80
CA LYS M 16 -30.30 60.19 -7.14
C LYS M 16 -30.14 60.43 -8.64
N ALA M 17 -30.58 59.45 -9.46
CA ALA M 17 -30.49 59.61 -10.90
C ALA M 17 -31.20 60.88 -11.34
N LEU M 18 -32.39 61.12 -10.79
CA LEU M 18 -33.11 62.35 -11.09
C LEU M 18 -32.28 63.58 -10.74
N GLN M 19 -31.65 63.58 -9.56
N GLN M 19 -31.65 63.58 -9.56
CA GLN M 19 -30.81 64.70 -9.18
CA GLN M 19 -30.80 64.71 -9.19
C GLN M 19 -29.61 64.83 -10.12
C GLN M 19 -29.60 64.83 -10.11
N ARG M 20 -29.12 63.70 -10.64
CA ARG M 20 -28.03 63.78 -11.60
C ARG M 20 -28.51 64.30 -12.95
N ALA M 21 -29.80 64.15 -13.24
CA ALA M 21 -30.34 64.62 -14.51
C ALA M 21 -30.63 66.12 -14.51
N TYR M 22 -30.86 66.72 -13.36
CA TYR M 22 -31.19 68.14 -13.24
C TYR M 22 -30.31 68.76 -12.18
N PRO M 23 -29.05 69.07 -12.50
CA PRO M 23 -28.15 69.66 -11.50
C PRO M 23 -28.51 71.09 -11.11
N MET M 24 -29.22 71.83 -11.96
CA MET M 24 -29.58 73.21 -11.65
C MET M 24 -30.64 73.32 -10.56
N PHE M 25 -31.33 72.22 -10.25
CA PHE M 25 -32.47 72.24 -9.34
C PHE M 25 -32.16 71.42 -8.10
N GLU M 26 -32.83 71.77 -7.00
CA GLU M 26 -32.77 71.00 -5.76
C GLU M 26 -34.01 70.12 -5.72
N VAL M 27 -33.83 68.83 -6.02
CA VAL M 27 -34.94 67.90 -6.14
C VAL M 27 -35.22 67.30 -4.77
N GLU M 28 -36.44 67.48 -4.29
CA GLU M 28 -36.84 66.98 -2.97
C GLU M 28 -38.10 66.14 -3.12
N PRO M 29 -38.13 64.94 -2.53
CA PRO M 29 -39.30 64.07 -2.68
C PRO M 29 -40.44 64.50 -1.76
N ARG M 30 -41.66 64.39 -2.29
CA ARG M 30 -42.88 64.63 -1.49
C ARG M 30 -43.97 63.72 -2.08
N GLN M 31 -44.13 62.54 -1.48
CA GLN M 31 -45.05 61.55 -2.00
C GLN M 31 -46.45 61.80 -1.45
N VAL M 32 -47.42 61.98 -2.34
CA VAL M 32 -48.80 62.21 -1.94
C VAL M 32 -49.72 61.29 -2.73
N THR M 33 -49.12 60.41 -3.54
CA THR M 33 -49.89 59.49 -4.39
C THR M 33 -49.08 58.24 -4.66
N PRO M 34 -49.69 57.04 -4.56
CA PRO M 34 -48.98 55.80 -4.91
C PRO M 34 -49.02 55.53 -6.40
N ASN M 35 -48.50 56.48 -7.18
CA ASN M 35 -48.57 56.39 -8.64
C ASN M 35 -47.68 55.27 -9.15
N ASP M 36 -48.21 54.47 -10.07
CA ASP M 36 -47.47 53.37 -10.66
C ASP M 36 -46.37 53.83 -11.60
N HIS M 37 -46.40 55.08 -12.04
CA HIS M 37 -45.39 55.64 -12.95
C HIS M 37 -44.95 57.01 -12.46
N ALA M 38 -44.64 57.11 -11.16
CA ALA M 38 -44.29 58.40 -10.56
C ALA M 38 -42.98 58.95 -11.12
N ASN M 39 -42.07 58.09 -11.54
CA ASN M 39 -40.81 58.56 -12.10
C ASN M 39 -41.04 59.35 -13.39
N ALA M 40 -41.95 58.89 -14.24
CA ALA M 40 -42.26 59.61 -15.47
C ALA M 40 -42.81 60.99 -15.17
N ARG M 41 -43.73 61.08 -14.20
CA ARG M 41 -44.30 62.38 -13.85
C ARG M 41 -43.26 63.31 -13.26
N ALA M 42 -42.36 62.78 -12.42
CA ALA M 42 -41.31 63.61 -11.85
C ALA M 42 -40.37 64.13 -12.92
N PHE M 43 -39.98 63.27 -13.86
CA PHE M 43 -39.10 63.69 -14.94
C PHE M 43 -39.78 64.75 -15.81
N SER M 44 -41.05 64.55 -16.13
CA SER M 44 -41.77 65.54 -16.93
C SER M 44 -41.88 66.87 -16.19
N HIS M 45 -42.13 66.83 -14.89
CA HIS M 45 -42.23 68.05 -14.09
C HIS M 45 -40.92 68.82 -14.10
N LEU M 46 -39.80 68.14 -13.82
CA LEU M 46 -38.52 68.82 -13.84
C LEU M 46 -38.13 69.26 -15.24
N ALA M 47 -38.56 68.52 -16.27
CA ALA M 47 -38.30 68.94 -17.64
C ALA M 47 -39.02 70.25 -17.96
N ILE M 48 -40.27 70.37 -17.51
CA ILE M 48 -41.01 71.61 -17.74
C ILE M 48 -40.36 72.77 -16.97
N LYS M 49 -39.93 72.51 -15.74
CA LYS M 49 -39.25 73.56 -14.98
C LYS M 49 -37.95 73.98 -15.64
N LEU M 50 -37.18 73.02 -16.15
CA LEU M 50 -35.95 73.33 -16.87
C LEU M 50 -36.24 74.16 -18.12
N ILE M 51 -37.28 73.78 -18.86
CA ILE M 51 -37.66 74.53 -20.05
C ILE M 51 -38.02 75.96 -19.68
N GLU M 52 -38.83 76.13 -18.64
CA GLU M 52 -39.25 77.47 -18.24
C GLU M 52 -38.07 78.31 -17.78
N GLN M 53 -37.13 77.71 -17.06
CA GLN M 53 -35.96 78.45 -16.60
C GLN M 53 -35.06 78.85 -17.78
N GLU M 54 -34.91 77.96 -18.75
CA GLU M 54 -33.90 78.15 -19.79
C GLU M 54 -34.32 79.09 -20.90
N ILE M 55 -35.57 79.57 -20.91
CA ILE M 55 -36.05 80.37 -22.03
C ILE M 55 -36.51 81.74 -21.59
N ASP M 56 -36.98 82.54 -22.54
CA ASP M 56 -37.36 83.93 -22.29
C ASP M 56 -38.61 83.99 -21.41
N PRO M 57 -38.58 84.67 -20.26
CA PRO M 57 -39.80 84.81 -19.45
C PRO M 57 -40.93 85.53 -20.16
N ASP M 58 -40.64 86.47 -21.07
CA ASP M 58 -41.67 87.20 -21.80
C ASP M 58 -41.81 86.58 -23.18
N SER M 59 -42.59 85.50 -23.25
CA SER M 59 -42.82 84.80 -24.50
C SER M 59 -44.05 83.92 -24.35
N THR M 60 -44.94 83.98 -25.34
CA THR M 60 -46.10 83.08 -25.35
C THR M 60 -45.63 81.66 -25.62
N ILE M 61 -45.97 80.74 -24.71
CA ILE M 61 -45.44 79.38 -24.73
C ILE M 61 -46.59 78.45 -25.13
N LEU M 62 -46.69 78.14 -26.41
CA LEU M 62 -47.68 77.17 -26.87
C LEU M 62 -47.15 75.76 -26.63
N ASP M 63 -47.99 74.90 -26.06
CA ASP M 63 -47.64 73.50 -25.81
C ASP M 63 -48.61 72.62 -26.57
N ILE M 64 -48.06 71.71 -27.37
CA ILE M 64 -48.85 70.91 -28.30
C ILE M 64 -49.41 69.69 -27.58
N GLY M 65 -50.71 69.45 -27.75
CA GLY M 65 -51.34 68.28 -27.17
C GLY M 65 -51.19 68.21 -25.66
N SER M 66 -51.32 69.33 -24.98
CA SER M 66 -51.02 69.42 -23.56
C SER M 66 -52.29 69.33 -22.72
N ALA M 67 -52.11 68.90 -21.47
CA ALA M 67 -53.18 68.94 -20.49
C ALA M 67 -53.18 70.31 -19.80
N PRO M 68 -54.27 71.07 -19.86
CA PRO M 68 -54.24 72.43 -19.29
C PRO M 68 -54.23 72.45 -17.78
N ALA M 69 -54.55 71.34 -17.11
CA ALA M 69 -54.52 71.32 -15.65
C ALA M 69 -53.10 71.42 -15.10
N ARG M 70 -52.11 70.88 -15.84
CA ARG M 70 -50.74 70.90 -15.36
C ARG M 70 -50.09 72.27 -15.49
N ARG M 71 -50.56 73.09 -16.42
CA ARG M 71 -49.98 74.41 -16.65
C ARG M 71 -50.43 75.44 -15.63
N MET M 72 -51.23 75.05 -14.64
CA MET M 72 -51.65 75.98 -13.60
C MET M 72 -50.48 76.39 -12.72
N MET M 73 -50.65 77.51 -12.04
CA MET M 73 -49.62 78.07 -11.14
C MET M 73 -48.33 78.37 -11.89
N SER M 74 -48.44 78.76 -13.16
CA SER M 74 -47.30 79.16 -13.98
C SER M 74 -47.58 80.53 -14.55
N ASP M 75 -46.83 81.54 -14.09
CA ASP M 75 -47.06 82.91 -14.52
C ASP M 75 -46.81 83.10 -16.01
N ARG M 76 -46.06 82.21 -16.65
CA ARG M 76 -45.79 82.33 -18.07
C ARG M 76 -47.06 82.10 -18.88
N LYS M 77 -47.21 82.88 -19.95
CA LYS M 77 -48.35 82.69 -20.85
C LYS M 77 -48.25 81.33 -21.53
N TYR M 78 -49.36 80.61 -21.57
CA TYR M 78 -49.41 79.27 -22.16
C TYR M 78 -50.56 79.18 -23.14
N HIS M 79 -50.28 78.74 -24.36
CA HIS M 79 -51.30 78.39 -25.35
C HIS M 79 -51.49 76.88 -25.29
N CYS M 80 -52.37 76.44 -24.39
CA CYS M 80 -52.66 75.03 -24.21
C CYS M 80 -53.49 74.55 -25.39
N VAL M 81 -52.85 73.84 -26.31
CA VAL M 81 -53.52 73.35 -27.51
C VAL M 81 -54.16 72.01 -27.21
N CYS M 82 -55.48 71.93 -27.35
N CYS M 82 -55.48 71.94 -27.36
CA CYS M 82 -56.24 70.72 -27.09
CA CYS M 82 -56.24 70.72 -27.09
C CYS M 82 -57.10 70.42 -28.30
C CYS M 82 -57.11 70.41 -28.30
N PRO M 83 -56.59 69.64 -29.25
CA PRO M 83 -57.37 69.33 -30.46
C PRO M 83 -58.55 68.40 -30.22
N MET M 84 -58.80 67.97 -28.98
CA MET M 84 -59.95 67.14 -28.63
C MET M 84 -59.95 65.82 -29.41
N ARG M 85 -58.78 65.32 -29.78
CA ARG M 85 -58.69 64.13 -30.61
C ARG M 85 -58.71 62.85 -29.78
N SER M 86 -57.93 62.78 -28.71
CA SER M 86 -57.92 61.60 -27.87
C SER M 86 -59.15 61.59 -26.96
N ALA M 87 -59.49 60.39 -26.48
CA ALA M 87 -60.65 60.21 -25.63
C ALA M 87 -60.45 60.70 -24.20
N GLU M 88 -59.21 60.89 -23.76
CA GLU M 88 -58.95 61.41 -22.42
C GLU M 88 -59.15 62.92 -22.35
N ASP M 89 -59.18 63.60 -23.48
CA ASP M 89 -59.27 65.07 -23.48
C ASP M 89 -60.50 65.64 -22.81
N PRO M 90 -61.73 65.14 -23.04
CA PRO M 90 -62.89 65.74 -22.35
C PRO M 90 -62.78 65.69 -20.84
N GLU M 91 -62.25 64.60 -20.29
CA GLU M 91 -62.05 64.51 -18.85
C GLU M 91 -60.98 65.48 -18.38
N ARG M 92 -59.91 65.65 -19.17
CA ARG M 92 -58.89 66.63 -18.83
C ARG M 92 -59.47 68.04 -18.80
N LEU M 93 -60.30 68.38 -19.77
CA LEU M 93 -60.92 69.70 -19.79
C LEU M 93 -61.91 69.85 -18.65
N ALA M 94 -62.62 68.79 -18.29
CA ALA M 94 -63.53 68.86 -17.14
C ALA M 94 -62.76 69.15 -15.86
N ASN M 95 -61.64 68.47 -15.65
CA ASN M 95 -60.82 68.74 -14.48
C ASN M 95 -60.24 70.14 -14.51
N TYR M 96 -59.81 70.60 -15.70
CA TYR M 96 -59.27 71.94 -15.83
C TYR M 96 -60.33 72.99 -15.52
N ALA M 97 -61.56 72.75 -15.94
CA ALA M 97 -62.65 73.69 -15.67
C ALA M 97 -63.02 73.69 -14.19
N ARG M 98 -62.98 72.52 -13.54
CA ARG M 98 -63.21 72.47 -12.10
C ARG M 98 -62.14 73.27 -11.35
N LYS M 99 -60.88 73.11 -11.75
CA LYS M 99 -59.81 73.87 -11.11
C LYS M 99 -59.95 75.36 -11.37
N LEU M 100 -60.31 75.74 -12.61
CA LEU M 100 -60.45 77.16 -12.93
C LEU M 100 -61.65 77.79 -12.22
N ALA M 101 -62.67 77.00 -11.92
CA ALA M 101 -63.83 77.50 -11.21
C ALA M 101 -63.71 77.39 -9.69
N SER M 102 -62.65 76.76 -9.19
CA SER M 102 -62.44 76.59 -7.76
C SER M 102 -61.45 77.58 -7.18
N ALA M 103 -60.93 78.51 -8.00
CA ALA M 103 -59.94 79.47 -7.52
C ALA M 103 -60.25 80.86 -8.05
N ALA M 104 -61.53 81.17 -8.24
CA ALA M 104 -61.92 82.48 -8.74
C ALA M 104 -61.51 83.59 -7.78
N GLY M 105 -61.91 83.47 -6.52
CA GLY M 105 -61.55 84.46 -5.53
C GLY M 105 -60.32 84.08 -4.72
N LYS M 106 -59.65 83.01 -5.13
CA LYS M 106 -58.51 82.47 -4.40
C LYS M 106 -57.17 82.98 -4.92
N VAL M 107 -56.91 82.82 -6.22
CA VAL M 107 -55.65 83.23 -6.83
C VAL M 107 -55.94 84.26 -7.91
N LEU M 108 -55.03 85.23 -8.06
CA LEU M 108 -55.19 86.30 -9.04
C LEU M 108 -53.97 86.55 -9.90
N ASP M 109 -52.78 86.09 -9.50
CA ASP M 109 -51.57 86.36 -10.26
C ASP M 109 -51.38 85.40 -11.43
N ARG M 110 -52.22 84.38 -11.57
CA ARG M 110 -52.07 83.37 -12.61
C ARG M 110 -53.02 83.59 -13.78
N ASN M 111 -53.53 84.82 -13.94
CA ASN M 111 -54.41 85.20 -15.05
C ASN M 111 -55.63 84.27 -15.18
N ILE M 112 -56.03 83.65 -14.08
CA ILE M 112 -57.19 82.76 -14.09
C ILE M 112 -58.46 83.52 -14.45
N SER M 113 -58.56 84.78 -14.02
CA SER M 113 -59.74 85.58 -14.35
C SER M 113 -59.91 85.71 -15.87
N GLY M 114 -58.80 85.86 -16.60
CA GLY M 114 -58.86 85.84 -18.05
C GLY M 114 -58.99 84.46 -18.65
N LYS M 115 -58.49 83.43 -17.97
CA LYS M 115 -58.64 82.08 -18.48
C LYS M 115 -60.08 81.62 -18.44
N ILE M 116 -60.86 82.10 -17.46
CA ILE M 116 -62.28 81.81 -17.44
C ILE M 116 -62.96 82.37 -18.68
N GLY M 117 -62.64 83.62 -19.03
CA GLY M 117 -63.19 84.21 -20.24
C GLY M 117 -62.73 83.49 -21.49
N ASP M 118 -61.47 83.03 -21.50
CA ASP M 118 -60.97 82.29 -22.65
C ASP M 118 -61.75 80.98 -22.83
N LEU M 119 -61.99 80.26 -21.74
CA LEU M 119 -62.81 79.06 -21.82
C LEU M 119 -64.21 79.38 -22.29
N GLN M 120 -64.84 80.40 -21.73
CA GLN M 120 -66.18 80.78 -22.18
C GLN M 120 -66.19 81.14 -23.65
N ALA M 121 -65.07 81.66 -24.17
CA ALA M 121 -64.98 81.98 -25.59
C ALA M 121 -64.88 80.72 -26.43
N VAL M 122 -64.06 79.76 -26.02
CA VAL M 122 -63.81 78.59 -26.87
C VAL M 122 -65.05 77.71 -26.99
N MET M 123 -65.86 77.62 -25.94
CA MET M 123 -67.11 76.87 -25.99
C MET M 123 -68.27 77.67 -26.59
N ALA M 124 -67.96 78.74 -27.33
CA ALA M 124 -68.97 79.52 -28.04
C ALA M 124 -68.88 79.33 -29.56
N VAL M 125 -67.70 79.54 -30.13
CA VAL M 125 -67.44 79.27 -31.54
C VAL M 125 -66.31 78.26 -31.61
N PRO M 126 -66.45 77.15 -32.34
CA PRO M 126 -65.40 76.12 -32.33
C PRO M 126 -64.05 76.60 -32.87
N ASP M 127 -64.02 77.69 -33.63
CA ASP M 127 -62.78 78.24 -34.17
C ASP M 127 -62.32 79.48 -33.41
N THR M 128 -62.64 79.58 -32.13
CA THR M 128 -62.26 80.73 -31.32
C THR M 128 -60.79 80.57 -30.91
N GLU M 129 -59.92 81.31 -31.58
CA GLU M 129 -58.49 81.29 -31.24
C GLU M 129 -58.23 82.36 -30.18
N THR M 130 -58.46 82.00 -28.93
CA THR M 130 -58.15 82.89 -27.82
C THR M 130 -56.65 82.95 -27.59
N PRO M 131 -56.16 84.00 -26.93
CA PRO M 131 -54.70 84.10 -26.70
C PRO M 131 -54.13 82.92 -25.93
N THR M 132 -54.88 82.35 -24.99
CA THR M 132 -54.33 81.34 -24.09
C THR M 132 -54.90 79.94 -24.29
N PHE M 133 -55.95 79.76 -25.08
CA PHE M 133 -56.57 78.45 -25.22
C PHE M 133 -57.27 78.35 -26.56
N CYS M 134 -57.17 77.17 -27.17
CA CYS M 134 -57.80 76.93 -28.47
C CYS M 134 -57.99 75.43 -28.66
N LEU M 135 -58.91 75.08 -29.56
CA LEU M 135 -59.21 73.69 -29.89
C LEU M 135 -58.93 73.48 -31.38
N HIS M 136 -57.69 73.19 -31.70
CA HIS M 136 -57.27 72.89 -33.07
C HIS M 136 -56.08 71.96 -33.01
N THR M 137 -55.82 71.27 -34.12
CA THR M 137 -54.60 70.49 -34.23
C THR M 137 -53.41 71.41 -34.44
N ASP M 138 -52.21 70.86 -34.23
CA ASP M 138 -50.99 71.66 -34.33
C ASP M 138 -50.74 72.16 -35.76
N VAL M 139 -51.38 71.55 -36.75
CA VAL M 139 -51.20 71.93 -38.14
C VAL M 139 -52.31 72.85 -38.64
N SER M 140 -53.20 73.31 -37.75
CA SER M 140 -54.28 74.20 -38.13
C SER M 140 -54.44 75.41 -37.21
N CYS M 141 -53.81 75.42 -36.04
CA CYS M 141 -53.90 76.59 -35.17
C CYS M 141 -53.21 77.78 -35.82
N ARG M 142 -53.79 78.97 -35.60
CA ARG M 142 -53.32 80.19 -36.26
C ARG M 142 -52.59 81.15 -35.33
N GLN M 143 -52.37 80.77 -34.07
CA GLN M 143 -51.65 81.64 -33.17
C GLN M 143 -50.17 81.70 -33.53
N ARG M 144 -49.56 82.87 -33.32
CA ARG M 144 -48.17 83.14 -33.69
C ARG M 144 -47.37 83.39 -32.41
N ALA M 145 -46.83 82.32 -31.83
CA ALA M 145 -46.01 82.40 -30.63
C ALA M 145 -44.57 82.09 -30.97
N ASP M 146 -43.72 82.03 -29.93
CA ASP M 146 -42.29 81.87 -30.11
C ASP M 146 -41.74 80.52 -29.69
N VAL M 147 -42.38 79.83 -28.74
CA VAL M 147 -41.87 78.58 -28.19
C VAL M 147 -42.95 77.51 -28.29
N ALA M 148 -42.55 76.31 -28.74
CA ALA M 148 -43.43 75.16 -28.80
C ALA M 148 -42.96 74.10 -27.81
N ILE M 149 -43.90 73.38 -27.22
CA ILE M 149 -43.61 72.33 -26.26
C ILE M 149 -44.41 71.07 -26.63
N TYR M 150 -43.73 69.94 -26.72
CA TYR M 150 -44.35 68.65 -26.98
C TYR M 150 -44.03 67.75 -25.80
N GLN M 151 -44.85 67.80 -24.76
CA GLN M 151 -44.67 66.97 -23.58
C GLN M 151 -45.46 65.68 -23.77
N ASP M 152 -44.74 64.57 -23.88
CA ASP M 152 -45.35 63.24 -24.08
C ASP M 152 -46.27 63.24 -25.28
N VAL M 153 -45.78 63.75 -26.40
CA VAL M 153 -46.53 63.80 -27.65
C VAL M 153 -45.76 62.95 -28.66
N TYR M 154 -46.16 61.69 -28.79
CA TYR M 154 -45.50 60.76 -29.70
C TYR M 154 -46.34 60.43 -30.92
N ALA M 155 -47.62 60.81 -30.96
CA ALA M 155 -48.54 60.40 -32.01
C ALA M 155 -48.73 61.47 -33.07
N VAL M 156 -47.69 62.24 -33.37
CA VAL M 156 -47.73 63.24 -34.43
C VAL M 156 -46.43 63.17 -35.21
N HIS M 157 -46.47 63.67 -36.44
CA HIS M 157 -45.31 63.64 -37.32
C HIS M 157 -44.40 64.83 -37.01
N ALA M 158 -43.18 64.54 -36.57
CA ALA M 158 -42.29 65.60 -36.11
C ALA M 158 -41.98 66.63 -37.19
N PRO M 159 -41.54 66.27 -38.40
CA PRO M 159 -41.22 67.33 -39.38
C PRO M 159 -42.40 68.20 -39.74
N THR M 160 -43.58 67.61 -39.90
CA THR M 160 -44.76 68.38 -40.28
C THR M 160 -45.14 69.38 -39.20
N SER M 161 -45.21 68.93 -37.95
CA SER M 161 -45.54 69.83 -36.85
C SER M 161 -44.48 70.90 -36.67
N LEU M 162 -43.19 70.52 -36.77
CA LEU M 162 -42.13 71.51 -36.61
C LEU M 162 -42.21 72.57 -37.69
N TYR M 163 -42.48 72.17 -38.94
CA TYR M 163 -42.64 73.15 -40.00
C TYR M 163 -43.87 74.03 -39.75
N HIS M 164 -44.97 73.44 -39.29
CA HIS M 164 -46.19 74.22 -39.08
C HIS M 164 -46.03 75.23 -37.96
N GLN M 165 -45.23 74.93 -36.94
CA GLN M 165 -44.95 75.93 -35.93
C GLN M 165 -43.83 76.88 -36.31
N ALA M 166 -42.90 76.45 -37.19
CA ALA M 166 -41.88 77.35 -37.69
C ALA M 166 -42.48 78.45 -38.55
N ILE M 167 -43.47 78.11 -39.38
CA ILE M 167 -44.18 79.12 -40.15
C ILE M 167 -45.09 79.99 -39.29
N LYS M 168 -45.25 79.66 -38.01
CA LYS M 168 -45.99 80.47 -37.06
C LYS M 168 -45.08 81.29 -36.16
N GLY M 169 -43.80 81.38 -36.47
CA GLY M 169 -42.88 82.18 -35.70
C GLY M 169 -42.21 81.49 -34.54
N VAL M 170 -42.59 80.25 -34.23
CA VAL M 170 -42.00 79.51 -33.12
C VAL M 170 -40.53 79.24 -33.45
N ARG M 171 -39.62 79.75 -32.62
CA ARG M 171 -38.20 79.56 -32.83
C ARG M 171 -37.62 78.44 -31.98
N LEU M 172 -38.25 78.08 -30.87
CA LEU M 172 -37.77 77.05 -29.97
C LEU M 172 -38.86 76.01 -29.78
N ALA M 173 -38.49 74.73 -29.85
CA ALA M 173 -39.39 73.62 -29.59
C ALA M 173 -38.72 72.67 -28.61
N TYR M 174 -39.51 72.12 -27.70
CA TYR M 174 -39.03 71.17 -26.71
C TYR M 174 -39.85 69.90 -26.80
N TRP M 175 -39.18 68.75 -26.84
CA TRP M 175 -39.85 67.47 -26.90
C TRP M 175 -39.39 66.63 -25.72
N VAL M 176 -40.29 66.42 -24.75
CA VAL M 176 -40.03 65.59 -23.58
C VAL M 176 -40.76 64.27 -23.80
N GLY M 177 -40.02 63.17 -23.84
CA GLY M 177 -40.65 61.89 -24.10
C GLY M 177 -39.66 60.75 -23.98
N PHE M 178 -40.18 59.56 -24.21
CA PHE M 178 -39.35 58.36 -24.16
C PHE M 178 -38.30 58.39 -25.27
N ASP M 179 -37.13 57.83 -24.97
CA ASP M 179 -36.08 57.74 -25.96
C ASP M 179 -36.56 56.94 -27.18
N THR M 180 -36.34 57.49 -28.36
CA THR M 180 -36.77 56.88 -29.61
C THR M 180 -35.69 56.04 -30.28
N THR M 181 -34.53 55.91 -29.64
CA THR M 181 -33.48 55.03 -30.17
C THR M 181 -33.93 53.59 -30.35
N PRO M 182 -34.67 52.95 -29.43
CA PRO M 182 -35.06 51.56 -29.66
C PRO M 182 -35.88 51.32 -30.92
N PHE M 183 -36.63 52.34 -31.40
CA PHE M 183 -37.49 52.15 -32.54
C PHE M 183 -36.79 52.32 -33.88
N MET M 184 -35.64 52.99 -33.93
CA MET M 184 -34.82 52.95 -35.13
C MET M 184 -33.98 51.69 -35.19
N TYR M 185 -33.85 50.97 -34.08
CA TYR M 185 -33.29 49.63 -34.06
C TYR M 185 -34.33 48.57 -34.43
N ASN M 186 -35.59 48.96 -34.57
CA ASN M 186 -36.67 48.08 -35.03
C ASN M 186 -36.82 46.85 -34.12
N ALA M 187 -36.98 47.12 -32.83
CA ALA M 187 -37.18 46.08 -31.84
C ALA M 187 -38.66 45.71 -31.78
N MET M 188 -38.93 44.41 -31.62
CA MET M 188 -40.31 43.94 -31.53
C MET M 188 -40.93 44.32 -30.20
N ALA M 189 -40.14 44.32 -29.12
CA ALA M 189 -40.62 44.70 -27.79
C ALA M 189 -39.47 45.33 -27.03
N GLY M 190 -39.81 46.04 -25.97
CA GLY M 190 -38.78 46.71 -25.19
C GLY M 190 -39.30 47.16 -23.84
N ALA M 191 -38.37 47.67 -23.04
CA ALA M 191 -38.70 48.07 -21.68
C ALA M 191 -37.80 49.22 -21.24
N TYR M 192 -38.41 50.21 -20.59
CA TYR M 192 -37.71 51.22 -19.80
C TYR M 192 -37.93 50.85 -18.34
N PRO M 193 -37.04 50.04 -17.75
CA PRO M 193 -37.33 49.50 -16.41
C PRO M 193 -37.22 50.53 -15.29
N SER M 194 -36.48 51.60 -15.50
CA SER M 194 -36.36 52.63 -14.48
C SER M 194 -37.63 53.46 -14.34
N TYR M 195 -38.57 53.32 -15.27
CA TYR M 195 -39.84 54.03 -15.23
C TYR M 195 -41.02 53.08 -15.17
N SER M 196 -40.76 51.79 -14.91
CA SER M 196 -41.79 50.75 -14.90
C SER M 196 -42.54 50.71 -16.22
N THR M 197 -41.86 51.00 -17.31
CA THR M 197 -42.49 51.12 -18.62
C THR M 197 -42.14 49.92 -19.48
N ASN M 198 -43.14 49.38 -20.15
CA ASN M 198 -42.93 48.32 -21.14
C ASN M 198 -43.63 48.72 -22.43
N TRP M 199 -43.22 48.11 -23.54
CA TRP M 199 -43.89 48.34 -24.80
C TRP M 199 -43.71 47.13 -25.69
N ALA M 200 -44.74 46.84 -26.48
CA ALA M 200 -44.69 45.67 -27.33
C ALA M 200 -45.46 45.90 -28.62
N ASP M 201 -44.98 45.28 -29.68
CA ASP M 201 -45.72 45.23 -30.93
C ASP M 201 -46.99 44.40 -30.76
N GLU M 202 -48.04 44.79 -31.48
CA GLU M 202 -49.32 44.11 -31.36
C GLU M 202 -49.24 42.64 -31.76
N GLN M 203 -48.22 42.25 -32.52
CA GLN M 203 -48.07 40.85 -32.90
C GLN M 203 -47.61 39.97 -31.75
N VAL M 204 -46.97 40.54 -30.73
CA VAL M 204 -46.39 39.75 -29.65
C VAL M 204 -47.01 40.13 -28.31
N LEU M 205 -48.27 40.58 -28.33
CA LEU M 205 -48.96 40.88 -27.08
C LEU M 205 -49.38 39.63 -26.33
N LYS M 206 -49.49 38.49 -27.01
CA LYS M 206 -49.85 37.23 -26.39
C LYS M 206 -48.62 36.40 -26.06
N ALA M 207 -47.46 37.04 -25.92
CA ALA M 207 -46.24 36.35 -25.51
C ALA M 207 -46.34 35.92 -24.06
N LYS M 208 -45.27 35.30 -23.57
CA LYS M 208 -45.27 34.68 -22.25
C LYS M 208 -44.30 35.33 -21.28
N ASN M 209 -43.11 35.70 -21.71
CA ASN M 209 -42.06 36.12 -20.79
C ASN M 209 -41.43 37.44 -21.23
N ILE M 210 -42.25 38.40 -21.66
CA ILE M 210 -41.79 39.75 -21.91
C ILE M 210 -42.51 40.68 -20.94
N GLY M 211 -42.09 41.95 -20.95
CA GLY M 211 -42.61 42.88 -19.96
C GLY M 211 -44.10 43.13 -20.09
N LEU M 212 -44.59 43.29 -21.30
CA LEU M 212 -46.00 43.57 -21.55
C LEU M 212 -46.58 42.43 -22.41
N CYS M 213 -47.25 41.49 -21.75
CA CYS M 213 -47.84 40.34 -22.42
C CYS M 213 -48.78 39.64 -21.46
N SER M 214 -49.63 38.78 -21.99
CA SER M 214 -50.52 37.95 -21.20
C SER M 214 -50.95 36.76 -22.03
N THR M 215 -50.60 35.56 -21.59
CA THR M 215 -50.97 34.34 -22.31
C THR M 215 -51.80 33.43 -21.41
N ASP M 216 -52.19 32.26 -21.93
CA ASP M 216 -53.04 31.33 -21.20
C ASP M 216 -52.35 29.98 -21.07
N LEU M 217 -52.79 29.22 -20.08
CA LEU M 217 -52.27 27.87 -19.88
C LEU M 217 -52.83 26.94 -20.95
N THR M 218 -51.95 26.17 -21.58
CA THR M 218 -52.35 25.21 -22.60
C THR M 218 -51.53 23.93 -22.43
N GLU M 219 -52.09 22.84 -22.93
CA GLU M 219 -51.44 21.54 -22.85
C GLU M 219 -50.54 21.23 -24.04
N GLY M 220 -50.52 22.10 -25.05
CA GLY M 220 -49.74 21.84 -26.24
C GLY M 220 -50.55 21.16 -27.32
N ARG M 221 -51.75 21.68 -27.57
CA ARG M 221 -52.68 21.10 -28.53
C ARG M 221 -52.34 21.57 -29.94
N ARG M 222 -53.22 21.28 -30.89
CA ARG M 222 -53.04 21.74 -32.26
C ARG M 222 -53.19 23.26 -32.33
N GLY M 223 -52.35 23.89 -33.14
CA GLY M 223 -52.40 25.32 -33.29
C GLY M 223 -53.58 25.77 -34.13
N LYS M 224 -53.80 27.08 -34.13
CA LYS M 224 -54.88 27.67 -34.91
C LYS M 224 -54.68 27.40 -36.40
N LEU M 225 -55.77 27.04 -37.07
CA LEU M 225 -55.76 26.90 -38.53
C LEU M 225 -55.76 28.30 -39.13
N SER M 226 -54.59 28.92 -39.12
CA SER M 226 -54.48 30.33 -39.48
C SER M 226 -54.80 30.55 -40.96
N ILE M 227 -55.55 31.61 -41.24
CA ILE M 227 -55.84 31.99 -42.61
C ILE M 227 -54.57 32.50 -43.30
N MET M 228 -53.73 33.20 -42.56
CA MET M 228 -52.47 33.72 -43.08
C MET M 228 -51.34 32.75 -42.74
N ARG M 229 -50.49 32.48 -43.73
CA ARG M 229 -49.37 31.57 -43.53
C ARG M 229 -48.39 32.12 -42.49
N GLY M 230 -48.15 33.42 -42.50
CA GLY M 230 -47.14 33.99 -41.63
C GLY M 230 -45.79 33.96 -42.30
N LYS M 231 -44.97 32.98 -41.94
CA LYS M 231 -43.67 32.73 -42.54
C LYS M 231 -42.68 33.86 -42.25
N LYS M 232 -43.14 34.88 -41.53
CA LYS M 232 -42.29 36.00 -41.15
C LYS M 232 -42.92 36.72 -39.98
N LEU M 233 -42.09 37.12 -39.02
CA LEU M 233 -42.52 37.90 -37.86
C LEU M 233 -41.67 39.16 -37.83
N GLU M 234 -42.24 40.27 -38.30
N GLU M 234 -42.25 40.28 -38.27
CA GLU M 234 -41.52 41.52 -38.36
CA GLU M 234 -41.54 41.54 -38.41
C GLU M 234 -42.31 42.60 -37.66
C GLU M 234 -42.32 42.63 -37.69
N PRO M 235 -41.64 43.57 -37.04
CA PRO M 235 -42.35 44.63 -36.31
C PRO M 235 -43.34 45.39 -37.18
N CYS M 236 -44.56 45.55 -36.66
CA CYS M 236 -45.60 46.29 -37.34
C CYS M 236 -45.67 47.70 -36.79
N ASP M 237 -46.42 48.56 -37.50
CA ASP M 237 -46.47 49.97 -37.15
C ASP M 237 -47.09 50.19 -35.77
N ARG M 238 -48.14 49.42 -35.45
CA ARG M 238 -48.87 49.65 -34.21
C ARG M 238 -48.15 48.95 -33.05
N VAL M 239 -47.85 49.71 -32.00
CA VAL M 239 -47.30 49.17 -30.76
C VAL M 239 -48.11 49.73 -29.60
N LEU M 240 -47.98 49.07 -28.45
CA LEU M 240 -48.64 49.49 -27.23
C LEU M 240 -47.61 49.79 -26.15
N PHE M 241 -47.77 50.93 -25.50
CA PHE M 241 -46.96 51.36 -24.38
C PHE M 241 -47.75 51.18 -23.09
N SER M 242 -47.10 50.66 -22.06
CA SER M 242 -47.64 50.57 -20.71
C SER M 242 -46.68 51.31 -19.79
N VAL M 243 -47.05 52.53 -19.40
CA VAL M 243 -46.27 53.33 -18.47
C VAL M 243 -46.90 53.19 -17.09
N GLY M 244 -46.44 52.21 -16.33
CA GLY M 244 -47.14 51.85 -15.11
C GLY M 244 -48.36 51.00 -15.42
N SER M 245 -49.54 51.59 -15.29
CA SER M 245 -50.79 50.92 -15.61
C SER M 245 -51.62 51.76 -16.56
N THR M 246 -50.95 52.48 -17.47
CA THR M 246 -51.62 53.36 -18.42
C THR M 246 -51.25 52.95 -19.84
N LEU M 247 -52.27 52.79 -20.68
CA LEU M 247 -52.08 52.33 -22.05
C LEU M 247 -51.89 53.49 -23.02
N TYR M 248 -51.03 53.28 -24.02
CA TYR M 248 -50.82 54.24 -25.10
C TYR M 248 -50.62 53.51 -26.44
N PRO M 249 -51.57 53.58 -27.36
CA PRO M 249 -51.36 53.02 -28.70
C PRO M 249 -50.56 53.97 -29.57
N GLU M 250 -49.34 53.56 -29.93
N GLU M 250 -49.35 53.56 -29.92
CA GLU M 250 -48.42 54.38 -30.68
CA GLU M 250 -48.42 54.38 -30.68
C GLU M 250 -48.11 53.73 -32.04
C GLU M 250 -48.11 53.74 -32.03
N SER M 251 -47.57 54.53 -32.94
CA SER M 251 -47.17 54.08 -34.26
C SER M 251 -45.66 54.22 -34.42
N ARG M 252 -45.05 53.22 -35.05
CA ARG M 252 -43.60 53.23 -35.22
C ARG M 252 -43.15 54.38 -36.11
N LYS M 253 -43.92 54.69 -37.16
CA LYS M 253 -43.55 55.76 -38.07
C LYS M 253 -43.47 57.10 -37.35
N LEU M 254 -44.49 57.42 -36.56
CA LEU M 254 -44.51 58.70 -35.87
C LEU M 254 -43.47 58.75 -34.75
N LEU M 255 -43.17 57.59 -34.14
CA LEU M 255 -42.11 57.54 -33.13
C LEU M 255 -40.75 57.80 -33.76
N LYS M 256 -40.47 57.15 -34.89
CA LYS M 256 -39.20 57.37 -35.58
C LYS M 256 -39.10 58.78 -36.15
N SER M 257 -40.24 59.41 -36.44
CA SER M 257 -40.21 60.78 -36.95
C SER M 257 -39.55 61.73 -35.97
N TRP M 258 -39.71 61.48 -34.67
CA TRP M 258 -39.15 62.35 -33.65
C TRP M 258 -37.68 62.07 -33.35
N HIS M 259 -37.10 61.05 -33.96
CA HIS M 259 -35.66 60.80 -33.84
C HIS M 259 -34.93 61.65 -34.88
N LEU M 260 -35.00 62.95 -34.67
CA LEU M 260 -34.45 63.90 -35.62
C LEU M 260 -32.93 63.86 -35.62
N PRO M 261 -32.29 64.12 -36.76
CA PRO M 261 -30.83 64.21 -36.78
C PRO M 261 -30.36 65.53 -36.18
N SER M 262 -29.04 65.64 -36.03
CA SER M 262 -28.46 66.86 -35.47
C SER M 262 -28.74 68.06 -36.36
N VAL M 263 -28.68 67.87 -37.67
CA VAL M 263 -28.94 68.92 -38.65
C VAL M 263 -29.91 68.39 -39.70
N PHE M 264 -30.97 69.14 -39.97
CA PHE M 264 -31.93 68.79 -41.00
C PHE M 264 -32.55 70.06 -41.56
N HIS M 265 -33.13 69.94 -42.75
CA HIS M 265 -33.70 71.07 -43.48
C HIS M 265 -35.21 70.92 -43.55
N LEU M 266 -35.91 72.04 -43.45
CA LEU M 266 -37.35 72.11 -43.62
C LEU M 266 -37.63 72.89 -44.91
N LYS M 267 -38.10 72.18 -45.94
CA LYS M 267 -38.28 72.75 -47.27
C LYS M 267 -39.76 72.72 -47.63
N GLY M 268 -40.40 73.89 -47.55
CA GLY M 268 -41.79 74.02 -47.94
C GLY M 268 -42.06 75.38 -48.57
N LYS M 269 -43.13 76.04 -48.12
CA LYS M 269 -43.37 77.41 -48.57
C LYS M 269 -42.25 78.34 -48.09
N LEU M 270 -41.89 78.24 -46.82
CA LEU M 270 -40.74 78.93 -46.26
C LEU M 270 -39.64 77.91 -45.95
N SER M 271 -38.40 78.40 -45.95
CA SER M 271 -37.26 77.53 -45.67
C SER M 271 -36.53 77.98 -44.40
N THR M 273 -32.89 76.07 -41.98
CA THR M 273 -32.24 74.93 -41.35
C THR M 273 -32.65 74.81 -39.89
N CYS M 274 -32.58 73.60 -39.34
CA CYS M 274 -32.99 73.32 -37.98
C CYS M 274 -31.99 72.39 -37.32
N ARG M 275 -31.97 72.42 -35.99
CA ARG M 275 -31.13 71.55 -35.19
C ARG M 275 -31.96 70.78 -34.18
N CYS M 276 -31.47 69.60 -33.81
CA CYS M 276 -32.08 68.79 -32.76
C CYS M 276 -30.97 68.26 -31.85
N ASP M 277 -30.99 68.70 -30.60
CA ASP M 277 -30.01 68.27 -29.61
C ASP M 277 -30.73 67.68 -28.40
N THR M 278 -30.13 66.64 -27.83
CA THR M 278 -30.66 65.99 -26.64
C THR M 278 -30.06 66.69 -25.43
N VAL M 279 -30.83 67.60 -24.82
CA VAL M 279 -30.32 68.37 -23.69
C VAL M 279 -30.52 67.66 -22.36
N VAL M 280 -31.47 66.74 -22.26
CA VAL M 280 -31.63 65.94 -21.05
C VAL M 280 -31.77 64.48 -21.46
N SER M 281 -31.07 63.60 -20.75
CA SER M 281 -31.14 62.17 -21.02
C SER M 281 -30.97 61.44 -19.70
N CYS M 282 -32.00 60.71 -19.26
CA CYS M 282 -31.96 60.01 -17.98
C CYS M 282 -32.67 58.67 -18.14
N GLU M 283 -31.89 57.60 -18.29
CA GLU M 283 -32.34 56.23 -18.09
C GLU M 283 -33.55 55.90 -18.95
N GLY M 284 -33.58 56.43 -20.17
CA GLY M 284 -34.63 56.15 -21.12
C GLY M 284 -35.61 57.28 -21.37
N TYR M 285 -35.55 58.35 -20.58
CA TYR M 285 -36.41 59.51 -20.78
C TYR M 285 -35.58 60.69 -21.22
N VAL M 286 -35.96 61.33 -22.32
CA VAL M 286 -35.13 62.36 -22.92
C VAL M 286 -35.94 63.65 -23.09
N VAL M 287 -35.21 64.75 -23.09
CA VAL M 287 -35.72 66.07 -23.43
C VAL M 287 -34.83 66.60 -24.54
N LYS M 288 -35.42 66.78 -25.73
CA LYS M 288 -34.71 67.25 -26.91
C LYS M 288 -35.09 68.69 -27.18
N ARG M 289 -34.09 69.53 -27.42
CA ARG M 289 -34.27 70.95 -27.70
C ARG M 289 -34.05 71.18 -29.19
N ILE M 290 -35.15 71.34 -29.92
CA ILE M 290 -35.12 71.69 -31.34
C ILE M 290 -35.15 73.21 -31.43
N THR M 291 -34.33 73.76 -32.32
CA THR M 291 -34.30 75.20 -32.54
C THR M 291 -34.42 75.47 -34.04
N MET M 292 -35.34 76.36 -34.39
CA MET M 292 -35.65 76.66 -35.78
C MET M 292 -34.98 77.96 -36.21
N SER M 293 -34.74 78.07 -37.51
CA SER M 293 -34.11 79.25 -38.08
C SER M 293 -34.51 79.40 -39.54
N PRO M 294 -35.04 80.56 -39.93
CA PRO M 294 -35.47 80.73 -41.33
C PRO M 294 -34.29 80.71 -42.28
N GLY M 295 -34.56 80.22 -43.48
CA GLY M 295 -33.54 80.12 -44.52
C GLY M 295 -32.79 78.81 -44.48
N LEU M 296 -32.25 78.44 -45.64
CA LEU M 296 -31.46 77.23 -45.78
C LEU M 296 -29.98 77.57 -45.64
N TYR M 297 -29.33 77.00 -44.62
CA TYR M 297 -27.93 77.27 -44.35
C TYR M 297 -27.21 75.97 -44.08
N GLY M 298 -26.00 75.84 -44.63
CA GLY M 298 -25.22 74.65 -44.44
C GLY M 298 -25.74 73.47 -45.25
N LYS M 299 -25.44 72.27 -44.79
CA LYS M 299 -25.88 71.06 -45.45
C LYS M 299 -26.04 69.97 -44.41
N THR M 300 -26.84 68.95 -44.76
CA THR M 300 -27.25 67.92 -43.82
C THR M 300 -26.64 66.57 -44.20
N THR M 301 -26.05 65.91 -43.21
CA THR M 301 -25.55 64.55 -43.37
C THR M 301 -26.65 63.50 -43.26
N GLY M 302 -27.78 63.83 -42.63
CA GLY M 302 -28.83 62.86 -42.40
C GLY M 302 -28.51 61.83 -41.35
N TYR M 303 -27.67 62.16 -40.37
CA TYR M 303 -27.22 61.23 -39.36
C TYR M 303 -27.73 61.65 -37.98
N ALA M 304 -28.26 60.67 -37.24
CA ALA M 304 -28.74 60.87 -35.88
C ALA M 304 -27.84 60.13 -34.90
N VAL M 305 -27.54 60.77 -33.78
CA VAL M 305 -26.60 60.27 -32.79
C VAL M 305 -27.31 60.16 -31.45
N THR M 306 -27.17 59.00 -30.80
CA THR M 306 -27.62 58.80 -29.44
C THR M 306 -26.43 58.41 -28.56
N HIS M 307 -26.24 59.14 -27.47
CA HIS M 307 -25.16 58.86 -26.53
C HIS M 307 -25.69 58.03 -25.38
N HIS M 308 -25.01 56.94 -25.07
CA HIS M 308 -25.47 55.98 -24.06
C HIS M 308 -24.68 56.19 -22.77
N ALA M 309 -25.31 56.88 -21.81
CA ALA M 309 -24.73 56.94 -20.46
C ALA M 309 -24.80 55.58 -19.79
N ASP M 310 -25.92 54.87 -19.95
N ASP M 310 -25.91 54.86 -19.95
CA ASP M 310 -26.10 53.51 -19.48
CA ASP M 310 -26.06 53.51 -19.47
C ASP M 310 -26.09 52.57 -20.67
C ASP M 310 -26.17 52.55 -20.65
N GLY M 311 -25.84 51.28 -20.40
CA GLY M 311 -25.82 50.30 -21.46
C GLY M 311 -27.17 50.12 -22.11
N PHE M 312 -27.16 49.90 -23.41
CA PHE M 312 -28.37 49.64 -24.19
C PHE M 312 -28.23 48.29 -24.86
N LEU M 313 -29.29 47.50 -24.86
CA LEU M 313 -29.23 46.16 -25.43
C LEU M 313 -30.43 45.92 -26.32
N MET M 314 -30.20 45.30 -27.47
CA MET M 314 -31.26 44.78 -28.32
C MET M 314 -30.82 43.40 -28.78
N CYS M 315 -31.52 42.37 -28.30
CA CYS M 315 -31.05 41.00 -28.49
C CYS M 315 -32.19 40.11 -28.97
N LYS M 316 -31.82 39.06 -29.69
CA LYS M 316 -32.76 38.04 -30.10
C LYS M 316 -33.11 37.14 -28.92
N THR M 317 -34.39 36.90 -28.72
CA THR M 317 -34.87 36.02 -27.66
C THR M 317 -36.05 35.20 -28.15
N THR M 318 -36.17 33.99 -27.62
CA THR M 318 -37.18 33.04 -28.03
C THR M 318 -38.27 32.96 -26.97
N ASP M 319 -39.50 33.23 -27.39
CA ASP M 319 -40.66 33.14 -26.51
C ASP M 319 -41.76 32.34 -27.22
N THR M 320 -42.95 32.32 -26.61
CA THR M 320 -44.11 31.67 -27.20
C THR M 320 -45.22 32.70 -27.31
N VAL M 321 -45.61 33.01 -28.54
CA VAL M 321 -46.75 33.89 -28.81
C VAL M 321 -47.96 33.00 -29.09
N ASP M 322 -48.96 33.11 -28.23
CA ASP M 322 -50.16 32.25 -28.28
C ASP M 322 -49.77 30.77 -28.29
N GLY M 323 -48.68 30.44 -27.60
CA GLY M 323 -48.22 29.07 -27.51
C GLY M 323 -47.30 28.64 -28.64
N GLU M 324 -47.09 29.47 -29.65
CA GLU M 324 -46.22 29.14 -30.77
C GLU M 324 -44.83 29.70 -30.49
N ARG M 325 -43.82 28.84 -30.51
CA ARG M 325 -42.46 29.26 -30.19
C ARG M 325 -41.86 30.01 -31.37
N VAL M 326 -41.52 31.28 -31.14
CA VAL M 326 -40.90 32.14 -32.14
C VAL M 326 -39.75 32.89 -31.48
N SER M 327 -38.97 33.58 -32.30
CA SER M 327 -37.83 34.36 -31.85
C SER M 327 -37.95 35.78 -32.39
N PHE M 328 -37.77 36.77 -31.53
CA PHE M 328 -37.84 38.16 -31.95
C PHE M 328 -36.92 39.01 -31.07
N SER M 329 -36.77 40.27 -31.47
CA SER M 329 -35.85 41.19 -30.81
C SER M 329 -36.51 41.86 -29.62
N VAL M 330 -35.77 41.97 -28.53
CA VAL M 330 -36.20 42.67 -27.33
C VAL M 330 -35.08 43.63 -26.92
N CYS M 331 -35.45 44.86 -26.62
CA CYS M 331 -34.50 45.89 -26.23
C CYS M 331 -34.75 46.34 -24.79
N THR M 332 -33.73 46.90 -24.17
CA THR M 332 -33.80 47.35 -22.78
C THR M 332 -32.56 48.17 -22.46
N TYR M 333 -32.55 48.74 -21.26
CA TYR M 333 -31.44 49.50 -20.72
C TYR M 333 -30.90 48.80 -19.48
N VAL M 334 -29.59 48.90 -19.28
CA VAL M 334 -28.89 48.28 -18.16
C VAL M 334 -28.03 49.35 -17.51
N PRO M 335 -28.01 49.46 -16.18
CA PRO M 335 -27.24 50.52 -15.53
C PRO M 335 -25.75 50.41 -15.82
N ALA M 336 -25.09 51.57 -15.81
CA ALA M 336 -23.68 51.64 -16.20
C ALA M 336 -22.80 50.85 -15.24
N THR M 337 -23.11 50.88 -13.93
CA THR M 337 -22.32 50.11 -12.97
C THR M 337 -22.37 48.63 -13.28
N ILE M 338 -23.56 48.12 -13.63
CA ILE M 338 -23.69 46.71 -13.98
C ILE M 338 -22.85 46.39 -15.21
N CYS M 339 -22.93 47.24 -16.23
CA CYS M 339 -22.16 47.01 -17.45
C CYS M 339 -20.66 47.03 -17.19
N ASP M 340 -20.19 47.96 -16.35
CA ASP M 340 -18.78 48.02 -16.01
C ASP M 340 -18.34 46.80 -15.22
N GLN M 341 -19.19 46.29 -14.34
CA GLN M 341 -18.87 45.05 -13.63
C GLN M 341 -18.83 43.85 -14.57
N MET M 342 -19.71 43.80 -15.56
CA MET M 342 -19.77 42.69 -16.49
C MET M 342 -18.59 42.63 -17.43
N THR M 343 -17.81 43.70 -17.54
CA THR M 343 -16.77 43.79 -18.55
C THR M 343 -15.71 42.72 -18.38
N GLY M 344 -15.30 42.46 -17.13
CA GLY M 344 -14.19 41.54 -16.91
C GLY M 344 -14.50 40.11 -17.33
N ILE M 345 -15.70 39.63 -17.01
CA ILE M 345 -16.02 38.24 -17.30
C ILE M 345 -16.56 38.02 -18.71
N LEU M 346 -16.93 39.09 -19.41
CA LEU M 346 -17.44 38.95 -20.77
C LEU M 346 -16.33 38.72 -21.79
N ALA M 347 -15.07 38.71 -21.37
CA ALA M 347 -13.99 38.39 -22.28
C ALA M 347 -14.03 36.94 -22.74
N THR M 348 -14.73 36.08 -22.01
CA THR M 348 -14.81 34.66 -22.31
C THR M 348 -16.21 34.33 -22.82
N GLU M 349 -16.40 33.05 -23.15
CA GLU M 349 -17.72 32.54 -23.51
C GLU M 349 -18.41 32.06 -22.25
N VAL M 350 -19.48 32.76 -21.85
CA VAL M 350 -20.18 32.48 -20.60
C VAL M 350 -21.59 32.02 -20.92
N THR M 351 -21.99 30.91 -20.32
CA THR M 351 -23.33 30.37 -20.55
C THR M 351 -24.38 31.31 -19.97
N PRO M 352 -25.59 31.33 -20.54
CA PRO M 352 -26.62 32.24 -20.03
C PRO M 352 -26.97 32.04 -18.57
N GLU M 353 -26.93 30.81 -18.07
CA GLU M 353 -27.26 30.56 -16.67
C GLU M 353 -26.20 31.16 -15.75
N ASP M 354 -24.92 30.95 -16.07
CA ASP M 354 -23.86 31.55 -15.26
C ASP M 354 -23.90 33.07 -15.32
N ALA M 355 -24.18 33.62 -16.51
CA ALA M 355 -24.29 35.06 -16.64
C ALA M 355 -25.45 35.59 -15.81
N GLN M 356 -26.59 34.88 -15.81
CA GLN M 356 -27.74 35.30 -15.01
C GLN M 356 -27.42 35.25 -13.52
N LYS M 357 -26.73 34.20 -13.08
CA LYS M 357 -26.39 34.09 -11.66
C LYS M 357 -25.45 35.21 -11.25
N LEU M 358 -24.45 35.53 -12.07
CA LEU M 358 -23.53 36.61 -11.74
C LEU M 358 -24.23 37.96 -11.79
N LEU M 359 -25.16 38.14 -12.74
CA LEU M 359 -25.94 39.36 -12.80
C LEU M 359 -26.78 39.54 -11.55
N VAL M 360 -27.37 38.44 -11.05
CA VAL M 360 -28.17 38.50 -9.83
C VAL M 360 -27.27 38.83 -8.64
N GLY M 361 -26.08 38.22 -8.59
CA GLY M 361 -25.13 38.54 -7.53
C GLY M 361 -24.74 40.01 -7.52
N LEU M 362 -24.55 40.59 -8.71
CA LEU M 362 -24.27 42.02 -8.78
C LEU M 362 -25.50 42.85 -8.40
N ASN M 363 -26.70 42.39 -8.75
CA ASN M 363 -27.92 43.13 -8.44
C ASN M 363 -28.23 43.11 -6.95
N GLN M 364 -28.34 41.93 -6.36
N GLN M 364 -28.30 41.93 -6.36
CA GLN M 364 -28.65 41.80 -4.94
CA GLN M 364 -28.57 41.78 -4.93
C GLN M 364 -27.46 42.19 -4.08
C GLN M 364 -27.43 42.36 -4.09
N ASN M 377 -31.97 46.77 -5.26
CA ASN M 377 -31.89 46.30 -6.63
C ASN M 377 -31.51 47.42 -7.58
N THR M 378 -30.32 47.32 -8.17
CA THR M 378 -29.88 48.33 -9.13
C THR M 378 -30.72 48.28 -10.40
N MET M 379 -31.02 47.08 -10.89
CA MET M 379 -31.85 46.90 -12.07
C MET M 379 -33.01 45.97 -11.74
N LYS M 380 -34.11 46.14 -12.48
CA LYS M 380 -35.28 45.29 -12.27
C LYS M 380 -34.99 43.86 -12.67
N ASN M 381 -35.42 42.92 -11.83
CA ASN M 381 -35.06 41.52 -12.03
C ASN M 381 -35.77 40.90 -13.22
N TYR M 382 -36.94 41.43 -13.61
CA TYR M 382 -37.69 40.83 -14.70
C TYR M 382 -36.99 40.99 -16.05
N MET M 383 -36.07 41.94 -16.17
CA MET M 383 -35.24 42.08 -17.36
C MET M 383 -33.95 41.30 -17.26
N ILE M 384 -33.64 40.74 -16.09
CA ILE M 384 -32.32 40.14 -15.86
C ILE M 384 -32.05 38.94 -16.78
N PRO M 385 -32.93 37.95 -16.91
CA PRO M 385 -32.55 36.76 -17.69
C PRO M 385 -32.21 37.07 -19.15
N VAL M 386 -33.11 37.74 -19.86
CA VAL M 386 -32.88 38.02 -21.28
C VAL M 386 -31.59 38.81 -21.47
N VAL M 387 -31.36 39.83 -20.63
CA VAL M 387 -30.11 40.58 -20.68
C VAL M 387 -28.92 39.64 -20.55
N ALA M 388 -28.99 38.72 -19.57
CA ALA M 388 -27.94 37.72 -19.44
C ALA M 388 -27.73 36.99 -20.75
N GLN M 389 -28.83 36.50 -21.35
CA GLN M 389 -28.75 35.87 -22.66
C GLN M 389 -28.05 36.78 -23.66
N ALA M 390 -28.47 38.05 -23.70
CA ALA M 390 -27.81 39.01 -24.59
C ALA M 390 -26.30 38.99 -24.36
N PHE M 391 -25.89 39.11 -23.11
CA PHE M 391 -24.47 39.10 -22.80
C PHE M 391 -23.86 37.78 -23.23
N SER M 392 -24.53 36.67 -22.94
CA SER M 392 -24.03 35.36 -23.34
C SER M 392 -23.86 35.29 -24.84
N LYS M 393 -24.78 35.89 -25.60
CA LYS M 393 -24.59 35.95 -27.04
C LYS M 393 -23.45 36.90 -27.40
N TRP M 394 -23.44 38.09 -26.78
CA TRP M 394 -22.46 39.10 -27.16
C TRP M 394 -21.05 38.60 -26.93
N ALA M 395 -20.76 38.16 -25.71
CA ALA M 395 -19.45 37.61 -25.40
C ALA M 395 -19.09 36.46 -26.33
N LYS M 396 -20.10 35.71 -26.79
CA LYS M 396 -19.83 34.65 -27.74
C LYS M 396 -19.42 35.23 -29.09
N GLU M 397 -20.21 36.17 -29.62
CA GLU M 397 -19.96 36.68 -30.96
C GLU M 397 -18.60 37.36 -31.04
N CYS M 398 -18.27 38.18 -30.04
CA CYS M 398 -16.96 38.80 -29.99
C CYS M 398 -15.86 37.77 -30.09
N ARG M 399 -16.01 36.65 -29.36
CA ARG M 399 -15.00 35.60 -29.42
CA ARG M 399 -15.00 35.61 -29.41
C ARG M 399 -14.83 35.08 -30.83
N LYS M 400 -15.95 34.93 -31.57
N LYS M 400 -15.95 34.93 -31.56
CA LYS M 400 -15.86 34.48 -32.95
CA LYS M 400 -15.87 34.48 -32.94
C LYS M 400 -15.05 35.46 -33.79
C LYS M 400 -15.06 35.47 -33.79
N ASP M 401 -15.26 36.76 -33.56
CA ASP M 401 -14.46 37.76 -34.27
C ASP M 401 -12.97 37.63 -33.94
N MET M 402 -12.66 37.11 -32.74
CA MET M 402 -11.27 36.81 -32.42
C MET M 402 -10.77 35.61 -33.20
N GLU M 403 -11.61 34.60 -33.40
CA GLU M 403 -11.16 33.38 -34.08
C GLU M 403 -10.99 33.61 -35.57
N ASP M 404 -11.94 34.31 -36.19
CA ASP M 404 -11.90 34.54 -37.63
C ASP M 404 -11.26 35.90 -37.92
N GLU M 405 -9.97 35.99 -37.63
CA GLU M 405 -9.22 37.21 -37.88
C GLU M 405 -8.98 37.39 -39.37
N LYS M 406 -9.47 38.50 -39.93
CA LYS M 406 -9.31 38.79 -41.34
C LYS M 406 -8.05 39.63 -41.56
N LEU M 407 -7.65 39.75 -42.82
CA LEU M 407 -6.52 40.62 -43.15
C LEU M 407 -6.94 42.08 -43.05
N LEU M 408 -5.94 42.94 -42.86
CA LEU M 408 -6.19 44.37 -42.69
C LEU M 408 -6.62 44.97 -44.01
N GLY M 409 -7.83 45.51 -44.05
CA GLY M 409 -8.32 46.19 -45.23
C GLY M 409 -8.47 45.31 -46.46
N VAL M 410 -8.99 44.10 -46.30
CA VAL M 410 -9.25 43.21 -47.42
C VAL M 410 -10.65 42.62 -47.27
N ARG M 411 -11.45 42.73 -48.31
CA ARG M 411 -12.78 42.14 -48.34
C ARG M 411 -12.77 40.98 -49.32
N GLU M 412 -13.12 39.80 -48.84
CA GLU M 412 -13.17 38.58 -49.65
C GLU M 412 -14.60 38.39 -50.15
N ARG M 413 -14.82 38.72 -51.41
CA ARG M 413 -16.15 38.67 -52.01
C ARG M 413 -16.08 37.86 -53.31
N THR M 414 -17.07 37.01 -53.51
CA THR M 414 -17.08 36.09 -54.64
C THR M 414 -17.90 36.67 -55.80
N LEU M 415 -17.34 36.58 -57.00
CA LEU M 415 -18.06 36.99 -58.20
C LEU M 415 -19.11 35.94 -58.54
N THR M 416 -20.38 36.33 -58.44
CA THR M 416 -21.47 35.36 -58.59
C THR M 416 -21.83 35.13 -60.06
N CYS M 417 -20.82 34.83 -60.87
CA CYS M 417 -21.00 34.49 -62.29
C CYS M 417 -21.72 35.60 -63.05
N CYS M 418 -21.60 36.83 -62.56
N CYS M 418 -21.58 36.84 -62.59
CA CYS M 418 -22.30 37.99 -63.12
CA CYS M 418 -22.25 37.99 -63.18
C CYS M 418 -21.46 39.23 -62.81
C CYS M 418 -21.46 39.23 -62.81
N CYS M 419 -22.05 40.41 -63.01
CA CYS M 419 -21.41 41.68 -62.67
C CYS M 419 -21.67 42.09 -61.21
N LEU M 420 -22.03 41.13 -60.35
CA LEU M 420 -22.37 41.40 -58.97
C LEU M 420 -21.38 40.69 -58.04
N TRP M 421 -21.25 41.23 -56.84
CA TRP M 421 -20.35 40.70 -55.82
C TRP M 421 -21.13 40.42 -54.55
N ALA M 422 -20.82 39.28 -53.91
CA ALA M 422 -21.54 38.82 -52.74
C ALA M 422 -20.56 38.43 -51.63
N PHE M 423 -21.01 38.58 -50.39
CA PHE M 423 -20.22 38.24 -49.22
C PHE M 423 -21.09 37.47 -48.23
N LYS M 424 -20.45 36.83 -47.26
CA LYS M 424 -21.14 36.11 -46.22
C LYS M 424 -21.37 37.01 -45.01
N LYS M 425 -22.61 37.00 -44.51
CA LYS M 425 -22.98 37.77 -43.33
C LYS M 425 -22.89 36.87 -42.10
N GLN M 426 -22.35 37.43 -41.02
CA GLN M 426 -22.19 36.68 -39.79
C GLN M 426 -23.47 36.73 -38.96
N LYS M 427 -23.57 35.82 -38.00
CA LYS M 427 -24.73 35.74 -37.12
C LYS M 427 -24.61 36.77 -36.02
N THR M 428 -25.45 37.80 -36.06
CA THR M 428 -25.46 38.87 -35.07
C THR M 428 -26.78 38.78 -34.31
N HIS M 429 -26.73 38.24 -33.09
CA HIS M 429 -27.92 38.06 -32.27
C HIS M 429 -28.10 39.15 -31.23
N THR M 430 -27.06 39.92 -30.93
CA THR M 430 -27.15 40.93 -29.89
C THR M 430 -26.43 42.21 -30.33
N VAL M 431 -27.08 43.35 -30.12
CA VAL M 431 -26.46 44.66 -30.26
C VAL M 431 -26.34 45.24 -28.86
N TYR M 432 -25.11 45.47 -28.42
CA TYR M 432 -24.80 45.90 -27.06
C TYR M 432 -24.03 47.21 -27.14
N LYS M 433 -24.72 48.31 -26.86
CA LYS M 433 -24.10 49.63 -26.83
C LYS M 433 -23.66 49.90 -25.39
N ARG M 434 -22.36 49.81 -25.15
CA ARG M 434 -21.82 49.98 -23.81
C ARG M 434 -21.93 51.44 -23.37
N PRO M 435 -21.82 51.70 -22.07
CA PRO M 435 -21.78 53.10 -21.61
C PRO M 435 -20.61 53.85 -22.23
N ASP M 436 -20.83 55.15 -22.46
CA ASP M 436 -19.88 56.04 -23.12
C ASP M 436 -19.66 55.65 -24.58
N THR M 437 -20.66 55.05 -25.20
CA THR M 437 -20.68 54.79 -26.64
C THR M 437 -21.82 55.58 -27.28
N GLN M 438 -21.90 55.47 -28.60
CA GLN M 438 -22.88 56.24 -29.36
C GLN M 438 -23.44 55.38 -30.49
N SER M 439 -24.76 55.40 -30.62
CA SER M 439 -25.44 54.80 -31.75
C SER M 439 -25.62 55.85 -32.84
N ILE M 440 -25.11 55.56 -34.03
CA ILE M 440 -25.19 56.47 -35.16
C ILE M 440 -26.05 55.80 -36.23
N GLN M 441 -27.14 56.46 -36.61
CA GLN M 441 -28.08 55.89 -37.58
C GLN M 441 -28.32 56.89 -38.70
N LYS M 442 -28.70 56.39 -39.87
CA LYS M 442 -28.93 57.25 -41.02
C LYS M 442 -30.42 57.50 -41.16
N VAL M 443 -30.84 58.76 -40.99
CA VAL M 443 -32.24 59.13 -41.02
C VAL M 443 -32.47 60.09 -42.19
N GLN M 444 -33.74 60.26 -42.54
CA GLN M 444 -34.08 61.18 -43.61
C GLN M 444 -33.96 62.62 -43.13
N ALA M 445 -33.35 63.45 -43.96
CA ALA M 445 -33.31 64.89 -43.75
C ALA M 445 -34.01 65.60 -44.91
N GLU M 446 -34.00 66.93 -44.87
CA GLU M 446 -34.55 67.77 -45.93
C GLU M 446 -36.02 67.40 -46.22
N PHE M 447 -36.84 67.59 -45.19
CA PHE M 447 -38.27 67.38 -45.34
C PHE M 447 -38.92 68.57 -46.07
N PRO N 3 -55.14 61.76 10.05
CA PRO N 3 -54.90 60.61 10.94
C PRO N 3 -56.00 59.56 10.82
N VAL N 4 -55.80 58.58 9.95
CA VAL N 4 -56.79 57.54 9.72
C VAL N 4 -56.46 56.32 10.57
N TYR N 5 -57.44 55.83 11.31
CA TYR N 5 -57.28 54.68 12.20
C TYR N 5 -57.84 53.45 11.52
N VAL N 6 -57.11 52.33 11.65
CA VAL N 6 -57.47 51.07 11.01
C VAL N 6 -57.69 50.02 12.09
N ASP N 7 -58.80 49.28 11.98
CA ASP N 7 -59.12 48.21 12.92
C ASP N 7 -58.29 46.97 12.59
N ILE N 8 -56.97 47.11 12.74
CA ILE N 8 -56.02 46.03 12.51
C ILE N 8 -55.06 45.98 13.70
N ASP N 9 -54.27 44.92 13.74
CA ASP N 9 -53.32 44.73 14.83
C ASP N 9 -52.25 45.81 14.81
N ALA N 10 -51.69 46.09 15.99
CA ALA N 10 -50.68 47.14 16.10
C ALA N 10 -49.31 46.69 15.60
N ASP N 11 -49.12 45.39 15.36
CA ASP N 11 -47.83 44.88 14.92
C ASP N 11 -47.99 43.95 13.71
N SER N 12 -49.04 44.14 12.93
CA SER N 12 -49.27 43.29 11.76
C SER N 12 -48.37 43.70 10.61
N ALA N 13 -48.00 42.72 9.78
CA ALA N 13 -47.11 42.98 8.66
C ALA N 13 -47.80 43.77 7.54
N PHE N 14 -49.12 43.62 7.41
CA PHE N 14 -49.88 44.35 6.40
C PHE N 14 -49.81 45.86 6.58
N LEU N 15 -49.66 46.33 7.83
CA LEU N 15 -49.65 47.75 8.14
C LEU N 15 -48.77 48.53 7.17
N LYS N 16 -47.49 48.16 7.07
CA LYS N 16 -46.57 48.86 6.18
C LYS N 16 -47.11 48.94 4.76
N ALA N 17 -47.57 47.80 4.22
CA ALA N 17 -48.12 47.79 2.88
C ALA N 17 -49.24 48.80 2.74
N LEU N 18 -50.14 48.84 3.74
CA LEU N 18 -51.22 49.81 3.72
C LEU N 18 -50.68 51.22 3.71
N GLN N 19 -49.65 51.50 4.52
N GLN N 19 -49.64 51.51 4.52
CA GLN N 19 -49.05 52.83 4.52
CA GLN N 19 -49.06 52.84 4.52
C GLN N 19 -48.43 53.15 3.17
C GLN N 19 -48.41 53.15 3.18
N ARG N 20 -47.93 52.14 2.47
CA ARG N 20 -47.41 52.37 1.13
C ARG N 20 -48.53 52.60 0.12
N ALA N 21 -49.71 52.03 0.38
CA ALA N 21 -50.84 52.19 -0.52
C ALA N 21 -51.54 53.54 -0.37
N TYR N 22 -51.41 54.18 0.79
CA TYR N 22 -52.06 55.46 1.07
C TYR N 22 -51.02 56.40 1.68
N PRO N 23 -50.16 57.01 0.84
CA PRO N 23 -49.12 57.90 1.38
C PRO N 23 -49.63 59.24 1.86
N MET N 24 -50.81 59.69 1.43
CA MET N 24 -51.34 60.97 1.88
C MET N 24 -51.98 60.90 3.25
N PHE N 25 -52.15 59.71 3.82
CA PHE N 25 -52.78 59.53 5.11
C PHE N 25 -51.79 58.97 6.11
N GLU N 26 -52.01 59.27 7.39
CA GLU N 26 -51.23 58.71 8.48
C GLU N 26 -52.03 57.54 9.04
N VAL N 27 -51.65 56.33 8.66
CA VAL N 27 -52.38 55.12 9.03
C VAL N 27 -51.89 54.67 10.41
N GLU N 28 -52.81 54.58 11.36
CA GLU N 28 -52.49 54.18 12.72
C GLU N 28 -53.38 53.01 13.12
N PRO N 29 -52.82 51.93 13.68
CA PRO N 29 -53.64 50.78 14.04
C PRO N 29 -54.39 51.00 15.35
N ARG N 30 -55.64 50.53 15.37
CA ARG N 30 -56.45 50.53 16.59
C ARG N 30 -57.38 49.33 16.52
N GLN N 31 -56.95 48.22 17.13
CA GLN N 31 -57.69 46.97 17.04
C GLN N 31 -58.75 46.92 18.13
N VAL N 32 -60.00 46.72 17.73
CA VAL N 32 -61.10 46.64 18.67
C VAL N 32 -61.94 45.41 18.36
N THR N 33 -61.52 44.62 17.37
CA THR N 33 -62.26 43.44 16.93
C THR N 33 -61.30 42.42 16.34
N PRO N 34 -61.42 41.13 16.70
CA PRO N 34 -60.58 40.09 16.09
C PRO N 34 -61.15 39.63 14.75
N ASN N 35 -61.29 40.57 13.83
CA ASN N 35 -61.91 40.28 12.53
C ASN N 35 -61.02 39.35 11.71
N ASP N 36 -61.65 38.36 11.08
CA ASP N 36 -60.93 37.42 10.23
C ASP N 36 -60.50 38.03 8.91
N HIS N 37 -61.06 39.17 8.52
CA HIS N 37 -60.71 39.85 7.27
C HIS N 37 -60.52 41.34 7.54
N ALA N 38 -59.74 41.66 8.58
CA ALA N 38 -59.56 43.05 8.97
C ALA N 38 -58.82 43.87 7.92
N ASN N 39 -57.92 43.23 7.18
CA ASN N 39 -57.18 43.95 6.13
C ASN N 39 -58.13 44.47 5.07
N ALA N 40 -59.14 43.68 4.70
CA ALA N 40 -60.11 44.11 3.70
C ALA N 40 -60.85 45.36 4.17
N ARG N 41 -61.31 45.37 5.42
CA ARG N 41 -62.05 46.51 5.93
C ARG N 41 -61.16 47.73 6.07
N ALA N 42 -59.91 47.54 6.48
CA ALA N 42 -58.98 48.66 6.57
C ALA N 42 -58.73 49.29 5.20
N PHE N 43 -58.50 48.45 4.19
CA PHE N 43 -58.29 48.97 2.84
C PHE N 43 -59.54 49.68 2.34
N SER N 44 -60.72 49.12 2.60
CA SER N 44 -61.96 49.78 2.18
C SER N 44 -62.12 51.12 2.87
N HIS N 45 -61.81 51.20 4.15
CA HIS N 45 -61.93 52.45 4.89
C HIS N 45 -61.00 53.51 4.30
N LEU N 46 -59.73 53.17 4.09
CA LEU N 46 -58.82 54.15 3.52
C LEU N 46 -59.17 54.49 2.08
N ALA N 47 -59.74 53.55 1.33
CA ALA N 47 -60.20 53.85 -0.01
C ALA N 47 -61.32 54.88 0.00
N ILE N 48 -62.27 54.72 0.92
CA ILE N 48 -63.37 55.68 1.03
C ILE N 48 -62.83 57.04 1.46
N LYS N 49 -61.88 57.06 2.39
CA LYS N 49 -61.29 58.33 2.82
C LYS N 49 -60.56 59.01 1.67
N LEU N 50 -59.82 58.24 0.88
CA LEU N 50 -59.17 58.78 -0.31
C LEU N 50 -60.18 59.35 -1.28
N ILE N 51 -61.29 58.64 -1.50
CA ILE N 51 -62.32 59.12 -2.41
C ILE N 51 -62.88 60.46 -1.92
N GLU N 52 -63.20 60.53 -0.63
CA GLU N 52 -63.78 61.76 -0.09
C GLU N 52 -62.78 62.91 -0.12
N GLN N 53 -61.48 62.60 0.00
CA GLN N 53 -60.48 63.66 -0.07
C GLN N 53 -60.28 64.14 -1.50
N GLU N 54 -60.43 63.25 -2.48
CA GLU N 54 -60.04 63.56 -3.85
C GLU N 54 -61.20 64.04 -4.72
N ILE N 55 -62.36 64.34 -4.15
CA ILE N 55 -63.49 64.80 -4.95
C ILE N 55 -64.05 66.10 -4.38
N ASP N 56 -65.09 66.62 -5.03
CA ASP N 56 -65.70 67.89 -4.65
C ASP N 56 -66.44 67.75 -3.33
N PRO N 57 -66.10 68.53 -2.30
CA PRO N 57 -66.84 68.43 -1.03
C PRO N 57 -68.31 68.82 -1.14
N ASP N 58 -68.68 69.64 -2.13
CA ASP N 58 -70.08 70.01 -2.35
C ASP N 58 -70.62 69.23 -3.53
N SER N 59 -71.03 67.99 -3.26
CA SER N 59 -71.59 67.11 -4.28
C SER N 59 -72.29 65.95 -3.61
N THR N 60 -73.50 65.63 -4.07
CA THR N 60 -74.19 64.44 -3.60
C THR N 60 -73.43 63.20 -4.03
N ILE N 61 -73.22 62.27 -3.11
CA ILE N 61 -72.35 61.12 -3.34
C ILE N 61 -73.24 59.88 -3.24
N LEU N 62 -73.68 59.35 -4.38
CA LEU N 62 -74.44 58.12 -4.39
C LEU N 62 -73.50 56.93 -4.41
N ASP N 63 -73.76 55.95 -3.54
CA ASP N 63 -72.99 54.74 -3.46
C ASP N 63 -73.89 53.54 -3.74
N ILE N 64 -73.48 52.72 -4.71
CA ILE N 64 -74.33 51.64 -5.22
C ILE N 64 -74.21 50.43 -4.31
N GLY N 65 -75.34 49.86 -3.90
CA GLY N 65 -75.34 48.66 -3.09
C GLY N 65 -74.56 48.81 -1.80
N SER N 66 -74.67 49.96 -1.15
CA SER N 66 -73.84 50.29 0.00
C SER N 66 -74.54 49.92 1.30
N ALA N 67 -73.74 49.84 2.37
CA ALA N 67 -74.27 49.68 3.71
C ALA N 67 -74.43 51.04 4.35
N PRO N 68 -75.65 51.46 4.69
CA PRO N 68 -75.82 52.82 5.24
C PRO N 68 -75.17 53.04 6.58
N ALA N 69 -74.83 51.99 7.32
CA ALA N 69 -74.25 52.15 8.64
C ALA N 69 -72.80 52.65 8.56
N ARG N 70 -72.08 52.30 7.51
CA ARG N 70 -70.69 52.71 7.38
C ARG N 70 -70.57 54.19 7.02
N ARG N 71 -71.61 54.78 6.43
CA ARG N 71 -71.57 56.16 6.01
C ARG N 71 -71.83 57.15 7.14
N MET N 72 -71.79 56.69 8.39
CA MET N 72 -71.94 57.60 9.52
C MET N 72 -70.70 58.48 9.67
N MET N 73 -70.86 59.54 10.45
CA MET N 73 -69.79 60.50 10.71
C MET N 73 -69.20 61.06 9.42
N SER N 74 -70.03 61.28 8.41
CA SER N 74 -69.60 61.79 7.12
C SER N 74 -70.45 62.99 6.77
N ASP N 75 -69.85 64.18 6.82
CA ASP N 75 -70.58 65.41 6.53
C ASP N 75 -71.02 65.49 5.08
N ARG N 76 -70.44 64.67 4.20
CA ARG N 76 -70.83 64.68 2.79
C ARG N 76 -72.18 64.02 2.61
N LYS N 77 -72.98 64.58 1.71
CA LYS N 77 -74.27 63.98 1.38
C LYS N 77 -74.08 62.63 0.71
N TYR N 78 -74.85 61.64 1.16
CA TYR N 78 -74.75 60.27 0.66
C TYR N 78 -76.12 59.78 0.23
N HIS N 79 -76.21 59.24 -0.98
CA HIS N 79 -77.38 58.52 -1.47
C HIS N 79 -77.12 57.03 -1.31
N CYS N 80 -77.37 56.52 -0.11
CA CYS N 80 -77.11 55.12 0.20
C CYS N 80 -78.15 54.28 -0.51
N VAL N 81 -77.79 53.78 -1.69
CA VAL N 81 -78.71 52.97 -2.50
C VAL N 81 -78.72 51.55 -1.94
N CYS N 82 -79.89 51.11 -1.48
N CYS N 82 -79.90 51.10 -1.49
CA CYS N 82 -80.07 49.77 -0.93
CA CYS N 82 -80.07 49.77 -0.93
C CYS N 82 -81.25 49.11 -1.64
C CYS N 82 -81.25 49.10 -1.63
N PRO N 83 -80.99 48.40 -2.73
CA PRO N 83 -82.10 47.77 -3.48
C PRO N 83 -82.83 46.68 -2.74
N MET N 84 -82.36 46.27 -1.55
CA MET N 84 -83.01 45.24 -0.75
C MET N 84 -83.06 43.90 -1.47
N ARG N 85 -81.97 43.53 -2.14
CA ARG N 85 -81.96 42.32 -2.96
C ARG N 85 -81.25 41.16 -2.27
N SER N 86 -80.08 41.43 -1.67
CA SER N 86 -79.38 40.38 -0.95
C SER N 86 -80.05 40.12 0.40
N ALA N 87 -79.69 38.98 1.00
CA ALA N 87 -80.27 38.58 2.27
C ALA N 87 -79.66 39.29 3.47
N GLU N 88 -78.50 39.92 3.31
CA GLU N 88 -77.88 40.65 4.41
C GLU N 88 -78.42 42.07 4.54
N ASP N 89 -79.17 42.55 3.55
CA ASP N 89 -79.67 43.93 3.59
C ASP N 89 -80.65 44.20 4.71
N PRO N 90 -81.64 43.35 5.02
CA PRO N 90 -82.55 43.68 6.12
C PRO N 90 -81.85 43.91 7.45
N GLU N 91 -80.84 43.08 7.76
CA GLU N 91 -80.11 43.24 9.02
C GLU N 91 -79.26 44.50 8.99
N ARG N 92 -78.69 44.84 7.84
CA ARG N 92 -77.93 46.07 7.72
C ARG N 92 -78.82 47.29 7.92
N LEU N 93 -80.03 47.26 7.36
CA LEU N 93 -80.97 48.35 7.57
C LEU N 93 -81.43 48.41 9.02
N ALA N 94 -81.58 47.25 9.67
CA ALA N 94 -81.94 47.24 11.09
C ALA N 94 -80.85 47.90 11.93
N ASN N 95 -79.59 47.56 11.66
CA ASN N 95 -78.49 48.20 12.37
C ASN N 95 -78.42 49.69 12.08
N TYR N 96 -78.66 50.08 10.82
CA TYR N 96 -78.66 51.49 10.47
C TYR N 96 -79.75 52.25 11.20
N ALA N 97 -80.95 51.67 11.31
CA ALA N 97 -82.03 52.31 12.05
C ALA N 97 -81.72 52.37 13.54
N ARG N 98 -81.09 51.34 14.08
CA ARG N 98 -80.68 51.36 15.48
C ARG N 98 -79.72 52.51 15.74
N LYS N 99 -78.73 52.68 14.87
CA LYS N 99 -77.76 53.76 15.05
C LYS N 99 -78.41 55.13 14.85
N LEU N 100 -79.34 55.24 13.88
CA LEU N 100 -80.01 56.51 13.66
C LEU N 100 -80.88 56.89 14.85
N ALA N 101 -81.55 55.93 15.48
CA ALA N 101 -82.39 56.19 16.63
C ALA N 101 -81.61 56.32 17.93
N SER N 102 -80.32 55.99 17.93
CA SER N 102 -79.49 56.05 19.13
C SER N 102 -78.74 57.37 19.27
N ALA N 103 -78.84 58.27 18.29
CA ALA N 103 -78.12 59.53 18.34
C ALA N 103 -79.03 60.69 17.94
N ALA N 104 -80.28 60.67 18.40
CA ALA N 104 -81.20 61.76 18.10
C ALA N 104 -80.75 63.06 18.75
N GLY N 105 -80.47 63.01 20.05
CA GLY N 105 -80.00 64.19 20.76
C GLY N 105 -78.51 64.17 21.05
N LYS N 106 -77.77 63.33 20.32
CA LYS N 106 -76.34 63.17 20.54
C LYS N 106 -75.49 63.92 19.51
N VAL N 107 -75.78 63.74 18.23
CA VAL N 107 -75.06 64.42 17.16
C VAL N 107 -76.05 65.19 16.30
N LEU N 108 -75.60 66.31 15.75
CA LEU N 108 -76.46 67.17 14.94
C LEU N 108 -75.83 67.62 13.62
N ASP N 109 -74.51 67.54 13.48
CA ASP N 109 -73.84 68.02 12.26
C ASP N 109 -73.89 67.03 11.11
N ARG N 110 -74.36 65.80 11.36
CA ARG N 110 -74.35 64.75 10.35
C ARG N 110 -75.71 64.55 9.70
N ASN N 111 -76.58 65.57 9.73
CA ASN N 111 -77.89 65.57 9.09
C ASN N 111 -78.75 64.36 9.51
N ILE N 112 -78.47 63.81 10.70
CA ILE N 112 -79.23 62.67 11.20
C ILE N 112 -80.69 63.02 11.40
N SER N 113 -80.98 64.28 11.76
CA SER N 113 -82.36 64.70 11.96
C SER N 113 -83.18 64.56 10.69
N GLY N 114 -82.55 64.82 9.53
CA GLY N 114 -83.22 64.57 8.26
C GLY N 114 -83.11 63.14 7.78
N LYS N 115 -82.11 62.40 8.24
CA LYS N 115 -82.00 60.99 7.88
C LYS N 115 -83.12 60.18 8.52
N ILE N 116 -83.54 60.54 9.73
CA ILE N 116 -84.70 59.88 10.33
C ILE N 116 -85.94 60.09 9.47
N GLY N 117 -86.14 61.33 9.00
CA GLY N 117 -87.25 61.62 8.12
C GLY N 117 -87.16 60.86 6.80
N ASP N 118 -85.94 60.72 6.28
CA ASP N 118 -85.74 59.96 5.05
C ASP N 118 -86.12 58.50 5.23
N LEU N 119 -85.70 57.90 6.35
CA LEU N 119 -86.06 56.52 6.63
C LEU N 119 -87.58 56.37 6.80
N GLN N 120 -88.21 57.33 7.49
CA GLN N 120 -89.65 57.26 7.62
C GLN N 120 -90.35 57.43 6.27
N ALA N 121 -89.76 58.21 5.37
CA ALA N 121 -90.39 58.43 4.07
C ALA N 121 -90.27 57.21 3.17
N VAL N 122 -89.09 56.56 3.16
CA VAL N 122 -88.91 55.41 2.29
C VAL N 122 -89.79 54.24 2.74
N MET N 123 -90.06 54.14 4.04
CA MET N 123 -90.91 53.08 4.58
C MET N 123 -92.39 53.42 4.51
N ALA N 124 -92.77 54.42 3.72
CA ALA N 124 -94.17 54.78 3.49
C ALA N 124 -94.64 54.41 2.09
N VAL N 125 -93.90 54.82 1.07
CA VAL N 125 -94.16 54.44 -0.32
C VAL N 125 -92.90 53.77 -0.84
N PRO N 126 -92.99 52.58 -1.44
CA PRO N 126 -91.77 51.87 -1.85
C PRO N 126 -90.95 52.61 -2.91
N ASP N 127 -91.55 53.55 -3.63
CA ASP N 127 -90.83 54.33 -4.64
C ASP N 127 -90.49 55.73 -4.15
N THR N 128 -90.34 55.91 -2.84
CA THR N 128 -90.00 57.21 -2.26
C THR N 128 -88.52 57.49 -2.50
N GLU N 129 -88.23 58.36 -3.47
CA GLU N 129 -86.86 58.74 -3.77
C GLU N 129 -86.50 59.96 -2.94
N THR N 130 -86.08 59.72 -1.70
CA THR N 130 -85.63 60.80 -0.83
C THR N 130 -84.24 61.28 -1.28
N PRO N 131 -83.85 62.49 -0.91
CA PRO N 131 -82.53 62.98 -1.32
C PRO N 131 -81.37 62.11 -0.87
N THR N 132 -81.47 61.48 0.30
CA THR N 132 -80.35 60.77 0.90
C THR N 132 -80.52 59.26 0.97
N PHE N 133 -81.71 58.73 0.69
CA PHE N 133 -81.93 57.30 0.86
C PHE N 133 -83.05 56.84 -0.07
N CYS N 134 -82.87 55.66 -0.66
CA CYS N 134 -83.87 55.10 -1.55
C CYS N 134 -83.67 53.59 -1.62
N LEU N 135 -84.72 52.90 -2.06
CA LEU N 135 -84.72 51.44 -2.22
C LEU N 135 -85.03 51.12 -3.68
N HIS N 136 -83.98 51.13 -4.51
CA HIS N 136 -84.11 50.77 -5.92
C HIS N 136 -82.77 50.23 -6.39
N THR N 137 -82.80 49.51 -7.51
CA THR N 137 -81.57 49.07 -8.12
C THR N 137 -80.87 50.24 -8.80
N ASP N 138 -79.59 50.04 -9.15
CA ASP N 138 -78.82 51.10 -9.79
C ASP N 138 -79.34 51.45 -11.17
N VAL N 139 -80.15 50.58 -11.77
CA VAL N 139 -80.67 50.81 -13.11
C VAL N 139 -82.11 51.32 -13.08
N SER N 140 -82.63 51.65 -11.90
CA SER N 140 -83.99 52.19 -11.78
C SER N 140 -84.09 53.40 -10.88
N CYS N 141 -83.09 53.71 -10.07
CA CYS N 141 -83.15 54.89 -9.22
C CYS N 141 -83.13 56.16 -10.06
N ARG N 142 -83.94 57.14 -9.67
CA ARG N 142 -84.14 58.35 -10.44
C ARG N 142 -83.37 59.55 -9.90
N GLN N 143 -82.51 59.37 -8.91
CA GLN N 143 -81.73 60.47 -8.39
C GLN N 143 -80.71 60.94 -9.42
N ARG N 144 -80.39 62.23 -9.37
CA ARG N 144 -79.46 62.85 -10.31
C ARG N 144 -78.31 63.48 -9.50
N ALA N 145 -77.28 62.69 -9.24
CA ALA N 145 -76.10 63.15 -8.52
C ALA N 145 -74.89 63.14 -9.45
N ASP N 146 -73.71 63.42 -8.88
CA ASP N 146 -72.50 63.65 -9.65
C ASP N 146 -71.47 62.54 -9.53
N VAL N 147 -71.40 61.83 -8.41
CA VAL N 147 -70.36 60.83 -8.17
C VAL N 147 -71.02 59.52 -7.76
N ALA N 148 -70.53 58.41 -8.30
CA ALA N 148 -70.99 57.08 -7.97
C ALA N 148 -69.88 56.31 -7.25
N ILE N 149 -70.27 55.46 -6.30
CA ILE N 149 -69.32 54.63 -5.56
C ILE N 149 -69.83 53.19 -5.57
N TYR N 150 -68.95 52.26 -5.94
CA TYR N 150 -69.24 50.84 -5.92
C TYR N 150 -68.25 50.19 -4.96
N GLN N 151 -68.62 50.12 -3.69
CA GLN N 151 -67.75 49.58 -2.65
C GLN N 151 -68.07 48.10 -2.47
N ASP N 152 -67.13 47.24 -2.84
CA ASP N 152 -67.29 45.79 -2.75
C ASP N 152 -68.54 45.33 -3.49
N VAL N 153 -68.75 45.90 -4.67
CA VAL N 153 -69.91 45.59 -5.50
C VAL N 153 -69.40 44.86 -6.74
N TYR N 154 -69.49 43.54 -6.71
CA TYR N 154 -69.04 42.71 -7.83
C TYR N 154 -70.18 42.07 -8.60
N ALA N 155 -71.35 41.91 -7.99
CA ALA N 155 -72.48 41.21 -8.61
C ALA N 155 -73.36 42.15 -9.42
N VAL N 156 -72.78 42.89 -10.37
CA VAL N 156 -73.53 43.76 -11.26
C VAL N 156 -72.71 43.97 -12.53
N HIS N 157 -73.42 44.24 -13.62
CA HIS N 157 -72.77 44.46 -14.91
C HIS N 157 -72.20 45.88 -14.93
N ALA N 158 -70.88 45.99 -15.07
CA ALA N 158 -70.25 47.30 -15.03
C ALA N 158 -70.72 48.24 -16.12
N PRO N 159 -70.74 47.86 -17.41
CA PRO N 159 -71.16 48.84 -18.43
C PRO N 159 -72.59 49.32 -18.25
N THR N 160 -73.52 48.44 -17.90
CA THR N 160 -74.91 48.84 -17.74
C THR N 160 -75.07 49.83 -16.59
N SER N 161 -74.48 49.52 -15.44
CA SER N 161 -74.57 50.42 -14.29
C SER N 161 -73.88 51.74 -14.57
N LEU N 162 -72.71 51.70 -15.19
CA LEU N 162 -72.00 52.94 -15.51
C LEU N 162 -72.80 53.82 -16.46
N TYR N 163 -73.43 53.21 -17.48
CA TYR N 163 -74.28 53.98 -18.36
C TYR N 163 -75.50 54.54 -17.64
N HIS N 164 -76.11 53.75 -16.76
CA HIS N 164 -77.31 54.20 -16.08
C HIS N 164 -77.01 55.35 -15.11
N GLN N 165 -75.82 55.38 -14.53
CA GLN N 165 -75.44 56.55 -13.73
C GLN N 165 -74.90 57.69 -14.57
N ALA N 166 -74.31 57.41 -15.74
CA ALA N 166 -73.86 58.47 -16.62
C ALA N 166 -75.04 59.28 -17.15
N ILE N 167 -76.12 58.60 -17.52
CA ILE N 167 -77.34 59.30 -17.95
C ILE N 167 -78.02 60.01 -16.79
N LYS N 168 -77.56 59.80 -15.56
CA LYS N 168 -78.08 60.47 -14.38
C LYS N 168 -77.19 61.61 -13.91
N GLY N 169 -76.23 62.04 -14.74
CA GLY N 169 -75.37 63.15 -14.40
C GLY N 169 -74.12 62.79 -13.62
N VAL N 170 -73.94 61.51 -13.26
CA VAL N 170 -72.77 61.11 -12.50
C VAL N 170 -71.55 61.17 -13.42
N ARG N 171 -70.58 62.01 -13.05
CA ARG N 171 -69.36 62.16 -13.84
C ARG N 171 -68.20 61.32 -13.30
N LEU N 172 -68.22 60.96 -12.03
CA LEU N 172 -67.14 60.22 -11.39
C LEU N 172 -67.71 58.95 -10.77
N ALA N 173 -67.02 57.83 -10.97
CA ALA N 173 -67.37 56.56 -10.35
C ALA N 173 -66.12 55.96 -9.74
N TYR N 174 -66.27 55.34 -8.57
CA TYR N 174 -65.18 54.67 -7.89
C TYR N 174 -65.58 53.22 -7.63
N TRP N 175 -64.70 52.29 -7.97
CA TRP N 175 -64.94 50.87 -7.72
C TRP N 175 -63.81 50.35 -6.84
N VAL N 176 -64.14 50.02 -5.60
CA VAL N 176 -63.19 49.47 -4.65
C VAL N 176 -63.51 47.98 -4.49
N GLY N 177 -62.57 47.12 -4.86
CA GLY N 177 -62.86 45.70 -4.79
C GLY N 177 -61.63 44.88 -5.13
N PHE N 178 -61.84 43.57 -5.16
CA PHE N 178 -60.76 42.65 -5.48
C PHE N 178 -60.32 42.82 -6.93
N ASP N 179 -59.04 42.59 -7.17
CA ASP N 179 -58.50 42.68 -8.51
C ASP N 179 -59.16 41.66 -9.42
N THR N 180 -59.56 42.11 -10.61
CA THR N 180 -60.27 41.26 -11.57
C THR N 180 -59.34 40.61 -12.58
N THR N 181 -58.03 40.87 -12.49
CA THR N 181 -57.08 40.21 -13.38
C THR N 181 -57.13 38.68 -13.31
N PRO N 182 -57.24 38.05 -12.14
CA PRO N 182 -57.31 36.57 -12.15
C PRO N 182 -58.46 36.00 -12.95
N PHE N 183 -59.59 36.70 -13.03
CA PHE N 183 -60.74 36.20 -13.75
C PHE N 183 -60.67 36.45 -15.25
N MET N 184 -59.80 37.34 -15.71
CA MET N 184 -59.54 37.44 -17.13
C MET N 184 -58.55 36.38 -17.60
N TYR N 185 -57.86 35.72 -16.67
CA TYR N 185 -57.02 34.58 -16.99
C TYR N 185 -57.77 33.25 -16.91
N ASN N 186 -59.04 33.29 -16.51
CA ASN N 186 -59.90 32.10 -16.46
C ASN N 186 -59.31 31.02 -15.56
N ALA N 187 -59.21 31.34 -14.27
CA ALA N 187 -58.64 30.43 -13.28
C ALA N 187 -59.74 29.68 -12.56
N MET N 188 -59.52 28.39 -12.33
CA MET N 188 -60.48 27.58 -11.59
C MET N 188 -60.59 28.01 -10.14
N ALA N 189 -59.46 28.33 -9.51
CA ALA N 189 -59.44 28.76 -8.12
C ALA N 189 -58.31 29.76 -7.94
N GLY N 190 -58.37 30.51 -6.85
CA GLY N 190 -57.34 31.49 -6.60
C GLY N 190 -57.39 31.99 -5.17
N ALA N 191 -56.41 32.81 -4.83
CA ALA N 191 -56.25 33.30 -3.47
C ALA N 191 -55.74 34.73 -3.47
N TYR N 192 -56.10 35.45 -2.42
CA TYR N 192 -55.51 36.74 -2.05
C TYR N 192 -54.94 36.54 -0.65
N PRO N 193 -53.71 36.03 -0.53
CA PRO N 193 -53.18 35.68 0.79
C PRO N 193 -53.04 36.86 1.73
N SER N 194 -52.75 38.05 1.22
CA SER N 194 -52.59 39.21 2.07
C SER N 194 -53.89 39.66 2.73
N TYR N 195 -55.03 39.17 2.25
CA TYR N 195 -56.33 39.48 2.83
C TYR N 195 -57.02 38.24 3.35
N SER N 196 -56.30 37.12 3.44
CA SER N 196 -56.87 35.85 3.90
C SER N 196 -58.06 35.45 3.06
N THR N 197 -58.03 35.74 1.76
CA THR N 197 -59.16 35.53 0.88
C THR N 197 -58.88 34.32 -0.01
N ASN N 198 -59.89 33.48 -0.19
CA ASN N 198 -59.79 32.34 -1.09
C ASN N 198 -61.07 32.20 -1.89
N TRP N 199 -60.93 31.99 -3.20
CA TRP N 199 -62.10 31.86 -4.05
C TRP N 199 -61.94 30.63 -4.93
N ALA N 200 -63.05 29.97 -5.22
CA ALA N 200 -63.00 28.76 -6.02
C ALA N 200 -64.28 28.59 -6.82
N ASP N 201 -64.15 27.97 -7.99
CA ASP N 201 -65.30 27.53 -8.77
C ASP N 201 -66.02 26.40 -8.05
N GLU N 202 -67.35 26.34 -8.21
CA GLU N 202 -68.12 25.30 -7.55
C GLU N 202 -67.74 23.90 -8.03
N GLN N 203 -67.12 23.78 -9.20
CA GLN N 203 -66.69 22.48 -9.67
C GLN N 203 -65.56 21.90 -8.83
N VAL N 204 -64.88 22.72 -8.03
CA VAL N 204 -63.73 22.26 -7.25
C VAL N 204 -63.87 22.65 -5.80
N LEU N 205 -65.10 22.87 -5.33
CA LEU N 205 -65.30 23.13 -3.91
C LEU N 205 -65.05 21.90 -3.05
N LYS N 206 -65.09 20.70 -3.63
CA LYS N 206 -64.77 19.48 -2.93
C LYS N 206 -63.34 19.03 -3.17
N ALA N 207 -62.45 19.98 -3.46
CA ALA N 207 -61.03 19.68 -3.67
C ALA N 207 -60.37 19.36 -2.33
N LYS N 208 -59.06 19.12 -2.38
CA LYS N 208 -58.31 18.66 -1.22
C LYS N 208 -57.30 19.67 -0.71
N ASN N 209 -56.49 20.26 -1.59
CA ASN N 209 -55.33 21.04 -1.17
C ASN N 209 -55.33 22.43 -1.82
N ILE N 210 -56.48 23.08 -1.84
CA ILE N 210 -56.57 24.48 -2.26
C ILE N 210 -57.12 25.29 -1.08
N GLY N 211 -57.13 26.61 -1.26
CA GLY N 211 -57.50 27.48 -0.15
C GLY N 211 -58.93 27.30 0.31
N LEU N 212 -59.87 27.21 -0.62
CA LEU N 212 -61.28 27.07 -0.31
C LEU N 212 -61.76 25.71 -0.84
N CYS N 213 -61.79 24.72 0.04
CA CYS N 213 -62.23 23.37 -0.31
C CYS N 213 -62.40 22.59 0.98
N SER N 214 -63.14 21.48 0.88
CA SER N 214 -63.29 20.55 1.99
C SER N 214 -63.67 19.19 1.41
N THR N 215 -62.94 18.16 1.81
CA THR N 215 -63.22 16.81 1.31
C THR N 215 -63.30 15.83 2.47
N ASP N 216 -63.44 14.54 2.17
CA ASP N 216 -63.58 13.52 3.18
C ASP N 216 -62.54 12.42 2.97
N LEU N 217 -62.23 11.71 4.05
CA LEU N 217 -61.33 10.56 3.96
C LEU N 217 -62.03 9.40 3.24
N THR N 218 -61.35 8.83 2.26
CA THR N 218 -61.87 7.69 1.53
C THR N 218 -60.76 6.68 1.33
N GLU N 219 -61.15 5.43 1.10
CA GLU N 219 -60.19 4.34 0.93
C GLU N 219 -59.79 4.12 -0.52
N GLY N 220 -60.33 4.90 -1.45
CA GLY N 220 -60.04 4.69 -2.85
C GLY N 220 -61.00 3.68 -3.47
N ARG N 221 -62.28 3.84 -3.17
CA ARG N 221 -63.31 2.92 -3.63
C ARG N 221 -63.73 3.26 -5.06
N ARG N 222 -64.79 2.63 -5.53
CA ARG N 222 -65.34 2.95 -6.84
C ARG N 222 -65.94 4.35 -6.82
N GLY N 223 -65.75 5.08 -7.90
CA GLY N 223 -66.25 6.44 -7.98
C GLY N 223 -67.73 6.50 -8.28
N LYS N 224 -68.26 7.72 -8.21
CA LYS N 224 -69.67 7.94 -8.48
C LYS N 224 -70.02 7.54 -9.91
N LEU N 225 -71.13 6.83 -10.06
CA LEU N 225 -71.67 6.50 -11.38
C LEU N 225 -72.34 7.75 -11.93
N SER N 226 -71.51 8.67 -12.43
CA SER N 226 -71.99 9.99 -12.81
C SER N 226 -72.92 9.91 -14.02
N ILE N 227 -73.98 10.70 -13.97
CA ILE N 227 -74.89 10.80 -15.11
C ILE N 227 -74.21 11.52 -16.27
N MET N 228 -73.40 12.53 -15.97
CA MET N 228 -72.66 13.27 -16.98
C MET N 228 -71.27 12.65 -17.16
N ARG N 229 -70.85 12.53 -18.41
CA ARG N 229 -69.53 11.98 -18.70
C ARG N 229 -68.42 12.86 -18.16
N GLY N 230 -68.57 14.18 -18.27
CA GLY N 230 -67.51 15.10 -17.92
C GLY N 230 -66.60 15.35 -19.09
N LYS N 231 -65.45 14.65 -19.10
CA LYS N 231 -64.49 14.69 -20.20
C LYS N 231 -63.84 16.06 -20.33
N LYS N 232 -64.23 17.01 -19.48
CA LYS N 232 -63.66 18.34 -19.50
C LYS N 232 -63.93 19.01 -18.16
N LEU N 233 -62.95 19.75 -17.66
CA LEU N 233 -63.08 20.52 -16.43
C LEU N 233 -62.71 21.97 -16.78
N GLU N 234 -63.73 22.79 -16.99
N GLU N 234 -63.73 22.80 -16.97
CA GLU N 234 -63.51 24.18 -17.36
CA GLU N 234 -63.58 24.18 -17.40
C GLU N 234 -64.27 25.08 -16.41
C GLU N 234 -64.30 25.10 -16.42
N PRO N 235 -63.75 26.28 -16.14
CA PRO N 235 -64.39 27.18 -15.17
C PRO N 235 -65.83 27.51 -15.54
N CYS N 236 -66.69 27.50 -14.54
CA CYS N 236 -68.10 27.86 -14.69
C CYS N 236 -68.32 29.27 -14.20
N ASP N 237 -69.51 29.81 -14.51
CA ASP N 237 -69.80 31.20 -14.19
C ASP N 237 -69.84 31.42 -12.68
N ARG N 238 -70.39 30.48 -11.93
CA ARG N 238 -70.59 30.67 -10.50
C ARG N 238 -69.31 30.31 -9.73
N VAL N 239 -68.82 31.23 -8.92
CA VAL N 239 -67.69 31.00 -8.04
C VAL N 239 -68.06 31.45 -6.63
N LEU N 240 -67.30 30.97 -5.66
CA LEU N 240 -67.50 31.33 -4.26
C LEU N 240 -66.27 32.04 -3.74
N PHE N 241 -66.50 33.19 -3.09
CA PHE N 241 -65.46 33.96 -2.42
C PHE N 241 -65.56 33.75 -0.92
N SER N 242 -64.42 33.68 -0.25
CA SER N 242 -64.33 33.62 1.20
C SER N 242 -63.30 34.64 1.65
N VAL N 243 -63.78 35.75 2.20
CA VAL N 243 -62.92 36.79 2.75
C VAL N 243 -62.91 36.62 4.26
N GLY N 244 -61.94 35.88 4.77
CA GLY N 244 -61.97 35.48 6.17
C GLY N 244 -62.93 34.33 6.38
N SER N 245 -64.07 34.60 6.98
CA SER N 245 -65.11 33.60 7.20
C SER N 245 -66.45 34.12 6.70
N THR N 246 -66.47 34.77 5.54
CA THR N 246 -67.67 35.33 4.95
C THR N 246 -67.80 34.86 3.52
N LEU N 247 -68.97 34.35 3.16
CA LEU N 247 -69.20 33.79 1.82
C LEU N 247 -69.82 34.82 0.88
N TYR N 248 -69.36 34.80 -0.37
CA TYR N 248 -69.91 35.63 -1.44
C TYR N 248 -70.06 34.84 -2.73
N PRO N 249 -71.29 34.50 -3.15
CA PRO N 249 -71.49 33.88 -4.45
C PRO N 249 -71.38 34.91 -5.57
N GLU N 250 -70.35 34.78 -6.39
N GLU N 250 -70.35 34.79 -6.39
CA GLU N 250 -70.08 35.72 -7.47
CA GLU N 250 -70.09 35.72 -7.46
C GLU N 250 -70.17 35.01 -8.81
C GLU N 250 -70.17 35.01 -8.81
N SER N 251 -70.24 35.81 -9.87
CA SER N 251 -70.32 35.31 -11.24
C SER N 251 -69.12 35.79 -12.04
N ARG N 252 -68.58 34.90 -12.87
CA ARG N 252 -67.42 35.25 -13.68
C ARG N 252 -67.73 36.36 -14.66
N LYS N 253 -68.93 36.33 -15.25
CA LYS N 253 -69.30 37.35 -16.24
C LYS N 253 -69.32 38.74 -15.61
N LEU N 254 -69.97 38.88 -14.46
CA LEU N 254 -70.05 40.19 -13.83
C LEU N 254 -68.71 40.63 -13.25
N LEU N 255 -67.88 39.67 -12.85
CA LEU N 255 -66.53 40.01 -12.37
C LEU N 255 -65.66 40.52 -13.52
N LYS N 256 -65.76 39.87 -14.68
CA LYS N 256 -64.99 40.31 -15.84
C LYS N 256 -65.53 41.61 -16.42
N SER N 257 -66.83 41.89 -16.20
CA SER N 257 -67.39 43.15 -16.67
C SER N 257 -66.69 44.35 -16.04
N TRP N 258 -66.20 44.20 -14.81
CA TRP N 258 -65.54 45.30 -14.12
C TRP N 258 -64.06 45.41 -14.47
N HIS N 259 -63.54 44.53 -15.31
CA HIS N 259 -62.16 44.65 -15.80
C HIS N 259 -62.16 45.55 -17.04
N LEU N 260 -62.57 46.79 -16.81
CA LEU N 260 -62.74 47.74 -17.89
C LEU N 260 -61.39 48.11 -18.50
N PRO N 261 -61.35 48.36 -19.81
CA PRO N 261 -60.11 48.83 -20.44
C PRO N 261 -59.85 50.29 -20.08
N SER N 262 -58.69 50.78 -20.51
CA SER N 262 -58.33 52.17 -20.26
C SER N 262 -59.30 53.12 -20.95
N VAL N 263 -59.71 52.80 -22.17
CA VAL N 263 -60.65 53.61 -22.94
C VAL N 263 -61.76 52.71 -23.44
N PHE N 264 -63.01 53.13 -23.24
CA PHE N 264 -64.16 52.42 -23.78
C PHE N 264 -65.27 53.42 -24.07
N HIS N 265 -66.22 52.99 -24.90
CA HIS N 265 -67.32 53.84 -25.33
C HIS N 265 -68.63 53.32 -24.76
N LEU N 266 -69.52 54.24 -24.39
CA LEU N 266 -70.86 53.92 -23.92
C LEU N 266 -71.85 54.44 -24.96
N LYS N 267 -72.42 53.51 -25.73
CA LYS N 267 -73.29 53.84 -26.86
C LYS N 267 -74.71 53.39 -26.53
N GLY N 268 -75.56 54.35 -26.17
CA GLY N 268 -76.96 54.08 -25.92
C GLY N 268 -77.85 55.22 -26.39
N LYS N 269 -78.78 55.65 -25.54
CA LYS N 269 -79.56 56.84 -25.85
C LYS N 269 -78.66 58.07 -25.90
N LEU N 270 -77.82 58.25 -24.88
CA LEU N 270 -76.79 59.27 -24.89
C LEU N 270 -75.43 58.63 -25.06
N SER N 271 -74.50 59.37 -25.64
CA SER N 271 -73.14 58.87 -25.87
C SER N 271 -72.15 59.61 -24.98
N THR N 273 -67.47 59.11 -24.33
CA THR N 273 -66.33 58.25 -24.03
C THR N 273 -66.04 58.24 -22.52
N CYS N 274 -65.39 57.18 -22.06
CA CYS N 274 -65.11 56.99 -20.64
C CYS N 274 -63.71 56.44 -20.46
N ARG N 275 -63.17 56.61 -19.26
CA ARG N 275 -61.86 56.08 -18.89
C ARG N 275 -61.97 55.24 -17.63
N CYS N 276 -61.04 54.30 -17.50
CA CYS N 276 -60.91 53.48 -16.29
C CYS N 276 -59.44 53.36 -15.95
N ASP N 277 -59.06 53.90 -14.79
CA ASP N 277 -57.69 53.85 -14.31
C ASP N 277 -57.64 53.25 -12.92
N THR N 278 -56.58 52.50 -12.65
CA THR N 278 -56.37 51.90 -11.33
C THR N 278 -55.57 52.90 -10.50
N VAL N 279 -56.27 53.61 -9.61
CA VAL N 279 -55.60 54.64 -8.81
C VAL N 279 -55.04 54.09 -7.51
N VAL N 280 -55.56 52.97 -7.01
CA VAL N 280 -54.98 52.30 -5.85
C VAL N 280 -54.85 50.82 -6.15
N SER N 281 -53.72 50.23 -5.79
CA SER N 281 -53.47 48.82 -6.01
C SER N 281 -52.57 48.31 -4.90
N CYS N 282 -53.08 47.40 -4.06
CA CYS N 282 -52.31 46.87 -2.94
C CYS N 282 -52.63 45.38 -2.80
N GLU N 283 -51.72 44.54 -3.27
CA GLU N 283 -51.65 43.13 -2.90
C GLU N 283 -52.97 42.40 -3.14
N GLY N 284 -53.62 42.73 -4.26
CA GLY N 284 -54.84 42.08 -4.65
C GLY N 284 -56.10 42.91 -4.51
N TYR N 285 -56.05 44.02 -3.79
CA TYR N 285 -57.21 44.89 -3.62
C TYR N 285 -56.97 46.21 -4.36
N VAL N 286 -57.92 46.61 -5.19
CA VAL N 286 -57.73 47.76 -6.05
C VAL N 286 -58.87 48.75 -5.87
N VAL N 287 -58.57 50.00 -6.17
CA VAL N 287 -59.53 51.08 -6.28
C VAL N 287 -59.36 51.66 -7.67
N LYS N 288 -60.39 51.52 -8.50
CA LYS N 288 -60.39 52.00 -9.88
C LYS N 288 -61.24 53.25 -9.98
N ARG N 289 -60.70 54.28 -10.62
CA ARG N 289 -61.38 55.56 -10.80
C ARG N 289 -61.87 55.65 -12.23
N ILE N 290 -63.18 55.49 -12.43
CA ILE N 290 -63.81 55.65 -13.73
C ILE N 290 -64.32 57.08 -13.82
N THR N 291 -64.10 57.72 -14.97
CA THR N 291 -64.59 59.07 -15.20
C THR N 291 -65.38 59.10 -16.50
N MET N 292 -66.55 59.74 -16.45
CA MET N 292 -67.49 59.75 -17.57
C MET N 292 -67.48 61.11 -18.25
N SER N 293 -67.77 61.11 -19.54
CA SER N 293 -67.83 62.33 -20.32
C SER N 293 -68.87 62.18 -21.43
N PRO N 294 -69.78 63.13 -21.58
CA PRO N 294 -70.81 63.00 -22.62
C PRO N 294 -70.24 63.22 -24.01
N GLY N 295 -70.69 62.40 -24.95
CA GLY N 295 -70.22 62.45 -26.31
C GLY N 295 -69.15 61.41 -26.62
N LEU N 296 -69.04 61.09 -27.90
CA LEU N 296 -68.07 60.11 -28.38
C LEU N 296 -66.83 60.85 -28.87
N TYR N 297 -65.68 60.57 -28.25
CA TYR N 297 -64.43 61.21 -28.61
C TYR N 297 -63.33 60.17 -28.68
N GLY N 298 -62.44 60.33 -29.67
CA GLY N 298 -61.34 59.40 -29.83
C GLY N 298 -61.80 58.05 -30.33
N LYS N 299 -60.98 57.04 -30.06
CA LYS N 299 -61.30 55.67 -30.46
C LYS N 299 -60.67 54.71 -29.46
N THR N 300 -61.20 53.50 -29.42
CA THR N 300 -60.85 52.52 -28.40
C THR N 300 -60.06 51.37 -29.02
N THR N 301 -59.11 50.85 -28.26
CA THR N 301 -58.34 49.67 -28.66
C THR N 301 -58.91 48.38 -28.10
N GLY N 302 -59.74 48.45 -27.06
CA GLY N 302 -60.25 47.25 -26.42
C GLY N 302 -59.25 46.52 -25.56
N TYR N 303 -58.23 47.21 -25.07
CA TYR N 303 -57.14 46.60 -24.32
C TYR N 303 -57.17 47.08 -22.88
N ALA N 304 -57.01 46.14 -21.95
CA ALA N 304 -56.94 46.43 -20.52
C ALA N 304 -55.57 46.03 -19.99
N VAL N 305 -55.03 46.87 -19.10
CA VAL N 305 -53.67 46.73 -18.60
C VAL N 305 -53.72 46.58 -17.08
N THR N 306 -53.03 45.58 -16.56
CA THR N 306 -52.82 45.42 -15.13
C THR N 306 -51.32 45.47 -14.85
N HIS N 307 -50.92 46.35 -13.94
CA HIS N 307 -49.51 46.50 -13.56
C HIS N 307 -49.26 45.74 -12.26
N HIS N 308 -48.25 44.86 -12.29
CA HIS N 308 -47.98 43.98 -11.15
C HIS N 308 -46.82 44.55 -10.34
N ALA N 309 -47.16 45.20 -9.22
CA ALA N 309 -46.14 45.56 -8.25
C ALA N 309 -45.52 44.33 -7.61
N ASP N 310 -46.35 43.33 -7.31
N ASP N 310 -46.34 43.32 -7.32
CA ASP N 310 -45.91 42.04 -6.81
CA ASP N 310 -45.87 42.05 -6.81
C ASP N 310 -46.12 40.97 -7.87
C ASP N 310 -46.18 40.94 -7.82
N GLY N 311 -45.45 39.84 -7.69
CA GLY N 311 -45.59 38.77 -8.66
C GLY N 311 -46.99 38.18 -8.68
N PHE N 312 -47.43 37.79 -9.87
CA PHE N 312 -48.72 37.14 -10.06
C PHE N 312 -48.48 35.81 -10.76
N LEU N 313 -49.18 34.76 -10.32
CA LEU N 313 -48.99 33.45 -10.90
C LEU N 313 -50.33 32.79 -11.17
N MET N 314 -50.43 32.13 -12.32
CA MET N 314 -51.54 31.23 -12.63
C MET N 314 -50.93 29.95 -13.19
N CYS N 315 -51.06 28.86 -12.46
CA CYS N 315 -50.31 27.65 -12.79
C CYS N 315 -51.20 26.42 -12.75
N LYS N 316 -50.80 25.41 -13.50
CA LYS N 316 -51.47 24.12 -13.48
C LYS N 316 -51.06 23.34 -12.24
N THR N 317 -52.06 22.77 -11.56
CA THR N 317 -51.83 21.97 -10.38
C THR N 317 -52.80 20.81 -10.35
N THR N 318 -52.32 19.67 -9.84
CA THR N 318 -53.09 18.44 -9.78
C THR N 318 -53.60 18.23 -8.36
N ASP N 319 -54.91 18.14 -8.21
CA ASP N 319 -55.55 17.87 -6.92
C ASP N 319 -56.57 16.75 -7.09
N THR N 320 -57.33 16.50 -6.04
CA THR N 320 -58.41 15.52 -6.07
C THR N 320 -59.71 16.22 -5.73
N VAL N 321 -60.66 16.20 -6.65
CA VAL N 321 -62.01 16.69 -6.43
C VAL N 321 -62.91 15.50 -6.16
N ASP N 322 -63.47 15.44 -4.95
CA ASP N 322 -64.27 14.29 -4.50
C ASP N 322 -63.52 12.98 -4.69
N GLY N 323 -62.20 13.02 -4.50
CA GLY N 323 -61.37 11.85 -4.64
C GLY N 323 -60.91 11.55 -6.05
N GLU N 324 -61.35 12.30 -7.05
CA GLU N 324 -60.97 12.09 -8.43
C GLU N 324 -59.80 13.01 -8.76
N ARG N 325 -58.69 12.42 -9.21
CA ARG N 325 -57.49 13.20 -9.48
C ARG N 325 -57.64 13.94 -10.81
N VAL N 326 -57.64 15.26 -10.74
CA VAL N 326 -57.75 16.13 -11.91
C VAL N 326 -56.69 17.22 -11.80
N SER N 327 -56.53 17.97 -12.89
CA SER N 327 -55.58 19.07 -12.95
C SER N 327 -56.31 20.33 -13.40
N PHE N 328 -56.10 21.43 -12.69
CA PHE N 328 -56.72 22.69 -13.06
C PHE N 328 -55.81 23.85 -12.67
N SER N 329 -56.21 25.05 -13.07
CA SER N 329 -55.40 26.24 -12.88
C SER N 329 -55.71 26.92 -11.57
N VAL N 330 -54.67 27.40 -10.90
CA VAL N 330 -54.78 28.12 -9.64
C VAL N 330 -53.93 29.38 -9.72
N CYS N 331 -54.50 30.50 -9.30
CA CYS N 331 -53.81 31.79 -9.36
C CYS N 331 -53.56 32.31 -7.95
N THR N 332 -52.58 33.20 -7.83
CA THR N 332 -52.19 33.78 -6.55
C THR N 332 -51.23 34.93 -6.77
N TYR N 333 -50.94 35.64 -5.69
CA TYR N 333 -49.97 36.72 -5.66
C TYR N 333 -48.80 36.33 -4.75
N VAL N 334 -47.60 36.76 -5.12
CA VAL N 334 -46.38 36.48 -4.36
C VAL N 334 -45.66 37.81 -4.13
N PRO N 335 -45.14 38.05 -2.93
CA PRO N 335 -44.50 39.34 -2.66
C PRO N 335 -43.30 39.59 -3.57
N ALA N 336 -43.05 40.86 -3.87
CA ALA N 336 -42.00 41.23 -4.80
C ALA N 336 -40.62 40.82 -4.30
N THR N 337 -40.40 40.89 -2.99
CA THR N 337 -39.11 40.47 -2.43
C THR N 337 -38.84 39.00 -2.73
N ILE N 338 -39.85 38.15 -2.57
CA ILE N 338 -39.69 36.73 -2.85
C ILE N 338 -39.35 36.51 -4.32
N CYS N 339 -40.07 37.20 -5.21
CA CYS N 339 -39.82 37.05 -6.64
C CYS N 339 -38.41 37.50 -7.01
N ASP N 340 -37.96 38.62 -6.44
CA ASP N 340 -36.61 39.10 -6.72
C ASP N 340 -35.55 38.17 -6.14
N GLN N 341 -35.82 37.54 -5.01
CA GLN N 341 -34.86 36.60 -4.44
C GLN N 341 -34.86 35.28 -5.21
N MET N 342 -35.94 34.97 -5.92
CA MET N 342 -36.04 33.73 -6.67
C MET N 342 -35.41 33.83 -8.07
N THR N 343 -35.00 35.03 -8.49
CA THR N 343 -34.54 35.22 -9.86
C THR N 343 -33.29 34.40 -10.17
N GLY N 344 -32.33 34.39 -9.24
CA GLY N 344 -31.08 33.69 -9.51
C GLY N 344 -31.24 32.20 -9.65
N ILE N 345 -32.00 31.58 -8.75
CA ILE N 345 -32.20 30.13 -8.80
C ILE N 345 -33.03 29.70 -10.00
N LEU N 346 -33.99 30.50 -10.42
CA LEU N 346 -34.87 30.14 -11.52
C LEU N 346 -34.18 30.16 -12.88
N ALA N 347 -32.87 30.43 -12.92
CA ALA N 347 -32.14 30.40 -14.18
C ALA N 347 -32.02 28.98 -14.72
N THR N 348 -31.96 27.98 -13.85
CA THR N 348 -31.86 26.58 -14.23
C THR N 348 -33.15 25.85 -13.89
N GLU N 349 -33.18 24.56 -14.19
CA GLU N 349 -34.33 23.72 -13.86
C GLU N 349 -34.21 23.30 -12.41
N VAL N 350 -35.20 23.65 -11.60
CA VAL N 350 -35.23 23.35 -10.18
C VAL N 350 -36.44 22.49 -9.88
N THR N 351 -36.21 21.39 -9.18
CA THR N 351 -37.31 20.50 -8.82
C THR N 351 -38.26 21.20 -7.84
N PRO N 352 -39.55 20.85 -7.86
CA PRO N 352 -40.49 21.53 -6.95
C PRO N 352 -40.15 21.40 -5.49
N GLU N 353 -39.52 20.30 -5.09
CA GLU N 353 -39.15 20.12 -3.68
C GLU N 353 -38.05 21.11 -3.28
N ASP N 354 -37.00 21.21 -4.09
CA ASP N 354 -35.93 22.17 -3.80
C ASP N 354 -36.44 23.59 -3.86
N ALA N 355 -37.32 23.89 -4.83
CA ALA N 355 -37.90 25.22 -4.93
C ALA N 355 -38.73 25.55 -3.70
N GLN N 356 -39.50 24.58 -3.21
CA GLN N 356 -40.30 24.80 -2.01
C GLN N 356 -39.42 25.02 -0.78
N LYS N 357 -38.33 24.25 -0.67
CA LYS N 357 -37.43 24.42 0.46
C LYS N 357 -36.76 25.80 0.42
N LEU N 358 -36.34 26.24 -0.77
CA LEU N 358 -35.77 27.57 -0.90
C LEU N 358 -36.79 28.65 -0.57
N LEU N 359 -38.04 28.46 -1.00
CA LEU N 359 -39.09 29.42 -0.73
C LEU N 359 -39.36 29.52 0.78
N VAL N 360 -39.37 28.37 1.46
CA VAL N 360 -39.57 28.37 2.90
C VAL N 360 -38.39 29.03 3.61
N GLY N 361 -37.17 28.77 3.13
CA GLY N 361 -36.02 29.44 3.70
C GLY N 361 -36.08 30.95 3.54
N LEU N 362 -36.55 31.42 2.38
CA LEU N 362 -36.72 32.86 2.19
C LEU N 362 -37.90 33.40 2.99
N ASN N 363 -38.86 32.55 3.33
CA ASN N 363 -40.04 33.00 4.06
C ASN N 363 -39.78 33.06 5.56
N GLN N 364 -39.25 31.97 6.13
N GLN N 364 -39.24 31.98 6.13
CA GLN N 364 -38.97 31.91 7.56
CA GLN N 364 -38.90 31.93 7.55
C GLN N 364 -37.78 32.80 7.92
C GLN N 364 -37.77 32.91 7.88
N ASN N 377 -43.33 35.79 8.73
CA ASN N 377 -43.65 35.21 7.43
C ASN N 377 -44.00 36.30 6.42
N THR N 378 -43.29 36.30 5.28
CA THR N 378 -43.57 37.28 4.25
C THR N 378 -44.79 36.89 3.42
N MET N 379 -44.90 35.62 3.06
CA MET N 379 -46.04 35.09 2.35
C MET N 379 -46.66 33.95 3.15
N LYS N 380 -47.96 33.78 2.98
CA LYS N 380 -48.68 32.71 3.69
C LYS N 380 -48.16 31.35 3.24
N ASN N 381 -47.90 30.47 4.21
CA ASN N 381 -47.28 29.19 3.90
C ASN N 381 -48.22 28.25 3.16
N TYR N 382 -49.54 28.42 3.35
CA TYR N 382 -50.50 27.48 2.78
C TYR N 382 -50.47 27.46 1.25
N MET N 383 -49.96 28.51 0.61
CA MET N 383 -49.84 28.53 -0.83
C MET N 383 -48.39 28.42 -1.30
N ILE N 384 -47.44 28.17 -0.38
CA ILE N 384 -46.05 28.00 -0.79
C ILE N 384 -45.84 26.82 -1.73
N PRO N 385 -46.39 25.62 -1.48
CA PRO N 385 -46.08 24.49 -2.38
C PRO N 385 -46.46 24.73 -3.83
N VAL N 386 -47.71 25.12 -4.08
CA VAL N 386 -48.17 25.29 -5.45
C VAL N 386 -47.30 26.31 -6.19
N VAL N 387 -47.01 27.44 -5.52
CA VAL N 387 -46.14 28.45 -6.12
C VAL N 387 -44.82 27.84 -6.51
N ALA N 388 -44.24 27.03 -5.60
CA ALA N 388 -43.02 26.32 -5.92
C ALA N 388 -43.18 25.51 -7.21
N GLN N 389 -44.24 24.71 -7.28
CA GLN N 389 -44.54 23.99 -8.52
C GLN N 389 -44.55 24.93 -9.71
N ALA N 390 -45.29 26.04 -9.58
CA ALA N 390 -45.33 27.03 -10.65
C ALA N 390 -43.93 27.43 -11.05
N PHE N 391 -43.12 27.82 -10.07
CA PHE N 391 -41.76 28.23 -10.38
C PHE N 391 -41.00 27.09 -11.03
N SER N 392 -41.15 25.88 -10.48
CA SER N 392 -40.48 24.72 -11.06
C SER N 392 -40.90 24.52 -12.51
N LYS N 393 -42.18 24.76 -12.80
CA LYS N 393 -42.62 24.68 -14.18
C LYS N 393 -42.06 25.83 -15.00
N TRP N 394 -42.13 27.05 -14.45
CA TRP N 394 -41.75 28.22 -15.23
C TRP N 394 -40.29 28.16 -15.64
N ALA N 395 -39.39 27.97 -14.66
CA ALA N 395 -37.98 27.81 -14.96
C ALA N 395 -37.74 26.67 -15.94
N LYS N 396 -38.57 25.64 -15.88
CA LYS N 396 -38.44 24.56 -16.86
C LYS N 396 -38.82 25.05 -18.26
N GLU N 397 -39.98 25.68 -18.39
CA GLU N 397 -40.47 26.07 -19.71
C GLU N 397 -39.52 27.06 -20.37
N CYS N 398 -39.06 28.06 -19.61
CA CYS N 398 -38.07 28.99 -20.14
C CYS N 398 -36.85 28.25 -20.67
N ARG N 399 -36.39 27.24 -19.94
CA ARG N 399 -35.25 26.46 -20.40
CA ARG N 399 -35.24 26.45 -20.40
C ARG N 399 -35.53 25.81 -21.74
N LYS N 400 -36.76 25.32 -21.94
N LYS N 400 -36.76 25.31 -21.94
CA LYS N 400 -37.12 24.74 -23.23
CA LYS N 400 -37.12 24.74 -23.23
C LYS N 400 -37.04 25.78 -24.33
C LYS N 400 -37.04 25.78 -24.33
N ASP N 401 -37.49 27.00 -24.05
CA ASP N 401 -37.34 28.08 -25.02
C ASP N 401 -35.88 28.37 -25.31
N MET N 402 -35.00 28.07 -24.35
CA MET N 402 -33.56 28.17 -24.60
C MET N 402 -33.09 27.14 -25.61
N GLU N 403 -33.64 25.92 -25.54
CA GLU N 403 -33.11 24.83 -26.37
C GLU N 403 -33.66 24.90 -27.79
N ASP N 404 -34.96 25.14 -27.92
CA ASP N 404 -35.60 25.24 -29.24
C ASP N 404 -35.54 26.67 -29.75
N GLU N 405 -34.30 27.14 -29.97
CA GLU N 405 -34.09 28.50 -30.45
C GLU N 405 -34.46 28.57 -31.94
N LYS N 406 -35.42 29.42 -32.26
CA LYS N 406 -35.91 29.55 -33.63
C LYS N 406 -35.09 30.59 -34.40
N LEU N 407 -35.44 30.80 -35.65
CA LEU N 407 -34.83 31.85 -36.44
C LEU N 407 -35.55 33.17 -36.21
N LEU N 408 -34.86 34.26 -36.49
CA LEU N 408 -35.40 35.59 -36.24
C LEU N 408 -36.48 35.91 -37.26
N GLY N 409 -37.70 36.10 -36.79
CA GLY N 409 -38.81 36.49 -37.64
C GLY N 409 -39.20 35.46 -38.68
N VAL N 410 -39.28 34.18 -38.29
CA VAL N 410 -39.71 33.11 -39.18
C VAL N 410 -40.72 32.24 -38.43
N ARG N 411 -41.85 31.97 -39.07
CA ARG N 411 -42.84 31.02 -38.56
C ARG N 411 -42.84 29.80 -39.47
N GLU N 412 -42.65 28.62 -38.87
CA GLU N 412 -42.64 27.36 -39.62
C GLU N 412 -44.01 26.71 -39.46
N ARG N 413 -44.89 26.98 -40.41
CA ARG N 413 -46.24 26.42 -40.42
C ARG N 413 -46.42 25.54 -41.64
N THR N 414 -47.00 24.35 -41.41
CA THR N 414 -47.18 23.37 -42.46
C THR N 414 -48.53 23.56 -43.14
N LEU N 415 -48.55 23.46 -44.47
CA LEU N 415 -49.78 23.54 -45.23
C LEU N 415 -50.54 22.23 -45.07
N THR N 416 -51.75 22.29 -44.51
CA THR N 416 -52.49 21.07 -44.18
C THR N 416 -53.29 20.55 -45.36
N CYS N 417 -52.65 20.43 -46.52
CA CYS N 417 -53.27 19.89 -47.75
C CYS N 417 -54.55 20.65 -48.11
N CYS N 418 -54.60 21.92 -47.74
N CYS N 418 -54.59 21.93 -47.78
CA CYS N 418 -55.78 22.75 -47.92
CA CYS N 418 -55.78 22.75 -47.98
C CYS N 418 -55.32 24.21 -48.00
C CYS N 418 -55.32 24.21 -48.03
N CYS N 419 -56.26 25.14 -47.88
CA CYS N 419 -55.97 26.57 -47.86
C CYS N 419 -55.78 27.09 -46.43
N LEU N 420 -55.33 26.23 -45.51
CA LEU N 420 -55.15 26.58 -44.12
C LEU N 420 -53.72 26.26 -43.69
N TRP N 421 -53.28 26.93 -42.63
CA TRP N 421 -51.93 26.76 -42.09
C TRP N 421 -52.01 26.46 -40.60
N ALA N 422 -51.16 25.54 -40.14
CA ALA N 422 -51.18 25.07 -38.77
C ALA N 422 -49.77 25.09 -38.18
N PHE N 423 -49.71 25.28 -36.87
CA PHE N 423 -48.46 25.31 -36.14
C PHE N 423 -48.59 24.47 -34.87
N LYS N 424 -47.44 24.16 -34.27
CA LYS N 424 -47.40 23.40 -33.03
C LYS N 424 -47.41 24.33 -31.83
N LYS N 425 -48.26 24.04 -30.86
CA LYS N 425 -48.35 24.81 -29.63
C LYS N 425 -47.51 24.14 -28.55
N GLN N 426 -46.72 24.95 -27.83
CA GLN N 426 -45.87 24.44 -26.78
C GLN N 426 -46.67 24.29 -25.48
N LYS N 427 -46.15 23.44 -24.59
CA LYS N 427 -46.79 23.19 -23.31
C LYS N 427 -46.53 24.36 -22.38
N THR N 428 -47.58 25.08 -22.02
CA THR N 428 -47.51 26.23 -21.13
C THR N 428 -48.32 25.90 -19.86
N HIS N 429 -47.62 25.59 -18.78
CA HIS N 429 -48.25 25.22 -17.53
C HIS N 429 -48.28 26.35 -16.51
N THR N 430 -47.46 27.39 -16.68
CA THR N 430 -47.40 28.48 -15.72
C THR N 430 -47.35 29.82 -16.45
N VAL N 431 -48.19 30.75 -16.00
CA VAL N 431 -48.12 32.14 -16.39
C VAL N 431 -47.62 32.92 -15.18
N TYR N 432 -46.44 33.49 -15.31
CA TYR N 432 -45.74 34.15 -14.20
C TYR N 432 -45.47 35.59 -14.59
N LYS N 433 -46.28 36.51 -14.07
CA LYS N 433 -46.08 37.94 -14.27
C LYS N 433 -45.18 38.44 -13.13
N ARG N 434 -43.92 38.72 -13.46
CA ARG N 434 -42.96 39.17 -12.47
C ARG N 434 -43.30 40.60 -12.03
N PRO N 435 -42.76 41.03 -10.89
CA PRO N 435 -42.96 42.43 -10.49
C PRO N 435 -42.41 43.40 -11.55
N ASP N 436 -43.07 44.55 -11.65
CA ASP N 436 -42.77 45.58 -12.65
C ASP N 436 -43.06 45.11 -14.07
N THR N 437 -44.00 44.18 -14.22
CA THR N 437 -44.50 43.76 -15.52
C THR N 437 -45.98 44.14 -15.63
N GLN N 438 -46.55 43.88 -16.81
CA GLN N 438 -47.92 44.25 -17.10
C GLN N 438 -48.61 43.14 -17.88
N SER N 439 -49.83 42.83 -17.48
CA SER N 439 -50.71 41.94 -18.23
C SER N 439 -51.61 42.77 -19.12
N ILE N 440 -51.62 42.43 -20.41
CA ILE N 440 -52.42 43.15 -21.41
C ILE N 440 -53.42 42.17 -21.99
N GLN N 441 -54.70 42.48 -21.83
CA GLN N 441 -55.78 41.57 -22.23
C GLN N 441 -56.78 42.30 -23.12
N LYS N 442 -57.13 41.69 -24.25
CA LYS N 442 -58.11 42.26 -25.16
C LYS N 442 -59.51 42.06 -24.60
N VAL N 443 -60.25 43.14 -24.42
CA VAL N 443 -61.59 43.10 -23.84
C VAL N 443 -62.54 43.86 -24.76
N GLN N 444 -63.84 43.66 -24.51
CA GLN N 444 -64.85 44.32 -25.31
C GLN N 444 -64.96 45.78 -24.93
N ALA N 445 -64.99 46.66 -25.93
CA ALA N 445 -65.27 48.07 -25.77
C ALA N 445 -66.56 48.41 -26.50
N GLU N 446 -66.92 49.69 -26.47
CA GLU N 446 -68.08 50.24 -27.18
C GLU N 446 -69.35 49.47 -26.83
N PHE N 447 -69.69 49.49 -25.55
CA PHE N 447 -70.92 48.87 -25.08
C PHE N 447 -72.13 49.69 -25.50
N PRO O 3 -61.72 46.04 32.37
CA PRO O 3 -60.78 45.12 33.01
C PRO O 3 -61.41 43.79 33.37
N VAL O 4 -61.34 42.82 32.46
CA VAL O 4 -61.91 41.50 32.67
C VAL O 4 -60.91 40.62 33.39
N TYR O 5 -61.39 39.88 34.38
CA TYR O 5 -60.58 38.94 35.14
C TYR O 5 -60.95 37.52 34.75
N VAL O 6 -59.93 36.66 34.62
CA VAL O 6 -60.11 35.28 34.19
C VAL O 6 -59.56 34.35 35.26
N ASP O 7 -60.34 33.32 35.59
CA ASP O 7 -59.95 32.33 36.60
C ASP O 7 -58.99 31.31 35.98
N ILE O 8 -57.84 31.81 35.52
CA ILE O 8 -56.79 30.99 34.94
C ILE O 8 -55.47 31.35 35.61
N ASP O 9 -54.45 30.56 35.31
CA ASP O 9 -53.13 30.79 35.90
C ASP O 9 -52.55 32.11 35.43
N ALA O 10 -51.71 32.70 36.28
CA ALA O 10 -51.06 33.96 35.93
C ALA O 10 -49.94 33.78 34.90
N ASP O 11 -49.53 32.54 34.63
CA ASP O 11 -48.46 32.27 33.68
C ASP O 11 -48.86 31.18 32.69
N SER O 12 -50.12 31.18 32.26
CA SER O 12 -50.61 30.16 31.33
C SER O 12 -50.41 30.60 29.89
N ALA O 13 -50.02 29.66 29.04
CA ALA O 13 -49.79 29.96 27.62
C ALA O 13 -51.07 30.37 26.91
N PHE O 14 -52.23 29.87 27.35
CA PHE O 14 -53.49 30.25 26.75
C PHE O 14 -53.80 31.73 26.88
N LEU O 15 -53.31 32.37 27.95
CA LEU O 15 -53.60 33.78 28.23
C LEU O 15 -53.46 34.63 26.97
N LYS O 16 -52.28 34.60 26.34
CA LYS O 16 -52.05 35.41 25.15
C LYS O 16 -53.11 35.16 24.10
N ALA O 17 -53.40 33.90 23.81
CA ALA O 17 -54.43 33.59 22.82
C ALA O 17 -55.74 34.23 23.18
N LEU O 18 -56.12 34.15 24.46
CA LEU O 18 -57.33 34.80 24.93
C LEU O 18 -57.28 36.30 24.68
N GLN O 19 -56.14 36.93 24.97
N GLN O 19 -56.14 36.93 24.97
CA GLN O 19 -56.00 38.35 24.72
CA GLN O 19 -56.01 38.37 24.72
C GLN O 19 -56.09 38.66 23.23
C GLN O 19 -56.09 38.66 23.23
N ARG O 20 -55.64 37.74 22.38
CA ARG O 20 -55.81 37.94 20.94
C ARG O 20 -57.25 37.69 20.52
N ALA O 21 -57.98 36.88 21.27
CA ALA O 21 -59.38 36.61 20.95
C ALA O 21 -60.29 37.78 21.32
N TYR O 22 -59.94 38.56 22.34
CA TYR O 22 -60.76 39.66 22.82
C TYR O 22 -59.89 40.91 22.94
N PRO O 23 -59.68 41.63 21.84
CA PRO O 23 -58.82 42.83 21.89
C PRO O 23 -59.49 44.05 22.49
N MET O 24 -60.82 44.06 22.62
CA MET O 24 -61.52 45.18 23.24
C MET O 24 -61.41 45.18 24.76
N PHE O 25 -60.98 44.08 25.36
CA PHE O 25 -60.94 43.92 26.80
C PHE O 25 -59.51 43.77 27.29
N GLU O 26 -59.27 44.15 28.53
CA GLU O 26 -57.99 43.94 29.20
C GLU O 26 -58.12 42.68 30.05
N VAL O 27 -57.56 41.59 29.57
CA VAL O 27 -57.69 40.29 30.22
C VAL O 27 -56.57 40.15 31.25
N GLU O 28 -56.96 39.92 32.50
CA GLU O 28 -56.00 39.77 33.59
C GLU O 28 -56.30 38.47 34.34
N PRO O 29 -55.28 37.65 34.61
CA PRO O 29 -55.53 36.38 35.29
C PRO O 29 -55.72 36.54 36.78
N ARG O 30 -56.65 35.75 37.34
CA ARG O 30 -56.86 35.70 38.79
C ARG O 30 -57.35 34.30 39.12
N GLN O 31 -56.40 33.43 39.48
CA GLN O 31 -56.72 32.04 39.75
C GLN O 31 -57.23 31.87 41.17
N VAL O 32 -58.43 31.31 41.31
CA VAL O 32 -59.02 31.08 42.62
C VAL O 32 -59.52 29.64 42.69
N THR O 33 -59.30 28.87 41.62
CA THR O 33 -59.74 27.48 41.54
C THR O 33 -58.82 26.68 40.65
N PRO O 34 -58.42 25.47 41.05
CA PRO O 34 -57.63 24.60 40.17
C PRO O 34 -58.50 23.85 39.17
N ASN O 35 -59.23 24.60 38.36
CA ASN O 35 -60.22 24.03 37.46
C ASN O 35 -59.54 23.26 36.33
N ASP O 36 -60.05 22.06 36.05
CA ASP O 36 -59.53 21.24 34.98
C ASP O 36 -59.85 21.78 33.59
N HIS O 37 -60.84 22.66 33.48
CA HIS O 37 -61.24 23.25 32.19
C HIS O 37 -61.39 24.76 32.34
N ALA O 38 -60.39 25.40 32.96
CA ALA O 38 -60.48 26.82 33.23
C ALA O 38 -60.49 27.66 31.95
N ASN O 39 -59.85 27.18 30.89
CA ASN O 39 -59.84 27.91 29.63
C ASN O 39 -61.25 28.05 29.07
N ALA O 40 -62.05 27.00 29.15
CA ALA O 40 -63.43 27.05 28.67
C ALA O 40 -64.23 28.09 29.42
N ARG O 41 -64.11 28.10 30.75
CA ARG O 41 -64.86 29.06 31.56
C ARG O 41 -64.41 30.48 31.28
N ALA O 42 -63.11 30.70 31.13
CA ALA O 42 -62.60 32.03 30.82
C ALA O 42 -63.13 32.51 29.47
N PHE O 43 -63.09 31.64 28.46
CA PHE O 43 -63.60 32.02 27.15
C PHE O 43 -65.09 32.32 27.21
N SER O 44 -65.86 31.51 27.94
CA SER O 44 -67.28 31.78 28.07
C SER O 44 -67.54 33.10 28.77
N HIS O 45 -66.75 33.41 29.80
CA HIS O 45 -66.90 34.68 30.52
C HIS O 45 -66.67 35.86 29.59
N LEU O 46 -65.54 35.86 28.87
CA LEU O 46 -65.29 36.98 27.95
C LEU O 46 -66.28 37.00 26.80
N ALA O 47 -66.79 35.84 26.38
CA ALA O 47 -67.82 35.83 25.35
C ALA O 47 -69.08 36.52 25.83
N ILE O 48 -69.51 36.23 27.07
CA ILE O 48 -70.69 36.88 27.63
C ILE O 48 -70.45 38.38 27.77
N LYS O 49 -69.24 38.77 28.19
CA LYS O 49 -68.94 40.20 28.30
C LYS O 49 -68.95 40.88 26.94
N LEU O 50 -68.43 40.22 25.91
CA LEU O 50 -68.50 40.75 24.55
C LEU O 50 -69.94 40.92 24.10
N ILE O 51 -70.79 39.93 24.38
CA ILE O 51 -72.19 40.01 24.02
C ILE O 51 -72.84 41.21 24.71
N GLU O 52 -72.59 41.36 26.01
CA GLU O 52 -73.20 42.45 26.77
C GLU O 52 -72.72 43.81 26.25
N GLN O 53 -71.45 43.91 25.87
CA GLN O 53 -70.93 45.18 25.35
C GLN O 53 -71.51 45.50 23.98
N GLU O 54 -71.64 44.50 23.11
CA GLU O 54 -71.94 44.75 21.71
C GLU O 54 -73.42 45.00 21.42
N ILE O 55 -74.30 44.86 22.41
CA ILE O 55 -75.73 44.96 22.13
C ILE O 55 -76.38 46.07 22.94
N ASP O 56 -77.69 46.22 22.78
CA ASP O 56 -78.43 47.32 23.39
C ASP O 56 -78.47 47.18 24.91
N PRO O 57 -78.03 48.20 25.67
CA PRO O 57 -78.12 48.10 27.13
C PRO O 57 -79.55 48.02 27.66
N ASP O 58 -80.55 48.46 26.88
CA ASP O 58 -81.94 48.41 27.31
C ASP O 58 -82.68 47.38 26.45
N SER O 59 -82.62 46.12 26.88
CA SER O 59 -83.29 45.04 26.17
C SER O 59 -83.31 43.81 27.08
N THR O 60 -84.46 43.14 27.16
CA THR O 60 -84.54 41.89 27.90
C THR O 60 -83.72 40.82 27.17
N ILE O 61 -82.87 40.12 27.91
CA ILE O 61 -81.90 39.20 27.33
C ILE O 61 -82.24 37.80 27.83
N LEU O 62 -82.90 37.01 26.99
CA LEU O 62 -83.20 35.63 27.33
C LEU O 62 -82.02 34.74 26.94
N ASP O 63 -81.54 33.94 27.88
CA ASP O 63 -80.48 32.98 27.63
C ASP O 63 -81.04 31.57 27.76
N ILE O 64 -80.83 30.76 26.74
CA ILE O 64 -81.48 29.46 26.63
C ILE O 64 -80.63 28.41 27.34
N GLY O 65 -81.27 27.62 28.19
CA GLY O 65 -80.58 26.57 28.93
C GLY O 65 -79.43 27.09 29.78
N SER O 66 -79.63 28.22 30.43
CA SER O 66 -78.56 28.90 31.14
C SER O 66 -78.60 28.57 32.63
N ALA O 67 -77.44 28.69 33.27
CA ALA O 67 -77.35 28.59 34.73
C ALA O 67 -77.62 29.96 35.33
N PRO O 68 -78.63 30.12 36.18
CA PRO O 68 -78.96 31.46 36.69
C PRO O 68 -77.91 32.02 37.63
N ALA O 69 -77.02 31.20 38.19
CA ALA O 69 -76.02 31.71 39.11
C ALA O 69 -74.99 32.58 38.39
N ARG O 70 -74.66 32.26 37.15
CA ARG O 70 -73.63 33.02 36.43
C ARG O 70 -74.11 34.41 36.03
N ARG O 71 -75.41 34.58 35.81
CA ARG O 71 -75.95 35.86 35.37
C ARG O 71 -76.03 36.90 36.48
N MET O 72 -75.49 36.61 37.66
CA MET O 72 -75.48 37.57 38.75
C MET O 72 -74.53 38.73 38.44
N MET O 73 -74.72 39.82 39.19
CA MET O 73 -73.89 41.03 39.07
C MET O 73 -73.93 41.59 37.65
N SER O 74 -75.06 41.40 36.96
CA SER O 74 -75.27 41.92 35.62
C SER O 74 -76.54 42.77 35.65
N ASP O 75 -76.37 44.09 35.49
CA ASP O 75 -77.50 45.00 35.55
C ASP O 75 -78.51 44.79 34.42
N ARG O 76 -78.10 44.11 33.35
CA ARG O 76 -79.01 43.85 32.24
C ARG O 76 -80.07 42.85 32.65
N LYS O 77 -81.29 43.07 32.19
CA LYS O 77 -82.38 42.12 32.44
C LYS O 77 -82.08 40.80 31.75
N TYR O 78 -82.28 39.70 32.48
CA TYR O 78 -82.00 38.36 31.98
C TYR O 78 -83.20 37.47 32.20
N HIS O 79 -83.62 36.77 31.14
CA HIS O 79 -84.62 35.72 31.22
C HIS O 79 -83.89 34.39 31.26
N CYS O 80 -83.50 33.98 32.46
CA CYS O 80 -82.76 32.74 32.65
C CYS O 80 -83.72 31.57 32.45
N VAL O 81 -83.71 31.00 31.25
CA VAL O 81 -84.60 29.90 30.91
C VAL O 81 -83.99 28.61 31.43
N CYS O 82 -84.72 27.92 32.32
N CYS O 82 -84.72 27.91 32.31
CA CYS O 82 -84.27 26.66 32.92
CA CYS O 82 -84.28 26.66 32.91
C CYS O 82 -85.37 25.62 32.73
C CYS O 82 -85.37 25.62 32.73
N PRO O 83 -85.35 24.87 31.63
CA PRO O 83 -86.41 23.88 31.38
C PRO O 83 -86.44 22.72 32.37
N MET O 84 -85.43 22.60 33.24
CA MET O 84 -85.37 21.53 34.24
C MET O 84 -85.23 20.15 33.61
N ARG O 85 -84.63 20.09 32.41
CA ARG O 85 -84.53 18.84 31.67
C ARG O 85 -83.32 18.01 32.09
N SER O 86 -82.15 18.63 32.17
CA SER O 86 -80.94 17.91 32.55
C SER O 86 -80.94 17.62 34.06
N ALA O 87 -80.01 16.77 34.47
CA ALA O 87 -79.90 16.38 35.87
C ALA O 87 -79.08 17.37 36.71
N GLU O 88 -78.41 18.33 36.08
CA GLU O 88 -77.68 19.34 36.83
C GLU O 88 -78.56 20.52 37.24
N ASP O 89 -79.77 20.61 36.70
CA ASP O 89 -80.61 21.77 36.95
C ASP O 89 -81.07 21.91 38.41
N PRO O 90 -81.52 20.87 39.11
CA PRO O 90 -81.89 21.08 40.52
C PRO O 90 -80.75 21.63 41.35
N GLU O 91 -79.52 21.19 41.07
CA GLU O 91 -78.38 21.65 41.86
C GLU O 91 -78.04 23.10 41.53
N ARG O 92 -78.10 23.48 40.25
CA ARG O 92 -77.84 24.87 39.89
C ARG O 92 -78.91 25.79 40.47
N LEU O 93 -80.16 25.33 40.49
CA LEU O 93 -81.22 26.14 41.09
C LEU O 93 -81.04 26.25 42.60
N ALA O 94 -80.60 25.18 43.25
CA ALA O 94 -80.30 25.27 44.68
C ALA O 94 -79.21 26.30 44.95
N ASN O 95 -78.13 26.25 44.16
CA ASN O 95 -77.05 27.22 44.33
C ASN O 95 -77.52 28.65 44.06
N TYR O 96 -78.34 28.83 43.02
CA TYR O 96 -78.85 30.15 42.69
C TYR O 96 -79.76 30.68 43.79
N ALA O 97 -80.58 29.81 44.38
CA ALA O 97 -81.44 30.23 45.48
C ALA O 97 -80.62 30.57 46.73
N ARG O 98 -79.55 29.81 46.98
CA ARG O 98 -78.65 30.14 48.08
C ARG O 98 -78.03 31.51 47.89
N LYS O 99 -77.56 31.80 46.67
CA LYS O 99 -76.95 33.10 46.40
C LYS O 99 -77.96 34.23 46.49
N LEU O 100 -79.17 34.02 45.96
CA LEU O 100 -80.20 35.04 46.06
C LEU O 100 -80.63 35.27 47.51
N ALA O 101 -80.59 34.24 48.35
CA ALA O 101 -80.94 34.38 49.75
C ALA O 101 -79.77 34.86 50.61
N SER O 102 -78.57 34.94 50.06
CA SER O 102 -77.39 35.37 50.80
C SER O 102 -77.05 36.84 50.58
N ALA O 103 -77.83 37.56 49.77
CA ALA O 103 -77.55 38.97 49.49
C ALA O 103 -78.84 39.79 49.50
N ALA O 104 -79.74 39.48 50.44
CA ALA O 104 -80.99 40.23 50.53
C ALA O 104 -80.72 41.67 50.96
N GLY O 105 -79.95 41.85 52.03
CA GLY O 105 -79.61 43.18 52.50
C GLY O 105 -78.20 43.61 52.12
N LYS O 106 -77.61 42.92 51.14
CA LYS O 106 -76.23 43.17 50.73
C LYS O 106 -76.13 43.99 49.45
N VAL O 107 -76.82 43.56 48.39
CA VAL O 107 -76.80 44.25 47.10
C VAL O 107 -78.22 44.59 46.70
N LEU O 108 -78.40 45.75 46.08
CA LEU O 108 -79.72 46.24 45.68
C LEU O 108 -79.82 46.69 44.24
N ASP O 109 -78.70 46.91 43.54
CA ASP O 109 -78.73 47.39 42.16
C ASP O 109 -78.87 46.27 41.14
N ARG O 110 -78.94 45.01 41.59
CA ARG O 110 -78.99 43.87 40.69
C ARG O 110 -80.39 43.26 40.60
N ASN O 111 -81.42 44.02 41.00
CA ASN O 111 -82.83 43.59 40.95
C ASN O 111 -83.06 42.27 41.67
N ILE O 112 -82.16 41.91 42.60
CA ILE O 112 -82.30 40.67 43.36
C ILE O 112 -83.58 40.68 44.19
N SER O 113 -83.99 41.86 44.67
CA SER O 113 -85.22 41.95 45.46
C SER O 113 -86.42 41.47 44.67
N GLY O 114 -86.49 41.82 43.38
CA GLY O 114 -87.52 41.26 42.51
C GLY O 114 -87.24 39.85 42.04
N LYS O 115 -85.97 39.44 42.03
CA LYS O 115 -85.63 38.08 41.65
C LYS O 115 -86.12 37.08 42.69
N ILE O 116 -86.12 37.47 43.97
CA ILE O 116 -86.69 36.62 45.01
C ILE O 116 -88.18 36.41 44.76
N GLY O 117 -88.89 37.49 44.41
CA GLY O 117 -90.30 37.36 44.08
C GLY O 117 -90.54 36.49 42.86
N ASP O 118 -89.68 36.64 41.85
CA ASP O 118 -89.80 35.80 40.66
C ASP O 118 -89.60 34.32 41.00
N LEU O 119 -88.61 34.02 41.83
CA LEU O 119 -88.39 32.63 42.25
C LEU O 119 -89.59 32.10 43.03
N GLN O 120 -90.12 32.90 43.97
CA GLN O 120 -91.30 32.44 44.69
C GLN O 120 -92.50 32.27 43.77
N ALA O 121 -92.54 33.04 42.68
CA ALA O 121 -93.62 32.88 41.72
C ALA O 121 -93.50 31.58 40.94
N VAL O 122 -92.28 31.24 40.48
CA VAL O 122 -92.14 30.09 39.60
C VAL O 122 -92.40 28.77 40.33
N MET O 123 -92.09 28.69 41.63
CA MET O 123 -92.38 27.51 42.42
C MET O 123 -93.79 27.52 43.00
N ALA O 124 -94.69 28.32 42.44
CA ALA O 124 -96.10 28.32 42.82
C ALA O 124 -96.98 27.69 41.75
N VAL O 125 -96.88 28.16 40.52
CA VAL O 125 -97.56 27.56 39.37
C VAL O 125 -96.48 27.17 38.37
N PRO O 126 -96.45 25.93 37.87
CA PRO O 126 -95.36 25.52 36.96
C PRO O 126 -95.31 26.31 35.66
N ASP O 127 -96.40 26.98 35.27
CA ASP O 127 -96.43 27.78 34.05
C ASP O 127 -96.35 29.28 34.34
N THR O 128 -95.70 29.65 35.44
CA THR O 128 -95.56 31.06 35.81
C THR O 128 -94.47 31.68 34.96
N GLU O 129 -94.86 32.44 33.94
CA GLU O 129 -93.90 33.14 33.08
C GLU O 129 -93.62 34.51 33.71
N THR O 130 -92.60 34.55 34.57
CA THR O 130 -92.19 35.80 35.18
C THR O 130 -91.29 36.58 34.23
N PRO O 131 -91.15 37.89 34.44
CA PRO O 131 -90.29 38.67 33.54
C PRO O 131 -88.86 38.18 33.47
N THR O 132 -88.31 37.68 34.59
CA THR O 132 -86.89 37.36 34.66
C THR O 132 -86.57 35.87 34.79
N PHE O 133 -87.56 35.02 35.04
CA PHE O 133 -87.28 33.61 35.29
C PHE O 133 -88.48 32.77 34.90
N CYS O 134 -88.22 31.60 34.31
CA CYS O 134 -89.29 30.70 33.91
C CYS O 134 -88.72 29.29 33.76
N LEU O 135 -89.62 28.31 33.79
CA LEU O 135 -89.26 26.90 33.65
C LEU O 135 -90.03 26.33 32.46
N HIS O 136 -89.45 26.50 31.27
CA HIS O 136 -90.01 25.97 30.04
C HIS O 136 -88.88 25.71 29.06
N THR O 137 -89.14 24.83 28.10
CA THR O 137 -88.19 24.66 27.02
C THR O 137 -88.23 25.86 26.08
N ASP O 138 -87.20 25.99 25.26
CA ASP O 138 -87.10 27.13 24.36
C ASP O 138 -88.19 27.17 23.30
N VAL O 139 -88.91 26.06 23.11
CA VAL O 139 -89.97 25.99 22.12
C VAL O 139 -91.36 26.09 22.76
N SER O 140 -91.44 26.42 24.05
CA SER O 140 -92.71 26.57 24.72
C SER O 140 -92.82 27.82 25.57
N CYS O 141 -91.72 28.50 25.88
CA CYS O 141 -91.81 29.73 26.66
C CYS O 141 -92.45 30.84 25.84
N ARG O 142 -93.24 31.67 26.51
CA ARG O 142 -94.03 32.70 25.84
C ARG O 142 -93.52 34.11 26.11
N GLN O 143 -92.27 34.28 26.53
CA GLN O 143 -91.73 35.62 26.74
C GLN O 143 -91.32 36.23 25.40
N ARG O 144 -91.61 37.51 25.25
CA ARG O 144 -91.35 38.24 24.01
C ARG O 144 -90.22 39.23 24.25
N ALA O 145 -88.98 38.77 24.07
CA ALA O 145 -87.80 39.58 24.27
C ALA O 145 -87.10 39.82 22.94
N ASP O 146 -85.93 40.47 23.01
CA ASP O 146 -85.21 40.91 21.82
C ASP O 146 -83.94 40.12 21.53
N VAL O 147 -83.27 39.57 22.54
CA VAL O 147 -81.98 38.94 22.37
C VAL O 147 -82.01 37.54 22.95
N ALA O 148 -81.50 36.57 22.21
CA ALA O 148 -81.36 35.20 22.66
C ALA O 148 -79.88 34.86 22.85
N ILE O 149 -79.57 34.04 23.85
CA ILE O 149 -78.20 33.65 24.16
C ILE O 149 -78.17 32.13 24.32
N TYR O 150 -77.24 31.48 23.62
CA TYR O 150 -77.05 30.04 23.71
C TYR O 150 -75.59 29.81 24.10
N GLN O 151 -75.32 29.81 25.41
CA GLN O 151 -73.98 29.59 25.93
C GLN O 151 -73.82 28.11 26.26
N ASP O 152 -72.90 27.44 25.55
CA ASP O 152 -72.61 26.02 25.77
C ASP O 152 -73.89 25.18 25.68
N VAL O 153 -74.69 25.45 24.66
CA VAL O 153 -75.96 24.76 24.44
C VAL O 153 -75.86 24.05 23.10
N TYR O 154 -75.55 22.75 23.15
CA TYR O 154 -75.39 21.96 21.94
C TYR O 154 -76.51 20.95 21.72
N ALA O 155 -77.23 20.55 22.76
CA ALA O 155 -78.24 19.50 22.68
C ALA O 155 -79.63 20.05 22.32
N VAL O 156 -79.74 20.78 21.21
CA VAL O 156 -81.01 21.29 20.74
C VAL O 156 -80.89 21.59 19.25
N HIS O 157 -82.00 21.40 18.53
CA HIS O 157 -82.04 21.67 17.10
C HIS O 157 -81.96 23.17 16.86
N ALA O 158 -80.90 23.60 16.18
CA ALA O 158 -80.70 25.04 15.97
C ALA O 158 -81.84 25.69 15.20
N PRO O 159 -82.25 25.21 14.02
CA PRO O 159 -83.29 25.94 13.27
C PRO O 159 -84.61 26.04 14.02
N THR O 160 -85.02 24.99 14.71
CA THR O 160 -86.30 25.00 15.41
C THR O 160 -86.31 26.05 16.51
N SER O 161 -85.27 26.06 17.35
CA SER O 161 -85.19 27.05 18.41
C SER O 161 -85.04 28.46 17.86
N LEU O 162 -84.23 28.62 16.80
CA LEU O 162 -84.06 29.94 16.21
C LEU O 162 -85.37 30.48 15.68
N TYR O 163 -86.18 29.63 15.03
CA TYR O 163 -87.50 30.05 14.58
C TYR O 163 -88.42 30.36 15.75
N HIS O 164 -88.36 29.54 16.82
CA HIS O 164 -89.25 29.75 17.94
C HIS O 164 -88.94 31.04 18.69
N GLN O 165 -87.69 31.50 18.65
CA GLN O 165 -87.39 32.80 19.21
C GLN O 165 -87.54 33.94 18.20
N ALA O 166 -87.44 33.65 16.90
CA ALA O 166 -87.73 34.67 15.90
C ALA O 166 -89.20 35.05 15.94
N ILE O 167 -90.10 34.08 16.11
CA ILE O 167 -91.52 34.37 16.29
C ILE O 167 -91.82 34.98 17.64
N LYS O 168 -90.82 35.11 18.51
CA LYS O 168 -90.98 35.73 19.82
C LYS O 168 -90.36 37.11 19.89
N GLY O 169 -90.01 37.70 18.75
CA GLY O 169 -89.45 39.04 18.70
C GLY O 169 -87.95 39.13 18.86
N VAL O 170 -87.27 38.02 19.10
CA VAL O 170 -85.82 38.04 19.28
C VAL O 170 -85.17 38.30 17.92
N ARG O 171 -84.42 39.39 17.83
CA ARG O 171 -83.73 39.74 16.59
C ARG O 171 -82.27 39.33 16.58
N LEU O 172 -81.66 39.15 17.75
CA LEU O 172 -80.25 38.79 17.87
C LEU O 172 -80.12 37.54 18.71
N ALA O 173 -79.32 36.58 18.24
CA ALA O 173 -79.01 35.38 18.98
C ALA O 173 -77.50 35.17 18.97
N TYR O 174 -76.97 34.65 20.08
CA TYR O 174 -75.55 34.37 20.22
C TYR O 174 -75.38 32.91 20.63
N TRP O 175 -74.41 32.23 20.01
CA TRP O 175 -74.11 30.84 20.33
C TRP O 175 -72.63 30.73 20.66
N VAL O 176 -72.32 30.51 21.93
CA VAL O 176 -70.94 30.31 22.39
C VAL O 176 -70.76 28.83 22.66
N GLY O 177 -69.88 28.19 21.90
CA GLY O 177 -69.71 26.76 22.07
C GLY O 177 -68.51 26.25 21.28
N PHE O 178 -68.31 24.95 21.36
CA PHE O 178 -67.24 24.32 20.60
C PHE O 178 -67.50 24.42 19.11
N ASP O 179 -66.42 24.55 18.35
CA ASP O 179 -66.54 24.61 16.90
C ASP O 179 -67.19 23.34 16.37
N THR O 180 -68.17 23.50 15.48
CA THR O 180 -68.91 22.39 14.93
C THR O 180 -68.35 21.91 13.60
N THR O 181 -67.27 22.50 13.13
CA THR O 181 -66.63 22.04 11.90
C THR O 181 -66.19 20.59 11.94
N PRO O 182 -65.60 20.06 13.02
CA PRO O 182 -65.22 18.65 13.01
C PRO O 182 -66.37 17.67 12.84
N PHE O 183 -67.60 18.08 13.16
CA PHE O 183 -68.72 17.15 13.17
C PHE O 183 -69.41 17.02 11.82
N MET O 184 -69.21 17.96 10.90
CA MET O 184 -69.65 17.70 9.53
C MET O 184 -68.53 17.15 8.67
N TYR O 185 -67.33 17.03 9.21
CA TYR O 185 -66.30 16.18 8.63
C TYR O 185 -66.48 14.72 9.01
N ASN O 186 -67.42 14.44 9.93
CA ASN O 186 -67.79 13.08 10.32
C ASN O 186 -66.59 12.33 10.91
N ALA O 187 -66.01 12.92 11.94
CA ALA O 187 -64.89 12.31 12.65
C ALA O 187 -65.42 11.40 13.76
N MET O 188 -64.77 10.24 13.92
CA MET O 188 -65.17 9.31 14.96
C MET O 188 -64.74 9.79 16.34
N ALA O 189 -63.63 10.54 16.42
CA ALA O 189 -63.16 11.09 17.67
C ALA O 189 -62.37 12.36 17.37
N GLY O 190 -62.17 13.18 18.39
CA GLY O 190 -61.45 14.42 18.19
C GLY O 190 -61.09 15.06 19.50
N ALA O 191 -60.37 16.17 19.40
CA ALA O 191 -59.83 16.84 20.57
C ALA O 191 -59.69 18.33 20.33
N TYR O 192 -60.00 19.11 21.36
CA TYR O 192 -59.62 20.52 21.46
C TYR O 192 -58.52 20.59 22.52
N PRO O 193 -57.26 20.43 22.11
CA PRO O 193 -56.18 20.37 23.12
C PRO O 193 -56.02 21.62 23.95
N SER O 194 -56.27 22.79 23.38
CA SER O 194 -56.10 24.05 24.10
C SER O 194 -57.10 24.21 25.23
N TYR O 195 -58.17 23.40 25.25
CA TYR O 195 -59.16 23.44 26.31
C TYR O 195 -59.20 22.13 27.08
N SER O 196 -58.20 21.27 26.89
CA SER O 196 -58.14 19.95 27.52
C SER O 196 -59.40 19.14 27.24
N THR O 197 -59.96 19.29 26.05
CA THR O 197 -61.25 18.69 25.71
C THR O 197 -61.04 17.52 24.77
N ASN O 198 -61.69 16.41 25.07
CA ASN O 198 -61.63 15.23 24.20
C ASN O 198 -63.04 14.69 24.01
N TRP O 199 -63.40 14.42 22.76
CA TRP O 199 -64.71 13.87 22.46
C TRP O 199 -64.53 12.62 21.62
N ALA O 200 -65.46 11.68 21.79
CA ALA O 200 -65.35 10.42 21.07
C ALA O 200 -66.73 9.82 20.87
N ASP O 201 -66.90 9.12 19.75
CA ASP O 201 -68.11 8.35 19.52
C ASP O 201 -68.17 7.18 20.51
N GLU O 202 -69.40 6.79 20.88
CA GLU O 202 -69.57 5.71 21.84
C GLU O 202 -69.05 4.39 21.32
N GLN O 203 -68.84 4.26 20.00
CA GLN O 203 -68.30 3.03 19.45
C GLN O 203 -66.81 2.88 19.71
N VAL O 204 -66.12 3.94 20.13
CA VAL O 204 -64.68 3.90 20.31
C VAL O 204 -64.30 4.40 21.69
N LEU O 205 -65.23 4.33 22.65
CA LEU O 205 -64.90 4.69 24.02
C LEU O 205 -64.01 3.66 24.70
N LYS O 206 -63.91 2.45 24.14
CA LYS O 206 -63.00 1.43 24.65
C LYS O 206 -61.71 1.34 23.85
N ALA O 207 -61.36 2.43 23.16
CA ALA O 207 -60.13 2.48 22.38
C ALA O 207 -58.93 2.52 23.32
N LYS O 208 -57.74 2.59 22.74
CA LYS O 208 -56.49 2.51 23.49
C LYS O 208 -55.72 3.82 23.52
N ASN O 209 -55.61 4.52 22.40
CA ASN O 209 -54.67 5.63 22.27
C ASN O 209 -55.34 6.88 21.72
N ILE O 210 -56.53 7.20 22.20
CA ILE O 210 -57.18 8.47 21.89
C ILE O 210 -57.37 9.23 23.20
N GLY O 211 -57.82 10.47 23.08
CA GLY O 211 -57.87 11.34 24.24
C GLY O 211 -58.95 10.96 25.22
N LEU O 212 -59.98 10.25 24.76
CA LEU O 212 -61.09 9.82 25.60
C LEU O 212 -61.35 8.34 25.35
N CYS O 213 -60.70 7.49 26.14
CA CYS O 213 -60.85 6.05 26.02
C CYS O 213 -60.28 5.41 27.27
N SER O 214 -60.65 4.15 27.50
CA SER O 214 -60.10 3.37 28.61
C SER O 214 -60.26 1.90 28.28
N THR O 215 -59.14 1.20 28.07
CA THR O 215 -59.19 -0.22 27.76
C THR O 215 -58.48 -1.02 28.86
N ASP O 216 -58.42 -2.33 28.69
CA ASP O 216 -57.84 -3.22 29.69
C ASP O 216 -56.70 -4.01 29.07
N LEU O 217 -55.79 -4.47 29.94
CA LEU O 217 -54.72 -5.35 29.50
C LEU O 217 -55.27 -6.72 29.13
N THR O 218 -54.89 -7.21 27.95
CA THR O 218 -55.30 -8.53 27.50
C THR O 218 -54.10 -9.23 26.86
N GLU O 219 -54.17 -10.55 26.83
CA GLU O 219 -53.08 -11.36 26.29
C GLU O 219 -53.24 -11.64 24.79
N GLY O 220 -54.33 -11.20 24.18
CA GLY O 220 -54.59 -11.50 22.78
C GLY O 220 -55.41 -12.77 22.64
N ARG O 221 -56.49 -12.86 23.40
CA ARG O 221 -57.32 -14.06 23.45
C ARG O 221 -58.35 -14.03 22.32
N ARG O 222 -59.29 -14.97 22.34
CA ARG O 222 -60.36 -14.99 21.36
C ARG O 222 -61.30 -13.81 21.58
N GLY O 223 -61.73 -13.19 20.50
CA GLY O 223 -62.60 -12.05 20.60
C GLY O 223 -64.01 -12.42 20.98
N LYS O 224 -64.80 -11.40 21.30
CA LYS O 224 -66.19 -11.61 21.69
C LYS O 224 -66.97 -12.25 20.55
N LEU O 225 -67.79 -13.25 20.90
CA LEU O 225 -68.71 -13.86 19.95
C LEU O 225 -69.87 -12.89 19.73
N SER O 226 -69.63 -11.91 18.86
CA SER O 226 -70.56 -10.81 18.70
C SER O 226 -71.83 -11.25 18.00
N ILE O 227 -72.97 -10.80 18.55
CA ILE O 227 -74.26 -11.06 17.88
C ILE O 227 -74.34 -10.29 16.58
N MET O 228 -73.77 -9.08 16.54
CA MET O 228 -73.75 -8.27 15.34
C MET O 228 -72.45 -8.49 14.58
N ARG O 229 -72.58 -8.69 13.27
CA ARG O 229 -71.40 -8.91 12.43
C ARG O 229 -70.49 -7.69 12.42
N GLY O 230 -71.06 -6.49 12.37
CA GLY O 230 -70.26 -5.29 12.22
C GLY O 230 -70.00 -4.99 10.76
N LYS O 231 -68.80 -5.33 10.30
CA LYS O 231 -68.39 -5.19 8.90
C LYS O 231 -68.30 -3.72 8.48
N LYS O 232 -68.62 -2.81 9.41
CA LYS O 232 -68.52 -1.39 9.14
C LYS O 232 -68.43 -0.66 10.48
N LEU O 233 -67.45 0.24 10.59
CA LEU O 233 -67.29 1.10 11.75
C LEU O 233 -67.52 2.53 11.28
N GLU O 234 -68.70 3.06 11.55
N GLU O 234 -68.70 3.07 11.58
CA GLU O 234 -69.07 4.40 11.11
CA GLU O 234 -69.11 4.38 11.11
C GLU O 234 -69.58 5.19 12.31
C GLU O 234 -69.62 5.20 12.29
N PRO O 235 -69.35 6.50 12.32
CA PRO O 235 -69.78 7.32 13.45
C PRO O 235 -71.28 7.25 13.70
N CYS O 236 -71.65 7.17 14.97
CA CYS O 236 -73.05 7.13 15.38
C CYS O 236 -73.46 8.47 15.96
N ASP O 237 -74.76 8.64 16.16
CA ASP O 237 -75.30 9.92 16.61
C ASP O 237 -74.77 10.30 17.98
N ARG O 238 -74.68 9.34 18.90
CA ARG O 238 -74.32 9.64 20.28
C ARG O 238 -72.80 9.74 20.41
N VAL O 239 -72.32 10.88 20.94
CA VAL O 239 -70.92 11.10 21.22
C VAL O 239 -70.80 11.58 22.66
N LEU O 240 -69.60 11.43 23.20
CA LEU O 240 -69.30 11.81 24.58
C LEU O 240 -68.22 12.88 24.57
N PHE O 241 -68.48 13.98 25.27
CA PHE O 241 -67.55 15.08 25.44
C PHE O 241 -66.97 15.05 26.84
N SER O 242 -65.67 15.31 26.96
CA SER O 242 -64.99 15.48 28.24
C SER O 242 -64.26 16.81 28.19
N VAL O 243 -64.77 17.79 28.92
CA VAL O 243 -64.16 19.10 29.00
C VAL O 243 -63.49 19.19 30.36
N GLY O 244 -62.22 18.85 30.43
CA GLY O 244 -61.56 18.66 31.71
C GLY O 244 -61.91 17.30 32.28
N SER O 245 -62.75 17.29 33.32
CA SER O 245 -63.24 16.05 33.92
C SER O 245 -64.76 16.08 34.04
N THR O 246 -65.42 16.66 33.04
CA THR O 246 -66.88 16.78 33.04
C THR O 246 -67.44 16.13 31.78
N LEU O 247 -68.44 15.27 31.95
CA LEU O 247 -69.02 14.52 30.84
C LEU O 247 -70.23 15.24 30.26
N TYR O 248 -70.35 15.19 28.94
CA TYR O 248 -71.52 15.68 28.21
C TYR O 248 -71.92 14.72 27.10
N PRO O 249 -73.08 14.07 27.21
CA PRO O 249 -73.57 13.25 26.09
C PRO O 249 -74.26 14.11 25.05
N GLU O 250 -73.68 14.17 23.85
N GLU O 250 -73.68 14.17 23.85
CA GLU O 250 -74.17 14.99 22.76
CA GLU O 250 -74.19 14.99 22.77
C GLU O 250 -74.60 14.13 21.59
C GLU O 250 -74.60 14.13 21.59
N SER O 251 -75.34 14.73 20.67
CA SER O 251 -75.79 14.07 19.46
C SER O 251 -75.22 14.76 18.23
N ARG O 252 -74.81 13.95 17.25
CA ARG O 252 -74.21 14.51 16.04
C ARG O 252 -75.19 15.37 15.27
N LYS O 253 -76.44 14.95 15.18
CA LYS O 253 -77.44 15.70 14.43
C LYS O 253 -77.62 17.10 15.00
N LEU O 254 -77.78 17.19 16.33
CA LEU O 254 -77.99 18.49 16.95
C LEU O 254 -76.74 19.35 16.90
N LEU O 255 -75.56 18.74 16.95
CA LEU O 255 -74.32 19.49 16.81
C LEU O 255 -74.20 20.07 15.41
N LYS O 256 -74.48 19.26 14.38
CA LYS O 256 -74.42 19.74 13.01
C LYS O 256 -75.50 20.76 12.71
N SER O 257 -76.62 20.72 13.45
CA SER O 257 -77.66 21.71 13.25
C SER O 257 -77.16 23.12 13.51
N TRP O 258 -76.22 23.27 14.43
CA TRP O 258 -75.69 24.58 14.78
C TRP O 258 -74.59 25.07 13.85
N HIS O 259 -74.17 24.25 12.89
CA HIS O 259 -73.21 24.68 11.86
C HIS O 259 -73.98 25.37 10.73
N LEU O 260 -74.58 26.50 11.08
CA LEU O 260 -75.46 27.20 10.17
C LEU O 260 -74.66 27.83 9.04
N PRO O 261 -75.26 27.94 7.85
CA PRO O 261 -74.59 28.63 6.74
C PRO O 261 -74.62 30.13 6.95
N SER O 262 -73.88 30.83 6.09
CA SER O 262 -73.85 32.29 6.16
C SER O 262 -75.24 32.88 5.92
N VAL O 263 -75.99 32.33 4.97
CA VAL O 263 -77.34 32.78 4.66
C VAL O 263 -78.26 31.57 4.63
N PHE O 264 -79.37 31.65 5.37
CA PHE O 264 -80.37 30.59 5.37
C PHE O 264 -81.73 31.20 5.64
N HIS O 265 -82.77 30.46 5.27
CA HIS O 265 -84.15 30.92 5.36
C HIS O 265 -84.91 30.14 6.43
N LEU O 266 -85.85 30.82 7.08
CA LEU O 266 -86.72 30.21 8.08
C LEU O 266 -88.16 30.28 7.57
N LYS O 267 -88.67 29.16 7.08
CA LYS O 267 -89.99 29.09 6.44
C LYS O 267 -90.95 28.36 7.37
N GLY O 268 -91.77 29.13 8.09
CA GLY O 268 -92.81 28.57 8.93
C GLY O 268 -94.09 29.36 8.84
N LYS O 269 -94.72 29.62 9.98
CA LYS O 269 -95.89 30.50 10.00
C LYS O 269 -95.49 31.91 9.59
N LEU O 270 -94.42 32.44 10.19
CA LEU O 270 -93.82 33.69 9.76
C LEU O 270 -92.51 33.40 9.04
N SER O 271 -92.16 34.28 8.11
CA SER O 271 -90.93 34.12 7.33
C SER O 271 -89.93 35.22 7.68
N THR O 273 -85.41 36.08 6.26
CA THR O 273 -84.06 35.56 6.06
C THR O 273 -83.21 35.75 7.31
N CYS O 274 -82.16 34.95 7.45
CA CYS O 274 -81.29 34.99 8.62
C CYS O 274 -79.83 34.89 8.17
N ARG O 275 -78.94 35.35 9.05
CA ARG O 275 -77.50 35.27 8.83
C ARG O 275 -76.83 34.61 10.02
N CYS O 276 -75.73 33.92 9.76
CA CYS O 276 -74.90 33.31 10.79
C CYS O 276 -73.44 33.63 10.48
N ASP O 277 -72.80 34.36 11.39
CA ASP O 277 -71.39 34.71 11.24
C ASP O 277 -70.63 34.34 12.50
N THR O 278 -69.37 33.94 12.33
CA THR O 278 -68.50 33.60 13.45
C THR O 278 -67.76 34.86 13.85
N VAL O 279 -68.23 35.51 14.92
CA VAL O 279 -67.62 36.75 15.35
C VAL O 279 -66.43 36.54 16.28
N VAL O 280 -66.34 35.39 16.95
CA VAL O 280 -65.17 35.07 17.77
C VAL O 280 -64.75 33.65 17.46
N SER O 281 -63.45 33.44 17.25
CA SER O 281 -62.92 32.11 17.00
C SER O 281 -61.56 32.02 17.68
N CYS O 282 -61.41 31.06 18.60
CA CYS O 282 -60.15 30.90 19.33
C CYS O 282 -59.93 29.41 19.61
N GLU O 283 -59.06 28.81 18.81
CA GLU O 283 -58.44 27.52 19.10
C GLU O 283 -59.49 26.45 19.43
N GLY O 284 -60.58 26.45 18.69
CA GLY O 284 -61.62 25.45 18.83
C GLY O 284 -62.88 25.91 19.54
N TYR O 285 -62.88 27.09 20.13
CA TYR O 285 -64.07 27.64 20.77
C TYR O 285 -64.54 28.86 20.00
N VAL O 286 -65.83 28.89 19.66
CA VAL O 286 -66.36 29.92 18.78
C VAL O 286 -67.55 30.61 19.43
N VAL O 287 -67.75 31.85 19.04
CA VAL O 287 -68.94 32.63 19.35
C VAL O 287 -69.52 33.07 18.02
N LYS O 288 -70.70 32.57 17.70
CA LYS O 288 -71.40 32.87 16.45
C LYS O 288 -72.55 33.83 16.73
N ARG O 289 -72.64 34.87 15.91
CA ARG O 289 -73.68 35.90 16.05
C ARG O 289 -74.71 35.69 14.94
N ILE O 290 -75.86 35.15 15.31
CA ILE O 290 -76.97 34.98 14.38
C ILE O 290 -77.87 36.21 14.49
N THR O 291 -78.24 36.78 13.36
CA THR O 291 -79.12 37.94 13.32
C THR O 291 -80.35 37.61 12.51
N MET O 292 -81.50 38.11 12.95
CA MET O 292 -82.79 37.73 12.42
C MET O 292 -83.47 38.92 11.74
N SER O 293 -84.24 38.62 10.71
CA SER O 293 -85.01 39.64 10.00
C SER O 293 -86.28 39.03 9.45
N PRO O 294 -87.44 39.60 9.76
CA PRO O 294 -88.70 39.04 9.24
C PRO O 294 -88.80 39.20 7.73
N GLY O 295 -89.48 38.25 7.10
CA GLY O 295 -89.65 38.25 5.67
C GLY O 295 -88.55 37.48 4.95
N LEU O 296 -88.85 37.09 3.71
CA LEU O 296 -87.93 36.35 2.88
C LEU O 296 -87.24 37.30 1.91
N TYR O 297 -85.92 37.40 2.01
CA TYR O 297 -85.14 38.29 1.16
C TYR O 297 -83.91 37.57 0.65
N GLY O 298 -83.57 37.81 -0.62
CA GLY O 298 -82.42 37.19 -1.22
C GLY O 298 -82.64 35.70 -1.48
N LYS O 299 -81.53 34.97 -1.58
CA LYS O 299 -81.58 33.54 -1.80
C LYS O 299 -80.35 32.91 -1.17
N THR O 300 -80.44 31.61 -0.90
CA THR O 300 -79.43 30.89 -0.14
C THR O 300 -78.68 29.92 -1.04
N THR O 301 -77.40 29.73 -0.75
CA THR O 301 -76.58 28.73 -1.43
C THR O 301 -76.42 27.44 -0.64
N GLY O 302 -76.82 27.44 0.62
CA GLY O 302 -76.62 26.28 1.47
C GLY O 302 -75.17 25.94 1.75
N TYR O 303 -74.31 26.93 1.87
CA TYR O 303 -72.89 26.73 2.06
C TYR O 303 -72.43 27.36 3.37
N ALA O 304 -71.66 26.60 4.14
CA ALA O 304 -71.08 27.07 5.40
C ALA O 304 -69.57 27.12 5.27
N VAL O 305 -68.98 28.17 5.83
CA VAL O 305 -67.55 28.44 5.73
C VAL O 305 -66.95 28.48 7.13
N THR O 306 -65.85 27.76 7.32
CA THR O 306 -65.05 27.83 8.53
C THR O 306 -63.64 28.31 8.17
N HIS O 307 -63.23 29.43 8.74
CA HIS O 307 -61.90 29.98 8.53
C HIS O 307 -60.96 29.43 9.58
N HIS O 308 -59.77 29.00 9.15
CA HIS O 308 -58.81 28.37 10.05
C HIS O 308 -57.65 29.33 10.30
N ALA O 309 -57.59 29.88 11.52
CA ALA O 309 -56.41 30.65 11.92
C ALA O 309 -55.30 29.71 12.39
N ASP O 310 -55.65 28.46 12.70
N ASP O 310 -55.65 28.45 12.68
CA ASP O 310 -54.73 27.40 13.06
CA ASP O 310 -54.68 27.43 13.02
C ASP O 310 -55.01 26.18 12.22
C ASP O 310 -55.02 26.15 12.27
N GLY O 311 -54.01 25.31 12.08
CA GLY O 311 -54.19 24.11 11.29
C GLY O 311 -55.25 23.19 11.87
N PHE O 312 -55.98 22.53 10.98
CA PHE O 312 -57.00 21.57 11.36
C PHE O 312 -56.74 20.27 10.62
N LEU O 313 -56.76 19.16 11.35
CA LEU O 313 -56.48 17.86 10.77
C LEU O 313 -57.61 16.89 11.07
N MET O 314 -57.98 16.09 10.08
CA MET O 314 -58.86 14.94 10.28
C MET O 314 -58.26 13.80 9.48
N CYS O 315 -57.75 12.78 10.18
CA CYS O 315 -56.90 11.79 9.54
C CYS O 315 -57.28 10.39 9.97
N LYS O 316 -56.96 9.43 9.10
CA LYS O 316 -57.12 8.01 9.42
C LYS O 316 -56.05 7.57 10.40
N THR O 317 -56.46 6.81 11.42
CA THR O 317 -55.54 6.26 12.39
C THR O 317 -56.03 4.89 12.85
N THR O 318 -55.09 4.01 13.11
CA THR O 318 -55.36 2.62 13.50
C THR O 318 -55.19 2.50 15.01
N ASP O 319 -56.22 2.03 15.68
CA ASP O 319 -56.19 1.79 17.12
C ASP O 319 -56.81 0.43 17.41
N THR O 320 -56.97 0.11 18.69
CA THR O 320 -57.62 -1.11 19.13
C THR O 320 -58.82 -0.74 20.00
N VAL O 321 -60.01 -1.12 19.55
CA VAL O 321 -61.24 -0.96 20.32
C VAL O 321 -61.56 -2.31 20.95
N ASP O 322 -61.53 -2.36 22.29
CA ASP O 322 -61.72 -3.60 23.04
C ASP O 322 -60.77 -4.69 22.55
N GLY O 323 -59.56 -4.30 22.16
CA GLY O 323 -58.56 -5.22 21.69
C GLY O 323 -58.64 -5.56 20.21
N GLU O 324 -59.65 -5.07 19.50
CA GLU O 324 -59.79 -5.35 18.08
C GLU O 324 -59.20 -4.20 17.27
N ARG O 325 -58.25 -4.53 16.40
CA ARG O 325 -57.54 -3.50 15.64
C ARG O 325 -58.42 -3.00 14.50
N VAL O 326 -58.79 -1.72 14.55
CA VAL O 326 -59.61 -1.07 13.54
C VAL O 326 -58.96 0.26 13.19
N SER O 327 -59.50 0.90 12.15
CA SER O 327 -59.02 2.19 11.68
C SER O 327 -60.19 3.14 11.58
N PHE O 328 -60.04 4.35 12.13
CA PHE O 328 -61.09 5.35 12.06
C PHE O 328 -60.47 6.74 12.03
N SER O 329 -61.32 7.75 11.84
CA SER O 329 -60.89 9.12 11.66
C SER O 329 -60.81 9.85 12.99
N VAL O 330 -59.77 10.66 13.15
CA VAL O 330 -59.54 11.46 14.34
C VAL O 330 -59.20 12.87 13.90
N CYS O 331 -59.82 13.87 14.53
CA CYS O 331 -59.63 15.27 14.18
C CYS O 331 -59.00 16.02 15.35
N THR O 332 -58.36 17.13 15.04
CA THR O 332 -57.70 17.97 16.05
C THR O 332 -57.28 19.29 15.42
N TYR O 333 -56.80 20.19 16.27
CA TYR O 333 -56.25 21.48 15.87
C TYR O 333 -54.77 21.52 16.23
N VAL O 334 -53.99 22.17 15.37
CA VAL O 334 -52.55 22.31 15.54
C VAL O 334 -52.21 23.80 15.45
N PRO O 335 -51.34 24.33 16.31
CA PRO O 335 -51.04 25.77 16.27
C PRO O 335 -50.44 26.19 14.94
N ALA O 336 -50.72 27.44 14.57
CA ALA O 336 -50.28 27.95 13.27
C ALA O 336 -48.77 27.98 13.15
N THR O 337 -48.07 28.29 14.25
CA THR O 337 -46.61 28.29 14.22
C THR O 337 -46.06 26.92 13.87
N ILE O 338 -46.65 25.86 14.44
CA ILE O 338 -46.22 24.51 14.14
C ILE O 338 -46.44 24.19 12.67
N CYS O 339 -47.61 24.56 12.15
CA CYS O 339 -47.92 24.30 10.75
C CYS O 339 -46.96 25.04 9.82
N ASP O 340 -46.64 26.30 10.15
CA ASP O 340 -45.71 27.06 9.34
C ASP O 340 -44.30 26.49 9.40
N GLN O 341 -43.88 25.99 10.56
CA GLN O 341 -42.56 25.37 10.65
C GLN O 341 -42.54 23.99 10.03
N MET O 342 -43.71 23.38 9.80
CA MET O 342 -43.79 22.08 9.17
C MET O 342 -43.82 22.15 7.65
N THR O 343 -44.02 23.34 7.08
CA THR O 343 -44.21 23.47 5.64
C THR O 343 -42.97 23.03 4.86
N GLY O 344 -41.79 23.43 5.34
CA GLY O 344 -40.58 23.23 4.54
C GLY O 344 -40.16 21.78 4.42
N ILE O 345 -40.56 20.95 5.38
CA ILE O 345 -40.12 19.55 5.35
C ILE O 345 -41.21 18.63 4.81
N LEU O 346 -42.45 19.11 4.68
CA LEU O 346 -43.51 18.30 4.10
C LEU O 346 -43.49 18.29 2.57
N ALA O 347 -42.53 18.99 1.96
CA ALA O 347 -42.40 18.95 0.51
C ALA O 347 -42.02 17.56 0.00
N THR O 348 -41.38 16.76 0.83
CA THR O 348 -40.96 15.41 0.50
C THR O 348 -41.77 14.41 1.30
N GLU O 349 -41.45 13.13 1.11
CA GLU O 349 -42.09 12.05 1.85
C GLU O 349 -41.32 11.82 3.14
N VAL O 350 -42.00 11.97 4.28
CA VAL O 350 -41.39 11.85 5.59
C VAL O 350 -42.11 10.77 6.37
N THR O 351 -41.35 9.86 6.97
CA THR O 351 -41.94 8.79 7.75
C THR O 351 -42.59 9.34 9.01
N PRO O 352 -43.60 8.65 9.54
CA PRO O 352 -44.25 9.12 10.78
C PRO O 352 -43.29 9.30 11.94
N GLU O 353 -42.29 8.44 12.04
CA GLU O 353 -41.31 8.52 13.12
C GLU O 353 -40.48 9.80 13.03
N ASP O 354 -39.93 10.08 11.84
CA ASP O 354 -39.16 11.30 11.64
C ASP O 354 -40.03 12.53 11.82
N ALA O 355 -41.27 12.48 11.33
CA ALA O 355 -42.20 13.59 11.52
C ALA O 355 -42.47 13.84 12.99
N GLN O 356 -42.64 12.76 13.77
CA GLN O 356 -42.91 12.91 15.20
C GLN O 356 -41.71 13.51 15.92
N LYS O 357 -40.50 13.06 15.59
CA LYS O 357 -39.33 13.65 16.22
C LYS O 357 -39.19 15.13 15.86
N LEU O 358 -39.44 15.48 14.60
CA LEU O 358 -39.37 16.89 14.21
C LEU O 358 -40.43 17.72 14.93
N LEU O 359 -41.64 17.18 15.05
CA LEU O 359 -42.70 17.88 15.77
C LEU O 359 -42.34 18.08 17.23
N VAL O 360 -41.77 17.05 17.86
CA VAL O 360 -41.36 17.16 19.26
C VAL O 360 -40.27 18.20 19.41
N GLY O 361 -39.29 18.19 18.51
CA GLY O 361 -38.24 19.19 18.54
C GLY O 361 -38.78 20.60 18.39
N LEU O 362 -39.80 20.77 17.54
CA LEU O 362 -40.42 22.09 17.41
C LEU O 362 -41.28 22.44 18.61
N ASN O 363 -41.76 21.44 19.35
CA ASN O 363 -42.61 21.70 20.51
C ASN O 363 -41.78 22.01 21.75
N GLN O 364 -40.79 21.16 22.05
N GLN O 364 -40.78 21.17 22.04
CA GLN O 364 -39.95 21.36 23.22
CA GLN O 364 -39.90 21.37 23.19
C GLN O 364 -39.00 22.53 23.02
C GLN O 364 -39.05 22.62 23.00
N ASN O 377 -44.47 24.04 26.07
CA ASN O 377 -45.12 23.23 25.05
C ASN O 377 -46.15 24.02 24.27
N THR O 378 -45.89 24.24 22.98
CA THR O 378 -46.84 24.96 22.14
C THR O 378 -48.12 24.15 21.93
N MET O 379 -47.98 22.84 21.73
CA MET O 379 -49.11 21.95 21.56
C MET O 379 -49.02 20.79 22.55
N LYS O 380 -50.17 20.22 22.89
CA LYS O 380 -50.20 19.10 23.81
C LYS O 380 -49.54 17.89 23.18
N ASN O 381 -48.64 17.25 23.93
CA ASN O 381 -47.85 16.16 23.39
C ASN O 381 -48.69 14.91 23.15
N TYR O 382 -49.79 14.74 23.88
CA TYR O 382 -50.57 13.52 23.77
C TYR O 382 -51.18 13.33 22.38
N MET O 383 -51.33 14.39 21.61
CA MET O 383 -51.83 14.27 20.25
C MET O 383 -50.74 14.47 19.20
N ILE O 384 -49.47 14.58 19.63
CA ILE O 384 -48.37 14.75 18.67
C ILE O 384 -48.24 13.57 17.73
N PRO O 385 -48.25 12.31 18.18
CA PRO O 385 -47.98 11.21 17.24
C PRO O 385 -48.96 11.12 16.08
N VAL O 386 -50.27 11.13 16.37
CA VAL O 386 -51.26 10.98 15.32
C VAL O 386 -51.13 12.10 14.29
N VAL O 387 -50.96 13.33 14.77
CA VAL O 387 -50.72 14.47 13.87
C VAL O 387 -49.53 14.18 12.97
N ALA O 388 -48.44 13.69 13.57
CA ALA O 388 -47.28 13.29 12.77
C ALA O 388 -47.70 12.31 11.69
N GLN O 389 -48.40 11.24 12.09
CA GLN O 389 -48.92 10.29 11.11
C GLN O 389 -49.74 11.02 10.05
N ALA O 390 -50.65 11.89 10.49
CA ALA O 390 -51.44 12.68 9.54
C ALA O 390 -50.54 13.39 8.55
N PHE O 391 -49.54 14.12 9.07
CA PHE O 391 -48.65 14.85 8.18
C PHE O 391 -47.92 13.88 7.25
N SER O 392 -47.47 12.75 7.80
CA SER O 392 -46.77 11.77 6.98
C SER O 392 -47.67 11.27 5.85
N LYS O 393 -48.98 11.13 6.12
CA LYS O 393 -49.90 10.78 5.05
C LYS O 393 -50.05 11.94 4.07
N TRP O 394 -50.26 13.15 4.59
CA TRP O 394 -50.55 14.29 3.72
C TRP O 394 -49.41 14.55 2.75
N ALA O 395 -48.20 14.71 3.28
CA ALA O 395 -47.03 14.90 2.42
C ALA O 395 -46.89 13.77 1.43
N LYS O 396 -47.29 12.55 1.82
CA LYS O 396 -47.25 11.44 0.88
C LYS O 396 -48.27 11.64 -0.24
N GLU O 397 -49.53 11.93 0.12
CA GLU O 397 -50.58 12.00 -0.88
C GLU O 397 -50.32 13.13 -1.88
N CYS O 398 -49.91 14.29 -1.39
CA CYS O 398 -49.53 15.39 -2.28
C CYS O 398 -48.49 14.92 -3.29
N ARG O 399 -47.49 14.17 -2.82
CA ARG O 399 -46.47 13.66 -3.73
CA ARG O 399 -46.47 13.68 -3.74
C ARG O 399 -47.10 12.83 -4.84
N LYS O 400 -48.07 12.00 -4.49
N LYS O 400 -48.08 11.99 -4.48
CA LYS O 400 -48.75 11.19 -5.51
CA LYS O 400 -48.76 11.19 -5.49
C LYS O 400 -49.45 12.08 -6.52
C LYS O 400 -49.45 12.08 -6.52
N ASP O 401 -50.09 13.16 -6.07
CA ASP O 401 -50.69 14.11 -6.99
C ASP O 401 -49.64 14.71 -7.90
N MET O 402 -48.42 14.88 -7.38
CA MET O 402 -47.31 15.31 -8.21
C MET O 402 -46.94 14.25 -9.24
N GLU O 403 -46.96 12.97 -8.83
CA GLU O 403 -46.54 11.90 -9.74
C GLU O 403 -47.58 11.69 -10.85
N ASP O 404 -48.86 11.62 -10.47
CA ASP O 404 -49.92 11.33 -11.44
C ASP O 404 -50.52 12.64 -11.96
N GLU O 405 -49.70 13.36 -12.72
CA GLU O 405 -50.13 14.63 -13.31
C GLU O 405 -51.11 14.36 -14.45
N LYS O 406 -52.29 14.96 -14.36
CA LYS O 406 -53.31 14.80 -15.38
C LYS O 406 -53.21 15.92 -16.41
N LEU O 407 -54.03 15.85 -17.45
CA LEU O 407 -54.12 16.94 -18.40
C LEU O 407 -55.02 18.04 -17.86
N LEU O 408 -54.87 19.24 -18.41
CA LEU O 408 -55.62 20.38 -17.94
C LEU O 408 -57.08 20.27 -18.39
N GLY O 409 -57.98 20.14 -17.41
CA GLY O 409 -59.40 20.09 -17.72
C GLY O 409 -59.84 18.90 -18.55
N VAL O 410 -59.38 17.70 -18.20
CA VAL O 410 -59.77 16.47 -18.88
C VAL O 410 -60.05 15.41 -17.83
N ARG O 411 -61.29 14.94 -17.77
CA ARG O 411 -61.69 13.85 -16.88
C ARG O 411 -61.76 12.57 -17.69
N GLU O 412 -61.01 11.56 -17.26
CA GLU O 412 -60.97 10.26 -17.93
C GLU O 412 -61.93 9.32 -17.20
N ARG O 413 -63.10 9.12 -17.78
CA ARG O 413 -64.14 8.28 -17.19
C ARG O 413 -64.53 7.19 -18.18
N THR O 414 -64.59 5.95 -17.69
CA THR O 414 -64.89 4.80 -18.54
C THR O 414 -66.38 4.55 -18.59
N LEU O 415 -66.89 4.28 -19.79
CA LEU O 415 -68.29 3.93 -19.97
C LEU O 415 -68.51 2.49 -19.52
N THR O 416 -69.31 2.30 -18.47
CA THR O 416 -69.48 0.98 -17.89
C THR O 416 -70.53 0.16 -18.62
N CYS O 417 -70.41 0.08 -19.95
CA CYS O 417 -71.29 -0.72 -20.80
C CYS O 417 -72.76 -0.35 -20.61
N CYS O 418 -73.00 0.89 -20.21
N CYS O 418 -73.01 0.90 -20.21
CA CYS O 418 -74.35 1.38 -19.89
CA CYS O 418 -74.36 1.38 -19.95
C CYS O 418 -74.37 2.88 -20.16
C CYS O 418 -74.36 2.89 -20.15
N CYS O 419 -75.43 3.56 -19.69
CA CYS O 419 -75.54 5.00 -19.80
C CYS O 419 -74.90 5.71 -18.61
N LEU O 420 -73.99 5.05 -17.91
CA LEU O 420 -73.34 5.57 -16.71
C LEU O 420 -71.84 5.70 -16.93
N TRP O 421 -71.22 6.60 -16.18
CA TRP O 421 -69.80 6.86 -16.26
C TRP O 421 -69.16 6.72 -14.87
N ALA O 422 -67.97 6.12 -14.83
CA ALA O 422 -67.30 5.84 -13.57
C ALA O 422 -65.85 6.32 -13.64
N PHE O 423 -65.33 6.69 -12.47
CA PHE O 423 -63.95 7.15 -12.33
C PHE O 423 -63.32 6.49 -11.12
N LYS O 424 -61.99 6.39 -11.14
CA LYS O 424 -61.24 5.86 -10.01
C LYS O 424 -61.07 6.94 -8.95
N LYS O 425 -61.34 6.57 -7.70
CA LYS O 425 -61.13 7.45 -6.56
C LYS O 425 -59.78 7.16 -5.93
N GLN O 426 -59.05 8.22 -5.61
CA GLN O 426 -57.75 8.08 -4.98
C GLN O 426 -57.91 7.83 -3.48
N LYS O 427 -56.81 7.45 -2.85
CA LYS O 427 -56.82 7.11 -1.43
C LYS O 427 -56.46 8.36 -0.62
N THR O 428 -57.45 8.93 0.06
CA THR O 428 -57.27 10.12 0.87
C THR O 428 -57.39 9.72 2.34
N HIS O 429 -56.26 9.76 3.05
CA HIS O 429 -56.22 9.40 4.45
C HIS O 429 -56.17 10.59 5.39
N THR O 430 -55.90 11.79 4.88
CA THR O 430 -55.77 12.96 5.73
C THR O 430 -56.39 14.18 5.05
N VAL O 431 -57.19 14.93 5.80
CA VAL O 431 -57.65 16.25 5.41
C VAL O 431 -56.94 17.25 6.30
N TYR O 432 -56.17 18.14 5.69
CA TYR O 432 -55.30 19.06 6.40
C TYR O 432 -55.60 20.47 5.91
N LYS O 433 -56.38 21.21 6.70
CA LYS O 433 -56.68 22.60 6.43
C LYS O 433 -55.60 23.45 7.10
N ARG O 434 -54.69 23.99 6.29
CA ARG O 434 -53.61 24.81 6.82
C ARG O 434 -54.17 26.14 7.32
N PRO O 435 -53.40 26.86 8.15
CA PRO O 435 -53.87 28.17 8.60
C PRO O 435 -54.05 29.12 7.42
N ASP O 436 -55.01 30.04 7.57
CA ASP O 436 -55.44 30.96 6.52
C ASP O 436 -56.09 30.24 5.35
N THR O 437 -56.71 29.09 5.61
CA THR O 437 -57.56 28.40 4.65
C THR O 437 -59.00 28.38 5.18
N GLN O 438 -59.88 27.81 4.37
CA GLN O 438 -61.31 27.78 4.69
C GLN O 438 -61.90 26.45 4.27
N SER O 439 -62.68 25.86 5.16
CA SER O 439 -63.47 24.68 4.86
C SER O 439 -64.86 25.11 4.42
N ILE O 440 -65.29 24.63 3.25
CA ILE O 440 -66.58 24.97 2.68
C ILE O 440 -67.41 23.70 2.60
N GLN O 441 -68.57 23.70 3.24
CA GLN O 441 -69.42 22.51 3.33
C GLN O 441 -70.85 22.85 2.93
N LYS O 442 -71.41 22.04 2.03
CA LYS O 442 -72.79 22.22 1.60
C LYS O 442 -73.73 21.74 2.70
N VAL O 443 -74.53 22.65 3.25
CA VAL O 443 -75.46 22.35 4.32
C VAL O 443 -76.88 22.63 3.84
N GLN O 444 -77.85 22.13 4.60
CA GLN O 444 -79.25 22.36 4.27
C GLN O 444 -79.66 23.76 4.71
N ALA O 445 -80.39 24.45 3.85
CA ALA O 445 -80.95 25.76 4.15
C ALA O 445 -82.46 25.71 3.98
N GLU O 446 -83.11 26.86 4.20
CA GLU O 446 -84.55 27.03 4.04
C GLU O 446 -85.33 26.00 4.88
N PHE O 447 -85.10 26.07 6.18
CA PHE O 447 -85.80 25.19 7.11
C PHE O 447 -87.26 25.60 7.24
N PRO P 3 -53.84 31.92 55.31
CA PRO P 3 -52.47 31.42 55.49
C PRO P 3 -52.44 30.03 56.10
N VAL P 4 -52.62 29.01 55.27
CA VAL P 4 -52.63 27.63 55.72
C VAL P 4 -51.19 27.16 55.94
N TYR P 5 -50.98 26.41 57.02
CA TYR P 5 -49.68 25.85 57.35
C TYR P 5 -49.73 24.33 57.18
N VAL P 6 -48.67 23.78 56.59
CA VAL P 6 -48.60 22.36 56.29
C VAL P 6 -47.43 21.75 57.04
N ASP P 7 -47.67 20.59 57.67
CA ASP P 7 -46.63 19.88 58.41
C ASP P 7 -45.76 19.07 57.45
N ILE P 8 -45.10 19.80 56.54
CA ILE P 8 -44.17 19.22 55.58
C ILE P 8 -42.86 19.99 55.64
N ASP P 9 -41.87 19.48 54.92
CA ASP P 9 -40.56 20.11 54.91
C ASP P 9 -40.62 21.47 54.23
N ALA P 10 -39.68 22.35 54.60
CA ALA P 10 -39.64 23.69 54.03
C ALA P 10 -39.01 23.71 52.65
N ASP P 11 -38.45 22.59 52.19
CA ASP P 11 -37.82 22.51 50.87
C ASP P 11 -38.25 21.26 50.12
N SER P 12 -39.45 20.75 50.41
CA SER P 12 -39.95 19.56 49.76
C SER P 12 -40.45 19.89 48.35
N ALA P 13 -40.20 18.96 47.42
CA ALA P 13 -40.63 19.15 46.04
C ALA P 13 -42.15 19.12 45.88
N PHE P 14 -42.85 18.39 46.76
CA PHE P 14 -44.31 18.34 46.73
C PHE P 14 -44.95 19.71 46.97
N LEU P 15 -44.27 20.58 47.72
CA LEU P 15 -44.81 21.88 48.09
C LEU P 15 -45.47 22.58 46.91
N LYS P 16 -44.71 22.79 45.84
CA LYS P 16 -45.24 23.49 44.66
C LYS P 16 -46.53 22.85 44.18
N ALA P 17 -46.53 21.53 44.03
CA ALA P 17 -47.73 20.83 43.56
C ALA P 17 -48.90 21.11 44.48
N LEU P 18 -48.65 21.10 45.79
CA LEU P 18 -49.70 21.43 46.74
C LEU P 18 -50.19 22.85 46.51
N GLN P 19 -49.27 23.80 46.32
N GLN P 19 -49.27 23.80 46.32
CA GLN P 19 -49.68 25.17 46.02
CA GLN P 19 -49.68 25.16 46.01
C GLN P 19 -50.41 25.24 44.68
C GLN P 19 -50.39 25.24 44.67
N ARG P 20 -50.11 24.30 43.76
CA ARG P 20 -50.82 24.28 42.50
C ARG P 20 -52.19 23.65 42.64
N ALA P 21 -52.44 22.94 43.75
CA ALA P 21 -53.72 22.29 43.94
C ALA P 21 -54.70 23.16 44.73
N TYR P 22 -54.22 24.13 45.49
CA TYR P 22 -55.06 25.01 46.29
C TYR P 22 -54.66 26.46 46.03
N PRO P 23 -55.08 27.04 44.90
CA PRO P 23 -54.68 28.41 44.59
C PRO P 23 -55.36 29.47 45.46
N MET P 24 -56.43 29.13 46.16
CA MET P 24 -57.11 30.08 47.04
C MET P 24 -56.36 30.33 48.34
N PHE P 25 -55.39 29.48 48.67
CA PHE P 25 -54.73 29.52 49.97
C PHE P 25 -53.25 29.82 49.79
N GLU P 26 -52.65 30.39 50.83
CA GLU P 26 -51.21 30.60 50.90
C GLU P 26 -50.64 29.48 51.76
N VAL P 27 -49.97 28.53 51.10
CA VAL P 27 -49.48 27.33 51.76
C VAL P 27 -48.06 27.58 52.25
N GLU P 28 -47.86 27.50 53.56
CA GLU P 28 -46.55 27.72 54.16
C GLU P 28 -46.13 26.44 54.90
N PRO P 29 -44.93 25.92 54.63
CA PRO P 29 -44.47 24.73 55.33
C PRO P 29 -44.13 25.03 56.79
N ARG P 30 -44.46 24.09 57.67
CA ARG P 30 -44.05 24.16 59.07
C ARG P 30 -43.91 22.72 59.59
N GLN P 31 -42.69 22.21 59.56
CA GLN P 31 -42.44 20.82 59.92
C GLN P 31 -42.22 20.70 61.42
N VAL P 32 -43.03 19.87 62.07
CA VAL P 32 -42.90 19.65 63.51
C VAL P 32 -42.91 18.15 63.78
N THR P 33 -42.91 17.35 62.72
CA THR P 33 -42.97 15.89 62.84
C THR P 33 -42.34 15.24 61.62
N PRO P 34 -41.49 14.22 61.80
CA PRO P 34 -40.95 13.48 60.64
C PRO P 34 -41.89 12.41 60.15
N ASN P 35 -43.10 12.84 59.76
CA ASN P 35 -44.15 11.91 59.36
C ASN P 35 -43.79 11.23 58.04
N ASP P 36 -43.95 9.91 57.99
CA ASP P 36 -43.68 9.14 56.79
C ASP P 36 -44.68 9.41 55.68
N HIS P 37 -45.83 9.99 55.99
CA HIS P 37 -46.86 10.29 55.00
C HIS P 37 -47.40 11.70 55.21
N ALA P 38 -46.48 12.66 55.37
CA ALA P 38 -46.87 14.03 55.67
C ALA P 38 -47.62 14.67 54.50
N ASN P 39 -47.34 14.23 53.27
CA ASN P 39 -48.03 14.79 52.11
C ASN P 39 -49.53 14.51 52.17
N ALA P 40 -49.90 13.29 52.58
CA ALA P 40 -51.31 12.94 52.69
C ALA P 40 -52.01 13.82 53.72
N ARG P 41 -51.38 14.03 54.88
CA ARG P 41 -51.99 14.84 55.92
C ARG P 41 -52.10 16.29 55.47
N ALA P 42 -51.09 16.81 54.78
CA ALA P 42 -51.15 18.18 54.27
C ALA P 42 -52.29 18.34 53.27
N PHE P 43 -52.42 17.39 52.35
CA PHE P 43 -53.49 17.47 51.36
C PHE P 43 -54.85 17.38 52.04
N SER P 44 -55.00 16.50 53.02
CA SER P 44 -56.27 16.38 53.73
C SER P 44 -56.59 17.66 54.49
N HIS P 45 -55.58 18.28 55.11
CA HIS P 45 -55.79 19.52 55.84
C HIS P 45 -56.28 20.62 54.91
N LEU P 46 -55.61 20.81 53.78
CA LEU P 46 -56.06 21.83 52.84
C LEU P 46 -57.40 21.47 52.22
N ALA P 47 -57.70 20.18 52.05
CA ALA P 47 -59.01 19.80 51.55
C ALA P 47 -60.12 20.18 52.51
N ILE P 48 -59.89 19.96 53.81
CA ILE P 48 -60.88 20.35 54.81
C ILE P 48 -61.02 21.87 54.85
N LYS P 49 -59.91 22.59 54.74
CA LYS P 49 -60.00 24.06 54.72
C LYS P 49 -60.76 24.55 53.50
N LEU P 50 -60.51 23.95 52.34
CA LEU P 50 -61.25 24.30 51.13
C LEU P 50 -62.74 24.02 51.28
N ILE P 51 -63.07 22.87 51.87
CA ILE P 51 -64.46 22.52 52.10
C ILE P 51 -65.14 23.54 53.01
N GLU P 52 -64.45 23.91 54.09
CA GLU P 52 -65.01 24.88 55.03
C GLU P 52 -65.20 26.24 54.36
N GLN P 53 -64.25 26.66 53.54
CA GLN P 53 -64.38 27.94 52.85
C GLN P 53 -65.54 27.92 51.85
N GLU P 54 -65.70 26.81 51.13
CA GLU P 54 -66.61 26.77 49.99
C GLU P 54 -68.07 26.56 50.37
N ILE P 55 -68.39 26.33 51.65
CA ILE P 55 -69.76 26.00 52.01
C ILE P 55 -70.32 27.02 53.00
N ASP P 56 -71.56 26.80 53.42
CA ASP P 56 -72.28 27.75 54.28
C ASP P 56 -71.66 27.79 55.66
N PRO P 57 -71.25 28.96 56.16
CA PRO P 57 -70.73 29.04 57.53
C PRO P 57 -71.74 28.66 58.60
N ASP P 58 -73.04 28.72 58.32
CA ASP P 58 -74.07 28.36 59.29
C ASP P 58 -74.77 27.09 58.79
N SER P 59 -74.18 25.94 59.14
CA SER P 59 -74.73 24.64 58.78
C SER P 59 -74.01 23.58 59.60
N THR P 60 -74.78 22.66 60.18
CA THR P 60 -74.19 21.52 60.88
C THR P 60 -73.43 20.65 59.88
N ILE P 61 -72.19 20.30 60.20
CA ILE P 61 -71.29 19.65 59.26
C ILE P 61 -70.98 18.27 59.85
N LEU P 62 -71.70 17.25 59.39
CA LEU P 62 -71.42 15.88 59.82
C LEU P 62 -70.31 15.29 58.96
N ASP P 63 -69.31 14.71 59.60
CA ASP P 63 -68.21 14.03 58.94
C ASP P 63 -68.28 12.55 59.27
N ILE P 64 -68.32 11.71 58.25
CA ILE P 64 -68.54 10.28 58.42
C ILE P 64 -67.22 9.60 58.77
N GLY P 65 -67.23 8.81 59.83
CA GLY P 65 -66.05 8.07 60.23
C GLY P 65 -64.84 8.94 60.50
N SER P 66 -65.05 10.07 61.18
CA SER P 66 -64.01 11.06 61.35
C SER P 66 -63.32 10.90 62.70
N ALA P 67 -62.09 11.42 62.78
CA ALA P 67 -61.39 11.51 64.04
C ALA P 67 -61.72 12.83 64.71
N PRO P 68 -62.34 12.83 65.89
CA PRO P 68 -62.79 14.09 66.50
C PRO P 68 -61.65 15.02 66.89
N ALA P 69 -60.42 14.51 67.03
CA ALA P 69 -59.31 15.37 67.43
C ALA P 69 -58.94 16.37 66.33
N ARG P 70 -59.08 16.00 65.07
CA ARG P 70 -58.70 16.87 63.98
C ARG P 70 -59.69 18.02 63.77
N ARG P 71 -60.89 17.90 64.33
CA ARG P 71 -61.92 18.92 64.16
C ARG P 71 -61.84 20.02 65.21
N MET P 72 -60.80 20.04 66.03
CA MET P 72 -60.62 21.10 67.01
C MET P 72 -60.30 22.43 66.31
N MET P 73 -60.50 23.51 67.05
CA MET P 73 -60.20 24.86 66.58
C MET P 73 -60.98 25.21 65.32
N SER P 74 -62.16 24.62 65.17
CA SER P 74 -63.05 24.87 64.03
C SER P 74 -64.38 25.38 64.59
N ASP P 75 -64.66 26.67 64.37
CA ASP P 75 -65.88 27.27 64.90
C ASP P 75 -67.14 26.67 64.29
N ARG P 76 -67.02 26.01 63.14
CA ARG P 76 -68.17 25.39 62.50
C ARG P 76 -68.65 24.20 63.33
N LYS P 77 -69.97 24.03 63.40
CA LYS P 77 -70.53 22.88 64.08
C LYS P 77 -70.17 21.61 63.35
N TYR P 78 -69.73 20.60 64.11
CA TYR P 78 -69.29 19.33 63.54
C TYR P 78 -70.00 18.18 64.25
N HIS P 79 -70.63 17.31 63.46
CA HIS P 79 -71.18 16.04 63.95
C HIS P 79 -70.15 14.95 63.70
N CYS P 80 -69.20 14.84 64.62
CA CYS P 80 -68.13 13.85 64.49
C CYS P 80 -68.73 12.47 64.72
N VAL P 81 -69.00 11.77 63.63
CA VAL P 81 -69.59 10.43 63.71
C VAL P 81 -68.47 9.43 64.01
N CYS P 82 -68.62 8.68 65.09
N CYS P 82 -68.61 8.68 65.09
CA CYS P 82 -67.62 7.71 65.53
CA CYS P 82 -67.62 7.71 65.53
C CYS P 82 -68.31 6.37 65.76
C CYS P 82 -68.33 6.37 65.76
N PRO P 83 -68.51 5.58 64.71
CA PRO P 83 -69.21 4.29 64.86
C PRO P 83 -68.50 3.29 65.76
N MET P 84 -67.24 3.54 66.13
CA MET P 84 -66.47 2.66 67.01
C MET P 84 -66.20 1.32 66.37
N ARG P 85 -66.16 1.28 65.03
CA ARG P 85 -66.04 0.03 64.30
C ARG P 85 -64.58 -0.42 64.15
N SER P 86 -63.69 0.49 63.75
CA SER P 86 -62.29 0.15 63.63
C SER P 86 -61.62 0.07 65.01
N ALA P 87 -60.44 -0.52 65.03
CA ALA P 87 -59.71 -0.71 66.28
C ALA P 87 -58.88 0.50 66.69
N GLU P 88 -58.69 1.47 65.80
CA GLU P 88 -58.00 2.71 66.18
C GLU P 88 -58.93 3.70 66.86
N ASP P 89 -60.24 3.52 66.73
CA ASP P 89 -61.19 4.48 67.27
C ASP P 89 -61.10 4.71 68.78
N PRO P 90 -60.97 3.69 69.64
CA PRO P 90 -60.97 3.98 71.09
C PRO P 90 -59.87 4.94 71.52
N GLU P 91 -58.68 4.83 70.95
CA GLU P 91 -57.59 5.72 71.33
C GLU P 91 -57.72 7.08 70.66
N ARG P 92 -58.37 7.15 69.49
CA ARG P 92 -58.74 8.46 68.97
C ARG P 92 -59.69 9.17 69.92
N LEU P 93 -60.68 8.46 70.45
CA LEU P 93 -61.57 9.07 71.43
C LEU P 93 -60.82 9.42 72.71
N ALA P 94 -59.85 8.59 73.11
CA ALA P 94 -59.06 8.89 74.30
C ALA P 94 -58.27 10.18 74.12
N ASN P 95 -57.62 10.35 72.97
CA ASN P 95 -56.89 11.59 72.70
C ASN P 95 -57.85 12.77 72.61
N TYR P 96 -59.02 12.57 72.01
CA TYR P 96 -60.01 13.63 71.93
C TYR P 96 -60.46 14.07 73.32
N ALA P 97 -60.69 13.11 74.21
CA ALA P 97 -61.09 13.44 75.57
C ALA P 97 -59.95 14.11 76.35
N ARG P 98 -58.71 13.68 76.08
CA ARG P 98 -57.56 14.35 76.70
C ARG P 98 -57.50 15.81 76.29
N LYS P 99 -57.68 16.08 75.00
CA LYS P 99 -57.65 17.47 74.53
C LYS P 99 -58.83 18.27 75.07
N LEU P 100 -60.02 17.66 75.11
CA LEU P 100 -61.19 18.35 75.64
C LEU P 100 -61.05 18.63 77.14
N ALA P 101 -60.30 17.79 77.85
CA ALA P 101 -60.06 17.99 79.28
C ALA P 101 -58.84 18.86 79.56
N SER P 102 -58.05 19.19 78.55
CA SER P 102 -56.86 20.00 78.73
C SER P 102 -57.07 21.47 78.35
N ALA P 103 -58.30 21.85 77.96
CA ALA P 103 -58.57 23.21 77.53
C ALA P 103 -59.90 23.69 78.09
N ALA P 104 -60.26 23.21 79.29
CA ALA P 104 -61.52 23.63 79.91
C ALA P 104 -61.53 25.12 80.19
N GLY P 105 -60.47 25.63 80.82
CA GLY P 105 -60.36 27.05 81.11
C GLY P 105 -59.44 27.79 80.17
N LYS P 106 -59.14 27.19 79.03
CA LYS P 106 -58.18 27.75 78.08
C LYS P 106 -58.85 28.39 76.87
N VAL P 107 -59.72 27.66 76.18
CA VAL P 107 -60.40 28.16 75.00
C VAL P 107 -61.90 28.11 75.24
N LEU P 108 -62.61 29.16 74.81
CA LEU P 108 -64.05 29.24 75.01
C LEU P 108 -64.84 29.44 73.73
N ASP P 109 -64.22 29.85 72.62
CA ASP P 109 -64.94 30.11 71.38
C ASP P 109 -65.18 28.86 70.55
N ARG P 110 -64.67 27.70 70.97
CA ARG P 110 -64.77 26.48 70.19
C ARG P 110 -65.81 25.52 70.75
N ASN P 111 -66.77 26.03 71.53
CA ASN P 111 -67.88 25.26 72.11
C ASN P 111 -67.40 23.98 72.80
N ILE P 112 -66.17 24.00 73.31
CA ILE P 112 -65.62 22.85 74.03
C ILE P 112 -66.41 22.61 75.32
N SER P 113 -66.90 23.68 75.95
CA SER P 113 -67.70 23.53 77.16
C SER P 113 -68.93 22.67 76.90
N GLY P 114 -69.55 22.82 75.72
CA GLY P 114 -70.63 21.94 75.32
C GLY P 114 -70.18 20.60 74.80
N LYS P 115 -68.97 20.53 74.25
CA LYS P 115 -68.45 19.24 73.79
C LYS P 115 -68.20 18.30 74.95
N ILE P 116 -67.79 18.83 76.11
CA ILE P 116 -67.63 18.00 77.30
C ILE P 116 -68.96 17.40 77.70
N GLY P 117 -70.03 18.20 77.69
CA GLY P 117 -71.34 17.67 78.01
C GLY P 117 -71.82 16.65 76.99
N ASP P 118 -71.52 16.89 75.71
CA ASP P 118 -71.88 15.93 74.67
C ASP P 118 -71.19 14.59 74.89
N LEU P 119 -69.89 14.64 75.21
CA LEU P 119 -69.16 13.41 75.52
C LEU P 119 -69.75 12.71 76.74
N GLN P 120 -69.98 13.46 77.82
CA GLN P 120 -70.56 12.85 79.01
C GLN P 120 -71.94 12.27 78.71
N ALA P 121 -72.64 12.80 77.71
CA ALA P 121 -73.92 12.25 77.31
C ALA P 121 -73.76 10.95 76.55
N VAL P 122 -72.76 10.87 75.65
CA VAL P 122 -72.66 9.68 74.81
C VAL P 122 -72.17 8.48 75.60
N MET P 123 -71.39 8.69 76.67
CA MET P 123 -70.95 7.60 77.52
C MET P 123 -71.96 7.27 78.61
N ALA P 124 -73.21 7.70 78.46
CA ALA P 124 -74.29 7.37 79.39
C ALA P 124 -75.30 6.41 78.78
N VAL P 125 -75.85 6.74 77.62
CA VAL P 125 -76.73 5.87 76.86
C VAL P 125 -76.08 5.63 75.50
N PRO P 126 -75.94 4.38 75.06
CA PRO P 126 -75.23 4.14 73.78
C PRO P 126 -75.91 4.75 72.57
N ASP P 127 -77.20 5.09 72.66
CA ASP P 127 -77.93 5.70 71.55
C ASP P 127 -78.16 7.19 71.78
N THR P 128 -77.24 7.86 72.46
CA THR P 128 -77.38 9.29 72.74
C THR P 128 -76.96 10.08 71.52
N GLU P 129 -77.94 10.62 70.80
CA GLU P 129 -77.67 11.44 69.62
C GLU P 129 -77.56 12.90 70.05
N THR P 130 -76.39 13.28 70.53
CA THR P 130 -76.12 14.67 70.86
C THR P 130 -75.98 15.50 69.59
N PRO P 131 -76.16 16.81 69.68
CA PRO P 131 -76.02 17.64 68.46
C PRO P 131 -74.67 17.54 67.79
N THR P 132 -73.59 17.36 68.57
CA THR P 132 -72.24 17.43 68.02
C THR P 132 -71.50 16.09 68.01
N PHE P 133 -71.98 15.07 68.70
CA PHE P 133 -71.26 13.81 68.78
C PHE P 133 -72.23 12.66 68.94
N CYS P 134 -71.92 11.53 68.31
CA CYS P 134 -72.74 10.34 68.41
C CYS P 134 -71.90 9.13 68.05
N LEU P 135 -72.38 7.95 68.44
CA LEU P 135 -71.71 6.68 68.16
C LEU P 135 -72.68 5.80 67.39
N HIS P 136 -72.69 5.95 66.07
CA HIS P 136 -73.53 5.15 65.20
C HIS P 136 -72.86 5.07 63.83
N THR P 137 -73.25 4.06 63.06
CA THR P 137 -72.81 3.99 61.68
C THR P 137 -73.54 5.03 60.84
N ASP P 138 -73.01 5.28 59.64
CA ASP P 138 -73.60 6.30 58.77
C ASP P 138 -74.98 5.91 58.27
N VAL P 139 -75.35 4.63 58.38
CA VAL P 139 -76.65 4.16 57.92
C VAL P 139 -77.65 4.02 59.07
N SER P 140 -77.28 4.46 60.27
CA SER P 140 -78.18 4.39 61.43
C SER P 140 -78.27 5.68 62.22
N CYS P 141 -77.39 6.65 61.98
CA CYS P 141 -77.49 7.93 62.68
C CYS P 141 -78.76 8.66 62.29
N ARG P 142 -79.38 9.33 63.26
CA ARG P 142 -80.65 10.01 63.06
C ARG P 142 -80.51 11.53 63.01
N GLN P 143 -79.30 12.07 63.07
CA GLN P 143 -79.13 13.52 62.98
C GLN P 143 -79.49 14.01 61.59
N ARG P 144 -80.12 15.17 61.53
CA ARG P 144 -80.56 15.79 60.28
C ARG P 144 -79.75 17.05 60.05
N ALA P 145 -78.63 16.91 59.35
CA ALA P 145 -77.77 18.04 58.99
C ALA P 145 -77.79 18.26 57.49
N ASP P 146 -76.94 19.17 57.03
CA ASP P 146 -76.98 19.63 55.64
C ASP P 146 -75.80 19.16 54.79
N VAL P 147 -74.63 18.95 55.38
CA VAL P 147 -73.42 18.60 54.62
C VAL P 147 -72.77 17.37 55.24
N ALA P 148 -72.32 16.46 54.39
CA ALA P 148 -71.60 15.26 54.80
C ALA P 148 -70.15 15.35 54.35
N ILE P 149 -69.24 14.79 55.15
CA ILE P 149 -67.82 14.77 54.83
C ILE P 149 -67.30 13.36 55.02
N TYR P 150 -66.58 12.85 54.01
CA TYR P 150 -65.95 11.54 54.06
C TYR P 150 -64.46 11.74 53.82
N GLN P 151 -63.72 11.97 54.90
CA GLN P 151 -62.27 12.18 54.82
C GLN P 151 -61.57 10.84 55.03
N ASP P 152 -60.90 10.35 53.98
CA ASP P 152 -60.17 9.09 54.03
C ASP P 152 -61.08 7.94 54.45
N VAL P 153 -62.29 7.93 53.92
CA VAL P 153 -63.29 6.90 54.21
C VAL P 153 -63.47 6.08 52.94
N TYR P 154 -62.82 4.92 52.88
CA TYR P 154 -62.90 4.04 51.73
C TYR P 154 -63.65 2.74 51.99
N ALA P 155 -63.91 2.41 53.26
CA ALA P 155 -64.46 1.11 53.62
C ALA P 155 -65.97 1.13 53.81
N VAL P 156 -66.68 1.99 53.08
CA VAL P 156 -68.13 2.04 53.12
C VAL P 156 -68.66 2.13 51.71
N HIS P 157 -69.91 1.72 51.53
CA HIS P 157 -70.54 1.72 50.21
C HIS P 157 -71.02 3.13 49.89
N ALA P 158 -70.51 3.68 48.79
CA ALA P 158 -70.86 5.06 48.44
C ALA P 158 -72.35 5.25 48.19
N PRO P 159 -73.03 4.45 47.37
CA PRO P 159 -74.46 4.73 47.14
C PRO P 159 -75.31 4.59 48.39
N THR P 160 -75.08 3.57 49.20
CA THR P 160 -75.89 3.37 50.40
C THR P 160 -75.73 4.52 51.38
N SER P 161 -74.47 4.88 51.69
CA SER P 161 -74.23 5.98 52.61
C SER P 161 -74.73 7.30 52.06
N LEU P 162 -74.53 7.54 50.77
CA LEU P 162 -74.98 8.78 50.16
C LEU P 162 -76.50 8.90 50.24
N TYR P 163 -77.21 7.80 49.97
CA TYR P 163 -78.67 7.81 50.12
C TYR P 163 -79.07 8.02 51.57
N HIS P 164 -78.37 7.38 52.51
CA HIS P 164 -78.75 7.49 53.91
C HIS P 164 -78.56 8.91 54.43
N GLN P 165 -77.56 9.63 53.94
CA GLN P 165 -77.43 11.04 54.28
C GLN P 165 -78.37 11.93 53.48
N ALA P 166 -78.69 11.55 52.24
CA ALA P 166 -79.64 12.34 51.45
C ALA P 166 -81.02 12.34 52.08
N ILE P 167 -81.46 11.18 52.60
CA ILE P 167 -82.74 11.12 53.31
C ILE P 167 -82.66 11.77 54.68
N LYS P 168 -81.50 12.29 55.07
CA LYS P 168 -81.33 13.00 56.32
C LYS P 168 -81.18 14.51 56.13
N GLY P 169 -81.48 15.01 54.94
CA GLY P 169 -81.37 16.43 54.65
C GLY P 169 -80.03 16.89 54.14
N VAL P 170 -79.03 16.01 54.07
CA VAL P 170 -77.69 16.38 53.64
C VAL P 170 -77.73 16.65 52.14
N ARG P 171 -77.46 17.90 51.75
CA ARG P 171 -77.46 18.28 50.35
C ARG P 171 -76.07 18.26 49.72
N LEU P 172 -75.01 18.39 50.52
CA LEU P 172 -73.64 18.44 50.03
C LEU P 172 -72.83 17.35 50.71
N ALA P 173 -72.00 16.66 49.94
CA ALA P 173 -71.10 15.64 50.45
C ALA P 173 -69.72 15.86 49.84
N TYR P 174 -68.68 15.62 50.63
CA TYR P 174 -67.30 15.76 50.18
C TYR P 174 -66.57 14.46 50.48
N TRP P 175 -65.87 13.92 49.48
CA TRP P 175 -65.07 12.72 49.64
C TRP P 175 -63.62 13.06 49.33
N VAL P 176 -62.78 13.07 50.37
CA VAL P 176 -61.35 13.32 50.21
C VAL P 176 -60.64 11.98 50.39
N GLY P 177 -60.02 11.50 49.32
CA GLY P 177 -59.39 10.19 49.41
C GLY P 177 -58.52 9.93 48.20
N PHE P 178 -57.94 8.73 48.19
CA PHE P 178 -57.10 8.33 47.08
C PHE P 178 -57.94 8.15 45.82
N ASP P 179 -57.31 8.42 44.67
CA ASP P 179 -57.99 8.27 43.39
C ASP P 179 -58.43 6.83 43.20
N THR P 180 -59.69 6.65 42.78
CA THR P 180 -60.27 5.33 42.57
C THR P 180 -60.15 4.85 41.14
N THR P 181 -59.56 5.64 40.25
CA THR P 181 -59.34 5.19 38.88
C THR P 181 -58.51 3.92 38.78
N PRO P 182 -57.42 3.72 39.54
CA PRO P 182 -56.66 2.48 39.39
C PRO P 182 -57.46 1.21 39.69
N PHE P 183 -58.50 1.30 40.50
CA PHE P 183 -59.31 0.13 40.81
C PHE P 183 -60.41 -0.12 39.79
N MET P 184 -60.84 0.90 39.05
CA MET P 184 -61.69 0.68 37.90
C MET P 184 -60.96 -0.03 36.77
N TYR P 185 -59.64 0.04 36.75
CA TYR P 185 -58.82 -0.68 35.78
C TYR P 185 -58.47 -2.09 36.23
N ASN P 186 -58.82 -2.46 37.46
CA ASN P 186 -58.56 -3.79 38.01
C ASN P 186 -57.06 -4.12 37.99
N ALA P 187 -56.30 -3.31 38.73
CA ALA P 187 -54.86 -3.52 38.87
C ALA P 187 -54.57 -4.39 40.07
N MET P 188 -53.60 -5.29 39.92
CA MET P 188 -53.23 -6.17 41.03
C MET P 188 -52.42 -5.44 42.10
N ALA P 189 -51.61 -4.47 41.69
CA ALA P 189 -50.83 -3.67 42.62
C ALA P 189 -50.71 -2.26 42.06
N GLY P 190 -50.32 -1.33 42.91
CA GLY P 190 -50.19 0.05 42.46
C GLY P 190 -49.49 0.91 43.47
N ALA P 191 -49.19 2.14 43.06
CA ALA P 191 -48.44 3.06 43.88
C ALA P 191 -48.86 4.49 43.59
N TYR P 192 -48.95 5.29 44.66
CA TYR P 192 -49.00 6.75 44.59
C TYR P 192 -47.65 7.25 45.07
N PRO P 193 -46.68 7.38 44.17
CA PRO P 193 -45.31 7.73 44.61
C PRO P 193 -45.20 9.08 45.29
N SER P 194 -45.99 10.06 44.88
CA SER P 194 -45.90 11.40 45.45
C SER P 194 -46.36 11.46 46.89
N TYR P 195 -47.02 10.41 47.38
CA TYR P 195 -47.47 10.35 48.77
C TYR P 195 -46.81 9.20 49.52
N SER P 196 -45.76 8.60 48.92
CA SER P 196 -45.09 7.44 49.50
C SER P 196 -46.06 6.30 49.77
N THR P 197 -47.09 6.18 48.94
CA THR P 197 -48.16 5.23 49.17
C THR P 197 -48.03 4.05 48.22
N ASN P 198 -48.21 2.85 48.75
CA ASN P 198 -48.26 1.65 47.92
C ASN P 198 -49.49 0.85 48.29
N TRP P 199 -49.93 -0.01 47.38
CA TRP P 199 -51.05 -0.89 47.69
C TRP P 199 -50.91 -2.16 46.85
N ALA P 200 -51.30 -3.28 47.45
CA ALA P 200 -51.15 -4.55 46.76
C ALA P 200 -52.32 -5.47 47.12
N ASP P 201 -52.72 -6.29 46.15
CA ASP P 201 -53.67 -7.37 46.43
C ASP P 201 -53.02 -8.41 47.34
N GLU P 202 -53.84 -9.01 48.20
CA GLU P 202 -53.32 -9.97 49.17
C GLU P 202 -52.67 -11.17 48.50
N GLN P 203 -52.97 -11.44 47.24
CA GLN P 203 -52.35 -12.55 46.53
C GLN P 203 -50.89 -12.28 46.18
N VAL P 204 -50.48 -11.01 46.12
CA VAL P 204 -49.14 -10.66 45.68
C VAL P 204 -48.39 -9.89 46.76
N LEU P 205 -48.74 -10.12 48.02
CA LEU P 205 -48.00 -9.49 49.11
C LEU P 205 -46.64 -10.12 49.33
N LYS P 206 -46.42 -11.35 48.86
CA LYS P 206 -45.13 -12.01 48.93
C LYS P 206 -44.33 -11.85 47.65
N ALA P 207 -44.58 -10.78 46.90
CA ALA P 207 -43.83 -10.50 45.69
C ALA P 207 -42.42 -10.03 46.04
N LYS P 208 -41.66 -9.68 45.01
CA LYS P 208 -40.25 -9.34 45.17
C LYS P 208 -39.93 -7.89 44.85
N ASN P 209 -40.45 -7.35 43.75
CA ASN P 209 -40.00 -6.06 43.23
C ASN P 209 -41.18 -5.12 42.99
N ILE P 210 -42.15 -5.10 43.90
CA ILE P 210 -43.21 -4.12 43.86
C ILE P 210 -43.11 -3.26 45.12
N GLY P 211 -43.92 -2.22 45.18
CA GLY P 211 -43.80 -1.25 46.27
C GLY P 211 -44.10 -1.86 47.62
N LEU P 212 -45.16 -2.64 47.74
CA LEU P 212 -45.58 -3.24 49.00
C LEU P 212 -45.48 -4.76 48.87
N CYS P 213 -44.34 -5.31 49.29
CA CYS P 213 -44.12 -6.75 49.26
C CYS P 213 -42.96 -7.08 50.18
N SER P 214 -42.81 -8.37 50.49
CA SER P 214 -41.66 -8.87 51.22
C SER P 214 -41.52 -10.35 50.93
N THR P 215 -40.33 -10.77 50.51
CA THR P 215 -40.09 -12.18 50.21
C THR P 215 -38.80 -12.64 50.88
N ASP P 216 -38.51 -13.94 50.78
CA ASP P 216 -37.36 -14.53 51.44
C ASP P 216 -36.37 -15.05 50.41
N LEU P 217 -35.12 -15.22 50.84
CA LEU P 217 -34.09 -15.77 49.98
C LEU P 217 -34.29 -17.27 49.83
N THR P 218 -34.25 -17.75 48.59
CA THR P 218 -34.40 -19.17 48.30
C THR P 218 -33.43 -19.57 47.20
N GLU P 219 -33.10 -20.85 47.17
CA GLU P 219 -32.18 -21.39 46.17
C GLU P 219 -32.89 -21.89 44.91
N GLY P 220 -34.21 -21.88 44.88
CA GLY P 220 -34.93 -22.41 43.75
C GLY P 220 -35.32 -23.86 43.95
N ARG P 221 -35.88 -24.17 45.11
CA ARG P 221 -36.22 -25.53 45.48
C ARG P 221 -37.59 -25.91 44.91
N ARG P 222 -38.10 -27.07 45.30
CA ARG P 222 -39.43 -27.49 44.91
C ARG P 222 -40.47 -26.58 45.53
N GLY P 223 -41.49 -26.23 44.74
CA GLY P 223 -42.53 -25.35 45.22
C GLY P 223 -43.49 -26.04 46.16
N LYS P 224 -44.40 -25.25 46.72
CA LYS P 224 -45.38 -25.76 47.66
C LYS P 224 -46.33 -26.74 46.95
N LEU P 225 -46.65 -27.83 47.64
CA LEU P 225 -47.66 -28.77 47.16
C LEU P 225 -49.03 -28.17 47.45
N SER P 226 -49.39 -27.17 46.65
CA SER P 226 -50.59 -26.37 46.91
C SER P 226 -51.85 -27.22 46.80
N ILE P 227 -52.78 -26.98 47.72
CA ILE P 227 -54.07 -27.67 47.67
C ILE P 227 -54.88 -27.16 46.48
N MET P 228 -54.79 -25.87 46.18
CA MET P 228 -55.48 -25.28 45.05
C MET P 228 -54.57 -25.31 43.82
N ARG P 229 -55.19 -25.50 42.65
CA ARG P 229 -54.40 -25.59 41.42
C ARG P 229 -53.91 -24.22 40.99
N GLY P 230 -54.59 -23.14 41.40
CA GLY P 230 -54.29 -21.84 40.87
C GLY P 230 -54.73 -21.73 39.43
N LYS P 231 -53.76 -21.70 38.51
CA LYS P 231 -54.00 -21.66 37.08
C LYS P 231 -54.62 -20.34 36.64
N LYS P 232 -54.84 -19.42 37.58
CA LYS P 232 -55.30 -18.09 37.25
C LYS P 232 -54.93 -17.16 38.40
N LEU P 233 -54.44 -15.97 38.05
CA LEU P 233 -54.07 -14.95 39.03
C LEU P 233 -54.88 -13.70 38.72
N GLU P 234 -55.97 -13.49 39.45
N GLU P 234 -55.95 -13.48 39.47
CA GLU P 234 -56.83 -12.36 39.24
CA GLU P 234 -56.89 -12.40 39.27
C GLU P 234 -56.99 -11.59 40.54
C GLU P 234 -57.03 -11.60 40.55
N PRO P 235 -57.13 -10.27 40.47
CA PRO P 235 -57.26 -9.47 41.69
C PRO P 235 -58.47 -9.87 42.53
N CYS P 236 -58.27 -9.92 43.83
CA CYS P 236 -59.32 -10.26 44.78
C CYS P 236 -59.81 -9.02 45.50
N ASP P 237 -60.89 -9.18 46.26
CA ASP P 237 -61.53 -8.04 46.91
C ASP P 237 -60.60 -7.39 47.93
N ARG P 238 -59.87 -8.18 48.71
CA ARG P 238 -59.05 -7.65 49.78
C ARG P 238 -57.73 -7.11 49.23
N VAL P 239 -57.44 -5.85 49.50
CA VAL P 239 -56.17 -5.23 49.18
C VAL P 239 -55.63 -4.57 50.44
N LEU P 240 -54.32 -4.32 50.43
CA LEU P 240 -53.64 -3.66 51.53
C LEU P 240 -53.04 -2.35 51.05
N PHE P 241 -53.31 -1.28 51.77
CA PHE P 241 -52.74 0.04 51.54
C PHE P 241 -51.69 0.33 52.60
N SER P 242 -50.54 0.85 52.15
CA SER P 242 -49.50 1.35 53.03
C SER P 242 -49.26 2.81 52.66
N VAL P 243 -49.76 3.72 53.50
CA VAL P 243 -49.55 5.14 53.33
C VAL P 243 -48.43 5.55 54.29
N GLY P 244 -47.20 5.51 53.79
CA GLY P 244 -46.05 5.67 54.67
C GLY P 244 -45.73 4.37 55.37
N SER P 245 -46.04 4.30 56.67
CA SER P 245 -45.83 3.09 57.46
C SER P 245 -47.12 2.70 58.18
N THR P 246 -48.26 3.05 57.60
CA THR P 246 -49.56 2.78 58.20
C THR P 246 -50.37 1.88 57.29
N LEU P 247 -50.96 0.82 57.86
CA LEU P 247 -51.70 -0.17 57.09
C LEU P 247 -53.20 0.11 57.11
N TYR P 248 -53.84 -0.13 55.96
CA TYR P 248 -55.30 -0.15 55.85
C TYR P 248 -55.74 -1.32 55.00
N PRO P 249 -56.54 -2.24 55.52
CA PRO P 249 -57.16 -3.28 54.69
C PRO P 249 -58.42 -2.76 54.02
N GLU P 250 -58.42 -2.72 52.70
N GLU P 250 -58.42 -2.72 52.70
CA GLU P 250 -59.51 -2.17 51.91
CA GLU P 250 -59.52 -2.17 51.93
C GLU P 250 -60.11 -3.26 51.02
C GLU P 250 -60.11 -3.26 51.02
N SER P 251 -61.30 -2.97 50.50
CA SER P 251 -62.01 -3.88 49.60
C SER P 251 -62.21 -3.21 48.25
N ARG P 252 -62.02 -3.99 47.18
CA ARG P 252 -62.13 -3.44 45.84
C ARG P 252 -63.54 -2.99 45.53
N LYS P 253 -64.55 -3.74 45.97
CA LYS P 253 -65.93 -3.36 45.70
C LYS P 253 -66.26 -2.02 46.32
N LEU P 254 -65.88 -1.82 47.59
CA LEU P 254 -66.18 -0.58 48.27
C LEU P 254 -65.38 0.58 47.69
N LEU P 255 -64.15 0.32 47.25
CA LEU P 255 -63.36 1.37 46.61
C LEU P 255 -63.99 1.79 45.28
N LYS P 256 -64.42 0.82 44.48
CA LYS P 256 -65.05 1.12 43.20
C LYS P 256 -66.41 1.79 43.38
N SER P 257 -67.08 1.54 44.51
CA SER P 257 -68.34 2.21 44.76
C SER P 257 -68.19 3.71 44.79
N TRP P 258 -67.06 4.21 45.25
CA TRP P 258 -66.80 5.65 45.33
C TRP P 258 -66.38 6.27 44.01
N HIS P 259 -66.13 5.45 42.98
CA HIS P 259 -65.87 5.97 41.63
C HIS P 259 -67.19 6.28 40.94
N LEU P 260 -67.88 7.28 41.50
CA LEU P 260 -69.22 7.60 41.05
C LEU P 260 -69.18 8.27 39.68
N PRO P 261 -70.21 8.06 38.86
CA PRO P 261 -70.29 8.76 37.57
C PRO P 261 -70.67 10.22 37.78
N SER P 262 -70.59 10.98 36.69
CA SER P 262 -70.94 12.40 36.76
C SER P 262 -72.41 12.58 37.11
N VAL P 263 -73.29 11.75 36.55
CA VAL P 263 -74.72 11.80 36.82
C VAL P 263 -75.18 10.41 37.19
N PHE P 264 -75.88 10.29 38.32
CA PHE P 264 -76.44 9.01 38.75
C PHE P 264 -77.70 9.27 39.56
N HIS P 265 -78.52 8.23 39.68
CA HIS P 265 -79.82 8.32 40.33
C HIS P 265 -79.82 7.51 41.63
N LEU P 266 -80.50 8.04 42.63
CA LEU P 266 -80.71 7.35 43.91
C LEU P 266 -82.18 7.01 44.03
N LYS P 267 -82.51 5.73 43.87
CA LYS P 267 -83.90 5.27 43.81
C LYS P 267 -84.18 4.40 45.04
N GLY P 268 -84.88 4.97 46.01
CA GLY P 268 -85.29 4.23 47.19
C GLY P 268 -86.65 4.67 47.68
N LYS P 269 -86.78 4.91 48.99
CA LYS P 269 -88.01 5.48 49.52
C LYS P 269 -88.24 6.89 48.97
N LEU P 270 -87.21 7.72 48.99
CA LEU P 270 -87.23 9.03 48.39
C LEU P 270 -86.29 9.08 47.19
N SER P 271 -86.76 9.69 46.11
CA SER P 271 -85.96 9.80 44.90
C SER P 271 -85.27 11.16 44.82
N THR P 273 -82.00 12.91 41.75
CA THR P 273 -80.77 12.83 40.98
C THR P 273 -79.61 13.47 41.74
N CYS P 274 -78.40 13.01 41.48
CA CYS P 274 -77.20 13.50 42.15
C CYS P 274 -76.08 13.67 41.13
N ARG P 275 -75.07 14.42 41.53
CA ARG P 275 -73.85 14.61 40.77
C ARG P 275 -72.60 14.31 41.56
N CYS P 276 -71.54 13.95 40.84
CA CYS P 276 -70.23 13.71 41.44
C CYS P 276 -69.18 14.35 40.55
N ASP P 277 -68.49 15.36 41.08
CA ASP P 277 -67.46 16.08 40.35
C ASP P 277 -66.16 16.08 41.16
N THR P 278 -65.05 15.92 40.45
CA THR P 278 -63.72 15.97 41.07
C THR P 278 -63.28 17.42 41.10
N VAL P 279 -63.41 18.05 42.27
CA VAL P 279 -63.05 19.46 42.38
C VAL P 279 -61.58 19.67 42.74
N VAL P 280 -60.92 18.67 43.34
CA VAL P 280 -59.48 18.76 43.60
C VAL P 280 -58.84 17.46 43.13
N SER P 281 -57.72 17.58 42.43
CA SER P 281 -56.97 16.41 41.96
C SER P 281 -55.50 16.75 41.98
N CYS P 282 -54.71 16.03 42.78
CA CYS P 282 -53.28 16.30 42.91
C CYS P 282 -52.55 14.98 43.05
N GLU P 283 -51.95 14.52 41.95
CA GLU P 283 -50.91 13.49 41.94
C GLU P 283 -51.35 12.22 42.68
N GLY P 284 -52.63 11.91 42.60
CA GLY P 284 -53.17 10.70 43.18
C GLY P 284 -54.18 10.91 44.28
N TYR P 285 -54.24 12.09 44.89
CA TYR P 285 -55.19 12.39 45.94
C TYR P 285 -56.27 13.32 45.40
N VAL P 286 -57.53 12.96 45.62
CA VAL P 286 -58.63 13.70 45.02
C VAL P 286 -59.62 14.11 46.10
N VAL P 287 -60.32 15.19 45.82
CA VAL P 287 -61.47 15.67 46.60
C VAL P 287 -62.62 15.77 45.63
N LYS P 288 -63.64 14.94 45.82
CA LYS P 288 -64.82 14.89 44.99
C LYS P 288 -65.99 15.55 45.70
N ARG P 289 -66.68 16.46 45.01
CA ARG P 289 -67.82 17.18 45.55
C ARG P 289 -69.09 16.56 45.00
N ILE P 290 -69.79 15.79 45.83
CA ILE P 290 -71.08 15.22 45.48
C ILE P 290 -72.16 16.17 45.96
N THR P 291 -73.13 16.44 45.09
CA THR P 291 -74.25 17.31 45.45
C THR P 291 -75.56 16.57 45.23
N MET P 292 -76.46 16.70 46.18
CA MET P 292 -77.72 15.96 46.19
C MET P 292 -78.88 16.86 45.83
N SER P 293 -79.93 16.24 45.31
CA SER P 293 -81.16 16.95 44.96
C SER P 293 -82.32 15.97 44.99
N PRO P 294 -83.40 16.29 45.70
CA PRO P 294 -84.55 15.38 45.76
C PRO P 294 -85.29 15.33 44.43
N GLY P 295 -85.85 14.16 44.14
CA GLY P 295 -86.57 13.95 42.90
C GLY P 295 -85.67 13.46 41.78
N LEU P 296 -86.30 12.77 40.82
CA LEU P 296 -85.60 12.22 39.66
C LEU P 296 -85.69 13.23 38.51
N TYR P 297 -84.54 13.68 38.04
CA TYR P 297 -84.48 14.65 36.94
C TYR P 297 -83.42 14.22 35.95
N GLY P 298 -83.72 14.39 34.66
CA GLY P 298 -82.77 14.02 33.63
C GLY P 298 -82.65 12.51 33.48
N LYS P 299 -81.52 12.08 32.94
CA LYS P 299 -81.25 10.67 32.74
C LYS P 299 -79.74 10.44 32.85
N THR P 300 -79.36 9.20 33.11
CA THR P 300 -77.99 8.85 33.42
C THR P 300 -77.38 8.01 32.30
N THR P 301 -76.14 8.32 31.94
CA THR P 301 -75.39 7.54 30.97
C THR P 301 -74.62 6.39 31.61
N GLY P 302 -74.37 6.45 32.91
CA GLY P 302 -73.58 5.43 33.57
C GLY P 302 -72.10 5.50 33.30
N TYR P 303 -71.60 6.64 32.89
CA TYR P 303 -70.20 6.82 32.53
C TYR P 303 -69.48 7.69 33.55
N ALA P 304 -68.24 7.33 33.87
CA ALA P 304 -67.41 8.08 34.79
C ALA P 304 -66.12 8.50 34.08
N VAL P 305 -65.67 9.72 34.35
CA VAL P 305 -64.55 10.34 33.66
C VAL P 305 -63.49 10.71 34.68
N THR P 306 -62.24 10.35 34.39
CA THR P 306 -61.09 10.79 35.15
C THR P 306 -60.16 11.57 34.22
N HIS P 307 -59.81 12.79 34.63
CA HIS P 307 -58.91 13.64 33.86
C HIS P 307 -57.49 13.47 34.39
N HIS P 308 -56.54 13.23 33.49
CA HIS P 308 -55.16 12.94 33.89
C HIS P 308 -54.31 14.19 33.65
N ALA P 309 -54.05 14.95 34.71
CA ALA P 309 -53.06 16.02 34.63
C ALA P 309 -51.66 15.45 34.44
N ASP P 310 -51.36 14.36 35.15
N ASP P 310 -51.36 14.35 35.12
CA ASP P 310 -50.10 13.63 35.00
CA ASP P 310 -50.10 13.65 34.96
C ASP P 310 -50.38 12.29 34.33
C ASP P 310 -50.36 12.26 34.40
N GLY P 311 -49.32 11.69 33.78
CA GLY P 311 -49.48 10.40 33.13
C GLY P 311 -49.89 9.31 34.10
N PHE P 312 -50.74 8.42 33.62
CA PHE P 312 -51.19 7.26 34.39
C PHE P 312 -50.85 6.01 33.61
N LEU P 313 -50.28 5.01 34.29
CA LEU P 313 -49.85 3.80 33.62
C LEU P 313 -50.38 2.59 34.36
N MET P 314 -50.88 1.61 33.60
CA MET P 314 -51.22 0.29 34.15
C MET P 314 -50.69 -0.75 33.17
N CYS P 315 -49.69 -1.50 33.60
CA CYS P 315 -48.93 -2.34 32.68
C CYS P 315 -48.69 -3.71 33.28
N LYS P 316 -48.48 -4.68 32.40
CA LYS P 316 -48.10 -6.03 32.79
C LYS P 316 -46.63 -6.09 33.16
N THR P 317 -46.33 -6.77 34.26
CA THR P 317 -44.96 -6.99 34.69
C THR P 317 -44.83 -8.38 35.29
N THR P 318 -43.64 -8.95 35.16
CA THR P 318 -43.35 -10.31 35.62
C THR P 318 -42.51 -10.22 36.89
N ASP P 319 -43.02 -10.78 37.98
CA ASP P 319 -42.32 -10.84 39.25
C ASP P 319 -42.36 -12.28 39.78
N THR P 320 -41.90 -12.45 41.01
CA THR P 320 -41.96 -13.74 41.69
C THR P 320 -42.76 -13.58 42.97
N VAL P 321 -43.88 -14.29 43.08
CA VAL P 321 -44.68 -14.34 44.28
C VAL P 321 -44.35 -15.65 45.00
N ASP P 322 -43.78 -15.53 46.20
CA ASP P 322 -43.29 -16.69 46.96
C ASP P 322 -42.34 -17.54 46.11
N GLY P 323 -41.56 -16.90 45.26
CA GLY P 323 -40.62 -17.58 44.41
C GLY P 323 -41.18 -18.09 43.10
N GLU P 324 -42.49 -17.98 42.87
CA GLU P 324 -43.11 -18.45 41.64
C GLU P 324 -43.20 -17.28 40.66
N ARG P 325 -42.61 -17.47 39.48
CA ARG P 325 -42.60 -16.41 38.48
C ARG P 325 -43.98 -16.30 37.82
N VAL P 326 -44.65 -15.17 38.04
CA VAL P 326 -45.95 -14.90 37.47
C VAL P 326 -45.93 -13.49 36.88
N SER P 327 -46.99 -13.16 36.15
CA SER P 327 -47.14 -11.85 35.51
C SER P 327 -48.48 -11.26 35.91
N PHE P 328 -48.46 -10.00 36.35
CA PHE P 328 -49.69 -9.32 36.75
C PHE P 328 -49.56 -7.83 36.46
N SER P 329 -50.68 -7.13 36.59
CA SER P 329 -50.75 -5.72 36.25
C SER P 329 -50.43 -4.85 37.46
N VAL P 330 -49.69 -3.78 37.21
CA VAL P 330 -49.37 -2.78 38.24
C VAL P 330 -49.68 -1.40 37.66
N CYS P 331 -50.15 -0.50 38.51
CA CYS P 331 -50.49 0.85 38.11
C CYS P 331 -49.63 1.85 38.87
N THR P 332 -49.48 3.04 38.29
CA THR P 332 -48.66 4.10 38.88
C THR P 332 -48.94 5.41 38.16
N TYR P 333 -48.43 6.49 38.74
CA TYR P 333 -48.52 7.82 38.15
C TYR P 333 -47.12 8.31 37.82
N VAL P 334 -47.00 9.02 36.70
CA VAL P 334 -45.74 9.56 36.21
C VAL P 334 -45.92 11.06 36.01
N PRO P 335 -44.99 11.90 36.45
CA PRO P 335 -45.17 13.34 36.31
C PRO P 335 -45.30 13.77 34.85
N ALA P 336 -46.04 14.87 34.65
CA ALA P 336 -46.35 15.32 33.30
C ALA P 336 -45.10 15.70 32.52
N THR P 337 -44.13 16.35 33.19
CA THR P 337 -42.91 16.75 32.51
C THR P 337 -42.17 15.53 31.96
N ILE P 338 -42.10 14.45 32.74
CA ILE P 338 -41.46 13.23 32.26
C ILE P 338 -42.17 12.70 31.03
N CYS P 339 -43.51 12.64 31.08
CA CYS P 339 -44.28 12.14 29.95
C CYS P 339 -44.06 12.98 28.70
N ASP P 340 -44.04 14.30 28.84
CA ASP P 340 -43.77 15.17 27.71
C ASP P 340 -42.37 14.98 27.16
N GLN P 341 -41.39 14.73 28.04
CA GLN P 341 -40.03 14.51 27.56
C GLN P 341 -39.87 13.14 26.92
N MET P 342 -40.77 12.20 27.22
CA MET P 342 -40.71 10.88 26.62
C MET P 342 -41.38 10.80 25.25
N THR P 343 -42.13 11.83 24.85
CA THR P 343 -42.91 11.76 23.62
C THR P 343 -42.03 11.55 22.39
N GLY P 344 -40.91 12.27 22.31
CA GLY P 344 -40.08 12.19 21.13
C GLY P 344 -39.48 10.82 20.90
N ILE P 345 -38.98 10.19 21.97
CA ILE P 345 -38.28 8.92 21.81
C ILE P 345 -39.22 7.72 21.78
N LEU P 346 -40.48 7.90 22.15
CA LEU P 346 -41.43 6.79 22.13
C LEU P 346 -42.03 6.55 20.75
N ALA P 347 -41.66 7.36 19.76
CA ALA P 347 -42.13 7.13 18.39
C ALA P 347 -41.58 5.84 17.81
N THR P 348 -40.46 5.35 18.32
CA THR P 348 -39.79 4.16 17.82
C THR P 348 -39.93 3.03 18.83
N GLU P 349 -39.38 1.87 18.49
CA GLU P 349 -39.31 0.74 19.40
C GLU P 349 -38.06 0.86 20.25
N VAL P 350 -38.24 0.95 21.56
CA VAL P 350 -37.14 1.20 22.50
C VAL P 350 -37.11 0.07 23.52
N THR P 351 -35.92 -0.47 23.76
CA THR P 351 -35.77 -1.54 24.73
C THR P 351 -35.99 -1.00 26.15
N PRO P 352 -36.47 -1.84 27.06
CA PRO P 352 -36.68 -1.38 28.45
C PRO P 352 -35.41 -0.87 29.11
N GLU P 353 -34.25 -1.42 28.76
CA GLU P 353 -33.00 -0.95 29.35
C GLU P 353 -32.68 0.47 28.91
N ASP P 354 -32.77 0.74 27.60
CA ASP P 354 -32.52 2.08 27.11
C ASP P 354 -33.56 3.07 27.63
N ALA P 355 -34.82 2.63 27.69
CA ALA P 355 -35.87 3.48 28.23
C ALA P 355 -35.61 3.81 29.69
N GLN P 356 -35.15 2.83 30.47
CA GLN P 356 -34.86 3.06 31.88
C GLN P 356 -33.71 4.04 32.04
N LYS P 357 -32.65 3.87 31.24
CA LYS P 357 -31.53 4.80 31.32
C LYS P 357 -31.94 6.21 30.95
N LEU P 358 -32.76 6.37 29.92
CA LEU P 358 -33.22 7.70 29.52
C LEU P 358 -34.15 8.30 30.57
N LEU P 359 -35.00 7.49 31.18
CA LEU P 359 -35.84 7.96 32.27
C LEU P 359 -35.00 8.43 33.45
N VAL P 360 -33.94 7.69 33.77
CA VAL P 360 -33.07 8.08 34.87
C VAL P 360 -32.36 9.39 34.53
N GLY P 361 -31.91 9.53 33.28
CA GLY P 361 -31.30 10.78 32.86
C GLY P 361 -32.25 11.96 32.97
N LEU P 362 -33.52 11.75 32.63
CA LEU P 362 -34.51 12.80 32.77
C LEU P 362 -34.87 13.05 34.24
N ASN P 363 -34.63 12.06 35.10
CA ASN P 363 -34.97 12.21 36.51
C ASN P 363 -33.85 12.88 37.29
N GLN P 364 -32.63 12.35 37.19
N GLN P 364 -32.63 12.36 37.17
CA GLN P 364 -31.49 12.90 37.91
CA GLN P 364 -31.46 12.94 37.84
C GLN P 364 -31.10 14.26 37.35
C GLN P 364 -31.18 14.34 37.32
N ASN P 377 -35.00 14.67 42.36
CA ASN P 377 -35.76 13.61 41.71
C ASN P 377 -37.20 14.01 41.47
N THR P 378 -37.59 14.08 40.19
CA THR P 378 -38.96 14.43 39.86
C THR P 378 -39.92 13.28 40.19
N MET P 379 -39.49 12.04 39.97
CA MET P 379 -40.29 10.87 40.26
C MET P 379 -39.46 9.90 41.11
N LYS P 380 -40.15 9.10 41.92
CA LYS P 380 -39.47 8.13 42.77
C LYS P 380 -38.81 7.05 41.92
N ASN P 381 -37.58 6.70 42.28
CA ASN P 381 -36.79 5.80 41.45
C ASN P 381 -37.31 4.37 41.47
N TYR P 382 -37.98 3.96 42.56
CA TYR P 382 -38.42 2.58 42.68
C TYR P 382 -39.54 2.23 41.70
N MET P 383 -40.23 3.23 41.16
CA MET P 383 -41.21 3.01 40.10
C MET P 383 -40.59 3.11 38.71
N ILE P 384 -39.34 3.55 38.63
CA ILE P 384 -38.74 3.84 37.32
C ILE P 384 -38.64 2.61 36.42
N PRO P 385 -38.12 1.46 36.88
CA PRO P 385 -37.95 0.33 35.94
C PRO P 385 -39.23 -0.12 35.28
N VAL P 386 -40.26 -0.46 36.06
CA VAL P 386 -41.49 -0.99 35.50
C VAL P 386 -42.11 0.02 34.52
N VAL P 387 -42.11 1.30 34.89
CA VAL P 387 -42.60 2.34 33.99
C VAL P 387 -41.88 2.26 32.65
N ALA P 388 -40.55 2.15 32.70
CA ALA P 388 -39.78 1.98 31.47
C ALA P 388 -40.32 0.80 30.67
N GLN P 389 -40.49 -0.35 31.34
CA GLN P 389 -41.10 -1.50 30.69
C GLN P 389 -42.42 -1.12 30.04
N ALA P 390 -43.29 -0.46 30.81
CA ALA P 390 -44.56 0.00 30.25
C ALA P 390 -44.33 0.79 28.98
N PHE P 391 -43.46 1.79 29.04
CA PHE P 391 -43.17 2.60 27.86
C PHE P 391 -42.62 1.71 26.75
N SER P 392 -41.70 0.81 27.09
CA SER P 392 -41.14 -0.08 26.09
C SER P 392 -42.23 -0.93 25.46
N LYS P 393 -43.22 -1.35 26.24
CA LYS P 393 -44.35 -2.05 25.65
C LYS P 393 -45.21 -1.10 24.83
N TRP P 394 -45.52 0.07 25.38
CA TRP P 394 -46.46 0.97 24.72
C TRP P 394 -45.94 1.39 23.35
N ALA P 395 -44.72 1.93 23.31
CA ALA P 395 -44.13 2.31 22.04
C ALA P 395 -44.07 1.15 21.07
N LYS P 396 -43.94 -0.07 21.59
CA LYS P 396 -43.95 -1.24 20.71
C LYS P 396 -45.34 -1.46 20.14
N GLU P 397 -46.36 -1.45 21.00
CA GLU P 397 -47.72 -1.77 20.54
C GLU P 397 -48.20 -0.75 19.52
N CYS P 398 -47.99 0.54 19.79
CA CYS P 398 -48.33 1.57 18.83
C CYS P 398 -47.70 1.30 17.48
N ARG P 399 -46.43 0.87 17.48
CA ARG P 399 -45.76 0.56 16.23
CA ARG P 399 -45.76 0.56 16.23
C ARG P 399 -46.50 -0.54 15.47
N LYS P 400 -46.96 -1.56 16.20
N LYS P 400 -46.96 -1.56 16.20
CA LYS P 400 -47.73 -2.61 15.55
CA LYS P 400 -47.73 -2.63 15.57
C LYS P 400 -49.00 -2.07 14.92
C LYS P 400 -49.00 -2.07 14.93
N ASP P 401 -49.67 -1.13 15.61
CA ASP P 401 -50.85 -0.49 15.04
C ASP P 401 -50.50 0.23 13.76
N MET P 402 -49.27 0.74 13.64
CA MET P 402 -48.84 1.34 12.39
C MET P 402 -48.62 0.27 11.32
N GLU P 403 -48.10 -0.90 11.70
CA GLU P 403 -47.79 -1.93 10.71
C GLU P 403 -49.06 -2.57 10.17
N ASP P 404 -49.99 -2.91 11.05
CA ASP P 404 -51.23 -3.57 10.66
C ASP P 404 -52.33 -2.53 10.44
N GLU P 405 -52.12 -1.70 9.41
CA GLU P 405 -53.08 -0.66 9.08
C GLU P 405 -54.33 -1.26 8.46
N LYS P 406 -55.47 -1.09 9.12
CA LYS P 406 -56.73 -1.61 8.64
C LYS P 406 -57.41 -0.62 7.71
N LEU P 407 -58.43 -1.07 7.00
CA LEU P 407 -59.22 -0.18 6.17
C LEU P 407 -60.11 0.69 7.03
N LEU P 408 -60.56 1.81 6.46
CA LEU P 408 -61.37 2.77 7.19
C LEU P 408 -62.77 2.22 7.38
N GLY P 409 -63.17 2.02 8.62
CA GLY P 409 -64.52 1.59 8.94
C GLY P 409 -64.89 0.22 8.41
N VAL P 410 -63.99 -0.76 8.55
CA VAL P 410 -64.27 -2.14 8.16
C VAL P 410 -63.81 -3.06 9.28
N ARG P 411 -64.71 -3.93 9.74
CA ARG P 411 -64.39 -4.95 10.73
C ARG P 411 -64.37 -6.30 10.04
N GLU P 412 -63.25 -7.00 10.13
CA GLU P 412 -63.07 -8.31 9.51
C GLU P 412 -63.31 -9.38 10.55
N ARG P 413 -64.52 -9.93 10.56
CA ARG P 413 -64.91 -10.97 11.52
C ARG P 413 -65.34 -12.22 10.76
N THR P 414 -64.94 -13.38 11.29
CA THR P 414 -65.20 -14.65 10.63
C THR P 414 -66.44 -15.30 11.22
N LEU P 415 -67.30 -15.81 10.34
CA LEU P 415 -68.49 -16.54 10.77
C LEU P 415 -68.09 -17.92 11.27
N THR P 416 -68.25 -18.15 12.57
CA THR P 416 -67.82 -19.41 13.17
C THR P 416 -68.83 -20.52 12.95
N CYS P 417 -69.18 -20.77 11.69
CA CYS P 417 -70.12 -21.82 11.26
C CYS P 417 -71.40 -21.84 12.10
N CYS P 418 -71.80 -20.68 12.60
N CYS P 418 -71.80 -20.68 12.60
CA CYS P 418 -72.98 -20.53 13.44
CA CYS P 418 -73.00 -20.53 13.42
C CYS P 418 -73.57 -19.15 13.19
C CYS P 418 -73.56 -19.14 13.19
N CYS P 419 -74.44 -18.69 14.08
CA CYS P 419 -75.00 -17.35 14.03
C CYS P 419 -74.18 -16.34 14.82
N LEU P 420 -72.89 -16.64 15.03
CA LEU P 420 -72.01 -15.82 15.84
C LEU P 420 -70.83 -15.34 15.01
N TRP P 421 -70.30 -14.18 15.38
CA TRP P 421 -69.15 -13.57 14.71
C TRP P 421 -68.02 -13.37 15.71
N ALA P 422 -66.80 -13.65 15.27
CA ALA P 422 -65.62 -13.59 16.13
C ALA P 422 -64.51 -12.82 15.45
N PHE P 423 -63.68 -12.17 16.27
CA PHE P 423 -62.56 -11.38 15.81
C PHE P 423 -61.32 -11.73 16.62
N LYS P 424 -60.16 -11.29 16.13
CA LYS P 424 -58.91 -11.51 16.83
C LYS P 424 -58.59 -10.32 17.71
N LYS P 425 -58.22 -10.59 18.96
CA LYS P 425 -57.82 -9.57 19.91
C LYS P 425 -56.30 -9.42 19.90
N GLN P 426 -55.83 -8.18 19.87
CA GLN P 426 -54.41 -7.90 19.86
C GLN P 426 -53.85 -7.94 21.27
N LYS P 427 -52.53 -8.05 21.36
CA LYS P 427 -51.84 -8.12 22.65
C LYS P 427 -51.69 -6.70 23.20
N THR P 428 -52.46 -6.38 24.22
CA THR P 428 -52.41 -5.08 24.89
C THR P 428 -51.79 -5.30 26.27
N HIS P 429 -50.53 -4.89 26.41
CA HIS P 429 -49.78 -5.11 27.63
C HIS P 429 -49.69 -3.87 28.51
N THR P 430 -49.96 -2.69 27.97
CA THR P 430 -49.81 -1.45 28.70
C THR P 430 -50.95 -0.49 28.36
N VAL P 431 -51.55 0.12 29.37
CA VAL P 431 -52.49 1.22 29.22
C VAL P 431 -51.81 2.48 29.72
N TYR P 432 -51.62 3.44 28.83
CA TYR P 432 -50.85 4.65 29.10
C TYR P 432 -51.74 5.84 28.80
N LYS P 433 -52.32 6.43 29.85
CA LYS P 433 -53.10 7.65 29.73
C LYS P 433 -52.16 8.83 29.87
N ARG P 434 -51.87 9.49 28.75
CA ARG P 434 -50.96 10.62 28.73
C ARG P 434 -51.60 11.83 29.42
N PRO P 435 -50.80 12.82 29.82
CA PRO P 435 -51.37 14.04 30.38
C PRO P 435 -52.33 14.71 29.40
N ASP P 436 -53.35 15.37 29.96
CA ASP P 436 -54.42 16.00 29.20
C ASP P 436 -55.27 15.00 28.44
N THR P 437 -55.37 13.77 28.95
CA THR P 437 -56.29 12.76 28.46
C THR P 437 -57.30 12.42 29.54
N GLN P 438 -58.25 11.55 29.18
CA GLN P 438 -59.33 11.19 30.07
C GLN P 438 -59.63 9.70 29.96
N SER P 439 -59.79 9.06 31.11
CA SER P 439 -60.26 7.69 31.18
C SER P 439 -61.77 7.68 31.37
N ILE P 440 -62.46 6.98 30.49
CA ILE P 440 -63.92 6.91 30.51
C ILE P 440 -64.32 5.46 30.77
N GLN P 441 -65.04 5.22 31.86
CA GLN P 441 -65.39 3.87 32.28
C GLN P 441 -66.89 3.77 32.51
N LYS P 442 -67.50 2.69 32.03
CA LYS P 442 -68.92 2.47 32.20
C LYS P 442 -69.19 1.85 33.56
N VAL P 443 -69.87 2.59 34.43
CA VAL P 443 -70.13 2.15 35.80
C VAL P 443 -71.63 2.09 36.01
N GLN P 444 -72.03 1.52 37.14
CA GLN P 444 -73.45 1.37 37.46
C GLN P 444 -74.03 2.70 37.92
N ALA P 445 -75.22 3.02 37.43
CA ALA P 445 -75.99 4.15 37.87
C ALA P 445 -77.35 3.67 38.37
N GLU P 446 -78.18 4.62 38.81
CA GLU P 446 -79.54 4.36 39.27
C GLU P 446 -79.57 3.28 40.36
N PHE P 447 -78.86 3.59 41.45
CA PHE P 447 -78.85 2.70 42.60
C PHE P 447 -80.18 2.74 43.34
N PRO Q 3 -33.61 23.46 72.67
CA PRO Q 3 -32.19 23.32 72.32
C PRO Q 3 -31.58 22.05 72.91
N VAL Q 4 -31.65 20.96 72.17
CA VAL Q 4 -31.12 19.68 72.62
C VAL Q 4 -29.67 19.55 72.19
N TYR Q 5 -28.82 19.12 73.12
CA TYR Q 5 -27.40 18.93 72.87
C TYR Q 5 -27.10 17.44 72.75
N VAL Q 6 -26.28 17.10 71.76
CA VAL Q 6 -25.93 15.70 71.46
C VAL Q 6 -24.45 15.51 71.65
N ASP Q 7 -24.07 14.41 72.31
CA ASP Q 7 -22.67 14.08 72.55
C ASP Q 7 -22.05 13.43 71.30
N ILE Q 8 -22.04 14.20 70.21
CA ILE Q 8 -21.46 13.77 68.95
C ILE Q 8 -20.51 14.85 68.45
N ASP Q 9 -19.78 14.52 67.39
CA ASP Q 9 -18.82 15.45 66.82
C ASP Q 9 -19.54 16.67 66.24
N ALA Q 10 -18.82 17.80 66.24
CA ALA Q 10 -19.38 19.03 65.70
C ALA Q 10 -19.48 19.03 64.18
N ASP Q 11 -18.85 18.06 63.51
CA ASP Q 11 -18.85 18.01 62.05
C ASP Q 11 -19.17 16.60 61.55
N SER Q 12 -19.87 15.81 62.36
CA SER Q 12 -20.23 14.45 61.97
C SER Q 12 -21.32 14.46 60.90
N ALA Q 13 -21.24 13.52 59.97
CA ALA Q 13 -22.24 13.42 58.91
C ALA Q 13 -23.60 12.99 59.43
N PHE Q 14 -23.65 12.20 60.50
CA PHE Q 14 -24.91 11.78 61.10
C PHE Q 14 -25.74 12.96 61.59
N LEU Q 15 -25.09 14.05 62.02
CA LEU Q 15 -25.78 15.20 62.58
C LEU Q 15 -27.00 15.59 61.76
N LYS Q 16 -26.78 15.86 60.46
CA LYS Q 16 -27.89 16.27 59.61
C LYS Q 16 -29.04 15.28 59.66
N ALA Q 17 -28.74 13.98 59.50
CA ALA Q 17 -29.79 12.98 59.54
C ALA Q 17 -30.55 13.06 60.85
N LEU Q 18 -29.82 13.23 61.96
CA LEU Q 18 -30.48 13.37 63.26
C LEU Q 18 -31.42 14.56 63.27
N GLN Q 19 -30.98 15.70 62.72
N GLN Q 19 -30.98 15.70 62.72
CA GLN Q 19 -31.84 16.87 62.65
CA GLN Q 19 -31.84 16.87 62.65
C GLN Q 19 -33.06 16.59 61.78
C GLN Q 19 -33.06 16.59 61.78
N ARG Q 20 -32.91 15.76 60.74
CA ARG Q 20 -34.05 15.40 59.93
C ARG Q 20 -34.97 14.43 60.68
N ALA Q 21 -34.43 13.67 61.64
CA ALA Q 21 -35.24 12.74 62.40
C ALA Q 21 -36.02 13.42 63.52
N TYR Q 22 -35.55 14.57 64.00
CA TYR Q 22 -36.20 15.31 65.09
C TYR Q 22 -36.34 16.77 64.66
N PRO Q 23 -37.39 17.10 63.92
CA PRO Q 23 -37.55 18.49 63.44
C PRO Q 23 -38.09 19.44 64.48
N MET Q 24 -38.71 18.95 65.55
CA MET Q 24 -39.22 19.83 66.60
C MET Q 24 -38.13 20.37 67.50
N PHE Q 25 -36.94 19.78 67.48
CA PHE Q 25 -35.85 20.16 68.36
C PHE Q 25 -34.72 20.80 67.56
N GLU Q 26 -33.95 21.65 68.24
CA GLU Q 26 -32.74 22.23 67.67
C GLU Q 26 -31.56 21.41 68.17
N VAL Q 27 -31.05 20.54 67.31
CA VAL Q 27 -30.00 19.61 67.68
C VAL Q 27 -28.65 20.31 67.50
N GLU Q 28 -27.88 20.38 68.58
CA GLU Q 28 -26.58 21.04 68.55
C GLU Q 28 -25.53 20.08 69.10
N PRO Q 29 -24.39 19.91 68.43
CA PRO Q 29 -23.38 18.97 68.89
C PRO Q 29 -22.55 19.53 70.04
N ARG Q 30 -22.24 18.67 71.00
CA ARG Q 30 -21.33 19.02 72.10
C ARG Q 30 -20.61 17.73 72.52
N GLN Q 31 -19.43 17.52 71.95
CA GLN Q 31 -18.67 16.30 72.18
C GLN Q 31 -17.85 16.43 73.45
N VAL Q 32 -18.05 15.49 74.38
CA VAL Q 32 -17.30 15.48 75.63
C VAL Q 32 -16.76 14.09 75.90
N THR Q 33 -16.98 13.17 74.95
CA THR Q 33 -16.54 11.79 75.10
C THR Q 33 -16.28 11.17 73.73
N PRO Q 34 -15.18 10.44 73.55
CA PRO Q 34 -14.94 9.74 72.27
C PRO Q 34 -15.68 8.40 72.20
N ASN Q 35 -17.00 8.46 72.32
CA ASN Q 35 -17.80 7.25 72.41
C ASN Q 35 -17.83 6.53 71.06
N ASP Q 36 -17.60 5.22 71.10
CA ASP Q 36 -17.63 4.40 69.89
C ASP Q 36 -19.02 4.27 69.29
N HIS Q 37 -20.07 4.54 70.06
CA HIS Q 37 -21.45 4.43 69.58
C HIS Q 37 -22.23 5.67 70.00
N ALA Q 38 -21.65 6.86 69.75
CA ALA Q 38 -22.27 8.10 70.19
C ALA Q 38 -23.57 8.38 69.45
N ASN Q 39 -23.70 7.89 68.22
CA ASN Q 39 -24.94 8.10 67.47
C ASN Q 39 -26.12 7.43 68.16
N ALA Q 40 -25.92 6.23 68.69
CA ALA Q 40 -26.99 5.53 69.39
C ALA Q 40 -27.45 6.32 70.62
N ARG Q 41 -26.49 6.82 71.41
CA ARG Q 41 -26.85 7.57 72.60
C ARG Q 41 -27.53 8.89 72.25
N ALA Q 42 -27.06 9.55 71.19
CA ALA Q 42 -27.70 10.79 70.76
C ALA Q 42 -29.14 10.54 70.33
N PHE Q 43 -29.37 9.48 69.55
CA PHE Q 43 -30.72 9.16 69.12
C PHE Q 43 -31.61 8.80 70.31
N SER Q 44 -31.06 8.04 71.27
CA SER Q 44 -31.84 7.69 72.45
C SER Q 44 -32.19 8.93 73.28
N HIS Q 45 -31.25 9.87 73.40
CA HIS Q 45 -31.51 11.11 74.13
C HIS Q 45 -32.62 11.91 73.47
N LEU Q 46 -32.53 12.10 72.15
CA LEU Q 46 -33.59 12.84 71.47
C LEU Q 46 -34.91 12.09 71.49
N ALA Q 47 -34.88 10.76 71.48
CA ALA Q 47 -36.11 9.99 71.58
C ALA Q 47 -36.78 10.19 72.93
N ILE Q 48 -35.99 10.19 74.00
CA ILE Q 48 -36.53 10.43 75.33
C ILE Q 48 -37.11 11.84 75.42
N LYS Q 49 -36.39 12.82 74.87
CA LYS Q 49 -36.90 14.20 74.89
C LYS Q 49 -38.20 14.33 74.11
N LEU Q 50 -38.27 13.67 72.95
CA LEU Q 50 -39.51 13.67 72.16
C LEU Q 50 -40.65 13.02 72.94
N ILE Q 51 -40.36 11.92 73.63
CA ILE Q 51 -41.39 11.24 74.42
C ILE Q 51 -41.90 12.17 75.50
N GLU Q 52 -40.99 12.84 76.21
CA GLU Q 52 -41.39 13.75 77.28
C GLU Q 52 -42.22 14.91 76.73
N GLN Q 53 -41.82 15.44 75.57
CA GLN Q 53 -42.56 16.56 74.98
C GLN Q 53 -43.96 16.14 74.55
N GLU Q 54 -44.10 14.94 73.99
CA GLU Q 54 -45.33 14.56 73.32
C GLU Q 54 -46.39 13.97 74.24
N ILE Q 55 -46.15 13.89 75.54
CA ILE Q 55 -47.10 13.25 76.44
C ILE Q 55 -47.49 14.17 77.60
N ASP Q 56 -48.30 13.66 78.51
CA ASP Q 56 -48.85 14.46 79.59
C ASP Q 56 -47.77 14.79 80.61
N PRO Q 57 -47.53 16.08 80.90
CA PRO Q 57 -46.52 16.42 81.93
C PRO Q 57 -46.86 15.89 83.32
N ASP Q 58 -48.14 15.76 83.66
CA ASP Q 58 -48.54 15.26 84.98
C ASP Q 58 -48.95 13.79 84.85
N SER Q 59 -47.96 12.92 84.88
CA SER Q 59 -48.20 11.49 84.78
C SER Q 59 -46.95 10.74 85.26
N THR Q 60 -47.15 9.73 86.09
CA THR Q 60 -46.05 8.88 86.50
C THR Q 60 -45.57 8.05 85.30
N ILE Q 61 -44.25 7.99 85.12
CA ILE Q 61 -43.67 7.43 83.90
C ILE Q 61 -42.78 6.26 84.32
N LEU Q 62 -43.27 5.04 84.16
CA LEU Q 62 -42.46 3.86 84.44
C LEU Q 62 -41.68 3.49 83.20
N ASP Q 63 -40.36 3.35 83.34
CA ASP Q 63 -39.48 2.93 82.26
C ASP Q 63 -38.91 1.57 82.57
N ILE Q 64 -39.14 0.62 81.66
CA ILE Q 64 -38.83 -0.78 81.92
C ILE Q 64 -37.36 -1.05 81.65
N GLY Q 65 -36.70 -1.71 82.59
CA GLY Q 65 -35.31 -2.08 82.42
C GLY Q 65 -34.39 -0.89 82.17
N SER Q 66 -34.64 0.21 82.86
CA SER Q 66 -33.94 1.46 82.58
C SER Q 66 -32.77 1.67 83.54
N ALA Q 67 -31.83 2.49 83.11
CA ALA Q 67 -30.74 2.93 83.97
C ALA Q 67 -31.19 4.19 84.71
N PRO Q 68 -31.15 4.20 86.05
CA PRO Q 68 -31.69 5.37 86.77
C PRO Q 68 -30.78 6.59 86.73
N ALA Q 69 -29.53 6.45 86.30
CA ALA Q 69 -28.64 7.61 86.21
C ALA Q 69 -29.04 8.53 85.08
N ARG Q 70 -29.59 7.99 83.99
CA ARG Q 70 -29.96 8.81 82.83
C ARG Q 70 -31.20 9.65 83.10
N ARG Q 71 -32.06 9.23 84.01
CA ARG Q 71 -33.30 9.94 84.28
C ARG Q 71 -33.13 11.15 85.18
N MET Q 72 -31.90 11.56 85.47
CA MET Q 72 -31.66 12.76 86.25
C MET Q 72 -32.02 14.01 85.45
N MET Q 73 -32.17 15.12 86.17
CA MET Q 73 -32.50 16.43 85.59
C MET Q 73 -33.80 16.37 84.79
N SER Q 74 -34.75 15.57 85.26
CA SER Q 74 -36.06 15.41 84.62
C SER Q 74 -37.12 15.60 85.68
N ASP Q 75 -37.83 16.72 85.63
CA ASP Q 75 -38.86 17.02 86.62
C ASP Q 75 -40.01 16.02 86.59
N ARG Q 76 -40.18 15.30 85.49
CA ARG Q 76 -41.24 14.31 85.39
C ARG Q 76 -40.96 13.14 86.33
N LYS Q 77 -42.03 12.66 86.98
CA LYS Q 77 -41.90 11.49 87.84
C LYS Q 77 -41.53 10.26 87.02
N TYR Q 78 -40.58 9.47 87.54
CA TYR Q 78 -40.10 8.29 86.85
C TYR Q 78 -40.10 7.09 87.80
N HIS Q 79 -40.69 5.99 87.34
CA HIS Q 79 -40.58 4.70 88.02
C HIS Q 79 -39.47 3.91 87.35
N CYS Q 80 -38.24 4.15 87.78
CA CYS Q 80 -37.08 3.50 87.19
C CYS Q 80 -37.07 2.04 87.64
N VAL Q 81 -37.63 1.18 86.80
CA VAL Q 81 -37.69 -0.25 87.10
C VAL Q 81 -36.31 -0.86 86.85
N CYS Q 82 -35.75 -1.48 87.88
N CYS Q 82 -35.75 -1.48 87.88
CA CYS Q 82 -34.43 -2.11 87.81
CA CYS Q 82 -34.43 -2.11 87.81
C CYS Q 82 -34.56 -3.54 88.32
C CYS Q 82 -34.56 -3.54 88.32
N PRO Q 83 -34.96 -4.48 87.45
CA PRO Q 83 -35.18 -5.85 87.91
C PRO Q 83 -33.93 -6.57 88.42
N MET Q 84 -32.73 -6.04 88.12
CA MET Q 84 -31.48 -6.54 88.71
C MET Q 84 -31.10 -7.92 88.21
N ARG Q 85 -31.45 -8.25 86.97
CA ARG Q 85 -31.11 -9.56 86.43
C ARG Q 85 -29.89 -9.53 85.52
N SER Q 86 -29.59 -8.38 84.91
CA SER Q 86 -28.39 -8.27 84.11
C SER Q 86 -27.18 -7.97 85.00
N ALA Q 87 -25.99 -8.21 84.45
CA ALA Q 87 -24.75 -7.99 85.19
C ALA Q 87 -24.33 -6.52 85.24
N GLU Q 88 -24.95 -5.66 84.44
CA GLU Q 88 -24.62 -4.24 84.45
C GLU Q 88 -25.44 -3.47 85.48
N ASP Q 89 -26.33 -4.14 86.20
CA ASP Q 89 -27.23 -3.43 87.11
C ASP Q 89 -26.59 -3.01 88.43
N PRO Q 90 -25.77 -3.84 89.10
CA PRO Q 90 -25.11 -3.34 90.32
C PRO Q 90 -24.26 -2.10 90.07
N GLU Q 91 -23.60 -2.02 88.92
CA GLU Q 91 -22.73 -0.89 88.63
C GLU Q 91 -23.53 0.37 88.31
N ARG Q 92 -24.62 0.23 87.54
CA ARG Q 92 -25.45 1.40 87.28
C ARG Q 92 -26.11 1.88 88.55
N LEU Q 93 -26.50 0.95 89.44
CA LEU Q 93 -27.06 1.37 90.73
C LEU Q 93 -26.02 2.06 91.58
N ALA Q 94 -24.76 1.58 91.55
CA ALA Q 94 -23.70 2.27 92.28
C ALA Q 94 -23.50 3.68 91.76
N ASN Q 95 -23.49 3.85 90.43
CA ASN Q 95 -23.35 5.19 89.85
C ASN Q 95 -24.54 6.07 90.21
N TYR Q 96 -25.75 5.51 90.18
CA TYR Q 96 -26.95 6.28 90.54
C TYR Q 96 -26.90 6.72 91.99
N ALA Q 97 -26.44 5.84 92.89
CA ALA Q 97 -26.32 6.21 94.30
C ALA Q 97 -25.25 7.28 94.49
N ARG Q 98 -24.15 7.18 93.73
CA ARG Q 98 -23.11 8.21 93.79
C ARG Q 98 -23.67 9.58 93.38
N LYS Q 99 -24.41 9.62 92.27
CA LYS Q 99 -24.98 10.87 91.82
C LYS Q 99 -26.02 11.40 92.79
N LEU Q 100 -26.87 10.52 93.33
CA LEU Q 100 -27.87 10.95 94.30
C LEU Q 100 -27.23 11.48 95.57
N ALA Q 101 -26.09 10.92 95.99
CA ALA Q 101 -25.40 11.40 97.17
C ALA Q 101 -24.48 12.59 96.89
N SER Q 102 -24.25 12.93 95.63
CA SER Q 102 -23.38 14.03 95.27
C SER Q 102 -24.12 15.34 95.07
N ALA Q 103 -25.45 15.34 95.16
CA ALA Q 103 -26.23 16.56 94.95
C ALA Q 103 -27.31 16.69 96.02
N ALA Q 104 -26.95 16.40 97.27
CA ALA Q 104 -27.91 16.55 98.37
C ALA Q 104 -28.26 18.02 98.59
N GLY Q 105 -27.25 18.87 98.71
CA GLY Q 105 -27.48 20.30 98.90
C GLY Q 105 -27.23 21.12 97.65
N LYS Q 106 -27.23 20.46 96.49
CA LYS Q 106 -26.92 21.11 95.23
C LYS Q 106 -28.18 21.42 94.41
N VAL Q 107 -29.04 20.42 94.20
CA VAL Q 107 -30.27 20.58 93.44
C VAL Q 107 -31.44 20.17 94.31
N LEU Q 108 -32.57 20.86 94.14
CA LEU Q 108 -33.76 20.59 94.94
C LEU Q 108 -35.04 20.48 94.13
N ASP Q 109 -35.02 20.77 92.82
CA ASP Q 109 -36.23 20.73 92.01
C ASP Q 109 -36.42 19.37 91.33
N ARG Q 110 -35.52 18.42 91.53
CA ARG Q 110 -35.60 17.13 90.88
C ARG Q 110 -36.02 16.00 91.81
N ASN Q 111 -36.66 16.34 92.94
CA ASN Q 111 -37.15 15.39 93.93
C ASN Q 111 -36.08 14.42 94.42
N ILE Q 112 -34.80 14.85 94.34
CA ILE Q 112 -33.68 14.02 94.78
C ILE Q 112 -33.80 13.72 96.27
N SER Q 113 -34.30 14.66 97.07
CA SER Q 113 -34.45 14.43 98.50
C SER Q 113 -35.37 13.24 98.78
N GLY Q 114 -36.43 13.09 97.98
CA GLY Q 114 -37.26 11.90 98.06
C GLY Q 114 -36.66 10.67 97.44
N LYS Q 115 -35.80 10.84 96.43
CA LYS Q 115 -35.16 9.69 95.80
C LYS Q 115 -34.16 9.03 96.74
N ILE Q 116 -33.51 9.81 97.61
CA ILE Q 116 -32.65 9.22 98.63
C ILE Q 116 -33.46 8.32 99.55
N GLY Q 117 -34.61 8.81 100.00
CA GLY Q 117 -35.48 7.98 100.83
C GLY Q 117 -35.99 6.76 100.09
N ASP Q 118 -36.28 6.90 98.81
CA ASP Q 118 -36.73 5.76 98.01
C ASP Q 118 -35.65 4.69 97.91
N LEU Q 119 -34.41 5.11 97.67
CA LEU Q 119 -33.30 4.16 97.61
C LEU Q 119 -33.09 3.49 98.96
N GLN Q 120 -33.18 4.25 100.05
CA GLN Q 120 -33.06 3.64 101.37
C GLN Q 120 -34.20 2.68 101.65
N ALA Q 121 -35.40 2.95 101.10
CA ALA Q 121 -36.53 2.06 101.33
C ALA Q 121 -36.39 0.76 100.56
N VAL Q 122 -35.98 0.84 99.28
CA VAL Q 122 -35.87 -0.37 98.48
C VAL Q 122 -34.77 -1.27 99.00
N MET Q 123 -33.74 -0.70 99.63
CA MET Q 123 -32.65 -1.47 100.20
C MET Q 123 -32.96 -1.97 101.61
N ALA Q 124 -34.22 -1.96 102.01
CA ALA Q 124 -34.66 -2.49 103.30
C ALA Q 124 -35.46 -3.77 103.16
N VAL Q 125 -36.52 -3.73 102.36
CA VAL Q 125 -37.31 -4.91 102.02
C VAL Q 125 -37.22 -5.11 100.52
N PRO Q 126 -36.90 -6.31 100.03
CA PRO Q 126 -36.73 -6.50 98.58
C PRO Q 126 -38.00 -6.31 97.78
N ASP Q 127 -39.16 -6.20 98.43
CA ASP Q 127 -40.43 -5.96 97.76
C ASP Q 127 -40.97 -4.56 98.03
N THR Q 128 -40.09 -3.60 98.33
CA THR Q 128 -40.51 -2.24 98.64
C THR Q 128 -40.85 -1.53 97.33
N GLU Q 129 -42.14 -1.38 97.05
CA GLU Q 129 -42.61 -0.69 95.86
C GLU Q 129 -42.77 0.79 96.19
N THR Q 130 -41.66 1.53 96.13
CA THR Q 130 -41.70 2.96 96.33
C THR Q 130 -42.32 3.64 95.11
N PRO Q 131 -42.82 4.87 95.25
CA PRO Q 131 -43.42 5.54 94.10
C PRO Q 131 -42.48 5.70 92.91
N THR Q 132 -41.19 5.94 93.14
CA THR Q 132 -40.27 6.27 92.07
C THR Q 132 -39.26 5.18 91.75
N PHE Q 133 -39.11 4.16 92.58
CA PHE Q 133 -38.07 3.16 92.36
C PHE Q 133 -38.48 1.83 92.95
N CYS Q 134 -38.16 0.75 92.25
CA CYS Q 134 -38.48 -0.59 92.72
C CYS Q 134 -37.55 -1.59 92.02
N LEU Q 135 -37.46 -2.79 92.59
CA LEU Q 135 -36.63 -3.87 92.06
C LEU Q 135 -37.53 -5.07 91.81
N HIS Q 136 -38.17 -5.09 90.64
CA HIS Q 136 -38.96 -6.22 90.20
C HIS Q 136 -38.92 -6.28 88.69
N THR Q 137 -39.25 -7.44 88.14
CA THR Q 137 -39.41 -7.56 86.70
C THR Q 137 -40.72 -6.89 86.27
N ASP Q 138 -40.80 -6.56 84.98
CA ASP Q 138 -41.96 -5.86 84.46
C ASP Q 138 -43.25 -6.64 84.61
N VAL Q 139 -43.17 -7.96 84.70
CA VAL Q 139 -44.35 -8.80 84.85
C VAL Q 139 -44.68 -9.09 86.31
N SER Q 140 -44.01 -8.40 87.24
CA SER Q 140 -44.29 -8.58 88.67
C SER Q 140 -44.33 -7.29 89.46
N CYS Q 141 -44.17 -6.13 88.82
CA CYS Q 141 -44.24 -4.86 89.55
C CYS Q 141 -45.70 -4.48 89.76
N ARG Q 142 -45.99 -3.94 90.95
CA ARG Q 142 -47.36 -3.62 91.35
C ARG Q 142 -47.70 -2.15 91.19
N GLN Q 143 -46.80 -1.32 90.68
CA GLN Q 143 -47.10 0.09 90.47
C GLN Q 143 -48.15 0.26 89.37
N ARG Q 144 -49.01 1.26 89.55
CA ARG Q 144 -50.10 1.54 88.62
C ARG Q 144 -49.90 2.95 88.06
N ALA Q 145 -49.15 3.05 86.97
CA ALA Q 145 -48.89 4.31 86.29
C ALA Q 145 -49.58 4.32 84.92
N ASP Q 146 -49.31 5.38 84.15
CA ASP Q 146 -50.00 5.61 82.89
C ASP Q 146 -49.14 5.41 81.65
N VAL Q 147 -47.83 5.61 81.74
CA VAL Q 147 -46.96 5.58 80.57
C VAL Q 147 -45.83 4.59 80.81
N ALA Q 148 -45.52 3.79 79.79
CA ALA Q 148 -44.42 2.85 79.83
C ALA Q 148 -43.35 3.26 78.82
N ILE Q 149 -42.08 3.02 79.15
CA ILE Q 149 -40.97 3.31 78.27
C ILE Q 149 -40.05 2.10 78.23
N TYR Q 150 -39.70 1.64 77.03
CA TYR Q 150 -38.75 0.57 76.82
C TYR Q 150 -37.62 1.13 75.97
N GLN Q 151 -36.63 1.73 76.63
CA GLN Q 151 -35.46 2.29 75.95
C GLN Q 151 -34.39 1.21 75.88
N ASP Q 152 -34.05 0.80 74.66
CA ASP Q 152 -33.02 -0.23 74.43
C ASP Q 152 -33.32 -1.51 75.20
N VAL Q 153 -34.59 -1.91 75.17
CA VAL Q 153 -35.05 -3.11 75.87
C VAL Q 153 -35.47 -4.11 74.80
N TYR Q 154 -34.58 -5.05 74.49
CA TYR Q 154 -34.85 -6.07 73.48
C TYR Q 154 -35.09 -7.46 74.06
N ALA Q 155 -34.51 -7.77 75.22
CA ALA Q 155 -34.59 -9.11 75.80
C ALA Q 155 -35.82 -9.30 76.66
N VAL Q 156 -37.01 -9.07 76.10
CA VAL Q 156 -38.27 -9.28 76.80
C VAL Q 156 -39.36 -9.51 75.75
N HIS Q 157 -40.39 -10.25 76.17
CA HIS Q 157 -41.49 -10.59 75.27
C HIS Q 157 -42.46 -9.42 75.21
N ALA Q 158 -42.59 -8.82 74.02
CA ALA Q 158 -43.41 -7.62 73.89
C ALA Q 158 -44.87 -7.84 74.27
N PRO Q 159 -45.58 -8.87 73.78
CA PRO Q 159 -46.99 -8.99 74.15
C PRO Q 159 -47.22 -9.17 75.64
N THR Q 160 -46.43 -10.02 76.29
CA THR Q 160 -46.60 -10.27 77.72
C THR Q 160 -46.37 -9.00 78.53
N SER Q 161 -45.29 -8.29 78.25
CA SER Q 161 -44.98 -7.07 78.99
C SER Q 161 -46.03 -5.99 78.73
N LEU Q 162 -46.44 -5.83 77.47
CA LEU Q 162 -47.45 -4.83 77.17
C LEU Q 162 -48.76 -5.15 77.86
N TYR Q 163 -49.14 -6.42 77.91
CA TYR Q 163 -50.34 -6.81 78.65
C TYR Q 163 -50.20 -6.53 80.13
N HIS Q 164 -49.01 -6.81 80.69
CA HIS Q 164 -48.82 -6.61 82.13
C HIS Q 164 -48.86 -5.14 82.51
N GLN Q 165 -48.35 -4.25 81.66
CA GLN Q 165 -48.54 -2.83 81.92
C GLN Q 165 -49.94 -2.33 81.58
N ALA Q 166 -50.61 -2.94 80.60
CA ALA Q 166 -51.97 -2.54 80.27
C ALA Q 166 -52.92 -2.84 81.42
N ILE Q 167 -52.76 -3.99 82.07
CA ILE Q 167 -53.55 -4.30 83.26
C ILE Q 167 -53.11 -3.48 84.47
N LYS Q 168 -52.04 -2.70 84.34
CA LYS Q 168 -51.58 -1.80 85.39
C LYS Q 168 -51.98 -0.36 85.14
N GLY Q 169 -52.86 -0.11 84.17
CA GLY Q 169 -53.31 1.23 83.85
C GLY Q 169 -52.47 1.99 82.86
N VAL Q 170 -51.34 1.43 82.41
CA VAL Q 170 -50.48 2.10 81.45
C VAL Q 170 -51.20 2.15 80.11
N ARG Q 171 -51.44 3.35 79.59
CA ARG Q 171 -52.12 3.52 78.32
C ARG Q 171 -51.17 3.83 77.17
N LEU Q 172 -49.97 4.32 77.45
CA LEU Q 172 -48.99 4.68 76.44
C LEU Q 172 -47.69 3.96 76.74
N ALA Q 173 -47.09 3.34 75.70
CA ALA Q 173 -45.81 2.69 75.80
C ALA Q 173 -44.94 3.15 74.64
N TYR Q 174 -43.66 3.36 74.91
CA TYR Q 174 -42.70 3.77 73.90
C TYR Q 174 -41.57 2.76 73.86
N TRP Q 175 -41.20 2.32 72.65
CA TRP Q 175 -40.08 1.39 72.47
C TRP Q 175 -39.05 2.06 71.56
N VAL Q 176 -37.91 2.40 72.14
CA VAL Q 176 -36.80 3.00 71.39
C VAL Q 176 -35.74 1.91 71.24
N GLY Q 177 -35.46 1.52 70.01
CA GLY Q 177 -34.50 0.44 69.81
C GLY Q 177 -34.18 0.25 68.34
N PHE Q 178 -33.34 -0.74 68.09
CA PHE Q 178 -32.96 -1.07 66.73
C PHE Q 178 -34.16 -1.59 65.95
N ASP Q 179 -34.17 -1.32 64.66
CA ASP Q 179 -35.24 -1.80 63.80
C ASP Q 179 -35.26 -3.33 63.79
N THR Q 180 -36.45 -3.89 63.95
CA THR Q 180 -36.63 -5.34 64.02
C THR Q 180 -36.98 -5.96 62.68
N THR Q 181 -37.05 -5.15 61.61
CA THR Q 181 -37.31 -5.69 60.28
C THR Q 181 -36.28 -6.73 59.84
N PRO Q 182 -34.97 -6.54 60.07
CA PRO Q 182 -34.02 -7.59 59.64
C PRO Q 182 -34.26 -8.95 60.26
N PHE Q 183 -34.83 -9.01 61.46
CA PHE Q 183 -34.97 -10.28 62.16
C PHE Q 183 -36.22 -11.06 61.76
N MET Q 184 -37.17 -10.44 61.08
CA MET Q 184 -38.22 -11.23 60.46
C MET Q 184 -37.93 -11.58 59.01
N TYR Q 185 -36.85 -11.06 58.45
CA TYR Q 185 -36.30 -11.57 57.21
C TYR Q 185 -35.37 -12.75 57.46
N ASN Q 186 -35.10 -13.08 58.72
CA ASN Q 186 -34.30 -14.24 59.12
C ASN Q 186 -32.90 -14.17 58.53
N ALA Q 187 -32.21 -13.07 58.82
CA ALA Q 187 -30.84 -12.88 58.37
C ALA Q 187 -29.88 -13.51 59.37
N MET Q 188 -28.82 -14.13 58.85
CA MET Q 188 -27.82 -14.73 59.72
C MET Q 188 -26.94 -13.68 60.37
N ALA Q 189 -26.64 -12.60 59.65
CA ALA Q 189 -25.85 -11.50 60.18
C ALA Q 189 -26.35 -10.20 59.56
N GLY Q 190 -25.99 -9.09 60.18
CA GLY Q 190 -26.43 -7.81 59.67
C GLY Q 190 -25.67 -6.66 60.29
N ALA Q 191 -25.91 -5.47 59.75
CA ALA Q 191 -25.20 -4.28 60.18
C ALA Q 191 -26.12 -3.07 60.13
N TYR Q 192 -26.00 -2.21 61.14
CA TYR Q 192 -26.49 -0.84 61.11
C TYR Q 192 -25.26 0.06 60.99
N PRO Q 193 -24.83 0.38 59.77
CA PRO Q 193 -23.55 1.09 59.61
C PRO Q 193 -23.59 2.53 60.07
N SER Q 194 -24.77 3.17 60.06
CA SER Q 194 -24.88 4.54 60.53
C SER Q 194 -24.68 4.67 62.04
N TYR Q 195 -24.74 3.56 62.77
CA TYR Q 195 -24.52 3.55 64.21
C TYR Q 195 -23.33 2.70 64.61
N SER Q 196 -22.52 2.28 63.62
CA SER Q 196 -21.36 1.42 63.85
C SER Q 196 -21.75 0.13 64.56
N THR Q 197 -22.92 -0.39 64.25
CA THR Q 197 -23.46 -1.56 64.93
C THR Q 197 -23.39 -2.76 64.01
N ASN Q 198 -22.95 -3.90 64.56
CA ASN Q 198 -22.89 -5.14 63.81
C ASN Q 198 -23.44 -6.28 64.67
N TRP Q 199 -24.35 -7.06 64.10
CA TRP Q 199 -24.90 -8.19 64.83
C TRP Q 199 -24.71 -9.45 64.00
N ALA Q 200 -24.55 -10.57 64.70
CA ALA Q 200 -24.32 -11.83 64.00
C ALA Q 200 -24.86 -12.99 64.82
N ASP Q 201 -25.33 -14.01 64.13
CA ASP Q 201 -25.69 -15.28 64.78
C ASP Q 201 -24.45 -15.95 65.33
N GLU Q 202 -24.63 -16.68 66.44
CA GLU Q 202 -23.50 -17.35 67.07
C GLU Q 202 -22.87 -18.40 66.17
N GLN Q 203 -23.60 -18.88 65.17
CA GLN Q 203 -23.06 -19.88 64.26
C GLN Q 203 -22.02 -19.29 63.30
N VAL Q 204 -21.99 -17.96 63.14
CA VAL Q 204 -21.10 -17.33 62.18
C VAL Q 204 -20.23 -16.28 62.86
N LEU Q 205 -19.99 -16.45 64.16
CA LEU Q 205 -19.08 -15.55 64.86
C LEU Q 205 -17.63 -15.75 64.47
N LYS Q 206 -17.29 -16.93 63.95
CA LYS Q 206 -15.95 -17.22 63.48
C LYS Q 206 -15.81 -17.02 61.97
N ALA Q 207 -16.61 -16.13 61.40
CA ALA Q 207 -16.55 -15.83 59.98
C ALA Q 207 -15.31 -14.98 59.67
N LYS Q 208 -15.20 -14.55 58.42
CA LYS Q 208 -14.03 -13.84 57.94
C LYS Q 208 -14.31 -12.40 57.54
N ASN Q 209 -15.34 -12.16 56.72
CA ASN Q 209 -15.54 -10.85 56.11
C ASN Q 209 -16.93 -10.31 56.37
N ILE Q 210 -17.39 -10.38 57.62
CA ILE Q 210 -18.63 -9.72 58.02
C ILE Q 210 -18.30 -8.74 59.13
N GLY Q 211 -19.30 -7.95 59.52
CA GLY Q 211 -19.06 -6.88 60.47
C GLY Q 211 -18.59 -7.38 61.82
N LEU Q 212 -19.21 -8.42 62.35
CA LEU Q 212 -18.89 -8.97 63.66
C LEU Q 212 -18.40 -10.40 63.48
N CYS Q 213 -17.08 -10.57 63.40
CA CYS Q 213 -16.48 -11.88 63.26
C CYS Q 213 -15.00 -11.77 63.59
N SER Q 214 -14.36 -12.93 63.77
CA SER Q 214 -12.92 -12.99 63.94
C SER Q 214 -12.48 -14.42 63.68
N THR Q 215 -11.47 -14.60 62.83
CA THR Q 215 -10.97 -15.92 62.50
C THR Q 215 -9.45 -15.94 62.59
N ASP Q 216 -8.84 -17.06 62.21
CA ASP Q 216 -7.41 -17.24 62.31
C ASP Q 216 -6.83 -17.65 60.96
N LEU Q 217 -5.56 -17.33 60.76
CA LEU Q 217 -4.86 -17.76 59.56
C LEU Q 217 -4.64 -19.26 59.58
N THR Q 218 -5.00 -19.93 58.50
CA THR Q 218 -4.83 -21.36 58.36
C THR Q 218 -4.31 -21.67 56.96
N GLU Q 219 -3.66 -22.82 56.84
CA GLU Q 219 -3.07 -23.24 55.57
C GLU Q 219 -4.02 -24.05 54.70
N GLY Q 220 -5.23 -24.33 55.17
CA GLY Q 220 -6.15 -25.16 54.43
C GLY Q 220 -5.99 -26.63 54.79
N ARG Q 221 -5.95 -26.92 56.08
CA ARG Q 221 -5.70 -28.26 56.58
C ARG Q 221 -7.02 -29.04 56.63
N ARG Q 222 -6.99 -30.22 57.25
CA ARG Q 222 -8.20 -31.01 57.44
C ARG Q 222 -9.12 -30.31 58.42
N GLY Q 223 -10.41 -30.31 58.11
CA GLY Q 223 -11.39 -29.69 58.97
C GLY Q 223 -11.65 -30.48 60.23
N LYS Q 224 -12.37 -29.84 61.15
CA LYS Q 224 -12.71 -30.48 62.41
C LYS Q 224 -13.55 -31.74 62.17
N LEU Q 225 -13.19 -32.81 62.88
CA LEU Q 225 -13.99 -34.04 62.84
C LEU Q 225 -15.25 -33.80 63.69
N SER Q 226 -16.21 -33.11 63.09
CA SER Q 226 -17.37 -32.64 63.81
C SER Q 226 -18.24 -33.81 64.27
N ILE Q 227 -18.72 -33.72 65.50
CA ILE Q 227 -19.67 -34.72 66.01
C ILE Q 227 -21.01 -34.60 65.28
N MET Q 228 -21.43 -33.38 64.99
CA MET Q 228 -22.67 -33.14 64.27
C MET Q 228 -22.39 -32.94 62.79
N ARG Q 229 -23.20 -33.61 61.96
CA ARG Q 229 -23.07 -33.44 60.51
C ARG Q 229 -23.43 -32.03 60.09
N GLY Q 230 -24.46 -31.45 60.71
CA GLY Q 230 -24.93 -30.13 60.34
C GLY Q 230 -25.86 -30.17 59.16
N LYS Q 231 -25.28 -30.33 57.96
CA LYS Q 231 -26.02 -30.47 56.71
C LYS Q 231 -26.88 -29.26 56.40
N LYS Q 232 -26.81 -28.22 57.25
CA LYS Q 232 -27.64 -27.04 57.08
C LYS Q 232 -27.11 -25.94 57.99
N LEU Q 233 -27.11 -24.71 57.48
CA LEU Q 233 -26.77 -23.53 58.26
C LEU Q 233 -27.99 -22.63 58.28
N GLU Q 234 -28.70 -22.60 59.40
N GLU Q 234 -28.68 -22.58 59.42
CA GLU Q 234 -29.89 -21.79 59.54
CA GLU Q 234 -29.91 -21.83 59.58
C GLU Q 234 -29.77 -20.94 60.79
C GLU Q 234 -29.80 -20.96 60.81
N PRO Q 235 -30.37 -19.74 60.78
CA PRO Q 235 -30.23 -18.84 61.93
C PRO Q 235 -30.78 -19.46 63.22
N CYS Q 236 -30.05 -19.26 64.30
CA CYS Q 236 -30.43 -19.75 65.61
C CYS Q 236 -30.93 -18.59 66.47
N ASP Q 237 -31.52 -18.93 67.61
CA ASP Q 237 -32.12 -17.92 68.47
C ASP Q 237 -31.10 -16.95 69.02
N ARG Q 238 -29.93 -17.44 69.41
CA ARG Q 238 -28.95 -16.60 70.09
C ARG Q 238 -28.15 -15.81 69.07
N VAL Q 239 -28.17 -14.49 69.18
CA VAL Q 239 -27.39 -13.60 68.34
C VAL Q 239 -26.63 -12.63 69.25
N LEU Q 240 -25.59 -12.03 68.69
CA LEU Q 240 -24.78 -11.07 69.42
C LEU Q 240 -24.81 -9.72 68.70
N PHE Q 241 -25.04 -8.66 69.47
CA PHE Q 241 -25.01 -7.29 69.00
C PHE Q 241 -23.73 -6.61 69.47
N SER Q 242 -23.12 -5.82 68.61
CA SER Q 242 -21.98 -4.97 68.94
C SER Q 242 -22.34 -3.56 68.52
N VAL Q 243 -22.77 -2.75 69.49
CA VAL Q 243 -23.07 -1.34 69.27
C VAL Q 243 -21.82 -0.55 69.59
N GLY Q 244 -20.95 -0.44 68.60
CA GLY Q 244 -19.65 0.13 68.79
C GLY Q 244 -18.67 -0.87 69.39
N SER Q 245 -18.46 -0.86 70.71
CA SER Q 245 -17.61 -1.83 71.39
C SER Q 245 -18.30 -2.38 72.62
N THR Q 246 -19.61 -2.58 72.55
CA THR Q 246 -20.40 -3.09 73.66
C THR Q 246 -21.20 -4.30 73.21
N LEU Q 247 -21.09 -5.39 73.96
CA LEU Q 247 -21.74 -6.65 73.61
C LEU Q 247 -23.15 -6.73 74.20
N TYR Q 248 -24.08 -7.26 73.39
CA TYR Q 248 -25.43 -7.56 73.84
C TYR Q 248 -25.89 -8.92 73.33
N PRO Q 249 -26.04 -9.92 74.19
CA PRO Q 249 -26.61 -11.21 73.76
C PRO Q 249 -28.12 -11.13 73.68
N GLU Q 250 -28.66 -11.27 72.46
N GLU Q 250 -28.66 -11.27 72.47
CA GLU Q 250 -30.08 -11.15 72.20
CA GLU Q 250 -30.08 -11.15 72.22
C GLU Q 250 -30.63 -12.45 71.65
C GLU Q 250 -30.63 -12.45 71.65
N SER Q 251 -31.96 -12.56 71.65
CA SER Q 251 -32.67 -13.73 71.16
C SER Q 251 -33.59 -13.34 70.02
N ARG Q 252 -33.65 -14.18 68.99
CA ARG Q 252 -34.46 -13.87 67.82
C ARG Q 252 -35.95 -13.81 68.16
N LYS Q 253 -36.41 -14.70 69.03
CA LYS Q 253 -37.84 -14.71 69.37
C LYS Q 253 -38.25 -13.42 70.04
N LEU Q 254 -37.45 -12.94 71.00
CA LEU Q 254 -37.81 -11.72 71.71
C LEU Q 254 -37.68 -10.49 70.83
N LEU Q 255 -36.70 -10.49 69.92
CA LEU Q 255 -36.58 -9.39 68.97
C LEU Q 255 -37.78 -9.36 68.03
N LYS Q 256 -38.18 -10.52 67.51
CA LYS Q 256 -39.34 -10.59 66.62
C LYS Q 256 -40.63 -10.24 67.34
N SER Q 257 -40.71 -10.51 68.64
CA SER Q 257 -41.92 -10.19 69.38
C SER Q 257 -42.19 -8.69 69.38
N TRP Q 258 -41.16 -7.87 69.25
CA TRP Q 258 -41.32 -6.42 69.27
C TRP Q 258 -41.66 -5.86 67.90
N HIS Q 259 -41.69 -6.68 66.85
CA HIS Q 259 -42.14 -6.24 65.53
C HIS Q 259 -43.66 -6.37 65.46
N LEU Q 260 -44.32 -5.57 66.29
CA LEU Q 260 -45.76 -5.64 66.43
C LEU Q 260 -46.46 -5.16 65.16
N PRO Q 261 -47.62 -5.74 64.84
CA PRO Q 261 -48.38 -5.25 63.69
C PRO Q 261 -49.04 -3.92 64.00
N SER Q 262 -49.64 -3.34 62.96
CA SER Q 262 -50.36 -2.08 63.13
C SER Q 262 -51.55 -2.25 64.07
N VAL Q 263 -52.26 -3.37 63.97
CA VAL Q 263 -53.39 -3.68 64.84
C VAL Q 263 -53.18 -5.08 65.41
N PHE Q 264 -53.34 -5.22 66.73
CA PHE Q 264 -53.29 -6.52 67.37
C PHE Q 264 -54.12 -6.48 68.65
N HIS Q 265 -54.49 -7.67 69.13
CA HIS Q 265 -55.38 -7.82 70.27
C HIS Q 265 -54.63 -8.43 71.45
N LEU Q 266 -54.97 -7.97 72.64
CA LEU Q 266 -54.43 -8.52 73.90
C LEU Q 266 -55.57 -9.22 74.62
N LYS Q 267 -55.54 -10.56 74.62
CA LYS Q 267 -56.62 -11.38 75.16
C LYS Q 267 -56.11 -12.12 76.39
N GLY Q 268 -56.57 -11.69 77.56
CA GLY Q 268 -56.21 -12.34 78.81
C GLY Q 268 -57.31 -12.20 79.85
N LYS Q 269 -56.94 -11.86 81.08
CA LYS Q 269 -57.95 -11.56 82.09
C LYS Q 269 -58.77 -10.35 81.69
N LEU Q 270 -58.10 -9.27 81.29
CA LEU Q 270 -58.75 -8.11 80.71
C LEU Q 270 -58.44 -8.03 79.22
N SER Q 271 -59.37 -7.48 78.45
CA SER Q 271 -59.20 -7.35 77.01
C SER Q 271 -58.99 -5.88 76.62
N THR Q 273 -58.15 -3.64 72.43
CA THR Q 273 -57.39 -3.63 71.19
C THR Q 273 -56.18 -2.72 71.34
N CYS Q 274 -55.20 -2.89 70.47
CA CYS Q 274 -53.94 -2.15 70.54
C CYS Q 274 -53.46 -1.78 69.15
N ARG Q 275 -52.62 -0.76 69.08
CA ARG Q 275 -51.93 -0.40 67.85
C ARG Q 275 -50.46 -0.14 68.14
N CYS Q 276 -49.62 -0.33 67.11
CA CYS Q 276 -48.20 -0.04 67.18
C CYS Q 276 -47.81 0.73 65.93
N ASP Q 277 -47.34 1.98 66.12
CA ASP Q 277 -46.94 2.83 65.01
C ASP Q 277 -45.48 3.25 65.19
N THR Q 278 -44.77 3.35 64.07
CA THR Q 278 -43.39 3.80 64.06
C THR Q 278 -43.40 5.32 63.92
N VAL Q 279 -43.20 6.02 65.03
CA VAL Q 279 -43.25 7.47 65.01
C VAL Q 279 -41.89 8.11 64.74
N VAL Q 280 -40.79 7.39 64.99
CA VAL Q 280 -39.47 7.87 64.60
C VAL Q 280 -38.73 6.74 63.91
N SER Q 281 -38.07 7.06 62.80
CA SER Q 281 -37.29 6.06 62.05
C SER Q 281 -36.10 6.78 61.43
N CYS Q 282 -34.89 6.39 61.81
CA CYS Q 282 -33.67 7.03 61.32
C CYS Q 282 -32.59 5.97 61.16
N GLU Q 283 -32.36 5.55 59.91
CA GLU Q 283 -31.16 4.83 59.50
C GLU Q 283 -30.89 3.60 60.36
N GLY Q 284 -31.95 2.92 60.76
CA GLY Q 284 -31.86 1.69 61.52
C GLY Q 284 -32.30 1.77 62.95
N TYR Q 285 -32.51 2.97 63.49
CA TYR Q 285 -32.99 3.13 64.87
C TYR Q 285 -34.40 3.68 64.84
N VAL Q 286 -35.31 3.05 65.58
CA VAL Q 286 -36.72 3.41 65.53
C VAL Q 286 -37.24 3.68 66.93
N VAL Q 287 -38.26 4.53 66.98
CA VAL Q 287 -39.07 4.77 68.17
C VAL Q 287 -40.49 4.45 67.78
N LYS Q 288 -41.04 3.39 68.38
CA LYS Q 288 -42.39 2.92 68.12
C LYS Q 288 -43.30 3.33 69.28
N ARG Q 289 -44.44 3.92 68.94
CA ARG Q 289 -45.41 4.39 69.92
C ARG Q 289 -46.56 3.39 69.98
N ILE Q 290 -46.55 2.52 70.98
CA ILE Q 290 -47.64 1.60 71.25
C ILE Q 290 -48.61 2.30 72.19
N THR Q 291 -49.90 2.13 71.94
CA THR Q 291 -50.92 2.76 72.75
C THR Q 291 -52.07 1.77 72.99
N MET Q 292 -52.56 1.75 74.22
CA MET Q 292 -53.45 0.69 74.69
C MET Q 292 -54.85 1.24 74.90
N SER Q 293 -55.83 0.34 74.78
CA SER Q 293 -57.23 0.67 75.00
C SER Q 293 -57.98 -0.56 75.51
N PRO Q 294 -58.67 -0.46 76.64
CA PRO Q 294 -59.38 -1.63 77.18
C PRO Q 294 -60.54 -2.04 76.27
N GLY Q 295 -60.80 -3.35 76.27
CA GLY Q 295 -61.86 -3.90 75.44
C GLY Q 295 -61.37 -4.31 74.06
N LEU Q 296 -62.13 -5.19 73.42
CA LEU Q 296 -61.82 -5.68 72.09
C LEU Q 296 -62.68 -4.92 71.08
N TYR Q 297 -62.01 -4.22 70.16
CA TYR Q 297 -62.69 -3.44 69.14
C TYR Q 297 -62.06 -3.71 67.79
N GLY Q 298 -62.90 -3.72 66.74
CA GLY Q 298 -62.40 -3.94 65.40
C GLY Q 298 -61.95 -5.36 65.17
N LYS Q 299 -60.96 -5.51 64.29
CA LYS Q 299 -60.42 -6.82 63.97
C LYS Q 299 -59.01 -6.63 63.42
N THR Q 300 -58.21 -7.70 63.48
CA THR Q 300 -56.80 -7.64 63.16
C THR Q 300 -56.52 -8.42 61.88
N THR Q 301 -55.55 -7.92 61.10
CA THR Q 301 -55.09 -8.61 59.90
C THR Q 301 -53.83 -9.41 60.13
N GLY Q 302 -53.10 -9.14 61.21
CA GLY Q 302 -51.83 -9.80 61.45
C GLY Q 302 -50.70 -9.37 60.56
N TYR Q 303 -50.75 -8.15 60.03
CA TYR Q 303 -49.77 -7.64 59.09
C TYR Q 303 -48.98 -6.49 59.71
N ALA Q 304 -47.66 -6.52 59.50
CA ALA Q 304 -46.76 -5.48 59.98
C ALA Q 304 -46.08 -4.82 58.80
N VAL Q 305 -46.01 -3.49 58.83
CA VAL Q 305 -45.50 -2.67 57.74
C VAL Q 305 -44.24 -1.97 58.21
N THR Q 306 -43.19 -2.04 57.40
CA THR Q 306 -41.98 -1.27 57.60
C THR Q 306 -41.74 -0.39 56.37
N HIS Q 307 -41.64 0.92 56.59
CA HIS Q 307 -41.42 1.88 55.51
C HIS Q 307 -39.92 2.16 55.40
N HIS Q 308 -39.38 2.06 54.19
CA HIS Q 308 -37.94 2.20 53.97
C HIS Q 308 -37.65 3.58 53.39
N ALA Q 309 -37.24 4.51 54.25
CA ALA Q 309 -36.72 5.78 53.76
C ALA Q 309 -35.42 5.57 52.98
N ASP Q 310 -34.53 4.73 53.50
N ASP Q 310 -34.53 4.73 53.49
CA ASP Q 310 -33.31 4.33 52.83
CA ASP Q 310 -33.31 4.34 52.81
C ASP Q 310 -33.43 2.89 52.36
C ASP Q 310 -33.39 2.88 52.41
N GLY Q 311 -32.56 2.52 51.42
CA GLY Q 311 -32.60 1.16 50.91
C GLY Q 311 -32.25 0.13 51.96
N PHE Q 312 -32.91 -1.02 51.88
CA PHE Q 312 -32.65 -2.15 52.76
C PHE Q 312 -32.30 -3.35 51.90
N LEU Q 313 -31.28 -4.11 52.31
CA LEU Q 313 -30.85 -5.25 51.53
C LEU Q 313 -30.66 -6.47 52.43
N MET Q 314 -31.10 -7.63 51.96
CA MET Q 314 -30.77 -8.91 52.56
C MET Q 314 -30.36 -9.85 51.43
N CYS Q 315 -29.09 -10.25 51.40
CA CYS Q 315 -28.56 -10.93 50.24
C CYS Q 315 -27.74 -12.14 50.66
N LYS Q 316 -27.64 -13.10 49.74
CA LYS Q 316 -26.78 -14.26 49.93
C LYS Q 316 -25.33 -13.87 49.71
N THR Q 317 -24.46 -14.31 50.62
CA THR Q 317 -23.04 -14.06 50.50
C THR Q 317 -22.27 -15.26 51.00
N THR Q 318 -21.13 -15.53 50.37
CA THR Q 318 -20.30 -16.69 50.65
C THR Q 318 -19.09 -16.23 51.46
N ASP Q 319 -18.94 -16.80 52.65
CA ASP Q 319 -17.81 -16.52 53.52
C ASP Q 319 -17.21 -17.84 54.01
N THR Q 320 -16.28 -17.74 54.95
CA THR Q 320 -15.67 -18.91 55.58
C THR Q 320 -15.88 -18.82 57.07
N VAL Q 321 -16.61 -19.78 57.63
CA VAL Q 321 -16.81 -19.91 59.06
C VAL Q 321 -15.84 -20.97 59.56
N ASP Q 322 -14.91 -20.56 60.42
CA ASP Q 322 -13.82 -21.43 60.90
C ASP Q 322 -13.07 -22.06 59.73
N GLY Q 323 -12.90 -21.30 58.66
CA GLY Q 323 -12.21 -21.78 57.48
C GLY Q 323 -13.03 -22.64 56.55
N GLU Q 324 -14.31 -22.86 56.84
CA GLU Q 324 -15.18 -23.68 55.99
C GLU Q 324 -16.04 -22.76 55.15
N ARG Q 325 -15.97 -22.91 53.84
CA ARG Q 325 -16.70 -22.04 52.93
C ARG Q 325 -18.18 -22.38 52.93
N VAL Q 326 -19.01 -21.44 53.38
CA VAL Q 326 -20.46 -21.59 53.41
C VAL Q 326 -21.08 -20.31 52.86
N SER Q 327 -22.39 -20.35 52.65
CA SER Q 327 -23.15 -19.22 52.13
C SER Q 327 -24.32 -18.95 53.06
N PHE Q 328 -24.51 -17.69 53.45
CA PHE Q 328 -25.62 -17.32 54.30
C PHE Q 328 -26.05 -15.90 53.99
N SER Q 329 -27.16 -15.49 54.60
CA SER Q 329 -27.78 -14.20 54.32
C SER Q 329 -27.22 -13.12 55.22
N VAL Q 330 -27.02 -11.93 54.65
CA VAL Q 330 -26.53 -10.77 55.35
C VAL Q 330 -27.41 -9.58 54.98
N CYS Q 331 -27.82 -8.80 55.98
CA CYS Q 331 -28.68 -7.66 55.78
C CYS Q 331 -27.96 -6.37 56.15
N THR Q 332 -28.43 -5.25 55.60
CA THR Q 332 -27.84 -3.94 55.84
C THR Q 332 -28.75 -2.86 55.28
N TYR Q 333 -28.39 -1.62 55.56
CA TYR Q 333 -29.05 -0.43 55.04
C TYR Q 333 -28.09 0.35 54.16
N VAL Q 334 -28.63 0.95 53.11
CA VAL Q 334 -27.86 1.74 52.15
C VAL Q 334 -28.54 3.10 52.01
N PRO Q 335 -27.78 4.20 52.00
CA PRO Q 335 -28.42 5.53 51.93
C PRO Q 335 -29.24 5.70 50.67
N ALA Q 336 -30.31 6.49 50.78
CA ALA Q 336 -31.24 6.67 49.68
C ALA Q 336 -30.57 7.32 48.48
N THR Q 337 -29.62 8.24 48.71
CA THR Q 337 -28.91 8.86 47.60
C THR Q 337 -28.15 7.82 46.79
N ILE Q 338 -27.49 6.88 47.46
CA ILE Q 338 -26.78 5.82 46.76
C ILE Q 338 -27.75 4.99 45.93
N CYS Q 339 -28.88 4.61 46.54
CA CYS Q 339 -29.85 3.78 45.83
C CYS Q 339 -30.40 4.49 44.60
N ASP Q 340 -30.71 5.78 44.73
CA ASP Q 340 -31.19 6.54 43.58
C ASP Q 340 -30.12 6.70 42.51
N GLN Q 341 -28.86 6.80 42.91
CA GLN Q 341 -27.78 6.88 41.92
C GLN Q 341 -27.49 5.53 41.29
N MET Q 342 -27.95 4.44 41.91
CA MET Q 342 -27.74 3.10 41.37
C MET Q 342 -28.83 2.68 40.40
N THR Q 343 -29.94 3.42 40.31
CA THR Q 343 -31.09 2.97 39.55
C THR Q 343 -30.76 2.83 38.06
N GLY Q 344 -30.04 3.80 37.51
CA GLY Q 344 -29.79 3.80 36.07
C GLY Q 344 -28.98 2.62 35.60
N ILE Q 345 -27.90 2.30 36.31
CA ILE Q 345 -27.00 1.25 35.86
C ILE Q 345 -27.48 -0.14 36.25
N LEU Q 346 -28.44 -0.26 37.16
CA LEU Q 346 -28.97 -1.56 37.53
C LEU Q 346 -29.99 -2.09 36.52
N ALA Q 347 -30.25 -1.35 35.44
CA ALA Q 347 -31.11 -1.84 34.38
C ALA Q 347 -30.51 -3.03 33.65
N THR Q 348 -29.20 -3.22 33.74
CA THR Q 348 -28.48 -4.24 33.00
C THR Q 348 -27.90 -5.28 33.97
N GLU Q 349 -27.19 -6.24 33.41
CA GLU Q 349 -26.46 -7.22 34.20
C GLU Q 349 -25.05 -6.69 34.43
N VAL Q 350 -24.76 -6.33 35.69
CA VAL Q 350 -23.50 -5.69 36.05
C VAL Q 350 -22.73 -6.63 36.96
N THR Q 351 -21.46 -6.86 36.62
CA THR Q 351 -20.61 -7.71 37.44
C THR Q 351 -20.37 -7.05 38.80
N PRO Q 352 -20.22 -7.85 39.87
CA PRO Q 352 -20.00 -7.27 41.20
C PRO Q 352 -18.74 -6.44 41.30
N GLU Q 353 -17.73 -6.73 40.49
CA GLU Q 353 -16.53 -5.89 40.47
C GLU Q 353 -16.85 -4.48 39.97
N ASP Q 354 -17.54 -4.38 38.83
CA ASP Q 354 -17.93 -3.09 38.30
C ASP Q 354 -18.90 -2.37 39.22
N ALA Q 355 -19.83 -3.13 39.82
CA ALA Q 355 -20.77 -2.54 40.75
C ALA Q 355 -20.05 -1.97 41.97
N GLN Q 356 -19.05 -2.70 42.48
CA GLN Q 356 -18.28 -2.21 43.62
C GLN Q 356 -17.50 -0.95 43.26
N LYS Q 357 -16.87 -0.94 42.07
CA LYS Q 357 -16.12 0.24 41.66
C LYS Q 357 -17.04 1.45 41.53
N LEU Q 358 -18.24 1.26 40.97
CA LEU Q 358 -19.16 2.37 40.82
C LEU Q 358 -19.71 2.83 42.17
N LEU Q 359 -19.95 1.89 43.08
CA LEU Q 359 -20.36 2.26 44.43
C LEU Q 359 -19.29 3.08 45.13
N VAL Q 360 -18.03 2.69 44.98
CA VAL Q 360 -16.94 3.45 45.59
C VAL Q 360 -16.84 4.83 44.95
N GLY Q 361 -17.00 4.91 43.63
CA GLY Q 361 -17.00 6.20 42.96
C GLY Q 361 -18.11 7.12 43.46
N LEU Q 362 -19.29 6.55 43.72
CA LEU Q 362 -20.38 7.33 44.29
C LEU Q 362 -20.13 7.67 45.76
N ASN Q 363 -19.34 6.86 46.45
CA ASN Q 363 -19.08 7.10 47.87
C ASN Q 363 -18.01 8.16 48.06
N GLN Q 364 -16.84 7.97 47.45
N GLN Q 364 -16.85 7.98 47.43
CA GLN Q 364 -15.73 8.92 47.58
CA GLN Q 364 -15.75 8.92 47.51
C GLN Q 364 -16.01 10.18 46.78
C GLN Q 364 -16.14 10.27 46.90
N ASN Q 377 -17.53 10.20 53.12
CA ASN Q 377 -18.10 8.88 52.88
C ASN Q 377 -19.59 8.85 53.23
N THR Q 378 -20.44 8.68 52.22
CA THR Q 378 -21.87 8.61 52.47
C THR Q 378 -22.25 7.32 53.18
N MET Q 379 -21.61 6.21 52.82
CA MET Q 379 -21.84 4.92 53.45
C MET Q 379 -20.52 4.30 53.85
N LYS Q 380 -20.56 3.47 54.90
CA LYS Q 380 -19.35 2.83 55.39
C LYS Q 380 -18.80 1.86 54.35
N ASN Q 381 -17.49 1.95 54.09
CA ASN Q 381 -16.88 1.17 53.02
C ASN Q 381 -16.84 -0.31 53.36
N TYR Q 382 -16.82 -0.67 54.64
CA TYR Q 382 -16.64 -2.06 55.03
C TYR Q 382 -17.79 -2.95 54.56
N MET Q 383 -18.96 -2.38 54.28
CA MET Q 383 -20.07 -3.15 53.74
C MET Q 383 -20.33 -2.85 52.27
N ILE Q 384 -19.45 -2.06 51.62
CA ILE Q 384 -19.61 -1.80 50.19
C ILE Q 384 -19.56 -3.07 49.34
N PRO Q 385 -18.59 -3.99 49.54
CA PRO Q 385 -18.51 -5.13 48.60
C PRO Q 385 -19.76 -6.00 48.56
N VAL Q 386 -20.26 -6.40 49.72
CA VAL Q 386 -21.42 -7.30 49.76
C VAL Q 386 -22.62 -6.66 49.07
N VAL Q 387 -22.87 -5.39 49.37
CA VAL Q 387 -23.95 -4.66 48.70
C VAL Q 387 -23.76 -4.73 47.19
N ALA Q 388 -22.53 -4.52 46.74
CA ALA Q 388 -22.20 -4.72 45.33
C ALA Q 388 -22.74 -6.05 44.83
N GLN Q 389 -22.31 -7.15 45.46
CA GLN Q 389 -22.84 -8.46 45.11
C GLN Q 389 -24.36 -8.47 45.14
N ALA Q 390 -24.95 -7.93 46.21
CA ALA Q 390 -26.39 -7.85 46.30
C ALA Q 390 -26.96 -7.17 45.05
N PHE Q 391 -26.45 -5.99 44.74
CA PHE Q 391 -26.94 -5.29 43.56
C PHE Q 391 -26.69 -6.11 42.32
N SER Q 392 -25.49 -6.69 42.20
CA SER Q 392 -25.16 -7.49 41.03
C SER Q 392 -26.10 -8.68 40.92
N LYS Q 393 -26.52 -9.23 42.06
CA LYS Q 393 -27.50 -10.31 42.00
C LYS Q 393 -28.87 -9.78 41.65
N TRP Q 394 -29.28 -8.68 42.28
CA TRP Q 394 -30.65 -8.20 42.11
C TRP Q 394 -30.91 -7.81 40.67
N ALA Q 395 -30.06 -6.95 40.12
CA ALA Q 395 -30.19 -6.56 38.72
C ALA Q 395 -30.14 -7.78 37.81
N LYS Q 396 -29.44 -8.83 38.22
CA LYS Q 396 -29.45 -10.06 37.44
C LYS Q 396 -30.83 -10.72 37.48
N GLU Q 397 -31.38 -10.89 38.68
CA GLU Q 397 -32.64 -11.62 38.82
C GLU Q 397 -33.76 -10.90 38.10
N CYS Q 398 -33.84 -9.57 38.25
CA CYS Q 398 -34.82 -8.80 37.51
C CYS Q 398 -34.71 -9.07 36.02
N ARG Q 399 -33.48 -9.12 35.50
CA ARG Q 399 -33.29 -9.40 34.07
CA ARG Q 399 -33.30 -9.40 34.08
C ARG Q 399 -33.88 -10.75 33.71
N LYS Q 400 -33.71 -11.75 34.59
N LYS Q 400 -33.71 -11.75 34.59
CA LYS Q 400 -34.31 -13.06 34.34
CA LYS Q 400 -34.31 -13.05 34.34
C LYS Q 400 -35.83 -12.96 34.28
C LYS Q 400 -35.83 -12.96 34.28
N ASP Q 401 -36.43 -12.17 35.18
CA ASP Q 401 -37.86 -11.93 35.10
C ASP Q 401 -38.25 -11.26 33.79
N MET Q 402 -37.32 -10.49 33.22
CA MET Q 402 -37.53 -9.94 31.89
C MET Q 402 -37.59 -11.04 30.84
N GLU Q 403 -36.69 -12.04 30.94
CA GLU Q 403 -36.58 -13.05 29.90
C GLU Q 403 -37.73 -14.04 29.95
N ASP Q 404 -38.10 -14.49 31.14
CA ASP Q 404 -39.16 -15.48 31.31
C ASP Q 404 -40.49 -14.79 31.57
N GLU Q 405 -40.97 -14.08 30.55
CA GLU Q 405 -42.24 -13.38 30.66
C GLU Q 405 -43.39 -14.36 30.59
N LYS Q 406 -44.21 -14.40 31.64
CA LYS Q 406 -45.34 -15.30 31.70
C LYS Q 406 -46.57 -14.67 31.07
N LEU Q 407 -47.68 -15.41 31.08
CA LEU Q 407 -48.95 -14.86 30.64
C LEU Q 407 -49.64 -14.13 31.79
N LEU Q 408 -50.56 -13.23 31.43
CA LEU Q 408 -51.24 -12.43 32.43
C LEU Q 408 -52.25 -13.28 33.19
N GLY Q 409 -52.03 -13.41 34.49
CA GLY Q 409 -52.96 -14.15 35.33
C GLY Q 409 -53.08 -15.62 35.01
N VAL Q 410 -51.96 -16.29 34.77
CA VAL Q 410 -51.95 -17.73 34.53
C VAL Q 410 -50.82 -18.34 35.35
N ARG Q 411 -51.13 -19.36 36.14
CA ARG Q 411 -50.15 -20.12 36.89
C ARG Q 411 -50.02 -21.50 36.26
N GLU Q 412 -48.80 -21.87 35.89
CA GLU Q 412 -48.52 -23.14 35.23
C GLU Q 412 -48.01 -24.13 36.28
N ARG Q 413 -48.91 -24.94 36.82
CA ARG Q 413 -48.58 -25.93 37.83
C ARG Q 413 -48.89 -27.32 37.30
N THR Q 414 -48.05 -28.29 37.68
CA THR Q 414 -48.18 -29.65 37.18
C THR Q 414 -48.85 -30.53 38.24
N LEU Q 415 -49.80 -31.33 37.81
CA LEU Q 415 -50.48 -32.26 38.70
C LEU Q 415 -49.56 -33.45 38.97
N THR Q 416 -49.07 -33.56 40.21
CA THR Q 416 -48.03 -34.53 40.52
C THR Q 416 -48.60 -35.93 40.76
N CYS Q 417 -49.41 -36.42 39.82
CA CYS Q 417 -49.97 -37.77 39.86
C CYS Q 417 -50.75 -38.03 41.15
N CYS Q 418 -51.26 -36.97 41.77
N CYS Q 418 -51.27 -36.97 41.75
CA CYS Q 418 -51.98 -37.05 43.02
CA CYS Q 418 -52.01 -37.07 43.00
C CYS Q 418 -53.01 -35.92 43.06
C CYS Q 418 -52.98 -35.89 43.06
N CYS Q 419 -53.55 -35.65 44.25
CA CYS Q 419 -54.47 -34.52 44.44
C CYS Q 419 -53.74 -33.24 44.82
N LEU Q 420 -52.47 -33.11 44.45
CA LEU Q 420 -51.64 -31.98 44.80
C LEU Q 420 -51.10 -31.31 43.55
N TRP Q 421 -50.76 -30.03 43.68
CA TRP Q 421 -50.23 -29.23 42.58
C TRP Q 421 -48.90 -28.63 42.99
N ALA Q 422 -47.94 -28.62 42.06
CA ALA Q 422 -46.58 -28.18 42.33
C ALA Q 422 -46.13 -27.19 41.27
N PHE Q 423 -45.19 -26.32 41.66
CA PHE Q 423 -44.63 -25.31 40.78
C PHE Q 423 -43.13 -25.22 41.01
N LYS Q 424 -42.45 -24.57 40.06
CA LYS Q 424 -41.02 -24.34 40.17
C LYS Q 424 -40.76 -22.98 40.83
N LYS Q 425 -39.84 -22.96 41.78
CA LYS Q 425 -39.44 -21.74 42.46
C LYS Q 425 -38.17 -21.20 41.84
N GLN Q 426 -38.16 -19.91 41.55
CA GLN Q 426 -37.00 -19.25 40.96
C GLN Q 426 -35.95 -18.98 42.03
N LYS Q 427 -34.71 -18.80 41.57
CA LYS Q 427 -33.59 -18.53 42.47
C LYS Q 427 -33.63 -17.07 42.90
N THR Q 428 -33.85 -16.84 44.19
CA THR Q 428 -33.91 -15.49 44.76
C THR Q 428 -32.75 -15.36 45.75
N HIS Q 429 -31.71 -14.61 45.34
CA HIS Q 429 -30.53 -14.42 46.16
C HIS Q 429 -30.49 -13.07 46.87
N THR Q 430 -31.24 -12.09 46.40
CA THR Q 430 -31.23 -10.76 47.01
C THR Q 430 -32.65 -10.25 47.20
N VAL Q 431 -32.92 -9.70 48.38
CA VAL Q 431 -34.14 -8.95 48.65
C VAL Q 431 -33.73 -7.49 48.82
N TYR Q 432 -34.22 -6.64 47.94
CA TYR Q 432 -33.80 -5.24 47.85
C TYR Q 432 -35.04 -4.37 47.98
N LYS Q 433 -35.23 -3.78 49.16
CA LYS Q 433 -36.31 -2.83 49.40
C LYS Q 433 -35.78 -1.43 49.11
N ARG Q 434 -36.16 -0.89 47.96
CA ARG Q 434 -35.69 0.43 47.56
C ARG Q 434 -36.32 1.51 48.43
N PRO Q 435 -35.73 2.71 48.43
CA PRO Q 435 -36.35 3.82 49.17
C PRO Q 435 -37.77 4.08 48.69
N ASP Q 436 -38.61 4.52 49.63
CA ASP Q 436 -40.04 4.77 49.40
C ASP Q 436 -40.81 3.50 49.08
N THR Q 437 -40.35 2.36 49.58
CA THR Q 437 -41.06 1.11 49.52
C THR Q 437 -41.42 0.64 50.92
N GLN Q 438 -42.12 -0.49 51.00
CA GLN Q 438 -42.60 -1.00 52.26
C GLN Q 438 -42.49 -2.52 52.28
N SER Q 439 -42.03 -3.05 53.40
CA SER Q 439 -42.02 -4.48 53.65
C SER Q 439 -43.25 -4.86 54.46
N ILE Q 440 -43.99 -5.85 53.99
CA ILE Q 440 -45.20 -6.33 54.64
C ILE Q 440 -44.96 -7.76 55.11
N GLN Q 441 -45.11 -7.99 56.40
CA GLN Q 441 -44.83 -9.31 56.98
C GLN Q 441 -46.01 -9.77 57.82
N LYS Q 442 -46.45 -11.01 57.61
CA LYS Q 442 -47.54 -11.57 58.38
C LYS Q 442 -47.03 -11.97 59.76
N VAL Q 443 -47.64 -11.41 60.80
CA VAL Q 443 -47.23 -11.63 62.17
C VAL Q 443 -48.42 -12.16 62.97
N GLN Q 444 -48.11 -12.83 64.09
CA GLN Q 444 -49.15 -13.32 64.96
C GLN Q 444 -49.86 -12.15 65.65
N ALA Q 445 -51.17 -12.22 65.73
CA ALA Q 445 -51.98 -11.25 66.45
C ALA Q 445 -52.83 -11.99 67.49
N GLU Q 446 -53.59 -11.20 68.26
CA GLU Q 446 -54.50 -11.72 69.28
C GLU Q 446 -53.77 -12.62 70.28
N PHE Q 447 -52.79 -12.01 70.95
CA PHE Q 447 -52.03 -12.72 71.98
C PHE Q 447 -52.89 -12.95 73.22
N PRO R 3 -6.56 22.71 80.05
CA PRO R 3 -5.45 22.90 79.11
C PRO R 3 -4.31 21.92 79.38
N VAL R 4 -4.37 20.75 78.75
CA VAL R 4 -3.35 19.73 78.92
C VAL R 4 -2.22 19.96 77.92
N TYR R 5 -0.99 19.86 78.40
CA TYR R 5 0.20 20.01 77.57
C TYR R 5 0.85 18.66 77.35
N VAL R 6 1.30 18.42 76.13
CA VAL R 6 1.88 17.14 75.72
C VAL R 6 3.29 17.36 75.24
N ASP R 7 4.20 16.49 75.67
CA ASP R 7 5.61 16.57 75.29
C ASP R 7 5.83 15.95 73.90
N ILE R 8 5.17 16.55 72.92
CA ILE R 8 5.29 16.13 71.52
C ILE R 8 5.58 17.36 70.67
N ASP R 9 5.89 17.11 69.40
CA ASP R 9 6.22 18.18 68.48
C ASP R 9 5.02 19.08 68.25
N ALA R 10 5.29 20.36 67.95
CA ALA R 10 4.22 21.31 67.68
C ALA R 10 3.55 21.07 66.33
N ASP R 11 4.18 20.30 65.45
CA ASP R 11 3.62 20.03 64.12
C ASP R 11 3.57 18.53 63.83
N SER R 12 3.32 17.73 64.86
CA SER R 12 3.26 16.28 64.68
C SER R 12 1.89 15.86 64.18
N ALA R 13 1.87 14.88 63.27
CA ALA R 13 0.61 14.38 62.72
C ALA R 13 -0.24 13.67 63.76
N PHE R 14 0.38 13.04 64.76
CA PHE R 14 -0.35 12.37 65.83
C PHE R 14 -1.22 13.33 66.63
N LEU R 15 -0.82 14.60 66.72
CA LEU R 15 -1.53 15.58 67.54
C LEU R 15 -3.05 15.49 67.35
N LYS R 16 -3.51 15.62 66.10
CA LYS R 16 -4.94 15.62 65.84
C LYS R 16 -5.60 14.35 66.36
N ALA R 17 -4.99 13.19 66.10
CA ALA R 17 -5.55 11.95 66.62
C ALA R 17 -5.69 12.01 68.13
N LEU R 18 -4.68 12.53 68.81
CA LEU R 18 -4.75 12.72 70.25
C LEU R 18 -5.91 13.63 70.62
N GLN R 19 -6.09 14.73 69.88
N GLN R 19 -6.09 14.73 69.87
CA GLN R 19 -7.21 15.63 70.14
CA GLN R 19 -7.21 15.62 70.15
C GLN R 19 -8.54 14.92 69.89
C GLN R 19 -8.55 14.94 69.87
N ARG R 20 -8.56 13.98 68.93
CA ARG R 20 -9.78 13.21 68.71
C ARG R 20 -9.97 12.17 69.81
N ALA R 21 -8.88 11.75 70.46
CA ALA R 21 -8.99 10.77 71.53
C ALA R 21 -9.50 11.35 72.83
N TYR R 22 -9.23 12.63 73.09
CA TYR R 22 -9.64 13.29 74.34
C TYR R 22 -10.35 14.60 73.99
N PRO R 23 -11.65 14.53 73.67
CA PRO R 23 -12.38 15.75 73.32
C PRO R 23 -12.66 16.66 74.51
N MET R 24 -12.62 16.15 75.74
CA MET R 24 -12.89 16.97 76.91
C MET R 24 -11.73 17.88 77.27
N PHE R 25 -10.55 17.66 76.71
CA PHE R 25 -9.35 18.40 77.06
C PHE R 25 -8.87 19.22 75.86
N GLU R 26 -8.14 20.29 76.16
CA GLU R 26 -7.49 21.12 75.15
C GLU R 26 -6.03 20.70 75.11
N VAL R 27 -5.68 19.93 74.08
CA VAL R 27 -4.34 19.37 73.96
C VAL R 27 -3.44 20.37 73.24
N GLU R 28 -2.35 20.77 73.89
CA GLU R 28 -1.41 21.73 73.33
C GLU R 28 -0.01 21.13 73.38
N PRO R 29 0.74 21.19 72.28
CA PRO R 29 2.09 20.60 72.28
C PRO R 29 3.11 21.50 72.96
N ARG R 30 4.01 20.87 73.72
CA ARG R 30 5.15 21.57 74.32
C ARG R 30 6.30 20.58 74.38
N GLN R 31 7.16 20.62 73.36
CA GLN R 31 8.26 19.66 73.24
C GLN R 31 9.45 20.16 74.05
N VAL R 32 9.90 19.34 75.00
CA VAL R 32 11.05 19.69 75.82
C VAL R 32 12.02 18.52 75.85
N THR R 33 11.73 17.47 75.07
CA THR R 33 12.56 16.28 75.01
C THR R 33 12.42 15.59 73.66
N PRO R 34 13.52 15.17 73.03
CA PRO R 34 13.42 14.42 71.77
C PRO R 34 13.15 12.94 72.00
N ASN R 35 12.05 12.66 72.69
CA ASN R 35 11.73 11.30 73.10
C ASN R 35 11.36 10.45 71.89
N ASP R 36 11.93 9.24 71.83
CA ASP R 36 11.65 8.31 70.74
C ASP R 36 10.26 7.70 70.82
N HIS R 37 9.58 7.83 71.96
CA HIS R 37 8.23 7.29 72.15
C HIS R 37 7.35 8.34 72.82
N ALA R 38 7.39 9.57 72.30
CA ALA R 38 6.67 10.68 72.93
C ALA R 38 5.16 10.49 72.84
N ASN R 39 4.67 9.84 71.79
CA ASN R 39 3.24 9.61 71.66
C ASN R 39 2.71 8.75 72.79
N ALA R 40 3.47 7.72 73.18
CA ALA R 40 3.06 6.86 74.29
C ALA R 40 2.92 7.65 75.58
N ARG R 41 3.90 8.49 75.87
CA ARG R 41 3.86 9.27 77.11
C ARG R 41 2.73 10.29 77.08
N ALA R 42 2.49 10.91 75.93
CA ALA R 42 1.39 11.87 75.83
C ALA R 42 0.05 11.19 76.05
N PHE R 43 -0.14 10.02 75.43
CA PHE R 43 -1.38 9.29 75.63
C PHE R 43 -1.54 8.86 77.08
N SER R 44 -0.47 8.39 77.71
CA SER R 44 -0.55 8.02 79.11
C SER R 44 -0.90 9.22 80.00
N HIS R 45 -0.30 10.37 79.71
CA HIS R 45 -0.60 11.58 80.48
C HIS R 45 -2.07 11.95 80.36
N LEU R 46 -2.60 12.01 79.14
CA LEU R 46 -4.00 12.37 78.99
C LEU R 46 -4.93 11.30 79.55
N ALA R 47 -4.52 10.03 79.49
CA ALA R 47 -5.31 8.98 80.12
C ALA R 47 -5.40 9.19 81.63
N ILE R 48 -4.28 9.55 82.26
CA ILE R 48 -4.27 9.81 83.69
C ILE R 48 -5.16 11.01 84.01
N LYS R 49 -5.06 12.07 83.20
CA LYS R 49 -5.91 13.24 83.44
C LYS R 49 -7.39 12.91 83.28
N LEU R 50 -7.72 12.11 82.26
CA LEU R 50 -9.10 11.65 82.08
C LEU R 50 -9.57 10.86 83.29
N ILE R 51 -8.72 9.98 83.80
CA ILE R 51 -9.08 9.17 84.97
C ILE R 51 -9.36 10.07 86.16
N GLU R 52 -8.47 11.04 86.42
CA GLU R 52 -8.64 11.92 87.56
C GLU R 52 -9.90 12.77 87.42
N GLN R 53 -10.20 13.25 86.20
CA GLN R 53 -11.40 14.04 86.00
C GLN R 53 -12.66 13.20 86.21
N GLU R 54 -12.66 11.95 85.74
CA GLU R 54 -13.88 11.17 85.66
C GLU R 54 -14.29 10.52 86.98
N ILE R 55 -13.46 10.59 88.02
CA ILE R 55 -13.76 9.86 89.25
C ILE R 55 -13.90 10.81 90.43
N ASP R 56 -14.19 10.24 91.60
CA ASP R 56 -14.46 11.02 92.81
C ASP R 56 -13.20 11.75 93.26
N PRO R 57 -13.23 13.07 93.43
CA PRO R 57 -12.04 13.78 93.92
C PRO R 57 -11.63 13.39 95.32
N ASP R 58 -12.56 12.90 96.16
CA ASP R 58 -12.23 12.46 97.51
C ASP R 58 -12.22 10.93 97.53
N SER R 59 -11.07 10.37 97.16
CA SER R 59 -10.91 8.92 97.12
C SER R 59 -9.43 8.59 97.02
N THR R 60 -8.96 7.67 97.85
CA THR R 60 -7.59 7.21 97.74
C THR R 60 -7.42 6.40 96.46
N ILE R 61 -6.37 6.71 95.69
CA ILE R 61 -6.18 6.15 94.36
C ILE R 61 -4.90 5.34 94.39
N LEU R 62 -5.02 4.02 94.48
CA LEU R 62 -3.86 3.14 94.40
C LEU R 62 -3.56 2.82 92.94
N ASP R 63 -2.32 3.03 92.53
CA ASP R 63 -1.86 2.72 91.19
C ASP R 63 -0.87 1.58 91.25
N ILE R 64 -1.13 0.51 90.50
CA ILE R 64 -0.36 -0.72 90.60
C ILE R 64 0.90 -0.62 89.75
N GLY R 65 2.03 -0.95 90.35
CA GLY R 65 3.30 -0.94 89.62
C GLY R 65 3.63 0.41 89.02
N SER R 66 3.37 1.48 89.74
CA SER R 66 3.48 2.82 89.21
C SER R 66 4.82 3.44 89.55
N ALA R 67 5.22 4.44 88.76
CA ALA R 67 6.39 5.25 89.07
C ALA R 67 5.96 6.44 89.93
N PRO R 68 6.46 6.56 91.16
CA PRO R 68 5.98 7.64 92.04
C PRO R 68 6.35 9.03 91.56
N ALA R 69 7.33 9.18 90.66
CA ALA R 69 7.72 10.50 90.19
C ALA R 69 6.62 11.16 89.35
N ARG R 70 5.85 10.36 88.60
CA ARG R 70 4.83 10.93 87.74
C ARG R 70 3.61 11.41 88.51
N ARG R 71 3.35 10.85 89.69
CA ARG R 71 2.17 11.20 90.47
C ARG R 71 2.34 12.52 91.22
N MET R 72 3.47 13.20 91.08
CA MET R 72 3.65 14.50 91.71
C MET R 72 2.75 15.54 91.07
N MET R 73 2.54 16.64 91.80
CA MET R 73 1.68 17.74 91.37
C MET R 73 0.25 17.29 91.13
N SER R 74 -0.18 16.27 91.87
CA SER R 74 -1.55 15.76 91.83
C SER R 74 -2.12 15.80 93.24
N ASP R 75 -3.08 16.70 93.47
CA ASP R 75 -3.64 16.87 94.81
C ASP R 75 -4.37 15.62 95.30
N ARG R 76 -4.76 14.73 94.40
CA ARG R 76 -5.44 13.51 94.80
C ARG R 76 -4.49 12.58 95.55
N LYS R 77 -5.02 11.94 96.59
CA LYS R 77 -4.23 10.96 97.33
C LYS R 77 -3.89 9.77 96.43
N TYR R 78 -2.63 9.35 96.48
CA TYR R 78 -2.15 8.25 95.63
C TYR R 78 -1.42 7.24 96.49
N HIS R 79 -1.77 5.96 96.33
CA HIS R 79 -1.04 4.84 96.91
C HIS R 79 -0.12 4.28 95.83
N CYS R 80 1.06 4.88 95.72
CA CYS R 80 2.04 4.48 94.71
C CYS R 80 2.64 3.14 95.12
N VAL R 81 2.08 2.06 94.57
CA VAL R 81 2.55 0.71 94.91
C VAL R 81 3.81 0.43 94.11
N CYS R 82 4.90 0.12 94.81
N CYS R 82 4.89 0.11 94.82
CA CYS R 82 6.20 -0.17 94.21
CA CYS R 82 6.20 -0.17 94.21
C CYS R 82 6.71 -1.49 94.76
C CYS R 82 6.71 -1.49 94.76
N PRO R 83 6.33 -2.61 94.13
CA PRO R 83 6.77 -3.92 94.64
C PRO R 83 8.28 -4.16 94.53
N MET R 84 9.03 -3.27 93.88
CA MET R 84 10.49 -3.38 93.76
C MET R 84 10.90 -4.63 92.99
N ARG R 85 10.05 -5.11 92.09
CA ARG R 85 10.31 -6.35 91.38
C ARG R 85 11.18 -6.15 90.15
N SER R 86 10.88 -5.14 89.34
CA SER R 86 11.65 -4.88 88.14
C SER R 86 12.96 -4.19 88.50
N ALA R 87 13.90 -4.21 87.55
CA ALA R 87 15.21 -3.62 87.74
C ALA R 87 15.22 -2.10 87.60
N GLU R 88 14.20 -1.52 86.99
CA GLU R 88 14.13 -0.07 86.85
C GLU R 88 13.66 0.62 88.13
N ASP R 89 13.02 -0.13 89.03
CA ASP R 89 12.40 0.49 90.20
C ASP R 89 13.37 1.22 91.13
N PRO R 90 14.55 0.69 91.47
CA PRO R 90 15.45 1.47 92.34
C PRO R 90 15.78 2.84 91.81
N GLU R 91 15.97 2.96 90.49
CA GLU R 91 16.26 4.26 89.88
C GLU R 91 15.05 5.17 89.95
N ARG R 92 13.85 4.62 89.75
CA ARG R 92 12.63 5.41 89.89
C ARG R 92 12.48 5.94 91.31
N LEU R 93 12.75 5.10 92.30
CA LEU R 93 12.67 5.55 93.69
C LEU R 93 13.75 6.59 93.99
N ALA R 94 14.94 6.42 93.42
CA ALA R 94 15.99 7.43 93.60
C ALA R 94 15.55 8.78 93.05
N ASN R 95 14.99 8.79 91.85
CA ASN R 95 14.50 10.04 91.26
C ASN R 95 13.36 10.63 92.08
N TYR R 96 12.45 9.77 92.57
CA TYR R 96 11.33 10.24 93.38
C TYR R 96 11.83 10.88 94.67
N ALA R 97 12.83 10.26 95.30
CA ALA R 97 13.38 10.82 96.53
C ALA R 97 14.12 12.11 96.27
N ARG R 98 14.80 12.22 95.12
CA ARG R 98 15.43 13.48 94.74
C ARG R 98 14.39 14.59 94.60
N LYS R 99 13.29 14.30 93.90
CA LYS R 99 12.25 15.30 93.72
C LYS R 99 11.60 15.67 95.05
N LEU R 100 11.34 14.69 95.91
CA LEU R 100 10.73 14.98 97.20
C LEU R 100 11.67 15.78 98.10
N ALA R 101 12.97 15.56 97.98
CA ALA R 101 13.95 16.32 98.75
C ALA R 101 14.29 17.66 98.14
N SER R 102 13.87 17.92 96.89
CA SER R 102 14.16 19.16 96.21
C SER R 102 13.04 20.19 96.34
N ALA R 103 11.94 19.86 97.00
CA ALA R 103 10.81 20.77 97.15
C ALA R 103 10.30 20.76 98.57
N ALA R 104 11.20 20.72 99.55
CA ALA R 104 10.79 20.75 100.94
C ALA R 104 10.16 22.09 101.31
N GLY R 105 10.84 23.18 100.97
CA GLY R 105 10.32 24.51 101.24
C GLY R 105 9.74 25.20 100.02
N LYS R 106 9.45 24.42 98.98
CA LYS R 106 8.97 24.95 97.71
C LYS R 106 7.47 24.78 97.51
N VAL R 107 6.96 23.56 97.65
CA VAL R 107 5.55 23.27 97.46
C VAL R 107 4.99 22.66 98.75
N LEU R 108 3.79 23.09 99.12
CA LEU R 108 3.14 22.64 100.33
C LEU R 108 1.77 22.00 100.12
N ASP R 109 1.07 22.32 99.04
CA ASP R 109 -0.28 21.81 98.81
C ASP R 109 -0.30 20.35 98.37
N ARG R 110 0.84 19.79 97.95
CA ARG R 110 0.88 18.45 97.38
C ARG R 110 1.23 17.39 98.41
N ASN R 111 1.03 17.68 99.70
CA ASN R 111 1.23 16.73 100.80
C ASN R 111 2.63 16.11 100.80
N ILE R 112 3.58 16.78 100.15
CA ILE R 112 4.96 16.26 100.08
C ILE R 112 5.58 16.20 101.46
N SER R 113 5.22 17.12 102.36
CA SER R 113 5.74 17.09 103.72
C SER R 113 5.42 15.78 104.41
N GLY R 114 4.24 15.21 104.15
CA GLY R 114 3.93 13.88 104.64
C GLY R 114 4.48 12.76 103.79
N LYS R 115 4.74 13.02 102.52
CA LYS R 115 5.36 12.01 101.66
C LYS R 115 6.79 11.72 102.10
N ILE R 116 7.49 12.72 102.61
CA ILE R 116 8.83 12.49 103.16
C ILE R 116 8.75 11.53 104.33
N GLY R 117 7.78 11.75 105.23
CA GLY R 117 7.60 10.84 106.35
C GLY R 117 7.21 9.44 105.90
N ASP R 118 6.38 9.35 104.85
CA ASP R 118 6.00 8.04 104.32
C ASP R 118 7.22 7.31 103.76
N LEU R 119 8.08 8.02 103.03
CA LEU R 119 9.29 7.41 102.50
C LEU R 119 10.22 6.96 103.62
N GLN R 120 10.36 7.78 104.66
CA GLN R 120 11.18 7.37 105.80
C GLN R 120 10.59 6.16 106.51
N ALA R 121 9.25 6.07 106.56
CA ALA R 121 8.61 4.94 107.22
C ALA R 121 8.81 3.65 106.44
N VAL R 122 8.66 3.72 105.11
CA VAL R 122 8.81 2.50 104.31
C VAL R 122 10.26 2.04 104.26
N MET R 123 11.19 2.92 104.62
CA MET R 123 12.61 2.58 104.66
C MET R 123 13.08 2.15 106.05
N ALA R 124 12.14 1.88 106.96
CA ALA R 124 12.46 1.39 108.30
C ALA R 124 12.04 -0.06 108.50
N VAL R 125 10.79 -0.38 108.21
CA VAL R 125 10.27 -1.74 108.25
C VAL R 125 9.78 -2.09 106.86
N PRO R 126 10.20 -3.21 106.27
CA PRO R 126 9.79 -3.52 104.89
C PRO R 126 8.30 -3.71 104.71
N ASP R 127 7.56 -3.98 105.79
CA ASP R 127 6.11 -4.16 105.72
C ASP R 127 5.36 -2.93 106.21
N THR R 128 5.94 -1.74 106.06
CA THR R 128 5.31 -0.50 106.51
C THR R 128 4.28 -0.08 105.48
N GLU R 129 3.01 -0.31 105.77
CA GLU R 129 1.92 0.09 104.88
C GLU R 129 1.49 1.51 105.26
N THR R 130 2.19 2.49 104.72
CA THR R 130 1.82 3.88 104.91
C THR R 130 0.61 4.22 104.06
N PRO R 131 -0.12 5.29 104.42
CA PRO R 131 -1.32 5.64 103.64
C PRO R 131 -1.03 5.92 102.17
N THR R 132 0.15 6.47 101.85
CA THR R 132 0.43 6.93 100.50
C THR R 132 1.50 6.12 99.76
N PHE R 133 2.22 5.24 100.44
CA PHE R 133 3.33 4.56 99.79
C PHE R 133 3.62 3.24 100.49
N CYS R 134 3.96 2.22 99.72
CA CYS R 134 4.27 0.91 100.25
C CYS R 134 5.06 0.11 99.23
N LEU R 135 5.72 -0.94 99.71
CA LEU R 135 6.50 -1.86 98.88
C LEU R 135 5.94 -3.26 99.04
N HIS R 136 4.92 -3.57 98.24
CA HIS R 136 4.34 -4.90 98.20
C HIS R 136 3.78 -5.14 96.80
N THR R 137 3.59 -6.41 96.46
CA THR R 137 2.91 -6.73 95.21
C THR R 137 1.41 -6.45 95.36
N ASP R 138 0.73 -6.39 94.21
CA ASP R 138 -0.69 -6.07 94.22
C ASP R 138 -1.53 -7.14 94.89
N VAL R 139 -0.99 -8.34 95.08
CA VAL R 139 -1.71 -9.43 95.71
C VAL R 139 -1.32 -9.61 97.18
N SER R 140 -0.55 -8.68 97.74
CA SER R 140 -0.16 -8.75 99.15
C SER R 140 -0.31 -7.44 99.89
N CYS R 141 -0.54 -6.32 99.21
CA CYS R 141 -0.74 -5.05 99.90
C CYS R 141 -2.06 -5.07 100.66
N ARG R 142 -2.06 -4.48 101.85
CA ARG R 142 -3.21 -4.51 102.75
C ARG R 142 -4.00 -3.21 102.77
N GLN R 143 -3.66 -2.24 101.93
CA GLN R 143 -4.41 -0.99 101.90
C GLN R 143 -5.81 -1.22 101.34
N ARG R 144 -6.77 -0.46 101.87
CA ARG R 144 -8.18 -0.56 101.49
C ARG R 144 -8.62 0.77 100.88
N ALA R 145 -8.44 0.90 99.57
CA ALA R 145 -8.83 2.10 98.84
C ALA R 145 -10.00 1.80 97.91
N ASP R 146 -10.36 2.79 97.10
CA ASP R 146 -11.54 2.71 96.25
C ASP R 146 -11.24 2.58 94.76
N VAL R 147 -10.11 3.10 94.29
CA VAL R 147 -9.80 3.13 92.86
C VAL R 147 -8.44 2.48 92.64
N ALA R 148 -8.36 1.64 91.61
CA ALA R 148 -7.11 1.02 91.19
C ALA R 148 -6.72 1.55 89.82
N ILE R 149 -5.41 1.63 89.56
CA ILE R 149 -4.88 2.12 88.30
C ILE R 149 -3.74 1.21 87.85
N TYR R 150 -3.78 0.76 86.61
CA TYR R 150 -2.71 -0.05 86.01
C TYR R 150 -2.26 0.67 84.75
N GLN R 151 -1.30 1.58 84.91
CA GLN R 151 -0.73 2.33 83.80
C GLN R 151 0.46 1.55 83.25
N ASP R 152 0.34 1.08 82.01
CA ASP R 152 1.39 0.30 81.34
C ASP R 152 1.83 -0.88 82.19
N VAL R 153 0.86 -1.63 82.69
CA VAL R 153 1.11 -2.80 83.53
C VAL R 153 0.60 -4.02 82.76
N TYR R 154 1.50 -4.70 82.06
CA TYR R 154 1.15 -5.86 81.27
C TYR R 154 1.65 -7.17 81.85
N ALA R 155 2.52 -7.13 82.86
CA ALA R 155 3.20 -8.32 83.36
C ALA R 155 2.54 -8.88 84.64
N VAL R 156 1.22 -8.77 84.74
CA VAL R 156 0.50 -9.33 85.88
C VAL R 156 -0.80 -9.95 85.37
N HIS R 157 -1.28 -10.95 86.11
CA HIS R 157 -2.51 -11.63 85.77
C HIS R 157 -3.70 -10.74 86.11
N ALA R 158 -4.48 -10.37 85.09
CA ALA R 158 -5.59 -9.45 85.31
C ALA R 158 -6.63 -9.97 86.29
N PRO R 159 -7.18 -11.19 86.14
CA PRO R 159 -8.24 -11.60 87.07
C PRO R 159 -7.79 -11.69 88.52
N THR R 160 -6.57 -12.18 88.76
CA THR R 160 -6.08 -12.31 90.12
C THR R 160 -5.92 -10.94 90.78
N SER R 161 -5.31 -10.00 90.08
CA SER R 161 -5.14 -8.65 90.62
C SER R 161 -6.48 -7.96 90.82
N LEU R 162 -7.38 -8.11 89.86
CA LEU R 162 -8.70 -7.50 89.99
C LEU R 162 -9.45 -8.06 91.20
N TYR R 163 -9.39 -9.37 91.41
CA TYR R 163 -10.01 -9.95 92.59
C TYR R 163 -9.34 -9.47 93.87
N HIS R 164 -8.01 -9.35 93.87
CA HIS R 164 -7.31 -8.94 95.08
C HIS R 164 -7.62 -7.50 95.46
N GLN R 165 -7.81 -6.61 94.48
CA GLN R 165 -8.26 -5.26 94.81
C GLN R 165 -9.77 -5.16 94.99
N ALA R 166 -10.53 -6.15 94.51
CA ALA R 166 -11.96 -6.17 94.77
C ALA R 166 -12.25 -6.55 96.21
N ILE R 167 -11.49 -7.51 96.75
CA ILE R 167 -11.59 -7.83 98.18
C ILE R 167 -10.96 -6.76 99.05
N LYS R 168 -10.36 -5.73 98.46
CA LYS R 168 -9.78 -4.62 99.18
C LYS R 168 -10.64 -3.36 99.11
N GLY R 169 -11.86 -3.46 98.59
CA GLY R 169 -12.76 -2.34 98.53
C GLY R 169 -12.70 -1.49 97.28
N VAL R 170 -11.73 -1.73 96.40
CA VAL R 170 -11.59 -0.95 95.17
C VAL R 170 -12.77 -1.29 94.27
N ARG R 171 -13.54 -0.27 93.89
CA ARG R 171 -14.69 -0.45 93.01
C ARG R 171 -14.41 -0.10 91.56
N LEU R 172 -13.41 0.75 91.30
CA LEU R 172 -13.08 1.18 89.95
C LEU R 172 -11.62 0.88 89.67
N ALA R 173 -11.34 0.36 88.48
CA ALA R 173 -9.99 0.11 88.03
C ALA R 173 -9.84 0.64 86.60
N TYR R 174 -8.65 1.16 86.29
CA TYR R 174 -8.34 1.65 84.96
C TYR R 174 -7.07 0.99 84.46
N TRP R 175 -7.09 0.48 83.24
CA TRP R 175 -5.92 -0.15 82.63
C TRP R 175 -5.58 0.62 81.36
N VAL R 176 -4.47 1.33 81.37
CA VAL R 176 -3.98 2.09 80.22
C VAL R 176 -2.79 1.33 79.65
N GLY R 177 -2.93 0.88 78.41
CA GLY R 177 -1.85 0.10 77.83
C GLY R 177 -2.12 -0.20 76.37
N PHE R 178 -1.21 -0.99 75.79
CA PHE R 178 -1.35 -1.37 74.40
C PHE R 178 -2.54 -2.28 74.21
N ASP R 179 -3.17 -2.17 73.04
CA ASP R 179 -4.31 -3.02 72.72
C ASP R 179 -3.88 -4.48 72.74
N THR R 180 -4.68 -5.32 73.39
CA THR R 180 -4.39 -6.74 73.54
C THR R 180 -5.07 -7.58 72.46
N THR R 181 -5.83 -6.96 71.56
CA THR R 181 -6.43 -7.70 70.46
C THR R 181 -5.41 -8.43 69.58
N PRO R 182 -4.25 -7.86 69.25
CA PRO R 182 -3.28 -8.64 68.46
C PRO R 182 -2.84 -9.94 69.11
N PHE R 183 -2.77 -9.98 70.44
CA PHE R 183 -2.28 -11.17 71.12
C PHE R 183 -3.35 -12.24 71.29
N MET R 184 -4.62 -11.91 71.12
CA MET R 184 -5.64 -12.94 71.05
C MET R 184 -5.81 -13.49 69.65
N TYR R 185 -5.17 -12.88 68.66
CA TYR R 185 -5.07 -13.43 67.31
C TYR R 185 -3.86 -14.32 67.13
N ASN R 186 -3.00 -14.41 68.16
CA ASN R 186 -1.80 -15.26 68.15
C ASN R 186 -0.87 -14.89 66.99
N ALA R 187 -0.38 -13.65 67.04
CA ALA R 187 0.55 -13.16 66.03
C ALA R 187 1.98 -13.33 66.51
N MET R 188 2.84 -13.78 65.59
CA MET R 188 4.25 -13.96 65.93
C MET R 188 4.97 -12.62 66.10
N ALA R 189 4.55 -11.60 65.35
CA ALA R 189 5.15 -10.27 65.46
C ALA R 189 4.08 -9.25 65.16
N GLY R 190 4.35 -8.00 65.52
CA GLY R 190 3.37 -6.95 65.28
C GLY R 190 3.97 -5.59 65.51
N ALA R 191 3.18 -4.57 65.18
CA ALA R 191 3.64 -3.20 65.26
C ALA R 191 2.48 -2.27 65.56
N TYR R 192 2.74 -1.26 66.40
CA TYR R 192 1.90 -0.07 66.56
C TYR R 192 2.65 1.07 65.90
N PRO R 193 2.46 1.30 64.60
CA PRO R 193 3.25 2.32 63.90
C PRO R 193 3.10 3.72 64.45
N SER R 194 1.90 4.09 64.90
CA SER R 194 1.65 5.46 65.35
C SER R 194 2.37 5.79 66.65
N TYR R 195 2.89 4.79 67.35
CA TYR R 195 3.65 5.00 68.57
C TYR R 195 5.10 4.56 68.41
N SER R 196 5.54 4.33 67.17
CA SER R 196 6.89 3.85 66.88
C SER R 196 7.18 2.56 67.63
N THR R 197 6.17 1.73 67.82
CA THR R 197 6.28 0.55 68.67
C THR R 197 6.31 -0.71 67.81
N ASN R 198 7.20 -1.63 68.14
CA ASN R 198 7.24 -2.94 67.52
C ASN R 198 7.27 -4.00 68.61
N TRP R 199 6.92 -5.22 68.25
CA TRP R 199 7.02 -6.32 69.20
C TRP R 199 7.18 -7.62 68.42
N ALA R 200 7.94 -8.54 68.98
CA ALA R 200 8.21 -9.79 68.28
C ALA R 200 8.40 -10.93 69.29
N ASP R 201 8.00 -12.12 68.86
CA ASP R 201 8.31 -13.33 69.62
C ASP R 201 9.81 -13.61 69.58
N GLU R 202 10.32 -14.20 70.66
CA GLU R 202 11.75 -14.48 70.75
C GLU R 202 12.23 -15.43 69.67
N GLN R 203 11.32 -16.20 69.05
CA GLN R 203 11.72 -17.10 67.98
C GLN R 203 12.02 -16.37 66.68
N VAL R 204 11.61 -15.10 66.56
CA VAL R 204 11.78 -14.37 65.31
C VAL R 204 12.50 -13.05 65.56
N LEU R 205 13.29 -12.98 66.64
CA LEU R 205 14.09 -11.78 66.88
C LEU R 205 15.28 -11.67 65.95
N LYS R 206 15.65 -12.76 65.27
CA LYS R 206 16.72 -12.75 64.29
C LYS R 206 16.18 -12.70 62.86
N ALA R 207 14.96 -12.21 62.68
CA ALA R 207 14.37 -12.06 61.36
C ALA R 207 15.07 -10.93 60.60
N LYS R 208 14.60 -10.68 59.39
CA LYS R 208 15.24 -9.75 58.48
C LYS R 208 14.42 -8.50 58.21
N ASN R 209 13.12 -8.63 57.95
CA ASN R 209 12.32 -7.53 57.44
C ASN R 209 11.06 -7.32 58.26
N ILE R 210 11.19 -7.34 59.59
CA ILE R 210 10.11 -6.96 60.48
C ILE R 210 10.59 -5.80 61.34
N GLY R 211 9.66 -5.22 62.09
CA GLY R 211 9.98 -4.01 62.84
C GLY R 211 11.05 -4.24 63.90
N LEU R 212 10.94 -5.33 64.66
CA LEU R 212 11.88 -5.65 65.73
C LEU R 212 12.63 -6.92 65.35
N CYS R 213 13.80 -6.76 64.76
CA CYS R 213 14.65 -7.88 64.38
C CYS R 213 16.04 -7.34 64.05
N SER R 214 17.00 -8.26 63.98
CA SER R 214 18.35 -7.93 63.53
C SER R 214 19.00 -9.22 63.06
N THR R 215 19.65 -9.17 61.90
CA THR R 215 20.30 -10.35 61.35
C THR R 215 21.67 -9.98 60.77
N ASP R 216 22.39 -10.96 60.25
CA ASP R 216 23.73 -10.75 59.75
C ASP R 216 23.81 -11.13 58.28
N LEU R 217 24.79 -10.55 57.59
CA LEU R 217 25.03 -10.88 56.20
C LEU R 217 25.63 -12.28 56.09
N THR R 218 25.07 -13.11 55.22
CA THR R 218 25.55 -14.46 55.02
C THR R 218 25.54 -14.76 53.52
N GLU R 219 26.34 -15.74 53.14
CA GLU R 219 26.46 -16.14 51.74
C GLU R 219 25.52 -17.27 51.36
N GLY R 220 24.73 -17.78 52.29
CA GLY R 220 23.87 -18.91 52.01
C GLY R 220 24.57 -20.23 52.26
N ARG R 221 25.24 -20.34 53.42
CA ARG R 221 26.04 -21.51 53.75
C ARG R 221 25.14 -22.60 54.35
N ARG R 222 25.76 -23.64 54.88
CA ARG R 222 25.02 -24.69 55.57
C ARG R 222 24.43 -24.14 56.86
N GLY R 223 23.19 -24.55 57.16
CA GLY R 223 22.54 -24.09 58.35
C GLY R 223 23.04 -24.76 59.61
N LYS R 224 22.56 -24.26 60.74
CA LYS R 224 22.96 -24.80 62.03
C LYS R 224 22.52 -26.26 62.16
N LEU R 225 23.42 -27.09 62.67
CA LEU R 225 23.08 -28.48 63.00
C LEU R 225 22.26 -28.45 64.29
N SER R 226 20.99 -28.10 64.15
CA SER R 226 20.14 -27.86 65.30
C SER R 226 19.88 -29.15 66.09
N ILE R 227 19.93 -29.04 67.41
CA ILE R 227 19.58 -30.18 68.26
C ILE R 227 18.09 -30.46 68.18
N MET R 228 17.27 -29.42 68.11
CA MET R 228 15.83 -29.56 67.97
C MET R 228 15.45 -29.60 66.50
N ARG R 229 14.56 -30.53 66.16
CA ARG R 229 14.12 -30.66 64.78
C ARG R 229 13.35 -29.43 64.32
N GLY R 230 12.55 -28.84 65.20
CA GLY R 230 11.68 -27.75 64.80
C GLY R 230 10.36 -28.27 64.27
N LYS R 231 10.23 -28.30 62.95
CA LYS R 231 9.06 -28.85 62.26
C LYS R 231 7.81 -28.04 62.52
N LYS R 232 7.92 -27.00 63.34
CA LYS R 232 6.79 -26.13 63.64
C LYS R 232 7.33 -24.82 64.18
N LEU R 233 6.76 -23.71 63.70
CA LEU R 233 7.09 -22.37 64.18
C LEU R 233 5.79 -21.77 64.71
N GLU R 234 5.64 -21.77 66.03
N GLU R 234 5.66 -21.75 66.03
CA GLU R 234 4.44 -21.27 66.66
CA GLU R 234 4.44 -21.31 66.69
C GLU R 234 4.81 -20.26 67.73
C GLU R 234 4.79 -20.29 67.77
N PRO R 235 3.97 -19.25 67.95
CA PRO R 235 4.27 -18.23 68.96
C PRO R 235 4.48 -18.80 70.35
N CYS R 236 5.52 -18.33 71.02
CA CYS R 236 5.84 -18.73 72.38
C CYS R 236 5.37 -17.66 73.35
N ASP R 237 5.39 -18.00 74.64
CA ASP R 237 4.86 -17.10 75.65
C ASP R 237 5.67 -15.82 75.74
N ARG R 238 6.99 -15.91 75.60
CA ARG R 238 7.84 -14.75 75.80
C ARG R 238 7.92 -13.92 74.52
N VAL R 239 7.64 -12.61 74.64
CA VAL R 239 7.76 -11.67 73.54
C VAL R 239 8.52 -10.45 74.03
N LEU R 240 9.05 -9.69 73.08
CA LEU R 240 9.78 -8.46 73.38
C LEU R 240 9.06 -7.28 72.74
N PHE R 241 8.87 -6.22 73.53
CA PHE R 241 8.31 -4.96 73.08
C PHE R 241 9.41 -3.93 72.97
N SER R 242 9.38 -3.15 71.89
CA SER R 242 10.24 -2.00 71.69
C SER R 242 9.33 -0.79 71.49
N VAL R 243 9.24 0.05 72.52
CA VAL R 243 8.45 1.28 72.44
C VAL R 243 9.43 2.43 72.28
N GLY R 244 9.73 2.79 71.03
CA GLY R 244 10.82 3.70 70.77
C GLY R 244 12.15 2.98 70.85
N SER R 245 12.90 3.22 71.92
CA SER R 245 14.17 2.54 72.16
C SER R 245 14.20 1.96 73.57
N THR R 246 13.07 1.42 74.01
CA THR R 246 12.95 0.84 75.34
C THR R 246 12.44 -0.58 75.24
N LEU R 247 13.10 -1.50 75.93
CA LEU R 247 12.76 -2.92 75.89
C LEU R 247 11.79 -3.29 77.00
N TYR R 248 10.85 -4.17 76.68
CA TYR R 248 9.93 -4.74 77.66
C TYR R 248 9.71 -6.23 77.39
N PRO R 249 10.23 -7.11 78.24
CA PRO R 249 9.93 -8.54 78.10
C PRO R 249 8.56 -8.85 78.68
N GLU R 250 7.65 -9.31 77.83
N GLU R 250 7.65 -9.31 77.83
CA GLU R 250 6.28 -9.58 78.20
CA GLU R 250 6.29 -9.59 78.22
C GLU R 250 5.94 -11.04 77.93
C GLU R 250 5.94 -11.04 77.93
N SER R 251 4.84 -11.49 78.52
CA SER R 251 4.34 -12.85 78.35
C SER R 251 2.97 -12.83 77.69
N ARG R 252 2.75 -13.75 76.76
CA ARG R 252 1.48 -13.81 76.04
C ARG R 252 0.32 -14.11 76.98
N LYS R 253 0.53 -14.98 77.96
CA LYS R 253 -0.54 -15.35 78.88
C LYS R 253 -1.03 -14.14 79.67
N LEU R 254 -0.10 -13.38 80.25
CA LEU R 254 -0.50 -12.22 81.04
C LEU R 254 -1.08 -11.11 80.17
N LEU R 255 -0.60 -10.99 78.93
CA LEU R 255 -1.17 -10.01 78.00
C LEU R 255 -2.61 -10.38 77.66
N LYS R 256 -2.86 -11.65 77.35
CA LYS R 256 -4.22 -12.09 77.03
C LYS R 256 -5.12 -12.04 78.26
N SER R 257 -4.56 -12.15 79.46
CA SER R 257 -5.38 -12.05 80.65
C SER R 257 -6.08 -10.70 80.75
N TRP R 258 -5.47 -9.64 80.20
CA TRP R 258 -6.05 -8.32 80.25
C TRP R 258 -7.04 -8.06 79.13
N HIS R 259 -7.23 -9.02 78.22
CA HIS R 259 -8.28 -8.92 77.20
C HIS R 259 -9.59 -9.43 77.78
N LEU R 260 -10.06 -8.70 78.80
CA LEU R 260 -11.23 -9.11 79.54
C LEU R 260 -12.49 -8.97 78.69
N PRO R 261 -13.49 -9.84 78.91
CA PRO R 261 -14.76 -9.69 78.20
C PRO R 261 -15.58 -8.56 78.80
N SER R 262 -16.69 -8.25 78.12
CA SER R 262 -17.59 -7.22 78.61
C SER R 262 -18.19 -7.59 79.96
N VAL R 263 -18.55 -8.85 80.14
CA VAL R 263 -19.11 -9.35 81.39
C VAL R 263 -18.34 -10.59 81.82
N PHE R 264 -17.88 -10.61 83.06
CA PHE R 264 -17.20 -11.77 83.61
C PHE R 264 -17.41 -11.79 85.12
N HIS R 265 -17.19 -12.97 85.71
CA HIS R 265 -17.45 -13.21 87.12
C HIS R 265 -16.16 -13.46 87.86
N LEU R 266 -16.08 -12.97 89.09
CA LEU R 266 -14.96 -13.21 90.00
C LEU R 266 -15.47 -14.10 91.13
N LYS R 267 -15.04 -15.35 91.14
CA LYS R 267 -15.52 -16.36 92.08
C LYS R 267 -14.37 -16.78 92.99
N GLY R 268 -14.39 -16.31 94.23
CA GLY R 268 -13.41 -16.68 95.22
C GLY R 268 -14.00 -16.72 96.62
N LYS R 269 -13.30 -16.15 97.59
CA LYS R 269 -13.87 -16.01 98.93
C LYS R 269 -15.10 -15.10 98.89
N LEU R 270 -14.96 -13.94 98.28
CA LEU R 270 -16.08 -13.05 98.00
C LEU R 270 -16.41 -13.08 96.51
N SER R 271 -17.68 -12.91 96.20
CA SER R 271 -18.13 -12.92 94.81
C SER R 271 -18.54 -11.51 94.37
N THR R 273 -20.22 -9.74 90.17
CA THR R 273 -20.01 -9.60 88.73
C THR R 273 -19.16 -8.37 88.41
N CYS R 274 -18.54 -8.37 87.24
CA CYS R 274 -17.65 -7.29 86.85
C CYS R 274 -17.88 -6.95 85.37
N ARG R 275 -17.49 -5.72 85.00
CA ARG R 275 -17.56 -5.27 83.62
C ARG R 275 -16.21 -4.73 83.18
N CYS R 276 -15.94 -4.85 81.88
CA CYS R 276 -14.74 -4.29 81.27
C CYS R 276 -15.13 -3.60 79.98
N ASP R 277 -14.97 -2.29 79.93
CA ASP R 277 -15.30 -1.49 78.77
C ASP R 277 -14.10 -0.68 78.33
N THR R 278 -13.92 -0.56 77.01
CA THR R 278 -12.85 0.23 76.43
C THR R 278 -13.37 1.66 76.29
N VAL R 279 -12.94 2.54 77.20
CA VAL R 279 -13.42 3.91 77.19
C VAL R 279 -12.55 4.83 76.33
N VAL R 280 -11.29 4.48 76.09
CA VAL R 280 -10.44 5.23 75.19
C VAL R 280 -9.74 4.26 74.25
N SER R 281 -9.73 4.58 72.96
CA SER R 281 -9.06 3.76 71.96
C SER R 281 -8.47 4.68 70.91
N CYS R 282 -7.15 4.67 70.76
CA CYS R 282 -6.48 5.55 69.80
C CYS R 282 -5.30 4.78 69.20
N GLU R 283 -5.49 4.28 67.98
CA GLU R 283 -4.40 3.84 67.10
C GLU R 283 -3.47 2.85 67.77
N GLY R 284 -4.03 1.97 68.59
CA GLY R 284 -3.29 0.92 69.25
C GLY R 284 -3.11 1.08 70.74
N TYR R 285 -3.39 2.25 71.30
CA TYR R 285 -3.30 2.46 72.74
C TYR R 285 -4.70 2.62 73.30
N VAL R 286 -5.01 1.86 74.35
CA VAL R 286 -6.36 1.81 74.89
C VAL R 286 -6.34 2.12 76.38
N VAL R 287 -7.47 2.65 76.85
CA VAL R 287 -7.75 2.83 78.27
C VAL R 287 -9.05 2.09 78.52
N LYS R 288 -8.99 1.05 79.33
CA LYS R 288 -10.13 0.20 79.66
C LYS R 288 -10.58 0.50 81.09
N ARG R 289 -11.88 0.74 81.25
CA ARG R 289 -12.49 1.03 82.54
C ARG R 289 -13.16 -0.24 83.04
N ILE R 290 -12.59 -0.85 84.07
CA ILE R 290 -13.18 -2.00 84.74
C ILE R 290 -13.91 -1.50 85.98
N THR R 291 -15.15 -1.93 86.15
CA THR R 291 -15.95 -1.56 87.31
C THR R 291 -16.34 -2.83 88.05
N MET R 292 -16.18 -2.80 89.37
CA MET R 292 -16.35 -3.97 90.22
C MET R 292 -17.62 -3.83 91.05
N SER R 293 -18.26 -4.96 91.31
CA SER R 293 -19.49 -4.99 92.09
C SER R 293 -19.57 -6.29 92.89
N PRO R 294 -19.74 -6.21 94.21
CA PRO R 294 -19.82 -7.42 95.02
C PRO R 294 -21.07 -8.23 94.69
N GLY R 295 -20.93 -9.55 94.78
CA GLY R 295 -22.01 -10.46 94.51
C GLY R 295 -22.06 -10.90 93.06
N LEU R 296 -22.69 -12.06 92.85
CA LEU R 296 -22.87 -12.63 91.52
C LEU R 296 -24.21 -12.19 90.96
N TYR R 297 -24.20 -11.56 89.80
CA TYR R 297 -25.41 -11.06 89.18
C TYR R 297 -25.35 -11.28 87.68
N GLY R 298 -26.47 -11.78 87.12
CA GLY R 298 -26.53 -12.03 85.70
C GLY R 298 -25.80 -13.30 85.30
N LYS R 299 -25.25 -13.27 84.09
CA LYS R 299 -24.52 -14.42 83.56
C LYS R 299 -23.58 -13.92 82.48
N THR R 300 -22.59 -14.74 82.17
CA THR R 300 -21.49 -14.35 81.28
C THR R 300 -21.54 -15.18 80.00
N THR R 301 -21.24 -14.52 78.87
CA THR R 301 -21.11 -15.20 77.60
C THR R 301 -19.67 -15.61 77.30
N GLY R 302 -18.69 -14.94 77.91
CA GLY R 302 -17.31 -15.23 77.62
C GLY R 302 -16.76 -14.55 76.39
N TYR R 303 -17.57 -13.75 75.71
CA TYR R 303 -17.17 -13.08 74.48
C TYR R 303 -16.61 -11.70 74.78
N ALA R 304 -15.55 -11.34 74.05
CA ALA R 304 -14.91 -10.03 74.15
C ALA R 304 -14.93 -9.37 72.78
N VAL R 305 -15.16 -8.05 72.77
CA VAL R 305 -15.37 -7.28 71.56
C VAL R 305 -14.31 -6.20 71.46
N THR R 306 -13.67 -6.10 70.30
CA THR R 306 -12.79 -4.99 69.97
C THR R 306 -13.35 -4.25 68.76
N HIS R 307 -13.55 -2.95 68.91
CA HIS R 307 -14.07 -2.12 67.82
C HIS R 307 -12.91 -1.45 67.10
N HIS R 308 -12.90 -1.56 65.77
CA HIS R 308 -11.78 -1.06 64.97
C HIS R 308 -12.17 0.26 64.33
N ALA R 309 -11.73 1.37 64.95
CA ALA R 309 -11.86 2.66 64.28
C ALA R 309 -11.00 2.71 63.02
N ASP R 310 -9.76 2.23 63.11
N ASP R 310 -9.77 2.21 63.10
CA ASP R 310 -8.87 2.06 61.98
CA ASP R 310 -8.90 2.07 61.95
C ASP R 310 -8.78 0.59 61.61
C ASP R 310 -8.69 0.59 61.64
N GLY R 311 -8.29 0.32 60.40
CA GLY R 311 -8.17 -1.05 59.95
C GLY R 311 -7.11 -1.81 60.73
N PHE R 312 -7.33 -3.12 60.86
CA PHE R 312 -6.41 -4.01 61.56
C PHE R 312 -6.11 -5.20 60.66
N LEU R 313 -4.84 -5.56 60.54
CA LEU R 313 -4.44 -6.66 59.69
C LEU R 313 -3.57 -7.63 60.46
N MET R 314 -3.82 -8.92 60.26
CA MET R 314 -2.90 -9.99 60.68
C MET R 314 -2.74 -10.94 59.51
N CYS R 315 -1.54 -11.02 58.96
CA CYS R 315 -1.33 -11.69 57.69
C CYS R 315 -0.10 -12.58 57.74
N LYS R 316 -0.10 -13.59 56.87
CA LYS R 316 1.05 -14.45 56.69
C LYS R 316 2.09 -13.77 55.82
N THR R 317 3.35 -13.84 56.23
CA THR R 317 4.46 -13.29 55.45
C THR R 317 5.66 -14.19 55.59
N THR R 318 6.47 -14.22 54.54
CA THR R 318 7.66 -15.07 54.47
C THR R 318 8.90 -14.21 54.70
N ASP R 319 9.66 -14.53 55.73
CA ASP R 319 10.91 -13.86 56.04
C ASP R 319 12.01 -14.91 56.24
N THR R 320 13.17 -14.46 56.68
CA THR R 320 14.29 -15.34 57.00
C THR R 320 14.70 -15.11 58.45
N VAL R 321 14.56 -16.15 59.27
CA VAL R 321 15.02 -16.14 60.65
C VAL R 321 16.38 -16.83 60.69
N ASP R 322 17.41 -16.08 61.08
CA ASP R 322 18.80 -16.56 61.07
C ASP R 322 19.18 -17.11 59.70
N GLY R 323 18.61 -16.53 58.64
CA GLY R 323 18.90 -16.96 57.29
C GLY R 323 18.02 -18.06 56.75
N GLU R 324 17.17 -18.67 57.58
CA GLU R 324 16.30 -19.75 57.15
C GLU R 324 14.93 -19.18 56.78
N ARG R 325 14.47 -19.49 55.57
CA ARG R 325 13.23 -18.92 55.08
C ARG R 325 12.04 -19.64 55.71
N VAL R 326 11.24 -18.90 56.47
CA VAL R 326 10.04 -19.40 57.11
C VAL R 326 8.90 -18.42 56.87
N SER R 327 7.70 -18.82 57.23
CA SER R 327 6.51 -18.00 57.09
C SER R 327 5.78 -17.92 58.42
N PHE R 328 5.42 -16.71 58.83
CA PHE R 328 4.68 -16.53 60.08
C PHE R 328 3.78 -15.31 59.97
N SER R 329 2.96 -15.10 61.00
CA SER R 329 1.95 -14.07 60.99
C SER R 329 2.45 -12.79 61.64
N VAL R 330 2.08 -11.66 61.04
CA VAL R 330 2.40 -10.34 61.58
C VAL R 330 1.14 -9.50 61.58
N CYS R 331 0.98 -8.69 62.62
CA CYS R 331 -0.20 -7.83 62.78
C CYS R 331 0.21 -6.37 62.78
N THR R 332 -0.75 -5.50 62.44
CA THR R 332 -0.51 -4.07 62.39
C THR R 332 -1.84 -3.34 62.26
N TYR R 333 -1.77 -2.02 62.39
CA TYR R 333 -2.90 -1.12 62.22
C TYR R 333 -2.67 -0.24 61.02
N VAL R 334 -3.74 0.05 60.28
CA VAL R 334 -3.69 0.86 59.07
C VAL R 334 -4.72 1.97 59.21
N PRO R 335 -4.39 3.22 58.89
CA PRO R 335 -5.34 4.32 59.10
C PRO R 335 -6.61 4.15 58.27
N ALA R 336 -7.72 4.66 58.79
CA ALA R 336 -9.02 4.45 58.17
C ALA R 336 -9.09 5.08 56.78
N THR R 337 -8.43 6.23 56.59
CA THR R 337 -8.44 6.86 55.28
C THR R 337 -7.80 5.96 54.23
N ILE R 338 -6.68 5.31 54.59
CA ILE R 338 -6.01 4.39 53.66
C ILE R 338 -6.92 3.22 53.34
N CYS R 339 -7.57 2.66 54.37
CA CYS R 339 -8.45 1.52 54.15
C CYS R 339 -9.63 1.89 53.25
N ASP R 340 -10.20 3.09 53.44
CA ASP R 340 -11.31 3.52 52.62
C ASP R 340 -10.87 3.81 51.19
N GLN R 341 -9.66 4.31 51.00
CA GLN R 341 -9.15 4.52 49.65
C GLN R 341 -8.77 3.20 48.98
N MET R 342 -8.55 2.15 49.78
CA MET R 342 -8.21 0.84 49.24
C MET R 342 -9.42 0.04 48.79
N THR R 343 -10.62 0.44 49.22
CA THR R 343 -11.80 -0.38 49.00
C THR R 343 -12.10 -0.58 47.52
N GLY R 344 -11.98 0.48 46.73
CA GLY R 344 -12.37 0.40 45.33
C GLY R 344 -11.53 -0.56 44.52
N ILE R 345 -10.22 -0.58 44.78
CA ILE R 345 -9.33 -1.40 43.96
C ILE R 345 -9.15 -2.81 44.52
N LEU R 346 -9.59 -3.07 45.76
CA LEU R 346 -9.52 -4.42 46.30
C LEU R 346 -10.62 -5.32 45.79
N ALA R 347 -11.54 -4.79 44.98
CA ALA R 347 -12.58 -5.62 44.37
C ALA R 347 -12.02 -6.69 43.45
N THR R 348 -10.85 -6.44 42.86
CA THR R 348 -10.23 -7.34 41.90
C THR R 348 -9.04 -8.05 42.54
N GLU R 349 -8.37 -8.88 41.75
CA GLU R 349 -7.13 -9.53 42.17
C GLU R 349 -5.98 -8.62 41.81
N VAL R 350 -5.27 -8.12 42.82
CA VAL R 350 -4.20 -7.14 42.64
C VAL R 350 -2.90 -7.74 43.16
N THR R 351 -1.84 -7.64 42.35
CA THR R 351 -0.55 -8.16 42.75
C THR R 351 0.03 -7.33 43.89
N PRO R 352 0.87 -7.93 44.73
CA PRO R 352 1.46 -7.16 45.85
C PRO R 352 2.27 -5.96 45.40
N GLU R 353 2.92 -6.03 44.24
CA GLU R 353 3.71 -4.91 43.75
C GLU R 353 2.83 -3.72 43.39
N ASP R 354 1.75 -3.98 42.64
CA ASP R 354 0.83 -2.91 42.28
C ASP R 354 0.14 -2.34 43.51
N ALA R 355 -0.25 -3.21 44.44
CA ALA R 355 -0.87 -2.76 45.67
C ALA R 355 0.08 -1.89 46.48
N GLN R 356 1.36 -2.28 46.55
CA GLN R 356 2.34 -1.48 47.28
C GLN R 356 2.55 -0.12 46.63
N LYS R 357 2.63 -0.08 45.29
CA LYS R 357 2.79 1.19 44.61
C LYS R 357 1.58 2.10 44.84
N LEU R 358 0.38 1.53 44.80
CA LEU R 358 -0.82 2.35 45.03
C LEU R 358 -0.90 2.82 46.48
N LEU R 359 -0.50 1.97 47.42
CA LEU R 359 -0.43 2.38 48.82
C LEU R 359 0.56 3.52 49.01
N VAL R 360 1.71 3.43 48.35
CA VAL R 360 2.71 4.50 48.43
C VAL R 360 2.15 5.79 47.84
N GLY R 361 1.46 5.70 46.71
CA GLY R 361 0.83 6.87 46.12
C GLY R 361 -0.19 7.50 47.03
N LEU R 362 -0.98 6.68 47.73
CA LEU R 362 -1.93 7.21 48.70
C LEU R 362 -1.23 7.78 49.93
N ASN R 363 -0.04 7.28 50.25
CA ASN R 363 0.67 7.75 51.45
C ASN R 363 1.41 9.05 51.17
N GLN R 364 2.23 9.09 50.12
N GLN R 364 2.21 9.09 50.11
CA GLN R 364 3.00 10.29 49.79
CA GLN R 364 2.94 10.30 49.74
C GLN R 364 2.09 11.38 49.25
C GLN R 364 1.98 11.41 49.31
N ASN R 377 3.32 11.75 55.54
CA ASN R 377 3.07 10.31 55.55
C ASN R 377 1.94 9.96 56.51
N THR R 378 0.85 9.43 55.97
CA THR R 378 -0.27 9.02 56.81
C THR R 378 0.09 7.78 57.63
N MET R 379 0.77 6.83 57.01
CA MET R 379 1.22 5.61 57.69
C MET R 379 2.72 5.46 57.50
N LYS R 380 3.36 4.80 58.46
CA LYS R 380 4.79 4.56 58.38
C LYS R 380 5.10 3.66 57.19
N ASN R 381 6.13 4.02 56.43
CA ASN R 381 6.44 3.30 55.19
C ASN R 381 7.03 1.92 55.47
N TYR R 382 7.65 1.73 56.64
CA TYR R 382 8.35 0.49 56.90
C TYR R 382 7.42 -0.72 56.95
N MET R 383 6.14 -0.52 57.21
CA MET R 383 5.18 -1.61 57.18
C MET R 383 4.29 -1.57 55.95
N ILE R 384 4.56 -0.67 55.00
CA ILE R 384 3.74 -0.59 53.79
C ILE R 384 3.78 -1.88 52.97
N PRO R 385 4.96 -2.49 52.69
CA PRO R 385 4.95 -3.68 51.82
C PRO R 385 4.10 -4.83 52.33
N VAL R 386 4.30 -5.22 53.59
CA VAL R 386 3.58 -6.38 54.13
C VAL R 386 2.08 -6.14 54.07
N VAL R 387 1.63 -4.94 54.45
CA VAL R 387 0.22 -4.61 54.36
C VAL R 387 -0.27 -4.82 52.93
N ALA R 388 0.50 -4.35 51.95
CA ALA R 388 0.16 -4.60 50.56
C ALA R 388 -0.02 -6.08 50.31
N GLN R 389 0.95 -6.89 50.74
CA GLN R 389 0.82 -8.34 50.66
C GLN R 389 -0.49 -8.80 51.27
N ALA R 390 -0.77 -8.35 52.49
CA ALA R 390 -2.02 -8.70 53.15
C ALA R 390 -3.20 -8.37 52.24
N PHE R 391 -3.24 -7.13 51.74
CA PHE R 391 -4.34 -6.74 50.87
C PHE R 391 -4.36 -7.61 49.63
N SER R 392 -3.19 -7.87 49.05
CA SER R 392 -3.12 -8.72 47.87
C SER R 392 -3.68 -10.10 48.16
N LYS R 393 -3.42 -10.62 49.36
CA LYS R 393 -4.01 -11.89 49.74
C LYS R 393 -5.51 -11.74 49.97
N TRP R 394 -5.91 -10.70 50.70
CA TRP R 394 -7.31 -10.56 51.05
C TRP R 394 -8.19 -10.45 49.81
N ALA R 395 -7.86 -9.50 48.94
CA ALA R 395 -8.59 -9.36 47.68
C ALA R 395 -8.60 -10.66 46.90
N LYS R 396 -7.52 -11.44 46.98
CA LYS R 396 -7.52 -12.74 46.33
C LYS R 396 -8.52 -13.68 46.99
N GLU R 397 -8.44 -13.81 48.32
CA GLU R 397 -9.27 -14.80 49.01
C GLU R 397 -10.74 -14.49 48.83
N CYS R 398 -11.13 -13.22 49.00
CA CYS R 398 -12.51 -12.82 48.75
C CYS R 398 -12.96 -13.26 47.36
N ARG R 399 -12.10 -13.06 46.35
CA ARG R 399 -12.46 -13.46 45.00
CA ARG R 399 -12.46 -13.46 45.00
C ARG R 399 -12.74 -14.95 44.93
N LYS R 400 -11.94 -15.76 45.63
N LYS R 400 -11.94 -15.76 45.63
CA LYS R 400 -12.19 -17.19 45.65
CA LYS R 400 -12.18 -17.19 45.66
C LYS R 400 -13.55 -17.50 46.24
C LYS R 400 -13.55 -17.50 46.24
N ASP R 401 -13.92 -16.79 47.32
CA ASP R 401 -15.25 -16.97 47.90
C ASP R 401 -16.34 -16.62 46.88
N MET R 402 -16.04 -15.69 45.96
CA MET R 402 -16.98 -15.36 44.90
C MET R 402 -17.09 -16.51 43.90
N GLU R 403 -15.98 -17.19 43.61
CA GLU R 403 -16.01 -18.26 42.62
C GLU R 403 -16.69 -19.50 43.17
N ASP R 404 -16.33 -19.92 44.37
CA ASP R 404 -16.88 -21.13 44.98
C ASP R 404 -18.15 -20.80 45.77
N GLU R 405 -19.17 -20.37 45.02
CA GLU R 405 -20.44 -19.99 45.63
C GLU R 405 -21.19 -21.26 46.06
N LYS R 406 -21.45 -21.37 47.36
CA LYS R 406 -22.14 -22.53 47.90
C LYS R 406 -23.65 -22.32 47.83
N LEU R 407 -24.40 -23.26 48.40
CA LEU R 407 -25.84 -23.11 48.52
C LEU R 407 -26.18 -22.47 49.86
N LEU R 408 -27.36 -21.88 49.92
CA LEU R 408 -27.79 -21.19 51.13
C LEU R 408 -28.09 -22.20 52.22
N GLY R 409 -27.32 -22.14 53.29
CA GLY R 409 -27.55 -23.02 54.43
C GLY R 409 -27.39 -24.49 54.15
N VAL R 410 -26.30 -24.87 53.47
CA VAL R 410 -25.97 -26.27 53.23
C VAL R 410 -24.50 -26.47 53.54
N ARG R 411 -24.20 -27.44 54.40
CA ARG R 411 -22.83 -27.82 54.72
C ARG R 411 -22.56 -29.18 54.10
N GLU R 412 -21.58 -29.25 53.20
CA GLU R 412 -21.19 -30.48 52.51
C GLU R 412 -20.07 -31.13 53.30
N ARG R 413 -20.41 -32.15 54.10
CA ARG R 413 -19.47 -32.85 54.94
C ARG R 413 -19.51 -34.34 54.65
N THR R 414 -18.33 -34.93 54.50
CA THR R 414 -18.22 -36.33 54.12
C THR R 414 -18.10 -37.21 55.37
N LEU R 415 -18.84 -38.31 55.37
CA LEU R 415 -18.75 -39.30 56.46
C LEU R 415 -17.46 -40.10 56.28
N THR R 416 -16.55 -39.98 57.25
CA THR R 416 -15.25 -40.61 57.13
C THR R 416 -15.28 -42.07 57.57
N CYS R 417 -16.25 -42.83 57.04
CA CYS R 417 -16.39 -44.26 57.33
C CYS R 417 -16.46 -44.53 58.83
N CYS R 418 -17.06 -43.61 59.57
N CYS R 418 -17.07 -43.61 59.57
CA CYS R 418 -17.13 -43.68 61.02
CA CYS R 418 -17.14 -43.69 61.02
C CYS R 418 -18.32 -42.85 61.48
C CYS R 418 -18.29 -42.79 61.48
N CYS R 419 -18.37 -42.53 62.78
CA CYS R 419 -19.40 -41.66 63.33
C CYS R 419 -18.95 -40.21 63.38
N LEU R 420 -18.01 -39.82 62.52
CA LEU R 420 -17.47 -38.47 62.47
C LEU R 420 -17.68 -37.88 61.09
N TRP R 421 -17.72 -36.55 61.04
CA TRP R 421 -17.91 -35.78 59.81
C TRP R 421 -16.76 -34.80 59.63
N ALA R 422 -16.30 -34.67 58.39
CA ALA R 422 -15.15 -33.84 58.07
C ALA R 422 -15.47 -32.91 56.91
N PHE R 423 -14.86 -31.73 56.93
CA PHE R 423 -15.01 -30.74 55.89
C PHE R 423 -13.64 -30.24 55.46
N LYS R 424 -13.61 -29.55 54.32
CA LYS R 424 -12.37 -28.97 53.80
C LYS R 424 -12.24 -27.54 54.27
N LYS R 425 -11.06 -27.20 54.78
CA LYS R 425 -10.76 -25.84 55.22
C LYS R 425 -10.07 -25.08 54.10
N GLN R 426 -10.52 -23.84 53.88
CA GLN R 426 -9.95 -23.00 52.84
C GLN R 426 -8.67 -22.34 53.32
N LYS R 427 -7.88 -21.85 52.36
CA LYS R 427 -6.62 -21.19 52.66
C LYS R 427 -6.91 -19.74 53.06
N THR R 428 -6.66 -19.42 54.32
CA THR R 428 -6.86 -18.07 54.86
C THR R 428 -5.49 -17.54 55.29
N HIS R 429 -4.95 -16.59 54.52
CA HIS R 429 -3.65 -16.01 54.82
C HIS R 429 -3.74 -14.63 55.43
N THR R 430 -4.90 -13.97 55.40
CA THR R 430 -5.02 -12.62 55.92
C THR R 430 -6.34 -12.46 56.66
N VAL R 431 -6.27 -11.87 57.84
CA VAL R 431 -7.44 -11.40 58.58
C VAL R 431 -7.41 -9.88 58.54
N TYR R 432 -8.42 -9.31 57.91
CA TYR R 432 -8.49 -7.86 57.66
C TYR R 432 -9.77 -7.33 58.28
N LYS R 433 -9.66 -6.76 59.46
CA LYS R 433 -10.78 -6.10 60.12
C LYS R 433 -10.83 -4.66 59.62
N ARG R 434 -11.78 -4.38 58.74
CA ARG R 434 -11.92 -3.05 58.17
C ARG R 434 -12.40 -2.07 59.24
N PRO R 435 -12.22 -0.76 59.01
CA PRO R 435 -12.75 0.21 59.97
C PRO R 435 -14.25 0.09 60.11
N ASP R 436 -14.74 0.39 61.33
CA ASP R 436 -16.14 0.23 61.72
C ASP R 436 -16.58 -1.22 61.74
N THR R 437 -15.65 -2.13 62.01
CA THR R 437 -15.94 -3.54 62.26
C THR R 437 -15.55 -3.89 63.69
N GLN R 438 -15.80 -5.14 64.05
CA GLN R 438 -15.56 -5.61 65.41
C GLN R 438 -15.00 -7.02 65.37
N SER R 439 -13.94 -7.24 66.14
CA SER R 439 -13.41 -8.57 66.39
C SER R 439 -14.07 -9.14 67.65
N ILE R 440 -14.62 -10.34 67.53
CA ILE R 440 -15.33 -10.99 68.62
C ILE R 440 -14.60 -12.30 68.94
N GLN R 441 -14.09 -12.40 70.16
CA GLN R 441 -13.26 -13.54 70.55
C GLN R 441 -13.80 -14.18 71.81
N LYS R 442 -13.92 -15.50 71.81
CA LYS R 442 -14.42 -16.24 72.96
C LYS R 442 -13.30 -16.41 73.98
N VAL R 443 -13.45 -15.76 75.14
CA VAL R 443 -12.48 -15.86 76.22
C VAL R 443 -13.15 -16.57 77.40
N GLN R 444 -12.32 -16.99 78.35
CA GLN R 444 -12.85 -17.63 79.55
C GLN R 444 -13.33 -16.59 80.54
N ALA R 445 -14.46 -16.86 81.18
CA ALA R 445 -15.00 -16.03 82.24
C ALA R 445 -15.10 -16.84 83.53
N GLU R 446 -15.72 -16.23 84.54
CA GLU R 446 -15.97 -16.88 85.84
C GLU R 446 -14.67 -17.41 86.45
N PHE R 447 -13.74 -16.49 86.66
CA PHE R 447 -12.44 -16.84 87.23
C PHE R 447 -12.58 -17.18 88.71
N PRO S 3 20.14 29.93 75.30
CA PRO S 3 20.64 30.27 73.96
C PRO S 3 22.02 29.68 73.69
N VAL S 4 22.06 28.44 73.24
CA VAL S 4 23.32 27.75 72.97
C VAL S 4 23.81 28.14 71.58
N TYR S 5 25.10 28.45 71.49
CA TYR S 5 25.75 28.81 70.24
C TYR S 5 26.61 27.65 69.75
N VAL S 6 26.52 27.36 68.46
CA VAL S 6 27.22 26.24 67.85
C VAL S 6 28.19 26.78 66.81
N ASP S 7 29.42 26.27 66.84
CA ASP S 7 30.47 26.69 65.90
C ASP S 7 30.27 25.96 64.55
N ILE S 8 29.14 26.23 63.93
CA ILE S 8 28.82 25.70 62.61
C ILE S 8 28.38 26.85 61.71
N ASP S 9 28.20 26.53 60.43
CA ASP S 9 27.80 27.54 59.46
C ASP S 9 26.40 28.04 59.75
N ALA S 10 26.11 29.26 59.29
CA ALA S 10 24.81 29.86 59.52
C ALA S 10 23.75 29.37 58.54
N ASP S 11 24.14 28.57 57.54
CA ASP S 11 23.21 28.04 56.56
C ASP S 11 23.46 26.55 56.31
N SER S 12 23.98 25.85 57.31
CA SER S 12 24.26 24.43 57.17
C SER S 12 22.98 23.62 57.30
N ALA S 13 22.87 22.57 56.49
CA ALA S 13 21.69 21.71 56.53
C ALA S 13 21.59 20.92 57.83
N PHE S 14 22.71 20.64 58.48
CA PHE S 14 22.70 19.93 59.76
C PHE S 14 21.98 20.70 60.86
N LEU S 15 21.99 22.03 60.79
CA LEU S 15 21.40 22.89 61.83
C LEU S 15 20.04 22.38 62.27
N LYS S 16 19.11 22.25 61.33
CA LYS S 16 17.76 21.81 61.66
C LYS S 16 17.78 20.50 62.45
N ALA S 17 18.52 19.51 61.95
CA ALA S 17 18.61 18.24 62.67
C ALA S 17 19.08 18.45 64.10
N LEU S 18 20.13 19.27 64.27
CA LEU S 18 20.61 19.60 65.60
C LEU S 18 19.51 20.21 66.44
N GLN S 19 18.74 21.15 65.88
N GLN S 19 18.74 21.15 65.88
CA GLN S 19 17.62 21.73 66.61
CA GLN S 19 17.63 21.73 66.62
C GLN S 19 16.58 20.69 66.96
C GLN S 19 16.57 20.69 66.95
N ARG S 20 16.34 19.73 66.06
CA ARG S 20 15.42 18.65 66.37
C ARG S 20 15.98 17.73 67.44
N ALA S 21 17.31 17.67 67.57
CA ALA S 21 17.93 16.81 68.58
C ALA S 21 17.89 17.40 69.97
N TYR S 22 17.82 18.73 70.09
CA TYR S 22 17.82 19.42 71.38
C TYR S 22 16.67 20.42 71.41
N PRO S 23 15.45 19.96 71.65
CA PRO S 23 14.31 20.89 71.66
C PRO S 23 14.27 21.82 72.85
N MET S 24 14.99 21.52 73.93
CA MET S 24 14.98 22.38 75.11
C MET S 24 15.88 23.60 74.95
N PHE S 25 16.67 23.67 73.88
CA PHE S 25 17.66 24.71 73.71
C PHE S 25 17.38 25.49 72.43
N GLU S 26 17.79 26.76 72.42
CA GLU S 26 17.73 27.60 71.23
C GLU S 26 19.11 27.57 70.58
N VAL S 27 19.25 26.75 69.55
CA VAL S 27 20.52 26.54 68.89
C VAL S 27 20.73 27.62 67.84
N GLU S 28 21.80 28.39 67.99
CA GLU S 28 22.10 29.48 67.08
C GLU S 28 23.51 29.31 66.53
N PRO S 29 23.71 29.43 65.22
CA PRO S 29 25.04 29.23 64.65
C PRO S 29 25.92 30.46 64.78
N ARG S 30 27.20 30.23 65.05
CA ARG S 30 28.22 31.28 65.07
C ARG S 30 29.55 30.65 64.67
N GLN S 31 29.92 30.81 63.41
CA GLN S 31 31.09 30.12 62.89
C GLN S 31 32.33 30.99 63.08
N VAL S 32 33.35 30.44 63.74
CA VAL S 32 34.59 31.15 63.98
C VAL S 32 35.77 30.28 63.58
N THR S 33 35.49 29.11 63.00
CA THR S 33 36.52 28.16 62.63
C THR S 33 36.04 27.28 61.47
N PRO S 34 36.86 27.08 60.44
CA PRO S 34 36.48 26.16 59.35
C PRO S 34 36.77 24.70 59.70
N ASN S 35 36.18 24.25 60.80
CA ASN S 35 36.46 22.92 61.32
C ASN S 35 35.91 21.85 60.39
N ASP S 36 36.74 20.85 60.09
CA ASP S 36 36.35 19.74 59.23
C ASP S 36 35.31 18.83 59.87
N HIS S 37 35.13 18.89 61.19
CA HIS S 37 34.17 18.05 61.91
C HIS S 37 33.39 18.91 62.90
N ALA S 38 32.89 20.06 62.44
CA ALA S 38 32.20 20.98 63.33
C ALA S 38 30.89 20.41 63.87
N ASN S 39 30.24 19.53 63.11
CA ASN S 39 28.99 18.94 63.57
C ASN S 39 29.19 18.12 64.83
N ALA S 40 30.27 17.34 64.89
CA ALA S 40 30.54 16.54 66.07
C ALA S 40 30.77 17.40 67.30
N ARG S 41 31.54 18.49 67.14
CA ARG S 41 31.79 19.38 68.27
C ARG S 41 30.51 20.09 68.72
N ALA S 42 29.66 20.49 67.77
CA ALA S 42 28.40 21.11 68.14
C ALA S 42 27.51 20.14 68.91
N PHE S 43 27.43 18.89 68.44
CA PHE S 43 26.63 17.89 69.15
C PHE S 43 27.20 17.63 70.53
N SER S 44 28.52 17.55 70.66
CA SER S 44 29.12 17.33 71.98
C SER S 44 28.84 18.51 72.91
N HIS S 45 28.90 19.73 72.38
CA HIS S 45 28.62 20.92 73.18
C HIS S 45 27.19 20.88 73.72
N LEU S 46 26.22 20.66 72.83
CA LEU S 46 24.83 20.61 73.30
C LEU S 46 24.58 19.40 74.19
N ALA S 47 25.30 18.30 73.98
CA ALA S 47 25.18 17.16 74.87
C ALA S 47 25.64 17.50 76.28
N ILE S 48 26.76 18.22 76.40
CA ILE S 48 27.26 18.63 77.70
C ILE S 48 26.28 19.60 78.35
N LYS S 49 25.73 20.53 77.57
CA LYS S 49 24.76 21.46 78.13
C LYS S 49 23.49 20.74 78.60
N LEU S 50 23.01 19.77 77.82
CA LEU S 50 21.86 18.98 78.23
C LEU S 50 22.14 18.21 79.50
N ILE S 51 23.33 17.62 79.60
CA ILE S 51 23.72 16.90 80.81
C ILE S 51 23.70 17.83 82.01
N GLU S 52 24.31 19.02 81.86
CA GLU S 52 24.36 19.98 82.95
C GLU S 52 22.97 20.41 83.37
N GLN S 53 22.07 20.65 82.41
CA GLN S 53 20.72 21.05 82.74
C GLN S 53 19.95 19.94 83.45
N GLU S 54 20.13 18.70 83.01
CA GLU S 54 19.28 17.61 83.47
C GLU S 54 19.66 17.06 84.84
N ILE S 55 20.78 17.48 85.43
CA ILE S 55 21.23 16.87 86.67
C ILE S 55 21.30 17.90 87.81
N ASP S 56 21.68 17.44 88.99
CA ASP S 56 21.72 18.27 90.18
C ASP S 56 22.83 19.32 90.06
N PRO S 57 22.52 20.62 90.19
CA PRO S 57 23.58 21.63 90.14
C PRO S 57 24.59 21.53 91.28
N ASP S 58 24.20 20.99 92.43
CA ASP S 58 25.10 20.82 93.57
C ASP S 58 25.60 19.37 93.59
N SER S 59 26.54 19.08 92.70
CA SER S 59 27.11 17.75 92.61
C SER S 59 28.47 17.82 91.92
N THR S 60 29.45 17.12 92.49
CA THR S 60 30.74 17.00 91.82
C THR S 60 30.59 16.15 90.57
N ILE S 61 31.11 16.65 89.45
CA ILE S 61 30.88 16.04 88.14
C ILE S 61 32.24 15.58 87.62
N LEU S 62 32.52 14.29 87.73
CA LEU S 62 33.75 13.74 87.16
C LEU S 62 33.50 13.31 85.73
N ASP S 63 34.37 13.74 84.82
CA ASP S 63 34.32 13.36 83.42
C ASP S 63 35.56 12.55 83.08
N ILE S 64 35.35 11.35 82.55
CA ILE S 64 36.44 10.40 82.31
C ILE S 64 37.14 10.75 81.01
N GLY S 65 38.47 10.82 81.06
CA GLY S 65 39.26 11.10 79.87
C GLY S 65 38.90 12.39 79.18
N SER S 66 38.62 13.43 79.96
CA SER S 66 38.11 14.68 79.44
C SER S 66 39.23 15.67 79.14
N ALA S 67 38.93 16.64 78.29
CA ALA S 67 39.85 17.74 78.04
C ALA S 67 39.53 18.88 79.00
N PRO S 68 40.47 19.29 79.86
CA PRO S 68 40.15 20.34 80.84
C PRO S 68 39.85 21.70 80.24
N ALA S 69 40.25 21.95 78.98
CA ALA S 69 40.01 23.26 78.39
C ALA S 69 38.54 23.48 78.08
N ARG S 70 37.81 22.41 77.74
CA ARG S 70 36.39 22.55 77.40
C ARG S 70 35.52 22.80 78.62
N ARG S 71 35.96 22.35 79.79
CA ARG S 71 35.20 22.52 81.02
C ARG S 71 35.31 23.92 81.59
N MET S 72 35.93 24.85 80.88
CA MET S 72 36.02 26.23 81.32
C MET S 72 34.64 26.90 81.32
N MET S 73 34.53 27.95 82.12
CA MET S 73 33.33 28.78 82.18
C MET S 73 32.10 27.96 82.60
N SER S 74 32.32 26.93 83.41
CA SER S 74 31.25 26.09 83.93
C SER S 74 31.31 26.17 85.45
N ASP S 75 30.29 26.79 86.06
CA ASP S 75 30.28 26.96 87.51
C ASP S 75 30.19 25.63 88.25
N ARG S 76 29.78 24.56 87.57
CA ARG S 76 29.69 23.24 88.21
C ARG S 76 31.08 22.71 88.50
N LYS S 77 31.22 22.08 89.67
CA LYS S 77 32.48 21.44 90.02
C LYS S 77 32.76 20.28 89.05
N TYR S 78 33.99 20.19 88.58
CA TYR S 78 34.38 19.17 87.61
C TYR S 78 35.63 18.46 88.07
N HIS S 79 35.59 17.12 88.06
CA HIS S 79 36.77 16.28 88.24
C HIS S 79 37.22 15.81 86.86
N CYS S 80 38.01 16.65 86.20
CA CYS S 80 38.50 16.33 84.86
C CYS S 80 39.66 15.36 85.00
N VAL S 81 39.38 14.09 84.78
CA VAL S 81 40.38 13.04 84.94
C VAL S 81 41.26 12.99 83.70
N CYS S 82 42.58 13.09 83.89
N CYS S 82 42.58 13.07 83.89
CA CYS S 82 43.55 13.02 82.79
CA CYS S 82 43.55 13.02 82.79
C CYS S 82 44.57 11.94 83.12
C CYS S 82 44.58 11.95 83.11
N PRO S 83 44.34 10.70 82.68
CA PRO S 83 45.31 9.63 82.95
C PRO S 83 46.65 9.81 82.26
N MET S 84 46.80 10.82 81.39
CA MET S 84 48.04 11.08 80.68
C MET S 84 48.47 9.89 79.81
N ARG S 85 47.49 9.20 79.22
CA ARG S 85 47.78 7.99 78.46
C ARG S 85 48.00 8.28 76.98
N SER S 86 47.06 8.97 76.35
CA SER S 86 47.17 9.28 74.93
C SER S 86 48.25 10.33 74.70
N ALA S 87 48.64 10.48 73.43
CA ALA S 87 49.66 11.43 73.06
C ALA S 87 49.13 12.85 72.86
N GLU S 88 47.81 13.04 72.89
CA GLU S 88 47.23 14.38 72.79
C GLU S 88 47.04 15.05 74.14
N ASP S 89 47.34 14.34 75.24
CA ASP S 89 47.08 14.90 76.56
C ASP S 89 48.12 15.92 77.01
N PRO S 90 49.43 15.74 76.78
CA PRO S 90 50.37 16.82 77.15
C PRO S 90 50.02 18.15 76.55
N GLU S 91 49.61 18.17 75.28
CA GLU S 91 49.28 19.43 74.61
C GLU S 91 47.99 20.02 75.13
N ARG S 92 47.00 19.16 75.42
CA ARG S 92 45.75 19.65 76.00
C ARG S 92 45.99 20.25 77.39
N LEU S 93 46.83 19.60 78.20
CA LEU S 93 47.17 20.17 79.51
C LEU S 93 47.95 21.46 79.37
N ALA S 94 48.82 21.55 78.35
CA ALA S 94 49.55 22.80 78.12
C ALA S 94 48.59 23.93 77.79
N ASN S 95 47.61 23.66 76.92
CA ASN S 95 46.62 24.68 76.58
C ASN S 95 45.77 25.05 77.79
N TYR S 96 45.41 24.05 78.61
CA TYR S 96 44.65 24.33 79.82
C TYR S 96 45.44 25.19 80.80
N ALA S 97 46.73 24.92 80.94
CA ALA S 97 47.57 25.74 81.82
C ALA S 97 47.72 27.15 81.27
N ARG S 98 47.83 27.29 79.95
CA ARG S 98 47.85 28.62 79.35
C ARG S 98 46.57 29.39 79.66
N LYS S 99 45.42 28.72 79.51
CA LYS S 99 44.15 29.40 79.77
C LYS S 99 44.00 29.77 81.24
N LEU S 100 44.37 28.85 82.15
CA LEU S 100 44.30 29.17 83.58
C LEU S 100 45.28 30.28 83.95
N ALA S 101 46.39 30.40 83.23
CA ALA S 101 47.35 31.47 83.48
C ALA S 101 47.00 32.77 82.78
N SER S 102 46.00 32.76 81.89
CA SER S 102 45.61 33.95 81.14
C SER S 102 44.40 34.66 81.73
N ALA S 103 43.82 34.15 82.81
CA ALA S 103 42.64 34.76 83.41
C ALA S 103 42.77 34.80 84.93
N ALA S 104 43.97 35.13 85.41
CA ALA S 104 44.17 35.23 86.86
C ALA S 104 43.37 36.38 87.46
N GLY S 105 43.48 37.56 86.85
CA GLY S 105 42.74 38.73 87.32
C GLY S 105 41.58 39.08 86.42
N LYS S 106 41.06 38.10 85.68
CA LYS S 106 39.99 38.33 84.72
C LYS S 106 38.65 37.75 85.17
N VAL S 107 38.60 36.47 85.52
CA VAL S 107 37.38 35.80 85.95
C VAL S 107 37.59 35.26 87.36
N LEU S 108 36.57 35.40 88.20
CA LEU S 108 36.63 34.92 89.58
C LEU S 108 35.53 33.94 89.97
N ASP S 109 34.44 33.87 89.21
CA ASP S 109 33.32 33.00 89.57
C ASP S 109 33.53 31.56 89.15
N ARG S 110 34.58 31.26 88.38
CA ARG S 110 34.80 29.92 87.84
C ARG S 110 35.83 29.13 88.64
N ASN S 111 36.08 29.52 89.90
CA ASN S 111 37.02 28.84 90.80
C ASN S 111 38.39 28.62 90.17
N ILE S 112 38.76 29.46 89.22
CA ILE S 112 40.06 29.34 88.56
C ILE S 112 41.19 29.56 89.55
N SER S 113 40.98 30.44 90.54
CA SER S 113 41.99 30.66 91.57
C SER S 113 42.34 29.36 92.29
N GLY S 114 41.32 28.56 92.63
CA GLY S 114 41.58 27.25 93.20
C GLY S 114 42.09 26.22 92.20
N LYS S 115 41.71 26.35 90.93
CA LYS S 115 42.20 25.44 89.91
C LYS S 115 43.70 25.61 89.70
N ILE S 116 44.21 26.83 89.86
CA ILE S 116 45.65 27.05 89.77
C ILE S 116 46.37 26.27 90.87
N GLY S 117 45.84 26.33 92.10
CA GLY S 117 46.43 25.55 93.17
C GLY S 117 46.31 24.06 92.95
N ASP S 118 45.19 23.63 92.37
CA ASP S 118 45.03 22.20 92.06
C ASP S 118 46.07 21.74 91.06
N LEU S 119 46.29 22.54 90.00
CA LEU S 119 47.34 22.21 89.04
C LEU S 119 48.71 22.19 89.70
N GLN S 120 49.02 23.21 90.51
CA GLN S 120 50.30 23.22 91.19
C GLN S 120 50.46 22.02 92.12
N ALA S 121 49.36 21.50 92.64
CA ALA S 121 49.41 20.32 93.48
C ALA S 121 49.69 19.06 92.67
N VAL S 122 49.03 18.92 91.51
CA VAL S 122 49.14 17.66 90.77
C VAL S 122 50.54 17.48 90.18
N MET S 123 51.23 18.57 89.84
CA MET S 123 52.61 18.49 89.37
C MET S 123 53.63 18.51 90.50
N ALA S 124 53.22 18.14 91.71
CA ALA S 124 54.13 18.00 92.84
C ALA S 124 54.29 16.55 93.28
N VAL S 125 53.18 15.85 93.51
CA VAL S 125 53.18 14.43 93.79
C VAL S 125 52.30 13.76 92.74
N PRO S 126 52.78 12.72 92.04
CA PRO S 126 51.97 12.13 90.96
C PRO S 126 50.65 11.54 91.41
N ASP S 127 50.50 11.20 92.69
CA ASP S 127 49.25 10.66 93.22
C ASP S 127 48.45 11.70 94.01
N THR S 128 48.51 12.97 93.59
CA THR S 128 47.80 14.05 94.28
C THR S 128 46.36 14.07 93.79
N GLU S 129 45.45 13.60 94.63
CA GLU S 129 44.01 13.61 94.30
C GLU S 129 43.42 14.91 94.81
N THR S 130 43.53 15.97 94.01
CA THR S 130 42.91 17.24 94.33
C THR S 130 41.41 17.15 94.11
N PRO S 131 40.63 18.04 94.73
CA PRO S 131 39.17 17.98 94.52
C PRO S 131 38.74 18.11 93.07
N THR S 132 39.46 18.90 92.27
CA THR S 132 39.00 19.23 90.92
C THR S 132 39.86 18.65 89.80
N PHE S 133 41.04 18.10 90.10
CA PHE S 133 41.92 17.62 89.04
C PHE S 133 42.80 16.51 89.57
N CYS S 134 43.03 15.50 88.74
CA CYS S 134 43.88 14.36 89.13
C CYS S 134 44.40 13.69 87.88
N LEU S 135 45.47 12.91 88.06
CA LEU S 135 46.11 12.17 86.97
C LEU S 135 46.11 10.69 87.34
N HIS S 136 45.01 10.01 87.01
CA HIS S 136 44.88 8.58 87.23
C HIS S 136 43.92 8.03 86.18
N THR S 137 43.91 6.70 86.05
CA THR S 137 42.92 6.07 85.21
C THR S 137 41.58 6.02 85.94
N ASP S 138 40.51 5.74 85.18
CA ASP S 138 39.18 5.67 85.77
C ASP S 138 39.03 4.50 86.73
N VAL S 139 39.92 3.52 86.66
CA VAL S 139 39.85 2.34 87.54
C VAL S 139 40.82 2.45 88.71
N SER S 140 41.45 3.60 88.91
CA SER S 140 42.35 3.81 90.04
C SER S 140 42.13 5.12 90.78
N CYS S 141 41.41 6.08 90.20
CA CYS S 141 41.14 7.33 90.90
C CYS S 141 40.29 7.08 92.13
N ARG S 142 40.60 7.77 93.22
CA ARG S 142 39.95 7.56 94.50
C ARG S 142 38.92 8.62 94.85
N GLN S 143 38.62 9.54 93.94
CA GLN S 143 37.61 10.55 94.21
C GLN S 143 36.23 9.92 94.30
N ARG S 144 35.41 10.43 95.22
CA ARG S 144 34.07 9.91 95.48
C ARG S 144 33.06 10.98 95.09
N ALA S 145 32.64 10.97 93.84
CA ALA S 145 31.66 11.91 93.31
C ALA S 145 30.38 11.17 92.95
N ASP S 146 29.44 11.90 92.35
CA ASP S 146 28.10 11.39 92.08
C ASP S 146 27.79 11.16 90.61
N VAL S 147 28.41 11.91 89.70
CA VAL S 147 28.08 11.86 88.29
C VAL S 147 29.34 11.60 87.47
N ALA S 148 29.26 10.67 86.53
CA ALA S 148 30.34 10.37 85.61
C ALA S 148 29.96 10.82 84.20
N ILE S 149 30.95 11.27 83.44
CA ILE S 149 30.75 11.70 82.06
C ILE S 149 31.84 11.05 81.20
N TYR S 150 31.43 10.44 80.10
CA TYR S 150 32.33 9.85 79.12
C TYR S 150 32.06 10.53 77.78
N GLN S 151 32.72 11.65 77.53
CA GLN S 151 32.54 12.40 76.30
C GLN S 151 33.59 11.94 75.29
N ASP S 152 33.13 11.30 74.21
CA ASP S 152 34.00 10.79 73.15
C ASP S 152 35.08 9.87 73.73
N VAL S 153 34.65 8.97 74.62
CA VAL S 153 35.54 8.00 75.24
C VAL S 153 35.11 6.63 74.77
N TYR S 154 35.84 6.08 73.79
CA TYR S 154 35.54 4.78 73.22
C TYR S 154 36.57 3.72 73.55
N ALA S 155 37.73 4.10 74.06
CA ALA S 155 38.87 3.19 74.23
C ALA S 155 38.97 2.63 75.64
N VAL S 156 37.84 2.44 76.32
CA VAL S 156 37.82 1.83 77.64
C VAL S 156 36.70 0.80 77.69
N HIS S 157 36.84 -0.15 78.62
CA HIS S 157 35.83 -1.18 78.79
C HIS S 157 34.67 -0.62 79.61
N ALA S 158 33.48 -0.63 79.02
CA ALA S 158 32.33 -0.02 79.68
C ALA S 158 31.99 -0.67 81.02
N PRO S 159 31.82 -2.00 81.12
CA PRO S 159 31.41 -2.56 82.43
C PRO S 159 32.42 -2.31 83.52
N THR S 160 33.72 -2.44 83.22
CA THR S 160 34.73 -2.25 84.25
C THR S 160 34.73 -0.82 84.77
N SER S 161 34.74 0.16 83.86
CA SER S 161 34.73 1.55 84.29
C SER S 161 33.45 1.90 85.02
N LEU S 162 32.31 1.42 84.52
CA LEU S 162 31.05 1.71 85.18
C LEU S 162 31.02 1.14 86.59
N TYR S 163 31.52 -0.08 86.78
CA TYR S 163 31.61 -0.64 88.13
C TYR S 163 32.57 0.15 89.00
N HIS S 164 33.71 0.57 88.45
CA HIS S 164 34.69 1.29 89.24
C HIS S 164 34.17 2.65 89.69
N GLN S 165 33.32 3.29 88.89
CA GLN S 165 32.70 4.52 89.34
C GLN S 165 31.46 4.27 90.21
N ALA S 166 30.76 3.16 90.01
CA ALA S 166 29.63 2.84 90.86
C ALA S 166 30.08 2.57 92.29
N ILE S 167 31.22 1.90 92.47
CA ILE S 167 31.77 1.69 93.80
C ILE S 167 32.35 2.96 94.39
N LYS S 168 32.37 4.06 93.63
CA LYS S 168 32.81 5.36 94.11
C LYS S 168 31.65 6.30 94.41
N GLY S 169 30.43 5.80 94.44
CA GLY S 169 29.26 6.61 94.72
C GLY S 169 28.65 7.28 93.50
N VAL S 170 29.21 7.09 92.31
CA VAL S 170 28.67 7.72 91.11
C VAL S 170 27.36 7.02 90.76
N ARG S 171 26.25 7.77 90.82
CA ARG S 171 24.94 7.21 90.52
C ARG S 171 24.50 7.45 89.07
N LEU S 172 25.05 8.48 88.42
CA LEU S 172 24.67 8.83 87.05
C LEU S 172 25.91 8.85 86.18
N ALA S 173 25.81 8.27 84.99
CA ALA S 173 26.88 8.29 84.00
C ALA S 173 26.30 8.70 82.67
N TYR S 174 27.08 9.45 81.89
CA TYR S 174 26.67 9.92 80.57
C TYR S 174 27.74 9.56 79.56
N TRP S 175 27.34 8.86 78.49
CA TRP S 175 28.25 8.51 77.42
C TRP S 175 27.81 9.22 76.15
N VAL S 176 28.61 10.16 75.68
CA VAL S 176 28.35 10.89 74.45
C VAL S 176 29.36 10.43 73.41
N GLY S 177 28.88 9.83 72.33
CA GLY S 177 29.80 9.31 71.34
C GLY S 177 29.06 8.74 70.14
N PHE S 178 29.83 8.16 69.24
CA PHE S 178 29.26 7.60 68.03
C PHE S 178 28.40 6.38 68.36
N ASP S 179 27.37 6.16 67.53
CA ASP S 179 26.50 5.02 67.71
C ASP S 179 27.30 3.72 67.55
N THR S 180 27.10 2.80 68.48
CA THR S 180 27.81 1.53 68.50
C THR S 180 27.05 0.40 67.81
N THR S 181 25.87 0.68 67.27
CA THR S 181 25.13 -0.33 66.53
C THR S 181 25.89 -0.89 65.33
N PRO S 182 26.62 -0.10 64.53
CA PRO S 182 27.36 -0.71 63.41
C PRO S 182 28.35 -1.78 63.83
N PHE S 183 28.93 -1.69 65.03
CA PHE S 183 29.95 -2.63 65.45
C PHE S 183 29.39 -3.92 66.04
N MET S 184 28.15 -3.92 66.52
CA MET S 184 27.52 -5.19 66.85
C MET S 184 27.00 -5.90 65.60
N TYR S 185 26.83 -5.17 64.49
CA TYR S 185 26.57 -5.78 63.20
C TYR S 185 27.84 -6.30 62.54
N ASN S 186 29.01 -6.01 63.12
CA ASN S 186 30.30 -6.53 62.67
C ASN S 186 30.58 -6.14 61.22
N ALA S 187 30.60 -4.83 60.98
CA ALA S 187 30.87 -4.30 59.65
C ALA S 187 32.36 -4.04 59.47
N MET S 188 32.86 -4.32 58.28
CA MET S 188 34.27 -4.10 57.99
C MET S 188 34.59 -2.62 57.87
N ALA S 189 33.68 -1.83 57.28
CA ALA S 189 33.86 -0.40 57.14
C ALA S 189 32.51 0.27 57.30
N GLY S 190 32.54 1.58 57.59
CA GLY S 190 31.31 2.29 57.80
C GLY S 190 31.52 3.79 57.74
N ALA S 191 30.40 4.51 57.71
CA ALA S 191 30.43 5.96 57.58
C ALA S 191 29.28 6.58 58.34
N TYR S 192 29.55 7.70 58.99
CA TYR S 192 28.55 8.64 59.50
C TYR S 192 28.60 9.86 58.59
N PRO S 193 27.84 9.86 57.50
CA PRO S 193 27.97 10.97 56.52
C PRO S 193 27.65 12.34 57.10
N SER S 194 26.66 12.43 57.99
CA SER S 194 26.23 13.73 58.51
C SER S 194 27.29 14.39 59.38
N TYR S 195 28.29 13.64 59.84
CA TYR S 195 29.38 14.19 60.63
C TYR S 195 30.70 14.11 59.89
N SER S 196 30.65 13.84 58.58
CA SER S 196 31.85 13.69 57.76
C SER S 196 32.79 12.63 58.32
N THR S 197 32.24 11.60 58.95
CA THR S 197 33.03 10.62 59.67
C THR S 197 33.09 9.32 58.88
N ASN S 198 34.28 8.74 58.79
CA ASN S 198 34.46 7.43 58.18
C ASN S 198 35.21 6.54 59.16
N TRP S 199 35.10 5.23 58.98
CA TRP S 199 35.88 4.31 59.78
C TRP S 199 36.06 3.01 59.01
N ALA S 200 37.21 2.38 59.20
CA ALA S 200 37.51 1.16 58.46
C ALA S 200 38.39 0.24 59.29
N ASP S 201 38.24 -1.05 59.05
CA ASP S 201 39.15 -2.04 59.61
C ASP S 201 40.52 -1.90 58.98
N GLU S 202 41.57 -2.21 59.75
CA GLU S 202 42.93 -2.07 59.27
C GLU S 202 43.21 -2.97 58.06
N GLN S 203 42.42 -4.01 57.85
CA GLN S 203 42.63 -4.88 56.70
C GLN S 203 42.16 -4.25 55.40
N VAL S 204 41.34 -3.20 55.47
CA VAL S 204 40.74 -2.62 54.27
C VAL S 204 41.06 -1.13 54.18
N LEU S 205 42.15 -0.70 54.82
CA LEU S 205 42.57 0.70 54.68
C LEU S 205 43.20 0.98 53.32
N LYS S 206 43.61 -0.05 52.60
CA LYS S 206 44.16 0.10 51.26
C LYS S 206 43.12 -0.16 50.18
N ALA S 207 41.84 -0.03 50.51
CA ALA S 207 40.76 -0.20 49.55
C ALA S 207 40.73 0.96 48.57
N LYS S 208 39.74 0.93 47.68
CA LYS S 208 39.67 1.88 46.58
C LYS S 208 38.48 2.84 46.69
N ASN S 209 37.29 2.33 46.99
CA ASN S 209 36.07 3.13 46.86
C ASN S 209 35.25 3.09 48.14
N ILE S 210 35.89 3.27 49.29
CA ILE S 210 35.20 3.44 50.56
C ILE S 210 35.60 4.79 51.14
N GLY S 211 34.93 5.18 52.23
CA GLY S 211 35.14 6.49 52.79
C GLY S 211 36.56 6.73 53.27
N LEU S 212 37.14 5.76 53.97
CA LEU S 212 38.48 5.85 54.53
C LEU S 212 39.35 4.79 53.87
N CYS S 213 40.10 5.19 52.84
CA CYS S 213 40.99 4.29 52.12
C CYS S 213 41.91 5.13 51.24
N SER S 214 42.99 4.50 50.79
CA SER S 214 43.90 5.12 49.82
C SER S 214 44.68 4.01 49.15
N THR S 215 44.61 3.95 47.82
CA THR S 215 45.33 2.94 47.07
C THR S 215 46.20 3.59 46.01
N ASP S 216 46.87 2.78 45.19
CA ASP S 216 47.80 3.26 44.18
C ASP S 216 47.39 2.77 42.81
N LEU S 217 47.81 3.50 41.78
CA LEU S 217 47.56 3.08 40.41
C LEU S 217 48.44 1.89 40.05
N THR S 218 47.82 0.85 39.49
CA THR S 218 48.54 -0.34 39.10
C THR S 218 48.01 -0.83 37.76
N GLU S 219 48.85 -1.58 37.04
CA GLU S 219 48.50 -2.11 35.74
C GLU S 219 47.85 -3.48 35.80
N GLY S 220 47.76 -4.09 36.97
CA GLY S 220 47.23 -5.43 37.08
C GLY S 220 48.32 -6.48 37.01
N ARG S 221 49.37 -6.29 37.80
CA ARG S 221 50.54 -7.15 37.78
C ARG S 221 50.32 -8.35 38.70
N ARG S 222 51.39 -9.12 38.93
CA ARG S 222 51.33 -10.23 39.86
C ARG S 222 51.18 -9.72 41.29
N GLY S 223 50.35 -10.38 42.06
CA GLY S 223 50.12 -9.97 43.43
C GLY S 223 51.25 -10.34 44.36
N LYS S 224 51.16 -9.83 45.59
CA LYS S 224 52.18 -10.10 46.60
C LYS S 224 52.26 -11.60 46.88
N LEU S 225 53.49 -12.10 47.01
CA LEU S 225 53.71 -13.48 47.44
C LEU S 225 53.51 -13.52 48.95
N SER S 226 52.25 -13.51 49.36
CA SER S 226 51.90 -13.36 50.77
C SER S 226 52.37 -14.56 51.58
N ILE S 227 52.91 -14.28 52.77
CA ILE S 227 53.29 -15.34 53.68
C ILE S 227 52.07 -16.07 54.22
N MET S 228 50.99 -15.32 54.46
CA MET S 228 49.74 -15.90 54.94
C MET S 228 48.82 -16.21 53.77
N ARG S 229 48.15 -17.37 53.85
CA ARG S 229 47.20 -17.74 52.81
C ARG S 229 46.04 -16.75 52.73
N GLY S 230 45.54 -16.30 53.88
CA GLY S 230 44.32 -15.50 53.89
C GLY S 230 43.10 -16.39 53.97
N LYS S 231 42.46 -16.61 52.81
CA LYS S 231 41.34 -17.53 52.67
C LYS S 231 40.11 -17.06 53.44
N LYS S 232 40.23 -15.94 54.14
CA LYS S 232 39.12 -15.38 54.89
C LYS S 232 39.42 -13.91 55.16
N LEU S 233 38.41 -13.06 54.98
CA LEU S 233 38.50 -11.64 55.28
C LEU S 233 37.42 -11.33 56.31
N GLU S 234 37.82 -11.22 57.57
N GLU S 234 37.83 -11.20 57.57
CA GLU S 234 36.89 -10.96 58.65
CA GLU S 234 36.92 -10.99 58.68
C GLU S 234 37.34 -9.75 59.44
C GLU S 234 37.35 -9.76 59.48
N PRO S 235 36.40 -8.97 59.99
CA PRO S 235 36.77 -7.79 60.76
C PRO S 235 37.69 -8.11 61.93
N CYS S 236 38.72 -7.30 62.09
CA CYS S 236 39.66 -7.44 63.20
C CYS S 236 39.36 -6.41 64.27
N ASP S 237 40.00 -6.59 65.43
CA ASP S 237 39.70 -5.72 66.57
C ASP S 237 40.08 -4.27 66.30
N ARG S 238 41.21 -4.04 65.64
CA ARG S 238 41.70 -2.68 65.45
C ARG S 238 41.01 -2.04 64.25
N VAL S 239 40.40 -0.87 64.48
CA VAL S 239 39.77 -0.08 63.43
C VAL S 239 40.29 1.34 63.54
N LEU S 240 40.15 2.08 62.44
CA LEU S 240 40.56 3.47 62.37
C LEU S 240 39.35 4.34 62.13
N PHE S 241 39.22 5.41 62.92
CA PHE S 241 38.18 6.41 62.78
C PHE S 241 38.80 7.69 62.23
N SER S 242 38.16 8.25 61.20
CA SER S 242 38.50 9.56 60.67
C SER S 242 37.31 10.48 60.90
N VAL S 243 37.45 11.39 61.85
CA VAL S 243 36.42 12.38 62.15
C VAL S 243 36.85 13.70 61.54
N GLY S 244 36.41 13.96 60.32
CA GLY S 244 36.95 15.08 59.58
C GLY S 244 38.32 14.75 59.06
N SER S 245 39.35 15.32 59.69
CA SER S 245 40.75 15.04 59.35
C SER S 245 41.53 14.68 60.59
N THR S 246 40.90 13.93 61.51
CA THR S 246 41.52 13.54 62.77
C THR S 246 41.39 12.03 62.95
N LEU S 247 42.50 11.38 63.30
CA LEU S 247 42.54 9.93 63.42
C LEU S 247 42.33 9.47 64.85
N TYR S 248 41.61 8.35 65.01
CA TYR S 248 41.47 7.64 66.27
C TYR S 248 41.59 6.14 66.06
N PRO S 249 42.62 5.49 66.62
CA PRO S 249 42.68 4.03 66.60
C PRO S 249 41.82 3.42 67.69
N GLU S 250 40.74 2.77 67.29
N GLU S 250 40.73 2.78 67.29
CA GLU S 250 39.77 2.19 68.22
CA GLU S 250 39.78 2.19 68.22
C GLU S 250 39.82 0.67 68.13
C GLU S 250 39.82 0.67 68.13
N SER S 251 39.19 0.03 69.11
CA SER S 251 39.10 -1.42 69.19
C SER S 251 37.64 -1.86 69.18
N ARG S 252 37.35 -2.91 68.42
CA ARG S 252 35.96 -3.38 68.30
C ARG S 252 35.42 -3.87 69.64
N LYS S 253 36.26 -4.54 70.43
CA LYS S 253 35.80 -5.07 71.71
C LYS S 253 35.35 -3.95 72.64
N LEU S 254 36.16 -2.88 72.75
CA LEU S 254 35.81 -1.79 73.65
C LEU S 254 34.65 -0.98 73.11
N LEU S 255 34.51 -0.90 71.78
CA LEU S 255 33.35 -0.23 71.19
C LEU S 255 32.07 -0.99 71.49
N LYS S 256 32.10 -2.31 71.32
CA LYS S 256 30.93 -3.13 71.61
C LYS S 256 30.62 -3.15 73.10
N SER S 257 31.63 -2.96 73.95
CA SER S 257 31.39 -2.91 75.38
C SER S 257 30.41 -1.83 75.76
N TRP S 258 30.44 -0.69 75.06
CA TRP S 258 29.57 0.43 75.37
C TRP S 258 28.17 0.30 74.80
N HIS S 259 27.90 -0.76 74.03
CA HIS S 259 26.55 -1.03 73.54
C HIS S 259 25.80 -1.81 74.61
N LEU S 260 25.59 -1.15 75.74
CA LEU S 260 25.00 -1.80 76.90
C LEU S 260 23.53 -2.12 76.65
N PRO S 261 23.02 -3.19 77.25
CA PRO S 261 21.59 -3.48 77.16
C PRO S 261 20.78 -2.53 78.04
N SER S 262 19.46 -2.61 77.88
CA SER S 262 18.58 -1.78 78.69
C SER S 262 18.70 -2.11 80.17
N VAL S 263 18.81 -3.39 80.50
CA VAL S 263 18.96 -3.86 81.87
C VAL S 263 20.17 -4.79 81.94
N PHE S 264 21.08 -4.53 82.86
CA PHE S 264 22.23 -5.39 83.08
C PHE S 264 22.67 -5.28 84.54
N HIS S 265 23.36 -6.31 85.00
CA HIS S 265 23.78 -6.42 86.39
C HIS S 265 25.29 -6.23 86.50
N LEU S 266 25.72 -5.54 87.57
CA LEU S 266 27.12 -5.38 87.90
C LEU S 266 27.39 -6.22 89.15
N LYS S 267 28.20 -7.27 89.00
CA LYS S 267 28.43 -8.25 90.06
C LYS S 267 29.92 -8.28 90.38
N GLY S 268 30.29 -7.66 91.50
CA GLY S 268 31.66 -7.69 91.96
C GLY S 268 31.73 -7.72 93.48
N LYS S 269 32.56 -6.86 94.07
CA LYS S 269 32.57 -6.71 95.52
C LYS S 269 31.23 -6.19 96.01
N LEU S 270 30.74 -5.12 95.39
CA LEU S 270 29.40 -4.60 95.63
C LEU S 270 28.51 -4.93 94.43
N SER S 271 27.21 -5.03 94.70
CA SER S 271 26.24 -5.32 93.65
C SER S 271 25.27 -4.16 93.46
N THR S 273 21.84 -3.43 90.25
CA THR S 273 21.33 -3.40 88.88
C THR S 273 21.56 -2.03 88.24
N CYS S 274 21.67 -2.01 86.92
CA CYS S 274 21.94 -0.79 86.17
C CYS S 274 21.05 -0.72 84.94
N ARG S 275 20.85 0.50 84.44
CA ARG S 275 20.09 0.74 83.22
C ARG S 275 20.93 1.55 82.24
N CYS S 276 20.61 1.39 80.96
CA CYS S 276 21.26 2.15 79.89
C CYS S 276 20.20 2.54 78.87
N ASP S 277 19.93 3.84 78.76
CA ASP S 277 18.93 4.35 77.83
C ASP S 277 19.57 5.38 76.92
N THR S 278 19.14 5.39 75.66
CA THR S 278 19.62 6.36 74.68
C THR S 278 18.71 7.58 74.76
N VAL S 279 19.17 8.62 75.44
CA VAL S 279 18.36 9.81 75.62
C VAL S 279 18.51 10.81 74.49
N VAL S 280 19.62 10.78 73.74
CA VAL S 280 19.77 11.61 72.56
C VAL S 280 20.28 10.75 71.42
N SER S 281 19.67 10.89 70.25
CA SER S 281 20.09 10.17 69.05
C SER S 281 19.92 11.09 67.87
N CYS S 282 21.00 11.37 67.14
CA CYS S 282 20.94 12.26 65.98
C CYS S 282 21.95 11.78 64.95
N GLU S 283 21.44 11.09 63.93
CA GLU S 283 22.14 10.87 62.66
C GLU S 283 23.52 10.24 62.87
N GLY S 284 23.62 9.37 63.87
CA GLY S 284 24.84 8.64 64.14
C GLY S 284 25.56 9.03 65.41
N TYR S 285 25.16 10.11 66.07
CA TYR S 285 25.77 10.52 67.33
C TYR S 285 24.74 10.37 68.45
N VAL S 286 25.13 9.70 69.53
CA VAL S 286 24.20 9.35 70.58
C VAL S 286 24.72 9.83 71.93
N VAL S 287 23.79 10.13 72.82
CA VAL S 287 24.05 10.40 74.22
C VAL S 287 23.22 9.39 75.01
N LYS S 288 23.91 8.50 75.72
CA LYS S 288 23.29 7.45 76.51
C LYS S 288 23.41 7.78 77.98
N ARG S 289 22.28 7.70 78.69
CA ARG S 289 22.21 8.00 80.11
C ARG S 289 22.18 6.68 80.87
N ILE S 290 23.29 6.32 81.49
CA ILE S 290 23.39 5.15 82.35
C ILE S 290 23.09 5.59 83.77
N THR S 291 22.25 4.85 84.47
CA THR S 291 21.91 5.14 85.84
C THR S 291 22.16 3.90 86.70
N MET S 292 22.70 4.12 87.90
CA MET S 292 23.17 3.04 88.75
C MET S 292 22.34 2.97 90.03
N SER S 293 22.31 1.77 90.62
CA SER S 293 21.62 1.56 91.88
C SER S 293 22.24 0.37 92.61
N PRO S 294 22.61 0.52 93.88
CA PRO S 294 23.22 -0.59 94.62
C PRO S 294 22.22 -1.72 94.83
N GLY S 295 22.75 -2.94 94.85
CA GLY S 295 21.95 -4.12 95.05
C GLY S 295 21.46 -4.71 93.73
N LEU S 296 21.18 -6.01 93.76
CA LEU S 296 20.69 -6.75 92.61
C LEU S 296 19.16 -6.77 92.66
N TYR S 297 18.52 -6.22 91.64
CA TYR S 297 17.06 -6.17 91.58
C TYR S 297 16.61 -6.55 90.18
N GLY S 298 15.52 -7.32 90.11
CA GLY S 298 14.99 -7.74 88.83
C GLY S 298 15.87 -8.81 88.18
N LYS S 299 15.75 -8.91 86.86
CA LYS S 299 16.54 -9.86 86.10
C LYS S 299 16.77 -9.29 84.70
N THR S 300 17.79 -9.83 84.03
CA THR S 300 18.27 -9.28 82.78
C THR S 300 17.99 -10.24 81.64
N THR S 301 17.52 -9.68 80.51
CA THR S 301 17.34 -10.45 79.29
C THR S 301 18.58 -10.47 78.40
N GLY S 302 19.55 -9.60 78.66
CA GLY S 302 20.72 -9.49 77.82
C GLY S 302 20.45 -9.00 76.42
N TYR S 303 19.48 -8.11 76.24
CA TYR S 303 19.09 -7.62 74.94
C TYR S 303 19.29 -6.11 74.86
N ALA S 304 19.84 -5.64 73.74
CA ALA S 304 20.05 -4.24 73.48
C ALA S 304 19.24 -3.81 72.27
N VAL S 305 18.65 -2.62 72.36
CA VAL S 305 17.73 -2.10 71.35
C VAL S 305 18.28 -0.80 70.81
N THR S 306 18.31 -0.68 69.48
CA THR S 306 18.61 0.57 68.80
C THR S 306 17.42 0.99 67.94
N HIS S 307 16.88 2.17 68.20
CA HIS S 307 15.78 2.72 67.43
C HIS S 307 16.34 3.54 66.27
N HIS S 308 15.81 3.30 65.07
CA HIS S 308 16.32 3.94 63.86
C HIS S 308 15.36 5.03 63.42
N ALA S 309 15.66 6.29 63.77
CA ALA S 309 14.92 7.41 63.20
C ALA S 309 15.17 7.53 61.71
N ASP S 310 16.42 7.34 61.29
N ASP S 310 16.42 7.32 61.29
CA ASP S 310 16.82 7.31 59.89
CA ASP S 310 16.78 7.31 59.88
C ASP S 310 17.19 5.88 59.49
C ASP S 310 17.25 5.92 59.49
N GLY S 311 17.18 5.63 58.19
CA GLY S 311 17.51 4.29 57.71
C GLY S 311 18.95 3.93 58.00
N PHE S 312 19.16 2.66 58.30
CA PHE S 312 20.49 2.11 58.56
C PHE S 312 20.73 0.95 57.61
N LEU S 313 21.90 0.91 56.99
CA LEU S 313 22.19 -0.13 56.01
C LEU S 313 23.54 -0.75 56.31
N MET S 314 23.60 -2.08 56.21
CA MET S 314 24.85 -2.83 56.25
C MET S 314 24.81 -3.85 55.13
N CYS S 315 25.63 -3.65 54.09
CA CYS S 315 25.47 -4.39 52.86
C CYS S 315 26.81 -4.92 52.37
N LYS S 316 26.74 -6.00 51.59
CA LYS S 316 27.91 -6.55 50.93
C LYS S 316 28.30 -5.71 49.72
N THR S 317 29.58 -5.40 49.61
CA THR S 317 30.09 -4.63 48.49
C THR S 317 31.47 -5.16 48.09
N THR S 318 31.75 -5.10 46.80
CA THR S 318 32.98 -5.62 46.23
C THR S 318 33.90 -4.47 45.88
N ASP S 319 35.09 -4.46 46.48
CA ASP S 319 36.11 -3.47 46.20
C ASP S 319 37.43 -4.17 45.92
N THR S 320 38.50 -3.39 45.80
CA THR S 320 39.85 -3.92 45.66
C THR S 320 40.71 -3.40 46.80
N VAL S 321 41.26 -4.32 47.58
CA VAL S 321 42.21 -4.00 48.64
C VAL S 321 43.60 -4.33 48.13
N ASP S 322 44.45 -3.31 47.99
CA ASP S 322 45.77 -3.44 47.40
C ASP S 322 45.71 -4.11 46.02
N GLY S 323 44.65 -3.82 45.28
CA GLY S 323 44.45 -4.38 43.96
C GLY S 323 43.80 -5.74 43.93
N GLU S 324 43.55 -6.36 45.08
CA GLU S 324 42.91 -7.67 45.14
C GLU S 324 41.41 -7.48 45.31
N ARG S 325 40.63 -8.00 44.35
CA ARG S 325 39.19 -7.85 44.39
C ARG S 325 38.60 -8.76 45.45
N VAL S 326 37.99 -8.16 46.47
CA VAL S 326 37.35 -8.88 47.57
C VAL S 326 36.00 -8.25 47.84
N SER S 327 35.21 -8.92 48.67
CA SER S 327 33.88 -8.46 49.04
C SER S 327 33.78 -8.41 50.55
N PHE S 328 33.28 -7.30 51.08
CA PHE S 328 33.12 -7.15 52.52
C PHE S 328 31.92 -6.26 52.81
N SER S 329 31.59 -6.16 54.09
CA SER S 329 30.40 -5.43 54.53
C SER S 329 30.72 -3.97 54.81
N VAL S 330 29.82 -3.08 54.38
CA VAL S 330 29.93 -1.66 54.61
C VAL S 330 28.60 -1.16 55.16
N CYS S 331 28.65 -0.35 56.21
CA CYS S 331 27.46 0.18 56.85
C CYS S 331 27.42 1.69 56.71
N THR S 332 26.22 2.25 56.80
CA THR S 332 26.00 3.69 56.66
C THR S 332 24.58 4.02 57.09
N TYR S 333 24.30 5.33 57.15
CA TYR S 333 23.00 5.87 57.48
C TYR S 333 22.43 6.62 56.29
N VAL S 334 21.12 6.51 56.09
CA VAL S 334 20.41 7.18 55.00
C VAL S 334 19.29 8.01 55.60
N PRO S 335 19.09 9.25 55.16
CA PRO S 335 18.02 10.09 55.70
C PRO S 335 16.66 9.43 55.55
N ALA S 336 15.78 9.68 56.53
CA ALA S 336 14.47 9.05 56.54
C ALA S 336 13.64 9.47 55.34
N THR S 337 13.80 10.71 54.87
CA THR S 337 13.05 11.16 53.69
C THR S 337 13.41 10.34 52.47
N ILE S 338 14.70 10.05 52.29
CA ILE S 338 15.13 9.23 51.16
C ILE S 338 14.54 7.84 51.26
N CYS S 339 14.58 7.24 52.46
CA CYS S 339 14.05 5.90 52.64
C CYS S 339 12.55 5.85 52.36
N ASP S 340 11.81 6.87 52.81
CA ASP S 340 10.39 6.92 52.52
C ASP S 340 10.11 7.13 51.04
N GLN S 341 10.95 7.90 50.35
CA GLN S 341 10.73 8.12 48.92
C GLN S 341 11.08 6.90 48.10
N MET S 342 11.97 6.03 48.60
CA MET S 342 12.34 4.83 47.85
C MET S 342 11.44 3.64 48.13
N THR S 343 10.44 3.79 49.00
CA THR S 343 9.58 2.66 49.34
C THR S 343 8.81 2.15 48.13
N GLY S 344 8.30 3.06 47.30
CA GLY S 344 7.52 2.64 46.15
C GLY S 344 8.33 1.88 45.11
N ILE S 345 9.52 2.37 44.79
CA ILE S 345 10.36 1.72 43.79
C ILE S 345 10.92 0.39 44.28
N LEU S 346 11.19 0.26 45.57
CA LEU S 346 11.80 -0.95 46.11
C LEU S 346 10.85 -2.15 46.11
N ALA S 347 9.61 -1.97 45.69
CA ALA S 347 8.67 -3.09 45.62
C ALA S 347 9.05 -4.10 44.54
N THR S 348 9.82 -3.68 43.53
CA THR S 348 10.21 -4.53 42.43
C THR S 348 11.72 -4.77 42.47
N GLU S 349 12.21 -5.51 41.49
CA GLU S 349 13.64 -5.75 41.34
C GLU S 349 14.23 -4.63 40.49
N VAL S 350 15.07 -3.80 41.11
CA VAL S 350 15.64 -2.63 40.46
C VAL S 350 17.15 -2.83 40.35
N THR S 351 17.70 -2.51 39.18
CA THR S 351 19.14 -2.63 38.98
C THR S 351 19.87 -1.55 39.78
N PRO S 352 21.11 -1.81 40.19
CA PRO S 352 21.86 -0.79 40.95
C PRO S 352 22.04 0.52 40.21
N GLU S 353 22.15 0.47 38.88
CA GLU S 353 22.31 1.70 38.11
C GLU S 353 21.04 2.55 38.16
N ASP S 354 19.89 1.92 37.94
CA ASP S 354 18.63 2.65 38.00
C ASP S 354 18.35 3.16 39.41
N ALA S 355 18.65 2.34 40.42
CA ALA S 355 18.48 2.77 41.80
C ALA S 355 19.38 3.95 42.12
N GLN S 356 20.62 3.93 41.63
CA GLN S 356 21.53 5.05 41.86
C GLN S 356 21.03 6.32 41.19
N LYS S 357 20.52 6.20 39.95
CA LYS S 357 19.99 7.38 39.28
C LYS S 357 18.78 7.94 40.01
N LEU S 358 17.89 7.06 40.50
CA LEU S 358 16.76 7.53 41.28
C LEU S 358 17.19 8.19 42.58
N LEU S 359 18.19 7.61 43.25
CA LEU S 359 18.71 8.21 44.48
C LEU S 359 19.29 9.58 44.21
N VAL S 360 20.02 9.73 43.10
CA VAL S 360 20.61 11.02 42.76
C VAL S 360 19.52 12.03 42.45
N GLY S 361 18.49 11.62 41.71
CA GLY S 361 17.37 12.50 41.44
C GLY S 361 16.66 12.95 42.70
N LEU S 362 16.55 12.05 43.68
CA LEU S 362 15.97 12.44 44.97
C LEU S 362 16.91 13.33 45.77
N ASN S 363 18.22 13.19 45.59
CA ASN S 363 19.18 13.96 46.35
C ASN S 363 19.32 15.38 45.80
N GLN S 364 19.60 15.50 44.50
N GLN S 364 19.58 15.50 44.50
CA GLN S 364 19.76 16.80 43.87
CA GLN S 364 19.70 16.80 43.84
C GLN S 364 18.41 17.51 43.71
C GLN S 364 18.39 17.56 43.89
N ASN S 377 21.93 18.98 48.94
CA ASN S 377 22.14 17.54 49.05
C ASN S 377 21.66 17.01 50.40
N THR S 378 20.61 16.20 50.38
CA THR S 378 20.11 15.60 51.62
C THR S 378 21.11 14.61 52.19
N MET S 379 21.73 13.81 51.34
CA MET S 379 22.74 12.84 51.76
C MET S 379 24.01 13.04 50.95
N LYS S 380 25.14 12.64 51.53
CA LYS S 380 26.42 12.79 50.85
C LYS S 380 26.51 11.85 49.67
N ASN S 381 26.99 12.38 48.54
CA ASN S 381 26.98 11.63 47.30
C ASN S 381 27.94 10.45 47.30
N TYR S 382 29.02 10.54 48.09
CA TYR S 382 30.03 9.48 48.09
C TYR S 382 29.50 8.17 48.67
N MET S 383 28.43 8.22 49.46
CA MET S 383 27.77 7.02 49.94
C MET S 383 26.68 6.53 49.01
N ILE S 384 26.33 7.32 47.99
CA ILE S 384 25.15 7.01 47.18
C ILE S 384 25.26 5.69 46.42
N PRO S 385 26.35 5.39 45.70
CA PRO S 385 26.35 4.16 44.90
C PRO S 385 26.16 2.89 45.71
N VAL S 386 26.93 2.70 46.77
CA VAL S 386 26.85 1.46 47.53
C VAL S 386 25.45 1.27 48.10
N VAL S 387 24.86 2.34 48.65
CA VAL S 387 23.49 2.28 49.13
C VAL S 387 22.56 1.82 48.03
N ALA S 388 22.73 2.37 46.83
CA ALA S 388 21.96 1.90 45.68
C ALA S 388 22.11 0.40 45.53
N GLN S 389 23.35 -0.08 45.51
CA GLN S 389 23.60 -1.52 45.49
C GLN S 389 22.85 -2.20 46.62
N ALA S 390 22.98 -1.68 47.83
CA ALA S 390 22.26 -2.24 48.96
C ALA S 390 20.78 -2.33 48.64
N PHE S 391 20.18 -1.23 48.20
CA PHE S 391 18.76 -1.25 47.88
C PHE S 391 18.48 -2.27 46.78
N SER S 392 19.33 -2.28 45.74
CA SER S 392 19.14 -3.23 44.66
C SER S 392 19.18 -4.66 45.17
N LYS S 393 20.04 -4.92 46.15
CA LYS S 393 20.06 -6.26 46.75
C LYS S 393 18.81 -6.48 47.59
N TRP S 394 18.45 -5.50 48.42
CA TRP S 394 17.36 -5.70 49.36
C TRP S 394 16.06 -5.96 48.63
N ALA S 395 15.69 -5.08 47.70
CA ALA S 395 14.49 -5.28 46.90
C ALA S 395 14.54 -6.62 46.18
N LYS S 396 15.73 -7.07 45.79
CA LYS S 396 15.85 -8.39 45.18
C LYS S 396 15.53 -9.49 46.20
N GLU S 397 16.17 -9.43 47.37
CA GLU S 397 16.02 -10.51 48.34
C GLU S 397 14.58 -10.63 48.81
N CYS S 398 13.93 -9.50 49.10
CA CYS S 398 12.52 -9.52 49.47
C CYS S 398 11.69 -10.21 48.40
N ARG S 399 11.98 -9.93 47.13
CA ARG S 399 11.24 -10.59 46.05
CA ARG S 399 11.24 -10.58 46.05
C ARG S 399 11.40 -12.09 46.11
N LYS S 400 12.60 -12.57 46.43
N LYS S 400 12.60 -12.57 46.43
CA LYS S 400 12.80 -14.00 46.58
CA LYS S 400 12.82 -14.01 46.59
C LYS S 400 11.95 -14.57 47.70
C LYS S 400 11.95 -14.57 47.70
N ASP S 401 11.82 -13.83 48.81
CA ASP S 401 10.94 -14.26 49.89
C ASP S 401 9.50 -14.31 49.41
N MET S 402 9.14 -13.51 48.41
CA MET S 402 7.83 -13.62 47.79
C MET S 402 7.71 -14.90 46.98
N GLU S 403 8.78 -15.27 46.27
CA GLU S 403 8.70 -16.42 45.38
C GLU S 403 8.67 -17.74 46.15
N ASP S 404 9.51 -17.87 47.16
CA ASP S 404 9.59 -19.09 47.95
C ASP S 404 8.71 -18.98 49.19
N GLU S 405 7.41 -18.89 48.96
CA GLU S 405 6.45 -18.78 50.05
C GLU S 405 6.32 -20.12 50.75
N LYS S 406 6.70 -20.16 52.04
CA LYS S 406 6.65 -21.37 52.82
C LYS S 406 5.25 -21.57 53.40
N LEU S 407 5.11 -22.63 54.19
CA LEU S 407 3.86 -22.86 54.91
C LEU S 407 3.91 -22.18 56.28
N LEU S 408 2.74 -21.92 56.82
CA LEU S 408 2.64 -21.22 58.10
C LEU S 408 3.11 -22.12 59.23
N GLY S 409 4.19 -21.72 59.88
CA GLY S 409 4.70 -22.45 61.02
C GLY S 409 5.20 -23.85 60.73
N VAL S 410 5.94 -24.03 59.64
CA VAL S 410 6.54 -25.31 59.30
C VAL S 410 8.00 -25.08 58.92
N ARG S 411 8.90 -25.81 59.56
CA ARG S 411 10.32 -25.79 59.24
C ARG S 411 10.69 -27.11 58.57
N GLU S 412 11.21 -27.05 57.36
CA GLU S 412 11.61 -28.22 56.60
C GLU S 412 13.09 -28.47 56.83
N ARG S 413 13.39 -29.38 57.75
CA ARG S 413 14.76 -29.72 58.11
C ARG S 413 15.02 -31.19 57.83
N THR S 414 16.17 -31.47 57.23
CA THR S 414 16.52 -32.83 56.84
C THR S 414 17.36 -33.49 57.92
N LEU S 415 17.03 -34.75 58.23
CA LEU S 415 17.81 -35.52 59.19
C LEU S 415 19.10 -35.98 58.52
N THR S 416 20.24 -35.49 59.00
CA THR S 416 21.52 -35.74 58.35
C THR S 416 22.12 -37.09 58.74
N CYS S 417 21.31 -38.15 58.66
CA CYS S 417 21.77 -39.52 58.94
C CYS S 417 22.35 -39.64 60.35
N CYS S 418 21.90 -38.80 61.27
N CYS S 418 21.90 -38.80 61.27
CA CYS S 418 22.42 -38.73 62.62
CA CYS S 418 22.40 -38.76 62.63
C CYS S 418 21.32 -38.16 63.52
C CYS S 418 21.32 -38.13 63.51
N CYS S 419 21.69 -37.76 64.73
CA CYS S 419 20.77 -37.13 65.67
C CYS S 419 20.75 -35.61 65.52
N LEU S 420 21.11 -35.09 64.35
CA LEU S 420 21.17 -33.66 64.09
C LEU S 420 20.24 -33.31 62.94
N TRP S 421 19.83 -32.04 62.91
CA TRP S 421 18.93 -31.50 61.90
C TRP S 421 19.57 -30.29 61.25
N ALA S 422 19.42 -30.19 59.92
CA ALA S 422 20.05 -29.15 59.14
C ALA S 422 19.03 -28.48 58.22
N PHE S 423 19.27 -27.21 57.94
CA PHE S 423 18.42 -26.41 57.05
C PHE S 423 19.31 -25.62 56.10
N LYS S 424 18.70 -25.15 55.01
CA LYS S 424 19.40 -24.33 54.04
C LYS S 424 19.27 -22.85 54.39
N LYS S 425 20.39 -22.14 54.37
CA LYS S 425 20.41 -20.71 54.64
C LYS S 425 20.34 -19.94 53.33
N GLN S 426 19.52 -18.89 53.32
CA GLN S 426 19.34 -18.08 52.12
C GLN S 426 20.46 -17.04 52.03
N LYS S 427 20.59 -16.46 50.84
CA LYS S 427 21.63 -15.46 50.59
C LYS S 427 21.14 -14.10 51.10
N THR S 428 21.75 -13.61 52.17
CA THR S 428 21.41 -12.32 52.76
C THR S 428 22.61 -11.38 52.55
N HIS S 429 22.49 -10.50 51.56
CA HIS S 429 23.57 -9.57 51.23
C HIS S 429 23.37 -8.18 51.83
N THR S 430 22.16 -7.84 52.28
CA THR S 430 21.89 -6.51 52.78
C THR S 430 21.00 -6.59 54.02
N VAL S 431 21.35 -5.81 55.03
CA VAL S 431 20.51 -5.59 56.20
C VAL S 431 20.07 -4.13 56.16
N TYR S 432 18.77 -3.92 56.05
CA TYR S 432 18.19 -2.60 55.84
C TYR S 432 17.17 -2.33 56.94
N LYS S 433 17.57 -1.57 57.95
CA LYS S 433 16.67 -1.16 59.02
C LYS S 433 16.02 0.16 58.61
N ARG S 434 14.75 0.09 58.24
CA ARG S 434 14.02 1.25 57.79
C ARG S 434 13.73 2.19 58.96
N PRO S 435 13.39 3.45 58.68
CA PRO S 435 13.00 4.35 59.78
C PRO S 435 11.80 3.82 60.54
N ASP S 436 11.76 4.13 61.84
CA ASP S 436 10.76 3.64 62.78
C ASP S 436 10.84 2.13 62.98
N THR S 437 12.02 1.55 62.82
CA THR S 437 12.30 0.17 63.17
C THR S 437 13.33 0.12 64.28
N GLN S 438 13.62 -1.10 64.74
CA GLN S 438 14.52 -1.30 65.86
C GLN S 438 15.39 -2.52 65.62
N SER S 439 16.68 -2.36 65.89
CA SER S 439 17.62 -3.48 65.88
C SER S 439 17.75 -4.03 67.28
N ILE S 440 17.50 -5.34 67.44
CA ILE S 440 17.55 -6.01 68.72
C ILE S 440 18.69 -7.03 68.67
N GLN S 441 19.65 -6.89 69.60
CA GLN S 441 20.84 -7.72 69.58
C GLN S 441 21.08 -8.31 70.97
N LYS S 442 21.40 -9.60 71.02
CA LYS S 442 21.65 -10.27 72.29
C LYS S 442 23.08 -9.99 72.74
N VAL S 443 23.22 -9.27 73.86
CA VAL S 443 24.51 -8.88 74.39
C VAL S 443 24.71 -9.55 75.75
N GLN S 444 25.94 -9.51 76.22
CA GLN S 444 26.26 -10.08 77.53
C GLN S 444 25.75 -9.16 78.64
N ALA S 445 25.09 -9.74 79.63
CA ALA S 445 24.69 -9.05 80.85
C ALA S 445 25.40 -9.69 82.03
N GLU S 446 25.11 -9.16 83.23
CA GLU S 446 25.64 -9.67 84.49
C GLU S 446 27.16 -9.74 84.48
N PHE S 447 27.75 -8.55 84.36
CA PHE S 447 29.20 -8.42 84.43
C PHE S 447 29.69 -8.53 85.87
N PRO T 3 39.15 43.19 59.65
CA PRO T 3 39.01 43.54 58.23
C PRO T 3 40.30 43.26 57.45
N VAL T 4 40.42 42.05 56.91
CA VAL T 4 41.60 41.63 56.17
C VAL T 4 41.40 41.96 54.69
N TYR T 5 42.39 42.61 54.10
CA TYR T 5 42.37 42.98 52.69
C TYR T 5 43.26 42.03 51.89
N VAL T 6 42.77 41.62 50.72
CA VAL T 6 43.45 40.65 49.88
C VAL T 6 43.74 41.29 48.52
N ASP T 7 44.96 41.07 48.03
CA ASP T 7 45.38 41.60 46.72
C ASP T 7 44.86 40.71 45.60
N ILE T 8 43.54 40.59 45.52
CA ILE T 8 42.86 39.82 44.49
C ILE T 8 41.79 40.69 43.85
N ASP T 9 41.24 40.18 42.75
CA ASP T 9 40.22 40.92 42.02
C ASP T 9 38.96 41.08 42.88
N ALA T 10 38.21 42.15 42.60
CA ALA T 10 36.99 42.42 43.33
C ALA T 10 35.85 41.48 42.96
N ASP T 11 35.97 40.76 41.84
CA ASP T 11 34.91 39.86 41.38
C ASP T 11 35.46 38.47 41.07
N SER T 12 36.55 38.09 41.71
CA SER T 12 37.14 36.77 41.49
C SER T 12 36.31 35.69 42.17
N ALA T 13 36.22 34.53 41.51
CA ALA T 13 35.45 33.42 42.07
C ALA T 13 36.13 32.78 43.26
N PHE T 14 37.45 32.94 43.40
CA PHE T 14 38.17 32.43 44.55
C PHE T 14 37.78 33.13 45.85
N LEU T 15 37.37 34.40 45.76
CA LEU T 15 37.03 35.19 46.94
C LEU T 15 36.16 34.41 47.92
N LYS T 16 35.01 33.93 47.46
CA LYS T 16 34.10 33.19 48.32
C LYS T 16 34.82 32.04 49.03
N ALA T 17 35.59 31.24 48.28
CA ALA T 17 36.31 30.13 48.89
C ALA T 17 37.19 30.63 50.03
N LEU T 18 37.91 31.72 49.80
CA LEU T 18 38.74 32.30 50.86
C LEU T 18 37.90 32.67 52.07
N GLN T 19 36.74 33.30 51.84
N GLN T 19 36.74 33.29 51.84
CA GLN T 19 35.86 33.65 52.95
CA GLN T 19 35.86 33.65 52.95
C GLN T 19 35.36 32.41 53.67
C GLN T 19 35.35 32.41 53.67
N ARG T 20 35.20 31.30 52.94
CA ARG T 20 34.81 30.06 53.60
C ARG T 20 35.99 29.45 54.36
N ALA T 21 37.22 29.75 53.95
CA ALA T 21 38.39 29.21 54.61
C ALA T 21 38.76 29.97 55.87
N TYR T 22 38.35 31.24 55.99
CA TYR T 22 38.68 32.08 57.14
C TYR T 22 37.40 32.75 57.63
N PRO T 23 36.56 32.02 58.37
CA PRO T 23 35.28 32.61 58.83
C PRO T 23 35.43 33.68 59.89
N MET T 24 36.57 33.77 60.57
CA MET T 24 36.75 34.75 61.63
C MET T 24 37.21 36.11 61.13
N PHE T 25 37.45 36.26 59.83
CA PHE T 25 37.90 37.50 59.25
C PHE T 25 36.94 37.97 58.18
N GLU T 26 36.87 39.28 57.99
CA GLU T 26 36.16 39.89 56.87
C GLU T 26 37.18 40.07 55.74
N VAL T 27 36.98 39.35 54.65
CA VAL T 27 37.93 39.34 53.55
C VAL T 27 37.41 40.30 52.48
N GLU T 28 38.18 41.36 52.22
CA GLU T 28 37.78 42.39 51.27
C GLU T 28 38.84 42.49 50.18
N PRO T 29 38.46 42.44 48.91
CA PRO T 29 39.45 42.51 47.84
C PRO T 29 39.98 43.93 47.63
N ARG T 30 41.28 44.01 47.36
CA ARG T 30 41.91 45.29 47.00
C ARG T 30 43.07 44.96 46.05
N GLN T 31 42.79 45.03 44.76
CA GLN T 31 43.77 44.67 43.74
C GLN T 31 44.68 45.85 43.45
N VAL T 32 45.98 45.66 43.64
CA VAL T 32 46.96 46.71 43.35
C VAL T 32 48.10 46.12 42.53
N THR T 33 47.93 44.89 42.05
CA THR T 33 48.93 44.21 41.24
C THR T 33 48.28 43.12 40.38
N PRO T 34 48.66 43.00 39.11
CA PRO T 34 48.15 41.90 38.27
C PRO T 34 48.92 40.61 38.48
N ASN T 35 48.97 40.16 39.74
CA ASN T 35 49.78 39.01 40.10
C ASN T 35 49.22 37.74 39.48
N ASP T 36 50.11 36.93 38.90
CA ASP T 36 49.72 35.67 38.29
C ASP T 36 49.37 34.59 39.31
N HIS T 37 49.77 34.76 40.57
CA HIS T 37 49.47 33.82 41.64
C HIS T 37 48.95 34.56 42.86
N ALA T 38 48.00 35.47 42.63
CA ALA T 38 47.49 36.30 43.72
C ALA T 38 46.75 35.49 44.78
N ASN T 39 46.12 34.38 44.37
CA ASN T 39 45.41 33.54 45.32
C ASN T 39 46.36 32.96 46.37
N ALA T 40 47.55 32.53 45.94
CA ALA T 40 48.53 31.99 46.88
C ALA T 40 48.93 33.03 47.91
N ARG T 41 49.21 34.25 47.46
CA ARG T 41 49.63 35.30 48.39
C ARG T 41 48.50 35.70 49.33
N ALA T 42 47.27 35.74 48.82
CA ALA T 42 46.13 36.06 49.68
C ALA T 42 45.95 34.99 50.75
N PHE T 43 46.03 33.72 50.36
CA PHE T 43 45.88 32.64 51.34
C PHE T 43 46.99 32.69 52.36
N SER T 44 48.23 32.98 51.93
CA SER T 44 49.33 33.10 52.87
C SER T 44 49.11 34.25 53.83
N HIS T 45 48.57 35.36 53.33
CA HIS T 45 48.31 36.53 54.18
C HIS T 45 47.30 36.18 55.26
N LEU T 46 46.15 35.61 54.88
CA LEU T 46 45.17 35.27 55.90
C LEU T 46 45.66 34.14 56.80
N ALA T 47 46.53 33.26 56.30
CA ALA T 47 47.12 32.25 57.16
C ALA T 47 48.00 32.87 58.24
N ILE T 48 48.80 33.87 57.86
CA ILE T 48 49.63 34.57 58.83
C ILE T 48 48.76 35.30 59.84
N LYS T 49 47.69 35.95 59.36
CA LYS T 49 46.78 36.64 60.28
C LYS T 49 46.11 35.68 61.25
N LEU T 50 45.69 34.52 60.75
CA LEU T 50 45.11 33.49 61.62
C LEU T 50 46.12 33.03 62.66
N ILE T 51 47.37 32.83 62.24
CA ILE T 51 48.41 32.40 63.17
C ILE T 51 48.59 33.44 64.27
N GLU T 52 48.70 34.72 63.88
CA GLU T 52 48.89 35.78 64.86
C GLU T 52 47.72 35.87 65.82
N GLN T 53 46.49 35.73 65.31
CA GLN T 53 45.31 35.80 66.17
C GLN T 53 45.26 34.62 67.15
N GLU T 54 45.65 33.44 66.69
CA GLU T 54 45.41 32.22 67.46
C GLU T 54 46.48 31.93 68.50
N ILE T 55 47.53 32.74 68.61
CA ILE T 55 48.63 32.41 69.52
C ILE T 55 48.85 33.53 70.53
N ASP T 56 49.84 33.37 71.39
CA ASP T 56 50.12 34.29 72.47
C ASP T 56 50.63 35.62 71.93
N PRO T 57 49.99 36.75 72.21
CA PRO T 57 50.53 38.04 71.74
C PRO T 57 51.90 38.38 72.33
N ASP T 58 52.23 37.87 73.51
CA ASP T 58 53.54 38.10 74.12
C ASP T 58 54.38 36.83 73.95
N SER T 59 55.01 36.72 72.79
CA SER T 59 55.84 35.56 72.47
C SER T 59 56.68 35.87 71.25
N THR T 60 57.97 35.56 71.32
CA THR T 60 58.84 35.71 70.17
C THR T 60 58.47 34.67 69.11
N ILE T 61 58.31 35.12 67.86
CA ILE T 61 57.82 34.29 66.78
C ILE T 61 58.93 34.17 65.75
N LEU T 62 59.62 33.03 65.73
CA LEU T 62 60.62 32.77 64.71
C LEU T 62 59.94 32.12 63.50
N ASP T 63 60.22 32.68 62.32
CA ASP T 63 59.70 32.14 61.07
C ASP T 63 60.87 31.62 60.24
N ILE T 64 60.80 30.33 59.88
CA ILE T 64 61.91 29.65 59.22
C ILE T 64 61.88 29.98 57.73
N GLY T 65 63.04 30.37 57.20
CA GLY T 65 63.16 30.65 55.78
C GLY T 65 62.21 31.72 55.28
N SER T 66 62.03 32.78 56.06
CA SER T 66 61.02 33.79 55.77
C SER T 66 61.63 34.99 55.05
N ALA T 67 60.77 35.75 54.38
CA ALA T 67 61.16 37.02 53.79
C ALA T 67 60.91 38.13 54.80
N PRO T 68 61.95 38.84 55.27
CA PRO T 68 61.74 39.86 56.31
C PRO T 68 60.85 41.01 55.88
N ALA T 69 60.67 41.24 54.58
CA ALA T 69 59.86 42.37 54.14
C ALA T 69 58.38 42.17 54.46
N ARG T 70 57.90 40.93 54.46
CA ARG T 70 56.49 40.69 54.69
C ARG T 70 56.09 40.86 56.16
N ARG T 71 57.02 40.70 57.08
CA ARG T 71 56.73 40.78 58.50
C ARG T 71 56.60 42.22 59.00
N MET T 72 56.64 43.21 58.11
CA MET T 72 56.48 44.60 58.51
C MET T 72 55.05 44.87 58.97
N MET T 73 54.90 45.96 59.72
CA MET T 73 53.61 46.40 60.27
C MET T 73 52.99 45.32 61.15
N SER T 74 53.83 44.56 61.83
CA SER T 74 53.41 43.52 62.76
C SER T 74 54.08 43.80 64.10
N ASP T 75 53.27 44.21 65.08
CA ASP T 75 53.82 44.58 66.39
C ASP T 75 54.42 43.39 67.13
N ARG T 76 54.11 42.17 66.71
CA ARG T 76 54.67 40.99 67.35
C ARG T 76 56.15 40.84 67.01
N LYS T 77 56.93 40.39 67.99
CA LYS T 77 58.35 40.15 67.76
C LYS T 77 58.52 39.00 66.77
N TYR T 78 59.43 39.18 65.81
CA TYR T 78 59.69 38.19 64.78
C TYR T 78 61.19 37.91 64.69
N HIS T 79 61.55 36.63 64.71
CA HIS T 79 62.91 36.19 64.40
C HIS T 79 62.94 35.74 62.95
N CYS T 80 63.14 36.70 62.04
CA CYS T 80 63.15 36.43 60.62
C CYS T 80 64.44 35.69 60.27
N VAL T 81 64.36 34.36 60.21
CA VAL T 81 65.52 33.55 59.92
C VAL T 81 65.79 33.58 58.42
N CYS T 82 66.99 34.01 58.04
N CYS T 82 66.99 34.01 58.04
CA CYS T 82 67.40 34.10 56.64
CA CYS T 82 67.40 34.10 56.64
C CYS T 82 68.73 33.38 56.47
C CYS T 82 68.73 33.38 56.47
N PRO T 83 68.70 32.07 56.23
CA PRO T 83 69.95 31.31 56.08
C PRO T 83 70.79 31.74 54.88
N MET T 84 70.21 32.48 53.92
CA MET T 84 70.94 33.02 52.78
C MET T 84 71.38 31.92 51.82
N ARG T 85 70.62 30.82 51.77
CA ARG T 85 70.99 29.68 50.93
C ARG T 85 70.43 29.80 49.51
N SER T 86 69.19 30.25 49.37
CA SER T 86 68.60 30.38 48.05
C SER T 86 69.10 31.65 47.37
N ALA T 87 68.91 31.70 46.05
CA ALA T 87 69.39 32.82 45.25
C ALA T 87 68.47 34.04 45.32
N GLU T 88 67.23 33.88 45.78
CA GLU T 88 66.33 35.02 45.90
C GLU T 88 66.57 35.82 47.18
N ASP T 89 67.28 35.24 48.15
CA ASP T 89 67.43 35.89 49.45
C ASP T 89 68.17 37.24 49.40
N PRO T 90 69.28 37.41 48.66
CA PRO T 90 69.95 38.72 48.68
C PRO T 90 69.04 39.88 48.28
N GLU T 91 68.19 39.68 47.28
CA GLU T 91 67.29 40.73 46.85
C GLU T 91 66.17 40.96 47.86
N ARG T 92 65.73 39.89 48.54
CA ARG T 92 64.79 40.06 49.64
C ARG T 92 65.39 40.92 50.74
N LEU T 93 66.66 40.67 51.09
CA LEU T 93 67.33 41.47 52.10
C LEU T 93 67.52 42.91 51.62
N ALA T 94 67.81 43.09 50.34
CA ALA T 94 67.95 44.44 49.80
C ALA T 94 66.64 45.21 49.92
N ASN T 95 65.52 44.57 49.57
CA ASN T 95 64.21 45.21 49.70
C ASN T 95 63.88 45.49 51.17
N TYR T 96 64.21 44.55 52.06
CA TYR T 96 63.95 44.75 53.48
C TYR T 96 64.75 45.93 54.01
N ALA T 97 66.00 46.06 53.59
CA ALA T 97 66.83 47.18 54.03
C ALA T 97 66.32 48.50 53.45
N ARG T 98 65.82 48.48 52.21
CA ARG T 98 65.24 49.68 51.62
C ARG T 98 64.02 50.14 52.43
N LYS T 99 63.14 49.21 52.78
CA LYS T 99 61.99 49.58 53.59
C LYS T 99 62.40 50.04 54.97
N LEU T 100 63.38 49.36 55.58
CA LEU T 100 63.83 49.76 56.92
C LEU T 100 64.46 51.15 56.91
N ALA T 101 65.14 51.52 55.84
CA ALA T 101 65.74 52.84 55.74
C ALA T 101 64.79 53.91 55.22
N SER T 102 63.60 53.53 54.78
CA SER T 102 62.62 54.47 54.25
C SER T 102 61.55 54.84 55.27
N ALA T 103 61.64 54.35 56.50
CA ALA T 103 60.64 54.63 57.52
C ALA T 103 61.30 54.91 58.87
N ALA T 104 62.49 55.51 58.84
CA ALA T 104 63.18 55.83 60.08
C ALA T 104 62.43 56.87 60.90
N GLY T 105 62.00 57.95 60.25
CA GLY T 105 61.24 58.99 60.93
C GLY T 105 59.76 58.93 60.62
N LYS T 106 59.29 57.80 60.12
CA LYS T 106 57.90 57.64 59.70
C LYS T 106 57.08 56.82 60.68
N VAL T 107 57.56 55.64 61.07
CA VAL T 107 56.87 54.76 62.00
C VAL T 107 57.79 54.47 63.19
N LEU T 108 57.20 54.29 64.36
CA LEU T 108 57.96 54.04 65.57
C LEU T 108 57.44 52.89 66.42
N ASP T 109 56.19 52.45 66.23
CA ASP T 109 55.62 51.40 67.05
C ASP T 109 56.05 50.00 66.61
N ARG T 110 56.68 49.86 65.45
CA ARG T 110 57.03 48.56 64.90
C ARG T 110 58.48 48.20 65.16
N ASN T 111 59.08 48.75 66.22
CA ASN T 111 60.45 48.46 66.64
C ASN T 111 61.47 48.55 65.49
N ILE T 112 61.18 49.40 64.51
CA ILE T 112 62.09 49.60 63.37
C ILE T 112 63.42 50.16 63.82
N SER T 113 63.42 51.03 64.84
CA SER T 113 64.67 51.61 65.32
C SER T 113 65.63 50.53 65.82
N GLY T 114 65.10 49.50 66.48
CA GLY T 114 65.92 48.36 66.84
C GLY T 114 66.23 47.43 65.69
N LYS T 115 65.35 47.37 64.69
CA LYS T 115 65.62 46.53 63.52
C LYS T 115 66.79 47.05 62.72
N ILE T 116 66.96 48.37 62.64
CA ILE T 116 68.13 48.93 61.97
C ILE T 116 69.40 48.49 62.67
N GLY T 117 69.40 48.56 64.01
CA GLY T 117 70.57 48.11 64.76
C GLY T 117 70.81 46.62 64.59
N ASP T 118 69.74 45.83 64.52
CA ASP T 118 69.89 44.39 64.31
C ASP T 118 70.52 44.09 62.95
N LEU T 119 70.06 44.79 61.91
CA LEU T 119 70.66 44.60 60.58
C LEU T 119 72.12 45.03 60.57
N GLN T 120 72.44 46.14 61.24
CA GLN T 120 73.84 46.54 61.32
C GLN T 120 74.67 45.54 62.10
N ALA T 121 74.08 44.89 63.10
CA ALA T 121 74.81 43.90 63.90
C ALA T 121 75.08 42.63 63.10
N VAL T 122 74.07 42.13 62.38
CA VAL T 122 74.26 40.89 61.63
C VAL T 122 75.26 41.08 60.50
N MET T 123 75.37 42.30 59.97
CA MET T 123 76.31 42.61 58.90
C MET T 123 77.71 42.93 59.41
N ALA T 124 78.00 42.62 60.68
CA ALA T 124 79.32 42.80 61.27
C ALA T 124 80.02 41.48 61.55
N VAL T 125 79.35 40.58 62.27
CA VAL T 125 79.85 39.24 62.53
C VAL T 125 78.84 38.26 61.96
N PRO T 126 79.24 37.30 61.12
CA PRO T 126 78.25 36.43 60.48
C PRO T 126 77.59 35.44 61.42
N ASP T 127 77.96 35.43 62.71
CA ASP T 127 77.29 34.61 63.71
C ASP T 127 76.59 35.46 64.76
N THR T 128 76.19 36.68 64.40
CA THR T 128 75.51 37.59 65.33
C THR T 128 74.06 37.16 65.46
N GLU T 129 73.71 36.56 66.58
CA GLU T 129 72.34 36.14 66.86
C GLU T 129 71.63 37.27 67.57
N THR T 130 71.13 38.23 66.80
CA THR T 130 70.33 39.31 67.36
C THR T 130 68.96 38.78 67.75
N PRO T 131 68.24 39.49 68.64
CA PRO T 131 66.92 39.00 69.05
C PRO T 131 65.94 38.84 67.90
N THR T 132 66.00 39.70 66.88
CA THR T 132 65.01 39.71 65.82
C THR T 132 65.52 39.19 64.47
N PHE T 133 66.84 39.22 64.23
CA PHE T 133 67.34 38.86 62.91
C PHE T 133 68.61 38.01 63.07
N CYS T 134 68.74 37.01 62.20
CA CYS T 134 69.93 36.16 62.21
C CYS T 134 70.08 35.52 60.84
N LEU T 135 71.30 35.11 60.53
CA LEU T 135 71.64 34.45 59.27
C LEU T 135 72.20 33.06 59.58
N HIS T 136 71.30 32.10 59.74
CA HIS T 136 71.67 30.72 59.98
C HIS T 136 70.55 29.82 59.47
N THR T 137 70.88 28.55 59.23
CA THR T 137 69.85 27.59 58.91
C THR T 137 69.07 27.24 60.18
N ASP T 138 67.92 26.58 59.99
CA ASP T 138 67.04 26.25 61.11
C ASP T 138 67.66 25.22 62.04
N VAL T 139 68.73 24.54 61.62
CA VAL T 139 69.38 23.53 62.43
C VAL T 139 70.66 24.05 63.08
N SER T 140 70.92 25.36 63.00
CA SER T 140 72.09 25.95 63.63
C SER T 140 71.79 27.22 64.42
N CYS T 141 70.64 27.86 64.22
CA CYS T 141 70.29 29.05 64.96
C CYS T 141 70.20 28.74 66.45
N ARG T 142 70.68 29.66 67.28
CA ARG T 142 70.75 29.47 68.72
C ARG T 142 69.65 30.18 69.49
N GLN T 143 68.74 30.87 68.81
CA GLN T 143 67.68 31.58 69.50
C GLN T 143 66.71 30.61 70.16
N ARG T 144 66.20 30.99 71.32
CA ARG T 144 65.27 30.17 72.10
C ARG T 144 63.93 30.90 72.19
N ALA T 145 63.07 30.67 71.21
CA ALA T 145 61.75 31.27 71.17
C ALA T 145 60.68 30.20 71.39
N ASP T 146 59.42 30.60 71.24
CA ASP T 146 58.29 29.73 71.56
C ASP T 146 57.51 29.25 70.34
N VAL T 147 57.45 30.03 69.26
CA VAL T 147 56.61 29.72 68.11
C VAL T 147 57.47 29.67 66.86
N ALA T 148 57.27 28.65 66.04
CA ALA T 148 57.95 28.49 64.76
C ALA T 148 56.94 28.61 63.63
N ILE T 149 57.36 29.22 62.52
CA ILE T 149 56.51 29.41 61.36
C ILE T 149 57.28 28.96 60.12
N TYR T 150 56.66 28.11 59.32
CA TYR T 150 57.19 27.66 58.04
C TYR T 150 56.19 28.05 56.96
N GLN T 151 56.34 29.25 56.41
CA GLN T 151 55.46 29.74 55.36
C GLN T 151 56.13 29.50 54.01
N ASP T 152 55.51 28.67 53.17
CA ASP T 152 56.05 28.31 51.86
C ASP T 152 57.48 27.77 51.98
N VAL T 153 57.67 26.86 52.93
CA VAL T 153 58.96 26.24 53.18
C VAL T 153 58.79 24.74 52.94
N TYR T 154 59.17 24.29 51.74
CA TYR T 154 59.04 22.89 51.37
C TYR T 154 60.38 22.18 51.23
N ALA T 155 61.50 22.90 51.20
CA ALA T 155 62.81 22.35 50.88
C ALA T 155 63.63 22.04 52.14
N VAL T 156 62.98 21.64 53.23
CA VAL T 156 63.67 21.24 54.44
C VAL T 156 63.02 19.98 54.99
N HIS T 157 63.78 19.22 55.77
CA HIS T 157 63.28 17.99 56.36
C HIS T 157 62.43 18.32 57.57
N ALA T 158 61.15 17.95 57.54
CA ALA T 158 60.25 18.30 58.61
C ALA T 158 60.65 17.73 59.97
N PRO T 159 60.95 16.43 60.11
CA PRO T 159 61.29 15.93 61.45
C PRO T 159 62.54 16.57 62.04
N THR T 160 63.58 16.76 61.23
CA THR T 160 64.83 17.35 61.72
C THR T 160 64.62 18.78 62.18
N SER T 161 63.95 19.59 61.35
CA SER T 161 63.71 20.98 61.72
C SER T 161 62.80 21.08 62.92
N LEU T 162 61.75 20.25 62.98
CA LEU T 162 60.86 20.28 64.13
C LEU T 162 61.58 19.90 65.42
N TYR T 163 62.46 18.89 65.36
CA TYR T 163 63.24 18.53 66.53
C TYR T 163 64.19 19.66 66.93
N HIS T 164 64.84 20.28 65.96
CA HIS T 164 65.79 21.34 66.26
C HIS T 164 65.11 22.56 66.87
N GLN T 165 63.88 22.87 66.45
CA GLN T 165 63.14 23.94 67.09
C GLN T 165 62.53 23.52 68.42
N ALA T 166 62.17 22.24 68.57
CA ALA T 166 61.61 21.77 69.83
C ALA T 166 62.65 21.80 70.94
N ILE T 167 63.90 21.42 70.62
CA ILE T 167 64.99 21.54 71.60
C ILE T 167 65.38 22.99 71.84
N LYS T 168 64.80 23.93 71.10
CA LYS T 168 65.01 25.36 71.29
C LYS T 168 63.87 26.02 72.06
N GLY T 169 62.97 25.23 72.64
CA GLY T 169 61.87 25.75 73.41
C GLY T 169 60.64 26.13 72.60
N VAL T 170 60.60 25.82 71.31
CA VAL T 170 59.44 26.16 70.49
C VAL T 170 58.37 25.09 70.73
N ARG T 171 57.20 25.53 71.20
CA ARG T 171 56.10 24.61 71.47
C ARG T 171 55.07 24.57 70.36
N LEU T 172 54.98 25.63 69.53
CA LEU T 172 54.00 25.71 68.46
C LEU T 172 54.73 25.95 67.15
N ALA T 173 54.38 25.18 66.11
CA ALA T 173 54.89 25.36 64.77
C ALA T 173 53.72 25.41 63.80
N TYR T 174 53.84 26.28 62.80
CA TYR T 174 52.82 26.43 61.77
C TYR T 174 53.48 26.22 60.41
N TRP T 175 52.85 25.40 59.57
CA TRP T 175 53.35 25.15 58.22
C TRP T 175 52.25 25.50 57.23
N VAL T 176 52.45 26.60 56.49
CA VAL T 176 51.52 27.03 55.46
C VAL T 176 52.13 26.68 54.11
N GLY T 177 51.45 25.85 53.34
CA GLY T 177 52.01 25.44 52.06
C GLY T 177 51.04 24.59 51.28
N PHE T 178 51.51 24.13 50.13
CA PHE T 178 50.70 23.29 49.26
C PHE T 178 50.45 21.94 49.94
N ASP T 179 49.28 21.37 49.64
CA ASP T 179 48.93 20.07 50.19
C ASP T 179 49.93 19.01 49.71
N THR T 180 50.40 18.20 50.65
CA THR T 180 51.38 17.16 50.37
C THR T 180 50.76 15.81 50.07
N THR T 181 49.44 15.72 50.08
CA THR T 181 48.77 14.47 49.73
C THR T 181 49.13 13.97 48.33
N PRO T 182 49.21 14.80 47.29
CA PRO T 182 49.58 14.26 45.97
C PRO T 182 50.93 13.56 45.93
N PHE T 183 51.89 14.00 46.74
CA PHE T 183 53.25 13.45 46.65
C PHE T 183 53.43 12.13 47.38
N MET T 184 52.51 11.75 48.27
CA MET T 184 52.53 10.38 48.76
C MET T 184 51.66 9.45 47.94
N TYR T 185 50.94 9.97 46.96
CA TYR T 185 50.33 9.15 45.93
C TYR T 185 51.29 8.88 44.78
N ASN T 186 52.47 9.51 44.80
CA ASN T 186 53.54 9.28 43.83
C ASN T 186 53.06 9.60 42.41
N ALA T 187 52.62 10.83 42.22
CA ALA T 187 52.17 11.31 40.92
C ALA T 187 53.33 11.92 40.16
N MET T 188 53.38 11.64 38.85
CA MET T 188 54.45 12.20 38.02
C MET T 188 54.25 13.70 37.79
N ALA T 189 52.99 14.15 37.74
CA ALA T 189 52.68 15.56 37.54
C ALA T 189 51.36 15.86 38.24
N GLY T 190 51.10 17.15 38.45
CA GLY T 190 49.88 17.52 39.12
C GLY T 190 49.59 19.00 38.97
N ALA T 191 48.40 19.39 39.41
CA ALA T 191 47.95 20.76 39.29
C ALA T 191 47.11 21.15 40.49
N TYR T 192 47.29 22.39 40.94
CA TYR T 192 46.38 23.08 41.85
C TYR T 192 45.69 24.15 41.02
N PRO T 193 44.59 23.82 40.34
CA PRO T 193 43.97 24.79 39.42
C PRO T 193 43.48 26.05 40.09
N SER T 194 43.01 25.96 41.33
CA SER T 194 42.45 27.13 42.02
C SER T 194 43.50 28.17 42.35
N TYR T 195 44.79 27.83 42.25
CA TYR T 195 45.87 28.77 42.51
C TYR T 195 46.73 28.97 41.27
N SER T 196 46.25 28.54 40.10
CA SER T 196 46.99 28.61 38.85
C SER T 196 48.35 27.93 38.98
N THR T 197 48.41 26.84 39.73
CA THR T 197 49.67 26.19 40.05
C THR T 197 49.77 24.86 39.32
N ASN T 198 50.95 24.58 38.77
CA ASN T 198 51.24 23.29 38.17
C ASN T 198 52.56 22.79 38.73
N TRP T 199 52.78 21.48 38.61
CA TRP T 199 54.05 20.91 39.02
C TRP T 199 54.29 19.63 38.25
N ALA T 200 55.55 19.33 37.99
CA ALA T 200 55.88 18.15 37.19
C ALA T 200 57.25 17.62 37.56
N ASP T 201 57.38 16.30 37.50
CA ASP T 201 58.68 15.67 37.62
C ASP T 201 59.55 16.02 36.41
N GLU T 202 60.86 16.13 36.64
CA GLU T 202 61.76 16.55 35.58
C GLU T 202 61.76 15.58 34.40
N GLN T 203 61.31 14.34 34.60
CA GLN T 203 61.27 13.38 33.50
C GLN T 203 60.19 13.70 32.48
N VAL T 204 59.23 14.57 32.81
CA VAL T 204 58.10 14.84 31.93
C VAL T 204 57.94 16.33 31.69
N LEU T 205 59.01 17.10 31.87
CA LEU T 205 58.95 18.52 31.55
C LEU T 205 58.83 18.79 30.06
N LYS T 206 59.17 17.81 29.23
CA LYS T 206 59.03 17.93 27.78
C LYS T 206 57.76 17.25 27.27
N ALA T 207 56.73 17.16 28.12
CA ALA T 207 55.46 16.58 27.72
C ALA T 207 54.70 17.55 26.82
N LYS T 208 53.47 17.18 26.48
CA LYS T 208 52.68 17.91 25.50
C LYS T 208 51.42 18.53 26.07
N ASN T 209 50.66 17.79 26.88
CA ASN T 209 49.33 18.22 27.29
C ASN T 209 49.14 18.13 28.79
N ILE T 210 50.15 18.54 29.55
CA ILE T 210 50.00 18.69 31.00
C ILE T 210 50.21 20.16 31.34
N GLY T 211 49.95 20.49 32.61
CA GLY T 211 49.99 21.88 33.02
C GLY T 211 51.36 22.53 32.85
N LEU T 212 52.42 21.84 33.26
CA LEU T 212 53.78 22.36 33.19
C LEU T 212 54.57 21.48 32.21
N CYS T 213 54.69 21.94 30.98
CA CYS T 213 55.44 21.23 29.95
C CYS T 213 55.62 22.15 28.76
N SER T 214 56.57 21.79 27.89
CA SER T 214 56.76 22.49 26.62
C SER T 214 57.47 21.54 25.67
N THR T 215 56.93 21.39 24.46
CA THR T 215 57.53 20.51 23.48
C THR T 215 57.60 21.20 22.13
N ASP T 216 58.22 20.55 21.14
CA ASP T 216 58.42 21.14 19.83
C ASP T 216 57.60 20.39 18.79
N LEU T 217 57.48 20.98 17.61
CA LEU T 217 56.80 20.34 16.50
C LEU T 217 57.75 19.39 15.79
N THR T 218 57.31 18.15 15.61
CA THR T 218 58.11 17.13 14.96
C THR T 218 57.24 16.37 13.96
N GLU T 219 57.90 15.74 12.99
CA GLU T 219 57.22 15.00 11.94
C GLU T 219 57.09 13.52 12.24
N GLY T 220 57.55 13.06 13.39
CA GLY T 220 57.51 11.65 13.71
C GLY T 220 58.75 10.93 13.18
N ARG T 221 59.92 11.51 13.42
CA ARG T 221 61.17 10.98 12.90
C ARG T 221 61.71 9.88 13.84
N ARG T 222 62.95 9.46 13.59
CA ARG T 222 63.58 8.48 14.46
C ARG T 222 63.86 9.09 15.83
N GLY T 223 63.65 8.30 16.87
CA GLY T 223 63.87 8.77 18.22
C GLY T 223 65.35 8.87 18.57
N LYS T 224 65.60 9.50 19.71
CA LYS T 224 66.97 9.66 20.19
C LYS T 224 67.60 8.30 20.45
N LEU T 225 68.86 8.15 20.01
CA LEU T 225 69.64 6.97 20.32
C LEU T 225 70.10 7.08 21.77
N SER T 226 69.18 6.78 22.68
CA SER T 226 69.41 7.02 24.10
C SER T 226 70.52 6.12 24.64
N ILE T 227 71.36 6.69 25.51
CA ILE T 227 72.39 5.90 26.17
C ILE T 227 71.76 5.01 27.24
N MET T 228 70.61 5.39 27.76
CA MET T 228 69.90 4.63 28.77
C MET T 228 68.70 3.92 28.14
N ARG T 229 68.54 2.64 28.49
CA ARG T 229 67.41 1.88 27.96
C ARG T 229 66.08 2.46 28.38
N GLY T 230 65.96 2.87 29.64
CA GLY T 230 64.68 3.32 30.16
C GLY T 230 63.88 2.16 30.73
N LYS T 231 62.92 1.67 29.95
CA LYS T 231 62.13 0.49 30.29
C LYS T 231 61.24 0.73 31.51
N LYS T 232 61.32 1.93 32.08
CA LYS T 232 60.50 2.27 33.24
C LYS T 232 60.43 3.78 33.34
N LEU T 233 59.25 4.29 33.68
CA LEU T 233 59.02 5.71 33.91
C LEU T 233 58.42 5.87 35.30
N GLU T 234 59.29 6.11 36.28
N GLU T 234 59.28 6.14 36.28
CA GLU T 234 58.86 6.27 37.65
CA GLU T 234 58.91 6.24 37.67
C GLU T 234 59.25 7.64 38.16
C GLU T 234 59.26 7.64 38.18
N PRO T 235 58.44 8.23 39.04
CA PRO T 235 58.73 9.58 39.53
C PRO T 235 60.08 9.67 40.21
N CYS T 236 60.80 10.75 39.92
CA CYS T 236 62.10 11.01 40.52
C CYS T 236 61.97 12.04 41.64
N ASP T 237 63.04 12.16 42.43
CA ASP T 237 62.98 13.01 43.61
C ASP T 237 62.80 14.48 43.24
N ARG T 238 63.38 14.90 42.12
CA ARG T 238 63.38 16.31 41.74
C ARG T 238 62.13 16.63 40.92
N VAL T 239 61.37 17.63 41.37
CA VAL T 239 60.20 18.12 40.66
C VAL T 239 60.29 19.64 40.56
N LEU T 240 59.51 20.22 39.66
CA LEU T 240 59.45 21.66 39.48
C LEU T 240 58.03 22.13 39.73
N PHE T 241 57.90 23.20 40.50
CA PHE T 241 56.65 23.88 40.76
C PHE T 241 56.59 25.19 39.99
N SER T 242 55.45 25.46 39.36
CA SER T 242 55.15 26.73 38.74
C SER T 242 53.91 27.29 39.42
N VAL T 243 54.10 28.26 40.31
CA VAL T 243 53.01 28.95 40.98
C VAL T 243 52.79 30.27 40.26
N GLY T 244 51.91 30.26 39.26
CA GLY T 244 51.80 31.41 38.38
C GLY T 244 52.90 31.39 37.34
N SER T 245 53.88 32.27 37.50
CA SER T 245 55.04 32.34 36.61
C SER T 245 56.33 32.27 37.41
N THR T 246 56.28 31.66 38.59
CA THR T 246 57.43 31.55 39.47
C THR T 246 57.83 30.08 39.59
N LEU T 247 59.14 29.82 39.51
CA LEU T 247 59.65 28.46 39.52
C LEU T 247 60.24 28.10 40.89
N TYR T 248 59.95 26.87 41.33
CA TYR T 248 60.50 26.32 42.57
C TYR T 248 60.97 24.89 42.36
N PRO T 249 62.28 24.64 42.38
CA PRO T 249 62.79 23.26 42.37
C PRO T 249 62.61 22.61 43.73
N GLU T 250 61.76 21.59 43.79
N GLU T 250 61.75 21.59 43.79
CA GLU T 250 61.45 20.89 45.02
CA GLU T 250 61.46 20.89 45.03
C GLU T 250 61.89 19.43 44.94
C GLU T 250 61.89 19.44 44.93
N SER T 251 61.98 18.79 46.10
CA SER T 251 62.35 17.39 46.20
C SER T 251 61.20 16.61 46.81
N ARG T 252 60.95 15.41 46.27
CA ARG T 252 59.84 14.60 46.73
C ARG T 252 60.03 14.15 48.17
N LYS T 253 61.26 13.80 48.55
CA LYS T 253 61.52 13.34 49.90
C LYS T 253 61.19 14.43 50.93
N LEU T 254 61.64 15.66 50.67
CA LEU T 254 61.39 16.73 51.62
C LEU T 254 59.92 17.13 51.65
N LEU T 255 59.23 17.03 50.51
CA LEU T 255 57.80 17.30 50.47
C LEU T 255 57.03 16.26 51.28
N LYS T 256 57.37 14.99 51.10
CA LYS T 256 56.70 13.92 51.85
C LYS T 256 57.04 13.98 53.33
N SER T 257 58.21 14.54 53.68
CA SER T 257 58.56 14.66 55.09
C SER T 257 57.56 15.54 55.84
N TRP T 258 56.93 16.50 55.16
CA TRP T 258 55.99 17.40 55.79
C TRP T 258 54.58 16.84 55.87
N HIS T 259 54.34 15.65 55.33
CA HIS T 259 53.05 14.98 55.46
C HIS T 259 53.03 14.18 56.76
N LEU T 260 53.17 14.93 57.85
CA LEU T 260 53.28 14.34 59.17
C LEU T 260 51.98 13.62 59.56
N PRO T 261 52.07 12.53 60.31
CA PRO T 261 50.87 11.87 60.81
C PRO T 261 50.24 12.67 61.95
N SER T 262 49.07 12.21 62.37
CA SER T 262 48.39 12.87 63.48
C SER T 262 49.21 12.77 64.77
N VAL T 263 49.82 11.62 65.02
CA VAL T 263 50.65 11.40 66.20
C VAL T 263 51.99 10.83 65.74
N PHE T 264 53.08 11.44 66.21
CA PHE T 264 54.41 10.92 65.92
C PHE T 264 55.34 11.30 67.07
N HIS T 265 56.46 10.61 67.15
CA HIS T 265 57.42 10.77 68.23
C HIS T 265 58.73 11.36 67.71
N LEU T 266 59.34 12.23 68.51
CA LEU T 266 60.65 12.80 68.21
C LEU T 266 61.64 12.23 69.23
N LYS T 267 62.50 11.31 68.78
CA LYS T 267 63.42 10.60 69.65
C LYS T 267 64.84 11.03 69.31
N GLY T 268 65.43 11.84 70.17
CA GLY T 268 66.80 12.27 70.02
C GLY T 268 67.49 12.46 71.35
N LYS T 269 68.21 13.58 71.52
CA LYS T 269 68.77 13.91 72.83
C LYS T 269 67.66 14.13 73.84
N LEU T 270 66.67 14.93 73.48
CA LEU T 270 65.46 15.11 74.27
C LEU T 270 64.28 14.43 73.57
N SER T 271 63.33 13.96 74.35
CA SER T 271 62.15 13.29 73.81
C SER T 271 60.91 14.16 73.98
N THR T 273 56.38 13.60 72.60
CA THR T 273 55.40 13.32 71.55
C THR T 273 54.93 14.61 70.88
N CYS T 274 54.48 14.49 69.64
CA CYS T 274 54.06 15.64 68.84
C CYS T 274 52.77 15.32 68.11
N ARG T 275 52.05 16.38 67.72
CA ARG T 275 50.83 16.25 66.94
C ARG T 275 50.93 17.11 65.69
N CYS T 276 50.20 16.69 64.65
CA CYS T 276 50.08 17.46 63.42
C CYS T 276 48.63 17.43 62.96
N ASP T 277 48.00 18.60 62.95
CA ASP T 277 46.61 18.72 62.53
C ASP T 277 46.50 19.77 61.43
N THR T 278 45.60 19.51 60.47
CA THR T 278 45.33 20.44 59.38
C THR T 278 44.25 21.39 59.85
N VAL T 279 44.65 22.60 60.26
CA VAL T 279 43.68 23.56 60.77
C VAL T 279 43.07 24.42 59.67
N VAL T 280 43.73 24.57 58.53
CA VAL T 280 43.16 25.27 57.39
C VAL T 280 43.38 24.42 56.15
N SER T 281 42.34 24.29 55.32
CA SER T 281 42.44 23.52 54.08
C SER T 281 41.51 24.18 53.06
N CYS T 282 42.07 24.70 51.97
CA CYS T 282 41.28 25.38 50.95
C CYS T 282 41.88 25.04 49.59
N GLU T 283 41.21 24.12 48.88
CA GLU T 283 41.37 23.93 47.44
C GLU T 283 42.83 23.71 47.05
N GLY T 284 43.57 22.99 47.90
CA GLY T 284 44.94 22.64 47.62
C GLY T 284 45.97 23.33 48.49
N TYR T 285 45.61 24.38 49.21
CA TYR T 285 46.53 25.07 50.10
C TYR T 285 46.13 24.83 51.54
N VAL T 286 47.09 24.41 52.37
CA VAL T 286 46.79 23.99 53.73
C VAL T 286 47.66 24.76 54.71
N VAL T 287 47.15 24.89 55.92
CA VAL T 287 47.88 25.39 57.07
C VAL T 287 47.78 24.31 58.13
N LYS T 288 48.92 23.71 58.47
CA LYS T 288 49.01 22.63 59.46
C LYS T 288 49.60 23.18 60.76
N ARG T 289 48.95 22.87 61.87
CA ARG T 289 49.36 23.32 63.19
C ARG T 289 50.02 22.15 63.91
N ILE T 290 51.35 22.18 64.00
CA ILE T 290 52.10 21.20 64.76
C ILE T 290 52.31 21.74 66.16
N THR T 291 52.09 20.90 67.16
CA THR T 291 52.30 21.28 68.55
C THR T 291 53.23 20.27 69.21
N MET T 292 54.17 20.78 70.00
CA MET T 292 55.23 19.97 70.58
C MET T 292 55.03 19.85 72.08
N SER T 293 55.55 18.76 72.64
CA SER T 293 55.47 18.50 74.07
C SER T 293 56.63 17.62 74.50
N PRO T 294 57.40 18.02 75.51
CA PRO T 294 58.56 17.21 75.93
C PRO T 294 58.12 15.89 76.53
N GLY T 295 58.98 14.88 76.35
CA GLY T 295 58.70 13.55 76.85
C GLY T 295 57.92 12.71 75.85
N LEU T 296 58.01 11.39 76.04
CA LEU T 296 57.31 10.43 75.21
C LEU T 296 56.03 10.01 75.91
N TYR T 297 54.90 10.19 75.24
CA TYR T 297 53.59 9.86 75.79
C TYR T 297 52.75 9.18 74.74
N GLY T 298 52.02 8.14 75.15
CA GLY T 298 51.16 7.42 74.23
C GLY T 298 51.96 6.56 73.25
N LYS T 299 51.35 6.31 72.10
CA LYS T 299 51.98 5.50 71.06
C LYS T 299 51.44 5.95 69.72
N THR T 300 52.20 5.65 68.66
CA THR T 300 51.93 6.15 67.33
C THR T 300 51.51 5.02 66.40
N THR T 301 50.50 5.28 65.58
CA THR T 301 50.06 4.34 64.57
C THR T 301 50.81 4.50 63.25
N GLY T 302 51.45 5.64 63.03
CA GLY T 302 52.11 5.90 61.77
C GLY T 302 51.19 6.20 60.61
N TYR T 303 49.97 6.66 60.89
CA TYR T 303 48.97 6.90 59.88
C TYR T 303 48.70 8.39 59.73
N ALA T 304 48.65 8.86 58.49
CA ALA T 304 48.33 10.24 58.15
C ALA T 304 47.01 10.28 57.40
N VAL T 305 46.19 11.29 57.73
CA VAL T 305 44.83 11.41 57.23
C VAL T 305 44.69 12.74 56.50
N THR T 306 44.12 12.70 55.30
CA THR T 306 43.74 13.91 54.57
C THR T 306 42.24 13.87 54.30
N HIS T 307 41.54 14.93 54.68
CA HIS T 307 40.10 15.05 54.46
C HIS T 307 39.87 15.84 53.19
N HIS T 308 39.01 15.31 52.30
CA HIS T 308 38.79 15.91 50.99
C HIS T 308 37.46 16.64 50.99
N ALA T 309 37.51 17.97 51.16
CA ALA T 309 36.31 18.78 50.96
C ALA T 309 35.90 18.77 49.49
N ASP T 310 36.88 18.86 48.59
N ASP T 310 36.88 18.86 48.59
CA ASP T 310 36.67 18.75 47.16
CA ASP T 310 36.63 18.75 47.16
C ASP T 310 37.25 17.45 46.66
C ASP T 310 37.27 17.47 46.64
N GLY T 311 36.79 17.02 45.48
CA GLY T 311 37.28 15.78 44.91
C GLY T 311 38.76 15.84 44.58
N PHE T 312 39.43 14.71 44.75
CA PHE T 312 40.84 14.59 44.43
C PHE T 312 41.01 13.40 43.48
N LEU T 313 41.76 13.60 42.41
CA LEU T 313 41.93 12.56 41.41
C LEU T 313 43.41 12.36 41.10
N MET T 314 43.80 11.09 41.01
CA MET T 314 45.11 10.71 40.47
C MET T 314 44.89 9.60 39.46
N CYS T 315 45.15 9.89 38.19
CA CYS T 315 44.74 8.99 37.12
C CYS T 315 45.87 8.79 36.12
N LYS T 316 45.81 7.65 35.44
CA LYS T 316 46.75 7.36 34.37
C LYS T 316 46.32 8.07 33.08
N THR T 317 47.29 8.68 32.41
CA THR T 317 47.04 9.34 31.14
C THR T 317 48.22 9.13 30.22
N THR T 318 47.95 9.12 28.91
CA THR T 318 48.94 8.89 27.88
C THR T 318 49.27 10.22 27.22
N ASP T 319 50.54 10.60 27.26
CA ASP T 319 51.03 11.80 26.62
C ASP T 319 52.27 11.46 25.80
N THR T 320 52.93 12.49 25.27
CA THR T 320 54.18 12.34 24.55
C THR T 320 55.25 13.18 25.22
N VAL T 321 56.28 12.52 25.73
CA VAL T 321 57.46 13.18 26.29
C VAL T 321 58.55 13.18 25.23
N ASP T 322 58.94 14.38 24.78
CA ASP T 322 59.89 14.53 23.68
C ASP T 322 59.45 13.76 22.44
N GLY T 323 58.14 13.65 22.24
CA GLY T 323 57.59 12.94 21.11
C GLY T 323 57.38 11.46 21.31
N GLU T 324 57.82 10.90 22.43
CA GLU T 324 57.66 9.48 22.71
C GLU T 324 56.38 9.27 23.53
N ARG T 325 55.49 8.43 23.03
CA ARG T 325 54.22 8.20 23.70
C ARG T 325 54.41 7.31 24.90
N VAL T 326 54.13 7.85 26.09
CA VAL T 326 54.23 7.13 27.35
C VAL T 326 52.96 7.40 28.15
N SER T 327 52.81 6.65 29.24
CA SER T 327 51.67 6.78 30.14
C SER T 327 52.16 6.98 31.55
N PHE T 328 51.61 7.98 32.24
CA PHE T 328 51.99 8.24 33.62
C PHE T 328 50.82 8.86 34.36
N SER T 329 50.98 9.01 35.68
CA SER T 329 49.91 9.46 36.55
C SER T 329 49.93 10.97 36.73
N VAL T 330 48.75 11.56 36.82
CA VAL T 330 48.58 12.98 37.07
C VAL T 330 47.53 13.17 38.16
N CYS T 331 47.74 14.14 39.03
CA CYS T 331 46.82 14.42 40.13
C CYS T 331 46.25 15.82 39.98
N THR T 332 45.07 16.02 40.56
CA THR T 332 44.38 17.31 40.48
C THR T 332 43.23 17.32 41.48
N TYR T 333 42.66 18.51 41.67
CA TYR T 333 41.49 18.72 42.50
C TYR T 333 40.32 19.17 41.64
N VAL T 334 39.13 18.72 41.99
CA VAL T 334 37.91 19.03 41.25
C VAL T 334 36.89 19.56 42.26
N PRO T 335 36.18 20.65 41.96
CA PRO T 335 35.25 21.23 42.94
C PRO T 335 34.14 20.26 43.33
N ALA T 336 33.68 20.40 44.57
CA ALA T 336 32.71 19.46 45.12
C ALA T 336 31.38 19.50 44.38
N THR T 337 30.98 20.68 43.90
CA THR T 337 29.75 20.77 43.13
C THR T 337 29.84 19.94 41.86
N ILE T 338 30.97 19.99 41.17
CA ILE T 338 31.17 19.18 39.97
C ILE T 338 31.08 17.70 40.31
N CYS T 339 31.76 17.28 41.38
CA CYS T 339 31.75 15.88 41.76
C CYS T 339 30.34 15.40 42.11
N ASP T 340 29.59 16.21 42.86
CA ASP T 340 28.22 15.85 43.20
C ASP T 340 27.33 15.78 41.96
N GLN T 341 27.55 16.67 40.99
CA GLN T 341 26.78 16.59 39.74
C GLN T 341 27.21 15.41 38.89
N MET T 342 28.41 14.88 39.10
CA MET T 342 28.90 13.74 38.35
C MET T 342 28.40 12.41 38.87
N THR T 343 27.86 12.39 40.10
CA THR T 343 27.54 11.12 40.75
C THR T 343 26.49 10.32 39.97
N GLY T 344 25.45 11.00 39.48
CA GLY T 344 24.35 10.28 38.85
C GLY T 344 24.74 9.58 37.58
N ILE T 345 25.55 10.23 36.74
CA ILE T 345 25.89 9.65 35.45
C ILE T 345 27.11 8.75 35.51
N LEU T 346 27.83 8.73 36.63
CA LEU T 346 28.97 7.83 36.77
C LEU T 346 28.57 6.43 37.21
N ALA T 347 27.28 6.16 37.35
CA ALA T 347 26.83 4.82 37.70
C ALA T 347 26.98 3.84 36.54
N THR T 348 27.23 4.33 35.33
CA THR T 348 27.35 3.52 34.14
C THR T 348 28.73 3.70 33.53
N GLU T 349 28.96 3.02 32.40
CA GLU T 349 30.19 3.16 31.65
C GLU T 349 30.03 4.29 30.64
N VAL T 350 30.78 5.37 30.85
CA VAL T 350 30.67 6.58 30.03
C VAL T 350 32.00 6.80 29.31
N THR T 351 31.93 7.05 28.01
CA THR T 351 33.13 7.29 27.22
C THR T 351 33.78 8.62 27.63
N PRO T 352 35.10 8.74 27.49
CA PRO T 352 35.75 10.00 27.86
C PRO T 352 35.24 11.21 27.10
N GLU T 353 34.83 11.03 25.84
CA GLU T 353 34.29 12.14 25.06
C GLU T 353 32.98 12.64 25.66
N ASP T 354 32.05 11.71 25.95
CA ASP T 354 30.78 12.10 26.54
C ASP T 354 30.98 12.70 27.93
N ALA T 355 31.90 12.11 28.71
CA ALA T 355 32.17 12.65 30.04
C ALA T 355 32.74 14.06 29.95
N GLN T 356 33.62 14.31 28.98
CA GLN T 356 34.19 15.64 28.81
C GLN T 356 33.12 16.65 28.39
N LYS T 357 32.23 16.24 27.48
CA LYS T 357 31.16 17.14 27.07
C LYS T 357 30.25 17.48 28.23
N LEU T 358 29.92 16.50 29.06
CA LEU T 358 29.05 16.76 30.20
C LEU T 358 29.75 17.58 31.27
N LEU T 359 31.05 17.37 31.45
CA LEU T 359 31.83 18.22 32.35
C LEU T 359 31.84 19.66 31.86
N VAL T 360 31.99 19.86 30.55
CA VAL T 360 31.99 21.22 30.01
C VAL T 360 30.62 21.85 30.19
N GLY T 361 29.55 21.09 29.93
CA GLY T 361 28.21 21.60 30.17
C GLY T 361 27.98 21.99 31.62
N LEU T 362 28.56 21.22 32.55
CA LEU T 362 28.45 21.58 33.95
C LEU T 362 29.33 22.77 34.31
N ASN T 363 30.40 22.99 33.56
CA ASN T 363 31.30 24.10 33.85
C ASN T 363 30.77 25.41 33.28
N GLN T 364 30.48 25.44 31.99
N GLN T 364 30.46 25.44 31.99
CA GLN T 364 29.99 26.66 31.34
CA GLN T 364 29.91 26.62 31.34
C GLN T 364 28.54 26.95 31.77
C GLN T 364 28.55 26.99 31.93
N ASN T 377 33.33 29.97 35.04
CA ASN T 377 33.95 28.64 35.05
C ASN T 377 34.22 28.18 36.49
N THR T 378 33.57 27.08 36.87
CA THR T 378 33.77 26.54 38.22
C THR T 378 35.15 25.93 38.36
N MET T 379 35.61 25.20 37.34
CA MET T 379 36.94 24.62 37.32
C MET T 379 37.66 25.03 36.05
N LYS T 380 38.99 25.07 36.12
CA LYS T 380 39.79 25.44 34.96
C LYS T 380 39.64 24.41 33.86
N ASN T 381 39.44 24.89 32.63
CA ASN T 381 39.13 23.99 31.52
C ASN T 381 40.35 23.21 31.07
N TYR T 382 41.55 23.70 31.34
CA TYR T 382 42.75 23.06 30.81
C TYR T 382 42.96 21.67 31.37
N MET T 383 42.37 21.35 32.52
CA MET T 383 42.44 20.00 33.06
C MET T 383 41.11 19.25 32.96
N ILE T 384 40.12 19.81 32.25
CA ILE T 384 38.85 19.09 32.06
C ILE T 384 39.02 17.77 31.33
N PRO T 385 39.76 17.69 30.21
CA PRO T 385 39.82 16.40 29.49
C PRO T 385 40.34 15.25 30.34
N VAL T 386 41.51 15.43 30.96
CA VAL T 386 42.12 14.34 31.74
C VAL T 386 41.15 13.87 32.83
N VAL T 387 40.54 14.81 33.56
CA VAL T 387 39.58 14.45 34.59
C VAL T 387 38.47 13.62 33.99
N ALA T 388 37.97 14.02 32.83
CA ALA T 388 36.97 13.22 32.13
C ALA T 388 37.47 11.80 31.94
N GLN T 389 38.68 11.66 31.39
CA GLN T 389 39.28 10.34 31.25
C GLN T 389 39.30 9.62 32.58
N ALA T 390 39.76 10.30 33.64
CA ALA T 390 39.76 9.70 34.97
C ALA T 390 38.38 9.17 35.31
N PHE T 391 37.37 10.02 35.16
CA PHE T 391 36.01 9.59 35.49
C PHE T 391 35.61 8.41 34.61
N SER T 392 35.94 8.48 33.32
CA SER T 392 35.60 7.40 32.41
C SER T 392 36.25 6.10 32.87
N LYS T 393 37.48 6.18 33.37
CA LYS T 393 38.09 4.98 33.93
C LYS T 393 37.42 4.57 35.22
N TRP T 394 37.17 5.53 36.12
CA TRP T 394 36.67 5.18 37.44
C TRP T 394 35.32 4.49 37.35
N ALA T 395 34.36 5.15 36.69
CA ALA T 395 33.04 4.54 36.50
C ALA T 395 33.16 3.19 35.81
N LYS T 396 34.17 3.02 34.95
CA LYS T 396 34.37 1.72 34.32
C LYS T 396 34.84 0.70 35.34
N GLU T 397 35.86 1.04 36.13
CA GLU T 397 36.44 0.07 37.06
C GLU T 397 35.41 -0.36 38.10
N CYS T 398 34.67 0.60 38.65
CA CYS T 398 33.59 0.25 39.58
C CYS T 398 32.64 -0.75 38.96
N ARG T 399 32.29 -0.55 37.68
CA ARG T 399 31.40 -1.49 37.02
CA ARG T 399 31.40 -1.49 37.02
C ARG T 399 31.99 -2.89 37.01
N LYS T 400 33.30 -3.00 36.80
N LYS T 400 33.30 -3.00 36.80
CA LYS T 400 33.94 -4.31 36.84
CA LYS T 400 33.95 -4.30 36.84
C LYS T 400 33.80 -4.94 38.22
C LYS T 400 33.80 -4.93 38.21
N ASP T 401 33.95 -4.13 39.27
CA ASP T 401 33.71 -4.64 40.62
C ASP T 401 32.28 -5.11 40.79
N MET T 402 31.34 -4.50 40.06
CA MET T 402 29.97 -4.99 40.02
C MET T 402 29.91 -6.37 39.38
N GLU T 403 30.64 -6.58 38.28
CA GLU T 403 30.52 -7.83 37.54
C GLU T 403 31.20 -8.98 38.27
N ASP T 404 32.40 -8.76 38.79
CA ASP T 404 33.17 -9.81 39.45
C ASP T 404 32.90 -9.79 40.96
N GLU T 405 31.65 -10.10 41.29
CA GLU T 405 31.24 -10.12 42.70
C GLU T 405 31.81 -11.36 43.39
N LYS T 406 32.64 -11.14 44.40
CA LYS T 406 33.27 -12.23 45.12
C LYS T 406 32.35 -12.71 46.25
N LEU T 407 32.84 -13.67 47.04
CA LEU T 407 32.12 -14.13 48.21
C LEU T 407 32.51 -13.28 49.42
N LEU T 408 31.64 -13.28 50.42
CA LEU T 408 31.86 -12.46 51.60
C LEU T 408 33.00 -13.04 52.44
N GLY T 409 34.08 -12.28 52.57
CA GLY T 409 35.20 -12.70 53.40
C GLY T 409 35.89 -13.96 52.94
N VAL T 410 36.16 -14.08 51.64
CA VAL T 410 36.91 -15.21 51.09
C VAL T 410 37.94 -14.68 50.13
N ARG T 411 39.21 -15.00 50.37
CA ARG T 411 40.29 -14.66 49.47
C ARG T 411 40.73 -15.92 48.74
N GLU T 412 40.69 -15.88 47.40
CA GLU T 412 41.05 -17.01 46.57
C GLU T 412 42.48 -16.82 46.08
N ARG T 413 43.43 -17.41 46.79
CA ARG T 413 44.84 -17.35 46.44
C ARG T 413 45.35 -18.74 46.11
N THR T 414 46.19 -18.83 45.09
CA THR T 414 46.70 -20.11 44.63
C THR T 414 48.08 -20.38 45.24
N LEU T 415 48.28 -21.61 45.69
CA LEU T 415 49.58 -22.03 46.19
C LEU T 415 50.54 -22.18 45.03
N THR T 416 51.64 -21.42 45.04
CA THR T 416 52.54 -21.42 43.89
C THR T 416 53.59 -22.52 44.00
N CYS T 417 53.16 -23.75 44.28
CA CYS T 417 54.03 -24.91 44.36
C CYS T 417 55.15 -24.71 45.39
N CYS T 418 54.88 -23.89 46.41
N CYS T 418 54.87 -23.92 46.42
CA CYS T 418 55.87 -23.53 47.41
CA CYS T 418 55.86 -23.58 47.43
C CYS T 418 55.11 -23.16 48.69
C CYS T 418 55.10 -23.13 48.68
N CYS T 419 55.82 -22.53 49.64
CA CYS T 419 55.22 -22.04 50.87
C CYS T 419 54.67 -20.61 50.73
N LEU T 420 54.39 -20.18 49.50
CA LEU T 420 53.93 -18.82 49.23
C LEU T 420 52.55 -18.86 48.58
N TRP T 421 51.82 -17.75 48.72
CA TRP T 421 50.49 -17.59 48.16
C TRP T 421 50.43 -16.34 47.30
N ALA T 422 49.73 -16.43 46.18
CA ALA T 422 49.66 -15.34 45.21
C ALA T 422 48.21 -15.08 44.81
N PHE T 423 47.93 -13.83 44.47
CA PHE T 423 46.61 -13.40 44.05
C PHE T 423 46.73 -12.51 42.82
N LYS T 424 45.64 -12.44 42.06
CA LYS T 424 45.57 -11.59 40.88
C LYS T 424 45.24 -10.16 41.28
N LYS T 425 46.00 -9.21 40.74
CA LYS T 425 45.75 -7.80 40.96
C LYS T 425 44.95 -7.22 39.81
N GLN T 426 43.91 -6.46 40.14
CA GLN T 426 43.06 -5.85 39.14
C GLN T 426 43.72 -4.60 38.56
N LYS T 427 43.12 -4.08 37.49
CA LYS T 427 43.63 -2.90 36.81
C LYS T 427 43.03 -1.66 37.47
N THR T 428 43.86 -0.87 38.13
CA THR T 428 43.44 0.36 38.80
C THR T 428 44.12 1.53 38.09
N HIS T 429 43.36 2.23 37.26
CA HIS T 429 43.89 3.38 36.51
C HIS T 429 43.55 4.72 37.14
N THR T 430 42.54 4.78 38.01
CA THR T 430 42.13 6.03 38.62
C THR T 430 41.90 5.85 40.11
N VAL T 431 42.44 6.78 40.89
CA VAL T 431 42.13 6.91 42.31
C VAL T 431 41.32 8.19 42.47
N TYR T 432 40.08 8.05 42.92
CA TYR T 432 39.13 9.14 42.97
C TYR T 432 38.61 9.25 44.41
N LYS T 433 39.12 10.23 45.14
CA LYS T 433 38.65 10.53 46.50
C LYS T 433 37.54 11.56 46.38
N ARG T 434 36.30 11.11 46.59
CA ARG T 434 35.14 11.98 46.46
C ARG T 434 35.07 12.96 47.63
N PRO T 435 34.31 14.04 47.48
CA PRO T 435 34.13 14.96 48.61
C PRO T 435 33.60 14.24 49.84
N ASP T 436 34.06 14.70 51.01
CA ASP T 436 33.75 14.11 52.31
C ASP T 436 34.30 12.70 52.46
N THR T 437 35.42 12.41 51.80
CA THR T 437 36.17 11.18 52.02
C THR T 437 37.51 11.51 52.66
N GLN T 438 38.27 10.48 52.96
CA GLN T 438 39.57 10.64 53.61
C GLN T 438 40.58 9.69 53.00
N SER T 439 41.76 10.22 52.69
CA SER T 439 42.90 9.41 52.29
C SER T 439 43.72 9.08 53.52
N ILE T 440 43.98 7.79 53.72
CA ILE T 440 44.73 7.31 54.87
C ILE T 440 45.98 6.62 54.37
N GLN T 441 47.15 7.12 54.78
CA GLN T 441 48.42 6.63 54.28
C GLN T 441 49.35 6.30 55.44
N LYS T 442 50.02 5.15 55.36
CA LYS T 442 50.95 4.74 56.40
C LYS T 442 52.28 5.48 56.19
N VAL T 443 52.70 6.22 57.21
CA VAL T 443 53.91 7.04 57.14
C VAL T 443 54.85 6.61 58.25
N GLN T 444 56.09 7.08 58.17
CA GLN T 444 57.07 6.81 59.21
C GLN T 444 56.80 7.68 60.44
N ALA T 445 56.81 7.06 61.61
CA ALA T 445 56.75 7.77 62.88
C ALA T 445 58.02 7.50 63.67
N GLU T 446 58.10 8.12 64.84
CA GLU T 446 59.19 7.93 65.79
C GLU T 446 60.56 8.20 65.14
N PHE T 447 60.70 9.44 64.69
CA PHE T 447 61.98 9.89 64.13
C PHE T 447 63.01 10.09 65.23
N PRO U 3 45.74 59.03 37.36
CA PRO U 3 44.88 59.03 36.16
C PRO U 3 45.70 59.03 34.87
N VAL U 4 46.06 57.84 34.40
CA VAL U 4 46.85 57.70 33.18
C VAL U 4 45.95 57.82 31.98
N TYR U 5 46.41 58.58 30.98
CA TYR U 5 45.70 58.76 29.72
C TYR U 5 46.42 58.02 28.62
N VAL U 6 45.65 57.27 27.82
CA VAL U 6 46.19 56.42 26.77
C VAL U 6 45.70 56.92 25.42
N ASP U 7 46.62 56.98 24.45
CA ASP U 7 46.30 57.44 23.10
C ASP U 7 45.65 56.33 22.28
N ILE U 8 44.50 55.88 22.77
CA ILE U 8 43.72 54.83 22.11
C ILE U 8 42.28 55.30 21.98
N ASP U 9 41.49 54.52 21.25
CA ASP U 9 40.09 54.85 21.02
C ASP U 9 39.31 54.83 22.33
N ALA U 10 38.25 55.64 22.38
CA ALA U 10 37.40 55.69 23.57
C ALA U 10 36.53 54.46 23.71
N ASP U 11 36.39 53.65 22.65
CA ASP U 11 35.55 52.47 22.69
C ASP U 11 36.30 51.23 22.19
N SER U 12 37.62 51.24 22.30
CA SER U 12 38.42 50.11 21.86
C SER U 12 38.25 48.93 22.80
N ALA U 13 38.24 47.72 22.22
CA ALA U 13 38.08 46.51 23.02
C ALA U 13 39.34 46.18 23.82
N PHE U 14 40.50 46.69 23.41
CA PHE U 14 41.73 46.47 24.16
C PHE U 14 41.73 47.21 25.49
N LEU U 15 41.00 48.32 25.60
CA LEU U 15 40.96 49.13 26.82
C LEU U 15 40.81 48.27 28.06
N LYS U 16 39.76 47.44 28.10
CA LYS U 16 39.52 46.58 29.26
C LYS U 16 40.76 45.77 29.63
N ALA U 17 41.36 45.09 28.63
CA ALA U 17 42.56 44.31 28.90
C ALA U 17 43.63 45.17 29.54
N LEU U 18 43.83 46.36 28.98
CA LEU U 18 44.80 47.30 29.54
C LEU U 18 44.47 47.61 31.00
N GLN U 19 43.18 47.84 31.30
N GLN U 19 43.18 47.84 31.30
CA GLN U 19 42.79 48.10 32.68
CA GLN U 19 42.80 48.10 32.68
C GLN U 19 43.05 46.89 33.56
C GLN U 19 43.05 46.90 33.57
N ARG U 20 42.86 45.69 33.03
CA ARG U 20 43.19 44.49 33.81
C ARG U 20 44.70 44.33 33.93
N ALA U 21 45.46 44.92 33.01
CA ALA U 21 46.92 44.83 33.07
C ALA U 21 47.52 45.73 34.14
N TYR U 22 46.92 46.89 34.41
CA TYR U 22 47.43 47.85 35.38
C TYR U 22 46.30 48.24 36.34
N PRO U 23 46.06 47.44 37.38
CA PRO U 23 44.99 47.78 38.33
C PRO U 23 45.32 48.97 39.22
N MET U 24 46.59 49.29 39.43
CA MET U 24 46.96 50.42 40.27
C MET U 24 46.64 51.77 39.66
N PHE U 25 46.40 51.83 38.35
CA PHE U 25 46.19 53.08 37.64
C PHE U 25 44.75 53.17 37.15
N GLU U 26 44.31 54.40 36.89
CA GLU U 26 43.02 54.65 36.26
C GLU U 26 43.30 55.00 34.80
N VAL U 27 42.95 54.09 33.91
CA VAL U 27 43.27 54.22 32.49
C VAL U 27 42.09 54.87 31.79
N GLU U 28 42.34 56.02 31.15
CA GLU U 28 41.30 56.75 30.44
C GLU U 28 41.79 57.04 29.02
N PRO U 29 40.96 56.80 28.00
CA PRO U 29 41.42 56.99 26.62
C PRO U 29 41.43 58.45 26.19
N ARG U 30 42.46 58.81 25.42
CA ARG U 30 42.53 60.12 24.78
C ARG U 30 43.14 59.92 23.38
N GLN U 31 42.27 59.72 22.40
CA GLN U 31 42.73 59.52 21.03
C GLN U 31 43.04 60.87 20.39
N VAL U 32 44.30 61.06 20.00
CA VAL U 32 44.71 62.30 19.35
C VAL U 32 45.50 61.96 18.09
N THR U 33 45.63 60.66 17.79
CA THR U 33 46.39 60.19 16.64
C THR U 33 45.81 58.87 16.15
N PRO U 34 45.63 58.71 14.83
CA PRO U 34 45.16 57.41 14.30
C PRO U 34 46.31 56.41 14.15
N ASN U 35 46.96 56.11 15.26
CA ASN U 35 48.16 55.28 15.23
C ASN U 35 47.80 53.84 14.91
N ASP U 36 48.56 53.24 13.99
CA ASP U 36 48.34 51.85 13.60
C ASP U 36 48.76 50.86 14.68
N HIS U 37 49.53 51.29 15.67
CA HIS U 37 49.98 50.43 16.76
C HIS U 37 49.82 51.15 18.10
N ALA U 38 48.63 51.72 18.31
CA ALA U 38 48.39 52.53 19.49
C ALA U 38 48.41 51.69 20.77
N ASN U 39 48.02 50.42 20.68
CA ASN U 39 48.04 49.56 21.86
C ASN U 39 49.46 49.38 22.39
N ALA U 40 50.43 49.23 21.49
CA ALA U 40 51.82 49.09 21.91
C ALA U 40 52.29 50.32 22.68
N ARG U 41 52.00 51.51 22.16
CA ARG U 41 52.44 52.74 22.82
C ARG U 41 51.72 52.94 24.15
N ALA U 42 50.43 52.59 24.21
CA ALA U 42 49.70 52.70 25.47
C ALA U 42 50.29 51.77 26.53
N PHE U 43 50.58 50.52 26.14
CA PHE U 43 51.17 49.59 27.08
C PHE U 43 52.55 50.06 27.53
N SER U 44 53.35 50.59 26.61
CA SER U 44 54.66 51.10 26.99
C SER U 44 54.54 52.27 27.95
N HIS U 45 53.57 53.16 27.70
CA HIS U 45 53.37 54.31 28.58
C HIS U 45 53.01 53.86 29.99
N LEU U 46 52.03 52.96 30.12
CA LEU U 46 51.67 52.48 31.46
C LEU U 46 52.78 51.67 32.08
N ALA U 47 53.59 50.96 31.29
CA ALA U 47 54.73 50.25 31.84
C ALA U 47 55.74 51.21 32.45
N ILE U 48 56.02 52.32 31.75
CA ILE U 48 56.93 53.33 32.28
C ILE U 48 56.35 53.95 33.55
N LYS U 49 55.05 54.23 33.56
CA LYS U 49 54.42 54.79 34.75
C LYS U 49 54.50 53.83 35.93
N LEU U 50 54.25 52.54 35.68
CA LEU U 50 54.36 51.54 36.74
C LEU U 50 55.79 51.44 37.25
N ILE U 51 56.77 51.50 36.35
CA ILE U 51 58.17 51.45 36.75
C ILE U 51 58.50 52.62 37.64
N GLU U 52 58.06 53.82 37.24
CA GLU U 52 58.33 55.02 38.03
C GLU U 52 57.66 54.94 39.40
N GLN U 53 56.43 54.40 39.45
CA GLN U 53 55.75 54.24 40.73
C GLN U 53 56.47 53.25 41.64
N GLU U 54 56.96 52.15 41.08
CA GLU U 54 57.43 51.04 41.90
C GLU U 54 58.84 51.21 42.43
N ILE U 55 59.58 52.22 42.01
CA ILE U 55 60.99 52.33 42.39
C ILE U 55 61.24 53.58 43.23
N ASP U 56 62.49 53.76 43.65
CA ASP U 56 62.87 54.86 44.52
C ASP U 56 62.74 56.18 43.78
N PRO U 57 61.98 57.15 44.32
CA PRO U 57 61.87 58.46 43.64
C PRO U 57 63.18 59.22 43.57
N ASP U 58 64.18 58.87 44.38
CA ASP U 58 65.49 59.53 44.35
C ASP U 58 66.53 58.53 43.87
N SER U 59 66.65 58.43 42.54
CA SER U 59 67.61 57.53 41.91
C SER U 59 67.74 57.91 40.45
N THR U 60 68.97 58.07 39.97
CA THR U 60 69.20 58.32 38.57
C THR U 60 68.76 57.11 37.77
N ILE U 61 67.97 57.34 36.72
CA ILE U 61 67.30 56.27 35.98
C ILE U 61 67.89 56.26 34.58
N LEU U 62 68.80 55.34 34.30
CA LEU U 62 69.33 55.18 32.96
C LEU U 62 68.43 54.25 32.16
N ASP U 63 68.05 54.67 30.96
CA ASP U 63 67.25 53.87 30.04
C ASP U 63 68.07 53.58 28.80
N ILE U 64 68.20 52.29 28.47
CA ILE U 64 69.10 51.85 27.41
C ILE U 64 68.38 51.97 26.06
N GLY U 65 69.06 52.57 25.10
CA GLY U 65 68.51 52.70 23.76
C GLY U 65 67.17 53.42 23.72
N SER U 66 67.04 54.49 24.49
CA SER U 66 65.76 55.17 24.68
C SER U 66 65.66 56.41 23.79
N ALA U 67 64.42 56.79 23.51
CA ALA U 67 64.16 58.05 22.83
C ALA U 67 64.02 59.15 23.87
N PRO U 68 64.88 60.19 23.84
CA PRO U 68 64.82 61.21 24.89
C PRO U 68 63.56 62.05 24.89
N ALA U 69 62.80 62.06 23.79
CA ALA U 69 61.60 62.89 23.74
C ALA U 69 60.49 62.34 24.63
N ARG U 70 60.44 61.03 24.85
CA ARG U 70 59.37 60.45 25.64
C ARG U 70 59.62 60.58 27.15
N ARG U 71 60.83 60.97 27.53
CA ARG U 71 61.16 61.12 28.95
C ARG U 71 60.92 62.51 29.48
N MET U 72 60.34 63.40 28.68
CA MET U 72 60.00 64.74 29.15
C MET U 72 58.83 64.69 30.14
N MET U 73 58.67 65.78 30.88
CA MET U 73 57.61 65.92 31.89
C MET U 73 57.71 64.83 32.95
N SER U 74 58.94 64.38 33.24
CA SER U 74 59.20 63.38 34.27
C SER U 74 60.24 63.96 35.22
N ASP U 75 59.83 64.26 36.45
CA ASP U 75 60.73 64.88 37.41
C ASP U 75 61.90 63.98 37.79
N ARG U 76 61.79 62.68 37.56
CA ARG U 76 62.87 61.76 37.89
C ARG U 76 64.05 61.98 36.94
N LYS U 77 65.26 61.86 37.49
CA LYS U 77 66.46 62.00 36.68
C LYS U 77 66.59 60.83 35.73
N TYR U 78 66.83 61.14 34.45
CA TYR U 78 66.94 60.13 33.40
C TYR U 78 68.28 60.26 32.69
N HIS U 79 69.01 59.15 32.60
CA HIS U 79 70.19 59.04 31.75
C HIS U 79 69.75 58.43 30.43
N CYS U 80 69.29 59.28 29.52
CA CYS U 80 68.83 58.85 28.20
C CYS U 80 70.03 58.44 27.38
N VAL U 81 70.28 57.14 27.30
CA VAL U 81 71.42 56.61 26.56
C VAL U 81 71.04 56.49 25.09
N CYS U 82 71.76 57.19 24.22
N CYS U 82 71.77 57.18 24.22
CA CYS U 82 71.52 57.18 22.78
CA CYS U 82 71.52 57.19 22.79
C CYS U 82 72.82 56.85 22.08
C CYS U 82 72.83 56.84 22.08
N PRO U 83 73.10 55.57 21.84
CA PRO U 83 74.38 55.18 21.23
C PRO U 83 74.50 55.56 19.76
N MET U 84 73.46 56.14 19.15
CA MET U 84 73.50 56.66 17.80
C MET U 84 73.73 55.55 16.77
N ARG U 85 73.30 54.34 17.09
CA ARG U 85 73.56 53.18 16.24
C ARG U 85 72.50 52.99 15.16
N SER U 86 71.22 53.10 15.52
CA SER U 86 70.15 52.93 14.55
C SER U 86 69.99 54.19 13.72
N ALA U 87 69.29 54.05 12.59
CA ALA U 87 69.09 55.14 11.65
C ALA U 87 67.95 56.07 12.04
N GLU U 88 67.07 55.67 12.96
CA GLU U 88 66.00 56.54 13.41
C GLU U 88 66.46 57.54 14.45
N ASP U 89 67.61 57.30 15.08
CA ASP U 89 68.06 58.14 16.18
C ASP U 89 68.31 59.61 15.81
N PRO U 90 68.88 59.96 14.65
CA PRO U 90 69.11 61.40 14.37
C PRO U 90 67.82 62.20 14.43
N GLU U 91 66.73 61.62 13.95
CA GLU U 91 65.44 62.28 13.96
C GLU U 91 64.88 62.38 15.38
N ARG U 92 65.08 61.34 16.20
CA ARG U 92 64.69 61.42 17.60
C ARG U 92 65.44 62.53 18.32
N LEU U 93 66.74 62.64 18.08
CA LEU U 93 67.53 63.71 18.69
C LEU U 93 67.09 65.07 18.19
N ALA U 94 66.78 65.19 16.90
CA ALA U 94 66.30 66.47 16.37
C ALA U 94 65.00 66.88 17.03
N ASN U 95 64.05 65.94 17.15
CA ASN U 95 62.78 66.26 17.79
C ASN U 95 62.97 66.60 19.27
N TYR U 96 63.86 65.87 19.94
CA TYR U 96 64.13 66.16 21.35
C TYR U 96 64.73 67.55 21.52
N ALA U 97 65.63 67.94 20.63
CA ALA U 97 66.21 69.28 20.69
C ALA U 97 65.17 70.35 20.37
N ARG U 98 64.26 70.05 19.45
CA ARG U 98 63.17 70.98 19.17
C ARG U 98 62.30 71.20 20.41
N LYS U 99 61.96 70.11 21.10
CA LYS U 99 61.15 70.23 22.31
C LYS U 99 61.90 70.96 23.40
N LEU U 100 63.20 70.67 23.58
CA LEU U 100 63.97 71.33 24.61
C LEU U 100 64.16 72.81 24.32
N ALA U 101 64.22 73.19 23.04
CA ALA U 101 64.33 74.59 22.67
C ALA U 101 62.98 75.30 22.57
N SER U 102 61.88 74.56 22.65
CA SER U 102 60.55 75.15 22.57
C SER U 102 59.96 75.48 23.94
N ALA U 103 60.66 75.15 25.03
CA ALA U 103 60.16 75.40 26.38
C ALA U 103 61.25 75.99 27.25
N ALA U 104 62.03 76.92 26.70
CA ALA U 104 63.08 77.56 27.48
C ALA U 104 62.51 78.40 28.62
N GLY U 105 61.46 79.16 28.33
CA GLY U 105 60.81 79.98 29.35
C GLY U 105 59.40 79.51 29.65
N LYS U 106 59.11 78.24 29.39
CA LYS U 106 57.78 77.69 29.58
C LYS U 106 57.68 76.78 30.80
N VAL U 107 58.59 75.81 30.92
CA VAL U 107 58.61 74.88 32.04
C VAL U 107 59.98 74.94 32.70
N LEU U 108 60.00 74.83 34.03
CA LEU U 108 61.23 74.92 34.80
C LEU U 108 61.43 73.79 35.80
N ASP U 109 60.40 73.01 36.10
CA ASP U 109 60.51 71.95 37.10
C ASP U 109 61.09 70.66 36.55
N ARG U 110 61.26 70.55 35.23
CA ARG U 110 61.74 69.33 34.61
C ARG U 110 63.21 69.39 34.23
N ASN U 111 63.99 70.23 34.94
CA ASN U 111 65.45 70.35 34.75
C ASN U 111 65.84 70.55 33.29
N ILE U 112 64.93 71.13 32.48
CA ILE U 112 65.21 71.36 31.07
C ILE U 112 66.33 72.36 30.90
N SER U 113 66.45 73.33 31.82
CA SER U 113 67.50 74.34 31.72
C SER U 113 68.88 73.70 31.75
N GLY U 114 69.09 72.72 32.63
CA GLY U 114 70.32 71.95 32.61
C GLY U 114 70.39 70.92 31.51
N LYS U 115 69.25 70.49 30.98
CA LYS U 115 69.25 69.56 29.86
C LYS U 115 69.77 70.22 28.60
N ILE U 116 69.50 71.52 28.42
CA ILE U 116 70.09 72.26 27.30
C ILE U 116 71.60 72.26 27.41
N GLY U 117 72.13 72.49 28.62
CA GLY U 117 73.56 72.45 28.82
C GLY U 117 74.14 71.07 28.57
N ASP U 118 73.43 70.02 29.00
CA ASP U 118 73.87 68.66 28.74
C ASP U 118 73.94 68.38 27.23
N LEU U 119 72.92 68.81 26.50
CA LEU U 119 72.93 68.65 25.05
C LEU U 119 74.10 69.40 24.42
N GLN U 120 74.29 70.66 24.80
CA GLN U 120 75.41 71.42 24.27
C GLN U 120 76.75 70.77 24.62
N ALA U 121 76.80 70.06 25.75
CA ALA U 121 78.04 69.38 26.13
C ALA U 121 78.29 68.14 25.29
N VAL U 122 77.25 67.36 25.00
CA VAL U 122 77.48 66.08 24.32
C VAL U 122 77.92 66.28 22.88
N MET U 123 77.51 67.39 22.24
CA MET U 123 77.94 67.68 20.88
C MET U 123 79.28 68.41 20.84
N ALA U 124 79.89 68.68 21.99
CA ALA U 124 81.21 69.30 22.05
C ALA U 124 82.32 68.27 22.00
N VAL U 125 82.27 67.25 22.86
CA VAL U 125 83.20 66.14 22.84
C VAL U 125 82.39 64.86 22.74
N PRO U 126 82.69 63.95 21.81
CA PRO U 126 81.86 62.75 21.66
C PRO U 126 81.84 61.85 22.88
N ASP U 127 82.82 61.97 23.78
CA ASP U 127 82.86 61.17 25.00
C ASP U 127 82.42 61.96 26.23
N THR U 128 81.53 62.94 26.05
CA THR U 128 81.05 63.77 27.15
C THR U 128 79.97 63.00 27.90
N GLU U 129 80.33 62.43 29.05
CA GLU U 129 79.37 61.72 29.89
C GLU U 129 78.72 62.72 30.84
N THR U 130 77.69 63.39 30.36
CA THR U 130 76.91 64.29 31.19
C THR U 130 76.04 63.50 32.15
N PRO U 131 75.59 64.11 33.26
CA PRO U 131 74.76 63.36 34.21
C PRO U 131 73.47 62.83 33.61
N THR U 132 72.86 63.54 32.65
CA THR U 132 71.54 63.19 32.16
C THR U 132 71.51 62.72 30.72
N PHE U 133 72.63 62.73 30.00
CA PHE U 133 72.60 62.36 28.59
C PHE U 133 74.01 62.02 28.12
N CYS U 134 74.11 61.01 27.25
CA CYS U 134 75.40 60.59 26.72
C CYS U 134 75.17 59.82 25.43
N LEU U 135 76.24 59.70 24.63
CA LEU U 135 76.22 58.98 23.37
C LEU U 135 77.23 57.84 23.44
N HIS U 136 76.79 56.71 24.01
CA HIS U 136 77.60 55.51 24.08
C HIS U 136 76.66 54.31 24.09
N THR U 137 77.22 53.13 23.79
CA THR U 137 76.44 51.92 23.92
C THR U 137 76.30 51.54 25.39
N ASP U 138 75.53 50.48 25.65
CA ASP U 138 75.30 50.05 27.02
C ASP U 138 76.50 49.33 27.61
N VAL U 139 77.50 48.99 26.79
CA VAL U 139 78.68 48.29 27.25
C VAL U 139 79.90 49.20 27.30
N SER U 140 79.73 50.50 27.06
CA SER U 140 80.83 51.45 27.12
C SER U 140 80.53 52.71 27.92
N CYS U 141 79.28 52.92 28.34
CA CYS U 141 78.96 54.09 29.14
C CYS U 141 79.54 53.95 30.54
N ARG U 142 80.04 55.06 31.08
CA ARG U 142 80.72 55.06 32.37
C ARG U 142 79.88 55.63 33.51
N GLN U 143 78.61 55.94 33.27
CA GLN U 143 77.75 56.44 34.33
C GLN U 143 77.47 55.34 35.34
N ARG U 144 77.34 55.73 36.61
CA ARG U 144 77.11 54.81 37.72
C ARG U 144 75.78 55.16 38.38
N ALA U 145 74.70 54.56 37.88
CA ALA U 145 73.36 54.78 38.41
C ALA U 145 72.84 53.49 39.03
N ASP U 146 71.57 53.51 39.43
CA ASP U 146 70.98 52.43 40.21
C ASP U 146 69.96 51.59 39.46
N VAL U 147 69.26 52.15 38.48
CA VAL U 147 68.19 51.44 37.79
C VAL U 147 68.41 51.54 36.29
N ALA U 148 68.18 50.44 35.58
CA ALA U 148 68.26 50.38 34.13
C ALA U 148 66.88 50.10 33.56
N ILE U 149 66.61 50.66 32.37
CA ILE U 149 65.34 50.46 31.69
C ILE U 149 65.63 50.10 30.23
N TYR U 150 65.03 49.01 29.76
CA TYR U 150 65.13 48.59 28.37
C TYR U 150 63.72 48.56 27.80
N GLN U 151 63.27 49.70 27.27
CA GLN U 151 61.95 49.83 26.68
C GLN U 151 62.05 49.54 25.19
N ASP U 152 61.43 48.44 24.75
CA ASP U 152 61.43 48.03 23.34
C ASP U 152 62.85 47.91 22.80
N VAL U 153 63.70 47.25 23.57
CA VAL U 153 65.10 47.04 23.21
C VAL U 153 65.29 45.54 23.05
N TYR U 154 65.18 45.05 21.81
CA TYR U 154 65.34 43.64 21.51
C TYR U 154 66.63 43.32 20.76
N ALA U 155 67.45 44.31 20.45
CA ALA U 155 68.61 44.13 19.60
C ALA U 155 69.93 44.20 20.37
N VAL U 156 69.96 43.64 21.58
CA VAL U 156 71.18 43.59 22.38
C VAL U 156 71.17 42.31 23.19
N HIS U 157 72.37 41.84 23.54
CA HIS U 157 72.52 40.62 24.32
C HIS U 157 72.17 40.90 25.78
N ALA U 158 71.14 40.22 26.28
CA ALA U 158 70.68 40.48 27.65
C ALA U 158 71.75 40.23 28.70
N PRO U 159 72.43 39.07 28.74
CA PRO U 159 73.40 38.86 29.83
C PRO U 159 74.54 39.86 29.83
N THR U 160 75.07 40.19 28.65
CA THR U 160 76.20 41.11 28.57
C THR U 160 75.80 42.50 29.08
N SER U 161 74.66 43.00 28.60
CA SER U 161 74.21 44.32 29.03
C SER U 161 73.87 44.33 30.52
N LEU U 162 73.21 43.29 31.01
CA LEU U 162 72.87 43.23 32.42
C LEU U 162 74.12 43.21 33.29
N TYR U 163 75.14 42.45 32.88
CA TYR U 163 76.38 42.44 33.63
C TYR U 163 77.10 43.79 33.56
N HIS U 164 77.06 44.44 32.40
CA HIS U 164 77.73 45.74 32.26
C HIS U 164 77.06 46.80 33.11
N GLN U 165 75.74 46.75 33.26
CA GLN U 165 75.09 47.67 34.18
C GLN U 165 75.19 47.23 35.64
N ALA U 166 75.34 45.93 35.90
CA ALA U 166 75.56 45.46 37.26
C ALA U 166 76.89 45.95 37.81
N ILE U 167 77.94 45.92 36.97
CA ILE U 167 79.23 46.47 37.38
C ILE U 167 79.22 47.99 37.42
N LYS U 168 78.12 48.63 37.03
CA LYS U 168 77.94 50.07 37.13
C LYS U 168 77.04 50.46 38.30
N GLY U 169 76.72 49.52 39.19
CA GLY U 169 75.90 49.80 40.34
C GLY U 169 74.40 49.68 40.13
N VAL U 170 73.95 49.38 38.92
CA VAL U 170 72.52 49.25 38.65
C VAL U 170 72.00 48.00 39.34
N ARG U 171 71.04 48.17 40.24
CA ARG U 171 70.47 47.05 40.99
C ARG U 171 69.13 46.58 40.43
N LEU U 172 68.40 47.45 39.73
CA LEU U 172 67.10 47.13 39.17
C LEU U 172 67.12 47.38 37.67
N ALA U 173 66.60 46.45 36.89
CA ALA U 173 66.45 46.61 35.46
C ALA U 173 65.04 46.22 35.06
N TYR U 174 64.48 46.94 34.09
CA TYR U 174 63.14 46.67 33.59
C TYR U 174 63.22 46.49 32.08
N TRP U 175 62.62 45.42 31.58
CA TRP U 175 62.56 45.15 30.15
C TRP U 175 61.10 45.11 29.73
N VAL U 176 60.67 46.12 28.99
CA VAL U 176 59.31 46.20 28.46
C VAL U 176 59.39 45.88 26.97
N GLY U 177 58.77 44.78 26.57
CA GLY U 177 58.87 44.38 25.18
C GLY U 177 57.95 43.23 24.86
N PHE U 178 58.05 42.77 23.63
CA PHE U 178 57.23 41.64 23.18
C PHE U 178 57.65 40.36 23.87
N ASP U 179 56.68 39.48 24.09
CA ASP U 179 56.96 38.19 24.70
C ASP U 179 57.95 37.41 23.86
N THR U 180 58.97 36.85 24.51
CA THR U 180 60.00 36.07 23.84
C THR U 180 59.72 34.58 23.85
N THR U 181 58.61 34.17 24.44
CA THR U 181 58.24 32.75 24.41
C THR U 181 58.09 32.19 23.01
N PRO U 182 57.50 32.89 22.02
CA PRO U 182 57.45 32.33 20.67
C PRO U 182 58.81 31.98 20.09
N PHE U 183 59.83 32.78 20.36
CA PHE U 183 61.15 32.53 19.80
C PHE U 183 61.90 31.43 20.53
N MET U 184 61.53 31.11 21.77
CA MET U 184 62.06 29.93 22.41
C MET U 184 61.42 28.66 21.90
N TYR U 185 60.31 28.77 21.17
CA TYR U 185 59.68 27.64 20.50
C TYR U 185 60.18 27.49 19.06
N ASN U 186 61.01 28.40 18.57
CA ASN U 186 61.59 28.34 17.23
C ASN U 186 60.49 28.32 16.16
N ALA U 187 59.70 29.39 16.16
CA ALA U 187 58.62 29.54 15.19
C ALA U 187 59.11 30.34 13.99
N MET U 188 58.70 29.91 12.79
CA MET U 188 59.12 30.59 11.57
C MET U 188 58.36 31.91 11.37
N ALA U 189 57.12 31.97 11.83
CA ALA U 189 56.32 33.18 11.75
C ALA U 189 55.39 33.23 12.95
N GLY U 190 54.89 34.43 13.25
CA GLY U 190 54.01 34.57 14.40
C GLY U 190 53.32 35.91 14.38
N ALA U 191 52.38 36.07 15.31
CA ALA U 191 51.55 37.26 15.36
C ALA U 191 51.14 37.55 16.79
N TYR U 192 51.15 38.85 17.14
CA TYR U 192 50.48 39.38 18.32
C TYR U 192 49.25 40.11 17.82
N PRO U 193 48.11 39.44 17.69
CA PRO U 193 46.92 40.09 17.11
C PRO U 193 46.42 41.28 17.90
N SER U 194 46.55 41.26 19.22
CA SER U 194 46.00 42.33 20.05
C SER U 194 46.78 43.62 19.92
N TYR U 195 47.92 43.61 19.23
CA TYR U 195 48.71 44.81 19.00
C TYR U 195 48.90 45.06 17.51
N SER U 196 48.13 44.37 16.66
CA SER U 196 48.26 44.47 15.21
C SER U 196 49.68 44.16 14.75
N THR U 197 50.34 43.23 15.45
CA THR U 197 51.76 42.97 15.22
C THR U 197 51.93 41.63 14.55
N ASN U 198 52.80 41.59 13.54
CA ASN U 198 53.18 40.35 12.88
C ASN U 198 54.69 40.27 12.82
N TRP U 199 55.21 39.06 12.67
CA TRP U 199 56.65 38.89 12.51
C TRP U 199 56.90 37.62 11.73
N ALA U 200 57.97 37.63 10.93
CA ALA U 200 58.26 36.49 10.07
C ALA U 200 59.75 36.41 9.79
N ASP U 201 60.23 35.18 9.63
CA ASP U 201 61.59 34.96 9.18
C ASP U 201 61.75 35.41 7.73
N GLU U 202 62.95 35.87 7.38
CA GLU U 202 63.20 36.36 6.03
C GLU U 202 63.00 35.28 4.97
N GLN U 203 63.05 34.01 5.35
CA GLN U 203 62.83 32.93 4.39
C GLN U 203 61.37 32.83 3.98
N VAL U 204 60.45 33.43 4.72
CA VAL U 204 59.02 33.30 4.43
C VAL U 204 58.35 34.66 4.31
N LEU U 205 59.12 35.68 3.93
CA LEU U 205 58.50 36.99 3.68
C LEU U 205 57.75 37.04 2.36
N LYS U 206 57.98 36.08 1.46
CA LYS U 206 57.25 35.98 0.22
C LYS U 206 56.13 34.94 0.30
N ALA U 207 55.65 34.66 1.50
CA ALA U 207 54.54 33.74 1.69
C ALA U 207 53.24 34.36 1.18
N LYS U 208 52.15 33.63 1.34
CA LYS U 208 50.86 34.03 0.79
C LYS U 208 49.82 34.37 1.84
N ASN U 209 49.66 33.54 2.87
CA ASN U 209 48.57 33.69 3.83
C ASN U 209 49.08 33.71 5.27
N ILE U 210 50.10 34.51 5.53
CA ILE U 210 50.52 34.80 6.90
C ILE U 210 50.43 36.31 7.12
N GLY U 211 50.59 36.72 8.37
CA GLY U 211 50.39 38.12 8.72
C GLY U 211 51.34 39.06 7.99
N LEU U 212 52.62 38.70 7.94
CA LEU U 212 53.65 39.52 7.32
C LEU U 212 54.19 38.77 6.11
N CYS U 213 53.64 39.07 4.93
CA CYS U 213 54.09 38.46 3.69
C CYS U 213 53.51 39.25 2.53
N SER U 214 54.06 39.02 1.34
CA SER U 214 53.53 39.58 0.11
C SER U 214 54.06 38.77 -1.05
N THR U 215 53.16 38.32 -1.92
CA THR U 215 53.55 37.51 -3.07
C THR U 215 52.91 38.05 -4.34
N ASP U 216 53.10 37.36 -5.45
CA ASP U 216 52.60 37.82 -6.75
C ASP U 216 51.74 36.74 -7.39
N LEU U 217 50.86 37.18 -8.29
CA LEU U 217 50.03 36.24 -9.04
C LEU U 217 50.87 35.51 -10.08
N THR U 218 50.72 34.19 -10.13
CA THR U 218 51.46 33.38 -11.08
C THR U 218 50.55 32.28 -11.60
N GLU U 219 50.93 31.72 -12.76
CA GLU U 219 50.16 30.67 -13.39
C GLU U 219 50.66 29.27 -13.08
N GLY U 220 51.61 29.13 -12.15
CA GLY U 220 52.16 27.84 -11.84
C GLY U 220 53.21 27.41 -12.86
N ARG U 221 54.15 28.29 -13.15
CA ARG U 221 55.18 28.02 -14.14
C ARG U 221 56.33 27.23 -13.50
N ARG U 222 57.44 27.10 -14.23
CA ARG U 222 58.62 26.46 -13.68
C ARG U 222 59.23 27.32 -12.58
N GLY U 223 59.68 26.67 -11.52
CA GLY U 223 60.29 27.38 -10.42
C GLY U 223 61.68 27.88 -10.74
N LYS U 224 62.20 28.69 -9.82
CA LYS U 224 63.54 29.24 -9.97
C LYS U 224 64.57 28.13 -10.02
N LEU U 225 65.52 28.25 -10.95
CA LEU U 225 66.67 27.34 -11.02
C LEU U 225 67.63 27.74 -9.89
N SER U 226 67.27 27.35 -8.67
CA SER U 226 67.99 27.82 -7.50
C SER U 226 69.40 27.26 -7.44
N ILE U 227 70.34 28.11 -7.04
CA ILE U 227 71.71 27.66 -6.84
C ILE U 227 71.80 26.76 -5.61
N MET U 228 71.02 27.07 -4.57
CA MET U 228 70.97 26.27 -3.36
C MET U 228 69.88 25.21 -3.49
N ARG U 229 70.23 23.97 -3.11
CA ARG U 229 69.25 22.89 -3.16
C ARG U 229 68.11 23.12 -2.19
N GLY U 230 68.41 23.64 -1.00
CA GLY U 230 67.40 23.78 0.03
C GLY U 230 67.32 22.52 0.87
N LYS U 231 66.32 21.69 0.58
CA LYS U 231 66.13 20.39 1.22
C LYS U 231 65.78 20.53 2.70
N LYS U 232 65.73 21.77 3.18
CA LYS U 232 65.34 22.04 4.57
C LYS U 232 64.93 23.48 4.68
N LEU U 233 63.80 23.72 5.36
CA LEU U 233 63.32 25.07 5.66
C LEU U 233 63.29 25.21 7.17
N GLU U 234 64.30 25.91 7.71
N GLU U 234 64.27 25.95 7.70
CA GLU U 234 64.42 26.10 9.14
CA GLU U 234 64.47 26.09 9.13
C GLU U 234 64.59 27.57 9.46
C GLU U 234 64.64 27.56 9.48
N PRO U 235 64.09 28.02 10.60
CA PRO U 235 64.19 29.44 10.94
C PRO U 235 65.62 29.94 11.01
N CYS U 236 65.84 31.13 10.45
CA CYS U 236 67.14 31.78 10.47
C CYS U 236 67.17 32.86 11.53
N ASP U 237 68.37 33.39 11.78
CA ASP U 237 68.55 34.37 12.85
C ASP U 237 67.78 35.65 12.58
N ARG U 238 67.74 36.10 11.33
CA ARG U 238 67.13 37.38 11.00
C ARG U 238 65.62 37.21 10.83
N VAL U 239 64.85 38.01 11.57
CA VAL U 239 63.40 38.06 11.44
C VAL U 239 63.00 39.52 11.28
N LEU U 240 61.79 39.72 10.76
CA LEU U 240 61.23 41.04 10.56
C LEU U 240 59.98 41.20 11.40
N PHE U 241 59.89 42.31 12.12
CA PHE U 241 58.74 42.67 12.92
C PHE U 241 58.00 43.82 12.27
N SER U 242 56.68 43.70 12.19
CA SER U 242 55.80 44.78 11.77
C SER U 242 54.83 45.06 12.91
N VAL U 243 55.04 46.17 13.60
CA VAL U 243 54.15 46.61 14.67
C VAL U 243 53.29 47.74 14.12
N GLY U 244 52.12 47.39 13.60
CA GLY U 244 51.35 48.36 12.83
C GLY U 244 51.90 48.49 11.44
N SER U 245 52.57 49.60 11.15
CA SER U 245 53.21 49.83 9.86
C SER U 245 54.65 50.27 10.05
N THR U 246 55.33 49.70 11.05
CA THR U 246 56.71 50.04 11.35
C THR U 246 57.56 48.78 11.35
N LEU U 247 58.69 48.82 10.65
CA LEU U 247 59.55 47.66 10.49
C LEU U 247 60.69 47.66 11.52
N TYR U 248 61.00 46.47 12.03
CA TYR U 248 62.15 46.24 12.88
C TYR U 248 62.87 44.95 12.49
N PRO U 249 64.11 45.02 12.01
CA PRO U 249 64.91 43.80 11.78
C PRO U 249 65.53 43.32 13.08
N GLU U 250 65.09 42.15 13.54
N GLU U 250 65.09 42.16 13.55
CA GLU U 250 65.54 41.58 14.80
CA GLU U 250 65.56 41.59 14.80
C GLU U 250 66.30 40.29 14.55
C GLU U 250 66.30 40.29 14.55
N SER U 251 67.05 39.86 15.57
CA SER U 251 67.81 38.62 15.52
C SER U 251 67.25 37.64 16.55
N ARG U 252 67.18 36.37 16.17
CA ARG U 252 66.63 35.36 17.08
C ARG U 252 67.52 35.15 18.30
N LYS U 253 68.83 35.23 18.12
CA LYS U 253 69.75 35.01 19.23
C LYS U 253 69.55 36.07 20.31
N LEU U 254 69.52 37.34 19.91
CA LEU U 254 69.35 38.41 20.89
C LEU U 254 67.95 38.41 21.50
N LEU U 255 66.95 37.97 20.73
CA LEU U 255 65.60 37.85 21.27
C LEU U 255 65.54 36.76 22.34
N LYS U 256 66.15 35.60 22.06
CA LYS U 256 66.16 34.51 23.03
C LYS U 256 67.04 34.84 24.23
N SER U 257 68.03 35.73 24.05
CA SER U 257 68.86 36.13 25.18
C SER U 257 68.03 36.80 26.27
N TRP U 258 66.95 37.47 25.91
CA TRP U 258 66.11 38.17 26.87
C TRP U 258 65.07 37.26 27.51
N HIS U 259 65.00 35.98 27.13
CA HIS U 259 64.12 35.03 27.78
C HIS U 259 64.87 34.41 28.97
N LEU U 260 65.22 35.28 29.91
CA LEU U 260 66.03 34.89 31.04
C LEU U 260 65.24 33.93 31.95
N PRO U 261 65.93 33.00 32.59
CA PRO U 261 65.26 32.12 33.56
C PRO U 261 64.98 32.85 34.87
N SER U 262 64.26 32.16 35.74
CA SER U 262 63.92 32.75 37.04
C SER U 262 65.17 33.04 37.87
N VAL U 263 66.14 32.12 37.85
CA VAL U 263 67.40 32.28 38.57
C VAL U 263 68.54 32.02 37.61
N PHE U 264 69.51 32.94 37.57
CA PHE U 264 70.69 32.77 36.76
C PHE U 264 71.85 33.54 37.40
N HIS U 265 73.07 33.16 37.03
CA HIS U 265 74.28 33.71 37.60
C HIS U 265 75.01 34.56 36.56
N LEU U 266 75.61 35.65 37.02
CA LEU U 266 76.47 36.50 36.20
C LEU U 266 77.90 36.31 36.70
N LYS U 267 78.74 35.72 35.86
CA LYS U 267 80.10 35.34 36.22
C LYS U 267 81.07 36.13 35.35
N GLY U 268 81.97 36.88 36.00
CA GLY U 268 82.95 37.68 35.30
C GLY U 268 83.96 38.29 36.24
N LYS U 269 84.29 39.57 36.03
CA LYS U 269 85.15 40.28 36.97
C LYS U 269 84.50 40.35 38.34
N LEU U 270 83.25 40.79 38.40
CA LEU U 270 82.45 40.74 39.61
C LEU U 270 81.36 39.69 39.46
N SER U 271 80.95 39.11 40.58
CA SER U 271 79.91 38.09 40.59
C SER U 271 78.65 38.60 41.30
N THR U 273 74.29 36.63 42.11
CA THR U 273 73.13 35.97 41.55
C THR U 273 72.10 36.99 41.07
N CYS U 274 71.23 36.57 40.14
CA CYS U 274 70.24 37.45 39.55
C CYS U 274 68.91 36.73 39.42
N ARG U 275 67.83 37.51 39.34
CA ARG U 275 66.50 36.98 39.11
C ARG U 275 65.84 37.70 37.94
N CYS U 276 64.90 37.01 37.30
CA CYS U 276 64.09 37.59 36.23
C CYS U 276 62.66 37.14 36.41
N ASP U 277 61.78 38.09 36.71
CA ASP U 277 60.36 37.81 36.92
C ASP U 277 59.52 38.65 35.97
N THR U 278 58.41 38.07 35.52
CA THR U 278 57.48 38.77 34.64
C THR U 278 56.43 39.45 35.51
N VAL U 279 56.60 40.75 35.72
CA VAL U 279 55.70 41.48 36.59
C VAL U 279 54.46 41.99 35.86
N VAL U 280 54.52 42.15 34.55
CA VAL U 280 53.35 42.52 33.75
C VAL U 280 53.28 41.62 32.53
N SER U 281 52.10 41.10 32.23
CA SER U 281 51.90 40.26 31.05
C SER U 281 50.51 40.55 30.51
N CYS U 282 50.42 41.01 29.27
CA CYS U 282 49.13 41.35 28.66
C CYS U 282 49.20 41.00 27.17
N GLU U 283 48.59 39.86 26.81
CA GLU U 283 48.23 39.53 25.44
C GLU U 283 49.41 39.66 24.48
N GLY U 284 50.58 39.24 24.93
CA GLY U 284 51.78 39.22 24.11
C GLY U 284 52.79 40.29 24.42
N TYR U 285 52.47 41.26 25.27
CA TYR U 285 53.42 42.29 25.67
C TYR U 285 53.72 42.15 27.16
N VAL U 286 55.01 42.11 27.50
CA VAL U 286 55.42 41.81 28.86
C VAL U 286 56.34 42.90 29.39
N VAL U 287 56.33 43.06 30.70
CA VAL U 287 57.27 43.85 31.45
C VAL U 287 57.93 42.92 32.45
N LYS U 288 59.23 42.68 32.28
CA LYS U 288 60.01 41.81 33.14
C LYS U 288 60.88 42.64 34.05
N ARG U 289 60.86 42.31 35.34
CA ARG U 289 61.63 43.02 36.35
C ARG U 289 62.82 42.16 36.75
N ILE U 290 64.00 42.53 36.25
CA ILE U 290 65.25 41.88 36.64
C ILE U 290 65.81 42.64 37.83
N THR U 291 66.24 41.90 38.84
CA THR U 291 66.84 42.49 40.03
C THR U 291 68.19 41.86 40.29
N MET U 292 69.18 42.71 40.53
CA MET U 292 70.58 42.31 40.56
C MET U 292 71.10 42.31 41.98
N SER U 293 72.08 41.44 42.24
CA SER U 293 72.67 41.34 43.57
C SER U 293 74.11 40.85 43.47
N PRO U 294 75.06 41.55 44.07
CA PRO U 294 76.47 41.13 43.98
C PRO U 294 76.72 39.84 44.73
N GLY U 295 77.68 39.07 44.24
CA GLY U 295 78.03 37.79 44.82
C GLY U 295 77.21 36.64 44.26
N LEU U 296 77.77 35.44 44.37
CA LEU U 296 77.12 34.22 43.92
C LEU U 296 76.42 33.57 45.10
N TYR U 297 75.10 33.39 44.97
CA TYR U 297 74.30 32.80 46.03
C TYR U 297 73.32 31.80 45.43
N GLY U 298 73.13 30.68 46.11
CA GLY U 298 72.22 29.65 45.62
C GLY U 298 72.78 28.93 44.42
N LYS U 299 71.88 28.36 43.63
CA LYS U 299 72.25 27.62 42.43
C LYS U 299 71.11 27.74 41.42
N THR U 300 71.44 27.51 40.16
CA THR U 300 70.52 27.73 39.05
C THR U 300 70.13 26.41 38.40
N THR U 301 68.85 26.30 38.04
CA THR U 301 68.36 25.14 37.30
C THR U 301 68.38 25.36 35.79
N GLY U 302 68.52 26.60 35.34
CA GLY U 302 68.48 26.89 33.92
C GLY U 302 67.12 26.76 33.28
N TYR U 303 66.06 26.98 34.04
CA TYR U 303 64.70 26.78 33.57
C TYR U 303 63.94 28.11 33.56
N ALA U 304 63.26 28.38 32.45
CA ALA U 304 62.45 29.59 32.29
C ALA U 304 60.98 29.20 32.16
N VAL U 305 60.13 29.98 32.81
CA VAL U 305 58.70 29.70 32.91
C VAL U 305 57.92 30.84 32.28
N THR U 306 56.98 30.51 31.39
CA THR U 306 56.02 31.46 30.87
C THR U 306 54.62 31.01 31.25
N HIS U 307 53.87 31.89 31.90
CA HIS U 307 52.50 31.59 32.33
C HIS U 307 51.52 32.16 31.32
N HIS U 308 50.64 31.31 30.81
CA HIS U 308 49.71 31.70 29.75
C HIS U 308 48.35 32.03 30.35
N ALA U 309 48.06 33.32 30.50
CA ALA U 309 46.70 33.74 30.84
C ALA U 309 45.74 33.43 29.70
N ASP U 310 46.18 33.67 28.45
N ASP U 310 46.18 33.66 28.46
CA ASP U 310 45.44 33.34 27.26
CA ASP U 310 45.40 33.31 27.28
C ASP U 310 46.11 32.16 26.55
C ASP U 310 46.12 32.21 26.50
N GLY U 311 45.36 31.51 25.67
CA GLY U 311 45.92 30.38 24.95
C GLY U 311 47.04 30.79 24.01
N PHE U 312 48.01 29.89 23.85
CA PHE U 312 49.13 30.10 22.95
C PHE U 312 49.25 28.89 22.04
N LEU U 313 49.44 29.14 20.74
CA LEU U 313 49.53 28.06 19.77
C LEU U 313 50.77 28.23 18.92
N MET U 314 51.42 27.10 18.62
CA MET U 314 52.45 27.03 17.60
C MET U 314 52.19 25.78 16.78
N CYS U 315 51.83 25.95 15.51
CA CYS U 315 51.29 24.84 14.73
C CYS U 315 51.91 24.79 13.35
N LYS U 316 51.93 23.59 12.78
CA LYS U 316 52.32 23.39 11.40
C LYS U 316 51.24 23.89 10.46
N THR U 317 51.64 24.62 9.42
CA THR U 317 50.72 25.08 8.40
C THR U 317 51.44 25.11 7.05
N THR U 318 50.67 24.84 6.00
CA THR U 318 51.19 24.74 4.64
C THR U 318 50.83 26.02 3.88
N ASP U 319 51.84 26.72 3.41
CA ASP U 319 51.67 27.92 2.59
C ASP U 319 52.50 27.79 1.34
N THR U 320 52.56 28.87 0.56
CA THR U 320 53.40 28.95 -0.63
C THR U 320 54.35 30.12 -0.48
N VAL U 321 55.65 29.82 -0.49
CA VAL U 321 56.68 30.84 -0.48
C VAL U 321 57.20 30.98 -1.90
N ASP U 322 57.02 32.18 -2.48
CA ASP U 322 57.34 32.43 -3.88
C ASP U 322 56.69 31.41 -4.81
N GLY U 323 55.49 30.97 -4.45
CA GLY U 323 54.76 30.00 -5.23
C GLY U 323 55.13 28.55 -4.98
N GLU U 324 56.09 28.28 -4.10
CA GLU U 324 56.49 26.92 -3.79
C GLU U 324 55.80 26.47 -2.51
N ARG U 325 55.08 25.34 -2.58
CA ARG U 325 54.29 24.89 -1.46
C ARG U 325 55.20 24.23 -0.41
N VAL U 326 55.25 24.82 0.77
CA VAL U 326 56.06 24.33 1.89
C VAL U 326 55.21 24.37 3.15
N SER U 327 55.72 23.75 4.21
CA SER U 327 55.05 23.70 5.50
C SER U 327 56.00 24.19 6.58
N PHE U 328 55.52 25.10 7.41
CA PHE U 328 56.35 25.62 8.50
C PHE U 328 55.47 25.97 9.69
N SER U 329 56.12 26.36 10.78
CA SER U 329 55.44 26.61 12.05
C SER U 329 55.04 28.08 12.18
N VAL U 330 53.82 28.30 12.64
CA VAL U 330 53.30 29.64 12.90
C VAL U 330 52.73 29.67 14.31
N CYS U 331 53.06 30.71 15.07
CA CYS U 331 52.61 30.87 16.44
C CYS U 331 51.67 32.06 16.55
N THR U 332 50.87 32.06 17.62
CA THR U 332 49.93 33.14 17.89
C THR U 332 49.34 32.96 19.28
N TYR U 333 48.55 33.95 19.68
CA TYR U 333 47.79 33.95 20.92
C TYR U 333 46.30 33.96 20.63
N VAL U 334 45.53 33.32 21.48
CA VAL U 334 44.08 33.20 21.34
C VAL U 334 43.46 33.58 22.68
N PRO U 335 42.42 34.42 22.70
CA PRO U 335 41.87 34.88 23.99
C PRO U 335 41.32 33.73 24.81
N ALA U 336 41.37 33.90 26.14
CA ALA U 336 41.02 32.82 27.05
C ALA U 336 39.57 32.39 26.90
N THR U 337 38.67 33.34 26.63
CA THR U 337 37.26 33.00 26.45
C THR U 337 37.08 32.05 25.27
N ILE U 338 37.78 32.31 24.17
CA ILE U 338 37.68 31.45 23.00
C ILE U 338 38.17 30.04 23.33
N CYS U 339 39.32 29.95 24.00
CA CYS U 339 39.86 28.65 24.37
C CYS U 339 38.93 27.90 25.30
N ASP U 340 38.34 28.59 26.26
CA ASP U 340 37.39 27.97 27.17
C ASP U 340 36.15 27.47 26.43
N GLN U 341 35.65 28.24 25.46
CA GLN U 341 34.50 27.80 24.68
C GLN U 341 34.87 26.66 23.73
N MET U 342 36.15 26.52 23.40
CA MET U 342 36.61 25.47 22.49
C MET U 342 36.79 24.12 23.18
N THR U 343 36.81 24.10 24.52
CA THR U 343 37.16 22.87 25.24
C THR U 343 36.16 21.76 24.97
N GLY U 344 34.87 22.07 24.97
CA GLY U 344 33.86 21.04 24.86
C GLY U 344 33.90 20.30 23.54
N ILE U 345 34.08 21.02 22.44
CA ILE U 345 34.03 20.39 21.12
C ILE U 345 35.37 19.82 20.69
N LEU U 346 36.46 20.14 21.38
CA LEU U 346 37.77 19.60 21.04
C LEU U 346 37.99 18.21 21.62
N ALA U 347 37.02 17.66 22.33
CA ALA U 347 37.13 16.29 22.83
C ALA U 347 37.09 15.27 21.69
N THR U 348 36.60 15.66 20.53
CA THR U 348 36.46 14.77 19.38
C THR U 348 37.34 15.24 18.24
N GLU U 349 37.44 14.42 17.20
CA GLU U 349 38.15 14.78 15.99
C GLU U 349 37.26 15.71 15.15
N VAL U 350 37.69 16.94 14.96
CA VAL U 350 36.91 17.96 14.27
C VAL U 350 37.70 18.46 13.07
N THR U 351 37.03 18.50 11.91
CA THR U 351 37.68 18.96 10.70
C THR U 351 38.02 20.45 10.80
N PRO U 352 39.07 20.90 10.11
CA PRO U 352 39.42 22.33 10.18
C PRO U 352 38.31 23.26 9.70
N GLU U 353 37.50 22.81 8.74
CA GLU U 353 36.40 23.64 8.24
C GLU U 353 35.34 23.86 9.33
N ASP U 354 34.92 22.78 9.98
CA ASP U 354 33.93 22.90 11.05
C ASP U 354 34.49 23.69 12.22
N ALA U 355 35.76 23.46 12.55
CA ALA U 355 36.39 24.23 13.62
C ALA U 355 36.44 25.71 13.28
N GLN U 356 36.74 26.04 12.03
CA GLN U 356 36.76 27.44 11.61
C GLN U 356 35.38 28.06 11.72
N LYS U 357 34.35 27.35 11.26
CA LYS U 357 32.99 27.88 11.35
C LYS U 357 32.58 28.11 12.79
N LEU U 358 32.90 27.16 13.67
CA LEU U 358 32.53 27.31 15.08
C LEU U 358 33.31 28.43 15.75
N LEU U 359 34.59 28.58 15.40
CA LEU U 359 35.38 29.70 15.92
C LEU U 359 34.81 31.03 15.46
N VAL U 360 34.41 31.12 14.19
CA VAL U 360 33.81 32.35 13.69
C VAL U 360 32.49 32.64 14.41
N GLY U 361 31.68 31.61 14.62
CA GLY U 361 30.46 31.80 15.38
C GLY U 361 30.72 32.28 16.80
N LEU U 362 31.79 31.78 17.42
CA LEU U 362 32.16 32.25 18.74
C LEU U 362 32.77 33.65 18.70
N ASN U 363 33.24 34.09 17.53
CA ASN U 363 33.88 35.39 17.43
C ASN U 363 32.87 36.49 17.10
N GLN U 364 32.06 36.27 16.07
N GLN U 364 32.05 36.26 16.08
CA GLN U 364 31.05 37.25 15.66
CA GLN U 364 31.00 37.21 15.70
C GLN U 364 29.89 37.27 16.65
C GLN U 364 29.94 37.32 16.79
N ASN U 377 34.44 41.69 17.61
CA ASN U 377 35.38 40.60 17.37
C ASN U 377 36.33 40.41 18.54
N THR U 378 36.22 39.27 19.22
CA THR U 378 37.11 38.97 20.33
C THR U 378 38.54 38.75 19.85
N MET U 379 38.71 38.06 18.73
CA MET U 379 40.01 37.82 18.13
C MET U 379 40.00 38.27 16.68
N LYS U 380 41.17 38.65 16.17
CA LYS U 380 41.28 39.07 14.79
C LYS U 380 40.98 37.91 13.85
N ASN U 381 40.19 38.18 12.82
CA ASN U 381 39.73 37.12 11.93
C ASN U 381 40.85 36.59 11.05
N TYR U 382 41.86 37.40 10.77
CA TYR U 382 42.89 37.01 9.82
C TYR U 382 43.70 35.81 10.31
N MET U 383 43.73 35.55 11.60
CA MET U 383 44.42 34.39 12.13
C MET U 383 43.46 33.28 12.55
N ILE U 384 42.15 33.45 12.31
CA ILE U 384 41.18 32.41 12.66
C ILE U 384 41.42 31.11 11.91
N PRO U 385 41.66 31.11 10.58
CA PRO U 385 41.79 29.81 9.88
C PRO U 385 42.87 28.91 10.45
N VAL U 386 44.11 29.40 10.50
CA VAL U 386 45.24 28.58 10.94
C VAL U 386 44.97 28.01 12.34
N VAL U 387 44.51 28.86 13.25
CA VAL U 387 44.20 28.41 14.60
C VAL U 387 43.20 27.26 14.55
N ALA U 388 42.15 27.43 13.73
CA ALA U 388 41.19 26.36 13.55
C ALA U 388 41.91 25.07 13.13
N GLN U 389 42.73 25.16 12.09
CA GLN U 389 43.49 23.99 11.66
C GLN U 389 44.38 23.49 12.79
N ALA U 390 45.02 24.42 13.51
CA ALA U 390 45.80 24.04 14.68
C ALA U 390 44.95 23.22 15.64
N PHE U 391 43.77 23.73 15.99
CA PHE U 391 42.90 23.00 16.90
C PHE U 391 42.54 21.65 16.30
N SER U 392 42.28 21.62 14.98
CA SER U 392 41.91 20.38 14.33
C SER U 392 43.01 19.33 14.50
N LYS U 393 44.27 19.76 14.47
CA LYS U 393 45.34 18.81 14.71
C LYS U 393 45.40 18.42 16.18
N TRP U 394 45.26 19.40 17.08
CA TRP U 394 45.45 19.11 18.50
C TRP U 394 44.42 18.10 18.98
N ALA U 395 43.13 18.38 18.75
CA ALA U 395 42.09 17.42 19.09
C ALA U 395 42.33 16.08 18.41
N LYS U 396 42.90 16.10 17.21
CA LYS U 396 43.26 14.84 16.56
C LYS U 396 44.36 14.13 17.34
N GLU U 397 45.46 14.83 17.63
CA GLU U 397 46.60 14.17 18.25
C GLU U 397 46.24 13.63 19.62
N CYS U 398 45.52 14.43 20.42
CA CYS U 398 45.05 13.95 21.72
C CYS U 398 44.28 12.65 21.57
N ARG U 399 43.40 12.56 20.57
CA ARG U 399 42.64 11.34 20.36
CA ARG U 399 42.64 11.34 20.37
C ARG U 399 43.57 10.16 20.11
N LYS U 400 44.64 10.38 19.34
N LYS U 400 44.64 10.38 19.34
CA LYS U 400 45.58 9.29 19.10
CA LYS U 400 45.59 9.31 19.10
C LYS U 400 46.22 8.83 20.41
C LYS U 400 46.22 8.84 20.39
N ASP U 401 46.54 9.77 21.29
CA ASP U 401 47.05 9.38 22.61
C ASP U 401 46.03 8.55 23.37
N MET U 402 44.74 8.79 23.14
CA MET U 402 43.72 7.94 23.72
C MET U 402 43.75 6.54 23.10
N GLU U 403 43.99 6.45 21.80
CA GLU U 403 43.95 5.14 21.14
C GLU U 403 45.16 4.30 21.50
N ASP U 404 46.35 4.90 21.46
CA ASP U 404 47.59 4.17 21.73
C ASP U 404 47.95 4.28 23.21
N GLU U 405 47.08 3.71 24.04
CA GLU U 405 47.29 3.74 25.48
C GLU U 405 48.42 2.79 25.86
N LYS U 406 49.46 3.32 26.50
CA LYS U 406 50.62 2.54 26.88
C LYS U 406 50.42 1.95 28.28
N LEU U 407 51.45 1.27 28.77
CA LEU U 407 51.44 0.79 30.14
C LEU U 407 52.00 1.86 31.07
N LEU U 408 51.64 1.75 32.35
CA LEU U 408 52.06 2.74 33.33
C LEU U 408 53.55 2.61 33.61
N GLY U 409 54.31 3.63 33.26
CA GLY U 409 55.73 3.65 33.54
C GLY U 409 56.53 2.58 32.82
N VAL U 410 56.29 2.36 31.54
CA VAL U 410 57.05 1.42 30.73
C VAL U 410 57.43 2.10 29.43
N ARG U 411 58.71 2.06 29.08
CA ARG U 411 59.20 2.57 27.81
C ARG U 411 59.64 1.38 26.96
N GLU U 412 59.07 1.26 25.76
CA GLU U 412 59.38 0.18 24.83
C GLU U 412 60.39 0.70 23.82
N ARG U 413 61.66 0.36 24.02
CA ARG U 413 62.74 0.79 23.15
C ARG U 413 63.50 -0.42 22.63
N THR U 414 63.71 -0.45 21.32
CA THR U 414 64.37 -1.57 20.66
C THR U 414 65.89 -1.39 20.68
N LEU U 415 66.60 -2.46 21.00
CA LEU U 415 68.06 -2.45 20.95
C LEU U 415 68.50 -2.51 19.50
N THR U 416 69.17 -1.47 19.03
CA THR U 416 69.52 -1.38 17.61
C THR U 416 70.82 -2.14 17.31
N CYS U 417 70.90 -3.40 17.75
CA CYS U 417 72.04 -4.27 17.47
C CYS U 417 73.36 -3.65 17.92
N CYS U 418 73.31 -2.81 18.96
N CYS U 418 73.30 -2.83 18.97
CA CYS U 418 74.45 -2.06 19.43
CA CYS U 418 74.47 -2.10 19.45
C CYS U 418 74.23 -1.76 20.91
C CYS U 418 74.19 -1.71 20.90
N CYS U 419 75.03 -0.83 21.46
CA CYS U 419 74.88 -0.36 22.83
C CYS U 419 73.95 0.85 22.92
N LEU U 420 73.07 1.04 21.93
CA LEU U 420 72.18 2.18 21.88
C LEU U 420 70.73 1.70 21.88
N TRP U 421 69.84 2.58 22.34
CA TRP U 421 68.42 2.30 22.42
C TRP U 421 67.64 3.36 21.64
N ALA U 422 66.62 2.93 20.91
CA ALA U 422 65.86 3.82 20.04
C ALA U 422 64.37 3.62 20.26
N PHE U 423 63.62 4.70 20.04
CA PHE U 423 62.17 4.69 20.19
C PHE U 423 61.55 5.39 18.98
N LYS U 424 60.22 5.28 18.89
CA LYS U 424 59.47 5.92 17.81
C LYS U 424 58.88 7.23 18.32
N LYS U 425 59.06 8.29 17.52
CA LYS U 425 58.51 9.60 17.82
C LYS U 425 57.17 9.77 17.12
N GLN U 426 56.20 10.30 17.85
CA GLN U 426 54.88 10.51 17.30
C GLN U 426 54.81 11.82 16.53
N LYS U 427 53.78 11.95 15.69
CA LYS U 427 53.60 13.14 14.88
C LYS U 427 52.97 14.25 15.73
N THR U 428 53.73 15.30 15.99
CA THR U 428 53.27 16.45 16.77
C THR U 428 53.24 17.67 15.86
N HIS U 429 52.05 18.06 15.43
CA HIS U 429 51.89 19.20 14.54
C HIS U 429 51.45 20.47 15.24
N THR U 430 50.97 20.38 16.48
CA THR U 430 50.49 21.56 17.20
C THR U 430 50.95 21.50 18.65
N VAL U 431 51.44 22.64 19.14
CA VAL U 431 51.68 22.85 20.55
C VAL U 431 50.68 23.89 21.04
N TYR U 432 49.82 23.48 21.96
CA TYR U 432 48.69 24.28 22.41
C TYR U 432 48.78 24.43 23.92
N LYS U 433 49.26 25.58 24.38
CA LYS U 433 49.31 25.92 25.80
C LYS U 433 47.99 26.60 26.16
N ARG U 434 47.13 25.88 26.85
CA ARG U 434 45.83 26.40 27.24
C ARG U 434 45.98 27.47 28.31
N PRO U 435 44.94 28.28 28.53
CA PRO U 435 44.98 29.24 29.63
C PRO U 435 45.21 28.56 30.97
N ASP U 436 45.91 29.26 31.86
CA ASP U 436 46.33 28.75 33.17
C ASP U 436 47.26 27.55 33.05
N THR U 437 48.09 27.53 32.01
CA THR U 437 49.18 26.59 31.87
C THR U 437 50.50 27.33 31.82
N GLN U 438 51.59 26.57 31.79
CA GLN U 438 52.92 27.13 31.83
C GLN U 438 53.83 26.40 30.86
N SER U 439 54.58 27.17 30.08
CA SER U 439 55.65 26.64 29.24
C SER U 439 56.96 26.69 30.01
N ILE U 440 57.62 25.55 30.13
CA ILE U 440 58.89 25.43 30.85
C ILE U 440 59.96 25.05 29.84
N GLN U 441 60.99 25.90 29.72
CA GLN U 441 62.02 25.71 28.72
C GLN U 441 63.40 25.78 29.37
N LYS U 442 64.26 24.82 29.04
CA LYS U 442 65.61 24.78 29.59
C LYS U 442 66.50 25.75 28.84
N VAL U 443 67.03 26.75 29.54
CA VAL U 443 67.85 27.79 28.94
C VAL U 443 69.22 27.79 29.64
N GLN U 444 70.18 28.45 29.00
CA GLN U 444 71.52 28.54 29.56
C GLN U 444 71.54 29.55 30.70
N ALA U 445 72.19 29.18 31.79
CA ALA U 445 72.43 30.06 32.92
C ALA U 445 73.94 30.22 33.14
N GLU U 446 74.28 30.95 34.19
CA GLU U 446 75.67 31.16 34.60
C GLU U 446 76.51 31.71 33.46
N PHE U 447 76.10 32.89 32.97
CA PHE U 447 76.83 33.56 31.91
C PHE U 447 78.14 34.13 32.43
N PRO V 3 37.74 73.05 14.47
CA PRO V 3 36.53 72.77 13.71
C PRO V 3 36.77 72.82 12.21
N VAL V 4 37.15 71.70 11.62
CA VAL V 4 37.46 71.63 10.19
C VAL V 4 36.19 71.27 9.42
N TYR V 5 35.93 72.04 8.37
CA TYR V 5 34.76 71.83 7.52
C TYR V 5 35.18 71.14 6.23
N VAL V 6 34.38 70.15 5.82
CA VAL V 6 34.68 69.35 4.64
C VAL V 6 33.55 69.53 3.63
N ASP V 7 33.92 69.75 2.36
CA ASP V 7 32.96 69.95 1.29
C ASP V 7 32.41 68.59 0.81
N ILE V 8 31.76 67.90 1.73
CA ILE V 8 31.11 66.62 1.44
C ILE V 8 29.67 66.69 1.91
N ASP V 9 28.91 65.64 1.59
CA ASP V 9 27.51 65.59 1.97
C ASP V 9 27.35 65.52 3.48
N ALA V 10 26.20 66.00 3.96
CA ALA V 10 25.93 66.00 5.39
C ALA V 10 25.59 64.62 5.92
N ASP V 11 25.24 63.67 5.05
CA ASP V 11 24.88 62.32 5.46
C ASP V 11 25.68 61.27 4.68
N SER V 12 26.89 61.61 4.27
CA SER V 12 27.72 60.68 3.52
C SER V 12 28.32 59.61 4.44
N ALA V 13 28.40 58.38 3.93
CA ALA V 13 28.96 57.28 4.72
C ALA V 13 30.44 57.44 4.96
N PHE V 14 31.17 58.09 4.03
CA PHE V 14 32.59 58.34 4.20
C PHE V 14 32.91 59.20 5.41
N LEU V 15 31.98 60.08 5.80
CA LEU V 15 32.20 61.01 6.91
C LEU V 15 32.83 60.31 8.11
N LYS V 16 32.18 59.25 8.61
CA LYS V 16 32.68 58.55 9.78
C LYS V 16 34.13 58.11 9.58
N ALA V 17 34.42 57.47 8.44
CA ALA V 17 35.79 57.05 8.16
C ALA V 17 36.74 58.23 8.24
N LEU V 18 36.34 59.37 7.66
CA LEU V 18 37.14 60.57 7.74
C LEU V 18 37.39 60.97 9.19
N GLN V 19 36.34 60.94 10.02
N GLN V 19 36.34 60.94 10.02
CA GLN V 19 36.51 61.29 11.42
CA GLN V 19 36.51 61.29 11.42
C GLN V 19 37.43 60.29 12.13
C GLN V 19 37.41 60.28 12.14
N ARG V 20 37.43 59.03 11.68
CA ARG V 20 38.34 58.06 12.26
C ARG V 20 39.76 58.30 11.77
N ALA V 21 39.93 58.93 10.61
CA ALA V 21 41.26 59.20 10.08
C ALA V 21 41.93 60.39 10.76
N TYR V 22 41.16 61.35 11.26
CA TYR V 22 41.69 62.55 11.91
C TYR V 22 40.99 62.73 13.25
N PRO V 23 41.47 62.05 14.30
CA PRO V 23 40.82 62.16 15.61
C PRO V 23 41.12 63.45 16.35
N MET V 24 42.11 64.23 15.90
CA MET V 24 42.43 65.49 16.57
C MET V 24 41.57 66.65 16.10
N PHE V 25 40.75 66.45 15.06
CA PHE V 25 39.92 67.50 14.50
C PHE V 25 38.45 67.12 14.63
N GLU V 26 37.60 68.14 14.67
CA GLU V 26 36.15 67.96 14.63
C GLU V 26 35.70 68.19 13.20
N VAL V 27 35.42 67.11 12.48
CA VAL V 27 35.11 67.17 11.06
C VAL V 27 33.61 67.40 10.90
N GLU V 28 33.25 68.50 10.24
CA GLU V 28 31.85 68.84 10.03
C GLU V 28 31.59 69.03 8.55
N PRO V 29 30.53 68.43 8.00
CA PRO V 29 30.27 68.55 6.56
C PRO V 29 29.62 69.87 6.20
N ARG V 30 30.03 70.43 5.06
CA ARG V 30 29.41 71.64 4.52
C ARG V 30 29.52 71.55 3.00
N GLN V 31 28.45 71.06 2.37
CA GLN V 31 28.45 70.84 0.92
C GLN V 31 28.09 72.12 0.20
N VAL V 32 28.96 72.57 -0.70
CA VAL V 32 28.70 73.76 -1.50
C VAL V 32 28.97 73.45 -2.96
N THR V 33 29.29 72.19 -3.27
CA THR V 33 29.63 71.78 -4.62
C THR V 33 29.31 70.30 -4.82
N PRO V 34 28.68 69.92 -5.93
CA PRO V 34 28.44 68.50 -6.21
C PRO V 34 29.66 67.82 -6.84
N ASN V 35 30.78 67.89 -6.13
CA ASN V 35 32.04 67.38 -6.66
C ASN V 35 32.00 65.86 -6.79
N ASP V 36 32.46 65.36 -7.93
CA ASP V 36 32.50 63.92 -8.19
C ASP V 36 33.58 63.21 -7.39
N HIS V 37 34.54 63.94 -6.84
CA HIS V 37 35.63 63.36 -6.04
C HIS V 37 35.82 64.18 -4.77
N ALA V 38 34.72 64.48 -4.07
CA ALA V 38 34.79 65.35 -2.91
C ALA V 38 35.53 64.70 -1.74
N ASN V 39 35.51 63.38 -1.66
CA ASN V 39 36.24 62.70 -0.60
C ASN V 39 37.74 62.94 -0.70
N ALA V 40 38.27 62.95 -1.92
CA ALA V 40 39.69 63.24 -2.12
C ALA V 40 40.05 64.63 -1.63
N ARG V 41 39.22 65.62 -1.97
CA ARG V 41 39.50 66.99 -1.55
C ARG V 41 39.36 67.14 -0.03
N ALA V 42 38.38 66.47 0.57
CA ALA V 42 38.24 66.51 2.02
C ALA V 42 39.46 65.92 2.71
N PHE V 43 39.93 64.76 2.22
CA PHE V 43 41.12 64.14 2.79
C PHE V 43 42.34 65.03 2.63
N SER V 44 42.50 65.65 1.45
CA SER V 44 43.63 66.55 1.24
C SER V 44 43.56 67.75 2.18
N HIS V 45 42.36 68.30 2.38
CA HIS V 45 42.19 69.44 3.28
C HIS V 45 42.60 69.08 4.69
N LEU V 46 42.06 67.98 5.23
CA LEU V 46 42.43 67.60 6.59
C LEU V 46 43.88 67.18 6.69
N ALA V 47 44.45 66.63 5.62
CA ALA V 47 45.88 66.30 5.64
C ALA V 47 46.72 67.57 5.75
N ILE V 48 46.36 68.61 5.01
CA ILE V 48 47.08 69.88 5.11
C ILE V 48 46.93 70.47 6.50
N LYS V 49 45.72 70.40 7.07
CA LYS V 49 45.52 70.90 8.43
C LYS V 49 46.35 70.12 9.44
N LEU V 50 46.39 68.79 9.31
CA LEU V 50 47.23 67.97 10.18
C LEU V 50 48.69 68.35 10.06
N ILE V 51 49.16 68.55 8.82
CA ILE V 51 50.55 68.94 8.61
C ILE V 51 50.84 70.26 9.29
N GLU V 52 49.95 71.24 9.10
CA GLU V 52 50.16 72.57 9.69
C GLU V 52 50.17 72.49 11.21
N GLN V 53 49.27 71.70 11.80
CA GLN V 53 49.23 71.56 13.25
C GLN V 53 50.50 70.88 13.78
N GLU V 54 50.97 69.85 13.09
CA GLU V 54 52.00 68.98 13.65
C GLU V 54 53.41 69.58 13.56
N ILE V 55 53.61 70.69 12.86
CA ILE V 55 54.97 71.19 12.64
C ILE V 55 55.14 72.58 13.23
N ASP V 56 56.34 73.13 13.07
CA ASP V 56 56.71 74.41 13.69
C ASP V 56 55.91 75.54 13.08
N PRO V 57 55.21 76.36 13.87
CA PRO V 57 54.48 77.51 13.29
C PRO V 57 55.39 78.57 12.69
N ASP V 58 56.68 78.56 13.02
CA ASP V 58 57.62 79.53 12.45
C ASP V 58 58.63 78.78 11.59
N SER V 59 58.25 78.57 10.32
CA SER V 59 59.09 77.88 9.37
C SER V 59 58.51 78.09 7.97
N THR V 60 59.38 78.43 7.01
CA THR V 60 58.94 78.53 5.63
C THR V 60 58.55 77.15 5.12
N ILE V 61 57.39 77.06 4.48
CA ILE V 61 56.79 75.79 4.09
C ILE V 61 56.69 75.78 2.57
N LEU V 62 57.63 75.10 1.91
CA LEU V 62 57.56 74.95 0.47
C LEU V 62 56.72 73.72 0.12
N ASP V 63 55.75 73.89 -0.76
CA ASP V 63 54.94 72.79 -1.26
C ASP V 63 55.24 72.57 -2.74
N ILE V 64 55.62 71.35 -3.07
CA ILE V 64 56.12 71.02 -4.41
C ILE V 64 54.93 70.80 -5.34
N GLY V 65 54.95 71.47 -6.49
CA GLY V 65 53.90 71.32 -7.48
C GLY V 65 52.52 71.63 -6.95
N SER V 66 52.40 72.70 -6.17
CA SER V 66 51.17 73.01 -5.46
C SER V 66 50.33 74.03 -6.22
N ALA V 67 49.05 74.08 -5.88
CA ALA V 67 48.16 75.11 -6.40
C ALA V 67 48.16 76.28 -5.43
N PRO V 68 48.61 77.47 -5.84
CA PRO V 68 48.68 78.59 -4.90
C PRO V 68 47.32 79.07 -4.39
N ALA V 69 46.23 78.73 -5.09
CA ALA V 69 44.92 79.19 -4.63
C ALA V 69 44.49 78.51 -3.34
N ARG V 70 44.87 77.24 -3.15
CA ARG V 70 44.45 76.52 -1.94
C ARG V 70 45.19 76.98 -0.70
N ARG V 71 46.40 77.52 -0.85
CA ARG V 71 47.20 77.97 0.28
C ARG V 71 46.75 79.31 0.83
N MET V 72 45.62 79.84 0.36
CA MET V 72 45.10 81.09 0.89
C MET V 72 44.56 80.90 2.30
N MET V 73 44.43 82.03 3.01
CA MET V 73 43.89 82.06 4.37
C MET V 73 44.72 81.19 5.31
N SER V 74 46.01 81.09 5.05
CA SER V 74 46.96 80.35 5.87
C SER V 74 48.07 81.29 6.28
N ASP V 75 48.12 81.65 7.57
CA ASP V 75 49.10 82.61 8.05
C ASP V 75 50.53 82.09 7.92
N ARG V 76 50.71 80.78 7.77
CA ARG V 76 52.04 80.22 7.62
C ARG V 76 52.64 80.62 6.28
N LYS V 77 53.95 80.92 6.30
CA LYS V 77 54.66 81.23 5.06
C LYS V 77 54.68 80.01 4.15
N TYR V 78 54.39 80.23 2.86
CA TYR V 78 54.33 79.15 1.88
C TYR V 78 55.15 79.52 0.66
N HIS V 79 56.03 78.62 0.26
CA HIS V 79 56.74 78.70 -1.02
C HIS V 79 56.00 77.83 -2.03
N CYS V 80 55.02 78.44 -2.70
CA CYS V 80 54.19 77.72 -3.66
C CYS V 80 54.99 77.54 -4.95
N VAL V 81 55.65 76.40 -5.07
CA VAL V 81 56.46 76.11 -6.25
C VAL V 81 55.52 75.78 -7.41
N CYS V 82 55.67 76.51 -8.51
N CYS V 82 55.67 76.50 -8.52
CA CYS V 82 54.82 76.33 -9.69
CA CYS V 82 54.82 76.33 -9.69
C CYS V 82 55.72 76.20 -10.91
C CYS V 82 55.72 76.20 -10.91
N PRO V 83 56.21 74.98 -11.21
CA PRO V 83 57.12 74.82 -12.36
C PRO V 83 56.50 75.12 -13.71
N MET V 84 55.17 75.26 -13.79
CA MET V 84 54.49 75.59 -15.04
C MET V 84 54.61 74.49 -16.08
N ARG V 85 54.78 73.24 -15.62
CA ARG V 85 55.02 72.13 -16.53
C ARG V 85 53.73 71.52 -17.07
N SER V 86 52.73 71.35 -16.21
CA SER V 86 51.47 70.77 -16.65
C SER V 86 50.62 71.83 -17.35
N ALA V 87 49.53 71.37 -17.96
CA ALA V 87 48.62 72.26 -18.67
C ALA V 87 47.56 72.88 -17.77
N GLU V 88 47.45 72.43 -16.52
CA GLU V 88 46.51 73.03 -15.58
C GLU V 88 47.07 74.28 -14.93
N ASP V 89 48.40 74.41 -14.88
CA ASP V 89 49.03 75.50 -14.14
C ASP V 89 48.65 76.90 -14.62
N PRO V 90 48.59 77.21 -15.92
CA PRO V 90 48.20 78.58 -16.30
C PRO V 90 46.85 79.00 -15.75
N GLU V 91 45.87 78.10 -15.77
CA GLU V 91 44.55 78.42 -15.26
C GLU V 91 44.55 78.55 -13.74
N ARG V 92 45.33 77.71 -13.06
CA ARG V 92 45.49 77.83 -11.62
C ARG V 92 46.10 79.17 -11.24
N LEU V 93 47.13 79.60 -11.99
CA LEU V 93 47.74 80.90 -11.71
C LEU V 93 46.78 82.04 -12.04
N ALA V 94 45.97 81.89 -13.08
CA ALA V 94 44.97 82.90 -13.39
C ALA V 94 43.98 83.05 -12.23
N ASN V 95 43.50 81.92 -11.70
CA ASN V 95 42.59 81.97 -10.56
C ASN V 95 43.28 82.56 -9.32
N TYR V 96 44.55 82.20 -9.11
CA TYR V 96 45.30 82.73 -7.97
C TYR V 96 45.45 84.25 -8.08
N ALA V 97 45.74 84.75 -9.28
CA ALA V 97 45.86 86.19 -9.49
C ALA V 97 44.51 86.89 -9.32
N ARG V 98 43.43 86.23 -9.76
CA ARG V 98 42.09 86.78 -9.54
C ARG V 98 41.81 86.93 -8.05
N LYS V 99 42.11 85.88 -7.27
CA LYS V 99 41.85 85.94 -5.83
C LYS V 99 42.74 86.97 -5.15
N LEU V 100 44.02 87.05 -5.55
CA LEU V 100 44.91 88.04 -4.95
C LEU V 100 44.51 89.47 -5.31
N ALA V 101 43.88 89.65 -6.48
CA ALA V 101 43.42 90.96 -6.89
C ALA V 101 42.02 91.29 -6.38
N SER V 102 41.32 90.33 -5.79
CA SER V 102 39.98 90.54 -5.29
C SER V 102 39.94 90.84 -3.79
N ALA V 103 41.09 90.84 -3.11
CA ALA V 103 41.13 91.10 -1.68
C ALA V 103 42.26 92.05 -1.32
N ALA V 104 42.45 93.09 -2.15
CA ALA V 104 43.51 94.05 -1.88
C ALA V 104 43.23 94.84 -0.60
N GLY V 105 41.99 95.31 -0.44
CA GLY V 105 41.62 96.04 0.76
C GLY V 105 40.68 95.25 1.65
N LYS V 106 40.64 93.94 1.48
CA LYS V 106 39.73 93.07 2.22
C LYS V 106 40.42 92.35 3.37
N VAL V 107 41.51 91.65 3.10
CA VAL V 107 42.25 90.90 4.12
C VAL V 107 43.68 91.42 4.16
N LEU V 108 44.22 91.55 5.38
CA LEU V 108 45.56 92.06 5.57
C LEU V 108 46.48 91.15 6.37
N ASP V 109 45.94 90.16 7.09
CA ASP V 109 46.75 89.30 7.94
C ASP V 109 47.39 88.13 7.17
N ARG V 110 47.06 87.96 5.89
CA ARG V 110 47.55 86.82 5.12
C ARG V 110 48.68 87.20 4.17
N ASN V 111 49.40 88.29 4.46
CA ASN V 111 50.57 88.75 3.69
C ASN V 111 50.26 88.87 2.20
N ILE V 112 48.99 89.07 1.84
CA ILE V 112 48.60 89.20 0.44
C ILE V 112 49.21 90.46 -0.16
N SER V 113 49.36 91.52 0.63
CA SER V 113 49.95 92.76 0.12
C SER V 113 51.35 92.52 -0.40
N GLY V 114 52.11 91.63 0.23
CA GLY V 114 53.40 91.23 -0.30
C GLY V 114 53.34 90.12 -1.32
N LYS V 115 52.26 89.34 -1.34
CA LYS V 115 52.09 88.32 -2.36
C LYS V 115 51.85 88.96 -3.72
N ILE V 116 51.19 90.12 -3.76
CA ILE V 116 51.04 90.86 -5.02
C ILE V 116 52.41 91.25 -5.54
N GLY V 117 53.28 91.74 -4.65
CA GLY V 117 54.63 92.10 -5.08
C GLY V 117 55.42 90.89 -5.55
N ASP V 118 55.26 89.76 -4.87
CA ASP V 118 55.93 88.53 -5.29
C ASP V 118 55.48 88.12 -6.68
N LEU V 119 54.17 88.18 -6.93
CA LEU V 119 53.66 87.85 -8.26
C LEU V 119 54.20 88.81 -9.32
N GLN V 120 54.17 90.11 -9.04
CA GLN V 120 54.72 91.06 -10.00
C GLN V 120 56.21 90.84 -10.23
N ALA V 121 56.90 90.30 -9.23
CA ALA V 121 58.32 89.99 -9.40
C ALA V 121 58.52 88.79 -10.31
N VAL V 122 57.72 87.73 -10.12
CA VAL V 122 57.98 86.50 -10.87
C VAL V 122 57.67 86.67 -12.35
N MET V 123 56.71 87.52 -12.71
CA MET V 123 56.42 87.81 -14.11
C MET V 123 57.27 88.94 -14.67
N ALA V 124 58.42 89.22 -14.05
CA ALA V 124 59.38 90.19 -14.57
C ALA V 124 60.65 89.52 -15.08
N VAL V 125 61.27 88.67 -14.25
CA VAL V 125 62.41 87.86 -14.64
C VAL V 125 62.05 86.41 -14.38
N PRO V 126 62.22 85.50 -15.34
CA PRO V 126 61.77 84.11 -15.14
C PRO V 126 62.49 83.39 -14.01
N ASP V 127 63.66 83.86 -13.58
CA ASP V 127 64.40 83.25 -12.50
C ASP V 127 64.28 84.02 -11.19
N THR V 128 63.17 84.73 -11.00
CA THR V 128 62.96 85.53 -9.80
C THR V 128 62.53 84.60 -8.66
N GLU V 129 63.46 84.31 -7.76
CA GLU V 129 63.16 83.48 -6.59
C GLU V 129 62.70 84.39 -5.46
N THR V 130 61.41 84.70 -5.46
CA THR V 130 60.82 85.49 -4.39
C THR V 130 60.68 84.63 -3.14
N PRO V 131 60.55 85.25 -1.96
CA PRO V 131 60.42 84.45 -0.74
C PRO V 131 59.22 83.51 -0.74
N THR V 132 58.10 83.91 -1.34
CA THR V 132 56.86 83.15 -1.23
C THR V 132 56.36 82.56 -2.53
N PHE V 133 57.08 82.73 -3.64
CA PHE V 133 56.60 82.21 -4.92
C PHE V 133 57.76 82.17 -5.92
N CYS V 134 57.79 81.10 -6.71
CA CYS V 134 58.83 80.94 -7.72
C CYS V 134 58.32 79.99 -8.80
N LEU V 135 58.95 80.07 -9.97
CA LEU V 135 58.62 79.23 -11.12
C LEU V 135 59.85 78.41 -11.50
N HIS V 136 60.03 77.27 -10.83
CA HIS V 136 61.12 76.35 -11.13
C HIS V 136 60.67 74.95 -10.77
N THR V 137 61.38 73.97 -11.31
CA THR V 137 61.15 72.59 -10.87
C THR V 137 61.76 72.38 -9.49
N ASP V 138 61.32 71.31 -8.82
CA ASP V 138 61.78 71.04 -7.47
C ASP V 138 63.28 70.73 -7.41
N VAL V 139 63.90 70.39 -8.54
CA VAL V 139 65.32 70.06 -8.58
C VAL V 139 66.15 71.24 -9.06
N SER V 140 65.56 72.43 -9.19
CA SER V 140 66.30 73.61 -9.61
C SER V 140 66.01 74.85 -8.77
N CYS V 141 64.96 74.86 -7.95
CA CYS V 141 64.69 76.01 -7.10
C CYS V 141 65.79 76.15 -6.04
N ARG V 142 66.15 77.39 -5.74
CA ARG V 142 67.26 77.68 -4.84
C ARG V 142 66.82 78.14 -3.46
N GLN V 143 65.52 78.13 -3.16
CA GLN V 143 65.06 78.53 -1.84
C GLN V 143 65.50 77.53 -0.77
N ARG V 144 65.88 78.04 0.38
CA ARG V 144 66.37 77.23 1.50
C ARG V 144 65.35 77.31 2.63
N ALA V 145 64.42 76.35 2.66
CA ALA V 145 63.39 76.27 3.68
C ALA V 145 63.56 74.99 4.49
N ASP V 146 62.63 74.77 5.42
CA ASP V 146 62.72 73.66 6.36
C ASP V 146 61.74 72.53 6.09
N VAL V 147 60.59 72.80 5.48
CA VAL V 147 59.53 71.81 5.33
C VAL V 147 59.15 71.73 3.86
N ALA V 148 58.98 70.50 3.36
CA ALA V 148 58.53 70.25 2.00
C ALA V 148 57.17 69.55 2.05
N ILE V 149 56.31 69.87 1.08
CA ILE V 149 54.97 69.30 0.99
C ILE V 149 54.75 68.81 -0.44
N TYR V 150 54.32 67.57 -0.58
CA TYR V 150 53.96 66.98 -1.87
C TYR V 150 52.51 66.55 -1.79
N GLN V 151 51.60 67.46 -2.12
CA GLN V 151 50.17 67.18 -2.10
C GLN V 151 49.74 66.74 -3.49
N ASP V 152 49.34 65.47 -3.61
CA ASP V 152 48.88 64.90 -4.87
C ASP V 152 49.94 65.05 -5.97
N VAL V 153 51.18 64.78 -5.61
CA VAL V 153 52.31 64.87 -6.53
C VAL V 153 52.84 63.46 -6.73
N TYR V 154 52.48 62.86 -7.86
CA TYR V 154 52.91 61.50 -8.18
C TYR V 154 53.87 61.43 -9.36
N ALA V 155 54.02 62.51 -10.13
CA ALA V 155 54.76 62.49 -11.39
C ALA V 155 56.20 62.98 -11.22
N VAL V 156 56.82 62.74 -10.07
CA VAL V 156 58.20 63.09 -9.84
C VAL V 156 58.90 61.91 -9.16
N HIS V 157 60.22 61.87 -9.29
CA HIS V 157 61.02 60.82 -8.68
C HIS V 157 61.25 61.15 -7.22
N ALA V 158 60.77 60.28 -6.33
CA ALA V 158 60.85 60.57 -4.89
C ALA V 158 62.29 60.72 -4.40
N PRO V 159 63.22 59.81 -4.67
CA PRO V 159 64.57 59.98 -4.11
C PRO V 159 65.27 61.25 -4.59
N THR V 160 65.17 61.56 -5.89
CA THR V 160 65.83 62.74 -6.43
C THR V 160 65.26 64.02 -5.80
N SER V 161 63.93 64.13 -5.74
CA SER V 161 63.31 65.31 -5.17
C SER V 161 63.64 65.44 -3.68
N LEU V 162 63.57 64.32 -2.95
CA LEU V 162 63.87 64.37 -1.51
C LEU V 162 65.32 64.79 -1.28
N TYR V 163 66.25 64.27 -2.09
CA TYR V 163 67.64 64.70 -1.96
C TYR V 163 67.80 66.18 -2.29
N HIS V 164 67.13 66.65 -3.33
CA HIS V 164 67.27 68.04 -3.73
C HIS V 164 66.71 68.99 -2.67
N GLN V 165 65.65 68.60 -1.97
CA GLN V 165 65.18 69.41 -0.85
C GLN V 165 66.01 69.22 0.41
N ALA V 166 66.58 68.03 0.62
CA ALA V 166 67.43 67.80 1.77
C ALA V 166 68.70 68.66 1.71
N ILE V 167 69.28 68.78 0.51
CA ILE V 167 70.44 69.67 0.34
C ILE V 167 70.03 71.14 0.38
N LYS V 168 68.74 71.43 0.51
CA LYS V 168 68.23 72.79 0.66
C LYS V 168 67.82 73.11 2.09
N GLY V 169 68.17 72.26 3.05
CA GLY V 169 67.83 72.48 4.44
C GLY V 169 66.49 71.93 4.88
N VAL V 170 65.70 71.37 3.96
CA VAL V 170 64.38 70.83 4.31
C VAL V 170 64.58 69.58 5.16
N ARG V 171 64.09 69.62 6.40
CA ARG V 171 64.20 68.48 7.30
C ARG V 171 62.95 67.61 7.33
N LEU V 172 61.79 68.16 6.99
CA LEU V 172 60.52 67.45 7.03
C LEU V 172 59.86 67.52 5.67
N ALA V 173 59.39 66.39 5.17
CA ALA V 173 58.63 66.31 3.93
C ALA V 173 57.35 65.55 4.18
N TYR V 174 56.27 65.98 3.53
CA TYR V 174 54.97 65.34 3.64
C TYR V 174 54.48 64.97 2.26
N TRP V 175 54.03 63.73 2.09
CA TRP V 175 53.49 63.26 0.82
C TRP V 175 52.05 62.80 1.06
N VAL V 176 51.10 63.55 0.54
CA VAL V 176 49.69 63.20 0.56
C VAL V 176 49.31 62.69 -0.81
N GLY V 177 48.79 61.47 -0.88
CA GLY V 177 48.45 60.92 -2.18
C GLY V 177 47.88 59.54 -2.06
N PHE V 178 47.59 58.95 -3.22
CA PHE V 178 47.03 57.61 -3.26
C PHE V 178 48.06 56.59 -2.80
N ASP V 179 47.56 55.53 -2.16
CA ASP V 179 48.45 54.48 -1.68
C ASP V 179 49.18 53.83 -2.85
N THR V 180 50.48 53.64 -2.68
CA THR V 180 51.34 53.08 -3.72
C THR V 180 51.51 51.58 -3.62
N THR V 181 50.91 50.95 -2.63
CA THR V 181 50.98 49.49 -2.51
C THR V 181 50.43 48.77 -3.73
N PRO V 182 49.32 49.18 -4.36
CA PRO V 182 48.86 48.45 -5.55
C PRO V 182 49.86 48.45 -6.70
N PHE V 183 50.76 49.43 -6.76
CA PHE V 183 51.72 49.49 -7.86
C PHE V 183 52.99 48.70 -7.61
N MET V 184 53.32 48.42 -6.36
CA MET V 184 54.39 47.47 -6.08
C MET V 184 53.94 46.03 -6.31
N TYR V 185 52.64 45.79 -6.40
CA TYR V 185 52.10 44.48 -6.74
C TYR V 185 51.97 44.28 -8.24
N ASN V 186 52.25 45.31 -9.04
CA ASN V 186 52.21 45.25 -10.51
C ASN V 186 50.82 44.83 -11.00
N ALA V 187 49.83 45.62 -10.64
CA ALA V 187 48.45 45.40 -11.07
C ALA V 187 48.18 46.10 -12.39
N MET V 188 47.48 45.42 -13.29
CA MET V 188 47.15 46.01 -14.58
C MET V 188 46.10 47.12 -14.43
N ALA V 189 45.16 46.95 -13.51
CA ALA V 189 44.15 47.96 -13.25
C ALA V 189 43.78 47.90 -11.77
N GLY V 190 43.05 48.90 -11.32
CA GLY V 190 42.68 48.94 -9.91
C GLY V 190 41.72 50.06 -9.62
N ALA V 191 41.25 50.10 -8.38
CA ALA V 191 40.24 51.06 -7.98
C ALA V 191 40.38 51.39 -6.50
N TYR V 192 40.13 52.66 -6.17
CA TYR V 192 39.89 53.13 -4.81
C TYR V 192 38.40 53.47 -4.75
N PRO V 193 37.54 52.50 -4.41
CA PRO V 193 36.09 52.75 -4.46
C PRO V 193 35.62 53.83 -3.52
N SER V 194 36.24 53.98 -2.35
CA SER V 194 35.79 54.96 -1.37
C SER V 194 36.01 56.39 -1.82
N TYR V 195 36.81 56.61 -2.86
CA TYR V 195 37.04 57.94 -3.41
C TYR V 195 36.55 58.04 -4.84
N SER V 196 35.75 57.06 -5.29
CA SER V 196 35.23 57.01 -6.66
C SER V 196 36.36 57.03 -7.68
N THR V 197 37.51 56.47 -7.32
CA THR V 197 38.71 56.56 -8.14
C THR V 197 38.95 55.23 -8.83
N ASN V 198 39.30 55.29 -10.12
CA ASN V 198 39.72 54.12 -10.86
C ASN V 198 41.05 54.42 -11.54
N TRP V 199 41.75 53.37 -11.95
CA TRP V 199 42.99 53.57 -12.68
C TRP V 199 43.28 52.33 -13.50
N ALA V 200 43.86 52.53 -14.68
CA ALA V 200 44.11 51.41 -15.58
C ALA V 200 45.34 51.67 -16.42
N ASP V 201 46.05 50.59 -16.74
CA ASP V 201 47.13 50.65 -17.72
C ASP V 201 46.56 50.94 -19.10
N GLU V 202 47.34 51.67 -19.91
CA GLU V 202 46.88 52.06 -21.24
C GLU V 202 46.59 50.87 -22.14
N GLN V 203 47.13 49.68 -21.82
CA GLN V 203 46.87 48.50 -22.63
C GLN V 203 45.46 47.96 -22.44
N VAL V 204 44.79 48.29 -21.33
CA VAL V 204 43.48 47.73 -21.02
C VAL V 204 42.44 48.83 -20.87
N LEU V 205 42.65 49.96 -21.53
CA LEU V 205 41.63 51.02 -21.51
C LEU V 205 40.41 50.67 -22.33
N LYS V 206 40.54 49.80 -23.33
CA LYS V 206 39.42 49.37 -24.14
C LYS V 206 38.78 48.09 -23.61
N ALA V 207 38.87 47.87 -22.30
CA ALA V 207 38.26 46.71 -21.67
C ALA V 207 36.75 46.92 -21.57
N LYS V 208 36.08 45.97 -20.90
CA LYS V 208 34.63 45.94 -20.85
C LYS V 208 34.07 46.10 -19.44
N ASN V 209 34.61 45.40 -18.46
CA ASN V 209 34.00 45.33 -17.13
C ASN V 209 34.99 45.67 -16.03
N ILE V 210 35.75 46.75 -16.22
CA ILE V 210 36.60 47.30 -15.17
C ILE V 210 36.17 48.74 -14.93
N GLY V 211 36.71 49.32 -13.86
CA GLY V 211 36.26 50.65 -13.46
C GLY V 211 36.49 51.71 -14.51
N LEU V 212 37.69 51.74 -15.09
CA LEU V 212 38.06 52.74 -16.09
C LEU V 212 38.27 52.03 -17.42
N CYS V 213 37.24 52.01 -18.26
CA CYS V 213 37.30 51.39 -19.57
C CYS V 213 36.10 51.84 -20.38
N SER V 214 36.19 51.64 -21.69
CA SER V 214 35.07 51.88 -22.60
C SER V 214 35.31 51.09 -23.86
N THR V 215 34.33 50.26 -24.24
CA THR V 215 34.46 49.46 -25.44
C THR V 215 33.25 49.67 -26.35
N ASP V 216 33.17 48.92 -27.45
CA ASP V 216 32.11 49.10 -28.42
C ASP V 216 31.39 47.77 -28.64
N LEU V 217 30.15 47.87 -29.13
CA LEU V 217 29.36 46.69 -29.45
C LEU V 217 29.87 46.05 -30.72
N THR V 218 30.11 44.74 -30.67
CA THR V 218 30.59 44.00 -31.83
C THR V 218 29.91 42.64 -31.88
N GLU V 219 29.87 42.07 -33.08
CA GLU V 219 29.24 40.78 -33.30
C GLU V 219 30.19 39.60 -33.14
N GLY V 220 31.49 39.85 -32.97
CA GLY V 220 32.44 38.77 -32.89
C GLY V 220 33.13 38.51 -34.21
N ARG V 221 33.51 39.60 -34.90
CA ARG V 221 34.10 39.52 -36.23
C ARG V 221 35.58 39.16 -36.14
N ARG V 222 36.24 39.13 -37.29
CA ARG V 222 37.69 38.93 -37.33
C ARG V 222 38.40 40.04 -36.57
N GLY V 223 39.41 39.65 -35.79
CA GLY V 223 40.16 40.63 -35.04
C GLY V 223 41.12 41.41 -35.91
N LYS V 224 41.75 42.41 -35.28
CA LYS V 224 42.69 43.27 -36.00
C LYS V 224 43.90 42.47 -36.46
N LEU V 225 44.34 42.74 -37.68
CA LEU V 225 45.58 42.15 -38.19
C LEU V 225 46.74 42.92 -37.58
N SER V 226 47.01 42.61 -36.32
CA SER V 226 47.97 43.38 -35.54
C SER V 226 49.38 43.24 -36.08
N ILE V 227 50.09 44.37 -36.14
CA ILE V 227 51.49 44.35 -36.55
C ILE V 227 52.35 43.64 -35.51
N MET V 228 52.02 43.83 -34.23
CA MET V 228 52.73 43.18 -33.14
C MET V 228 52.03 41.88 -32.76
N ARG V 229 52.82 40.83 -32.55
CA ARG V 229 52.24 39.54 -32.17
C ARG V 229 51.58 39.61 -30.80
N GLY V 230 52.18 40.32 -29.86
CA GLY V 230 51.68 40.34 -28.51
C GLY V 230 52.28 39.21 -27.69
N LYS V 231 51.51 38.12 -27.52
CA LYS V 231 51.95 36.91 -26.86
C LYS V 231 52.20 37.14 -25.36
N LYS V 232 52.03 38.38 -24.91
CA LYS V 232 52.20 38.71 -23.51
C LYS V 232 51.46 40.01 -23.21
N LEU V 233 50.71 40.02 -22.12
CA LEU V 233 50.03 41.22 -21.63
C LEU V 233 50.61 41.54 -20.26
N GLU V 234 51.50 42.52 -20.21
N GLU V 234 51.48 42.55 -20.20
CA GLU V 234 52.14 42.90 -18.96
CA GLU V 234 52.20 42.91 -18.99
C GLU V 234 51.99 44.39 -18.74
C GLU V 234 52.03 44.39 -18.74
N PRO V 235 51.91 44.82 -17.48
CA PRO V 235 51.71 46.24 -17.19
C PRO V 235 52.82 47.11 -17.77
N CYS V 236 52.43 48.24 -18.33
CA CYS V 236 53.36 49.20 -18.90
C CYS V 236 53.49 50.41 -17.97
N ASP V 237 54.48 51.25 -18.26
CA ASP V 237 54.78 52.37 -17.38
C ASP V 237 53.62 53.36 -17.32
N ARG V 238 52.97 53.62 -18.45
CA ARG V 238 51.93 54.64 -18.51
C ARG V 238 50.60 54.07 -18.03
N VAL V 239 50.00 54.71 -17.03
CA VAL V 239 48.66 54.39 -16.56
C VAL V 239 47.85 55.68 -16.52
N LEU V 240 46.53 55.52 -16.46
CA LEU V 240 45.62 56.65 -16.34
C LEU V 240 44.82 56.53 -15.06
N PHE V 241 44.76 57.62 -14.31
CA PHE V 241 43.97 57.75 -13.10
C PHE V 241 42.73 58.59 -13.39
N SER V 242 41.57 58.10 -12.98
CA SER V 242 40.32 58.84 -13.03
C SER V 242 39.84 59.03 -11.60
N VAL V 243 39.99 60.24 -11.08
CA VAL V 243 39.54 60.59 -9.73
C VAL V 243 38.24 61.36 -9.86
N GLY V 244 37.12 60.66 -9.81
CA GLY V 244 35.85 61.27 -10.16
C GLY V 244 35.72 61.37 -11.66
N SER V 245 35.82 62.58 -12.20
CA SER V 245 35.78 62.83 -13.64
C SER V 245 36.99 63.62 -14.08
N THR V 246 38.13 63.40 -13.43
CA THR V 246 39.36 64.11 -13.73
C THR V 246 40.46 63.12 -14.09
N LEU V 247 41.18 63.39 -15.18
CA LEU V 247 42.18 62.49 -15.70
C LEU V 247 43.59 62.91 -15.28
N TYR V 248 44.42 61.90 -14.96
CA TYR V 248 45.85 62.10 -14.70
C TYR V 248 46.67 60.99 -15.35
N PRO V 249 47.54 61.31 -16.31
CA PRO V 249 48.48 60.31 -16.83
C PRO V 249 49.68 60.17 -15.91
N GLU V 250 49.82 58.99 -15.31
N GLU V 250 49.82 58.99 -15.31
CA GLU V 250 50.87 58.70 -14.35
CA GLU V 250 50.88 58.71 -14.36
C GLU V 250 51.81 57.63 -14.90
C GLU V 250 51.81 57.62 -14.89
N SER V 251 52.99 57.53 -14.29
CA SER V 251 53.99 56.54 -14.64
C SER V 251 54.21 55.60 -13.48
N ARG V 252 54.33 54.29 -13.79
CA ARG V 252 54.51 53.30 -12.74
C ARG V 252 55.83 53.49 -12.01
N LYS V 253 56.89 53.86 -12.74
CA LYS V 253 58.20 54.03 -12.11
C LYS V 253 58.16 55.13 -11.06
N LEU V 254 57.59 56.28 -11.40
CA LEU V 254 57.54 57.39 -10.46
C LEU V 254 56.58 57.11 -9.30
N LEU V 255 55.50 56.34 -9.57
CA LEU V 255 54.60 55.95 -8.50
C LEU V 255 55.30 55.03 -7.50
N LYS V 256 56.04 54.04 -8.02
CA LYS V 256 56.77 53.13 -7.15
C LYS V 256 57.92 53.82 -6.43
N SER V 257 58.46 54.90 -7.02
CA SER V 257 59.52 55.63 -6.36
C SER V 257 59.06 56.20 -5.02
N TRP V 258 57.78 56.54 -4.90
CA TRP V 258 57.25 57.10 -3.66
C TRP V 258 56.88 56.04 -2.63
N HIS V 259 57.00 54.75 -2.99
CA HIS V 259 56.80 53.67 -2.02
C HIS V 259 58.10 53.43 -1.27
N LEU V 260 58.49 54.45 -0.52
CA LEU V 260 59.78 54.45 0.17
C LEU V 260 59.77 53.43 1.31
N PRO V 261 60.93 52.84 1.61
CA PRO V 261 61.02 51.94 2.77
C PRO V 261 61.03 52.74 4.07
N SER V 262 60.96 52.00 5.17
CA SER V 262 61.00 52.64 6.49
C SER V 262 62.33 53.33 6.71
N VAL V 263 63.43 52.72 6.29
CA VAL V 263 64.77 53.28 6.42
C VAL V 263 65.46 53.21 5.07
N PHE V 264 66.00 54.34 4.61
CA PHE V 264 66.75 54.37 3.36
C PHE V 264 67.80 55.47 3.44
N HIS V 265 68.80 55.39 2.58
CA HIS V 265 69.94 56.29 2.58
C HIS V 265 69.94 57.14 1.32
N LEU V 266 70.32 58.40 1.49
CA LEU V 266 70.49 59.34 0.37
C LEU V 266 71.98 59.63 0.22
N LYS V 267 72.59 59.06 -0.80
CA LYS V 267 74.03 59.15 -1.02
C LYS V 267 74.29 60.02 -2.25
N GLY V 268 75.01 61.12 -2.04
CA GLY V 268 75.34 62.04 -3.11
C GLY V 268 76.44 63.00 -2.72
N LYS V 269 76.29 64.27 -3.08
CA LYS V 269 77.24 65.28 -2.62
C LYS V 269 77.22 65.38 -1.10
N LEU V 270 76.02 65.41 -0.51
CA LEU V 270 75.84 65.34 0.93
C LEU V 270 75.13 64.05 1.29
N SER V 271 75.39 63.56 2.50
CA SER V 271 74.77 62.33 2.98
C SER V 271 73.86 62.59 4.17
N THR V 273 70.93 59.61 6.55
CA THR V 273 69.87 58.63 6.56
C THR V 273 68.50 59.29 6.62
N CYS V 274 67.47 58.59 6.14
CA CYS V 274 66.12 59.11 6.08
C CYS V 274 65.13 58.06 6.54
N ARG V 275 63.93 58.53 6.92
CA ARG V 275 62.84 57.65 7.31
C ARG V 275 61.58 58.00 6.53
N CYS V 276 60.73 57.00 6.33
CA CYS V 276 59.43 57.19 5.71
C CYS V 276 58.39 56.41 6.50
N ASP V 277 57.45 57.13 7.10
CA ASP V 277 56.39 56.52 7.90
C ASP V 277 55.03 56.99 7.39
N THR V 278 54.07 56.07 7.41
CA THR V 278 52.70 56.37 7.00
C THR V 278 51.95 56.85 8.24
N VAL V 279 51.78 58.16 8.36
CA VAL V 279 51.12 58.71 9.54
C VAL V 279 49.61 58.80 9.40
N VAL V 280 49.09 58.83 8.17
CA VAL V 280 47.65 58.79 7.94
C VAL V 280 47.37 57.76 6.85
N SER V 281 46.35 56.94 7.06
CA SER V 281 45.97 55.92 6.08
C SER V 281 44.47 55.70 6.18
N CYS V 282 43.72 56.15 5.17
CA CYS V 282 42.27 56.00 5.17
C CYS V 282 41.83 55.48 3.80
N GLU V 283 41.50 54.19 3.74
CA GLU V 283 40.72 53.61 2.65
C GLU V 283 41.32 53.90 1.27
N GLY V 284 42.64 53.90 1.20
CA GLY V 284 43.35 54.09 -0.06
C GLY V 284 44.07 55.41 -0.20
N TYR V 285 43.83 56.38 0.67
CA TYR V 285 44.52 57.66 0.64
C TYR V 285 45.45 57.76 1.84
N VAL V 286 46.71 58.10 1.60
CA VAL V 286 47.72 58.07 2.64
C VAL V 286 48.42 59.41 2.73
N VAL V 287 48.88 59.71 3.94
CA VAL V 287 49.78 60.82 4.23
C VAL V 287 51.01 60.21 4.86
N LYS V 288 52.15 60.31 4.17
CA LYS V 288 53.42 59.77 4.63
C LYS V 288 54.31 60.92 5.08
N ARG V 289 54.91 60.77 6.26
CA ARG V 289 55.79 61.77 6.85
C ARG V 289 57.23 61.31 6.69
N ILE V 290 57.95 61.89 5.74
CA ILE V 290 59.37 61.63 5.56
C ILE V 290 60.14 62.63 6.39
N THR V 291 61.12 62.16 7.13
CA THR V 291 61.98 63.02 7.94
C THR V 291 63.42 62.83 7.52
N MET V 292 64.16 63.93 7.45
CA MET V 292 65.50 63.96 6.90
C MET V 292 66.52 64.22 8.00
N SER V 293 67.73 63.70 7.81
CA SER V 293 68.79 63.86 8.78
C SER V 293 70.14 63.79 8.08
N PRO V 294 70.97 64.83 8.18
CA PRO V 294 72.28 64.81 7.51
C PRO V 294 73.18 63.74 8.09
N GLY V 295 74.04 63.19 7.22
CA GLY V 295 74.94 62.13 7.61
C GLY V 295 74.33 60.75 7.45
N LEU V 296 75.21 59.75 7.36
CA LEU V 296 74.82 58.36 7.19
C LEU V 296 74.91 57.66 8.54
N TYR V 297 73.82 57.06 8.98
CA TYR V 297 73.79 56.35 10.25
C TYR V 297 72.98 55.08 10.11
N GLY V 298 73.33 54.05 10.89
CA GLY V 298 72.62 52.79 10.81
C GLY V 298 72.83 52.11 9.48
N LYS V 299 71.86 51.27 9.11
CA LYS V 299 71.90 50.54 7.85
C LYS V 299 70.48 50.24 7.42
N THR V 300 70.32 49.95 6.13
CA THR V 300 69.02 49.82 5.50
C THR V 300 68.76 48.38 5.09
N THR V 301 67.56 47.89 5.41
CA THR V 301 67.13 46.57 4.96
C THR V 301 66.54 46.57 3.57
N GLY V 302 66.10 47.72 3.07
CA GLY V 302 65.44 47.79 1.78
C GLY V 302 64.03 47.26 1.76
N TYR V 303 63.37 47.21 2.90
CA TYR V 303 62.03 46.65 3.01
C TYR V 303 61.01 47.75 3.30
N ALA V 304 59.87 47.67 2.62
CA ALA V 304 58.76 48.60 2.80
C ALA V 304 57.55 47.82 3.31
N VAL V 305 56.82 48.44 4.24
CA VAL V 305 55.72 47.79 4.94
C VAL V 305 54.46 48.62 4.74
N THR V 306 53.37 47.94 4.36
CA THR V 306 52.05 48.56 4.29
C THR V 306 51.10 47.80 5.22
N HIS V 307 50.50 48.51 6.16
CA HIS V 307 49.54 47.93 7.08
C HIS V 307 48.13 48.10 6.52
N HIS V 308 47.37 47.00 6.49
CA HIS V 308 46.03 47.01 5.91
C HIS V 308 44.99 47.05 7.02
N ALA V 309 44.39 48.23 7.23
CA ALA V 309 43.23 48.31 8.11
C ALA V 309 42.01 47.66 7.46
N ASP V 310 41.86 47.82 6.15
N ASP V 310 41.87 47.79 6.15
CA ASP V 310 40.83 47.16 5.37
CA ASP V 310 40.82 47.12 5.40
C ASP V 310 41.46 46.14 4.43
C ASP V 310 41.45 46.17 4.40
N GLY V 311 40.66 45.18 3.99
CA GLY V 311 41.17 44.15 3.11
C GLY V 311 41.66 44.72 1.78
N PHE V 312 42.73 44.14 1.27
CA PHE V 312 43.29 44.51 -0.02
C PHE V 312 43.34 43.28 -0.90
N LEU V 313 42.86 43.39 -2.14
CA LEU V 313 42.79 42.26 -3.03
C LEU V 313 43.47 42.60 -4.35
N MET V 314 44.24 41.65 -4.88
CA MET V 314 44.78 41.72 -6.23
C MET V 314 44.59 40.36 -6.86
N CYS V 315 43.71 40.26 -7.85
CA CYS V 315 43.27 38.97 -8.34
C CYS V 315 43.27 38.94 -9.86
N LYS V 316 43.41 37.73 -10.40
CA LYS V 316 43.30 37.51 -11.83
C LYS V 316 41.85 37.53 -12.27
N THR V 317 41.58 38.22 -13.37
CA THR V 317 40.23 38.30 -13.91
C THR V 317 40.28 38.33 -15.42
N THR V 318 39.28 37.72 -16.04
CA THR V 318 39.18 37.60 -17.49
C THR V 318 38.20 38.65 -18.00
N ASP V 319 38.65 39.49 -18.92
CA ASP V 319 37.81 40.47 -19.58
C ASP V 319 38.09 40.44 -21.08
N THR V 320 37.50 41.39 -21.80
CA THR V 320 37.73 41.54 -23.23
C THR V 320 38.29 42.93 -23.50
N VAL V 321 39.50 42.99 -24.01
CA VAL V 321 40.12 44.24 -24.44
C VAL V 321 39.96 44.33 -25.95
N ASP V 322 39.22 45.34 -26.40
CA ASP V 322 38.88 45.51 -27.81
C ASP V 322 38.25 44.24 -28.38
N GLY V 323 37.46 43.55 -27.55
CA GLY V 323 36.80 42.33 -27.97
C GLY V 323 37.63 41.07 -27.85
N GLU V 324 38.90 41.17 -27.49
CA GLU V 324 39.77 40.01 -27.36
C GLU V 324 39.80 39.58 -25.90
N ARG V 325 39.45 38.32 -25.65
CA ARG V 325 39.37 37.82 -24.28
C ARG V 325 40.77 37.54 -23.74
N VAL V 326 41.13 38.26 -22.68
CA VAL V 326 42.42 38.12 -22.02
C VAL V 326 42.19 38.09 -20.51
N SER V 327 43.25 37.76 -19.78
CA SER V 327 43.22 37.70 -18.33
C SER V 327 44.33 38.59 -17.79
N PHE V 328 43.98 39.44 -16.81
CA PHE V 328 44.97 40.30 -16.18
C PHE V 328 44.58 40.56 -14.74
N SER V 329 45.48 41.21 -14.01
CA SER V 329 45.32 41.42 -12.58
C SER V 329 44.60 42.74 -12.30
N VAL V 330 43.67 42.69 -11.35
CA VAL V 330 42.91 43.85 -10.90
C VAL V 330 42.99 43.91 -9.39
N CYS V 331 43.27 45.10 -8.86
CA CYS V 331 43.38 45.31 -7.41
C CYS V 331 42.27 46.23 -6.93
N THR V 332 41.97 46.14 -5.64
CA THR V 332 40.91 46.93 -5.03
C THR V 332 41.01 46.79 -3.51
N TYR V 333 40.19 47.58 -2.81
CA TYR V 333 40.06 47.55 -1.37
C TYR V 333 38.66 47.11 -0.99
N VAL V 334 38.55 46.38 0.12
CA VAL V 334 37.28 45.87 0.63
C VAL V 334 37.17 46.26 2.10
N PRO V 335 36.03 46.76 2.56
CA PRO V 335 35.92 47.19 3.96
C PRO V 335 36.18 46.05 4.94
N ALA V 336 36.73 46.40 6.10
CA ALA V 336 37.11 45.40 7.09
C ALA V 336 35.90 44.62 7.60
N THR V 337 34.76 45.28 7.73
CA THR V 337 33.55 44.58 8.18
C THR V 337 33.17 43.48 7.20
N ILE V 338 33.25 43.77 5.90
CA ILE V 338 32.94 42.75 4.90
C ILE V 338 33.91 41.59 5.01
N CYS V 339 35.21 41.88 5.14
CA CYS V 339 36.20 40.83 5.23
C CYS V 339 36.00 39.96 6.45
N ASP V 340 35.69 40.57 7.59
CA ASP V 340 35.40 39.80 8.81
C ASP V 340 34.14 38.97 8.66
N GLN V 341 33.12 39.48 7.96
CA GLN V 341 31.90 38.71 7.77
C GLN V 341 32.09 37.57 6.78
N MET V 342 33.07 37.69 5.88
CA MET V 342 33.34 36.64 4.90
C MET V 342 34.22 35.52 5.44
N THR V 343 34.83 35.70 6.61
CA THR V 343 35.81 34.75 7.11
C THR V 343 35.20 33.37 7.34
N GLY V 344 33.99 33.33 7.92
CA GLY V 344 33.42 32.05 8.32
C GLY V 344 33.15 31.13 7.15
N ILE V 345 32.59 31.66 6.07
CA ILE V 345 32.22 30.80 4.94
C ILE V 345 33.39 30.49 4.03
N LEU V 346 34.46 31.29 4.06
CA LEU V 346 35.60 31.06 3.17
C LEU V 346 36.46 29.88 3.59
N ALA V 347 36.09 29.18 4.66
CA ALA V 347 36.79 27.95 5.02
C ALA V 347 36.59 26.86 3.97
N THR V 348 35.57 26.98 3.15
CA THR V 348 35.21 25.98 2.15
C THR V 348 35.43 26.55 0.75
N GLU V 349 35.24 25.69 -0.25
CA GLU V 349 35.28 26.11 -1.64
C GLU V 349 33.90 26.63 -2.03
N VAL V 350 33.81 27.91 -2.34
CA VAL V 350 32.55 28.58 -2.65
C VAL V 350 32.61 29.12 -4.08
N THR V 351 31.57 28.83 -4.85
CA THR V 351 31.54 29.26 -6.24
C THR V 351 31.44 30.78 -6.33
N PRO V 352 31.92 31.38 -7.41
CA PRO V 352 31.87 32.85 -7.53
C PRO V 352 30.46 33.42 -7.48
N GLU V 353 29.46 32.70 -8.00
CA GLU V 353 28.09 33.20 -7.95
C GLU V 353 27.57 33.25 -6.52
N ASP V 354 27.78 32.18 -5.75
CA ASP V 354 27.39 32.19 -4.35
C ASP V 354 28.17 33.25 -3.58
N ALA V 355 29.45 33.43 -3.92
CA ALA V 355 30.25 34.48 -3.29
C ALA V 355 29.64 35.86 -3.56
N GLN V 356 29.25 36.12 -4.81
CA GLN V 356 28.67 37.41 -5.14
C GLN V 356 27.33 37.61 -4.44
N LYS V 357 26.51 36.56 -4.37
CA LYS V 357 25.23 36.68 -3.68
C LYS V 357 25.42 36.96 -2.20
N LEU V 358 26.37 36.28 -1.56
CA LEU V 358 26.65 36.56 -0.15
C LEU V 358 27.19 37.97 0.04
N LEU V 359 28.05 38.43 -0.88
CA LEU V 359 28.57 39.78 -0.77
C LEU V 359 27.46 40.83 -0.90
N VAL V 360 26.52 40.61 -1.83
CA VAL V 360 25.40 41.54 -1.97
C VAL V 360 24.50 41.50 -0.75
N GLY V 361 24.30 40.30 -0.18
CA GLY V 361 23.54 40.20 1.05
C GLY V 361 24.17 40.97 2.20
N LEU V 362 25.50 40.89 2.31
CA LEU V 362 26.19 41.65 3.36
C LEU V 362 26.22 43.14 3.04
N ASN V 363 26.15 43.51 1.76
CA ASN V 363 26.24 44.91 1.38
C ASN V 363 24.90 45.62 1.55
N GLN V 364 23.83 45.10 0.95
N GLN V 364 23.84 45.08 0.97
CA GLN V 364 22.52 45.71 1.07
CA GLN V 364 22.50 45.64 1.11
C GLN V 364 21.95 45.48 2.47
C GLN V 364 22.02 45.58 2.56
N ASN V 377 25.00 51.14 1.36
CA ASN V 377 26.02 50.32 0.72
C ASN V 377 27.39 50.51 1.37
N THR V 378 27.88 49.46 2.01
CA THR V 378 29.20 49.53 2.64
C THR V 378 30.30 49.62 1.60
N MET V 379 30.19 48.85 0.52
CA MET V 379 31.16 48.86 -0.56
C MET V 379 30.43 49.10 -1.89
N LYS V 380 31.15 49.68 -2.84
CA LYS V 380 30.57 49.94 -4.15
C LYS V 380 30.28 48.64 -4.87
N ASN V 381 29.12 48.57 -5.53
CA ASN V 381 28.66 47.32 -6.11
C ASN V 381 29.45 46.95 -7.36
N TYR V 382 30.00 47.92 -8.08
CA TYR V 382 30.71 47.61 -9.32
C TYR V 382 31.99 46.83 -9.07
N MET V 383 32.58 46.93 -7.88
CA MET V 383 33.72 46.12 -7.49
C MET V 383 33.32 44.76 -6.98
N ILE V 384 32.03 44.53 -6.73
CA ILE V 384 31.60 43.33 -6.01
C ILE V 384 31.88 42.05 -6.79
N PRO V 385 31.51 41.91 -8.07
CA PRO V 385 31.67 40.60 -8.72
C PRO V 385 33.10 40.08 -8.75
N VAL V 386 34.04 40.90 -9.23
CA VAL V 386 35.43 40.45 -9.32
C VAL V 386 35.95 40.05 -7.95
N VAL V 387 35.65 40.85 -6.92
CA VAL V 387 36.05 40.51 -5.56
C VAL V 387 35.52 39.13 -5.19
N ALA V 388 34.25 38.87 -5.51
CA ALA V 388 33.69 37.54 -5.29
C ALA V 388 34.56 36.49 -5.95
N GLN V 389 34.88 36.69 -7.24
CA GLN V 389 35.80 35.81 -7.93
C GLN V 389 37.09 35.67 -7.15
N ALA V 390 37.67 36.79 -6.72
CA ALA V 390 38.89 36.75 -5.92
C ALA V 390 38.70 35.83 -4.73
N PHE V 391 37.63 36.06 -3.95
CA PHE V 391 37.40 35.23 -2.79
C PHE V 391 37.24 33.77 -3.19
N SER V 392 36.47 33.53 -4.27
CA SER V 392 36.27 32.16 -4.73
C SER V 392 37.60 31.52 -5.09
N LYS V 393 38.52 32.29 -5.66
CA LYS V 393 39.84 31.74 -5.93
C LYS V 393 40.60 31.52 -4.63
N TRP V 394 40.59 32.52 -3.75
CA TRP V 394 41.42 32.47 -2.54
C TRP V 394 41.03 31.28 -1.67
N ALA V 395 39.75 31.20 -1.31
CA ALA V 395 39.28 30.07 -0.52
C ALA V 395 39.56 28.76 -1.21
N LYS V 396 39.59 28.74 -2.54
CA LYS V 396 39.95 27.52 -3.25
C LYS V 396 41.42 27.20 -3.05
N GLU V 397 42.30 28.18 -3.27
CA GLU V 397 43.74 27.93 -3.20
C GLU V 397 44.14 27.48 -1.80
N CYS V 398 43.62 28.15 -0.76
CA CYS V 398 43.88 27.73 0.60
C CYS V 398 43.52 26.27 0.80
N ARG V 399 42.38 25.84 0.25
CA ARG V 399 41.98 24.45 0.38
CA ARG V 399 41.98 24.45 0.38
C ARG V 399 43.02 23.52 -0.23
N LYS V 400 43.58 23.91 -1.37
N LYS V 400 43.58 23.91 -1.37
CA LYS V 400 44.64 23.09 -1.98
CA LYS V 400 44.64 23.11 -1.99
C LYS V 400 45.85 23.01 -1.05
C LYS V 400 45.84 23.01 -1.05
N ASP V 401 46.18 24.11 -0.39
CA ASP V 401 47.27 24.08 0.59
C ASP V 401 46.96 23.13 1.73
N MET V 402 45.66 22.94 2.03
CA MET V 402 45.27 21.94 3.01
C MET V 402 45.41 20.53 2.44
N GLU V 403 45.12 20.35 1.15
CA GLU V 403 45.15 19.02 0.56
C GLU V 403 46.58 18.53 0.39
N ASP V 404 47.46 19.38 -0.13
CA ASP V 404 48.86 19.01 -0.37
C ASP V 404 49.73 19.42 0.82
N GLU V 405 49.51 18.74 1.94
CA GLU V 405 50.25 19.03 3.15
C GLU V 405 51.67 18.49 3.04
N LYS V 406 52.65 19.37 3.11
CA LYS V 406 54.05 18.99 2.99
C LYS V 406 54.60 18.60 4.36
N LEU V 407 55.86 18.17 4.39
CA LEU V 407 56.54 17.89 5.64
C LEU V 407 57.12 19.18 6.22
N LEU V 408 57.36 19.16 7.52
CA LEU V 408 57.85 20.35 8.21
C LEU V 408 59.29 20.61 7.83
N GLY V 409 59.53 21.75 7.19
CA GLY V 409 60.88 22.16 6.84
C GLY V 409 61.60 21.25 5.86
N VAL V 410 60.91 20.84 4.79
CA VAL V 410 61.52 20.03 3.74
C VAL V 410 61.11 20.62 2.40
N ARG V 411 62.09 20.87 1.55
CA ARG V 411 61.85 21.33 0.17
C ARG V 411 62.24 20.20 -0.78
N GLU V 412 61.30 19.81 -1.63
CA GLU V 412 61.50 18.72 -2.58
C GLU V 412 61.81 19.33 -3.95
N ARG V 413 63.09 19.45 -4.26
CA ARG V 413 63.55 19.99 -5.53
C ARG V 413 64.32 18.93 -6.29
N THR V 414 64.11 18.89 -7.61
CA THR V 414 64.72 17.88 -8.46
C THR V 414 65.98 18.43 -9.11
N LEU V 415 67.04 17.62 -9.11
CA LEU V 415 68.28 18.00 -9.77
C LEU V 415 68.10 17.87 -11.27
N THR V 416 68.19 18.99 -12.00
CA THR V 416 67.89 18.99 -13.42
C THR V 416 69.08 18.55 -14.26
N CYS V 417 69.67 17.41 -13.89
CA CYS V 417 70.82 16.83 -14.61
C CYS V 417 71.95 17.84 -14.78
N CYS V 418 72.10 18.74 -13.81
N CYS V 418 72.11 18.73 -13.80
CA CYS V 418 73.07 19.82 -13.87
CA CYS V 418 73.09 19.80 -13.85
C CYS V 418 73.41 20.22 -12.44
C CYS V 418 73.33 20.28 -12.43
N CYS V 419 74.04 21.39 -12.28
CA CYS V 419 74.33 21.97 -10.97
C CYS V 419 73.22 22.91 -10.49
N LEU V 420 72.00 22.72 -10.99
CA LEU V 420 70.87 23.57 -10.65
C LEU V 420 69.75 22.74 -10.05
N TRP V 421 68.89 23.40 -9.28
CA TRP V 421 67.74 22.78 -8.64
C TRP V 421 66.47 23.53 -9.00
N ALA V 422 65.40 22.79 -9.23
CA ALA V 422 64.13 23.36 -9.67
C ALA V 422 62.98 22.80 -8.85
N PHE V 423 61.93 23.60 -8.70
CA PHE V 423 60.74 23.23 -7.95
C PHE V 423 59.51 23.59 -8.77
N LYS V 424 58.37 23.03 -8.36
CA LYS V 424 57.09 23.33 -9.00
C LYS V 424 56.42 24.50 -8.31
N LYS V 425 55.94 25.45 -9.09
CA LYS V 425 55.21 26.60 -8.58
C LYS V 425 53.72 26.33 -8.64
N GLN V 426 53.01 26.68 -7.57
CA GLN V 426 51.58 26.48 -7.51
C GLN V 426 50.83 27.63 -8.20
N LYS V 427 49.56 27.38 -8.51
CA LYS V 427 48.73 28.37 -9.18
C LYS V 427 48.21 29.37 -8.15
N THR V 428 48.65 30.62 -8.26
CA THR V 428 48.24 31.69 -7.36
C THR V 428 47.48 32.73 -8.19
N HIS V 429 46.15 32.73 -8.07
CA HIS V 429 45.31 33.65 -8.81
C HIS V 429 44.81 34.83 -7.98
N THR V 430 45.09 34.86 -6.68
CA THR V 430 44.59 35.92 -5.82
C THR V 430 45.56 36.17 -4.68
N VAL V 431 45.86 37.45 -4.44
CA VAL V 431 46.57 37.90 -3.25
C VAL V 431 45.57 38.67 -2.41
N TYR V 432 45.31 38.18 -1.21
CA TYR V 432 44.26 38.71 -0.34
C TYR V 432 44.90 39.06 1.01
N LYS V 433 45.19 40.34 1.20
CA LYS V 433 45.72 40.85 2.46
C LYS V 433 44.53 41.20 3.35
N ARG V 434 44.28 40.37 4.36
CA ARG V 434 43.16 40.56 5.25
C ARG V 434 43.40 41.77 6.17
N PRO V 435 42.35 42.30 6.79
CA PRO V 435 42.56 43.37 7.77
C PRO V 435 43.49 42.94 8.89
N ASP V 436 44.29 43.89 9.38
CA ASP V 436 45.31 43.67 10.40
C ASP V 436 46.45 42.77 9.90
N THR V 437 46.74 42.84 8.61
CA THR V 437 47.93 42.21 8.04
C THR V 437 48.84 43.29 7.46
N GLN V 438 50.00 42.85 6.95
CA GLN V 438 50.99 43.76 6.43
C GLN V 438 51.60 43.17 5.16
N SER V 439 51.70 43.99 4.13
CA SER V 439 52.43 43.66 2.92
C SER V 439 53.87 44.14 3.06
N ILE V 440 54.82 43.23 2.88
CA ILE V 440 56.24 43.51 3.01
C ILE V 440 56.88 43.31 1.65
N GLN V 441 57.50 44.37 1.11
CA GLN V 441 58.05 44.32 -0.25
C GLN V 441 59.49 44.81 -0.23
N LYS V 442 60.35 44.13 -0.98
CA LYS V 442 61.76 44.51 -1.05
C LYS V 442 61.94 45.60 -2.08
N VAL V 443 62.33 46.80 -1.64
CA VAL V 443 62.50 47.95 -2.51
C VAL V 443 63.97 48.36 -2.48
N GLN V 444 64.32 49.24 -3.43
CA GLN V 444 65.68 49.75 -3.49
C GLN V 444 65.91 50.79 -2.40
N ALA V 445 67.05 50.69 -1.73
CA ALA V 445 67.51 51.68 -0.77
C ALA V 445 68.85 52.24 -1.22
N GLU V 446 69.37 53.17 -0.43
CA GLU V 446 70.69 53.78 -0.65
C GLU V 446 70.78 54.39 -2.06
N PHE V 447 69.89 55.34 -2.31
CA PHE V 447 69.91 56.06 -3.57
C PHE V 447 71.09 57.03 -3.63
N PRO W 3 17.59 81.50 -2.98
CA PRO W 3 16.29 80.83 -3.15
C PRO W 3 15.86 80.76 -4.60
N VAL W 4 16.34 79.75 -5.32
CA VAL W 4 16.01 79.57 -6.72
C VAL W 4 14.68 78.85 -6.85
N TYR W 5 13.82 79.32 -7.75
CA TYR W 5 12.53 78.73 -8.02
C TYR W 5 12.56 78.02 -9.36
N VAL W 6 11.94 76.85 -9.41
CA VAL W 6 11.94 76.00 -10.60
C VAL W 6 10.50 75.77 -11.05
N ASP W 7 10.27 75.88 -12.35
CA ASP W 7 8.95 75.67 -12.94
C ASP W 7 8.67 74.18 -13.11
N ILE W 8 8.66 73.48 -11.98
CA ILE W 8 8.37 72.05 -11.93
C ILE W 8 7.29 71.81 -10.89
N ASP W 9 6.79 70.57 -10.87
CA ASP W 9 5.75 70.20 -9.91
C ASP W 9 6.27 70.26 -8.48
N ALA W 10 5.35 70.53 -7.56
CA ALA W 10 5.72 70.60 -6.15
C ALA W 10 6.01 69.22 -5.55
N ASP W 11 5.60 68.14 -6.22
CA ASP W 11 5.80 66.79 -5.71
C ASP W 11 6.47 65.90 -6.76
N SER W 12 7.33 66.48 -7.59
CA SER W 12 8.00 65.72 -8.64
C SER W 12 9.21 64.99 -8.09
N ALA W 13 9.49 63.80 -8.64
CA ALA W 13 10.62 63.00 -8.20
C ALA W 13 11.96 63.61 -8.59
N PHE W 14 12.01 64.32 -9.72
CA PHE W 14 13.24 64.98 -10.16
C PHE W 14 13.72 66.02 -9.16
N LEU W 15 12.81 66.66 -8.43
CA LEU W 15 13.17 67.72 -7.49
C LEU W 15 14.38 67.34 -6.64
N LYS W 16 14.30 66.22 -5.92
CA LYS W 16 15.41 65.80 -5.07
C LYS W 16 16.71 65.73 -5.85
N ALA W 17 16.70 65.06 -7.00
CA ALA W 17 17.91 64.97 -7.82
C ALA W 17 18.44 66.36 -8.14
N LEU W 18 17.54 67.27 -8.52
CA LEU W 18 17.94 68.63 -8.80
C LEU W 18 18.62 69.27 -7.60
N GLN W 19 18.06 69.06 -6.40
N GLN W 19 18.06 69.06 -6.40
CA GLN W 19 18.67 69.60 -5.19
CA GLN W 19 18.68 69.60 -5.19
C GLN W 19 20.05 68.98 -4.96
C GLN W 19 20.04 68.97 -4.93
N ARG W 20 20.22 67.70 -5.31
CA ARG W 20 21.54 67.10 -5.19
C ARG W 20 22.49 67.65 -6.25
N ALA W 21 21.96 68.14 -7.37
CA ALA W 21 22.80 68.69 -8.41
C ALA W 21 23.33 70.08 -8.08
N TYR W 22 22.57 70.86 -7.31
CA TYR W 22 22.97 72.23 -6.94
C TYR W 22 22.86 72.37 -5.43
N PRO W 23 23.90 71.98 -4.68
CA PRO W 23 23.83 72.08 -3.22
C PRO W 23 23.96 73.50 -2.68
N MET W 24 24.46 74.44 -3.47
CA MET W 24 24.62 75.81 -3.00
C MET W 24 23.34 76.62 -3.10
N PHE W 25 22.28 76.06 -3.67
CA PHE W 25 21.03 76.78 -3.88
C PHE W 25 19.90 76.09 -3.15
N GLU W 26 18.89 76.87 -2.79
CA GLU W 26 17.66 76.36 -2.18
C GLU W 26 16.61 76.26 -3.29
N VAL W 27 16.46 75.07 -3.84
CA VAL W 27 15.56 74.84 -4.98
C VAL W 27 14.15 74.67 -4.45
N GLU W 28 13.23 75.52 -4.92
CA GLU W 28 11.84 75.46 -4.51
C GLU W 28 10.96 75.38 -5.75
N PRO W 29 10.00 74.45 -5.79
CA PRO W 29 9.16 74.31 -6.97
C PRO W 29 8.09 75.39 -7.04
N ARG W 30 7.83 75.87 -8.26
CA ARG W 30 6.73 76.81 -8.51
C ARG W 30 6.24 76.54 -9.93
N GLN W 31 5.19 75.71 -10.03
CA GLN W 31 4.67 75.32 -11.33
C GLN W 31 3.67 76.36 -11.82
N VAL W 32 3.93 76.92 -13.00
CA VAL W 32 3.05 77.91 -13.60
C VAL W 32 2.77 77.52 -15.04
N THR W 33 3.30 76.38 -15.47
CA THR W 33 3.15 75.90 -16.83
C THR W 33 3.21 74.37 -16.86
N PRO W 34 2.30 73.70 -17.58
CA PRO W 34 2.39 72.23 -17.72
C PRO W 34 3.38 71.82 -18.81
N ASN W 35 4.62 72.25 -18.66
CA ASN W 35 5.62 72.08 -19.69
C ASN W 35 6.01 70.61 -19.83
N ASP W 36 6.09 70.14 -21.08
CA ASP W 36 6.44 68.75 -21.35
C ASP W 36 7.90 68.43 -21.05
N HIS W 37 8.75 69.44 -20.95
CA HIS W 37 10.18 69.25 -20.69
C HIS W 37 10.63 70.21 -19.60
N ALA W 38 9.87 70.27 -18.51
CA ALA W 38 10.14 71.24 -17.46
C ALA W 38 11.46 70.97 -16.74
N ASN W 39 11.87 69.70 -16.65
CA ASN W 39 13.13 69.36 -16.00
C ASN W 39 14.30 69.99 -16.73
N ALA W 40 14.28 69.99 -18.06
CA ALA W 40 15.35 70.59 -18.85
C ALA W 40 15.47 72.08 -18.55
N ARG W 41 14.35 72.79 -18.52
CA ARG W 41 14.38 74.22 -18.28
C ARG W 41 14.80 74.52 -16.84
N ALA W 42 14.38 73.70 -15.89
CA ALA W 42 14.79 73.90 -14.50
C ALA W 42 16.31 73.72 -14.37
N PHE W 43 16.84 72.67 -14.99
CA PHE W 43 18.29 72.45 -14.94
C PHE W 43 19.03 73.59 -15.61
N SER W 44 18.53 74.07 -16.76
CA SER W 44 19.19 75.18 -17.44
C SER W 44 19.17 76.43 -16.59
N HIS W 45 18.04 76.70 -15.91
CA HIS W 45 17.93 77.86 -15.05
C HIS W 45 18.95 77.81 -13.91
N LEU W 46 18.99 76.68 -13.20
CA LEU W 46 19.96 76.56 -12.11
C LEU W 46 21.39 76.57 -12.62
N ALA W 47 21.64 76.04 -13.82
CA ALA W 47 22.97 76.12 -14.40
C ALA W 47 23.39 77.55 -14.65
N ILE W 48 22.47 78.36 -15.19
CA ILE W 48 22.76 79.77 -15.43
C ILE W 48 23.03 80.48 -14.10
N LYS W 49 22.21 80.20 -13.08
CA LYS W 49 22.42 80.83 -11.78
C LYS W 49 23.76 80.43 -11.18
N LEU W 50 24.13 79.15 -11.30
CA LEU W 50 25.43 78.70 -10.83
C LEU W 50 26.56 79.40 -11.57
N ILE W 51 26.41 79.56 -12.89
CA ILE W 51 27.43 80.25 -13.68
C ILE W 51 27.59 81.69 -13.20
N GLU W 52 26.47 82.38 -12.99
CA GLU W 52 26.52 83.76 -12.52
C GLU W 52 27.19 83.85 -11.15
N GLN W 53 26.87 82.92 -10.25
CA GLN W 53 27.48 82.93 -8.93
C GLN W 53 28.98 82.70 -9.00
N GLU W 54 29.40 81.73 -9.82
CA GLU W 54 30.79 81.28 -9.81
C GLU W 54 31.77 82.27 -10.46
N ILE W 55 31.29 83.24 -11.22
CA ILE W 55 32.20 84.06 -12.03
C ILE W 55 32.20 85.51 -11.57
N ASP W 56 33.04 86.32 -12.21
CA ASP W 56 33.25 87.71 -11.82
C ASP W 56 31.99 88.53 -12.07
N PRO W 57 31.43 89.20 -11.05
CA PRO W 57 30.26 90.06 -11.30
C PRO W 57 30.52 91.21 -12.25
N ASP W 58 31.75 91.73 -12.29
CA ASP W 58 32.10 92.82 -13.20
C ASP W 58 32.81 92.25 -14.41
N SER W 59 32.02 91.72 -15.35
CA SER W 59 32.56 91.15 -16.57
C SER W 59 31.43 91.01 -17.59
N THR W 60 31.70 91.42 -18.83
CA THR W 60 30.72 91.21 -19.90
C THR W 60 30.60 89.73 -20.21
N ILE W 61 29.37 89.25 -20.31
CA ILE W 61 29.09 87.82 -20.46
C ILE W 61 28.41 87.64 -21.82
N LEU W 62 29.16 87.16 -22.80
CA LEU W 62 28.58 86.83 -24.11
C LEU W 62 28.06 85.41 -24.08
N ASP W 63 26.80 85.25 -24.47
CA ASP W 63 26.17 83.93 -24.55
C ASP W 63 25.87 83.62 -26.00
N ILE W 64 26.43 82.51 -26.49
CA ILE W 64 26.38 82.16 -27.90
C ILE W 64 25.06 81.49 -28.22
N GLY W 65 24.42 81.93 -29.30
CA GLY W 65 23.18 81.31 -29.75
C GLY W 65 22.09 81.33 -28.69
N SER W 66 21.96 82.42 -27.97
CA SER W 66 21.07 82.49 -26.81
C SER W 66 19.77 83.18 -27.15
N ALA W 67 18.75 82.90 -26.34
CA ALA W 67 17.48 83.60 -26.44
C ALA W 67 17.54 84.84 -25.55
N PRO W 68 17.44 86.05 -26.09
CA PRO W 68 17.58 87.25 -25.25
C PRO W 68 16.49 87.43 -24.22
N ALA W 69 15.34 86.75 -24.38
CA ALA W 69 14.25 86.90 -23.42
C ALA W 69 14.60 86.28 -22.07
N ARG W 70 15.40 85.21 -22.06
CA ARG W 70 15.75 84.56 -20.80
C ARG W 70 16.74 85.37 -19.98
N ARG W 71 17.54 86.20 -20.63
CA ARG W 71 18.54 87.00 -19.92
C ARG W 71 17.95 88.24 -19.26
N MET W 72 16.62 88.33 -19.17
CA MET W 72 15.98 89.44 -18.48
C MET W 72 16.26 89.39 -16.98
N MET W 73 16.08 90.53 -16.33
CA MET W 73 16.09 90.63 -14.87
C MET W 73 17.41 90.19 -14.27
N SER W 74 18.52 90.55 -14.93
CA SER W 74 19.85 90.13 -14.50
C SER W 74 20.79 91.31 -14.67
N ASP W 75 21.32 91.81 -13.55
CA ASP W 75 22.17 93.00 -13.57
C ASP W 75 23.47 92.79 -14.33
N ARG W 76 23.89 91.54 -14.53
CA ARG W 76 25.13 91.28 -15.26
C ARG W 76 24.98 91.67 -16.72
N LYS W 77 26.02 92.30 -17.26
CA LYS W 77 26.02 92.64 -18.68
C LYS W 77 26.04 91.38 -19.52
N TYR W 78 25.23 91.36 -20.57
CA TYR W 78 25.09 90.20 -21.44
C TYR W 78 25.21 90.61 -22.89
N HIS W 79 26.02 89.86 -23.65
CA HIS W 79 26.10 90.00 -25.10
C HIS W 79 25.30 88.86 -25.73
N CYS W 80 24.00 89.08 -25.86
CA CYS W 80 23.09 88.08 -26.40
C CYS W 80 23.35 87.96 -27.90
N VAL W 81 24.16 86.99 -28.28
CA VAL W 81 24.52 86.78 -29.68
C VAL W 81 23.38 86.03 -30.37
N CYS W 82 22.79 86.65 -31.39
N CYS W 82 22.79 86.65 -31.39
CA CYS W 82 21.67 86.07 -32.14
CA CYS W 82 21.67 86.07 -32.14
C CYS W 82 22.03 86.08 -33.62
C CYS W 82 22.03 86.08 -33.62
N PRO W 83 22.68 85.03 -34.11
CA PRO W 83 23.08 84.99 -35.53
C PRO W 83 21.91 84.99 -36.51
N MET W 84 20.69 84.72 -36.04
CA MET W 84 19.49 84.70 -36.89
C MET W 84 19.52 83.58 -37.90
N ARG W 85 20.16 82.46 -37.55
CA ARG W 85 20.28 81.34 -38.48
C ARG W 85 19.13 80.34 -38.37
N SER W 86 18.71 80.01 -37.16
CA SER W 86 17.62 79.08 -36.99
C SER W 86 16.29 79.75 -37.27
N ALA W 87 15.25 78.94 -37.40
CA ALA W 87 13.91 79.43 -37.72
C ALA W 87 13.12 79.86 -36.49
N GLU W 88 13.66 79.66 -35.29
CA GLU W 88 12.98 80.13 -34.08
C GLU W 88 13.41 81.53 -33.66
N ASP W 89 14.56 81.98 -34.16
CA ASP W 89 15.10 83.27 -33.71
C ASP W 89 14.20 84.47 -33.97
N PRO W 90 13.53 84.62 -35.12
CA PRO W 90 12.65 85.80 -35.28
C PRO W 90 11.57 85.90 -34.22
N GLU W 91 11.00 84.77 -33.81
CA GLU W 91 9.96 84.79 -32.79
C GLU W 91 10.55 85.10 -31.41
N ARG W 92 11.75 84.60 -31.13
CA ARG W 92 12.43 84.95 -29.88
C ARG W 92 12.72 86.44 -29.84
N LEU W 93 13.16 87.02 -30.96
CA LEU W 93 13.41 88.46 -31.00
C LEU W 93 12.12 89.25 -30.87
N ALA W 94 11.02 88.74 -31.45
CA ALA W 94 9.74 89.41 -31.29
C ALA W 94 9.31 89.46 -29.84
N ASN W 95 9.43 88.32 -29.14
CA ASN W 95 9.10 88.28 -27.71
C ASN W 95 10.03 89.17 -26.90
N TYR W 96 11.31 89.19 -27.25
CA TYR W 96 12.27 90.05 -26.56
C TYR W 96 11.93 91.51 -26.74
N ALA W 97 11.54 91.92 -27.95
CA ALA W 97 11.14 93.31 -28.18
C ALA W 97 9.84 93.64 -27.47
N ARG W 98 8.91 92.67 -27.39
CA ARG W 98 7.69 92.88 -26.62
C ARG W 98 8.00 93.14 -25.16
N LYS W 99 8.90 92.34 -24.59
CA LYS W 99 9.25 92.53 -23.18
C LYS W 99 10.03 93.82 -22.96
N LEU W 100 10.91 94.18 -23.89
CA LEU W 100 11.65 95.43 -23.75
C LEU W 100 10.72 96.64 -23.86
N ALA W 101 9.67 96.54 -24.68
CA ALA W 101 8.71 97.64 -24.82
C ALA W 101 7.64 97.63 -23.75
N SER W 102 7.52 96.58 -22.95
CA SER W 102 6.50 96.47 -21.93
C SER W 102 6.97 96.89 -20.55
N ALA W 103 8.25 97.25 -20.39
CA ALA W 103 8.80 97.64 -19.09
C ALA W 103 9.68 98.87 -19.24
N ALA W 104 9.25 99.84 -20.04
CA ALA W 104 10.01 101.07 -20.20
C ALA W 104 9.98 101.90 -18.92
N GLY W 105 8.79 102.10 -18.35
CA GLY W 105 8.66 102.85 -17.12
C GLY W 105 8.44 101.96 -15.91
N LYS W 106 8.70 100.67 -16.06
CA LYS W 106 8.47 99.69 -15.00
C LYS W 106 9.73 99.35 -14.22
N VAL W 107 10.81 99.00 -14.92
CA VAL W 107 12.08 98.64 -14.30
C VAL W 107 13.17 99.55 -14.85
N LEU W 108 14.18 99.83 -14.03
CA LEU W 108 15.28 100.70 -14.42
C LEU W 108 16.66 100.17 -14.10
N ASP W 109 16.80 99.21 -13.18
CA ASP W 109 18.11 98.72 -12.78
C ASP W 109 18.69 97.69 -13.73
N ARG W 110 17.91 97.20 -14.69
CA ARG W 110 18.35 96.16 -15.60
C ARG W 110 18.78 96.70 -16.96
N ASN W 111 19.24 97.95 -17.00
CA ASN W 111 19.72 98.62 -18.22
C ASN W 111 18.77 98.43 -19.40
N ILE W 112 17.46 98.37 -19.14
CA ILE W 112 16.48 98.23 -20.21
C ILE W 112 16.47 99.46 -21.11
N SER W 113 16.71 100.65 -20.54
CA SER W 113 16.74 101.87 -21.34
C SER W 113 17.85 101.81 -22.39
N GLY W 114 19.03 101.30 -22.01
CA GLY W 114 20.08 101.08 -22.98
C GLY W 114 19.84 99.91 -23.91
N LYS W 115 19.11 98.90 -23.46
CA LYS W 115 18.79 97.77 -24.33
C LYS W 115 17.85 98.19 -25.45
N ILE W 116 16.93 99.13 -25.18
CA ILE W 116 16.08 99.66 -26.23
C ILE W 116 16.94 100.32 -27.31
N GLY W 117 17.91 101.13 -26.90
CA GLY W 117 18.79 101.76 -27.87
C GLY W 117 19.64 100.75 -28.62
N ASP W 118 20.08 99.70 -27.92
CA ASP W 118 20.87 98.66 -28.58
C ASP W 118 20.05 97.97 -29.67
N LEU W 119 18.80 97.63 -29.37
CA LEU W 119 17.94 97.03 -30.39
C LEU W 119 17.72 98.01 -31.55
N GLN W 120 17.39 99.27 -31.24
CA GLN W 120 17.21 100.24 -32.32
C GLN W 120 18.46 100.40 -33.15
N ALA W 121 19.63 100.16 -32.55
CA ALA W 121 20.88 100.21 -33.31
C ALA W 121 21.02 99.00 -34.23
N VAL W 122 20.72 97.80 -33.73
CA VAL W 122 21.02 96.60 -34.51
C VAL W 122 20.12 96.50 -35.74
N MET W 123 18.89 97.01 -35.66
CA MET W 123 18.00 97.04 -36.82
C MET W 123 18.21 98.26 -37.71
N ALA W 124 19.36 98.92 -37.60
CA ALA W 124 19.73 100.03 -38.47
C ALA W 124 20.80 99.65 -39.48
N VAL W 125 21.91 99.11 -39.01
CA VAL W 125 22.97 98.56 -39.86
C VAL W 125 23.16 97.10 -39.48
N PRO W 126 23.16 96.16 -40.44
CA PRO W 126 23.26 94.75 -40.08
C PRO W 126 24.50 94.41 -39.26
N ASP W 127 25.65 95.04 -39.54
CA ASP W 127 26.86 94.83 -38.77
C ASP W 127 27.04 95.84 -37.66
N THR W 128 26.03 96.00 -36.80
CA THR W 128 26.09 96.94 -35.69
C THR W 128 26.46 96.18 -34.43
N GLU W 129 27.71 96.33 -33.98
CA GLU W 129 28.20 95.65 -32.79
C GLU W 129 27.95 96.53 -31.58
N THR W 130 26.74 96.46 -31.03
CA THR W 130 26.43 97.17 -29.81
C THR W 130 27.07 96.45 -28.62
N PRO W 131 27.25 97.15 -27.50
CA PRO W 131 27.86 96.49 -26.33
C PRO W 131 27.07 95.28 -25.82
N THR W 132 25.74 95.30 -25.94
CA THR W 132 24.91 94.28 -25.31
C THR W 132 24.19 93.36 -26.30
N PHE W 133 24.17 93.68 -27.59
CA PHE W 133 23.40 92.88 -28.53
C PHE W 133 24.01 93.00 -29.92
N CYS W 134 24.00 91.90 -30.67
CA CYS W 134 24.54 91.87 -32.02
C CYS W 134 23.94 90.70 -32.78
N LEU W 135 24.02 90.77 -34.10
CA LEU W 135 23.54 89.73 -34.99
C LEU W 135 24.70 89.22 -35.84
N HIS W 136 25.45 88.27 -35.29
CA HIS W 136 26.54 87.63 -35.99
C HIS W 136 26.71 86.21 -35.46
N THR W 137 27.37 85.37 -36.24
CA THR W 137 27.74 84.07 -35.74
C THR W 137 28.92 84.19 -34.78
N ASP W 138 29.17 83.12 -34.02
CA ASP W 138 30.23 83.15 -33.02
C ASP W 138 31.61 83.26 -33.64
N VAL W 139 31.75 83.02 -34.94
CA VAL W 139 33.03 83.10 -35.62
C VAL W 139 33.17 84.39 -36.42
N SER W 140 32.26 85.34 -36.24
CA SER W 140 32.35 86.63 -36.92
C SER W 140 32.11 87.83 -36.01
N CYS W 141 31.56 87.63 -34.81
CA CYS W 141 31.34 88.74 -33.90
C CYS W 141 32.68 89.31 -33.44
N ARG W 142 32.74 90.64 -33.32
CA ARG W 142 33.96 91.35 -32.99
C ARG W 142 34.03 91.83 -31.55
N GLN W 143 33.06 91.47 -30.71
CA GLN W 143 33.10 91.89 -29.32
C GLN W 143 34.24 91.20 -28.58
N ARG W 144 34.85 91.93 -27.65
CA ARG W 144 35.97 91.44 -26.85
C ARG W 144 35.52 91.38 -25.39
N ALA W 145 34.95 90.26 -24.99
CA ALA W 145 34.46 90.05 -23.63
C ALA W 145 35.28 88.95 -22.95
N ASP W 146 34.90 88.65 -21.70
CA ASP W 146 35.67 87.74 -20.85
C ASP W 146 35.07 86.35 -20.72
N VAL W 147 33.75 86.20 -20.75
CA VAL W 147 33.09 84.94 -20.47
C VAL W 147 32.19 84.57 -21.64
N ALA W 148 32.25 83.31 -22.06
CA ALA W 148 31.39 82.76 -23.10
C ALA W 148 30.42 81.76 -22.49
N ILE W 149 29.21 81.71 -23.04
CA ILE W 149 28.16 80.83 -22.55
C ILE W 149 27.52 80.13 -23.75
N TYR W 150 27.42 78.81 -23.68
CA TYR W 150 26.74 78.00 -24.69
C TYR W 150 25.63 77.21 -23.99
N GLN W 151 24.46 77.82 -23.88
CA GLN W 151 23.30 77.16 -23.26
C GLN W 151 22.51 76.44 -24.34
N ASP W 152 22.46 75.12 -24.25
CA ASP W 152 21.71 74.29 -25.20
C ASP W 152 22.14 74.56 -26.63
N VAL W 153 23.45 74.74 -26.82
CA VAL W 153 24.03 75.02 -28.12
C VAL W 153 24.81 73.79 -28.54
N TYR W 154 24.21 72.98 -29.41
CA TYR W 154 24.82 71.73 -29.86
C TYR W 154 25.27 71.76 -31.31
N ALA W 155 24.64 72.57 -32.16
CA ALA W 155 24.90 72.58 -33.60
C ALA W 155 26.03 73.54 -33.97
N VAL W 156 27.22 73.35 -33.41
CA VAL W 156 28.39 74.15 -33.76
C VAL W 156 29.63 73.39 -33.37
N HIS W 157 30.69 73.56 -34.16
CA HIS W 157 31.96 72.91 -33.89
C HIS W 157 32.61 73.53 -32.65
N ALA W 158 32.81 72.71 -31.62
CA ALA W 158 33.33 73.24 -30.36
C ALA W 158 34.72 73.85 -30.49
N PRO W 159 35.72 73.18 -31.08
CA PRO W 159 37.07 73.80 -31.11
C PRO W 159 37.11 75.11 -31.87
N THR W 160 36.39 75.22 -32.98
CA THR W 160 36.40 76.46 -33.76
C THR W 160 35.84 77.62 -32.97
N SER W 161 34.67 77.43 -32.36
CA SER W 161 34.06 78.49 -31.56
C SER W 161 34.91 78.82 -30.34
N LEU W 162 35.47 77.81 -29.69
CA LEU W 162 36.30 78.06 -28.52
C LEU W 162 37.53 78.88 -28.90
N TYR W 163 38.16 78.55 -30.02
CA TYR W 163 39.31 79.33 -30.48
C TYR W 163 38.90 80.75 -30.85
N HIS W 164 37.74 80.90 -31.51
CA HIS W 164 37.31 82.23 -31.95
C HIS W 164 36.98 83.13 -30.76
N GLN W 165 36.39 82.59 -29.70
CA GLN W 165 36.21 83.39 -28.49
C GLN W 165 37.48 83.54 -27.68
N ALA W 166 38.41 82.59 -27.76
CA ALA W 166 39.69 82.75 -27.06
C ALA W 166 40.50 83.89 -27.65
N ILE W 167 40.50 84.03 -28.98
CA ILE W 167 41.16 85.19 -29.60
C ILE W 167 40.41 86.48 -29.37
N LYS W 168 39.22 86.42 -28.76
CA LYS W 168 38.45 87.60 -28.41
C LYS W 168 38.57 87.95 -26.93
N GLY W 169 39.51 87.34 -26.22
CA GLY W 169 39.74 87.63 -24.82
C GLY W 169 38.90 86.83 -23.85
N VAL W 170 38.03 85.95 -24.34
CA VAL W 170 37.19 85.15 -23.45
C VAL W 170 38.08 84.12 -22.74
N ARG W 171 38.12 84.18 -21.42
CA ARG W 171 38.90 83.25 -20.63
C ARG W 171 38.08 82.10 -20.06
N LEU W 172 36.77 82.28 -19.93
CA LEU W 172 35.89 81.28 -19.34
C LEU W 172 34.75 80.99 -20.32
N ALA W 173 34.42 79.70 -20.46
CA ALA W 173 33.30 79.27 -21.29
C ALA W 173 32.52 78.21 -20.53
N TYR W 174 31.19 78.27 -20.65
CA TYR W 174 30.31 77.30 -20.02
C TYR W 174 29.44 76.67 -21.08
N TRP W 175 29.35 75.34 -21.06
CA TRP W 175 28.50 74.60 -21.99
C TRP W 175 27.50 73.79 -21.18
N VAL W 176 26.24 74.22 -21.21
CA VAL W 176 25.15 73.53 -20.53
C VAL W 176 24.35 72.78 -21.60
N GLY W 177 24.33 71.46 -21.52
CA GLY W 177 23.65 70.71 -22.55
C GLY W 177 23.59 69.24 -22.19
N PHE W 178 23.01 68.47 -23.12
CA PHE W 178 22.90 67.04 -22.93
C PHE W 178 24.28 66.39 -22.94
N ASP W 179 24.41 65.31 -22.16
CA ASP W 179 25.65 64.56 -22.11
C ASP W 179 25.99 64.01 -23.50
N THR W 180 27.23 64.20 -23.92
CA THR W 180 27.70 63.77 -25.23
C THR W 180 28.34 62.39 -25.21
N THR W 181 28.40 61.75 -24.05
CA THR W 181 28.94 60.39 -23.98
C THR W 181 28.19 59.39 -24.87
N PRO W 182 26.86 59.40 -24.98
CA PRO W 182 26.21 58.44 -25.88
C PRO W 182 26.66 58.55 -27.33
N PHE W 183 27.09 59.72 -27.78
CA PHE W 183 27.49 59.89 -29.17
C PHE W 183 28.93 59.51 -29.44
N MET W 184 29.78 59.51 -28.42
CA MET W 184 31.09 58.90 -28.57
C MET W 184 31.02 57.38 -28.58
N TYR W 185 29.89 56.81 -28.20
CA TYR W 185 29.66 55.37 -28.25
C TYR W 185 29.00 54.93 -29.55
N ASN W 186 28.64 55.88 -30.42
CA ASN W 186 28.04 55.60 -31.73
C ASN W 186 26.75 54.77 -31.58
N ALA W 187 25.80 55.33 -30.86
CA ALA W 187 24.51 54.70 -30.66
C ALA W 187 23.53 55.15 -31.74
N MET W 188 22.76 54.20 -32.28
CA MET W 188 21.76 54.53 -33.27
C MET W 188 20.63 55.38 -32.68
N ALA W 189 20.16 55.02 -31.48
CA ALA W 189 19.11 55.76 -30.81
C ALA W 189 19.43 55.79 -29.32
N GLY W 190 18.76 56.68 -28.61
CA GLY W 190 18.99 56.78 -27.17
C GLY W 190 17.93 57.62 -26.50
N ALA W 191 18.06 57.70 -25.17
CA ALA W 191 17.04 58.35 -24.36
C ALA W 191 17.66 58.92 -23.10
N TYR W 192 17.18 60.09 -22.69
CA TYR W 192 17.37 60.65 -21.36
C TYR W 192 16.02 60.61 -20.67
N PRO W 193 15.69 59.52 -19.96
CA PRO W 193 14.33 59.38 -19.43
C PRO W 193 14.00 60.36 -18.32
N SER W 194 15.00 60.82 -17.58
CA SER W 194 14.76 61.78 -16.50
C SER W 194 14.32 63.14 -17.01
N TYR W 195 14.52 63.43 -18.29
CA TYR W 195 14.10 64.68 -18.90
C TYR W 195 13.07 64.46 -20.00
N SER W 196 12.52 63.24 -20.10
CA SER W 196 11.55 62.89 -21.13
C SER W 196 12.11 63.15 -22.53
N THR W 197 13.39 62.90 -22.72
CA THR W 197 14.07 63.21 -23.97
C THR W 197 14.37 61.92 -24.72
N ASN W 198 14.11 61.92 -26.01
CA ASN W 198 14.40 60.77 -26.86
C ASN W 198 15.04 61.23 -28.16
N TRP W 199 16.13 60.59 -28.55
CA TRP W 199 16.82 60.99 -29.76
C TRP W 199 17.06 59.75 -30.62
N ALA W 200 17.04 59.96 -31.93
CA ALA W 200 17.18 58.83 -32.84
C ALA W 200 17.80 59.28 -34.16
N ASP W 201 18.57 58.38 -34.77
CA ASP W 201 19.06 58.58 -36.12
C ASP W 201 17.92 58.47 -37.12
N GLU W 202 18.05 59.20 -38.23
CA GLU W 202 16.99 59.21 -39.24
C GLU W 202 16.75 57.84 -39.85
N GLN W 203 17.75 56.95 -39.85
CA GLN W 203 17.56 55.62 -40.41
C GLN W 203 16.57 54.79 -39.60
N VAL W 204 16.29 55.16 -38.34
CA VAL W 204 15.42 54.36 -37.49
C VAL W 204 14.27 55.21 -36.96
N LEU W 205 13.89 56.26 -37.68
CA LEU W 205 12.74 57.05 -37.27
C LEU W 205 11.42 56.32 -37.50
N LYS W 206 11.39 55.33 -38.38
CA LYS W 206 10.22 54.52 -38.63
C LYS W 206 10.26 53.19 -37.88
N ALA W 207 10.99 53.14 -36.78
CA ALA W 207 11.05 51.94 -35.96
C ALA W 207 9.71 51.72 -35.25
N LYS W 208 9.65 50.66 -34.45
CA LYS W 208 8.42 50.27 -33.79
C LYS W 208 8.44 50.54 -32.30
N ASN W 209 9.43 50.03 -31.56
CA ASN W 209 9.48 50.22 -30.12
C ASN W 209 10.80 50.85 -29.69
N ILE W 210 10.90 52.17 -29.81
CA ILE W 210 11.95 52.96 -29.18
C ILE W 210 11.31 54.26 -28.70
N GLY W 211 12.14 55.12 -28.12
CA GLY W 211 11.63 56.36 -27.58
C GLY W 211 11.03 57.28 -28.63
N LEU W 212 11.71 57.42 -29.77
CA LEU W 212 11.31 58.34 -30.83
C LEU W 212 11.13 57.53 -32.12
N CYS W 213 9.88 57.21 -32.44
CA CYS W 213 9.57 56.44 -33.64
C CYS W 213 8.08 56.57 -33.92
N SER W 214 7.69 56.18 -35.13
CA SER W 214 6.29 56.07 -35.50
C SER W 214 6.20 55.19 -36.74
N THR W 215 5.46 54.08 -36.62
CA THR W 215 5.32 53.17 -37.76
C THR W 215 3.85 52.93 -38.04
N ASP W 216 3.55 52.09 -39.04
CA ASP W 216 2.18 51.84 -39.47
C ASP W 216 1.86 50.37 -39.34
N LEU W 217 0.56 50.07 -39.21
CA LEU W 217 0.11 48.69 -39.17
C LEU W 217 0.23 48.04 -40.54
N THR W 218 0.87 46.88 -40.59
CA THR W 218 1.05 46.15 -41.84
C THR W 218 0.81 44.67 -41.60
N GLU W 219 0.46 43.96 -42.67
CA GLU W 219 0.19 42.54 -42.60
C GLU W 219 1.41 41.68 -42.87
N GLY W 220 2.54 42.28 -43.23
CA GLY W 220 3.72 41.50 -43.58
C GLY W 220 3.80 41.27 -45.08
N ARG W 221 3.60 42.34 -45.84
CA ARG W 221 3.56 42.26 -47.30
C ARG W 221 4.97 42.27 -47.88
N ARG W 222 5.07 42.36 -49.20
CA ARG W 222 6.37 42.49 -49.84
C ARG W 222 7.01 43.82 -49.48
N GLY W 223 8.31 43.79 -49.23
CA GLY W 223 9.02 45.00 -48.85
C GLY W 223 9.27 45.92 -50.02
N LYS W 224 9.76 47.11 -49.70
CA LYS W 224 10.05 48.10 -50.73
C LYS W 224 11.15 47.60 -51.66
N LEU W 225 10.93 47.79 -52.96
CA LEU W 225 11.96 47.48 -53.96
C LEU W 225 12.99 48.60 -53.90
N SER W 226 13.85 48.52 -52.89
CA SER W 226 14.77 49.61 -52.58
C SER W 226 15.79 49.80 -53.70
N ILE W 227 16.06 51.06 -54.03
CA ILE W 227 17.08 51.37 -55.02
C ILE W 227 18.46 51.02 -54.47
N MET W 228 18.66 51.20 -53.17
CA MET W 228 19.94 50.90 -52.54
C MET W 228 19.90 49.53 -51.87
N ARG W 229 21.02 48.81 -51.97
CA ARG W 229 21.10 47.49 -51.36
C ARG W 229 20.99 47.55 -49.85
N GLY W 230 21.63 48.54 -49.23
CA GLY W 230 21.70 48.58 -47.78
C GLY W 230 22.86 47.76 -47.28
N LYS W 231 22.57 46.55 -46.80
CA LYS W 231 23.57 45.57 -46.37
C LYS W 231 24.33 46.03 -45.13
N LYS W 232 24.01 47.23 -44.64
CA LYS W 232 24.63 47.75 -43.43
C LYS W 232 23.74 48.84 -42.86
N LEU W 233 23.55 48.81 -41.54
CA LEU W 233 22.82 49.83 -40.81
C LEU W 233 23.78 50.45 -39.81
N GLU W 234 24.31 51.62 -40.14
N GLU W 234 24.28 51.64 -40.12
CA GLU W 234 25.26 52.31 -39.28
CA GLU W 234 25.28 52.33 -39.34
C GLU W 234 24.79 53.73 -39.05
C GLU W 234 24.82 53.76 -39.06
N PRO W 235 25.09 54.29 -37.87
CA PRO W 235 24.62 55.64 -37.56
C PRO W 235 25.10 56.69 -38.55
N CYS W 236 24.20 57.57 -38.94
CA CYS W 236 24.51 58.68 -39.84
C CYS W 236 24.66 59.96 -39.04
N ASP W 237 25.17 61.00 -39.72
CA ASP W 237 25.48 62.25 -39.04
C ASP W 237 24.23 62.91 -38.48
N ARG W 238 23.14 62.88 -39.24
CA ARG W 238 21.93 63.60 -38.85
C ARG W 238 21.11 62.76 -37.86
N VAL W 239 20.80 63.34 -36.70
CA VAL W 239 19.92 62.73 -35.71
C VAL W 239 18.87 63.76 -35.32
N LEU W 240 17.80 63.27 -34.71
CA LEU W 240 16.71 64.13 -34.24
C LEU W 240 16.55 63.96 -32.73
N PHE W 241 16.50 65.08 -32.03
CA PHE W 241 16.26 65.14 -30.60
C PHE W 241 14.83 65.57 -30.35
N SER W 242 14.18 64.94 -29.36
CA SER W 242 12.85 65.32 -28.91
C SER W 242 12.92 65.51 -27.40
N VAL W 243 12.98 66.76 -26.97
CA VAL W 243 12.97 67.12 -25.56
C VAL W 243 11.54 67.47 -25.18
N GLY W 244 10.78 66.48 -24.71
CA GLY W 244 9.36 66.67 -24.54
C GLY W 244 8.65 66.57 -25.87
N SER W 245 8.13 67.70 -26.36
CA SER W 245 7.49 67.78 -27.67
C SER W 245 8.15 68.86 -28.51
N THR W 246 9.47 68.94 -28.46
CA THR W 246 10.24 69.92 -29.20
C THR W 246 11.30 69.22 -30.03
N LEU W 247 11.41 69.61 -31.30
CA LEU W 247 12.31 68.95 -32.24
C LEU W 247 13.60 69.75 -32.43
N TYR W 248 14.73 69.02 -32.41
CA TYR W 248 16.03 69.61 -32.74
C TYR W 248 16.82 68.69 -33.67
N PRO W 249 17.06 69.10 -34.91
CA PRO W 249 17.95 68.32 -35.80
C PRO W 249 19.41 68.60 -35.50
N GLU W 250 20.09 67.58 -34.99
N GLU W 250 20.10 67.59 -34.98
CA GLU W 250 21.49 67.70 -34.58
CA GLU W 250 21.50 67.70 -34.59
C GLU W 250 22.38 66.83 -35.48
C GLU W 250 22.37 66.83 -35.47
N SER W 251 23.68 67.05 -35.36
CA SER W 251 24.67 66.30 -36.12
C SER W 251 25.62 65.58 -35.17
N ARG W 252 25.94 64.33 -35.51
CA ARG W 252 26.87 63.55 -34.68
C ARG W 252 28.23 64.23 -34.58
N LYS W 253 28.70 64.81 -35.68
CA LYS W 253 30.03 65.43 -35.68
C LYS W 253 30.07 66.60 -34.70
N LEU W 254 29.11 67.51 -34.79
CA LEU W 254 29.11 68.67 -33.91
C LEU W 254 28.82 68.28 -32.47
N LEU W 255 28.08 67.19 -32.25
CA LEU W 255 27.84 66.72 -30.90
C LEU W 255 29.12 66.16 -30.29
N LYS W 256 29.85 65.34 -31.04
CA LYS W 256 31.10 64.78 -30.56
C LYS W 256 32.17 65.84 -30.41
N SER W 257 32.06 66.95 -31.17
CA SER W 257 33.03 68.03 -31.02
C SER W 257 33.02 68.60 -29.61
N TRP W 258 31.86 68.61 -28.95
CA TRP W 258 31.75 69.14 -27.61
C TRP W 258 32.17 68.16 -26.54
N HIS W 259 32.47 66.92 -26.90
CA HIS W 259 33.00 65.94 -25.94
C HIS W 259 34.51 66.15 -25.82
N LEU W 260 34.86 67.32 -25.27
CA LEU W 260 36.24 67.73 -25.19
C LEU W 260 37.01 66.88 -24.19
N PRO W 261 38.30 66.65 -24.43
CA PRO W 261 39.12 65.96 -23.43
C PRO W 261 39.46 66.88 -22.27
N SER W 262 40.01 66.28 -21.21
CA SER W 262 40.39 67.05 -20.03
C SER W 262 41.42 68.11 -20.38
N VAL W 263 42.40 67.76 -21.22
CA VAL W 263 43.45 68.68 -21.65
C VAL W 263 43.54 68.61 -23.17
N PHE W 264 43.52 69.78 -23.82
CA PHE W 264 43.67 69.85 -25.26
C PHE W 264 44.30 71.20 -25.63
N HIS W 265 44.81 71.27 -26.84
CA HIS W 265 45.54 72.43 -27.33
C HIS W 265 44.79 73.10 -28.46
N LEU W 266 44.83 74.43 -28.48
CA LEU W 266 44.27 75.24 -29.57
C LEU W 266 45.43 75.88 -30.33
N LYS W 267 45.66 75.42 -31.55
CA LYS W 267 46.80 75.84 -32.36
C LYS W 267 46.29 76.56 -33.60
N GLY W 268 46.40 77.89 -33.60
CA GLY W 268 46.05 78.70 -34.74
C GLY W 268 46.96 79.90 -34.88
N LYS W 269 46.38 81.08 -35.10
CA LYS W 269 47.17 82.31 -35.08
C LYS W 269 47.77 82.54 -33.71
N LEU W 270 46.94 82.45 -32.66
CA LEU W 270 47.41 82.48 -31.29
C LEU W 270 47.26 81.10 -30.66
N SER W 271 48.19 80.77 -29.77
CA SER W 271 48.17 79.49 -29.09
C SER W 271 47.71 79.63 -27.64
N THR W 273 46.98 76.45 -24.16
CA THR W 273 46.36 75.21 -23.70
C THR W 273 45.01 75.48 -23.05
N CYS W 274 44.14 74.48 -23.05
CA CYS W 274 42.78 74.62 -22.53
C CYS W 274 42.42 73.39 -21.71
N ARG W 275 41.44 73.55 -20.83
CA ARG W 275 40.92 72.47 -20.02
C ARG W 275 39.41 72.38 -20.17
N CYS W 276 38.88 71.17 -20.03
CA CYS W 276 37.45 70.92 -20.04
C CYS W 276 37.10 70.00 -18.87
N ASP W 277 36.31 70.52 -17.94
CA ASP W 277 35.87 69.77 -16.78
C ASP W 277 34.34 69.79 -16.69
N THR W 278 33.78 68.68 -16.23
CA THR W 278 32.33 68.58 -16.04
C THR W 278 32.04 69.01 -14.60
N VAL W 279 31.56 70.25 -14.45
CA VAL W 279 31.31 70.76 -13.11
C VAL W 279 29.92 70.41 -12.59
N VAL W 280 28.95 70.15 -13.48
CA VAL W 280 27.63 69.70 -13.07
C VAL W 280 27.24 68.51 -13.93
N SER W 281 26.67 67.49 -13.29
CA SER W 281 26.24 66.28 -13.99
C SER W 281 25.02 65.71 -13.27
N CYS W 282 23.87 65.75 -13.92
CA CYS W 282 22.63 65.23 -13.34
C CYS W 282 21.86 64.46 -14.41
N GLU W 283 21.92 63.12 -14.31
CA GLU W 283 20.98 62.23 -14.98
C GLU W 283 20.88 62.50 -16.48
N GLY W 284 22.02 62.79 -17.10
CA GLY W 284 22.10 62.99 -18.54
C GLY W 284 22.17 64.43 -18.98
N TYR W 285 22.15 65.40 -18.07
CA TYR W 285 22.34 66.81 -18.40
C TYR W 285 23.56 67.32 -17.67
N VAL W 286 24.47 67.95 -18.41
CA VAL W 286 25.76 68.33 -17.86
C VAL W 286 26.01 69.81 -18.09
N VAL W 287 26.84 70.37 -17.21
CA VAL W 287 27.40 71.70 -17.36
C VAL W 287 28.90 71.52 -17.31
N LYS W 288 29.57 71.82 -18.42
CA LYS W 288 31.02 71.69 -18.57
C LYS W 288 31.66 73.07 -18.53
N ARG W 289 32.70 73.21 -17.73
CA ARG W 289 33.41 74.47 -17.54
C ARG W 289 34.73 74.40 -18.29
N ILE W 290 34.81 75.08 -19.43
CA ILE W 290 36.03 75.19 -20.21
C ILE W 290 36.73 76.49 -19.80
N THR W 291 38.05 76.44 -19.66
CA THR W 291 38.84 77.61 -19.32
C THR W 291 40.03 77.71 -20.27
N MET W 292 40.26 78.91 -20.79
CA MET W 292 41.26 79.15 -21.81
C MET W 292 42.47 79.85 -21.20
N SER W 293 43.63 79.59 -21.79
CA SER W 293 44.88 80.20 -21.34
C SER W 293 45.81 80.36 -22.54
N PRO W 294 46.29 81.58 -22.80
CA PRO W 294 47.17 81.78 -23.97
C PRO W 294 48.49 81.06 -23.80
N GLY W 295 49.03 80.61 -24.93
CA GLY W 295 50.28 79.88 -24.94
C GLY W 295 50.06 78.37 -24.82
N LEU W 296 51.06 77.63 -25.27
CA LEU W 296 51.05 76.17 -25.23
C LEU W 296 51.84 75.71 -24.01
N TYR W 297 51.17 74.99 -23.11
CA TYR W 297 51.80 74.51 -21.89
C TYR W 297 51.42 73.04 -21.67
N GLY W 298 52.40 72.24 -21.26
CA GLY W 298 52.16 70.84 -21.01
C GLY W 298 52.00 70.05 -22.30
N LYS W 299 51.33 68.91 -22.19
CA LYS W 299 51.08 68.04 -23.33
C LYS W 299 49.76 67.32 -23.11
N THR W 300 49.16 66.87 -24.21
CA THR W 300 47.82 66.31 -24.21
C THR W 300 47.86 64.82 -24.48
N THR W 301 47.02 64.07 -23.75
CA THR W 301 46.86 62.65 -23.98
C THR W 301 45.78 62.32 -24.99
N GLY W 302 44.87 63.24 -25.26
CA GLY W 302 43.75 62.98 -26.16
C GLY W 302 42.66 62.12 -25.57
N TYR W 303 42.57 62.04 -24.24
CA TYR W 303 41.62 61.19 -23.56
C TYR W 303 40.54 62.02 -22.89
N ALA W 304 39.30 61.56 -23.01
CA ALA W 304 38.14 62.18 -22.38
C ALA W 304 37.49 61.19 -21.42
N VAL W 305 37.11 61.70 -20.25
CA VAL W 305 36.63 60.88 -19.14
C VAL W 305 35.21 61.32 -18.80
N THR W 306 34.30 60.36 -18.69
CA THR W 306 32.97 60.57 -18.16
C THR W 306 32.80 59.73 -16.91
N HIS W 307 32.28 60.33 -15.84
CA HIS W 307 32.04 59.64 -14.58
C HIS W 307 30.55 59.36 -14.45
N HIS W 308 30.20 58.11 -14.17
CA HIS W 308 28.81 57.67 -14.17
C HIS W 308 28.32 57.59 -12.73
N ALA W 309 27.62 58.63 -12.27
CA ALA W 309 26.91 58.54 -11.00
C ALA W 309 25.80 57.50 -11.07
N ASP W 310 25.08 57.46 -12.19
N ASP W 310 25.09 57.45 -12.19
CA ASP W 310 24.05 56.47 -12.47
CA ASP W 310 24.07 56.44 -12.44
C ASP W 310 24.54 55.53 -13.56
C ASP W 310 24.49 55.56 -13.59
N GLY W 311 23.90 54.37 -13.65
CA GLY W 311 24.28 53.40 -14.66
C GLY W 311 24.01 53.91 -16.07
N PHE W 312 24.89 53.53 -17.00
CA PHE W 312 24.75 53.86 -18.40
C PHE W 312 24.78 52.58 -19.21
N LEU W 313 23.90 52.46 -20.19
CA LEU W 313 23.84 51.24 -21.00
C LEU W 313 23.78 51.59 -22.47
N MET W 314 24.51 50.82 -23.28
CA MET W 314 24.40 50.84 -24.73
C MET W 314 24.34 49.39 -25.19
N CYS W 315 23.19 48.96 -25.70
CA CYS W 315 22.96 47.55 -25.94
C CYS W 315 22.36 47.32 -27.31
N LYS W 316 22.58 46.12 -27.83
CA LYS W 316 21.99 45.71 -29.09
C LYS W 316 20.53 45.30 -28.86
N THR W 317 19.64 45.77 -29.73
CA THR W 317 18.23 45.43 -29.65
C THR W 317 17.67 45.30 -31.05
N THR W 318 16.71 44.37 -31.19
CA THR W 318 16.10 44.05 -32.47
C THR W 318 14.72 44.71 -32.55
N ASP W 319 14.55 45.56 -33.55
CA ASP W 319 13.28 46.22 -33.79
C ASP W 319 12.91 46.05 -35.27
N THR W 320 11.84 46.73 -35.68
CA THR W 320 11.40 46.74 -37.07
C THR W 320 11.37 48.18 -37.57
N VAL W 321 12.21 48.49 -38.55
CA VAL W 321 12.21 49.79 -39.21
C VAL W 321 11.42 49.64 -40.50
N ASP W 322 10.31 50.37 -40.60
CA ASP W 322 9.38 50.28 -41.72
C ASP W 322 8.97 48.83 -41.98
N GLY W 323 8.83 48.06 -40.90
CA GLY W 323 8.43 46.67 -41.00
C GLY W 323 9.56 45.69 -41.25
N GLU W 324 10.78 46.16 -41.46
CA GLU W 324 11.92 45.29 -41.70
C GLU W 324 12.66 45.05 -40.39
N ARG W 325 12.82 43.79 -40.02
CA ARG W 325 13.44 43.46 -38.74
C ARG W 325 14.95 43.62 -38.83
N VAL W 326 15.49 44.55 -38.04
CA VAL W 326 16.92 44.82 -37.98
C VAL W 326 17.33 44.92 -36.51
N SER W 327 18.62 44.97 -36.28
CA SER W 327 19.19 45.09 -34.94
C SER W 327 20.15 46.27 -34.90
N PHE W 328 20.00 47.12 -33.88
CA PHE W 328 20.87 48.27 -33.74
C PHE W 328 21.05 48.60 -32.26
N SER W 329 21.94 49.55 -31.99
CA SER W 329 22.32 49.89 -30.63
C SER W 329 21.43 50.99 -30.07
N VAL W 330 21.06 50.86 -28.80
CA VAL W 330 20.25 51.83 -28.08
C VAL W 330 20.91 52.10 -26.74
N CYS W 331 21.02 53.37 -26.39
CA CYS W 331 21.66 53.79 -25.14
C CYS W 331 20.64 54.45 -24.22
N THR W 332 20.95 54.45 -22.93
CA THR W 332 20.06 55.01 -21.92
C THR W 332 20.80 55.10 -20.58
N TYR W 333 20.15 55.74 -19.62
CA TYR W 333 20.62 55.84 -18.25
C TYR W 333 19.65 55.13 -17.32
N VAL W 334 20.19 54.52 -16.28
CA VAL W 334 19.41 53.78 -15.29
C VAL W 334 19.80 54.28 -13.90
N PRO W 335 18.84 54.51 -13.00
CA PRO W 335 19.18 55.05 -11.68
C PRO W 335 20.12 54.12 -10.90
N ALA W 336 20.96 54.74 -10.08
CA ALA W 336 21.98 53.99 -9.35
C ALA W 336 21.37 52.97 -8.40
N THR W 337 20.22 53.31 -7.79
CA THR W 337 19.56 52.37 -6.89
C THR W 337 19.17 51.10 -7.61
N ILE W 338 18.63 51.23 -8.83
CA ILE W 338 18.24 50.06 -9.61
C ILE W 338 19.47 49.21 -9.92
N CYS W 339 20.56 49.85 -10.33
CA CYS W 339 21.77 49.12 -10.67
C CYS W 339 22.34 48.38 -9.46
N ASP W 340 22.32 49.03 -8.29
CA ASP W 340 22.80 48.38 -7.07
C ASP W 340 21.90 47.23 -6.67
N GLN W 341 20.59 47.37 -6.87
CA GLN W 341 19.67 46.29 -6.52
C GLN W 341 19.76 45.13 -7.50
N MET W 342 20.25 45.38 -8.72
CA MET W 342 20.39 44.34 -9.72
C MET W 342 21.71 43.58 -9.64
N THR W 343 22.62 44.01 -8.75
CA THR W 343 23.95 43.41 -8.71
C THR W 343 23.88 41.93 -8.32
N GLY W 344 23.07 41.59 -7.33
CA GLY W 344 23.02 40.21 -6.86
C GLY W 344 22.47 39.26 -7.90
N ILE W 345 21.38 39.65 -8.57
CA ILE W 345 20.75 38.78 -9.57
C ILE W 345 21.63 38.61 -10.80
N LEU W 346 22.35 39.65 -11.22
CA LEU W 346 23.15 39.60 -12.44
C LEU W 346 24.36 38.70 -12.32
N ALA W 347 24.56 38.04 -11.18
CA ALA W 347 25.67 37.10 -11.04
C ALA W 347 25.44 35.83 -11.87
N THR W 348 24.19 35.53 -12.23
CA THR W 348 23.84 34.34 -12.98
C THR W 348 23.35 34.73 -14.37
N GLU W 349 22.96 33.73 -15.15
CA GLU W 349 22.38 33.94 -16.46
C GLU W 349 20.87 34.06 -16.30
N VAL W 350 20.34 35.26 -16.52
CA VAL W 350 18.93 35.56 -16.28
C VAL W 350 18.26 35.88 -17.61
N THR W 351 17.12 35.24 -17.86
CA THR W 351 16.39 35.49 -19.09
C THR W 351 15.84 36.92 -19.09
N PRO W 352 15.67 37.51 -20.28
CA PRO W 352 15.14 38.88 -20.34
C PRO W 352 13.76 39.04 -19.70
N GLU W 353 12.93 38.01 -19.76
CA GLU W 353 11.61 38.08 -19.15
C GLU W 353 11.71 38.17 -17.63
N ASP W 354 12.53 37.30 -17.02
CA ASP W 354 12.71 37.33 -15.57
C ASP W 354 13.38 38.63 -15.14
N ALA W 355 14.37 39.09 -15.91
CA ALA W 355 15.03 40.35 -15.60
C ALA W 355 14.04 41.52 -15.66
N GLN W 356 13.16 41.51 -16.66
CA GLN W 356 12.16 42.57 -16.77
C GLN W 356 11.19 42.54 -15.61
N LYS W 357 10.76 41.35 -15.21
CA LYS W 357 9.86 41.24 -14.06
C LYS W 357 10.52 41.73 -12.79
N LEU W 358 11.79 41.39 -12.58
CA LEU W 358 12.50 41.87 -11.41
C LEU W 358 12.68 43.39 -11.44
N LEU W 359 12.99 43.93 -12.63
CA LEU W 359 13.13 45.38 -12.77
C LEU W 359 11.82 46.09 -12.47
N VAL W 360 10.71 45.53 -12.95
CA VAL W 360 9.40 46.13 -12.66
C VAL W 360 9.09 46.05 -11.17
N GLY W 361 9.41 44.92 -10.53
CA GLY W 361 9.21 44.81 -9.10
C GLY W 361 10.03 45.83 -8.31
N LEU W 362 11.25 46.09 -8.76
CA LEU W 362 12.06 47.12 -8.12
C LEU W 362 11.54 48.52 -8.44
N ASN W 363 10.88 48.70 -9.59
CA ASN W 363 10.39 50.02 -9.98
C ASN W 363 9.09 50.36 -9.25
N GLN W 364 8.10 49.48 -9.34
N GLN W 364 8.11 49.47 -9.32
CA GLN W 364 6.80 49.72 -8.71
CA GLN W 364 6.83 49.68 -8.65
C GLN W 364 6.90 49.53 -7.19
C GLN W 364 7.00 49.68 -7.13
N ASN W 377 7.48 55.60 -9.48
CA ASN W 377 8.36 54.99 -10.46
C ASN W 377 9.76 55.61 -10.42
N THR W 378 10.76 54.79 -10.09
CA THR W 378 12.13 55.28 -10.04
C THR W 378 12.65 55.56 -11.45
N MET W 379 12.35 54.68 -12.41
CA MET W 379 12.74 54.85 -13.79
C MET W 379 11.51 54.73 -14.67
N LYS W 380 11.56 55.39 -15.83
CA LYS W 380 10.44 55.34 -16.77
C LYS W 380 10.26 53.93 -17.31
N ASN W 381 9.01 53.46 -17.33
CA ASN W 381 8.74 52.08 -17.69
C ASN W 381 8.99 51.82 -19.18
N TYR W 382 8.89 52.85 -20.02
CA TYR W 382 8.95 52.64 -21.46
C TYR W 382 10.30 52.12 -21.92
N MET W 383 11.35 52.28 -21.11
CA MET W 383 12.65 51.71 -21.46
C MET W 383 13.05 50.55 -20.55
N ILE W 384 12.13 50.07 -19.70
CA ILE W 384 12.43 48.91 -18.86
C ILE W 384 12.74 47.66 -19.68
N PRO W 385 11.96 47.29 -20.71
CA PRO W 385 12.26 46.04 -21.42
C PRO W 385 13.66 45.97 -22.02
N VAL W 386 14.05 46.98 -22.80
CA VAL W 386 15.35 46.95 -23.46
C VAL W 386 16.47 46.82 -22.43
N VAL W 387 16.40 47.61 -21.35
CA VAL W 387 17.39 47.52 -20.28
C VAL W 387 17.44 46.10 -19.76
N ALA W 388 16.27 45.50 -19.54
CA ALA W 388 16.23 44.09 -19.14
C ALA W 388 17.03 43.23 -20.11
N GLN W 389 16.75 43.35 -21.41
CA GLN W 389 17.53 42.64 -22.41
C GLN W 389 19.01 42.93 -22.24
N ALA W 390 19.36 44.21 -22.11
CA ALA W 390 20.75 44.58 -21.91
C ALA W 390 21.34 43.81 -20.74
N PHE W 391 20.66 43.86 -19.60
CA PHE W 391 21.17 43.15 -18.42
C PHE W 391 21.27 41.67 -18.71
N SER W 392 20.23 41.11 -19.36
CA SER W 392 20.26 39.68 -19.69
C SER W 392 21.46 39.36 -20.56
N LYS W 393 21.81 40.26 -21.47
CA LYS W 393 23.01 40.03 -22.27
C LYS W 393 24.26 40.19 -21.41
N TRP W 394 24.32 41.26 -20.61
CA TRP W 394 25.54 41.56 -19.86
C TRP W 394 25.88 40.43 -18.90
N ALA W 395 24.92 40.05 -18.06
CA ALA W 395 25.13 38.94 -17.14
C ALA W 395 25.52 37.67 -17.90
N LYS W 396 25.03 37.52 -19.12
CA LYS W 396 25.42 36.37 -19.93
C LYS W 396 26.89 36.49 -20.33
N GLU W 397 27.29 37.63 -20.89
CA GLU W 397 28.64 37.76 -21.43
C GLU W 397 29.68 37.61 -20.33
N CYS W 398 29.46 38.25 -19.17
CA CYS W 398 30.35 38.08 -18.05
C CYS W 398 30.51 36.59 -17.71
N ARG W 399 29.41 35.85 -17.71
CA ARG W 399 29.50 34.42 -17.45
CA ARG W 399 29.49 34.42 -17.45
C ARG W 399 30.42 33.73 -18.43
N LYS W 400 30.35 34.11 -19.71
N LYS W 400 30.35 34.11 -19.71
CA LYS W 400 31.24 33.52 -20.70
CA LYS W 400 31.24 33.53 -20.71
C LYS W 400 32.69 33.83 -20.37
C LYS W 400 32.69 33.83 -20.37
N ASP W 401 32.98 35.05 -19.93
CA ASP W 401 34.34 35.38 -19.49
C ASP W 401 34.75 34.52 -18.31
N MET W 402 33.78 34.10 -17.49
CA MET W 402 34.06 33.14 -16.43
C MET W 402 34.45 31.78 -17.01
N GLU W 403 33.77 31.34 -18.07
CA GLU W 403 34.01 30.00 -18.58
C GLU W 403 35.33 29.93 -19.36
N ASP W 404 35.60 30.93 -20.20
CA ASP W 404 36.79 30.93 -21.03
C ASP W 404 37.93 31.69 -20.32
N GLU W 405 38.36 31.12 -19.21
CA GLU W 405 39.43 31.74 -18.42
C GLU W 405 40.77 31.54 -19.14
N LYS W 406 41.41 32.65 -19.50
CA LYS W 406 42.68 32.61 -20.19
C LYS W 406 43.83 32.51 -19.20
N LEU W 407 45.06 32.53 -19.72
CA LEU W 407 46.23 32.58 -18.87
C LEU W 407 46.61 34.03 -18.58
N LEU W 408 47.34 34.23 -17.49
CA LEU W 408 47.70 35.58 -17.07
C LEU W 408 48.75 36.15 -18.01
N GLY W 409 48.40 37.23 -18.70
CA GLY W 409 49.34 37.91 -19.58
C GLY W 409 49.80 37.10 -20.76
N VAL W 410 48.89 36.41 -21.44
CA VAL W 410 49.20 35.65 -22.64
C VAL W 410 48.13 35.94 -23.69
N ARG W 411 48.56 36.34 -24.89
CA ARG W 411 47.67 36.55 -26.02
C ARG W 411 47.94 35.45 -27.04
N GLU W 412 46.89 34.70 -27.39
CA GLU W 412 47.00 33.60 -28.35
C GLU W 412 46.54 34.11 -29.71
N ARG W 413 47.48 34.51 -30.54
CA ARG W 413 47.21 35.01 -31.88
C ARG W 413 47.88 34.12 -32.91
N THR W 414 47.16 33.79 -33.97
CA THR W 414 47.64 32.89 -35.00
C THR W 414 48.32 33.67 -36.11
N LEU W 415 49.47 33.19 -36.58
CA LEU W 415 50.17 33.78 -37.70
C LEU W 415 49.44 33.43 -38.98
N THR W 416 48.89 34.43 -39.67
CA THR W 416 48.06 34.17 -40.84
C THR W 416 48.89 33.97 -42.10
N CYS W 417 49.90 33.10 -42.03
CA CYS W 417 50.74 32.74 -43.18
C CYS W 417 51.40 33.97 -43.81
N CYS W 418 51.56 35.03 -43.02
N CYS W 418 51.57 35.01 -43.02
CA CYS W 418 52.11 36.29 -43.50
CA CYS W 418 52.13 36.27 -43.49
C CYS W 418 52.85 36.94 -42.33
C CYS W 418 52.80 36.96 -42.31
N CYS W 419 53.14 38.24 -42.47
CA CYS W 419 53.76 39.02 -41.41
C CYS W 419 52.73 39.70 -40.51
N LEU W 420 51.53 39.14 -40.42
CA LEU W 420 50.44 39.70 -39.64
C LEU W 420 49.96 38.68 -38.62
N TRP W 421 49.33 39.19 -37.56
CA TRP W 421 48.80 38.38 -36.48
C TRP W 421 47.33 38.72 -36.27
N ALA W 422 46.52 37.68 -36.03
CA ALA W 422 45.08 37.82 -35.91
C ALA W 422 44.58 37.12 -34.66
N PHE W 423 43.49 37.64 -34.10
CA PHE W 423 42.86 37.09 -32.92
C PHE W 423 41.35 37.03 -33.13
N LYS W 424 40.68 36.27 -32.26
CA LYS W 424 39.24 36.13 -32.30
C LYS W 424 38.58 37.16 -31.38
N LYS W 425 37.58 37.86 -31.91
CA LYS W 425 36.81 38.83 -31.14
C LYS W 425 35.57 38.17 -30.58
N GLN W 426 35.28 38.43 -29.31
CA GLN W 426 34.11 37.86 -28.66
C GLN W 426 32.87 38.68 -28.99
N LYS W 427 31.71 38.09 -28.71
CA LYS W 427 30.44 38.75 -28.97
C LYS W 427 30.12 39.71 -27.82
N THR W 428 30.12 41.00 -28.11
CA THR W 428 29.83 42.04 -27.12
C THR W 428 28.54 42.74 -27.55
N HIS W 429 27.44 42.40 -26.88
CA HIS W 429 26.15 42.97 -27.20
C HIS W 429 25.73 44.10 -26.27
N THR W 430 26.35 44.21 -25.09
CA THR W 430 25.97 45.24 -24.13
C THR W 430 27.22 45.88 -23.54
N VAL W 431 27.21 47.21 -23.48
CA VAL W 431 28.19 47.98 -22.75
C VAL W 431 27.47 48.59 -21.56
N TYR W 432 27.87 48.19 -20.35
CA TYR W 432 27.17 48.54 -19.12
C TYR W 432 28.17 49.21 -18.19
N LYS W 433 28.11 50.54 -18.11
CA LYS W 433 28.92 51.32 -17.18
C LYS W 433 28.15 51.45 -15.88
N ARG W 434 28.57 50.72 -14.86
CA ARG W 434 27.91 50.73 -13.57
C ARG W 434 28.15 52.06 -12.86
N PRO W 435 27.33 52.38 -11.86
CA PRO W 435 27.60 53.59 -11.07
C PRO W 435 28.98 53.54 -10.42
N ASP W 436 29.59 54.72 -10.26
CA ASP W 436 30.94 54.88 -9.74
C ASP W 436 31.99 54.28 -10.67
N THR W 437 31.70 54.23 -11.97
CA THR W 437 32.66 53.85 -12.99
C THR W 437 32.91 55.04 -13.92
N GLN W 438 33.83 54.85 -14.86
CA GLN W 438 34.22 55.90 -15.78
C GLN W 438 34.41 55.35 -17.17
N SER W 439 33.89 56.08 -18.16
CA SER W 439 34.14 55.79 -19.56
C SER W 439 35.30 56.65 -20.05
N ILE W 440 36.30 56.00 -20.64
CA ILE W 440 37.50 56.67 -21.12
C ILE W 440 37.56 56.48 -22.64
N GLN W 441 37.56 57.59 -23.38
CA GLN W 441 37.51 57.54 -24.83
C GLN W 441 38.62 58.40 -25.43
N LYS W 442 39.32 57.86 -26.42
CA LYS W 442 40.39 58.58 -27.09
C LYS W 442 39.80 59.53 -28.12
N VAL W 443 40.01 60.83 -27.94
CA VAL W 443 39.47 61.85 -28.82
C VAL W 443 40.62 62.68 -29.38
N GLN W 444 40.30 63.48 -30.39
CA GLN W 444 41.31 64.33 -31.01
C GLN W 444 41.63 65.52 -30.13
N ALA W 445 42.92 65.82 -29.98
CA ALA W 445 43.40 67.02 -29.33
C ALA W 445 44.20 67.85 -30.33
N GLU W 446 44.73 68.97 -29.83
CA GLU W 446 45.58 69.87 -30.62
C GLU W 446 44.91 70.29 -31.93
N PHE W 447 43.76 70.93 -31.77
CA PHE W 447 43.04 71.47 -32.92
C PHE W 447 43.76 72.69 -33.49
N PRO X 3 -9.51 82.33 -10.33
CA PRO X 3 -10.47 81.29 -9.94
C PRO X 3 -11.41 80.91 -11.08
N VAL X 4 -10.99 79.94 -11.88
CA VAL X 4 -11.79 79.48 -13.02
C VAL X 4 -12.80 78.44 -12.56
N TYR X 5 -14.04 78.59 -13.01
CA TYR X 5 -15.11 77.66 -12.70
C TYR X 5 -15.43 76.82 -13.92
N VAL X 6 -15.62 75.52 -13.71
CA VAL X 6 -15.86 74.57 -14.78
C VAL X 6 -17.22 73.92 -14.58
N ASP X 7 -17.99 73.84 -15.66
CA ASP X 7 -19.33 73.23 -15.63
C ASP X 7 -19.22 71.70 -15.68
N ILE X 8 -18.56 71.16 -14.66
CA ILE X 8 -18.38 69.71 -14.51
C ILE X 8 -18.81 69.32 -13.10
N ASP X 9 -18.88 68.01 -12.88
CA ASP X 9 -19.29 67.49 -11.57
C ASP X 9 -18.27 67.86 -10.51
N ALA X 10 -18.76 67.98 -9.27
CA ALA X 10 -17.89 68.32 -8.15
C ALA X 10 -17.00 67.15 -7.73
N ASP X 11 -17.31 65.93 -8.17
CA ASP X 11 -16.53 64.75 -7.80
C ASP X 11 -16.10 63.96 -9.04
N SER X 12 -15.95 64.64 -10.18
CA SER X 12 -15.54 63.98 -11.41
C SER X 12 -14.06 63.64 -11.37
N ALA X 13 -13.71 62.49 -11.95
CA ALA X 13 -12.31 62.07 -11.99
C ALA X 13 -11.48 62.92 -12.94
N PHE X 14 -12.10 63.48 -13.98
CA PHE X 14 -11.39 64.35 -14.91
C PHE X 14 -10.86 65.62 -14.25
N LEU X 15 -11.53 66.08 -13.18
CA LEU X 15 -11.15 67.32 -12.50
C LEU X 15 -9.63 67.39 -12.28
N LYS X 16 -9.07 66.39 -11.59
CA LYS X 16 -7.64 66.39 -11.31
C LYS X 16 -6.82 66.57 -12.59
N ALA X 17 -7.13 65.80 -13.63
CA ALA X 17 -6.41 65.93 -14.88
C ALA X 17 -6.47 67.37 -15.38
N LEU X 18 -7.65 67.96 -15.33
CA LEU X 18 -7.80 69.36 -15.72
C LEU X 18 -6.89 70.26 -14.90
N GLN X 19 -6.85 70.03 -13.58
N GLN X 19 -6.83 70.03 -13.58
CA GLN X 19 -5.98 70.84 -12.72
CA GLN X 19 -5.97 70.85 -12.73
C GLN X 19 -4.51 70.62 -13.07
C GLN X 19 -4.50 70.62 -13.06
N ARG X 20 -4.15 69.42 -13.52
CA ARG X 20 -2.77 69.20 -13.96
C ARG X 20 -2.52 69.84 -15.32
N ALA X 21 -3.58 70.05 -16.10
CA ALA X 21 -3.43 70.67 -17.42
C ALA X 21 -3.27 72.18 -17.33
N TYR X 22 -3.78 72.82 -16.28
CA TYR X 22 -3.72 74.27 -16.13
C TYR X 22 -3.25 74.61 -14.72
N PRO X 23 -1.93 74.54 -14.48
CA PRO X 23 -1.42 74.85 -13.13
C PRO X 23 -1.51 76.31 -12.75
N MET X 24 -1.62 77.23 -13.71
CA MET X 24 -1.69 78.65 -13.40
C MET X 24 -3.06 79.07 -12.87
N PHE X 25 -4.07 78.21 -12.97
CA PHE X 25 -5.44 78.55 -12.62
C PHE X 25 -5.90 77.67 -11.47
N GLU X 26 -6.85 78.20 -10.70
CA GLU X 26 -7.53 77.43 -9.64
C GLU X 26 -8.85 76.95 -10.23
N VAL X 27 -8.91 75.66 -10.56
CA VAL X 27 -10.06 75.09 -11.23
C VAL X 27 -11.04 74.59 -10.17
N GLU X 28 -12.26 75.12 -10.20
CA GLU X 28 -13.28 74.74 -9.23
C GLU X 28 -14.53 74.29 -9.98
N PRO X 29 -15.11 73.16 -9.61
CA PRO X 29 -16.29 72.66 -10.33
C PRO X 29 -17.56 73.39 -9.93
N ARG X 30 -18.42 73.65 -10.91
CA ARG X 30 -19.74 74.23 -10.67
C ARG X 30 -20.68 73.68 -11.76
N GLN X 31 -21.38 72.60 -11.44
CA GLN X 31 -22.22 71.92 -12.40
C GLN X 31 -23.60 72.60 -12.45
N VAL X 32 -24.00 73.03 -13.64
CA VAL X 32 -25.29 73.68 -13.81
C VAL X 32 -26.00 73.06 -15.01
N THR X 33 -25.38 72.04 -15.61
CA THR X 33 -25.94 71.37 -16.78
C THR X 33 -25.46 69.92 -16.85
N PRO X 34 -26.35 68.97 -17.14
CA PRO X 34 -25.93 67.57 -17.31
C PRO X 34 -25.38 67.31 -18.71
N ASN X 35 -24.35 68.06 -19.09
CA ASN X 35 -23.81 68.00 -20.44
C ASN X 35 -23.11 66.66 -20.67
N ASP X 36 -23.41 66.05 -21.83
CA ASP X 36 -22.80 64.78 -22.20
C ASP X 36 -21.33 64.92 -22.58
N HIS X 37 -20.85 66.14 -22.83
CA HIS X 37 -19.46 66.39 -23.19
C HIS X 37 -18.92 67.58 -22.41
N ALA X 38 -19.16 67.57 -21.09
CA ALA X 38 -18.78 68.70 -20.26
C ALA X 38 -17.26 68.88 -20.17
N ASN X 39 -16.51 67.77 -20.26
CA ASN X 39 -15.05 67.87 -20.22
C ASN X 39 -14.52 68.69 -21.38
N ALA X 40 -15.09 68.52 -22.57
CA ALA X 40 -14.66 69.28 -23.73
C ALA X 40 -14.87 70.77 -23.51
N ARG X 41 -16.04 71.15 -23.00
CA ARG X 41 -16.32 72.57 -22.78
C ARG X 41 -15.46 73.15 -21.68
N ALA X 42 -15.20 72.37 -20.63
CA ALA X 42 -14.32 72.83 -19.56
C ALA X 42 -12.90 73.07 -20.09
N PHE X 43 -12.38 72.13 -20.88
CA PHE X 43 -11.05 72.30 -21.45
C PHE X 43 -11.01 73.50 -22.39
N SER X 44 -12.05 73.69 -23.20
CA SER X 44 -12.09 74.86 -24.09
C SER X 44 -12.12 76.16 -23.30
N HIS X 45 -12.89 76.19 -22.21
CA HIS X 45 -12.97 77.39 -21.38
C HIS X 45 -11.62 77.74 -20.79
N LEU X 46 -10.95 76.74 -20.19
CA LEU X 46 -9.64 77.02 -19.63
C LEU X 46 -8.60 77.33 -20.70
N ALA X 47 -8.75 76.75 -21.89
CA ALA X 47 -7.84 77.10 -22.98
C ALA X 47 -7.99 78.55 -23.39
N ILE X 48 -9.24 79.03 -23.49
CA ILE X 48 -9.48 80.43 -23.81
C ILE X 48 -8.93 81.34 -22.71
N LYS X 49 -9.14 80.94 -21.45
CA LYS X 49 -8.60 81.73 -20.34
C LYS X 49 -7.08 81.79 -20.37
N LEU X 50 -6.43 80.65 -20.64
CA LEU X 50 -4.98 80.63 -20.75
C LEU X 50 -4.50 81.51 -21.90
N ILE X 51 -5.19 81.46 -23.04
CA ILE X 51 -4.83 82.28 -24.18
C ILE X 51 -4.92 83.75 -23.81
N GLU X 52 -6.03 84.14 -23.16
CA GLU X 52 -6.22 85.54 -22.78
C GLU X 52 -5.16 86.00 -21.79
N GLN X 53 -4.80 85.13 -20.85
CA GLN X 53 -3.76 85.50 -19.88
C GLN X 53 -2.40 85.64 -20.55
N GLU X 54 -2.07 84.75 -21.48
CA GLU X 54 -0.71 84.66 -21.99
C GLU X 54 -0.37 85.70 -23.05
N ILE X 55 -1.34 86.49 -23.52
CA ILE X 55 -1.08 87.39 -24.63
C ILE X 55 -1.30 88.85 -24.22
N ASP X 56 -1.08 89.76 -25.16
CA ASP X 56 -1.13 91.20 -24.89
C ASP X 56 -2.56 91.63 -24.59
N PRO X 57 -2.84 92.26 -23.44
CA PRO X 57 -4.20 92.74 -23.18
C PRO X 57 -4.71 93.75 -24.19
N ASP X 58 -3.84 94.59 -24.77
CA ASP X 58 -4.24 95.60 -25.74
C ASP X 58 -3.95 95.07 -27.14
N SER X 59 -4.86 94.25 -27.64
CA SER X 59 -4.73 93.67 -28.98
C SER X 59 -6.08 93.16 -29.43
N THR X 60 -6.44 93.47 -30.67
CA THR X 60 -7.66 92.92 -31.26
C THR X 60 -7.48 91.42 -31.50
N ILE X 61 -8.46 90.63 -31.06
CA ILE X 61 -8.34 89.18 -31.05
C ILE X 61 -9.42 88.63 -31.96
N LEU X 62 -9.04 88.25 -33.19
CA LEU X 62 -9.98 87.62 -34.10
C LEU X 62 -9.99 86.11 -33.85
N ASP X 63 -11.19 85.55 -33.70
CA ASP X 63 -11.36 84.11 -33.52
C ASP X 63 -12.12 83.56 -34.71
N ILE X 64 -11.52 82.55 -35.36
CA ILE X 64 -12.02 82.03 -36.62
C ILE X 64 -13.14 81.03 -36.35
N GLY X 65 -14.26 81.18 -37.06
CA GLY X 65 -15.37 80.26 -36.93
C GLY X 65 -15.89 80.15 -35.51
N SER X 66 -15.98 81.26 -34.80
CA SER X 66 -16.31 81.25 -33.39
C SER X 66 -17.79 81.50 -33.16
N ALA X 67 -18.27 81.08 -31.99
CA ALA X 67 -19.61 81.41 -31.55
C ALA X 67 -19.56 82.71 -30.76
N PRO X 68 -20.24 83.77 -31.20
CA PRO X 68 -20.12 85.06 -30.50
C PRO X 68 -20.70 85.06 -29.09
N ALA X 69 -21.55 84.10 -28.74
CA ALA X 69 -22.13 84.08 -27.41
C ALA X 69 -21.09 83.76 -26.34
N ARG X 70 -20.09 82.95 -26.66
CA ARG X 70 -19.09 82.56 -25.67
C ARG X 70 -18.12 83.69 -25.35
N ARG X 71 -17.91 84.63 -26.27
CA ARG X 71 -16.96 85.70 -26.07
C ARG X 71 -17.49 86.84 -25.20
N MET X 72 -18.71 86.71 -24.69
CA MET X 72 -19.26 87.73 -23.79
C MET X 72 -18.50 87.74 -22.47
N MET X 73 -18.65 88.86 -21.75
CA MET X 73 -17.99 89.07 -20.45
C MET X 73 -16.47 88.99 -20.57
N SER X 74 -15.95 89.37 -21.74
CA SER X 74 -14.51 89.43 -21.98
C SER X 74 -14.16 90.83 -22.43
N ASP X 75 -13.42 91.57 -21.59
CA ASP X 75 -13.10 92.95 -21.88
C ASP X 75 -12.19 93.09 -23.10
N ARG X 76 -11.52 92.02 -23.51
CA ARG X 76 -10.65 92.08 -24.68
C ARG X 76 -11.48 92.23 -25.94
N LYS X 77 -10.98 93.04 -26.88
CA LYS X 77 -11.64 93.18 -28.16
C LYS X 77 -11.61 91.86 -28.93
N TYR X 78 -12.75 91.48 -29.50
CA TYR X 78 -12.88 90.22 -30.21
C TYR X 78 -13.51 90.46 -31.58
N HIS X 79 -12.86 89.93 -32.62
CA HIS X 79 -13.42 89.89 -33.96
C HIS X 79 -14.05 88.51 -34.18
N CYS X 80 -15.30 88.37 -33.75
CA CYS X 80 -16.01 87.10 -33.86
C CYS X 80 -16.36 86.87 -35.32
N VAL X 81 -15.53 86.10 -36.01
CA VAL X 81 -15.75 85.82 -37.42
C VAL X 81 -16.80 84.72 -37.56
N CYS X 82 -17.88 85.02 -38.26
N CYS X 82 -17.88 85.03 -38.27
CA CYS X 82 -18.99 84.10 -38.47
CA CYS X 82 -18.99 84.10 -38.47
C CYS X 82 -19.29 84.01 -39.96
C CYS X 82 -19.29 84.01 -39.96
N PRO X 83 -18.62 83.11 -40.68
CA PRO X 83 -18.85 82.99 -42.13
C PRO X 83 -20.25 82.53 -42.50
N MET X 84 -21.05 82.06 -41.54
CA MET X 84 -22.42 81.62 -41.77
C MET X 84 -22.47 80.38 -42.67
N ARG X 85 -21.42 79.57 -42.65
CA ARG X 85 -21.31 78.42 -43.53
C ARG X 85 -22.04 77.20 -42.97
N SER X 86 -21.82 76.89 -41.69
CA SER X 86 -22.46 75.73 -41.08
C SER X 86 -23.91 76.05 -40.76
N ALA X 87 -24.68 74.98 -40.54
CA ALA X 87 -26.11 75.11 -40.26
C ALA X 87 -26.40 75.54 -38.82
N GLU X 88 -25.45 75.39 -37.90
CA GLU X 88 -25.67 75.82 -36.53
C GLU X 88 -25.53 77.32 -36.35
N ASP X 89 -24.87 78.00 -37.29
CA ASP X 89 -24.57 79.42 -37.12
C ASP X 89 -25.80 80.31 -36.96
N PRO X 90 -26.88 80.16 -37.73
CA PRO X 90 -28.05 81.04 -37.50
C PRO X 90 -28.56 81.01 -36.07
N GLU X 91 -28.58 79.83 -35.45
CA GLU X 91 -29.06 79.72 -34.08
C GLU X 91 -28.08 80.34 -33.10
N ARG X 92 -26.78 80.20 -33.36
CA ARG X 92 -25.78 80.87 -32.53
C ARG X 92 -25.94 82.39 -32.61
N LEU X 93 -26.17 82.91 -33.82
CA LEU X 93 -26.37 84.35 -33.96
C LEU X 93 -27.67 84.80 -33.28
N ALA X 94 -28.71 83.98 -33.37
CA ALA X 94 -29.96 84.31 -32.68
C ALA X 94 -29.76 84.39 -31.17
N ASN X 95 -29.05 83.41 -30.61
CA ASN X 95 -28.77 83.44 -29.17
C ASN X 95 -27.89 84.62 -28.79
N TYR X 96 -26.89 84.94 -29.63
CA TYR X 96 -26.02 86.07 -29.37
C TYR X 96 -26.80 87.38 -29.39
N ALA X 97 -27.71 87.52 -30.34
CA ALA X 97 -28.54 88.73 -30.41
C ALA X 97 -29.49 88.81 -29.22
N ARG X 98 -30.01 87.67 -28.77
CA ARG X 98 -30.84 87.65 -27.57
C ARG X 98 -30.05 88.14 -26.36
N LYS X 99 -28.81 87.65 -26.21
CA LYS X 99 -27.99 88.08 -25.09
C LYS X 99 -27.63 89.56 -25.19
N LEU X 100 -27.30 90.03 -26.40
CA LEU X 100 -26.95 91.43 -26.56
C LEU X 100 -28.14 92.35 -26.32
N ALA X 101 -29.35 91.88 -26.63
CA ALA X 101 -30.55 92.66 -26.38
C ALA X 101 -31.09 92.51 -24.97
N SER X 102 -30.57 91.57 -24.19
CA SER X 102 -31.02 91.33 -22.83
C SER X 102 -30.20 92.07 -21.78
N ALA X 103 -29.15 92.77 -22.19
CA ALA X 103 -28.28 93.47 -21.25
C ALA X 103 -27.96 94.87 -21.76
N ALA X 104 -28.96 95.56 -22.31
CA ALA X 104 -28.75 96.93 -22.79
C ALA X 104 -28.46 97.87 -21.63
N GLY X 105 -29.29 97.84 -20.59
CA GLY X 105 -29.08 98.68 -19.43
C GLY X 105 -28.51 97.93 -18.23
N LYS X 106 -27.94 96.74 -18.48
CA LYS X 106 -27.44 95.89 -17.42
C LYS X 106 -25.93 95.96 -17.26
N VAL X 107 -25.18 95.76 -18.35
CA VAL X 107 -23.72 95.79 -18.33
C VAL X 107 -23.25 96.83 -19.33
N LEU X 108 -22.17 97.53 -18.98
CA LEU X 108 -21.62 98.58 -19.82
C LEU X 108 -20.13 98.47 -20.08
N ASP X 109 -19.38 97.69 -19.28
CA ASP X 109 -17.94 97.59 -19.44
C ASP X 109 -17.53 96.63 -20.54
N ARG X 110 -18.46 95.88 -21.12
CA ARG X 110 -18.16 94.87 -22.13
C ARG X 110 -18.42 95.35 -23.55
N ASN X 111 -18.47 96.66 -23.77
CA ASN X 111 -18.65 97.29 -25.07
C ASN X 111 -19.88 96.74 -25.81
N ILE X 112 -20.86 96.23 -25.07
CA ILE X 112 -22.07 95.69 -25.67
C ILE X 112 -22.86 96.79 -26.39
N SER X 113 -22.80 98.02 -25.87
CA SER X 113 -23.49 99.14 -26.52
C SER X 113 -22.97 99.34 -27.95
N GLY X 114 -21.66 99.17 -28.16
CA GLY X 114 -21.11 99.19 -29.50
C GLY X 114 -21.30 97.91 -30.28
N LYS X 115 -21.41 96.77 -29.58
CA LYS X 115 -21.69 95.51 -30.26
C LYS X 115 -23.08 95.51 -30.88
N ILE X 116 -24.03 96.20 -30.25
CA ILE X 116 -25.36 96.33 -30.84
C ILE X 116 -25.27 97.08 -32.17
N GLY X 117 -24.50 98.18 -32.20
CA GLY X 117 -24.32 98.90 -33.44
C GLY X 117 -23.59 98.07 -34.49
N ASP X 118 -22.61 97.28 -34.06
CA ASP X 118 -21.91 96.40 -34.99
C ASP X 118 -22.85 95.38 -35.61
N LEU X 119 -23.71 94.79 -34.79
CA LEU X 119 -24.70 93.84 -35.31
C LEU X 119 -25.66 94.53 -36.27
N GLN X 120 -26.17 95.71 -35.90
CA GLN X 120 -27.05 96.43 -36.81
C GLN X 120 -26.33 96.79 -38.11
N ALA X 121 -25.01 96.97 -38.06
CA ALA X 121 -24.26 97.27 -39.27
C ALA X 121 -24.13 96.04 -40.16
N VAL X 122 -23.84 94.87 -39.56
CA VAL X 122 -23.54 93.71 -40.39
C VAL X 122 -24.79 93.20 -41.12
N MET X 123 -25.98 93.38 -40.53
CA MET X 123 -27.23 93.02 -41.20
C MET X 123 -27.77 94.13 -42.09
N ALA X 124 -26.91 95.07 -42.50
CA ALA X 124 -27.28 96.11 -43.45
C ALA X 124 -26.62 95.91 -44.80
N VAL X 125 -25.30 95.77 -44.83
CA VAL X 125 -24.55 95.42 -46.02
C VAL X 125 -23.80 94.13 -45.73
N PRO X 126 -23.90 93.10 -46.58
CA PRO X 126 -23.25 91.81 -46.26
C PRO X 126 -21.74 91.89 -46.16
N ASP X 127 -21.11 92.93 -46.71
CA ASP X 127 -19.66 93.11 -46.65
C ASP X 127 -19.25 94.15 -45.62
N THR X 128 -20.06 94.36 -44.58
CA THR X 128 -19.78 95.34 -43.54
C THR X 128 -18.73 94.77 -42.59
N GLU X 129 -17.48 95.21 -42.74
CA GLU X 129 -16.40 94.78 -41.88
C GLU X 129 -16.34 95.72 -40.68
N THR X 130 -17.15 95.43 -39.67
CA THR X 130 -17.12 96.20 -38.43
C THR X 130 -15.88 95.83 -37.62
N PRO X 131 -15.46 96.69 -36.69
CA PRO X 131 -14.28 96.36 -35.89
C PRO X 131 -14.42 95.07 -35.09
N THR X 132 -15.61 94.74 -34.62
CA THR X 132 -15.80 93.62 -33.70
C THR X 132 -16.56 92.44 -34.28
N PHE X 133 -17.16 92.57 -35.47
CA PHE X 133 -17.99 91.50 -35.99
C PHE X 133 -18.06 91.59 -37.51
N CYS X 134 -18.04 90.44 -38.18
CA CYS X 134 -18.12 90.40 -39.63
C CYS X 134 -18.60 89.02 -40.06
N LEU X 135 -19.09 88.94 -41.29
CA LEU X 135 -19.59 87.70 -41.88
C LEU X 135 -18.78 87.42 -43.15
N HIS X 136 -17.63 86.77 -42.96
CA HIS X 136 -16.78 86.36 -44.07
C HIS X 136 -16.00 85.13 -43.65
N THR X 137 -15.48 84.41 -44.64
CA THR X 137 -14.57 83.32 -44.34
C THR X 137 -13.21 83.86 -43.93
N ASP X 138 -12.39 82.99 -43.34
CA ASP X 138 -11.08 83.41 -42.87
C ASP X 138 -10.14 83.81 -44.00
N VAL X 139 -10.45 83.41 -45.23
CA VAL X 139 -9.61 83.73 -46.38
C VAL X 139 -10.16 84.91 -47.17
N SER X 140 -11.18 85.60 -46.65
CA SER X 140 -11.73 86.77 -47.31
C SER X 140 -11.95 87.97 -46.40
N CYS X 141 -11.91 87.79 -45.08
CA CYS X 141 -12.05 88.92 -44.17
C CYS X 141 -10.88 89.88 -44.32
N ARG X 142 -11.16 91.17 -44.25
CA ARG X 142 -10.16 92.21 -44.47
C ARG X 142 -9.68 92.88 -43.19
N GLN X 143 -10.10 92.41 -42.02
CA GLN X 143 -9.64 93.00 -40.78
C GLN X 143 -8.16 92.70 -40.56
N ARG X 144 -7.46 93.66 -39.97
CA ARG X 144 -6.02 93.57 -39.73
C ARG X 144 -5.79 93.59 -38.22
N ALA X 145 -5.81 92.42 -37.60
CA ALA X 145 -5.58 92.26 -36.17
C ALA X 145 -4.26 91.54 -35.92
N ASP X 146 -4.00 91.24 -34.65
CA ASP X 146 -2.72 90.66 -34.24
C ASP X 146 -2.78 89.21 -33.81
N VAL X 147 -3.92 88.74 -33.30
CA VAL X 147 -4.03 87.41 -32.73
C VAL X 147 -5.18 86.68 -33.40
N ALA X 148 -4.96 85.41 -33.77
CA ALA X 148 -5.98 84.55 -34.33
C ALA X 148 -6.26 83.41 -33.36
N ILE X 149 -7.52 82.97 -33.31
CA ILE X 149 -7.94 81.87 -32.44
C ILE X 149 -8.79 80.92 -33.25
N TYR X 150 -8.45 79.63 -33.19
CA TYR X 150 -9.22 78.57 -33.85
C TYR X 150 -9.66 77.60 -32.76
N GLN X 151 -10.80 77.88 -32.14
CA GLN X 151 -11.36 77.03 -31.09
C GLN X 151 -12.29 76.01 -31.73
N ASP X 152 -11.90 74.73 -31.65
CA ASP X 152 -12.69 73.63 -32.21
C ASP X 152 -12.98 73.86 -33.70
N VAL X 153 -11.96 74.29 -34.42
CA VAL X 153 -12.06 74.55 -35.85
C VAL X 153 -11.20 73.51 -36.55
N TYR X 154 -11.84 72.45 -37.06
CA TYR X 154 -11.14 71.37 -37.74
C TYR X 154 -11.43 71.31 -39.23
N ALA X 155 -12.43 72.05 -39.72
CA ALA X 155 -12.90 71.92 -41.10
C ALA X 155 -12.33 73.00 -42.01
N VAL X 156 -11.09 73.44 -41.78
CA VAL X 156 -10.43 74.39 -42.65
C VAL X 156 -8.99 73.93 -42.86
N HIS X 157 -8.41 74.40 -43.97
CA HIS X 157 -7.02 74.07 -44.30
C HIS X 157 -6.10 74.94 -43.45
N ALA X 158 -5.27 74.30 -42.64
CA ALA X 158 -4.40 75.06 -41.74
C ALA X 158 -3.43 75.98 -42.46
N PRO X 159 -2.63 75.52 -43.44
CA PRO X 159 -1.67 76.43 -44.06
C PRO X 159 -2.31 77.62 -44.76
N THR X 160 -3.42 77.40 -45.47
CA THR X 160 -4.05 78.49 -46.20
C THR X 160 -4.58 79.56 -45.25
N SER X 161 -5.32 79.13 -44.22
CA SER X 161 -5.85 80.10 -43.26
C SER X 161 -4.74 80.79 -42.48
N LEU X 162 -3.70 80.04 -42.09
CA LEU X 162 -2.59 80.64 -41.36
C LEU X 162 -1.89 81.69 -42.21
N TYR X 163 -1.68 81.41 -43.50
CA TYR X 163 -1.09 82.41 -44.40
C TYR X 163 -2.02 83.61 -44.57
N HIS X 164 -3.33 83.37 -44.67
CA HIS X 164 -4.25 84.48 -44.89
C HIS X 164 -4.33 85.40 -43.67
N GLN X 165 -4.16 84.85 -42.47
CA GLN X 165 -4.06 85.73 -41.30
C GLN X 165 -2.66 86.31 -41.11
N ALA X 166 -1.62 85.62 -41.58
CA ALA X 166 -0.27 86.17 -41.51
C ALA X 166 -0.14 87.42 -42.38
N ILE X 167 -0.73 87.38 -43.59
CA ILE X 167 -0.75 88.56 -44.45
C ILE X 167 -1.69 89.64 -43.92
N LYS X 168 -2.43 89.37 -42.85
CA LYS X 168 -3.31 90.34 -42.22
C LYS X 168 -2.71 90.91 -40.94
N GLY X 169 -1.44 90.65 -40.68
CA GLY X 169 -0.77 91.17 -39.50
C GLY X 169 -0.87 90.31 -38.27
N VAL X 170 -1.59 89.19 -38.32
CA VAL X 170 -1.75 88.31 -37.16
C VAL X 170 -0.40 87.63 -36.90
N ARG X 171 0.17 87.87 -35.72
CA ARG X 171 1.44 87.28 -35.36
C ARG X 171 1.30 86.02 -34.49
N LEU X 172 0.19 85.88 -33.78
CA LEU X 172 -0.04 84.75 -32.88
C LEU X 172 -1.35 84.08 -33.26
N ALA X 173 -1.35 82.75 -33.30
CA ALA X 173 -2.54 81.95 -33.54
C ALA X 173 -2.60 80.83 -32.51
N TYR X 174 -3.81 80.49 -32.09
CA TYR X 174 -4.03 79.41 -31.14
C TYR X 174 -5.06 78.45 -31.71
N TRP X 175 -4.75 77.16 -31.69
CA TRP X 175 -5.66 76.13 -32.15
C TRP X 175 -5.98 75.20 -30.99
N VAL X 176 -7.21 75.25 -30.51
CA VAL X 176 -7.69 74.38 -29.44
C VAL X 176 -8.60 73.33 -30.06
N GLY X 177 -8.19 72.06 -29.97
CA GLY X 177 -8.99 71.03 -30.60
C GLY X 177 -8.47 69.66 -30.24
N PHE X 178 -9.11 68.65 -30.84
CA PHE X 178 -8.72 67.28 -30.61
C PHE X 178 -7.33 67.01 -31.21
N ASP X 179 -6.60 66.12 -30.55
CA ASP X 179 -5.27 65.75 -31.04
C ASP X 179 -5.38 65.15 -32.43
N THR X 180 -4.52 65.60 -33.34
CA THR X 180 -4.52 65.14 -34.72
C THR X 180 -3.54 64.00 -34.96
N THR X 181 -2.83 63.56 -33.93
CA THR X 181 -1.94 62.41 -34.08
C THR X 181 -2.64 61.14 -34.55
N PRO X 182 -3.85 60.80 -34.08
CA PRO X 182 -4.50 59.58 -34.60
C PRO X 182 -4.73 59.62 -36.11
N PHE X 183 -4.93 60.79 -36.70
CA PHE X 183 -5.19 60.86 -38.13
C PHE X 183 -3.94 60.85 -38.98
N MET X 184 -2.77 61.16 -38.41
CA MET X 184 -1.52 60.93 -39.12
C MET X 184 -1.14 59.46 -39.13
N TYR X 185 -1.72 58.65 -38.23
CA TYR X 185 -1.56 57.22 -38.23
C TYR X 185 -2.56 56.51 -39.14
N ASN X 186 -3.53 57.25 -39.70
CA ASN X 186 -4.52 56.71 -40.63
C ASN X 186 -5.35 55.59 -39.98
N ALA X 187 -6.01 55.95 -38.89
CA ALA X 187 -6.89 55.01 -38.18
C ALA X 187 -8.30 55.07 -38.76
N MET X 188 -8.93 53.91 -38.88
CA MET X 188 -10.29 53.86 -39.41
C MET X 188 -11.31 54.31 -38.38
N ALA X 189 -11.04 54.07 -37.09
CA ALA X 189 -11.91 54.51 -36.02
C ALA X 189 -11.05 54.82 -34.81
N GLY X 190 -11.61 55.60 -33.88
CA GLY X 190 -10.85 55.98 -32.71
C GLY X 190 -11.74 56.56 -31.64
N ALA X 191 -11.15 56.78 -30.47
CA ALA X 191 -11.90 57.25 -29.32
C ALA X 191 -11.02 58.10 -28.42
N TYR X 192 -11.58 59.20 -27.92
CA TYR X 192 -11.05 59.96 -26.80
C TYR X 192 -11.93 59.63 -25.60
N PRO X 193 -11.62 58.58 -24.85
CA PRO X 193 -12.52 58.14 -23.76
C PRO X 193 -12.69 59.18 -22.66
N SER X 194 -11.66 59.96 -22.36
CA SER X 194 -11.74 60.93 -21.27
C SER X 194 -12.69 62.07 -21.58
N TYR X 195 -13.10 62.23 -22.83
CA TYR X 195 -14.06 63.26 -23.22
C TYR X 195 -15.35 62.66 -23.75
N SER X 196 -15.56 61.36 -23.54
CA SER X 196 -16.73 60.65 -24.06
C SER X 196 -16.86 60.81 -25.56
N THR X 197 -15.72 60.89 -26.25
CA THR X 197 -15.70 61.21 -27.68
C THR X 197 -15.35 59.97 -28.47
N ASN X 198 -16.07 59.75 -29.56
CA ASN X 198 -15.76 58.69 -30.51
C ASN X 198 -15.72 59.27 -31.90
N TRP X 199 -15.04 58.58 -32.82
CA TRP X 199 -15.04 59.00 -34.22
C TRP X 199 -14.81 57.79 -35.09
N ALA X 200 -15.40 57.81 -36.27
CA ALA X 200 -15.31 56.66 -37.16
C ALA X 200 -15.42 57.11 -38.61
N ASP X 201 -14.73 56.37 -39.48
CA ASP X 201 -14.89 56.56 -40.92
C ASP X 201 -16.29 56.11 -41.35
N GLU X 202 -16.82 56.77 -42.39
CA GLU X 202 -18.16 56.44 -42.86
C GLU X 202 -18.26 55.01 -43.35
N GLN X 203 -17.15 54.37 -43.71
CA GLN X 203 -17.18 52.98 -44.16
C GLN X 203 -17.45 52.00 -43.02
N VAL X 204 -17.29 52.43 -41.76
CA VAL X 204 -17.44 51.53 -40.62
C VAL X 204 -18.44 52.09 -39.62
N LEU X 205 -19.38 52.91 -40.09
CA LEU X 205 -20.43 53.40 -39.21
C LEU X 205 -21.46 52.33 -38.89
N LYS X 206 -21.56 51.29 -39.71
CA LYS X 206 -22.45 50.17 -39.46
C LYS X 206 -21.74 49.02 -38.78
N ALA X 207 -20.65 49.30 -38.07
CA ALA X 207 -19.92 48.28 -37.34
C ALA X 207 -20.71 47.85 -36.10
N LYS X 208 -20.13 46.95 -35.33
CA LYS X 208 -20.80 46.33 -34.20
C LYS X 208 -20.22 46.71 -32.85
N ASN X 209 -18.90 46.70 -32.71
CA ASN X 209 -18.27 46.80 -31.39
C ASN X 209 -17.21 47.89 -31.35
N ILE X 210 -17.52 49.06 -31.91
CA ILE X 210 -16.68 50.24 -31.77
C ILE X 210 -17.51 51.33 -31.11
N GLY X 211 -16.84 52.41 -30.73
CA GLY X 211 -17.50 53.45 -29.96
C GLY X 211 -18.64 54.12 -30.71
N LEU X 212 -18.44 54.40 -31.99
CA LEU X 212 -19.44 55.07 -32.82
C LEU X 212 -19.86 54.11 -33.94
N CYS X 213 -20.95 53.39 -33.71
CA CYS X 213 -21.48 52.46 -34.70
C CYS X 213 -22.89 52.06 -34.28
N SER X 214 -23.62 51.49 -35.22
CA SER X 214 -24.93 50.91 -34.93
C SER X 214 -25.26 49.91 -36.02
N THR X 215 -25.61 48.69 -35.62
CA THR X 215 -25.94 47.64 -36.58
C THR X 215 -27.28 47.01 -36.23
N ASP X 216 -27.67 45.96 -36.96
CA ASP X 216 -28.96 45.33 -36.77
C ASP X 216 -28.77 43.84 -36.53
N LEU X 217 -29.76 43.23 -35.88
CA LEU X 217 -29.75 41.80 -35.65
C LEU X 217 -30.04 41.06 -36.95
N THR X 218 -29.19 40.10 -37.29
CA THR X 218 -29.34 39.31 -38.50
C THR X 218 -29.04 37.85 -38.19
N GLU X 219 -29.58 36.97 -39.02
CA GLU X 219 -29.41 35.54 -38.85
C GLU X 219 -28.20 34.97 -39.58
N GLY X 220 -27.49 35.79 -40.36
CA GLY X 220 -26.37 35.30 -41.14
C GLY X 220 -26.81 34.88 -42.53
N ARG X 221 -27.55 35.76 -43.20
CA ARG X 221 -28.13 35.47 -44.50
C ARG X 221 -27.11 35.81 -45.60
N ARG X 222 -27.57 35.78 -46.86
CA ARG X 222 -26.73 36.18 -47.97
C ARG X 222 -26.45 37.68 -47.91
N GLY X 223 -25.20 38.04 -48.20
CA GLY X 223 -24.82 39.43 -48.15
C GLY X 223 -25.35 40.23 -49.33
N LYS X 224 -25.17 41.54 -49.24
CA LYS X 224 -25.62 42.44 -50.30
C LYS X 224 -24.91 42.12 -51.60
N LEU X 225 -25.68 42.09 -52.69
CA LEU X 225 -25.12 41.94 -54.03
C LEU X 225 -24.52 43.29 -54.43
N SER X 226 -23.33 43.56 -53.88
CA SER X 226 -22.72 44.87 -54.01
C SER X 226 -22.33 45.15 -55.45
N ILE X 227 -22.58 46.39 -55.89
CA ILE X 227 -22.15 46.82 -57.21
C ILE X 227 -20.63 46.95 -57.25
N MET X 228 -20.03 47.41 -56.16
CA MET X 228 -18.59 47.55 -56.05
C MET X 228 -17.99 46.29 -55.43
N ARG X 229 -16.89 45.82 -56.03
CA ARG X 229 -16.24 44.62 -55.52
C ARG X 229 -15.66 44.84 -54.12
N GLY X 230 -15.11 46.01 -53.86
CA GLY X 230 -14.44 46.26 -52.61
C GLY X 230 -12.99 45.83 -52.67
N LYS X 231 -12.69 44.65 -52.12
CA LYS X 231 -11.37 44.03 -52.16
C LYS X 231 -10.35 44.84 -51.35
N LYS X 232 -10.79 45.96 -50.76
CA LYS X 232 -9.92 46.77 -49.93
C LYS X 232 -10.80 47.64 -49.03
N LEU X 233 -10.43 47.70 -47.76
CA LEU X 233 -11.10 48.56 -46.78
C LEU X 233 -10.06 49.53 -46.26
N GLU X 234 -10.07 50.76 -46.78
N GLU X 234 -10.09 50.77 -46.76
CA GLU X 234 -9.10 51.76 -46.41
CA GLU X 234 -9.10 51.78 -46.45
C GLU X 234 -9.81 53.03 -45.97
C GLU X 234 -9.80 53.06 -46.00
N PRO X 235 -9.23 53.77 -45.03
CA PRO X 235 -9.89 54.99 -44.54
C PRO X 235 -10.16 56.01 -45.64
N CYS X 236 -11.34 56.60 -45.60
CA CYS X 236 -11.75 57.61 -46.55
C CYS X 236 -11.67 58.99 -45.90
N ASP X 237 -11.81 60.02 -46.73
CA ASP X 237 -11.63 61.39 -46.25
C ASP X 237 -12.70 61.76 -45.21
N ARG X 238 -13.94 61.34 -45.43
CA ARG X 238 -15.04 61.76 -44.57
C ARG X 238 -15.10 60.88 -43.32
N VAL X 239 -15.07 61.51 -42.15
CA VAL X 239 -15.23 60.83 -40.87
C VAL X 239 -16.29 61.56 -40.06
N LEU X 240 -16.84 60.86 -39.08
CA LEU X 240 -17.85 61.41 -38.19
C LEU X 240 -17.31 61.43 -36.77
N PHE X 241 -17.47 62.57 -36.10
CA PHE X 241 -17.13 62.76 -34.70
C PHE X 241 -18.39 62.83 -33.87
N SER X 242 -18.41 62.11 -32.75
CA SER X 242 -19.46 62.19 -31.75
C SER X 242 -18.80 62.61 -30.44
N VAL X 243 -18.96 63.89 -30.08
CA VAL X 243 -18.46 64.42 -28.82
C VAL X 243 -19.62 64.46 -27.85
N GLY X 244 -19.82 63.38 -27.10
CA GLY X 244 -21.03 63.24 -26.32
C GLY X 244 -22.17 62.80 -27.20
N SER X 245 -23.10 63.71 -27.49
CA SER X 245 -24.23 63.44 -28.37
C SER X 245 -24.33 64.50 -29.45
N THR X 246 -23.19 64.97 -29.96
CA THR X 246 -23.14 66.00 -30.98
C THR X 246 -22.31 65.49 -32.16
N LEU X 247 -22.86 65.64 -33.36
CA LEU X 247 -22.23 65.13 -34.58
C LEU X 247 -21.41 66.21 -35.28
N TYR X 248 -20.25 65.80 -35.80
CA TYR X 248 -19.41 66.67 -36.62
C TYR X 248 -18.86 65.89 -37.81
N PRO X 249 -19.27 66.23 -39.04
CA PRO X 249 -18.65 65.63 -40.22
C PRO X 249 -17.34 66.32 -40.56
N GLU X 250 -16.24 65.59 -40.39
N GLU X 250 -16.24 65.59 -40.39
CA GLU X 250 -14.90 66.12 -40.60
CA GLU X 250 -14.90 66.14 -40.61
C GLU X 250 -14.23 65.43 -41.79
C GLU X 250 -14.23 65.43 -41.79
N SER X 251 -13.16 66.03 -42.28
CA SER X 251 -12.38 65.49 -43.38
C SER X 251 -10.97 65.19 -42.91
N ARG X 252 -10.43 64.05 -43.37
CA ARG X 252 -9.09 63.64 -42.94
C ARG X 252 -8.03 64.62 -43.43
N LYS X 253 -8.19 65.14 -44.64
CA LYS X 253 -7.19 66.06 -45.19
C LYS X 253 -7.08 67.32 -44.35
N LEU X 254 -8.22 67.93 -44.01
CA LEU X 254 -8.19 69.15 -43.22
C LEU X 254 -7.75 68.89 -41.80
N LEU X 255 -8.04 67.70 -41.26
CA LEU X 255 -7.57 67.34 -39.93
C LEU X 255 -6.05 67.20 -39.92
N LYS X 256 -5.50 66.50 -40.91
CA LYS X 256 -4.06 66.33 -41.00
C LYS X 256 -3.35 67.64 -41.31
N SER X 257 -4.04 68.58 -41.97
CA SER X 257 -3.44 69.88 -42.24
C SER X 257 -3.05 70.60 -40.96
N TRP X 258 -3.78 70.37 -39.88
CA TRP X 258 -3.50 71.03 -38.60
C TRP X 258 -2.43 70.32 -37.79
N HIS X 259 -1.93 69.18 -38.26
CA HIS X 259 -0.81 68.50 -37.60
C HIS X 259 0.50 69.12 -38.11
N LEU X 260 0.65 70.40 -37.81
CA LEU X 260 1.77 71.17 -38.32
C LEU X 260 3.08 70.71 -37.69
N PRO X 261 4.18 70.76 -38.44
CA PRO X 261 5.49 70.45 -37.85
C PRO X 261 5.97 71.57 -36.94
N SER X 262 7.07 71.30 -36.24
CA SER X 262 7.64 72.31 -35.36
C SER X 262 8.11 73.54 -36.15
N VAL X 263 8.70 73.32 -37.33
CA VAL X 263 9.17 74.39 -38.19
C VAL X 263 8.62 74.16 -39.59
N PHE X 264 8.00 75.19 -40.16
CA PHE X 264 7.52 75.13 -41.53
C PHE X 264 7.53 76.54 -42.12
N HIS X 265 7.49 76.61 -43.45
CA HIS X 265 7.60 77.85 -44.19
C HIS X 265 6.28 78.16 -44.90
N LEU X 266 5.93 79.44 -44.94
CA LEU X 266 4.77 79.94 -45.68
C LEU X 266 5.29 80.76 -46.86
N LYS X 267 5.16 80.21 -48.06
CA LYS X 267 5.72 80.81 -49.28
C LYS X 267 4.57 81.22 -50.19
N GLY X 268 4.29 82.52 -50.23
CA GLY X 268 3.28 83.06 -51.11
C GLY X 268 3.66 84.43 -51.63
N LYS X 269 2.72 85.39 -51.58
CA LYS X 269 3.05 86.76 -51.91
C LYS X 269 4.06 87.33 -50.90
N LEU X 270 3.78 87.16 -49.62
CA LEU X 270 4.72 87.47 -48.56
C LEU X 270 5.26 86.18 -47.95
N SER X 271 6.51 86.24 -47.49
CA SER X 271 7.15 85.07 -46.89
C SER X 271 7.32 85.27 -45.39
N THR X 273 9.11 82.42 -41.90
CA THR X 273 9.10 81.14 -41.21
C THR X 273 8.06 81.14 -40.09
N CYS X 274 7.59 79.95 -39.71
CA CYS X 274 6.57 79.80 -38.69
C CYS X 274 6.93 78.63 -37.77
N ARG X 275 6.37 78.67 -36.57
CA ARG X 275 6.53 77.59 -35.60
C ARG X 275 5.17 77.11 -35.13
N CYS X 276 5.11 75.83 -34.76
CA CYS X 276 3.92 75.24 -34.17
C CYS X 276 4.34 74.39 -32.98
N ASP X 277 3.89 74.79 -31.79
CA ASP X 277 4.22 74.08 -30.56
C ASP X 277 2.94 73.72 -29.82
N THR X 278 2.97 72.58 -29.15
CA THR X 278 1.83 72.11 -28.34
C THR X 278 2.04 72.62 -26.93
N VAL X 279 1.33 73.69 -26.57
CA VAL X 279 1.49 74.28 -25.25
C VAL X 279 0.58 73.65 -24.20
N VAL X 280 -0.53 73.04 -24.61
CA VAL X 280 -1.39 72.31 -23.68
C VAL X 280 -1.72 70.95 -24.30
N SER X 281 -1.65 69.91 -23.49
CA SER X 281 -1.98 68.55 -23.95
C SER X 281 -2.58 67.80 -22.77
N CYS X 282 -3.85 67.41 -22.89
CA CYS X 282 -4.54 66.71 -21.81
C CYS X 282 -5.44 65.64 -22.42
N GLU X 283 -4.98 64.40 -22.37
CA GLU X 283 -5.82 63.20 -22.55
C GLU X 283 -6.62 63.26 -23.86
N GLY X 284 -5.99 63.80 -24.91
CA GLY X 284 -6.59 63.84 -26.23
C GLY X 284 -7.01 65.21 -26.70
N TYR X 285 -7.03 66.22 -25.82
CA TYR X 285 -7.37 67.59 -26.21
C TYR X 285 -6.12 68.45 -26.10
N VAL X 286 -5.82 69.19 -27.17
CA VAL X 286 -4.57 69.94 -27.25
C VAL X 286 -4.86 71.39 -27.56
N VAL X 287 -3.97 72.25 -27.10
CA VAL X 287 -3.92 73.66 -27.46
C VAL X 287 -2.54 73.89 -28.05
N LYS X 288 -2.49 74.21 -29.34
CA LYS X 288 -1.25 74.45 -30.06
C LYS X 288 -1.09 75.94 -30.30
N ARG X 289 0.10 76.46 -30.00
CA ARG X 289 0.42 77.87 -30.16
C ARG X 289 1.29 78.03 -31.39
N ILE X 290 0.72 78.56 -32.46
CA ILE X 290 1.44 78.88 -33.68
C ILE X 290 1.87 80.33 -33.61
N THR X 291 3.14 80.59 -33.90
CA THR X 291 3.69 81.94 -33.90
C THR X 291 4.27 82.26 -35.26
N MET X 292 4.08 83.50 -35.70
CA MET X 292 4.38 83.90 -37.06
C MET X 292 5.50 84.93 -37.09
N SER X 293 6.26 84.90 -38.17
CA SER X 293 7.33 85.87 -38.37
C SER X 293 7.54 86.09 -39.86
N PRO X 294 7.48 87.34 -40.33
CA PRO X 294 7.67 87.60 -41.76
C PRO X 294 9.09 87.28 -42.21
N GLY X 295 9.20 86.85 -43.46
CA GLY X 295 10.47 86.48 -44.03
C GLY X 295 10.81 85.01 -43.83
N LEU X 296 11.71 84.52 -44.68
CA LEU X 296 12.15 83.13 -44.64
C LEU X 296 13.46 83.05 -43.86
N TYR X 297 13.44 82.29 -42.77
CA TYR X 297 14.62 82.14 -41.92
C TYR X 297 14.80 80.68 -41.56
N GLY X 298 16.05 80.21 -41.57
CA GLY X 298 16.33 78.84 -41.25
C GLY X 298 15.91 77.88 -42.34
N LYS X 299 15.68 76.63 -41.96
CA LYS X 299 15.26 75.61 -42.89
C LYS X 299 14.40 74.59 -42.14
N THR X 300 13.59 73.85 -42.89
CA THR X 300 12.58 72.97 -42.33
C THR X 300 12.96 71.52 -42.57
N THR X 301 12.67 70.68 -41.57
CA THR X 301 12.88 69.24 -41.69
C THR X 301 11.63 68.50 -42.14
N GLY X 302 10.45 69.11 -42.00
CA GLY X 302 9.21 68.44 -42.33
C GLY X 302 8.76 67.40 -41.33
N TYR X 303 9.22 67.49 -40.08
CA TYR X 303 8.94 66.50 -39.06
C TYR X 303 8.06 67.08 -37.98
N ALA X 304 7.05 66.32 -37.57
CA ALA X 304 6.14 66.69 -36.50
C ALA X 304 6.26 65.69 -35.35
N VAL X 305 6.24 66.21 -34.12
CA VAL X 305 6.46 65.41 -32.92
C VAL X 305 5.24 65.51 -32.04
N THR X 306 4.74 64.36 -31.58
CA THR X 306 3.72 64.28 -30.55
C THR X 306 4.28 63.58 -29.33
N HIS X 307 4.23 64.24 -28.18
CA HIS X 307 4.72 63.67 -26.93
C HIS X 307 3.56 63.03 -26.18
N HIS X 308 3.74 61.78 -25.78
CA HIS X 308 2.65 61.00 -25.16
C HIS X 308 2.85 60.98 -23.65
N ALA X 309 2.09 61.82 -22.94
CA ALA X 309 2.03 61.70 -21.48
C ALA X 309 1.35 60.41 -21.06
N ASP X 310 0.28 60.04 -21.76
N ASP X 310 0.30 60.02 -21.77
CA ASP X 310 -0.42 58.78 -21.57
CA ASP X 310 -0.38 58.75 -21.55
C ASP X 310 -0.16 57.87 -22.77
C ASP X 310 -0.24 57.87 -22.78
N GLY X 311 -0.42 56.57 -22.57
CA GLY X 311 -0.22 55.63 -23.66
C GLY X 311 -1.17 55.86 -24.81
N PHE X 312 -0.68 55.61 -26.02
CA PHE X 312 -1.47 55.72 -27.24
C PHE X 312 -1.39 54.41 -28.00
N LEU X 313 -2.53 53.92 -28.47
CA LEU X 313 -2.56 52.66 -29.20
C LEU X 313 -3.30 52.83 -30.51
N MET X 314 -2.77 52.19 -31.55
CA MET X 314 -3.49 51.99 -32.81
C MET X 314 -3.28 50.54 -33.21
N CYS X 315 -4.36 49.76 -33.20
CA CYS X 315 -4.25 48.32 -33.31
C CYS X 315 -5.25 47.77 -34.31
N LYS X 316 -4.89 46.64 -34.90
CA LYS X 316 -5.79 45.91 -35.78
C LYS X 316 -6.84 45.17 -34.95
N THR X 317 -8.10 45.28 -35.37
CA THR X 317 -9.19 44.59 -34.70
C THR X 317 -10.22 44.15 -35.73
N THR X 318 -10.85 43.01 -35.44
CA THR X 318 -11.80 42.38 -36.34
C THR X 318 -13.22 42.64 -35.84
N ASP X 319 -14.03 43.28 -36.66
CA ASP X 319 -15.42 43.55 -36.35
C ASP X 319 -16.29 43.11 -37.52
N THR X 320 -17.58 43.42 -37.45
CA THR X 320 -18.53 43.14 -38.52
C THR X 320 -19.17 44.45 -38.95
N VAL X 321 -18.94 44.83 -40.21
CA VAL X 321 -19.59 45.99 -40.81
C VAL X 321 -20.75 45.48 -41.65
N ASP X 322 -21.97 45.87 -41.26
CA ASP X 322 -23.20 45.39 -41.89
C ASP X 322 -23.24 43.86 -41.93
N GLY X 323 -22.70 43.22 -40.90
CA GLY X 323 -22.67 41.78 -40.82
C GLY X 323 -21.51 41.11 -41.51
N GLU X 324 -20.66 41.86 -42.20
CA GLU X 324 -19.52 41.29 -42.90
C GLU X 324 -18.27 41.42 -42.03
N ARG X 325 -17.62 40.30 -41.75
CA ARG X 325 -16.46 40.31 -40.87
C ARG X 325 -15.25 40.86 -41.60
N VAL X 326 -14.73 41.99 -41.12
CA VAL X 326 -13.55 42.64 -41.67
C VAL X 326 -12.64 43.02 -40.52
N SER X 327 -11.42 43.44 -40.87
CA SER X 327 -10.42 43.87 -39.90
C SER X 327 -9.93 45.26 -40.27
N PHE X 328 -9.90 46.16 -39.29
CA PHE X 328 -9.42 47.51 -39.53
C PHE X 328 -8.76 48.05 -38.26
N SER X 329 -8.16 49.22 -38.39
CA SER X 329 -7.38 49.82 -37.31
C SER X 329 -8.25 50.70 -36.43
N VAL X 330 -8.02 50.61 -35.11
CA VAL X 330 -8.73 51.41 -34.13
C VAL X 330 -7.69 52.00 -33.18
N CYS X 331 -7.81 53.29 -32.88
CA CYS X 331 -6.87 53.99 -32.03
C CYS X 331 -7.56 54.51 -30.78
N THR X 332 -6.77 54.75 -29.74
CA THR X 332 -7.29 55.23 -28.46
C THR X 332 -6.14 55.64 -27.56
N TYR X 333 -6.49 56.20 -26.41
CA TYR X 333 -5.56 56.59 -25.36
C TYR X 333 -5.82 55.77 -24.11
N VAL X 334 -4.75 55.44 -23.39
CA VAL X 334 -4.82 54.65 -22.17
C VAL X 334 -4.06 55.40 -21.08
N PRO X 335 -4.60 55.49 -19.86
CA PRO X 335 -3.92 56.26 -18.81
C PRO X 335 -2.54 55.71 -18.50
N ALA X 336 -1.64 56.62 -18.10
CA ALA X 336 -0.25 56.26 -17.88
C ALA X 336 -0.10 55.27 -16.73
N THR X 337 -0.95 55.38 -15.70
CA THR X 337 -0.89 54.42 -14.60
C THR X 337 -1.18 53.01 -15.09
N ILE X 338 -2.17 52.86 -15.96
CA ILE X 338 -2.50 51.55 -16.51
C ILE X 338 -1.33 51.00 -17.31
N CYS X 339 -0.72 51.85 -18.14
CA CYS X 339 0.41 51.42 -18.96
C CYS X 339 1.58 50.98 -18.09
N ASP X 340 1.87 51.75 -17.03
CA ASP X 340 2.97 51.40 -16.14
C ASP X 340 2.68 50.10 -15.39
N GLN X 341 1.42 49.88 -15.00
CA GLN X 341 1.07 48.62 -14.36
C GLN X 341 1.08 47.46 -15.35
N MET X 342 0.97 47.75 -16.64
CA MET X 342 0.97 46.71 -17.67
C MET X 342 2.37 46.27 -18.06
N THR X 343 3.40 47.02 -17.68
CA THR X 343 4.76 46.76 -18.18
C THR X 343 5.27 45.40 -17.74
N GLY X 344 5.04 45.03 -16.48
CA GLY X 344 5.62 43.81 -15.95
C GLY X 344 5.12 42.56 -16.64
N ILE X 345 3.81 42.49 -16.89
CA ILE X 345 3.23 41.27 -17.45
C ILE X 345 3.31 41.21 -18.96
N LEU X 346 3.63 42.33 -19.63
CA LEU X 346 3.75 42.33 -21.08
C LEU X 346 5.10 41.81 -21.55
N ALA X 347 5.99 41.44 -20.63
CA ALA X 347 7.27 40.84 -21.03
C ALA X 347 7.09 39.48 -21.68
N THR X 348 5.95 38.84 -21.46
CA THR X 348 5.66 37.51 -21.97
C THR X 348 4.53 37.58 -22.99
N GLU X 349 4.15 36.42 -23.52
CA GLU X 349 3.01 36.29 -24.41
C GLU X 349 1.76 36.05 -23.57
N VAL X 350 0.82 37.00 -23.63
CA VAL X 350 -0.38 36.95 -22.81
C VAL X 350 -1.59 36.94 -23.73
N THR X 351 -2.50 36.01 -23.47
CA THR X 351 -3.70 35.91 -24.28
C THR X 351 -4.61 37.13 -24.07
N PRO X 352 -5.40 37.50 -25.07
CA PRO X 352 -6.29 38.67 -24.90
C PRO X 352 -7.27 38.53 -23.74
N GLU X 353 -7.70 37.32 -23.44
CA GLU X 353 -8.64 37.09 -22.34
C GLU X 353 -7.97 37.40 -21.01
N ASP X 354 -6.78 36.84 -20.79
CA ASP X 354 -6.06 37.11 -19.55
C ASP X 354 -5.69 38.58 -19.45
N ALA X 355 -5.25 39.18 -20.56
CA ALA X 355 -4.92 40.60 -20.56
C ALA X 355 -6.13 41.45 -20.21
N GLN X 356 -7.30 41.11 -20.75
CA GLN X 356 -8.51 41.86 -20.45
C GLN X 356 -8.90 41.71 -18.99
N LYS X 357 -8.79 40.50 -18.45
CA LYS X 357 -9.11 40.31 -17.03
C LYS X 357 -8.18 41.10 -16.13
N LEU X 358 -6.88 41.10 -16.45
CA LEU X 358 -5.94 41.86 -15.64
C LEU X 358 -6.14 43.36 -15.78
N LEU X 359 -6.48 43.82 -17.00
CA LEU X 359 -6.80 45.23 -17.19
C LEU X 359 -8.02 45.64 -16.38
N VAL X 360 -9.05 44.78 -16.35
CA VAL X 360 -10.24 45.07 -15.56
C VAL X 360 -9.89 45.09 -14.08
N GLY X 361 -9.07 44.16 -13.63
CA GLY X 361 -8.63 44.17 -12.24
C GLY X 361 -7.88 45.44 -11.88
N LEU X 362 -7.06 45.94 -12.79
CA LEU X 362 -6.38 47.21 -12.56
C LEU X 362 -7.34 48.39 -12.62
N ASN X 363 -8.44 48.25 -13.38
CA ASN X 363 -9.38 49.36 -13.51
C ASN X 363 -10.33 49.43 -12.32
N GLN X 364 -10.99 48.33 -11.99
N GLN X 364 -10.97 48.33 -11.98
CA GLN X 364 -11.93 48.31 -10.87
CA GLN X 364 -11.89 48.27 -10.83
C GLN X 364 -11.17 48.36 -9.54
C GLN X 364 -11.13 48.51 -9.53
N ASN X 377 -13.34 53.99 -11.89
CA ASN X 377 -12.81 53.52 -13.16
C ASN X 377 -11.78 54.49 -13.73
N THR X 378 -10.52 54.06 -13.77
CA THR X 378 -9.47 54.90 -14.33
C THR X 378 -9.67 55.10 -15.83
N MET X 379 -10.06 54.05 -16.54
CA MET X 379 -10.34 54.11 -17.97
C MET X 379 -11.74 53.59 -18.24
N LYS X 380 -12.34 54.06 -19.33
CA LYS X 380 -13.67 53.61 -19.72
C LYS X 380 -13.62 52.14 -20.12
N ASN X 381 -14.58 51.37 -19.62
CA ASN X 381 -14.56 49.93 -19.83
C ASN X 381 -14.87 49.55 -21.27
N TYR X 382 -15.60 50.40 -21.98
CA TYR X 382 -16.07 50.05 -23.32
C TYR X 382 -14.93 49.83 -24.31
N MET X 383 -13.76 50.40 -24.04
CA MET X 383 -12.60 50.19 -24.89
C MET X 383 -11.56 49.28 -24.25
N ILE X 384 -11.87 48.68 -23.09
CA ILE X 384 -10.93 47.76 -22.45
C ILE X 384 -10.61 46.54 -23.31
N PRO X 385 -11.59 45.85 -23.92
CA PRO X 385 -11.24 44.63 -24.66
C PRO X 385 -10.25 44.85 -25.79
N VAL X 386 -10.52 45.81 -26.69
CA VAL X 386 -9.66 46.02 -27.84
C VAL X 386 -8.24 46.35 -27.38
N VAL X 387 -8.11 47.24 -26.39
CA VAL X 387 -6.80 47.55 -25.84
C VAL X 387 -6.09 46.28 -25.38
N ALA X 388 -6.82 45.43 -24.66
CA ALA X 388 -6.26 44.13 -24.28
C ALA X 388 -5.75 43.38 -25.49
N GLN X 389 -6.59 43.25 -26.51
CA GLN X 389 -6.15 42.64 -27.77
C GLN X 389 -4.89 43.32 -28.28
N ALA X 390 -4.90 44.65 -28.30
CA ALA X 390 -3.71 45.39 -28.73
C ALA X 390 -2.50 44.95 -27.93
N PHE X 391 -2.62 44.96 -26.60
CA PHE X 391 -1.49 44.56 -25.77
C PHE X 391 -1.11 43.13 -26.06
N SER X 392 -2.10 42.25 -26.21
CA SER X 392 -1.80 40.85 -26.51
C SER X 392 -1.02 40.73 -27.81
N LYS X 393 -1.33 41.59 -28.79
CA LYS X 393 -0.54 41.59 -30.01
C LYS X 393 0.84 42.16 -29.76
N TRP X 394 0.92 43.29 -29.06
CA TRP X 394 2.19 43.99 -28.90
C TRP X 394 3.19 43.11 -28.17
N ALA X 395 2.81 42.61 -27.00
CA ALA X 395 3.68 41.71 -26.26
C ALA X 395 4.07 40.50 -27.09
N LYS X 396 3.18 40.06 -27.98
CA LYS X 396 3.54 38.97 -28.88
C LYS X 396 4.61 39.41 -29.87
N GLU X 397 4.39 40.54 -30.55
CA GLU X 397 5.31 40.96 -31.60
C GLU X 397 6.69 41.22 -31.05
N CYS X 398 6.77 41.92 -29.91
CA CYS X 398 8.05 42.14 -29.25
C CYS X 398 8.77 40.82 -29.03
N ARG X 399 8.04 39.80 -28.56
CA ARG X 399 8.66 38.50 -28.34
CA ARG X 399 8.66 38.50 -28.34
C ARG X 399 9.25 37.94 -29.62
N LYS X 400 8.56 38.14 -30.75
N LYS X 400 8.56 38.14 -30.75
CA LYS X 400 9.11 37.68 -32.03
CA LYS X 400 9.10 37.69 -32.02
C LYS X 400 10.41 38.40 -32.35
C LYS X 400 10.41 38.40 -32.34
N ASP X 401 10.48 39.70 -32.06
CA ASP X 401 11.73 40.43 -32.24
C ASP X 401 12.83 39.86 -31.36
N MET X 402 12.46 39.30 -30.20
CA MET X 402 13.44 38.59 -29.38
C MET X 402 13.91 37.32 -30.06
N GLU X 403 12.99 36.58 -30.70
CA GLU X 403 13.36 35.30 -31.29
C GLU X 403 14.21 35.49 -32.54
N ASP X 404 13.80 36.40 -33.42
CA ASP X 404 14.50 36.62 -34.69
C ASP X 404 15.55 37.72 -34.53
N GLU X 405 16.55 37.42 -33.70
CA GLU X 405 17.62 38.37 -33.45
C GLU X 405 18.54 38.45 -34.64
N LYS X 406 18.65 39.63 -35.25
CA LYS X 406 19.48 39.84 -36.41
C LYS X 406 20.91 40.17 -35.99
N LEU X 407 21.75 40.49 -36.97
CA LEU X 407 23.10 40.94 -36.69
C LEU X 407 23.13 42.46 -36.58
N LEU X 408 24.14 42.97 -35.90
CA LEU X 408 24.25 44.41 -35.68
C LEU X 408 24.60 45.12 -36.98
N GLY X 409 23.68 45.94 -37.46
CA GLY X 409 23.92 46.72 -38.66
C GLY X 409 24.09 45.92 -39.93
N VAL X 410 23.23 44.92 -40.16
CA VAL X 410 23.25 44.14 -41.39
C VAL X 410 21.82 44.00 -41.88
N ARG X 411 21.59 44.36 -43.15
CA ARG X 411 20.31 44.19 -43.80
C ARG X 411 20.44 43.09 -44.85
N GLU X 412 19.62 42.05 -44.73
CA GLU X 412 19.64 40.91 -45.65
C GLU X 412 18.54 41.11 -46.69
N ARG X 413 18.93 41.63 -47.84
CA ARG X 413 18.01 41.88 -48.95
C ARG X 413 18.43 41.06 -50.15
N THR X 414 17.45 40.44 -50.81
CA THR X 414 17.71 39.57 -51.95
C THR X 414 17.62 40.37 -53.25
N LEU X 415 18.58 40.13 -54.15
CA LEU X 415 18.56 40.75 -55.47
C LEU X 415 17.51 40.06 -56.32
N THR X 416 16.48 40.78 -56.72
CA THR X 416 15.36 40.18 -57.44
C THR X 416 15.63 40.06 -58.92
N CYS X 417 16.78 39.49 -59.28
CA CYS X 417 17.17 39.23 -60.67
C CYS X 417 17.15 40.50 -61.52
N CYS X 418 17.30 41.65 -60.87
N CYS X 418 17.30 41.65 -60.86
CA CYS X 418 17.23 42.95 -61.53
CA CYS X 418 17.24 42.95 -61.52
C CYS X 418 18.14 43.91 -60.76
C CYS X 418 18.10 43.92 -60.72
N CYS X 419 17.98 45.21 -61.00
CA CYS X 419 18.71 46.25 -60.29
C CYS X 419 17.97 46.73 -59.04
N LEU X 420 17.10 45.91 -58.48
CA LEU X 420 16.31 46.25 -57.31
C LEU X 420 16.59 45.27 -56.19
N TRP X 421 16.34 45.74 -54.96
CA TRP X 421 16.54 44.94 -53.75
C TRP X 421 15.24 44.89 -52.95
N ALA X 422 14.94 43.72 -52.40
CA ALA X 422 13.69 43.50 -51.68
C ALA X 422 13.98 42.84 -50.34
N PHE X 423 13.11 43.13 -49.37
CA PHE X 423 13.20 42.58 -48.03
C PHE X 423 11.83 42.10 -47.58
N LYS X 424 11.81 41.32 -46.51
CA LYS X 424 10.57 40.81 -45.95
C LYS X 424 10.08 41.74 -44.85
N LYS X 425 8.80 42.07 -44.90
CA LYS X 425 8.16 42.90 -43.88
C LYS X 425 7.50 42.01 -42.84
N GLN X 426 7.68 42.36 -41.57
CA GLN X 426 7.11 41.59 -40.48
C GLN X 426 5.66 42.01 -40.24
N LYS X 427 4.94 41.16 -39.50
CA LYS X 427 3.54 41.42 -39.18
C LYS X 427 3.47 42.40 -38.02
N THR X 428 2.97 43.60 -38.28
CA THR X 428 2.81 44.64 -37.26
C THR X 428 1.32 44.93 -37.11
N HIS X 429 0.73 44.42 -36.03
CA HIS X 429 -0.69 44.60 -35.79
C HIS X 429 -1.00 45.68 -34.77
N THR X 430 -0.01 46.13 -34.00
CA THR X 430 -0.24 47.13 -32.96
C THR X 430 0.90 48.14 -32.95
N VAL X 431 0.53 49.42 -32.88
CA VAL X 431 1.46 50.51 -32.61
C VAL X 431 1.13 51.03 -31.22
N TYR X 432 2.08 50.90 -30.31
CA TYR X 432 1.88 51.20 -28.90
C TYR X 432 2.94 52.22 -28.48
N LYS X 433 2.54 53.48 -28.41
CA LYS X 433 3.39 54.55 -27.91
C LYS X 433 3.20 54.65 -26.41
N ARG X 434 4.18 54.15 -25.65
CA ARG X 434 4.11 54.16 -24.21
C ARG X 434 4.23 55.59 -23.68
N PRO X 435 3.83 55.83 -22.43
CA PRO X 435 4.03 57.15 -21.84
C PRO X 435 5.50 57.54 -21.82
N ASP X 436 5.74 58.85 -21.96
CA ASP X 436 7.08 59.43 -22.08
C ASP X 436 7.79 59.00 -23.35
N THR X 437 7.02 58.71 -24.40
CA THR X 437 7.57 58.47 -25.73
C THR X 437 7.06 59.56 -26.68
N GLN X 438 7.52 59.49 -27.92
CA GLN X 438 7.19 60.50 -28.92
C GLN X 438 6.95 59.83 -30.27
N SER X 439 5.88 60.26 -30.93
CA SER X 439 5.61 59.88 -32.31
C SER X 439 6.18 60.95 -33.24
N ILE X 440 7.01 60.53 -34.18
CA ILE X 440 7.68 61.43 -35.12
C ILE X 440 7.19 61.08 -36.52
N GLN X 441 6.54 62.04 -37.19
CA GLN X 441 5.92 61.80 -38.48
C GLN X 441 6.40 62.84 -39.49
N LYS X 442 6.80 62.36 -40.67
CA LYS X 442 7.26 63.26 -41.73
C LYS X 442 6.07 63.86 -42.44
N VAL X 443 5.92 65.18 -42.33
CA VAL X 443 4.80 65.91 -42.93
C VAL X 443 5.36 66.93 -43.93
N GLN X 444 4.46 67.47 -44.73
CA GLN X 444 4.86 68.46 -45.74
C GLN X 444 5.09 69.82 -45.09
N ALA X 445 6.20 70.46 -45.46
CA ALA X 445 6.50 71.83 -45.06
C ALA X 445 6.57 72.71 -46.30
N GLU X 446 6.89 73.99 -46.07
CA GLU X 446 7.09 74.98 -47.13
C GLU X 446 5.85 75.04 -48.05
N PHE X 447 4.73 75.40 -47.44
CA PHE X 447 3.49 75.56 -48.19
C PHE X 447 3.53 76.84 -49.03
#